data_3IYL
#
_entry.id   3IYL
#
_cell.length_a   1
_cell.length_b   1
_cell.length_c   1
_cell.angle_alpha   90
_cell.angle_beta   90
_cell.angle_gamma   90
#
_symmetry.space_group_name_H-M   'P 1'
#
loop_
_entity.id
_entity.type
_entity.pdbx_description
1 polymer 'Outer capsid VP4'
2 polymer 'Core protein VP6'
3 polymer VP1
4 polymer VP3
5 non-polymer 'MYRISTIC ACID'
#
loop_
_entity_poly.entity_id
_entity_poly.type
_entity_poly.pdbx_seq_one_letter_code
_entity_poly.pdbx_strand_id
1 'polypeptide(L)'
;MGNVQTSVNTYNITGDGNSFTPTSDMTSTAAPAIDLKPGVLNPTGKLWRPVGTSVATIDSLAIVSDRFGQYSFVNEGMRE
TFSKALFDINMWQPLFQATKTGCGPIVLSSFTTTTSGYVGATAGDALDNPVTNGVFISTVQIMNLQRTIAARMRDVALWQ
KHLDTAMTMLTPDISAGSASCNWKSLLAFAKDILPLDNLCLTYPNEFYNVAIHRYPALKPGNPDTKLPDAQAHPLGEVAG
AFNAATSEVGSLVGSSSTLSQAISTMAGKDLDLIEADTPLPVSVFTPSLAPRSYRPAFIKPEDAKWIAEFNNSSLIRKTL
TYSGATYTVQLGPGPTRVIDMNAMIDSVLTLDVSGTILPYDTNPDLSTSVPAFVLIQTSVPIQQVTTAANITAITVVSAA
GASAINLAINVRGQPRFNMLHLQATFERETITGIPYIYGLGTFLIPSPTSSSNFSNPTLMDGLLTVTPVLLRETTYKGEV
VDAIVPATVMANQTSEEVASALANDAIVLVSNHLNKLANVVGDAIPVASRTDDSATSAIVSRLAVQHKLSQVGQASPTPP
DYPLLWRRAKRAASMFVSNPSLALQVGIPVLTQSGMLSALTSGVGTALRTGSLGKGVTDASEKLRARQSLTVAKQAFFDQ
IGSLWPGK
;
A,B,C,D,E,F,G,H,I,J,K,L,M,N,O,P,Q,R,S,T
2 'polypeptide(L)'
;MAQRQFFGLTYNFYGQPAPLFDLNDLQELAGCYARPWTSRFSHLAISTGSLPVWSARYPSVASRNIVVNTLLGAHLNPFA
GGQITSHQGITWRDPVLSSLAPVPAIQPPPVWAVAENVLLDSNNYPTYVLNLSSMWPINQDVHIMTMWALSDQGPIYHLE
VPVDPMPAATTAALMAYTGVPIAHLAQTAYRFAGQLPQSPDSTMVSTIRWLSAIWFGSLTGRLNRSRTCNGFYFEFAKPA
LNPDQAVLKWNDGARAAPPAAAQSSYIRCISPHWQHQIVEVAGALMSQSVTAVTGLPALIDEATLPAWSQGVANLTGNGQ
GVVPCLDYNPVPMAAARHLQWRQDGLITAAQEAQLNNDYTAYALTIERHLTAMLVANPIAAGRMPIQPFNAADFGQAGQT
AAAVALAQAMFV
;
U,V
3 'polypeptide(L)'
;MAAVFGIQLVPKLNTSTTRRTFLPLRFDLLLDRLQSTNLHGVLYRALDFNPVDRSATVIQTYPPLNAWSPHHAFIENPLD
YRDWTEFIHDRALAFVGVLTQRYPLTQNAQRYTNPLVLGAAFGDFLNARSIDIFLDRLFYDPTQDSPITAITKFPYQWTI
DSNVTTDSVRTSAGCKYITLYGYDPSRPSTPATYGKHRPTYATVFYYSTLPARSRLLANLAAGPTVLEHFDSPTYGPHLL
LPQTGDVLGYSSSLISQAALLMVESVMDALRDNANASASTAVTRLDQSYHPVTSFDPSTFNTLLQRATNLALLAVQGVQS
ESAIPAIPTMSDVRSFVARLMAEGDPQQWFPYRVDQILYWPESPFVPPIGPFYAPFRPVNFPFTTGSYTVVPDASRPLRL
LPQYRNATITVQQADDAYEDTALSPLITTHGFCVTGGVFTSIYDISGDPTAYPPAQLVDAPNDYFDRERMARRDLFRRLR
APADRSAIKDRAVFDFLASLVNPTTANPVLDTSFSMAYLGASSAHANADEPVILADIRSGSIPGLPIPRRIVQFGYDVVH
GSLLDLSRAVPTGTFGLVYADLDQVEDAGTDMPAANRAAIAMLGTALQMTTAGGVSVLKVNFPTRAFWTQVFNLYATHAT
TLHLVKPTIVNSSEVFLVFGGRQSNGALRSTTALQRALLSLYARNAAIDRAVTHIPFFGVPDDGTSDLGIDAVRLFDPMF
SDAVANLPSNALASLVSRVVPSSIMFTRVPSNGPVSTTIYGKRTFLSNRRRARLRDVPMLITTTLVHQRRFTTPPTFTLF
SSEAVPVTTLVAAGYNSFISEQTRNPNLAHLLDLGTGPECRILSLIPPTLQVTMSDSRPCAELMASFDPALTAYVQGDYS
TAAFWNGIRCDSATAIFTIGAAAAAAGTDLIAFVQQLIPRIVAAGGTRMWLQLNTPLYEVSSLPDLIEIDLRDHVYRFNG
GERVEPYADPVPLQQAIAALLPAAALSWHTLSPTCDWLPYIIGVGSPLNLSDINTAISYSRLTPILHIDTTTPPLRVNPV
PTPLNQQCAIRITSLDPAAVLSVQHNGVEVIGGTPGNVISVAGAAALQYILANQEFLLQFTPTLPGIFDVFLTTLGQPPV
PRGSFTITPPPTTVALNMPPPRQLDFTDVGNDARITCDPYYQLAVCIFKDGQYVRVNPEKASVVTNAPNRDLHFVLDLAD
NHVLLYLCDVTPSGLGDRIAFPIVDIYRIAFPRNTPVRASLPYTGGGAHLTSGGNPFMSLTTPPAVLPAGVALAALSTSV
ATQYPTYTLPAGVYEYVIE
;
W
4 'polypeptide(L)'
;MPRRSARKAQSAIASPADTNVVPAKDAPTTNSPPSTTSPNQAAADANQQQAGIVSSQSGPNAVGDSAPSSSVNNDGDIIT
RPTSDSIAAVANATKPAAVVSDPQSMKVTPIVNPSSYVCNVCNARFSTMSALSEHLRSDHRDDASTLLATPMINNAIRSF
LTAWDDIRILSPDVSSKSLSAYLDSAVANGPELIIEDTGLCTSFMLLDNIPSAHLTKELIGFTWFMQMYQMTPPLPEGAV
NRIVCMTNWASLGDEGRGLEVRLPPPTDSSVHAYKTVLSRGYIDNAQFNPLALRSNVLLMLLQFTLSNLKINKSSTFTSD
VTTITSGRMIRAFEGRPELLALAYPGRAVLPTQTKNAQFLSTAIADRIGRLDRANLIGGEVSAMVECMELCDALTLHIRE
TYIMLLRSMHQDPTQIVQIVNECANNLLNSTIPISLRPTILCPWFASSEDLRLQQVMHLVNISSNTAAALPLVEALSTLL
RSVTPLVLDPTVLTNAITTISESTTQTISPISEILRLLQPMGNDYAAFWKCIASWAYNGLVTTVLSEDAFPDSSQSITHL
PSMWKCLFLTLAGPMTSDPHSPVKVFMALANLLAQPEPIAIGVPGMHQTTPASQFSHPGVWPPGFLNPQLINPQQAPLLR
AFAEHIRANWPQPSEFGYGSTLQGSANLFIPSNRMVYPWPNQPLPRLTVAPTYDSAMSNWISTTIAFFIRVVNSVNMTAT
VNDLTRRTMTGVMTAMRQVKTMTPFYIQHMCPTELSVLASVTVTPPFQVPFTRLVQNDVITNVLVARVDPAQRGDAAVDI
RATHATFAAALPVDPAAIVVAMLCGQTETNLIPSHHYGKAFAPLFASNAMFTRNQRAVITREAFVCARSAVAQCQDAGFL
VPRPLDALRQFDVTSAAAAEIMHAVNDAFKTAFDLDGALLDGLALYGDPRIADLSAAYLQYGGNVVREHVPPGPSHIHRA
LQQVESTFMAEMNLFNVARGNLYLVQTATNGNWSPMAPVAAPPFVRGGPNVRVVGRFGTIVPRPNGLEPQLIDDGNVPRD
IAGDWVYPSDVLQVSVAVFRDYVWPMVKAGRTRVLVELGHYVYTLHYYDPQISLDEAPILEEWLSKINPAGIPPVPFCIP
IPQVYPCITARRVHYAFTSENNNDSLFSTNAASIDTAFGENAAVSPLRWPGLVDPNYRVGTNDLPNRITLYNSLYRYNFT
YPTLDGIMYVRSAT
;
X,Y
#
# COMPACT_ATOMS: atom_id res chain seq x y z
N GLY A 2 87.16 49.79 -21.36
CA GLY A 2 85.73 49.91 -21.19
C GLY A 2 85.30 51.36 -21.16
N ASN A 3 86.23 52.25 -21.43
CA ASN A 3 85.93 53.65 -21.41
C ASN A 3 84.71 53.96 -22.22
N VAL A 4 83.88 54.77 -21.61
CA VAL A 4 82.70 55.21 -22.26
C VAL A 4 83.01 55.67 -23.68
N GLN A 5 82.09 55.27 -24.57
CA GLN A 5 82.08 55.62 -25.99
C GLN A 5 80.94 56.65 -26.11
N THR A 6 79.71 56.16 -26.39
CA THR A 6 78.43 56.94 -26.39
C THR A 6 77.51 56.75 -27.60
N SER A 7 77.96 56.72 -28.83
CA SER A 7 76.93 56.56 -29.84
C SER A 7 77.34 55.58 -30.92
N VAL A 8 78.67 55.45 -31.10
CA VAL A 8 79.20 54.59 -32.12
C VAL A 8 78.31 53.37 -32.24
N ASN A 9 78.05 52.71 -31.10
CA ASN A 9 77.20 51.51 -31.13
C ASN A 9 76.04 51.60 -30.05
N THR A 10 74.74 51.23 -30.31
CA THR A 10 73.54 51.32 -29.37
C THR A 10 73.74 50.83 -27.93
N TYR A 11 74.90 50.27 -27.64
CA TYR A 11 75.17 49.76 -26.31
C TYR A 11 76.56 50.07 -25.83
N ASN A 12 76.64 50.47 -24.58
CA ASN A 12 77.91 50.71 -23.94
C ASN A 12 78.31 49.37 -23.38
N ILE A 13 79.59 49.08 -23.23
CA ILE A 13 79.93 47.77 -22.66
C ILE A 13 79.80 47.84 -21.16
N THR A 14 80.41 48.85 -20.59
CA THR A 14 80.33 49.09 -19.14
C THR A 14 78.98 49.71 -18.80
N GLY A 15 78.13 49.78 -19.83
CA GLY A 15 76.80 50.34 -19.67
C GLY A 15 76.03 49.82 -18.47
N ASP A 16 75.00 50.56 -18.09
CA ASP A 16 74.14 50.24 -16.95
C ASP A 16 73.36 48.91 -17.12
N GLY A 17 73.38 48.11 -16.06
CA GLY A 17 72.63 46.85 -16.07
C GLY A 17 72.76 45.85 -17.23
N ASN A 18 73.98 45.59 -17.68
CA ASN A 18 74.20 44.59 -18.73
C ASN A 18 74.11 43.26 -18.02
N SER A 19 74.37 42.16 -18.70
CA SER A 19 74.27 40.91 -17.96
C SER A 19 74.70 39.67 -18.70
N PHE A 20 75.85 39.13 -18.36
CA PHE A 20 76.30 37.89 -18.94
C PHE A 20 75.48 36.80 -18.26
N THR A 21 74.83 35.95 -19.05
CA THR A 21 73.98 34.90 -18.48
C THR A 21 73.51 33.88 -19.52
N PRO A 22 74.32 32.81 -19.73
CA PRO A 22 74.00 31.76 -20.68
C PRO A 22 72.71 31.07 -20.31
N THR A 23 71.97 30.63 -21.33
CA THR A 23 70.72 29.91 -21.19
C THR A 23 70.86 28.72 -22.06
N SER A 24 70.66 27.51 -21.53
CA SER A 24 70.78 26.30 -22.33
C SER A 24 69.89 26.38 -23.57
N ASP A 25 68.97 27.34 -23.53
CA ASP A 25 67.98 27.55 -24.57
C ASP A 25 68.42 28.19 -25.91
N MET A 26 69.44 29.04 -25.91
CA MET A 26 69.77 29.74 -27.15
C MET A 26 71.18 29.54 -27.78
N THR A 27 71.91 28.45 -27.47
CA THR A 27 73.27 28.22 -28.02
C THR A 27 73.76 29.23 -29.08
N SER A 28 74.57 30.20 -28.62
CA SER A 28 75.14 31.26 -29.46
C SER A 28 75.76 30.75 -30.75
N THR A 29 75.33 31.29 -31.90
CA THR A 29 75.85 30.86 -33.22
C THR A 29 75.62 31.82 -34.40
N ALA A 30 76.70 32.16 -35.10
CA ALA A 30 76.61 33.00 -36.30
C ALA A 30 76.34 32.08 -37.50
N ALA A 31 76.92 32.38 -38.67
CA ALA A 31 76.66 31.56 -39.85
C ALA A 31 77.90 30.98 -40.50
N PRO A 32 78.32 29.77 -40.06
CA PRO A 32 79.51 29.12 -40.61
C PRO A 32 79.18 28.15 -41.73
N ALA A 33 78.20 27.28 -41.55
CA ALA A 33 77.92 26.30 -42.58
C ALA A 33 77.20 26.77 -43.84
N ILE A 34 77.48 27.98 -44.34
CA ILE A 34 76.80 28.43 -45.56
C ILE A 34 77.18 27.49 -46.70
N ASP A 35 76.17 26.98 -47.40
CA ASP A 35 76.41 26.05 -48.50
C ASP A 35 76.83 26.77 -49.78
N LEU A 36 77.96 26.35 -50.36
CA LEU A 36 78.43 26.96 -51.60
C LEU A 36 78.83 25.92 -52.65
N LYS A 37 78.86 24.64 -52.27
CA LYS A 37 79.26 23.60 -53.21
C LYS A 37 78.51 23.68 -54.57
N PRO A 38 79.24 23.44 -55.63
CA PRO A 38 78.75 23.51 -57.01
C PRO A 38 77.28 23.19 -57.24
N GLY A 39 76.90 21.95 -56.97
CA GLY A 39 75.53 21.58 -57.19
C GLY A 39 74.55 22.40 -56.35
N VAL A 40 74.90 22.61 -55.08
CA VAL A 40 74.00 23.31 -54.18
C VAL A 40 73.94 24.83 -54.33
N LEU A 41 75.01 25.49 -54.79
CA LEU A 41 74.93 26.94 -54.99
C LEU A 41 74.33 27.26 -56.35
N ASN A 42 74.34 26.25 -57.22
CA ASN A 42 73.74 26.35 -58.58
C ASN A 42 74.67 25.97 -59.72
N PRO B 43 62.99 28.95 -62.75
CA PRO B 43 64.01 29.11 -63.81
C PRO B 43 65.38 29.09 -63.20
N THR B 44 66.39 29.04 -64.06
CA THR B 44 67.82 28.99 -63.70
C THR B 44 68.64 29.29 -64.93
N GLY B 45 69.95 29.47 -64.75
CA GLY B 45 70.83 29.70 -65.88
C GLY B 45 70.91 31.17 -66.35
N LYS B 46 71.60 31.37 -67.46
CA LYS B 46 71.77 32.68 -68.02
C LYS B 46 70.49 33.09 -68.71
N LEU B 47 70.22 34.38 -68.79
CA LEU B 47 68.99 34.86 -69.44
C LEU B 47 69.25 35.05 -70.92
N TRP B 48 68.27 34.69 -71.73
CA TRP B 48 68.35 34.83 -73.18
C TRP B 48 67.29 35.77 -73.66
N ARG B 49 67.45 36.31 -74.86
CA ARG B 49 66.43 37.17 -75.43
C ARG B 49 66.37 36.98 -76.93
N PRO B 50 65.18 37.14 -77.52
CA PRO B 50 64.97 36.96 -78.96
C PRO B 50 65.87 37.87 -79.81
N VAL B 51 66.99 37.35 -80.29
CA VAL B 51 67.90 38.15 -81.11
C VAL B 51 67.19 38.56 -82.42
N GLY B 52 66.33 37.71 -82.93
CA GLY B 52 65.59 38.00 -84.15
C GLY B 52 64.38 38.88 -83.90
N THR B 53 64.17 39.23 -82.64
CA THR B 53 63.08 40.11 -82.20
C THR B 53 61.67 39.50 -82.18
N SER B 54 60.84 40.07 -81.29
CA SER B 54 59.45 39.67 -81.11
C SER B 54 59.27 38.17 -80.92
N VAL B 55 58.96 37.48 -82.01
CA VAL B 55 58.76 36.04 -81.98
C VAL B 55 60.01 35.35 -81.40
N ALA B 56 59.83 34.76 -80.23
CA ALA B 56 60.86 34.00 -79.58
C ALA B 56 60.64 32.53 -79.82
N THR B 57 61.41 31.96 -80.73
CA THR B 57 61.31 30.52 -81.01
C THR B 57 62.58 29.86 -80.39
N ILE B 58 62.76 28.53 -80.60
CA ILE B 58 63.91 27.74 -80.12
C ILE B 58 65.13 27.94 -81.05
N ASP B 59 65.44 29.18 -81.36
CA ASP B 59 66.53 29.52 -82.27
C ASP B 59 66.66 31.03 -82.47
N SER B 60 65.57 31.74 -82.25
CA SER B 60 65.58 33.19 -82.37
C SER B 60 66.00 33.79 -81.02
N LEU B 61 66.58 32.93 -80.17
CA LEU B 61 67.07 33.31 -78.86
C LEU B 61 68.59 33.43 -78.97
N ALA B 62 69.19 33.86 -77.88
CA ALA B 62 70.61 33.99 -77.77
C ALA B 62 70.98 34.56 -76.41
N ILE B 63 71.96 33.94 -75.73
CA ILE B 63 72.36 34.45 -74.43
C ILE B 63 72.55 35.96 -74.51
N VAL B 64 71.74 36.71 -73.78
CA VAL B 64 71.81 38.18 -73.80
C VAL B 64 73.11 38.64 -73.16
N SER B 65 74.21 38.56 -73.88
CA SER B 65 75.47 39.00 -73.32
C SER B 65 75.67 40.49 -73.67
N ASP B 66 76.74 41.09 -73.13
CA ASP B 66 77.03 42.48 -73.42
C ASP B 66 78.22 42.97 -72.61
N ARG B 67 78.41 44.29 -72.65
CA ARG B 67 79.50 44.97 -71.97
C ARG B 67 79.72 44.61 -70.50
N PHE B 68 78.74 43.97 -69.87
CA PHE B 68 78.85 43.57 -68.47
C PHE B 68 79.07 42.09 -68.27
N GLY B 69 78.97 41.31 -69.36
CA GLY B 69 79.12 39.86 -69.25
C GLY B 69 77.73 39.32 -69.49
N GLN B 70 77.43 38.12 -69.01
CA GLN B 70 76.08 37.56 -69.22
C GLN B 70 75.25 37.51 -67.97
N TYR B 71 74.05 38.07 -68.06
CA TYR B 71 73.16 38.06 -66.91
C TYR B 71 72.73 36.66 -66.60
N SER B 72 73.07 36.16 -65.41
CA SER B 72 72.62 34.82 -65.04
C SER B 72 71.51 35.05 -64.00
N PHE B 73 70.42 34.30 -64.12
CA PHE B 73 69.29 34.44 -63.21
C PHE B 73 69.62 34.10 -61.77
N VAL B 74 69.01 34.83 -60.83
CA VAL B 74 69.25 34.58 -59.41
C VAL B 74 67.99 34.01 -58.76
N ASN B 75 67.79 32.70 -58.96
CA ASN B 75 66.64 31.97 -58.42
C ASN B 75 66.51 32.23 -56.92
N GLU B 76 65.29 32.12 -56.43
CA GLU B 76 64.97 32.35 -55.02
C GLU B 76 65.98 31.86 -53.98
N GLY B 77 66.34 30.60 -54.02
CA GLY B 77 67.26 30.01 -53.06
C GLY B 77 68.69 30.54 -53.15
N MET B 78 69.14 30.83 -54.35
CA MET B 78 70.50 31.34 -54.53
C MET B 78 70.64 32.75 -53.97
N ARG B 79 69.52 33.38 -53.64
CA ARG B 79 69.57 34.70 -53.02
C ARG B 79 69.69 34.50 -51.53
N GLU B 80 69.25 33.33 -51.07
CA GLU B 80 69.32 32.98 -49.65
C GLU B 80 70.77 32.89 -49.23
N THR B 81 71.59 32.34 -50.10
CA THR B 81 72.99 32.21 -49.78
C THR B 81 73.67 33.57 -49.72
N PHE B 82 73.70 34.28 -50.85
CA PHE B 82 74.33 35.60 -50.91
C PHE B 82 73.75 36.58 -49.93
N SER B 83 72.55 36.34 -49.47
CA SER B 83 72.01 37.18 -48.44
C SER B 83 72.53 36.70 -47.10
N LYS B 84 72.59 35.39 -46.93
CA LYS B 84 73.06 34.79 -45.68
C LYS B 84 74.54 35.09 -45.48
N ALA B 85 75.27 35.25 -46.59
CA ALA B 85 76.70 35.56 -46.56
C ALA B 85 76.88 37.03 -46.22
N LEU B 86 76.15 37.90 -46.90
CA LEU B 86 76.22 39.33 -46.64
C LEU B 86 75.65 39.62 -45.26
N PHE B 87 74.63 38.88 -44.86
CA PHE B 87 74.04 39.10 -43.54
C PHE B 87 75.09 38.91 -42.46
N ASP B 88 75.91 37.88 -42.61
CA ASP B 88 76.96 37.60 -41.63
C ASP B 88 78.07 38.65 -41.67
N ILE B 89 78.10 39.48 -42.70
CA ILE B 89 79.12 40.53 -42.76
C ILE B 89 78.54 41.82 -42.20
N ASN B 90 77.33 42.18 -42.62
CA ASN B 90 76.70 43.39 -42.11
C ASN B 90 76.77 43.38 -40.59
N MET B 91 76.58 42.21 -39.99
CA MET B 91 76.62 42.06 -38.55
C MET B 91 77.79 42.81 -37.92
N TRP B 92 78.94 42.74 -38.57
CA TRP B 92 80.14 43.40 -38.10
C TRP B 92 80.16 44.87 -38.42
N GLN B 93 79.00 45.49 -38.58
CA GLN B 93 78.95 46.90 -38.95
C GLN B 93 79.68 47.81 -37.97
N PRO B 94 79.40 47.68 -36.65
CA PRO B 94 80.03 48.50 -35.63
C PRO B 94 81.54 48.43 -35.59
N LEU B 95 82.12 47.37 -36.15
CA LEU B 95 83.57 47.30 -36.13
C LEU B 95 84.18 47.86 -37.39
N PHE B 96 83.38 47.96 -38.46
CA PHE B 96 83.86 48.51 -39.73
C PHE B 96 83.99 50.02 -39.63
N GLN B 97 83.02 50.66 -38.99
CA GLN B 97 83.09 52.11 -38.84
C GLN B 97 84.22 52.43 -37.88
N ALA B 98 84.21 51.76 -36.72
CA ALA B 98 85.24 52.02 -35.71
C ALA B 98 86.60 52.03 -36.33
N THR B 99 86.88 51.03 -37.10
CA THR B 99 88.18 51.02 -37.71
C THR B 99 88.22 51.63 -39.12
N LYS B 100 87.34 52.57 -39.53
CA LYS B 100 87.41 53.24 -40.87
C LYS B 100 87.64 52.32 -42.14
N THR B 101 87.58 50.97 -42.02
CA THR B 101 87.69 50.04 -43.18
C THR B 101 86.28 49.91 -43.77
N GLY B 102 85.96 48.76 -44.34
CA GLY B 102 84.62 48.59 -44.86
C GLY B 102 84.28 49.70 -45.88
N CYS B 103 83.01 50.13 -45.89
CA CYS B 103 82.51 51.10 -46.86
C CYS B 103 80.98 51.19 -46.85
N GLY B 104 80.36 50.90 -45.71
CA GLY B 104 78.91 50.93 -45.60
C GLY B 104 78.39 49.50 -45.66
N PRO B 105 77.11 49.25 -45.36
CA PRO B 105 76.55 47.89 -45.40
C PRO B 105 76.38 47.38 -46.83
N ILE B 106 76.73 46.12 -47.06
CA ILE B 106 76.64 45.53 -48.40
C ILE B 106 75.26 44.96 -48.74
N VAL B 107 74.45 45.69 -49.49
CA VAL B 107 73.13 45.20 -49.88
C VAL B 107 73.27 44.34 -51.14
N LEU B 108 72.68 43.15 -51.13
CA LEU B 108 72.80 42.30 -52.29
C LEU B 108 72.11 42.91 -53.50
N SER B 109 71.25 43.90 -53.24
CA SER B 109 70.52 44.57 -54.30
C SER B 109 71.41 45.58 -55.02
N SER B 110 72.71 45.55 -54.75
CA SER B 110 73.61 46.48 -55.43
C SER B 110 74.38 45.74 -56.53
N PHE B 111 74.31 44.41 -56.52
CA PHE B 111 75.02 43.62 -57.51
C PHE B 111 74.09 43.05 -58.58
N THR B 112 72.79 43.10 -58.33
CA THR B 112 71.84 42.55 -59.29
C THR B 112 71.23 43.59 -60.24
N THR B 113 70.17 43.19 -60.94
CA THR B 113 69.46 44.06 -61.90
C THR B 113 68.04 43.53 -62.06
N THR B 114 67.25 44.21 -62.88
CA THR B 114 65.89 43.76 -63.11
C THR B 114 65.61 43.64 -64.60
N THR B 115 66.34 42.73 -65.24
CA THR B 115 66.13 42.52 -66.66
C THR B 115 64.94 41.54 -66.76
N SER B 116 64.58 41.19 -68.00
CA SER B 116 63.48 40.26 -68.25
C SER B 116 63.67 39.65 -69.64
N GLY B 117 63.40 38.35 -69.73
CA GLY B 117 63.52 37.65 -70.99
C GLY B 117 63.27 36.20 -70.67
N TYR B 118 63.81 35.29 -71.46
CA TYR B 118 63.63 33.87 -71.22
C TYR B 118 64.89 33.39 -70.57
N VAL B 119 64.78 32.66 -69.46
CA VAL B 119 66.00 32.20 -68.80
C VAL B 119 66.15 30.69 -68.65
N GLY B 120 67.07 30.11 -69.42
CA GLY B 120 67.28 28.68 -69.31
C GLY B 120 68.76 28.32 -69.44
N ALA B 121 69.03 27.05 -69.72
CA ALA B 121 70.39 26.60 -69.88
C ALA B 121 70.72 26.57 -71.36
N THR B 122 69.72 26.45 -72.22
CA THR B 122 69.94 26.44 -73.67
C THR B 122 68.70 26.96 -74.40
N ALA B 123 68.91 27.70 -75.49
CA ALA B 123 67.79 28.26 -76.25
C ALA B 123 66.54 27.38 -76.18
N GLY B 124 66.71 26.10 -76.49
CA GLY B 124 65.59 25.16 -76.45
C GLY B 124 64.77 25.16 -75.17
N ASP B 125 65.44 24.96 -74.04
CA ASP B 125 64.76 24.91 -72.74
C ASP B 125 64.53 26.27 -72.10
N ALA B 126 65.28 27.28 -72.53
CA ALA B 126 65.13 28.61 -71.96
C ALA B 126 63.83 29.21 -72.46
N LEU B 127 63.32 28.64 -73.55
CA LEU B 127 62.09 29.10 -74.14
C LEU B 127 60.87 28.86 -73.26
N ASP B 128 61.00 27.94 -72.31
CA ASP B 128 59.91 27.59 -71.40
C ASP B 128 60.06 28.22 -70.02
N ASN B 129 60.71 29.38 -69.94
CA ASN B 129 60.89 30.06 -68.66
C ASN B 129 60.78 31.55 -68.83
N PRO B 130 59.75 32.03 -69.53
CA PRO B 130 59.61 33.48 -69.72
C PRO B 130 59.51 34.14 -68.35
N VAL B 131 60.54 34.89 -67.99
CA VAL B 131 60.54 35.58 -66.70
C VAL B 131 60.50 37.09 -66.93
N THR B 132 59.61 37.79 -66.23
CA THR B 132 59.51 39.24 -66.40
C THR B 132 60.06 39.98 -65.18
N ASN B 133 60.97 40.90 -65.45
CA ASN B 133 61.61 41.66 -64.39
C ASN B 133 62.14 40.75 -63.31
N GLY B 134 62.83 39.68 -63.73
CA GLY B 134 63.44 38.79 -62.79
C GLY B 134 64.64 39.52 -62.25
N VAL B 135 65.36 38.92 -61.31
CA VAL B 135 66.55 39.56 -60.75
C VAL B 135 67.80 38.78 -61.17
N PHE B 136 68.56 39.33 -62.11
CA PHE B 136 69.76 38.66 -62.61
C PHE B 136 70.99 39.39 -62.14
N ILE B 137 72.12 38.69 -62.05
CA ILE B 137 73.37 39.33 -61.67
C ILE B 137 74.32 39.14 -62.86
N SER B 138 74.82 40.25 -63.44
CA SER B 138 75.71 40.16 -64.62
C SER B 138 77.06 39.54 -64.29
N THR B 139 77.75 38.96 -65.23
CA THR B 139 79.04 38.36 -64.92
C THR B 139 79.97 39.29 -64.14
N VAL B 140 80.28 40.47 -64.71
CA VAL B 140 81.18 41.38 -64.02
C VAL B 140 80.70 41.68 -62.60
N GLN B 141 79.42 41.52 -62.33
CA GLN B 141 78.89 41.73 -60.98
C GLN B 141 79.14 40.49 -60.15
N ILE B 142 78.85 39.32 -60.73
CA ILE B 142 79.07 38.05 -60.06
C ILE B 142 80.53 38.03 -59.67
N MET B 143 81.30 39.00 -60.19
CA MET B 143 82.70 39.09 -59.83
C MET B 143 82.90 39.88 -58.56
N ASN B 144 82.21 41.02 -58.42
CA ASN B 144 82.34 41.83 -57.22
C ASN B 144 81.67 41.21 -56.01
N LEU B 145 80.40 40.84 -56.16
CA LEU B 145 79.69 40.23 -55.04
C LEU B 145 80.60 39.12 -54.52
N GLN B 146 81.48 38.64 -55.40
CA GLN B 146 82.44 37.59 -55.05
C GLN B 146 83.63 38.23 -54.34
N ARG B 147 84.44 39.01 -55.05
CA ARG B 147 85.59 39.63 -54.40
C ARG B 147 85.25 40.62 -53.30
N THR B 148 83.99 40.99 -53.14
CA THR B 148 83.65 41.90 -52.05
C THR B 148 83.48 41.01 -50.84
N ILE B 149 82.59 40.02 -50.95
CA ILE B 149 82.36 39.07 -49.88
C ILE B 149 83.69 38.44 -49.50
N ALA B 150 84.63 38.41 -50.43
CA ALA B 150 85.94 37.85 -50.14
C ALA B 150 86.77 38.89 -49.37
N ALA B 151 86.87 40.11 -49.88
CA ALA B 151 87.65 41.14 -49.20
C ALA B 151 87.10 41.37 -47.81
N ARG B 152 85.79 41.60 -47.69
CA ARG B 152 85.15 41.82 -46.39
C ARG B 152 85.34 40.61 -45.50
N MET B 153 85.22 39.42 -46.09
CA MET B 153 85.39 38.21 -45.34
C MET B 153 86.74 38.15 -44.64
N ARG B 154 87.79 38.63 -45.28
CA ARG B 154 89.07 38.69 -44.62
C ARG B 154 88.94 39.65 -43.45
N ASP B 155 88.60 40.90 -43.76
CA ASP B 155 88.40 41.94 -42.75
C ASP B 155 87.78 41.39 -41.46
N VAL B 156 86.59 40.81 -41.56
CA VAL B 156 85.92 40.28 -40.39
C VAL B 156 86.61 39.04 -39.85
N ALA B 157 86.97 38.10 -40.72
CA ALA B 157 87.64 36.88 -40.28
C ALA B 157 88.71 37.21 -39.25
N LEU B 158 89.33 38.35 -39.39
CA LEU B 158 90.38 38.73 -38.45
C LEU B 158 89.80 39.17 -37.09
N TRP B 159 89.02 40.25 -37.11
CA TRP B 159 88.40 40.76 -35.89
C TRP B 159 87.68 39.62 -35.19
N GLN B 160 86.80 38.98 -35.95
CA GLN B 160 86.00 37.85 -35.53
C GLN B 160 86.86 36.84 -34.81
N LYS B 161 88.16 36.83 -35.07
CA LYS B 161 89.02 35.89 -34.37
C LYS B 161 89.37 36.43 -32.96
N HIS B 162 89.57 37.74 -32.84
CA HIS B 162 89.86 38.40 -31.56
C HIS B 162 88.66 38.35 -30.63
N LEU B 163 87.48 38.62 -31.20
CA LEU B 163 86.25 38.61 -30.44
C LEU B 163 86.12 37.27 -29.78
N ASP B 164 86.53 36.24 -30.52
CA ASP B 164 86.45 34.88 -30.03
C ASP B 164 87.41 34.50 -28.89
N THR B 165 88.71 34.68 -29.09
CA THR B 165 89.66 34.32 -28.03
C THR B 165 89.20 34.93 -26.71
N ALA B 166 88.33 35.93 -26.79
CA ALA B 166 87.82 36.60 -25.59
C ALA B 166 86.46 36.04 -25.20
N MET B 167 85.63 35.74 -26.20
CA MET B 167 84.30 35.19 -25.92
C MET B 167 84.38 33.78 -25.35
N THR B 168 84.84 32.83 -26.17
CA THR B 168 84.97 31.46 -25.71
C THR B 168 85.88 31.43 -24.48
N MET B 169 86.62 32.51 -24.25
CA MET B 169 87.50 32.55 -23.08
C MET B 169 86.69 32.71 -21.80
N LEU B 170 85.46 32.21 -21.82
CA LEU B 170 84.55 32.21 -20.67
C LEU B 170 83.26 31.50 -21.07
N THR B 171 83.45 30.36 -21.72
CA THR B 171 82.38 29.48 -22.20
C THR B 171 80.98 30.08 -22.12
N PRO B 172 80.63 30.93 -23.08
CA PRO B 172 79.28 31.51 -23.01
C PRO B 172 78.21 30.51 -23.43
N ASP B 173 78.52 29.22 -23.37
CA ASP B 173 77.52 28.24 -23.77
C ASP B 173 77.31 27.03 -22.87
N ILE B 174 76.13 26.98 -22.25
CA ILE B 174 75.74 25.89 -21.37
C ILE B 174 74.65 25.12 -22.13
N SER B 175 74.30 23.91 -21.67
CA SER B 175 73.27 23.14 -22.37
C SER B 175 72.14 22.54 -21.53
N ALA B 176 71.94 23.08 -20.33
CA ALA B 176 70.90 22.61 -19.43
C ALA B 176 70.60 23.71 -18.39
N GLY B 177 69.37 24.21 -18.38
CA GLY B 177 69.03 25.27 -17.44
C GLY B 177 69.88 26.50 -17.74
N SER B 178 69.90 27.48 -16.85
CA SER B 178 70.70 28.68 -17.08
C SER B 178 71.91 28.75 -16.18
N ALA B 179 72.39 29.96 -15.93
CA ALA B 179 73.56 30.21 -15.08
C ALA B 179 74.19 31.55 -15.44
N SER B 180 74.11 32.52 -14.54
CA SER B 180 74.68 33.85 -14.77
C SER B 180 76.09 34.01 -14.20
N CYS B 181 76.60 35.24 -14.25
CA CYS B 181 77.94 35.56 -13.74
C CYS B 181 78.08 37.07 -13.72
N ASN B 182 77.64 37.70 -12.64
CA ASN B 182 77.65 39.17 -12.51
C ASN B 182 78.68 39.87 -13.41
N TRP B 183 78.13 40.55 -14.43
CA TRP B 183 78.87 41.28 -15.47
C TRP B 183 80.10 42.07 -15.05
N LYS B 184 80.01 42.88 -13.99
CA LYS B 184 81.17 43.66 -13.52
C LYS B 184 82.39 42.75 -13.47
N SER B 185 82.35 41.76 -12.57
CA SER B 185 83.43 40.79 -12.39
C SER B 185 83.94 40.30 -13.72
N LEU B 186 83.04 39.66 -14.46
CA LEU B 186 83.34 39.11 -15.78
C LEU B 186 84.23 40.04 -16.59
N LEU B 187 83.78 41.27 -16.78
CA LEU B 187 84.52 42.27 -17.53
C LEU B 187 85.86 42.54 -16.86
N ALA B 188 85.85 43.06 -15.65
CA ALA B 188 87.07 43.35 -14.88
C ALA B 188 88.04 42.17 -14.87
N PHE B 189 87.53 40.98 -15.17
CA PHE B 189 88.33 39.76 -15.24
C PHE B 189 89.03 39.66 -16.60
N ALA B 190 88.25 39.67 -17.67
CA ALA B 190 88.82 39.58 -19.01
C ALA B 190 89.74 40.77 -19.24
N LYS B 191 89.52 41.85 -18.49
CA LYS B 191 90.38 43.04 -18.59
C LYS B 191 91.81 42.59 -18.35
N ASP B 192 91.92 41.46 -17.64
CA ASP B 192 93.21 40.84 -17.31
C ASP B 192 93.57 39.84 -18.39
N ILE B 193 93.13 38.61 -18.21
CA ILE B 193 93.46 37.52 -19.12
C ILE B 193 93.79 37.97 -20.55
N LEU B 194 92.84 38.50 -21.31
CA LEU B 194 93.08 38.91 -22.69
C LEU B 194 94.51 39.50 -22.94
N PRO B 195 95.38 38.81 -23.75
CA PRO B 195 96.74 39.25 -24.05
C PRO B 195 96.75 40.61 -24.77
N LEU B 196 97.69 41.46 -24.44
CA LEU B 196 97.82 42.84 -24.99
C LEU B 196 97.70 43.05 -26.53
N ASP B 197 97.51 41.99 -27.32
CA ASP B 197 97.41 42.15 -28.78
C ASP B 197 96.10 41.62 -29.35
N ASN B 198 95.10 41.60 -28.50
CA ASN B 198 93.79 41.18 -28.99
C ASN B 198 93.25 42.30 -29.92
N LEU B 199 92.00 42.70 -29.80
CA LEU B 199 91.36 43.83 -30.51
C LEU B 199 90.09 44.13 -29.71
N CYS B 200 89.85 43.34 -28.63
CA CYS B 200 88.66 43.47 -27.72
C CYS B 200 88.98 44.39 -26.55
N LEU B 201 90.24 44.86 -26.54
CA LEU B 201 90.71 45.82 -25.55
C LEU B 201 90.82 47.18 -26.21
N THR B 202 91.03 47.21 -27.55
CA THR B 202 91.12 48.50 -28.25
C THR B 202 89.70 49.04 -28.61
N TYR B 203 88.61 48.16 -28.65
CA TYR B 203 87.21 48.55 -29.05
C TYR B 203 86.05 47.94 -28.16
N PRO B 204 86.26 47.61 -26.85
CA PRO B 204 85.28 46.97 -25.89
C PRO B 204 83.80 46.99 -26.30
N ASN B 205 83.25 48.19 -26.44
CA ASN B 205 81.89 48.32 -26.87
C ASN B 205 81.85 48.83 -28.30
N GLU B 206 82.58 48.05 -29.15
CA GLU B 206 82.61 48.23 -30.60
C GLU B 206 82.70 46.81 -31.13
N PHE B 207 83.11 45.93 -30.19
CA PHE B 207 83.21 44.47 -30.33
C PHE B 207 82.01 43.94 -29.58
N TYR B 208 81.72 44.56 -28.45
CA TYR B 208 80.57 44.16 -27.63
C TYR B 208 79.28 44.16 -28.48
N ASN B 209 79.07 45.22 -29.28
CA ASN B 209 77.89 45.37 -30.15
C ASN B 209 77.88 44.34 -31.25
N VAL B 210 79.06 43.90 -31.69
CA VAL B 210 79.12 42.85 -32.67
C VAL B 210 78.74 41.58 -31.93
N ALA B 211 79.39 41.39 -30.78
CA ALA B 211 79.19 40.23 -29.92
C ALA B 211 77.75 39.98 -29.53
N ILE B 212 77.09 40.98 -28.94
CA ILE B 212 75.69 40.83 -28.54
C ILE B 212 74.84 40.10 -29.59
N HIS B 213 75.21 40.21 -30.87
CA HIS B 213 74.48 39.55 -31.95
C HIS B 213 74.95 38.13 -32.23
N ARG B 214 75.94 37.65 -31.49
CA ARG B 214 76.40 36.30 -31.75
C ARG B 214 76.27 35.43 -30.52
N TYR B 215 76.20 36.05 -29.35
CA TYR B 215 76.11 35.31 -28.10
C TYR B 215 74.85 35.65 -27.33
N PRO B 216 73.80 34.82 -27.46
CA PRO B 216 72.60 35.16 -26.70
C PRO B 216 72.87 34.98 -25.20
N ALA B 217 74.14 34.93 -24.82
CA ALA B 217 74.49 34.84 -23.41
C ALA B 217 74.56 36.28 -22.91
N LEU B 218 75.30 37.14 -23.62
CA LEU B 218 75.46 38.57 -23.27
C LEU B 218 74.19 39.32 -23.64
N LYS B 219 73.38 39.71 -22.66
CA LYS B 219 72.15 40.45 -22.93
C LYS B 219 72.48 41.88 -22.52
N PRO B 220 72.49 42.84 -23.43
CA PRO B 220 72.83 44.22 -23.09
C PRO B 220 71.73 44.85 -22.24
N GLY B 221 72.10 45.69 -21.29
CA GLY B 221 71.12 46.32 -20.45
C GLY B 221 70.37 47.40 -21.20
N ASN B 222 69.06 47.28 -21.25
CA ASN B 222 68.25 48.26 -21.97
C ASN B 222 68.47 49.69 -21.47
N PRO B 223 68.69 50.66 -22.38
CA PRO B 223 68.86 52.08 -21.97
C PRO B 223 67.72 52.71 -21.11
N ASP B 224 66.42 52.64 -21.49
CA ASP B 224 65.35 53.33 -20.70
C ASP B 224 64.48 52.44 -19.73
N THR B 225 65.19 51.76 -18.79
CA THR B 225 64.71 50.90 -17.67
C THR B 225 65.95 50.28 -16.99
N LYS B 226 67.13 50.59 -17.55
CA LYS B 226 68.49 50.16 -17.15
C LYS B 226 68.61 48.73 -16.51
N LEU B 227 67.86 47.74 -17.10
CA LEU B 227 67.72 46.29 -16.68
C LEU B 227 67.89 45.36 -17.93
N PRO B 228 68.25 44.04 -17.78
CA PRO B 228 68.39 43.16 -18.96
C PRO B 228 67.12 43.10 -19.88
N ASP B 229 66.67 41.88 -20.26
CA ASP B 229 65.52 41.67 -21.21
C ASP B 229 64.92 40.25 -21.08
N ALA B 230 65.48 39.39 -20.25
CA ALA B 230 64.97 38.01 -20.14
C ALA B 230 65.35 37.29 -21.43
N GLN B 231 64.61 37.59 -22.49
CA GLN B 231 64.92 37.05 -23.80
C GLN B 231 66.24 37.66 -24.27
N ALA B 232 66.96 36.94 -25.06
CA ALA B 232 68.18 37.45 -25.66
C ALA B 232 67.93 37.48 -27.17
N HIS B 233 68.19 38.63 -27.83
CA HIS B 233 67.93 38.75 -29.26
C HIS B 233 69.18 38.81 -30.15
N PRO B 234 69.87 37.67 -30.35
CA PRO B 234 71.05 37.69 -31.21
C PRO B 234 70.58 37.51 -32.66
N LEU B 235 71.22 38.16 -33.61
CA LEU B 235 70.83 38.06 -35.02
C LEU B 235 70.54 36.63 -35.50
N GLY B 236 71.19 35.63 -34.90
CA GLY B 236 70.95 34.24 -35.30
C GLY B 236 69.76 33.65 -34.56
N GLU B 237 68.82 34.52 -34.20
CA GLU B 237 67.61 34.18 -33.46
C GLU B 237 67.09 32.76 -33.60
N VAL B 238 66.77 32.35 -34.82
CA VAL B 238 66.24 31.00 -35.08
C VAL B 238 67.30 29.92 -34.98
N ALA B 239 68.34 30.03 -35.81
CA ALA B 239 69.42 29.05 -35.80
C ALA B 239 69.88 28.72 -34.38
N GLY B 240 70.13 29.76 -33.59
CA GLY B 240 70.57 29.54 -32.22
C GLY B 240 69.51 28.90 -31.34
N ALA B 241 68.24 29.03 -31.73
CA ALA B 241 67.15 28.44 -30.96
C ALA B 241 67.13 26.95 -31.26
N PHE B 242 67.35 26.61 -32.54
CA PHE B 242 67.37 25.23 -32.98
C PHE B 242 68.66 24.47 -32.83
N ASN B 243 69.53 24.91 -31.93
CA ASN B 243 70.76 24.18 -31.71
C ASN B 243 70.89 23.86 -30.26
N ALA B 244 70.14 24.61 -29.44
CA ALA B 244 70.13 24.38 -28.02
C ALA B 244 69.88 22.89 -27.85
N ALA B 245 70.52 22.26 -26.87
CA ALA B 245 70.30 20.85 -26.64
C ALA B 245 68.92 20.71 -25.98
N THR B 246 67.86 20.59 -26.79
CA THR B 246 66.51 20.46 -26.26
C THR B 246 66.39 19.20 -25.42
N SER B 247 66.02 19.37 -24.15
CA SER B 247 65.91 18.25 -23.22
C SER B 247 65.02 17.06 -23.62
N GLU B 248 64.09 17.26 -24.54
CA GLU B 248 63.19 16.18 -24.99
C GLU B 248 63.98 15.19 -25.81
N VAL B 249 64.80 15.72 -26.71
CA VAL B 249 65.62 14.88 -27.56
C VAL B 249 66.97 15.56 -27.77
N GLY B 250 68.05 14.90 -27.34
CA GLY B 250 69.39 15.44 -27.46
C GLY B 250 69.54 16.82 -28.12
N SER B 251 69.70 16.81 -29.45
CA SER B 251 69.86 18.05 -30.21
C SER B 251 69.44 17.81 -31.66
N LEU B 252 68.41 18.51 -32.09
CA LEU B 252 67.94 18.35 -33.46
C LEU B 252 69.08 18.49 -34.47
N VAL B 253 69.92 19.51 -34.34
CA VAL B 253 71.04 19.69 -35.28
C VAL B 253 72.00 18.50 -35.27
N GLY B 254 72.11 17.83 -34.12
CA GLY B 254 72.97 16.67 -34.03
C GLY B 254 72.28 15.46 -34.67
N SER B 255 71.33 14.89 -33.94
CA SER B 255 70.56 13.73 -34.39
C SER B 255 70.14 13.80 -35.86
N SER B 256 69.95 15.01 -36.38
CA SER B 256 69.54 15.17 -37.77
C SER B 256 70.68 14.78 -38.68
N SER B 257 71.86 15.34 -38.42
CA SER B 257 73.03 15.08 -39.25
C SER B 257 73.54 13.65 -39.10
N THR B 258 73.73 13.19 -37.85
CA THR B 258 74.20 11.82 -37.65
C THR B 258 73.40 10.83 -38.51
N LEU B 259 72.22 11.26 -38.95
CA LEU B 259 71.37 10.43 -39.81
C LEU B 259 71.68 10.67 -41.26
N SER B 260 71.56 11.92 -41.71
CA SER B 260 71.83 12.23 -43.10
C SER B 260 73.26 11.78 -43.41
N GLN B 261 74.13 11.86 -42.41
CA GLN B 261 75.51 11.43 -42.58
C GLN B 261 75.51 9.93 -42.91
N ALA B 262 74.91 9.12 -42.04
CA ALA B 262 74.83 7.69 -42.29
C ALA B 262 74.16 7.39 -43.64
N ILE B 263 73.09 8.12 -43.98
CA ILE B 263 72.38 7.91 -45.23
C ILE B 263 73.33 8.09 -46.39
N SER B 264 74.21 9.08 -46.28
CA SER B 264 75.18 9.34 -47.34
C SER B 264 75.94 8.04 -47.59
N THR B 265 76.69 7.56 -46.58
CA THR B 265 77.44 6.32 -46.70
C THR B 265 76.60 5.19 -47.29
N MET B 266 75.48 4.88 -46.64
CA MET B 266 74.62 3.80 -47.09
C MET B 266 74.41 3.80 -48.60
N ALA B 267 74.25 4.97 -49.19
CA ALA B 267 74.05 5.00 -50.64
C ALA B 267 75.34 5.07 -51.42
N GLY B 268 76.29 5.80 -50.84
CA GLY B 268 77.58 6.02 -51.36
C GLY B 268 78.39 4.75 -51.56
N LYS B 269 79.30 4.44 -50.63
CA LYS B 269 80.19 3.29 -50.86
C LYS B 269 79.50 2.13 -51.63
N ASP B 270 78.23 1.85 -51.27
CA ASP B 270 77.35 0.78 -51.79
C ASP B 270 77.24 -0.29 -50.73
N LEU B 271 76.89 0.17 -49.52
CA LEU B 271 76.72 -0.78 -48.48
C LEU B 271 75.56 -1.67 -48.85
N ASP B 272 74.55 -1.05 -49.49
CA ASP B 272 73.47 -1.83 -49.99
C ASP B 272 74.13 -2.83 -50.92
N LEU B 273 73.58 -4.03 -51.09
CA LEU B 273 74.22 -4.99 -51.98
C LEU B 273 75.52 -5.57 -51.37
N ILE B 274 75.64 -5.47 -50.05
CA ILE B 274 76.84 -5.92 -49.35
C ILE B 274 77.14 -7.41 -49.39
N GLU B 275 76.11 -8.24 -49.54
CA GLU B 275 76.33 -9.68 -49.61
C GLU B 275 75.69 -10.22 -50.88
N ALA B 276 75.71 -9.39 -51.93
CA ALA B 276 75.16 -9.74 -53.23
C ALA B 276 75.84 -11.00 -53.75
N ASP B 277 75.07 -11.92 -54.30
CA ASP B 277 75.65 -13.15 -54.80
C ASP B 277 75.85 -13.11 -56.32
N THR B 278 76.86 -12.39 -56.78
CA THR B 278 77.14 -12.26 -58.21
C THR B 278 78.33 -11.33 -58.50
N PRO B 279 79.16 -11.70 -59.50
CA PRO B 279 80.36 -10.92 -59.89
C PRO B 279 80.20 -9.40 -59.78
N LEU B 280 81.14 -8.77 -59.09
CA LEU B 280 81.17 -7.32 -58.90
C LEU B 280 82.56 -6.77 -59.12
N PRO B 281 82.71 -5.82 -60.06
CA PRO B 281 84.01 -5.20 -60.35
C PRO B 281 84.67 -4.71 -59.05
N VAL B 282 85.97 -4.93 -58.89
CA VAL B 282 86.64 -4.47 -57.67
C VAL B 282 86.39 -2.98 -57.46
N SER B 283 86.26 -2.25 -58.55
CA SER B 283 86.00 -0.80 -58.51
C SER B 283 84.81 -0.49 -57.59
N VAL B 284 83.78 -1.33 -57.66
CA VAL B 284 82.56 -1.21 -56.87
C VAL B 284 82.88 -1.21 -55.38
N PHE B 285 84.13 -1.51 -55.03
CA PHE B 285 84.57 -1.54 -53.63
C PHE B 285 85.52 -0.40 -53.29
N THR B 286 85.71 0.54 -54.22
CA THR B 286 86.61 1.70 -54.02
C THR B 286 87.79 1.43 -53.08
N PRO B 287 88.58 0.37 -53.36
CA PRO B 287 89.73 0.02 -52.53
C PRO B 287 90.82 1.08 -52.69
N SER B 288 91.18 1.75 -51.59
CA SER B 288 92.19 2.80 -51.63
C SER B 288 93.04 2.78 -50.38
N LEU B 289 94.21 3.39 -50.46
CA LEU B 289 95.11 3.45 -49.30
C LEU B 289 95.16 2.06 -48.64
N ALA B 290 95.36 1.02 -49.46
CA ALA B 290 95.28 -0.34 -48.93
C ALA B 290 96.52 -1.24 -49.01
N PRO B 291 97.53 -0.98 -48.16
CA PRO B 291 98.72 -1.81 -48.18
C PRO B 291 98.98 -2.58 -46.87
N ARG B 292 98.45 -3.80 -46.75
CA ARG B 292 98.60 -4.59 -45.51
C ARG B 292 99.94 -5.29 -45.37
N SER B 293 100.43 -5.39 -44.12
CA SER B 293 101.73 -6.03 -43.84
C SER B 293 101.57 -7.30 -42.99
N TYR B 294 102.49 -8.25 -43.17
CA TYR B 294 102.47 -9.50 -42.41
C TYR B 294 103.72 -9.85 -41.63
N ARG B 295 103.88 -11.21 -41.61
CA ARG B 295 104.95 -12.02 -40.97
C ARG B 295 104.97 -13.49 -41.50
N PRO B 296 105.22 -13.76 -42.83
CA PRO B 296 105.29 -15.12 -43.41
C PRO B 296 106.32 -16.01 -42.73
N ALA B 297 106.58 -17.19 -43.30
CA ALA B 297 107.50 -18.08 -42.60
C ALA B 297 106.84 -18.46 -41.30
N PHE B 298 105.56 -18.09 -41.22
CA PHE B 298 104.71 -18.39 -40.10
C PHE B 298 103.32 -18.72 -40.64
N ILE B 299 102.84 -17.96 -41.62
CA ILE B 299 101.53 -18.22 -42.22
C ILE B 299 101.47 -19.61 -42.84
N LYS B 300 100.60 -20.48 -42.34
CA LYS B 300 100.50 -21.82 -42.92
C LYS B 300 100.07 -21.70 -44.38
N PRO B 301 100.59 -22.59 -45.26
CA PRO B 301 100.25 -22.54 -46.67
C PRO B 301 98.75 -22.67 -46.94
N GLU B 302 98.04 -23.51 -46.17
CA GLU B 302 96.61 -23.68 -46.40
C GLU B 302 95.79 -22.51 -45.83
N ASP B 303 96.39 -21.73 -44.93
CA ASP B 303 95.69 -20.59 -44.34
C ASP B 303 95.68 -19.35 -45.25
N ALA B 304 96.37 -19.45 -46.39
CA ALA B 304 96.45 -18.34 -47.35
C ALA B 304 97.16 -18.74 -48.64
N LYS B 305 96.41 -19.18 -49.62
CA LYS B 305 96.90 -19.65 -50.91
C LYS B 305 98.15 -18.97 -51.48
N TRP B 306 98.30 -17.66 -51.28
CA TRP B 306 99.45 -16.93 -51.83
C TRP B 306 100.77 -17.23 -51.13
N ILE B 307 100.95 -18.40 -50.58
CA ILE B 307 102.21 -18.68 -49.89
C ILE B 307 102.45 -20.16 -49.66
N ALA B 308 103.23 -20.77 -50.58
CA ALA B 308 103.55 -22.19 -50.52
C ALA B 308 104.86 -22.47 -49.82
N GLU B 309 105.07 -23.69 -49.36
CA GLU B 309 106.31 -24.03 -48.67
C GLU B 309 107.07 -25.23 -49.19
N PHE B 310 108.40 -25.17 -49.10
CA PHE B 310 109.29 -26.24 -49.54
C PHE B 310 109.40 -27.35 -48.49
N ASN B 311 108.30 -28.05 -48.18
CA ASN B 311 108.38 -29.12 -47.19
C ASN B 311 109.09 -30.36 -47.76
N ASN B 312 110.45 -30.35 -47.62
CA ASN B 312 111.29 -31.44 -48.13
C ASN B 312 112.17 -32.03 -47.02
N SER B 313 112.53 -33.30 -47.15
CA SER B 313 113.35 -33.98 -46.15
C SER B 313 114.63 -33.24 -45.72
N SER B 314 115.68 -33.35 -46.53
CA SER B 314 116.96 -32.70 -46.23
C SER B 314 117.00 -31.22 -46.62
N LEU B 315 118.20 -30.67 -46.77
CA LEU B 315 118.39 -29.29 -47.18
C LEU B 315 118.47 -29.22 -48.68
N ILE B 316 118.28 -28.04 -49.26
CA ILE B 316 118.34 -27.92 -50.71
C ILE B 316 119.32 -26.83 -51.13
N ARG B 317 120.58 -26.95 -50.72
CA ARG B 317 121.57 -25.93 -51.09
C ARG B 317 121.77 -25.80 -52.60
N LYS B 318 121.48 -24.61 -53.11
CA LYS B 318 121.64 -24.31 -54.52
C LYS B 318 122.72 -23.24 -54.60
N THR B 319 123.12 -22.86 -55.80
CA THR B 319 124.14 -21.81 -55.97
C THR B 319 123.68 -20.79 -57.01
N LEU B 320 124.39 -19.67 -57.10
CA LEU B 320 124.04 -18.61 -58.04
C LEU B 320 125.08 -17.51 -58.03
N THR B 321 125.62 -17.17 -59.20
CA THR B 321 126.61 -16.11 -59.28
C THR B 321 125.91 -14.77 -59.22
N TYR B 322 126.00 -14.11 -58.08
CA TYR B 322 125.38 -12.81 -57.89
C TYR B 322 126.46 -11.75 -57.67
N SER B 323 126.65 -10.89 -58.67
CA SER B 323 127.66 -9.85 -58.58
C SER B 323 129.04 -10.50 -58.52
N GLY B 324 129.25 -11.49 -59.39
CA GLY B 324 130.52 -12.19 -59.40
C GLY B 324 130.50 -13.30 -58.35
N ALA B 325 130.66 -12.89 -57.10
CA ALA B 325 130.65 -13.83 -55.96
C ALA B 325 129.55 -14.89 -56.05
N THR B 326 129.89 -16.12 -55.70
CA THR B 326 128.93 -17.22 -55.73
C THR B 326 128.36 -17.50 -54.34
N TYR B 327 127.05 -17.37 -54.21
CA TYR B 327 126.38 -17.61 -52.94
C TYR B 327 125.50 -18.85 -52.99
N THR B 328 125.12 -19.35 -51.82
CA THR B 328 124.28 -20.54 -51.76
C THR B 328 122.97 -20.26 -51.03
N VAL B 329 121.87 -20.31 -51.78
CA VAL B 329 120.56 -20.17 -51.16
C VAL B 329 120.35 -21.46 -50.37
N GLN B 330 119.74 -21.42 -49.18
CA GLN B 330 119.71 -22.64 -48.34
C GLN B 330 118.44 -23.47 -48.38
N LEU B 331 117.28 -22.93 -48.00
CA LEU B 331 116.02 -23.69 -47.93
C LEU B 331 116.18 -24.72 -46.80
N GLY B 332 116.90 -24.31 -45.75
CA GLY B 332 117.28 -25.10 -44.56
C GLY B 332 116.27 -26.14 -44.02
N PRO B 333 116.63 -26.75 -42.89
CA PRO B 333 115.95 -27.81 -42.13
C PRO B 333 114.43 -27.77 -42.08
N GLY B 334 113.87 -26.61 -41.72
CA GLY B 334 112.42 -26.47 -41.64
C GLY B 334 111.76 -26.37 -43.01
N PRO B 335 110.43 -26.14 -43.04
CA PRO B 335 109.71 -26.06 -44.34
C PRO B 335 109.94 -24.80 -45.18
N THR B 336 110.44 -23.70 -44.60
CA THR B 336 110.72 -22.44 -45.32
C THR B 336 109.55 -22.00 -46.21
N ARG B 337 108.52 -21.39 -45.60
CA ARG B 337 107.37 -20.91 -46.34
C ARG B 337 107.81 -19.73 -47.20
N VAL B 338 107.53 -19.79 -48.50
CA VAL B 338 107.91 -18.73 -49.45
C VAL B 338 106.69 -18.13 -50.12
N ILE B 339 106.74 -16.82 -50.38
CA ILE B 339 105.64 -16.12 -51.07
C ILE B 339 105.52 -16.71 -52.46
N ASP B 340 104.37 -17.23 -52.80
CA ASP B 340 104.21 -17.76 -54.17
C ASP B 340 104.12 -16.56 -55.10
N MET B 341 104.53 -16.69 -56.35
CA MET B 341 104.47 -15.57 -57.30
C MET B 341 103.17 -15.53 -58.06
N ASN B 342 102.72 -16.69 -58.45
CA ASN B 342 101.42 -16.64 -59.06
C ASN B 342 100.48 -16.39 -57.87
N ALA B 343 99.30 -15.80 -58.13
CA ALA B 343 98.43 -15.44 -57.04
C ALA B 343 99.24 -14.47 -56.22
N MET B 344 99.55 -13.33 -56.82
CA MET B 344 100.34 -12.29 -56.16
C MET B 344 100.18 -10.89 -56.80
N ILE B 345 98.96 -10.52 -57.26
CA ILE B 345 98.64 -9.20 -57.86
C ILE B 345 99.85 -8.25 -57.93
N ASP B 346 100.44 -8.08 -59.11
CA ASP B 346 101.62 -7.21 -59.27
C ASP B 346 101.65 -6.08 -58.25
N SER B 347 102.36 -6.33 -57.15
CA SER B 347 102.45 -5.37 -56.06
C SER B 347 103.83 -4.78 -55.88
N VAL B 348 104.01 -4.28 -54.70
CA VAL B 348 105.28 -3.75 -54.26
C VAL B 348 105.59 -4.47 -52.95
N LEU B 349 106.19 -5.62 -53.08
CA LEU B 349 106.59 -6.41 -51.91
C LEU B 349 107.79 -5.74 -51.25
N THR B 350 107.68 -5.42 -49.97
CA THR B 350 108.80 -4.80 -49.28
C THR B 350 109.02 -5.52 -47.96
N LEU B 351 109.86 -6.55 -48.00
CA LEU B 351 110.16 -7.34 -46.82
C LEU B 351 111.14 -6.66 -45.88
N ASP B 352 110.63 -6.22 -44.74
CA ASP B 352 111.51 -5.57 -43.77
C ASP B 352 112.09 -6.64 -42.85
N VAL B 353 113.39 -6.53 -42.58
CA VAL B 353 114.06 -7.48 -41.71
C VAL B 353 114.73 -6.71 -40.60
N SER B 354 114.02 -6.45 -39.51
CA SER B 354 114.62 -5.69 -38.42
C SER B 354 114.20 -6.12 -37.02
N GLY B 355 115.16 -6.04 -36.09
CA GLY B 355 114.88 -6.41 -34.71
C GLY B 355 114.80 -7.91 -34.59
N THR B 356 114.71 -8.59 -35.73
CA THR B 356 114.64 -10.03 -35.77
C THR B 356 116.04 -10.58 -35.48
N ILE B 357 116.12 -11.73 -34.79
CA ILE B 357 117.39 -12.33 -34.44
C ILE B 357 118.27 -12.57 -35.67
N LEU B 358 119.59 -12.60 -35.42
CA LEU B 358 120.61 -12.81 -36.45
C LEU B 358 121.76 -13.48 -35.72
N PRO B 359 121.66 -14.80 -35.51
CA PRO B 359 122.66 -15.63 -34.82
C PRO B 359 123.99 -15.91 -35.49
N TYR B 360 124.65 -14.87 -36.00
CA TYR B 360 125.95 -15.05 -36.64
C TYR B 360 126.99 -15.41 -35.57
N ASP B 361 126.57 -15.31 -34.31
CA ASP B 361 127.41 -15.60 -33.16
C ASP B 361 127.74 -17.09 -33.09
N THR B 362 126.70 -17.92 -33.21
CA THR B 362 126.89 -19.37 -33.17
C THR B 362 127.41 -19.84 -34.53
N ASN B 363 126.52 -20.22 -35.44
CA ASN B 363 126.97 -20.67 -36.75
C ASN B 363 127.61 -19.48 -37.46
N PRO B 364 128.96 -19.46 -37.50
CA PRO B 364 129.72 -18.37 -38.14
C PRO B 364 129.38 -18.34 -39.62
N ASP B 365 128.79 -19.44 -40.07
CA ASP B 365 128.37 -19.63 -41.45
C ASP B 365 127.40 -18.53 -41.86
N LEU B 366 126.50 -18.17 -40.94
CA LEU B 366 125.51 -17.13 -41.21
C LEU B 366 126.13 -15.78 -41.48
N SER B 367 127.10 -15.37 -40.66
CA SER B 367 127.75 -14.08 -40.90
C SER B 367 128.43 -14.15 -42.26
N THR B 368 128.69 -12.98 -42.85
CA THR B 368 129.33 -12.88 -44.16
C THR B 368 128.31 -12.96 -45.31
N SER B 369 127.14 -13.55 -45.03
CA SER B 369 126.12 -13.69 -46.08
C SER B 369 125.17 -12.49 -46.15
N VAL B 370 125.15 -11.83 -47.31
CA VAL B 370 124.28 -10.68 -47.49
C VAL B 370 122.84 -11.14 -47.61
N PRO B 371 121.98 -10.73 -46.66
CA PRO B 371 120.56 -11.12 -46.70
C PRO B 371 119.95 -10.51 -47.95
N ALA B 372 119.06 -11.23 -48.62
CA ALA B 372 118.47 -10.71 -49.86
C ALA B 372 117.22 -11.42 -50.32
N PHE B 373 116.22 -10.64 -50.75
CA PHE B 373 114.99 -11.20 -51.27
C PHE B 373 115.31 -11.77 -52.66
N VAL B 374 115.01 -13.06 -52.87
CA VAL B 374 115.33 -13.72 -54.14
C VAL B 374 114.19 -14.58 -54.69
N LEU B 375 113.91 -14.47 -55.99
CA LEU B 375 112.87 -15.30 -56.61
C LEU B 375 113.49 -16.67 -56.87
N ILE B 376 112.65 -17.70 -56.96
CA ILE B 376 113.14 -19.06 -57.18
C ILE B 376 112.21 -19.81 -58.11
N GLN B 377 112.63 -19.97 -59.36
CA GLN B 377 111.81 -20.70 -60.32
C GLN B 377 112.17 -22.17 -60.22
N THR B 378 111.19 -23.00 -59.89
CA THR B 378 111.39 -24.44 -59.76
C THR B 378 110.73 -25.18 -60.93
N SER B 379 111.32 -26.30 -61.35
CA SER B 379 110.75 -27.08 -62.45
C SER B 379 109.46 -27.75 -61.95
N VAL B 380 109.64 -28.81 -61.18
CA VAL B 380 108.50 -29.50 -60.61
C VAL B 380 107.86 -28.51 -59.63
N PRO B 381 106.52 -28.56 -59.47
CA PRO B 381 105.80 -27.65 -58.55
C PRO B 381 106.39 -27.76 -57.14
N ILE B 382 106.46 -26.64 -56.41
CA ILE B 382 106.98 -26.68 -55.05
C ILE B 382 106.10 -27.70 -54.33
N GLN B 383 106.45 -28.09 -53.11
CA GLN B 383 105.65 -29.09 -52.39
C GLN B 383 105.70 -30.35 -53.22
N GLN B 384 106.84 -30.54 -53.87
CA GLN B 384 107.11 -31.69 -54.73
C GLN B 384 108.53 -31.51 -55.26
N VAL B 385 109.16 -30.41 -54.86
CA VAL B 385 110.52 -30.07 -55.24
C VAL B 385 111.46 -30.65 -54.18
N THR B 386 112.08 -31.78 -54.50
CA THR B 386 112.98 -32.46 -53.55
C THR B 386 114.39 -31.93 -53.45
N THR B 387 115.16 -31.99 -54.53
CA THR B 387 116.55 -31.54 -54.48
C THR B 387 117.02 -30.55 -55.56
N ALA B 388 118.07 -29.81 -55.21
CA ALA B 388 118.72 -28.80 -56.05
C ALA B 388 118.49 -28.87 -57.56
N ALA B 389 118.62 -30.07 -58.14
CA ALA B 389 118.43 -30.22 -59.59
C ALA B 389 117.01 -29.85 -60.03
N ASN B 390 116.12 -29.75 -59.04
CA ASN B 390 114.72 -29.41 -59.26
C ASN B 390 114.50 -27.90 -59.47
N ILE B 391 115.28 -27.09 -58.74
CA ILE B 391 115.20 -25.63 -58.83
C ILE B 391 115.78 -25.07 -60.13
N THR B 392 114.93 -24.73 -61.10
CA THR B 392 115.35 -24.18 -62.38
C THR B 392 116.45 -23.12 -62.21
N ALA B 393 116.08 -21.94 -61.72
CA ALA B 393 117.04 -20.87 -61.50
C ALA B 393 116.69 -20.05 -60.27
N ILE B 394 117.59 -19.14 -59.88
CA ILE B 394 117.36 -18.30 -58.72
C ILE B 394 117.88 -16.89 -58.96
N THR B 395 116.97 -15.92 -58.99
CA THR B 395 117.35 -14.52 -59.21
C THR B 395 117.34 -13.68 -57.94
N VAL B 396 118.42 -12.96 -57.70
CA VAL B 396 118.51 -12.09 -56.52
C VAL B 396 117.82 -10.79 -56.91
N VAL B 397 116.51 -10.73 -56.73
CA VAL B 397 115.74 -9.54 -57.10
C VAL B 397 116.09 -8.30 -56.27
N SER B 398 116.81 -8.47 -55.18
CA SER B 398 117.18 -7.33 -54.34
C SER B 398 118.03 -7.75 -53.15
N ALA B 399 119.34 -7.64 -53.29
CA ALA B 399 120.23 -8.02 -52.19
C ALA B 399 120.54 -6.84 -51.29
N ALA B 400 121.13 -7.13 -50.14
CA ALA B 400 121.50 -6.08 -49.20
C ALA B 400 123.02 -5.93 -49.22
N GLY B 401 123.51 -4.79 -49.67
CA GLY B 401 124.95 -4.61 -49.70
C GLY B 401 125.50 -4.72 -48.28
N ALA B 402 126.62 -5.43 -48.14
CA ALA B 402 127.30 -5.64 -46.84
C ALA B 402 126.74 -6.86 -46.12
N SER B 403 127.67 -7.79 -45.80
CA SER B 403 127.37 -9.08 -45.16
C SER B 403 126.64 -8.97 -43.84
N ALA B 404 126.32 -10.12 -43.23
CA ALA B 404 125.61 -10.23 -41.95
C ALA B 404 126.60 -10.18 -40.76
N ILE B 405 127.10 -8.96 -40.49
CA ILE B 405 128.07 -8.57 -39.45
C ILE B 405 128.38 -7.04 -39.53
N ASN B 406 127.38 -6.24 -40.00
CA ASN B 406 127.36 -4.75 -40.20
C ASN B 406 125.89 -4.31 -40.17
N LEU B 407 125.05 -5.32 -40.45
CA LEU B 407 123.60 -5.22 -40.42
C LEU B 407 123.14 -5.60 -39.03
N ALA B 408 124.07 -6.18 -38.28
CA ALA B 408 123.79 -6.58 -36.90
C ALA B 408 123.85 -5.38 -35.97
N ILE B 409 123.64 -5.64 -34.70
CA ILE B 409 123.64 -4.62 -33.63
C ILE B 409 123.31 -5.40 -32.37
N ASN B 410 124.27 -5.49 -31.45
CA ASN B 410 124.06 -6.23 -30.22
C ASN B 410 123.05 -5.58 -29.26
N VAL B 411 121.97 -6.29 -28.92
CA VAL B 411 120.93 -5.79 -27.98
C VAL B 411 120.74 -6.71 -26.75
N ARG B 412 121.85 -7.11 -26.13
CA ARG B 412 121.88 -8.00 -24.98
C ARG B 412 122.21 -9.44 -25.48
N GLY B 413 123.45 -9.68 -25.92
CA GLY B 413 123.85 -10.99 -26.42
C GLY B 413 123.37 -11.25 -27.87
N GLN B 414 122.07 -11.50 -27.99
CA GLN B 414 121.28 -11.77 -29.24
C GLN B 414 121.36 -10.63 -30.25
N PRO B 415 122.32 -10.67 -31.14
CA PRO B 415 122.46 -9.60 -32.12
C PRO B 415 121.24 -9.51 -33.05
N ARG B 416 120.63 -8.32 -33.15
CA ARG B 416 119.45 -8.14 -34.00
C ARG B 416 119.81 -7.59 -35.36
N PHE B 417 118.79 -7.33 -36.17
CA PHE B 417 118.99 -6.78 -37.51
C PHE B 417 118.69 -5.29 -37.57
N ASN B 418 119.69 -4.50 -37.96
CA ASN B 418 119.50 -3.06 -38.11
C ASN B 418 118.40 -2.91 -39.13
N MET B 419 117.29 -2.33 -38.70
CA MET B 419 116.10 -2.12 -39.53
C MET B 419 116.40 -1.70 -40.97
N LEU B 420 116.25 -2.62 -41.92
CA LEU B 420 116.50 -2.33 -43.34
C LEU B 420 115.42 -3.01 -44.20
N HIS B 421 115.07 -2.41 -45.35
CA HIS B 421 114.01 -2.99 -46.19
C HIS B 421 114.41 -3.49 -47.57
N LEU B 422 114.47 -4.80 -47.70
CA LEU B 422 114.77 -5.32 -49.02
C LEU B 422 113.46 -5.16 -49.81
N GLN B 423 113.45 -5.26 -51.16
CA GLN B 423 112.15 -5.01 -51.79
C GLN B 423 112.09 -5.14 -53.30
N ALA B 424 111.28 -6.11 -53.77
CA ALA B 424 111.05 -6.35 -55.19
C ALA B 424 109.85 -5.52 -55.64
N THR B 425 109.47 -5.71 -56.91
CA THR B 425 108.33 -5.00 -57.46
C THR B 425 107.71 -5.99 -58.43
N PHE B 426 107.26 -7.11 -57.88
CA PHE B 426 106.63 -8.15 -58.67
C PHE B 426 105.59 -7.62 -59.66
N GLU B 427 105.56 -8.18 -60.87
CA GLU B 427 104.62 -7.76 -61.91
C GLU B 427 103.93 -8.93 -62.61
N ARG B 428 102.63 -9.07 -62.40
CA ARG B 428 101.82 -10.14 -63.02
C ARG B 428 102.50 -10.93 -64.14
N GLU B 429 102.82 -10.24 -65.24
CA GLU B 429 103.37 -10.84 -66.47
C GLU B 429 104.90 -11.10 -66.48
N THR B 430 105.69 -10.46 -65.63
CA THR B 430 107.13 -10.80 -65.66
C THR B 430 107.29 -12.32 -65.34
N ILE B 431 106.22 -12.92 -64.75
CA ILE B 431 106.13 -14.37 -64.47
C ILE B 431 105.15 -15.07 -65.47
N THR B 432 105.08 -14.63 -66.76
CA THR B 432 104.16 -15.29 -67.75
C THR B 432 104.68 -16.71 -68.07
N GLY B 433 103.79 -17.70 -68.27
CA GLY B 433 104.22 -19.06 -68.62
C GLY B 433 104.74 -19.83 -67.42
N ILE B 434 105.86 -19.34 -66.88
CA ILE B 434 106.52 -19.85 -65.68
C ILE B 434 105.52 -20.39 -64.63
N PRO B 435 105.15 -21.69 -64.74
CA PRO B 435 104.20 -22.34 -63.83
C PRO B 435 104.59 -22.24 -62.38
N TYR B 436 105.88 -22.39 -62.07
CA TYR B 436 106.32 -22.33 -60.68
C TYR B 436 107.45 -21.35 -60.41
N ILE B 437 107.21 -20.44 -59.48
CA ILE B 437 108.17 -19.43 -59.11
C ILE B 437 107.73 -18.89 -57.76
N TYR B 438 108.69 -18.66 -56.87
CA TYR B 438 108.38 -18.19 -55.52
C TYR B 438 109.31 -17.10 -55.05
N GLY B 439 108.75 -16.13 -54.33
CA GLY B 439 109.53 -15.07 -53.79
C GLY B 439 109.98 -15.58 -52.44
N LEU B 440 111.26 -15.45 -52.12
CA LEU B 440 111.79 -15.94 -50.85
C LEU B 440 112.78 -14.92 -50.31
N GLY B 441 112.56 -14.42 -49.11
CA GLY B 441 113.50 -13.48 -48.52
C GLY B 441 114.47 -14.28 -47.69
N THR B 442 115.43 -14.92 -48.33
CA THR B 442 116.41 -15.77 -47.65
C THR B 442 117.72 -15.08 -47.25
N PHE B 443 118.82 -15.84 -47.23
CA PHE B 443 120.06 -15.23 -46.76
C PHE B 443 121.21 -15.10 -47.76
N LEU B 444 121.38 -16.05 -48.67
CA LEU B 444 122.51 -16.03 -49.64
C LEU B 444 123.85 -16.17 -48.90
N ILE B 445 124.11 -17.37 -48.39
CA ILE B 445 125.34 -17.67 -47.68
C ILE B 445 126.50 -17.80 -48.64
N PRO B 446 127.63 -17.12 -48.36
CA PRO B 446 128.80 -17.17 -49.24
C PRO B 446 129.58 -18.47 -49.14
N SER B 447 129.15 -19.36 -48.24
CA SER B 447 129.83 -20.65 -48.05
C SER B 447 129.14 -21.55 -47.04
N PRO B 448 128.21 -22.40 -47.49
CA PRO B 448 127.48 -23.32 -46.59
C PRO B 448 128.41 -24.23 -45.77
N THR B 449 128.08 -24.43 -44.50
CA THR B 449 128.88 -25.25 -43.60
C THR B 449 128.02 -26.15 -42.69
N SER B 450 128.69 -26.97 -41.89
CA SER B 450 128.01 -27.87 -40.95
C SER B 450 127.25 -27.08 -39.89
N SER B 451 127.78 -25.91 -39.55
CA SER B 451 127.15 -25.04 -38.55
C SER B 451 125.73 -24.65 -38.97
N SER B 452 125.57 -24.30 -40.25
CA SER B 452 124.26 -23.93 -40.79
C SER B 452 123.59 -25.18 -41.35
N ASN B 453 123.44 -26.20 -40.52
CA ASN B 453 122.82 -27.43 -40.95
C ASN B 453 121.47 -27.60 -40.28
N PHE B 454 121.17 -26.69 -39.35
CA PHE B 454 119.90 -26.70 -38.64
C PHE B 454 119.41 -25.27 -38.47
N SER B 455 120.04 -24.34 -39.19
CA SER B 455 119.67 -22.92 -39.12
C SER B 455 118.48 -22.52 -39.97
N ASN B 456 118.59 -22.71 -41.29
CA ASN B 456 117.48 -22.33 -42.17
C ASN B 456 117.35 -20.81 -42.14
N PRO B 457 118.10 -20.16 -43.05
CA PRO B 457 118.20 -18.68 -43.19
C PRO B 457 117.02 -17.91 -43.79
N THR B 458 115.80 -18.40 -43.63
CA THR B 458 114.66 -17.66 -44.18
C THR B 458 114.47 -16.36 -43.40
N LEU B 459 114.65 -15.21 -44.06
CA LEU B 459 114.47 -13.94 -43.35
C LEU B 459 113.02 -13.51 -43.35
N MET B 460 112.14 -14.45 -43.74
CA MET B 460 110.71 -14.20 -43.79
C MET B 460 110.06 -13.94 -42.44
N ASP B 461 110.76 -14.28 -41.35
CA ASP B 461 110.23 -14.04 -40.02
C ASP B 461 110.07 -12.51 -39.87
N GLY B 462 110.62 -11.75 -40.82
CA GLY B 462 110.53 -10.30 -40.78
C GLY B 462 109.16 -9.82 -41.21
N LEU B 463 108.82 -8.56 -40.89
CA LEU B 463 107.51 -7.99 -41.22
C LEU B 463 107.40 -7.50 -42.67
N LEU B 464 106.98 -8.39 -43.56
CA LEU B 464 106.81 -8.10 -44.99
C LEU B 464 105.57 -7.24 -45.22
N THR B 465 105.67 -6.26 -46.13
CA THR B 465 104.52 -5.40 -46.42
C THR B 465 104.19 -5.26 -47.90
N VAL B 466 103.29 -6.11 -48.38
CA VAL B 466 102.85 -6.08 -49.78
C VAL B 466 101.86 -4.93 -49.97
N THR B 467 102.01 -4.20 -51.07
CA THR B 467 101.14 -3.08 -51.40
C THR B 467 100.69 -3.19 -52.84
N PRO B 468 99.43 -3.67 -53.05
CA PRO B 468 98.89 -3.85 -54.41
C PRO B 468 99.08 -2.59 -55.24
N VAL B 469 99.88 -2.69 -56.30
CA VAL B 469 100.12 -1.52 -57.13
C VAL B 469 99.40 -1.64 -58.46
N LEU B 470 98.09 -1.66 -58.40
CA LEU B 470 97.24 -1.87 -59.58
C LEU B 470 95.91 -2.37 -59.07
N LEU B 471 95.15 -1.47 -58.44
CA LEU B 471 93.83 -1.78 -57.83
C LEU B 471 92.84 -2.62 -58.66
N ARG B 472 92.67 -2.30 -59.93
CA ARG B 472 91.71 -3.02 -60.76
C ARG B 472 91.66 -4.54 -60.52
N GLU B 473 92.82 -5.18 -60.33
CA GLU B 473 92.89 -6.64 -60.12
C GLU B 473 92.97 -7.11 -58.66
N THR B 474 92.02 -7.96 -58.27
CA THR B 474 91.97 -8.50 -56.91
C THR B 474 92.47 -9.95 -56.93
N THR B 475 92.44 -10.60 -55.78
CA THR B 475 92.89 -12.01 -55.68
C THR B 475 91.95 -12.81 -54.77
N TYR B 476 91.59 -14.02 -55.18
CA TYR B 476 90.73 -14.84 -54.33
C TYR B 476 91.00 -16.33 -54.37
N LYS B 477 91.26 -16.89 -53.19
CA LYS B 477 91.53 -18.31 -53.02
C LYS B 477 92.75 -18.74 -53.82
N GLY B 478 93.61 -17.76 -54.16
CA GLY B 478 94.79 -18.07 -54.92
C GLY B 478 94.77 -17.64 -56.37
N GLU B 479 93.63 -17.16 -56.87
CA GLU B 479 93.55 -16.71 -58.27
C GLU B 479 93.36 -15.21 -58.36
N VAL B 480 93.82 -14.64 -59.47
CA VAL B 480 93.70 -13.21 -59.69
C VAL B 480 92.44 -12.97 -60.54
N VAL B 481 91.58 -12.07 -60.07
CA VAL B 481 90.34 -11.78 -60.78
C VAL B 481 90.07 -10.29 -60.93
N ASP B 482 88.94 -9.96 -61.55
CA ASP B 482 88.56 -8.57 -61.75
C ASP B 482 87.24 -8.29 -61.07
N ALA B 483 86.62 -9.34 -60.55
CA ALA B 483 85.33 -9.21 -59.86
C ALA B 483 85.20 -10.22 -58.72
N ILE B 484 84.54 -9.80 -57.65
CA ILE B 484 84.30 -10.64 -56.50
C ILE B 484 82.87 -11.15 -56.53
N VAL B 485 82.50 -12.07 -55.64
CA VAL B 485 81.13 -12.54 -55.55
C VAL B 485 80.69 -12.48 -54.09
N PRO B 486 80.91 -11.33 -53.43
CA PRO B 486 80.59 -11.09 -52.01
C PRO B 486 80.08 -12.30 -51.22
N ALA B 487 78.82 -12.66 -51.39
CA ALA B 487 78.21 -13.78 -50.69
C ALA B 487 79.13 -15.00 -50.56
N THR B 488 79.99 -15.20 -51.56
CA THR B 488 80.94 -16.32 -51.55
C THR B 488 81.96 -16.19 -50.43
N VAL B 489 82.47 -14.98 -50.24
CA VAL B 489 83.46 -14.75 -49.20
C VAL B 489 82.89 -14.75 -47.76
N MET B 490 81.57 -14.86 -47.59
CA MET B 490 81.02 -14.89 -46.23
C MET B 490 81.20 -16.30 -45.67
N ALA B 491 81.50 -16.41 -44.37
CA ALA B 491 81.70 -17.70 -43.69
C ALA B 491 82.37 -18.70 -44.62
N ASN B 492 83.49 -18.29 -45.19
CA ASN B 492 84.19 -19.14 -46.13
C ASN B 492 85.68 -19.12 -45.80
N GLN B 493 86.07 -18.14 -44.97
CA GLN B 493 87.45 -18.04 -44.51
C GLN B 493 87.46 -18.71 -43.15
N THR B 494 88.64 -19.02 -42.63
CA THR B 494 88.71 -19.61 -41.29
C THR B 494 89.22 -18.52 -40.35
N SER B 495 89.28 -18.85 -39.06
CA SER B 495 89.74 -17.88 -38.07
C SER B 495 90.83 -16.98 -38.65
N GLU B 496 91.91 -17.64 -39.16
CA GLU B 496 93.09 -16.96 -39.67
C GLU B 496 93.19 -16.90 -41.21
N GLU B 497 92.26 -17.52 -41.95
CA GLU B 497 92.23 -17.43 -43.41
C GLU B 497 91.73 -16.01 -43.78
N VAL B 498 91.58 -15.18 -42.71
CA VAL B 498 91.14 -13.77 -42.73
C VAL B 498 92.29 -12.86 -42.35
N ALA B 499 92.84 -13.05 -41.16
CA ALA B 499 93.97 -12.24 -40.70
C ALA B 499 95.22 -12.48 -41.60
N SER B 500 95.18 -13.55 -42.37
CA SER B 500 96.27 -13.90 -43.28
C SER B 500 95.96 -13.47 -44.71
N ALA B 501 94.87 -12.70 -44.87
CA ALA B 501 94.45 -12.22 -46.19
C ALA B 501 95.57 -11.40 -46.82
N LEU B 502 95.58 -11.33 -48.14
CA LEU B 502 96.59 -10.58 -48.88
C LEU B 502 96.10 -9.20 -49.36
N ALA B 503 96.71 -8.14 -48.82
CA ALA B 503 96.39 -6.73 -49.14
C ALA B 503 95.70 -6.54 -50.48
N ASN B 504 94.41 -6.20 -50.41
CA ASN B 504 93.56 -6.00 -51.56
C ASN B 504 93.24 -7.30 -52.29
N ASP B 505 92.60 -8.22 -51.52
CA ASP B 505 92.12 -9.47 -52.05
C ASP B 505 90.64 -9.58 -51.66
N ALA B 506 89.86 -10.35 -52.36
CA ALA B 506 88.46 -10.38 -51.97
C ALA B 506 88.25 -10.23 -50.47
N ILE B 507 88.76 -11.17 -49.68
CA ILE B 507 88.62 -11.10 -48.22
C ILE B 507 88.86 -9.70 -47.67
N VAL B 508 90.00 -9.09 -48.02
CA VAL B 508 90.32 -7.75 -47.53
C VAL B 508 89.40 -6.70 -48.09
N LEU B 509 88.74 -7.00 -49.22
CA LEU B 509 87.78 -6.08 -49.81
C LEU B 509 86.40 -6.26 -49.16
N VAL B 510 85.99 -7.54 -48.96
CA VAL B 510 84.70 -7.95 -48.33
C VAL B 510 84.76 -7.78 -46.82
N SER B 511 85.83 -7.13 -46.38
CA SER B 511 86.08 -6.77 -44.97
C SER B 511 86.02 -5.25 -44.84
N ASN B 512 86.54 -4.51 -45.85
CA ASN B 512 86.62 -3.01 -45.95
C ASN B 512 85.25 -2.43 -46.20
N HIS B 513 84.45 -3.31 -46.79
CA HIS B 513 83.07 -3.03 -47.11
C HIS B 513 82.22 -3.20 -45.86
N LEU B 514 82.21 -4.40 -45.27
CA LEU B 514 81.42 -4.62 -44.06
C LEU B 514 81.78 -3.56 -43.04
N ASN B 515 83.03 -3.18 -43.01
CA ASN B 515 83.51 -2.15 -42.07
C ASN B 515 82.81 -0.81 -42.19
N LYS B 516 82.39 -0.41 -43.40
CA LYS B 516 81.67 0.83 -43.58
C LYS B 516 80.28 0.59 -43.00
N LEU B 517 79.64 -0.46 -43.48
CA LEU B 517 78.30 -0.80 -43.02
C LEU B 517 78.30 -1.04 -41.53
N ALA B 518 79.44 -1.45 -41.00
CA ALA B 518 79.52 -1.62 -39.59
C ALA B 518 79.51 -0.26 -38.86
N ASN B 519 79.93 0.84 -39.52
CA ASN B 519 79.99 2.15 -38.83
C ASN B 519 78.73 2.94 -39.06
N VAL B 520 77.97 2.51 -40.02
CA VAL B 520 76.69 3.13 -40.24
C VAL B 520 75.80 2.63 -39.15
N VAL B 521 75.76 1.33 -38.88
CA VAL B 521 74.90 0.83 -37.79
C VAL B 521 75.45 1.34 -36.46
N GLY B 522 76.73 1.06 -36.20
CA GLY B 522 77.36 1.50 -34.97
C GLY B 522 77.02 2.95 -34.66
N ASP B 523 77.06 3.79 -35.70
CA ASP B 523 76.76 5.22 -35.60
C ASP B 523 75.28 5.55 -35.47
N ALA B 524 74.55 5.50 -36.56
CA ALA B 524 73.12 5.84 -36.58
C ALA B 524 72.21 4.95 -35.73
N ILE B 525 72.12 3.67 -36.09
CA ILE B 525 71.27 2.72 -35.37
C ILE B 525 71.77 2.44 -33.93
N PRO B 526 70.84 2.19 -32.98
CA PRO B 526 71.22 1.91 -31.58
C PRO B 526 71.48 0.44 -31.25
N VAL B 527 72.39 -0.19 -31.99
CA VAL B 527 72.70 -1.60 -31.76
C VAL B 527 73.50 -1.82 -30.47
N ALA B 528 73.45 -0.87 -29.54
CA ALA B 528 74.17 -1.00 -28.28
C ALA B 528 73.38 -0.62 -27.03
N SER B 529 72.12 -1.08 -27.02
CA SER B 529 71.23 -0.89 -25.87
C SER B 529 70.06 -1.90 -25.97
N ARG B 530 69.26 -2.14 -24.91
CA ARG B 530 68.18 -3.15 -25.01
C ARG B 530 66.99 -2.69 -25.86
N THR B 531 67.25 -1.85 -26.87
CA THR B 531 66.15 -1.30 -27.67
C THR B 531 65.74 -2.09 -28.91
N ASP B 532 66.06 -3.39 -28.97
CA ASP B 532 65.69 -4.23 -30.13
C ASP B 532 65.48 -3.44 -31.41
N ASP B 533 66.51 -2.66 -31.74
CA ASP B 533 66.59 -1.77 -32.91
C ASP B 533 66.28 -2.41 -34.26
N SER B 534 66.15 -1.55 -35.27
CA SER B 534 65.86 -2.00 -36.64
C SER B 534 66.86 -3.03 -37.16
N ALA B 535 68.12 -2.92 -36.73
CA ALA B 535 69.17 -3.83 -37.16
C ALA B 535 68.94 -5.24 -36.59
N THR B 536 69.01 -5.36 -35.26
CA THR B 536 68.81 -6.65 -34.59
C THR B 536 67.40 -7.16 -34.83
N SER B 537 66.57 -6.33 -35.45
CA SER B 537 65.18 -6.71 -35.72
C SER B 537 65.06 -7.38 -37.07
N ALA B 538 65.83 -6.90 -38.04
CA ALA B 538 65.83 -7.47 -39.38
C ALA B 538 66.30 -8.92 -39.25
N ILE B 539 67.30 -9.14 -38.40
CA ILE B 539 67.84 -10.48 -38.19
C ILE B 539 66.85 -11.40 -37.48
N VAL B 540 66.17 -10.91 -36.43
CA VAL B 540 65.20 -11.72 -35.71
C VAL B 540 64.15 -12.30 -36.64
N SER B 541 63.70 -11.50 -37.61
CA SER B 541 62.68 -11.99 -38.53
C SER B 541 63.24 -13.12 -39.39
N ARG B 542 64.54 -13.12 -39.64
CA ARG B 542 65.13 -14.20 -40.43
C ARG B 542 65.20 -15.45 -39.55
N LEU B 543 65.71 -15.33 -38.33
CA LEU B 543 65.79 -16.48 -37.43
C LEU B 543 64.45 -17.17 -37.25
N ALA B 544 63.39 -16.38 -37.11
CA ALA B 544 62.05 -16.94 -36.97
C ALA B 544 61.72 -17.75 -38.23
N VAL B 545 61.53 -17.06 -39.37
CA VAL B 545 61.24 -17.70 -40.67
C VAL B 545 62.13 -18.90 -40.90
N GLN B 546 63.32 -18.87 -40.33
CA GLN B 546 64.27 -19.97 -40.51
C GLN B 546 63.94 -21.11 -39.54
N HIS B 547 64.00 -20.82 -38.25
CA HIS B 547 63.69 -21.83 -37.23
C HIS B 547 62.25 -22.33 -37.35
N LYS B 548 61.41 -21.59 -38.05
CA LYS B 548 60.01 -21.99 -38.17
C LYS B 548 59.81 -23.08 -39.20
N LEU B 549 60.56 -23.04 -40.30
CA LEU B 549 60.38 -24.07 -41.32
C LEU B 549 61.19 -25.31 -40.95
N SER B 550 62.22 -25.13 -40.14
CA SER B 550 63.04 -26.28 -39.73
C SER B 550 62.20 -27.11 -38.74
N GLN B 551 61.11 -26.51 -38.27
CA GLN B 551 60.21 -27.18 -37.34
C GLN B 551 59.07 -27.85 -38.09
N VAL B 552 58.80 -27.36 -39.30
CA VAL B 552 57.74 -27.91 -40.15
C VAL B 552 58.11 -29.37 -40.48
N GLY B 553 57.10 -30.24 -40.58
CA GLY B 553 57.30 -31.68 -40.82
C GLY B 553 57.97 -32.27 -39.55
N GLN B 554 57.39 -33.31 -38.89
CA GLN B 554 57.84 -33.91 -37.61
C GLN B 554 57.06 -33.21 -36.48
N ALA B 555 56.72 -33.95 -35.41
CA ALA B 555 55.94 -33.58 -34.19
C ALA B 555 55.84 -32.11 -33.78
N SER B 556 56.65 -31.24 -34.40
CA SER B 556 56.68 -29.80 -34.09
C SER B 556 56.51 -29.58 -32.59
N PRO B 557 57.22 -30.39 -31.78
CA PRO B 557 57.12 -30.31 -30.31
C PRO B 557 57.61 -28.98 -29.73
N THR B 558 58.27 -28.16 -30.54
CA THR B 558 58.79 -26.89 -30.06
C THR B 558 58.25 -25.65 -30.74
N PRO B 559 57.25 -25.00 -30.16
CA PRO B 559 56.76 -23.77 -30.72
C PRO B 559 57.86 -22.72 -30.66
N PRO B 560 58.21 -22.06 -31.74
CA PRO B 560 59.26 -21.04 -31.72
C PRO B 560 59.26 -20.22 -30.44
N ASP B 561 60.46 -19.83 -30.00
CA ASP B 561 60.62 -19.10 -28.74
C ASP B 561 60.27 -17.60 -28.83
N TYR B 562 61.16 -16.79 -29.39
CA TYR B 562 60.96 -15.32 -29.58
C TYR B 562 61.61 -14.46 -28.52
N PRO B 563 61.27 -14.61 -27.25
CA PRO B 563 62.02 -13.82 -26.27
C PRO B 563 63.51 -14.19 -26.39
N LEU B 564 63.78 -15.51 -26.68
CA LEU B 564 65.13 -16.13 -26.87
C LEU B 564 65.71 -15.84 -28.27
N LEU B 565 64.81 -15.69 -29.23
CA LEU B 565 65.19 -15.34 -30.60
C LEU B 565 65.53 -13.87 -30.72
N TRP B 566 64.74 -13.03 -30.06
CA TRP B 566 65.02 -11.61 -30.08
C TRP B 566 66.41 -11.38 -29.50
N ARG B 567 66.64 -12.01 -28.33
CA ARG B 567 67.92 -11.90 -27.63
C ARG B 567 69.08 -12.56 -28.39
N ARG B 568 68.81 -13.64 -29.13
CA ARG B 568 69.89 -14.26 -29.88
C ARG B 568 70.29 -13.41 -31.06
N ALA B 569 69.30 -12.80 -31.72
CA ALA B 569 69.57 -11.96 -32.88
C ALA B 569 70.13 -10.61 -32.45
N LYS B 570 69.89 -10.22 -31.20
CA LYS B 570 70.39 -8.95 -30.70
C LYS B 570 71.90 -9.03 -30.59
N ARG B 571 72.41 -10.15 -30.11
CA ARG B 571 73.85 -10.32 -29.96
C ARG B 571 74.46 -10.63 -31.33
N ALA B 572 73.65 -11.14 -32.25
CA ALA B 572 74.13 -11.43 -33.59
C ALA B 572 74.40 -10.08 -34.27
N ALA B 573 73.40 -9.19 -34.27
CA ALA B 573 73.57 -7.86 -34.89
C ALA B 573 74.63 -7.09 -34.12
N SER B 574 74.67 -7.32 -32.81
CA SER B 574 75.64 -6.65 -31.97
C SER B 574 77.05 -7.18 -32.25
N MET B 575 77.20 -8.50 -32.34
CA MET B 575 78.52 -9.07 -32.61
C MET B 575 79.05 -8.57 -33.95
N PHE B 576 78.13 -8.22 -34.84
CA PHE B 576 78.54 -7.72 -36.14
C PHE B 576 79.11 -6.30 -36.00
N VAL B 577 78.29 -5.36 -35.52
CA VAL B 577 78.78 -4.00 -35.31
C VAL B 577 80.10 -4.03 -34.63
N SER B 578 80.22 -4.94 -33.67
CA SER B 578 81.44 -5.09 -32.88
C SER B 578 82.67 -5.37 -33.75
N ASN B 579 82.73 -6.57 -34.29
CA ASN B 579 83.83 -6.97 -35.13
C ASN B 579 83.32 -7.38 -36.52
N PRO B 580 83.05 -6.39 -37.38
CA PRO B 580 82.52 -6.60 -38.74
C PRO B 580 83.12 -7.86 -39.43
N SER B 581 84.42 -8.05 -39.26
CA SER B 581 85.15 -9.16 -39.86
C SER B 581 84.48 -10.53 -39.68
N LEU B 582 84.29 -10.96 -38.43
CA LEU B 582 83.69 -12.25 -38.10
C LEU B 582 82.77 -12.85 -39.15
N ALA B 583 81.88 -12.05 -39.72
CA ALA B 583 80.95 -12.53 -40.74
C ALA B 583 81.62 -13.19 -41.95
N LEU B 584 82.94 -13.42 -41.88
CA LEU B 584 83.67 -14.09 -42.97
C LEU B 584 84.13 -15.46 -42.52
N GLN B 585 84.24 -15.63 -41.20
CA GLN B 585 84.73 -16.87 -40.62
C GLN B 585 83.72 -17.98 -40.45
N VAL B 586 84.08 -19.15 -40.96
CA VAL B 586 83.23 -20.33 -40.87
C VAL B 586 83.05 -20.72 -39.42
N GLY B 587 81.80 -20.78 -38.96
CA GLY B 587 81.52 -21.19 -37.59
C GLY B 587 81.07 -20.05 -36.68
N ILE B 588 80.41 -19.04 -37.24
CA ILE B 588 79.90 -17.96 -36.40
C ILE B 588 78.37 -17.98 -36.37
N PRO B 589 77.81 -18.18 -35.16
CA PRO B 589 76.36 -18.30 -34.89
C PRO B 589 75.50 -17.19 -35.53
N VAL B 590 74.48 -17.58 -36.29
CA VAL B 590 73.58 -16.65 -36.97
C VAL B 590 74.31 -15.93 -38.10
N LEU B 591 75.00 -14.86 -37.74
CA LEU B 591 75.75 -14.03 -38.66
C LEU B 591 76.16 -14.67 -40.00
N THR B 592 76.62 -15.95 -39.98
CA THR B 592 77.10 -16.56 -41.22
C THR B 592 76.08 -17.33 -42.05
N GLN B 593 74.78 -17.24 -41.74
CA GLN B 593 73.80 -17.93 -42.57
C GLN B 593 73.55 -16.96 -43.73
N SER B 594 73.32 -17.49 -44.93
CA SER B 594 73.12 -16.63 -46.11
C SER B 594 72.12 -15.47 -45.96
N GLY B 595 71.03 -15.68 -45.22
CA GLY B 595 70.05 -14.62 -45.04
C GLY B 595 70.64 -13.32 -44.49
N MET B 596 70.98 -13.34 -43.19
CA MET B 596 71.58 -12.21 -42.49
C MET B 596 72.56 -11.42 -43.35
N LEU B 597 72.77 -10.15 -42.98
CA LEU B 597 73.67 -9.24 -43.70
C LEU B 597 72.95 -8.74 -44.93
N SER B 598 72.69 -9.66 -45.86
CA SER B 598 71.93 -9.29 -47.00
C SER B 598 70.66 -8.71 -46.47
N ALA B 599 70.23 -9.33 -45.36
CA ALA B 599 69.06 -8.93 -44.60
C ALA B 599 69.39 -7.68 -43.78
N LEU B 600 70.28 -7.84 -42.81
CA LEU B 600 70.68 -6.71 -41.98
C LEU B 600 70.74 -5.39 -42.75
N THR B 601 71.74 -5.28 -43.65
CA THR B 601 71.91 -4.03 -44.39
C THR B 601 70.58 -3.50 -44.87
N SER B 602 69.87 -4.19 -45.76
CA SER B 602 68.57 -3.68 -46.28
C SER B 602 67.57 -3.23 -45.19
N GLY B 603 67.83 -3.64 -43.95
CA GLY B 603 67.01 -3.18 -42.85
C GLY B 603 67.58 -1.85 -42.46
N VAL B 604 68.79 -1.90 -41.89
CA VAL B 604 69.55 -0.72 -41.50
C VAL B 604 69.34 0.37 -42.54
N GLY B 605 69.20 -0.06 -43.79
CA GLY B 605 68.97 0.81 -44.90
C GLY B 605 67.73 1.62 -44.63
N THR B 606 66.56 1.00 -44.80
CA THR B 606 65.32 1.72 -44.57
C THR B 606 65.27 2.34 -43.18
N ALA B 607 65.97 1.74 -42.22
CA ALA B 607 65.98 2.28 -40.86
C ALA B 607 66.52 3.73 -40.82
N LEU B 608 67.57 4.00 -41.59
CA LEU B 608 68.14 5.33 -41.62
C LEU B 608 67.23 6.27 -42.37
N ARG B 609 66.54 5.76 -43.38
CA ARG B 609 65.66 6.61 -44.15
C ARG B 609 64.32 6.84 -43.46
N THR B 610 64.35 7.06 -42.14
CA THR B 610 63.09 7.31 -41.37
C THR B 610 63.37 7.77 -39.94
N GLY B 611 64.65 7.73 -39.53
CA GLY B 611 65.05 8.12 -38.18
C GLY B 611 64.20 9.24 -37.55
N SER B 612 63.56 10.09 -38.37
CA SER B 612 62.72 11.27 -38.03
C SER B 612 63.60 12.53 -37.90
N LEU B 613 64.00 12.93 -36.69
CA LEU B 613 64.95 14.03 -36.42
C LEU B 613 65.30 13.83 -34.94
N GLY B 614 64.29 13.48 -34.14
CA GLY B 614 64.44 13.27 -32.71
C GLY B 614 64.85 11.85 -32.33
N LYS B 615 65.80 11.29 -33.09
CA LYS B 615 66.32 9.95 -32.81
C LYS B 615 67.12 9.98 -31.52
N GLY B 616 67.55 11.19 -31.23
CA GLY B 616 68.31 11.45 -30.05
C GLY B 616 67.49 11.24 -28.80
N VAL B 617 66.21 10.88 -28.92
CA VAL B 617 65.39 10.67 -27.73
C VAL B 617 65.92 9.47 -26.95
N THR B 618 66.77 8.68 -27.59
CA THR B 618 67.35 7.50 -26.94
C THR B 618 68.29 7.92 -25.81
N ASP B 619 67.98 7.49 -24.59
CA ASP B 619 68.81 7.82 -23.44
C ASP B 619 68.99 9.33 -23.37
N ALA B 620 67.97 10.07 -23.81
CA ALA B 620 68.01 11.53 -23.79
C ALA B 620 67.66 11.97 -22.38
N SER B 621 67.54 11.01 -21.48
CA SER B 621 67.23 11.27 -20.09
C SER B 621 68.53 11.45 -19.31
N GLU B 622 69.39 10.44 -19.32
CA GLU B 622 70.68 10.48 -18.62
C GLU B 622 71.58 11.47 -19.33
N LYS B 623 71.38 11.59 -20.64
CA LYS B 623 72.15 12.50 -21.46
C LYS B 623 71.80 13.90 -20.97
N LEU B 624 70.52 14.12 -20.69
CA LEU B 624 70.04 15.42 -20.21
C LEU B 624 70.59 15.65 -18.83
N ARG B 625 70.37 14.67 -17.94
CA ARG B 625 70.81 14.75 -16.56
C ARG B 625 72.33 14.98 -16.47
N ALA B 626 73.07 14.56 -17.49
CA ALA B 626 74.52 14.75 -17.52
C ALA B 626 74.85 16.19 -17.93
N ARG B 627 74.02 16.78 -18.81
CA ARG B 627 74.21 18.14 -19.22
C ARG B 627 73.92 19.12 -18.09
N GLN B 628 72.91 18.79 -17.28
CA GLN B 628 72.60 19.64 -16.13
C GLN B 628 73.75 19.53 -15.17
N SER B 629 74.37 18.36 -15.15
CA SER B 629 75.50 18.11 -14.27
C SER B 629 76.64 19.04 -14.61
N LEU B 630 76.81 19.29 -15.90
CA LEU B 630 77.91 20.15 -16.36
C LEU B 630 77.62 21.62 -16.10
N THR B 631 76.37 22.02 -16.39
CA THR B 631 76.00 23.42 -16.16
C THR B 631 76.07 23.76 -14.67
N VAL B 632 75.88 22.77 -13.80
CA VAL B 632 75.97 23.01 -12.37
C VAL B 632 77.42 23.25 -11.99
N ALA B 633 78.33 22.54 -12.65
CA ALA B 633 79.75 22.69 -12.38
C ALA B 633 80.27 23.97 -13.04
N LYS B 634 79.72 24.32 -14.21
CA LYS B 634 80.16 25.53 -14.90
C LYS B 634 79.60 26.77 -14.18
N GLN B 635 78.45 26.61 -13.52
CA GLN B 635 77.89 27.73 -12.78
C GLN B 635 78.84 27.98 -11.64
N ALA B 636 79.42 26.89 -11.12
CA ALA B 636 80.38 26.93 -10.03
C ALA B 636 81.61 27.75 -10.43
N PHE B 637 82.01 27.64 -11.70
CA PHE B 637 83.13 28.39 -12.23
C PHE B 637 82.78 29.88 -12.22
N PHE B 638 81.71 30.26 -12.93
CA PHE B 638 81.28 31.67 -12.96
C PHE B 638 81.20 32.28 -11.56
N ASP B 639 80.93 31.45 -10.55
CA ASP B 639 80.85 31.93 -9.18
C ASP B 639 82.19 32.43 -8.67
N GLN B 640 83.29 31.82 -9.14
CA GLN B 640 84.61 32.28 -8.71
C GLN B 640 85.02 33.49 -9.53
N ILE B 641 84.77 33.43 -10.83
CA ILE B 641 85.07 34.60 -11.66
C ILE B 641 84.41 35.78 -11.01
N GLY B 642 83.27 35.51 -10.43
CA GLY B 642 82.45 36.48 -9.75
C GLY B 642 82.98 36.95 -8.41
N SER B 643 83.80 36.15 -7.74
CA SER B 643 84.34 36.59 -6.46
C SER B 643 85.76 37.12 -6.60
N LEU B 644 86.69 36.26 -6.99
CA LEU B 644 88.10 36.64 -7.14
C LEU B 644 88.26 38.02 -7.77
N TRP B 645 87.68 38.20 -8.96
CA TRP B 645 87.71 39.51 -9.59
C TRP B 645 86.36 40.20 -9.35
N PRO B 646 86.24 40.84 -8.17
CA PRO B 646 85.01 41.54 -7.83
C PRO B 646 84.82 42.80 -8.69
N GLY C 2 49.82 35.93 19.28
CA GLY C 2 49.57 37.32 19.02
C GLY C 2 49.33 37.58 17.54
N ASN C 3 49.27 36.51 16.78
CA ASN C 3 49.08 36.65 15.37
C ASN C 3 47.92 37.56 15.05
N VAL C 4 48.19 38.42 14.11
CA VAL C 4 47.20 39.34 13.65
C VAL C 4 45.90 38.61 13.40
N GLN C 5 44.82 39.28 13.83
CA GLN C 5 43.43 38.88 13.64
C GLN C 5 42.90 39.81 12.54
N THR C 6 42.34 40.97 12.96
CA THR C 6 41.91 42.10 12.09
C THR C 6 40.51 42.69 12.33
N SER C 7 39.46 41.94 12.57
CA SER C 7 38.22 42.66 12.76
C SER C 7 37.39 42.07 13.89
N VAL C 8 37.61 40.78 14.15
CA VAL C 8 36.86 40.10 15.17
C VAL C 8 36.62 41.06 16.31
N ASN C 9 37.69 41.68 16.80
CA ASN C 9 37.53 42.63 17.92
C ASN C 9 38.24 44.01 17.62
N THR C 10 37.66 45.23 17.90
CA THR C 10 38.21 46.62 17.60
C THR C 10 39.68 46.87 17.92
N TYR C 11 40.34 45.91 18.54
CA TYR C 11 41.73 46.07 18.91
C TYR C 11 42.55 44.83 18.64
N ASN C 12 43.74 45.05 18.11
CA ASN C 12 44.68 43.97 17.90
C ASN C 12 45.45 43.89 19.21
N ILE C 13 45.97 42.75 19.57
CA ILE C 13 46.73 42.72 20.84
C ILE C 13 48.13 43.25 20.58
N THR C 14 48.76 42.70 19.55
CA THR C 14 50.10 43.14 19.14
C THR C 14 49.97 44.44 18.37
N GLY C 15 48.75 44.98 18.35
CA GLY C 15 48.48 46.22 17.66
C GLY C 15 49.46 47.35 17.97
N ASP C 16 49.47 48.35 17.10
CA ASP C 16 50.34 49.52 17.21
C ASP C 16 50.09 50.36 18.48
N GLY C 17 51.17 50.73 19.16
CA GLY C 17 51.07 51.57 20.33
C GLY C 17 50.10 51.26 21.47
N ASN C 18 50.03 50.00 21.88
CA ASN C 18 49.19 49.62 23.02
C ASN C 18 49.97 50.04 24.24
N SER C 19 49.49 49.74 25.44
CA SER C 19 50.28 50.18 26.58
C SER C 19 49.82 49.72 27.93
N PHE C 20 50.51 48.75 28.52
CA PHE C 20 50.20 48.32 29.86
C PHE C 20 50.71 49.42 30.77
N THR C 21 49.86 49.92 31.65
CA THR C 21 50.26 51.01 32.56
C THR C 21 49.23 51.28 33.67
N PRO C 22 49.36 50.58 34.80
CA PRO C 22 48.45 50.75 35.93
C PRO C 22 48.52 52.16 36.47
N THR C 23 47.38 52.64 36.95
CA THR C 23 47.23 53.96 37.54
C THR C 23 46.54 53.73 38.85
N SER C 24 47.10 54.19 39.96
CA SER C 24 46.49 54.01 41.26
C SER C 24 45.05 54.51 41.25
N ASP C 25 44.74 55.29 40.23
CA ASP C 25 43.44 55.93 40.06
C ASP C 25 42.23 55.08 39.63
N MET C 26 42.43 54.00 38.87
CA MET C 26 41.28 53.27 38.36
C MET C 26 41.10 51.79 38.75
N THR C 27 41.68 51.30 39.85
CA THR C 27 41.56 49.88 40.26
C THR C 27 40.60 49.00 39.43
N SER C 28 41.17 48.25 38.48
CA SER C 28 40.43 47.34 37.59
C SER C 28 39.42 46.46 38.30
N THR C 29 38.15 46.50 37.86
CA THR C 29 37.09 45.70 38.49
C THR C 29 35.79 45.49 37.67
N ALA C 30 35.40 44.24 37.50
CA ALA C 30 34.14 43.91 36.80
C ALA C 30 33.01 43.94 37.84
N ALA C 31 32.03 43.04 37.74
CA ALA C 31 30.90 43.07 38.67
C ALA C 31 30.69 41.77 39.42
N PRO C 32 31.33 41.63 40.60
CA PRO C 32 31.21 40.41 41.42
C PRO C 32 30.13 40.53 42.48
N ALA C 33 30.11 41.61 43.23
CA ALA C 33 29.14 41.72 44.31
C ALA C 33 27.69 42.02 43.92
N ILE C 34 27.18 41.48 42.81
CA ILE C 34 25.78 41.75 42.46
C ILE C 34 24.89 41.19 43.57
N ASP C 35 23.98 42.03 44.07
CA ASP C 35 23.09 41.59 45.14
C ASP C 35 21.91 40.77 44.62
N LEU C 36 21.71 39.59 45.19
CA LEU C 36 20.59 38.73 44.79
C LEU C 36 19.81 38.18 45.97
N LYS C 37 20.29 38.41 47.19
CA LYS C 37 19.60 37.88 48.38
C LYS C 37 18.10 38.23 48.40
N PRO C 38 17.31 37.27 48.82
CA PRO C 38 15.84 37.36 48.88
C PRO C 38 15.25 38.74 49.09
N GLY C 39 15.50 39.31 50.26
CA GLY C 39 14.95 40.62 50.54
C GLY C 39 15.41 41.68 49.54
N VAL C 40 16.69 41.66 49.21
CA VAL C 40 17.24 42.69 48.33
C VAL C 40 16.93 42.53 46.85
N LEU C 41 16.73 41.32 46.34
CA LEU C 41 16.39 41.16 44.91
C LEU C 41 14.88 41.34 44.72
N ASN C 42 14.15 41.21 45.82
CA ASN C 42 12.68 41.41 45.84
C ASN C 42 11.88 40.26 46.43
N PRO D 43 5.43 50.27 42.88
CA PRO D 43 4.70 48.99 42.93
C PRO D 43 5.67 47.84 42.98
N THR D 44 5.13 46.65 43.22
CA THR D 44 5.88 45.39 43.35
C THR D 44 4.91 44.24 43.27
N GLY D 45 5.42 43.01 43.17
CA GLY D 45 4.58 41.84 43.16
C GLY D 45 4.02 41.47 41.77
N LYS D 46 3.12 40.49 41.76
CA LYS D 46 2.52 40.03 40.55
C LYS D 46 1.46 41.02 40.12
N LEU D 47 1.18 41.11 38.82
CA LEU D 47 0.18 42.06 38.34
C LEU D 47 -1.19 41.39 38.35
N TRP D 48 -2.19 42.17 38.73
CA TRP D 48 -3.57 41.69 38.85
C TRP D 48 -4.62 42.50 38.07
N ARG D 49 -5.52 41.78 37.41
CA ARG D 49 -6.65 42.30 36.68
C ARG D 49 -7.83 41.53 37.28
N PRO D 50 -8.99 42.18 37.37
CA PRO D 50 -10.18 41.56 37.97
C PRO D 50 -10.86 40.44 37.17
N VAL D 51 -11.44 39.45 37.88
CA VAL D 51 -12.15 38.26 37.29
C VAL D 51 -13.51 38.28 36.51
N GLY D 52 -14.54 38.86 37.13
CA GLY D 52 -15.85 39.02 36.54
C GLY D 52 -15.79 39.97 35.37
N THR D 53 -14.95 40.99 35.50
CA THR D 53 -14.80 42.00 34.46
C THR D 53 -15.41 43.30 34.92
N SER D 54 -15.49 44.27 34.02
CA SER D 54 -15.93 45.61 34.39
C SER D 54 -14.91 46.18 35.38
N VAL D 55 -15.42 46.79 36.44
CA VAL D 55 -14.60 47.39 37.48
C VAL D 55 -13.95 46.32 38.33
N ALA D 56 -12.80 46.63 38.91
CA ALA D 56 -12.13 45.67 39.76
C ALA D 56 -12.31 46.04 41.22
N THR D 57 -13.06 45.20 41.92
CA THR D 57 -13.36 45.39 43.32
C THR D 57 -12.64 44.21 43.93
N ILE D 58 -12.13 44.38 45.14
CA ILE D 58 -11.40 43.30 45.77
C ILE D 58 -12.28 42.07 45.77
N ASP D 59 -11.68 40.95 45.39
CA ASP D 59 -12.36 39.68 45.21
C ASP D 59 -12.79 39.64 43.75
N SER D 60 -12.68 40.78 43.09
CA SER D 60 -12.98 40.91 41.66
C SER D 60 -11.65 40.91 40.91
N LEU D 61 -10.57 40.88 41.69
CA LEU D 61 -9.21 40.87 41.18
C LEU D 61 -8.51 39.57 41.54
N ALA D 62 -7.94 38.95 40.52
CA ALA D 62 -7.19 37.72 40.68
C ALA D 62 -5.90 37.90 39.89
N ILE D 63 -4.85 37.18 40.25
CA ILE D 63 -3.60 37.31 39.53
C ILE D 63 -3.91 36.93 38.09
N VAL D 64 -3.33 37.67 37.14
CA VAL D 64 -3.61 37.39 35.74
C VAL D 64 -2.73 36.26 35.26
N SER D 65 -3.00 35.07 35.80
CA SER D 65 -2.26 33.89 35.43
C SER D 65 -2.47 33.71 33.94
N ASP D 66 -1.38 33.31 33.29
CA ASP D 66 -1.31 33.03 31.87
C ASP D 66 -0.63 31.69 31.74
N ARG D 67 -0.72 31.05 30.58
CA ARG D 67 -0.13 29.73 30.39
C ARG D 67 1.37 29.79 30.65
N PHE D 68 2.03 30.84 30.20
CA PHE D 68 3.46 30.99 30.42
C PHE D 68 3.78 31.11 31.92
N GLY D 69 2.94 31.84 32.64
CA GLY D 69 3.10 32.04 34.07
C GLY D 69 2.53 33.38 34.49
N GLN D 70 2.65 33.73 35.77
CA GLN D 70 2.11 35.02 36.22
C GLN D 70 3.08 36.17 36.06
N TYR D 71 2.61 37.23 35.41
CA TYR D 71 3.47 38.38 35.20
C TYR D 71 3.77 39.04 36.53
N SER D 72 5.05 39.10 36.90
CA SER D 72 5.40 39.78 38.14
C SER D 72 6.06 41.09 37.70
N PHE D 73 5.72 42.19 38.37
CA PHE D 73 6.25 43.49 38.02
C PHE D 73 7.76 43.61 38.22
N VAL D 74 8.41 44.36 37.34
CA VAL D 74 9.85 44.54 37.42
C VAL D 74 10.19 45.97 37.81
N ASN D 75 10.05 46.26 39.11
CA ASN D 75 10.32 47.60 39.66
C ASN D 75 11.69 48.10 39.22
N GLU D 76 11.83 49.41 39.16
CA GLU D 76 13.06 50.07 38.74
C GLU D 76 14.40 49.44 39.18
N GLY D 77 14.56 49.22 40.47
CA GLY D 77 15.79 48.67 41.01
C GLY D 77 16.06 47.22 40.61
N MET D 78 15.01 46.43 40.51
CA MET D 78 15.17 45.02 40.15
C MET D 78 15.62 44.87 38.70
N ARG D 79 15.56 45.97 37.92
CA ARG D 79 16.04 45.93 36.55
C ARG D 79 17.52 46.25 36.58
N GLU D 80 17.94 46.92 37.65
CA GLU D 80 19.35 47.27 37.83
C GLU D 80 20.17 46.02 37.99
N THR D 81 19.62 45.06 38.71
CA THR D 81 20.33 43.82 38.92
C THR D 81 20.45 43.03 37.63
N PHE D 82 19.32 42.62 37.06
CA PHE D 82 19.31 41.85 35.81
C PHE D 82 19.99 42.56 34.67
N SER D 83 20.11 43.86 34.76
CA SER D 83 20.87 44.55 33.76
C SER D 83 22.34 44.48 34.10
N LYS D 84 22.64 44.61 35.39
CA LYS D 84 24.03 44.57 35.87
C LYS D 84 24.60 43.18 35.67
N ALA D 85 23.74 42.17 35.71
CA ALA D 85 24.13 40.76 35.53
C ALA D 85 24.38 40.51 34.05
N LEU D 86 23.44 40.93 33.20
CA LEU D 86 23.57 40.77 31.76
C LEU D 86 24.71 41.66 31.27
N PHE D 87 24.88 42.82 31.87
CA PHE D 87 25.94 43.71 31.43
C PHE D 87 27.29 43.02 31.58
N ASP D 88 27.48 42.33 32.70
CA ASP D 88 28.72 41.62 32.94
C ASP D 88 28.91 40.43 31.99
N ILE D 89 27.85 40.02 31.29
CA ILE D 89 27.98 38.91 30.35
C ILE D 89 28.23 39.46 28.96
N ASN D 90 27.46 40.47 28.55
CA ASN D 90 27.65 41.08 27.24
C ASN D 90 29.13 41.41 27.07
N MET D 91 29.76 41.89 28.15
CA MET D 91 31.16 42.26 28.13
C MET D 91 32.02 41.22 27.40
N TRP D 92 31.72 39.96 27.65
CA TRP D 92 32.46 38.85 27.03
C TRP D 92 32.01 38.58 25.62
N GLN D 93 31.48 39.59 24.93
CA GLN D 93 30.98 39.37 23.58
C GLN D 93 32.04 38.84 22.61
N PRO D 94 33.23 39.47 22.57
CA PRO D 94 34.31 39.04 21.68
C PRO D 94 34.77 37.62 21.88
N LEU D 95 34.50 37.04 23.03
CA LEU D 95 34.94 35.66 23.23
C LEU D 95 33.84 34.68 22.87
N PHE D 96 32.59 35.14 22.84
CA PHE D 96 31.46 34.28 22.49
C PHE D 96 31.45 34.02 21.00
N GLN D 97 31.73 35.04 20.20
CA GLN D 97 31.76 34.85 18.76
C GLN D 97 32.97 34.00 18.43
N ALA D 98 34.13 34.39 18.94
CA ALA D 98 35.37 33.64 18.65
C ALA D 98 35.15 32.18 18.83
N THR D 99 34.58 31.81 19.94
CA THR D 99 34.37 30.41 20.13
C THR D 99 32.98 29.92 19.70
N LYS D 100 32.25 30.55 18.74
CA LYS D 100 30.92 30.04 18.25
C LYS D 100 29.86 29.58 19.33
N THR D 101 30.09 29.82 20.64
CA THR D 101 29.10 29.52 21.71
C THR D 101 28.16 30.72 21.80
N GLY D 102 27.62 31.01 22.97
CA GLY D 102 26.77 32.16 23.09
C GLY D 102 25.59 32.09 22.09
N CYS D 103 25.20 33.25 21.56
CA CYS D 103 24.03 33.36 20.67
C CYS D 103 23.59 34.81 20.46
N GLY D 104 24.54 35.74 20.55
CA GLY D 104 24.23 37.16 20.39
C GLY D 104 24.17 37.80 21.76
N PRO D 105 24.11 39.14 21.87
CA PRO D 105 24.06 39.82 23.18
C PRO D 105 22.69 39.64 23.84
N ILE D 106 22.68 39.40 25.15
CA ILE D 106 21.43 39.19 25.88
C ILE D 106 20.78 40.49 26.37
N VAL D 107 19.76 40.97 25.66
CA VAL D 107 19.06 42.19 26.08
C VAL D 107 17.98 41.81 27.09
N LEU D 108 17.94 42.52 28.23
CA LEU D 108 16.93 42.19 29.23
C LEU D 108 15.54 42.45 28.71
N SER D 109 15.46 43.23 27.63
CA SER D 109 14.17 43.56 27.02
C SER D 109 13.64 42.40 26.19
N SER D 110 14.26 41.23 26.30
CA SER D 110 13.78 40.09 25.53
C SER D 110 13.01 39.14 26.47
N PHE D 111 13.13 39.37 27.78
CA PHE D 111 12.44 38.51 28.74
C PHE D 111 11.22 39.17 29.35
N THR D 112 11.09 40.47 29.17
CA THR D 112 9.96 41.19 29.75
C THR D 112 8.79 41.39 28.77
N THR D 113 7.86 42.26 29.16
CA THR D 113 6.66 42.58 28.36
C THR D 113 6.15 43.97 28.78
N THR D 114 5.08 44.42 28.14
CA THR D 114 4.53 45.71 28.51
C THR D 114 3.04 45.59 28.78
N THR D 115 2.71 44.83 29.82
CA THR D 115 1.31 44.67 30.19
C THR D 115 0.98 45.89 31.06
N SER D 116 -0.26 45.94 31.53
CA SER D 116 -0.73 47.03 32.40
C SER D 116 -1.94 46.56 33.17
N GLY D 117 -1.99 46.93 34.45
CA GLY D 117 -3.10 46.54 35.30
C GLY D 117 -2.72 47.05 36.68
N TYR D 118 -3.25 46.41 37.72
CA TYR D 118 -2.93 46.82 39.08
C TYR D 118 -1.90 45.84 39.59
N VAL D 119 -0.82 46.33 40.16
CA VAL D 119 0.20 45.38 40.65
C VAL D 119 0.52 45.46 42.13
N GLY D 120 0.10 44.44 42.87
CA GLY D 120 0.39 44.43 44.29
C GLY D 120 0.72 43.02 44.77
N ALA D 121 0.64 42.83 46.10
CA ALA D 121 0.92 41.53 46.67
C ALA D 121 -0.39 40.82 46.92
N THR D 122 -1.49 41.57 47.05
CA THR D 122 -2.81 40.96 47.24
C THR D 122 -3.90 41.90 46.72
N ALA D 123 -4.96 41.32 46.14
CA ALA D 123 -6.05 42.12 45.58
C ALA D 123 -6.25 43.43 46.34
N GLY D 124 -6.38 43.33 47.67
CA GLY D 124 -6.57 44.52 48.49
C GLY D 124 -5.57 45.64 48.27
N ASP D 125 -4.29 45.34 48.37
CA ASP D 125 -3.24 46.35 48.22
C ASP D 125 -2.80 46.58 46.78
N ALA D 126 -3.11 45.64 45.89
CA ALA D 126 -2.73 45.78 44.49
C ALA D 126 -3.62 46.82 43.86
N LEU D 127 -4.75 47.08 44.51
CA LEU D 127 -5.72 48.05 44.02
C LEU D 127 -5.18 49.48 44.05
N ASP D 128 -4.16 49.71 44.86
CA ASP D 128 -3.56 51.04 45.00
C ASP D 128 -2.27 51.20 44.22
N ASN D 129 -2.12 50.46 43.12
CA ASN D 129 -0.89 50.56 42.31
C ASN D 129 -1.24 50.46 40.84
N PRO D 130 -2.23 51.19 40.36
CA PRO D 130 -2.59 51.11 38.95
C PRO D 130 -1.37 51.50 38.13
N VAL D 131 -0.80 50.52 37.42
CA VAL D 131 0.36 50.79 36.58
C VAL D 131 0.00 50.59 35.11
N THR D 132 0.35 51.56 34.26
CA THR D 132 0.03 51.44 32.84
C THR D 132 1.26 51.16 32.02
N ASN D 133 1.18 50.11 31.21
CA ASN D 133 2.30 49.70 30.38
C ASN D 133 3.57 49.58 31.20
N GLY D 134 3.45 48.94 32.36
CA GLY D 134 4.61 48.71 33.18
C GLY D 134 5.39 47.61 32.49
N VAL D 135 6.55 47.26 33.03
CA VAL D 135 7.35 46.20 32.42
C VAL D 135 7.38 44.98 33.36
N PHE D 136 6.64 43.93 32.99
CA PHE D 136 6.57 42.73 33.81
C PHE D 136 7.29 41.59 33.13
N ILE D 137 7.76 40.62 33.92
CA ILE D 137 8.41 39.44 33.35
C ILE D 137 7.55 38.25 33.75
N SER D 138 7.04 37.49 32.77
CA SER D 138 6.17 36.33 33.07
C SER D 138 6.93 35.19 33.76
N THR D 139 6.28 34.34 34.50
CA THR D 139 6.99 33.25 35.16
C THR D 139 7.91 32.47 34.23
N VAL D 140 7.34 31.88 33.16
CA VAL D 140 8.17 31.12 32.25
C VAL D 140 9.37 31.92 31.75
N GLN D 141 9.27 33.24 31.76
CA GLN D 141 10.39 34.08 31.34
C GLN D 141 11.37 34.21 32.49
N ILE D 142 10.85 34.46 33.69
CA ILE D 142 11.67 34.58 34.90
C ILE D 142 12.45 33.29 34.98
N MET D 143 12.09 32.31 34.15
CA MET D 143 12.80 31.04 34.13
C MET D 143 14.00 31.11 33.21
N ASN D 144 13.83 31.68 32.02
CA ASN D 144 14.94 31.78 31.08
C ASN D 144 15.97 32.82 31.49
N LEU D 145 15.51 34.05 31.77
CA LEU D 145 16.44 35.08 32.18
C LEU D 145 17.28 34.49 33.29
N GLN D 146 16.74 33.46 33.94
CA GLN D 146 17.44 32.76 35.01
C GLN D 146 18.39 31.74 34.40
N ARG D 147 17.87 30.68 33.79
CA ARG D 147 18.75 29.69 33.19
C ARG D 147 19.62 30.19 32.05
N THR D 148 19.38 31.41 31.55
CA THR D 148 20.25 31.93 30.49
C THR D 148 21.45 32.51 31.22
N ILE D 149 21.17 33.44 32.13
CA ILE D 149 22.22 34.06 32.93
C ILE D 149 23.01 32.97 33.62
N ALA D 150 22.39 31.82 33.84
CA ALA D 150 23.10 30.70 34.47
C ALA D 150 23.97 30.00 33.40
N ALA D 151 23.39 29.62 32.28
CA ALA D 151 24.16 28.95 31.24
C ALA D 151 25.31 29.82 30.79
N ARG D 152 25.04 31.08 30.44
CA ARG D 152 26.09 32.01 30.01
C ARG D 152 27.09 32.21 31.12
N MET D 153 26.61 32.31 32.36
CA MET D 153 27.49 32.48 33.49
C MET D 153 28.54 31.39 33.57
N ARG D 154 28.17 30.16 33.26
CA ARG D 154 29.16 29.10 33.23
C ARG D 154 30.16 29.44 32.12
N ASP D 155 29.64 29.54 30.90
CA ASP D 155 30.46 29.88 29.73
C ASP D 155 31.58 30.88 30.07
N VAL D 156 31.19 32.05 30.55
CA VAL D 156 32.17 33.07 30.89
C VAL D 156 33.00 32.70 32.10
N ALA D 157 32.36 32.23 33.17
CA ALA D 157 33.07 31.84 34.38
C ALA D 157 34.33 31.06 34.02
N LEU D 158 34.26 30.29 32.95
CA LEU D 158 35.43 29.50 32.55
C LEU D 158 36.51 30.37 31.91
N TRP D 159 36.18 31.00 30.77
CA TRP D 159 37.12 31.86 30.07
C TRP D 159 37.70 32.86 31.05
N GLN D 160 36.78 33.58 31.71
CA GLN D 160 37.07 34.58 32.70
C GLN D 160 38.09 34.07 33.69
N LYS D 161 38.21 32.76 33.84
CA LYS D 161 39.20 32.23 34.76
C LYS D 161 40.60 32.21 34.08
N HIS D 162 40.64 31.91 32.79
CA HIS D 162 41.89 31.89 32.00
C HIS D 162 42.44 33.30 31.84
N LEU D 163 41.55 34.23 31.54
CA LEU D 163 41.93 35.63 31.36
C LEU D 163 42.65 36.08 32.60
N ASP D 164 42.16 35.60 33.73
CA ASP D 164 42.72 35.96 35.01
C ASP D 164 44.12 35.40 35.34
N THR D 165 44.27 34.08 35.29
CA THR D 165 45.58 33.51 35.60
C THR D 165 46.66 34.22 34.80
N ALA D 166 46.24 34.93 33.74
CA ALA D 166 47.18 35.66 32.89
C ALA D 166 47.23 37.13 33.28
N MET D 167 46.08 37.69 33.63
CA MET D 167 46.02 39.09 34.03
C MET D 167 46.71 39.33 35.37
N THR D 168 46.15 38.79 36.44
CA THR D 168 46.76 38.94 37.76
C THR D 168 48.18 38.40 37.71
N MET D 169 48.51 37.64 36.68
CA MET D 169 49.87 37.11 36.57
C MET D 169 50.86 38.20 36.20
N LEU D 170 50.53 39.44 36.58
CA LEU D 170 51.38 40.60 36.37
C LEU D 170 50.70 41.81 37.00
N THR D 171 50.24 41.60 38.23
CA THR D 171 49.56 42.59 39.07
C THR D 171 49.20 43.87 38.36
N PRO D 172 48.10 43.86 37.59
CA PRO D 172 47.74 45.09 36.89
C PRO D 172 47.12 46.12 37.85
N ASP D 173 47.39 45.98 39.14
CA ASP D 173 46.82 46.95 40.08
C ASP D 173 47.73 47.53 41.15
N ILE D 174 48.00 48.83 41.02
CA ILE D 174 48.83 49.56 41.97
C ILE D 174 47.87 50.49 42.73
N SER D 175 48.33 51.09 43.83
CA SER D 175 47.43 51.97 44.60
C SER D 175 47.99 53.35 45.00
N ALA D 176 49.02 53.80 44.30
CA ALA D 176 49.63 55.10 44.57
C ALA D 176 50.45 55.53 43.33
N GLY D 177 50.06 56.66 42.73
CA GLY D 177 50.76 57.11 41.54
C GLY D 177 50.60 56.08 40.44
N SER D 178 51.37 56.19 39.36
CA SER D 178 51.26 55.23 38.26
C SER D 178 52.45 54.30 38.19
N ALA D 179 52.72 53.77 37.01
CA ALA D 179 53.83 52.85 36.75
C ALA D 179 53.53 51.99 35.52
N SER D 180 54.29 52.21 34.45
CA SER D 180 54.10 51.45 33.20
C SER D 180 55.03 50.24 33.10
N CYS D 181 55.01 49.59 31.93
CA CYS D 181 55.83 48.41 31.66
C CYS D 181 55.75 48.12 30.18
N ASN D 182 56.60 48.75 29.39
CA ASN D 182 56.59 48.61 27.93
C ASN D 182 55.96 47.31 27.42
N TRP D 183 54.77 47.48 26.83
CA TRP D 183 53.92 46.42 26.30
C TRP D 183 54.59 45.25 25.56
N LYS D 184 55.50 45.54 24.62
CA LYS D 184 56.20 44.47 23.90
C LYS D 184 56.68 43.42 24.90
N SER D 185 57.62 43.82 25.75
CA SER D 185 58.19 42.93 26.78
C SER D 185 57.10 42.15 27.48
N LEU D 186 56.20 42.89 28.12
CA LEU D 186 55.07 42.31 28.85
C LEU D 186 54.47 41.12 28.10
N LEU D 187 54.03 41.37 26.87
CA LEU D 187 53.44 40.33 26.04
C LEU D 187 54.44 39.21 25.80
N ALA D 188 55.53 39.49 25.14
CA ALA D 188 56.58 38.50 24.86
C ALA D 188 56.98 37.71 26.10
N PHE D 189 56.65 38.25 27.28
CA PHE D 189 56.93 37.61 28.56
C PHE D 189 55.84 36.58 28.89
N ALA D 190 54.59 37.03 28.94
CA ALA D 190 53.48 36.13 29.24
C ALA D 190 53.40 35.05 28.16
N LYS D 191 53.96 35.35 26.98
CA LYS D 191 53.99 34.36 25.90
C LYS D 191 54.67 33.12 26.43
N ASP D 192 55.49 33.33 27.47
CA ASP D 192 56.22 32.26 28.16
C ASP D 192 55.37 31.73 29.30
N ILE D 193 55.54 32.33 30.47
CA ILE D 193 54.86 31.90 31.67
C ILE D 193 53.55 31.15 31.43
N LEU D 194 52.51 31.80 30.92
CA LEU D 194 51.21 31.15 30.70
C LEU D 194 51.32 29.65 30.26
N PRO D 195 50.86 28.68 31.12
CA PRO D 195 50.91 27.24 30.83
C PRO D 195 50.10 26.88 29.58
N LEU D 196 50.61 25.97 28.77
CA LEU D 196 49.99 25.55 27.49
C LEU D 196 48.46 25.23 27.45
N ASP D 197 47.74 25.31 28.58
CA ASP D 197 46.31 24.99 28.60
C ASP D 197 45.45 26.15 29.07
N ASN D 198 45.98 27.35 28.90
CA ASN D 198 45.19 28.50 29.28
C ASN D 198 44.05 28.65 28.24
N LEU D 199 43.77 29.84 27.71
CA LEU D 199 42.81 30.12 26.63
C LEU D 199 43.18 31.51 26.13
N CYS D 200 44.22 32.14 26.76
CA CYS D 200 44.75 33.50 26.43
C CYS D 200 45.87 33.40 25.40
N LEU D 201 46.19 32.15 25.04
CA LEU D 201 47.18 31.85 24.01
C LEU D 201 46.45 31.42 22.75
N THR D 202 45.24 30.85 22.90
CA THR D 202 44.47 30.43 21.72
C THR D 202 43.68 31.65 21.12
N TYR D 203 43.41 32.77 21.88
CA TYR D 203 42.60 33.96 21.43
C TYR D 203 43.19 35.37 21.84
N PRO D 204 44.52 35.56 22.03
CA PRO D 204 45.22 36.82 22.45
C PRO D 204 44.42 38.13 22.37
N ASN D 205 44.01 38.48 21.15
CA ASN D 205 43.22 39.65 20.96
C ASN D 205 41.79 39.24 20.62
N GLU D 206 41.25 38.41 21.56
CA GLU D 206 39.86 37.96 21.56
C GLU D 206 39.52 37.90 23.04
N PHE D 207 40.61 37.86 23.83
CA PHE D 207 40.63 37.89 25.29
C PHE D 207 41.06 39.31 25.63
N TYR D 208 42.01 39.82 24.86
CA TYR D 208 42.51 41.17 25.06
C TYR D 208 41.33 42.18 25.05
N ASN D 209 40.41 42.05 24.08
CA ASN D 209 39.23 42.92 23.93
C ASN D 209 38.28 42.75 25.09
N VAL D 210 38.23 41.56 25.66
CA VAL D 210 37.40 41.36 26.84
C VAL D 210 38.12 42.07 27.96
N ALA D 211 39.42 41.78 28.08
CA ALA D 211 40.30 42.33 29.11
C ALA D 211 40.29 43.84 29.18
N ILE D 212 40.57 44.53 28.07
CA ILE D 212 40.57 45.98 28.05
C ILE D 212 39.40 46.60 28.83
N HIS D 213 38.27 45.88 28.90
CA HIS D 213 37.10 46.36 29.63
C HIS D 213 37.10 46.00 31.10
N ARG D 214 38.12 45.32 31.58
CA ARG D 214 38.13 44.95 32.98
C ARG D 214 39.35 45.51 33.68
N TYR D 215 40.39 45.82 32.92
CA TYR D 215 41.62 46.32 33.50
C TYR D 215 41.99 47.70 32.97
N PRO D 216 41.64 48.76 33.72
CA PRO D 216 42.01 50.07 33.18
C PRO D 216 43.52 50.25 33.19
N ALA D 217 44.25 49.14 33.31
CA ALA D 217 45.70 49.20 33.26
C ALA D 217 46.07 49.10 31.78
N LEU D 218 45.51 48.09 31.07
CA LEU D 218 45.76 47.87 29.63
C LEU D 218 44.98 48.91 28.83
N LYS D 219 45.66 49.91 28.26
CA LYS D 219 44.98 50.92 27.45
C LYS D 219 45.34 50.55 26.02
N PRO D 220 44.37 50.19 25.17
CA PRO D 220 44.67 49.81 23.79
C PRO D 220 45.11 51.01 22.98
N GLY D 221 46.04 50.82 22.07
CA GLY D 221 46.53 51.91 21.26
C GLY D 221 45.49 52.29 20.22
N ASN D 222 45.08 53.55 20.23
CA ASN D 222 44.09 54.01 19.29
C ASN D 222 44.50 53.78 17.83
N PRO D 223 43.58 53.21 17.00
CA PRO D 223 43.90 53.01 15.56
C PRO D 223 44.34 54.24 14.74
N ASP D 224 43.61 55.41 14.74
CA ASP D 224 44.01 56.56 13.88
C ASP D 224 44.77 57.75 14.57
N THR D 225 45.94 57.40 15.18
CA THR D 225 46.95 58.26 15.85
C THR D 225 48.01 57.32 16.49
N LYS D 226 47.77 56.01 16.36
CA LYS D 226 48.58 54.87 16.84
C LYS D 226 49.35 55.10 18.19
N LEU D 227 48.68 55.77 19.18
CA LEU D 227 49.17 56.18 20.55
C LEU D 227 48.11 55.78 21.64
N PRO D 228 48.48 55.63 22.95
CA PRO D 228 47.47 55.28 23.98
C PRO D 228 46.24 56.26 24.04
N ASP D 229 45.87 56.73 25.26
CA ASP D 229 44.66 57.58 25.49
C ASP D 229 44.74 58.35 26.83
N ALA D 230 45.77 58.14 27.62
CA ALA D 230 45.86 58.81 28.93
C ALA D 230 44.81 58.19 29.82
N GLN D 231 43.55 58.57 29.60
CA GLN D 231 42.44 57.98 30.32
C GLN D 231 42.30 56.53 29.88
N ALA D 232 41.82 55.71 30.76
CA ALA D 232 41.54 54.32 30.42
C ALA D 232 40.03 54.15 30.55
N HIS D 233 39.36 53.59 29.52
CA HIS D 233 37.91 53.44 29.54
C HIS D 233 37.40 52.01 29.70
N PRO D 234 37.52 51.43 30.91
CA PRO D 234 37.01 50.06 31.09
C PRO D 234 35.52 50.15 31.41
N LEU D 235 34.73 49.18 30.93
CA LEU D 235 33.28 49.20 31.18
C LEU D 235 32.88 49.52 32.62
N GLY D 236 33.72 49.16 33.58
CA GLY D 236 33.41 49.45 34.98
C GLY D 236 33.84 50.85 35.38
N GLU D 237 33.83 51.75 34.40
CA GLU D 237 34.23 53.15 34.54
C GLU D 237 34.09 53.77 35.93
N VAL D 238 32.87 53.79 36.46
CA VAL D 238 32.60 54.37 37.77
C VAL D 238 33.08 53.51 38.92
N ALA D 239 32.58 52.29 39.00
CA ALA D 239 32.98 51.36 40.06
C ALA D 239 34.50 51.34 40.25
N GLY D 240 35.23 51.20 39.15
CA GLY D 240 36.68 51.17 39.23
C GLY D 240 37.27 52.50 39.67
N ALA D 241 36.54 53.59 39.48
CA ALA D 241 37.01 54.90 39.89
C ALA D 241 36.87 55.01 41.39
N PHE D 242 35.75 54.50 41.90
CA PHE D 242 35.45 54.52 43.32
C PHE D 242 36.04 53.41 44.17
N ASN D 243 37.10 52.77 43.69
CA ASN D 243 37.71 51.73 44.49
C ASN D 243 39.18 52.05 44.64
N ALA D 244 39.67 52.89 43.74
CA ALA D 244 41.05 53.31 43.79
C ALA D 244 41.28 53.76 45.23
N ALA D 245 42.45 53.48 45.78
CA ALA D 245 42.74 53.92 47.14
C ALA D 245 42.99 55.44 47.09
N THR D 246 41.94 56.24 47.20
CA THR D 246 42.08 57.69 47.16
C THR D 246 42.96 58.18 48.29
N SER D 247 44.06 58.86 47.94
CA SER D 247 45.02 59.34 48.93
C SER D 247 44.50 60.21 50.07
N GLU D 248 43.33 60.83 49.91
CA GLU D 248 42.76 61.69 50.96
C GLU D 248 42.30 60.83 52.10
N VAL D 249 41.61 59.75 51.76
CA VAL D 249 41.10 58.83 52.75
C VAL D 249 41.21 57.40 52.22
N GLY D 250 42.00 56.57 52.92
CA GLY D 250 42.20 55.18 52.50
C GLY D 250 41.48 54.71 51.24
N SER D 251 40.28 54.20 51.41
CA SER D 251 39.46 53.71 50.30
C SER D 251 37.99 53.74 50.67
N LEU D 252 37.22 54.53 49.95
CA LEU D 252 35.80 54.62 50.23
C LEU D 252 35.15 53.25 50.32
N VAL D 253 35.40 52.37 49.37
CA VAL D 253 34.81 51.02 49.39
C VAL D 253 35.19 50.24 50.65
N GLY D 254 36.39 50.52 51.17
CA GLY D 254 36.82 49.85 52.39
C GLY D 254 36.11 50.48 53.59
N SER D 255 36.61 51.65 54.00
CA SER D 255 36.07 52.40 55.13
C SER D 255 34.54 52.39 55.21
N SER D 256 33.88 52.30 54.05
CA SER D 256 32.43 52.30 54.03
C SER D 256 31.91 51.01 54.63
N SER D 257 32.43 49.89 54.13
CA SER D 257 32.00 48.58 54.59
C SER D 257 32.42 48.29 56.03
N THR D 258 33.70 48.50 56.34
CA THR D 258 34.15 48.25 57.72
C THR D 258 33.20 48.89 58.74
N LEU D 259 32.40 49.86 58.28
CA LEU D 259 31.43 50.54 59.12
C LEU D 259 30.11 49.82 59.07
N SER D 260 29.53 49.68 57.89
CA SER D 260 28.25 49.00 57.77
C SER D 260 28.39 47.61 58.38
N GLN D 261 29.58 47.04 58.26
CA GLN D 261 29.85 45.72 58.83
C GLN D 261 29.67 45.80 60.34
N ALA D 262 30.40 46.70 60.98
CA ALA D 262 30.28 46.87 62.43
C ALA D 262 28.83 47.18 62.83
N ILE D 263 28.14 48.03 62.04
CA ILE D 263 26.76 48.39 62.36
C ILE D 263 25.89 47.16 62.39
N SER D 264 26.17 46.23 61.48
CA SER D 264 25.40 44.99 61.43
C SER D 264 25.51 44.34 62.81
N THR D 265 26.71 43.96 63.22
CA THR D 265 26.93 43.34 64.53
C THR D 265 26.23 44.11 65.65
N MET D 266 26.57 45.40 65.78
CA MET D 266 26.00 46.24 66.84
C MET D 266 24.50 46.01 66.99
N ALA D 267 23.78 45.89 65.88
CA ALA D 267 22.34 45.68 66.02
C ALA D 267 21.94 44.21 66.16
N GLY D 268 22.70 43.39 65.45
CA GLY D 268 22.53 42.00 65.39
C GLY D 268 22.70 41.31 66.75
N LYS D 269 23.86 40.72 67.02
CA LYS D 269 24.00 39.94 68.25
C LYS D 269 23.18 40.53 69.44
N ASP D 270 23.20 41.86 69.56
CA ASP D 270 22.55 42.69 70.62
C ASP D 270 23.63 43.20 71.53
N LEU D 271 24.65 43.80 70.90
CA LEU D 271 25.68 44.37 71.71
C LEU D 271 25.08 45.47 72.53
N ASP D 272 24.14 46.19 71.91
CA ASP D 272 23.42 47.18 72.65
C ASP D 272 22.82 46.40 73.82
N LEU D 273 22.62 47.03 74.97
CA LEU D 273 22.03 46.30 76.09
C LEU D 273 23.03 45.28 76.68
N ILE D 274 24.32 45.51 76.45
CA ILE D 274 25.37 44.60 76.90
C ILE D 274 25.55 44.47 78.41
N GLU D 275 25.20 45.51 79.16
CA GLU D 275 25.32 45.43 80.60
C GLU D 275 23.97 45.77 81.25
N ALA D 276 22.91 45.37 80.55
CA ALA D 276 21.54 45.60 81.00
C ALA D 276 21.35 44.95 82.37
N ASP D 277 20.70 45.64 83.29
CA ASP D 277 20.49 45.09 84.61
C ASP D 277 19.09 44.50 84.77
N THR D 278 18.87 43.31 84.19
CA THR D 278 17.57 42.64 84.28
C THR D 278 17.55 41.32 83.48
N PRO D 279 16.86 40.30 84.04
CA PRO D 279 16.74 38.97 83.42
C PRO D 279 16.66 38.97 81.90
N LEU D 280 17.52 38.18 81.26
CA LEU D 280 17.57 38.05 79.81
C LEU D 280 17.71 36.58 79.40
N PRO D 281 16.77 36.09 78.58
CA PRO D 281 16.79 34.69 78.12
C PRO D 281 18.17 34.36 77.52
N VAL D 282 18.71 33.18 77.84
CA VAL D 282 20.02 32.82 77.30
C VAL D 282 20.02 32.95 75.78
N SER D 283 18.86 32.70 75.16
CA SER D 283 18.71 32.79 73.71
C SER D 283 19.22 34.14 73.19
N VAL D 284 18.93 35.20 73.95
CA VAL D 284 19.35 36.57 73.62
C VAL D 284 20.85 36.67 73.47
N PHE D 285 21.56 35.60 73.84
CA PHE D 285 23.03 35.55 73.73
C PHE D 285 23.51 34.60 72.64
N THR D 286 22.60 34.07 71.84
CA THR D 286 22.92 33.14 70.75
C THR D 286 24.18 32.28 71.00
N PRO D 287 24.23 31.58 72.14
CA PRO D 287 25.39 30.74 72.48
C PRO D 287 25.44 29.53 71.55
N SER D 288 26.53 29.41 70.79
CA SER D 288 26.68 28.31 69.84
C SER D 288 28.11 27.85 69.78
N LEU D 289 28.30 26.62 69.29
CA LEU D 289 29.65 26.07 69.16
C LEU D 289 30.43 26.37 70.45
N ALA D 290 29.80 26.07 71.61
CA ALA D 290 30.41 26.44 72.88
C ALA D 290 30.77 25.33 73.87
N PRO D 291 31.84 24.56 73.61
CA PRO D 291 32.23 23.51 74.53
C PRO D 291 33.62 23.71 75.16
N ARG D 292 33.71 24.39 76.30
CA ARG D 292 35.00 24.67 76.94
C ARG D 292 35.59 23.51 77.74
N SER D 293 36.92 23.38 77.71
CA SER D 293 37.60 22.30 78.43
C SER D 293 38.49 22.82 79.57
N TYR D 294 38.67 22.00 80.60
CA TYR D 294 39.50 22.37 81.75
C TYR D 294 40.62 21.42 82.11
N ARG D 295 40.82 21.42 83.47
CA ARG D 295 41.81 20.67 84.28
C ARG D 295 41.44 20.67 85.80
N PRO D 296 40.27 20.11 86.24
CA PRO D 296 39.86 20.05 87.67
C PRO D 296 40.88 19.33 88.55
N ALA D 297 40.53 19.07 89.81
CA ALA D 297 41.52 18.47 90.68
C ALA D 297 42.63 19.51 90.84
N PHE D 298 42.30 20.71 90.36
CA PHE D 298 43.17 21.87 90.45
C PHE D 298 42.30 23.07 90.73
N ILE D 299 41.15 23.18 90.06
CA ILE D 299 40.24 24.31 90.27
C ILE D 299 39.75 24.35 91.72
N LYS D 300 40.07 25.42 92.46
CA LYS D 300 39.61 25.51 93.83
C LYS D 300 38.08 25.52 93.85
N PRO D 301 37.48 24.89 94.88
CA PRO D 301 36.03 24.83 94.98
C PRO D 301 35.35 26.21 95.01
N GLU D 302 35.97 27.17 95.69
CA GLU D 302 35.38 28.51 95.77
C GLU D 302 35.58 29.31 94.47
N ASP D 303 36.52 28.89 93.64
CA ASP D 303 36.79 29.59 92.38
C ASP D 303 35.80 29.22 91.28
N ALA D 304 34.92 28.25 91.56
CA ALA D 304 33.93 27.79 90.59
C ALA D 304 32.93 26.82 91.20
N LYS D 305 31.81 27.33 91.69
CA LYS D 305 30.76 26.55 92.35
C LYS D 305 30.50 25.12 91.85
N TRP D 306 30.62 24.89 90.54
CA TRP D 306 30.35 23.56 90.00
C TRP D 306 31.41 22.52 90.31
N ILE D 307 32.10 22.62 91.42
CA ILE D 307 33.14 21.64 91.71
C ILE D 307 33.55 21.64 93.17
N ALA D 308 32.96 20.72 93.94
CA ALA D 308 33.23 20.59 95.37
C ALA D 308 34.30 19.55 95.67
N GLU D 309 34.91 19.62 96.85
CA GLU D 309 35.95 18.66 97.20
C GLU D 309 35.78 17.92 98.52
N PHE D 310 36.24 16.67 98.55
CA PHE D 310 36.15 15.82 99.74
C PHE D 310 37.29 16.13 100.73
N ASN D 311 37.35 17.34 101.27
CA ASN D 311 38.42 17.65 102.23
C ASN D 311 38.19 16.96 103.58
N ASN D 312 38.69 15.71 103.67
CA ASN D 312 38.55 14.89 104.89
C ASN D 312 39.90 14.40 105.40
N SER D 313 40.01 14.18 106.71
CA SER D 313 41.25 13.73 107.34
C SER D 313 41.95 12.55 106.65
N SER D 314 41.48 11.34 106.94
CA SER D 314 42.07 10.12 106.37
C SER D 314 41.57 9.81 104.96
N LEU D 315 41.72 8.55 104.54
CA LEU D 315 41.25 8.11 103.23
C LEU D 315 39.82 7.62 103.36
N ILE D 316 39.12 7.51 102.24
CA ILE D 316 37.74 7.05 102.31
C ILE D 316 37.51 5.88 101.36
N ARG D 317 38.26 4.79 101.53
CA ARG D 317 38.09 3.63 100.64
C ARG D 317 36.70 3.02 100.72
N LYS D 318 36.02 3.01 99.58
CA LYS D 318 34.68 2.46 99.46
C LYS D 318 34.81 1.28 98.51
N THR D 319 33.73 0.53 98.30
CA THR D 319 33.76 -0.60 97.37
C THR D 319 32.54 -0.56 96.45
N LEU D 320 32.56 -1.40 95.41
CA LEU D 320 31.45 -1.43 94.46
C LEU D 320 31.66 -2.56 93.45
N THR D 321 30.67 -3.42 93.30
CA THR D 321 30.77 -4.51 92.35
C THR D 321 30.50 -3.97 90.95
N TYR D 322 31.56 -3.83 90.17
CA TYR D 322 31.44 -3.34 88.81
C TYR D 322 31.85 -4.43 87.83
N SER D 323 30.87 -4.99 87.11
CA SER D 323 31.14 -6.04 86.16
C SER D 323 31.65 -7.27 86.92
N GLY D 324 30.97 -7.59 88.00
CA GLY D 324 31.38 -8.73 88.82
C GLY D 324 32.47 -8.30 89.78
N ALA D 325 33.68 -8.16 89.25
CA ALA D 325 34.85 -7.74 90.02
C ALA D 325 34.56 -6.59 90.99
N THR D 326 35.11 -6.69 92.20
CA THR D 326 34.91 -5.66 93.21
C THR D 326 36.10 -4.69 93.27
N TYR D 327 35.85 -3.42 93.01
CA TYR D 327 36.91 -2.42 93.04
C TYR D 327 36.72 -1.45 94.21
N THR D 328 37.78 -0.71 94.53
CA THR D 328 37.71 0.24 95.62
C THR D 328 38.01 1.66 95.15
N VAL D 329 36.99 2.51 95.20
CA VAL D 329 37.21 3.93 94.87
C VAL D 329 38.02 4.48 96.04
N GLN D 330 38.99 5.37 95.80
CA GLN D 330 39.89 5.77 96.90
C GLN D 330 39.57 7.07 97.62
N LEU D 331 39.56 8.22 96.95
CA LEU D 331 39.34 9.53 97.59
C LEU D 331 40.55 9.79 98.48
N GLY D 332 41.74 9.34 98.01
CA GLY D 332 43.06 9.41 98.68
C GLY D 332 43.38 10.63 99.55
N PRO D 333 44.63 10.65 100.05
CA PRO D 333 45.25 11.64 100.96
C PRO D 333 44.87 13.10 100.78
N GLY D 334 44.95 13.59 99.55
CA GLY D 334 44.61 14.99 99.29
C GLY D 334 43.10 15.25 99.29
N PRO D 335 42.68 16.47 98.94
CA PRO D 335 41.23 16.80 98.98
C PRO D 335 40.38 16.22 97.84
N THR D 336 40.97 15.77 96.73
CA THR D 336 40.24 15.16 95.59
C THR D 336 39.01 16.00 95.17
N ARG D 337 39.26 17.07 94.40
CA ARG D 337 38.18 17.92 93.92
C ARG D 337 37.38 17.13 92.89
N VAL D 338 36.05 17.06 93.09
CA VAL D 338 35.16 16.31 92.19
C VAL D 338 34.13 17.24 91.57
N ILE D 339 33.76 16.96 90.31
CA ILE D 339 32.74 17.75 89.61
C ILE D 339 31.43 17.56 90.36
N ASP D 340 30.83 18.63 90.81
CA ASP D 340 29.53 18.47 91.49
C ASP D 340 28.50 18.18 90.40
N MET D 341 27.42 17.46 90.72
CA MET D 341 26.41 17.14 89.72
C MET D 341 25.31 18.16 89.67
N ASN D 342 24.91 18.63 90.82
CA ASN D 342 23.96 19.70 90.74
C ASN D 342 24.82 20.88 90.27
N ALA D 343 24.17 21.88 89.62
CA ALA D 343 24.94 22.97 89.06
C ALA D 343 25.87 22.30 88.07
N MET D 344 25.28 21.71 87.03
CA MET D 344 26.03 21.02 85.99
C MET D 344 25.25 20.84 84.68
N ILE D 345 24.43 21.83 84.25
CA ILE D 345 23.65 21.82 83.00
C ILE D 345 23.83 20.55 82.17
N ASP D 346 22.84 19.65 82.19
CA ASP D 346 22.94 18.39 81.45
C ASP D 346 23.82 18.49 80.22
N SER D 347 25.09 18.14 80.39
CA SER D 347 26.08 18.23 79.31
C SER D 347 26.58 16.89 78.83
N VAL D 348 27.71 16.99 78.21
CA VAL D 348 28.44 15.84 77.73
C VAL D 348 29.84 15.97 78.30
N LEU D 349 30.00 15.49 79.52
CA LEU D 349 31.30 15.51 80.19
C LEU D 349 32.20 14.47 79.54
N THR D 350 33.37 14.88 79.06
CA THR D 350 34.28 13.92 78.47
C THR D 350 35.67 14.16 79.04
N LEU D 351 35.96 13.45 80.13
CA LEU D 351 37.25 13.57 80.80
C LEU D 351 38.35 12.82 80.09
N ASP D 352 39.27 13.56 79.46
CA ASP D 352 40.37 12.91 78.78
C ASP D 352 41.51 12.73 79.77
N VAL D 353 42.12 11.55 79.75
CA VAL D 353 43.24 11.24 80.64
C VAL D 353 44.40 10.81 79.80
N SER D 354 45.22 11.76 79.35
CA SER D 354 46.36 11.38 78.52
C SER D 354 47.63 12.21 78.74
N GLY D 355 48.78 11.54 78.63
CA GLY D 355 50.05 12.21 78.81
C GLY D 355 50.29 12.50 80.27
N THR D 356 49.23 12.36 81.06
CA THR D 356 49.32 12.58 82.49
C THR D 356 50.02 11.37 83.12
N ILE D 357 50.81 11.61 84.18
CA ILE D 357 51.56 10.56 84.84
C ILE D 357 50.67 9.42 85.29
N LEU D 358 51.26 8.23 85.40
CA LEU D 358 50.59 7.00 85.81
C LEU D 358 51.66 6.17 86.49
N PRO D 359 51.96 6.47 87.77
CA PRO D 359 52.99 5.81 88.58
C PRO D 359 52.74 4.37 89.06
N TYR D 360 52.34 3.49 88.14
CA TYR D 360 52.11 2.09 88.52
C TYR D 360 53.45 1.44 88.82
N ASP D 361 54.53 2.17 88.54
CA ASP D 361 55.89 1.70 88.75
C ASP D 361 56.19 1.58 90.25
N THR D 362 55.86 2.63 91.00
CA THR D 362 56.09 2.61 92.44
C THR D 362 54.98 1.81 93.11
N ASN D 363 53.89 2.46 93.53
CA ASN D 363 52.81 1.73 94.16
C ASN D 363 52.20 0.78 93.12
N PRO D 364 52.54 -0.51 93.22
CA PRO D 364 52.05 -1.53 92.29
C PRO D 364 50.52 -1.61 92.41
N ASP D 365 50.03 -1.04 93.51
CA ASP D 365 48.62 -1.00 93.82
C ASP D 365 47.86 -0.30 92.69
N LEU D 366 48.44 0.76 92.15
CA LEU D 366 47.82 1.53 91.08
C LEU D 366 47.61 0.70 89.83
N SER D 367 48.62 -0.05 89.41
CA SER D 367 48.46 -0.89 88.22
C SER D 367 47.35 -1.89 88.50
N THR D 368 46.75 -2.43 87.44
CA THR D 368 45.66 -3.41 87.55
C THR D 368 44.30 -2.74 87.69
N SER D 369 44.28 -1.48 88.13
CA SER D 369 43.02 -0.76 88.31
C SER D 369 42.56 -0.01 87.06
N VAL D 370 41.39 -0.38 86.55
CA VAL D 370 40.87 0.26 85.35
C VAL D 370 40.40 1.67 85.70
N PRO D 371 41.03 2.70 85.12
CA PRO D 371 40.63 4.09 85.38
C PRO D 371 39.20 4.28 84.87
N ALA D 372 38.38 5.02 85.60
CA ALA D 372 36.99 5.20 85.18
C ALA D 372 36.26 6.35 85.84
N PHE D 373 35.50 7.09 85.03
CA PHE D 373 34.71 8.20 85.56
C PHE D 373 33.52 7.59 86.31
N VAL D 374 33.36 7.95 87.58
CA VAL D 374 32.29 7.39 88.43
C VAL D 374 31.53 8.42 89.24
N LEU D 375 30.19 8.33 89.26
CA LEU D 375 29.39 9.25 90.07
C LEU D 375 29.44 8.75 91.51
N ILE D 376 29.23 9.64 92.47
CA ILE D 376 29.27 9.27 93.88
C ILE D 376 28.18 9.99 94.66
N GLN D 377 27.12 9.27 95.00
CA GLN D 377 26.04 9.88 95.77
C GLN D 377 26.39 9.74 97.25
N THR D 378 26.49 10.85 97.94
CA THR D 378 26.81 10.85 99.37
C THR D 378 25.58 11.26 100.18
N SER D 379 25.45 10.71 101.39
CA SER D 379 24.30 11.06 102.25
C SER D 379 24.49 12.48 102.74
N VAL D 380 25.38 12.65 103.72
CA VAL D 380 25.67 13.97 104.24
C VAL D 380 26.33 14.74 103.09
N PRO D 381 26.11 16.07 103.00
CA PRO D 381 26.71 16.89 101.93
C PRO D 381 28.22 16.72 101.91
N ILE D 382 28.83 16.73 100.73
CA ILE D 382 30.29 16.61 100.64
C ILE D 382 30.82 17.76 101.49
N GLN D 383 32.13 17.79 101.77
CA GLN D 383 32.67 18.87 102.60
C GLN D 383 32.01 18.73 103.95
N GLN D 384 31.74 17.49 104.31
CA GLN D 384 31.09 17.14 105.57
C GLN D 384 30.97 15.61 105.58
N VAL D 385 31.42 14.99 104.49
CA VAL D 385 31.41 13.55 104.33
C VAL D 385 32.74 13.01 104.84
N THR D 386 32.72 12.46 106.05
CA THR D 386 33.93 11.93 106.69
C THR D 386 34.39 10.53 106.26
N THR D 387 33.57 9.53 106.52
CA THR D 387 33.96 8.16 106.19
C THR D 387 32.97 7.30 105.39
N ALA D 388 33.54 6.31 104.69
CA ALA D 388 32.82 5.35 103.84
C ALA D 388 31.31 5.17 104.09
N ALA D 389 30.90 5.02 105.35
CA ALA D 389 29.49 4.83 105.66
C ALA D 389 28.63 6.03 105.23
N ASN D 390 29.31 7.13 104.92
CA ASN D 390 28.68 8.37 104.50
C ASN D 390 28.29 8.36 103.01
N ILE D 391 29.12 7.72 102.19
CA ILE D 391 28.89 7.60 100.75
C ILE D 391 27.75 6.62 100.42
N THR D 392 26.56 7.15 100.12
CA THR D 392 25.39 6.33 99.76
C THR D 392 25.77 5.21 98.78
N ALA D 393 26.03 5.57 97.52
CA ALA D 393 26.41 4.58 96.52
C ALA D 393 27.41 5.15 95.52
N ILE D 394 27.94 4.30 94.66
CA ILE D 394 28.91 4.73 93.67
C ILE D 394 28.70 4.01 92.34
N THR D 395 28.32 4.76 91.31
CA THR D 395 28.09 4.18 89.99
C THR D 395 29.21 4.44 89.01
N VAL D 396 29.68 3.38 88.35
CA VAL D 396 30.75 3.53 87.36
C VAL D 396 30.07 3.92 86.07
N VAL D 397 29.87 5.23 85.86
CA VAL D 397 29.19 5.72 84.67
C VAL D 397 29.96 5.47 83.38
N SER D 398 31.24 5.09 83.48
CA SER D 398 32.02 4.84 82.28
C SER D 398 33.43 4.40 82.62
N ALA D 399 33.67 3.09 82.64
CA ALA D 399 34.99 2.58 82.96
C ALA D 399 35.83 2.39 81.71
N ALA D 400 37.13 2.17 81.89
CA ALA D 400 38.03 1.95 80.77
C ALA D 400 38.42 0.48 80.76
N GLY D 401 38.03 -0.26 79.73
CA GLY D 401 38.39 -1.65 79.67
C GLY D 401 39.90 -1.78 79.66
N ALA D 402 40.42 -2.75 80.43
CA ALA D 402 41.87 -3.01 80.55
C ALA D 402 42.52 -2.14 81.62
N SER D 403 43.16 -2.85 82.57
CA SER D 403 43.81 -2.24 83.76
C SER D 403 44.86 -1.19 83.42
N ALA D 404 45.46 -0.59 84.45
CA ALA D 404 46.49 0.44 84.35
C ALA D 404 47.90 -0.18 84.24
N ILE D 405 48.18 -0.73 83.04
CA ILE D 405 49.43 -1.41 82.61
C ILE D 405 49.29 -1.92 81.13
N ASN D 406 48.47 -1.18 80.32
CA ASN D 406 48.14 -1.38 78.87
C ASN D 406 47.72 -0.02 78.30
N LEU D 407 47.31 0.82 79.26
CA LEU D 407 46.93 2.20 79.05
C LEU D 407 48.16 3.07 79.21
N ALA D 408 49.19 2.45 79.77
CA ALA D 408 50.48 3.12 80.00
C ALA D 408 51.26 3.18 78.68
N ILE D 409 52.45 3.77 78.77
CA ILE D 409 53.36 3.92 77.64
C ILE D 409 54.56 4.67 78.22
N ASN D 410 55.71 4.01 78.27
CA ASN D 410 56.89 4.63 78.85
C ASN D 410 57.46 5.77 78.01
N VAL D 411 57.57 6.99 78.57
CA VAL D 411 58.12 8.17 77.88
C VAL D 411 59.33 8.79 78.63
N ARG D 412 60.26 7.94 79.04
CA ARG D 412 61.45 8.32 79.78
C ARG D 412 61.20 8.04 81.29
N GLY D 413 61.16 6.75 81.69
CA GLY D 413 60.91 6.40 83.08
C GLY D 413 59.42 6.49 83.47
N GLN D 414 58.95 7.73 83.63
CA GLN D 414 57.57 8.18 83.98
C GLN D 414 56.52 7.70 82.98
N PRO D 415 55.94 6.55 83.20
CA PRO D 415 54.94 6.03 82.27
C PRO D 415 53.71 6.93 82.21
N ARG D 416 53.33 7.35 80.99
CA ARG D 416 52.18 8.23 80.81
C ARG D 416 50.92 7.46 80.46
N PHE D 417 49.83 8.19 80.22
CA PHE D 417 48.57 7.57 79.85
C PHE D 417 48.28 7.68 78.37
N ASN D 418 48.13 6.53 77.71
CA ASN D 418 47.79 6.50 76.29
C ASN D 418 46.48 7.26 76.16
N MET D 419 46.54 8.38 75.44
CA MET D 419 45.39 9.27 75.24
C MET D 419 44.05 8.54 75.03
N LEU D 420 43.19 8.54 76.03
CA LEU D 420 41.88 7.88 75.95
C LEU D 420 40.81 8.76 76.64
N HIS D 421 39.58 8.71 76.15
CA HIS D 421 38.52 9.57 76.72
C HIS D 421 37.36 8.87 77.42
N LEU D 422 37.37 8.93 78.75
CA LEU D 422 36.25 8.34 79.44
C LEU D 422 35.11 9.36 79.27
N GLN D 423 33.83 9.02 79.52
CA GLN D 423 32.84 10.08 79.26
C GLN D 423 31.38 9.74 79.56
N ALA D 424 30.80 10.49 80.51
CA ALA D 424 29.40 10.36 80.90
C ALA D 424 28.55 11.28 80.03
N THR D 425 27.27 11.33 80.34
CA THR D 425 26.35 12.19 79.61
C THR D 425 25.33 12.65 80.64
N PHE D 426 25.84 13.35 81.65
CA PHE D 426 25.01 13.85 82.73
C PHE D 426 23.73 14.53 82.23
N GLU D 427 22.61 14.28 82.93
CA GLU D 427 21.31 14.86 82.56
C GLU D 427 20.56 15.46 83.75
N ARG D 428 20.41 16.78 83.75
CA ARG D 428 19.69 17.51 84.81
C ARG D 428 18.89 16.64 85.79
N GLU D 429 17.86 15.97 85.27
CA GLU D 429 16.89 15.18 86.05
C GLU D 429 17.34 13.75 86.44
N THR D 430 18.31 13.14 85.77
CA THR D 430 18.72 11.79 86.23
C THR D 430 19.20 11.90 87.72
N ILE D 431 19.52 13.15 88.15
CA ILE D 431 19.90 13.48 89.53
C ILE D 431 18.74 14.23 90.26
N THR D 432 17.45 13.89 89.99
CA THR D 432 16.30 14.58 90.69
C THR D 432 16.27 14.16 92.15
N GLY D 433 15.92 15.07 93.09
CA GLY D 433 15.84 14.72 94.52
C GLY D 433 17.21 14.64 95.16
N ILE D 434 17.98 13.66 94.72
CA ILE D 434 19.37 13.41 95.14
C ILE D 434 20.14 14.70 95.46
N PRO D 435 20.05 15.18 96.72
CA PRO D 435 20.72 16.40 97.18
C PRO D 435 22.21 16.41 96.94
N TYR D 436 22.88 15.28 97.17
CA TYR D 436 24.33 15.23 96.97
C TYR D 436 24.80 14.10 96.07
N ILE D 437 25.53 14.49 95.03
CA ILE D 437 26.07 13.55 94.06
C ILE D 437 27.20 14.27 93.33
N TYR D 438 28.29 13.57 93.07
CA TYR D 438 29.44 14.18 92.42
C TYR D 438 30.05 13.29 91.36
N GLY D 439 30.48 13.90 90.27
CA GLY D 439 31.13 13.18 89.23
C GLY D 439 32.59 13.17 89.60
N LEU D 440 33.25 12.02 89.54
CA LEU D 440 34.65 11.90 89.91
C LEU D 440 35.34 10.99 88.92
N GLY D 441 36.39 11.48 88.27
CA GLY D 441 37.13 10.63 87.34
C GLY D 441 38.27 10.02 88.12
N THR D 442 37.98 8.98 88.91
CA THR D 442 38.99 8.34 89.76
C THR D 442 39.68 7.12 89.14
N PHE D 443 40.06 6.15 89.97
CA PHE D 443 40.81 5.02 89.41
C PHE D 443 40.16 3.65 89.51
N LEU D 444 39.43 3.35 90.57
CA LEU D 444 38.82 2.00 90.76
C LEU D 444 39.91 0.94 90.92
N ILE D 445 40.58 0.96 92.07
CA ILE D 445 41.64 0.00 92.38
C ILE D 445 41.05 -1.35 92.72
N PRO D 446 41.57 -2.43 92.11
CA PRO D 446 41.07 -3.78 92.37
C PRO D 446 41.51 -4.35 93.71
N SER D 447 42.33 -3.59 94.44
CA SER D 447 42.81 -4.05 95.75
C SER D 447 43.68 -3.01 96.46
N PRO D 448 43.06 -2.14 97.28
CA PRO D 448 43.80 -1.11 98.01
C PRO D 448 44.92 -1.68 98.90
N THR D 449 46.07 -0.99 98.91
CA THR D 449 47.24 -1.42 99.69
C THR D 449 47.94 -0.25 100.39
N SER D 450 48.97 -0.57 101.16
CA SER D 450 49.76 0.42 101.88
C SER D 450 50.49 1.34 100.91
N SER D 451 50.86 0.80 99.74
CA SER D 451 51.55 1.58 98.72
C SER D 451 50.71 2.76 98.27
N SER D 452 49.41 2.53 98.06
CA SER D 452 48.50 3.60 97.66
C SER D 452 47.89 4.23 98.90
N ASN D 453 48.74 4.71 99.79
CA ASN D 453 48.27 5.34 101.01
C ASN D 453 48.55 6.83 100.98
N PHE D 454 49.26 7.26 99.94
CA PHE D 454 49.59 8.66 99.77
C PHE D 454 49.48 9.01 98.29
N SER D 455 48.88 8.12 97.51
CA SER D 455 48.72 8.33 96.07
C SER D 455 47.53 9.20 95.68
N ASN D 456 46.32 8.76 96.03
CA ASN D 456 45.14 9.53 95.66
C ASN D 456 44.98 9.50 94.15
N PRO D 457 44.25 8.46 93.68
CA PRO D 457 44.02 8.14 92.25
C PRO D 457 43.05 9.03 91.45
N THR D 458 42.90 10.30 91.82
CA THR D 458 41.98 11.16 91.06
C THR D 458 42.55 11.39 89.66
N LEU D 459 41.88 10.93 88.61
CA LEU D 459 42.38 11.14 87.26
C LEU D 459 41.93 12.49 86.72
N MET D 460 41.41 13.32 87.61
CA MET D 460 40.93 14.65 87.26
C MET D 460 42.02 15.59 86.78
N ASP D 461 43.28 15.26 87.05
CA ASP D 461 44.38 16.11 86.59
C ASP D 461 44.34 16.13 85.05
N GLY D 462 43.52 15.26 84.47
CA GLY D 462 43.39 15.18 83.01
C GLY D 462 42.55 16.33 82.48
N LEU D 463 42.65 16.59 81.17
CA LEU D 463 41.91 17.69 80.54
C LEU D 463 40.45 17.35 80.21
N LEU D 464 39.57 17.61 81.17
CA LEU D 464 38.13 17.36 81.03
C LEU D 464 37.48 18.38 80.11
N THR D 465 36.55 17.93 79.26
CA THR D 465 35.87 18.85 78.35
C THR D 465 34.35 18.75 78.36
N VAL D 466 33.71 19.58 79.19
CA VAL D 466 32.25 19.63 79.28
C VAL D 466 31.69 20.39 78.09
N THR D 467 30.61 19.87 77.52
CA THR D 467 29.95 20.48 76.38
C THR D 467 28.46 20.55 76.62
N PRO D 468 27.95 21.74 77.01
CA PRO D 468 26.52 21.92 77.31
C PRO D 468 25.66 21.36 76.19
N VAL D 469 24.87 20.33 76.48
CA VAL D 469 24.04 19.74 75.44
C VAL D 469 22.58 20.08 75.67
N LEU D 470 22.28 21.35 75.56
CA LEU D 470 20.93 21.87 75.83
C LEU D 470 21.10 23.34 76.15
N LEU D 471 21.40 24.13 75.13
CA LEU D 471 21.64 25.59 75.25
C LEU D 471 20.65 26.41 76.09
N ARG D 472 19.36 26.19 75.93
CA ARG D 472 18.35 26.98 76.65
C ARG D 472 18.71 27.25 78.12
N GLU D 473 19.27 26.27 78.83
CA GLU D 473 19.64 26.44 80.26
C GLU D 473 21.10 26.80 80.56
N THR D 474 21.28 27.91 81.26
CA THR D 474 22.61 28.38 81.63
C THR D 474 22.87 28.07 83.10
N THR D 475 24.03 28.48 83.63
CA THR D 475 24.38 28.24 85.03
C THR D 475 25.06 29.46 85.64
N TYR D 476 24.68 29.85 86.85
CA TYR D 476 25.33 30.98 87.48
C TYR D 476 25.50 30.89 88.99
N LYS D 477 26.76 31.03 89.42
CA LYS D 477 27.13 30.97 90.84
C LYS D 477 26.74 29.63 91.45
N GLY D 478 26.57 28.62 90.60
CA GLY D 478 26.19 27.31 91.10
C GLY D 478 24.76 26.89 90.84
N GLU D 479 23.93 27.79 90.33
CA GLU D 479 22.54 27.45 90.05
C GLU D 479 22.25 27.43 88.56
N VAL D 480 21.26 26.63 88.17
CA VAL D 480 20.88 26.52 86.77
C VAL D 480 19.70 27.47 86.53
N VAL D 481 19.82 28.32 85.51
CA VAL D 481 18.77 29.28 85.21
C VAL D 481 18.42 29.32 83.73
N ASP D 482 17.47 30.20 83.38
CA ASP D 482 17.04 30.35 82.01
C ASP D 482 17.29 31.77 81.53
N ALA D 483 17.71 32.63 82.46
CA ALA D 483 18.01 34.02 82.13
C ALA D 483 19.15 34.57 82.99
N ILE D 484 19.95 35.44 82.39
CA ILE D 484 21.06 36.08 83.06
C ILE D 484 20.68 37.50 83.45
N VAL D 485 21.52 38.20 84.21
CA VAL D 485 21.25 39.58 84.56
C VAL D 485 22.52 40.38 84.29
N PRO D 486 23.11 40.22 83.09
CA PRO D 486 24.35 40.88 82.66
C PRO D 486 25.09 41.72 83.71
N ALA D 487 24.59 42.93 83.98
CA ALA D 487 25.20 43.82 84.96
C ALA D 487 25.69 43.11 86.23
N THR D 488 24.99 42.04 86.61
CA THR D 488 25.37 41.26 87.80
C THR D 488 26.72 40.57 87.62
N VAL D 489 26.93 40.01 86.44
CA VAL D 489 28.18 39.32 86.17
C VAL D 489 29.39 40.25 85.95
N MET D 490 29.20 41.56 85.93
CA MET D 490 30.36 42.46 85.74
C MET D 490 31.06 42.60 87.09
N ALA D 491 32.40 42.68 87.06
CA ALA D 491 33.23 42.81 88.27
C ALA D 491 32.62 42.04 89.43
N ASN D 492 32.35 40.76 89.19
CA ASN D 492 31.73 39.94 90.20
C ASN D 492 32.45 38.60 90.27
N GLN D 493 33.27 38.34 89.24
CA GLN D 493 34.08 37.14 89.20
C GLN D 493 35.44 37.57 89.69
N THR D 494 36.31 36.61 90.03
CA THR D 494 37.66 36.97 90.46
C THR D 494 38.60 36.62 89.31
N SER D 495 39.88 36.94 89.48
CA SER D 495 40.87 36.66 88.46
C SER D 495 40.53 35.35 87.72
N GLU D 496 40.41 34.27 88.53
CA GLU D 496 40.19 32.92 88.02
C GLU D 496 38.74 32.39 88.15
N GLU D 497 37.84 33.17 88.77
CA GLU D 497 36.41 32.79 88.86
C GLU D 497 35.79 33.00 87.45
N VAL D 498 36.70 33.35 86.49
CA VAL D 498 36.42 33.60 85.07
C VAL D 498 37.03 32.50 84.21
N ALA D 499 38.34 32.32 84.30
CA ALA D 499 39.01 31.26 83.55
C ALA D 499 38.52 29.86 83.98
N SER D 500 37.87 29.81 85.15
CA SER D 500 37.35 28.56 85.68
C SER D 500 35.85 28.42 85.40
N ALA D 501 35.32 29.33 84.58
CA ALA D 501 33.90 29.31 84.23
C ALA D 501 33.54 27.99 83.59
N LEU D 502 32.27 27.63 83.68
CA LEU D 502 31.77 26.36 83.12
C LEU D 502 31.05 26.55 81.76
N ALA D 503 31.63 25.99 80.70
CA ALA D 503 31.11 26.05 79.31
C ALA D 503 29.62 26.32 79.22
N ASN D 504 29.31 27.54 78.78
CA ASN D 504 27.94 28.03 78.65
C ASN D 504 27.29 28.28 80.00
N ASP D 505 27.91 29.20 80.75
CA ASP D 505 27.39 29.66 82.01
C ASP D 505 27.37 31.19 81.95
N ALA D 506 26.55 31.84 82.74
CA ALA D 506 26.53 33.29 82.60
C ALA D 506 27.89 33.88 82.25
N ILE D 507 28.88 33.71 83.13
CA ILE D 507 30.22 34.23 82.88
C ILE D 507 30.69 33.98 81.44
N VAL D 508 30.61 32.74 80.98
CA VAL D 508 31.05 32.40 79.62
C VAL D 508 30.16 33.01 78.57
N LEU D 509 28.93 33.38 78.95
CA LEU D 509 28.01 34.03 78.03
C LEU D 509 28.25 35.54 78.02
N VAL D 510 28.44 36.14 79.22
CA VAL D 510 28.72 37.59 79.44
C VAL D 510 30.18 37.92 79.11
N SER D 511 30.83 36.94 78.49
CA SER D 511 32.20 37.04 77.98
C SER D 511 32.19 36.95 76.46
N ASN D 512 31.30 36.09 75.90
CA ASN D 512 31.08 35.83 74.43
C ASN D 512 30.40 37.00 73.78
N HIS D 513 29.70 37.72 74.65
CA HIS D 513 28.98 38.92 74.30
C HIS D 513 29.95 40.09 74.24
N LEU D 514 30.62 40.39 75.35
CA LEU D 514 31.58 41.49 75.36
C LEU D 514 32.55 41.30 74.21
N ASN D 515 32.90 40.07 73.93
CA ASN D 515 33.84 39.75 72.86
C ASN D 515 33.40 40.24 71.48
N LYS D 516 32.09 40.26 71.21
CA LYS D 516 31.61 40.77 69.94
C LYS D 516 31.78 42.28 69.98
N LEU D 517 31.24 42.88 71.03
CA LEU D 517 31.34 44.31 71.20
C LEU D 517 32.79 44.75 71.25
N ALA D 518 33.66 43.85 71.69
CA ALA D 518 35.04 44.17 71.70
C ALA D 518 35.60 44.23 70.26
N ASN D 519 34.99 43.52 69.28
CA ASN D 519 35.55 43.50 67.91
C ASN D 519 34.90 44.56 67.05
N VAL D 520 33.81 45.07 67.54
CA VAL D 520 33.18 46.15 66.83
C VAL D 520 34.02 47.37 67.12
N VAL D 521 34.39 47.62 68.38
CA VAL D 521 35.24 48.80 68.66
C VAL D 521 36.61 48.57 68.05
N GLY D 522 37.25 47.45 68.40
CA GLY D 522 38.56 47.13 67.87
C GLY D 522 38.62 47.38 66.37
N ASP D 523 37.57 46.96 65.67
CA ASP D 523 37.44 47.11 64.22
C ASP D 523 37.13 48.52 63.75
N ALA D 524 35.88 48.93 63.86
CA ALA D 524 35.43 50.25 63.42
C ALA D 524 36.06 51.46 64.12
N ILE D 525 35.81 51.59 65.42
CA ILE D 525 36.36 52.71 66.20
C ILE D 525 37.90 52.65 66.35
N PRO D 526 38.57 53.83 66.40
CA PRO D 526 40.04 53.87 66.54
C PRO D 526 40.56 53.87 67.98
N VAL D 527 40.17 52.87 68.76
CA VAL D 527 40.61 52.80 70.16
C VAL D 527 42.09 52.42 70.29
N ALA D 528 42.87 52.60 69.22
CA ALA D 528 44.28 52.26 69.26
C ALA D 528 45.23 53.32 68.69
N SER D 529 44.93 54.57 69.02
CA SER D 529 45.76 55.72 68.62
C SER D 529 45.43 56.92 69.54
N ARG D 530 46.24 58.00 69.57
CA ARG D 530 45.94 59.11 70.49
C ARG D 530 44.75 59.97 70.04
N THR D 531 43.78 59.36 69.36
CA THR D 531 42.66 60.13 68.83
C THR D 531 41.43 60.29 69.72
N ASP D 532 41.58 60.11 71.04
CA ASP D 532 40.45 60.25 71.97
C ASP D 532 39.09 60.01 71.33
N ASP D 533 38.99 58.85 70.68
CA ASP D 533 37.82 58.36 69.96
C ASP D 533 36.50 58.36 70.72
N SER D 534 35.41 58.12 70.00
CA SER D 534 34.07 58.07 70.57
C SER D 534 33.94 57.09 71.73
N ALA D 535 34.70 56.00 71.67
CA ALA D 535 34.67 54.98 72.72
C ALA D 535 35.28 55.51 74.03
N THR D 536 36.57 55.81 73.99
CA THR D 536 37.28 56.33 75.18
C THR D 536 36.71 57.67 75.58
N SER D 537 35.80 58.22 74.77
CA SER D 537 35.19 59.51 75.06
C SER D 537 33.93 59.34 75.88
N ALA D 538 33.17 58.28 75.58
CA ALA D 538 31.95 57.99 76.31
C ALA D 538 32.34 57.75 77.77
N ILE D 539 33.45 57.04 77.97
CA ILE D 539 33.93 56.72 79.30
C ILE D 539 34.41 57.98 80.06
N VAL D 540 35.17 58.84 79.38
CA VAL D 540 35.68 60.07 80.01
C VAL D 540 34.55 60.89 80.61
N SER D 541 33.42 60.97 79.91
CA SER D 541 32.30 61.75 80.42
C SER D 541 31.75 61.11 81.69
N ARG D 542 31.86 59.78 81.82
CA ARG D 542 31.38 59.14 83.04
C ARG D 542 32.35 59.46 84.18
N LEU D 543 33.65 59.29 83.95
CA LEU D 543 34.64 59.57 84.99
C LEU D 543 34.49 60.98 85.53
N ALA D 544 34.25 61.95 84.64
CA ALA D 544 34.07 63.34 85.07
C ALA D 544 32.84 63.40 86.00
N VAL D 545 31.65 63.18 85.45
CA VAL D 545 30.39 63.20 86.20
C VAL D 545 30.52 62.41 87.48
N GLN D 546 31.40 61.42 87.50
CA GLN D 546 31.59 60.61 88.68
C GLN D 546 32.52 61.30 89.66
N HIS D 547 33.76 61.57 89.22
CA HIS D 547 34.74 62.25 90.07
C HIS D 547 34.26 63.65 90.47
N LYS D 548 33.29 64.19 89.74
CA LYS D 548 32.82 65.54 90.04
C LYS D 548 31.89 65.57 91.23
N LEU D 549 31.04 64.55 91.38
CA LEU D 549 30.12 64.56 92.51
C LEU D 549 30.80 64.02 93.76
N SER D 550 31.86 63.24 93.57
CA SER D 550 32.58 62.71 94.72
C SER D 550 33.37 63.86 95.35
N GLN D 551 33.46 64.97 94.62
CA GLN D 551 34.17 66.15 95.09
C GLN D 551 33.18 67.12 95.74
N VAL D 552 31.90 66.99 95.39
CA VAL D 552 30.85 67.84 95.95
C VAL D 552 30.76 67.57 97.46
N GLY D 553 30.47 68.60 98.25
CA GLY D 553 30.44 68.52 99.72
C GLY D 553 31.89 68.28 100.20
N GLN D 554 32.45 69.14 101.10
CA GLN D 554 33.87 69.11 101.58
C GLN D 554 34.65 70.09 100.69
N ALA D 555 35.66 70.78 101.26
CA ALA D 555 36.57 71.81 100.68
C ALA D 555 36.79 71.85 99.16
N SER D 556 36.35 70.81 98.45
CA SER D 556 36.51 70.71 96.99
C SER D 556 37.88 71.24 96.58
N PRO D 557 38.93 70.87 97.33
CA PRO D 557 40.30 71.36 97.08
C PRO D 557 40.87 70.89 95.74
N THR D 558 40.21 69.96 95.08
CA THR D 558 40.69 69.43 93.81
C THR D 558 39.77 69.63 92.61
N PRO D 559 39.99 70.67 91.82
CA PRO D 559 39.19 70.85 90.63
C PRO D 559 39.47 69.70 89.68
N PRO D 560 38.46 69.00 89.18
CA PRO D 560 38.68 67.89 88.26
C PRO D 560 39.84 68.13 87.29
N ASP D 561 40.56 67.06 86.96
CA ASP D 561 41.73 67.16 86.10
C ASP D 561 41.41 67.31 84.58
N TYR D 562 41.05 66.20 83.93
CA TYR D 562 40.68 66.18 82.48
C TYR D 562 41.79 65.74 81.57
N PRO D 563 42.92 66.42 81.52
CA PRO D 563 44.00 65.88 80.69
C PRO D 563 44.33 64.46 81.19
N LEU D 564 44.26 64.28 82.55
CA LEU D 564 44.51 63.01 83.31
C LEU D 564 43.31 62.05 83.24
N LEU D 565 42.13 62.62 83.12
CA LEU D 565 40.89 61.87 82.98
C LEU D 565 40.75 61.33 81.57
N TRP D 566 41.07 62.16 80.59
CA TRP D 566 41.00 61.73 79.21
C TRP D 566 41.92 60.55 79.04
N ARG D 567 43.15 60.71 79.54
CA ARG D 567 44.17 59.66 79.45
C ARG D 567 43.83 58.42 80.28
N ARG D 568 43.15 58.60 81.41
CA ARG D 568 42.81 57.43 82.22
C ARG D 568 41.70 56.64 81.56
N ALA D 569 40.73 57.34 80.95
CA ALA D 569 39.63 56.67 80.28
C ALA D 569 40.06 56.10 78.94
N LYS D 570 41.15 56.62 78.38
CA LYS D 570 41.65 56.13 77.10
C LYS D 570 42.18 54.73 77.29
N ARG D 571 42.91 54.49 78.40
CA ARG D 571 43.46 53.17 78.67
C ARG D 571 42.35 52.26 79.19
N ALA D 572 41.30 52.85 79.73
CA ALA D 572 40.17 52.06 80.22
C ALA D 572 39.46 51.47 79.00
N ALA D 573 39.12 52.32 78.03
CA ALA D 573 38.45 51.85 76.80
C ALA D 573 39.40 50.95 76.04
N SER D 574 40.68 51.28 76.11
CA SER D 574 41.69 50.50 75.42
C SER D 574 41.88 49.14 76.10
N MET D 575 41.95 49.13 77.43
CA MET D 575 42.12 47.86 78.13
C MET D 575 40.95 46.93 77.85
N PHE D 576 39.80 47.53 77.53
CA PHE D 576 38.63 46.73 77.23
C PHE D 576 38.79 46.07 75.85
N VAL D 577 38.94 46.87 74.79
CA VAL D 577 39.14 46.30 73.47
C VAL D 577 40.16 45.23 73.53
N SER D 578 41.20 45.48 74.33
CA SER D 578 42.31 44.54 74.48
C SER D 578 41.85 43.18 74.96
N ASN D 579 41.46 43.10 76.22
CA ASN D 579 41.00 41.86 76.81
C ASN D 579 39.58 42.03 77.34
N PRO D 580 38.58 41.94 76.44
CA PRO D 580 37.16 42.10 76.77
C PRO D 580 36.78 41.49 78.14
N SER D 581 37.33 40.31 78.43
CA SER D 581 37.06 39.58 79.66
C SER D 581 37.16 40.42 80.94
N LEU D 582 38.35 40.98 81.18
CA LEU D 582 38.62 41.80 82.37
C LEU D 582 37.41 42.46 83.03
N ALA D 583 36.55 43.07 82.23
CA ALA D 583 35.35 43.74 82.75
C ALA D 583 34.44 42.85 83.60
N LEU D 584 34.90 41.63 83.93
CA LEU D 584 34.13 40.71 84.78
C LEU D 584 34.82 40.55 86.13
N GLN D 585 36.12 40.81 86.14
CA GLN D 585 36.94 40.65 87.33
C GLN D 585 36.91 41.79 88.33
N VAL D 586 36.64 41.43 89.59
CA VAL D 586 36.59 42.42 90.67
C VAL D 586 37.97 43.02 90.86
N GLY D 587 38.06 44.34 90.76
CA GLY D 587 39.33 45.03 90.96
C GLY D 587 39.96 45.58 89.70
N ILE D 588 39.15 45.94 88.72
CA ILE D 588 39.70 46.53 87.50
C ILE D 588 39.31 48.00 87.40
N PRO D 589 40.34 48.88 87.40
CA PRO D 589 40.19 50.36 87.36
C PRO D 589 39.24 50.88 86.27
N VAL D 590 38.26 51.70 86.67
CA VAL D 590 37.27 52.26 85.75
C VAL D 590 36.33 51.19 85.23
N LEU D 591 36.79 50.50 84.19
CA LEU D 591 36.02 49.44 83.54
C LEU D 591 34.93 48.76 84.38
N THR D 592 35.18 48.48 85.67
CA THR D 592 34.20 47.75 86.47
C THR D 592 33.19 48.59 87.24
N GLN D 593 33.11 49.90 87.01
CA GLN D 593 32.10 50.70 87.71
C GLN D 593 30.84 50.51 86.86
N SER D 594 29.67 50.48 87.51
CA SER D 594 28.41 50.25 86.80
C SER D 594 28.17 51.11 85.54
N GLY D 595 28.58 52.37 85.56
CA GLY D 595 28.39 53.25 84.41
C GLY D 595 28.96 52.67 83.12
N MET D 596 30.29 52.70 83.02
CA MET D 596 31.02 52.19 81.86
C MET D 596 30.41 50.93 81.26
N LEU D 597 30.71 50.69 79.97
CA LEU D 597 30.17 49.53 79.24
C LEU D 597 28.75 49.83 78.84
N SER D 598 27.89 49.93 79.84
CA SER D 598 26.54 50.31 79.54
C SER D 598 26.65 51.60 78.79
N ALA D 599 27.63 52.38 79.23
CA ALA D 599 28.00 53.66 78.65
C ALA D 599 28.75 53.42 77.35
N LEU D 600 29.95 52.85 77.45
CA LEU D 600 30.75 52.56 76.28
C LEU D 600 29.91 52.15 75.07
N THR D 601 29.32 50.93 75.16
CA THR D 601 28.55 50.43 74.02
C THR D 601 27.67 51.52 73.45
N SER D 602 26.68 52.04 74.17
CA SER D 602 25.77 53.07 73.62
C SER D 602 26.49 54.27 72.97
N GLY D 603 27.78 54.41 73.23
CA GLY D 603 28.57 55.44 72.58
C GLY D 603 28.98 54.84 71.27
N VAL D 604 29.86 53.85 71.35
CA VAL D 604 30.34 53.10 70.20
C VAL D 604 29.17 52.89 69.22
N GLY D 605 27.98 52.74 69.80
CA GLY D 605 26.78 52.56 69.05
C GLY D 605 26.63 53.73 68.12
N THR D 606 26.19 54.87 68.64
CA THR D 606 25.99 56.04 67.81
C THR D 606 27.25 56.39 67.01
N ALA D 607 28.41 56.04 67.55
CA ALA D 607 29.67 56.34 66.85
C ALA D 607 29.73 55.67 65.47
N LEU D 608 29.25 54.43 65.38
CA LEU D 608 29.26 53.72 64.11
C LEU D 608 28.20 54.28 63.19
N ARG D 609 27.09 54.73 63.77
CA ARG D 609 26.04 55.27 62.94
C ARG D 609 26.29 56.71 62.53
N THR D 610 27.55 57.02 62.14
CA THR D 610 27.90 58.39 61.70
C THR D 610 29.32 58.46 61.11
N GLY D 611 30.06 57.35 61.20
CA GLY D 611 31.43 57.28 60.67
C GLY D 611 31.68 58.14 59.43
N SER D 612 30.65 58.43 58.63
CA SER D 612 30.62 59.20 57.35
C SER D 612 30.88 58.24 56.17
N LEU D 613 32.12 58.13 55.65
CA LEU D 613 32.53 57.18 54.61
C LEU D 613 34.05 57.26 54.66
N GLY D 614 34.58 58.49 54.83
CA GLY D 614 36.00 58.75 54.87
C GLY D 614 36.61 58.63 56.26
N LYS D 615 36.20 57.57 57.00
CA LYS D 615 36.73 57.30 58.33
C LYS D 615 38.20 56.89 58.21
N GLY D 616 38.49 56.41 57.01
CA GLY D 616 39.81 55.98 56.67
C GLY D 616 40.79 57.13 56.66
N VAL D 617 40.35 58.36 56.93
CA VAL D 617 41.27 59.48 56.92
C VAL D 617 42.28 59.31 58.05
N THR D 618 41.97 58.43 58.99
CA THR D 618 42.86 58.18 60.13
C THR D 618 44.17 57.54 59.66
N ASP D 619 45.29 58.22 59.92
CA ASP D 619 46.59 57.70 59.51
C ASP D 619 46.57 57.37 58.03
N ALA D 620 45.80 58.14 57.27
CA ALA D 620 45.69 57.94 55.82
C ALA D 620 46.90 58.59 55.17
N SER D 621 47.80 59.08 56.02
CA SER D 621 49.02 59.71 55.56
C SER D 621 50.12 58.66 55.39
N GLU D 622 50.44 57.94 56.48
CA GLU D 622 51.47 56.90 56.46
C GLU D 622 50.96 55.73 55.63
N LYS D 623 49.64 55.56 55.66
CA LYS D 623 48.99 54.50 54.91
C LYS D 623 49.23 54.81 53.45
N LEU D 624 49.12 56.09 53.09
CA LEU D 624 49.31 56.52 51.71
C LEU D 624 50.78 56.35 51.36
N ARG D 625 51.64 56.90 52.20
CA ARG D 625 53.08 56.84 51.99
C ARG D 625 53.57 55.39 51.88
N ALA D 626 52.84 54.46 52.49
CA ALA D 626 53.20 53.03 52.42
C ALA D 626 52.77 52.45 51.07
N ARG D 627 51.65 52.94 50.53
CA ARG D 627 51.18 52.49 49.25
C ARG D 627 52.09 52.96 48.12
N GLN D 628 52.60 54.19 48.26
CA GLN D 628 53.53 54.69 47.25
C GLN D 628 54.79 53.85 47.34
N SER D 629 55.09 53.41 48.54
CA SER D 629 56.28 52.60 48.78
C SER D 629 56.17 51.30 47.99
N LEU D 630 54.97 50.76 47.93
CA LEU D 630 54.75 49.49 47.22
C LEU D 630 54.79 49.67 45.71
N THR D 631 54.13 50.73 45.24
CA THR D 631 54.10 51.00 43.81
C THR D 631 55.53 51.30 43.29
N VAL D 632 56.39 51.81 44.16
CA VAL D 632 57.76 52.10 43.74
C VAL D 632 58.51 50.79 43.59
N ALA D 633 58.20 49.82 44.45
CA ALA D 633 58.84 48.52 44.38
C ALA D 633 58.24 47.70 43.24
N LYS D 634 56.93 47.86 42.99
CA LYS D 634 56.28 47.13 41.91
C LYS D 634 56.70 47.71 40.56
N GLN D 635 57.03 49.00 40.53
CA GLN D 635 57.47 49.61 39.29
C GLN D 635 58.80 48.97 38.99
N ALA D 636 59.56 48.70 40.05
CA ALA D 636 60.87 48.07 39.96
C ALA D 636 60.75 46.68 39.31
N PHE D 637 59.66 45.98 39.61
CA PHE D 637 59.40 44.67 39.00
C PHE D 637 59.18 44.84 37.50
N PHE D 638 58.16 45.64 37.12
CA PHE D 638 57.88 45.89 35.70
C PHE D 638 59.14 46.26 34.92
N ASP D 639 60.10 46.89 35.59
CA ASP D 639 61.35 47.28 34.94
C ASP D 639 62.17 46.08 34.51
N GLN D 640 62.08 44.97 35.25
CA GLN D 640 62.81 43.76 34.86
C GLN D 640 62.04 43.02 33.79
N ILE D 641 60.73 42.90 33.99
CA ILE D 641 59.91 42.26 32.96
C ILE D 641 60.23 42.94 31.65
N GLY D 642 60.50 44.22 31.76
CA GLY D 642 60.82 45.08 30.64
C GLY D 642 62.21 44.87 30.06
N SER D 643 63.15 44.36 30.84
CA SER D 643 64.50 44.14 30.30
C SER D 643 64.72 42.68 29.92
N LEU D 644 64.67 41.78 30.89
CA LEU D 644 64.88 40.35 30.66
C LEU D 644 64.20 39.88 29.38
N TRP D 645 62.89 40.09 29.28
CA TRP D 645 62.18 39.75 28.08
C TRP D 645 61.96 41.02 27.25
N PRO D 646 63.00 41.38 26.46
CA PRO D 646 62.91 42.56 25.62
C PRO D 646 61.92 42.37 24.47
N GLY E 2 30.65 79.48 73.31
CA GLY E 2 29.25 79.61 73.03
C GLY E 2 28.88 81.03 72.66
N ASN E 3 29.89 81.86 72.53
CA ASN E 3 29.65 83.23 72.20
C ASN E 3 28.72 83.37 71.01
N VAL E 4 27.80 84.27 71.20
CA VAL E 4 26.86 84.55 70.16
C VAL E 4 27.59 84.74 68.84
N GLN E 5 26.97 84.17 67.81
CA GLN E 5 27.39 84.25 66.40
C GLN E 5 26.38 85.22 65.76
N THR E 6 25.26 84.66 65.23
CA THR E 6 24.08 85.41 64.71
C THR E 6 23.53 84.98 63.34
N SER E 7 24.32 84.72 62.32
CA SER E 7 23.63 84.36 61.10
C SER E 7 24.31 83.21 60.39
N VAL E 8 25.62 83.06 60.64
CA VAL E 8 26.39 82.04 59.99
C VAL E 8 25.52 80.80 59.85
N ASN E 9 24.93 80.36 60.96
CA ASN E 9 24.07 79.16 60.89
C ASN E 9 22.65 79.43 61.56
N THR E 10 21.47 78.99 60.99
CA THR E 10 20.05 79.25 61.51
C THR E 10 19.81 79.04 63.00
N TYR E 11 20.80 78.56 63.71
CA TYR E 11 20.65 78.31 65.15
C TYR E 11 21.85 78.73 65.94
N ASN E 12 21.57 79.36 67.07
CA ASN E 12 22.62 79.74 68.00
C ASN E 12 22.78 78.53 68.90
N ILE E 13 23.94 78.29 69.46
CA ILE E 13 24.05 77.12 70.34
C ILE E 13 23.48 77.46 71.69
N THR E 14 23.94 78.58 72.23
CA THR E 14 23.46 79.09 73.52
C THR E 14 22.09 79.74 73.31
N GLY E 15 21.57 79.60 72.09
CA GLY E 15 20.29 80.16 71.74
C GLY E 15 19.17 79.85 72.74
N ASP E 16 18.11 80.64 72.65
CA ASP E 16 16.94 80.52 73.52
C ASP E 16 16.20 79.18 73.39
N GLY E 17 15.86 78.58 74.53
CA GLY E 17 15.12 77.34 74.52
C GLY E 17 15.52 76.13 73.66
N ASN E 18 16.82 75.81 73.65
CA ASN E 18 17.30 74.64 72.92
C ASN E 18 16.95 73.47 73.80
N SER E 19 17.35 72.26 73.44
CA SER E 19 16.99 71.17 74.33
C SER E 19 17.57 69.81 74.00
N PHE E 20 18.56 69.38 74.77
CA PHE E 20 19.11 68.04 74.58
C PHE E 20 18.07 67.11 75.16
N THR E 21 17.64 66.11 74.39
CA THR E 21 16.63 65.16 74.87
C THR E 21 16.45 63.96 73.94
N PRO E 22 17.24 62.89 74.19
CA PRO E 22 17.17 61.66 73.39
C PRO E 22 15.81 61.03 73.49
N THR E 23 15.38 60.41 72.40
CA THR E 23 14.11 59.70 72.29
C THR E 23 14.46 58.37 71.72
N SER E 24 14.06 57.29 72.38
CA SER E 24 14.37 55.95 71.90
C SER E 24 13.89 55.78 70.46
N ASP E 25 13.04 56.71 70.05
CA ASP E 25 12.40 56.71 68.74
C ASP E 25 13.24 57.09 67.49
N MET E 26 14.25 57.95 67.64
CA MET E 26 14.95 58.40 66.45
C MET E 26 16.47 58.11 66.31
N THR E 27 17.03 57.11 67.01
CA THR E 27 18.48 56.80 66.93
C THR E 27 19.31 57.60 65.91
N SER E 28 19.98 58.65 66.40
CA SER E 28 20.81 59.54 65.59
C SER E 28 21.77 58.81 64.65
N THR E 29 21.71 59.13 63.35
CA THR E 29 22.58 58.47 62.36
C THR E 29 22.75 59.18 61.00
N ALA E 30 23.99 59.41 60.60
CA ALA E 30 24.29 60.01 59.28
C ALA E 30 24.36 58.88 58.25
N ALA E 31 25.25 58.96 57.27
CA ALA E 31 25.32 57.93 56.23
C ALA E 31 26.68 57.25 56.11
N PRO E 32 26.90 56.16 56.86
CA PRO E 32 28.17 55.43 56.83
C PRO E 32 28.15 54.28 55.85
N ALA E 33 27.12 53.43 55.89
CA ALA E 33 27.13 52.26 55.02
C ALA E 33 26.82 52.49 53.54
N ILE E 34 27.29 53.59 52.94
CA ILE E 34 27.01 53.78 51.51
C ILE E 34 27.66 52.65 50.73
N ASP E 35 26.88 52.00 49.87
CA ASP E 35 27.41 50.89 49.07
C ASP E 35 28.21 51.37 47.86
N LEU E 36 29.44 50.86 47.73
CA LEU E 36 30.27 51.23 46.59
C LEU E 36 30.93 50.02 45.92
N LYS E 37 30.80 48.84 46.52
CA LYS E 37 31.42 47.64 45.94
C LYS E 37 31.09 47.45 44.44
N PRO E 38 32.09 47.04 43.70
CA PRO E 38 32.04 46.83 42.26
C PRO E 38 30.68 46.46 41.66
N GLY E 39 30.19 45.28 42.03
CA GLY E 39 28.92 44.85 41.48
C GLY E 39 27.78 45.80 41.84
N VAL E 40 27.76 46.25 43.10
CA VAL E 40 26.66 47.09 43.54
C VAL E 40 26.71 48.55 43.10
N LEU E 41 27.88 49.13 42.86
CA LEU E 41 27.93 50.53 42.38
C LEU E 41 27.77 50.56 40.87
N ASN E 42 27.99 49.42 40.24
CA ASN E 42 27.81 49.24 38.78
C ASN E 42 29.03 48.67 38.06
N PRO F 43 18.87 50.83 31.21
CA PRO F 43 20.16 50.80 30.50
C PRO F 43 21.29 50.93 31.47
N THR F 44 22.52 50.73 30.97
CA THR F 44 23.77 50.78 31.75
C THR F 44 24.92 50.85 30.78
N GLY F 45 26.13 51.09 31.29
CA GLY F 45 27.31 51.12 30.46
C GLY F 45 27.58 52.48 29.77
N LYS F 46 28.58 52.47 28.90
CA LYS F 46 28.95 53.66 28.18
C LYS F 46 27.95 53.91 27.09
N LEU F 47 27.76 55.16 26.69
CA LEU F 47 26.79 55.49 25.63
C LEU F 47 27.48 55.39 24.28
N TRP F 48 26.78 54.89 23.30
CA TRP F 48 27.29 54.75 21.94
C TRP F 48 26.45 55.56 21.00
N ARG F 49 26.97 55.86 19.82
CA ARG F 49 26.20 56.59 18.83
C ARG F 49 26.57 56.12 17.44
N PRO F 50 25.61 56.14 16.52
CA PRO F 50 25.82 55.70 15.12
C PRO F 50 26.97 56.44 14.43
N VAL F 51 28.17 55.86 14.40
CA VAL F 51 29.30 56.51 13.75
C VAL F 51 29.03 56.66 12.25
N GLY F 52 28.32 55.70 11.67
CA GLY F 52 27.98 55.74 10.25
C GLY F 52 26.79 56.65 9.97
N THR F 53 26.23 57.22 11.03
CA THR F 53 25.10 58.14 10.96
C THR F 53 23.72 57.54 10.67
N SER F 54 22.70 58.24 11.15
CA SER F 54 21.30 57.85 10.99
C SER F 54 21.01 56.42 11.39
N VAL F 55 21.00 55.53 10.40
CA VAL F 55 20.75 54.12 10.64
C VAL F 55 21.74 53.56 11.67
N ALA F 56 21.20 53.21 12.83
CA ALA F 56 21.98 52.60 13.88
C ALA F 56 21.78 51.10 13.85
N THR F 57 22.75 50.38 13.34
CA THR F 57 22.69 48.92 13.32
C THR F 57 23.70 48.41 14.39
N ILE F 58 23.86 47.07 14.49
CA ILE F 58 24.80 46.41 15.43
C ILE F 58 26.24 46.44 14.87
N ASP F 59 26.67 47.62 14.45
CA ASP F 59 28.00 47.80 13.86
C ASP F 59 28.24 49.24 13.43
N SER F 60 27.16 49.97 13.19
CA SER F 60 27.26 51.36 12.80
C SER F 60 27.30 52.21 14.09
N LEU F 61 27.56 51.55 15.22
CA LEU F 61 27.67 52.16 16.51
C LEU F 61 29.16 52.29 16.84
N ALA F 62 29.41 52.92 17.95
CA ALA F 62 30.76 53.10 18.46
C ALA F 62 30.74 53.92 19.74
N ILE F 63 31.45 53.46 20.77
CA ILE F 63 31.47 54.21 22.03
C ILE F 63 31.74 55.67 21.73
N VAL F 64 30.77 56.54 22.03
CA VAL F 64 30.91 57.97 21.77
C VAL F 64 31.97 58.57 22.66
N SER F 65 33.23 58.37 22.32
CA SER F 65 34.29 58.94 23.15
C SER F 65 34.65 60.33 22.60
N ASP F 66 35.52 61.04 23.31
CA ASP F 66 35.94 62.36 22.87
C ASP F 66 36.86 63.02 23.88
N ARG F 67 37.10 64.30 23.66
CA ARG F 67 37.98 65.12 24.49
C ARG F 67 37.75 65.05 26.00
N PHE F 68 36.60 64.52 26.42
CA PHE F 68 36.28 64.39 27.84
C PHE F 68 36.38 62.97 28.36
N GLY F 69 36.56 62.01 27.46
CA GLY F 69 36.62 60.61 27.87
C GLY F 69 35.33 60.00 27.34
N GLN F 70 34.86 58.90 27.92
CA GLN F 70 33.62 58.30 27.42
C GLN F 70 32.45 58.46 28.37
N TYR F 71 31.35 58.99 27.83
CA TYR F 71 30.17 59.18 28.65
C TYR F 71 29.61 57.84 29.06
N SER F 72 29.56 57.59 30.37
CA SER F 72 28.97 56.34 30.83
C SER F 72 27.63 56.73 31.44
N PHE F 73 26.58 55.95 31.14
CA PHE F 73 25.25 56.25 31.63
C PHE F 73 25.12 56.18 33.15
N VAL F 74 24.30 57.06 33.71
CA VAL F 74 24.10 57.10 35.16
C VAL F 74 22.68 56.62 35.51
N ASN F 75 22.50 55.30 35.50
CA ASN F 75 21.21 54.68 35.80
C ASN F 75 20.66 55.20 37.12
N GLU F 76 19.34 55.17 37.23
CA GLU F 76 18.63 55.66 38.43
C GLU F 76 19.28 55.39 39.79
N GLY F 77 19.58 54.14 40.08
CA GLY F 77 20.16 53.77 41.36
C GLY F 77 21.56 54.29 41.61
N MET F 78 22.36 54.36 40.56
CA MET F 78 23.74 54.85 40.71
C MET F 78 23.76 56.34 41.01
N ARG F 79 22.62 57.01 40.87
CA ARG F 79 22.53 58.42 41.22
C ARG F 79 22.21 58.51 42.69
N GLU F 80 21.61 57.43 43.21
CA GLU F 80 21.25 57.36 44.62
C GLU F 80 22.49 57.37 45.46
N THR F 81 23.52 56.69 44.99
CA THR F 81 24.75 56.64 45.73
C THR F 81 25.45 57.99 45.73
N PHE F 82 25.84 58.48 44.55
CA PHE F 82 26.50 59.78 44.44
C PHE F 82 25.70 60.91 45.01
N SER F 83 24.41 60.74 45.13
CA SER F 83 23.63 61.76 45.78
C SER F 83 23.70 61.55 47.27
N LYS F 84 23.66 60.29 47.70
CA LYS F 84 23.71 59.95 49.12
C LYS F 84 25.09 60.30 49.69
N ALA F 85 26.11 60.26 48.84
CA ALA F 85 27.49 60.59 49.22
C ALA F 85 27.62 62.10 49.34
N LEU F 86 27.15 62.82 48.32
CA LEU F 86 27.20 64.28 48.31
C LEU F 86 26.26 64.81 49.39
N PHE F 87 25.14 64.13 49.61
CA PHE F 87 24.20 64.59 50.61
C PHE F 87 24.89 64.63 51.98
N ASP F 88 25.66 63.59 52.27
CA ASP F 88 26.36 63.53 53.55
C ASP F 88 27.48 64.58 53.65
N ILE F 89 27.85 65.20 52.54
CA ILE F 89 28.88 66.23 52.59
C ILE F 89 28.21 67.59 52.71
N ASN F 90 27.20 67.85 51.89
CA ASN F 90 26.49 69.12 51.95
C ASN F 90 26.12 69.40 53.40
N MET F 91 25.71 68.35 54.12
CA MET F 91 25.32 68.47 55.51
C MET F 91 26.28 69.36 56.31
N TRP F 92 27.56 69.18 56.05
CA TRP F 92 28.60 69.94 56.73
C TRP F 92 28.77 71.32 56.16
N GLN F 93 27.73 71.89 55.56
CA GLN F 93 27.85 73.19 54.94
C GLN F 93 28.29 74.29 55.91
N PRO F 94 27.64 74.40 57.08
CA PRO F 94 27.97 75.42 58.08
C PRO F 94 29.40 75.37 58.57
N LEU F 95 30.08 74.24 58.41
CA LEU F 95 31.45 74.20 58.87
C LEU F 95 32.43 74.53 57.77
N PHE F 96 31.99 74.41 56.51
CA PHE F 96 32.84 74.71 55.36
C PHE F 96 32.99 76.21 55.21
N GLN F 97 31.90 76.96 55.40
CA GLN F 97 31.98 78.40 55.30
C GLN F 97 32.79 78.91 56.48
N ALA F 98 32.42 78.48 57.68
CA ALA F 98 33.11 78.94 58.89
C ALA F 98 34.59 78.86 58.70
N THR F 99 35.05 77.74 58.25
CA THR F 99 36.47 77.63 58.06
C THR F 99 36.94 77.96 56.64
N LYS F 100 36.26 78.80 55.82
CA LYS F 100 36.74 79.21 54.46
C LYS F 100 37.30 78.06 53.51
N THR F 101 37.16 76.77 53.86
CA THR F 101 37.56 75.64 52.97
C THR F 101 36.38 75.38 52.04
N GLY F 102 36.20 74.14 51.61
CA GLY F 102 35.07 73.84 50.76
C GLY F 102 35.08 74.73 49.50
N CYS F 103 33.89 75.13 49.03
CA CYS F 103 33.74 75.90 47.79
C CYS F 103 32.28 75.96 47.33
N GLY F 104 31.34 75.89 48.27
CA GLY F 104 29.93 75.90 47.94
C GLY F 104 29.38 74.49 48.00
N PRO F 105 28.06 74.27 47.95
CA PRO F 105 27.48 72.92 48.00
C PRO F 105 27.73 72.14 46.70
N ILE F 106 28.08 70.87 46.82
CA ILE F 106 28.37 70.04 45.64
C ILE F 106 27.12 69.39 45.03
N VAL F 107 26.60 69.96 43.94
CA VAL F 107 25.43 69.38 43.28
C VAL F 107 25.89 68.31 42.30
N LEU F 108 25.28 67.12 42.36
CA LEU F 108 25.71 66.07 41.45
C LEU F 108 25.42 66.44 40.02
N SER F 109 24.57 67.44 39.82
CA SER F 109 24.21 67.89 38.49
C SER F 109 25.31 68.77 37.89
N SER F 110 26.46 68.80 38.53
CA SER F 110 27.57 69.60 37.98
C SER F 110 28.59 68.68 37.32
N PHE F 111 28.47 67.37 37.55
CA PHE F 111 29.40 66.43 36.97
C PHE F 111 28.82 65.66 35.80
N THR F 112 27.50 65.72 35.65
CA THR F 112 26.85 64.98 34.57
C THR F 112 26.59 65.82 33.31
N THR F 113 25.76 65.28 32.42
CA THR F 113 25.40 65.94 31.15
C THR F 113 24.07 65.37 30.67
N THR F 114 23.58 65.87 29.54
CA THR F 114 22.32 65.35 29.00
C THR F 114 22.49 64.96 27.56
N THR F 115 23.34 63.95 27.33
CA THR F 115 23.55 63.47 25.97
C THR F 115 22.41 62.48 25.71
N SER F 116 22.40 61.89 24.52
CA SER F 116 21.40 60.92 24.13
C SER F 116 21.95 60.05 22.99
N GLY F 117 21.68 58.76 23.06
CA GLY F 117 22.14 57.84 22.05
C GLY F 117 21.74 56.48 22.54
N TYR F 118 22.46 55.44 22.13
CA TYR F 118 22.15 54.08 22.56
C TYR F 118 23.16 53.76 23.64
N VAL F 119 22.70 53.24 24.77
CA VAL F 119 23.65 52.93 25.84
C VAL F 119 23.69 51.49 26.29
N GLY F 120 24.77 50.79 25.96
CA GLY F 120 24.89 49.41 26.38
C GLY F 120 26.32 49.07 26.76
N ALA F 121 26.61 47.76 26.80
CA ALA F 121 27.94 47.31 27.15
C ALA F 121 28.69 47.01 25.87
N THR F 122 27.98 46.72 24.79
CA THR F 122 28.61 46.44 23.49
C THR F 122 27.66 46.80 22.35
N ALA F 123 28.20 47.32 21.25
CA ALA F 123 27.39 47.70 20.10
C ALA F 123 26.14 46.83 19.96
N GLY F 124 26.35 45.52 19.96
CA GLY F 124 25.23 44.58 19.84
C GLY F 124 24.07 44.81 20.80
N ASP F 125 24.37 44.84 22.09
CA ASP F 125 23.33 45.02 23.11
C ASP F 125 22.98 46.48 23.40
N ALA F 126 23.86 47.40 23.02
CA ALA F 126 23.60 48.81 23.28
C ALA F 126 22.54 49.28 22.32
N LEU F 127 22.34 48.50 21.26
CA LEU F 127 21.36 48.83 20.24
C LEU F 127 19.92 48.74 20.75
N ASP F 128 19.73 48.01 21.86
CA ASP F 128 18.41 47.82 22.45
C ASP F 128 18.18 48.70 23.67
N ASN F 129 18.82 49.86 23.72
CA ASN F 129 18.64 50.78 24.85
C ASN F 129 18.63 52.22 24.38
N PRO F 130 17.88 52.54 23.34
CA PRO F 130 17.86 53.92 22.85
C PRO F 130 17.40 54.82 23.98
N VAL F 131 18.30 55.64 24.50
CA VAL F 131 17.95 56.56 25.57
C VAL F 131 18.04 58.01 25.07
N THR F 132 17.01 58.81 25.33
CA THR F 132 17.02 60.20 24.88
C THR F 132 17.22 61.15 26.05
N ASN F 133 18.21 62.03 25.89
CA ASN F 133 18.53 62.98 26.93
C ASN F 133 18.69 62.30 28.27
N GLY F 134 19.43 61.18 28.28
CA GLY F 134 19.70 60.50 29.50
C GLY F 134 20.73 61.34 30.23
N VAL F 135 21.11 60.93 31.43
CA VAL F 135 22.10 61.69 32.18
C VAL F 135 23.38 60.87 32.31
N PHE F 136 24.42 61.24 31.55
CA PHE F 136 25.69 60.51 31.57
C PHE F 136 26.76 61.34 32.22
N ILE F 137 27.77 60.68 32.77
CA ILE F 137 28.89 61.40 33.38
C ILE F 137 30.12 61.02 32.58
N SER F 138 30.82 62.00 31.98
CA SER F 138 32.01 61.71 31.15
C SER F 138 33.17 61.19 31.98
N THR F 139 34.09 60.46 31.41
CA THR F 139 35.21 59.95 32.19
C THR F 139 35.91 61.02 33.02
N VAL F 140 36.43 62.07 32.36
CA VAL F 140 37.11 63.11 33.11
C VAL F 140 36.26 63.66 34.25
N GLN F 141 34.93 63.53 34.14
CA GLN F 141 34.05 63.99 35.21
C GLN F 141 33.99 62.94 36.29
N ILE F 142 33.83 61.67 35.89
CA ILE F 142 33.80 60.54 36.81
C ILE F 142 35.09 60.64 37.61
N MET F 143 36.01 61.49 37.18
CA MET F 143 37.25 61.68 37.90
C MET F 143 37.09 62.70 39.01
N ASN F 144 36.44 63.83 38.72
CA ASN F 144 36.25 64.85 39.74
C ASN F 144 35.23 64.45 40.79
N LEU F 145 34.03 64.05 40.35
CA LEU F 145 33.01 63.64 41.30
C LEU F 145 33.68 62.67 42.25
N GLN F 146 34.76 62.05 41.78
CA GLN F 146 35.53 61.10 42.59
C GLN F 146 36.49 61.88 43.49
N ARG F 147 37.50 62.52 42.91
CA ARG F 147 38.44 63.27 43.74
C ARG F 147 37.83 64.44 44.50
N THR F 148 36.60 64.82 44.21
CA THR F 148 35.97 65.91 44.97
C THR F 148 35.43 65.26 46.22
N ILE F 149 34.58 64.26 46.02
CA ILE F 149 34.00 63.51 47.13
C ILE F 149 35.13 62.99 48.00
N ALA F 150 36.30 62.80 47.40
CA ALA F 150 37.45 62.33 48.18
C ALA F 150 38.06 63.51 48.96
N ALA F 151 38.36 64.62 48.28
CA ALA F 151 38.94 65.77 48.96
C ALA F 151 38.01 66.25 50.05
N ARG F 152 36.74 66.47 49.74
CA ARG F 152 35.75 66.93 50.73
C ARG F 152 35.62 65.90 51.84
N MET F 153 35.65 64.62 51.46
CA MET F 153 35.53 63.56 52.46
C MET F 153 36.62 63.67 53.51
N ARG F 154 37.82 64.04 53.13
CA ARG F 154 38.85 64.25 54.12
C ARG F 154 38.42 65.40 55.00
N ASP F 155 38.24 66.57 54.38
CA ASP F 155 37.79 67.78 55.08
C ASP F 155 36.82 67.46 56.21
N VAL F 156 35.68 66.86 55.86
CA VAL F 156 34.68 66.54 56.86
C VAL F 156 35.12 65.44 57.81
N ALA F 157 35.68 64.36 57.27
CA ALA F 157 36.15 63.26 58.10
C ALA F 157 36.88 63.79 59.32
N LEU F 158 37.56 64.90 59.17
CA LEU F 158 38.31 65.47 60.28
C LEU F 158 37.37 66.14 61.29
N TRP F 159 36.67 67.19 60.86
CA TRP F 159 35.74 67.90 61.72
C TRP F 159 34.80 66.90 62.38
N GLN F 160 34.15 66.11 61.52
CA GLN F 160 33.22 65.08 61.88
C GLN F 160 33.79 64.23 63.01
N LYS F 161 35.11 64.19 63.15
CA LYS F 161 35.70 63.42 64.23
C LYS F 161 35.64 64.21 65.56
N HIS F 162 35.85 65.53 65.48
CA HIS F 162 35.78 66.43 66.65
C HIS F 162 34.35 66.52 67.18
N LEU F 163 33.41 66.67 66.24
CA LEU F 163 32.00 66.77 66.60
C LEU F 163 31.64 65.57 67.43
N ASP F 164 32.21 64.44 67.04
CA ASP F 164 31.94 63.20 67.72
C ASP F 164 32.50 63.05 69.15
N THR F 165 33.81 63.21 69.31
CA THR F 165 34.39 63.08 70.65
C THR F 165 33.59 63.92 71.64
N ALA F 166 32.82 64.86 71.13
CA ALA F 166 32.00 65.74 71.97
C ALA F 166 30.57 65.24 72.04
N MET F 167 30.06 64.75 70.92
CA MET F 167 28.69 64.24 70.89
C MET F 167 28.54 62.96 71.70
N THR F 168 29.18 61.88 71.25
CA THR F 168 29.12 60.62 71.98
C THR F 168 29.61 60.84 73.39
N MET F 169 30.30 61.95 73.64
CA MET F 169 30.80 62.22 74.98
C MET F 169 29.66 62.61 75.92
N LEU F 170 28.47 62.10 75.62
CA LEU F 170 27.28 62.29 76.43
C LEU F 170 26.12 61.51 75.80
N THR F 171 26.45 60.26 75.46
CA THR F 171 25.53 59.30 74.85
C THR F 171 24.21 59.87 74.42
N PRO F 172 24.17 60.53 73.26
CA PRO F 172 22.90 61.09 72.82
C PRO F 172 21.96 60.00 72.28
N ASP F 173 22.18 58.75 72.67
CA ASP F 173 21.30 57.69 72.19
C ASP F 173 20.79 56.67 73.19
N ILE F 174 19.48 56.73 73.43
CA ILE F 174 18.81 55.80 74.34
C ILE F 174 17.96 54.89 73.45
N SER F 175 17.43 53.79 74.00
CA SER F 175 16.63 52.88 73.17
C SER F 175 15.28 52.43 73.75
N ALA F 176 14.76 53.18 74.72
CA ALA F 176 13.49 52.87 75.34
C ALA F 176 12.94 54.14 76.02
N GLY F 177 11.78 54.61 75.57
CA GLY F 177 11.22 55.83 76.16
C GLY F 177 12.17 56.98 75.90
N SER F 178 11.97 58.12 76.56
CA SER F 178 12.84 59.27 76.35
C SER F 178 13.74 59.51 77.55
N ALA F 179 14.18 60.77 77.71
CA ALA F 179 15.06 61.20 78.80
C ALA F 179 15.81 62.46 78.39
N SER F 180 15.51 63.57 79.04
CA SER F 180 16.17 64.85 78.74
C SER F 180 17.36 65.14 79.67
N CYS F 181 17.91 66.34 79.55
CA CYS F 181 19.05 66.77 80.36
C CYS F 181 19.24 68.26 80.13
N ASN F 182 18.52 69.08 80.91
CA ASN F 182 18.56 70.54 80.76
C ASN F 182 19.83 71.08 80.09
N TRP F 183 19.63 71.54 78.85
CA TRP F 183 20.67 72.08 77.97
C TRP F 183 21.76 72.96 78.58
N LYS F 184 21.39 73.95 79.38
CA LYS F 184 22.40 74.82 80.02
C LYS F 184 23.51 73.95 80.61
N SER F 185 23.16 73.15 81.62
CA SER F 185 24.11 72.27 82.29
C SER F 185 24.96 71.54 81.27
N LEU F 186 24.29 70.74 80.44
CA LEU F 186 24.94 69.97 79.39
C LEU F 186 26.08 70.75 78.72
N LEU F 187 25.74 71.92 78.17
CA LEU F 187 26.72 72.76 77.52
C LEU F 187 27.81 73.17 78.50
N ALA F 188 27.47 73.91 79.53
CA ALA F 188 28.41 74.37 80.55
C ALA F 188 29.29 73.23 81.07
N PHE F 189 28.84 72.00 80.85
CA PHE F 189 29.58 70.80 81.25
C PHE F 189 30.65 70.45 80.20
N ALA F 190 30.21 70.25 78.96
CA ALA F 190 31.15 69.91 77.90
C ALA F 190 32.15 71.06 77.72
N LYS F 191 31.75 72.26 78.16
CA LYS F 191 32.65 73.41 78.11
C LYS F 191 33.92 73.04 78.84
N ASP F 192 33.79 72.07 79.75
CA ASP F 192 34.89 71.55 80.55
C ASP F 192 35.52 70.37 79.82
N ILE F 193 35.00 69.19 80.09
CA ILE F 193 35.53 67.95 79.53
C ILE F 193 36.28 68.13 78.20
N LEU F 194 35.61 68.49 77.12
CA LEU F 194 36.27 68.64 75.82
C LEU F 194 37.73 69.20 75.91
N PRO F 195 38.78 68.38 75.53
CA PRO F 195 40.18 68.79 75.57
C PRO F 195 40.45 69.99 74.63
N LEU F 196 41.29 70.90 75.08
CA LEU F 196 41.63 72.15 74.35
C LEU F 196 41.97 72.07 72.83
N ASP F 197 41.99 70.87 72.22
CA ASP F 197 42.32 70.75 70.80
C ASP F 197 41.21 70.12 69.97
N ASN F 198 40.01 70.23 70.47
CA ASN F 198 38.89 69.70 69.71
C ASN F 198 38.69 70.61 68.47
N LEU F 199 37.47 71.02 68.14
CA LEU F 199 37.11 71.98 67.08
C LEU F 199 35.68 72.40 67.39
N CYS F 200 35.09 71.82 68.48
CA CYS F 200 33.71 72.10 68.96
C CYS F 200 33.71 73.24 69.99
N LEU F 201 34.91 73.72 70.28
CA LEU F 201 35.12 74.85 71.17
C LEU F 201 35.47 76.06 70.33
N THR F 202 36.07 75.85 69.14
CA THR F 202 36.39 76.99 68.27
C THR F 202 35.17 77.42 67.41
N TYR F 203 34.11 76.54 67.20
CA TYR F 203 32.90 76.82 66.36
C TYR F 203 31.51 76.36 66.96
N PRO F 204 31.32 76.28 68.30
CA PRO F 204 30.08 75.83 69.04
C PRO F 204 28.78 75.73 68.21
N ASN F 205 28.34 76.89 67.69
CA ASN F 205 27.17 76.91 66.87
C ASN F 205 27.58 77.15 65.42
N GLU F 206 28.49 76.23 64.98
CA GLU F 206 28.97 76.13 63.60
C GLU F 206 29.14 74.63 63.40
N PHE F 207 29.22 73.96 64.57
CA PHE F 207 29.30 72.50 64.73
C PHE F 207 27.91 72.09 65.16
N TYR F 208 27.33 72.91 66.02
CA TYR F 208 25.98 72.65 66.53
C TYR F 208 24.99 72.48 65.35
N ASN F 209 25.07 73.36 64.34
CA ASN F 209 24.21 73.33 63.15
C ASN F 209 24.48 72.11 62.32
N VAL F 210 25.71 71.62 62.33
CA VAL F 210 26.02 70.40 61.61
C VAL F 210 25.39 69.29 62.43
N ALA F 211 25.66 69.33 63.74
CA ALA F 211 25.18 68.34 64.71
C ALA F 211 23.67 68.15 64.69
N ILE F 212 22.91 69.22 64.86
CA ILE F 212 21.44 69.14 64.84
C ILE F 212 20.91 68.21 63.75
N HIS F 213 21.66 68.08 62.64
CA HIS F 213 21.25 67.22 61.54
C HIS F 213 21.72 65.78 61.68
N ARG F 214 22.43 65.46 62.74
CA ARG F 214 22.88 64.10 62.88
C ARG F 214 22.36 63.47 64.16
N TYR F 215 21.98 64.30 65.12
CA TYR F 215 21.50 63.79 66.40
C TYR F 215 20.09 64.25 66.70
N PRO F 216 19.09 63.40 66.42
CA PRO F 216 17.74 63.85 66.72
C PRO F 216 17.54 63.97 68.23
N ALA F 217 18.65 64.01 68.97
CA ALA F 217 18.56 64.19 70.41
C ALA F 217 18.53 65.70 70.63
N LEU F 218 19.50 66.43 70.03
CA LEU F 218 19.60 67.90 70.14
C LEU F 218 18.52 68.54 69.29
N LYS F 219 17.47 69.09 69.89
CA LYS F 219 16.41 69.76 69.14
C LYS F 219 16.65 71.23 69.36
N PRO F 220 16.97 72.02 68.32
CA PRO F 220 17.24 73.43 68.50
C PRO F 220 15.97 74.19 68.84
N GLY F 221 16.08 75.20 69.69
CA GLY F 221 14.93 75.97 70.08
C GLY F 221 14.48 76.87 68.95
N ASN F 222 13.23 76.72 68.54
CA ASN F 222 12.71 77.54 67.45
C ASN F 222 12.83 79.04 67.72
N PRO F 223 13.34 79.82 66.74
CA PRO F 223 13.44 81.29 66.92
C PRO F 223 12.13 82.06 67.27
N ASP F 224 10.99 81.90 66.55
CA ASP F 224 9.76 82.70 66.85
C ASP F 224 8.62 81.99 67.65
N THR F 225 8.99 81.52 68.88
CA THR F 225 8.17 80.88 69.94
C THR F 225 9.14 80.42 71.07
N LYS F 226 10.44 80.64 70.83
CA LYS F 226 11.60 80.31 71.69
C LYS F 226 11.47 79.02 72.59
N LEU F 227 10.89 77.93 72.00
CA LEU F 227 10.58 76.57 72.62
C LEU F 227 11.07 75.44 71.67
N PRO F 228 11.31 74.18 72.16
CA PRO F 228 11.75 73.09 71.25
C PRO F 228 10.80 72.84 70.02
N ASP F 229 10.44 71.56 69.76
CA ASP F 229 9.62 71.16 68.57
C ASP F 229 8.95 69.78 68.77
N ALA F 230 9.21 69.09 69.87
CA ALA F 230 8.65 67.75 70.08
C ALA F 230 9.35 66.82 69.12
N GLN F 231 8.96 66.90 67.84
CA GLN F 231 9.62 66.12 66.81
C GLN F 231 11.05 66.66 66.65
N ALA F 232 11.94 65.80 66.25
CA ALA F 232 13.31 66.23 65.96
C ALA F 232 13.50 65.96 64.46
N HIS F 233 14.00 66.98 63.71
CA HIS F 233 14.17 66.83 62.26
C HIS F 233 15.61 66.73 61.79
N PRO F 234 16.29 65.60 62.03
CA PRO F 234 17.67 65.47 61.55
C PRO F 234 17.64 65.01 60.09
N LEU F 235 18.57 65.48 59.27
CA LEU F 235 18.60 65.11 57.85
C LEU F 235 18.40 63.61 57.57
N GLY F 236 18.81 62.76 58.51
CA GLY F 236 18.64 61.32 58.33
C GLY F 236 17.27 60.85 58.79
N GLU F 237 16.30 61.76 58.67
CA GLU F 237 14.90 61.54 59.07
C GLU F 237 14.40 60.11 59.06
N VAL F 238 14.43 59.47 57.89
CA VAL F 238 13.95 58.10 57.75
C VAL F 238 14.88 57.06 58.34
N ALA F 239 16.13 57.04 57.86
CA ALA F 239 17.13 56.09 58.36
C ALA F 239 17.14 56.05 59.89
N GLY F 240 17.19 57.22 60.52
CA GLY F 240 17.19 57.27 61.97
C GLY F 240 15.90 56.78 62.60
N ALA F 241 14.81 56.83 61.83
CA ALA F 241 13.52 56.36 62.34
C ALA F 241 13.53 54.84 62.33
N PHE F 242 14.09 54.28 61.26
CA PHE F 242 14.17 52.83 61.10
C PHE F 242 15.35 52.14 61.77
N ASN F 243 15.93 52.75 62.79
CA ASN F 243 17.02 52.10 63.49
C ASN F 243 16.70 52.06 64.95
N ALA F 244 15.77 52.93 65.35
CA ALA F 244 15.34 52.98 66.74
C ALA F 244 14.99 51.54 67.08
N ALA F 245 15.30 51.13 68.30
CA ALA F 245 14.96 49.78 68.72
C ALA F 245 13.44 49.73 68.96
N THR F 246 12.67 49.45 67.91
CA THR F 246 11.21 49.40 68.03
C THR F 246 10.80 48.31 69.02
N SER F 247 10.07 48.72 70.06
CA SER F 247 9.66 47.79 71.11
C SER F 247 8.88 46.53 70.70
N GLU F 248 8.27 46.54 69.51
CA GLU F 248 7.51 45.38 69.03
C GLU F 248 8.46 44.26 68.69
N VAL F 249 9.52 44.63 67.99
CA VAL F 249 10.52 43.67 67.57
C VAL F 249 11.91 44.31 67.65
N GLY F 250 12.77 43.76 68.50
CA GLY F 250 14.12 44.30 68.68
C GLY F 250 14.51 45.52 67.85
N SER F 251 15.05 45.28 66.66
CA SER F 251 15.47 46.34 65.76
C SER F 251 15.48 45.83 64.32
N LEU F 252 14.65 46.42 63.49
CA LEU F 252 14.59 46.00 62.10
C LEU F 252 15.99 45.97 61.45
N VAL F 253 16.80 47.00 61.64
CA VAL F 253 18.16 47.02 61.06
C VAL F 253 19.01 45.87 61.57
N GLY F 254 18.75 45.44 62.80
CA GLY F 254 19.51 44.32 63.35
C GLY F 254 18.99 43.02 62.76
N SER F 255 17.85 42.57 63.29
CA SER F 255 17.20 41.33 62.85
C SER F 255 17.23 41.12 61.33
N SER F 256 17.25 42.21 60.57
CA SER F 256 17.26 42.10 59.12
C SER F 256 18.61 41.55 58.67
N SER F 257 19.67 42.19 59.15
CA SER F 257 21.03 41.79 58.77
C SER F 257 21.42 40.42 59.33
N THR F 258 21.22 40.21 60.63
CA THR F 258 21.55 38.92 61.22
C THR F 258 21.01 37.76 60.35
N LEU F 259 20.02 38.07 59.51
CA LEU F 259 19.43 37.09 58.61
C LEU F 259 20.16 37.07 57.29
N SER F 260 20.22 38.20 56.60
CA SER F 260 20.91 38.25 55.33
C SER F 260 22.34 37.78 55.54
N GLN F 261 22.89 38.05 56.72
CA GLN F 261 24.23 37.61 57.05
C GLN F 261 24.27 36.08 57.01
N ALA F 262 23.42 35.45 57.80
CA ALA F 262 23.35 33.98 57.81
C ALA F 262 23.09 33.43 56.40
N ILE F 263 22.21 34.08 55.64
CA ILE F 263 21.89 33.61 54.29
C ILE F 263 23.14 33.60 53.43
N SER F 264 23.98 34.60 53.63
CA SER F 264 25.23 34.67 52.87
C SER F 264 25.98 33.35 53.11
N THR F 265 26.37 33.09 54.35
CA THR F 265 27.09 31.87 54.70
C THR F 265 26.42 30.63 54.11
N MET F 266 25.13 30.42 54.44
CA MET F 266 24.40 29.26 53.97
C MET F 266 24.64 28.98 52.49
N ALA F 267 24.71 30.02 51.68
CA ALA F 267 24.94 29.77 50.25
C ALA F 267 26.42 29.72 49.88
N GLY F 268 27.17 30.56 50.57
CA GLY F 268 28.57 30.70 50.42
C GLY F 268 29.35 29.43 50.72
N LYS F 269 29.93 29.31 51.91
CA LYS F 269 30.81 28.15 52.17
C LYS F 269 30.33 26.85 51.45
N ASP F 270 29.01 26.64 51.47
CA ASP F 270 28.28 25.46 50.92
C ASP F 270 27.82 24.62 52.07
N LEU F 271 27.15 25.29 53.02
CA LEU F 271 26.63 24.54 54.12
C LEU F 271 25.61 23.59 53.58
N ASP F 272 24.85 24.05 52.59
CA ASP F 272 23.94 23.18 51.93
C ASP F 272 24.81 22.02 51.45
N LEU F 273 24.27 20.82 51.35
CA LEU F 273 25.11 19.70 50.88
C LEU F 273 26.15 19.28 51.94
N ILE F 274 25.88 19.62 53.19
CA ILE F 274 26.81 19.34 54.29
C ILE F 274 27.05 17.86 54.61
N GLU F 275 26.08 17.00 54.33
CA GLU F 275 26.26 15.59 54.59
C GLU F 275 25.99 14.80 53.30
N ALA F 276 26.35 15.43 52.18
CA ALA F 276 26.19 14.83 50.86
C ALA F 276 26.95 13.51 50.81
N ASP F 277 26.33 12.49 50.23
CA ASP F 277 26.99 11.20 50.15
C ASP F 277 27.61 10.96 48.79
N THR F 278 28.75 11.59 48.52
CA THR F 278 29.45 11.45 47.23
C THR F 278 30.70 12.34 47.15
N PRO F 279 31.78 11.80 46.53
CA PRO F 279 33.06 12.50 46.36
C PRO F 279 32.94 14.01 46.14
N LEU F 280 33.66 14.78 46.96
CA LEU F 280 33.69 16.24 46.87
C LEU F 280 35.10 16.78 46.97
N PRO F 281 35.56 17.53 45.96
CA PRO F 281 36.92 18.10 45.96
C PRO F 281 37.18 18.85 47.28
N VAL F 282 38.36 18.68 47.86
CA VAL F 282 38.67 19.37 49.12
C VAL F 282 38.41 20.86 48.97
N SER F 283 38.64 21.38 47.77
CA SER F 283 38.45 22.81 47.47
C SER F 283 37.05 23.26 47.92
N VAL F 284 36.06 22.41 47.70
CA VAL F 284 34.65 22.65 48.06
C VAL F 284 34.53 22.94 49.55
N PHE F 285 35.61 22.73 50.30
CA PHE F 285 35.62 22.97 51.75
C PHE F 285 36.48 24.17 52.13
N THR F 286 36.96 24.93 51.15
CA THR F 286 37.80 26.11 51.39
C THR F 286 38.65 26.03 52.68
N PRO F 287 39.44 24.96 52.83
CA PRO F 287 40.29 24.80 54.03
C PRO F 287 41.42 25.82 54.00
N SER F 288 41.46 26.69 55.01
CA SER F 288 42.48 27.73 55.07
C SER F 288 42.92 27.95 56.51
N LEU F 289 44.10 28.57 56.66
CA LEU F 289 44.62 28.86 58.00
C LEU F 289 44.41 27.63 58.90
N ALA F 290 44.81 26.44 58.38
CA ALA F 290 44.52 25.20 59.10
C ALA F 290 45.69 24.33 59.56
N PRO F 291 46.43 24.76 60.61
CA PRO F 291 47.53 23.97 61.09
C PRO F 291 47.36 23.45 62.53
N ARG F 292 46.78 22.28 62.72
CA ARG F 292 46.52 21.74 64.07
C ARG F 292 47.74 21.09 64.74
N SER F 293 47.84 21.25 66.06
CA SER F 293 48.96 20.68 66.82
C SER F 293 48.51 19.60 67.81
N TYR F 294 49.41 18.65 68.08
CA TYR F 294 49.12 17.56 69.02
C TYR F 294 50.07 17.38 70.18
N ARG F 295 50.16 16.05 70.50
CA ARG F 295 50.97 15.39 71.57
C ARG F 295 51.08 13.86 71.35
N PRO F 296 51.71 13.35 70.22
CA PRO F 296 51.88 11.90 69.95
C PRO F 296 52.63 11.17 71.05
N ALA F 297 53.00 9.92 70.81
CA ALA F 297 53.65 9.18 71.90
C ALA F 297 52.61 9.04 73.01
N PHE F 298 51.38 9.40 72.62
CA PHE F 298 50.23 9.30 73.49
C PHE F 298 49.05 8.84 72.63
N ILE F 299 48.91 9.41 71.43
CA ILE F 299 47.82 9.02 70.52
C ILE F 299 47.89 7.53 70.19
N LYS F 300 46.88 6.75 70.56
CA LYS F 300 46.91 5.34 70.23
C LYS F 300 46.92 5.16 68.71
N PRO F 301 47.64 4.15 68.21
CA PRO F 301 47.73 3.91 66.77
C PRO F 301 46.37 3.71 66.10
N GLU F 302 45.45 3.02 66.77
CA GLU F 302 44.13 2.79 66.17
C GLU F 302 43.22 4.02 66.25
N ASP F 303 43.57 4.98 67.11
CA ASP F 303 42.77 6.19 67.26
C ASP F 303 43.08 7.23 66.17
N ALA F 304 44.07 6.93 65.32
CA ALA F 304 44.46 7.84 64.24
C ALA F 304 45.50 7.22 63.31
N LYS F 305 45.05 6.60 62.25
CA LYS F 305 45.89 5.90 61.27
C LYS F 305 47.28 6.49 60.98
N TRP F 306 47.41 7.81 60.98
CA TRP F 306 48.70 8.44 60.66
C TRP F 306 49.75 8.31 61.76
N ILE F 307 49.72 7.27 62.55
CA ILE F 307 50.69 7.15 63.62
C ILE F 307 50.81 5.73 64.17
N ALA F 308 51.79 4.99 63.66
CA ALA F 308 52.03 3.60 64.07
C ALA F 308 53.07 3.48 65.16
N GLU F 309 53.07 2.36 65.89
CA GLU F 309 54.04 2.19 66.96
C GLU F 309 54.88 0.91 66.92
N PHE F 310 56.12 1.02 67.39
CA PHE F 310 57.07 -0.10 67.43
C PHE F 310 56.82 -1.00 68.65
N ASN F 311 55.65 -1.63 68.74
CA ASN F 311 55.40 -2.51 69.90
C ASN F 311 56.20 -3.81 69.81
N ASN F 312 57.44 -3.76 70.32
CA ASN F 312 58.35 -4.91 70.31
C ASN F 312 58.85 -5.26 71.71
N SER F 313 59.18 -6.53 71.93
CA SER F 313 59.65 -7.00 73.23
C SER F 313 60.77 -6.17 73.87
N SER F 314 62.00 -6.40 73.44
CA SER F 314 63.17 -5.70 73.98
C SER F 314 63.37 -4.31 73.35
N LEU F 315 64.59 -3.78 73.48
CA LEU F 315 64.94 -2.49 72.89
C LEU F 315 65.47 -2.71 71.50
N ILE F 316 65.49 -1.66 70.68
CA ILE F 316 65.99 -1.82 69.32
C ILE F 316 67.08 -0.82 69.01
N ARG F 317 68.17 -0.83 69.79
CA ARG F 317 69.26 0.12 69.56
C ARG F 317 69.90 -0.03 68.17
N LYS F 318 69.82 1.04 67.39
CA LYS F 318 70.39 1.07 66.05
C LYS F 318 71.49 2.13 66.10
N THR F 319 72.25 2.29 65.01
CA THR F 319 73.30 3.30 64.97
C THR F 319 73.21 4.10 63.68
N LEU F 320 73.95 5.20 63.59
CA LEU F 320 73.94 6.05 62.41
C LEU F 320 74.99 7.16 62.53
N THR F 321 75.85 7.27 61.52
CA THR F 321 76.86 8.32 61.55
C THR F 321 76.22 9.64 61.14
N TYR F 322 76.00 10.50 62.13
CA TYR F 322 75.40 11.81 61.88
C TYR F 322 76.42 12.90 62.20
N SER F 323 76.93 13.56 61.18
CA SER F 323 77.91 14.63 61.36
C SER F 323 79.18 14.01 61.95
N GLY F 324 79.60 12.89 61.38
CA GLY F 324 80.79 12.20 61.86
C GLY F 324 80.42 11.33 63.04
N ALA F 325 80.21 11.95 64.20
CA ALA F 325 79.84 11.26 65.42
C ALA F 325 78.77 10.17 65.22
N THR F 326 78.95 9.03 65.88
CA THR F 326 77.99 7.93 65.77
C THR F 326 77.03 7.91 66.95
N TYR F 327 75.75 8.03 66.66
CA TYR F 327 74.73 8.03 67.71
C TYR F 327 73.86 6.78 67.62
N THR F 328 73.12 6.51 68.70
CA THR F 328 72.26 5.34 68.73
C THR F 328 70.80 5.73 68.97
N VAL F 329 69.97 5.52 67.95
CA VAL F 329 68.54 5.76 68.13
C VAL F 329 68.06 4.62 69.04
N GLN F 330 67.13 4.89 69.97
CA GLN F 330 66.81 3.84 70.97
C GLN F 330 65.58 2.99 70.71
N LEU F 331 64.38 3.58 70.62
CA LEU F 331 63.12 2.82 70.45
C LEU F 331 62.92 2.03 71.75
N GLY F 332 63.30 2.64 72.88
CA GLY F 332 63.28 2.10 74.25
C GLY F 332 62.12 1.16 74.65
N PRO F 333 62.12 0.77 75.93
CA PRO F 333 61.19 -0.15 76.64
C PRO F 333 59.72 -0.12 76.23
N GLY F 334 59.14 1.08 76.18
CA GLY F 334 57.74 1.20 75.81
C GLY F 334 57.49 1.04 74.30
N PRO F 335 56.25 1.25 73.85
CA PRO F 335 55.95 1.06 72.40
C PRO F 335 56.46 2.15 71.44
N THR F 336 56.81 3.33 71.94
CA THR F 336 57.35 4.45 71.11
C THR F 336 56.49 4.69 69.85
N ARG F 337 55.37 5.39 70.01
CA ARG F 337 54.49 5.71 68.88
C ARG F 337 55.22 6.71 67.99
N VAL F 338 55.33 6.39 66.69
CA VAL F 338 56.01 7.27 65.73
C VAL F 338 55.07 7.72 64.63
N ILE F 339 55.25 8.95 64.15
CA ILE F 339 54.43 9.49 63.06
C ILE F 339 54.70 8.64 61.83
N ASP F 340 53.67 8.05 61.26
CA ASP F 340 53.90 7.27 60.03
C ASP F 340 54.13 8.27 58.91
N MET F 341 54.89 7.92 57.87
CA MET F 341 55.15 8.85 56.78
C MET F 341 54.14 8.71 55.67
N ASN F 342 53.77 7.49 55.37
CA ASN F 342 52.71 7.40 54.42
C ASN F 342 51.48 7.86 55.21
N ALA F 343 50.45 8.36 54.50
CA ALA F 343 49.31 8.91 55.21
C ALA F 343 49.88 10.04 56.03
N MET F 344 50.41 11.05 55.35
CA MET F 344 51.00 12.21 56.01
C MET F 344 51.09 13.45 55.11
N ILE F 345 50.09 13.72 54.26
CA ILE F 345 50.00 14.90 53.36
C ILE F 345 51.22 15.84 53.47
N ASP F 346 52.12 15.80 52.50
CA ASP F 346 53.33 16.62 52.53
C ASP F 346 53.11 17.94 53.30
N SER F 347 53.45 17.90 54.58
CA SER F 347 53.27 19.05 55.46
C SER F 347 54.55 19.69 55.92
N VAL F 348 54.39 20.41 57.00
CA VAL F 348 55.50 21.03 57.68
C VAL F 348 55.38 20.58 59.13
N LEU F 349 55.94 19.43 59.41
CA LEU F 349 55.96 18.89 60.76
C LEU F 349 56.93 19.69 61.61
N THR F 350 56.47 20.25 62.72
CA THR F 350 57.36 20.99 63.58
C THR F 350 57.15 20.53 65.02
N LEU F 351 57.93 19.54 65.42
CA LEU F 351 57.84 18.98 66.76
C LEU F 351 58.52 19.85 67.80
N ASP F 352 57.72 20.49 68.65
CA ASP F 352 58.30 21.32 69.70
C ASP F 352 58.54 20.46 70.92
N VAL F 353 59.71 20.63 71.53
CA VAL F 353 60.06 19.87 72.72
C VAL F 353 60.41 20.85 73.82
N SER F 354 59.42 21.29 74.58
CA SER F 354 59.70 22.25 75.65
C SER F 354 58.88 22.10 76.91
N GLY F 355 59.51 22.36 78.05
CA GLY F 355 58.84 22.25 79.33
C GLY F 355 58.66 20.80 79.70
N THR F 356 58.88 19.92 78.73
CA THR F 356 58.77 18.49 78.95
C THR F 356 60.01 18.03 79.72
N ILE F 357 59.84 17.03 80.60
CA ILE F 357 60.92 16.54 81.42
C ILE F 357 62.11 16.08 80.57
N LEU F 358 63.30 16.13 81.19
CA LEU F 358 64.56 15.74 80.57
C LEU F 358 65.43 15.24 81.71
N PRO F 359 65.22 13.98 82.13
CA PRO F 359 65.93 13.31 83.23
C PRO F 359 67.40 12.93 83.04
N TYR F 360 68.21 13.87 82.56
CA TYR F 360 69.64 13.59 82.38
C TYR F 360 70.30 13.46 83.75
N ASP F 361 69.53 13.79 84.78
CA ASP F 361 69.99 13.74 86.17
C ASP F 361 70.22 12.29 86.61
N THR F 362 69.24 11.43 86.34
CA THR F 362 69.35 10.03 86.70
C THR F 362 70.23 9.31 85.68
N ASN F 363 69.63 8.75 84.63
CA ASN F 363 70.42 8.07 83.61
C ASN F 363 71.29 9.12 82.92
N PRO F 364 72.59 9.16 83.28
CA PRO F 364 73.54 10.11 82.70
C PRO F 364 73.66 9.87 81.20
N ASP F 365 73.18 8.69 80.81
CA ASP F 365 73.18 8.24 79.43
C ASP F 365 72.42 9.23 78.55
N LEU F 366 71.31 9.74 79.08
CA LEU F 366 70.48 10.68 78.36
C LEU F 366 71.20 11.97 78.02
N SER F 367 71.90 12.54 79.01
CA SER F 367 72.64 13.78 78.74
C SER F 367 73.69 13.47 77.67
N THR F 368 74.15 14.51 76.99
CA THR F 368 75.16 14.37 75.93
C THR F 368 74.51 14.05 74.57
N SER F 369 73.30 13.52 74.59
CA SER F 369 72.61 13.17 73.33
C SER F 369 71.79 14.31 72.76
N VAL F 370 72.12 14.74 71.56
CA VAL F 370 71.40 15.82 70.91
C VAL F 370 70.04 15.33 70.46
N PRO F 371 68.95 15.88 71.02
CA PRO F 371 67.59 15.48 70.64
C PRO F 371 67.39 15.83 69.17
N ALA F 372 66.72 14.98 68.41
CA ALA F 372 66.53 15.26 66.98
C ALA F 372 65.44 14.44 66.31
N PHE F 373 64.66 15.12 65.47
CA PHE F 373 63.60 14.44 64.73
C PHE F 373 64.30 13.62 63.61
N VAL F 374 64.03 12.32 63.58
CA VAL F 374 64.67 11.43 62.59
C VAL F 374 63.71 10.46 61.90
N LEU F 375 63.83 10.33 60.59
CA LEU F 375 62.99 9.39 59.85
C LEU F 375 63.60 7.99 60.04
N ILE F 376 62.78 6.95 59.90
CA ILE F 376 63.26 5.59 60.08
C ILE F 376 62.63 4.67 59.07
N GLN F 377 63.38 4.28 58.04
CA GLN F 377 62.86 3.37 57.04
C GLN F 377 63.09 1.95 57.52
N THR F 378 62.03 1.17 57.68
CA THR F 378 62.15 -0.22 58.13
C THR F 378 61.82 -1.17 56.98
N SER F 379 62.46 -2.34 56.97
CA SER F 379 62.20 -3.32 55.91
C SER F 379 60.81 -3.91 56.13
N VAL F 380 60.71 -4.80 57.10
CA VAL F 380 59.42 -5.39 57.43
C VAL F 380 58.56 -4.25 57.98
N PRO F 381 57.23 -4.29 57.73
CA PRO F 381 56.32 -3.23 58.22
C PRO F 381 56.46 -3.06 59.73
N ILE F 382 56.36 -1.84 60.22
CA ILE F 382 56.45 -1.60 61.66
C ILE F 382 55.36 -2.49 62.26
N GLN F 383 55.33 -2.64 63.59
CA GLN F 383 54.31 -3.49 64.20
C GLN F 383 54.56 -4.90 63.67
N GLN F 384 55.83 -5.18 63.44
CA GLN F 384 56.29 -6.46 62.92
C GLN F 384 57.81 -6.36 62.81
N VAL F 385 58.33 -5.19 63.17
CA VAL F 385 59.76 -4.91 63.15
C VAL F 385 60.32 -5.27 64.53
N THR F 386 60.96 -6.42 64.63
CA THR F 386 61.51 -6.90 65.90
C THR F 386 62.86 -6.33 66.32
N THR F 387 63.90 -6.58 65.55
CA THR F 387 65.23 -6.11 65.91
C THR F 387 66.05 -5.34 64.87
N ALA F 388 66.98 -4.52 65.37
CA ALA F 388 67.87 -3.67 64.58
C ALA F 388 68.10 -4.04 63.12
N ALA F 389 68.35 -5.31 62.83
CA ALA F 389 68.59 -5.73 61.44
C ALA F 389 67.37 -5.48 60.55
N ASN F 390 66.24 -5.20 61.18
CA ASN F 390 64.98 -4.93 60.50
C ASN F 390 64.89 -3.50 59.97
N ILE F 391 65.45 -2.57 60.73
CA ILE F 391 65.46 -1.14 60.36
C ILE F 391 66.42 -0.83 59.20
N THR F 392 65.89 -0.69 57.99
CA THR F 392 66.70 -0.38 56.80
C THR F 392 67.73 0.71 57.09
N ALA F 393 67.28 1.96 57.23
CA ALA F 393 68.19 3.07 57.51
C ALA F 393 67.52 4.10 58.42
N ILE F 394 68.30 5.07 58.87
CA ILE F 394 67.77 6.12 59.74
C ILE F 394 68.40 7.47 59.42
N THR F 395 67.58 8.41 58.94
CA THR F 395 68.06 9.73 58.58
C THR F 395 67.70 10.79 59.61
N VAL F 396 68.70 11.57 60.03
CA VAL F 396 68.47 12.64 61.00
C VAL F 396 67.98 13.84 60.19
N VAL F 397 66.67 13.91 59.97
CA VAL F 397 66.10 15.00 59.18
C VAL F 397 66.23 16.37 59.82
N SER F 398 66.60 16.43 61.10
CA SER F 398 66.75 17.71 61.78
C SER F 398 67.19 17.53 63.23
N ALA F 399 68.50 17.63 63.46
CA ALA F 399 69.01 17.47 64.82
C ALA F 399 69.08 18.82 65.54
N ALA F 400 69.29 18.77 66.85
CA ALA F 400 69.41 19.98 67.64
C ALA F 400 70.88 20.14 68.05
N GLY F 401 71.53 21.18 67.56
CA GLY F 401 72.92 21.38 67.93
C GLY F 401 73.03 21.54 69.44
N ALA F 402 74.03 20.90 70.03
CA ALA F 402 74.28 20.94 71.48
C ALA F 402 73.49 19.87 72.23
N SER F 403 74.26 19.04 72.96
CA SER F 403 73.74 17.88 73.71
C SER F 403 72.64 18.23 74.71
N ALA F 404 72.11 17.21 75.40
CA ALA F 404 71.06 17.33 76.41
C ALA F 404 71.65 17.61 77.81
N ILE F 405 72.10 18.88 77.99
CA ILE F 405 72.74 19.47 79.19
C ILE F 405 73.13 20.97 78.92
N ASN F 406 72.33 21.64 78.03
CA ASN F 406 72.44 23.06 77.56
C ASN F 406 71.04 23.48 77.07
N LEU F 407 70.28 22.43 76.75
CA LEU F 407 68.90 22.50 76.33
C LEU F 407 68.02 22.39 77.57
N ALA F 408 68.66 21.97 78.65
CA ALA F 408 67.99 21.82 79.94
C ALA F 408 67.83 23.18 80.61
N ILE F 409 67.22 23.17 81.79
CA ILE F 409 66.97 24.36 82.60
C ILE F 409 66.25 23.83 83.84
N ASN F 410 66.89 23.93 84.99
CA ASN F 410 66.30 23.43 86.22
C ASN F 410 65.08 24.24 86.69
N VAL F 411 63.92 23.58 86.84
CA VAL F 411 62.67 24.23 87.32
C VAL F 411 62.09 23.56 88.59
N ARG F 412 62.96 23.30 89.56
CA ARG F 412 62.62 22.64 90.82
C ARG F 412 63.01 21.15 90.71
N GLY F 413 64.32 20.84 90.71
CA GLY F 413 64.80 19.47 90.61
C GLY F 413 64.75 18.93 89.15
N GLN F 414 63.53 18.64 88.69
CA GLN F 414 63.15 18.12 87.34
C GLN F 414 63.56 19.06 86.21
N PRO F 415 64.73 18.87 85.66
CA PRO F 415 65.20 19.74 84.58
C PRO F 415 64.31 19.62 83.34
N ARG F 416 63.81 20.76 82.84
CA ARG F 416 62.93 20.77 81.67
C ARG F 416 63.69 21.05 80.40
N PHE F 417 62.96 21.14 79.29
CA PHE F 417 63.56 21.43 77.99
C PHE F 417 63.36 22.87 77.56
N ASN F 418 64.46 23.61 77.36
CA ASN F 418 64.38 24.99 76.90
C ASN F 418 63.64 24.92 75.58
N MET F 419 62.46 25.56 75.55
CA MET F 419 61.59 25.59 74.39
C MET F 419 62.31 25.73 73.04
N LEU F 420 62.40 24.66 72.28
CA LEU F 420 63.08 24.66 70.97
C LEU F 420 62.27 23.82 69.97
N HIS F 421 62.30 24.19 68.68
CA HIS F 421 61.51 23.45 67.68
C HIS F 421 62.28 22.70 66.61
N LEU F 422 62.31 21.39 66.74
CA LEU F 422 62.97 20.64 65.68
C LEU F 422 61.96 20.63 64.53
N GLN F 423 62.34 20.28 63.27
CA GLN F 423 61.29 20.37 62.25
C GLN F 423 61.66 19.96 60.84
N ALA F 424 61.00 18.90 60.35
CA ALA F 424 61.18 18.40 58.99
C ALA F 424 60.21 19.12 58.06
N THR F 425 60.21 18.69 56.80
CA THR F 425 59.31 19.26 55.80
C THR F 425 58.95 18.10 54.90
N PHE F 426 58.32 17.10 55.49
CA PHE F 426 57.91 15.91 54.75
C PHE F 426 57.21 16.23 53.43
N GLU F 427 57.53 15.45 52.38
CA GLU F 427 56.95 15.65 51.05
C GLU F 427 56.46 14.36 50.41
N ARG F 428 55.14 14.24 50.24
CA ARG F 428 54.51 13.06 49.63
C ARG F 428 55.46 12.08 48.92
N GLU F 429 56.11 12.56 47.85
CA GLU F 429 56.97 11.76 46.97
C GLU F 429 58.42 11.52 47.47
N THR F 430 58.96 12.32 48.38
CA THR F 430 60.33 12.01 48.84
C THR F 430 60.32 10.58 49.46
N ILE F 431 59.11 10.07 49.81
CA ILE F 431 58.88 8.71 50.31
C ILE F 431 58.22 7.82 49.22
N THR F 432 58.54 8.00 47.90
CA THR F 432 57.93 7.14 46.83
C THR F 432 58.46 5.71 46.94
N GLY F 433 57.63 4.69 46.67
CA GLY F 433 58.10 3.29 46.73
C GLY F 433 58.20 2.78 48.14
N ILE F 434 59.13 3.37 48.88
CA ILE F 434 59.39 3.10 50.31
C ILE F 434 58.12 2.75 51.10
N PRO F 435 57.74 1.45 51.12
CA PRO F 435 56.54 0.96 51.81
C PRO F 435 56.50 1.34 53.28
N TYR F 436 57.62 1.27 53.98
CA TYR F 436 57.64 1.60 55.39
C TYR F 436 58.68 2.62 55.80
N ILE F 437 58.21 3.69 56.43
CA ILE F 437 59.06 4.78 56.87
C ILE F 437 58.27 5.55 57.92
N TYR F 438 58.93 5.96 58.99
CA TYR F 438 58.25 6.66 60.07
C TYR F 438 59.05 7.85 60.59
N GLY F 439 58.34 8.92 60.92
CA GLY F 439 58.98 10.07 61.46
C GLY F 439 59.00 9.84 62.96
N LEU F 440 60.13 10.05 63.61
CA LEU F 440 60.25 9.82 65.05
C LEU F 440 61.08 10.93 65.65
N GLY F 441 60.53 11.65 66.63
CA GLY F 441 61.28 12.70 67.27
C GLY F 441 61.94 12.08 68.50
N THR F 442 63.03 11.35 68.29
CA THR F 442 63.72 10.66 69.38
C THR F 442 64.88 11.43 70.02
N PHE F 443 65.90 10.72 70.49
CA PHE F 443 66.97 11.42 71.19
C PHE F 443 68.36 11.38 70.56
N LEU F 444 68.76 10.28 69.94
CA LEU F 444 70.12 10.14 69.36
C LEU F 444 71.18 10.16 70.47
N ILE F 445 71.23 9.07 71.24
CA ILE F 445 72.19 8.94 72.33
C ILE F 445 73.57 8.66 71.79
N PRO F 446 74.60 9.39 72.27
CA PRO F 446 75.97 9.20 71.81
C PRO F 446 76.63 7.95 72.37
N SER F 447 75.92 7.24 73.25
CA SER F 447 76.47 6.03 73.86
C SER F 447 75.47 5.32 74.77
N PRO F 448 74.69 4.38 74.23
CA PRO F 448 73.70 3.64 75.03
C PRO F 448 74.31 2.91 76.24
N THR F 449 73.60 2.94 77.36
CA THR F 449 74.07 2.32 78.61
C THR F 449 72.96 1.59 79.36
N SER F 450 73.31 0.95 80.47
CA SER F 450 72.37 0.23 81.31
C SER F 450 71.36 1.19 81.93
N SER F 451 71.80 2.42 82.19
CA SER F 451 70.95 3.45 82.79
C SER F 451 69.74 3.73 81.90
N SER F 452 69.97 3.82 80.58
CA SER F 452 68.89 4.06 79.63
C SER F 452 68.37 2.73 79.13
N ASN F 453 67.94 1.89 80.06
CA ASN F 453 67.43 0.57 79.70
C ASN F 453 65.94 0.51 79.96
N PHE F 454 65.41 1.58 80.57
CA PHE F 454 63.99 1.67 80.87
C PHE F 454 63.53 3.10 80.62
N SER F 455 64.37 3.89 79.95
CA SER F 455 64.07 5.29 79.66
C SER F 455 63.18 5.50 78.43
N ASN F 456 63.66 5.08 77.26
CA ASN F 456 62.89 5.27 76.04
C ASN F 456 62.81 6.75 75.75
N PRO F 457 63.81 7.24 74.99
CA PRO F 457 64.02 8.67 74.62
C PRO F 457 63.10 9.30 73.58
N THR F 458 61.86 8.81 73.44
CA THR F 458 60.96 9.42 72.46
C THR F 458 60.61 10.85 72.89
N LEU F 459 61.01 11.85 72.13
CA LEU F 459 60.68 13.23 72.50
C LEU F 459 59.31 13.62 71.99
N MET F 460 58.55 12.62 71.53
CA MET F 460 57.21 12.83 71.02
C MET F 460 56.21 13.32 72.05
N ASP F 461 56.54 13.20 73.34
CA ASP F 461 55.65 13.69 74.38
C ASP F 461 55.51 15.21 74.21
N GLY F 462 56.35 15.79 73.34
CA GLY F 462 56.32 17.23 73.08
C GLY F 462 55.14 17.59 72.18
N LEU F 463 54.77 18.87 72.15
CA LEU F 463 53.64 19.35 71.34
C LEU F 463 53.98 19.56 69.87
N LEU F 464 53.81 18.51 69.07
CA LEU F 464 54.08 18.53 67.63
C LEU F 464 53.00 19.30 66.88
N THR F 465 53.40 20.10 65.89
CA THR F 465 52.41 20.87 65.12
C THR F 465 52.54 20.73 63.60
N VAL F 466 51.78 19.78 63.04
CA VAL F 466 51.77 19.54 61.60
C VAL F 466 50.93 20.62 60.92
N THR F 467 51.43 21.14 59.79
CA THR F 467 50.73 22.15 59.03
C THR F 467 50.71 21.78 57.56
N PRO F 468 49.57 21.24 57.06
CA PRO F 468 49.43 20.81 55.68
C PRO F 468 49.92 21.88 54.72
N VAL F 469 50.98 21.60 53.98
CA VAL F 469 51.50 22.59 53.05
C VAL F 469 51.21 22.22 51.62
N LEU F 470 49.93 22.19 51.29
CA LEU F 470 49.45 21.75 49.97
C LEU F 470 48.01 21.33 50.16
N LEU F 471 47.14 22.32 50.36
CA LEU F 471 45.69 22.10 50.58
C LEU F 471 44.95 21.11 49.68
N ARG F 472 45.18 21.17 48.37
CA ARG F 472 44.47 20.29 47.45
C ARG F 472 44.30 18.85 47.94
N GLU F 473 45.33 18.28 48.58
CA GLU F 473 45.26 16.88 49.06
C GLU F 473 44.90 16.70 50.53
N THR F 474 43.84 15.93 50.78
CA THR F 474 43.38 15.65 52.13
C THR F 474 43.80 14.23 52.54
N THR F 475 43.42 13.80 53.73
CA THR F 475 43.75 12.45 54.21
C THR F 475 42.57 11.82 54.94
N TYR F 476 42.29 10.54 54.67
CA TYR F 476 41.19 9.89 55.37
C TYR F 476 41.40 8.41 55.68
N LYS F 477 41.27 8.10 56.97
CA LYS F 477 41.43 6.73 57.47
C LYS F 477 42.83 6.19 57.16
N GLY F 478 43.76 7.08 56.91
CA GLY F 478 45.12 6.66 56.60
C GLY F 478 45.53 6.82 55.16
N GLU F 479 44.61 7.17 54.27
CA GLU F 479 44.96 7.35 52.85
C GLU F 479 44.87 8.81 52.43
N VAL F 480 45.65 9.17 51.42
CA VAL F 480 45.65 10.54 50.91
C VAL F 480 44.71 10.58 49.71
N VAL F 481 43.79 11.54 49.72
CA VAL F 481 42.81 11.66 48.64
C VAL F 481 42.67 13.11 48.15
N ASP F 482 41.79 13.28 47.17
CA ASP F 482 41.54 14.60 46.62
C ASP F 482 40.08 14.98 46.80
N ALA F 483 39.29 14.04 47.30
CA ALA F 483 37.87 14.28 47.55
C ALA F 483 37.37 13.50 48.77
N ILE F 484 36.44 14.10 49.50
CA ILE F 484 35.84 13.48 50.67
C ILE F 484 34.47 12.95 50.30
N VAL F 485 33.81 12.23 51.20
CA VAL F 485 32.47 11.75 50.96
C VAL F 485 31.62 12.07 52.18
N PRO F 486 31.68 13.33 52.66
CA PRO F 486 30.97 13.82 53.85
C PRO F 486 30.21 12.78 54.67
N ALA F 487 29.03 12.37 54.20
CA ALA F 487 28.20 11.38 54.89
C ALA F 487 29.00 10.23 55.50
N THR F 488 30.11 9.86 54.85
CA THR F 488 30.97 8.79 55.35
C THR F 488 31.61 9.14 56.68
N VAL F 489 32.09 10.37 56.79
CA VAL F 489 32.74 10.81 58.00
C VAL F 489 31.78 11.06 59.19
N MET F 490 30.46 10.97 58.99
CA MET F 490 29.54 11.19 60.11
C MET F 490 29.48 9.91 60.93
N ALA F 491 29.38 10.05 62.26
CA ALA F 491 29.33 8.92 63.20
C ALA F 491 30.20 7.76 62.72
N ASN F 492 31.46 8.08 62.44
CA ASN F 492 32.37 7.08 61.92
C ASN F 492 33.69 7.20 62.65
N GLN F 493 33.86 8.31 63.37
CA GLN F 493 35.05 8.51 64.18
C GLN F 493 34.64 8.12 65.59
N THR F 494 35.60 7.94 66.48
CA THR F 494 35.24 7.60 67.86
C THR F 494 35.50 8.87 68.70
N SER F 495 35.17 8.78 70.00
CA SER F 495 35.36 9.92 70.88
C SER F 495 36.61 10.72 70.49
N GLU F 496 37.75 9.99 70.45
CA GLU F 496 39.06 10.59 70.19
C GLU F 496 39.62 10.36 68.77
N GLU F 497 38.91 9.60 67.92
CA GLU F 497 39.31 9.41 66.52
C GLU F 497 39.01 10.73 65.76
N VAL F 498 38.58 11.73 66.57
CA VAL F 498 38.22 13.11 66.16
C VAL F 498 39.25 14.10 66.69
N ALA F 499 39.41 14.15 68.01
CA ALA F 499 40.40 15.04 68.62
C ALA F 499 41.83 14.67 68.18
N SER F 500 41.98 13.46 67.65
CA SER F 500 43.28 12.97 67.19
C SER F 500 43.41 13.12 65.67
N ALA F 501 42.46 13.81 65.06
CA ALA F 501 42.46 14.04 63.61
C ALA F 501 43.75 14.75 63.20
N LEU F 502 44.14 14.57 61.95
CA LEU F 502 45.35 15.19 61.42
C LEU F 502 45.08 16.44 60.55
N ALA F 503 45.54 17.60 61.05
CA ALA F 503 45.39 18.92 60.41
C ALA F 503 45.14 18.84 58.91
N ASN F 504 43.90 19.17 58.54
CA ASN F 504 43.42 19.12 57.16
C ASN F 504 43.29 17.70 56.64
N ASP F 505 42.42 16.95 57.33
CA ASP F 505 42.05 15.60 56.92
C ASP F 505 40.53 15.55 56.87
N ALA F 506 39.96 14.65 56.13
CA ALA F 506 38.50 14.67 56.08
C ALA F 506 37.86 15.09 57.41
N ILE F 507 38.09 14.33 58.47
CA ILE F 507 37.53 14.65 59.78
C ILE F 507 37.65 16.15 60.12
N VAL F 508 38.87 16.69 60.00
CA VAL F 508 39.09 18.11 60.31
C VAL F 508 38.41 19.03 59.32
N LEU F 509 38.09 18.50 58.13
CA LEU F 509 37.39 19.28 57.12
C LEU F 509 35.88 19.20 57.35
N VAL F 510 35.37 17.97 57.65
CA VAL F 510 33.94 17.68 57.93
C VAL F 510 33.56 18.11 59.35
N SER F 511 34.48 18.87 59.95
CA SER F 511 34.32 19.48 61.27
C SER F 511 34.28 21.01 61.11
N ASN F 512 35.11 21.55 60.18
CA ASN F 512 35.27 23.00 59.82
C ASN F 512 34.05 23.49 59.09
N HIS F 513 33.42 22.51 58.45
CA HIS F 513 32.22 22.70 57.69
C HIS F 513 31.03 22.76 58.65
N LEU F 514 30.80 21.69 59.41
CA LEU F 514 29.69 21.68 60.36
C LEU F 514 29.77 22.93 61.23
N ASN F 515 30.97 23.33 61.56
CA ASN F 515 31.19 24.51 62.39
C ASN F 515 30.61 25.81 61.83
N LYS F 516 30.58 25.95 60.49
CA LYS F 516 29.99 27.13 59.89
C LYS F 516 28.49 26.99 60.06
N LEU F 517 27.97 25.85 59.62
CA LEU F 517 26.56 25.57 59.71
C LEU F 517 26.10 25.63 61.16
N ALA F 518 27.02 25.34 62.06
CA ALA F 518 26.68 25.43 63.44
C ALA F 518 26.50 26.91 63.87
N ASN F 519 27.15 27.88 63.17
CA ASN F 519 27.05 29.29 63.60
C ASN F 519 25.95 30.00 62.87
N VAL F 520 25.48 29.38 61.82
CA VAL F 520 24.36 29.94 61.12
C VAL F 520 23.16 29.63 61.97
N VAL F 521 22.99 28.39 62.46
CA VAL F 521 21.83 28.11 63.31
C VAL F 521 21.99 28.86 64.62
N GLY F 522 23.13 28.66 65.30
CA GLY F 522 23.39 29.33 66.56
C GLY F 522 23.01 30.80 66.47
N ASP F 523 23.40 31.44 65.36
CA ASP F 523 23.14 32.86 65.11
C ASP F 523 21.70 33.18 64.73
N ALA F 524 21.32 32.92 63.50
CA ALA F 524 19.98 33.22 63.00
C ALA F 524 18.82 32.48 63.69
N ILE F 525 18.79 31.16 63.56
CA ILE F 525 17.73 30.35 64.16
C ILE F 525 17.77 30.35 65.71
N PRO F 526 16.60 30.27 66.37
CA PRO F 526 16.54 30.27 67.84
C PRO F 526 16.63 28.88 68.50
N VAL F 527 17.69 28.15 68.21
CA VAL F 527 17.87 26.82 68.77
C VAL F 527 18.24 26.85 70.25
N ALA F 528 17.96 27.96 70.92
CA ALA F 528 18.28 28.08 72.35
C ALA F 528 17.17 28.66 73.22
N SER F 529 15.95 28.20 72.95
CA SER F 529 14.76 28.58 73.72
C SER F 529 13.64 27.55 73.47
N ARG F 530 12.55 27.50 74.28
CA ARG F 530 11.52 26.48 74.04
C ARG F 530 10.64 26.76 72.82
N THR F 531 11.22 27.38 71.78
CA THR F 531 10.43 27.75 70.62
C THR F 531 10.36 26.73 69.47
N ASP F 532 10.63 25.46 69.76
CA ASP F 532 10.58 24.40 68.72
C ASP F 532 10.80 24.94 67.30
N ASP F 533 11.91 25.67 67.14
CA ASP F 533 12.36 26.32 65.91
C ASP F 533 12.44 25.44 64.68
N SER F 534 12.64 26.07 63.53
CA SER F 534 12.75 25.39 62.25
C SER F 534 13.82 24.29 62.24
N ALA F 535 14.89 24.50 62.99
CA ALA F 535 15.99 23.54 63.07
C ALA F 535 15.56 22.27 63.80
N THR F 536 15.22 22.39 65.08
CA THR F 536 14.79 21.25 65.89
C THR F 536 13.49 20.67 65.35
N SER F 537 12.90 21.36 64.36
CA SER F 537 11.64 20.93 63.77
C SER F 537 11.90 20.00 62.60
N ALA F 538 12.94 20.31 61.83
CA ALA F 538 13.30 19.49 60.68
C ALA F 538 13.66 18.10 61.20
N ILE F 539 14.36 18.06 62.34
CA ILE F 539 14.76 16.81 62.94
C ILE F 539 13.56 16.01 63.48
N VAL F 540 12.64 16.69 64.16
CA VAL F 540 11.46 16.01 64.71
C VAL F 540 10.70 15.24 63.63
N SER F 541 10.59 15.83 62.45
CA SER F 541 9.87 15.15 61.38
C SER F 541 10.61 13.90 60.95
N ARG F 542 11.94 13.88 61.08
CA ARG F 542 12.69 12.68 60.73
C ARG F 542 12.44 11.61 61.80
N LEU F 543 12.58 11.97 63.07
CA LEU F 543 12.35 11.01 64.14
C LEU F 543 10.99 10.34 64.04
N ALA F 544 9.96 11.13 63.71
CA ALA F 544 8.61 10.59 63.56
C ALA F 544 8.64 9.54 62.43
N VAL F 545 8.83 10.00 61.18
CA VAL F 545 8.90 9.13 60.00
C VAL F 545 9.77 7.93 60.26
N GLN F 546 10.74 8.08 61.14
CA GLN F 546 11.65 6.99 61.45
C GLN F 546 11.01 6.04 62.47
N HIS F 547 10.69 6.56 63.66
CA HIS F 547 10.07 5.77 64.69
C HIS F 547 8.70 5.22 64.26
N LYS F 548 8.13 5.80 63.22
CA LYS F 548 6.82 5.36 62.77
C LYS F 548 6.89 4.09 61.94
N LEU F 549 7.93 3.94 61.13
CA LEU F 549 8.02 2.73 60.31
C LEU F 549 8.64 1.61 61.10
N SER F 550 9.39 1.94 62.15
CA SER F 550 10.00 0.91 62.98
C SER F 550 8.89 0.26 63.82
N GLN F 551 7.73 0.92 63.82
CA GLN F 551 6.57 0.43 64.56
C GLN F 551 5.67 -0.39 63.64
N VAL F 552 5.79 -0.14 62.34
CA VAL F 552 5.00 -0.87 61.33
C VAL F 552 5.39 -2.36 61.39
N GLY F 553 4.42 -3.25 61.17
CA GLY F 553 4.63 -4.70 61.27
C GLY F 553 4.87 -5.03 62.76
N GLN F 554 4.09 -5.93 63.40
CA GLN F 554 4.13 -6.28 64.85
C GLN F 554 3.06 -5.39 65.54
N ALA F 555 2.40 -5.93 66.59
CA ALA F 555 1.32 -5.35 67.44
C ALA F 555 1.16 -3.82 67.51
N SER F 556 2.15 -3.07 67.01
CA SER F 556 2.14 -1.60 67.05
C SER F 556 1.55 -1.11 68.36
N PRO F 557 1.96 -1.73 69.48
CA PRO F 557 1.43 -1.38 70.81
C PRO F 557 1.78 0.04 71.27
N THR F 558 2.68 0.70 70.54
CA THR F 558 3.09 2.05 70.92
C THR F 558 2.83 3.13 69.89
N PRO F 559 1.72 3.86 70.02
CA PRO F 559 1.46 4.95 69.11
C PRO F 559 2.53 6.01 69.31
N PRO F 560 3.21 6.47 68.26
CA PRO F 560 4.25 7.49 68.41
C PRO F 560 3.91 8.54 69.46
N ASP F 561 4.93 9.02 70.16
CA ASP F 561 4.75 9.98 71.24
C ASP F 561 4.50 11.44 70.79
N TYR F 562 5.56 12.14 70.38
CA TYR F 562 5.47 13.55 69.87
C TYR F 562 5.82 14.59 70.90
N PRO F 563 5.12 14.68 72.01
CA PRO F 563 5.57 15.65 73.02
C PRO F 563 7.02 15.29 73.40
N LEU F 564 7.31 13.95 73.46
CA LEU F 564 8.63 13.32 73.79
C LEU F 564 9.61 13.36 72.59
N LEU F 565 9.04 13.31 71.40
CA LEU F 565 9.81 13.40 70.16
C LEU F 565 10.24 14.83 69.89
N TRP F 566 9.32 15.76 70.12
CA TRP F 566 9.65 17.16 69.92
C TRP F 566 10.81 17.51 70.83
N ARG F 567 10.67 17.12 72.11
CA ARG F 567 11.68 17.38 73.12
C ARG F 567 12.99 16.62 72.87
N ARG F 568 12.91 15.41 72.30
CA ARG F 568 14.14 14.68 72.03
C ARG F 568 14.90 15.30 70.88
N ALA F 569 14.17 15.75 69.86
CA ALA F 569 14.80 16.38 68.70
C ALA F 569 15.26 17.78 69.02
N LYS F 570 14.68 18.40 70.05
CA LYS F 570 15.06 19.75 70.43
C LYS F 570 16.47 19.72 70.98
N ARG F 571 16.77 18.71 71.81
CA ARG F 571 18.11 18.60 72.39
C ARG F 571 19.07 18.05 71.36
N ALA F 572 18.54 17.37 70.34
CA ALA F 572 19.39 16.84 69.28
C ALA F 572 19.89 18.03 68.47
N ALA F 573 18.98 18.90 68.02
CA ALA F 573 19.37 20.09 67.23
C ALA F 573 20.19 21.00 68.13
N SER F 574 19.84 21.03 69.41
CA SER F 574 20.54 21.86 70.37
C SER F 574 21.95 21.31 70.61
N MET F 575 22.07 20.00 70.81
CA MET F 575 23.39 19.41 71.06
C MET F 575 24.30 19.66 69.87
N PHE F 576 23.71 19.81 68.69
CA PHE F 576 24.49 20.08 67.51
C PHE F 576 25.05 21.50 67.55
N VAL F 577 24.16 22.51 67.59
CA VAL F 577 24.63 23.89 67.67
C VAL F 577 25.68 24.01 68.71
N SER F 578 25.48 23.29 69.82
CA SER F 578 26.41 23.31 70.93
C SER F 578 27.83 22.90 70.54
N ASN F 579 27.99 21.61 70.27
CA ASN F 579 29.28 21.08 69.87
C ASN F 579 29.18 20.42 68.51
N PRO F 580 29.21 21.22 67.43
CA PRO F 580 29.10 20.74 66.04
C PRO F 580 29.82 19.40 65.80
N SER F 581 31.02 19.27 66.38
CA SER F 581 31.83 18.07 66.23
C SER F 581 31.09 16.75 66.46
N LEU F 582 30.53 16.57 67.65
CA LEU F 582 29.80 15.35 68.02
C LEU F 582 29.21 14.54 66.88
N ALA F 583 28.56 15.20 65.93
CA ALA F 583 27.94 14.53 64.79
C ALA F 583 28.92 13.67 63.97
N LEU F 584 30.15 13.47 64.46
CA LEU F 584 31.14 12.63 63.79
C LEU F 584 31.40 11.37 64.60
N GLN F 585 31.11 11.46 65.90
CA GLN F 585 31.35 10.37 66.82
C GLN F 585 30.30 9.27 66.88
N VAL F 586 30.75 8.03 66.73
CA VAL F 586 29.86 6.87 66.78
C VAL F 586 29.25 6.77 68.17
N GLY F 587 27.93 6.78 68.23
CA GLY F 587 27.23 6.64 69.51
C GLY F 587 26.58 7.90 70.01
N ILE F 588 26.15 8.78 69.11
CA ILE F 588 25.47 9.99 69.55
C ILE F 588 23.99 9.95 69.14
N PRO F 589 23.10 9.96 70.14
CA PRO F 589 21.62 9.88 69.98
C PRO F 589 21.04 10.84 68.93
N VAL F 590 20.27 10.28 67.98
CA VAL F 590 19.65 11.07 66.90
C VAL F 590 20.70 11.57 65.93
N LEU F 591 21.30 12.71 66.28
CA LEU F 591 22.32 13.36 65.48
C LEU F 591 23.08 12.48 64.47
N THR F 592 23.46 11.24 64.86
CA THR F 592 24.26 10.41 63.95
C THR F 592 23.49 9.50 63.01
N GLN F 593 22.18 9.61 62.90
CA GLN F 593 21.44 8.76 61.95
C GLN F 593 21.59 9.49 60.62
N SER F 594 21.69 8.75 59.53
CA SER F 594 21.87 9.36 58.21
C SER F 594 20.93 10.52 57.84
N GLY F 595 19.66 10.43 58.25
CA GLY F 595 18.71 11.49 57.92
C GLY F 595 19.17 12.87 58.38
N MET F 596 19.12 13.09 59.70
CA MET F 596 19.52 14.35 60.33
C MET F 596 20.74 14.99 59.66
N LEU F 597 20.88 16.31 59.85
CA LEU F 597 21.99 17.08 59.26
C LEU F 597 21.69 17.33 57.80
N SER F 598 21.68 16.24 57.03
CA SER F 598 21.29 16.39 55.66
C SER F 598 19.95 17.04 55.68
N ALA F 599 19.19 16.63 56.70
CA ALA F 599 17.87 17.14 57.00
C ALA F 599 17.99 18.52 57.62
N LEU F 600 18.55 18.57 58.82
CA LEU F 600 18.74 19.84 59.53
C LEU F 600 19.06 20.99 58.57
N THR F 601 20.29 20.94 58.01
CA THR F 601 20.72 22.04 57.14
C THR F 601 19.61 22.44 56.20
N SER F 602 19.17 21.60 55.27
CA SER F 602 18.10 21.97 54.32
C SER F 602 16.85 22.60 54.96
N GLY F 603 16.70 22.43 56.27
CA GLY F 603 15.62 23.08 56.98
C GLY F 603 16.10 24.47 57.27
N VAL F 604 17.09 24.54 58.16
CA VAL F 604 17.74 25.80 58.53
C VAL F 604 17.89 26.67 57.29
N GLY F 605 18.11 26.00 56.17
CA GLY F 605 18.25 26.65 54.90
C GLY F 605 17.01 27.46 54.65
N THR F 606 15.93 26.81 54.24
CA THR F 606 14.69 27.54 53.96
C THR F 606 14.27 28.41 55.14
N ALA F 607 14.64 28.02 56.35
CA ALA F 607 14.27 28.80 57.53
C ALA F 607 14.83 30.23 57.46
N LEU F 608 16.07 30.37 57.00
CA LEU F 608 16.68 31.69 56.89
C LEU F 608 16.05 32.46 55.75
N ARG F 609 15.68 31.75 54.69
CA ARG F 609 15.09 32.43 53.56
C ARG F 609 13.62 32.76 53.76
N THR F 610 13.27 33.22 54.98
CA THR F 610 11.86 33.58 55.27
C THR F 610 11.72 34.31 56.62
N GLY F 611 12.82 34.37 57.38
CA GLY F 611 12.82 35.02 58.70
C GLY F 611 11.87 36.22 58.83
N SER F 612 11.54 36.89 57.71
CA SER F 612 10.68 38.10 57.56
C SER F 612 11.53 39.38 57.72
N LEU F 613 11.58 40.01 58.90
CA LEU F 613 12.45 41.16 59.23
C LEU F 613 12.34 41.23 60.75
N GLY F 614 11.13 41.03 61.28
CA GLY F 614 10.84 41.09 62.69
C GLY F 614 11.07 39.78 63.43
N LYS F 615 12.17 39.09 63.10
CA LYS F 615 12.54 37.85 63.77
C LYS F 615 12.92 38.12 65.21
N GLY F 616 13.29 39.38 65.39
CA GLY F 616 13.69 39.88 66.68
C GLY F 616 12.52 39.88 67.63
N VAL F 617 11.32 39.48 67.22
CA VAL F 617 10.18 39.49 68.13
C VAL F 617 10.42 38.48 69.24
N THR F 618 11.39 37.58 69.03
CA THR F 618 11.71 36.56 70.02
C THR F 618 12.29 37.19 71.29
N ASP F 619 11.61 36.99 72.42
CA ASP F 619 12.08 37.55 73.67
C ASP F 619 12.30 39.05 73.53
N ALA F 620 11.48 39.67 72.68
CA ALA F 620 11.57 41.11 72.44
C ALA F 620 10.84 41.82 73.57
N SER F 621 10.42 41.02 74.55
CA SER F 621 9.73 41.54 75.72
C SER F 621 10.75 41.90 76.80
N GLU F 622 11.54 40.90 77.23
CA GLU F 622 12.57 41.10 78.27
C GLU F 622 13.67 41.96 77.68
N LYS F 623 13.87 41.82 76.37
CA LYS F 623 14.88 42.58 75.66
C LYS F 623 14.45 44.04 75.76
N LEU F 624 13.15 44.29 75.60
CA LEU F 624 12.60 45.64 75.67
C LEU F 624 12.74 46.14 77.10
N ARG F 625 12.23 45.34 78.03
CA ARG F 625 12.26 45.69 79.45
C ARG F 625 13.68 45.95 79.93
N ALA F 626 14.68 45.36 79.28
CA ALA F 626 16.08 45.57 79.65
C ALA F 626 16.57 46.91 79.08
N ARG F 627 16.06 47.31 77.91
CA ARG F 627 16.42 48.57 77.33
C ARG F 627 15.84 49.73 78.12
N GLN F 628 14.63 49.55 78.64
CA GLN F 628 14.04 50.60 79.47
C GLN F 628 14.84 50.70 80.73
N SER F 629 15.38 49.55 81.15
CA SER F 629 16.19 49.49 82.36
C SER F 629 17.42 50.37 82.20
N LEU F 630 17.97 50.37 81.00
CA LEU F 630 19.19 51.14 80.73
C LEU F 630 18.89 52.64 80.62
N THR F 631 17.81 52.95 79.91
CA THR F 631 17.44 54.36 79.75
C THR F 631 17.08 54.98 81.12
N VAL F 632 16.60 54.16 82.05
CA VAL F 632 16.27 54.68 83.37
C VAL F 632 17.56 55.00 84.11
N ALA F 633 18.59 54.19 83.89
CA ALA F 633 19.88 54.42 84.54
C ALA F 633 20.62 55.57 83.83
N LYS F 634 20.45 55.68 82.52
CA LYS F 634 21.11 56.74 81.77
C LYS F 634 20.42 58.08 82.05
N GLN F 635 19.13 58.03 82.37
CA GLN F 635 18.41 59.26 82.68
C GLN F 635 19.01 59.74 84.00
N ALA F 636 19.35 58.77 84.85
CA ALA F 636 19.96 59.04 86.15
C ALA F 636 21.29 59.78 85.99
N PHE F 637 22.03 59.44 84.93
CA PHE F 637 23.29 60.10 84.63
C PHE F 637 23.00 61.57 84.26
N PHE F 638 22.21 61.79 83.20
CA PHE F 638 21.85 63.15 82.80
C PHE F 638 21.40 64.01 83.97
N ASP F 639 20.81 63.39 84.98
CA ASP F 639 20.35 64.11 86.16
C ASP F 639 21.50 64.71 86.95
N GLN F 640 22.66 64.06 86.95
CA GLN F 640 23.82 64.60 87.64
C GLN F 640 24.50 65.65 86.78
N ILE F 641 24.65 65.35 85.49
CA ILE F 641 25.22 66.34 84.59
C ILE F 641 24.44 67.62 84.79
N GLY F 642 23.17 67.43 85.04
CA GLY F 642 22.22 68.51 85.26
C GLY F 642 22.37 69.22 86.59
N SER F 643 22.92 68.58 87.60
CA SER F 643 23.07 69.26 88.89
C SER F 643 24.50 69.77 89.08
N LEU F 644 25.46 68.86 89.13
CA LEU F 644 26.87 69.24 89.34
C LEU F 644 27.26 70.48 88.55
N TRP F 645 27.06 70.44 87.23
CA TRP F 645 27.33 71.59 86.41
C TRP F 645 25.99 72.30 86.11
N PRO F 646 25.56 73.15 87.06
CA PRO F 646 24.31 73.88 86.89
C PRO F 646 24.43 74.94 85.79
N GLY G 2 -8.32 20.68 58.92
CA GLY G 2 -8.45 20.82 57.49
C GLY G 2 -9.89 21.05 57.07
N ASN G 3 -10.75 21.21 58.05
CA ASN G 3 -12.14 21.39 57.77
C ASN G 3 -12.36 22.48 56.74
N VAL G 4 -13.21 22.14 55.83
CA VAL G 4 -13.57 23.07 54.80
C VAL G 4 -13.87 24.43 55.40
N GLN G 5 -13.35 25.44 54.69
CA GLN G 5 -13.55 26.87 54.97
C GLN G 5 -14.56 27.34 53.90
N THR G 6 -14.03 27.79 52.74
CA THR G 6 -14.79 28.15 51.51
C THR G 6 -14.46 29.50 50.85
N SER G 7 -14.28 30.60 51.54
CA SER G 7 -14.01 31.77 50.74
C SER G 7 -12.92 32.64 51.35
N VAL G 8 -12.78 32.52 52.68
CA VAL G 8 -11.82 33.30 53.40
C VAL G 8 -10.59 33.46 52.54
N ASN G 9 -10.06 32.34 52.04
CA ASN G 9 -8.85 32.43 51.20
C ASN G 9 -9.05 31.61 49.84
N THR G 10 -8.64 32.09 48.63
CA THR G 10 -8.82 31.43 47.26
C THR G 10 -8.50 29.94 47.15
N TYR G 11 -7.98 29.37 48.21
CA TYR G 11 -7.63 27.96 48.20
C TYR G 11 -8.01 27.24 49.47
N ASN G 12 -8.54 26.05 49.29
CA ASN G 12 -8.87 25.19 50.41
C ASN G 12 -7.59 24.41 50.67
N ILE G 13 -7.33 23.98 51.89
CA ILE G 13 -6.10 23.22 52.08
C ILE G 13 -6.32 21.78 51.64
N THR G 14 -7.40 21.20 52.14
CA THR G 14 -7.81 19.84 51.77
C THR G 14 -8.45 19.87 50.39
N GLY G 15 -8.39 21.05 49.76
CA GLY G 15 -8.96 21.23 48.43
C GLY G 15 -8.56 20.15 47.42
N ASP G 16 -9.33 20.08 46.35
CA ASP G 16 -9.13 19.12 45.27
C ASP G 16 -7.79 19.30 44.53
N GLY G 17 -7.10 18.18 44.31
CA GLY G 17 -5.84 18.20 43.58
C GLY G 17 -4.73 19.18 43.91
N ASN G 18 -4.43 19.35 45.20
CA ASN G 18 -3.32 20.21 45.62
C ASN G 18 -2.08 19.40 45.37
N SER G 19 -0.91 19.88 45.74
CA SER G 19 0.25 19.05 45.49
C SER G 19 1.57 19.54 46.04
N PHE G 20 2.05 18.91 47.10
CA PHE G 20 3.35 19.24 47.64
C PHE G 20 4.36 18.64 46.67
N THR G 21 5.30 19.44 46.18
CA THR G 21 6.29 18.96 45.22
C THR G 21 7.42 19.94 44.97
N PRO G 22 8.49 19.86 45.78
CA PRO G 22 9.66 20.75 45.65
C PRO G 22 10.32 20.56 44.31
N THR G 23 10.86 21.65 43.78
CA THR G 23 11.58 21.70 42.53
C THR G 23 12.86 22.40 42.83
N SER G 24 13.99 21.78 42.50
CA SER G 24 15.29 22.41 42.77
C SER G 24 15.35 23.80 42.17
N ASP G 25 14.41 24.05 41.27
CA ASP G 25 14.33 25.30 40.51
C ASP G 25 13.84 26.59 41.23
N MET G 26 12.98 26.47 42.24
CA MET G 26 12.42 27.68 42.83
C MET G 26 12.67 27.97 44.32
N THR G 27 13.71 27.41 44.96
CA THR G 27 13.99 27.65 46.40
C THR G 27 13.09 28.67 47.12
N SER G 28 12.08 28.17 47.82
CA SER G 28 11.12 28.99 48.57
C SER G 28 11.75 30.06 49.44
N THR G 29 11.34 31.33 49.26
CA THR G 29 11.91 32.45 50.04
N ALA G 30 10.81 34.24 51.26
CA ALA G 30 10.12 35.53 51.44
C ALA G 30 11.16 36.64 51.42
N ALA G 31 10.99 37.70 52.21
CA ALA G 31 11.94 38.82 52.20
C ALA G 31 12.58 39.12 53.54
N PRO G 32 13.73 38.48 53.84
CA PRO G 32 14.43 38.68 55.11
C PRO G 32 15.51 39.74 55.02
N ALA G 33 16.36 39.67 54.00
CA ALA G 33 17.46 40.62 53.93
C ALA G 33 17.13 42.05 53.48
N ILE G 34 15.98 42.61 53.88
CA ILE G 34 15.68 43.98 53.47
C ILE G 34 16.74 44.91 54.06
N ASP G 35 17.34 45.74 53.20
CA ASP G 35 18.37 46.65 53.66
C ASP G 35 17.79 47.90 54.35
N LEU G 36 18.27 48.19 55.56
CA LEU G 36 17.80 49.37 56.28
C LEU G 36 18.94 50.18 56.88
N LYS G 37 20.17 49.68 56.81
CA LYS G 37 21.31 50.40 57.39
C LYS G 37 21.39 51.87 56.93
N PRO G 38 21.73 52.73 57.85
CA PRO G 38 21.83 54.18 57.66
C PRO G 38 22.18 54.66 56.27
N GLY G 39 23.38 54.35 55.84
CA GLY G 39 23.79 54.80 54.52
C GLY G 39 22.90 54.27 53.41
N VAL G 40 22.54 53.00 53.49
CA VAL G 40 21.75 52.38 52.44
C VAL G 40 20.26 52.71 52.43
N LEU G 41 19.64 53.01 53.57
CA LEU G 41 18.22 53.38 53.56
C LEU G 41 18.07 54.86 53.26
N ASN G 42 19.17 55.60 53.43
CA ASN G 42 19.22 57.05 53.12
C ASN G 42 19.72 57.92 54.27
N PRO H 43 17.21 63.61 43.49
CA PRO H 43 17.15 64.44 44.71
C PRO H 43 17.09 63.56 45.93
N THR H 44 17.23 64.19 47.10
CA THR H 44 17.22 63.54 48.42
C THR H 44 17.05 64.59 49.48
N GLY H 45 16.84 64.18 50.73
CA GLY H 45 16.73 65.11 51.82
C GLY H 45 15.32 65.71 52.01
N LYS H 46 15.23 66.68 52.93
CA LYS H 46 14.00 67.33 53.21
C LYS H 46 13.67 68.31 52.11
N LEU H 47 12.40 68.59 51.87
CA LEU H 47 12.01 69.52 50.83
C LEU H 47 11.98 70.93 51.38
N TRP H 48 12.43 71.88 50.59
CA TRP H 48 12.46 73.28 50.96
C TRP H 48 11.58 74.08 50.04
N ARG H 49 11.19 75.27 50.45
CA ARG H 49 10.40 76.13 49.58
C ARG H 49 10.76 77.58 49.83
N PRO H 50 10.68 78.41 48.78
CA PRO H 50 11.01 79.84 48.86
C PRO H 50 10.19 80.58 49.94
N VAL H 51 10.76 80.76 51.13
CA VAL H 51 10.04 81.46 52.20
C VAL H 51 9.78 82.92 51.78
N GLY H 52 10.70 83.50 51.03
CA GLY H 52 10.56 84.87 50.55
C GLY H 52 9.66 84.97 49.33
N THR H 53 9.17 83.83 48.88
CA THR H 53 8.26 83.73 47.73
C THR H 53 8.87 83.93 46.34
N SER H 54 8.23 83.30 45.35
CA SER H 54 8.61 83.36 43.95
C SER H 54 10.09 83.05 43.71
N VAL H 55 10.90 84.10 43.63
CA VAL H 55 12.32 83.95 43.40
C VAL H 55 12.95 83.06 44.50
N ALA H 56 13.40 81.88 44.07
CA ALA H 56 14.07 80.96 44.94
C ALA H 56 15.57 81.08 44.75
N THR H 57 16.22 81.74 45.68
CA THR H 57 17.67 81.87 45.63
C THR H 57 18.25 80.94 46.74
N ILE H 58 19.60 80.96 46.93
CA ILE H 58 20.31 80.17 47.95
C ILE H 58 20.22 80.84 49.33
N ASP H 59 19.01 81.22 49.72
CA ASP H 59 18.76 81.91 50.98
C ASP H 59 17.28 82.25 51.17
N SER H 60 16.55 82.33 50.06
CA SER H 60 15.12 82.62 50.12
C SER H 60 14.39 81.28 50.26
N LEU H 61 15.13 80.23 50.63
CA LEU H 61 14.62 78.91 50.85
C LEU H 61 14.48 78.71 52.37
N ALA H 62 13.94 77.58 52.73
CA ALA H 62 13.78 77.19 54.11
C ALA H 62 13.06 75.85 54.20
N ILE H 63 13.59 74.93 55.01
CA ILE H 63 12.94 73.62 55.14
C ILE H 63 11.45 73.83 55.37
N VAL H 64 10.62 73.38 54.42
CA VAL H 64 9.17 73.54 54.53
C VAL H 64 8.63 72.71 55.67
N SER H 65 8.78 73.18 56.89
CA SER H 65 8.26 72.41 58.02
C SER H 65 6.83 72.87 58.31
N ASP H 66 6.16 72.20 59.24
CA ASP H 66 4.79 72.58 59.60
C ASP H 66 4.21 71.60 60.61
N ARG H 67 2.90 71.75 60.82
CA ARG H 67 2.14 70.93 61.76
C ARG H 67 2.33 69.43 61.67
N PHE H 68 2.91 68.94 60.58
CA PHE H 68 3.14 67.51 60.39
C PHE H 68 4.60 67.11 60.55
N GLY H 69 5.48 68.10 60.66
CA GLY H 69 6.91 67.81 60.76
C GLY H 69 7.50 68.26 59.44
N GLN H 70 8.64 67.73 59.03
CA GLN H 70 9.22 68.16 57.75
C GLN H 70 9.15 67.10 56.67
N TYR H 71 8.61 67.49 55.53
CA TYR H 71 8.50 66.55 54.42
C TYR H 71 9.88 66.19 53.91
N SER H 72 10.23 64.91 54.00
CA SER H 72 11.52 64.50 53.46
C SER H 72 11.20 63.73 52.17
N PHE H 73 11.97 64.00 51.12
CA PHE H 73 11.74 63.36 49.83
C PHE H 73 11.92 61.85 49.85
N VAL H 74 11.10 61.15 49.07
CA VAL H 74 11.18 59.68 49.01
C VAL H 74 11.69 59.24 47.64
N ASN H 75 13.01 59.34 47.47
CA ASN H 75 13.68 58.97 46.22
C ASN H 75 13.27 57.58 45.78
N GLU H 76 13.33 57.33 44.48
CA GLU H 76 12.94 56.05 43.89
C GLU H 76 13.31 54.77 44.66
N GLY H 77 14.57 54.61 45.01
CA GLY H 77 15.03 53.42 45.70
C GLY H 77 14.51 53.27 47.11
N MET H 78 14.34 54.38 47.82
CA MET H 78 13.85 54.33 49.19
C MET H 78 12.39 53.90 49.24
N ARG H 79 11.72 53.89 48.07
CA ARG H 79 10.34 53.42 48.01
C ARG H 79 10.37 51.93 47.82
N GLU H 80 11.50 51.44 47.28
CA GLU H 80 11.69 50.00 47.06
C GLU H 80 11.72 49.28 48.37
N THR H 81 12.35 49.91 49.36
CA THR H 81 12.44 49.30 50.66
C THR H 81 11.07 49.24 51.33
N PHE H 82 10.48 50.41 51.60
CA PHE H 82 9.17 50.48 52.25
C PHE H 82 8.10 49.76 51.50
N SER H 83 8.30 49.54 50.22
CA SER H 83 7.36 48.74 49.49
C SER H 83 7.67 47.28 49.71
N LYS H 84 8.96 46.95 49.72
CA LYS H 84 9.41 45.57 49.91
C LYS H 84 9.08 45.11 51.33
N ALA H 85 9.03 46.06 52.26
CA ALA H 85 8.71 45.77 53.67
C ALA H 85 7.21 45.55 53.80
N LEU H 86 6.42 46.47 53.24
CA LEU H 86 4.97 46.36 53.26
C LEU H 86 4.54 45.16 52.43
N PHE H 87 5.25 44.90 51.34
CA PHE H 87 4.88 43.77 50.49
C PHE H 87 4.94 42.48 51.30
N ASP H 88 5.99 42.34 52.11
CA ASP H 88 6.14 41.15 52.93
C ASP H 88 5.08 41.07 54.04
N ILE H 89 4.36 42.16 54.30
CA ILE H 89 3.33 42.12 55.32
C ILE H 89 1.98 41.84 54.66
N ASN H 90 1.68 42.54 53.56
CA ASN H 90 0.43 42.30 52.86
C ASN H 90 0.28 40.81 52.61
N MET H 91 1.38 40.15 52.29
CA MET H 91 1.38 38.71 52.03
C MET H 91 0.53 37.94 53.06
N TRP H 92 0.67 38.33 54.30
CA TRP H 92 -0.06 37.69 55.41
C TRP H 92 -1.48 38.17 55.51
N GLN H 93 -2.07 38.62 54.41
CA GLN H 93 -3.42 39.15 54.46
C GLN H 93 -4.45 38.15 54.98
N PRO H 94 -4.45 36.91 54.43
CA PRO H 94 -5.40 35.88 54.85
C PRO H 94 -5.34 35.52 56.32
N LEU H 95 -4.24 35.83 56.99
CA LEU H 95 -4.17 35.51 58.41
C LEU H 95 -4.60 36.67 59.27
N PHE H 96 -4.57 37.89 58.71
CA PHE H 96 -4.98 39.08 59.44
C PHE H 96 -6.49 39.12 59.57
N GLN H 97 -7.21 38.77 58.50
CA GLN H 97 -8.65 38.77 58.56
C GLN H 97 -9.08 37.64 59.47
N ALA H 98 -8.56 36.44 59.21
CA ALA H 98 -8.94 35.27 60.02
C ALA H 98 -8.89 35.60 61.47
N THR H 99 -7.81 36.18 61.89
CA THR H 99 -7.74 36.50 63.28
C THR H 99 -8.19 37.93 63.63
N LYS H 100 -9.08 38.62 62.85
CA LYS H 100 -9.60 39.99 63.21
C LYS H 100 -8.54 41.06 63.70
N THR H 101 -7.22 40.81 63.59
CA THR H 101 -6.16 41.81 63.92
C THR H 101 -5.96 42.66 62.66
N GLY H 102 -4.75 43.15 62.45
CA GLY H 102 -4.50 43.92 61.25
C GLY H 102 -5.50 45.10 61.13
N CYS H 103 -5.90 45.42 59.90
CA CYS H 103 -6.77 46.58 59.63
C CYS H 103 -6.83 46.90 58.13
N GLY H 104 -6.67 45.88 57.28
CA GLY H 104 -6.69 46.08 55.85
C GLY H 104 -5.26 46.08 55.32
N PRO H 105 -5.04 46.03 54.01
CA PRO H 105 -3.67 46.02 53.45
C PRO H 105 -3.00 47.40 53.57
N ILE H 106 -1.72 47.41 53.95
CA ILE H 106 -1.00 48.67 54.12
C ILE H 106 -0.38 49.21 52.83
N VAL H 107 -1.02 50.20 52.22
CA VAL H 107 -0.48 50.79 50.99
C VAL H 107 0.51 51.89 51.37
N LEU H 108 1.70 51.87 50.78
CA LEU H 108 2.69 52.89 51.11
C LEU H 108 2.21 54.27 50.70
N SER H 109 1.21 54.30 49.83
CA SER H 109 0.67 55.56 49.33
C SER H 109 -0.26 56.19 50.38
N SER H 110 -0.28 55.66 51.59
CA SER H 110 -1.13 56.24 52.61
C SER H 110 -0.27 57.06 53.58
N PHE H 111 1.04 56.92 53.49
CA PHE H 111 1.93 57.66 54.38
C PHE H 111 2.62 58.82 53.70
N THR H 112 2.56 58.84 52.37
CA THR H 112 3.22 59.91 51.62
C THR H 112 2.30 61.07 51.23
N THR H 113 2.78 61.93 50.33
CA THR H 113 2.02 63.10 49.85
C THR H 113 2.59 63.51 48.49
N THR H 114 2.01 64.54 47.89
CA THR H 114 2.50 64.98 46.60
C THR H 114 2.78 66.48 46.63
N THR H 115 3.75 66.86 47.46
CA THR H 115 4.12 68.26 47.55
C THR H 115 5.11 68.49 46.39
N SER H 116 5.61 69.71 46.29
CA SER H 116 6.58 70.09 45.26
C SER H 116 7.33 71.33 45.71
N GLY H 117 8.62 71.34 45.45
CA GLY H 117 9.46 72.46 45.82
C GLY H 117 10.88 72.04 45.49
N TYR H 118 11.85 72.60 46.17
CA TYR H 118 13.24 72.24 45.93
C TYR H 118 13.64 71.30 47.02
N VAL H 119 14.25 70.16 46.67
CA VAL H 119 14.61 69.22 47.73
C VAL H 119 16.09 68.88 47.83
N GLY H 120 16.75 69.37 48.88
CA GLY H 120 18.15 69.07 49.04
C GLY H 120 18.51 68.85 50.50
N ALA H 121 19.80 68.93 50.81
CA ALA H 121 20.26 68.75 52.17
C ALA H 121 20.45 70.11 52.81
N THR H 122 20.66 71.14 51.99
CA THR H 122 20.83 72.51 52.51
C THR H 122 20.42 73.52 51.45
N ALA H 123 19.80 74.63 51.88
CA ALA H 123 19.34 75.66 50.96
C ALA H 123 20.21 75.75 49.71
N GLY H 124 21.52 75.88 49.93
CA GLY H 124 22.46 75.98 48.81
C GLY H 124 22.33 74.90 47.74
N ASP H 125 22.39 73.63 48.16
CA ASP H 125 22.31 72.51 47.23
C ASP H 125 20.88 72.08 46.89
N ALA H 126 19.92 72.46 47.73
CA ALA H 126 18.53 72.08 47.48
C ALA H 126 18.01 72.89 46.33
N LEU H 127 18.70 73.99 46.04
CA LEU H 127 18.32 74.88 44.96
C LEU H 127 18.47 74.24 43.58
N ASP H 128 19.28 73.20 43.50
CA ASP H 128 19.54 72.49 42.24
C ASP H 128 18.76 71.20 42.11
N ASN H 129 17.60 71.11 42.75
CA ASN H 129 16.78 69.90 42.67
C ASN H 129 15.31 70.25 42.61
N PRO H 130 14.92 71.21 41.75
CA PRO H 130 13.51 71.57 41.68
C PRO H 130 12.70 70.34 41.31
N VAL H 131 11.90 69.85 42.25
CA VAL H 131 11.07 68.68 41.99
C VAL H 131 9.59 69.07 42.03
N THR H 132 8.83 68.65 41.02
CA THR H 132 7.42 69.00 40.97
C THR H 132 6.55 67.79 41.28
N ASN H 133 5.65 67.96 42.24
CA ASN H 133 4.76 66.89 42.65
C ASN H 133 5.56 65.62 42.93
N GLY H 134 6.65 65.78 43.68
CA GLY H 134 7.43 64.63 44.07
C GLY H 134 6.62 63.95 45.16
N VAL H 135 7.11 62.82 45.65
CA VAL H 135 6.40 62.10 46.70
C VAL H 135 7.21 62.16 48.00
N PHE H 136 6.77 62.98 48.95
CA PHE H 136 7.47 63.14 50.22
C PHE H 136 6.67 62.52 51.34
N ILE H 137 7.36 62.12 52.42
CA ILE H 137 6.67 61.56 53.57
C ILE H 137 6.98 62.51 54.73
N SER H 138 5.94 63.08 55.36
CA SER H 138 6.14 64.04 56.48
C SER H 138 6.71 63.37 57.72
N THR H 139 7.38 64.08 58.58
CA THR H 139 7.92 63.45 59.78
C THR H 139 6.91 62.59 60.54
N VAL H 140 5.80 63.22 60.98
CA VAL H 140 4.81 62.47 61.73
C VAL H 140 4.36 61.21 60.97
N GLN H 141 4.51 61.20 59.64
CA GLN H 141 4.15 60.02 58.86
C GLN H 141 5.27 59.02 58.92
N ILE H 142 6.51 59.51 58.73
CA ILE H 142 7.71 58.67 58.79
C ILE H 142 7.66 58.00 60.15
N MET H 143 6.75 58.44 61.01
CA MET H 143 6.61 57.83 62.32
C MET H 143 5.68 56.63 62.26
N ASN H 144 4.54 56.77 61.57
CA ASN H 144 3.60 55.67 61.47
C ASN H 144 4.09 54.57 60.55
N LEU H 145 4.48 54.91 59.33
CA LEU H 145 4.98 53.91 58.41
C LEU H 145 6.01 53.10 59.17
N GLN H 146 6.58 53.72 60.20
CA GLN H 146 7.57 53.06 61.05
C GLN H 146 6.84 52.20 62.09
N ARG H 147 6.14 52.81 63.04
CA ARG H 147 5.44 52.01 64.04
C ARG H 147 4.34 51.12 63.49
N THR H 148 3.96 51.27 62.23
CA THR H 148 2.95 50.36 61.68
C THR H 148 3.70 49.13 61.26
N ILE H 149 4.70 49.32 60.40
CA ILE H 149 5.54 48.22 59.94
C ILE H 149 6.11 47.50 61.15
N ALA H 150 6.23 48.22 62.27
CA ALA H 150 6.74 47.59 63.48
C ALA H 150 5.61 46.79 64.15
N ALA H 151 4.45 47.41 64.37
CA ALA H 151 3.34 46.69 65.00
C ALA H 151 2.96 45.48 64.18
N ARG H 152 2.73 45.66 62.88
CA ARG H 152 2.38 44.55 61.99
C ARG H 152 3.48 43.52 61.97
N MET H 153 4.74 43.99 61.96
CA MET H 153 5.86 43.08 61.96
C MET H 153 5.83 42.11 63.14
N ARG H 154 5.40 42.58 64.29
CA ARG H 154 5.27 41.68 65.41
C ARG H 154 4.18 40.67 65.06
N ASP H 155 2.98 41.18 64.80
CA ASP H 155 1.83 40.36 64.42
C ASP H 155 2.24 39.17 63.54
N VAL H 156 2.84 39.45 62.39
CA VAL H 156 3.25 38.40 61.48
C VAL H 156 4.41 37.58 62.04
N ALA H 157 5.44 38.25 62.55
CA ALA H 157 6.59 37.55 63.10
C ALA H 157 6.14 36.37 63.94
N LEU H 158 5.01 36.51 64.60
CA LEU H 158 4.53 35.41 65.44
C LEU H 158 3.95 34.26 64.59
N TRP H 159 2.88 34.57 63.84
CA TRP H 159 2.25 33.56 63.00
C TRP H 159 3.30 32.89 62.13
N GLN H 160 4.04 33.75 61.42
CA GLN H 160 5.11 33.39 60.53
C GLN H 160 6.05 32.38 61.21
N LYS H 161 6.07 32.37 62.53
CA LYS H 161 6.91 31.41 63.22
C LYS H 161 6.22 30.03 63.29
N HIS H 162 4.89 30.02 63.47
CA HIS H 162 4.10 28.78 63.51
C HIS H 162 4.06 28.12 62.14
N LEU H 163 3.86 28.95 61.10
CA LEU H 163 3.80 28.47 59.73
C LEU H 163 5.06 27.70 59.47
N ASP H 164 6.17 28.22 60.00
CA ASP H 164 7.46 27.61 59.81
C ASP H 164 7.70 26.26 60.50
N THR H 165 7.54 26.20 61.82
CA THR H 165 7.77 24.95 62.53
C THR H 165 7.01 23.83 61.82
N ALA H 166 6.04 24.19 60.99
CA ALA H 166 5.24 23.21 60.25
C ALA H 166 5.77 23.04 58.84
N MET H 167 6.19 24.15 58.22
CA MET H 167 6.71 24.09 56.87
C MET H 167 8.06 23.37 56.81
N THR H 168 9.09 23.96 57.41
CA THR H 168 10.39 23.34 57.42
C THR H 168 10.28 21.96 58.06
N MET H 169 9.18 21.69 58.76
CA MET H 169 9.00 20.38 59.37
C MET H 169 8.71 19.31 58.32
N LEU H 170 9.21 19.55 57.11
CA LEU H 170 9.10 18.61 55.99
C LEU H 170 9.85 19.18 54.81
N THR H 171 11.06 19.65 55.10
CA THR H 171 11.99 20.24 54.14
C THR H 171 11.41 20.52 52.76
N PRO H 172 10.67 21.61 52.62
CA PRO H 172 10.10 21.89 51.31
C PRO H 172 11.16 22.41 50.33
N ASP H 173 12.42 22.14 50.61
CA ASP H 173 13.45 22.63 49.69
C ASP H 173 14.56 21.66 49.29
N ILE H 174 14.55 21.30 48.00
CA ILE H 174 15.55 20.41 47.43
C ILE H 174 16.40 21.28 46.51
N SER H 175 17.54 20.77 46.05
CA SER H 175 18.40 21.59 45.18
C SER H 175 18.92 20.93 43.90
N ALA H 176 18.25 19.86 43.47
CA ALA H 176 18.63 19.15 42.24
C ALA H 176 17.42 18.33 41.76
N GLY H 177 16.94 18.62 40.55
CA GLY H 177 15.79 17.90 40.04
C GLY H 177 14.59 18.15 40.95
N SER H 178 13.52 17.39 40.80
CA SER H 178 12.34 17.58 41.65
C SER H 178 12.17 16.46 42.65
N ALA H 179 10.93 16.25 43.09
CA ALA H 179 10.57 15.21 44.06
C ALA H 179 9.27 15.59 44.76
N SER H 180 8.21 14.82 44.51
CA SER H 180 6.90 15.09 45.14
C SER H 180 6.68 14.25 46.40
N CYS H 181 5.46 14.33 46.93
CA CYS H 181 5.07 13.60 48.14
C CYS H 181 3.56 13.72 48.29
N ASN H 182 2.82 12.82 47.64
CA ASN H 182 1.35 12.87 47.65
C ASN H 182 0.74 13.60 48.85
N TRP H 183 0.19 14.77 48.54
CA TRP H 183 -0.44 15.72 49.48
C TRP H 183 -1.29 15.14 50.60
N LYS H 184 -2.21 14.23 50.30
CA LYS H 184 -3.03 13.61 51.35
C LYS H 184 -2.15 13.21 52.53
N SER H 185 -1.27 12.23 52.29
CA SER H 185 -0.34 11.73 53.31
C SER H 185 0.30 12.87 54.06
N LEU H 186 1.02 13.70 53.32
CA LEU H 186 1.71 14.85 53.88
C LEU H 186 0.87 15.57 54.94
N LEU H 187 -0.34 15.99 54.55
CA LEU H 187 -1.24 16.67 55.45
C LEU H 187 -1.60 15.76 56.62
N ALA H 188 -2.25 14.65 56.36
CA ALA H 188 -2.64 13.69 57.40
C ALA H 188 -1.48 13.35 58.34
N PHE H 189 -0.26 13.61 57.88
CA PHE H 189 0.96 13.38 58.66
C PHE H 189 1.21 14.54 59.63
N ALA H 190 1.32 15.76 59.08
CA ALA H 190 1.55 16.93 59.92
C ALA H 190 0.38 17.09 60.88
N LYS H 191 -0.78 16.53 60.53
CA LYS H 191 -1.95 16.58 61.40
C LYS H 191 -1.55 16.00 62.74
N ASP H 192 -0.50 15.16 62.70
CA ASP H 192 0.06 14.51 63.88
C ASP H 192 1.17 15.38 64.45
N ILE H 193 2.38 15.15 63.96
CA ILE H 193 3.55 15.85 64.45
C ILE H 193 3.27 17.23 65.08
N LEU H 194 2.84 18.22 64.31
CA LEU H 194 2.58 19.55 64.84
C LEU H 194 2.01 19.57 66.30
N PRO H 195 2.77 20.10 67.31
CA PRO H 195 2.35 20.16 68.70
C PRO H 195 1.08 21.01 68.88
N LEU H 196 0.18 20.58 69.74
CA LEU H 196 -1.11 21.25 70.00
C LEU H 196 -1.16 22.79 70.20
N ASP H 197 -0.01 23.50 70.16
CA ASP H 197 -0.02 24.95 70.37
C ASP H 197 0.58 25.71 69.20
N ASN H 198 0.52 25.09 68.04
CA ASN H 198 1.01 25.78 66.86
C ASN H 198 0.01 26.92 66.53
N LEU H 199 -0.39 27.11 65.29
CA LEU H 199 -1.44 28.06 64.83
C LEU H 199 -1.80 27.58 63.42
N CYS H 200 -1.14 26.49 62.95
CA CYS H 200 -1.36 25.86 61.61
C CYS H 200 -2.41 24.75 61.69
N LEU H 201 -2.88 24.53 62.92
CA LEU H 201 -3.95 23.59 63.20
C LEU H 201 -5.23 24.36 63.45
N THR H 202 -5.11 25.60 63.95
CA THR H 202 -6.32 26.41 64.18
C THR H 202 -6.80 27.13 62.87
N TYR H 203 -5.91 27.30 61.81
CA TYR H 203 -6.24 28.00 60.53
C TYR H 203 -5.72 27.30 59.20
N PRO H 204 -5.54 25.96 59.13
CA PRO H 204 -5.01 25.16 57.97
C PRO H 204 -4.96 25.86 56.60
N ASN H 205 -6.14 26.25 56.11
CA ASN H 205 -6.20 26.96 54.88
C ASN H 205 -6.56 28.41 55.13
N GLU H 206 -5.68 29.01 56.01
CA GLU H 206 -5.71 30.42 56.35
C GLU H 206 -4.23 30.76 56.53
N PHE H 207 -3.47 29.67 56.72
CA PHE H 207 -2.01 29.63 56.82
C PHE H 207 -1.54 29.09 55.48
N TYR H 208 -2.29 28.12 54.98
CA TYR H 208 -1.97 27.52 53.68
C TYR H 208 -1.86 28.60 52.59
N ASN H 209 -2.82 29.54 52.57
CA ASN H 209 -2.86 30.65 51.60
C ASN H 209 -1.72 31.60 51.80
N VAL H 210 -1.25 31.74 53.03
CA VAL H 210 -0.10 32.57 53.28
C VAL H 210 1.08 31.79 52.74
N ALA H 211 1.14 30.51 53.14
CA ALA H 211 2.20 29.58 52.75
C ALA H 211 2.42 29.48 51.25
N ILE H 212 1.38 29.15 50.50
CA ILE H 212 1.49 29.04 49.04
C ILE H 212 2.33 30.15 48.42
N HIS H 213 2.37 31.33 49.05
CA HIS H 213 3.15 32.45 48.55
C HIS H 213 4.59 32.47 49.04
N ARG H 214 4.97 31.51 49.85
CA ARG H 214 6.34 31.51 50.34
C ARG H 214 7.07 30.24 49.94
N TYR H 215 6.32 29.19 49.66
CA TYR H 215 6.93 27.92 49.29
C TYR H 215 6.52 27.45 47.90
N PRO H 216 7.36 27.71 46.90
CA PRO H 216 6.95 27.25 45.58
C PRO H 216 6.96 25.72 45.52
N ALA H 217 6.96 25.09 46.69
CA ALA H 217 6.89 23.63 46.73
C ALA H 217 5.40 23.28 46.72
N LEU H 218 4.62 23.92 47.61
CA LEU H 218 3.16 23.71 47.71
C LEU H 218 2.47 24.41 46.55
N LYS H 219 1.98 23.66 45.56
CA LYS H 219 1.27 24.26 44.42
C LYS H 219 -0.19 23.95 44.68
N PRO H 220 -1.06 24.95 44.89
CA PRO H 220 -2.45 24.69 45.16
C PRO H 220 -3.16 24.17 43.93
N GLY H 221 -4.11 23.27 44.11
CA GLY H 221 -4.82 22.70 42.98
C GLY H 221 -5.81 23.72 42.43
N ASN H 222 -5.66 24.03 41.15
CA ASN H 222 -6.55 24.99 40.53
C ASN H 222 -8.02 24.62 40.65
N PRO H 223 -8.89 25.57 41.06
CA PRO H 223 -10.35 25.29 41.15
C PRO H 223 -11.06 24.77 39.88
N ASP H 224 -10.93 25.39 38.68
CA ASP H 224 -11.70 24.92 37.49
C ASP H 224 -10.91 24.06 36.43
N THR H 225 -10.35 22.91 36.92
CA THR H 225 -9.62 21.84 36.20
C THR H 225 -9.08 20.85 37.28
N LYS H 226 -9.34 21.18 38.54
CA LYS H 226 -8.97 20.46 39.79
C LYS H 226 -7.62 19.66 39.75
N LEU H 227 -6.57 20.27 39.13
CA LEU H 227 -5.17 19.74 38.89
C LEU H 227 -4.11 20.82 39.30
N PRO H 228 -2.82 20.45 39.59
CA PRO H 228 -1.82 21.48 39.96
C PRO H 228 -1.64 22.62 38.90
N ASP H 229 -0.38 22.95 38.53
CA ASP H 229 -0.06 24.09 37.60
C ASP H 229 1.35 23.94 36.96
N ALA H 230 2.11 22.92 37.34
CA ALA H 230 3.47 22.76 36.80
C ALA H 230 4.31 23.86 37.42
N GLN H 231 4.15 25.08 36.91
CA GLN H 231 4.83 26.23 37.49
C GLN H 231 4.26 26.47 38.87
N ALA H 232 5.06 27.02 39.75
CA ALA H 232 4.61 27.41 41.06
C ALA H 232 4.75 28.93 41.13
N HIS H 233 3.67 29.64 41.53
CA HIS H 233 3.71 31.11 41.58
C HIS H 233 3.74 31.72 42.98
N PRO H 234 4.88 31.63 43.68
CA PRO H 234 4.95 32.25 45.00
C PRO H 234 5.30 33.73 44.84
N LEU H 235 4.75 34.60 45.69
CA LEU H 235 5.02 36.02 45.60
C LEU H 235 6.48 36.40 45.38
N GLY H 236 7.41 35.57 45.88
CA GLY H 236 8.83 35.85 45.71
C GLY H 236 9.35 35.31 44.39
N GLU H 237 8.45 35.26 43.40
CA GLU H 237 8.72 34.75 42.06
C GLU H 237 10.15 34.83 41.57
N VAL H 238 10.71 36.04 41.50
CA VAL H 238 12.07 36.25 41.01
C VAL H 238 13.12 35.83 42.01
N ALA H 239 13.09 36.41 43.20
CA ALA H 239 14.06 36.08 44.25
C ALA H 239 14.23 34.57 44.40
N GLY H 240 13.10 33.87 44.50
CA GLY H 240 13.16 32.41 44.65
C GLY H 240 13.72 31.71 43.42
N ALA H 241 13.64 32.37 42.26
CA ALA H 241 14.16 31.78 41.03
C ALA H 241 15.67 31.91 41.05
N PHE H 242 16.14 33.06 41.52
CA PHE H 242 17.57 33.34 41.60
C PHE H 242 18.29 32.84 42.84
N ASN H 243 17.75 31.84 43.50
CA ASN H 243 18.44 31.30 44.66
C ASN H 243 18.59 29.82 44.48
N ALA H 244 17.76 29.27 43.59
CA ALA H 244 17.83 27.85 43.28
C ALA H 244 19.30 27.58 42.98
N ALA H 245 19.81 26.43 43.40
CA ALA H 245 21.19 26.09 43.12
C ALA H 245 21.28 25.72 41.63
N THR H 246 21.49 26.72 40.77
CA THR H 246 21.57 26.46 39.32
C THR H 246 22.73 25.52 39.02
N SER H 247 22.43 24.39 38.40
CA SER H 247 23.44 23.38 38.08
C SER H 247 24.67 23.82 37.28
N GLU H 248 24.58 24.95 36.57
CA GLU H 248 25.72 25.43 35.77
C GLU H 248 26.78 25.96 36.69
N VAL H 249 26.35 26.71 37.68
CA VAL H 249 27.27 27.30 38.65
C VAL H 249 26.61 27.30 40.02
N GLY H 250 27.20 26.58 40.97
CA GLY H 250 26.66 26.48 42.33
C GLY H 250 25.36 27.25 42.63
N SER H 251 25.51 28.49 43.06
CA SER H 251 24.38 29.35 43.38
C SER H 251 24.77 30.81 43.27
N LEU H 252 24.14 31.52 42.35
CA LEU H 252 24.44 32.93 42.18
C LEU H 252 24.41 33.70 43.50
N VAL H 253 23.38 33.51 44.32
CA VAL H 253 23.30 34.21 45.61
C VAL H 253 24.46 33.87 46.52
N GLY H 254 25.00 32.66 46.38
CA GLY H 254 26.14 32.27 47.20
C GLY H 254 27.41 32.90 46.63
N SER H 255 27.91 32.32 45.55
CA SER H 255 29.12 32.78 44.87
C SER H 255 29.21 34.31 44.77
N SER H 256 28.07 34.98 44.70
CA SER H 256 28.07 36.44 44.59
C SER H 256 28.55 37.05 45.88
N SER H 257 27.95 36.62 46.99
CA SER H 257 28.29 37.15 48.30
C SER H 257 29.69 36.74 48.75
N THR H 258 30.00 35.45 48.68
CA THR H 258 31.34 34.99 49.08
C THR H 258 32.42 35.89 48.47
N LEU H 259 32.07 36.61 47.40
CA LEU H 259 32.99 37.53 46.73
C LEU H 259 32.90 38.90 47.34
N SER H 260 31.72 39.50 47.33
CA SER H 260 31.57 40.83 47.89
C SER H 260 32.04 40.79 49.34
N GLN H 261 31.83 39.65 50.00
CA GLN H 261 32.27 39.48 51.37
C GLN H 261 33.79 39.64 51.42
N ALA H 262 34.51 38.83 50.64
CA ALA H 262 35.96 38.93 50.59
C ALA H 262 36.41 40.35 50.21
N ILE H 263 35.72 40.96 49.25
CA ILE H 263 36.09 42.31 48.81
C ILE H 263 36.02 43.27 49.98
N SER H 264 35.02 43.08 50.83
CA SER H 264 34.87 43.94 51.99
C SER H 264 36.19 43.88 52.77
N THR H 265 36.54 42.70 53.30
CA THR H 265 37.77 42.53 54.05
C THR H 265 38.97 43.14 53.33
N MET H 266 39.23 42.71 52.09
CA MET H 266 40.36 43.21 51.32
C MET H 266 40.52 44.70 51.43
N ALA H 267 39.42 45.45 51.41
CA ALA H 267 39.56 46.91 51.50
C ALA H 267 39.56 47.42 52.95
N GLY H 268 38.76 46.73 53.74
CA GLY H 268 38.59 47.00 55.13
C GLY H 268 39.86 46.88 55.94
N LYS H 269 40.07 45.75 56.64
CA LYS H 269 41.22 45.67 57.54
C LYS H 269 42.46 46.44 57.01
N ASP H 270 42.71 46.31 55.70
CA ASP H 270 43.86 46.89 54.93
C ASP H 270 44.80 45.76 54.58
N LEU H 271 44.19 44.71 54.01
CA LEU H 271 45.04 43.63 53.60
C LEU H 271 45.97 44.13 52.53
N ASP H 272 45.44 45.02 51.69
CA ASP H 272 46.28 45.65 50.73
C ASP H 272 47.37 46.30 51.55
N LEU H 273 48.59 46.45 51.02
CA LEU H 273 49.64 47.07 51.82
C LEU H 273 50.12 46.16 52.96
N ILE H 274 49.90 44.85 52.81
CA ILE H 274 50.24 43.87 53.83
C ILE H 274 51.73 43.69 54.13
N GLU H 275 52.57 43.95 53.13
CA GLU H 275 54.00 43.82 53.34
C GLU H 275 54.68 45.13 52.97
N ALA H 276 53.98 46.23 53.21
CA ALA H 276 54.48 47.57 52.93
C ALA H 276 55.79 47.80 53.70
N ASP H 277 56.77 48.40 53.04
CA ASP H 277 58.04 48.63 53.70
C ASP H 277 58.17 50.06 54.20
N THR H 278 57.48 50.39 55.29
CA THR H 278 57.52 51.73 55.87
C THR H 278 56.61 51.87 57.10
N PRO H 279 57.08 52.63 58.12
CA PRO H 279 56.35 52.86 59.37
C PRO H 279 54.83 52.95 59.22
N LEU H 280 54.12 52.15 60.01
CA LEU H 280 52.65 52.12 60.02
C LEU H 280 52.10 52.11 61.43
N PRO H 281 51.26 53.09 61.78
CA PRO H 281 50.67 53.18 63.13
C PRO H 281 50.03 51.84 63.51
N VAL H 282 50.22 51.38 64.74
CA VAL H 282 49.62 50.11 65.15
C VAL H 282 48.13 50.12 64.88
N SER H 283 47.51 51.30 64.99
CA SER H 283 46.08 51.46 64.75
C SER H 283 45.67 50.85 63.40
N VAL H 284 46.53 51.04 62.39
CA VAL H 284 46.33 50.53 61.04
C VAL H 284 46.16 49.02 61.05
N PHE H 285 46.42 48.39 62.19
CA PHE H 285 46.28 46.94 62.34
C PHE H 285 45.10 46.54 63.21
N THR H 286 44.26 47.50 63.59
CA THR H 286 43.09 47.26 64.45
C THR H 286 43.25 46.06 65.41
N PRO H 287 44.32 46.06 66.23
CA PRO H 287 44.56 44.97 67.19
C PRO H 287 43.51 45.02 68.29
N SER H 288 42.73 43.95 68.42
CA SER H 288 41.68 43.90 69.44
C SER H 288 41.55 42.49 70.02
N LEU H 289 40.95 42.41 71.20
CA LEU H 289 40.75 41.10 71.83
C LEU H 289 42.04 40.30 71.71
N ALA H 290 43.18 40.93 72.07
CA ALA H 290 44.48 40.29 71.86
C ALA H 290 45.36 40.01 73.09
N PRO H 291 45.00 39.00 73.91
CA PRO H 291 45.82 38.69 75.06
C PRO H 291 46.43 37.28 75.03
N ARG H 292 47.63 37.13 74.47
CA ARG H 292 48.27 35.81 74.36
C ARG H 292 48.95 35.31 75.63
N SER H 293 48.90 34.00 75.86
CA SER H 293 49.50 33.39 77.05
C SER H 293 50.66 32.46 76.71
N TYR H 294 51.62 32.33 77.63
CA TYR H 294 52.78 31.46 77.44
C TYR H 294 53.02 30.42 78.50
N ARG H 295 54.38 30.20 78.63
CA ARG H 295 55.11 29.27 79.54
C ARG H 295 56.61 29.62 79.64
N PRO H 296 57.02 30.83 80.16
CA PRO H 296 58.45 31.24 80.32
C PRO H 296 59.24 30.27 81.19
N ALA H 297 60.47 30.63 81.55
CA ALA H 297 61.28 29.68 82.29
C ALA H 297 61.52 28.48 81.36
N PHE H 298 61.15 28.73 80.10
CA PHE H 298 61.33 27.77 79.03
C PHE H 298 61.74 28.55 77.79
N ILE H 299 61.09 29.69 77.53
CA ILE H 299 61.43 30.50 76.36
C ILE H 299 62.88 30.98 76.42
N LYS H 300 63.71 30.56 75.45
CA LYS H 300 65.09 31.01 75.46
C LYS H 300 65.14 32.53 75.33
N PRO H 301 66.12 33.17 76.01
CA PRO H 301 66.24 34.63 75.97
C PRO H 301 66.40 35.19 74.55
N GLU H 302 67.16 34.49 73.70
CA GLU H 302 67.36 34.98 72.34
C GLU H 302 66.15 34.72 71.44
N ASP H 303 65.27 33.82 71.86
CA ASP H 303 64.07 33.51 71.06
C ASP H 303 62.96 34.53 71.25
N ALA H 304 63.17 35.49 72.16
CA ALA H 304 62.18 36.53 72.45
C ALA H 304 62.71 37.59 73.40
N LYS H 305 63.25 38.65 72.85
CA LYS H 305 63.86 39.75 73.60
C LYS H 305 63.23 40.13 74.95
N TRP H 306 61.91 40.05 75.08
CA TRP H 306 61.24 40.43 76.32
C TRP H 306 61.44 39.45 77.47
N ILE H 307 62.54 38.74 77.52
CA ILE H 307 62.72 37.77 78.60
C ILE H 307 64.17 37.35 78.77
N ALA H 308 64.86 38.00 79.72
CA ALA H 308 66.28 37.74 80.00
C ALA H 308 66.45 36.75 81.14
N GLU H 309 67.63 36.12 81.22
CA GLU H 309 67.87 35.15 82.29
C GLU H 309 69.13 35.37 83.13
N PHE H 310 69.02 35.02 84.41
CA PHE H 310 70.14 35.14 85.36
C PHE H 310 71.13 33.99 85.23
N ASN H 311 71.79 33.83 84.09
CA ASN H 311 72.74 32.72 83.95
C ASN H 311 74.03 33.00 84.75
N ASN H 312 74.00 32.60 86.04
CA ASN H 312 75.13 32.79 86.95
C ASN H 312 75.58 31.47 87.59
N SER H 313 76.85 31.38 87.94
CA SER H 313 77.42 30.16 88.54
C SER H 313 76.62 29.57 89.70
N SER H 314 76.81 30.13 90.90
CA SER H 314 76.12 29.64 92.10
C SER H 314 74.69 30.18 92.24
N LEU H 315 74.15 30.12 93.46
CA LEU H 315 72.82 30.64 93.73
C LEU H 315 72.92 32.09 94.12
N ILE H 316 71.80 32.82 94.07
CA ILE H 316 71.84 34.23 94.43
C ILE H 316 70.81 34.56 95.49
N ARG H 317 70.87 33.89 96.64
CA ARG H 317 69.88 34.15 97.70
C ARG H 317 69.91 35.59 98.21
N LYS H 318 68.80 36.29 98.05
CA LYS H 318 68.64 37.66 98.48
C LYS H 318 67.58 37.64 99.58
N THR H 319 67.33 38.77 100.23
CA THR H 319 66.30 38.84 101.26
C THR H 319 65.40 40.05 101.04
N LEU H 320 64.29 40.11 101.77
CA LEU H 320 63.35 41.23 101.64
C LEU H 320 62.24 41.11 102.68
N THR H 321 62.03 42.17 103.44
CA THR H 321 60.98 42.17 104.44
C THR H 321 59.65 42.41 103.76
N TYR H 322 58.85 41.34 103.62
CA TYR H 322 57.55 41.43 102.99
C TYR H 322 56.47 41.12 104.03
N SER H 323 55.72 42.14 104.43
CA SER H 323 54.66 41.96 105.41
C SER H 323 55.30 41.54 106.74
N GLY H 324 56.36 42.24 107.12
CA GLY H 324 57.06 41.92 108.34
C GLY H 324 58.04 40.78 108.09
N ALA H 325 57.50 39.57 107.99
CA ALA H 325 58.30 38.37 107.75
C ALA H 325 59.38 38.56 106.67
N THR H 326 60.57 38.01 106.92
CA THR H 326 61.66 38.11 105.98
C THR H 326 61.79 36.86 105.13
N TYR H 327 61.66 37.01 103.81
CA TYR H 327 61.77 35.88 102.89
C TYR H 327 63.02 35.98 102.03
N THR H 328 63.39 34.87 101.41
CA THR H 328 64.56 34.85 100.56
C THR H 328 64.22 34.44 99.14
N VAL H 329 64.36 35.39 98.21
CA VAL H 329 64.17 35.07 96.79
C VAL H 329 65.38 34.21 96.42
N GLN H 330 65.20 33.17 95.58
CA GLN H 330 66.32 32.23 95.35
C GLN H 330 67.16 32.45 94.11
N LEU H 331 66.59 32.37 92.90
CA LEU H 331 67.36 32.48 91.65
C LEU H 331 68.25 31.23 91.56
N GLY H 332 67.72 30.11 92.06
CA GLY H 332 68.37 28.78 92.16
C GLY H 332 69.35 28.35 91.06
N PRO H 333 69.83 27.11 91.18
CA PRO H 333 70.82 26.39 90.33
C PRO H 333 70.78 26.66 88.83
N GLY H 334 69.60 26.56 88.23
CA GLY H 334 69.47 26.79 86.79
C GLY H 334 69.52 28.26 86.42
N PRO H 335 69.30 28.60 85.13
CA PRO H 335 69.38 30.02 84.70
C PRO H 335 68.22 30.93 85.12
N THR H 336 67.06 30.38 85.50
CA THR H 336 65.88 31.16 85.94
C THR H 336 65.55 32.32 84.98
N ARG H 337 64.89 32.00 83.86
CA ARG H 337 64.50 33.01 82.89
C ARG H 337 63.42 33.89 83.52
N VAL H 338 63.63 35.21 83.51
CA VAL H 338 62.67 36.16 84.09
C VAL H 338 62.16 37.13 83.04
N ILE H 339 60.89 37.53 83.16
CA ILE H 339 60.28 38.50 82.24
C ILE H 339 61.03 39.81 82.40
N ASP H 340 61.59 40.32 81.33
CA ASP H 340 62.28 41.62 81.45
C ASP H 340 61.18 42.68 81.56
N MET H 341 61.45 43.81 82.23
CA MET H 341 60.43 44.85 82.37
C MET H 341 60.50 45.87 81.27
N ASN H 342 61.70 46.22 80.88
CA ASN H 342 61.73 47.08 79.74
C ASN H 342 61.36 46.15 78.58
N ALA H 343 60.82 46.71 77.49
CA ALA H 343 60.35 45.87 76.42
C ALA H 343 59.28 45.01 77.05
N MET H 344 58.20 45.66 77.49
CA MET H 344 57.09 44.96 78.14
C MET H 344 55.78 45.78 78.14
N ILE H 345 55.45 46.50 77.05
CA ILE H 345 54.22 47.29 76.88
C ILE H 345 53.28 47.23 78.09
N ASP H 346 53.23 48.28 78.90
CA ASP H 346 52.38 48.29 80.10
C ASP H 346 51.14 47.41 79.94
N SER H 347 51.26 46.17 80.40
CA SER H 347 50.19 45.19 80.29
C SER H 347 49.56 44.81 81.61
N VAL H 348 48.94 43.66 81.54
CA VAL H 348 48.35 43.04 82.70
C VAL H 348 48.91 41.62 82.72
N LEU H 349 50.08 41.49 83.32
CA LEU H 349 50.72 40.18 83.47
C LEU H 349 49.96 39.38 84.50
N THR H 350 49.51 38.18 84.14
CA THR H 350 48.81 37.36 85.12
C THR H 350 49.38 35.95 85.03
N LEU H 351 50.39 35.70 85.86
CA LEU H 351 51.05 34.40 85.90
C LEU H 351 50.25 33.37 86.67
N ASP H 352 49.69 32.40 85.95
CA ASP H 352 48.94 31.36 86.61
C ASP H 352 49.88 30.22 86.97
N VAL H 353 49.74 29.71 88.20
CA VAL H 353 50.59 28.62 88.65
C VAL H 353 49.69 27.49 89.10
N SER H 354 49.31 26.61 88.18
CA SER H 354 48.44 25.50 88.56
C SER H 354 48.70 24.18 87.86
N GLY H 355 48.52 23.09 88.60
CA GLY H 355 48.73 21.77 88.04
C GLY H 355 50.22 21.48 87.92
N THR H 356 51.01 22.55 88.05
CA THR H 356 52.45 22.43 87.98
C THR H 356 52.95 21.81 89.28
N ILE H 357 54.01 21.01 89.20
CA ILE H 357 54.57 20.33 90.36
C ILE H 357 54.93 21.31 91.48
N LEU H 358 54.91 20.81 92.71
CA LEU H 358 55.22 21.58 93.91
C LEU H 358 55.81 20.55 94.89
N PRO H 359 57.09 20.22 94.73
CA PRO H 359 57.83 19.25 95.54
C PRO H 359 58.17 19.60 97.00
N TYR H 360 57.19 20.08 97.76
CA TYR H 360 57.43 20.41 99.16
C TYR H 360 57.66 19.12 99.94
N ASP H 361 57.42 17.99 99.28
CA ASP H 361 57.57 16.66 99.87
C ASP H 361 59.04 16.37 100.14
N THR H 362 59.89 16.60 99.15
CA THR H 362 61.32 16.36 99.32
C THR H 362 61.93 17.53 100.09
N ASN H 363 62.44 18.55 99.40
CA ASN H 363 63.02 19.69 100.10
C ASN H 363 61.90 20.38 100.90
N PRO H 364 61.87 20.13 102.22
CA PRO H 364 60.86 20.72 103.10
C PRO H 364 60.99 22.24 103.08
N ASP H 365 62.14 22.67 102.58
CA ASP H 365 62.49 24.08 102.45
C ASP H 365 61.44 24.80 101.60
N LEU H 366 60.99 24.13 100.55
CA LEU H 366 60.00 24.71 99.63
C LEU H 366 58.68 25.00 100.32
N SER H 367 58.18 24.05 101.10
CA SER H 367 56.92 24.28 101.82
C SER H 367 57.12 25.47 102.75
N THR H 368 56.03 26.11 103.14
CA THR H 368 56.07 27.26 104.03
C THR H 368 56.29 28.58 103.28
N SER H 369 56.85 28.49 102.07
CA SER H 369 57.11 29.70 101.27
C SER H 369 55.94 30.10 100.38
N VAL H 370 55.41 31.30 100.61
CA VAL H 370 54.30 31.79 99.82
C VAL H 370 54.78 32.15 98.42
N PRO H 371 54.28 31.44 97.39
CA PRO H 371 54.68 31.72 96.00
C PRO H 371 54.21 33.14 95.67
N ALA H 372 55.03 33.90 94.93
CA ALA H 372 54.64 35.27 94.61
C ALA H 372 55.42 35.91 93.47
N PHE H 373 54.69 36.62 92.60
CA PHE H 373 55.33 37.30 91.49
C PHE H 373 56.05 38.54 92.08
N VAL H 374 57.35 38.66 91.83
CA VAL H 374 58.15 39.76 92.38
C VAL H 374 59.08 40.43 91.36
N LEU H 375 59.11 41.76 91.36
CA LEU H 375 60.01 42.49 90.47
C LEU H 375 61.40 42.47 91.11
N ILE H 376 62.44 42.60 90.29
CA ILE H 376 63.81 42.57 90.79
C ILE H 376 64.66 43.60 90.07
N GLN H 377 64.95 44.71 90.74
CA GLN H 377 65.80 45.73 90.12
C GLN H 377 67.24 45.38 90.42
N THR H 378 68.04 45.18 89.38
CA THR H 378 69.46 44.86 89.55
C THR H 378 70.33 46.04 89.13
N SER H 379 71.48 46.21 89.77
CA SER H 379 72.39 47.31 89.42
C SER H 379 73.00 47.01 88.07
N VAL H 380 73.97 46.10 88.06
CA VAL H 380 74.61 45.71 86.82
C VAL H 380 73.53 45.00 86.00
N PRO H 381 73.56 45.12 84.65
CA PRO H 381 72.57 44.47 83.78
C PRO H 381 72.51 42.96 84.06
N ILE H 382 71.32 42.38 83.99
CA ILE H 382 71.20 40.93 84.22
C ILE H 382 72.15 40.30 83.20
N GLN H 383 72.40 39.00 83.29
CA GLN H 383 73.32 38.36 82.34
C GLN H 383 74.66 39.02 82.54
N GLN H 384 74.91 39.38 83.80
CA GLN H 384 76.14 40.04 84.22
C GLN H 384 76.02 40.28 85.72
N VAL H 385 74.86 39.89 86.26
CA VAL H 385 74.56 40.02 87.69
C VAL H 385 75.00 38.72 88.37
N THR H 386 76.16 38.78 89.04
CA THR H 386 76.72 37.60 89.71
C THR H 386 76.16 37.26 91.08
N THR H 387 76.34 38.16 92.05
CA THR H 387 75.88 37.88 93.40
C THR H 387 75.01 38.93 94.10
N ALA H 388 74.22 38.46 95.07
CA ALA H 388 73.31 39.26 95.88
C ALA H 388 73.56 40.76 95.97
N ALA H 389 74.80 41.17 96.21
CA ALA H 389 75.12 42.60 96.32
C ALA H 389 74.81 43.36 95.03
N ASN H 390 74.60 42.60 93.95
CA ASN H 390 74.30 43.13 92.63
C ASN H 390 72.83 43.54 92.48
N ILE H 391 71.94 42.78 93.10
CA ILE H 391 70.50 43.02 93.06
C ILE H 391 70.08 44.24 93.91
N THR H 392 69.86 45.39 93.27
CA THR H 392 69.45 46.61 93.96
C THR H 392 68.36 46.35 95.01
N ALA H 393 67.15 46.06 94.56
CA ALA H 393 66.05 45.78 95.48
C ALA H 393 65.09 44.74 94.89
N ILE H 394 64.14 44.28 95.70
CA ILE H 394 63.18 43.29 95.24
C ILE H 394 61.80 43.57 95.82
N THR H 395 60.84 43.90 94.96
CA THR H 395 59.48 44.18 95.39
C THR H 395 58.51 43.05 95.13
N VAL H 396 57.75 42.66 96.14
CA VAL H 396 56.76 41.60 96.01
C VAL H 396 55.52 42.26 95.42
N VAL H 397 55.44 42.36 94.10
CA VAL H 397 54.31 43.01 93.44
C VAL H 397 52.98 42.27 93.62
N SER H 398 53.03 41.03 94.12
CA SER H 398 51.80 40.27 94.31
C SER H 398 52.08 38.89 94.89
N ALA H 399 51.97 38.77 96.21
CA ALA H 399 52.22 37.48 96.84
C ALA H 399 50.94 36.67 96.98
N ALA H 400 51.09 35.40 97.32
CA ALA H 400 49.94 34.52 97.50
C ALA H 400 49.79 34.24 98.99
N GLY H 401 48.70 34.71 99.59
CA GLY H 401 48.50 34.46 101.01
C GLY H 401 48.46 32.96 101.25
N ALA H 402 49.12 32.51 102.31
CA ALA H 402 49.19 31.09 102.70
C ALA H 402 50.33 30.36 101.99
N SER H 403 51.20 29.77 102.83
CA SER H 403 52.42 29.06 102.38
C SER H 403 52.17 27.94 101.39
N ALA H 404 53.24 27.29 100.94
CA ALA H 404 53.22 26.17 99.98
C ALA H 404 53.04 24.82 100.70
N ILE H 405 51.78 24.59 101.15
CA ILE H 405 51.28 23.41 101.89
C ILE H 405 49.75 23.60 102.24
N ASN H 406 49.02 24.36 101.37
CA ASN H 406 47.56 24.72 101.41
C ASN H 406 47.14 25.03 99.97
N LEU H 407 48.17 25.37 99.19
CA LEU H 407 48.10 25.65 97.77
C LEU H 407 48.31 24.35 97.02
N ALA H 408 48.81 23.37 97.76
CA ALA H 408 49.07 22.03 97.22
C ALA H 408 47.76 21.26 97.10
N ILE H 409 47.88 20.02 96.61
CA ILE H 409 46.75 19.11 96.42
C ILE H 409 47.39 17.86 95.83
N ASN H 410 47.37 16.76 96.57
CA ASN H 410 47.97 15.52 96.11
C ASN H 410 47.23 14.88 94.93
N VAL H 411 47.90 14.67 93.79
CA VAL H 411 47.31 14.04 92.59
C VAL H 411 48.08 12.78 92.14
N ARG H 412 48.41 11.91 93.09
CA ARG H 412 49.17 10.69 92.88
C ARG H 412 50.65 10.94 93.28
N GLY H 413 50.92 11.09 94.58
CA GLY H 413 52.28 11.34 95.05
C GLY H 413 52.70 12.82 94.88
N GLN H 414 52.98 13.19 93.62
CA GLN H 414 53.39 14.54 93.11
C GLN H 414 52.37 15.62 93.42
N PRO H 415 52.49 16.28 94.54
CA PRO H 415 51.54 17.34 94.89
C PRO H 415 51.57 18.49 93.89
N ARG H 416 50.40 18.85 93.33
CA ARG H 416 50.33 19.94 92.35
C ARG H 416 49.93 21.25 92.98
N PHE H 417 49.77 22.27 92.15
CA PHE H 417 49.38 23.60 92.63
C PHE H 417 47.91 23.88 92.38
N ASN H 418 47.14 24.14 93.44
CA ASN H 418 45.73 24.48 93.31
C ASN H 418 45.71 25.72 92.44
N MET H 419 45.09 25.59 91.27
CA MET H 419 44.99 26.66 90.29
C MET H 419 44.74 28.06 90.88
N LEU H 420 45.75 28.92 90.91
CA LEU H 420 45.62 30.27 91.45
C LEU H 420 46.40 31.26 90.57
N HIS H 421 45.93 32.51 90.47
CA HIS H 421 46.61 33.48 89.60
C HIS H 421 47.25 34.68 90.27
N LEU H 422 48.58 34.66 90.34
CA LEU H 422 49.23 35.82 90.89
C LEU H 422 49.16 36.87 89.78
N GLN H 423 49.41 38.18 90.04
CA GLN H 423 49.26 39.09 88.90
C GLN H 423 49.56 40.56 89.14
N ALA H 424 50.58 41.06 88.44
CA ALA H 424 50.97 42.46 88.51
C ALA H 424 50.21 43.25 87.44
N THR H 425 50.53 44.53 87.32
CA THR H 425 49.92 45.39 86.34
C THR H 425 51.01 46.35 85.91
N PHE H 426 52.05 45.79 85.34
CA PHE H 426 53.19 46.57 84.87
C PHE H 426 52.79 47.80 84.06
N GLU H 427 53.47 48.92 84.29
CA GLU H 427 53.18 50.17 83.58
C GLU H 427 54.43 50.86 83.03
N ARG H 428 54.56 50.92 81.71
CA ARG H 428 55.70 51.56 81.04
C ARG H 428 56.60 52.43 81.92
N GLU H 429 56.03 53.51 82.46
CA GLU H 429 56.76 54.53 83.25
C GLU H 429 57.00 54.19 84.74
N THR H 430 56.26 53.27 85.36
CA THR H 430 56.59 52.97 86.76
C THR H 430 58.07 52.46 86.83
N ILE H 431 58.61 52.04 85.66
CA ILE H 431 60.02 51.63 85.49
C ILE H 431 60.83 52.71 84.73
N THR H 432 60.55 54.04 84.94
CA THR H 432 61.32 55.12 84.22
C THR H 432 62.76 55.17 84.78
N GLY H 433 63.77 55.44 83.94
CA GLY H 433 65.16 55.53 84.42
C GLY H 433 65.78 54.18 84.67
N ILE H 434 65.23 53.48 85.66
CA ILE H 434 65.59 52.12 86.05
C ILE H 434 66.03 51.24 84.85
N PRO H 435 67.33 51.27 84.49
CA PRO H 435 67.89 50.52 83.37
C PRO H 435 67.62 49.03 83.45
N TYR H 436 67.73 48.45 84.64
CA TYR H 436 67.51 47.02 84.80
C TYR H 436 66.51 46.64 85.85
N ILE H 437 65.49 45.88 85.44
CA ILE H 437 64.44 45.43 86.32
C ILE H 437 63.75 44.26 85.62
N TYR H 438 63.41 43.22 86.37
CA TYR H 438 62.81 42.04 85.80
C TYR H 438 61.66 41.51 86.63
N GLY H 439 60.62 41.04 85.94
CA GLY H 439 59.51 40.46 86.62
C GLY H 439 59.85 39.00 86.76
N LEU H 440 59.67 38.44 87.96
CA LEU H 440 60.01 37.04 88.21
C LEU H 440 58.93 36.43 89.09
N GLY H 441 58.31 35.35 88.62
CA GLY H 441 57.29 34.69 89.44
C GLY H 441 58.00 33.59 90.20
N THR H 442 58.69 33.96 91.27
CA THR H 442 59.45 33.00 92.08
C THR H 442 58.72 32.41 93.28
N PHE H 443 59.44 32.09 94.35
CA PHE H 443 58.78 31.44 95.47
C PHE H 443 58.74 32.19 96.80
N LEU H 444 59.79 32.94 97.14
CA LEU H 444 59.87 33.64 98.45
C LEU H 444 59.91 32.64 99.60
N ILE H 445 61.05 31.96 99.74
CA ILE H 445 61.25 30.98 100.80
C ILE H 445 61.48 31.66 102.13
N PRO H 446 60.76 31.23 103.18
CA PRO H 446 60.91 31.83 104.51
C PRO H 446 62.18 31.44 105.23
N SER H 447 62.97 30.55 104.62
CA SER H 447 64.21 30.09 105.22
C SER H 447 65.01 29.14 104.32
N PRO H 448 65.91 29.68 103.50
CA PRO H 448 66.72 28.86 102.60
C PRO H 448 67.53 27.77 103.32
N THR H 449 67.60 26.58 102.73
CA THR H 449 68.30 25.44 103.32
C THR H 449 69.10 24.64 102.28
N SER H 450 69.83 23.63 102.75
CA SER H 450 70.63 22.77 101.89
C SER H 450 69.73 21.97 100.94
N SER H 451 68.51 21.67 101.40
CA SER H 451 67.55 20.92 100.60
C SER H 451 67.23 21.67 99.30
N SER H 452 67.03 22.98 99.41
CA SER H 452 66.72 23.81 98.24
C SER H 452 68.04 24.36 97.68
N ASN H 453 68.95 23.47 97.35
CA ASN H 453 70.24 23.87 96.82
C ASN H 453 70.34 23.48 95.36
N PHE H 454 69.33 22.75 94.89
CA PHE H 454 69.29 22.31 93.50
C PHE H 454 67.85 22.40 93.00
N SER H 455 66.99 23.08 93.78
CA SER H 455 65.59 23.24 93.43
C SER H 455 65.29 24.36 92.43
N ASN H 456 65.62 25.59 92.81
CA ASN H 456 65.35 26.73 91.92
C ASN H 456 63.84 26.89 91.79
N PRO H 457 63.29 27.70 92.72
CA PRO H 457 61.84 27.97 92.88
C PRO H 457 61.14 28.87 91.85
N THR H 458 61.63 28.93 90.62
CA THR H 458 60.96 29.78 89.63
C THR H 458 59.58 29.20 89.30
N LEU H 459 58.52 29.93 89.62
CA LEU H 459 57.18 29.42 89.32
C LEU H 459 56.77 29.77 87.90
N MET H 460 57.75 30.22 87.11
CA MET H 460 57.52 30.59 85.73
C MET H 460 57.12 29.43 84.82
N ASP H 461 57.34 28.20 85.27
CA ASP H 461 56.94 27.05 84.48
C ASP H 461 55.41 27.10 84.30
N GLY H 462 54.76 27.98 85.06
CA GLY H 462 53.31 28.13 84.99
C GLY H 462 52.89 28.88 83.73
N LEU H 463 51.62 28.79 83.35
CA LEU H 463 51.09 29.44 82.15
C LEU H 463 50.77 30.92 82.34
N LEU H 464 51.76 31.78 82.10
CA LEU H 464 51.63 33.23 82.24
C LEU H 464 50.81 33.81 81.08
N THR H 465 49.94 34.78 81.38
CA THR H 465 49.13 35.39 80.33
C THR H 465 49.16 36.91 80.31
N VAL H 466 50.06 37.47 79.52
CA VAL H 466 50.19 38.92 79.37
C VAL H 466 49.08 39.44 78.46
N THR H 467 48.47 40.56 78.84
CA THR H 467 47.41 41.18 78.07
C THR H 467 47.68 42.66 77.92
N PRO H 468 48.19 43.08 76.74
CA PRO H 468 48.52 44.49 76.47
C PRO H 468 47.38 45.39 76.86
N VAL H 469 47.58 46.25 77.85
CA VAL H 469 46.50 47.14 78.27
C VAL H 469 46.78 48.56 77.84
N LEU H 470 46.80 48.78 76.54
CA LEU H 470 47.13 50.07 75.96
C LEU H 470 47.60 49.79 74.54
N LEU H 471 46.64 49.44 73.69
CA LEU H 471 46.90 49.09 72.26
C LEU H 471 47.83 49.99 71.44
N ARG H 472 47.65 51.31 71.55
CA ARG H 472 48.47 52.23 70.76
C ARG H 472 49.96 51.84 70.65
N GLU H 473 50.56 51.35 71.74
CA GLU H 473 51.99 50.96 71.74
C GLU H 473 52.29 49.49 71.51
N THR H 474 53.10 49.21 70.49
CA THR H 474 53.49 47.84 70.16
C THR H 474 54.93 47.59 70.64
N THR H 475 55.46 46.41 70.36
CA THR H 475 56.83 46.06 70.76
C THR H 475 57.53 45.28 69.65
N TYR H 476 58.79 45.62 69.35
CA TYR H 476 59.51 44.88 68.34
C TYR H 476 61.01 44.70 68.59
N LYS H 477 61.42 43.43 68.58
CA LYS H 477 62.82 43.06 68.80
C LYS H 477 63.31 43.54 70.16
N GLY H 478 62.38 43.80 71.07
CA GLY H 478 62.76 44.26 72.39
C GLY H 478 62.49 45.73 72.67
N GLU H 479 62.08 46.50 71.66
CA GLU H 479 61.79 47.91 71.87
C GLU H 479 60.31 48.22 71.74
N VAL H 480 59.86 49.26 72.42
CA VAL H 480 58.46 49.67 72.35
C VAL H 480 58.33 50.76 71.30
N VAL H 481 57.39 50.59 70.38
CA VAL H 481 57.20 51.56 69.31
C VAL H 481 55.73 51.93 69.10
N ASP H 482 55.49 52.80 68.13
CA ASP H 482 54.13 53.23 67.82
C ASP H 482 53.79 52.87 66.39
N ALA H 483 54.78 52.38 65.66
CA ALA H 483 54.59 51.99 64.26
C ALA H 483 55.47 50.79 63.88
N ILE H 484 54.95 49.93 63.02
CA ILE H 484 55.65 48.77 62.54
C ILE H 484 56.17 49.04 61.13
N VAL H 485 56.98 48.15 60.58
CA VAL H 485 57.46 48.29 59.22
C VAL H 485 57.25 46.97 58.49
N PRO H 486 56.03 46.41 58.59
CA PRO H 486 55.64 45.12 57.98
C PRO H 486 56.75 44.32 57.31
N ALA H 487 57.15 44.72 56.09
CA ALA H 487 58.19 44.03 55.34
C ALA H 487 59.37 43.59 56.21
N THR H 488 59.67 44.36 57.25
CA THR H 488 60.77 44.03 58.17
C THR H 488 60.51 42.75 58.93
N VAL H 489 59.28 42.59 59.41
CA VAL H 489 58.93 41.40 60.16
C VAL H 489 58.79 40.12 59.31
N MET H 490 58.88 40.21 57.99
CA MET H 490 58.77 38.99 57.17
C MET H 490 60.11 38.27 57.20
N ALA H 491 60.07 36.92 57.23
CA ALA H 491 61.26 36.07 57.27
C ALA H 491 62.37 36.73 58.10
N ASN H 492 62.01 37.10 59.32
CA ASN H 492 62.94 37.77 60.19
C ASN H 492 62.88 37.16 61.58
N GLN H 493 61.82 36.38 61.81
CA GLN H 493 61.65 35.66 63.06
C GLN H 493 62.16 34.25 62.78
N THR H 494 62.40 33.47 63.83
CA THR H 494 62.84 32.09 63.62
C THR H 494 61.64 31.19 63.93
N SER H 495 61.83 29.88 63.72
CA SER H 495 60.76 28.93 63.98
C SER H 495 59.91 29.38 65.18
N GLU H 496 60.62 29.58 66.33
CA GLU H 496 59.99 29.91 67.60
C GLU H 496 60.09 31.39 68.02
N GLU H 497 60.80 32.23 67.25
CA GLU H 497 60.87 33.67 67.52
C GLU H 497 59.50 34.29 67.13
N VAL H 498 58.56 33.37 66.76
CA VAL H 498 57.17 33.64 66.36
C VAL H 498 56.21 33.13 67.42
N ALA H 499 56.26 31.83 67.71
CA ALA H 499 55.41 31.24 68.74
C ALA H 499 55.72 31.84 70.13
N SER H 500 56.88 32.49 70.25
CA SER H 500 57.31 33.09 71.50
C SER H 500 57.04 34.61 71.48
N ALA H 501 56.30 35.07 70.47
CA ALA H 501 55.99 36.49 70.34
C ALA H 501 55.23 36.96 71.57
N LEU H 502 55.30 38.25 71.85
CA LEU H 502 54.63 38.84 73.01
C LEU H 502 53.31 39.57 72.64
N ALA H 503 52.19 39.04 73.14
CA ALA H 503 50.83 39.56 72.91
C ALA H 503 50.80 41.03 72.51
N ASN H 504 50.46 41.26 71.25
CA ASN H 504 50.41 42.58 70.64
C ASN H 504 51.79 43.20 70.47
N ASP H 505 52.61 42.50 69.67
CA ASP H 505 53.91 42.98 69.29
C ASP H 505 54.00 42.88 67.77
N ALA H 506 54.85 43.63 67.14
CA ALA H 506 54.84 43.55 65.68
C ALA H 506 54.53 42.14 65.17
N ILE H 507 55.38 41.17 65.50
CA ILE H 507 55.15 39.79 65.06
C ILE H 507 53.69 39.36 65.20
N VAL H 508 53.11 39.53 66.39
CA VAL H 508 51.73 39.13 66.63
C VAL H 508 50.74 39.99 65.85
N LEU H 509 51.19 41.18 65.44
CA LEU H 509 50.34 42.06 64.63
C LEU H 509 50.46 41.69 63.15
N VAL H 510 51.72 41.44 62.68
CA VAL H 510 52.06 41.05 61.29
C VAL H 510 51.74 39.57 61.04
N SER H 511 51.02 39.01 62.01
CA SER H 511 50.50 37.63 61.96
C SER H 511 48.98 37.68 61.90
N ASN H 512 48.35 38.63 62.64
CA ASN H 512 46.88 38.88 62.75
C ASN H 512 46.35 39.47 61.46
N HIS H 513 47.28 40.11 60.78
CA HIS H 513 47.06 40.74 59.51
C HIS H 513 47.10 39.67 58.41
N LEU H 514 48.23 38.97 58.27
CA LEU H 514 48.32 37.93 57.25
C LEU H 514 47.14 36.99 57.39
N ASN H 515 46.75 36.74 58.63
CA ASN H 515 45.63 35.84 58.91
C ASN H 515 44.31 36.25 58.27
N LYS H 516 44.06 37.55 58.11
CA LYS H 516 42.85 38.01 57.46
C LYS H 516 43.03 37.72 55.98
N LEU H 517 44.13 38.20 55.44
CA LEU H 517 44.43 37.99 54.03
C LEU H 517 44.51 36.51 53.72
N ALA H 518 44.85 35.72 54.72
CA ALA H 518 44.86 34.31 54.52
C ALA H 518 43.42 33.75 54.37
N ASN H 519 42.40 34.43 54.92
CA ASN H 519 41.02 33.89 54.86
C ASN H 519 40.29 34.45 53.68
N VAL H 520 40.83 35.51 53.13
CA VAL H 520 40.23 36.05 51.93
C VAL H 520 40.62 35.11 50.83
N VAL H 521 41.89 34.72 50.73
CA VAL H 521 42.27 33.78 49.65
C VAL H 521 41.61 32.43 49.93
N GLY H 522 41.85 31.89 51.11
CA GLY H 522 41.27 30.60 51.49
C GLY H 522 39.80 30.54 51.11
N ASP H 523 39.08 31.62 51.37
CA ASP H 523 37.65 31.75 51.08
C ASP H 523 37.31 31.96 49.60
N ALA H 524 37.49 33.18 49.11
CA ALA H 524 37.18 33.52 47.72
C ALA H 524 37.97 32.79 46.64
N ILE H 525 39.29 33.02 46.62
CA ILE H 525 40.17 32.38 45.63
C ILE H 525 40.28 30.85 45.81
N PRO H 526 40.42 30.09 44.70
CA PRO H 526 40.55 28.62 44.79
C PRO H 526 41.97 28.08 44.95
N VAL H 527 42.67 28.54 45.99
CA VAL H 527 44.03 28.09 46.22
C VAL H 527 44.12 26.66 46.73
N ALA H 528 43.05 25.87 46.51
CA ALA H 528 43.04 24.48 46.95
C ALA H 528 42.54 23.47 45.92
N SER H 529 43.01 23.67 44.69
CA SER H 529 42.70 22.76 43.58
C SER H 529 43.73 22.98 42.45
N ARG H 530 43.85 22.08 41.44
CA ARG H 530 44.88 22.30 40.40
C ARG H 530 44.53 23.42 39.41
N THR H 531 43.80 24.45 39.89
CA THR H 531 43.36 25.49 38.98
C THR H 531 44.29 26.70 38.82
N ASP H 532 45.58 26.56 39.13
CA ASP H 532 46.55 27.66 38.99
C ASP H 532 45.91 29.05 39.07
N ASP H 533 45.14 29.25 40.15
CA ASP H 533 44.40 30.46 40.47
C ASP H 533 45.19 31.76 40.44
N SER H 534 44.46 32.87 40.54
CA SER H 534 45.05 34.21 40.53
C SER H 534 46.11 34.41 41.60
N ALA H 535 45.94 33.73 42.75
CA ALA H 535 46.90 33.83 43.85
C ALA H 535 48.22 33.18 43.49
N THR H 536 48.20 31.85 43.29
CA THR H 536 49.41 31.10 42.94
C THR H 536 49.96 31.57 41.60
N SER H 537 49.21 32.43 40.91
CA SER H 537 49.63 32.94 39.61
C SER H 537 50.44 34.19 39.76
N ALA H 538 50.06 35.04 40.72
CA ALA H 538 50.79 36.27 40.99
C ALA H 538 52.21 35.89 41.40
N ILE H 539 52.33 34.84 42.20
CA ILE H 539 53.62 34.37 42.68
C ILE H 539 54.47 33.79 41.55
N VAL H 540 53.87 32.97 40.68
CA VAL H 540 54.60 32.37 39.56
C VAL H 540 55.29 33.42 38.72
N SER H 541 54.62 34.55 38.48
CA SER H 541 55.22 35.60 37.67
C SER H 541 56.43 36.19 38.38
N ARG H 542 56.44 36.18 39.71
CA ARG H 542 57.59 36.69 40.44
C ARG H 542 58.75 35.70 40.30
N LEU H 543 58.48 34.41 40.55
CA LEU H 543 59.53 33.40 40.44
C LEU H 543 60.20 33.43 39.08
N ALA H 544 59.41 33.59 38.02
CA ALA H 544 59.97 33.68 36.67
C ALA H 544 60.92 34.88 36.59
N VAL H 545 60.36 36.10 36.66
CA VAL H 545 61.14 37.35 36.63
C VAL H 545 62.35 37.27 37.53
N GLN H 546 62.24 36.46 38.58
CA GLN H 546 63.34 36.32 39.53
C GLN H 546 64.37 35.32 38.99
N HIS H 547 63.95 34.08 38.78
CA HIS H 547 64.84 33.05 38.26
C HIS H 547 65.37 33.40 36.88
N LYS H 548 64.71 34.34 36.19
CA LYS H 548 65.13 34.70 34.86
C LYS H 548 66.34 35.62 34.85
N LEU H 549 66.41 36.54 35.82
CA LEU H 549 67.55 37.46 35.84
C LEU H 549 68.73 36.80 36.55
N SER H 550 68.46 35.81 37.38
CA SER H 550 69.55 35.12 38.08
C SER H 550 70.26 34.24 37.04
N GLN H 551 69.63 34.07 35.89
CA GLN H 551 70.20 33.27 34.81
C GLN H 551 70.96 34.16 33.84
N VAL H 552 70.61 35.46 33.83
CA VAL H 552 71.26 36.44 32.96
C VAL H 552 72.75 36.52 33.37
N GLY H 553 73.63 36.73 32.39
CA GLY H 553 75.09 36.75 32.62
C GLY H 553 75.52 35.32 33.00
N GLN H 554 76.49 34.69 32.28
CA GLN H 554 76.95 33.28 32.47
C GLN H 554 76.13 32.43 31.47
N ALA H 555 76.75 31.37 30.91
CA ALA H 555 76.26 30.38 29.90
C ALA H 555 74.75 30.18 29.73
N SER H 556 73.94 30.70 30.68
CA SER H 556 72.49 30.56 30.65
C SER H 556 72.10 29.16 30.18
N PRO H 557 72.80 28.13 30.70
CA PRO H 557 72.57 26.73 30.30
C PRO H 557 71.18 26.21 30.68
N THR H 558 70.44 26.96 31.50
CA THR H 558 69.13 26.51 31.93
C THR H 558 67.98 27.44 31.56
N PRO H 559 67.27 27.14 30.47
CA PRO H 559 66.13 27.93 30.12
C PRO H 559 65.06 27.75 31.20
N PRO H 560 64.51 28.82 31.76
CA PRO H 560 63.49 28.69 32.81
C PRO H 560 62.53 27.53 32.55
N ASP H 561 62.09 26.90 33.65
CA ASP H 561 61.22 25.73 33.55
C ASP H 561 59.73 26.04 33.24
N TYR H 562 58.99 26.50 34.25
CA TYR H 562 57.55 26.89 34.10
C TYR H 562 56.58 25.82 34.54
N PRO H 563 56.58 24.63 33.94
CA PRO H 563 55.69 23.61 34.48
C PRO H 563 56.05 23.39 35.97
N LEU H 564 57.39 23.46 36.27
CA LEU H 564 58.02 23.30 37.62
C LEU H 564 57.87 24.58 38.47
N LEU H 565 57.84 25.71 37.81
CA LEU H 565 57.64 27.01 38.45
C LEU H 565 56.20 27.21 38.84
N TRP H 566 55.30 26.82 37.94
CA TRP H 566 53.88 26.94 38.24
C TRP H 566 53.57 26.12 39.47
N ARG H 567 54.07 24.86 39.45
CA ARG H 567 53.87 23.93 40.56
C ARG H 567 54.59 24.37 41.84
N ARG H 568 55.75 25.01 41.72
CA ARG H 568 56.44 25.45 42.92
C ARG H 568 55.73 26.62 43.56
N ALA H 569 55.21 27.52 42.74
CA ALA H 569 54.49 28.69 43.26
C ALA H 569 53.10 28.31 43.73
N LYS H 570 52.58 27.19 43.24
CA LYS H 570 51.25 26.74 43.65
C LYS H 570 51.30 26.31 45.10
N ARG H 571 52.36 25.61 45.48
CA ARG H 571 52.50 25.15 46.87
C ARG H 571 52.95 26.32 47.74
N ALA H 572 53.57 27.33 47.12
CA ALA H 572 54.00 28.51 47.87
C ALA H 572 52.74 29.27 48.29
N ALA H 573 51.85 29.57 47.32
CA ALA H 573 50.60 30.28 47.63
C ALA H 573 49.74 29.40 48.52
N SER H 574 49.83 28.09 48.29
CA SER H 574 49.06 27.15 49.08
C SER H 574 49.60 27.07 50.51
N MET H 575 50.92 26.98 50.66
CA MET H 575 51.50 26.90 52.00
C MET H 575 51.15 28.15 52.79
N PHE H 576 50.91 29.26 52.09
CA PHE H 576 50.55 30.49 52.76
C PHE H 576 49.11 30.38 53.30
N VAL H 577 48.14 30.19 52.42
CA VAL H 577 46.76 30.04 52.87
C VAL H 577 46.70 29.11 54.03
N SER H 578 47.50 28.04 53.94
CA SER H 578 47.55 27.01 54.96
C SER H 578 47.92 27.56 56.34
N ASN H 579 49.17 27.95 56.50
CA ASN H 579 49.64 28.50 57.74
C ASN H 579 50.21 29.91 57.51
N PRO H 580 49.33 30.91 57.44
CA PRO H 580 49.70 32.31 57.20
C PRO H 580 51.01 32.73 57.91
N SER H 581 51.16 32.27 59.15
CA SER H 581 52.34 32.59 59.97
C SER H 581 53.68 32.39 59.26
N LEU H 582 53.97 31.17 58.81
CA LEU H 582 55.22 30.83 58.14
C LEU H 582 55.95 31.98 57.45
N ALA H 583 55.21 32.80 56.70
CA ALA H 583 55.82 33.93 56.00
C ALA H 583 56.60 34.90 56.90
N LEU H 584 56.81 34.54 58.16
CA LEU H 584 57.58 35.37 59.10
C LEU H 584 58.89 34.68 59.44
N GLN H 585 58.91 33.36 59.28
CA GLN H 585 60.08 32.56 59.62
C GLN H 585 61.18 32.48 58.57
N VAL H 586 62.40 32.77 59.03
CA VAL H 586 63.57 32.73 58.15
C VAL H 586 63.78 31.30 57.68
N GLY H 587 63.80 31.12 56.36
CA GLY H 587 64.06 29.80 55.79
C GLY H 587 62.84 29.14 55.18
N ILE H 588 61.91 29.92 54.66
CA ILE H 588 60.75 29.33 54.01
C ILE H 588 60.78 29.61 52.50
N PRO H 589 60.85 28.53 51.70
CA PRO H 589 60.95 28.55 50.23
C PRO H 589 59.93 29.47 49.53
N VAL H 590 60.42 30.39 48.69
CA VAL H 590 59.57 31.33 47.96
C VAL H 590 58.97 32.36 48.92
N LEU H 591 57.85 31.98 49.53
CA LEU H 591 57.12 32.82 50.46
C LEU H 591 57.91 33.96 51.13
N THR H 592 59.17 33.71 51.55
CA THR H 592 59.91 34.75 52.28
C THR H 592 60.78 35.68 51.44
N GLN H 593 60.67 35.65 50.11
CA GLN H 593 61.45 36.60 49.31
C GLN H 593 60.62 37.87 49.32
N SER H 594 61.28 39.03 49.32
CA SER H 594 60.56 40.31 49.38
C SER H 594 59.40 40.51 48.39
N GLY H 595 59.53 39.98 47.18
CA GLY H 595 58.46 40.13 46.19
C GLY H 595 57.13 39.61 46.67
N MET H 596 56.99 38.28 46.73
CA MET H 596 55.78 37.60 47.19
C MET H 596 55.08 38.32 48.34
N LEU H 597 53.78 38.05 48.48
CA LEU H 597 52.94 38.68 49.52
C LEU H 597 52.59 40.07 49.08
N SER H 598 53.62 40.92 49.00
CA SER H 598 53.37 42.24 48.50
C SER H 598 52.75 42.04 47.16
N ALA H 599 53.25 40.99 46.50
CA ALA H 599 52.78 40.54 45.21
C ALA H 599 51.45 39.81 45.38
N LEU H 600 51.49 38.66 46.05
CA LEU H 600 50.27 37.88 46.28
C LEU H 600 49.04 38.78 46.51
N THR H 601 49.03 39.45 47.69
CA THR H 601 47.86 40.27 48.02
C THR H 601 47.40 41.08 46.81
N SER H 602 48.19 42.02 46.29
CA SER H 602 47.75 42.84 45.15
C SER H 602 47.20 42.03 43.94
N GLY H 603 47.47 40.73 43.94
CA GLY H 603 46.89 39.88 42.92
C GLY H 603 45.52 39.53 43.41
N VAL H 604 45.50 38.72 44.47
CA VAL H 604 44.27 38.32 45.15
C VAL H 604 43.30 39.51 45.18
N GLY H 605 43.88 40.69 45.29
CA GLY H 605 43.14 41.92 45.31
C GLY H 605 42.32 41.99 44.05
N THR H 606 42.96 42.34 42.93
CA THR H 606 42.23 42.44 41.67
C THR H 606 41.46 41.17 41.35
N ALA H 607 41.93 40.03 41.83
CA ALA H 607 41.25 38.76 41.57
C ALA H 607 39.81 38.77 42.10
N LEU H 608 39.61 39.34 43.30
CA LEU H 608 38.28 39.39 43.88
C LEU H 608 37.44 40.42 43.15
N ARG H 609 38.07 41.48 42.68
CA ARG H 609 37.32 42.50 41.99
C ARG H 609 37.03 42.14 40.54
N THR H 610 36.66 40.87 40.29
CA THR H 610 36.34 40.41 38.92
C THR H 610 35.73 39.00 38.90
N GLY H 611 35.71 38.34 40.06
CA GLY H 611 35.16 36.98 40.18
C GLY H 611 33.99 36.68 39.24
N SER H 612 33.25 37.69 38.79
CA SER H 612 32.04 37.67 37.92
C SER H 612 30.77 37.50 38.77
N LEU H 613 30.22 36.28 38.92
CA LEU H 613 29.09 35.95 39.81
C LEU H 613 29.13 34.42 39.85
N GLY H 614 29.40 33.81 38.68
CA GLY H 614 29.45 32.37 38.54
C GLY H 614 30.81 31.76 38.84
N LYS H 615 31.45 32.24 39.92
CA LYS H 615 32.75 31.71 40.35
C LYS H 615 32.57 30.29 40.86
N GLY H 616 31.32 30.05 41.24
CA GLY H 616 30.93 28.78 41.75
C GLY H 616 31.01 27.71 40.69
N VAL H 617 31.38 28.04 39.45
CA VAL H 617 31.47 27.04 38.40
C VAL H 617 32.57 26.04 38.75
N THR H 618 33.42 26.40 39.71
CA THR H 618 34.52 25.52 40.13
C THR H 618 33.97 24.27 40.81
N ASP H 619 34.27 23.11 40.24
CA ASP H 619 33.80 21.85 40.83
C ASP H 619 32.29 21.91 41.01
N ALA H 620 31.62 22.63 40.11
CA ALA H 620 30.16 22.76 40.17
C ALA H 620 29.56 21.52 39.55
N SER H 621 30.43 20.57 39.23
CA SER H 621 30.02 19.31 38.63
C SER H 621 29.74 18.29 39.75
N GLU H 622 30.74 18.02 40.59
CA GLU H 622 30.61 17.07 41.71
C GLU H 622 29.69 17.69 42.74
N LYS H 623 29.72 19.02 42.82
CA LYS H 623 28.88 19.76 43.75
C LYS H 623 27.45 19.51 43.33
N LEU H 624 27.21 19.53 42.01
CA LEU H 624 25.88 19.29 41.48
C LEU H 624 25.49 17.86 41.72
N ARG H 625 26.36 16.95 41.32
CA ARG H 625 26.13 15.51 41.47
C ARG H 625 25.88 15.14 42.93
N ALA H 626 26.40 15.94 43.86
CA ALA H 626 26.20 15.68 45.29
C ALA H 626 24.81 16.17 45.71
N ARG H 627 24.33 17.26 45.10
CA ARG H 627 23.02 17.78 45.38
C ARG H 627 21.93 16.84 44.87
N GLN H 628 22.18 16.23 43.72
CA GLN H 628 21.20 15.28 43.19
C GLN H 628 21.19 14.08 44.12
N SER H 629 22.35 13.80 44.71
CA SER H 629 22.49 12.70 45.62
C SER H 629 21.58 12.89 46.82
N LEU H 630 21.49 14.14 47.26
CA LEU H 630 20.67 14.45 48.44
C LEU H 630 19.18 14.42 48.13
N THR H 631 18.83 15.00 46.98
CA THR H 631 17.42 15.01 46.57
C THR H 631 16.92 13.58 46.34
N VAL H 632 17.81 12.67 45.97
CA VAL H 632 17.40 11.29 45.76
C VAL H 632 17.12 10.65 47.10
N ALA H 633 17.89 11.02 48.12
CA ALA H 633 17.69 10.48 49.46
C ALA H 633 16.48 11.16 50.12
N LYS H 634 16.27 12.45 49.83
CA LYS H 634 15.14 13.17 50.41
C LYS H 634 13.84 12.71 49.73
N GLN H 635 13.94 12.29 48.47
CA GLN H 635 12.74 11.81 47.78
C GLN H 635 12.36 10.53 48.49
N ALA H 636 13.38 9.79 48.93
CA ALA H 636 13.20 8.53 49.65
C ALA H 636 12.44 8.77 50.95
N PHE H 637 12.68 9.91 51.59
CA PHE H 637 11.97 10.27 52.82
C PHE H 637 10.49 10.49 52.48
N PHE H 638 10.20 11.45 51.59
CA PHE H 638 8.82 11.72 51.18
C PHE H 638 8.06 10.45 50.83
N ASP H 639 8.77 9.43 50.35
CA ASP H 639 8.14 8.17 49.99
C ASP H 639 7.58 7.44 51.21
N GLN H 640 8.22 7.61 52.37
CA GLN H 640 7.71 6.98 53.59
C GLN H 640 6.59 7.81 54.17
N ILE H 641 6.79 9.13 54.20
CA ILE H 641 5.73 10.00 54.68
C ILE H 641 4.48 9.64 53.91
N GLY H 642 4.70 9.28 52.67
CA GLY H 642 3.66 8.89 51.73
C GLY H 642 3.04 7.53 51.99
N SER H 643 3.76 6.62 52.65
CA SER H 643 3.18 5.32 52.92
C SER H 643 2.65 5.21 54.34
N LEU H 644 3.54 5.32 55.32
CA LEU H 644 3.17 5.22 56.74
C LEU H 644 1.86 5.94 57.04
N TRP H 645 1.81 7.24 56.72
CA TRP H 645 0.59 7.99 56.90
C TRP H 645 -0.11 8.10 55.54
N PRO H 646 -0.88 7.06 55.18
CA PRO H 646 -1.60 7.06 53.92
C PRO H 646 -2.76 8.06 53.92
N GLY I 2 64.77 29.17 -9.43
CA GLY I 2 63.82 30.19 -9.06
C GLY I 2 63.88 31.37 -10.00
N ASN I 3 64.64 31.23 -11.06
CA ASN I 3 64.78 32.29 -12.00
C ASN I 3 63.43 32.83 -12.44
N VAL I 4 63.38 34.13 -12.45
CA VAL I 4 62.20 34.80 -12.87
C VAL I 4 61.69 34.20 -14.17
N GLN I 5 60.37 34.04 -14.20
CA GLN I 5 59.59 33.56 -15.34
C GLN I 5 58.91 34.83 -15.91
N THR I 6 57.69 35.13 -15.39
CA THR I 6 56.91 36.38 -15.65
C THR I 6 55.43 36.22 -16.03
N SER I 7 55.02 35.31 -16.88
CA SER I 7 53.59 35.32 -17.14
C SER I 7 53.01 33.93 -17.20
N VAL I 8 53.88 32.96 -17.54
CA VAL I 8 53.45 31.60 -17.68
C VAL I 8 52.41 31.32 -16.62
N ASN I 9 52.73 31.62 -15.37
CA ASN I 9 51.76 31.36 -14.29
C ASN I 9 51.56 32.65 -13.37
N THR I 10 50.32 33.07 -12.94
CA THR I 10 50.01 34.33 -12.11
C THR I 10 50.90 34.62 -10.91
N TYR I 11 51.81 33.71 -10.61
CA TYR I 11 52.69 33.89 -9.47
C TYR I 11 54.11 33.49 -9.75
N ASN I 12 55.03 34.32 -9.29
CA ASN I 12 56.45 34.02 -9.38
C ASN I 12 56.75 33.21 -8.13
N ILE I 13 57.73 32.34 -8.16
CA ILE I 13 58.00 31.60 -6.92
C ILE I 13 58.82 32.47 -5.99
N THR I 14 59.89 33.02 -6.54
CA THR I 14 60.76 33.94 -5.79
C THR I 14 60.09 35.30 -5.72
N GLY I 15 58.85 35.36 -6.19
CA GLY I 15 58.08 36.58 -6.16
C GLY I 15 58.09 37.31 -4.82
N ASP I 16 57.72 38.59 -4.89
CA ASP I 16 57.67 39.47 -3.72
C ASP I 16 56.65 39.02 -2.65
N GLY I 17 57.09 39.03 -1.39
CA GLY I 17 56.22 38.69 -0.29
C GLY I 17 55.37 37.42 -0.30
N ASN I 18 55.95 36.29 -0.70
CA ASN I 18 55.24 35.02 -0.67
C ASN I 18 55.27 34.59 0.78
N SER I 19 54.78 33.41 1.11
CA SER I 19 54.84 33.05 2.52
C SER I 19 54.41 31.65 2.87
N PHE I 20 55.37 30.79 3.18
CA PHE I 20 55.04 29.45 3.64
C PHE I 20 54.55 29.61 5.06
N THR I 21 53.37 29.07 5.36
CA THR I 21 52.81 29.21 6.70
C THR I 21 51.57 28.32 6.94
N PRO I 22 51.80 27.08 7.38
CA PRO I 22 50.71 26.14 7.65
C PRO I 22 49.79 26.67 8.73
N THR I 23 48.51 26.33 8.59
CA THR I 23 47.47 26.70 9.54
C THR I 23 46.75 25.43 9.84
N SER I 24 46.62 25.07 11.11
CA SER I 24 45.92 23.83 11.48
C SER I 24 44.53 23.80 10.86
N ASP I 25 44.10 24.97 10.41
CA ASP I 25 42.76 25.17 9.86
C ASP I 25 42.44 24.65 8.44
N MET I 26 43.43 24.57 7.56
CA MET I 26 43.11 24.19 6.18
C MET I 26 43.75 22.92 5.59
N THR I 27 44.22 21.94 6.39
CA THR I 27 44.86 20.71 5.87
C THR I 27 44.85 20.52 4.35
N SER I 28 45.97 20.86 3.71
CA SER I 28 46.17 20.76 2.27
C SER I 28 45.74 19.43 1.67
N THR I 29 44.85 19.46 0.66
CA THR I 29 44.35 18.22 0.03
C THR I 29 43.70 18.36 -1.36
N ALA I 30 44.18 17.59 -2.32
CA ALA I 30 43.60 17.57 -3.67
C ALA I 30 42.45 16.56 -3.67
N ALA I 31 42.26 15.81 -4.77
CA ALA I 31 41.13 14.87 -4.83
C ALA I 31 41.55 13.44 -5.12
N PRO I 32 41.82 12.65 -4.06
CA PRO I 32 42.24 11.25 -4.21
C PRO I 32 41.08 10.29 -4.12
N ALA I 33 40.22 10.42 -3.12
CA ALA I 33 39.14 9.46 -2.95
C ALA I 33 37.96 9.56 -3.92
N ILE I 34 38.17 9.90 -5.20
CA ILE I 34 37.03 9.98 -6.11
C ILE I 34 36.39 8.60 -6.22
N ASP I 35 35.07 8.54 -6.02
CA ASP I 35 34.38 7.26 -6.09
C ASP I 35 34.09 6.82 -7.53
N LEU I 36 34.50 5.59 -7.86
CA LEU I 36 34.26 5.08 -9.21
C LEU I 36 33.67 3.66 -9.20
N LYS I 37 33.60 3.03 -8.02
CA LYS I 37 33.08 1.67 -7.93
C LYS I 37 31.72 1.50 -8.65
N PRO I 38 31.57 0.38 -9.32
CA PRO I 38 30.39 0.03 -10.11
C PRO I 38 29.06 0.60 -9.64
N GLY I 39 28.62 0.19 -8.47
CA GLY I 39 27.35 0.67 -7.97
C GLY I 39 27.33 2.19 -7.81
N VAL I 40 28.41 2.74 -7.27
CA VAL I 40 28.44 4.17 -7.00
C VAL I 40 28.68 5.08 -8.20
N LEU I 41 29.38 4.63 -9.24
CA LEU I 41 29.57 5.47 -10.43
C LEU I 41 28.36 5.36 -11.35
N ASN I 42 27.59 4.29 -11.15
CA ASN I 42 26.35 4.04 -11.92
C ASN I 42 26.27 2.67 -12.58
N PRO J 43 16.32 10.04 -13.73
CA PRO J 43 16.50 9.01 -14.76
C PRO J 43 17.91 8.47 -14.72
N THR J 44 18.14 7.39 -15.48
CA THR J 44 19.43 6.69 -15.58
C THR J 44 19.38 5.77 -16.77
N GLY J 45 20.53 5.19 -17.13
CA GLY J 45 20.58 4.25 -18.22
C GLY J 45 20.72 4.88 -19.62
N LYS J 46 20.63 4.04 -20.63
CA LYS J 46 20.74 4.48 -21.99
C LYS J 46 19.46 5.17 -22.40
N LEU J 47 19.52 6.10 -23.34
CA LEU J 47 18.33 6.81 -23.79
C LEU J 47 17.66 6.03 -24.92
N TRP J 48 16.36 5.99 -24.91
CA TRP J 48 15.59 5.31 -25.94
C TRP J 48 14.71 6.29 -26.67
N ARG J 49 14.25 5.93 -27.86
CA ARG J 49 13.35 6.80 -28.58
C ARG J 49 12.35 5.97 -29.36
N PRO J 50 11.17 6.52 -29.64
CA PRO J 50 10.15 5.71 -30.30
C PRO J 50 10.66 5.08 -31.59
N VAL J 51 10.37 3.79 -31.77
CA VAL J 51 10.81 3.08 -32.97
C VAL J 51 9.64 2.44 -33.73
N GLY J 52 9.60 2.70 -35.04
CA GLY J 52 8.57 2.12 -35.90
C GLY J 52 7.24 2.84 -35.88
N THR J 53 6.26 2.33 -36.61
CA THR J 53 4.96 3.01 -36.68
C THR J 53 4.06 2.75 -35.46
N SER J 54 3.59 3.83 -34.85
CA SER J 54 2.66 3.75 -33.74
C SER J 54 2.86 4.88 -32.74
N VAL J 55 2.00 4.90 -31.72
CA VAL J 55 2.09 5.87 -30.64
C VAL J 55 3.21 5.44 -29.71
N ALA J 56 3.73 6.36 -28.91
CA ALA J 56 4.78 5.99 -27.98
C ALA J 56 4.16 4.95 -27.06
N THR J 57 4.90 3.90 -26.76
CA THR J 57 4.37 2.81 -25.94
C THR J 57 5.49 1.95 -25.41
N ILE J 58 5.18 1.02 -24.53
CA ILE J 58 6.20 0.15 -23.98
C ILE J 58 6.46 -0.95 -25.00
N ASP J 59 7.20 -0.59 -26.04
CA ASP J 59 7.60 -1.50 -27.10
C ASP J 59 7.80 -0.68 -28.36
N SER J 60 7.29 0.54 -28.33
CA SER J 60 7.54 1.52 -29.37
C SER J 60 9.03 1.85 -29.28
N LEU J 61 9.49 1.92 -28.04
CA LEU J 61 10.87 2.30 -27.70
C LEU J 61 11.95 1.30 -28.09
N ALA J 62 13.13 1.86 -28.37
CA ALA J 62 14.32 1.14 -28.76
C ALA J 62 15.57 1.95 -28.41
N ILE J 63 16.55 1.32 -27.79
CA ILE J 63 17.78 2.04 -27.45
C ILE J 63 18.25 2.82 -28.67
N VAL J 64 18.25 4.15 -28.56
CA VAL J 64 18.67 5.01 -29.68
C VAL J 64 20.14 4.83 -29.94
N SER J 65 20.52 3.76 -30.61
CA SER J 65 21.94 3.57 -30.91
C SER J 65 22.25 4.20 -32.27
N ASP J 66 23.52 4.21 -32.65
CA ASP J 66 23.92 4.76 -33.94
C ASP J 66 25.42 4.76 -34.10
N ARG J 67 25.88 5.45 -35.14
CA ARG J 67 27.28 5.56 -35.51
C ARG J 67 28.24 5.92 -34.38
N PHE J 68 27.72 6.43 -33.25
CA PHE J 68 28.55 6.81 -32.13
C PHE J 68 28.47 5.85 -30.96
N GLY J 69 27.55 4.89 -31.03
CA GLY J 69 27.36 3.94 -29.94
C GLY J 69 26.03 4.32 -29.33
N GLN J 70 25.79 3.99 -28.07
CA GLN J 70 24.51 4.34 -27.46
C GLN J 70 24.61 5.44 -26.41
N TYR J 71 23.79 6.47 -26.58
CA TYR J 71 23.81 7.57 -25.64
C TYR J 71 23.31 7.10 -24.29
N SER J 72 24.17 7.17 -23.27
CA SER J 72 23.71 6.80 -21.93
C SER J 72 23.56 8.12 -21.17
N PHE J 73 22.47 8.25 -20.42
CA PHE J 73 22.20 9.47 -19.67
C PHE J 73 23.23 9.77 -18.60
N VAL J 74 23.51 11.06 -18.40
CA VAL J 74 24.49 11.47 -17.39
C VAL J 74 23.79 12.18 -16.24
N ASN J 75 23.19 11.39 -15.35
CA ASN J 75 22.46 11.90 -14.19
C ASN J 75 23.32 12.88 -13.41
N GLU J 76 22.67 13.80 -12.71
CA GLU J 76 23.34 14.83 -11.92
C GLU J 76 24.62 14.43 -11.16
N GLY J 77 24.53 13.40 -10.35
CA GLY J 77 25.67 12.97 -9.55
C GLY J 77 26.83 12.39 -10.36
N MET J 78 26.53 11.71 -11.44
CA MET J 78 27.57 11.12 -12.26
C MET J 78 28.37 12.19 -12.99
N ARG J 79 27.87 13.43 -12.98
CA ARG J 79 28.61 14.53 -13.58
C ARG J 79 29.55 15.08 -12.53
N GLU J 80 29.20 14.83 -11.27
CA GLU J 80 30.03 15.27 -10.14
C GLU J 80 31.34 14.57 -10.18
N THR J 81 31.32 13.30 -10.53
CA THR J 81 32.54 12.53 -10.58
C THR J 81 33.43 13.00 -11.72
N PHE J 82 32.95 12.87 -12.96
CA PHE J 82 33.71 13.28 -14.13
C PHE J 82 34.11 14.73 -14.10
N SER J 83 33.42 15.53 -13.32
CA SER J 83 33.84 16.90 -13.17
C SER J 83 34.92 16.96 -12.11
N LYS J 84 34.74 16.18 -11.05
CA LYS J 84 35.70 16.15 -9.94
C LYS J 84 37.01 15.55 -10.42
N ALA J 85 36.95 14.67 -11.41
CA ALA J 85 38.12 14.00 -11.98
C ALA J 85 38.84 14.98 -12.90
N LEU J 86 38.08 15.63 -13.79
CA LEU J 86 38.65 16.61 -14.71
C LEU J 86 39.13 17.83 -13.90
N PHE J 87 38.41 18.17 -12.84
CA PHE J 87 38.80 19.32 -12.05
C PHE J 87 40.21 19.10 -11.50
N ASP J 88 40.49 17.89 -11.03
CA ASP J 88 41.79 17.58 -10.48
C ASP J 88 42.88 17.56 -11.56
N ILE J 89 42.49 17.54 -12.82
CA ILE J 89 43.48 17.55 -13.90
C ILE J 89 43.70 18.99 -14.37
N ASN J 90 42.62 19.73 -14.58
CA ASN J 90 42.75 21.13 -15.00
C ASN J 90 43.72 21.82 -14.06
N MET J 91 43.64 21.50 -12.77
CA MET J 91 44.51 22.10 -11.77
C MET J 91 45.96 22.19 -12.23
N TRP J 92 46.41 21.12 -12.87
CA TRP J 92 47.79 21.06 -13.37
C TRP J 92 47.96 21.80 -14.66
N GLN J 93 47.15 22.81 -14.93
CA GLN J 93 47.24 23.54 -16.19
C GLN J 93 48.61 24.16 -16.44
N PRO J 94 49.16 24.89 -15.45
CA PRO J 94 50.45 25.55 -15.58
C PRO J 94 51.60 24.61 -15.88
N LEU J 95 51.45 23.32 -15.60
CA LEU J 95 52.53 22.41 -15.90
C LEU J 95 52.38 21.77 -17.26
N PHE J 96 51.15 21.77 -17.78
CA PHE J 96 50.88 21.20 -19.11
C PHE J 96 51.42 22.12 -20.19
N GLN J 97 51.23 23.43 -20.03
CA GLN J 97 51.74 24.36 -21.03
C GLN J 97 53.25 24.36 -20.94
N ALA J 98 53.78 24.54 -19.72
CA ALA J 98 55.23 24.58 -19.55
C ALA J 98 55.89 23.46 -20.28
N THR J 99 55.39 22.27 -20.09
CA THR J 99 56.00 21.18 -20.79
C THR J 99 55.34 20.83 -22.14
N LYS J 100 54.66 21.76 -22.87
CA LYS J 100 54.07 21.46 -24.22
C LYS J 100 53.26 20.11 -24.39
N THR J 101 52.95 19.37 -23.30
CA THR J 101 52.10 18.14 -23.35
C THR J 101 50.65 18.62 -23.28
N GLY J 102 49.77 17.81 -22.71
CA GLY J 102 48.40 18.24 -22.56
C GLY J 102 47.80 18.64 -23.93
N CYS J 103 46.94 19.66 -23.93
CA CYS J 103 46.22 20.08 -25.13
C CYS J 103 45.08 21.06 -24.81
N GLY J 104 45.23 21.83 -23.73
CA GLY J 104 44.20 22.76 -23.32
C GLY J 104 43.41 22.16 -22.17
N PRO J 105 42.56 22.92 -21.46
CA PRO J 105 41.78 22.39 -20.33
C PRO J 105 40.67 21.45 -20.81
N ILE J 106 40.47 20.34 -20.11
CA ILE J 106 39.44 19.36 -20.49
C ILE J 106 38.06 19.67 -19.93
N VAL J 107 37.18 20.23 -20.75
CA VAL J 107 35.81 20.53 -20.29
C VAL J 107 34.95 19.28 -20.46
N LEU J 108 34.21 18.90 -19.43
CA LEU J 108 33.38 17.71 -19.55
C LEU J 108 32.30 17.91 -20.59
N SER J 109 32.05 19.17 -20.94
CA SER J 109 31.01 19.50 -21.92
C SER J 109 31.51 19.24 -23.34
N SER J 110 32.65 18.56 -23.47
CA SER J 110 33.15 18.26 -24.81
C SER J 110 32.88 16.80 -25.14
N PHE J 111 32.51 16.01 -24.14
CA PHE J 111 32.25 14.60 -24.36
C PHE J 111 30.77 14.26 -24.36
N THR J 112 29.94 15.20 -23.91
CA THR J 112 28.51 14.95 -23.86
C THR J 112 27.73 15.49 -25.07
N THR J 113 26.40 15.54 -24.95
CA THR J 113 25.51 16.03 -26.00
C THR J 113 24.20 16.47 -25.36
N THR J 114 23.27 16.96 -26.18
CA THR J 114 21.99 17.39 -25.64
C THR J 114 20.86 16.74 -26.40
N THR J 115 20.80 15.41 -26.32
CA THR J 115 19.72 14.69 -26.99
C THR J 115 18.53 14.75 -26.04
N SER J 116 17.42 14.14 -26.45
CA SER J 116 16.20 14.08 -25.64
C SER J 116 15.35 12.90 -26.11
N GLY J 117 14.77 12.21 -25.15
CA GLY J 117 13.94 11.05 -25.44
C GLY J 117 13.57 10.48 -24.10
N TYR J 118 13.28 9.18 -24.06
CA TYR J 118 12.94 8.51 -22.81
C TYR J 118 14.17 7.78 -22.36
N VAL J 119 14.56 7.94 -21.11
CA VAL J 119 15.77 7.25 -20.66
C VAL J 119 15.61 6.29 -19.50
N GLY J 120 15.70 5.00 -19.78
CA GLY J 120 15.57 4.03 -18.71
C GLY J 120 16.51 2.86 -18.90
N ALA J 121 16.23 1.75 -18.20
CA ALA J 121 17.06 0.58 -18.31
C ALA J 121 16.42 -0.39 -19.29
N THR J 122 15.11 -0.27 -19.49
CA THR J 122 14.41 -1.14 -20.45
C THR J 122 13.15 -0.43 -20.96
N ALA J 123 12.83 -0.64 -22.24
CA ALA J 123 11.66 0.00 -22.86
C ALA J 123 10.54 0.24 -21.84
N GLY J 124 10.17 -0.82 -21.13
CA GLY J 124 9.11 -0.71 -20.14
C GLY J 124 9.25 0.41 -19.12
N ASP J 125 10.40 0.45 -18.44
CA ASP J 125 10.65 1.48 -17.42
C ASP J 125 11.20 2.79 -17.97
N ALA J 126 11.76 2.76 -19.17
CA ALA J 126 12.32 3.97 -19.77
C ALA J 126 11.19 4.86 -20.19
N LEU J 127 10.01 4.27 -20.32
CA LEU J 127 8.82 5.01 -20.72
C LEU J 127 8.37 6.03 -19.68
N ASP J 128 8.81 5.84 -18.44
CA ASP J 128 8.45 6.73 -17.33
C ASP J 128 9.54 7.72 -16.99
N ASN J 129 10.38 8.10 -17.95
CA ASN J 129 11.46 9.06 -17.70
C ASN J 129 11.63 9.97 -18.89
N PRO J 130 10.56 10.54 -19.42
CA PRO J 130 10.70 11.44 -20.57
C PRO J 130 11.61 12.59 -20.18
N VAL J 131 12.80 12.62 -20.77
CA VAL J 131 13.74 13.70 -20.47
C VAL J 131 13.96 14.55 -21.73
N THR J 132 13.87 15.87 -21.58
CA THR J 132 14.05 16.76 -22.73
C THR J 132 15.38 17.48 -22.66
N ASN J 133 16.15 17.38 -23.74
CA ASN J 133 17.46 18.01 -23.81
C ASN J 133 18.28 17.66 -22.59
N GLY J 134 18.28 16.37 -22.23
CA GLY J 134 19.09 15.90 -21.14
C GLY J 134 20.51 15.90 -21.66
N VAL J 135 21.47 15.57 -20.80
CA VAL J 135 22.86 15.54 -21.23
C VAL J 135 23.37 14.10 -21.23
N PHE J 136 23.52 13.50 -22.41
CA PHE J 136 23.97 12.12 -22.54
C PHE J 136 25.36 12.07 -23.11
N ILE J 137 26.09 11.00 -22.81
CA ILE J 137 27.44 10.83 -23.36
C ILE J 137 27.39 9.56 -24.20
N SER J 138 27.69 9.66 -25.50
CA SER J 138 27.64 8.48 -26.40
C SER J 138 28.71 7.45 -26.08
N THR J 139 28.52 6.20 -26.41
CA THR J 139 29.55 5.21 -26.10
C THR J 139 30.95 5.62 -26.54
N VAL J 140 31.13 5.88 -27.85
CA VAL J 140 32.45 6.26 -28.31
C VAL J 140 33.03 7.44 -27.53
N GLN J 141 32.16 8.24 -26.92
CA GLN J 141 32.64 9.37 -26.11
C GLN J 141 33.02 8.86 -24.74
N ILE J 142 32.16 8.02 -24.15
CA ILE J 142 32.40 7.42 -22.84
C ILE J 142 33.75 6.72 -22.96
N MET J 143 34.26 6.61 -24.19
CA MET J 143 35.57 6.00 -24.40
C MET J 143 36.67 7.01 -24.23
N ASN J 144 36.51 8.20 -24.82
CA ASN J 144 37.54 9.23 -24.70
C ASN J 144 37.60 9.84 -23.32
N LEU J 145 36.46 10.31 -22.81
CA LEU J 145 36.45 10.90 -21.48
C LEU J 145 37.16 9.93 -20.57
N GLN J 146 37.19 8.66 -20.99
CA GLN J 146 37.87 7.60 -20.23
C GLN J 146 39.36 7.64 -20.57
N ARG J 147 39.74 7.28 -21.79
CA ARG J 147 41.15 7.30 -22.13
C ARG J 147 41.81 8.68 -22.09
N THR J 148 41.04 9.75 -21.95
CA THR J 148 41.66 11.07 -21.85
C THR J 148 42.05 11.21 -20.39
N ILE J 149 41.06 11.07 -19.51
CA ILE J 149 41.29 11.14 -18.08
C ILE J 149 42.36 10.15 -17.71
N ALA J 150 42.51 9.10 -18.51
CA ALA J 150 43.55 8.11 -18.25
C ALA J 150 44.90 8.64 -18.75
N ALA J 151 44.98 9.09 -20.00
CA ALA J 151 46.23 9.61 -20.53
C ALA J 151 46.71 10.77 -19.69
N ARG J 152 45.84 11.76 -19.45
CA ARG J 152 46.20 12.93 -18.65
C ARG J 152 46.57 12.50 -17.24
N MET J 153 45.83 11.54 -16.70
CA MET J 153 46.11 11.05 -15.37
C MET J 153 47.54 10.54 -15.24
N ARG J 154 48.07 9.91 -16.26
CA ARG J 154 49.45 9.50 -16.21
C ARG J 154 50.30 10.77 -16.15
N ASP J 155 50.16 11.60 -17.19
CA ASP J 155 50.88 12.87 -17.28
C ASP J 155 51.06 13.53 -15.91
N VAL J 156 49.94 13.84 -15.25
CA VAL J 156 50.01 14.49 -13.96
C VAL J 156 50.55 13.57 -12.88
N ALA J 157 50.06 12.33 -12.82
CA ALA J 157 50.53 11.38 -11.81
C ALA J 157 52.05 11.46 -11.68
N LEU J 158 52.72 11.74 -12.77
CA LEU J 158 54.18 11.81 -12.73
C LEU J 158 54.66 13.10 -12.06
N TRP J 159 54.33 14.25 -12.67
CA TRP J 159 54.71 15.54 -12.13
C TRP J 159 54.31 15.61 -10.68
N GLN J 160 53.02 15.35 -10.44
CA GLN J 160 52.39 15.35 -9.15
C GLN J 160 53.23 14.56 -8.16
N LYS J 161 54.05 13.64 -8.64
CA LYS J 161 54.90 12.88 -7.73
C LYS J 161 56.14 13.71 -7.35
N HIS J 162 56.69 14.47 -8.29
CA HIS J 162 57.86 15.35 -8.05
C HIS J 162 57.48 16.49 -7.13
N LEU J 163 56.32 17.08 -7.39
CA LEU J 163 55.83 18.21 -6.59
C LEU J 163 55.81 17.76 -5.16
N ASP J 164 55.42 16.51 -4.97
CA ASP J 164 55.31 15.95 -3.64
C ASP J 164 56.62 15.71 -2.88
N THR J 165 57.54 14.94 -3.47
CA THR J 165 58.80 14.67 -2.79
C THR J 165 59.40 15.98 -2.30
N ALA J 166 58.95 17.10 -2.86
CA ALA J 166 59.45 18.42 -2.49
C ALA J 166 58.50 19.08 -1.48
N MET J 167 57.21 18.90 -1.67
CA MET J 167 56.24 19.48 -0.76
C MET J 167 56.28 18.84 0.62
N THR J 168 55.90 17.57 0.70
CA THR J 168 55.94 16.85 1.96
C THR J 168 57.36 16.90 2.52
N MET J 169 58.33 17.24 1.69
CA MET J 169 59.70 17.33 2.16
C MET J 169 59.91 18.55 3.05
N LEU J 170 58.83 18.97 3.71
CA LEU J 170 58.84 20.09 4.66
C LEU J 170 57.45 20.22 5.25
N THR J 171 56.91 19.07 5.65
CA THR J 171 55.59 18.92 6.27
C THR J 171 54.73 20.17 6.24
N PRO J 172 54.10 20.45 5.10
CA PRO J 172 53.27 21.65 5.04
C PRO J 172 51.95 21.46 5.79
N ASP J 173 51.90 20.49 6.71
CA ASP J 173 50.65 20.29 7.44
C ASP J 173 50.73 20.11 8.95
N ILE J 174 50.20 21.08 9.67
CA ILE J 174 50.16 21.07 11.13
C ILE J 174 48.69 20.87 11.50
N SER J 175 48.40 20.56 12.76
CA SER J 175 47.00 20.34 13.15
C SER J 175 46.51 21.06 14.41
N ALA J 176 47.21 22.12 14.81
CA ALA J 176 46.85 22.89 15.99
C ALA J 176 47.52 24.29 15.89
N GLY J 177 46.72 25.35 15.84
CA GLY J 177 47.29 26.68 15.73
C GLY J 177 48.06 26.78 14.42
N SER J 178 48.85 27.83 14.25
CA SER J 178 49.62 27.99 13.01
C SER J 178 51.10 27.74 13.22
N ALA J 179 51.92 28.34 12.36
CA ALA J 179 53.38 28.22 12.41
C ALA J 179 53.97 28.49 11.02
N SER J 180 54.70 29.61 10.90
CA SER J 180 55.32 29.98 9.63
C SER J 180 56.77 29.52 9.51
N CYS J 181 57.43 29.95 8.44
CA CYS J 181 58.83 29.61 8.17
C CYS J 181 59.32 30.47 7.03
N ASN J 182 59.81 31.67 7.36
CA ASN J 182 60.25 32.64 6.36
C ASN J 182 60.66 32.02 5.00
N TRP J 183 59.80 32.27 4.01
CA TRP J 183 59.92 31.77 2.64
C TRP J 183 61.31 31.73 2.00
N LYS J 184 62.07 32.82 2.08
CA LYS J 184 63.42 32.84 1.51
C LYS J 184 64.16 31.56 1.91
N SER J 185 64.42 31.42 3.21
CA SER J 185 65.12 30.26 3.76
C SER J 185 64.57 28.97 3.17
N LEU J 186 63.29 28.75 3.40
CA LEU J 186 62.58 27.57 2.92
C LEU J 186 63.01 27.21 1.49
N LEU J 187 62.85 28.16 0.58
CA LEU J 187 63.22 27.95 -0.82
C LEU J 187 64.71 27.66 -0.93
N ALA J 188 65.55 28.60 -0.55
CA ALA J 188 67.01 28.43 -0.60
C ALA J 188 67.46 27.11 0.02
N PHE J 189 66.60 26.53 0.85
CA PHE J 189 66.86 25.25 1.51
C PHE J 189 66.54 24.08 0.57
N ALA J 190 65.31 24.02 0.08
CA ALA J 190 64.92 22.95 -0.84
C ALA J 190 65.76 23.03 -2.09
N LYS J 191 66.33 24.21 -2.37
CA LYS J 191 67.21 24.39 -3.52
C LYS J 191 68.33 23.38 -3.39
N ASP J 192 68.56 22.96 -2.14
CA ASP J 192 69.58 21.96 -1.81
C ASP J 192 68.95 20.57 -1.84
N ILE J 193 68.42 20.16 -0.71
CA ILE J 193 67.85 18.83 -0.56
C ILE J 193 67.35 18.20 -1.86
N LEU J 194 66.30 18.72 -2.49
CA LEU J 194 65.75 18.15 -3.71
C LEU J 194 66.84 17.53 -4.67
N PRO J 195 66.84 16.18 -4.88
CA PRO J 195 67.80 15.49 -5.74
C PRO J 195 67.71 15.97 -7.20
N LEU J 196 68.84 16.10 -7.86
CA LEU J 196 68.95 16.61 -9.24
C LEU J 196 67.99 16.05 -10.33
N ASP J 197 67.09 15.11 -10.00
CA ASP J 197 66.19 14.54 -11.00
C ASP J 197 64.72 14.72 -10.64
N ASN J 198 64.46 15.73 -9.84
CA ASN J 198 63.07 16.00 -9.50
C ASN J 198 62.38 16.56 -10.77
N LEU J 199 61.60 17.63 -10.67
CA LEU J 199 60.97 18.36 -11.80
C LEU J 199 60.56 19.71 -11.20
N CYS J 200 60.83 19.90 -9.88
CA CYS J 200 60.51 21.14 -9.11
C CYS J 200 61.70 22.12 -9.14
N LEU J 201 62.77 21.67 -9.79
CA LEU J 201 63.96 22.46 -10.01
C LEU J 201 63.97 22.92 -11.45
N THR J 202 63.36 22.15 -12.36
CA THR J 202 63.31 22.56 -13.77
C THR J 202 62.15 23.58 -14.04
N TYR J 203 61.08 23.66 -13.14
CA TYR J 203 59.88 24.54 -13.32
C TYR J 203 59.38 25.30 -12.02
N PRO J 204 60.24 25.61 -11.01
CA PRO J 204 59.92 26.28 -9.70
C PRO J 204 58.55 26.98 -9.58
N ASN J 205 58.35 27.99 -10.44
CA ASN J 205 57.10 28.67 -10.45
C ASN J 205 56.34 28.30 -11.71
N GLU J 206 56.18 26.96 -11.84
CA GLU J 206 55.37 26.32 -12.90
C GLU J 206 54.77 25.11 -12.19
N PHE J 207 55.43 24.79 -11.05
CA PHE J 207 55.06 23.75 -10.10
C PHE J 207 54.46 24.51 -8.93
N TYR J 208 55.07 25.63 -8.61
CA TYR J 208 54.60 26.48 -7.51
C TYR J 208 53.11 26.84 -7.72
N ASN J 209 52.74 27.23 -8.95
CA ASN J 209 51.36 27.60 -9.30
C ASN J 209 50.43 26.41 -9.22
N VAL J 210 50.95 25.21 -9.47
CA VAL J 210 50.14 24.02 -9.32
C VAL J 210 49.98 23.84 -7.83
N ALA J 211 51.12 23.89 -7.14
CA ALA J 211 51.21 23.71 -5.68
C ALA J 211 50.28 24.62 -4.89
N ILE J 212 50.38 25.93 -5.09
CA ILE J 212 49.51 26.89 -4.39
C ILE J 212 48.06 26.42 -4.29
N HIS J 213 47.61 25.62 -5.25
CA HIS J 213 46.24 25.10 -5.25
C HIS J 213 46.07 23.81 -4.51
N ARG J 214 47.14 23.28 -3.94
CA ARG J 214 47.00 22.02 -3.22
C ARG J 214 47.42 22.17 -1.77
N TYR J 215 48.24 23.18 -1.48
CA TYR J 215 48.73 23.39 -0.13
C TYR J 215 48.32 24.75 0.43
N PRO J 216 47.25 24.79 1.22
CA PRO J 216 46.88 26.10 1.74
C PRO J 216 47.94 26.58 2.74
N ALA J 217 49.12 25.97 2.69
CA ALA J 217 50.21 26.41 3.56
C ALA J 217 50.92 27.52 2.78
N LEU J 218 51.28 27.25 1.51
CA LEU J 218 51.96 28.23 0.64
C LEU J 218 50.96 29.27 0.18
N LYS J 219 51.03 30.50 0.70
CA LYS J 219 50.12 31.57 0.28
C LYS J 219 50.98 32.47 -0.59
N PRO J 220 50.67 32.61 -1.87
CA PRO J 220 51.47 33.44 -2.76
C PRO J 220 51.30 34.91 -2.42
N GLY J 221 52.37 35.69 -2.55
CA GLY J 221 52.30 37.09 -2.23
C GLY J 221 51.55 37.83 -3.32
N ASN J 222 50.49 38.53 -2.93
CA ASN J 222 49.70 39.26 -3.90
C ASN J 222 50.53 40.27 -4.69
N PRO J 223 50.36 40.30 -6.04
CA PRO J 223 51.09 41.29 -6.88
C PRO J 223 50.91 42.79 -6.52
N ASP J 224 49.67 43.35 -6.38
CA ASP J 224 49.51 44.81 -6.13
C ASP J 224 49.22 45.26 -4.64
N THR J 225 50.15 44.87 -3.73
CA THR J 225 50.25 45.19 -2.27
C THR J 225 51.45 44.39 -1.70
N LYS J 226 52.08 43.60 -2.58
CA LYS J 226 53.24 42.72 -2.35
C LYS J 226 53.36 42.07 -0.93
N LEU J 227 52.20 41.60 -0.37
CA LEU J 227 51.98 40.99 1.00
C LEU J 227 51.13 39.68 0.86
N PRO J 228 51.16 38.72 1.84
CA PRO J 228 50.34 37.49 1.72
C PRO J 228 48.81 37.77 1.51
N ASP J 229 47.93 37.09 2.29
CA ASP J 229 46.44 37.16 2.15
C ASP J 229 45.69 36.70 3.42
N ALA J 230 46.41 36.24 4.44
CA ALA J 230 45.75 35.73 5.65
C ALA J 230 45.08 34.42 5.28
N GLN J 231 43.95 34.52 4.59
CA GLN J 231 43.26 33.34 4.09
C GLN J 231 44.14 32.70 3.02
N ALA J 232 44.03 31.42 2.87
CA ALA J 232 44.72 30.71 1.81
C ALA J 232 43.64 30.13 0.92
N HIS J 233 43.71 30.36 -0.41
CA HIS J 233 42.68 29.88 -1.33
C HIS J 233 43.11 28.73 -2.24
N PRO J 234 43.24 27.51 -1.70
CA PRO J 234 43.61 26.37 -2.55
C PRO J 234 42.33 25.81 -3.20
N LEU J 235 42.41 25.36 -4.44
CA LEU J 235 41.24 24.83 -5.14
C LEU J 235 40.37 23.88 -4.32
N GLY J 236 40.98 23.16 -3.37
CA GLY J 236 40.22 22.25 -2.53
C GLY J 236 39.62 22.95 -1.33
N GLU J 237 39.33 24.24 -1.51
CA GLU J 237 38.77 25.13 -0.50
C GLU J 237 37.95 24.48 0.61
N VAL J 238 36.87 23.80 0.23
CA VAL J 238 35.97 23.15 1.20
C VAL J 238 36.56 21.88 1.79
N ALA J 239 36.89 20.92 0.94
CA ALA J 239 37.47 19.66 1.38
C ALA J 239 38.59 19.89 2.40
N GLY J 240 39.51 20.78 2.06
CA GLY J 240 40.62 21.07 2.96
C GLY J 240 40.18 21.74 4.25
N ALA J 241 39.02 22.38 4.23
CA ALA J 241 38.51 23.04 5.43
C ALA J 241 37.94 21.98 6.35
N PHE J 242 37.26 21.01 5.75
CA PHE J 242 36.65 19.91 6.49
C PHE J 242 37.54 18.73 6.82
N ASN J 243 38.85 18.93 6.84
CA ASN J 243 39.73 17.84 7.19
C ASN J 243 40.62 18.29 8.31
N ALA J 244 40.73 19.61 8.45
CA ALA J 244 41.53 20.19 9.51
C ALA J 244 41.06 19.49 10.78
N ALA J 245 41.99 19.20 11.69
CA ALA J 245 41.61 18.56 12.94
C ALA J 245 40.92 19.63 13.81
N THR J 246 39.61 19.79 13.65
CA THR J 246 38.86 20.79 14.42
C THR J 246 38.97 20.50 15.92
N SER J 247 39.49 21.45 16.67
CA SER J 247 39.70 21.28 18.11
C SER J 247 38.48 20.88 18.96
N GLU J 248 37.27 21.09 18.47
CA GLU J 248 36.05 20.74 19.22
C GLU J 248 35.91 19.24 19.24
N VAL J 249 36.13 18.62 18.09
CA VAL J 249 36.02 17.19 17.96
C VAL J 249 37.09 16.69 16.99
N GLY J 250 38.00 15.85 17.48
CA GLY J 250 39.08 15.32 16.65
C GLY J 250 39.14 15.76 15.19
N SER J 251 38.46 15.00 14.32
CA SER J 251 38.43 15.30 12.90
C SER J 251 37.18 14.68 12.28
N LEU J 252 36.30 15.53 11.75
CA LEU J 252 35.09 15.03 11.14
C LEU J 252 35.39 13.93 10.12
N VAL J 253 36.35 14.11 9.23
CA VAL J 253 36.68 13.08 8.23
C VAL J 253 37.11 11.78 8.87
N GLY J 254 37.73 11.86 10.05
CA GLY J 254 38.15 10.66 10.75
C GLY J 254 36.93 10.01 11.41
N SER J 255 36.52 10.58 12.53
CA SER J 255 35.37 10.10 13.31
C SER J 255 34.18 9.66 12.44
N SER J 256 34.03 10.28 11.28
CA SER J 256 32.92 9.93 10.39
C SER J 256 33.13 8.54 9.83
N SER J 257 34.31 8.32 9.27
CA SER J 257 34.65 7.04 8.66
C SER J 257 34.78 5.92 9.67
N THR J 258 35.55 6.13 10.73
CA THR J 258 35.70 5.09 11.76
C THR J 258 34.32 4.52 12.16
N LEU J 259 33.26 5.28 11.87
CA LEU J 259 31.90 4.85 12.16
C LEU J 259 31.32 4.09 10.99
N SER J 260 31.27 4.72 9.82
CA SER J 260 30.72 4.05 8.66
C SER J 260 31.50 2.76 8.43
N GLN J 261 32.77 2.79 8.79
CA GLN J 261 33.62 1.60 8.65
C GLN J 261 33.04 0.50 9.55
N ALA J 262 32.91 0.79 10.84
CA ALA J 262 32.34 -0.19 11.77
C ALA J 262 30.94 -0.63 11.31
N ILE J 263 30.12 0.29 10.83
CA ILE J 263 28.77 -0.03 10.39
C ILE J 263 28.83 -1.07 9.28
N SER J 264 29.83 -0.93 8.40
CA SER J 264 29.98 -1.87 7.31
C SER J 264 30.08 -3.27 7.93
N THR J 265 31.13 -3.51 8.71
CA THR J 265 31.33 -4.81 9.36
C THR J 265 30.06 -5.30 10.05
N MET J 266 29.52 -4.50 10.97
CA MET J 266 28.32 -4.88 11.70
C MET J 266 27.27 -5.50 10.81
N ALA J 267 27.07 -4.96 9.61
CA ALA J 267 26.05 -5.55 8.75
C ALA J 267 26.58 -6.68 7.87
N GLY J 268 27.82 -6.49 7.46
CA GLY J 268 28.55 -7.39 6.64
C GLY J 268 28.74 -8.77 7.26
N LYS J 269 29.90 -9.06 7.83
CA LYS J 269 30.16 -10.41 8.32
C LYS J 269 28.87 -11.11 8.86
N ASP J 270 28.07 -10.34 9.61
CA ASP J 270 26.81 -10.76 10.31
C ASP J 270 27.10 -10.82 11.79
N LEU J 271 27.68 -9.72 12.29
CA LEU J 271 27.94 -9.70 13.69
C LEU J 271 26.61 -9.73 14.40
N ASP J 272 25.63 -9.06 13.80
CA ASP J 272 24.31 -9.16 14.34
C ASP J 272 24.00 -10.64 14.34
N LEU J 273 23.19 -11.14 15.26
CA LEU J 273 22.89 -12.57 15.25
C LEU J 273 24.10 -13.41 15.72
N ILE J 274 25.01 -12.76 16.45
CA ILE J 274 26.23 -13.42 16.92
C ILE J 274 26.07 -14.56 17.92
N GLU J 275 24.99 -14.52 18.69
CA GLU J 275 24.76 -15.59 19.66
C GLU J 275 23.37 -16.18 19.42
N ALA J 276 22.96 -16.20 18.16
CA ALA J 276 21.66 -16.73 17.75
C ALA J 276 21.56 -18.19 18.17
N ASP J 277 20.41 -18.56 18.72
CA ASP J 277 20.25 -19.94 19.15
C ASP J 277 19.49 -20.79 18.14
N THR J 278 20.16 -21.17 17.05
CA THR J 278 19.55 -21.98 16.00
C THR J 278 20.50 -22.25 14.84
N PRO J 279 20.45 -23.48 14.27
CA PRO J 279 21.30 -23.91 13.15
C PRO J 279 21.62 -22.82 12.14
N LEU J 280 22.92 -22.64 11.86
CA LEU J 280 23.42 -21.65 10.90
C LEU J 280 24.48 -22.25 9.99
N PRO J 281 24.26 -22.21 8.68
CA PRO J 281 25.23 -22.76 7.71
C PRO J 281 26.63 -22.19 7.98
N VAL J 282 27.65 -23.04 7.92
CA VAL J 282 29.01 -22.54 8.18
C VAL J 282 29.32 -21.36 7.27
N SER J 283 28.75 -21.36 6.07
CA SER J 283 28.94 -20.28 5.10
C SER J 283 28.66 -18.91 5.74
N VAL J 284 27.63 -18.85 6.58
CA VAL J 284 27.22 -17.65 7.29
C VAL J 284 28.35 -17.10 8.14
N PHE J 285 29.43 -17.87 8.26
CA PHE J 285 30.61 -17.46 9.04
C PHE J 285 31.82 -17.14 8.17
N THR J 286 31.64 -17.12 6.85
CA THR J 286 32.71 -16.85 5.90
C THR J 286 34.12 -17.25 6.39
N PRO J 287 34.29 -18.53 6.79
CA PRO J 287 35.58 -19.02 7.27
C PRO J 287 36.57 -19.10 6.12
N SER J 288 37.66 -18.35 6.23
CA SER J 288 38.67 -18.32 5.17
C SER J 288 40.06 -18.22 5.75
N LEU J 289 41.05 -18.59 4.95
CA LEU J 289 42.45 -18.51 5.40
C LEU J 289 42.54 -19.06 6.83
N ALA J 290 41.93 -20.26 7.04
CA ALA J 290 41.85 -20.80 8.39
C ALA J 290 42.54 -22.14 8.69
N PRO J 291 43.88 -22.16 8.77
CA PRO J 291 44.55 -23.41 9.07
C PRO J 291 45.35 -23.40 10.39
N ARG J 292 44.72 -23.77 11.50
CA ARG J 292 45.38 -23.74 12.82
C ARG J 292 46.32 -24.92 13.09
N SER J 293 47.41 -24.65 13.81
CA SER J 293 48.40 -25.69 14.14
C SER J 293 48.48 -25.97 15.65
N TYR J 294 48.83 -27.20 16.01
CA TYR J 294 48.95 -27.60 17.41
C TYR J 294 50.29 -28.18 17.84
N ARG J 295 50.09 -29.11 18.82
CA ARG J 295 51.07 -29.95 19.55
C ARG J 295 50.41 -31.14 20.29
N PRO J 296 49.74 -32.12 19.59
CA PRO J 296 49.09 -33.30 20.23
C PRO J 296 50.06 -34.14 21.05
N ALA J 297 49.64 -35.31 21.50
CA ALA J 297 50.52 -36.08 22.36
C ALA J 297 50.72 -35.27 23.63
N PHE J 298 49.88 -34.23 23.72
CA PHE J 298 49.84 -33.35 24.86
C PHE J 298 48.37 -33.00 25.12
N ILE J 299 47.62 -32.72 24.06
CA ILE J 299 46.19 -32.38 24.21
C ILE J 299 45.43 -33.53 24.87
N LYS J 300 44.85 -33.31 26.06
CA LYS J 300 44.09 -34.37 26.70
C LYS J 300 42.92 -34.77 25.80
N PRO J 301 42.57 -36.07 25.79
CA PRO J 301 41.46 -36.54 24.96
C PRO J 301 40.13 -35.85 25.26
N GLU J 302 39.86 -35.57 26.54
CA GLU J 302 38.59 -34.93 26.89
C GLU J 302 38.60 -33.42 26.59
N ASP J 303 39.79 -32.85 26.42
CA ASP J 303 39.90 -31.42 26.12
C ASP J 303 39.64 -31.10 24.65
N ALA J 304 39.46 -32.14 23.82
CA ALA J 304 39.22 -31.97 22.39
C ALA J 304 38.88 -33.29 21.70
N LYS J 305 37.61 -33.59 21.60
CA LYS J 305 37.09 -34.83 21.02
C LYS J 305 37.86 -35.44 19.84
N TRP J 306 38.42 -34.61 18.96
CA TRP J 306 39.15 -35.12 17.80
C TRP J 306 40.49 -35.75 18.11
N ILE J 307 40.68 -36.31 19.28
CA ILE J 307 41.98 -36.90 19.59
C ILE J 307 41.93 -37.86 20.77
N ALA J 308 41.82 -39.16 20.45
CA ALA J 308 41.73 -40.22 21.46
C ALA J 308 43.09 -40.83 21.77
N GLU J 309 43.21 -41.50 22.92
CA GLU J 309 44.49 -42.10 23.28
C GLU J 309 44.46 -43.58 23.65
N PHE J 310 45.54 -44.28 23.33
CA PHE J 310 45.68 -45.71 23.61
C PHE J 310 46.11 -45.95 25.07
N ASN J 311 45.29 -45.57 26.05
CA ASN J 311 45.69 -45.80 27.44
C ASN J 311 45.58 -47.29 27.82
N ASN J 312 46.68 -48.02 27.56
CA ASN J 312 46.74 -49.46 27.84
C ASN J 312 47.93 -49.81 28.73
N SER J 313 47.81 -50.88 29.52
CA SER J 313 48.88 -51.31 30.43
C SER J 313 50.28 -51.40 29.83
N SER J 314 50.56 -52.49 29.13
CA SER J 314 51.87 -52.71 28.52
C SER J 314 52.03 -52.01 27.16
N LEU J 315 53.00 -52.46 26.37
CA LEU J 315 53.24 -51.91 25.04
C LEU J 315 52.42 -52.66 24.03
N ILE J 316 52.21 -52.10 22.86
CA ILE J 316 51.42 -52.78 21.85
C ILE J 316 52.17 -52.90 20.53
N ARG J 317 53.35 -53.52 20.55
CA ARG J 317 54.13 -53.66 19.32
C ARG J 317 53.42 -54.45 18.23
N LYS J 318 53.18 -53.79 17.10
CA LYS J 318 52.52 -54.40 15.95
C LYS J 318 53.55 -54.42 14.84
N THR J 319 53.23 -55.03 13.70
CA THR J 319 54.16 -55.05 12.57
C THR J 319 53.44 -54.66 11.29
N LEU J 320 54.21 -54.43 10.23
CA LEU J 320 53.63 -54.03 8.94
C LEU J 320 54.71 -53.96 7.86
N THR J 321 54.49 -54.66 6.76
CA THR J 321 55.46 -54.63 5.67
C THR J 321 55.30 -53.33 4.89
N TYR J 322 56.22 -52.41 5.10
CA TYR J 322 56.19 -51.13 4.40
C TYR J 322 57.40 -51.01 3.48
N SER J 323 57.16 -51.09 2.18
CA SER J 323 58.24 -50.99 1.21
C SER J 323 59.17 -52.20 1.39
N GLY J 324 58.56 -53.38 1.51
CA GLY J 324 59.32 -54.59 1.71
C GLY J 324 59.67 -54.74 3.18
N ALA J 325 60.65 -53.96 3.63
CA ALA J 325 61.09 -53.97 5.02
C ALA J 325 59.94 -54.02 6.04
N THR J 326 60.11 -54.82 7.07
CA THR J 326 59.09 -54.95 8.11
C THR J 326 59.42 -54.09 9.33
N TYR J 327 58.53 -53.15 9.65
CA TYR J 327 58.75 -52.27 10.79
C TYR J 327 57.73 -52.55 11.90
N THR J 328 58.02 -52.05 13.10
CA THR J 328 57.13 -52.26 14.22
C THR J 328 56.64 -50.93 14.80
N VAL J 329 55.34 -50.68 14.65
CA VAL J 329 54.75 -49.48 15.27
C VAL J 329 54.75 -49.78 16.77
N GLN J 330 55.02 -48.80 17.63
CA GLN J 330 55.20 -49.12 19.07
C GLN J 330 54.01 -48.90 19.97
N LEU J 331 53.48 -47.67 20.11
CA LEU J 331 52.38 -47.36 21.02
C LEU J 331 52.93 -47.54 22.45
N GLY J 332 54.22 -47.19 22.62
CA GLY J 332 55.01 -47.31 23.86
C GLY J 332 54.32 -47.08 25.21
N PRO J 333 55.14 -47.13 26.28
CA PRO J 333 54.80 -47.01 27.73
C PRO J 333 53.68 -46.04 28.11
N GLY J 334 53.77 -44.80 27.61
CA GLY J 334 52.75 -43.81 27.92
C GLY J 334 51.44 -44.01 27.17
N PRO J 335 50.48 -43.09 27.31
CA PRO J 335 49.17 -43.27 26.62
C PRO J 335 49.15 -43.03 25.10
N THR J 336 50.16 -42.36 24.53
CA THR J 336 50.25 -42.09 23.07
C THR J 336 48.92 -41.55 22.50
N ARG J 337 48.68 -40.25 22.68
CA ARG J 337 47.47 -39.62 22.15
C ARG J 337 47.58 -39.59 20.63
N VAL J 338 46.57 -40.11 19.94
CA VAL J 338 46.56 -40.14 18.47
C VAL J 338 45.37 -39.35 17.91
N ILE J 339 45.58 -38.71 16.77
CA ILE J 339 44.50 -37.95 16.10
C ILE J 339 43.43 -38.94 15.70
N ASP J 340 42.21 -38.74 16.16
CA ASP J 340 41.14 -39.66 15.75
C ASP J 340 40.81 -39.32 14.30
N MET J 341 40.33 -40.28 13.51
CA MET J 341 40.01 -40.00 12.11
C MET J 341 38.56 -39.58 11.93
N ASN J 342 37.69 -40.23 12.65
CA ASN J 342 36.36 -39.72 12.57
C ASN J 342 36.43 -38.41 13.36
N ALA J 343 35.51 -37.46 13.07
CA ALA J 343 35.60 -36.17 13.70
C ALA J 343 36.96 -35.64 13.28
N MET J 344 37.12 -35.41 11.98
CA MET J 344 38.37 -34.91 11.43
C MET J 344 38.20 -34.26 10.04
N ILE J 345 37.11 -33.51 9.78
CA ILE J 345 36.83 -32.79 8.52
C ILE J 345 37.94 -32.96 7.47
N ASP J 346 37.71 -33.80 6.44
CA ASP J 346 38.72 -34.05 5.41
C ASP J 346 39.65 -32.85 5.21
N SER J 347 40.78 -32.89 5.90
CA SER J 347 41.76 -31.80 5.85
C SER J 347 43.06 -32.17 5.17
N VAL J 348 44.02 -31.38 5.49
CA VAL J 348 45.39 -31.59 5.06
C VAL J 348 46.23 -31.57 6.32
N LEU J 349 46.32 -32.72 6.95
CA LEU J 349 47.14 -32.87 8.15
C LEU J 349 48.61 -32.83 7.77
N THR J 350 49.37 -31.93 8.36
CA THR J 350 50.79 -31.88 8.05
C THR J 350 51.57 -31.81 9.36
N LEU J 351 51.93 -32.97 9.87
CA LEU J 351 52.68 -33.06 11.12
C LEU J 351 54.15 -32.74 10.95
N ASP J 352 54.57 -31.60 11.46
CA ASP J 352 55.98 -31.24 11.37
C ASP J 352 56.70 -31.79 12.58
N VAL J 353 57.87 -32.38 12.35
CA VAL J 353 58.67 -32.94 13.43
C VAL J 353 60.04 -32.31 13.38
N SER J 354 60.22 -31.18 14.05
CA SER J 354 61.53 -30.53 14.01
C SER J 354 61.95 -29.84 15.30
N GLY J 355 63.25 -29.90 15.59
CA GLY J 355 63.78 -29.29 16.79
C GLY J 355 63.41 -30.11 18.00
N THR J 356 62.50 -31.05 17.80
CA THR J 356 62.06 -31.93 18.88
C THR J 356 63.16 -32.97 19.10
N ILE J 357 63.34 -33.40 20.36
CA ILE J 357 64.37 -34.36 20.71
C ILE J 357 64.25 -35.64 19.89
N LEU J 358 65.38 -36.32 19.73
CA LEU J 358 65.49 -37.58 18.99
C LEU J 358 66.63 -38.33 19.64
N PRO J 359 66.35 -39.01 20.78
CA PRO J 359 67.32 -39.76 21.58
C PRO J 359 67.85 -41.08 21.02
N TYR J 360 68.31 -41.08 19.77
CA TYR J 360 68.86 -42.30 19.18
C TYR J 360 70.20 -42.61 19.84
N ASP J 361 70.67 -41.67 20.66
CA ASP J 361 71.93 -41.79 21.38
C ASP J 361 71.85 -42.87 22.44
N THR J 362 70.78 -42.84 23.25
CA THR J 362 70.60 -43.83 24.29
C THR J 362 70.06 -45.12 23.66
N ASN J 363 68.73 -45.28 23.61
CA ASN J 363 68.17 -46.48 23.00
C ASN J 363 68.53 -46.48 21.52
N PRO J 364 69.53 -47.28 21.13
CA PRO J 364 69.99 -47.38 19.74
C PRO J 364 68.85 -47.90 18.88
N ASP J 365 67.86 -48.45 19.56
CA ASP J 365 66.67 -49.01 18.95
C ASP J 365 65.95 -47.94 18.12
N LEU J 366 65.92 -46.72 18.65
CA LEU J 366 65.26 -45.61 17.98
C LEU J 366 65.90 -45.27 16.65
N SER J 367 67.23 -45.19 16.61
CA SER J 367 67.91 -44.90 15.36
C SER J 367 67.58 -46.02 14.37
N THR J 368 67.71 -45.73 13.08
CA THR J 368 67.43 -46.72 12.03
C THR J 368 65.96 -46.73 11.63
N SER J 369 65.08 -46.26 12.53
CA SER J 369 63.65 -46.24 12.24
C SER J 369 63.18 -44.96 11.54
N VAL J 370 62.63 -45.11 10.34
CA VAL J 370 62.15 -43.96 9.59
C VAL J 370 60.87 -43.45 10.22
N PRO J 371 60.89 -42.20 10.73
CA PRO J 371 59.70 -41.60 11.36
C PRO J 371 58.63 -41.47 10.28
N ALA J 372 57.37 -41.74 10.62
CA ALA J 372 56.31 -41.66 9.61
C ALA J 372 54.90 -41.59 10.16
N PHE J 373 54.08 -40.72 9.57
CA PHE J 373 52.70 -40.58 9.98
C PHE J 373 51.96 -41.83 9.45
N VAL J 374 51.29 -42.57 10.35
CA VAL J 374 50.59 -43.80 9.96
C VAL J 374 49.19 -43.93 10.54
N LEU J 375 48.22 -44.34 9.72
CA LEU J 375 46.85 -44.54 10.21
C LEU J 375 46.82 -45.90 10.90
N ILE J 376 45.89 -46.08 11.82
CA ILE J 376 45.78 -47.34 12.57
C ILE J 376 44.33 -47.72 12.76
N GLN J 377 43.85 -48.69 12.00
CA GLN J 377 42.47 -49.13 12.14
C GLN J 377 42.44 -50.21 13.22
N THR J 378 41.68 -49.98 14.27
CA THR J 378 41.56 -50.95 15.37
C THR J 378 40.17 -51.59 15.36
N SER J 379 40.08 -52.85 15.77
CA SER J 379 38.79 -53.53 15.81
C SER J 379 37.96 -52.94 16.94
N VAL J 380 38.29 -53.33 18.17
CA VAL J 380 37.60 -52.79 19.32
C VAL J 380 37.95 -51.30 19.37
N PRO J 381 37.01 -50.44 19.83
CA PRO J 381 37.25 -48.98 19.92
C PRO J 381 38.53 -48.70 20.73
N ILE J 382 39.28 -47.68 20.34
CA ILE J 382 40.50 -47.34 21.08
C ILE J 382 40.00 -47.10 22.51
N GLN J 383 40.91 -46.94 23.47
CA GLN J 383 40.49 -46.72 24.86
C GLN J 383 39.70 -47.96 25.27
N GLN J 384 40.15 -49.09 24.71
CA GLN J 384 39.54 -50.39 24.95
C GLN J 384 40.34 -51.41 24.14
N VAL J 385 41.32 -50.88 23.41
CA VAL J 385 42.22 -51.69 22.58
C VAL J 385 43.42 -52.08 23.43
N THR J 386 43.42 -53.32 23.92
CA THR J 386 44.50 -53.82 24.78
C THR J 386 45.78 -54.28 24.09
N THR J 387 45.69 -55.31 23.27
CA THR J 387 46.87 -55.85 22.61
C THR J 387 46.84 -56.06 21.09
N ALA J 388 48.03 -56.05 20.50
CA ALA J 388 48.26 -56.22 19.07
C ALA J 388 47.16 -56.88 18.24
N ALA J 389 46.62 -57.99 18.72
CA ALA J 389 45.56 -58.70 17.98
C ALA J 389 44.31 -57.83 17.79
N ASN J 390 44.26 -56.74 18.55
CA ASN J 390 43.15 -55.79 18.51
C ASN J 390 43.24 -54.82 17.33
N ILE J 391 44.46 -54.43 16.98
CA ILE J 391 44.72 -53.51 15.87
C ILE J 391 44.51 -54.16 14.50
N THR J 392 43.37 -53.91 13.87
CA THR J 392 43.05 -54.47 12.54
C THR J 392 44.25 -54.37 11.58
N ALA J 393 44.55 -53.16 11.13
CA ALA J 393 45.69 -52.97 10.21
C ALA J 393 46.37 -51.63 10.47
N ILE J 394 47.50 -51.41 9.82
CA ILE J 394 48.24 -50.16 9.97
C ILE J 394 48.84 -49.71 8.65
N THR J 395 48.38 -48.57 8.14
CA THR J 395 48.87 -48.04 6.87
C THR J 395 49.84 -46.87 7.06
N VAL J 396 50.98 -46.95 6.39
CA VAL J 396 51.98 -45.88 6.47
C VAL J 396 51.54 -44.84 5.43
N VAL J 397 50.67 -43.92 5.84
CA VAL J 397 50.17 -42.89 4.92
C VAL J 397 51.24 -41.92 4.43
N SER J 398 52.40 -41.92 5.06
CA SER J 398 53.46 -41.01 4.64
C SER J 398 54.72 -41.19 5.48
N ALA J 399 55.67 -41.98 4.99
CA ALA J 399 56.90 -42.20 5.73
C ALA J 399 57.97 -41.20 5.33
N ALA J 400 59.05 -41.16 6.11
CA ALA J 400 60.15 -40.26 5.83
C ALA J 400 61.33 -41.10 5.34
N GLY J 401 61.71 -40.91 4.07
CA GLY J 401 62.84 -41.66 3.56
C GLY J 401 64.09 -41.36 4.39
N ALA J 402 64.84 -42.41 4.71
CA ALA J 402 66.08 -42.30 5.52
C ALA J 402 65.80 -42.37 7.01
N SER J 403 66.45 -43.35 7.65
CA SER J 403 66.30 -43.67 9.08
C SER J 403 66.56 -42.48 10.01
N ALA J 404 66.40 -42.71 11.32
CA ALA J 404 66.60 -41.72 12.38
C ALA J 404 68.08 -41.69 12.84
N ILE J 405 68.93 -41.09 11.98
CA ILE J 405 70.40 -40.91 12.10
C ILE J 405 70.97 -40.18 10.83
N ASN J 406 70.11 -39.32 10.19
CA ASN J 406 70.35 -38.47 8.98
C ASN J 406 69.37 -37.30 9.04
N LEU J 407 68.31 -37.56 9.83
CA LEU J 407 67.25 -36.62 10.14
C LEU J 407 67.65 -35.87 11.40
N ALA J 408 68.66 -36.42 12.08
CA ALA J 408 69.18 -35.84 13.30
C ALA J 408 70.08 -34.66 12.97
N ILE J 409 70.62 -34.05 14.02
CA ILE J 409 71.52 -32.89 13.92
C ILE J 409 71.84 -32.55 15.38
N ASN J 410 73.10 -32.72 15.76
CA ASN J 410 73.50 -32.44 17.13
C ASN J 410 73.46 -30.96 17.50
N VAL J 411 72.68 -30.58 18.53
CA VAL J 411 72.58 -29.17 19.00
C VAL J 411 72.95 -29.02 20.50
N ARG J 412 74.06 -29.63 20.89
CA ARG J 412 74.56 -29.64 22.26
C ARG J 412 74.15 -30.98 22.93
N GLY J 413 74.77 -32.10 22.52
CA GLY J 413 74.44 -33.40 23.09
C GLY J 413 73.14 -33.99 22.49
N GLN J 414 72.01 -33.43 22.92
CA GLN J 414 70.60 -33.76 22.55
C GLN J 414 70.33 -33.59 21.05
N PRO J 415 70.52 -34.64 20.28
CA PRO J 415 70.29 -34.54 18.84
C PRO J 415 68.84 -34.23 18.51
N ARG J 416 68.61 -33.16 17.72
CA ARG J 416 67.25 -32.75 17.36
C ARG J 416 66.83 -33.31 16.01
N PHE J 417 65.63 -32.93 15.57
CA PHE J 417 65.12 -33.37 14.28
C PHE J 417 65.23 -32.30 13.21
N ASN J 418 65.94 -32.59 12.14
CA ASN J 418 66.07 -31.66 11.03
C ASN J 418 64.65 -31.40 10.55
N MET J 419 64.22 -30.15 10.68
CA MET J 419 62.87 -29.73 10.30
C MET J 419 62.33 -30.37 9.01
N LEU J 420 61.41 -31.31 9.14
CA LEU J 420 60.83 -32.00 7.98
C LEU J 420 59.31 -32.21 8.21
N HIS J 421 58.51 -32.19 7.14
CA HIS J 421 57.06 -32.33 7.31
C HIS J 421 56.41 -33.58 6.72
N LEU J 422 56.04 -34.50 7.60
CA LEU J 422 55.35 -35.65 7.08
C LEU J 422 53.92 -35.16 6.80
N GLN J 423 53.07 -35.89 6.03
CA GLN J 423 51.76 -35.27 5.79
C GLN J 423 50.77 -36.06 4.97
N ALA J 424 49.65 -36.43 5.59
CA ALA J 424 48.56 -37.15 4.94
C ALA J 424 47.59 -36.13 4.34
N THR J 425 46.49 -36.64 3.79
CA THR J 425 45.46 -35.79 3.20
C THR J 425 44.16 -36.52 3.49
N PHE J 426 43.87 -36.67 4.78
CA PHE J 426 42.66 -37.35 5.21
C PHE J 426 41.40 -36.87 4.46
N GLU J 427 40.52 -37.82 4.13
CA GLU J 427 39.28 -37.51 3.41
C GLU J 427 38.05 -38.18 4.02
N ARG J 428 37.14 -37.37 4.58
CA ARG J 428 35.90 -37.87 5.19
C ARG J 428 35.54 -39.32 4.91
N GLU J 429 35.29 -39.63 3.62
CA GLU J 429 34.82 -40.95 3.15
C GLU J 429 35.90 -42.04 2.96
N THR J 430 37.18 -41.68 2.82
CA THR J 430 38.17 -42.78 2.68
C THR J 430 38.10 -43.68 3.97
N ILE J 431 37.49 -43.12 5.05
CA ILE J 431 37.23 -43.82 6.32
C ILE J 431 35.71 -44.16 6.47
N THR J 432 35.00 -44.50 5.36
CA THR J 432 33.53 -44.85 5.45
C THR J 432 33.38 -46.20 6.16
N GLY J 433 32.34 -46.39 7.00
CA GLY J 433 32.12 -47.68 7.68
C GLY J 433 33.05 -47.87 8.86
N ILE J 434 34.33 -47.97 8.56
CA ILE J 434 35.44 -48.09 9.53
C ILE J 434 35.18 -47.31 10.83
N PRO J 435 34.51 -47.95 11.81
CA PRO J 435 34.18 -47.33 13.10
C PRO J 435 35.38 -46.78 13.83
N TYR J 436 36.50 -47.50 13.82
CA TYR J 436 37.69 -47.02 14.53
C TYR J 436 38.94 -46.96 13.69
N ILE J 437 39.55 -45.78 13.66
CA ILE J 437 40.75 -45.54 12.89
C ILE J 437 41.38 -44.27 13.45
N TYR J 438 42.69 -44.25 13.59
CA TYR J 438 43.38 -43.10 14.16
C TYR J 438 44.64 -42.74 13.42
N GLY J 439 44.89 -41.45 13.28
CA GLY J 439 46.07 -40.99 12.65
C GLY J 439 47.11 -40.90 13.75
N LEU J 440 48.31 -41.43 13.53
CA LEU J 440 49.35 -41.42 14.55
C LEU J 440 50.68 -41.11 13.87
N GLY J 441 51.36 -40.07 14.32
CA GLY J 441 52.66 -39.74 13.75
C GLY J 441 53.70 -40.41 14.62
N THR J 442 53.88 -41.72 14.44
CA THR J 442 54.81 -42.50 15.25
C THR J 442 56.22 -42.65 14.67
N PHE J 443 56.88 -43.78 14.95
CA PHE J 443 58.26 -43.90 14.48
C PHE J 443 58.56 -45.01 13.47
N LEU J 444 57.89 -46.16 13.57
CA LEU J 444 58.19 -47.31 12.66
C LEU J 444 59.61 -47.83 12.89
N ILE J 445 59.81 -48.49 14.03
CA ILE J 445 61.11 -49.07 14.37
C ILE J 445 61.37 -50.32 13.58
N PRO J 446 62.57 -50.43 12.97
CA PRO J 446 62.91 -51.61 12.17
C PRO J 446 63.23 -52.84 13.00
N SER J 447 63.23 -52.69 14.32
CA SER J 447 63.54 -53.81 15.21
C SER J 447 63.41 -53.45 16.69
N PRO J 448 62.22 -53.65 17.27
CA PRO J 448 61.98 -53.34 18.69
C PRO J 448 62.95 -54.07 19.64
N THR J 449 63.41 -53.36 20.67
CA THR J 449 64.37 -53.90 21.64
C THR J 449 64.03 -53.50 23.08
N SER J 450 64.81 -54.01 24.02
CA SER J 450 64.65 -53.70 25.44
C SER J 450 64.90 -52.22 25.71
N SER J 451 65.79 -51.63 24.92
CA SER J 451 66.14 -50.22 25.07
C SER J 451 64.91 -49.33 24.87
N SER J 452 64.10 -49.66 23.86
CA SER J 452 62.88 -48.90 23.58
C SER J 452 61.71 -49.56 24.32
N ASN J 453 61.85 -49.69 25.63
CA ASN J 453 60.81 -50.30 26.43
C ASN J 453 60.16 -49.26 27.32
N PHE J 454 60.71 -48.06 27.29
CA PHE J 454 60.17 -46.95 28.08
C PHE J 454 60.25 -45.67 27.24
N SER J 455 60.53 -45.83 25.95
CA SER J 455 60.66 -44.68 25.04
C SER J 455 59.33 -44.14 24.51
N ASN J 456 58.58 -44.97 23.80
CA ASN J 456 57.30 -44.52 23.25
C ASN J 456 57.59 -43.47 22.18
N PRO J 457 57.77 -43.97 20.94
CA PRO J 457 58.13 -43.18 19.73
C PRO J 457 57.09 -42.28 19.09
N THR J 458 56.12 -41.78 19.85
CA THR J 458 55.11 -40.90 19.25
C THR J 458 55.76 -39.59 18.82
N LEU J 459 55.79 -39.30 17.53
CA LEU J 459 56.39 -38.05 17.07
C LEU J 459 55.39 -36.91 17.13
N MET J 460 54.26 -37.16 17.79
CA MET J 460 53.21 -36.17 17.94
C MET J 460 53.61 -34.95 18.75
N ASP J 461 54.69 -35.04 19.51
CA ASP J 461 55.15 -33.90 20.29
C ASP J 461 55.50 -32.77 19.30
N GLY J 462 55.54 -33.10 18.00
CA GLY J 462 55.86 -32.13 16.98
C GLY J 462 54.67 -31.21 16.70
N LEU J 463 54.93 -30.07 16.05
CA LEU J 463 53.87 -29.09 15.75
C LEU J 463 53.03 -29.43 14.52
N LEU J 464 51.96 -30.18 14.73
CA LEU J 464 51.05 -30.61 13.67
C LEU J 464 50.18 -29.45 13.20
N THR J 465 49.96 -29.35 11.88
CA THR J 465 49.12 -28.26 11.36
C THR J 465 48.01 -28.71 10.41
N VAL J 466 46.82 -28.94 10.97
CA VAL J 466 45.66 -29.35 10.19
C VAL J 466 45.08 -28.13 9.47
N THR J 467 44.71 -28.32 8.20
CA THR J 467 44.13 -27.26 7.39
C THR J 467 42.89 -27.76 6.69
N PRO J 468 41.70 -27.43 7.22
CA PRO J 468 40.42 -27.87 6.65
C PRO J 468 40.38 -27.63 5.16
N VAL J 469 40.32 -28.70 4.37
CA VAL J 469 40.30 -28.52 2.92
C VAL J 469 38.93 -28.83 2.36
N LEU J 470 37.96 -28.02 2.74
CA LEU J 470 36.55 -28.23 2.37
C LEU J 470 35.73 -27.48 3.41
N LEU J 471 35.76 -26.16 3.32
CA LEU J 471 35.04 -25.25 4.27
C LEU J 471 33.59 -25.59 4.62
N ARG J 472 32.77 -25.93 3.64
CA ARG J 472 31.36 -26.22 3.89
C ARG J 472 31.09 -27.01 5.17
N GLU J 473 31.92 -28.03 5.47
CA GLU J 473 31.74 -28.86 6.67
C GLU J 473 32.56 -28.49 7.90
N THR J 474 31.86 -28.25 9.02
CA THR J 474 32.50 -27.88 10.27
C THR J 474 32.52 -29.11 11.21
N THR J 475 33.03 -28.93 12.42
CA THR J 475 33.08 -30.01 13.41
C THR J 475 32.72 -29.50 14.80
N TYR J 476 31.88 -30.24 15.54
CA TYR J 476 31.55 -29.83 16.89
C TYR J 476 31.36 -30.94 17.90
N LYS J 477 32.13 -30.85 18.99
CA LYS J 477 32.08 -31.81 20.07
C LYS J 477 32.43 -33.21 19.58
N GLY J 478 33.09 -33.29 18.43
CA GLY J 478 33.48 -34.58 17.88
C GLY J 478 32.69 -35.02 16.67
N GLU J 479 31.64 -34.27 16.29
CA GLU J 479 30.85 -34.64 15.12
C GLU J 479 31.03 -33.64 13.99
N VAL J 480 30.84 -34.11 12.75
CA VAL J 480 30.97 -33.24 11.58
C VAL J 480 29.57 -32.76 11.20
N VAL J 481 29.42 -31.45 11.04
CA VAL J 481 28.13 -30.88 10.71
C VAL J 481 28.21 -29.86 9.58
N ASP J 482 27.06 -29.29 9.23
CA ASP J 482 27.00 -28.30 8.18
C ASP J 482 26.46 -26.98 8.73
N ALA J 483 26.05 -27.01 9.99
CA ALA J 483 25.53 -25.81 10.65
C ALA J 483 25.85 -25.79 12.13
N ILE J 484 26.10 -24.60 12.66
CA ILE J 484 26.41 -24.41 14.06
C ILE J 484 25.18 -23.89 14.78
N VAL J 485 25.20 -23.79 16.11
CA VAL J 485 24.11 -23.22 16.85
C VAL J 485 24.66 -22.19 17.84
N PRO J 486 25.52 -21.28 17.35
CA PRO J 486 26.19 -20.23 18.13
C PRO J 486 25.98 -20.29 19.65
N ALA J 487 24.82 -19.83 20.12
CA ALA J 487 24.51 -19.82 21.55
C ALA J 487 24.98 -21.08 22.28
N THR J 488 24.98 -22.22 21.60
CA THR J 488 25.43 -23.48 22.19
C THR J 488 26.90 -23.46 22.53
N VAL J 489 27.71 -22.90 21.63
CA VAL J 489 29.15 -22.84 21.86
C VAL J 489 29.58 -21.78 22.90
N MET J 490 28.66 -20.97 23.43
CA MET J 490 29.05 -19.98 24.44
C MET J 490 29.16 -20.70 25.78
N ALA J 491 30.15 -20.30 26.59
CA ALA J 491 30.40 -20.88 27.93
C ALA J 491 30.10 -22.37 27.92
N ASN J 492 30.71 -23.08 26.98
CA ASN J 492 30.46 -24.49 26.84
C ASN J 492 31.78 -25.22 26.65
N GLN J 493 32.82 -24.42 26.35
CA GLN J 493 34.17 -24.96 26.22
C GLN J 493 34.84 -24.71 27.55
N THR J 494 35.97 -25.35 27.81
CA THR J 494 36.68 -25.10 29.07
C THR J 494 37.90 -24.24 28.71
N SER J 495 38.65 -23.84 29.75
CA SER J 495 39.84 -23.03 29.54
C SER J 495 40.53 -23.41 28.22
N GLU J 496 40.88 -24.72 28.13
CA GLU J 496 41.64 -25.27 27.01
C GLU J 496 40.81 -26.05 25.98
N GLU J 497 39.50 -26.25 26.22
CA GLU J 497 38.61 -26.90 25.24
C GLU J 497 38.37 -25.90 24.08
N VAL J 498 39.10 -24.75 24.18
CA VAL J 498 39.11 -23.62 23.24
C VAL J 498 40.44 -23.54 22.50
N ALA J 499 41.53 -23.41 23.25
CA ALA J 499 42.86 -23.36 22.65
C ALA J 499 43.20 -24.69 21.95
N SER J 500 42.44 -25.74 22.28
CA SER J 500 42.64 -27.06 21.68
C SER J 500 41.64 -27.31 20.55
N ALA J 501 40.92 -26.26 20.17
CA ALA J 501 39.92 -26.36 19.09
C ALA J 501 40.60 -26.83 17.81
N LEU J 502 39.83 -27.45 16.93
CA LEU J 502 40.33 -27.96 15.66
C LEU J 502 40.01 -27.04 14.46
N ALA J 503 41.07 -26.47 13.86
CA ALA J 503 40.98 -25.56 12.70
C ALA J 503 39.70 -25.69 11.89
N ASN J 504 38.86 -24.67 12.02
CA ASN J 504 37.56 -24.61 11.37
C ASN J 504 36.56 -25.60 11.96
N ASP J 505 36.31 -25.41 13.27
CA ASP J 505 35.31 -26.16 13.98
C ASP J 505 34.40 -25.14 14.69
N ALA J 506 33.20 -25.51 15.02
CA ALA J 506 32.35 -24.49 15.64
C ALA J 506 33.14 -23.52 16.52
N ILE J 507 33.77 -24.02 17.58
CA ILE J 507 34.56 -23.17 18.48
C ILE J 507 35.42 -22.17 17.72
N VAL J 508 36.23 -22.64 16.76
CA VAL J 508 37.10 -21.76 15.99
C VAL J 508 36.32 -20.82 15.09
N LEU J 509 35.07 -21.17 14.80
CA LEU J 509 34.22 -20.32 13.98
C LEU J 509 33.51 -19.28 14.86
N VAL J 510 32.99 -19.73 16.04
CA VAL J 510 32.29 -18.89 17.06
C VAL J 510 33.30 -18.08 17.88
N SER J 511 34.54 -18.09 17.38
CA SER J 511 35.66 -17.32 17.93
C SER J 511 36.08 -16.26 16.91
N ASN J 512 36.05 -16.63 15.60
CA ASN J 512 36.42 -15.78 14.42
C ASN J 512 35.37 -14.72 14.17
N HIS J 513 34.19 -15.07 14.66
CA HIS J 513 33.02 -14.23 14.60
C HIS J 513 33.09 -13.21 15.72
N LEU J 514 33.14 -13.65 16.97
CA LEU J 514 33.22 -12.73 18.10
C LEU J 514 34.36 -11.76 17.85
N ASN J 515 35.43 -12.26 17.27
CA ASN J 515 36.61 -11.45 16.99
C ASN J 515 36.35 -10.23 16.10
N LYS J 516 35.40 -10.35 15.16
CA LYS J 516 35.05 -9.22 14.31
C LYS J 516 34.29 -8.25 15.18
N LEU J 517 33.24 -8.76 15.83
CA LEU J 517 32.43 -7.94 16.70
C LEU J 517 33.26 -7.34 17.81
N ALA J 518 34.35 -8.02 18.15
CA ALA J 518 35.21 -7.48 19.15
C ALA J 518 35.98 -6.26 18.59
N ASN J 519 36.18 -6.15 17.27
CA ASN J 519 36.96 -5.02 16.71
C ASN J 519 36.07 -3.89 16.31
N VAL J 520 34.80 -4.18 16.22
CA VAL J 520 33.86 -3.12 15.94
C VAL J 520 33.71 -2.35 17.21
N VAL J 521 33.53 -3.03 18.36
CA VAL J 521 33.41 -2.27 19.62
C VAL J 521 34.75 -1.62 19.93
N GLY J 522 35.81 -2.43 19.98
CA GLY J 522 37.14 -1.92 20.26
C GLY J 522 37.42 -0.66 19.47
N ASP J 523 37.04 -0.67 18.19
CA ASP J 523 37.23 0.45 17.27
C ASP J 523 36.27 1.62 17.49
N ALA J 524 35.03 1.47 17.02
CA ALA J 524 34.03 2.53 17.13
C ALA J 524 33.62 2.95 18.55
N ILE J 525 33.02 2.02 19.29
CA ILE J 525 32.58 2.29 20.66
C ILE J 525 33.75 2.54 21.64
N PRO J 526 33.56 3.41 22.65
CA PRO J 526 34.62 3.71 23.62
C PRO J 526 34.64 2.79 24.86
N VAL J 527 34.74 1.49 24.64
CA VAL J 527 34.76 0.54 25.74
C VAL J 527 36.09 0.56 26.51
N ALA J 528 36.84 1.65 26.38
CA ALA J 528 38.12 1.76 27.10
C ALA J 528 38.37 3.10 27.80
N SER J 529 37.31 3.57 28.47
CA SER J 529 37.36 4.79 29.26
C SER J 529 36.17 4.81 30.25
N ARG J 530 36.15 5.67 31.28
CA ARG J 530 35.02 5.64 32.23
C ARG J 530 33.73 6.22 31.67
N THR J 531 33.51 6.08 30.36
CA THR J 531 32.34 6.69 29.73
C THR J 531 31.08 5.83 29.64
N ASP J 532 30.96 4.79 30.48
CA ASP J 532 29.77 3.91 30.48
C ASP J 532 29.04 3.89 29.14
N ASP J 533 29.81 3.60 28.09
CA ASP J 533 29.38 3.53 26.70
C ASP J 533 28.19 2.64 26.40
N SER J 534 27.68 2.74 25.18
CA SER J 534 26.54 1.96 24.72
C SER J 534 26.72 0.45 24.90
N ALA J 535 27.96 -0.02 24.77
CA ALA J 535 28.27 -1.43 24.92
C ALA J 535 28.09 -1.89 26.37
N THR J 536 28.92 -1.35 27.26
CA THR J 536 28.85 -1.70 28.69
C THR J 536 27.51 -1.29 29.28
N SER J 537 26.71 -0.58 28.50
CA SER J 537 25.40 -0.11 28.94
C SER J 537 24.33 -1.14 28.63
N ALA J 538 24.45 -1.78 27.48
CA ALA J 538 23.50 -2.81 27.07
C ALA J 538 23.58 -3.93 28.10
N ILE J 539 24.79 -4.25 28.54
CA ILE J 539 24.99 -5.31 29.52
C ILE J 539 24.44 -4.93 30.90
N VAL J 540 24.68 -3.70 31.35
CA VAL J 540 24.18 -3.25 32.65
C VAL J 540 22.67 -3.45 32.77
N SER J 541 21.95 -3.16 31.70
CA SER J 541 20.50 -3.33 31.74
C SER J 541 20.12 -4.80 31.90
N ARG J 542 20.96 -5.70 31.40
CA ARG J 542 20.67 -7.12 31.57
C ARG J 542 20.93 -7.50 33.02
N LEU J 543 22.09 -7.13 33.57
CA LEU J 543 22.40 -7.45 34.95
C LEU J 543 21.31 -6.99 35.91
N ALA J 544 20.80 -5.79 35.69
CA ALA J 544 19.73 -5.26 36.53
C ALA J 544 18.51 -6.20 36.42
N VAL J 545 17.86 -6.22 35.25
CA VAL J 545 16.70 -7.09 34.99
C VAL J 545 16.94 -8.49 35.50
N GLN J 546 18.19 -8.91 35.53
CA GLN J 546 18.52 -10.25 36.00
C GLN J 546 18.57 -10.29 37.53
N HIS J 547 19.47 -9.49 38.10
CA HIS J 547 19.60 -9.43 39.56
C HIS J 547 18.31 -8.95 40.22
N LYS J 548 17.43 -8.32 39.46
CA LYS J 548 16.21 -7.80 40.03
C LYS J 548 15.16 -8.87 40.24
N LEU J 549 15.07 -9.84 39.33
CA LEU J 549 14.08 -10.89 39.52
C LEU J 549 14.59 -11.96 40.44
N SER J 550 15.91 -12.06 40.57
CA SER J 550 16.49 -13.07 41.46
C SER J 550 16.25 -12.59 42.90
N GLN J 551 15.86 -11.34 43.03
CA GLN J 551 15.57 -10.75 44.34
C GLN J 551 14.08 -10.85 44.64
N VAL J 552 13.26 -10.99 43.59
CA VAL J 552 11.82 -11.13 43.75
C VAL J 552 11.53 -12.42 44.52
N GLY J 553 10.49 -12.41 45.36
CA GLY J 553 10.14 -13.54 46.23
C GLY J 553 11.26 -13.68 47.28
N GLN J 554 10.97 -13.65 48.62
CA GLN J 554 11.94 -13.67 49.74
C GLN J 554 12.19 -12.20 50.13
N ALA J 555 12.40 -11.93 51.44
CA ALA J 555 12.64 -10.62 52.12
C ALA J 555 13.17 -9.43 51.30
N SER J 556 13.63 -9.68 50.07
CA SER J 556 14.19 -8.64 49.20
C SER J 556 15.02 -7.66 50.01
N PRO J 557 15.85 -8.18 50.93
CA PRO J 557 16.67 -7.34 51.81
C PRO J 557 17.73 -6.52 51.08
N THR J 558 17.95 -6.81 49.79
CA THR J 558 18.95 -6.09 49.03
C THR J 558 18.43 -5.33 47.81
N PRO J 559 18.18 -4.02 47.95
CA PRO J 559 17.78 -3.26 46.82
C PRO J 559 18.92 -3.22 45.80
N PRO J 560 18.68 -3.55 44.54
CA PRO J 560 19.75 -3.53 43.54
C PRO J 560 20.73 -2.38 43.73
N ASP J 561 22.00 -2.64 43.42
CA ASP J 561 23.06 -1.66 43.62
C ASP J 561 23.12 -0.55 42.54
N TYR J 562 23.66 -0.86 41.36
CA TYR J 562 23.76 0.08 40.21
C TYR J 562 25.11 0.76 40.07
N PRO J 563 25.57 1.51 41.07
CA PRO J 563 26.93 2.04 40.90
C PRO J 563 27.89 0.84 40.72
N LEU J 564 27.60 -0.28 41.45
CA LEU J 564 28.35 -1.58 41.45
C LEU J 564 28.02 -2.44 40.22
N LEU J 565 26.80 -2.28 39.73
CA LEU J 565 26.34 -2.96 38.53
C LEU J 565 26.91 -2.32 37.29
N TRP J 566 26.90 -0.99 37.26
CA TRP J 566 27.47 -0.29 36.13
C TRP J 566 28.92 -0.68 35.98
N ARG J 567 29.64 -0.63 37.11
CA ARG J 567 31.06 -0.98 37.14
C ARG J 567 31.32 -2.46 36.86
N ARG J 568 30.40 -3.35 37.27
CA ARG J 568 30.62 -4.76 36.99
C ARG J 568 30.41 -5.06 35.51
N ALA J 569 29.42 -4.41 34.91
CA ALA J 569 29.13 -4.62 33.50
C ALA J 569 30.15 -3.90 32.62
N LYS J 570 30.82 -2.89 33.17
CA LYS J 570 31.82 -2.15 32.42
C LYS J 570 33.01 -3.04 32.16
N ARG J 571 33.41 -3.82 33.18
CA ARG J 571 34.55 -4.72 33.02
C ARG J 571 34.11 -5.96 32.24
N ALA J 572 32.82 -6.25 32.25
CA ALA J 572 32.30 -7.39 31.50
C ALA J 572 32.42 -7.04 30.02
N ALA J 573 31.90 -5.89 29.61
CA ALA J 573 31.98 -5.46 28.20
C ALA J 573 33.43 -5.23 27.84
N SER J 574 34.20 -4.75 28.81
CA SER J 574 35.61 -4.50 28.60
C SER J 574 36.38 -5.81 28.46
N MET J 575 36.11 -6.77 29.34
CA MET J 575 36.81 -8.06 29.26
C MET J 575 36.53 -8.73 27.92
N PHE J 576 35.38 -8.41 27.33
CA PHE J 576 35.03 -8.98 26.05
C PHE J 576 35.90 -8.37 24.96
N VAL J 577 35.80 -7.05 24.77
CA VAL J 577 36.64 -6.39 23.76
C VAL J 577 38.04 -6.86 23.87
N SER J 578 38.48 -7.03 25.12
CA SER J 578 39.84 -7.46 25.42
C SER J 578 40.18 -8.80 24.77
N ASN J 579 39.61 -9.87 25.31
CA ASN J 579 39.84 -11.19 24.80
C ASN J 579 38.51 -11.83 24.36
N PRO J 580 38.03 -11.48 23.16
CA PRO J 580 36.76 -11.97 22.61
C PRO J 580 36.48 -13.45 22.94
N SER J 581 37.53 -14.28 22.86
CA SER J 581 37.44 -15.71 23.13
C SER J 581 36.70 -16.08 24.42
N LEU J 582 37.21 -15.60 25.56
CA LEU J 582 36.63 -15.89 26.88
C LEU J 582 35.15 -16.24 26.90
N ALA J 583 34.33 -15.48 26.18
CA ALA J 583 32.89 -15.73 26.13
C ALA J 583 32.51 -17.16 25.69
N LEU J 584 33.48 -18.06 25.58
CA LEU J 584 33.22 -19.45 25.21
C LEU J 584 33.50 -20.36 26.39
N GLN J 585 34.34 -19.88 27.29
CA GLN J 585 34.75 -20.65 28.47
C GLN J 585 33.81 -20.66 29.65
N VAL J 586 33.49 -21.87 30.10
CA VAL J 586 32.59 -22.04 31.25
C VAL J 586 33.25 -21.46 32.48
N GLY J 587 32.56 -20.52 33.12
CA GLY J 587 33.08 -19.91 34.35
C GLY J 587 33.55 -18.49 34.20
N ILE J 588 32.98 -17.73 33.27
CA ILE J 588 33.36 -16.34 33.12
C ILE J 588 32.21 -15.42 33.54
N PRO J 589 32.46 -14.60 34.59
CA PRO J 589 31.49 -13.68 35.21
C PRO J 589 30.74 -12.78 34.21
N VAL J 590 29.41 -12.80 34.28
CA VAL J 590 28.55 -12.01 33.40
C VAL J 590 28.59 -12.55 31.97
N LEU J 591 29.62 -12.12 31.24
CA LEU J 591 29.82 -12.51 29.85
C LEU J 591 29.17 -13.83 29.40
N THR J 592 29.22 -14.89 30.23
CA THR J 592 28.68 -16.18 29.79
C THR J 592 27.22 -16.46 30.10
N GLN J 593 26.44 -15.48 30.55
CA GLN J 593 25.01 -15.73 30.79
C GLN J 593 24.38 -15.55 29.41
N SER J 594 23.34 -16.33 29.12
CA SER J 594 22.70 -16.26 27.80
C SER J 594 22.32 -14.87 27.28
N GLY J 595 21.89 -13.98 28.17
CA GLY J 595 21.52 -12.63 27.75
C GLY J 595 22.62 -11.91 27.00
N MET J 596 23.65 -11.48 27.73
CA MET J 596 24.81 -10.77 27.17
C MET J 596 25.23 -11.29 25.80
N LEU J 597 25.93 -10.43 25.05
CA LEU J 597 26.40 -10.78 23.69
C LEU J 597 25.23 -10.65 22.73
N SER J 598 24.26 -11.52 22.91
CA SER J 598 23.08 -11.40 22.11
C SER J 598 22.59 -10.02 22.34
N ALA J 599 22.77 -9.59 23.59
CA ALA J 599 22.44 -8.26 24.06
C ALA J 599 23.49 -7.28 23.57
N LEU J 600 24.71 -7.42 24.06
CA LEU J 600 25.81 -6.54 23.66
C LEU J 600 25.72 -6.14 22.18
N THR J 601 25.96 -7.12 21.29
CA THR J 601 25.96 -6.81 19.86
C THR J 601 24.78 -5.91 19.50
N SER J 602 23.54 -6.35 19.64
CA SER J 602 22.37 -5.52 19.26
C SER J 602 22.37 -4.10 19.87
N GLY J 603 23.22 -3.88 20.87
CA GLY J 603 23.37 -2.55 21.43
C GLY J 603 24.38 -1.87 20.54
N VAL J 604 25.62 -2.36 20.63
CA VAL J 604 26.72 -1.86 19.81
C VAL J 604 26.21 -1.59 18.40
N GLY J 605 25.24 -2.39 17.99
CA GLY J 605 24.62 -2.26 16.71
C GLY J 605 24.04 -0.88 16.59
N THR J 606 22.90 -0.65 17.23
CA THR J 606 22.27 0.67 17.16
C THR J 606 23.22 1.78 17.58
N ALA J 607 24.19 1.47 18.44
CA ALA J 607 25.15 2.47 18.89
C ALA J 607 25.94 3.07 17.71
N LEU J 608 26.34 2.22 16.76
CA LEU J 608 27.09 2.69 15.61
C LEU J 608 26.17 3.46 14.68
N ARG J 609 24.92 3.05 14.61
CA ARG J 609 24.00 3.73 13.71
C ARG J 609 23.45 5.01 14.32
N THR J 610 24.33 5.80 14.97
CA THR J 610 23.89 7.09 15.58
C THR J 610 25.09 7.93 16.08
N GLY J 611 26.29 7.33 16.03
CA GLY J 611 27.51 8.01 16.48
C GLY J 611 27.52 9.54 16.26
N SER J 612 26.76 10.04 15.29
CA SER J 612 26.61 11.46 14.83
C SER J 612 27.68 11.77 13.77
N LEU J 613 28.81 12.39 14.12
CA LEU J 613 29.97 12.64 13.23
C LEU J 613 31.07 13.04 14.21
N GLY J 614 30.70 13.83 15.23
CA GLY J 614 31.63 14.32 16.23
C GLY J 614 31.81 13.38 17.42
N LYS J 615 31.93 12.07 17.12
CA LYS J 615 32.17 11.07 18.16
C LYS J 615 33.56 11.24 18.74
N GLY J 616 34.36 11.89 17.92
CA GLY J 616 35.71 12.19 18.26
C GLY J 616 35.79 13.17 19.41
N VAL J 617 34.66 13.66 19.93
CA VAL J 617 34.69 14.61 21.03
C VAL J 617 35.28 13.93 22.26
N THR J 618 35.33 12.60 22.24
CA THR J 618 35.87 11.83 23.37
C THR J 618 37.37 12.09 23.53
N ASP J 619 37.75 12.62 24.69
CA ASP J 619 39.16 12.91 24.95
C ASP J 619 39.72 13.78 23.84
N ALA J 620 38.86 14.63 23.27
CA ALA J 620 39.28 15.53 22.20
C ALA J 620 39.97 16.72 22.82
N SER J 621 40.17 16.63 24.14
CA SER J 621 40.84 17.67 24.88
C SER J 621 42.35 17.40 24.91
N GLU J 622 42.74 16.24 25.44
CA GLU J 622 44.15 15.84 25.51
C GLU J 622 44.66 15.57 24.11
N LYS J 623 43.73 15.11 23.26
CA LYS J 623 44.05 14.82 21.87
C LYS J 623 44.43 16.14 21.24
N LEU J 624 43.68 17.19 21.58
CA LEU J 624 43.94 18.52 21.03
C LEU J 624 45.24 19.03 21.59
N ARG J 625 45.36 18.99 22.92
CA ARG J 625 46.55 19.47 23.61
C ARG J 625 47.81 18.74 23.12
N ALA J 626 47.66 17.52 22.60
CA ALA J 626 48.79 16.76 22.08
C ALA J 626 49.14 17.26 20.67
N ARG J 627 48.14 17.68 19.90
CA ARG J 627 48.37 18.21 18.58
C ARG J 627 49.07 19.57 18.65
N GLN J 628 48.71 20.37 19.64
CA GLN J 628 49.38 21.65 19.80
C GLN J 628 50.81 21.39 20.19
N SER J 629 51.00 20.29 20.92
CA SER J 629 52.32 19.90 21.37
C SER J 629 53.21 19.62 20.17
N LEU J 630 52.63 19.02 19.15
CA LEU J 630 53.40 18.67 17.94
C LEU J 630 53.70 19.90 17.09
N THR J 631 52.69 20.75 16.93
CA THR J 631 52.88 21.97 16.13
C THR J 631 53.92 22.89 16.81
N VAL J 632 54.05 22.80 18.12
CA VAL J 632 55.04 23.63 18.81
C VAL J 632 56.43 23.08 18.52
N ALA J 633 56.54 21.76 18.39
CA ALA J 633 57.82 21.14 18.09
C ALA J 633 58.14 21.31 16.58
N LYS J 634 57.11 21.27 15.75
CA LYS J 634 57.33 21.42 14.30
C LYS J 634 57.64 22.89 13.99
N GLN J 635 57.13 23.81 14.80
CA GLN J 635 57.42 25.22 14.58
C GLN J 635 58.90 25.36 14.87
N ALA J 636 59.37 24.60 15.85
CA ALA J 636 60.77 24.59 16.26
C ALA J 636 61.67 24.16 15.09
N PHE J 637 61.17 23.22 14.28
CA PHE J 637 61.90 22.74 13.11
C PHE J 637 62.00 23.91 12.10
N PHE J 638 60.86 24.43 11.65
CA PHE J 638 60.87 25.55 10.70
C PHE J 638 61.81 26.68 11.14
N ASP J 639 61.99 26.83 12.45
CA ASP J 639 62.88 27.85 12.97
C ASP J 639 64.33 27.62 12.59
N GLN J 640 64.73 26.35 12.46
CA GLN J 640 66.10 26.04 12.05
C GLN J 640 66.23 26.15 10.55
N ILE J 641 65.24 25.61 9.84
CA ILE J 641 65.25 25.75 8.38
C ILE J 641 65.44 27.21 8.07
N GLY J 642 64.85 28.02 8.93
CA GLY J 642 64.89 29.46 8.84
C GLY J 642 66.22 30.11 9.20
N SER J 643 67.05 29.44 9.99
CA SER J 643 68.33 30.04 10.34
C SER J 643 69.45 29.44 9.50
N LEU J 644 69.71 28.14 9.66
CA LEU J 644 70.78 27.46 8.93
C LEU J 644 70.87 27.92 7.48
N TRP J 645 69.76 27.79 6.74
CA TRP J 645 69.72 28.27 5.38
C TRP J 645 69.03 29.63 5.36
N PRO J 646 69.79 30.70 5.65
CA PRO J 646 69.25 32.04 5.65
C PRO J 646 68.90 32.51 4.24
N GLY K 2 10.57 12.74 35.01
CA GLY K 2 9.49 12.69 34.05
C GLY K 2 8.46 13.77 34.31
N ASN K 3 8.77 14.65 35.23
CA ASN K 3 7.86 15.70 35.56
C ASN K 3 7.37 16.42 34.32
N VAL K 4 6.08 16.63 34.33
CA VAL K 4 5.47 17.34 33.26
C VAL K 4 6.25 18.60 32.95
N GLN K 5 6.38 18.83 31.64
CA GLN K 5 7.01 20.01 31.04
C GLN K 5 5.82 20.85 30.51
N THR K 6 5.44 20.60 29.23
CA THR K 6 4.23 21.16 28.57
C THR K 6 4.41 21.75 27.16
N SER K 7 5.42 22.52 26.86
CA SER K 7 5.43 23.01 25.50
C SER K 7 6.81 22.97 24.87
N VAL K 8 7.83 23.01 25.74
CA VAL K 8 9.19 23.03 25.29
C VAL K 8 9.29 22.13 24.07
N ASN K 9 8.81 20.90 24.19
CA ASN K 9 8.89 19.96 23.05
C ASN K 9 7.47 19.29 22.77
N THR K 10 6.97 19.13 21.50
CA THR K 10 5.60 18.56 21.11
C THR K 10 5.16 17.28 21.81
N TYR K 11 6.02 16.70 22.61
CA TYR K 11 5.69 15.47 23.30
C TYR K 11 6.15 15.45 24.73
N ASN K 12 5.28 14.96 25.59
CA ASN K 12 5.61 14.79 26.99
C ASN K 12 6.23 13.40 27.06
N ILE K 13 7.11 13.14 27.99
CA ILE K 13 7.67 11.78 28.03
C ILE K 13 6.69 10.86 28.72
N THR K 14 6.24 11.30 29.88
CA THR K 14 5.24 10.55 30.67
C THR K 14 3.87 10.78 30.05
N GLY K 15 3.87 11.46 28.90
CA GLY K 15 2.63 11.74 28.20
C GLY K 15 1.71 10.55 28.01
N ASP K 16 0.45 10.84 27.71
CA ASP K 16 -0.60 9.85 27.50
C ASP K 16 -0.33 8.90 26.32
N GLY K 17 -0.52 7.61 26.55
CA GLY K 17 -0.36 6.63 25.50
C GLY K 17 0.88 6.59 24.59
N ASN K 18 2.07 6.72 25.20
CA ASN K 18 3.32 6.62 24.43
C ASN K 18 3.51 5.15 24.22
N SER K 19 4.62 4.74 23.63
CA SER K 19 4.77 3.31 23.44
C SER K 19 6.10 2.83 22.91
N PHE K 20 6.92 2.24 23.75
CA PHE K 20 8.16 1.67 23.30
C PHE K 20 7.79 0.37 22.59
N THR K 21 8.25 0.20 21.36
CA THR K 21 7.91 -1.00 20.59
C THR K 21 8.72 -1.15 19.31
N PRO K 22 9.90 -1.80 19.41
CA PRO K 22 10.77 -2.02 18.25
C PRO K 22 10.07 -2.83 17.19
N THR K 23 10.40 -2.54 15.94
CA THR K 23 9.87 -3.24 14.77
C THR K 23 11.07 -3.59 13.95
N SER K 24 11.23 -4.86 13.61
CA SER K 24 12.39 -5.29 12.81
C SER K 24 12.49 -4.46 11.53
N ASP K 25 11.39 -3.78 11.22
CA ASP K 25 11.25 -2.98 10.01
C ASP K 25 11.98 -1.62 9.91
N MET K 26 12.21 -0.93 11.02
CA MET K 26 12.78 0.40 10.91
C MET K 26 14.13 0.70 11.59
N THR K 27 14.99 -0.31 11.87
CA THR K 27 16.30 -0.09 12.53
C THR K 27 16.71 1.37 12.77
N SER K 28 16.49 1.85 13.99
CA SER K 28 16.80 3.23 14.41
C SER K 28 18.20 3.68 14.02
N THR K 29 18.30 4.82 13.32
CA THR K 29 19.62 5.34 12.88
C THR K 29 19.67 6.82 12.47
N ALA K 30 20.58 7.57 13.07
CA ALA K 30 20.80 8.98 12.70
C ALA K 30 21.78 9.03 11.52
N ALA K 31 22.67 10.02 11.49
CA ALA K 31 23.59 10.14 10.35
C ALA K 31 25.06 10.14 10.75
N PRO K 32 25.69 8.95 10.81
CA PRO K 32 27.10 8.83 11.18
C PRO K 32 28.02 8.80 9.99
N ALA K 33 27.72 7.98 8.98
CA ALA K 33 28.63 7.86 7.86
C ALA K 33 28.65 9.01 6.84
N ILE K 34 28.51 10.26 7.28
CA ILE K 34 28.54 11.36 6.31
C ILE K 34 29.91 11.37 5.64
N ASP K 35 29.92 11.39 4.31
CA ASP K 35 31.18 11.40 3.58
C ASP K 35 31.82 12.78 3.51
N LEU K 36 33.09 12.87 3.90
CA LEU K 36 33.80 14.14 3.86
C LEU K 36 35.19 14.02 3.23
N LYS K 37 35.64 12.80 2.94
CA LYS K 37 36.96 12.61 2.35
C LYS K 37 37.21 13.50 1.13
N PRO K 38 38.41 14.03 1.03
CA PRO K 38 38.86 14.94 -0.02
C PRO K 38 38.20 14.79 -1.38
N GLY K 39 38.43 13.65 -2.02
CA GLY K 39 37.86 13.45 -3.33
C GLY K 39 36.33 13.52 -3.31
N VAL K 40 35.72 12.89 -2.32
CA VAL K 40 34.27 12.82 -2.26
C VAL K 40 33.56 14.09 -1.80
N LEU K 41 34.16 14.92 -0.97
CA LEU K 41 33.50 16.17 -0.55
C LEU K 41 33.74 17.25 -1.59
N ASN K 42 34.75 17.04 -2.42
CA ASN K 42 35.09 17.95 -3.55
C ASN K 42 36.54 18.42 -3.56
N PRO L 43 29.24 22.25 -12.87
CA PRO L 43 30.42 23.08 -12.58
C PRO L 43 30.98 22.73 -11.22
N THR L 44 32.15 23.27 -10.91
CA THR L 44 32.89 23.05 -9.65
C THR L 44 33.97 24.09 -9.55
N GLY L 45 34.63 24.17 -8.39
CA GLY L 45 35.73 25.09 -8.19
C GLY L 45 35.31 26.51 -7.80
N LYS L 46 36.29 27.41 -7.76
CA LYS L 46 36.05 28.78 -7.42
C LYS L 46 35.42 29.49 -8.58
N LEU L 47 34.64 30.53 -8.33
CA LEU L 47 33.98 31.26 -9.41
C LEU L 47 34.91 32.37 -9.91
N TRP L 48 34.92 32.57 -11.20
CA TRP L 48 35.73 33.60 -11.83
C TRP L 48 34.85 34.60 -12.52
N ARG L 49 35.38 35.78 -12.80
CA ARG L 49 34.60 36.77 -13.53
C ARG L 49 35.53 37.58 -14.43
N PRO L 50 35.01 38.04 -15.58
CA PRO L 50 35.80 38.81 -16.55
C PRO L 50 36.41 40.08 -15.94
N VAL L 51 37.68 40.03 -15.54
CA VAL L 51 38.33 41.20 -14.95
C VAL L 51 38.42 42.33 -15.99
N GLY L 52 38.58 41.97 -17.26
CA GLY L 52 38.66 42.94 -18.34
C GLY L 52 37.28 43.42 -18.79
N THR L 53 36.25 42.87 -18.16
CA THR L 53 34.85 43.23 -18.43
C THR L 53 34.24 42.72 -19.73
N SER L 54 32.91 42.55 -19.68
CA SER L 54 32.11 42.08 -20.80
C SER L 54 32.64 40.80 -21.44
N VAL L 55 33.41 40.95 -22.50
CA VAL L 55 33.98 39.81 -23.20
C VAL L 55 34.81 38.96 -22.23
N ALA L 56 34.32 37.75 -21.98
CA ALA L 56 35.00 36.79 -21.17
C ALA L 56 35.74 35.81 -22.03
N THR L 57 37.03 35.96 -22.14
CA THR L 57 37.86 35.03 -22.92
C THR L 57 38.66 34.18 -21.90
N ILE L 58 39.56 33.29 -22.38
CA ILE L 58 40.43 32.42 -21.57
C ILE L 58 41.65 33.20 -21.04
N ASP L 59 41.39 34.37 -20.48
CA ASP L 59 42.45 35.25 -19.98
C ASP L 59 41.90 36.54 -19.38
N SER L 60 40.70 36.91 -19.83
CA SER L 60 40.04 38.11 -19.32
C SER L 60 39.25 37.72 -18.06
N LEU L 61 39.55 36.54 -17.52
CA LEU L 61 38.94 36.01 -16.32
C LEU L 61 39.92 36.23 -15.18
N ALA L 62 39.46 35.88 -14.00
CA ALA L 62 40.25 35.97 -12.80
C ALA L 62 39.42 35.54 -11.58
N ILE L 63 39.97 34.68 -10.74
CA ILE L 63 39.23 34.24 -9.56
C ILE L 63 38.64 35.46 -8.87
N VAL L 64 37.31 35.55 -8.82
CA VAL L 64 36.64 36.69 -8.19
C VAL L 64 36.87 36.69 -6.71
N SER L 65 38.05 37.12 -6.26
CA SER L 65 38.31 37.15 -4.83
C SER L 65 37.89 38.52 -4.28
N ASP L 66 37.96 38.67 -2.96
CA ASP L 66 37.61 39.94 -2.34
C ASP L 66 37.67 39.85 -0.82
N ARG L 67 37.15 40.89 -0.18
CA ARG L 67 37.12 41.03 1.27
C ARG L 67 36.61 39.81 2.05
N PHE L 68 35.93 38.88 1.37
CA PHE L 68 35.39 37.69 2.03
C PHE L 68 36.19 36.43 1.71
N GLY L 69 37.12 36.52 0.78
CA GLY L 69 37.89 35.35 0.38
C GLY L 69 37.40 35.03 -1.02
N GLN L 70 37.54 33.79 -1.47
CA GLN L 70 37.07 33.46 -2.83
C GLN L 70 35.84 32.58 -2.84
N TYR L 71 34.83 33.02 -3.58
CA TYR L 71 33.60 32.26 -3.67
C TYR L 71 33.86 30.96 -4.40
N SER L 72 33.64 29.84 -3.72
CA SER L 72 33.81 28.56 -4.40
C SER L 72 32.39 28.03 -4.62
N PHE L 73 32.13 27.49 -5.81
CA PHE L 73 30.81 26.98 -6.14
C PHE L 73 30.37 25.81 -5.29
N VAL L 74 29.07 25.76 -4.98
CA VAL L 74 28.53 24.67 -4.16
C VAL L 74 27.64 23.77 -5.02
N ASN L 75 28.28 22.89 -5.79
CA ASN L 75 27.59 21.94 -6.67
C ASN L 75 26.52 21.18 -5.90
N GLU L 76 25.50 20.74 -6.62
CA GLU L 76 24.36 20.01 -6.05
C GLU L 76 24.66 19.00 -4.93
N GLY L 77 25.56 18.07 -5.17
CA GLY L 77 25.90 17.04 -4.21
C GLY L 77 26.60 17.54 -2.97
N MET L 78 27.43 18.56 -3.12
CA MET L 78 28.17 19.11 -1.98
C MET L 78 27.23 19.84 -1.02
N ARG L 79 26.00 20.09 -1.46
CA ARG L 79 25.00 20.71 -0.59
C ARG L 79 24.32 19.60 0.18
N GLU L 80 24.37 18.40 -0.37
CA GLU L 80 23.78 17.23 0.27
C GLU L 80 24.51 16.93 1.55
N THR L 81 25.82 17.10 1.53
CA THR L 81 26.61 16.84 2.71
C THR L 81 26.33 17.87 3.78
N PHE L 82 26.64 19.13 3.52
CA PHE L 82 26.41 20.21 4.48
C PHE L 82 24.99 20.32 4.92
N SER L 83 24.06 19.80 4.15
CA SER L 83 22.69 19.78 4.60
C SER L 83 22.51 18.58 5.49
N LYS L 84 23.11 17.45 5.11
CA LYS L 84 22.99 16.21 5.88
C LYS L 84 23.68 16.36 7.22
N ALA L 85 24.70 17.22 7.28
CA ALA L 85 25.47 17.50 8.50
C ALA L 85 24.65 18.41 9.41
N LEU L 86 24.12 19.49 8.83
CA LEU L 86 23.30 20.43 9.57
C LEU L 86 21.99 19.75 9.97
N PHE L 87 21.48 18.88 9.10
CA PHE L 87 20.23 18.20 9.41
C PHE L 87 20.38 17.40 10.70
N ASP L 88 21.52 16.72 10.84
CA ASP L 88 21.76 15.93 12.02
C ASP L 88 21.97 16.80 13.27
N ILE L 89 22.17 18.10 13.10
CA ILE L 89 22.34 18.97 14.25
C ILE L 89 20.99 19.60 14.60
N ASN L 90 20.26 20.10 13.61
CA ASN L 90 18.96 20.69 13.86
C ASN L 90 18.14 19.71 14.69
N MET L 91 18.27 18.43 14.38
CA MET L 91 17.54 17.38 15.10
C MET L 91 17.55 17.61 16.62
N TRP L 92 18.70 18.01 17.12
CA TRP L 92 18.87 18.26 18.55
C TRP L 92 18.33 19.59 18.97
N GLN L 93 17.36 20.12 18.25
CA GLN L 93 16.82 21.44 18.57
C GLN L 93 16.27 21.54 19.99
N PRO L 94 15.41 20.60 20.40
CA PRO L 94 14.81 20.61 21.74
C PRO L 94 15.80 20.57 22.87
N LEU L 95 17.03 20.14 22.62
CA LEU L 95 17.98 20.11 23.71
C LEU L 95 18.82 21.37 23.74
N PHE L 96 18.88 22.10 22.63
CA PHE L 96 19.63 23.35 22.55
C PHE L 96 18.91 24.45 23.29
N GLN L 97 17.58 24.52 23.13
CA GLN L 97 16.81 25.53 23.83
C GLN L 97 16.82 25.20 25.31
N ALA L 98 16.49 23.95 25.64
CA ALA L 98 16.45 23.54 27.05
C ALA L 98 17.67 23.99 27.76
N THR L 99 18.80 23.71 27.19
CA THR L 99 20.00 24.14 27.87
C THR L 99 20.53 25.51 27.41
N LYS L 100 19.71 26.47 26.89
CA LYS L 100 20.19 27.84 26.53
C LYS L 100 21.54 27.95 25.69
N THR L 101 22.11 26.83 25.18
CA THR L 101 23.31 26.86 24.30
C THR L 101 22.81 27.09 22.88
N GLY L 102 23.50 26.55 21.89
CA GLY L 102 23.04 26.71 20.52
C GLY L 102 22.84 28.20 20.18
N CYS L 103 21.80 28.49 19.37
CA CYS L 103 21.55 29.85 18.87
C CYS L 103 20.53 29.86 17.74
N GLY L 104 19.61 28.89 17.74
CA GLY L 104 18.60 28.80 16.70
C GLY L 104 19.01 27.71 15.72
N PRO L 105 18.13 27.28 14.79
CA PRO L 105 18.48 26.24 13.81
C PRO L 105 19.46 26.74 12.75
N ILE L 106 20.45 25.94 12.40
CA ILE L 106 21.46 26.34 11.41
C ILE L 106 21.05 26.06 9.97
N VAL L 107 20.59 27.09 9.25
CA VAL L 107 20.20 26.91 7.85
C VAL L 107 21.45 27.05 6.97
N LEU L 108 21.66 26.11 6.07
CA LEU L 108 22.85 26.19 5.22
C LEU L 108 22.77 27.41 4.32
N SER L 109 21.58 27.98 4.18
CA SER L 109 21.37 29.16 3.34
C SER L 109 21.86 30.42 4.05
N SER L 110 22.56 30.26 5.16
CA SER L 110 23.07 31.45 5.87
C SER L 110 24.56 31.60 5.59
N PHE L 111 25.17 30.57 5.02
CA PHE L 111 26.61 30.62 4.74
C PHE L 111 26.91 30.83 3.27
N THR L 112 25.91 30.66 2.42
CA THR L 112 26.12 30.82 0.98
C THR L 112 25.75 32.20 0.45
N THR L 113 25.66 32.31 -0.88
CA THR L 113 25.32 33.56 -1.57
C THR L 113 24.76 33.22 -2.95
N THR L 114 24.38 34.23 -3.71
CA THR L 114 23.86 33.98 -5.04
C THR L 114 24.60 34.82 -6.07
N THR L 115 25.90 34.56 -6.21
CA THR L 115 26.69 35.28 -7.17
C THR L 115 26.46 34.58 -8.51
N SER L 116 27.11 35.07 -9.56
CA SER L 116 27.03 34.47 -10.89
C SER L 116 28.25 34.90 -11.70
N GLY L 117 28.78 33.96 -12.46
CA GLY L 117 29.94 34.22 -13.29
C GLY L 117 30.32 32.88 -13.89
N TYR L 118 31.58 32.71 -14.24
CA TYR L 118 32.05 31.45 -14.80
C TYR L 118 32.73 30.71 -13.69
N VAL L 119 32.39 29.44 -13.50
CA VAL L 119 33.03 28.71 -12.41
C VAL L 119 33.80 27.46 -12.80
N GLY L 120 35.12 27.53 -12.73
CA GLY L 120 35.93 26.37 -13.08
C GLY L 120 37.12 26.23 -12.15
N ALA L 121 38.10 25.44 -12.59
CA ALA L 121 39.30 25.24 -11.80
C ALA L 121 40.39 26.16 -12.32
N THR L 122 40.28 26.58 -13.58
CA THR L 122 41.27 27.52 -14.15
C THR L 122 40.62 28.33 -15.27
N ALA L 123 41.01 29.60 -15.39
CA ALA L 123 40.45 30.49 -16.41
C ALA L 123 40.04 29.72 -17.68
N GLY L 124 40.98 28.94 -18.21
CA GLY L 124 40.70 28.15 -19.40
C GLY L 124 39.44 27.31 -19.37
N ASP L 125 39.32 26.46 -18.36
CA ASP L 125 38.16 25.57 -18.24
C ASP L 125 36.96 26.19 -17.54
N ALA L 126 37.18 27.28 -16.80
CA ALA L 126 36.08 27.93 -16.09
C ALA L 126 35.23 28.66 -17.11
N LEU L 127 35.82 28.89 -18.28
CA LEU L 127 35.13 29.59 -19.35
C LEU L 127 33.96 28.81 -19.93
N ASP L 128 33.97 27.49 -19.70
CA ASP L 128 32.91 26.61 -20.19
C ASP L 128 31.90 26.23 -19.14
N ASN L 129 31.69 27.08 -18.14
CA ASN L 129 30.73 26.79 -17.08
C ASN L 129 30.00 28.06 -16.67
N PRO L 130 29.49 28.83 -17.62
CA PRO L 130 28.79 30.06 -17.26
C PRO L 130 27.60 29.69 -16.37
N VAL L 131 27.68 30.07 -15.10
CA VAL L 131 26.59 29.79 -14.17
C VAL L 131 25.93 31.10 -13.72
N THR L 132 24.60 31.16 -13.78
CA THR L 132 23.91 32.37 -13.37
C THR L 132 23.20 32.19 -12.04
N ASN L 133 23.47 33.10 -11.12
CA ASN L 133 22.89 33.04 -9.79
C ASN L 133 23.08 31.66 -9.19
N GLY L 134 24.30 31.13 -9.30
CA GLY L 134 24.60 29.86 -8.70
C GLY L 134 24.70 30.13 -7.21
N VAL L 135 24.93 29.10 -6.41
CA VAL L 135 25.03 29.27 -4.97
C VAL L 135 26.48 28.98 -4.54
N PHE L 136 27.24 30.02 -4.23
CA PHE L 136 28.64 29.87 -3.82
C PHE L 136 28.80 30.18 -2.36
N ILE L 137 29.83 29.61 -1.73
CA ILE L 137 30.10 29.91 -0.32
C ILE L 137 31.48 30.56 -0.29
N SER L 138 31.59 31.78 0.22
CA SER L 138 32.88 32.51 0.26
C SER L 138 33.87 31.86 1.23
N THR L 139 35.15 32.04 1.04
CA THR L 139 36.11 31.43 1.97
C THR L 139 35.79 31.67 3.43
N VAL L 140 35.73 32.96 3.83
CA VAL L 140 35.45 33.25 5.23
C VAL L 140 34.18 32.55 5.72
N GLN L 141 33.27 32.22 4.80
CA GLN L 141 32.05 31.51 5.18
C GLN L 141 32.35 30.03 5.32
N ILE L 142 33.09 29.49 4.35
CA ILE L 142 33.49 28.08 4.35
C ILE L 142 34.21 27.88 5.66
N MET L 143 34.52 28.97 6.36
CA MET L 143 35.17 28.87 7.65
C MET L 143 34.17 28.67 8.76
N ASN L 144 33.08 29.45 8.75
CA ASN L 144 32.07 29.31 9.79
C ASN L 144 31.25 28.03 9.65
N LEU L 145 30.69 27.80 8.46
CA LEU L 145 29.91 26.59 8.26
C LEU L 145 30.76 25.44 8.78
N GLN L 146 32.07 25.65 8.82
CA GLN L 146 33.02 24.66 9.32
C GLN L 146 33.06 24.74 10.85
N ARG L 147 33.60 25.82 11.40
CA ARG L 147 33.66 25.93 12.85
C ARG L 147 32.30 25.96 13.55
N THR L 148 31.20 26.12 12.82
CA THR L 148 29.89 26.10 13.47
C THR L 148 29.55 24.64 13.62
N ILE L 149 29.54 23.93 12.49
CA ILE L 149 29.25 22.50 12.49
C ILE L 149 30.21 21.81 13.45
N ALA L 150 31.36 22.42 13.68
CA ALA L 150 32.32 21.85 14.61
C ALA L 150 31.89 22.19 16.06
N ALA L 151 31.64 23.46 16.34
CA ALA L 151 31.23 23.84 17.70
C ALA L 151 29.96 23.12 18.08
N ARG L 152 28.93 23.17 17.23
CA ARG L 152 27.65 22.49 17.50
C ARG L 152 27.88 21.00 17.62
N MET L 153 28.74 20.46 16.75
CA MET L 153 29.03 19.03 16.80
C MET L 153 29.54 18.60 18.17
N ARG L 154 30.33 19.41 18.82
CA ARG L 154 30.76 19.08 20.17
C ARG L 154 29.51 19.07 21.04
N ASP L 155 28.83 20.22 21.11
CA ASP L 155 27.60 20.37 21.89
C ASP L 155 26.74 19.10 21.87
N VAL L 156 26.33 18.69 20.67
CA VAL L 156 25.49 17.51 20.56
C VAL L 156 26.25 16.22 20.88
N ALA L 157 27.45 16.07 20.34
CA ALA L 157 28.24 14.88 20.60
C ALA L 157 28.18 14.50 22.08
N LEU L 158 28.08 15.50 22.92
CA LEU L 158 28.03 15.22 24.36
C LEU L 158 26.67 14.68 24.78
N TRP L 159 25.62 15.50 24.60
CA TRP L 159 24.26 15.09 24.95
C TRP L 159 23.97 13.74 24.32
N GLN L 160 24.16 13.70 23.00
CA GLN L 160 23.97 12.55 22.17
C GLN L 160 24.62 11.33 22.80
N LYS L 161 25.61 11.52 23.65
CA LYS L 161 26.25 10.39 24.31
C LYS L 161 25.39 9.92 25.50
N HIS L 162 24.78 10.87 26.22
CA HIS L 162 23.90 10.56 27.38
C HIS L 162 22.63 9.89 26.90
N LEU L 163 22.05 10.43 25.83
CA LEU L 163 20.82 9.89 25.26
C LEU L 163 21.05 8.43 24.99
N ASP L 164 22.25 8.12 24.52
CA ASP L 164 22.60 6.77 24.18
C ASP L 164 22.76 5.77 25.34
N THR L 165 23.62 6.08 26.30
CA THR L 165 23.80 5.17 27.44
C THR L 165 22.45 4.79 28.01
N ALA L 166 21.42 5.57 27.69
CA ALA L 166 20.06 5.32 28.18
C ALA L 166 19.25 4.59 27.12
N MET L 167 19.44 4.95 25.86
CA MET L 167 18.69 4.32 24.78
C MET L 167 19.13 2.86 24.57
N THR L 168 20.37 2.68 24.13
CA THR L 168 20.89 1.32 23.93
C THR L 168 20.78 0.56 25.23
N MET L 169 20.58 1.25 26.35
CA MET L 169 20.46 0.58 27.62
C MET L 169 19.12 -0.15 27.74
N LEU L 170 18.59 -0.55 26.59
CA LEU L 170 17.35 -1.31 26.49
C LEU L 170 17.09 -1.64 25.02
N THR L 171 18.16 -2.11 24.38
CA THR L 171 18.19 -2.51 22.98
C THR L 171 16.94 -2.16 22.19
N PRO L 172 16.83 -0.90 21.75
CA PRO L 172 15.63 -0.54 21.00
C PRO L 172 15.69 -1.08 19.57
N ASP L 173 16.52 -2.10 19.33
CA ASP L 173 16.59 -2.64 17.98
C ASP L 173 16.54 -4.15 17.81
N ILE L 174 15.45 -4.62 17.20
CA ILE L 174 15.25 -6.05 16.93
C ILE L 174 15.36 -6.19 15.41
N SER L 175 15.48 -7.42 14.91
CA SER L 175 15.61 -7.59 13.46
C SER L 175 14.71 -8.64 12.79
N ALA L 176 13.61 -8.99 13.47
CA ALA L 176 12.66 -9.96 12.94
C ALA L 176 11.31 -9.79 13.69
N GLY L 177 10.26 -9.45 12.94
CA GLY L 177 8.97 -9.24 13.59
C GLY L 177 9.07 -8.08 14.56
N SER L 178 8.07 -7.90 15.42
CA SER L 178 8.12 -6.79 16.38
C SER L 178 8.36 -7.28 17.80
N ALA L 179 7.91 -6.48 18.76
CA ALA L 179 8.05 -6.80 20.19
C ALA L 179 7.99 -5.50 21.01
N SER L 180 6.93 -5.34 21.80
CA SER L 180 6.75 -4.15 22.63
C SER L 180 7.26 -4.34 24.07
N CYS L 181 7.00 -3.35 24.91
CA CYS L 181 7.42 -3.38 26.31
C CYS L 181 6.72 -2.21 27.02
N ASN L 182 5.50 -2.44 27.49
CA ASN L 182 4.70 -1.39 28.14
C ASN L 182 5.52 -0.24 28.73
N TRP L 183 5.41 0.90 28.06
CA TRP L 183 6.12 2.15 28.37
C TRP L 183 6.27 2.54 29.85
N LYS L 184 5.20 2.49 30.63
CA LYS L 184 5.29 2.82 32.06
C LYS L 184 6.50 2.13 32.67
N SER L 185 6.45 0.80 32.71
CA SER L 185 7.53 -0.02 33.26
C SER L 185 8.88 0.46 32.76
N LEU L 186 9.04 0.41 31.44
CA LEU L 186 10.27 0.84 30.78
C LEU L 186 10.85 2.10 31.41
N LEU L 187 10.04 3.16 31.44
CA LEU L 187 10.46 4.43 32.02
C LEU L 187 10.80 4.24 33.50
N ALA L 188 9.82 3.88 34.31
CA ALA L 188 10.02 3.66 35.75
C ALA L 188 11.24 2.78 36.03
N PHE L 189 11.68 2.04 35.02
CA PHE L 189 12.85 1.17 35.12
C PHE L 189 14.14 1.97 34.92
N ALA L 190 14.25 2.64 33.76
CA ALA L 190 15.43 3.44 33.49
C ALA L 190 15.56 4.54 34.53
N LYS L 191 14.43 4.89 35.18
CA LYS L 191 14.45 5.89 36.24
C LYS L 191 15.46 5.43 37.28
N ASP L 192 15.70 4.12 37.29
CA ASP L 192 16.64 3.47 38.20
C ASP L 192 18.01 3.41 37.53
N ILE L 193 18.24 2.33 36.81
CA ILE L 193 19.52 2.09 36.16
C ILE L 193 20.34 3.35 35.85
N LEU L 194 19.89 4.20 34.95
CA LEU L 194 20.63 5.42 34.59
C LEU L 194 21.40 6.07 35.78
N PRO L 195 22.77 6.09 35.75
CA PRO L 195 23.60 6.67 36.82
C PRO L 195 23.33 8.17 36.98
N LEU L 196 23.32 8.65 38.21
CA LEU L 196 23.03 10.07 38.56
C LEU L 196 23.73 11.20 37.76
N ASP L 197 24.60 10.89 36.79
CA ASP L 197 25.30 11.94 36.03
C ASP L 197 25.03 11.85 34.54
N ASN L 198 23.91 11.26 34.20
CA ASN L 198 23.56 11.20 32.78
C ASN L 198 23.19 12.63 32.33
N LEU L 199 22.10 12.83 31.58
CA LEU L 199 21.54 14.13 31.18
C LEU L 199 20.11 13.81 30.74
N CYS L 200 19.72 12.51 30.79
CA CYS L 200 18.37 11.99 30.41
C CYS L 200 17.44 11.96 31.62
N LEU L 201 18.00 12.36 32.77
CA LEU L 201 17.27 12.48 34.00
C LEU L 201 17.03 13.96 34.29
N THR L 202 17.92 14.83 33.78
CA THR L 202 17.72 16.27 33.98
C THR L 202 16.74 16.87 32.93
N TYR L 203 16.51 16.19 31.73
CA TYR L 203 15.63 16.69 30.61
C TYR L 203 14.69 15.61 29.95
N PRO L 204 14.24 14.53 30.65
CA PRO L 204 13.38 13.40 30.14
C PRO L 204 12.64 13.62 28.80
N ASN L 205 11.76 14.62 28.79
CA ASN L 205 11.07 14.94 27.58
C ASN L 205 11.60 16.25 27.02
N GLU L 206 12.96 16.22 26.83
CA GLU L 206 13.73 17.28 26.18
C GLU L 206 14.80 16.52 25.42
N PHE L 207 14.97 15.25 25.88
CA PHE L 207 15.85 14.23 25.31
C PHE L 207 14.91 13.31 24.56
N TYR L 208 13.77 13.05 25.17
CA TYR L 208 12.76 12.17 24.56
C TYR L 208 12.41 12.68 23.14
N ASN L 209 12.20 14.00 22.98
CA ASN L 209 11.87 14.63 21.69
C ASN L 209 13.01 14.53 20.72
N VAL L 210 14.24 14.53 21.21
CA VAL L 210 15.38 14.34 20.34
C VAL L 210 15.34 12.88 19.94
N ALA L 211 15.19 12.02 20.95
CA ALA L 211 15.16 10.56 20.79
C ALA L 211 14.13 10.08 19.79
N ILE L 212 12.86 10.45 19.98
CA ILE L 212 11.80 10.04 19.05
C ILE L 212 12.22 10.12 17.58
N HIS L 213 13.15 11.02 17.26
CA HIS L 213 13.63 11.17 15.88
C HIS L 213 14.80 10.28 15.54
N ARG L 214 15.26 9.47 16.48
CA ARG L 214 16.39 8.61 16.17
C ARG L 214 16.03 7.16 16.36
N TYR L 215 15.00 6.88 17.16
CA TYR L 215 14.61 5.52 17.44
C TYR L 215 13.18 5.23 17.00
N PRO L 216 12.99 4.64 15.82
CA PRO L 216 11.61 4.39 15.43
C PRO L 216 11.01 3.30 16.33
N ALA L 217 11.64 3.06 17.48
CA ALA L 217 11.09 2.10 18.43
C ALA L 217 10.12 2.90 19.31
N LEU L 218 10.60 4.04 19.85
CA LEU L 218 9.76 4.92 20.70
C LEU L 218 8.78 5.69 19.83
N LYS L 219 7.49 5.34 19.88
CA LYS L 219 6.48 6.05 19.09
C LYS L 219 5.74 6.89 20.11
N PRO L 220 5.78 8.22 20.03
CA PRO L 220 5.11 9.07 21.00
C PRO L 220 3.61 8.98 20.84
N GLY L 221 2.88 9.03 21.93
CA GLY L 221 1.44 8.94 21.88
C GLY L 221 0.85 10.24 21.34
N ASN L 222 0.09 10.14 20.27
CA ASN L 222 -0.51 11.31 19.67
C ASN L 222 -1.37 12.10 20.66
N PRO L 223 -1.20 13.44 20.72
CA PRO L 223 -2.04 14.28 21.62
C PRO L 223 -3.59 14.17 21.44
N ASP L 224 -4.18 14.32 20.23
CA ASP L 224 -5.67 14.31 20.09
C ASP L 224 -6.33 12.98 19.58
N THR L 225 -6.07 11.88 20.34
CA THR L 225 -6.60 10.49 20.21
C THR L 225 -5.87 9.62 21.27
N LYS L 226 -4.94 10.25 21.99
CA LYS L 226 -4.09 9.71 23.07
C LYS L 226 -3.66 8.22 22.92
N LEU L 227 -3.30 7.79 21.67
CA LEU L 227 -2.90 6.40 21.21
C LEU L 227 -1.60 6.49 20.33
N PRO L 228 -0.80 5.38 20.17
CA PRO L 228 0.42 5.47 19.32
C PRO L 228 0.15 5.97 17.85
N ASP L 229 0.70 5.25 16.84
CA ASP L 229 0.61 5.66 15.39
C ASP L 229 0.87 4.47 14.44
N ALA L 230 1.18 3.29 14.95
CA ALA L 230 1.49 2.14 14.10
C ALA L 230 2.83 2.43 13.43
N GLN L 231 2.81 3.31 12.44
CA GLN L 231 4.04 3.74 11.80
C GLN L 231 4.85 4.55 12.80
N ALA L 232 6.14 4.52 12.65
CA ALA L 232 7.01 5.34 13.48
C ALA L 232 7.70 6.31 12.53
N HIS L 233 7.67 7.62 12.84
CA HIS L 233 8.26 8.62 11.95
C HIS L 233 9.54 9.28 12.47
N PRO L 234 10.67 8.55 12.45
CA PRO L 234 11.92 9.16 12.91
C PRO L 234 12.55 9.93 11.73
N LEU L 235 13.18 11.06 11.99
CA LEU L 235 13.79 11.85 10.94
C LEU L 235 14.59 11.06 9.90
N GLY L 236 15.17 9.93 10.32
CA GLY L 236 15.95 9.11 9.39
C GLY L 236 15.05 8.13 8.63
N GLU L 237 13.81 8.55 8.43
CA GLU L 237 12.76 7.77 7.76
C GLU L 237 13.22 6.74 6.73
N VAL L 238 13.93 7.19 5.70
CA VAL L 238 14.41 6.30 4.64
C VAL L 238 15.58 5.45 5.06
N ALA L 239 16.67 6.10 5.49
CA ALA L 239 17.87 5.37 5.93
C ALA L 239 17.51 4.23 6.88
N GLY L 240 16.70 4.53 7.88
CA GLY L 240 16.30 3.51 8.84
C GLY L 240 15.43 2.43 8.23
N ALA L 241 14.78 2.73 7.11
CA ALA L 241 13.93 1.74 6.44
C ALA L 241 14.84 0.79 5.69
N PHE L 242 15.88 1.35 5.07
CA PHE L 242 16.84 0.57 4.30
C PHE L 242 17.98 -0.08 5.08
N ASN L 243 17.80 -0.28 6.38
CA ASN L 243 18.83 -0.93 7.14
C ASN L 243 18.24 -2.11 7.86
N ALA L 244 16.92 -2.08 8.00
CA ALA L 244 16.21 -3.16 8.64
C ALA L 244 16.70 -4.41 7.95
N ALA L 245 16.87 -5.50 8.70
CA ALA L 245 17.30 -6.75 8.10
C ALA L 245 16.10 -7.33 7.32
N THR L 246 15.95 -6.93 6.06
CA THR L 246 14.83 -7.41 5.24
C THR L 246 14.91 -8.93 5.10
N SER L 247 13.85 -9.62 5.52
CA SER L 247 13.81 -11.08 5.49
C SER L 247 14.07 -11.78 4.14
N GLU L 248 13.90 -11.05 3.03
CA GLU L 248 14.12 -11.64 1.70
C GLU L 248 15.60 -11.85 1.50
N VAL L 249 16.38 -10.84 1.86
CA VAL L 249 17.82 -10.91 1.70
C VAL L 249 18.47 -10.22 2.90
N GLY L 250 19.24 -10.96 3.68
CA GLY L 250 19.91 -10.42 4.86
C GLY L 250 19.69 -8.93 5.18
N SER L 251 20.56 -8.09 4.62
CA SER L 251 20.48 -6.64 4.82
C SER L 251 21.16 -5.92 3.67
N LEU L 252 20.39 -5.14 2.93
CA LEU L 252 20.95 -4.41 1.81
C LEU L 252 22.20 -3.62 2.22
N VAL L 253 22.16 -2.89 3.33
CA VAL L 253 23.33 -2.12 3.77
C VAL L 253 24.54 -3.00 4.04
N GLY L 254 24.28 -4.25 4.45
CA GLY L 254 25.38 -5.17 4.70
C GLY L 254 25.90 -5.70 3.37
N SER L 255 25.16 -6.66 2.80
CA SER L 255 25.51 -7.28 1.53
C SER L 255 26.04 -6.30 0.48
N SER L 256 25.60 -5.06 0.55
CA SER L 256 26.07 -4.06 -0.42
C SER L 256 27.52 -3.74 -0.18
N SER L 257 27.84 -3.43 1.07
CA SER L 257 29.21 -3.06 1.44
C SER L 257 30.17 -4.24 1.35
N THR L 258 29.82 -5.38 1.95
CA THR L 258 30.69 -6.55 1.89
C THR L 258 31.17 -6.80 0.44
N LEU L 259 30.44 -6.23 -0.53
CA LEU L 259 30.79 -6.35 -1.93
C LEU L 259 31.71 -5.22 -2.36
N SER L 260 31.27 -3.98 -2.18
CA SER L 260 32.08 -2.84 -2.57
C SER L 260 33.41 -2.95 -1.82
N GLN L 261 33.36 -3.49 -0.60
CA GLN L 261 34.57 -3.67 0.19
C GLN L 261 35.51 -4.61 -0.57
N ALA L 262 35.03 -5.81 -0.89
CA ALA L 262 35.85 -6.76 -1.64
C ALA L 262 36.34 -6.15 -2.97
N ILE L 263 35.47 -5.40 -3.66
CA ILE L 263 35.84 -4.80 -4.94
C ILE L 263 37.03 -3.87 -4.74
N SER L 264 37.04 -3.17 -3.62
CA SER L 264 38.14 -2.27 -3.33
C SER L 264 39.42 -3.09 -3.38
N THR L 265 39.57 -4.05 -2.49
CA THR L 265 40.75 -4.90 -2.45
C THR L 265 41.12 -5.44 -3.84
N MET L 266 40.18 -6.13 -4.48
CA MET L 266 40.42 -6.70 -5.80
C MET L 266 41.15 -5.75 -6.72
N ALA L 267 40.80 -4.47 -6.70
CA ALA L 267 41.48 -3.53 -7.58
C ALA L 267 42.74 -2.93 -6.97
N GLY L 268 42.64 -2.72 -5.67
CA GLY L 268 43.66 -2.17 -4.86
C GLY L 268 44.95 -2.99 -4.84
N LYS L 269 45.16 -3.79 -3.79
CA LYS L 269 46.43 -4.50 -3.67
C LYS L 269 47.02 -4.92 -5.05
N ASP L 270 46.13 -5.41 -5.94
CA ASP L 270 46.41 -5.94 -7.32
C ASP L 270 46.26 -7.43 -7.26
N LEU L 271 45.12 -7.86 -6.73
CA LEU L 271 44.89 -9.27 -6.71
C LEU L 271 44.79 -9.75 -8.12
N ASP L 272 44.20 -8.91 -8.97
CA ASP L 272 44.19 -9.22 -10.36
C ASP L 272 45.66 -9.38 -10.72
N LEU L 273 46.00 -10.22 -11.70
CA LEU L 273 47.40 -10.37 -12.06
C LEU L 273 48.18 -11.15 -10.97
N ILE L 274 47.45 -11.93 -10.17
CA ILE L 274 48.05 -12.67 -9.07
C ILE L 274 49.02 -13.78 -9.44
N GLU L 275 48.85 -14.36 -10.62
CA GLU L 275 49.77 -15.41 -11.06
C GLU L 275 50.36 -15.04 -12.42
N ALA L 276 50.55 -13.74 -12.61
CA ALA L 276 51.11 -13.19 -13.83
C ALA L 276 52.49 -13.80 -14.07
N ASP L 277 52.77 -14.20 -15.30
CA ASP L 277 54.06 -14.80 -15.60
C ASP L 277 55.02 -13.80 -16.22
N THR L 278 55.59 -12.91 -15.40
CA THR L 278 56.53 -11.90 -15.87
C THR L 278 56.99 -10.96 -14.75
N PRO L 279 58.29 -10.57 -14.76
CA PRO L 279 58.90 -9.68 -13.76
C PRO L 279 57.97 -8.58 -13.23
N LEU L 280 57.86 -8.51 -11.90
CA LEU L 280 57.03 -7.51 -11.22
C LEU L 280 57.78 -6.89 -10.05
N PRO L 281 57.94 -5.57 -10.04
CA PRO L 281 58.64 -4.86 -8.96
C PRO L 281 58.07 -5.28 -7.60
N VAL L 282 58.92 -5.51 -6.61
CA VAL L 282 58.42 -5.92 -5.29
C VAL L 282 57.39 -4.92 -4.79
N SER L 283 57.56 -3.65 -5.17
CA SER L 283 56.64 -2.58 -4.77
C SER L 283 55.19 -2.97 -5.09
N VAL L 284 54.99 -3.60 -6.24
CA VAL L 284 53.69 -4.05 -6.71
C VAL L 284 53.04 -4.99 -5.71
N PHE L 285 53.80 -5.40 -4.69
CA PHE L 285 53.29 -6.30 -3.65
C PHE L 285 53.14 -5.60 -2.30
N THR L 286 53.31 -4.29 -2.27
CA THR L 286 53.20 -3.49 -1.03
C THR L 286 53.56 -4.27 0.25
N PRO L 287 54.76 -4.87 0.30
CA PRO L 287 55.20 -5.63 1.47
C PRO L 287 55.46 -4.67 2.64
N SER L 288 54.73 -4.85 3.73
CA SER L 288 54.88 -3.98 4.90
C SER L 288 54.71 -4.77 6.18
N LEU L 289 55.21 -4.20 7.27
CA LEU L 289 55.09 -4.86 8.58
C LEU L 289 55.43 -6.35 8.40
N ALA L 290 56.57 -6.63 7.73
CA ALA L 290 56.90 -8.02 7.40
C ALA L 290 58.20 -8.61 7.97
N PRO L 291 58.23 -8.93 9.28
CA PRO L 291 59.43 -9.51 9.85
C PRO L 291 59.23 -10.93 10.41
N ARG L 292 59.43 -11.97 9.60
CA ARG L 292 59.21 -13.34 10.04
C ARG L 292 60.35 -13.94 10.86
N SER L 293 60.00 -14.78 11.84
CA SER L 293 60.99 -15.42 12.72
C SER L 293 61.05 -16.94 12.53
N TYR L 294 62.22 -17.53 12.78
CA TYR L 294 62.40 -18.97 12.66
C TYR L 294 62.94 -19.70 13.88
N ARG L 295 63.71 -20.76 13.48
CA ARG L 295 64.45 -21.75 14.30
C ARG L 295 65.51 -22.54 13.48
N PRO L 296 66.56 -21.89 12.88
CA PRO L 296 67.62 -22.57 12.09
C PRO L 296 68.36 -23.65 12.89
N ALA L 297 69.44 -24.19 12.34
CA ALA L 297 70.09 -25.28 13.05
C ALA L 297 69.09 -26.44 13.07
N PHE L 298 68.04 -26.24 12.26
CA PHE L 298 67.00 -27.22 12.08
C PHE L 298 66.59 -27.17 10.61
N ILE L 299 66.45 -25.98 10.04
CA ILE L 299 66.08 -25.83 8.63
C ILE L 299 67.10 -26.52 7.73
N LYS L 300 66.69 -27.55 6.97
CA LYS L 300 67.63 -28.20 6.07
C LYS L 300 68.13 -27.19 5.04
N PRO L 301 69.42 -27.30 4.64
CA PRO L 301 69.98 -26.37 3.67
C PRO L 301 69.24 -26.35 2.33
N GLU L 302 68.77 -27.52 1.87
CA GLU L 302 68.05 -27.55 0.59
C GLU L 302 66.61 -27.05 0.72
N ASP L 303 66.09 -26.98 1.94
CA ASP L 303 64.72 -26.51 2.16
C ASP L 303 64.63 -24.99 2.15
N ALA L 304 65.77 -24.31 2.07
CA ALA L 304 65.81 -22.85 2.07
C ALA L 304 67.21 -22.31 1.79
N LYS L 305 67.51 -22.05 0.54
CA LYS L 305 68.80 -21.56 0.07
C LYS L 305 69.60 -20.63 0.99
N TRP L 306 68.92 -19.75 1.72
CA TRP L 306 69.62 -18.80 2.60
C TRP L 306 70.22 -19.42 3.85
N ILE L 307 70.60 -20.67 3.83
CA ILE L 307 71.15 -21.28 5.03
C ILE L 307 71.93 -22.56 4.75
N ALA L 308 73.26 -22.41 4.64
CA ALA L 308 74.15 -23.54 4.34
C ALA L 308 74.74 -24.16 5.61
N GLU L 309 75.22 -25.39 5.52
CA GLU L 309 75.79 -26.05 6.69
C GLU L 309 77.20 -26.61 6.53
N PHE L 310 77.97 -26.58 7.62
CA PHE L 310 79.33 -27.09 7.65
C PHE L 310 79.37 -28.61 7.83
N ASN L 311 78.82 -29.38 6.89
CA ASN L 311 78.85 -30.84 7.04
C ASN L 311 80.25 -31.40 6.81
N ASN L 312 81.05 -31.44 7.90
CA ASN L 312 82.43 -31.93 7.86
C ASN L 312 82.66 -33.05 8.88
N SER L 313 83.60 -33.95 8.59
CA SER L 313 83.91 -35.07 9.46
C SER L 313 84.11 -34.73 10.94
N SER L 314 85.31 -34.26 11.28
CA SER L 314 85.64 -33.91 12.67
C SER L 314 85.14 -32.52 13.08
N LEU L 315 85.73 -31.97 14.15
CA LEU L 315 85.38 -30.63 14.61
C LEU L 315 86.27 -29.62 13.93
N ILE L 316 85.87 -28.36 13.95
CA ILE L 316 86.69 -27.33 13.30
C ILE L 316 87.01 -26.20 14.25
N ARG L 317 87.65 -26.50 15.39
CA ARG L 317 87.98 -25.45 16.35
C ARG L 317 88.92 -24.38 15.78
N LYS L 318 88.43 -23.15 15.76
CA LYS L 318 89.19 -22.01 15.27
C LYS L 318 89.39 -21.10 16.47
N THR L 319 90.15 -20.02 16.31
CA THR L 319 90.37 -19.08 17.41
C THR L 319 90.16 -17.64 16.93
N LEU L 320 90.10 -16.70 17.86
CA LEU L 320 89.90 -15.30 17.52
C LEU L 320 90.00 -14.42 18.76
N THR L 321 90.85 -13.40 18.70
CA THR L 321 91.00 -12.49 19.83
C THR L 321 89.84 -11.52 19.84
N TYR L 322 88.90 -11.74 20.77
CA TYR L 322 87.74 -10.88 20.90
C TYR L 322 87.78 -10.17 22.25
N SER L 323 88.05 -8.87 22.22
CA SER L 323 88.12 -8.08 23.44
C SER L 323 89.31 -8.58 24.27
N GLY L 324 90.44 -8.78 23.60
CA GLY L 324 91.62 -9.27 24.28
C GLY L 324 91.55 -10.79 24.38
N ALA L 325 90.73 -11.27 25.29
CA ALA L 325 90.55 -12.71 25.51
C ALA L 325 90.42 -13.52 24.21
N THR L 326 91.07 -14.68 24.18
CA THR L 326 91.02 -15.54 23.00
C THR L 326 89.99 -16.66 23.16
N TYR L 327 89.00 -16.68 22.27
CA TYR L 327 87.96 -17.70 22.33
C TYR L 327 88.05 -18.66 21.14
N THR L 328 87.38 -19.80 21.25
CA THR L 328 87.41 -20.78 20.18
C THR L 328 86.00 -21.07 19.66
N VAL L 329 85.75 -20.67 18.42
CA VAL L 329 84.47 -21.00 17.79
C VAL L 329 84.55 -22.51 17.53
N GLN L 330 83.44 -23.25 17.71
CA GLN L 330 83.55 -24.73 17.63
C GLN L 330 83.17 -25.39 16.32
N LEU L 331 81.94 -25.25 15.84
CA LEU L 331 81.46 -25.92 14.61
C LEU L 331 81.45 -27.43 14.91
N GLY L 332 81.10 -27.75 16.17
CA GLY L 332 81.04 -29.11 16.75
C GLY L 332 80.61 -30.29 15.86
N PRO L 333 80.51 -31.47 16.48
CA PRO L 333 80.16 -32.81 15.93
C PRO L 333 79.13 -32.85 14.80
N GLY L 334 77.98 -32.20 15.02
CA GLY L 334 76.94 -32.20 14.00
C GLY L 334 77.24 -31.27 12.83
N PRO L 335 76.28 -31.11 11.90
CA PRO L 335 76.53 -30.26 10.71
C PRO L 335 76.52 -28.73 10.95
N THR L 336 75.96 -28.25 12.05
CA THR L 336 75.92 -26.80 12.40
C THR L 336 75.44 -25.94 11.22
N ARG L 337 74.13 -25.90 11.00
CA ARG L 337 73.56 -25.09 9.92
C ARG L 337 73.76 -23.62 10.27
N VAL L 338 74.36 -22.85 9.37
CA VAL L 338 74.60 -21.41 9.59
C VAL L 338 73.90 -20.56 8.54
N ILE L 339 73.43 -19.38 8.96
CA ILE L 339 72.76 -18.45 8.04
C ILE L 339 73.78 -18.02 7.00
N ASP L 340 73.49 -18.25 5.74
CA ASP L 340 74.44 -17.79 4.71
C ASP L 340 74.31 -16.28 4.63
N MET L 341 75.38 -15.56 4.25
CA MET L 341 75.30 -14.10 4.16
C MET L 341 74.89 -13.63 2.79
N ASN L 342 75.40 -14.28 1.79
CA ASN L 342 74.89 -13.91 0.50
C ASN L 342 73.48 -14.50 0.50
N ALA L 343 72.57 -13.92 -0.31
CA ALA L 343 71.20 -14.38 -0.27
C ALA L 343 70.75 -14.11 1.16
N MET L 344 70.73 -12.83 1.53
CA MET L 344 70.33 -12.43 2.87
C MET L 344 69.89 -10.96 2.97
N ILE L 345 69.18 -10.42 1.97
CA ILE L 345 68.65 -9.03 1.93
C ILE L 345 68.99 -8.21 3.18
N ASP L 346 69.96 -7.30 3.08
CA ASP L 346 70.39 -6.49 4.24
C ASP L 346 69.25 -6.28 5.24
N SER L 347 69.20 -7.14 6.24
CA SER L 347 68.15 -7.11 7.26
C SER L 347 68.64 -6.71 8.63
N VAL L 348 67.83 -7.08 9.57
CA VAL L 348 68.12 -6.90 10.96
C VAL L 348 67.93 -8.28 11.60
N LEU L 349 68.98 -9.07 11.55
CA LEU L 349 68.97 -10.40 12.15
C LEU L 349 69.01 -10.27 13.65
N THR L 350 68.05 -10.84 14.36
CA THR L 350 68.07 -10.77 15.80
C THR L 350 67.81 -12.16 16.36
N LEU L 351 68.90 -12.89 16.59
CA LEU L 351 68.81 -14.25 17.12
C LEU L 351 68.56 -14.28 18.61
N ASP L 352 67.36 -14.69 18.99
CA ASP L 352 67.03 -14.78 20.40
C ASP L 352 67.41 -16.16 20.90
N VAL L 353 68.05 -16.21 22.06
CA VAL L 353 68.46 -17.48 22.66
C VAL L 353 67.87 -17.57 24.04
N SER L 354 66.65 -18.08 24.16
CA SER L 354 66.04 -18.18 25.48
C SER L 354 65.17 -19.40 25.72
N GLY L 355 65.21 -19.91 26.95
CA GLY L 355 64.43 -21.07 27.30
C GLY L 355 65.06 -22.33 26.71
N THR L 356 66.01 -22.11 25.79
CA THR L 356 66.71 -23.22 25.16
C THR L 356 67.72 -23.75 26.16
N ILE L 357 67.96 -25.08 26.12
CA ILE L 357 68.88 -25.73 27.04
C ILE L 357 70.27 -25.10 26.99
N LEU L 358 70.99 -25.23 28.11
CA LEU L 358 72.34 -24.70 28.28
C LEU L 358 73.01 -25.65 29.26
N PRO L 359 73.49 -26.80 28.78
CA PRO L 359 74.15 -27.85 29.57
C PRO L 359 75.55 -27.58 30.14
N TYR L 360 75.74 -26.44 30.78
CA TYR L 360 77.04 -26.13 31.38
C TYR L 360 77.27 -27.05 32.57
N ASP L 361 76.23 -27.78 32.94
CA ASP L 361 76.25 -28.71 34.06
C ASP L 361 77.17 -29.90 33.76
N THR L 362 77.00 -30.50 32.59
CA THR L 362 77.83 -31.63 32.19
C THR L 362 79.18 -31.11 31.70
N ASN L 363 79.32 -30.86 30.40
CA ASN L 363 80.59 -30.35 29.89
C ASN L 363 80.81 -28.96 30.50
N PRO L 364 81.69 -28.87 31.50
CA PRO L 364 81.99 -27.60 32.18
C PRO L 364 82.62 -26.64 31.17
N ASP L 365 83.05 -27.23 30.05
CA ASP L 365 83.67 -26.51 28.96
C ASP L 365 82.72 -25.43 28.44
N LEU L 366 81.43 -25.76 28.36
CA LEU L 366 80.42 -24.84 27.88
C LEU L 366 80.30 -23.60 28.74
N SER L 367 80.25 -23.77 30.06
CA SER L 367 80.16 -22.61 30.94
C SER L 367 81.41 -21.77 30.73
N THR L 368 81.32 -20.48 31.09
CA THR L 368 82.44 -19.55 30.94
C THR L 368 82.49 -18.92 29.55
N SER L 369 81.87 -19.59 28.57
CA SER L 369 81.87 -19.07 27.19
C SER L 369 80.71 -18.12 26.90
N VAL L 370 81.03 -16.88 26.54
CA VAL L 370 79.99 -15.90 26.25
C VAL L 370 79.36 -16.23 24.90
N PRO L 371 78.05 -16.55 24.89
CA PRO L 371 77.35 -16.88 23.64
C PRO L 371 77.37 -15.62 22.76
N ALA L 372 77.55 -15.79 21.45
CA ALA L 372 77.61 -14.62 20.58
C ALA L 372 77.43 -14.91 19.10
N PHE L 373 76.64 -14.07 18.43
CA PHE L 373 76.42 -14.22 17.00
C PHE L 373 77.72 -13.76 16.30
N VAL L 374 78.30 -14.63 15.47
CA VAL L 374 79.57 -14.32 14.80
C VAL L 374 79.58 -14.67 13.30
N LEU L 375 80.09 -13.76 12.47
CA LEU L 375 80.19 -14.04 11.04
C LEU L 375 81.43 -14.90 10.83
N ILE L 376 81.46 -15.67 9.75
CA ILE L 376 82.59 -16.56 9.47
C ILE L 376 82.90 -16.57 7.99
N GLN L 377 83.97 -15.88 7.60
CA GLN L 377 84.36 -15.86 6.21
C GLN L 377 85.27 -17.05 5.95
N THR L 378 84.87 -17.93 5.04
CA THR L 378 85.66 -19.12 4.70
C THR L 378 86.27 -18.97 3.31
N SER L 379 87.46 -19.55 3.10
CA SER L 379 88.11 -19.46 1.80
C SER L 379 87.33 -20.34 0.82
N VAL L 380 87.54 -21.64 0.93
CA VAL L 380 86.83 -22.58 0.08
C VAL L 380 85.35 -22.47 0.48
N PRO L 381 84.42 -22.64 -0.47
CA PRO L 381 82.97 -22.56 -0.19
C PRO L 381 82.59 -23.51 0.93
N ILE L 382 81.65 -23.12 1.79
CA ILE L 382 81.23 -23.99 2.89
C ILE L 382 80.76 -25.28 2.18
N GLN L 383 80.48 -26.34 2.92
CA GLN L 383 80.05 -27.58 2.29
C GLN L 383 81.21 -28.03 1.40
N GLN L 384 82.41 -27.73 1.87
CA GLN L 384 83.65 -28.05 1.18
C GLN L 384 84.79 -27.53 2.07
N VAL L 385 84.40 -26.91 3.18
CA VAL L 385 85.34 -26.36 4.16
C VAL L 385 85.61 -27.45 5.19
N THR L 386 86.77 -28.10 5.06
CA THR L 386 87.15 -29.19 5.96
C THR L 386 87.73 -28.81 7.31
N THR L 387 88.88 -28.13 7.31
CA THR L 387 89.53 -27.77 8.57
C THR L 387 89.95 -26.32 8.77
N ALA L 388 90.05 -25.93 10.04
CA ALA L 388 90.44 -24.60 10.50
C ALA L 388 91.20 -23.70 9.52
N ALA L 389 92.22 -24.24 8.85
CA ALA L 389 93.01 -23.44 7.91
C ALA L 389 92.15 -22.93 6.74
N ASN L 390 90.96 -23.50 6.61
CA ASN L 390 90.01 -23.15 5.55
C ASN L 390 89.24 -21.86 5.88
N ILE L 391 88.91 -21.68 7.17
CA ILE L 391 88.17 -20.50 7.63
C ILE L 391 89.02 -19.22 7.62
N THR L 392 88.85 -18.37 6.61
CA THR L 392 89.58 -17.11 6.49
C THR L 392 89.66 -16.36 7.83
N ALA L 393 88.54 -15.79 8.26
CA ALA L 393 88.50 -15.07 9.53
C ALA L 393 87.15 -15.23 10.21
N ILE L 394 87.05 -14.75 11.45
CA ILE L 394 85.81 -14.86 12.20
C ILE L 394 85.57 -13.59 13.03
N THR L 395 84.52 -12.86 12.70
CA THR L 395 84.18 -11.62 13.42
C THR L 395 83.02 -11.80 14.39
N VAL L 396 83.22 -11.35 15.63
CA VAL L 396 82.17 -11.44 16.64
C VAL L 396 81.29 -10.21 16.43
N VAL L 397 80.30 -10.32 15.54
CA VAL L 397 79.42 -9.20 15.24
C VAL L 397 78.54 -8.76 16.40
N SER L 398 78.47 -9.56 17.46
CA SER L 398 77.66 -9.20 18.61
C SER L 398 77.73 -10.26 19.70
N ALA L 399 78.60 -10.04 20.68
CA ALA L 399 78.74 -11.00 21.77
C ALA L 399 77.82 -10.65 22.93
N ALA L 400 77.68 -11.58 23.86
CA ALA L 400 76.85 -11.37 25.04
C ALA L 400 77.77 -11.19 26.24
N GLY L 401 77.78 -10.00 26.84
CA GLY L 401 78.62 -9.80 27.99
C GLY L 401 78.23 -10.77 29.10
N ALA L 402 79.22 -11.37 29.76
CA ALA L 402 79.03 -12.34 30.85
C ALA L 402 78.86 -13.77 30.32
N SER L 403 79.75 -14.63 30.82
CA SER L 403 79.85 -16.06 30.42
C SER L 403 78.55 -16.84 30.59
N ALA L 404 78.57 -18.12 30.20
CA ALA L 404 77.43 -19.04 30.28
C ALA L 404 77.37 -19.73 31.66
N ILE L 405 76.92 -18.94 32.66
CA ILE L 405 76.74 -19.28 34.09
C ILE L 405 76.22 -18.04 34.89
N ASN L 406 75.45 -17.15 34.19
CA ASN L 406 74.80 -15.88 34.65
C ASN L 406 73.61 -15.60 33.72
N LEU L 407 73.73 -16.23 32.55
CA LEU L 407 72.74 -16.23 31.50
C LEU L 407 71.82 -17.42 31.70
N ALA L 408 72.29 -18.32 32.57
CA ALA L 408 71.53 -19.52 32.91
C ALA L 408 70.43 -19.18 33.90
N ILE L 409 69.68 -20.20 34.29
CA ILE L 409 68.57 -20.09 35.24
C ILE L 409 68.02 -21.51 35.34
N ASN L 410 68.15 -22.13 36.50
CA ASN L 410 67.68 -23.49 36.70
C ASN L 410 66.16 -23.63 36.66
N VAL L 411 65.61 -24.44 35.74
CA VAL L 411 64.16 -24.68 35.62
C VAL L 411 63.79 -26.18 35.75
N ARG L 412 64.36 -26.85 36.76
CA ARG L 412 64.16 -28.27 37.03
C ARG L 412 65.38 -29.04 36.46
N GLY L 413 66.56 -28.91 37.08
CA GLY L 413 67.75 -29.59 36.62
C GLY L 413 68.42 -28.88 35.41
N GLN L 414 67.77 -29.04 34.24
CA GLN L 414 68.12 -28.48 32.90
C GLN L 414 68.17 -26.95 32.89
N PRO L 415 69.32 -26.38 33.16
CA PRO L 415 69.44 -24.92 33.17
C PRO L 415 69.15 -24.31 31.80
N ARG L 416 68.21 -23.35 31.75
CA ARG L 416 67.84 -22.71 30.49
C ARG L 416 68.58 -21.41 30.27
N PHE L 417 68.26 -20.73 29.17
CA PHE L 417 68.88 -19.45 28.85
C PHE L 417 67.97 -18.27 29.18
N ASN L 418 68.43 -17.38 30.05
CA ASN L 418 67.68 -16.18 30.40
C ASN L 418 67.48 -15.45 29.09
N MET L 419 66.22 -15.32 28.69
CA MET L 419 65.83 -14.67 27.44
C MET L 419 66.64 -13.42 27.09
N LEU L 420 67.54 -13.52 26.12
CA LEU L 420 68.38 -12.39 25.70
C LEU L 420 68.52 -12.40 24.17
N HIS L 421 68.65 -11.22 23.55
CA HIS L 421 68.73 -11.16 22.08
C HIS L 421 70.04 -10.65 21.49
N LEU L 422 70.82 -11.58 20.95
CA LEU L 422 72.02 -11.13 20.29
C LEU L 422 71.55 -10.54 18.95
N GLN L 423 72.38 -9.75 18.22
CA GLN L 423 71.78 -9.21 16.99
C GLN L 423 72.67 -8.35 16.11
N ALA L 424 72.91 -8.83 14.88
CA ALA L 424 73.69 -8.12 13.88
C ALA L 424 72.76 -7.23 13.06
N THR L 425 73.33 -6.58 12.05
CA THR L 425 72.56 -5.72 11.16
C THR L 425 73.21 -5.88 9.80
N PHE L 426 73.17 -7.11 9.31
CA PHE L 426 73.75 -7.44 8.02
C PHE L 426 73.38 -6.43 6.91
N GLU L 427 74.34 -6.08 6.06
CA GLU L 427 74.11 -5.14 4.96
C GLU L 427 74.66 -5.61 3.62
N ARG L 428 73.77 -5.90 2.67
CA ARG L 428 74.14 -6.37 1.33
C ARG L 428 75.62 -6.23 0.96
N GLU L 429 76.11 -4.99 0.91
CA GLU L 429 77.47 -4.64 0.46
C GLU L 429 78.60 -4.78 1.51
N THR L 430 78.30 -4.81 2.82
CA THR L 430 79.42 -5.01 3.76
C THR L 430 80.11 -6.37 3.45
N ILE L 431 79.38 -7.24 2.70
CA ILE L 431 79.88 -8.54 2.21
C ILE L 431 80.18 -8.48 0.67
N THR L 432 80.66 -7.32 0.13
CA THR L 432 80.97 -7.23 -1.34
C THR L 432 82.20 -8.10 -1.67
N GLY L 433 82.24 -8.76 -2.83
CA GLY L 433 83.41 -9.58 -3.21
C GLY L 433 83.43 -10.91 -2.50
N ILE L 434 83.60 -10.84 -1.18
CA ILE L 434 83.59 -11.98 -0.26
C ILE L 434 82.62 -13.10 -0.70
N PRO L 435 83.10 -14.05 -1.54
CA PRO L 435 82.30 -15.16 -2.05
C PRO L 435 81.66 -15.99 -0.96
N TYR L 436 82.39 -16.27 0.12
CA TYR L 436 81.84 -17.09 1.20
C TYR L 436 81.93 -16.47 2.56
N ILE L 437 80.78 -16.37 3.22
CA ILE L 437 80.68 -15.78 4.54
C ILE L 437 79.34 -16.26 5.12
N TYR L 438 79.33 -16.61 6.40
CA TYR L 438 78.12 -17.11 7.03
C TYR L 438 77.90 -16.54 8.41
N GLY L 439 76.64 -16.27 8.73
CA GLY L 439 76.30 -15.78 10.02
C GLY L 439 76.07 -17.01 10.86
N LEU L 440 76.65 -17.07 12.05
CA LEU L 440 76.50 -18.23 12.93
C LEU L 440 76.33 -17.76 14.35
N GLY L 441 75.23 -18.16 15.00
CA GLY L 441 75.03 -17.77 16.38
C GLY L 441 75.58 -18.89 17.24
N THR L 442 76.91 -18.93 17.40
CA THR L 442 77.56 -19.99 18.15
C THR L 442 77.84 -19.68 19.63
N PHE L 443 78.92 -20.22 20.18
CA PHE L 443 79.13 -20.01 21.61
C PHE L 443 80.39 -19.24 22.02
N LEU L 444 81.49 -19.39 21.32
CA LEU L 444 82.77 -18.72 21.69
C LEU L 444 83.28 -19.25 23.03
N ILE L 445 83.77 -20.49 23.02
CA ILE L 445 84.30 -21.13 24.21
C ILE L 445 85.66 -20.58 24.55
N PRO L 446 85.89 -20.20 25.83
CA PRO L 446 87.18 -19.64 26.24
C PRO L 446 88.28 -20.69 26.38
N SER L 447 87.93 -21.96 26.17
CA SER L 447 88.91 -23.03 26.28
C SER L 447 88.33 -24.41 25.93
N PRO L 448 88.43 -24.79 24.64
CA PRO L 448 87.90 -26.10 24.20
C PRO L 448 88.49 -27.29 24.96
N THR L 449 87.65 -28.27 25.28
CA THR L 449 88.06 -29.45 26.04
C THR L 449 87.43 -30.74 25.50
N SER L 450 87.82 -31.87 26.10
CA SER L 450 87.30 -33.18 25.71
C SER L 450 85.80 -33.27 25.99
N SER L 451 85.35 -32.57 27.02
CA SER L 451 83.93 -32.56 27.40
C SER L 451 83.07 -32.04 26.25
N SER L 452 83.53 -30.96 25.61
CA SER L 452 82.81 -30.38 24.48
C SER L 452 83.32 -31.00 23.19
N ASN L 453 83.26 -32.32 23.10
CA ASN L 453 83.73 -33.02 21.92
C ASN L 453 82.56 -33.62 21.18
N PHE L 454 81.37 -33.52 21.77
CA PHE L 454 80.15 -34.03 21.17
C PHE L 454 79.01 -33.05 21.45
N SER L 455 79.36 -31.85 21.92
CA SER L 455 78.38 -30.83 22.23
C SER L 455 77.89 -30.02 21.03
N ASN L 456 78.81 -29.31 20.37
CA ASN L 456 78.42 -28.50 19.23
C ASN L 456 77.55 -27.35 19.73
N PRO L 457 78.22 -26.24 20.08
CA PRO L 457 77.63 -25.01 20.68
C PRO L 457 76.82 -24.08 19.78
N THR L 458 76.19 -24.59 18.72
CA THR L 458 75.40 -23.72 17.86
C THR L 458 74.18 -23.21 18.63
N LEU L 459 74.08 -21.91 18.88
CA LEU L 459 72.92 -21.39 19.60
C LEU L 459 71.77 -21.10 18.65
N MET L 460 71.90 -21.61 17.42
CA MET L 460 70.88 -21.44 16.40
C MET L 460 69.56 -22.12 16.72
N ASP L 461 69.57 -23.05 17.66
CA ASP L 461 68.31 -23.72 18.03
C ASP L 461 67.35 -22.66 18.59
N GLY L 462 67.89 -21.44 18.82
CA GLY L 462 67.07 -20.35 19.35
C GLY L 462 66.19 -19.75 18.26
N LEU L 463 65.16 -19.00 18.65
CA LEU L 463 64.21 -18.39 17.71
C LEU L 463 64.72 -17.10 17.08
N LEU L 464 65.42 -17.23 15.95
CA LEU L 464 65.98 -16.10 15.20
C LEU L 464 64.89 -15.33 14.46
N THR L 465 64.97 -14.00 14.47
CA THR L 465 63.96 -13.19 13.77
C THR L 465 64.54 -12.16 12.82
N VAL L 466 64.66 -12.54 11.55
CA VAL L 466 65.16 -11.64 10.51
C VAL L 466 64.06 -10.66 10.10
N THR L 467 64.41 -9.40 9.94
CA THR L 467 63.48 -8.36 9.55
C THR L 467 64.06 -7.54 8.41
N PRO L 468 63.62 -7.80 7.17
CA PRO L 468 64.13 -7.10 5.98
C PRO L 468 64.11 -5.60 6.18
N VAL L 469 65.29 -4.97 6.21
CA VAL L 469 65.32 -3.54 6.43
C VAL L 469 65.69 -2.80 5.15
N LEU L 470 64.82 -2.90 4.17
CA LEU L 470 65.04 -2.33 2.85
C LEU L 470 64.14 -3.09 1.89
N LEU L 471 62.84 -2.83 1.99
CA LEU L 471 61.80 -3.50 1.17
C LEU L 471 62.05 -3.65 -0.34
N ARG L 472 62.52 -2.60 -0.99
CA ARG L 472 62.74 -2.66 -2.44
C ARG L 472 63.33 -3.98 -2.96
N GLU L 473 64.30 -4.56 -2.22
CA GLU L 473 64.95 -5.82 -2.63
C GLU L 473 64.40 -7.10 -2.01
N THR L 474 63.99 -8.03 -2.86
CA THR L 474 63.46 -9.32 -2.41
C THR L 474 64.52 -10.40 -2.61
N THR L 475 64.17 -11.65 -2.30
CA THR L 475 65.10 -12.78 -2.45
C THR L 475 64.39 -14.00 -3.01
N TYR L 476 64.99 -14.68 -3.98
CA TYR L 476 64.37 -15.88 -4.51
C TYR L 476 65.32 -17.01 -4.91
N LYS L 477 65.07 -18.18 -4.33
CA LYS L 477 65.88 -19.37 -4.59
C LYS L 477 67.34 -19.15 -4.23
N GLY L 478 67.60 -18.16 -3.39
CA GLY L 478 68.96 -17.87 -2.98
C GLY L 478 69.56 -16.61 -3.58
N GLU L 479 68.87 -15.96 -4.51
CA GLU L 479 69.39 -14.73 -5.12
C GLU L 479 68.56 -13.52 -4.72
N VAL L 480 69.21 -12.36 -4.72
CA VAL L 480 68.54 -11.11 -4.36
C VAL L 480 68.09 -10.44 -5.67
N VAL L 481 66.81 -10.07 -5.73
CA VAL L 481 66.27 -9.44 -6.93
C VAL L 481 65.44 -8.20 -6.62
N ASP L 482 64.90 -7.60 -7.68
CA ASP L 482 64.07 -6.41 -7.53
C ASP L 482 62.69 -6.67 -8.09
N ALA L 483 62.52 -7.84 -8.70
CA ALA L 483 61.23 -8.22 -9.27
C ALA L 483 60.99 -9.72 -9.18
N ILE L 484 59.74 -10.11 -8.97
CA ILE L 484 59.35 -11.50 -8.89
C ILE L 484 58.70 -11.91 -10.20
N VAL L 485 58.41 -13.20 -10.38
CA VAL L 485 57.71 -13.67 -11.56
C VAL L 485 56.56 -14.56 -11.13
N PRO L 486 55.74 -14.10 -10.17
CA PRO L 486 54.61 -14.82 -9.60
C PRO L 486 54.42 -16.28 -10.04
N ALA L 487 53.89 -16.49 -11.25
CA ALA L 487 53.66 -17.83 -11.79
C ALA L 487 54.81 -18.80 -11.50
N THR L 488 56.03 -18.29 -11.43
CA THR L 488 57.20 -19.13 -11.14
C THR L 488 57.15 -19.71 -9.73
N VAL L 489 56.75 -18.88 -8.77
CA VAL L 489 56.68 -19.33 -7.39
C VAL L 489 55.49 -20.27 -7.09
N MET L 490 54.60 -20.51 -8.05
CA MET L 490 53.47 -21.42 -7.77
C MET L 490 53.99 -22.85 -7.91
N ALA L 491 53.48 -23.75 -7.07
CA ALA L 491 53.86 -25.18 -7.05
C ALA L 491 55.34 -25.34 -7.42
N ASN L 492 56.18 -24.63 -6.70
CA ASN L 492 57.60 -24.65 -6.97
C ASN L 492 58.36 -24.79 -5.67
N GLN L 493 57.65 -24.56 -4.56
CA GLN L 493 58.22 -24.72 -3.23
C GLN L 493 57.79 -26.10 -2.78
N THR L 494 58.40 -26.64 -1.74
CA THR L 494 57.97 -27.94 -1.23
C THR L 494 57.22 -27.68 0.08
N SER L 495 56.67 -28.76 0.66
CA SER L 495 55.92 -28.64 1.89
C SER L 495 56.51 -27.52 2.78
N GLU L 496 57.82 -27.68 3.08
CA GLU L 496 58.54 -26.78 3.99
C GLU L 496 59.46 -25.75 3.30
N GLU L 497 59.59 -25.79 1.97
CA GLU L 497 60.37 -24.79 1.23
C GLU L 497 59.55 -23.47 1.22
N VAL L 498 58.41 -23.53 1.97
CA VAL L 498 57.43 -22.44 2.17
C VAL L 498 57.49 -21.94 3.61
N ALA L 499 57.26 -22.83 4.56
CA ALA L 499 57.33 -22.47 5.98
C ALA L 499 58.76 -22.02 6.38
N SER L 500 59.73 -22.36 5.53
CA SER L 500 61.12 -22.02 5.76
C SER L 500 61.52 -20.79 4.96
N ALA L 501 60.53 -20.13 4.34
CA ALA L 501 60.78 -18.94 3.53
C ALA L 501 61.44 -17.87 4.39
N LEU L 502 62.17 -16.96 3.73
CA LEU L 502 62.88 -15.88 4.43
C LEU L 502 62.14 -14.53 4.35
N ALA L 503 61.68 -14.03 5.50
CA ALA L 503 60.95 -12.76 5.65
C ALA L 503 61.18 -11.78 4.51
N ASN L 504 60.13 -11.61 3.70
CA ASN L 504 60.15 -10.75 2.52
C ASN L 504 61.02 -11.31 1.40
N ASP L 505 60.63 -12.52 0.95
CA ASP L 505 61.25 -13.15 -0.18
C ASP L 505 60.12 -13.54 -1.15
N ALA L 506 60.42 -13.72 -2.40
CA ALA L 506 59.30 -14.04 -3.29
C ALA L 506 58.22 -14.89 -2.62
N ILE L 507 58.57 -16.10 -2.18
CA ILE L 507 57.61 -16.98 -1.52
C ILE L 507 56.74 -16.24 -0.50
N VAL L 508 57.37 -15.51 0.42
CA VAL L 508 56.63 -14.78 1.45
C VAL L 508 55.82 -13.63 0.87
N LEU L 509 56.19 -13.18 -0.34
CA LEU L 509 55.46 -12.12 -1.01
C LEU L 509 54.28 -12.73 -1.80
N VAL L 510 54.54 -13.85 -2.52
CA VAL L 510 53.56 -14.60 -3.34
C VAL L 510 52.64 -15.45 -2.45
N SER L 511 52.75 -15.19 -1.15
CA SER L 511 51.93 -15.79 -0.10
C SER L 511 51.04 -14.71 0.53
N ASN L 512 51.59 -13.48 0.70
CA ASN L 512 50.94 -12.26 1.29
C ASN L 512 49.92 -11.70 0.34
N HIS L 513 50.17 -12.03 -0.92
CA HIS L 513 49.33 -11.66 -2.03
C HIS L 513 48.14 -12.62 -2.10
N LEU L 514 48.40 -13.91 -2.28
CA LEU L 514 47.32 -14.88 -2.34
C LEU L 514 46.42 -14.69 -1.13
N ASN L 515 47.01 -14.38 0.00
CA ASN L 515 46.28 -14.19 1.24
C ASN L 515 45.21 -13.09 1.17
N LYS L 516 45.44 -12.04 0.39
CA LYS L 516 44.45 -10.99 0.22
C LYS L 516 43.34 -11.58 -0.63
N LEU L 517 43.74 -12.11 -1.77
CA LEU L 517 42.78 -12.71 -2.70
C LEU L 517 42.04 -13.83 -2.02
N ALA L 518 42.68 -14.45 -1.03
CA ALA L 518 42.01 -15.49 -0.31
C ALA L 518 40.90 -14.90 0.58
N ASN L 519 40.99 -13.62 1.00
CA ASN L 519 39.97 -13.05 1.91
C ASN L 519 38.89 -12.35 1.13
N VAL L 520 39.18 -12.08 -0.11
CA VAL L 520 38.16 -11.50 -0.94
C VAL L 520 37.20 -12.62 -1.27
N VAL L 521 37.69 -13.80 -1.67
CA VAL L 521 36.76 -14.90 -1.95
C VAL L 521 36.10 -15.34 -0.65
N GLY L 522 36.92 -15.67 0.34
CA GLY L 522 36.39 -16.10 1.63
C GLY L 522 35.26 -15.19 2.09
N ASP L 523 35.45 -13.88 1.93
CA ASP L 523 34.49 -12.85 2.31
C ASP L 523 33.29 -12.73 1.37
N ALA L 524 33.47 -12.09 0.23
CA ALA L 524 32.39 -11.88 -0.74
C ALA L 524 31.76 -13.13 -1.35
N ILE L 525 32.56 -13.89 -2.10
CA ILE L 525 32.07 -15.11 -2.74
C ILE L 525 31.71 -16.23 -1.74
N PRO L 526 30.69 -17.05 -2.06
CA PRO L 526 30.27 -18.15 -1.16
C PRO L 526 30.99 -19.48 -1.36
N VAL L 527 32.32 -19.47 -1.29
CA VAL L 527 33.09 -20.69 -1.49
C VAL L 527 32.98 -21.66 -0.31
N ALA L 528 31.94 -21.51 0.50
CA ALA L 528 31.74 -22.39 1.66
C ALA L 528 30.32 -22.92 1.83
N SER L 529 29.73 -23.33 0.71
CA SER L 529 28.40 -23.95 0.69
C SER L 529 28.22 -24.70 -0.65
N ARG L 530 27.22 -25.59 -0.80
CA ARG L 530 27.09 -26.33 -2.08
C ARG L 530 26.57 -25.48 -3.24
N THR L 531 26.90 -24.18 -3.23
CA THR L 531 26.38 -23.29 -4.27
C THR L 531 27.21 -23.13 -5.54
N ASP L 532 28.11 -24.08 -5.83
CA ASP L 532 28.95 -24.00 -7.03
C ASP L 532 29.17 -22.57 -7.55
N ASP L 533 29.63 -21.72 -6.62
CA ASP L 533 29.89 -20.30 -6.82
C ASP L 533 30.80 -19.94 -7.99
N SER L 534 30.87 -18.65 -8.28
CA SER L 534 31.68 -18.12 -9.38
C SER L 534 33.16 -18.54 -9.29
N ALA L 535 33.66 -18.69 -8.06
CA ALA L 535 35.05 -19.09 -7.84
C ALA L 535 35.28 -20.54 -8.27
N THR L 536 34.63 -21.48 -7.58
CA THR L 536 34.76 -22.90 -7.90
C THR L 536 34.25 -23.19 -9.29
N SER L 537 33.64 -22.19 -9.93
CA SER L 537 33.10 -22.35 -11.27
C SER L 537 34.14 -22.02 -12.31
N ALA L 538 34.93 -21.00 -12.04
CA ALA L 538 36.00 -20.60 -12.96
C ALA L 538 36.96 -21.78 -13.10
N ILE L 539 37.23 -22.45 -11.98
CA ILE L 539 38.13 -23.59 -11.97
C ILE L 539 37.54 -24.79 -12.73
N VAL L 540 36.27 -25.09 -12.52
CA VAL L 540 35.62 -26.21 -13.21
C VAL L 540 35.77 -26.11 -14.72
N SER L 541 35.64 -24.90 -15.25
CA SER L 541 35.76 -24.72 -16.70
C SER L 541 37.18 -25.03 -17.14
N ARG L 542 38.16 -24.81 -16.28
CA ARG L 542 39.54 -25.13 -16.66
C ARG L 542 39.71 -26.65 -16.65
N LEU L 543 39.28 -27.31 -15.58
CA LEU L 543 39.40 -28.77 -15.51
C LEU L 543 38.77 -29.45 -16.71
N ALA L 544 37.61 -28.97 -17.14
CA ALA L 544 36.95 -29.54 -18.30
C ALA L 544 37.87 -29.38 -19.53
N VAL L 545 38.05 -28.13 -19.98
CA VAL L 545 38.93 -27.80 -21.12
C VAL L 545 40.25 -28.54 -21.03
N GLN L 546 40.68 -28.85 -19.82
CA GLN L 546 41.93 -29.54 -19.62
C GLN L 546 41.75 -31.05 -19.82
N HIS L 547 40.89 -31.65 -19.00
CA HIS L 547 40.62 -33.08 -19.11
C HIS L 547 40.02 -33.45 -20.46
N LYS L 548 39.50 -32.45 -21.17
CA LYS L 548 38.86 -32.74 -22.46
C LYS L 548 39.88 -32.93 -23.57
N LEU L 549 40.97 -32.17 -23.54
CA LEU L 549 41.96 -32.32 -24.60
C LEU L 549 42.89 -33.47 -24.28
N SER L 550 43.01 -33.83 -23.01
CA SER L 550 43.88 -34.94 -22.63
C SER L 550 43.19 -36.23 -23.08
N GLN L 551 41.92 -36.12 -23.43
CA GLN L 551 41.13 -37.25 -23.90
C GLN L 551 41.16 -37.33 -25.44
N VAL L 552 41.44 -36.19 -26.07
CA VAL L 552 41.53 -36.12 -27.53
C VAL L 552 42.69 -37.01 -27.98
N GLY L 553 42.53 -37.65 -29.15
CA GLY L 553 43.52 -38.61 -29.68
C GLY L 553 43.52 -39.84 -28.75
N GLN L 554 43.28 -41.09 -29.26
CA GLN L 554 43.16 -42.35 -28.49
C GLN L 554 41.65 -42.55 -28.24
N ALA L 555 41.18 -43.82 -28.23
CA ALA L 555 39.79 -44.33 -28.05
C ALA L 555 38.75 -43.46 -27.34
N SER L 556 39.19 -42.37 -26.71
CA SER L 556 38.31 -41.46 -25.97
C SER L 556 37.23 -42.26 -25.23
N PRO L 557 37.63 -43.37 -24.59
CA PRO L 557 36.68 -44.25 -23.88
C PRO L 557 35.98 -43.59 -22.69
N THR L 558 36.47 -42.41 -22.28
CA THR L 558 35.89 -41.73 -21.13
C THR L 558 35.32 -40.34 -21.41
N PRO L 559 34.00 -40.25 -21.63
CA PRO L 559 33.39 -38.96 -21.81
C PRO L 559 33.53 -38.16 -20.52
N PRO L 560 34.04 -36.94 -20.56
CA PRO L 560 34.19 -36.15 -19.35
C PRO L 560 33.04 -36.33 -18.36
N ASP L 561 33.37 -36.27 -17.07
CA ASP L 561 32.38 -36.49 -16.01
C ASP L 561 31.45 -35.29 -15.74
N TYR L 562 31.94 -34.29 -15.02
CA TYR L 562 31.18 -33.04 -14.71
C TYR L 562 30.57 -33.04 -13.33
N PRO L 563 29.69 -33.97 -12.99
CA PRO L 563 29.21 -33.96 -11.60
C PRO L 563 30.44 -34.11 -10.68
N LEU L 564 31.43 -34.94 -11.13
CA LEU L 564 32.73 -35.26 -10.45
C LEU L 564 33.76 -34.12 -10.61
N LEU L 565 33.66 -33.42 -11.73
CA LEU L 565 34.51 -32.26 -12.02
C LEU L 565 34.06 -31.05 -11.23
N TRP L 566 32.74 -30.84 -11.17
CA TRP L 566 32.23 -29.73 -10.40
C TRP L 566 32.67 -29.88 -8.97
N ARG L 567 32.46 -31.10 -8.43
CA ARG L 567 32.83 -31.41 -7.06
C ARG L 567 34.34 -31.39 -6.82
N ARG L 568 35.14 -31.77 -7.83
CA ARG L 568 36.59 -31.74 -7.63
C ARG L 568 37.09 -30.31 -7.60
N ALA L 569 36.53 -29.46 -8.45
CA ALA L 569 36.94 -28.06 -8.52
C ALA L 569 36.38 -27.27 -7.33
N LYS L 570 35.31 -27.78 -6.73
CA LYS L 570 34.71 -27.10 -5.59
C LYS L 570 35.65 -27.18 -4.42
N ARG L 571 36.27 -28.34 -4.21
CA ARG L 571 37.21 -28.51 -3.10
C ARG L 571 38.54 -27.86 -3.46
N ALA L 572 38.80 -27.69 -4.75
CA ALA L 572 40.03 -27.04 -5.19
C ALA L 572 39.91 -25.56 -4.81
N ALA L 573 38.81 -24.91 -5.22
CA ALA L 573 38.61 -23.49 -4.90
C ALA L 573 38.47 -23.35 -3.38
N SER L 574 37.86 -24.36 -2.77
CA SER L 574 37.66 -24.34 -1.34
C SER L 574 38.99 -24.53 -0.61
N MET L 575 39.81 -25.48 -1.06
CA MET L 575 41.10 -25.70 -0.41
C MET L 575 41.96 -24.44 -0.50
N PHE L 576 41.72 -23.64 -1.53
CA PHE L 576 42.47 -22.41 -1.68
C PHE L 576 42.03 -21.39 -0.62
N VAL L 577 40.76 -21.00 -0.63
CA VAL L 577 40.27 -20.07 0.38
C VAL L 577 40.74 -20.48 1.72
N SER L 578 40.73 -21.80 1.96
CA SER L 578 41.14 -22.37 3.23
C SER L 578 42.57 -22.00 3.61
N ASN L 579 43.54 -22.57 2.91
CA ASN L 579 44.92 -22.30 3.16
C ASN L 579 45.60 -21.75 1.90
N PRO L 580 45.42 -20.44 1.64
CA PRO L 580 45.97 -19.77 0.45
C PRO L 580 47.38 -20.27 0.06
N SER L 581 48.22 -20.49 1.08
CA SER L 581 49.59 -20.93 0.88
C SER L 581 49.75 -22.12 -0.07
N LEU L 582 49.12 -23.25 0.26
CA LEU L 582 49.19 -24.48 -0.53
C LEU L 582 49.52 -24.30 -2.01
N ALA L 583 48.86 -23.35 -2.67
CA ALA L 583 49.08 -23.10 -4.09
C ALA L 583 50.55 -22.82 -4.47
N LEU L 584 51.47 -23.00 -3.52
CA LEU L 584 52.91 -22.79 -3.77
C LEU L 584 53.64 -24.12 -3.72
N GLN L 585 53.04 -25.08 -3.02
CA GLN L 585 53.64 -26.40 -2.84
C GLN L 585 53.45 -27.39 -3.96
N VAL L 586 54.58 -27.96 -4.41
CA VAL L 586 54.56 -28.95 -5.48
C VAL L 586 53.81 -30.18 -5.01
N GLY L 587 52.77 -30.56 -5.75
CA GLY L 587 51.99 -31.76 -5.42
C GLY L 587 50.62 -31.48 -4.86
N ILE L 588 50.00 -30.36 -5.25
CA ILE L 588 48.66 -30.08 -4.78
C ILE L 588 47.66 -30.17 -5.95
N PRO L 589 46.70 -31.12 -5.83
CA PRO L 589 45.67 -31.43 -6.85
C PRO L 589 44.92 -30.20 -7.40
N VAL L 590 44.91 -30.05 -8.72
CA VAL L 590 44.24 -28.92 -9.39
C VAL L 590 45.00 -27.62 -9.13
N LEU L 591 44.70 -27.01 -7.99
CA LEU L 591 45.30 -25.76 -7.58
C LEU L 591 46.64 -25.39 -8.20
N THR L 592 47.58 -26.37 -8.35
CA THR L 592 48.91 -26.03 -8.85
C THR L 592 49.11 -26.12 -10.37
N GLN L 593 48.06 -26.30 -11.16
CA GLN L 593 48.25 -26.33 -12.60
C GLN L 593 48.27 -24.86 -13.00
N SER L 594 49.06 -24.51 -14.02
CA SER L 594 49.18 -23.11 -14.44
C SER L 594 47.87 -22.34 -14.66
N GLY L 595 46.85 -23.01 -15.20
CA GLY L 595 45.57 -22.34 -15.44
C GLY L 595 44.99 -21.68 -14.19
N MET L 596 44.48 -22.51 -13.28
CA MET L 596 43.89 -22.06 -12.02
C MET L 596 44.61 -20.87 -11.40
N LEU L 597 43.89 -20.12 -10.56
CA LEU L 597 44.44 -18.92 -9.88
C LEU L 597 44.43 -17.79 -10.87
N SER L 598 45.25 -17.92 -11.90
CA SER L 598 45.23 -16.91 -12.93
C SER L 598 43.81 -16.86 -13.40
N ALA L 599 43.21 -18.05 -13.39
CA ALA L 599 41.81 -18.27 -13.73
C ALA L 599 40.94 -17.82 -12.59
N LEU L 600 41.03 -18.53 -11.46
CA LEU L 600 40.24 -18.18 -10.28
C LEU L 600 40.05 -16.67 -10.12
N THR L 601 41.17 -15.99 -9.77
CA THR L 601 41.07 -14.54 -9.53
C THR L 601 40.21 -13.88 -10.59
N SER L 602 40.62 -13.86 -11.86
CA SER L 602 39.82 -13.18 -12.92
C SER L 602 38.33 -13.56 -12.94
N GLY L 603 37.99 -14.65 -12.27
CA GLY L 603 36.59 -15.04 -12.15
C GLY L 603 36.07 -14.23 -11.00
N VAL L 604 36.55 -14.60 -9.80
CA VAL L 604 36.21 -13.91 -8.56
C VAL L 604 36.13 -12.40 -8.84
N GLY L 605 36.98 -11.96 -9.75
CA GLY L 605 37.03 -10.59 -10.15
C GLY L 605 35.66 -10.18 -10.64
N THR L 606 35.32 -10.58 -11.87
CA THR L 606 34.01 -10.22 -12.42
C THR L 606 32.87 -10.63 -11.50
N ALA L 607 33.07 -11.68 -10.70
CA ALA L 607 32.03 -12.13 -9.78
C ALA L 607 31.63 -11.03 -8.78
N LEU L 608 32.62 -10.29 -8.28
CA LEU L 608 32.33 -9.22 -7.32
C LEU L 608 31.70 -8.05 -8.04
N ARG L 609 32.09 -7.82 -9.29
CA ARG L 609 31.53 -6.71 -10.02
C ARG L 609 30.17 -7.02 -10.61
N THR L 610 29.31 -7.69 -9.81
CA THR L 610 27.94 -8.03 -10.28
C THR L 610 27.06 -8.59 -9.14
N GLY L 611 27.66 -8.83 -7.99
CA GLY L 611 26.95 -9.37 -6.83
C GLY L 611 25.48 -8.94 -6.72
N SER L 612 25.11 -7.79 -7.28
CA SER L 612 23.78 -7.12 -7.29
C SER L 612 23.64 -6.21 -6.06
N LEU L 613 23.00 -6.66 -4.97
CA LEU L 613 22.90 -5.94 -3.68
C LEU L 613 22.39 -7.03 -2.73
N GLY L 614 21.45 -7.85 -3.23
CA GLY L 614 20.83 -8.91 -2.47
C GLY L 614 21.58 -10.22 -2.51
N LYS L 615 22.92 -10.15 -2.40
CA LYS L 615 23.77 -11.35 -2.38
C LYS L 615 23.52 -12.12 -1.10
N GLY L 616 23.02 -11.36 -0.14
CA GLY L 616 22.70 -11.88 1.15
C GLY L 616 21.56 -12.87 1.08
N VAL L 617 20.99 -13.12 -0.10
CA VAL L 617 19.88 -14.05 -0.20
C VAL L 617 20.39 -15.46 0.14
N THR L 618 21.70 -15.63 0.15
CA THR L 618 22.31 -16.94 0.46
C THR L 618 22.04 -17.30 1.92
N ASP L 619 21.36 -18.42 2.14
CA ASP L 619 21.06 -18.87 3.49
C ASP L 619 20.38 -17.75 4.27
N ALA L 620 19.60 -16.94 3.55
CA ALA L 620 18.88 -15.82 4.16
C ALA L 620 17.62 -16.38 4.79
N SER L 621 17.51 -17.71 4.78
CA SER L 621 16.39 -18.40 5.36
C SER L 621 16.68 -18.71 6.83
N GLU L 622 17.77 -19.45 7.08
CA GLU L 622 18.17 -19.83 8.45
C GLU L 622 18.65 -18.58 9.16
N LYS L 623 19.22 -17.67 8.38
CA LYS L 623 19.72 -16.41 8.90
C LYS L 623 18.50 -15.66 9.43
N LEU L 624 17.41 -15.71 8.68
CA LEU L 624 16.18 -15.03 9.07
C LEU L 624 15.61 -15.72 10.30
N ARG L 625 15.46 -17.04 10.19
CA ARG L 625 14.91 -17.85 11.28
C ARG L 625 15.72 -17.68 12.56
N ALA L 626 17.00 -17.32 12.44
CA ALA L 626 17.85 -17.11 13.61
C ALA L 626 17.58 -15.72 14.22
N ARG L 627 17.26 -14.75 13.37
CA ARG L 627 16.93 -13.43 13.83
C ARG L 627 15.59 -13.40 14.57
N GLN L 628 14.65 -14.20 14.09
CA GLN L 628 13.36 -14.29 14.78
C GLN L 628 13.60 -14.95 16.11
N SER L 629 14.57 -15.85 16.13
CA SER L 629 14.92 -16.56 17.34
C SER L 629 15.38 -15.58 18.41
N LEU L 630 16.13 -14.57 17.98
CA LEU L 630 16.66 -13.57 18.91
C LEU L 630 15.59 -12.62 19.40
N THR L 631 14.74 -12.17 18.46
CA THR L 631 13.67 -11.25 18.83
C THR L 631 12.67 -11.94 19.79
N VAL L 632 12.56 -13.27 19.70
CA VAL L 632 11.67 -13.98 20.60
C VAL L 632 12.27 -13.99 21.99
N ALA L 633 13.59 -14.09 22.07
CA ALA L 633 14.28 -14.09 23.36
C ALA L 633 14.35 -12.67 23.92
N LYS L 634 14.50 -11.67 23.04
CA LYS L 634 14.56 -10.29 23.48
C LYS L 634 13.16 -9.81 23.92
N GLN L 635 12.12 -10.39 23.32
CA GLN L 635 10.76 -10.02 23.70
C GLN L 635 10.60 -10.52 25.12
N ALA L 636 11.22 -11.67 25.39
CA ALA L 636 11.20 -12.30 26.71
C ALA L 636 11.81 -11.38 27.76
N PHE L 637 12.85 -10.64 27.36
CA PHE L 637 13.51 -9.69 28.25
C PHE L 637 12.51 -8.56 28.57
N PHE L 638 12.05 -7.85 27.54
CA PHE L 638 11.07 -6.76 27.73
C PHE L 638 9.92 -7.18 28.64
N ASP L 639 9.58 -8.47 28.62
CA ASP L 639 8.49 -8.97 29.46
C ASP L 639 8.82 -8.89 30.94
N GLN L 640 10.10 -9.01 31.30
CA GLN L 640 10.48 -8.88 32.70
C GLN L 640 10.60 -7.41 33.08
N ILE L 641 11.22 -6.63 32.19
CA ILE L 641 11.30 -5.20 32.45
C ILE L 641 9.90 -4.72 32.75
N GLY L 642 8.98 -5.35 32.06
CA GLY L 642 7.55 -5.06 32.17
C GLY L 642 6.89 -5.53 33.45
N SER L 643 7.45 -6.55 34.10
CA SER L 643 6.83 -7.01 35.34
C SER L 643 7.57 -6.46 36.56
N LEU L 644 8.83 -6.85 36.73
CA LEU L 644 9.63 -6.41 37.88
C LEU L 644 9.41 -4.94 38.22
N TRP L 645 9.61 -4.05 37.24
CA TRP L 645 9.33 -2.65 37.45
C TRP L 645 7.98 -2.32 36.82
N PRO L 646 6.90 -2.58 37.59
CA PRO L 646 5.56 -2.30 37.09
C PRO L 646 5.30 -0.79 37.00
N GLY M 2 19.20 -23.94 -26.33
CA GLY M 2 19.39 -22.84 -27.24
C GLY M 2 18.27 -22.76 -28.25
N ASN M 3 17.26 -23.59 -28.06
CA ASN M 3 16.15 -23.61 -28.97
C ASN M 3 15.61 -22.22 -29.22
N VAL M 4 15.38 -21.98 -30.48
CA VAL M 4 14.83 -20.74 -30.87
C VAL M 4 13.64 -20.37 -30.00
N GLN M 5 13.62 -19.08 -29.65
CA GLN M 5 12.55 -18.43 -28.89
C GLN M 5 11.78 -17.60 -29.93
N THR M 6 12.21 -16.33 -30.13
CA THR M 6 11.73 -15.39 -31.19
C THR M 6 11.35 -13.97 -30.75
N SER M 7 10.66 -13.73 -29.66
CA SER M 7 10.38 -12.33 -29.42
C SER M 7 10.55 -11.96 -27.96
N VAL M 8 10.38 -12.96 -27.08
CA VAL M 8 10.46 -12.74 -25.67
C VAL M 8 11.53 -11.70 -25.41
N ASN M 9 12.73 -11.93 -25.96
CA ASN M 9 13.82 -10.96 -25.74
C ASN M 9 14.50 -10.55 -27.12
N THR M 10 14.84 -9.24 -27.42
CA THR M 10 15.44 -8.72 -28.72
C THR M 10 16.60 -9.51 -29.33
N TYR M 11 17.06 -10.53 -28.63
CA TYR M 11 18.18 -11.32 -29.13
C TYR M 11 17.98 -12.79 -28.90
N ASN M 12 18.32 -13.55 -29.93
CA ASN M 12 18.29 -15.02 -29.83
C ASN M 12 19.67 -15.37 -29.29
N ILE M 13 19.81 -16.47 -28.58
CA ILE M 13 21.15 -16.79 -28.10
C ILE M 13 21.94 -17.44 -29.22
N THR M 14 21.33 -18.44 -29.83
CA THR M 14 21.92 -19.14 -30.97
C THR M 14 21.77 -18.27 -32.22
N GLY M 15 21.27 -17.05 -32.01
CA GLY M 15 21.07 -16.12 -33.09
C GLY M 15 22.27 -15.96 -34.02
N ASP M 16 21.99 -15.42 -35.20
CA ASP M 16 22.99 -15.19 -36.25
C ASP M 16 24.10 -14.21 -35.84
N GLY M 17 25.35 -14.59 -36.12
CA GLY M 17 26.48 -13.72 -35.82
C GLY M 17 26.67 -13.06 -34.46
N ASN M 18 26.47 -13.82 -33.37
CA ASN M 18 26.70 -13.30 -32.02
C ASN M 18 28.20 -13.33 -31.85
N SER M 19 28.72 -13.00 -30.69
CA SER M 19 30.16 -13.05 -30.57
C SER M 19 30.74 -12.82 -29.19
N PHE M 20 31.21 -13.87 -28.55
CA PHE M 20 31.86 -13.72 -27.27
C PHE M 20 33.24 -13.16 -27.59
N THR M 21 33.60 -12.05 -26.94
CA THR M 21 34.90 -11.42 -27.19
C THR M 21 35.25 -10.32 -26.19
N PRO M 22 35.91 -10.70 -25.09
CA PRO M 22 36.30 -9.76 -24.04
C PRO M 22 37.26 -8.72 -24.59
N THR M 23 37.16 -7.51 -24.06
CA THR M 23 38.00 -6.38 -24.42
C THR M 23 38.50 -5.84 -23.12
N SER M 24 39.81 -5.71 -22.95
CA SER M 24 40.37 -5.18 -21.70
C SER M 24 39.75 -3.84 -21.37
N ASP M 25 39.10 -3.27 -22.36
CA ASP M 25 38.49 -1.94 -22.28
C ASP M 25 37.18 -1.76 -21.49
N MET M 26 36.33 -2.79 -21.41
CA MET M 26 35.04 -2.58 -20.77
C MET M 26 34.67 -3.42 -19.53
N THR M 27 35.64 -3.99 -18.78
CA THR M 27 35.34 -4.82 -17.58
C THR M 27 33.88 -4.91 -17.15
N SER M 28 33.21 -5.99 -17.55
CA SER M 28 31.81 -6.26 -17.25
C SER M 28 31.43 -6.05 -15.79
N THR M 29 30.42 -5.22 -15.52
CA THR M 29 29.99 -4.93 -14.14
N ALA M 30 27.77 -4.95 -13.12
CA ALA M 30 26.43 -4.43 -12.79
C ALA M 30 26.58 -3.45 -11.63
N ALA M 31 25.62 -3.40 -10.70
CA ALA M 31 25.70 -2.44 -9.60
C ALA M 31 25.66 -3.06 -8.22
N PRO M 32 26.84 -3.40 -7.65
CA PRO M 32 26.93 -4.02 -6.34
C PRO M 32 27.16 -3.00 -5.24
N ALA M 33 28.10 -2.10 -5.41
CA ALA M 33 28.41 -1.17 -4.33
C ALA M 33 27.42 -0.01 -4.10
N ILE M 34 26.11 -0.23 -4.26
CA ILE M 34 25.18 0.86 -4.02
C ILE M 34 25.29 1.29 -2.56
N ASP M 35 25.46 2.59 -2.34
CA ASP M 35 25.60 3.10 -0.97
C ASP M 35 24.25 3.25 -0.27
N LEU M 36 24.12 2.67 0.92
CA LEU M 36 22.90 2.78 1.68
C LEU M 36 23.13 3.14 3.15
N LYS M 37 24.38 3.18 3.58
CA LYS M 37 24.69 3.49 4.98
C LYS M 37 23.99 4.79 5.46
N PRO M 38 23.50 4.74 6.68
CA PRO M 38 22.77 5.83 7.33
C PRO M 38 23.11 7.25 6.89
N GLY M 39 24.33 7.67 7.18
CA GLY M 39 24.71 9.01 6.81
C GLY M 39 24.62 9.26 5.31
N VAL M 40 25.08 8.30 4.51
CA VAL M 40 25.11 8.48 3.07
C VAL M 40 23.78 8.33 2.35
N LEU M 41 22.84 7.53 2.85
CA LEU M 41 21.54 7.42 2.19
C LEU M 41 20.62 8.55 2.64
N ASN M 42 20.98 9.16 3.76
CA ASN M 42 20.24 10.33 4.32
C ASN M 42 19.81 10.18 5.77
N PRO N 43 17.28 21.03 0.24
CA PRO N 43 16.44 20.66 1.40
C PRO N 43 16.59 19.19 1.70
N THR N 44 16.03 18.78 2.84
CA THR N 44 16.08 17.39 3.34
C THR N 44 15.05 17.25 4.44
N GLY N 45 14.81 16.03 4.90
CA GLY N 45 13.89 15.79 6.00
C GLY N 45 12.42 15.68 5.58
N LYS N 46 11.55 15.61 6.58
CA LYS N 46 10.14 15.51 6.35
C LYS N 46 9.60 16.85 5.94
N LEU N 47 8.52 16.88 5.17
CA LEU N 47 7.94 18.16 4.74
C LEU N 47 6.94 18.64 5.77
N TRP N 48 6.93 19.93 6.01
CA TRP N 48 6.02 20.56 6.95
C TRP N 48 5.11 21.52 6.24
N ARG N 49 4.01 21.89 6.85
CA ARG N 49 3.12 22.87 6.25
C ARG N 49 2.47 23.70 7.34
N PRO N 50 2.19 24.98 7.04
CA PRO N 50 1.57 25.91 8.00
C PRO N 50 0.24 25.40 8.56
N VAL N 51 0.25 24.78 9.74
CA VAL N 51 -0.98 24.27 10.34
C VAL N 51 -1.94 25.43 10.65
N GLY N 52 -1.38 26.59 10.99
CA GLY N 52 -2.19 27.77 11.29
C GLY N 52 -2.63 28.50 10.03
N THR N 53 -2.19 27.99 8.88
CA THR N 53 -2.54 28.53 7.56
C THR N 53 -1.85 29.82 7.15
N SER N 54 -1.71 29.97 5.82
CA SER N 54 -1.09 31.14 5.19
C SER N 54 0.28 31.47 5.76
N VAL N 55 0.30 32.42 6.71
CA VAL N 55 1.54 32.83 7.33
C VAL N 55 2.25 31.63 7.96
N ALA N 56 3.41 31.31 7.38
CA ALA N 56 4.24 30.24 7.88
C ALA N 56 5.36 30.83 8.70
N THR N 57 5.24 30.73 10.00
CA THR N 57 6.29 31.22 10.91
C THR N 57 7.00 29.97 11.49
N ILE N 58 7.97 30.17 12.42
CA ILE N 58 8.72 29.10 13.11
C ILE N 58 7.90 28.50 14.25
N ASP N 59 6.65 28.16 13.97
CA ASP N 59 5.73 27.62 14.97
C ASP N 59 4.34 27.33 14.38
N SER N 60 4.03 28.00 13.28
CA SER N 60 2.76 27.79 12.60
C SER N 60 2.94 26.64 11.60
N LEU N 61 4.04 25.90 11.77
CA LEU N 61 4.36 24.76 10.95
C LEU N 61 3.99 23.50 11.73
N ALA N 62 4.16 22.38 11.07
CA ALA N 62 3.90 21.09 11.67
C ALA N 62 4.13 19.98 10.63
N ILE N 63 4.87 18.94 11.00
CA ILE N 63 5.12 17.85 10.06
C ILE N 63 3.79 17.45 9.42
N VAL N 64 3.67 17.64 8.10
CA VAL N 64 2.44 17.31 7.39
C VAL N 64 2.23 15.82 7.38
N SER N 65 1.75 15.25 8.48
CA SER N 65 1.51 13.81 8.50
C SER N 65 0.07 13.54 8.07
N ASP N 66 -0.28 12.27 7.93
CA ASP N 66 -1.63 11.91 7.54
C ASP N 66 -1.76 10.40 7.34
N ARG N 67 -2.90 10.01 6.78
CA ARG N 67 -3.24 8.61 6.51
C ARG N 67 -2.17 7.76 5.83
N PHE N 68 -1.17 8.41 5.23
CA PHE N 68 -0.10 7.68 4.55
C PHE N 68 1.21 7.68 5.32
N GLY N 69 1.28 8.45 6.40
CA GLY N 69 2.51 8.54 7.18
C GLY N 69 3.03 9.94 6.91
N GLN N 70 4.33 10.19 7.06
CA GLN N 70 4.84 11.53 6.81
C GLN N 70 5.70 11.63 5.56
N TYR N 71 5.33 12.59 4.71
CA TYR N 71 6.09 12.77 3.48
C TYR N 71 7.49 13.24 3.79
N SER N 72 8.49 12.45 3.42
CA SER N 72 9.87 12.91 3.63
C SER N 72 10.39 13.28 2.25
N PHE N 73 11.09 14.41 2.17
CA PHE N 73 11.62 14.88 0.90
C PHE N 73 12.66 13.95 0.27
N VAL N 74 12.64 13.86 -1.06
CA VAL N 74 13.58 13.00 -1.77
C VAL N 74 14.59 13.84 -2.55
N ASN N 75 15.58 14.37 -1.83
CA ASN N 75 16.63 15.21 -2.41
C ASN N 75 17.24 14.53 -3.62
N GLU N 76 17.77 15.34 -4.53
CA GLU N 76 18.39 14.86 -5.77
C GLU N 76 19.23 13.57 -5.69
N GLY N 77 20.20 13.53 -4.81
CA GLY N 77 21.08 12.38 -4.68
C GLY N 77 20.41 11.12 -4.16
N MET N 78 19.44 11.27 -3.27
CA MET N 78 18.74 10.12 -2.72
C MET N 78 17.86 9.45 -3.77
N ARG N 79 17.66 10.12 -4.90
CA ARG N 79 16.90 9.53 -5.99
C ARG N 79 17.86 8.72 -6.83
N GLU N 80 19.14 9.08 -6.75
CA GLU N 80 20.19 8.38 -7.49
C GLU N 80 20.30 6.97 -6.99
N THR N 81 20.16 6.81 -5.68
CA THR N 81 20.27 5.49 -5.11
C THR N 81 19.08 4.63 -5.52
N PHE N 82 17.86 5.02 -5.11
CA PHE N 82 16.66 4.27 -5.44
C PHE N 82 16.46 4.09 -6.93
N SER N 83 17.08 4.93 -7.72
CA SER N 83 17.00 4.72 -9.14
C SER N 83 18.05 3.70 -9.54
N LYS N 84 19.23 3.81 -8.93
CA LYS N 84 20.34 2.91 -9.22
C LYS N 84 20.00 1.49 -8.75
N ALA N 85 19.17 1.40 -7.71
CA ALA N 85 18.73 0.12 -7.15
C ALA N 85 17.68 -0.49 -8.06
N LEU N 86 16.69 0.30 -8.44
CA LEU N 86 15.63 -0.15 -9.34
C LEU N 86 16.22 -0.41 -10.71
N PHE N 87 17.20 0.40 -11.12
CA PHE N 87 17.80 0.21 -12.43
C PHE N 87 18.40 -1.20 -12.52
N ASP N 88 19.07 -1.62 -11.45
CA ASP N 88 19.69 -2.93 -11.43
C ASP N 88 18.65 -4.06 -11.40
N ILE N 89 17.39 -3.73 -11.12
CA ILE N 89 16.35 -4.76 -11.10
C ILE N 89 15.66 -4.79 -12.46
N ASN N 90 15.30 -3.62 -12.99
CA ASN N 90 14.66 -3.56 -14.29
C ASN N 90 15.48 -4.38 -15.28
N MET N 91 16.80 -4.29 -15.16
CA MET N 91 17.72 -5.02 -16.03
C MET N 91 17.26 -6.47 -16.26
N TRP N 92 16.82 -7.09 -15.20
CA TRP N 92 16.37 -8.48 -15.25
C TRP N 92 14.97 -8.61 -15.79
N GLN N 93 14.53 -7.66 -16.61
CA GLN N 93 13.16 -7.70 -17.13
C GLN N 93 12.85 -8.97 -17.90
N PRO N 94 13.71 -9.36 -18.86
CA PRO N 94 13.49 -10.57 -19.66
C PRO N 94 13.37 -11.86 -18.87
N LEU N 95 13.86 -11.87 -17.64
CA LEU N 95 13.74 -13.09 -16.87
C LEU N 95 12.50 -13.08 -16.00
N PHE N 96 11.95 -11.90 -15.74
CA PHE N 96 10.73 -11.77 -14.92
C PHE N 96 9.53 -12.21 -15.72
N GLN N 97 9.47 -11.83 -16.99
CA GLN N 97 8.35 -12.23 -17.82
C GLN N 97 8.46 -13.72 -18.06
N ALA N 98 9.63 -14.17 -18.50
CA ALA N 98 9.83 -15.60 -18.79
C ALA N 98 9.30 -16.44 -17.67
N THR N 99 9.67 -16.11 -16.48
CA THR N 99 9.17 -16.91 -15.39
C THR N 99 7.89 -16.36 -14.73
N LYS N 100 7.01 -15.58 -15.41
CA LYS N 100 5.71 -15.09 -14.82
C LYS N 100 5.76 -14.49 -13.35
N THR N 101 6.95 -14.25 -12.76
CA THR N 101 7.08 -13.59 -11.43
C THR N 101 7.06 -12.09 -11.69
N GLY N 102 7.74 -11.31 -10.86
CA GLY N 102 7.79 -9.88 -11.10
C GLY N 102 6.36 -9.29 -11.18
N CYS N 103 6.18 -8.30 -12.05
CA CYS N 103 4.90 -7.57 -12.16
C CYS N 103 5.04 -6.29 -12.99
N GLY N 104 5.98 -6.28 -13.94
CA GLY N 104 6.21 -5.11 -14.77
C GLY N 104 7.44 -4.37 -14.24
N PRO N 105 7.98 -3.39 -14.98
CA PRO N 105 9.16 -2.64 -14.52
C PRO N 105 8.84 -1.69 -13.36
N ILE N 106 9.71 -1.64 -12.36
CA ILE N 106 9.47 -0.79 -11.20
C ILE N 106 9.96 0.65 -11.38
N VAL N 107 9.04 1.58 -11.66
CA VAL N 107 9.42 2.98 -11.83
C VAL N 107 9.43 3.66 -10.45
N LEU N 108 10.50 4.37 -10.14
CA LEU N 108 10.57 5.01 -8.83
C LEU N 108 9.50 6.07 -8.70
N SER N 109 8.93 6.48 -9.84
CA SER N 109 7.90 7.51 -9.85
C SER N 109 6.55 6.93 -9.43
N SER N 110 6.55 5.70 -8.93
CA SER N 110 5.29 5.10 -8.49
C SER N 110 5.20 5.14 -6.96
N PHE N 111 6.32 5.45 -6.31
CA PHE N 111 6.34 5.48 -4.86
C PHE N 111 6.35 6.89 -4.31
N THR N 112 6.63 7.87 -5.16
CA THR N 112 6.69 9.25 -4.73
C THR N 112 5.40 10.04 -4.94
N THR N 113 5.49 11.37 -4.81
CA THR N 113 4.34 12.27 -4.98
C THR N 113 4.89 13.67 -5.32
N THR N 114 3.99 14.62 -5.53
CA THR N 114 4.42 15.97 -5.84
C THR N 114 3.75 16.97 -4.91
N THR N 115 4.05 16.84 -3.62
CA THR N 115 3.49 17.76 -2.65
C THR N 115 4.40 19.00 -2.69
N SER N 116 4.08 19.99 -1.85
CA SER N 116 4.86 21.21 -1.75
C SER N 116 4.58 21.88 -0.40
N GLY N 117 5.64 22.39 0.22
CA GLY N 117 5.52 23.04 1.51
C GLY N 117 6.93 23.36 1.91
N TYR N 118 7.19 23.46 3.22
CA TYR N 118 8.53 23.77 3.71
C TYR N 118 9.10 22.46 4.17
N VAL N 119 10.33 22.14 3.75
CA VAL N 119 10.89 20.87 4.17
C VAL N 119 12.20 20.95 4.94
N GLY N 120 12.15 20.66 6.24
CA GLY N 120 13.36 20.70 7.03
C GLY N 120 13.38 19.58 8.06
N ALA N 121 14.25 19.73 9.07
CA ALA N 121 14.35 18.74 10.11
C ALA N 121 13.54 19.19 11.30
N THR N 122 13.30 20.50 11.42
CA THR N 122 12.48 21.03 12.53
C THR N 122 11.83 22.34 12.11
N ALA N 123 10.60 22.58 12.56
CA ALA N 123 9.87 23.80 12.21
C ALA N 123 10.81 24.98 11.98
N GLY N 124 11.68 25.24 12.96
CA GLY N 124 12.62 26.33 12.85
C GLY N 124 13.43 26.39 11.56
N ASP N 125 14.12 25.30 11.24
CA ASP N 125 14.96 25.24 10.05
C ASP N 125 14.21 24.86 8.77
N ALA N 126 13.04 24.25 8.91
CA ALA N 126 12.26 23.85 7.75
C ALA N 126 11.69 25.08 7.10
N LEU N 127 11.63 26.16 7.88
CA LEU N 127 11.09 27.42 7.41
C LEU N 127 11.94 28.05 6.31
N ASP N 128 13.20 27.65 6.22
CA ASP N 128 14.13 28.19 5.23
C ASP N 128 14.33 27.26 4.04
N ASN N 129 13.33 26.45 3.72
CA ASN N 129 13.44 25.52 2.58
C ASN N 129 12.12 25.44 1.85
N PRO N 130 11.47 26.56 1.54
CA PRO N 130 10.20 26.50 0.83
C PRO N 130 10.41 25.78 -0.49
N VAL N 131 9.85 24.59 -0.61
CA VAL N 131 9.97 23.82 -1.84
C VAL N 131 8.60 23.68 -2.50
N THR N 132 8.52 23.95 -3.81
CA THR N 132 7.25 23.85 -4.51
C THR N 132 7.22 22.65 -5.43
N ASN N 133 6.19 21.83 -5.27
CA ASN N 133 6.05 20.63 -6.07
C ASN N 133 7.32 19.81 -6.04
N GLY N 134 7.88 19.63 -4.84
CA GLY N 134 9.06 18.81 -4.69
C GLY N 134 8.56 17.38 -4.82
N VAL N 135 9.48 16.42 -4.76
CA VAL N 135 9.09 15.03 -4.88
C VAL N 135 9.34 14.32 -3.54
N PHE N 136 8.27 14.04 -2.80
CA PHE N 136 8.39 13.39 -1.50
C PHE N 136 7.86 11.98 -1.56
N ILE N 137 8.35 11.11 -0.67
CA ILE N 137 7.85 9.74 -0.62
C ILE N 137 7.24 9.58 0.76
N SER N 138 5.94 9.23 0.83
CA SER N 138 5.25 9.07 2.13
C SER N 138 5.76 7.88 2.92
N THR N 139 5.64 7.88 4.22
CA THR N 139 6.13 6.73 4.99
C THR N 139 5.65 5.38 4.46
N VAL N 140 4.32 5.18 4.39
CA VAL N 140 3.82 3.91 3.89
C VAL N 140 4.41 3.55 2.53
N GLN N 141 4.87 4.54 1.77
CA GLN N 141 5.49 4.28 0.48
C GLN N 141 6.93 3.89 0.69
N ILE N 142 7.63 4.63 1.55
CA ILE N 142 9.03 4.37 1.89
C ILE N 142 9.04 2.92 2.38
N MET N 143 7.86 2.35 2.61
CA MET N 143 7.78 0.97 3.05
C MET N 143 7.79 0.03 1.87
N ASN N 144 7.01 0.33 0.83
CA ASN N 144 6.98 -0.54 -0.34
C ASN N 144 8.25 -0.45 -1.18
N LEU N 145 8.64 0.77 -1.54
CA LEU N 145 9.85 0.92 -2.34
C LEU N 145 10.93 0.10 -1.64
N GLN N 146 10.73 -0.12 -0.34
CA GLN N 146 11.66 -0.91 0.47
C GLN N 146 11.36 -2.39 0.27
N ARG N 147 10.21 -2.87 0.75
CA ARG N 147 9.90 -4.28 0.58
C ARG N 147 9.72 -4.73 -0.87
N THR N 148 9.67 -3.80 -1.83
CA THR N 148 9.56 -4.23 -3.22
C THR N 148 10.98 -4.53 -3.65
N ILE N 149 11.86 -3.53 -3.51
CA ILE N 149 13.26 -3.68 -3.85
C ILE N 149 13.81 -4.87 -3.09
N ALA N 150 13.20 -5.21 -1.95
CA ALA N 150 13.65 -6.36 -1.19
C ALA N 150 13.08 -7.65 -1.83
N ALA N 151 11.78 -7.70 -2.08
CA ALA N 151 11.19 -8.90 -2.69
C ALA N 151 11.83 -9.16 -4.03
N ARG N 152 11.88 -8.15 -4.91
CA ARG N 152 12.49 -8.31 -6.23
C ARG N 152 13.95 -8.68 -6.09
N MET N 153 14.63 -8.06 -5.13
CA MET N 153 16.03 -8.36 -4.91
C MET N 153 16.27 -9.83 -4.65
N ARG N 154 15.38 -10.49 -3.94
CA ARG N 154 15.52 -11.91 -3.76
C ARG N 154 15.38 -12.57 -5.13
N ASP N 155 14.22 -12.35 -5.75
CA ASP N 155 13.93 -12.88 -7.09
C ASP N 155 15.17 -12.90 -7.98
N VAL N 156 15.75 -11.73 -8.22
CA VAL N 156 16.92 -11.65 -9.07
C VAL N 156 18.16 -12.27 -8.44
N ALA N 157 18.41 -11.96 -7.17
CA ALA N 157 19.57 -12.52 -6.47
C ALA N 157 19.71 -14.00 -6.79
N LEU N 158 18.60 -14.68 -6.98
CA LEU N 158 18.65 -16.11 -7.29
C LEU N 158 19.10 -16.37 -8.73
N TRP N 159 18.30 -15.89 -9.69
CA TRP N 159 18.63 -16.07 -11.10
C TRP N 159 20.06 -15.61 -11.35
N GLN N 160 20.30 -14.35 -10.94
CA GLN N 160 21.56 -13.67 -11.05
C GLN N 160 22.69 -14.57 -10.56
N LYS N 161 22.38 -15.54 -9.71
CA LYS N 161 23.41 -16.45 -9.23
C LYS N 161 23.68 -17.55 -10.30
N HIS N 162 22.63 -18.02 -10.97
CA HIS N 162 22.74 -19.03 -12.04
C HIS N 162 23.45 -18.46 -13.25
N LEU N 163 23.07 -17.23 -13.62
CA LEU N 163 23.67 -16.56 -14.76
C LEU N 163 25.16 -16.54 -14.56
N ASP N 164 25.55 -16.33 -13.31
CA ASP N 164 26.95 -16.24 -12.96
C ASP N 164 27.75 -17.55 -13.04
N THR N 165 27.32 -18.59 -12.34
CA THR N 165 28.06 -19.85 -12.38
C THR N 165 28.33 -20.23 -13.82
N ALA N 166 27.58 -19.64 -14.75
CA ALA N 166 27.75 -19.93 -16.17
C ALA N 166 28.61 -18.87 -16.84
N MET N 167 28.43 -17.61 -16.43
CA MET N 167 29.21 -16.53 -17.02
C MET N 167 30.68 -16.61 -16.61
N THR N 168 30.96 -16.41 -15.33
CA THR N 168 32.33 -16.49 -14.85
C THR N 168 32.90 -17.87 -15.20
N MET N 169 32.03 -18.82 -15.54
CA MET N 169 32.52 -20.15 -15.90
C MET N 169 33.20 -20.13 -17.27
N LEU N 170 33.75 -18.98 -17.63
CA LEU N 170 34.50 -18.79 -18.86
C LEU N 170 35.04 -17.37 -18.89
N THR N 171 35.62 -16.98 -17.75
CA THR N 171 36.22 -15.67 -17.51
C THR N 171 35.97 -14.64 -18.59
N PRO N 172 34.78 -14.03 -18.59
CA PRO N 172 34.53 -13.04 -19.63
C PRO N 172 35.27 -11.73 -19.36
N ASP N 173 36.33 -11.78 -18.56
CA ASP N 173 37.07 -10.54 -18.29
C ASP N 173 38.58 -10.59 -18.38
N ILE N 174 39.12 -9.89 -19.36
CA ILE N 174 40.56 -9.79 -19.58
C ILE N 174 40.93 -8.35 -19.22
N SER N 175 42.22 -8.05 -19.08
CA SER N 175 42.62 -6.68 -18.73
C SER N 175 43.73 -6.04 -19.57
N ALA N 176 43.96 -6.57 -20.76
CA ALA N 176 44.99 -6.04 -21.66
C ALA N 176 44.67 -6.52 -23.10
N GLY N 177 44.43 -5.57 -24.01
CA GLY N 177 44.11 -5.94 -25.37
C GLY N 177 42.82 -6.74 -25.38
N SER N 178 42.48 -7.39 -26.48
CA SER N 178 41.26 -8.18 -26.55
C SER N 178 41.53 -9.66 -26.57
N ALA N 179 40.59 -10.42 -27.14
CA ALA N 179 40.69 -11.88 -27.25
C ALA N 179 39.28 -12.48 -27.38
N SER N 180 38.99 -13.05 -28.54
CA SER N 180 37.68 -13.67 -28.80
C SER N 180 37.67 -15.18 -28.54
N CYS N 181 36.56 -15.82 -28.89
CA CYS N 181 36.39 -17.26 -28.71
C CYS N 181 35.12 -17.67 -29.46
N ASN N 182 35.25 -17.95 -30.75
CA ASN N 182 34.11 -18.31 -31.60
C ASN N 182 32.90 -18.86 -30.83
N TRP N 183 31.86 -18.01 -30.79
CA TRP N 183 30.59 -18.26 -30.09
C TRP N 183 29.98 -19.67 -30.16
N LYS N 184 29.90 -20.26 -31.35
CA LYS N 184 29.36 -21.61 -31.47
C LYS N 184 29.98 -22.51 -30.41
N SER N 185 31.29 -22.74 -30.53
CA SER N 185 32.04 -23.57 -29.58
C SER N 185 31.65 -23.24 -28.15
N LEU N 186 31.91 -21.99 -27.78
CA LEU N 186 31.61 -21.49 -26.45
C LEU N 186 30.27 -22.01 -25.92
N LEU N 187 29.20 -21.76 -26.67
CA LEU N 187 27.88 -22.21 -26.31
C LEU N 187 27.83 -23.73 -26.22
N ALA N 188 28.06 -24.42 -27.33
CA ALA N 188 28.07 -25.89 -27.37
C ALA N 188 28.92 -26.49 -26.25
N PHE N 189 29.81 -25.68 -25.69
CA PHE N 189 30.68 -26.10 -24.59
C PHE N 189 29.94 -26.00 -23.25
N ALA N 190 29.45 -24.81 -22.93
CA ALA N 190 28.73 -24.61 -21.68
C ALA N 190 27.48 -25.49 -21.68
N LYS N 191 27.02 -25.89 -22.87
CA LYS N 191 25.87 -26.78 -22.99
C LYS N 191 26.19 -28.03 -22.19
N ASP N 192 27.49 -28.28 -22.01
CA ASP N 192 28.01 -29.41 -21.25
C ASP N 192 28.20 -28.99 -19.80
N ILE N 193 29.37 -28.48 -19.50
CA ILE N 193 29.73 -28.09 -18.14
C ILE N 193 28.54 -27.75 -17.24
N LEU N 194 27.82 -26.67 -17.49
CA LEU N 194 26.69 -26.26 -16.65
C LEU N 194 25.88 -27.46 -16.06
N PRO N 195 25.90 -27.66 -14.70
CA PRO N 195 25.18 -28.75 -14.03
C PRO N 195 23.66 -28.65 -14.25
N LEU N 196 23.01 -29.78 -14.44
CA LEU N 196 21.55 -29.86 -14.73
C LEU N 196 20.55 -29.04 -13.87
N ASP N 197 21.02 -28.29 -12.87
CA ASP N 197 20.11 -27.51 -12.01
C ASP N 197 20.42 -26.02 -12.03
N ASN N 198 21.03 -25.58 -13.10
CA ASN N 198 21.31 -24.16 -13.22
C ASN N 198 19.94 -23.44 -13.46
N LEU N 199 19.84 -22.52 -14.40
CA LEU N 199 18.60 -21.84 -14.84
C LEU N 199 18.96 -21.21 -16.19
N CYS N 200 20.24 -21.40 -16.63
CA CYS N 200 20.79 -20.87 -17.93
C CYS N 200 20.61 -21.90 -19.04
N LEU N 201 20.06 -23.05 -18.65
CA LEU N 201 19.74 -24.13 -19.58
C LEU N 201 18.24 -24.14 -19.79
N THR N 202 17.47 -23.67 -18.80
CA THR N 202 16.00 -23.63 -18.96
C THR N 202 15.55 -22.35 -19.73
N TYR N 203 16.40 -21.24 -19.80
CA TYR N 203 16.05 -19.93 -20.46
C TYR N 203 17.20 -19.28 -21.32
N PRO N 204 18.16 -20.04 -21.93
CA PRO N 204 19.33 -19.58 -22.75
C PRO N 204 19.31 -18.12 -23.24
N ASN N 205 18.30 -17.81 -24.06
CA ASN N 205 18.15 -16.47 -24.54
C ASN N 205 16.95 -15.82 -23.87
N GLU N 206 17.04 -15.86 -22.50
CA GLU N 206 16.09 -15.21 -21.59
C GLU N 206 16.98 -14.75 -20.44
N PHE N 207 18.16 -15.40 -20.40
CA PHE N 207 19.28 -15.14 -19.49
C PHE N 207 20.29 -14.39 -20.33
N TYR N 208 20.43 -14.83 -21.56
CA TYR N 208 21.36 -14.19 -22.51
C TYR N 208 21.07 -12.68 -22.59
N ASN N 209 19.79 -12.30 -22.71
CA ASN N 209 19.35 -10.89 -22.81
C ASN N 209 19.61 -10.16 -21.53
N VAL N 210 19.57 -10.84 -20.40
CA VAL N 210 19.91 -10.21 -19.15
C VAL N 210 21.41 -10.02 -19.17
N ALA N 211 22.11 -11.10 -19.53
CA ALA N 211 23.57 -11.15 -19.60
C ALA N 211 24.17 -10.07 -20.46
N ILE N 212 23.76 -9.99 -21.73
CA ILE N 212 24.28 -8.97 -22.64
C ILE N 212 24.43 -7.60 -21.98
N HIS N 213 23.60 -7.30 -20.98
CA HIS N 213 23.67 -6.03 -20.28
C HIS N 213 24.62 -6.02 -19.11
N ARG N 214 25.29 -7.13 -18.84
CA ARG N 214 26.21 -7.14 -17.72
C ARG N 214 27.61 -7.47 -18.16
N TYR N 215 27.74 -8.12 -19.31
CA TYR N 215 29.05 -8.52 -19.81
C TYR N 215 29.37 -7.91 -21.16
N PRO N 216 30.12 -6.79 -21.17
CA PRO N 216 30.41 -6.22 -22.48
C PRO N 216 31.33 -7.15 -23.27
N ALA N 217 31.41 -8.41 -22.84
CA ALA N 217 32.21 -9.39 -23.57
C ALA N 217 31.27 -9.97 -24.64
N LEU N 218 30.07 -10.41 -24.22
CA LEU N 218 29.06 -10.98 -25.13
C LEU N 218 28.41 -9.86 -25.93
N LYS N 219 28.73 -9.74 -27.22
CA LYS N 219 28.12 -8.70 -28.06
C LYS N 219 27.13 -9.46 -28.93
N PRO N 220 25.83 -9.18 -28.80
CA PRO N 220 24.83 -9.90 -29.59
C PRO N 220 24.92 -9.50 -31.06
N GLY N 221 24.68 -10.44 -31.95
CA GLY N 221 24.76 -10.16 -33.36
C GLY N 221 23.55 -9.36 -33.80
N ASN N 222 23.80 -8.20 -34.38
CA ASN N 222 22.71 -7.35 -34.83
C ASN N 222 21.77 -8.05 -35.80
N PRO N 223 20.43 -7.95 -35.59
CA PRO N 223 19.45 -8.56 -36.53
C PRO N 223 19.56 -8.15 -38.02
N ASP N 224 19.59 -6.84 -38.40
CA ASP N 224 19.59 -6.46 -39.85
C ASP N 224 20.97 -6.04 -40.48
N THR N 225 21.96 -6.99 -40.40
CA THR N 225 23.33 -6.97 -40.95
C THR N 225 24.05 -8.25 -40.44
N LYS N 226 23.33 -9.03 -39.62
CA LYS N 226 23.72 -10.30 -38.97
C LYS N 226 25.23 -10.44 -38.59
N LEU N 227 25.84 -9.34 -38.05
CA LEU N 227 27.29 -9.15 -37.64
C LEU N 227 27.35 -8.50 -36.22
N PRO N 228 28.49 -8.63 -35.44
CA PRO N 228 28.55 -8.00 -34.10
C PRO N 228 28.27 -6.45 -34.11
N ASP N 229 29.15 -5.65 -33.43
CA ASP N 229 28.95 -4.17 -33.27
C ASP N 229 30.28 -3.45 -32.91
N ALA N 230 31.36 -4.18 -32.73
CA ALA N 230 32.64 -3.55 -32.34
C ALA N 230 32.48 -3.09 -30.90
N GLN N 231 31.75 -1.99 -30.72
CA GLN N 231 31.45 -1.51 -29.38
C GLN N 231 30.52 -2.50 -28.72
N ALA N 232 30.59 -2.59 -27.42
CA ALA N 232 29.67 -3.42 -26.67
C ALA N 232 28.87 -2.46 -25.79
N HIS N 233 27.52 -2.56 -25.82
CA HIS N 233 26.67 -1.66 -25.04
C HIS N 233 25.98 -2.28 -23.83
N PRO N 234 26.72 -2.55 -22.76
CA PRO N 234 26.07 -3.12 -21.56
C PRO N 234 25.49 -1.97 -20.73
N LEU N 235 24.35 -2.18 -20.10
CA LEU N 235 23.73 -1.12 -19.29
C LEU N 235 24.69 -0.37 -18.36
N GLY N 236 25.76 -1.03 -17.91
CA GLY N 236 26.71 -0.37 -17.03
C GLY N 236 27.78 0.38 -17.83
N GLU N 237 27.38 0.83 -19.01
CA GLU N 237 28.22 1.56 -19.96
C GLU N 237 29.40 2.32 -19.38
N VAL N 238 29.12 3.29 -18.50
CA VAL N 238 30.16 4.11 -17.89
C VAL N 238 30.97 3.38 -16.85
N ALA N 239 30.29 2.88 -15.81
CA ALA N 239 30.96 2.15 -14.73
C ALA N 239 31.94 1.11 -15.29
N GLY N 240 31.47 0.31 -16.25
CA GLY N 240 32.34 -0.70 -16.83
C GLY N 240 33.49 -0.11 -17.62
N ALA N 241 33.34 1.12 -18.08
CA ALA N 241 34.40 1.78 -18.86
C ALA N 241 35.47 2.23 -17.87
N PHE N 242 35.03 2.73 -16.72
CA PHE N 242 35.94 3.20 -15.69
C PHE N 242 36.47 2.16 -14.72
N ASN N 243 36.48 0.91 -15.12
CA ASN N 243 37.03 -0.11 -14.24
C ASN N 243 38.07 -0.88 -15.00
N ALA N 244 37.99 -0.79 -16.32
CA ALA N 244 38.96 -1.45 -17.18
C ALA N 244 40.32 -1.04 -16.63
N ALA N 245 41.27 -1.96 -16.63
CA ALA N 245 42.61 -1.62 -16.15
C ALA N 245 43.28 -0.74 -17.24
N THR N 246 43.06 0.57 -17.17
CA THR N 246 43.65 1.48 -18.16
C THR N 246 45.17 1.40 -18.13
N SER N 247 45.77 1.05 -19.27
CA SER N 247 47.21 0.89 -19.36
C SER N 247 48.11 2.06 -18.92
N GLU N 248 47.56 3.28 -18.87
CA GLU N 248 48.34 4.45 -18.47
C GLU N 248 48.61 4.37 -16.98
N VAL N 249 47.57 4.03 -16.23
CA VAL N 249 47.69 3.93 -14.79
C VAL N 249 46.83 2.76 -14.31
N GLY N 250 47.47 1.75 -13.70
CA GLY N 250 46.76 0.57 -13.21
C GLY N 250 45.25 0.51 -13.42
N SER N 251 44.51 1.04 -12.44
CA SER N 251 43.06 1.06 -12.49
C SER N 251 42.52 2.17 -11.60
N LEU N 252 41.84 3.14 -12.21
CA LEU N 252 41.30 4.23 -11.44
C LEU N 252 40.48 3.75 -10.25
N VAL N 253 39.60 2.78 -10.43
CA VAL N 253 38.79 2.27 -9.32
C VAL N 253 39.64 1.67 -8.20
N GLY N 254 40.81 1.14 -8.58
CA GLY N 254 41.70 0.58 -7.57
C GLY N 254 42.44 1.71 -6.87
N SER N 255 43.45 2.25 -7.55
CA SER N 255 44.27 3.34 -7.03
C SER N 255 43.47 4.42 -6.28
N SER N 256 42.21 4.61 -6.67
CA SER N 256 41.38 5.62 -6.03
C SER N 256 41.06 5.19 -4.62
N SER N 257 40.57 3.95 -4.49
CA SER N 257 40.18 3.42 -3.18
C SER N 257 41.37 3.18 -2.27
N THR N 258 42.40 2.49 -2.77
CA THR N 258 43.58 2.24 -1.94
C THR N 258 44.05 3.53 -1.25
N LEU N 259 43.61 4.68 -1.78
CA LEU N 259 43.94 5.97 -1.21
C LEU N 259 42.91 6.39 -0.19
N SER N 260 41.66 6.48 -0.61
CA SER N 260 40.62 6.88 0.32
C SER N 260 40.62 5.92 1.49
N GLN N 261 40.98 4.67 1.22
CA GLN N 261 41.06 3.66 2.28
C GLN N 261 42.12 4.11 3.29
N ALA N 262 43.34 4.33 2.82
CA ALA N 262 44.41 4.79 3.70
C ALA N 262 44.01 6.09 4.43
N ILE N 263 43.36 7.02 3.71
CA ILE N 263 42.96 8.29 4.32
C ILE N 263 42.03 8.03 5.49
N SER N 264 41.17 7.03 5.34
CA SER N 264 40.26 6.70 6.43
C SER N 264 41.10 6.42 7.67
N THR N 265 41.93 5.38 7.62
CA THR N 265 42.79 5.02 8.75
C THR N 265 43.52 6.24 9.31
N MET N 266 44.28 6.93 8.46
CA MET N 266 45.05 8.10 8.89
C MET N 266 44.26 9.00 9.79
N ALA N 267 42.99 9.22 9.50
CA ALA N 267 42.21 10.12 10.36
C ALA N 267 41.54 9.39 11.52
N GLY N 268 41.13 8.16 11.23
CA GLY N 268 40.48 7.29 12.13
C GLY N 268 41.32 6.93 13.35
N LYS N 269 41.96 5.77 13.36
CA LYS N 269 42.67 5.33 14.56
C LYS N 269 43.30 6.53 15.35
N ASP N 270 43.90 7.46 14.60
CA ASP N 270 44.63 8.68 15.08
C ASP N 270 46.10 8.44 14.85
N LEU N 271 46.42 8.05 13.62
CA LEU N 271 47.81 7.86 13.33
C LEU N 271 48.49 9.19 13.45
N ASP N 272 47.77 10.24 13.04
CA ASP N 272 48.29 11.56 13.24
C ASP N 272 48.54 11.64 14.73
N LEU N 273 49.51 12.42 15.19
CA LEU N 273 49.74 12.51 16.63
C LEU N 273 50.36 11.21 17.19
N ILE N 274 50.99 10.43 16.31
CA ILE N 274 51.58 9.15 16.69
C ILE N 274 52.75 9.19 17.66
N GLU N 275 53.50 10.30 17.67
CA GLU N 275 54.62 10.41 18.59
C GLU N 275 54.47 11.69 19.40
N ALA N 276 53.20 12.04 19.68
CA ALA N 276 52.86 13.22 20.46
C ALA N 276 53.53 13.13 21.83
N ASP N 277 54.11 14.24 22.28
CA ASP N 277 54.76 14.22 23.58
C ASP N 277 53.88 14.81 24.68
N THR N 278 52.89 14.04 25.13
CA THR N 278 51.98 14.49 26.19
C THR N 278 50.89 13.45 26.50
N PRO N 279 50.53 13.31 27.79
CA PRO N 279 49.52 12.36 28.27
C PRO N 279 48.34 12.14 27.31
N LEU N 280 48.06 10.88 27.00
CA LEU N 280 46.96 10.51 26.11
C LEU N 280 46.19 9.33 26.68
N PRO N 281 44.88 9.49 26.89
CA PRO N 281 44.04 8.41 27.43
C PRO N 281 44.23 7.12 26.64
N VAL N 282 44.34 5.97 27.31
CA VAL N 282 44.53 4.72 26.59
C VAL N 282 43.45 4.54 25.53
N SER N 283 42.25 5.06 25.82
CA SER N 283 41.12 4.98 24.89
C SER N 283 41.52 5.48 23.50
N VAL N 284 42.31 6.55 23.46
CA VAL N 284 42.81 7.16 22.22
C VAL N 284 43.57 6.16 21.38
N PHE N 285 43.84 4.98 21.96
CA PHE N 285 44.57 3.91 21.25
C PHE N 285 43.67 2.72 20.90
N THR N 286 42.37 2.85 21.13
CA THR N 286 41.40 1.78 20.85
C THR N 286 41.98 0.35 20.96
N PRO N 287 42.59 0.02 22.12
CA PRO N 287 43.18 -1.30 22.33
C PRO N 287 42.06 -2.34 22.43
N SER N 288 42.06 -3.32 21.53
CA SER N 288 41.03 -4.35 21.52
C SER N 288 41.61 -5.69 21.12
N LEU N 289 40.90 -6.76 21.46
CA LEU N 289 41.36 -8.11 21.11
C LEU N 289 42.86 -8.22 21.40
N ALA N 290 43.26 -7.78 22.62
CA ALA N 290 44.68 -7.71 22.94
C ALA N 290 45.21 -8.57 24.11
N PRO N 291 45.32 -9.90 23.91
CA PRO N 291 45.83 -10.74 24.97
C PRO N 291 47.15 -11.46 24.63
N ARG N 292 48.30 -10.85 24.91
CA ARG N 292 49.60 -11.44 24.57
C ARG N 292 50.09 -12.53 25.53
N SER N 293 50.76 -13.54 24.99
CA SER N 293 51.28 -14.65 25.80
C SER N 293 52.81 -14.70 25.82
N TYR N 294 53.38 -15.22 26.92
CA TYR N 294 54.83 -15.34 27.05
C TYR N 294 55.37 -16.72 27.35
N ARG N 295 56.49 -16.62 28.14
CA ARG N 295 57.37 -17.68 28.68
C ARG N 295 58.29 -17.16 29.83
N PRO N 296 57.75 -16.67 30.99
CA PRO N 296 58.57 -16.17 32.14
C PRO N 296 59.53 -17.22 32.68
N ALA N 297 60.16 -16.94 33.82
CA ALA N 297 61.16 -17.90 34.30
C ALA N 297 62.27 -17.92 33.26
N PHE N 298 62.17 -16.94 32.36
CA PHE N 298 63.15 -16.73 31.32
C PHE N 298 63.32 -15.22 31.16
N ILE N 299 62.21 -14.46 31.17
CA ILE N 299 62.29 -13.01 31.03
C ILE N 299 63.12 -12.39 32.16
N LYS N 300 64.23 -11.74 31.83
CA LYS N 300 65.03 -11.11 32.88
C LYS N 300 64.20 -10.04 33.58
N PRO N 301 64.39 -9.89 34.91
CA PRO N 301 63.63 -8.90 35.67
C PRO N 301 63.79 -7.47 35.15
N GLU N 302 65.00 -7.10 34.71
CA GLU N 302 65.21 -5.75 34.21
C GLU N 302 64.67 -5.55 32.80
N ASP N 303 64.42 -6.65 32.08
CA ASP N 303 63.89 -6.56 30.72
C ASP N 303 62.38 -6.33 30.68
N ALA N 304 61.75 -6.34 31.86
CA ALA N 304 60.30 -6.13 31.96
C ALA N 304 59.83 -6.01 33.41
N LYS N 305 59.76 -4.80 33.92
CA LYS N 305 59.38 -4.50 35.29
C LYS N 305 58.34 -5.39 35.96
N TRP N 306 57.34 -5.87 35.22
CA TRP N 306 56.29 -6.71 35.80
C TRP N 306 56.72 -8.11 36.15
N ILE N 307 57.98 -8.33 36.49
CA ILE N 307 58.41 -9.69 36.81
C ILE N 307 59.73 -9.72 37.57
N ALA N 308 59.62 -9.81 38.90
CA ALA N 308 60.80 -9.83 39.79
C ALA N 308 61.22 -11.26 40.13
N GLU N 309 62.47 -11.43 40.58
CA GLU N 309 62.95 -12.76 40.92
C GLU N 309 63.56 -12.93 42.31
N PHE N 310 63.38 -14.11 42.89
CA PHE N 310 63.91 -14.44 44.21
C PHE N 310 65.38 -14.84 44.14
N ASN N 311 66.28 -13.94 43.73
CA ASN N 311 67.69 -14.31 43.67
C ASN N 311 68.31 -14.39 45.08
N ASN N 312 68.20 -15.60 45.68
CA ASN N 312 68.71 -15.86 47.02
C ASN N 312 69.67 -17.05 47.04
N SER N 313 70.62 -17.05 47.98
CA SER N 313 71.61 -18.12 48.09
C SER N 313 71.06 -19.55 48.07
N SER N 314 70.56 -20.01 49.21
CA SER N 314 70.01 -21.37 49.32
C SER N 314 68.57 -21.49 48.82
N LEU N 315 67.88 -22.54 49.25
CA LEU N 315 66.49 -22.75 48.90
C LEU N 315 65.60 -22.09 49.91
N ILE N 316 64.34 -21.85 49.59
CA ILE N 316 63.44 -21.21 50.53
C ILE N 316 62.18 -22.03 50.75
N ARG N 317 62.33 -23.29 51.18
CA ARG N 317 61.15 -24.13 51.40
C ARG N 317 60.19 -23.57 52.46
N LYS N 318 58.97 -23.30 52.03
CA LYS N 318 57.93 -22.77 52.91
C LYS N 318 56.85 -23.87 52.95
N THR N 319 55.82 -23.67 53.77
CA THR N 319 54.73 -24.65 53.85
C THR N 319 53.38 -23.93 53.78
N LEU N 320 52.31 -24.70 53.60
CA LEU N 320 50.97 -24.13 53.52
C LEU N 320 49.92 -25.23 53.46
N THR N 321 48.93 -25.16 54.35
CA THR N 321 47.88 -26.16 54.35
C THR N 321 46.89 -25.84 53.24
N TYR N 322 46.96 -26.62 52.17
CA TYR N 322 46.06 -26.43 51.04
C TYR N 322 45.15 -27.65 50.89
N SER N 323 43.87 -27.48 51.21
CA SER N 323 42.92 -28.57 51.12
C SER N 323 43.32 -29.65 52.13
N GLY N 324 43.63 -29.21 53.34
CA GLY N 324 44.03 -30.14 54.39
C GLY N 324 45.52 -30.44 54.24
N ALA N 325 45.84 -31.28 53.26
CA ALA N 325 47.23 -31.67 52.99
C ALA N 325 48.22 -30.49 53.03
N THR N 326 49.38 -30.72 53.63
CA THR N 326 50.41 -29.69 53.74
C THR N 326 51.47 -29.84 52.65
N TYR N 327 51.61 -28.82 51.81
CA TYR N 327 52.59 -28.84 50.74
C TYR N 327 53.71 -27.84 50.98
N THR N 328 54.82 -28.00 50.25
CA THR N 328 55.94 -27.10 50.41
C THR N 328 56.29 -26.40 49.09
N VAL N 329 56.07 -25.09 49.06
CA VAL N 329 56.47 -24.31 47.88
C VAL N 329 58.00 -24.29 47.93
N GLN N 330 58.69 -24.39 46.79
CA GLN N 330 60.16 -24.53 46.85
C GLN N 330 61.00 -23.28 46.67
N LEU N 331 60.91 -22.59 45.53
CA LEU N 331 61.75 -21.41 45.23
C LEU N 331 63.20 -21.92 45.10
N GLY N 332 63.33 -23.14 44.54
CA GLY N 332 64.58 -23.89 44.33
C GLY N 332 65.87 -23.11 44.00
N PRO N 333 66.94 -23.88 43.75
CA PRO N 333 68.34 -23.47 43.45
C PRO N 333 68.53 -22.21 42.60
N GLY N 334 67.84 -22.15 41.47
CA GLY N 334 67.96 -20.97 40.60
C GLY N 334 67.23 -19.75 41.13
N PRO N 335 67.20 -18.66 40.35
CA PRO N 335 66.53 -17.42 40.82
C PRO N 335 64.99 -17.43 40.83
N THR N 336 64.34 -18.35 40.12
CA THR N 336 62.85 -18.47 40.08
C THR N 336 62.18 -17.10 39.85
N ARG N 337 62.14 -16.66 38.59
CA ARG N 337 61.49 -15.40 38.24
C ARG N 337 59.99 -15.57 38.43
N VAL N 338 59.36 -14.67 39.20
CA VAL N 338 57.93 -14.72 39.48
C VAL N 338 57.22 -13.46 38.98
N ILE N 339 55.99 -13.62 38.50
CA ILE N 339 55.19 -12.49 38.03
C ILE N 339 54.94 -11.58 39.23
N ASP N 340 55.34 -10.33 39.13
CA ASP N 340 55.06 -9.42 40.25
C ASP N 340 53.57 -9.10 40.20
N MET N 341 52.94 -8.81 41.35
CA MET N 341 51.52 -8.50 41.35
C MET N 341 51.24 -7.02 41.18
N ASN N 342 52.05 -6.23 41.83
CA ASN N 342 51.86 -4.83 41.55
C ASN N 342 52.42 -4.68 40.12
N ALA N 343 51.95 -3.65 39.39
CA ALA N 343 52.37 -3.53 38.01
C ALA N 343 51.90 -4.81 37.35
N MET N 344 50.57 -4.99 37.32
CA MET N 344 49.96 -6.18 36.73
C MET N 344 48.48 -5.98 36.35
N ILE N 345 48.08 -4.81 35.82
CA ILE N 345 46.71 -4.48 35.38
C ILE N 345 45.72 -5.64 35.54
N ASP N 346 44.85 -5.58 36.55
CA ASP N 346 43.89 -6.65 36.81
C ASP N 346 43.51 -7.40 35.55
N SER N 347 44.21 -8.51 35.29
CA SER N 347 44.00 -9.32 34.10
C SER N 347 43.42 -10.67 34.38
N VAL N 348 43.63 -11.51 33.40
CA VAL N 348 43.26 -12.91 33.47
C VAL N 348 44.52 -13.69 33.13
N LEU N 349 45.33 -13.91 34.14
CA LEU N 349 46.56 -14.69 33.96
C LEU N 349 46.20 -16.16 33.77
N THR N 350 46.64 -16.76 32.69
CA THR N 350 46.35 -18.17 32.48
C THR N 350 47.64 -18.86 32.07
N LEU N 351 48.35 -19.37 33.08
CA LEU N 351 49.61 -20.07 32.84
C LEU N 351 49.41 -21.49 32.35
N ASP N 352 49.74 -21.71 31.09
CA ASP N 352 49.62 -23.05 30.54
C ASP N 352 50.92 -23.80 30.77
N VAL N 353 50.81 -25.06 31.21
CA VAL N 353 51.97 -25.88 31.47
C VAL N 353 51.85 -27.15 30.66
N SER N 354 52.31 -27.13 29.41
CA SER N 354 52.20 -28.34 28.59
C SER N 354 53.37 -28.60 27.64
N GLY N 355 53.67 -29.88 27.47
CA GLY N 355 54.76 -30.26 26.59
C GLY N 355 56.10 -29.97 27.25
N THR N 356 56.04 -29.20 28.33
CA THR N 356 57.23 -28.86 29.09
C THR N 356 57.65 -30.08 29.90
N ILE N 357 58.96 -30.27 30.09
CA ILE N 357 59.48 -31.42 30.81
C ILE N 357 58.89 -31.51 32.22
N LEU N 358 58.87 -32.73 32.75
CA LEU N 358 58.35 -33.04 34.08
C LEU N 358 59.14 -34.26 34.54
N PRO N 359 60.37 -34.04 35.04
CA PRO N 359 61.30 -35.07 35.51
C PRO N 359 60.98 -35.82 36.81
N TYR N 360 59.75 -36.31 36.94
CA TYR N 360 59.38 -37.07 38.15
C TYR N 360 60.12 -38.40 38.14
N ASP N 361 60.78 -38.69 37.02
CA ASP N 361 61.52 -39.92 36.82
C ASP N 361 62.75 -39.95 37.73
N THR N 362 63.52 -38.87 37.72
CA THR N 362 64.71 -38.78 38.55
C THR N 362 64.30 -38.45 39.99
N ASN N 363 64.24 -37.17 40.35
CA ASN N 363 63.83 -36.82 41.70
C ASN N 363 62.38 -37.24 41.89
N PRO N 364 62.16 -38.36 42.59
CA PRO N 364 60.81 -38.89 42.84
C PRO N 364 60.02 -37.87 43.65
N ASP N 365 60.77 -36.93 44.23
CA ASP N 365 60.23 -35.86 45.05
C ASP N 365 59.22 -35.05 44.25
N LEU N 366 59.55 -34.81 42.98
CA LEU N 366 58.69 -34.02 42.10
C LEU N 366 57.33 -34.67 41.90
N SER N 367 57.30 -35.98 41.62
CA SER N 367 56.03 -36.65 41.44
C SER N 367 55.24 -36.53 42.74
N THR N 368 53.92 -36.68 42.66
CA THR N 368 53.04 -36.59 43.82
C THR N 368 52.63 -35.14 44.11
N SER N 369 53.41 -34.17 43.64
CA SER N 369 53.11 -32.76 43.88
C SER N 369 52.20 -32.15 42.82
N VAL N 370 51.03 -31.68 43.25
CA VAL N 370 50.09 -31.07 42.32
C VAL N 370 50.60 -29.71 41.90
N PRO N 371 50.91 -29.53 40.60
CA PRO N 371 51.39 -28.24 40.09
C PRO N 371 50.29 -27.20 40.31
N ALA N 372 50.64 -25.98 40.70
CA ALA N 372 49.62 -24.97 40.94
C ALA N 372 50.13 -23.54 40.99
N PHE N 373 49.38 -22.63 40.36
CA PHE N 373 49.74 -21.23 40.38
C PHE N 373 49.41 -20.70 41.78
N VAL N 374 50.40 -20.11 42.45
CA VAL N 374 50.22 -19.61 43.82
C VAL N 374 50.79 -18.21 44.06
N LEU N 375 50.02 -17.35 44.74
CA LEU N 375 50.52 -16.01 45.06
C LEU N 375 51.42 -16.14 46.28
N ILE N 376 52.35 -15.20 46.45
CA ILE N 376 53.28 -15.25 47.57
C ILE N 376 53.52 -13.85 48.12
N GLN N 377 52.92 -13.56 49.27
CA GLN N 377 53.11 -12.25 49.88
C GLN N 377 54.35 -12.33 50.76
N THR N 378 55.34 -11.50 50.48
CA THR N 378 56.58 -11.47 51.26
C THR N 378 56.64 -10.19 52.10
N SER N 379 57.26 -10.27 53.28
CA SER N 379 57.40 -9.09 54.13
C SER N 379 58.39 -8.13 53.49
N VAL N 380 59.67 -8.46 53.62
CA VAL N 380 60.71 -7.66 53.01
C VAL N 380 60.51 -7.78 51.50
N PRO N 381 60.82 -6.72 50.72
CA PRO N 381 60.66 -6.74 49.26
C PRO N 381 61.43 -7.92 48.66
N ILE N 382 60.89 -8.54 47.62
CA ILE N 382 61.59 -9.66 46.98
C ILE N 382 62.95 -9.07 46.58
N GLN N 383 63.89 -9.91 46.14
CA GLN N 383 65.21 -9.40 45.77
C GLN N 383 65.80 -8.79 47.02
N GLN N 384 65.45 -9.40 48.15
CA GLN N 384 65.90 -8.99 49.48
C GLN N 384 65.27 -9.96 50.47
N VAL N 385 64.49 -10.90 49.93
CA VAL N 385 63.82 -11.93 50.72
C VAL N 385 64.74 -13.14 50.78
N THR N 386 65.43 -13.30 51.91
CA THR N 386 66.38 -14.40 52.10
C THR N 386 65.81 -15.76 52.47
N THR N 387 65.16 -15.85 53.64
CA THR N 387 64.63 -17.14 54.08
C THR N 387 63.16 -17.19 54.54
N ALA N 388 62.60 -18.39 54.44
CA ALA N 388 61.22 -18.70 54.80
C ALA N 388 60.49 -17.75 55.75
N ALA N 389 61.14 -17.35 56.84
CA ALA N 389 60.51 -16.44 57.81
C ALA N 389 60.16 -15.09 57.18
N ASN N 390 60.72 -14.84 56.00
CA ASN N 390 60.52 -13.61 55.24
C ASN N 390 59.18 -13.61 54.48
N ILE N 391 58.80 -14.77 53.96
CA ILE N 391 57.56 -14.95 53.21
C ILE N 391 56.30 -14.90 54.10
N THR N 392 55.62 -13.75 54.13
CA THR N 392 54.40 -13.57 54.93
C THR N 392 53.47 -14.79 54.81
N ALA N 393 52.82 -14.94 53.67
CA ALA N 393 51.91 -16.07 53.46
C ALA N 393 51.94 -16.53 52.00
N ILE N 394 51.28 -17.65 51.73
CA ILE N 394 51.24 -18.20 50.37
C ILE N 394 49.88 -18.78 50.06
N THR N 395 49.17 -18.18 49.10
CA THR N 395 47.85 -18.64 48.72
C THR N 395 47.85 -19.42 47.41
N VAL N 396 47.24 -20.60 47.42
CA VAL N 396 47.14 -21.42 46.21
C VAL N 396 45.94 -20.89 45.43
N VAL N 397 46.16 -19.88 44.59
CA VAL N 397 45.09 -19.27 43.82
C VAL N 397 44.46 -20.21 42.79
N SER N 398 45.10 -21.34 42.52
CA SER N 398 44.56 -22.27 41.53
C SER N 398 45.44 -23.51 41.38
N ALA N 399 45.09 -24.57 42.10
CA ALA N 399 45.89 -25.80 42.02
C ALA N 399 45.35 -26.73 40.95
N ALA N 400 46.14 -27.74 40.61
CA ALA N 400 45.73 -28.73 39.62
C ALA N 400 45.40 -30.03 40.34
N GLY N 401 44.13 -30.44 40.29
CA GLY N 401 43.77 -31.69 40.95
C GLY N 401 44.56 -32.82 40.33
N ALA N 402 45.07 -33.73 41.19
CA ALA N 402 45.86 -34.89 40.78
C ALA N 402 47.34 -34.56 40.64
N SER N 403 48.15 -35.33 41.39
CA SER N 403 49.61 -35.15 41.50
C SER N 403 50.34 -35.20 40.15
N ALA N 404 51.66 -35.02 40.19
CA ALA N 404 52.54 -35.04 39.02
C ALA N 404 53.01 -36.47 38.69
N ILE N 405 52.08 -37.26 38.11
CA ILE N 405 52.21 -38.67 37.70
C ILE N 405 50.84 -39.19 37.11
N ASN N 406 50.05 -38.25 36.50
CA ASN N 406 48.72 -38.40 35.84
C ASN N 406 48.57 -37.27 34.82
N LEU N 407 49.36 -36.23 35.11
CA LEU N 407 49.49 -35.03 34.30
C LEU N 407 50.63 -35.26 33.32
N ALA N 408 51.40 -36.31 33.59
CA ALA N 408 52.51 -36.69 32.75
C ALA N 408 52.01 -37.44 31.51
N ILE N 409 52.95 -37.83 30.66
CA ILE N 409 52.69 -38.56 29.43
C ILE N 409 54.06 -38.76 28.80
N ASN N 410 54.49 -40.02 28.72
CA ASN N 410 55.81 -40.31 28.17
C ASN N 410 55.92 -40.04 26.67
N VAL N 411 56.86 -39.18 26.24
CA VAL N 411 57.09 -38.85 24.82
C VAL N 411 58.53 -39.14 24.37
N ARG N 412 59.06 -40.30 24.73
CA ARG N 412 60.42 -40.74 24.44
C ARG N 412 61.30 -40.50 25.71
N GLY N 413 61.08 -41.29 26.77
CA GLY N 413 61.86 -41.13 27.99
C GLY N 413 61.35 -39.96 28.87
N GLN N 414 61.66 -38.73 28.42
CA GLN N 414 61.31 -37.40 29.00
C GLN N 414 59.81 -37.19 29.13
N PRO N 415 59.23 -37.55 30.24
CA PRO N 415 57.78 -37.38 30.42
C PRO N 415 57.37 -35.90 30.38
N ARG N 416 56.42 -35.55 29.50
CA ARG N 416 55.97 -34.17 29.37
C ARG N 416 54.72 -33.89 30.19
N PHE N 417 54.21 -32.67 30.07
CA PHE N 417 53.00 -32.28 30.79
C PHE N 417 51.78 -32.28 29.89
N ASN N 418 50.77 -33.09 30.24
CA ASN N 418 49.52 -33.12 29.49
C ASN N 418 48.99 -31.70 29.54
N MET N 419 48.90 -31.09 28.36
CA MET N 419 48.43 -29.71 28.22
C MET N 419 47.26 -29.32 29.13
N LEU N 420 47.52 -28.54 30.17
CA LEU N 420 46.49 -28.10 31.11
C LEU N 420 46.72 -26.64 31.49
N HIS N 421 45.65 -25.89 31.77
CA HIS N 421 45.82 -24.47 32.10
C HIS N 421 45.43 -24.02 33.51
N LEU N 422 46.44 -23.76 34.32
CA LEU N 422 46.11 -23.26 35.63
C LEU N 422 45.72 -21.78 35.40
N GLN N 423 45.07 -21.09 36.37
CA GLN N 423 44.71 -19.72 36.01
C GLN N 423 44.00 -18.88 37.06
N ALA N 424 44.66 -17.79 37.48
CA ALA N 424 44.11 -16.85 38.44
C ALA N 424 43.34 -15.77 37.69
N THR N 425 42.87 -14.78 38.45
CA THR N 425 42.13 -13.67 37.88
C THR N 425 42.51 -12.47 38.73
N PHE N 426 43.79 -12.15 38.72
CA PHE N 426 44.32 -11.03 39.48
C PHE N 426 43.48 -9.75 39.33
N GLU N 427 43.29 -9.03 40.43
CA GLU N 427 42.51 -7.79 40.42
C GLU N 427 43.20 -6.65 41.17
N ARG N 428 43.60 -5.61 40.43
CA ARG N 428 44.26 -4.43 40.99
C ARG N 428 44.21 -4.30 42.51
N GLU N 429 43.00 -4.14 43.06
CA GLU N 429 42.75 -3.89 44.49
C GLU N 429 42.76 -5.12 45.42
N THR N 430 42.58 -6.35 44.92
CA THR N 430 42.65 -7.48 45.86
C THR N 430 44.06 -7.49 46.53
N ILE N 431 45.02 -6.76 45.90
CA ILE N 431 46.39 -6.56 46.42
C ILE N 431 46.56 -5.11 46.96
N THR N 432 45.51 -4.48 47.58
CA THR N 432 45.64 -3.09 48.13
C THR N 432 46.56 -3.10 49.34
N GLY N 433 47.40 -2.06 49.55
CA GLY N 433 48.29 -2.00 50.73
C GLY N 433 49.50 -2.90 50.58
N ILE N 434 49.23 -4.19 50.53
CA ILE N 434 50.22 -5.26 50.34
C ILE N 434 51.38 -4.84 49.40
N PRO N 435 52.45 -4.22 49.96
CA PRO N 435 53.61 -3.75 49.21
C PRO N 435 54.26 -4.82 48.36
N TYR N 436 54.39 -6.04 48.90
CA TYR N 436 55.02 -7.12 48.15
C TYR N 436 54.21 -8.39 48.04
N ILE N 437 53.99 -8.81 46.80
CA ILE N 437 53.22 -10.00 46.52
C ILE N 437 53.57 -10.40 45.08
N TYR N 438 53.73 -11.71 44.86
CA TYR N 438 54.12 -12.19 43.54
C TYR N 438 53.33 -13.42 43.12
N GLY N 439 53.00 -13.49 41.84
CA GLY N 439 52.31 -14.62 41.32
C GLY N 439 53.40 -15.58 40.90
N LEU N 440 53.29 -16.85 41.28
CA LEU N 440 54.31 -17.84 40.94
C LEU N 440 53.63 -19.13 40.55
N GLY N 441 53.91 -19.64 39.35
CA GLY N 441 53.31 -20.90 38.94
C GLY N 441 54.31 -21.99 39.31
N THR N 442 54.34 -22.37 40.58
CA THR N 442 55.29 -23.37 41.06
C THR N 442 54.76 -24.81 41.10
N PHE N 443 55.25 -25.61 42.06
CA PHE N 443 54.83 -27.00 42.05
C PHE N 443 54.02 -27.51 43.25
N LEU N 444 54.29 -27.02 44.45
CA LEU N 444 53.60 -27.50 45.68
C LEU N 444 53.93 -28.97 45.94
N ILE N 445 55.18 -29.22 46.37
CA ILE N 445 55.63 -30.56 46.68
C ILE N 445 55.06 -31.05 47.99
N PRO N 446 54.50 -32.27 48.03
CA PRO N 446 53.91 -32.81 49.24
C PRO N 446 54.95 -33.28 50.27
N SER N 447 56.22 -33.20 49.91
CA SER N 447 57.30 -33.62 50.80
C SER N 447 58.69 -33.37 50.23
N PRO N 448 59.28 -32.20 50.52
CA PRO N 448 60.62 -31.87 50.02
C PRO N 448 61.69 -32.89 50.43
N THR N 449 62.60 -33.20 49.50
CA THR N 449 63.66 -34.18 49.74
C THR N 449 65.01 -33.73 49.15
N SER N 450 66.04 -34.54 49.38
CA SER N 450 67.39 -34.27 48.88
C SER N 450 67.41 -34.29 47.36
N SER N 451 66.54 -35.13 46.77
CA SER N 451 66.46 -35.26 45.31
C SER N 451 66.09 -33.92 44.67
N SER N 452 65.14 -33.21 45.27
CA SER N 452 64.72 -31.91 44.76
C SER N 452 65.53 -30.82 45.45
N ASN N 453 66.85 -30.92 45.35
CA ASN N 453 67.73 -29.95 45.97
C ASN N 453 68.41 -29.11 44.92
N PHE N 454 68.19 -29.49 43.66
CA PHE N 454 68.77 -28.76 42.53
C PHE N 454 67.74 -28.70 41.41
N SER N 455 66.49 -29.05 41.72
CA SER N 455 65.41 -29.05 40.74
C SER N 455 64.78 -27.68 40.50
N ASN N 456 64.20 -27.08 41.54
CA ASN N 456 63.56 -25.78 41.37
C ASN N 456 62.33 -25.96 40.48
N PRO N 457 61.20 -26.27 41.14
CA PRO N 457 59.88 -26.56 40.51
C PRO N 457 59.08 -25.42 39.89
N THR N 458 59.74 -24.35 39.43
CA THR N 458 58.98 -23.26 38.82
C THR N 458 58.35 -23.73 37.51
N LEU N 459 57.02 -23.77 37.43
CA LEU N 459 56.37 -24.21 36.19
C LEU N 459 56.22 -23.05 35.22
N MET N 460 56.90 -21.95 35.53
CA MET N 460 56.86 -20.75 34.70
C MET N 460 57.47 -20.94 33.32
N ASP N 461 58.25 -21.99 33.12
CA ASP N 461 58.83 -22.25 31.81
C ASP N 461 57.67 -22.48 30.82
N GLY N 462 56.45 -22.62 31.35
CA GLY N 462 55.28 -22.83 30.51
C GLY N 462 54.85 -21.54 29.84
N LEU N 463 54.02 -21.65 28.80
CA LEU N 463 53.54 -20.48 28.04
C LEU N 463 52.36 -19.76 28.70
N LEU N 464 52.67 -18.80 29.56
CA LEU N 464 51.68 -18.01 30.28
C LEU N 464 51.01 -16.99 29.36
N THR N 465 49.70 -16.82 29.50
CA THR N 465 48.98 -15.86 28.65
C THR N 465 48.11 -14.87 29.42
N VAL N 466 48.67 -13.70 29.72
CA VAL N 466 47.94 -12.64 30.42
C VAL N 466 47.02 -11.92 29.44
N THR N 467 45.80 -11.64 29.88
CA THR N 467 44.81 -10.95 29.07
C THR N 467 44.19 -9.83 29.86
N PRO N 468 44.63 -8.57 29.62
CA PRO N 468 44.12 -7.40 30.34
C PRO N 468 42.60 -7.38 30.35
N VAL N 469 42.00 -7.51 31.53
CA VAL N 469 40.55 -7.53 31.60
C VAL N 469 40.02 -6.23 32.19
N LEU N 470 40.24 -5.15 31.48
CA LEU N 470 39.89 -3.81 31.95
C LEU N 470 40.77 -2.84 31.18
N LEU N 471 40.47 -2.68 29.89
CA LEU N 471 41.23 -1.80 28.97
C LEU N 471 41.61 -0.39 29.46
N ARG N 472 40.68 0.32 30.07
CA ARG N 472 40.96 1.68 30.52
C ARG N 472 42.35 1.89 31.14
N GLU N 473 42.82 0.93 31.94
CA GLU N 473 44.15 1.04 32.59
C GLU N 473 45.31 0.34 31.91
N THR N 474 46.36 1.11 31.59
CA THR N 474 47.54 0.58 30.94
C THR N 474 48.67 0.43 31.98
N THR N 475 49.85 0.01 31.53
CA THR N 475 51.00 -0.16 32.42
C THR N 475 52.29 0.33 31.76
N TYR N 476 53.12 1.07 32.48
CA TYR N 476 54.37 1.52 31.90
C TYR N 476 55.56 1.60 32.86
N LYS N 477 56.62 0.90 32.47
CA LYS N 477 57.86 0.85 33.25
C LYS N 477 57.60 0.30 34.65
N GLY N 478 56.50 -0.44 34.81
CA GLY N 478 56.18 -1.01 36.10
C GLY N 478 55.03 -0.35 36.84
N GLU N 479 54.53 0.77 36.33
CA GLU N 479 53.41 1.45 37.00
C GLU N 479 52.14 1.37 36.17
N VAL N 480 51.00 1.43 36.86
CA VAL N 480 49.70 1.39 36.19
C VAL N 480 49.22 2.82 35.98
N VAL N 481 48.85 3.14 34.76
CA VAL N 481 48.40 4.49 34.44
C VAL N 481 47.12 4.52 33.62
N ASP N 482 46.66 5.72 33.29
CA ASP N 482 45.45 5.89 32.50
C ASP N 482 45.76 6.62 31.21
N ALA N 483 47.01 7.09 31.09
CA ALA N 483 47.45 7.80 29.90
C ALA N 483 48.92 7.53 29.59
N ILE N 484 49.24 7.49 28.30
CA ILE N 484 50.59 7.27 27.84
C ILE N 484 51.19 8.59 27.40
N VAL N 485 52.48 8.63 27.09
CA VAL N 485 53.11 9.84 26.58
C VAL N 485 53.91 9.48 25.33
N PRO N 486 53.30 8.74 24.39
CA PRO N 486 53.91 8.26 23.14
C PRO N 486 55.41 8.53 22.98
N ALA N 487 55.78 9.76 22.64
CA ALA N 487 57.19 10.13 22.44
C ALA N 487 58.13 9.51 23.48
N THR N 488 57.64 9.31 24.70
CA THR N 488 58.43 8.72 25.77
C THR N 488 58.80 7.27 25.47
N VAL N 489 57.83 6.53 24.96
CA VAL N 489 58.07 5.12 24.64
C VAL N 489 58.94 4.89 23.38
N MET N 490 59.29 5.94 22.64
CA MET N 490 60.13 5.73 21.45
C MET N 490 61.58 5.57 21.92
N ALA N 491 62.33 4.69 21.24
CA ALA N 491 63.75 4.41 21.57
C ALA N 491 63.99 4.50 23.06
N ASN N 492 63.19 3.77 23.81
CA ASN N 492 63.28 3.79 25.25
C ASN N 492 63.23 2.37 25.79
N GLN N 493 62.82 1.45 24.92
CA GLN N 493 62.81 0.03 25.26
C GLN N 493 64.10 -0.54 24.70
N THR N 494 64.48 -1.73 25.11
CA THR N 494 65.69 -2.35 24.56
C THR N 494 65.22 -3.45 23.61
N SER N 495 66.19 -4.09 22.93
CA SER N 495 65.87 -5.16 22.00
C SER N 495 64.65 -5.96 22.47
N GLU N 496 64.78 -6.49 23.72
CA GLU N 496 63.78 -7.36 24.32
C GLU N 496 62.87 -6.70 25.38
N GLU N 497 63.11 -5.42 25.71
CA GLU N 497 62.25 -4.68 26.65
C GLU N 497 60.92 -4.35 25.89
N VAL N 498 60.86 -4.90 24.65
CA VAL N 498 59.73 -4.78 23.70
C VAL N 498 59.02 -6.12 23.54
N ALA N 499 59.76 -7.14 23.13
CA ALA N 499 59.19 -8.48 22.98
C ALA N 499 58.72 -9.04 24.34
N SER N 500 59.20 -8.42 25.42
CA SER N 500 58.85 -8.84 26.77
C SER N 500 57.75 -7.94 27.35
N ALA N 501 57.18 -7.08 26.50
CA ALA N 501 56.12 -6.16 26.93
C ALA N 501 54.95 -6.95 27.49
N LEU N 502 54.17 -6.31 28.35
CA LEU N 502 53.01 -6.94 28.98
C LEU N 502 51.67 -6.54 28.32
N ALA N 503 51.00 -7.52 27.71
CA ALA N 503 49.71 -7.37 27.02
C ALA N 503 48.91 -6.15 27.48
N ASN N 504 48.85 -5.16 26.58
CA ASN N 504 48.18 -3.89 26.82
C ASN N 504 48.91 -3.03 27.83
N ASP N 505 50.15 -2.69 27.47
CA ASP N 505 50.97 -1.78 28.23
C ASP N 505 51.48 -0.72 27.27
N ALA N 506 51.85 0.44 27.75
CA ALA N 506 52.27 1.45 26.78
C ALA N 506 53.00 0.85 25.57
N ILE N 507 54.13 0.20 25.81
CA ILE N 507 54.88 -0.41 24.71
C ILE N 507 53.99 -1.16 23.72
N VAL N 508 53.14 -2.06 24.22
CA VAL N 508 52.25 -2.84 23.35
C VAL N 508 51.19 -1.97 22.70
N LEU N 509 50.93 -0.80 23.28
CA LEU N 509 49.97 0.13 22.70
C LEU N 509 50.66 1.02 21.65
N VAL N 510 51.89 1.52 21.98
CA VAL N 510 52.74 2.36 21.11
C VAL N 510 53.42 1.53 20.03
N SER N 511 52.97 0.28 19.94
CA SER N 511 53.40 -0.69 18.92
C SER N 511 52.22 -1.00 18.00
N ASN N 512 50.99 -1.08 18.57
CA ASN N 512 49.68 -1.37 17.88
C ASN N 512 49.26 -0.20 17.04
N HIS N 513 49.77 0.94 17.48
CA HIS N 513 49.55 2.22 16.85
C HIS N 513 50.49 2.35 15.65
N LEU N 514 51.80 2.29 15.88
CA LEU N 514 52.75 2.39 14.78
C LEU N 514 52.37 1.39 13.71
N ASN N 515 51.90 0.24 14.13
CA ASN N 515 51.51 -0.83 13.20
C ASN N 515 50.42 -0.43 12.21
N LYS N 516 49.49 0.46 12.60
CA LYS N 516 48.47 0.93 11.70
C LYS N 516 49.16 1.86 10.72
N LEU N 517 49.86 2.84 11.27
CA LEU N 517 50.56 3.81 10.46
C LEU N 517 51.57 3.11 9.57
N ALA N 518 52.05 1.95 10.01
CA ALA N 518 52.95 1.21 9.20
C ALA N 518 52.22 0.61 7.97
N ASN N 519 50.89 0.38 8.06
CA ASN N 519 50.17 -0.26 6.93
C ASN N 519 49.57 0.77 6.02
N VAL N 520 49.51 1.98 6.52
CA VAL N 520 49.03 3.04 5.67
C VAL N 520 50.17 3.36 4.73
N VAL N 521 51.40 3.50 5.23
CA VAL N 521 52.51 3.78 4.31
C VAL N 521 52.74 2.55 3.42
N GLY N 522 52.94 1.40 4.05
CA GLY N 522 53.16 0.16 3.31
C GLY N 522 52.18 0.03 2.16
N ASP N 523 50.91 0.36 2.44
CA ASP N 523 49.82 0.29 1.47
C ASP N 523 49.82 1.42 0.43
N ALA N 524 49.36 2.59 0.84
CA ALA N 524 49.27 3.75 -0.07
C ALA N 524 50.59 4.27 -0.63
N ILE N 525 51.47 4.75 0.24
CA ILE N 525 52.76 5.29 -0.19
C ILE N 525 53.71 4.21 -0.76
N PRO N 526 54.55 4.58 -1.75
CA PRO N 526 55.49 3.61 -2.35
C PRO N 526 56.86 3.50 -1.67
N VAL N 527 56.86 3.20 -0.37
CA VAL N 527 58.11 3.10 0.37
C VAL N 527 58.89 1.82 0.03
N ALA N 528 58.60 1.22 -1.12
CA ALA N 528 59.29 0.01 -1.54
C ALA N 528 59.78 -0.01 -2.99
N SER N 529 60.34 1.13 -3.40
CA SER N 529 60.92 1.29 -4.74
C SER N 529 61.87 2.51 -4.73
N ARG N 530 62.74 2.70 -5.74
CA ARG N 530 63.67 3.86 -5.68
C ARG N 530 62.99 5.20 -5.97
N THR N 531 61.71 5.33 -5.59
CA THR N 531 60.98 6.55 -5.91
C THR N 531 61.02 7.67 -4.86
N ASP N 532 62.01 7.67 -3.98
CA ASP N 532 62.13 8.71 -2.94
C ASP N 532 60.80 9.38 -2.59
N ASP N 533 59.83 8.53 -2.26
CA ASP N 533 58.46 8.88 -1.89
C ASP N 533 58.29 9.93 -0.80
N SER N 534 57.05 10.39 -0.63
CA SER N 534 56.72 11.39 0.37
C SER N 534 57.15 11.00 1.79
N ALA N 535 57.12 9.70 2.08
CA ALA N 535 57.51 9.20 3.40
C ALA N 535 59.00 9.36 3.63
N THR N 536 59.82 8.67 2.84
CA THR N 536 61.28 8.75 2.97
C THR N 536 61.76 10.15 2.67
N SER N 537 60.85 11.02 2.21
CA SER N 537 61.21 12.40 1.89
C SER N 537 61.05 13.29 3.09
N ALA N 538 60.02 13.04 3.89
CA ALA N 538 59.77 13.81 5.10
C ALA N 538 60.98 13.62 6.01
N ILE N 539 61.49 12.39 6.08
CA ILE N 539 62.63 12.07 6.92
C ILE N 539 63.91 12.73 6.41
N VAL N 540 64.17 12.69 5.10
CA VAL N 540 65.36 13.31 4.53
C VAL N 540 65.48 14.78 4.92
N SER N 541 64.36 15.49 4.93
CA SER N 541 64.41 16.90 5.29
C SER N 541 64.80 17.06 6.76
N ARG N 542 64.48 16.08 7.60
CA ARG N 542 64.87 16.18 9.00
C ARG N 542 66.37 15.93 9.10
N LEU N 543 66.86 14.86 8.47
CA LEU N 543 68.30 14.56 8.52
C LEU N 543 69.14 15.73 8.07
N ALA N 544 68.71 16.41 7.02
CA ALA N 544 69.44 17.58 6.52
C ALA N 544 69.46 18.65 7.64
N VAL N 545 68.30 19.23 7.95
CA VAL N 545 68.17 20.25 9.01
C VAL N 545 68.91 19.84 10.27
N GLN N 546 69.05 18.53 10.47
CA GLN N 546 69.72 18.04 11.65
C GLN N 546 71.23 18.04 11.43
N HIS N 547 71.70 17.30 10.43
CA HIS N 547 73.12 17.24 10.12
C HIS N 547 73.68 18.61 9.73
N LYS N 548 72.79 19.54 9.37
CA LYS N 548 73.25 20.85 8.95
C LYS N 548 73.62 21.74 10.12
N LEU N 549 72.88 21.65 11.23
CA LEU N 549 73.21 22.49 12.38
C LEU N 549 74.32 21.86 13.19
N SER N 550 74.48 20.55 13.07
CA SER N 550 75.55 19.87 13.82
C SER N 550 76.87 20.24 13.16
N GLN N 551 76.79 20.81 11.97
CA GLN N 551 77.97 21.23 11.23
C GLN N 551 78.27 22.71 11.50
N VAL N 552 77.25 23.45 11.93
CA VAL N 552 77.38 24.87 12.25
C VAL N 552 78.37 24.99 13.43
N GLY N 553 79.17 26.06 13.44
CA GLY N 553 80.21 26.28 14.46
C GLY N 553 81.29 25.20 14.25
N GLN N 554 82.59 25.55 14.05
CA GLN N 554 83.73 24.63 13.75
C GLN N 554 83.86 24.62 12.21
N ALA N 555 85.11 24.51 11.70
CA ALA N 555 85.57 24.49 10.28
C ALA N 555 84.57 24.11 9.17
N SER N 556 83.42 23.56 9.56
CA SER N 556 82.39 23.11 8.60
C SER N 556 83.05 22.46 7.38
N PRO N 557 84.06 21.61 7.63
CA PRO N 557 84.80 20.95 6.53
C PRO N 557 83.95 20.00 5.69
N THR N 558 82.73 19.69 6.15
CA THR N 558 81.88 18.76 5.42
C THR N 558 80.55 19.34 4.95
N PRO N 559 80.47 19.77 3.69
CA PRO N 559 79.21 20.24 3.19
C PRO N 559 78.23 19.07 3.15
N PRO N 560 77.04 19.20 3.71
CA PRO N 560 76.06 18.11 3.70
C PRO N 560 76.08 17.32 2.39
N ASP N 561 75.84 16.00 2.51
CA ASP N 561 75.88 15.11 1.36
C ASP N 561 74.64 15.17 0.44
N TYR N 562 73.55 14.54 0.86
CA TYR N 562 72.25 14.53 0.11
C TYR N 562 72.03 13.28 -0.72
N PRO N 563 72.89 12.97 -1.68
CA PRO N 563 72.67 11.71 -2.38
C PRO N 563 72.70 10.58 -1.33
N LEU N 564 73.61 10.73 -0.31
CA LEU N 564 73.83 9.79 0.85
C LEU N 564 72.76 9.95 1.94
N LEU N 565 72.23 11.16 2.04
CA LEU N 565 71.15 11.46 2.98
C LEU N 565 69.82 10.95 2.47
N TRP N 566 69.58 11.14 1.17
CA TRP N 566 68.36 10.63 0.58
C TRP N 566 68.30 9.14 0.78
N ARG N 567 69.42 8.47 0.44
CA ARG N 567 69.54 7.02 0.56
C ARG N 567 69.50 6.54 2.02
N ARG N 568 70.04 7.34 2.94
CA ARG N 568 70.00 6.91 4.34
C ARG N 568 68.60 7.00 4.90
N ALA N 569 67.88 8.06 4.51
CA ALA N 569 66.51 8.25 5.00
C ALA N 569 65.54 7.31 4.28
N LYS N 570 65.94 6.82 3.10
CA LYS N 570 65.09 5.90 2.35
C LYS N 570 65.00 4.59 3.09
N ARG N 571 66.14 4.12 3.62
CA ARG N 571 66.15 2.86 4.36
C ARG N 571 65.58 3.07 5.76
N ALA N 572 65.62 4.32 6.22
CA ALA N 572 65.06 4.64 7.55
C ALA N 572 63.55 4.50 7.43
N ALA N 573 62.94 5.17 6.44
CA ALA N 573 61.48 5.09 6.25
C ALA N 573 61.12 3.66 5.86
N SER N 574 62.01 3.03 5.12
CA SER N 574 61.78 1.66 4.70
C SER N 574 61.87 0.71 5.88
N MET N 575 62.90 0.87 6.72
CA MET N 575 63.05 -0.01 7.88
C MET N 575 61.84 0.12 8.80
N PHE N 576 61.18 1.27 8.76
CA PHE N 576 60.01 1.47 9.57
C PHE N 576 58.84 0.66 9.02
N VAL N 577 58.42 0.94 7.78
CA VAL N 577 57.34 0.16 7.17
C VAL N 577 57.56 -1.29 7.40
N SER N 578 58.82 -1.70 7.30
CA SER N 578 59.21 -3.10 7.47
C SER N 578 58.80 -3.65 8.83
N ASN N 579 59.49 -3.21 9.88
CA ASN N 579 59.22 -3.65 11.21
C ASN N 579 58.88 -2.45 12.10
N PRO N 580 57.62 -1.98 12.03
CA PRO N 580 57.14 -0.82 12.79
C PRO N 580 57.71 -0.74 14.22
N SER N 581 57.78 -1.90 14.88
CA SER N 581 58.29 -2.00 16.25
C SER N 581 59.61 -1.26 16.50
N LEU N 582 60.67 -1.65 15.78
CA LEU N 582 62.00 -1.07 15.93
C LEU N 582 62.05 0.35 16.50
N ALA N 583 61.20 1.25 15.99
CA ALA N 583 61.17 2.63 16.46
C ALA N 583 60.97 2.79 17.98
N LEU N 584 61.02 1.68 18.72
CA LEU N 584 60.88 1.72 20.19
C LEU N 584 62.20 1.37 20.85
N GLN N 585 63.04 0.64 20.10
CA GLN N 585 64.32 0.17 20.60
C GLN N 585 65.46 1.15 20.56
N VAL N 586 66.12 1.32 21.71
CA VAL N 586 67.25 2.22 21.83
C VAL N 586 68.39 1.72 20.97
N GLY N 587 68.85 2.56 20.05
CA GLY N 587 69.97 2.19 19.18
C GLY N 587 69.59 1.91 17.74
N ILE N 588 68.55 2.56 17.25
CA ILE N 588 68.16 2.37 15.85
C ILE N 588 68.41 3.65 15.06
N PRO N 589 69.31 3.57 14.05
CA PRO N 589 69.75 4.69 13.19
C PRO N 589 68.61 5.52 12.59
N VAL N 590 68.66 6.84 12.80
CA VAL N 590 67.63 7.76 12.30
C VAL N 590 66.32 7.57 13.05
N LEU N 591 65.53 6.59 12.60
CA LEU N 591 64.24 6.27 13.18
C LEU N 591 63.99 6.71 14.63
N THR N 592 65.01 6.55 15.52
CA THR N 592 64.77 6.88 16.93
C THR N 592 65.09 8.30 17.37
N GLN N 593 65.37 9.23 16.45
CA GLN N 593 65.61 10.60 16.88
C GLN N 593 64.22 11.21 17.02
N SER N 594 64.03 12.10 17.98
CA SER N 594 62.72 12.70 18.23
C SER N 594 61.97 13.25 17.00
N GLY N 595 62.68 13.84 16.05
CA GLY N 595 62.04 14.39 14.86
C GLY N 595 61.19 13.37 14.12
N MET N 596 61.87 12.45 13.43
CA MET N 596 61.22 11.37 12.67
C MET N 596 59.97 10.82 13.33
N LEU N 597 59.09 10.22 12.51
CA LEU N 597 57.81 9.65 12.99
C LEU N 597 56.84 10.78 13.19
N SER N 598 57.13 11.62 14.17
CA SER N 598 56.30 12.77 14.35
C SER N 598 56.29 13.48 13.03
N ALA N 599 57.45 13.40 12.39
CA ALA N 599 57.70 13.94 11.07
C ALA N 599 57.07 13.03 10.03
N LEU N 600 57.59 11.81 9.90
CA LEU N 600 57.07 10.84 8.95
C LEU N 600 55.55 10.93 8.81
N THR N 601 54.84 10.50 9.88
CA THR N 601 53.37 10.50 9.80
C THR N 601 52.85 11.77 9.16
N SER N 602 53.03 12.94 9.76
CA SER N 602 52.50 14.20 9.18
C SER N 602 52.86 14.42 7.70
N GLY N 603 53.83 13.67 7.20
CA GLY N 603 54.17 13.73 5.79
C GLY N 603 53.19 12.80 5.12
N VAL N 604 53.39 11.51 5.39
CA VAL N 604 52.52 10.45 4.88
C VAL N 604 51.07 10.95 4.91
N GLY N 605 50.78 11.76 5.91
CA GLY N 605 49.48 12.34 6.09
C GLY N 605 49.13 13.11 4.83
N THR N 606 49.70 14.30 4.68
CA THR N 606 49.40 15.11 3.50
C THR N 606 49.64 14.34 2.20
N ALA N 607 50.57 13.38 2.23
CA ALA N 607 50.86 12.58 1.03
C ALA N 607 49.61 11.84 0.53
N LEU N 608 48.83 11.29 1.45
CA LEU N 608 47.62 10.57 1.05
C LEU N 608 46.56 11.54 0.60
N ARG N 609 46.53 12.73 1.19
CA ARG N 609 45.53 13.68 0.81
C ARG N 609 45.90 14.45 -0.45
N THR N 610 46.43 13.71 -1.46
CA THR N 610 46.81 14.35 -2.75
C THR N 610 47.18 13.32 -3.82
N GLY N 611 47.25 12.04 -3.42
CA GLY N 611 47.61 10.95 -4.34
C GLY N 611 47.14 11.15 -5.78
N SER N 612 46.07 11.94 -6.01
CA SER N 612 45.38 12.27 -7.29
C SER N 612 44.29 11.21 -7.59
N LEU N 613 44.57 10.19 -8.42
CA LEU N 613 43.67 9.05 -8.70
C LEU N 613 44.59 8.06 -9.40
N GLY N 614 45.46 8.58 -10.28
CA GLY N 614 46.38 7.78 -11.06
C GLY N 614 47.71 7.51 -10.37
N LYS N 615 47.64 7.19 -9.07
CA LYS N 615 48.82 6.86 -8.28
C LYS N 615 49.40 5.54 -8.76
N GLY N 616 48.49 4.81 -9.38
CA GLY N 616 48.82 3.52 -9.92
C GLY N 616 49.79 3.64 -11.08
N VAL N 617 50.19 4.84 -11.46
CA VAL N 617 51.12 4.98 -12.58
C VAL N 617 52.46 4.37 -12.20
N THR N 618 52.66 4.12 -10.90
CA THR N 618 53.90 3.53 -10.43
C THR N 618 54.05 2.10 -10.93
N ASP N 619 55.11 1.83 -11.68
CA ASP N 619 55.35 0.50 -12.22
C ASP N 619 54.12 0.02 -12.97
N ALA N 620 53.40 0.96 -13.58
CA ALA N 620 52.19 0.65 -14.35
C ALA N 620 52.63 0.16 -15.72
N SER N 621 53.94 0.01 -15.87
CA SER N 621 54.52 -0.48 -17.11
C SER N 621 54.62 -2.01 -17.07
N GLU N 622 55.33 -2.54 -16.08
CA GLU N 622 55.51 -3.99 -15.92
C GLU N 622 54.18 -4.58 -15.50
N LYS N 623 53.40 -3.78 -14.77
CA LYS N 623 52.08 -4.20 -14.31
C LYS N 623 51.25 -4.41 -15.57
N LEU N 624 51.39 -3.50 -16.53
CA LEU N 624 50.64 -3.58 -17.78
C LEU N 624 51.13 -4.77 -18.56
N ARG N 625 52.44 -4.84 -18.75
CA ARG N 625 53.06 -5.92 -19.50
C ARG N 625 52.72 -7.29 -18.90
N ALA N 626 52.41 -7.33 -17.60
CA ALA N 626 52.04 -8.59 -16.95
C ALA N 626 50.58 -8.92 -17.26
N ARG N 627 49.73 -7.90 -17.39
CA ARG N 627 48.35 -8.11 -17.73
C ARG N 627 48.20 -8.61 -19.17
N GLN N 628 49.04 -8.10 -20.07
CA GLN N 628 49.00 -8.57 -21.45
C GLN N 628 49.46 -10.01 -21.45
N SER N 629 50.36 -10.31 -20.53
CA SER N 629 50.90 -11.67 -20.41
C SER N 629 49.78 -12.63 -20.09
N LEU N 630 48.85 -12.19 -19.25
CA LEU N 630 47.73 -13.05 -18.83
C LEU N 630 46.70 -13.21 -19.93
N THR N 631 46.38 -12.09 -20.59
CA THR N 631 45.39 -12.14 -21.67
C THR N 631 45.92 -13.01 -22.83
N VAL N 632 47.24 -13.09 -22.99
CA VAL N 632 47.79 -13.92 -24.05
C VAL N 632 47.61 -15.39 -23.68
N ALA N 633 47.72 -15.69 -22.39
CA ALA N 633 47.54 -17.06 -21.93
C ALA N 633 46.05 -17.41 -21.88
N LYS N 634 45.20 -16.44 -21.55
CA LYS N 634 43.77 -16.68 -21.51
C LYS N 634 43.21 -16.80 -22.94
N GLN N 635 43.85 -16.13 -23.89
CA GLN N 635 43.40 -16.23 -25.26
C GLN N 635 43.69 -17.66 -25.68
N ALA N 636 44.79 -18.19 -25.16
CA ALA N 636 45.22 -19.56 -25.43
C ALA N 636 44.16 -20.55 -24.95
N PHE N 637 43.51 -20.23 -23.83
CA PHE N 637 42.43 -21.07 -23.29
C PHE N 637 41.27 -21.05 -24.27
N PHE N 638 40.70 -19.87 -24.54
CA PHE N 638 39.59 -19.74 -25.48
C PHE N 638 39.85 -20.49 -26.79
N ASP N 639 41.12 -20.60 -27.17
CA ASP N 639 41.47 -21.31 -28.40
C ASP N 639 41.16 -22.80 -28.31
N GLN N 640 41.26 -23.38 -27.11
CA GLN N 640 40.94 -24.79 -26.96
C GLN N 640 39.44 -24.97 -26.84
N ILE N 641 38.80 -24.10 -26.05
CA ILE N 641 37.34 -24.16 -25.95
C ILE N 641 36.81 -24.14 -27.36
N GLY N 642 37.50 -23.41 -28.19
CA GLY N 642 37.17 -23.24 -29.60
C GLY N 642 37.44 -24.44 -30.47
N SER N 643 38.35 -25.32 -30.07
CA SER N 643 38.62 -26.49 -30.90
C SER N 643 37.91 -27.74 -30.36
N LEU N 644 38.28 -28.16 -29.15
CA LEU N 644 37.70 -29.34 -28.53
C LEU N 644 36.19 -29.43 -28.75
N TRP N 645 35.47 -28.38 -28.35
CA TRP N 645 34.04 -28.34 -28.60
C TRP N 645 33.78 -27.45 -29.81
N PRO N 646 33.91 -28.05 -31.01
CA PRO N 646 33.68 -27.31 -32.24
C PRO N 646 32.20 -26.95 -32.42
N GLY O 2 2.09 -44.51 -47.12
CA GLY O 2 2.24 -43.08 -47.08
C GLY O 2 1.98 -42.46 -48.44
N ASN O 3 1.54 -43.29 -49.37
CA ASN O 3 1.28 -42.80 -50.70
C ASN O 3 0.43 -41.56 -50.68
N VAL O 4 0.88 -40.64 -51.49
CA VAL O 4 0.17 -39.42 -51.63
C VAL O 4 -1.31 -39.69 -51.83
N GLN O 5 -2.09 -38.86 -51.15
CA GLN O 5 -3.56 -38.80 -51.21
C GLN O 5 -3.87 -37.55 -52.04
N THR O 6 -4.02 -36.39 -51.36
CA THR O 6 -4.17 -35.03 -51.95
C THR O 6 -5.31 -34.15 -51.41
N SER O 7 -6.51 -34.62 -51.17
CA SER O 7 -7.46 -33.64 -50.69
C SER O 7 -8.34 -34.19 -49.58
N VAL O 8 -8.49 -35.53 -49.59
CA VAL O 8 -9.33 -36.18 -48.62
C VAL O 8 -9.19 -35.45 -47.30
N ASN O 9 -7.94 -35.25 -46.85
CA ASN O 9 -7.73 -34.57 -45.56
C ASN O 9 -6.67 -33.39 -45.71
N THR O 10 -6.83 -32.15 -45.14
CA THR O 10 -5.91 -30.93 -45.27
C THR O 10 -4.41 -31.18 -45.11
N TYR O 11 -4.04 -32.38 -44.76
CA TYR O 11 -2.63 -32.70 -44.56
C TYR O 11 -2.23 -34.04 -45.15
N ASN O 12 -1.08 -34.04 -45.79
CA ASN O 12 -0.52 -35.27 -46.33
C ASN O 12 0.29 -35.83 -45.16
N ILE O 13 0.48 -37.13 -45.08
CA ILE O 13 1.29 -37.62 -43.97
C ILE O 13 2.75 -37.46 -44.31
N THR O 14 3.11 -37.93 -45.49
CA THR O 14 4.48 -37.80 -46.00
C THR O 14 4.69 -36.38 -46.50
N GLY O 15 3.69 -35.54 -46.26
CA GLY O 15 3.75 -34.14 -46.66
C GLY O 15 5.04 -33.43 -46.29
N ASP O 16 5.27 -32.32 -46.96
CA ASP O 16 6.46 -31.47 -46.76
C ASP O 16 6.57 -30.88 -45.35
N GLY O 17 7.77 -30.98 -44.77
CA GLY O 17 8.01 -30.42 -43.46
C GLY O 17 7.08 -30.67 -42.27
N ASN O 18 6.67 -31.92 -42.08
CA ASN O 18 5.84 -32.28 -40.93
C ASN O 18 6.80 -32.36 -39.78
N SER O 19 6.35 -32.76 -38.60
CA SER O 19 7.32 -32.82 -37.51
C SER O 19 6.85 -33.41 -36.21
N PHE O 20 7.27 -34.62 -35.91
CA PHE O 20 6.95 -35.23 -34.64
C PHE O 20 7.84 -34.54 -33.62
N THR O 21 7.24 -34.01 -32.56
CA THR O 21 8.01 -33.30 -31.53
C THR O 21 7.21 -32.98 -30.27
N PRO O 22 7.21 -33.91 -29.31
CA PRO O 22 6.49 -33.75 -28.04
C PRO O 22 7.01 -32.55 -27.29
N THR O 23 6.11 -31.90 -26.58
CA THR O 23 6.40 -30.73 -25.74
C THR O 23 5.77 -31.04 -24.41
N SER O 24 6.54 -30.99 -23.33
CA SER O 24 6.00 -31.27 -22.00
C SER O 24 4.77 -30.40 -21.73
N ASP O 25 4.64 -29.38 -22.54
CA ASP O 25 3.58 -28.38 -22.41
C ASP O 25 2.13 -28.74 -22.82
N MET O 26 1.95 -29.65 -23.78
CA MET O 26 0.59 -29.91 -24.25
C MET O 26 0.01 -31.33 -24.12
N THR O 27 0.51 -32.19 -23.21
CA THR O 27 0.00 -33.58 -23.05
C THR O 27 -1.23 -33.96 -23.89
N SER O 28 -0.99 -34.62 -25.01
CA SER O 28 -2.03 -35.08 -25.95
C SER O 28 -3.20 -35.78 -25.28
N THR O 29 -4.43 -35.29 -25.53
CA THR O 29 -5.64 -35.89 -24.92
C THR O 29 -6.99 -35.56 -25.58
N ALA O 30 -7.75 -36.59 -25.92
CA ALA O 30 -9.09 -36.41 -26.48
C ALA O 30 -10.09 -36.28 -25.31
N ALA O 31 -11.29 -36.83 -25.44
CA ALA O 31 -12.29 -36.69 -24.38
C ALA O 31 -12.82 -38.01 -23.85
N PRO O 32 -12.15 -38.57 -22.80
CA PRO O 32 -12.57 -39.85 -22.21
C PRO O 32 -13.47 -39.66 -21.02
N ALA O 33 -13.11 -38.79 -20.08
CA ALA O 33 -13.92 -38.66 -18.88
C ALA O 33 -15.25 -37.90 -19.00
N ILE O 34 -15.98 -38.03 -20.11
CA ILE O 34 -17.25 -37.31 -20.22
C ILE O 34 -18.19 -37.82 -19.13
N ASP O 35 -18.76 -36.90 -18.36
CA ASP O 35 -19.66 -37.28 -17.28
C ASP O 35 -21.07 -37.62 -17.78
N LEU O 36 -21.56 -38.80 -17.40
CA LEU O 36 -22.91 -39.20 -17.79
C LEU O 36 -23.72 -39.76 -16.63
N LYS O 37 -23.11 -39.93 -15.46
CA LYS O 37 -23.82 -40.49 -14.31
C LYS O 37 -25.15 -39.75 -14.03
N PRO O 38 -26.15 -40.52 -13.68
CA PRO O 38 -27.51 -40.04 -13.40
C PRO O 38 -27.65 -38.63 -12.87
N GLY O 39 -27.15 -38.41 -11.66
CA GLY O 39 -27.27 -37.09 -11.08
C GLY O 39 -26.60 -36.01 -11.92
N VAL O 40 -25.40 -36.31 -12.42
CA VAL O 40 -24.65 -35.32 -13.18
C VAL O 40 -25.11 -35.07 -14.61
N LEU O 41 -25.69 -36.04 -15.30
CA LEU O 41 -26.18 -35.79 -16.66
C LEU O 41 -27.57 -35.17 -16.62
N ASN O 42 -28.23 -35.32 -15.46
CA ASN O 42 -29.57 -34.74 -15.22
C ASN O 42 -30.62 -35.73 -14.74
N PRO P 43 -34.06 -23.80 -15.54
CA PRO P 43 -35.13 -24.81 -15.61
C PRO P 43 -34.55 -26.17 -15.89
N THR P 44 -35.39 -27.19 -15.80
CA THR P 44 -35.04 -28.61 -16.00
C THR P 44 -36.33 -29.40 -16.16
N GLY P 45 -36.20 -30.67 -16.53
CA GLY P 45 -37.35 -31.54 -16.64
C GLY P 45 -38.11 -31.44 -17.99
N LYS P 46 -39.25 -32.11 -18.05
CA LYS P 46 -40.05 -32.12 -19.23
C LYS P 46 -40.80 -30.80 -19.33
N LEU P 47 -41.13 -30.37 -20.54
CA LEU P 47 -41.84 -29.11 -20.71
C LEU P 47 -43.34 -29.35 -20.64
N TRP P 48 -44.05 -28.45 -20.01
CA TRP P 48 -45.49 -28.53 -19.86
C TRP P 48 -46.15 -27.37 -20.54
N ARG P 49 -47.44 -27.48 -20.84
CA ARG P 49 -48.15 -26.36 -21.44
C ARG P 49 -49.58 -26.35 -20.94
N PRO P 50 -50.17 -25.15 -20.83
CA PRO P 50 -51.56 -24.98 -20.35
C PRO P 50 -52.57 -25.77 -21.18
N VAL P 51 -52.96 -26.97 -20.72
CA VAL P 51 -53.94 -27.78 -21.45
C VAL P 51 -55.29 -27.05 -21.50
N GLY P 52 -55.61 -26.30 -20.46
CA GLY P 52 -56.85 -25.54 -20.40
C GLY P 52 -56.77 -24.23 -21.16
N THR P 53 -55.60 -23.96 -21.73
CA THR P 53 -55.34 -22.76 -22.53
C THR P 53 -55.18 -21.44 -21.76
N SER P 54 -54.42 -20.54 -22.38
CA SER P 54 -54.14 -19.21 -21.85
C SER P 54 -53.65 -19.21 -20.40
N VAL P 55 -54.58 -19.01 -19.48
CA VAL P 55 -54.25 -19.00 -18.06
C VAL P 55 -53.57 -20.31 -17.66
N ALA P 56 -52.35 -20.19 -17.14
CA ALA P 56 -51.68 -21.35 -16.55
C ALA P 56 -51.79 -21.19 -15.04
N THR P 57 -52.45 -22.13 -14.38
CA THR P 57 -52.70 -22.05 -12.93
C THR P 57 -51.93 -23.00 -12.00
N ILE P 58 -50.98 -23.74 -12.56
CA ILE P 58 -50.19 -24.71 -11.84
C ILE P 58 -50.92 -26.05 -11.84
N ASP P 59 -52.16 -26.01 -12.29
CA ASP P 59 -52.98 -27.22 -12.42
C ASP P 59 -53.35 -27.41 -13.88
N SER P 60 -53.45 -26.30 -14.60
CA SER P 60 -53.78 -26.32 -16.02
C SER P 60 -52.69 -27.02 -16.80
N LEU P 61 -51.44 -26.75 -16.43
CA LEU P 61 -50.28 -27.35 -17.08
C LEU P 61 -50.29 -28.87 -17.04
N ALA P 62 -49.87 -29.45 -18.16
CA ALA P 62 -49.78 -30.89 -18.34
C ALA P 62 -48.55 -31.15 -19.19
N ILE P 63 -47.87 -32.26 -18.95
CA ILE P 63 -46.69 -32.58 -19.76
C ILE P 63 -47.08 -32.57 -21.23
N VAL P 64 -46.50 -31.65 -22.01
CA VAL P 64 -46.81 -31.55 -23.43
C VAL P 64 -46.29 -32.76 -24.17
N SER P 65 -47.00 -33.88 -24.09
CA SER P 65 -46.55 -35.07 -24.80
C SER P 65 -47.19 -35.08 -26.19
N ASP P 66 -46.80 -36.05 -27.02
CA ASP P 66 -47.36 -36.16 -28.36
C ASP P 66 -46.68 -37.27 -29.14
N ARG P 67 -46.98 -37.29 -30.44
CA ARG P 67 -46.47 -38.28 -31.38
C ARG P 67 -44.96 -38.52 -31.35
N PHE P 68 -44.20 -37.62 -30.72
CA PHE P 68 -42.75 -37.76 -30.63
C PHE P 68 -42.26 -38.17 -29.25
N GLY P 69 -43.16 -38.18 -28.27
CA GLY P 69 -42.78 -38.52 -26.91
C GLY P 69 -42.88 -37.21 -26.15
N GLN P 70 -42.18 -37.05 -25.05
CA GLN P 70 -42.27 -35.79 -24.30
C GLN P 70 -41.01 -34.95 -24.37
N TYR P 71 -41.19 -33.69 -24.76
CA TYR P 71 -40.06 -32.79 -24.87
C TYR P 71 -39.47 -32.54 -23.50
N SER P 72 -38.21 -32.92 -23.30
CA SER P 72 -37.57 -32.63 -22.02
C SER P 72 -36.58 -31.50 -22.30
N PHE P 73 -36.54 -30.51 -21.41
CA PHE P 73 -35.67 -29.36 -21.59
C PHE P 73 -34.19 -29.72 -21.58
N VAL P 74 -33.41 -29.00 -22.39
CA VAL P 74 -31.97 -29.24 -22.47
C VAL P 74 -31.20 -28.07 -21.87
N ASN P 75 -31.15 -28.04 -20.55
CA ASN P 75 -30.46 -26.98 -19.81
C ASN P 75 -29.04 -26.79 -20.33
N GLU P 76 -28.51 -25.59 -20.17
CA GLU P 76 -27.18 -25.22 -20.64
C GLU P 76 -26.06 -26.28 -20.49
N GLY P 77 -25.87 -26.80 -19.31
CA GLY P 77 -24.82 -27.77 -19.05
C GLY P 77 -25.03 -29.11 -19.71
N MET P 78 -26.27 -29.55 -19.82
CA MET P 78 -26.55 -30.83 -20.45
C MET P 78 -26.29 -30.79 -21.95
N ARG P 79 -26.08 -29.59 -22.49
CA ARG P 79 -25.74 -29.46 -23.90
C ARG P 79 -24.24 -29.58 -24.03
N GLU P 80 -23.55 -29.29 -22.92
CA GLU P 80 -22.09 -29.38 -22.87
C GLU P 80 -21.67 -30.81 -23.06
N THR P 81 -22.43 -31.72 -22.46
CA THR P 81 -22.11 -33.12 -22.57
C THR P 81 -22.32 -33.62 -23.99
N PHE P 82 -23.57 -33.59 -24.46
CA PHE P 82 -23.90 -34.04 -25.80
C PHE P 82 -23.13 -33.32 -26.88
N SER P 83 -22.62 -32.16 -26.58
CA SER P 83 -21.78 -31.50 -27.54
C SER P 83 -20.38 -32.05 -27.40
N LYS P 84 -19.94 -32.27 -26.17
CA LYS P 84 -18.60 -32.79 -25.90
C LYS P 84 -18.48 -34.22 -26.41
N ALA P 85 -19.61 -34.94 -26.45
CA ALA P 85 -19.66 -36.32 -26.93
C ALA P 85 -19.62 -36.32 -28.46
N LEU P 86 -20.45 -35.48 -29.07
CA LEU P 86 -20.48 -35.36 -30.52
C LEU P 86 -19.17 -34.75 -31.01
N PHE P 87 -18.62 -33.83 -30.23
CA PHE P 87 -17.37 -33.19 -30.64
C PHE P 87 -16.29 -34.25 -30.80
N ASP P 88 -16.23 -35.19 -29.86
CA ASP P 88 -15.23 -36.24 -29.93
C ASP P 88 -15.50 -37.21 -31.09
N ILE P 89 -16.67 -37.16 -31.70
CA ILE P 89 -16.95 -38.04 -32.82
C ILE P 89 -16.65 -37.29 -34.12
N ASN P 90 -17.12 -36.05 -34.23
CA ASN P 90 -16.86 -35.26 -35.43
C ASN P 90 -15.37 -35.31 -35.73
N MET P 91 -14.56 -35.26 -34.68
CA MET P 91 -13.09 -35.30 -34.82
C MET P 91 -12.65 -36.36 -35.85
N TRP P 92 -13.29 -37.50 -35.78
CA TRP P 92 -12.96 -38.61 -36.68
C TRP P 92 -13.57 -38.46 -38.04
N GLN P 93 -13.83 -37.22 -38.46
CA GLN P 93 -14.48 -37.00 -39.76
C GLN P 93 -13.71 -37.59 -40.93
N PRO P 94 -12.40 -37.31 -41.02
CA PRO P 94 -11.56 -37.82 -42.12
C PRO P 94 -11.53 -39.33 -42.23
N LEU P 95 -11.87 -40.04 -41.18
CA LEU P 95 -11.85 -41.49 -41.30
C LEU P 95 -13.21 -42.04 -41.66
N PHE P 96 -14.27 -41.26 -41.44
CA PHE P 96 -15.62 -41.68 -41.79
C PHE P 96 -15.83 -41.62 -43.29
N GLN P 97 -15.32 -40.56 -43.92
CA GLN P 97 -15.46 -40.44 -45.37
C GLN P 97 -14.59 -41.50 -46.01
N ALA P 98 -13.33 -41.56 -45.59
CA ALA P 98 -12.39 -42.54 -46.18
C ALA P 98 -13.03 -43.90 -46.23
N THR P 99 -13.58 -44.32 -45.14
CA THR P 99 -14.19 -45.62 -45.18
C THR P 99 -15.69 -45.60 -45.50
N LYS P 100 -16.27 -44.60 -46.21
CA LYS P 100 -17.73 -44.61 -46.61
C LYS P 100 -18.79 -44.98 -45.49
N THR P 101 -18.40 -45.09 -44.21
CA THR P 101 -19.35 -45.33 -43.08
C THR P 101 -19.88 -43.97 -42.65
N GLY P 102 -20.21 -43.79 -41.39
CA GLY P 102 -20.68 -42.50 -40.93
C GLY P 102 -21.88 -42.03 -41.77
N CYS P 103 -21.97 -40.72 -42.02
CA CYS P 103 -23.11 -40.11 -42.72
C CYS P 103 -23.11 -38.59 -42.60
N GLY P 104 -21.92 -37.99 -42.48
CA GLY P 104 -21.82 -36.55 -42.34
C GLY P 104 -21.58 -36.22 -40.87
N PRO P 105 -21.22 -34.97 -40.53
CA PRO P 105 -20.97 -34.59 -39.12
C PRO P 105 -22.27 -34.51 -38.32
N ILE P 106 -22.25 -35.03 -37.09
CA ILE P 106 -23.46 -35.02 -36.25
C ILE P 106 -23.64 -33.74 -35.45
N VAL P 107 -24.53 -32.85 -35.91
CA VAL P 107 -24.79 -31.60 -35.19
C VAL P 107 -25.86 -31.87 -34.12
N LEU P 108 -25.60 -31.44 -32.89
CA LEU P 108 -26.57 -31.68 -31.84
C LEU P 108 -27.86 -30.94 -32.11
N SER P 109 -27.80 -29.95 -33.01
CA SER P 109 -28.97 -29.17 -33.36
C SER P 109 -29.89 -29.93 -34.31
N SER P 110 -29.64 -31.22 -34.49
CA SER P 110 -30.49 -32.00 -35.38
C SER P 110 -31.43 -32.88 -34.54
N PHE P 111 -31.15 -32.98 -33.24
CA PHE P 111 -31.98 -33.79 -32.36
C PHE P 111 -32.90 -32.97 -31.49
N THR P 112 -32.65 -31.66 -31.41
CA THR P 112 -33.47 -30.81 -30.57
C THR P 112 -34.60 -30.08 -31.31
N THR P 113 -35.19 -29.08 -30.65
CA THR P 113 -36.30 -28.29 -31.21
C THR P 113 -36.34 -26.95 -30.49
N THR P 114 -37.27 -26.09 -30.88
CA THR P 114 -37.39 -24.80 -30.23
C THR P 114 -38.82 -24.56 -29.78
N THR P 115 -39.28 -25.41 -28.86
CA THR P 115 -40.63 -25.25 -28.33
C THR P 115 -40.52 -24.20 -27.23
N SER P 116 -41.65 -23.90 -26.59
CA SER P 116 -41.69 -22.94 -25.49
C SER P 116 -42.94 -23.21 -24.65
N GLY P 117 -42.78 -23.11 -23.34
CA GLY P 117 -43.87 -23.35 -22.42
C GLY P 117 -43.26 -23.27 -21.04
N TYR P 118 -43.86 -23.95 -20.07
CA TYR P 118 -43.33 -23.94 -18.71
C TYR P 118 -42.62 -25.24 -18.54
N VAL P 119 -41.38 -25.21 -18.03
CA VAL P 119 -40.66 -26.47 -17.87
C VAL P 119 -40.22 -26.81 -16.46
N GLY P 120 -40.86 -27.81 -15.86
CA GLY P 120 -40.48 -28.20 -14.52
C GLY P 120 -40.55 -29.70 -14.34
N ALA P 121 -40.58 -30.14 -13.08
CA ALA P 121 -40.66 -31.55 -12.78
C ALA P 121 -42.09 -31.91 -12.49
N THR P 122 -42.90 -30.93 -12.08
CA THR P 122 -44.33 -31.19 -11.82
C THR P 122 -45.13 -29.90 -12.02
N ALA P 123 -46.35 -30.02 -12.55
CA ALA P 123 -47.20 -28.85 -12.80
C ALA P 123 -46.94 -27.73 -11.79
N GLY P 124 -46.99 -28.07 -10.50
CA GLY P 124 -46.75 -27.08 -9.46
C GLY P 124 -45.49 -26.24 -9.61
N ASP P 125 -44.35 -26.91 -9.73
CA ASP P 125 -43.06 -26.23 -9.85
C ASP P 125 -42.69 -25.82 -11.27
N ALA P 126 -43.33 -26.43 -12.26
CA ALA P 126 -43.03 -26.11 -13.66
C ALA P 126 -43.62 -24.76 -13.96
N LEU P 127 -44.57 -24.34 -13.13
CA LEU P 127 -45.23 -23.06 -13.31
C LEU P 127 -44.30 -21.87 -13.09
N ASP P 128 -43.20 -22.10 -12.40
CA ASP P 128 -42.22 -21.05 -12.10
C ASP P 128 -41.01 -21.09 -13.01
N ASN P 129 -41.15 -21.60 -14.23
CA ASN P 129 -40.05 -21.67 -15.17
C ASN P 129 -40.51 -21.36 -16.57
N PRO P 130 -41.27 -20.30 -16.77
CA PRO P 130 -41.75 -19.97 -18.12
C PRO P 130 -40.54 -19.78 -19.03
N VAL P 131 -40.34 -20.70 -19.96
CA VAL P 131 -39.22 -20.59 -20.89
C VAL P 131 -39.74 -20.37 -22.31
N THR P 132 -39.18 -19.38 -23.00
CA THR P 132 -39.64 -19.10 -24.37
C THR P 132 -38.60 -19.53 -25.39
N ASN P 133 -39.05 -20.32 -26.35
CA ASN P 133 -38.18 -20.84 -27.39
C ASN P 133 -36.94 -21.48 -26.78
N GLY P 134 -37.15 -22.29 -25.74
CA GLY P 134 -36.05 -23.00 -25.14
C GLY P 134 -35.69 -24.09 -26.12
N VAL P 135 -34.66 -24.87 -25.82
CA VAL P 135 -34.25 -25.95 -26.71
C VAL P 135 -34.53 -27.30 -26.02
N PHE P 136 -35.56 -28.00 -26.45
CA PHE P 136 -35.92 -29.29 -25.87
C PHE P 136 -35.63 -30.41 -26.83
N ILE P 137 -35.41 -31.61 -26.30
CA ILE P 137 -35.18 -32.77 -27.17
C ILE P 137 -36.32 -33.74 -26.87
N SER P 138 -37.11 -34.11 -27.89
CA SER P 138 -38.26 -35.02 -27.68
C SER P 138 -37.82 -36.43 -27.32
N THR P 139 -38.64 -37.20 -26.66
CA THR P 139 -38.23 -38.56 -26.30
C THR P 139 -37.66 -39.35 -27.48
N VAL P 140 -38.46 -39.53 -28.55
CA VAL P 140 -37.97 -40.29 -29.68
C VAL P 140 -36.63 -39.76 -30.20
N GLN P 141 -36.33 -38.49 -29.93
CA GLN P 141 -35.05 -37.93 -30.34
C GLN P 141 -33.98 -38.32 -29.34
N ILE P 142 -34.31 -38.18 -28.04
CA ILE P 142 -33.40 -38.56 -26.96
C ILE P 142 -33.04 -40.01 -27.21
N MET P 143 -33.74 -40.65 -28.15
CA MET P 143 -33.43 -42.03 -28.49
C MET P 143 -32.35 -42.09 -29.54
N ASN P 144 -32.44 -41.27 -30.58
CA ASN P 144 -31.42 -41.28 -31.62
C ASN P 144 -30.10 -40.68 -31.17
N LEU P 145 -30.15 -39.46 -30.63
CA LEU P 145 -28.93 -38.83 -30.16
C LEU P 145 -28.22 -39.85 -29.30
N GLN P 146 -28.99 -40.80 -28.77
CA GLN P 146 -28.45 -41.88 -27.95
C GLN P 146 -27.89 -42.98 -28.87
N ARG P 147 -28.75 -43.69 -29.58
CA ARG P 147 -28.25 -44.74 -30.46
C ARG P 147 -27.36 -44.26 -31.60
N THR P 148 -27.26 -42.96 -31.84
CA THR P 148 -26.38 -42.48 -32.89
C THR P 148 -25.00 -42.42 -32.24
N ILE P 149 -24.91 -41.66 -31.15
CA ILE P 149 -23.67 -41.54 -30.40
C ILE P 149 -23.18 -42.92 -30.02
N ALA P 150 -24.11 -43.88 -29.94
CA ALA P 150 -23.72 -45.25 -29.62
C ALA P 150 -23.18 -45.93 -30.89
N ALA P 151 -23.93 -45.88 -32.00
CA ALA P 151 -23.47 -46.51 -33.23
C ALA P 151 -22.16 -45.91 -33.66
N ARG P 152 -22.07 -44.59 -33.74
CA ARG P 152 -20.83 -43.91 -34.13
C ARG P 152 -19.72 -44.23 -33.15
N MET P 153 -20.07 -44.27 -31.86
CA MET P 153 -19.08 -44.59 -30.85
C MET P 153 -18.41 -45.93 -31.11
N ARG P 154 -19.13 -46.91 -31.59
CA ARG P 154 -18.52 -48.16 -31.93
C ARG P 154 -17.55 -47.90 -33.09
N ASP P 155 -18.11 -47.40 -34.20
CA ASP P 155 -17.32 -47.06 -35.38
C ASP P 155 -15.94 -46.50 -35.03
N VAL P 156 -15.93 -45.39 -34.29
CA VAL P 156 -14.66 -44.78 -33.92
C VAL P 156 -13.88 -45.61 -32.92
N ALA P 157 -14.55 -46.10 -31.88
CA ALA P 157 -13.88 -46.92 -30.86
C ALA P 157 -12.96 -47.92 -31.53
N LEU P 158 -13.32 -48.39 -32.70
CA LEU P 158 -12.50 -49.37 -33.38
C LEU P 158 -11.25 -48.72 -33.99
N TRP P 159 -11.47 -47.80 -34.95
CA TRP P 159 -10.36 -47.11 -35.60
C TRP P 159 -9.45 -46.54 -34.55
N GLN P 160 -10.05 -45.74 -33.65
CA GLN P 160 -9.41 -45.09 -32.54
C GLN P 160 -8.50 -46.06 -31.81
N LYS P 161 -8.78 -47.36 -31.91
CA LYS P 161 -7.92 -48.33 -31.25
C LYS P 161 -6.64 -48.58 -32.09
N HIS P 162 -6.79 -48.61 -33.43
CA HIS P 162 -5.67 -48.80 -34.36
C HIS P 162 -4.74 -47.59 -34.34
N LEU P 163 -5.34 -46.41 -34.34
CA LEU P 163 -4.58 -45.17 -34.32
C LEU P 163 -3.65 -45.21 -33.14
N ASP P 164 -4.18 -45.75 -32.04
CA ASP P 164 -3.44 -45.84 -30.81
C ASP P 164 -2.25 -46.81 -30.78
N THR P 165 -2.49 -48.10 -31.09
CA THR P 165 -1.40 -49.06 -31.07
C THR P 165 -0.22 -48.52 -31.87
N ALA P 166 -0.48 -47.52 -32.71
CA ALA P 166 0.55 -46.91 -33.54
C ALA P 166 1.06 -45.63 -32.89
N MET P 167 0.16 -44.86 -32.30
CA MET P 167 0.56 -43.61 -31.66
C MET P 167 1.39 -43.85 -30.40
N THR P 168 0.78 -44.44 -29.39
CA THR P 168 1.50 -44.75 -28.16
C THR P 168 2.70 -45.63 -28.48
N MET P 169 2.70 -46.23 -29.67
CA MET P 169 3.83 -47.07 -30.06
C MET P 169 5.07 -46.23 -30.36
N LEU P 170 5.16 -45.07 -29.72
CA LEU P 170 6.29 -44.15 -29.83
C LEU P 170 6.06 -42.97 -28.90
N THR P 171 5.65 -43.31 -27.68
CA THR P 171 5.35 -42.37 -26.60
C THR P 171 5.34 -40.92 -27.02
N PRO P 172 4.23 -40.46 -27.61
CA PRO P 172 4.20 -39.06 -28.02
C PRO P 172 4.00 -38.13 -26.83
N ASP P 173 4.31 -38.60 -25.63
CA ASP P 173 4.13 -37.73 -24.47
C ASP P 173 5.25 -37.66 -23.44
N ILE P 174 5.88 -36.50 -23.36
CA ILE P 174 6.97 -36.24 -22.43
C ILE P 174 6.39 -35.26 -21.39
N SER P 175 7.08 -35.06 -20.27
CA SER P 175 6.55 -34.15 -19.25
C SER P 175 7.52 -33.09 -18.68
N ALA P 176 8.59 -32.81 -19.42
CA ALA P 176 9.58 -31.81 -19.02
C ALA P 176 10.37 -31.37 -20.25
N GLY P 177 10.30 -30.08 -20.58
CA GLY P 177 11.02 -29.59 -21.76
C GLY P 177 10.46 -30.29 -22.99
N SER P 178 11.14 -30.17 -24.13
CA SER P 178 10.67 -30.81 -25.35
C SER P 178 11.52 -32.00 -25.75
N ALA P 179 11.52 -32.31 -27.04
CA ALA P 179 12.30 -33.42 -27.60
C ALA P 179 11.65 -33.89 -28.92
N SER P 180 12.36 -33.67 -30.02
CA SER P 180 11.86 -34.07 -31.34
C SER P 180 12.37 -35.44 -31.79
N CYS P 181 12.07 -35.80 -33.04
CA CYS P 181 12.49 -37.08 -33.62
C CYS P 181 12.20 -37.01 -35.12
N ASN P 182 13.14 -36.48 -35.89
CA ASN P 182 12.98 -36.31 -37.33
C ASN P 182 11.94 -37.25 -37.97
N TRP P 183 10.82 -36.63 -38.35
CA TRP P 183 9.65 -37.29 -38.96
C TRP P 183 9.88 -38.41 -39.97
N LYS P 184 10.76 -38.19 -40.95
CA LYS P 184 11.05 -39.23 -41.95
C LYS P 184 11.28 -40.56 -41.23
N SER P 185 12.36 -40.63 -40.45
CA SER P 185 12.71 -41.84 -39.69
C SER P 185 11.49 -42.41 -39.00
N LEU P 186 10.91 -41.61 -38.11
CA LEU P 186 9.73 -41.99 -37.37
C LEU P 186 8.73 -42.79 -38.21
N LEU P 187 8.31 -42.17 -39.32
CA LEU P 187 7.36 -42.80 -40.23
C LEU P 187 7.96 -44.09 -40.80
N ALA P 188 9.04 -43.98 -41.54
CA ALA P 188 9.71 -45.15 -42.14
C ALA P 188 9.96 -46.26 -41.12
N PHE P 189 9.90 -45.91 -39.83
CA PHE P 189 10.08 -46.86 -38.73
C PHE P 189 8.75 -47.58 -38.45
N ALA P 190 7.71 -46.83 -38.15
CA ALA P 190 6.41 -47.43 -37.87
C ALA P 190 5.93 -48.20 -39.09
N LYS P 191 6.45 -47.83 -40.28
CA LYS P 191 6.11 -48.53 -41.51
C LYS P 191 6.43 -50.00 -41.30
N ASP P 192 7.34 -50.25 -40.36
CA ASP P 192 7.78 -51.59 -39.99
C ASP P 192 6.90 -52.10 -38.85
N ILE P 193 7.33 -51.82 -37.64
CA ILE P 193 6.65 -52.29 -36.44
C ILE P 193 5.16 -52.59 -36.63
N LEU P 194 4.32 -51.59 -36.87
CA LEU P 194 2.88 -51.79 -37.03
C LEU P 194 2.50 -53.14 -37.73
N PRO P 195 1.84 -54.10 -37.02
CA PRO P 195 1.44 -55.40 -37.56
C PRO P 195 0.47 -55.24 -38.73
N LEU P 196 0.61 -56.07 -39.75
CA LEU P 196 -0.20 -56.03 -41.00
C LEU P 196 -1.74 -55.90 -40.89
N ASP P 197 -2.32 -55.87 -39.67
CA ASP P 197 -3.78 -55.77 -39.52
C ASP P 197 -4.21 -54.54 -38.73
N ASN P 198 -3.37 -53.53 -38.74
CA ASN P 198 -3.75 -52.30 -38.08
C ASN P 198 -4.87 -51.64 -38.90
N LEU P 199 -4.83 -50.34 -39.16
CA LEU P 199 -5.74 -49.58 -40.04
C LEU P 199 -5.01 -48.27 -40.32
N CYS P 200 -3.78 -48.10 -39.74
CA CYS P 200 -2.90 -46.90 -39.90
C CYS P 200 -1.94 -47.09 -41.07
N LEU P 201 -2.03 -48.27 -41.69
CA LEU P 201 -1.27 -48.61 -42.86
C LEU P 201 -2.19 -48.55 -44.07
N THR P 202 -3.50 -48.78 -43.87
CA THR P 202 -4.44 -48.70 -45.00
C THR P 202 -4.89 -47.23 -45.26
N TYR P 203 -4.75 -46.26 -44.27
CA TYR P 203 -5.19 -44.83 -44.38
C TYR P 203 -4.20 -43.75 -43.82
N PRO P 204 -2.85 -43.98 -43.78
CA PRO P 204 -1.77 -43.08 -43.23
C PRO P 204 -2.16 -41.60 -42.97
N ASN P 205 -2.53 -40.91 -44.05
CA ASN P 205 -2.96 -39.56 -43.92
C ASN P 205 -4.47 -39.48 -44.13
N GLU P 206 -5.15 -40.30 -43.29
CA GLU P 206 -6.62 -40.35 -43.17
C GLU P 206 -6.84 -40.62 -41.70
N PHE P 207 -5.75 -41.12 -41.08
CA PHE P 207 -5.60 -41.41 -39.66
C PHE P 207 -4.75 -40.27 -39.13
N TYR P 208 -3.76 -39.89 -39.92
CA TYR P 208 -2.86 -38.79 -39.55
C TYR P 208 -3.68 -37.53 -39.22
N ASN P 209 -4.68 -37.20 -40.06
CA ASN P 209 -5.55 -36.02 -39.88
C ASN P 209 -6.41 -36.16 -38.66
N VAL P 210 -6.78 -37.38 -38.30
CA VAL P 210 -7.53 -37.60 -37.09
C VAL P 210 -6.55 -37.37 -35.96
N ALA P 211 -5.39 -38.01 -36.09
CA ALA P 211 -4.30 -37.96 -35.10
C ALA P 211 -3.86 -36.55 -34.76
N ILE P 212 -3.47 -35.76 -35.75
CA ILE P 212 -3.05 -34.38 -35.51
C ILE P 212 -3.92 -33.66 -34.49
N HIS P 213 -5.19 -34.03 -34.38
CA HIS P 213 -6.11 -33.40 -33.43
C HIS P 213 -6.10 -34.04 -32.07
N ARG P 214 -5.31 -35.08 -31.86
CA ARG P 214 -5.29 -35.71 -30.56
C ARG P 214 -3.91 -35.67 -29.95
N TYR P 215 -2.88 -35.51 -30.77
CA TYR P 215 -1.51 -35.49 -30.28
C TYR P 215 -0.80 -34.19 -30.61
N PRO P 216 -0.76 -33.26 -29.64
CA PRO P 216 -0.06 -32.02 -29.97
C PRO P 216 1.43 -32.28 -30.13
N ALA P 217 1.80 -33.54 -30.32
CA ALA P 217 3.20 -33.88 -30.55
C ALA P 217 3.40 -33.76 -32.07
N LEU P 218 2.53 -34.40 -32.85
CA LEU P 218 2.58 -34.37 -34.33
C LEU P 218 2.08 -33.01 -34.82
N LYS P 219 2.98 -32.14 -35.30
CA LYS P 219 2.57 -30.84 -35.82
C LYS P 219 2.70 -30.98 -37.32
N PRO P 220 1.60 -30.88 -38.07
CA PRO P 220 1.66 -31.03 -39.52
C PRO P 220 2.37 -29.85 -40.16
N GLY P 221 3.13 -30.09 -41.22
CA GLY P 221 3.85 -29.04 -41.87
C GLY P 221 2.90 -28.17 -42.68
N ASN P 222 2.89 -26.89 -42.39
CA ASN P 222 2.00 -25.98 -43.09
C ASN P 222 2.21 -26.00 -44.61
N PRO P 223 1.10 -26.10 -45.39
CA PRO P 223 1.23 -26.08 -46.88
C PRO P 223 1.95 -24.86 -47.51
N ASP P 224 1.62 -23.58 -47.21
CA ASP P 224 2.26 -22.43 -47.89
C ASP P 224 3.40 -21.66 -47.11
N THR P 225 4.45 -22.44 -46.73
CA THR P 225 5.72 -22.06 -46.06
C THR P 225 6.50 -23.37 -45.75
N LYS P 226 5.87 -24.50 -46.09
CA LYS P 226 6.35 -25.89 -45.93
C LYS P 226 7.25 -26.17 -44.68
N LEU P 227 6.89 -25.58 -43.51
CA LEU P 227 7.59 -25.61 -42.15
C LEU P 227 6.54 -25.92 -41.03
N PRO P 228 6.96 -26.44 -39.83
CA PRO P 228 5.97 -26.70 -38.76
C PRO P 228 5.09 -25.46 -38.35
N ASP P 229 4.97 -25.19 -37.03
CA ASP P 229 4.09 -24.09 -36.49
C ASP P 229 4.50 -23.67 -35.05
N ALA P 230 5.48 -24.32 -34.45
CA ALA P 230 5.87 -23.99 -33.07
C ALA P 230 4.75 -24.48 -32.18
N GLN P 231 3.65 -23.72 -32.16
CA GLN P 231 2.47 -24.12 -31.41
C GLN P 231 1.89 -25.35 -32.08
N ALA P 232 1.24 -26.17 -31.30
CA ALA P 232 0.54 -27.33 -31.85
C ALA P 232 -0.94 -27.10 -31.54
N HIS P 233 -1.82 -27.22 -32.56
CA HIS P 233 -3.24 -26.97 -32.36
C HIS P 233 -4.14 -28.20 -32.39
N PRO P 234 -4.11 -29.04 -31.34
CA PRO P 234 -4.99 -30.22 -31.34
C PRO P 234 -6.36 -29.80 -30.81
N LEU P 235 -7.44 -30.37 -31.34
CA LEU P 235 -8.78 -30.03 -30.90
C LEU P 235 -8.96 -29.92 -29.39
N GLY P 236 -8.19 -30.68 -28.62
CA GLY P 236 -8.30 -30.63 -27.17
C GLY P 236 -7.44 -29.51 -26.58
N GLU P 237 -7.26 -28.46 -27.37
CA GLU P 237 -6.45 -27.29 -27.05
C GLU P 237 -6.28 -26.96 -25.56
N VAL P 238 -7.40 -26.71 -24.88
CA VAL P 238 -7.38 -26.36 -23.46
C VAL P 238 -7.09 -27.54 -22.56
N ALA P 239 -7.92 -28.57 -22.64
CA ALA P 239 -7.74 -29.78 -21.82
C ALA P 239 -6.28 -30.26 -21.85
N GLY P 240 -5.72 -30.36 -23.04
CA GLY P 240 -4.34 -30.80 -23.17
C GLY P 240 -3.33 -29.81 -22.57
N ALA P 241 -3.73 -28.55 -22.47
CA ALA P 241 -2.85 -27.53 -21.89
C ALA P 241 -2.85 -27.71 -20.39
N PHE P 242 -4.03 -27.99 -19.84
CA PHE P 242 -4.19 -28.18 -18.40
C PHE P 242 -3.90 -29.56 -17.86
N ASN P 243 -3.12 -30.35 -18.58
CA ASN P 243 -2.78 -31.66 -18.08
C ASN P 243 -1.28 -31.81 -18.07
N ALA P 244 -0.64 -30.96 -18.86
CA ALA P 244 0.81 -30.96 -18.93
C ALA P 244 1.28 -30.89 -17.48
N ALA P 245 2.35 -31.60 -17.15
CA ALA P 245 2.86 -31.56 -15.79
C ALA P 245 3.56 -30.20 -15.60
N THR P 246 2.80 -29.18 -15.20
CA THR P 246 3.36 -27.83 -15.00
C THR P 246 4.43 -27.87 -13.93
N SER P 247 5.64 -27.45 -14.30
CA SER P 247 6.78 -27.48 -13.38
C SER P 247 6.64 -26.76 -12.03
N GLU P 248 5.70 -25.82 -11.93
CA GLU P 248 5.49 -25.08 -10.67
C GLU P 248 4.88 -26.00 -9.65
N VAL P 249 3.88 -26.76 -10.09
CA VAL P 249 3.20 -27.69 -9.20
C VAL P 249 2.85 -28.94 -9.99
N GLY P 250 3.39 -30.08 -9.58
CA GLY P 250 3.14 -31.35 -10.26
C GLY P 250 2.23 -31.34 -11.48
N SER P 251 0.93 -31.52 -11.23
CA SER P 251 -0.07 -31.52 -12.30
C SER P 251 -1.43 -31.16 -11.73
N LEU P 252 -2.00 -30.05 -12.19
CA LEU P 252 -3.29 -29.64 -11.70
C LEU P 252 -4.32 -30.76 -11.78
N VAL P 253 -4.41 -31.47 -12.90
CA VAL P 253 -5.38 -32.57 -13.03
C VAL P 253 -5.14 -33.66 -12.00
N GLY P 254 -3.88 -33.85 -11.60
CA GLY P 254 -3.57 -34.85 -10.59
C GLY P 254 -3.95 -34.32 -9.21
N SER P 255 -3.11 -33.44 -8.67
CA SER P 255 -3.31 -32.83 -7.36
C SER P 255 -4.76 -32.43 -7.08
N SER P 256 -5.51 -32.09 -8.14
CA SER P 256 -6.89 -31.68 -7.96
C SER P 256 -7.72 -32.88 -7.54
N SER P 257 -7.60 -33.97 -8.29
CA SER P 257 -8.37 -35.18 -8.02
C SER P 257 -7.95 -35.87 -6.73
N THR P 258 -6.64 -36.09 -6.55
CA THR P 258 -6.16 -36.74 -5.33
C THR P 258 -6.80 -36.08 -4.09
N LEU P 259 -7.31 -34.86 -4.26
CA LEU P 259 -7.97 -34.13 -3.18
C LEU P 259 -9.45 -34.43 -3.17
N SER P 260 -10.13 -34.16 -4.27
CA SER P 260 -11.56 -34.42 -4.33
C SER P 260 -11.79 -35.89 -4.01
N GLN P 261 -10.84 -36.74 -4.40
CA GLN P 261 -10.93 -38.16 -4.12
C GLN P 261 -10.96 -38.35 -2.60
N ALA P 262 -9.94 -37.85 -1.91
CA ALA P 262 -9.90 -37.96 -0.46
C ALA P 262 -11.15 -37.34 0.18
N ILE P 263 -11.61 -36.20 -0.33
CA ILE P 263 -12.80 -35.54 0.22
C ILE P 263 -13.99 -36.47 0.15
N SER P 264 -14.07 -37.22 -0.94
CA SER P 264 -15.17 -38.17 -1.10
C SER P 264 -15.16 -39.08 0.12
N THR P 265 -14.10 -39.87 0.28
CA THR P 265 -13.97 -40.79 1.41
C THR P 265 -14.32 -40.11 2.74
N MET P 266 -13.61 -39.02 3.06
CA MET P 266 -13.82 -38.30 4.31
C MET P 266 -15.29 -38.12 4.61
N ALA P 267 -16.11 -37.82 3.62
CA ALA P 267 -17.53 -37.64 3.91
C ALA P 267 -18.34 -38.93 3.83
N GLY P 268 -17.91 -39.76 2.88
CA GLY P 268 -18.48 -41.02 2.61
C GLY P 268 -18.43 -42.00 3.79
N LYS P 269 -17.47 -42.91 3.79
CA LYS P 269 -17.47 -43.95 4.83
C LYS P 269 -17.99 -43.43 6.20
N ASP P 270 -17.57 -42.21 6.56
CA ASP P 270 -17.87 -41.48 7.83
C ASP P 270 -16.61 -41.49 8.66
N LEU P 271 -15.51 -41.06 8.01
CA LEU P 271 -14.30 -40.99 8.76
C LEU P 271 -14.48 -39.96 9.84
N ASP P 272 -15.21 -38.90 9.50
CA ASP P 272 -15.54 -37.93 10.49
C ASP P 272 -16.25 -38.73 11.57
N LEU P 273 -16.17 -38.34 12.83
CA LEU P 273 -16.85 -39.10 13.87
C LEU P 273 -16.16 -40.45 14.14
N ILE P 274 -14.89 -40.54 13.77
CA ILE P 274 -14.12 -41.79 13.91
C ILE P 274 -13.87 -42.27 15.33
N GLU P 275 -13.84 -41.36 16.29
CA GLU P 275 -13.63 -41.76 17.67
C GLU P 275 -14.76 -41.21 18.54
N ALA P 276 -15.94 -41.15 17.93
CA ALA P 276 -17.15 -40.66 18.61
C ALA P 276 -17.41 -41.51 19.84
N ASP P 277 -17.75 -40.87 20.95
CA ASP P 277 -18.02 -41.61 22.17
C ASP P 277 -19.51 -41.81 22.41
N THR P 278 -20.12 -42.73 21.67
CA THR P 278 -21.55 -43.02 21.79
C THR P 278 -22.03 -44.08 20.80
N PRO P 279 -22.94 -44.98 21.25
CA PRO P 279 -23.50 -46.06 20.42
C PRO P 279 -23.70 -45.72 18.95
N LEU P 280 -23.15 -46.56 18.07
CA LEU P 280 -23.25 -46.39 16.62
C LEU P 280 -23.59 -47.71 15.95
N PRO P 281 -24.70 -47.75 15.19
CA PRO P 281 -25.12 -48.97 14.48
C PRO P 281 -23.96 -49.54 13.66
N VAL P 282 -23.77 -50.86 13.68
CA VAL P 282 -22.68 -51.44 12.91
C VAL P 282 -22.76 -50.99 11.45
N SER P 283 -23.98 -50.80 10.97
CA SER P 283 -24.22 -50.35 9.59
C SER P 283 -23.37 -49.12 9.25
N VAL P 284 -23.26 -48.20 10.22
CA VAL P 284 -22.49 -46.96 10.09
C VAL P 284 -21.04 -47.26 9.76
N PHE P 285 -20.65 -48.53 9.82
CA PHE P 285 -19.29 -48.96 9.52
C PHE P 285 -19.18 -49.75 8.22
N THR P 286 -20.28 -49.82 7.47
CA THR P 286 -20.33 -50.57 6.19
C THR P 286 -19.36 -51.76 6.12
N PRO P 287 -19.44 -52.68 7.10
CA PRO P 287 -18.56 -53.86 7.12
C PRO P 287 -18.95 -54.81 5.98
N SER P 288 -18.00 -55.06 5.08
CA SER P 288 -18.26 -55.93 3.93
C SER P 288 -17.04 -56.76 3.60
N LEU P 289 -17.27 -57.84 2.87
CA LEU P 289 -16.15 -58.70 2.46
C LEU P 289 -15.22 -58.92 3.67
N ALA P 290 -15.82 -59.27 4.83
CA ALA P 290 -15.03 -59.36 6.06
C ALA P 290 -14.94 -60.71 6.78
N PRO P 291 -14.17 -61.66 6.24
CA PRO P 291 -14.04 -62.95 6.89
C PRO P 291 -12.61 -63.29 7.35
N ARG P 292 -12.24 -62.91 8.58
CA ARG P 292 -10.87 -63.14 9.07
C ARG P 292 -10.60 -64.56 9.56
N SER P 293 -9.37 -65.04 9.34
CA SER P 293 -8.97 -66.39 9.74
C SER P 293 -7.89 -66.39 10.83
N TYR P 294 -7.89 -67.42 11.66
CA TYR P 294 -6.90 -67.56 12.74
C TYR P 294 -6.08 -68.83 12.76
N ARG P 295 -5.79 -69.16 14.06
CA ARG P 295 -5.01 -70.31 14.58
C ARG P 295 -5.24 -70.53 16.11
N PRO P 296 -6.49 -70.82 16.60
CA PRO P 296 -6.78 -71.07 18.04
C PRO P 296 -5.95 -72.21 18.64
N ALA P 297 -6.28 -72.62 19.85
CA ALA P 297 -5.43 -73.64 20.47
C ALA P 297 -4.05 -73.01 20.67
N PHE P 298 -4.06 -71.69 20.45
CA PHE P 298 -2.87 -70.87 20.63
C PHE P 298 -3.33 -69.54 21.24
N ILE P 299 -4.44 -68.98 20.75
CA ILE P 299 -4.96 -67.73 21.29
C ILE P 299 -5.29 -67.87 22.77
N LYS P 300 -4.61 -67.09 23.63
CA LYS P 300 -4.91 -67.17 25.06
C LYS P 300 -6.37 -66.75 25.29
N PRO P 301 -7.04 -67.40 26.25
CA PRO P 301 -8.45 -67.07 26.54
C PRO P 301 -8.67 -65.60 26.91
N GLU P 302 -7.74 -65.00 27.66
CA GLU P 302 -7.91 -63.61 28.05
C GLU P 302 -7.57 -62.63 26.91
N ASP P 303 -6.86 -63.12 25.89
CA ASP P 303 -6.50 -62.27 24.75
C ASP P 303 -7.64 -62.12 23.75
N ALA P 304 -8.75 -62.83 23.98
CA ALA P 304 -9.90 -62.78 23.08
C ALA P 304 -11.09 -63.55 23.63
N LYS P 305 -11.96 -62.87 24.36
CA LYS P 305 -13.14 -63.45 25.00
C LYS P 305 -13.85 -64.61 24.29
N TRP P 306 -13.92 -64.59 22.96
CA TRP P 306 -14.61 -65.64 22.22
C TRP P 306 -13.89 -66.98 22.19
N ILE P 307 -13.12 -67.30 23.20
CA ILE P 307 -12.39 -68.57 23.17
C ILE P 307 -11.88 -69.00 24.54
N ALA P 308 -12.66 -69.86 25.20
CA ALA P 308 -12.33 -70.35 26.54
C ALA P 308 -11.60 -71.69 26.50
N GLU P 309 -10.90 -72.04 27.58
CA GLU P 309 -10.17 -73.30 27.61
C GLU P 309 -10.45 -74.22 28.79
N PHE P 310 -10.39 -75.53 28.53
CA PHE P 310 -10.62 -76.55 29.55
C PHE P 310 -9.37 -76.78 30.41
N ASN P 311 -8.92 -75.78 31.16
CA ASN P 311 -7.73 -75.99 31.99
C ASN P 311 -8.06 -76.86 33.22
N ASN P 312 -7.94 -78.19 33.01
CA ASN P 312 -8.22 -79.17 34.07
C ASN P 312 -7.03 -80.11 34.30
N SER P 313 -6.90 -80.63 35.53
CA SER P 313 -5.80 -81.52 35.88
C SER P 313 -5.54 -82.69 34.92
N SER P 314 -6.33 -83.74 35.04
CA SER P 314 -6.18 -84.93 34.19
C SER P 314 -6.85 -84.79 32.83
N LEU P 315 -7.11 -85.91 32.17
CA LEU P 315 -7.80 -85.93 30.88
C LEU P 315 -9.28 -86.02 31.10
N ILE P 316 -10.08 -85.69 30.10
CA ILE P 316 -11.53 -85.76 30.27
C ILE P 316 -12.17 -86.60 29.17
N ARG P 317 -11.75 -87.86 29.03
CA ARG P 317 -12.33 -88.72 28.00
C ARG P 317 -13.84 -88.93 28.13
N LYS P 318 -14.58 -88.49 27.12
CA LYS P 318 -16.02 -88.62 27.09
C LYS P 318 -16.32 -89.57 25.93
N THR P 319 -17.59 -89.93 25.74
CA THR P 319 -17.97 -90.80 24.63
C THR P 319 -19.19 -90.23 23.90
N LEU P 320 -19.49 -90.80 22.74
CA LEU P 320 -20.64 -90.33 21.95
C LEU P 320 -20.85 -91.23 20.75
N THR P 321 -22.07 -91.73 20.58
CA THR P 321 -22.37 -92.59 19.44
C THR P 321 -22.58 -91.72 18.20
N TYR P 322 -21.58 -91.71 17.33
CA TYR P 322 -21.65 -90.92 16.10
C TYR P 322 -21.67 -91.86 14.90
N SER P 323 -22.82 -91.95 14.24
CA SER P 323 -22.95 -92.82 13.08
C SER P 323 -22.77 -94.27 13.53
N GLY P 324 -23.43 -94.62 14.63
CA GLY P 324 -23.31 -95.97 15.16
C GLY P 324 -22.07 -96.07 16.02
N ALA P 325 -20.92 -96.15 15.36
CA ALA P 325 -19.62 -96.26 16.04
C ALA P 325 -19.48 -95.29 17.23
N THR P 326 -18.90 -95.80 18.32
CA THR P 326 -18.69 -94.98 19.51
C THR P 326 -17.28 -94.43 19.57
N TYR P 327 -17.16 -93.10 19.59
CA TYR P 327 -15.85 -92.46 19.66
C TYR P 327 -15.66 -91.74 20.99
N THR P 328 -14.40 -91.41 21.29
CA THR P 328 -14.10 -90.73 22.53
C THR P 328 -13.43 -89.38 22.29
N VAL P 329 -14.13 -88.31 22.63
CA VAL P 329 -13.54 -86.97 22.53
C VAL P 329 -12.51 -86.93 23.67
N GLN P 330 -11.34 -86.30 23.45
CA GLN P 330 -10.27 -86.41 24.48
C GLN P 330 -10.14 -85.26 25.45
N LEU P 331 -9.86 -84.03 25.01
CA LEU P 331 -9.63 -82.88 25.89
C LEU P 331 -8.32 -83.16 26.64
N GLY P 332 -7.38 -83.80 25.94
CA GLY P 332 -6.05 -84.25 26.43
C GLY P 332 -5.31 -83.37 27.46
N PRO P 333 -4.08 -83.82 27.78
CA PRO P 333 -3.11 -83.25 28.76
C PRO P 333 -3.06 -81.73 28.89
N GLY P 334 -2.94 -81.03 27.77
CA GLY P 334 -2.87 -79.58 27.80
C GLY P 334 -4.22 -78.92 28.07
N PRO P 335 -4.29 -77.58 28.01
CA PRO P 335 -5.57 -76.88 28.29
C PRO P 335 -6.65 -76.95 27.19
N THR P 336 -6.29 -77.29 25.96
CA THR P 336 -7.26 -77.43 24.83
C THR P 336 -8.20 -76.21 24.74
N ARG P 337 -7.71 -75.12 24.15
CA ARG P 337 -8.53 -73.92 23.98
C ARG P 337 -9.60 -74.22 22.95
N VAL P 338 -10.87 -73.97 23.31
CA VAL P 338 -12.00 -74.22 22.41
C VAL P 338 -12.77 -72.94 22.11
N ILE P 339 -13.29 -72.84 20.89
CA ILE P 339 -14.09 -71.68 20.49
C ILE P 339 -15.33 -71.64 21.36
N ASP P 340 -15.55 -70.57 22.07
CA ASP P 340 -16.79 -70.50 22.88
C ASP P 340 -17.94 -70.27 21.91
N MET P 341 -19.15 -70.72 22.24
CA MET P 341 -20.29 -70.53 21.34
C MET P 341 -21.03 -69.25 21.63
N ASN P 342 -21.19 -68.95 22.88
CA ASN P 342 -21.77 -67.67 23.13
C ASN P 342 -20.65 -66.69 22.76
N ALA P 343 -21.01 -65.45 22.40
CA ALA P 343 -20.00 -64.52 21.94
C ALA P 343 -19.40 -65.19 20.73
N MET P 344 -20.22 -65.36 19.69
CA MET P 344 -19.79 -66.00 18.46
C MET P 344 -20.69 -65.67 17.24
N ILE P 345 -21.20 -64.43 17.11
CA ILE P 345 -22.05 -63.96 16.00
C ILE P 345 -22.32 -65.02 14.93
N ASP P 346 -23.52 -65.60 14.93
CA ASP P 346 -23.87 -66.66 13.98
C ASP P 346 -23.09 -66.54 12.67
N SER P 347 -21.97 -67.26 12.60
CA SER P 347 -21.09 -67.22 11.45
C SER P 347 -21.05 -68.51 10.66
N VAL P 348 -19.99 -68.59 9.92
CA VAL P 348 -19.68 -69.79 9.15
C VAL P 348 -18.26 -70.16 9.54
N LEU P 349 -18.16 -70.91 10.62
CA LEU P 349 -16.86 -71.39 11.09
C LEU P 349 -16.37 -72.47 10.16
N THR P 350 -15.17 -72.31 9.61
CA THR P 350 -14.63 -73.34 8.74
C THR P 350 -13.20 -73.62 9.14
N LEU P 351 -13.04 -74.59 10.04
CA LEU P 351 -11.72 -74.97 10.54
C LEU P 351 -10.96 -75.83 9.56
N ASP P 352 -9.92 -75.27 8.96
CA ASP P 352 -9.11 -76.03 8.04
C ASP P 352 -8.00 -76.73 8.81
N VAL P 353 -7.77 -78.00 8.50
CA VAL P 353 -6.74 -78.78 9.16
C VAL P 353 -5.81 -79.33 8.11
N SER P 354 -4.79 -78.57 7.72
CA SER P 354 -3.88 -79.06 6.70
C SER P 354 -2.41 -78.67 6.88
N GLY P 355 -1.53 -79.60 6.49
CA GLY P 355 -0.11 -79.35 6.61
C GLY P 355 0.32 -79.47 8.06
N THR P 356 -0.66 -79.48 8.95
CA THR P 356 -0.40 -79.59 10.38
C THR P 356 -0.04 -81.05 10.67
N ILE P 357 0.86 -81.26 11.65
CA ILE P 357 1.32 -82.59 11.99
C ILE P 357 0.16 -83.52 12.35
N LEU P 358 0.38 -84.82 12.16
CA LEU P 358 -0.59 -85.87 12.45
C LEU P 358 0.24 -87.09 12.80
N PRO P 359 0.72 -87.15 14.07
CA PRO P 359 1.55 -88.24 14.60
C PRO P 359 0.93 -89.62 14.84
N TYR P 360 0.21 -90.14 13.85
CA TYR P 360 -0.39 -91.46 13.99
C TYR P 360 0.72 -92.52 13.99
N ASP P 361 1.92 -92.07 13.69
CA ASP P 361 3.10 -92.93 13.63
C ASP P 361 3.48 -93.44 15.03
N THR P 362 3.53 -92.52 16.00
CA THR P 362 3.86 -92.90 17.37
C THR P 362 2.61 -93.49 18.03
N ASN P 363 1.81 -92.67 18.70
CA ASN P 363 0.60 -93.19 19.34
C ASN P 363 -0.33 -93.69 18.24
N PRO P 364 -0.39 -95.02 18.05
CA PRO P 364 -1.24 -95.65 17.03
C PRO P 364 -2.70 -95.32 17.33
N ASP P 365 -2.91 -94.89 18.58
CA ASP P 365 -4.22 -94.52 19.08
C ASP P 365 -4.83 -93.42 18.21
N LEU P 366 -3.99 -92.47 17.80
CA LEU P 366 -4.44 -91.36 16.97
C LEU P 366 -4.99 -91.81 15.63
N SER P 367 -4.29 -92.70 14.95
CA SER P 367 -4.77 -93.19 13.66
C SER P 367 -6.11 -93.89 13.91
N THR P 368 -6.92 -94.00 12.86
CA THR P 368 -8.23 -94.65 12.94
C THR P 368 -9.32 -93.67 13.38
N SER P 369 -8.93 -92.58 14.04
CA SER P 369 -9.91 -91.59 14.51
C SER P 369 -10.21 -90.50 13.49
N VAL P 370 -11.48 -90.42 13.08
CA VAL P 370 -11.87 -89.42 12.11
C VAL P 370 -11.88 -88.05 12.76
N PRO P 371 -11.02 -87.12 12.29
CA PRO P 371 -10.96 -85.77 12.85
C PRO P 371 -12.32 -85.09 12.59
N ALA P 372 -12.82 -84.32 13.54
CA ALA P 372 -14.12 -83.68 13.34
C ALA P 372 -14.43 -82.54 14.29
N PHE P 373 -14.99 -81.46 13.74
CA PHE P 373 -15.37 -80.32 14.55
C PHE P 373 -16.63 -80.73 15.35
N VAL P 374 -16.57 -80.61 16.67
CA VAL P 374 -17.69 -81.02 17.54
C VAL P 374 -18.04 -80.01 18.62
N LEU P 375 -19.34 -79.73 18.81
CA LEU P 375 -19.77 -78.82 19.87
C LEU P 375 -19.76 -79.61 21.18
N ILE P 376 -19.62 -78.92 22.30
CA ILE P 376 -19.58 -79.57 23.60
C ILE P 376 -20.34 -78.76 24.63
N GLN P 377 -21.53 -79.22 24.98
CA GLN P 377 -22.32 -78.50 25.99
C GLN P 377 -21.92 -79.05 27.35
N THR P 378 -21.44 -78.17 28.22
CA THR P 378 -21.02 -78.56 29.57
C THR P 378 -22.01 -78.02 30.61
N SER P 379 -22.20 -78.75 31.70
CA SER P 379 -23.12 -78.29 32.75
C SER P 379 -22.48 -77.11 33.46
N VAL P 380 -21.51 -77.40 34.32
CA VAL P 380 -20.80 -76.35 35.02
C VAL P 380 -20.03 -75.57 33.95
N PRO P 381 -19.85 -74.25 34.13
CA PRO P 381 -19.13 -73.40 33.16
C PRO P 381 -17.73 -73.98 32.90
N ILE P 382 -17.25 -73.89 31.67
CA ILE P 382 -15.90 -74.40 31.37
C ILE P 382 -14.99 -73.64 32.33
N GLN P 383 -13.72 -74.02 32.42
CA GLN P 383 -12.81 -73.35 33.35
C GLN P 383 -13.37 -73.56 34.74
N GLN P 384 -13.98 -74.74 34.90
CA GLN P 384 -14.60 -75.16 36.15
C GLN P 384 -15.17 -76.56 35.90
N VAL P 385 -15.00 -77.02 34.66
CA VAL P 385 -15.46 -78.34 34.25
C VAL P 385 -14.31 -79.33 34.48
N THR P 386 -14.40 -80.10 35.56
CA THR P 386 -13.36 -81.06 35.92
C THR P 386 -13.37 -82.40 35.19
N THR P 387 -14.43 -83.18 35.38
CA THR P 387 -14.48 -84.49 34.76
C THR P 387 -15.74 -84.86 33.95
N ALA P 388 -15.55 -85.80 33.03
CA ALA P 388 -16.59 -86.32 32.13
C ALA P 388 -18.05 -86.13 32.53
N ALA P 389 -18.40 -86.42 33.79
CA ALA P 389 -19.77 -86.28 34.25
C ALA P 389 -20.26 -84.83 34.16
N ASN P 390 -19.31 -83.91 33.97
CA ASN P 390 -19.57 -82.48 33.86
C ASN P 390 -20.07 -82.08 32.47
N ILE P 391 -19.54 -82.74 31.44
CA ILE P 391 -19.91 -82.47 30.05
C ILE P 391 -21.31 -83.01 29.69
N THR P 392 -22.30 -82.12 29.67
CA THR P 392 -23.69 -82.50 29.33
C THR P 392 -23.74 -83.44 28.12
N ALA P 393 -23.48 -82.92 26.93
CA ALA P 393 -23.50 -83.74 25.72
C ALA P 393 -22.45 -83.26 24.72
N ILE P 394 -22.26 -84.03 23.65
CA ILE P 394 -21.29 -83.68 22.63
C ILE P 394 -21.81 -84.02 21.24
N THR P 395 -22.02 -82.99 20.42
CA THR P 395 -22.53 -83.20 19.06
C THR P 395 -21.45 -83.05 18.00
N VAL P 396 -21.37 -84.04 17.10
CA VAL P 396 -20.38 -84.00 16.02
C VAL P 396 -21.01 -83.15 14.92
N VAL P 397 -20.83 -81.84 14.98
CA VAL P 397 -21.42 -80.94 14.00
C VAL P 397 -20.87 -81.11 12.59
N SER P 398 -19.77 -81.84 12.45
CA SER P 398 -19.18 -82.03 11.13
C SER P 398 -17.94 -82.91 11.18
N ALA P 399 -18.11 -84.22 10.94
CA ALA P 399 -16.97 -85.13 10.98
C ALA P 399 -16.33 -85.27 9.61
N ALA P 400 -15.15 -85.87 9.58
CA ALA P 400 -14.43 -86.09 8.33
C ALA P 400 -14.51 -87.57 8.01
N GLY P 401 -15.18 -87.93 6.92
CA GLY P 401 -15.25 -89.34 6.56
C GLY P 401 -13.85 -89.87 6.33
N ALA P 402 -13.59 -91.08 6.83
CA ALA P 402 -12.28 -91.75 6.70
C ALA P 402 -11.31 -91.35 7.82
N SER P 403 -10.85 -92.38 8.53
CA SER P 403 -9.95 -92.25 9.71
C SER P 403 -8.67 -91.47 9.41
N ALA P 404 -7.84 -91.30 10.45
CA ALA P 404 -6.56 -90.59 10.40
C ALA P 404 -5.42 -91.54 9.99
N ILE P 405 -5.40 -91.88 8.68
CA ILE P 405 -4.45 -92.78 7.97
C ILE P 405 -4.85 -92.90 6.46
N ASN P 406 -5.46 -91.81 5.91
CA ASN P 406 -5.96 -91.59 4.50
C ASN P 406 -5.99 -90.09 4.25
N LEU P 407 -6.05 -89.39 5.39
CA LEU P 407 -6.03 -87.94 5.48
C LEU P 407 -4.58 -87.50 5.63
N ALA P 408 -3.75 -88.48 5.93
CA ALA P 408 -2.31 -88.25 6.09
C ALA P 408 -1.64 -88.14 4.72
N ILE P 409 -0.33 -87.94 4.75
CA ILE P 409 0.50 -87.80 3.55
C ILE P 409 1.90 -87.55 4.09
N ASN P 410 2.81 -88.51 3.87
CA ASN P 410 4.16 -88.37 4.37
C ASN P 410 4.97 -87.27 3.68
N VAL P 411 5.48 -86.29 4.44
CA VAL P 411 6.31 -85.18 3.90
C VAL P 411 7.69 -85.09 4.57
N ARG P 412 8.36 -86.23 4.70
CA ARG P 412 9.67 -86.36 5.34
C ARG P 412 9.47 -86.87 6.78
N GLY P 413 9.07 -88.15 6.95
CA GLY P 413 8.84 -88.71 8.27
C GLY P 413 7.48 -88.29 8.87
N GLN P 414 7.42 -87.03 9.31
CA GLN P 414 6.26 -86.31 9.92
C GLN P 414 5.04 -86.26 9.00
N PRO P 415 4.17 -87.22 9.09
CA PRO P 415 2.99 -87.24 8.24
C PRO P 415 2.07 -86.04 8.48
N ARG P 416 1.74 -85.29 7.43
CA ARG P 416 0.89 -84.11 7.57
C ARG P 416 -0.56 -84.40 7.27
N PHE P 417 -1.39 -83.36 7.30
CA PHE P 417 -2.81 -83.51 7.01
C PHE P 417 -3.18 -83.04 5.62
N ASN P 418 -3.71 -83.93 4.79
CA ASN P 418 -4.15 -83.57 3.45
C ASN P 418 -5.17 -82.47 3.64
N MET P 419 -4.85 -81.28 3.13
CA MET P 419 -5.69 -80.10 3.25
C MET P 419 -7.20 -80.36 3.09
N LEU P 420 -7.94 -80.33 4.19
CA LEU P 420 -9.39 -80.57 4.17
C LEU P 420 -10.09 -79.60 5.13
N HIS P 421 -11.32 -79.19 4.82
CA HIS P 421 -12.02 -78.23 5.68
C HIS P 421 -13.27 -78.72 6.40
N LEU P 422 -13.15 -78.93 7.69
CA LEU P 422 -14.34 -79.31 8.42
C LEU P 422 -15.13 -78.01 8.58
N GLN P 423 -16.43 -78.04 8.95
CA GLN P 423 -17.08 -76.72 9.00
C GLN P 423 -18.54 -76.70 9.44
N ALA P 424 -18.80 -76.04 10.58
CA ALA P 424 -20.14 -75.85 11.12
C ALA P 424 -20.74 -74.57 10.55
N THR P 425 -21.92 -74.23 11.04
CA THR P 425 -22.60 -73.02 10.61
C THR P 425 -23.35 -72.53 11.83
N PHE P 426 -22.59 -72.22 12.88
CA PHE P 426 -23.14 -71.75 14.13
C PHE P 426 -24.20 -70.66 13.95
N GLU P 427 -25.29 -70.72 14.73
CA GLU P 427 -26.37 -69.75 14.65
C GLU P 427 -26.81 -69.23 16.02
N ARG P 428 -26.57 -67.95 16.28
CA ARG P 428 -26.95 -67.30 17.54
C ARG P 428 -27.90 -68.09 18.45
N GLU P 429 -29.11 -68.33 17.95
CA GLU P 429 -30.22 -68.97 18.70
C GLU P 429 -30.18 -70.51 18.77
N THR P 430 -29.49 -71.22 17.87
CA THR P 430 -29.46 -72.68 18.03
C THR P 430 -28.86 -73.02 19.42
N ILE P 431 -28.15 -72.04 20.03
CA ILE P 431 -27.58 -72.12 21.39
C ILE P 431 -28.40 -71.26 22.39
N THR P 432 -29.77 -71.15 22.24
CA THR P 432 -30.59 -70.34 23.20
C THR P 432 -30.63 -71.03 24.56
N GLY P 433 -30.62 -70.28 25.68
CA GLY P 433 -30.69 -70.90 27.02
C GLY P 433 -29.37 -71.49 27.45
N ILE P 434 -28.95 -72.52 26.74
CA ILE P 434 -27.67 -73.22 26.91
C ILE P 434 -26.53 -72.30 27.35
N PRO P 435 -26.37 -72.09 28.68
CA PRO P 435 -25.34 -71.22 29.26
C PRO P 435 -23.93 -71.57 28.82
N TYR P 436 -23.62 -72.86 28.75
CA TYR P 436 -22.28 -73.27 28.35
C TYR P 436 -22.22 -74.26 27.21
N ILE P 437 -21.50 -73.89 26.16
CA ILE P 437 -21.34 -74.71 24.98
C ILE P 437 -20.11 -74.19 24.24
N TYR P 438 -19.30 -75.10 23.72
CA TYR P 438 -18.07 -74.71 23.03
C TYR P 438 -17.84 -75.48 21.76
N GLY P 439 -17.32 -74.80 20.75
CA GLY P 439 -17.01 -75.43 19.52
C GLY P 439 -15.59 -75.92 19.68
N LEU P 440 -15.32 -77.17 19.32
CA LEU P 440 -13.98 -77.74 19.47
C LEU P 440 -13.67 -78.59 18.25
N GLY P 441 -12.58 -78.28 17.57
CA GLY P 441 -12.21 -79.09 16.40
C GLY P 441 -11.23 -80.14 16.89
N THR P 442 -11.76 -81.19 17.53
CA THR P 442 -10.94 -82.26 18.10
C THR P 442 -10.69 -83.46 17.18
N PHE P 443 -10.55 -84.65 17.76
CA PHE P 443 -10.20 -85.79 16.92
C PHE P 443 -11.23 -86.92 16.85
N LEU P 444 -11.93 -87.23 17.93
CA LEU P 444 -12.89 -88.37 17.95
C LEU P 444 -12.16 -89.70 17.78
N ILE P 445 -11.42 -90.10 18.81
CA ILE P 445 -10.68 -91.36 18.80
C ILE P 445 -11.61 -92.54 18.97
N PRO P 446 -11.48 -93.56 18.11
CA PRO P 446 -12.35 -94.75 18.19
C PRO P 446 -11.99 -95.68 19.34
N SER P 447 -10.93 -95.36 20.08
CA SER P 447 -10.50 -96.19 21.20
C SER P 447 -9.32 -95.60 21.96
N PRO P 448 -9.58 -94.79 22.99
CA PRO P 448 -8.52 -94.18 23.80
C PRO P 448 -7.54 -95.20 24.41
N THR P 449 -6.25 -94.88 24.40
CA THR P 449 -5.20 -95.77 24.90
C THR P 449 -4.14 -95.01 25.70
N SER P 450 -3.19 -95.77 26.26
CA SER P 450 -2.09 -95.20 27.03
C SER P 450 -1.20 -94.33 26.15
N SER P 451 -1.10 -94.69 24.87
CA SER P 451 -0.28 -93.95 23.91
C SER P 451 -0.77 -92.50 23.80
N SER P 452 -2.08 -92.32 23.74
CA SER P 452 -2.66 -90.98 23.65
C SER P 452 -2.97 -90.48 25.06
N ASN P 453 -1.95 -90.45 25.90
CA ASN P 453 -2.11 -89.99 27.27
C ASN P 453 -1.41 -88.67 27.47
N PHE P 454 -0.68 -88.25 26.43
CA PHE P 454 0.04 -86.97 26.47
C PHE P 454 -0.08 -86.30 25.11
N SER P 455 -0.98 -86.82 24.27
CA SER P 455 -1.18 -86.28 22.92
C SER P 455 -2.08 -85.05 22.86
N ASN P 456 -3.33 -85.20 23.28
CA ASN P 456 -4.27 -84.08 23.24
C ASN P 456 -4.54 -83.74 21.77
N PRO P 457 -5.57 -84.41 21.23
CA PRO P 457 -6.01 -84.34 19.80
C PRO P 457 -6.72 -83.08 19.32
N THR P 458 -6.47 -81.93 19.92
CA THR P 458 -7.14 -80.70 19.46
C THR P 458 -6.64 -80.34 18.06
N LEU P 459 -7.50 -80.38 17.06
CA LEU P 459 -7.06 -80.03 15.70
C LEU P 459 -7.13 -78.54 15.48
N MET P 460 -7.32 -77.80 16.57
CA MET P 460 -7.40 -76.34 16.53
C MET P 460 -6.13 -75.66 16.08
N ASP P 461 -5.00 -76.37 16.12
CA ASP P 461 -3.74 -75.79 15.67
C ASP P 461 -3.88 -75.44 14.18
N GLY P 462 -4.97 -75.90 13.56
CA GLY P 462 -5.23 -75.63 12.15
C GLY P 462 -5.73 -74.21 11.96
N LEU P 463 -5.67 -73.71 10.71
CA LEU P 463 -6.09 -72.35 10.39
C LEU P 463 -7.60 -72.19 10.21
N LEU P 464 -8.29 -71.91 11.31
CA LEU P 464 -9.75 -71.73 11.33
C LEU P 464 -10.14 -70.39 10.70
N THR P 465 -11.22 -70.37 9.92
CA THR P 465 -11.66 -69.13 9.29
C THR P 465 -13.14 -68.80 9.49
N VAL P 466 -13.43 -68.02 10.53
CA VAL P 466 -14.80 -67.61 10.83
C VAL P 466 -15.20 -66.48 9.88
N THR P 467 -16.43 -66.55 9.37
CA THR P 467 -16.96 -65.55 8.46
C THR P 467 -18.35 -65.14 8.91
N PRO P 468 -18.46 -63.96 9.57
CA PRO P 468 -19.73 -63.46 10.08
C PRO P 468 -20.81 -63.51 9.01
N VAL P 469 -21.83 -64.32 9.22
CA VAL P 469 -22.87 -64.43 8.21
C VAL P 469 -24.15 -63.75 8.69
N LEU P 470 -24.08 -62.45 8.86
CA LEU P 470 -25.19 -61.65 9.40
C LEU P 470 -24.56 -60.39 9.96
N LEU P 471 -24.12 -59.51 9.06
CA LEU P 471 -23.45 -58.23 9.41
C LEU P 471 -24.08 -57.36 10.50
N ARG P 472 -25.40 -57.18 10.48
CA ARG P 472 -26.05 -56.32 11.46
C ARG P 472 -25.52 -56.47 12.90
N GLU P 473 -25.21 -57.70 13.34
CA GLU P 473 -24.70 -57.94 14.70
C GLU P 473 -23.19 -58.06 14.86
N THR P 474 -22.62 -57.22 15.72
CA THR P 474 -21.19 -57.23 15.99
C THR P 474 -20.93 -57.91 17.34
N THR P 475 -19.66 -57.95 17.75
CA THR P 475 -19.29 -58.57 19.03
C THR P 475 -18.23 -57.73 19.75
N TYR P 476 -18.39 -57.53 21.05
CA TYR P 476 -17.38 -56.77 21.79
C TYR P 476 -17.13 -57.23 23.22
N LYS P 477 -15.85 -57.53 23.49
CA LYS P 477 -15.41 -57.99 24.80
C LYS P 477 -16.13 -59.27 25.22
N GLY P 478 -16.66 -59.98 24.24
CA GLY P 478 -17.36 -61.22 24.53
C GLY P 478 -18.87 -61.15 24.41
N GLU P 479 -19.44 -59.97 24.19
CA GLU P 479 -20.89 -59.85 24.03
C GLU P 479 -21.28 -59.48 22.62
N VAL P 480 -22.49 -59.89 22.23
CA VAL P 480 -23.00 -59.57 20.89
C VAL P 480 -23.85 -58.32 20.99
N VAL P 481 -23.56 -57.34 20.13
CA VAL P 481 -24.30 -56.09 20.16
C VAL P 481 -24.74 -55.63 18.77
N ASP P 482 -25.41 -54.48 18.72
CA ASP P 482 -25.88 -53.93 17.46
C ASP P 482 -25.25 -52.57 17.21
N ALA P 483 -24.52 -52.07 18.22
CA ALA P 483 -23.86 -50.78 18.12
C ALA P 483 -22.54 -50.76 18.88
N ILE P 484 -21.57 -50.03 18.35
CA ILE P 484 -20.26 -49.88 18.97
C ILE P 484 -20.18 -48.53 19.65
N VAL P 485 -19.12 -48.26 20.41
CA VAL P 485 -18.93 -46.97 21.02
C VAL P 485 -17.51 -46.50 20.74
N PRO P 486 -17.09 -46.56 19.46
CA PRO P 486 -15.75 -46.20 18.98
C PRO P 486 -14.71 -45.84 20.06
N ALA P 487 -14.81 -44.62 20.61
CA ALA P 487 -13.88 -44.16 21.64
C ALA P 487 -13.53 -45.24 22.68
N THR P 488 -14.48 -46.12 22.96
CA THR P 488 -14.26 -47.21 23.92
C THR P 488 -13.20 -48.19 23.44
N VAL P 489 -13.25 -48.53 22.17
CA VAL P 489 -12.30 -49.47 21.61
C VAL P 489 -10.88 -48.88 21.40
N MET P 490 -10.67 -47.59 21.64
CA MET P 490 -9.32 -47.02 21.46
C MET P 490 -8.50 -47.38 22.70
N ALA P 491 -7.21 -47.66 22.51
CA ALA P 491 -6.28 -48.02 23.61
C ALA P 491 -7.00 -48.82 24.68
N ASN P 492 -7.65 -49.89 24.26
CA ASN P 492 -8.41 -50.71 25.17
C ASN P 492 -8.13 -52.18 24.90
N GLN P 493 -7.50 -52.43 23.74
CA GLN P 493 -7.09 -53.77 23.38
C GLN P 493 -5.62 -53.85 23.74
N THR P 494 -5.06 -55.05 23.80
CA THR P 494 -3.63 -55.18 24.09
C THR P 494 -2.93 -55.53 22.78
N SER P 495 -1.60 -55.61 22.83
CA SER P 495 -0.83 -55.94 21.65
C SER P 495 -1.60 -56.91 20.74
N GLU P 496 -1.97 -58.07 21.35
CA GLU P 496 -2.62 -59.16 20.64
C GLU P 496 -4.14 -59.28 20.87
N GLU P 497 -4.73 -58.44 21.73
CA GLU P 497 -6.18 -58.42 21.95
C GLU P 497 -6.83 -57.76 20.69
N VAL P 498 -5.93 -57.47 19.72
CA VAL P 498 -6.23 -56.86 18.39
C VAL P 498 -6.05 -57.88 17.28
N ALA P 499 -4.85 -58.44 17.17
CA ALA P 499 -4.58 -59.45 16.14
C ALA P 499 -5.43 -60.72 16.39
N SER P 500 -5.97 -60.84 17.60
CA SER P 500 -6.80 -61.99 17.97
C SER P 500 -8.29 -61.63 17.88
N ALA P 501 -8.59 -60.46 17.31
CA ALA P 501 -9.97 -60.01 17.16
C ALA P 501 -10.76 -61.02 16.35
N LEU P 502 -12.08 -61.03 16.53
CA LEU P 502 -12.96 -61.96 15.82
C LEU P 502 -13.70 -61.30 14.65
N ALA P 503 -13.39 -61.76 13.42
CA ALA P 503 -13.98 -61.27 12.15
C ALA P 503 -15.31 -60.58 12.32
N ASN P 504 -15.30 -59.27 12.14
CA ASN P 504 -16.46 -58.40 12.30
C ASN P 504 -16.91 -58.27 13.75
N ASP P 505 -15.97 -57.74 14.56
CA ASP P 505 -16.23 -57.42 15.94
C ASP P 505 -15.81 -55.97 16.16
N ALA P 506 -16.33 -55.31 17.14
CA ALA P 506 -15.94 -53.91 17.29
C ALA P 506 -14.48 -53.66 16.87
N ILE P 507 -13.53 -54.29 17.55
CA ILE P 507 -12.12 -54.11 17.22
C ILE P 507 -11.85 -54.16 15.71
N VAL P 508 -12.33 -55.22 15.04
CA VAL P 508 -12.13 -55.36 13.61
C VAL P 508 -12.88 -54.32 12.81
N LEU P 509 -13.91 -53.72 13.41
CA LEU P 509 -14.66 -52.67 12.76
C LEU P 509 -13.98 -51.31 12.98
N VAL P 510 -13.52 -51.05 14.24
CA VAL P 510 -12.80 -49.82 14.67
C VAL P 510 -11.35 -49.83 14.21
N SER P 511 -11.07 -50.81 13.34
CA SER P 511 -9.78 -50.99 12.68
C SER P 511 -9.94 -50.74 11.18
N ASN P 512 -11.09 -51.18 10.61
CA ASN P 512 -11.48 -51.06 9.16
C ASN P 512 -11.83 -49.63 8.82
N HIS P 513 -12.22 -48.96 9.89
CA HIS P 513 -12.58 -47.56 9.86
C HIS P 513 -11.31 -46.72 9.88
N LEU P 514 -10.50 -46.86 10.93
CA LEU P 514 -9.25 -46.08 11.00
C LEU P 514 -8.48 -46.28 9.72
N ASN P 515 -8.52 -47.47 9.19
CA ASN P 515 -7.82 -47.80 7.95
C ASN P 515 -8.18 -46.95 6.76
N LYS P 516 -9.45 -46.50 6.67
CA LYS P 516 -9.86 -45.62 5.59
C LYS P 516 -9.24 -44.27 5.87
N LEU P 517 -9.48 -43.77 7.08
CA LEU P 517 -8.96 -42.49 7.49
C LEU P 517 -7.45 -42.49 7.42
N ALA P 518 -6.86 -43.68 7.57
CA ALA P 518 -5.44 -43.76 7.45
C ALA P 518 -5.00 -43.55 5.97
N ASN P 519 -5.88 -43.84 4.98
CA ASN P 519 -5.46 -43.72 3.57
C ASN P 519 -5.82 -42.38 3.02
N VAL P 520 -6.67 -41.70 3.73
CA VAL P 520 -7.01 -40.35 3.32
C VAL P 520 -5.82 -39.51 3.70
N VAL P 521 -5.30 -39.64 4.92
CA VAL P 521 -4.12 -38.83 5.29
C VAL P 521 -2.93 -39.30 4.46
N GLY P 522 -2.63 -40.59 4.52
CA GLY P 522 -1.52 -41.15 3.77
C GLY P 522 -1.50 -40.61 2.34
N ASP P 523 -2.68 -40.56 1.72
CA ASP P 523 -2.87 -40.08 0.36
C ASP P 523 -2.79 -38.57 0.19
N ALA P 524 -3.85 -37.87 0.55
CA ALA P 524 -3.92 -36.41 0.41
C ALA P 524 -2.89 -35.61 1.23
N ILE P 525 -2.99 -35.69 2.56
CA ILE P 525 -2.08 -34.96 3.44
C ILE P 525 -0.62 -35.46 3.37
N PRO P 526 0.36 -34.55 3.54
CA PRO P 526 1.79 -34.95 3.48
C PRO P 526 2.40 -35.39 4.81
N VAL P 527 1.80 -36.38 5.45
CA VAL P 527 2.30 -36.87 6.73
C VAL P 527 3.60 -37.67 6.59
N ALA P 528 4.31 -37.48 5.48
CA ALA P 528 5.57 -38.20 5.27
C ALA P 528 6.72 -37.34 4.77
N SER P 529 6.85 -36.15 5.36
CA SER P 529 7.94 -35.22 5.06
C SER P 529 8.06 -34.21 6.22
N ARG P 530 9.16 -33.42 6.34
CA ARG P 530 9.27 -32.49 7.47
C ARG P 530 8.36 -31.27 7.34
N THR P 531 7.19 -31.43 6.70
CA THR P 531 6.32 -30.28 6.48
C THR P 531 5.26 -29.99 7.54
N ASP P 532 5.47 -30.47 8.77
CA ASP P 532 4.50 -30.22 9.87
C ASP P 532 3.09 -29.94 9.38
N ASP P 533 2.59 -30.86 8.55
CA ASP P 533 1.27 -30.84 7.92
C ASP P 533 0.08 -30.64 8.84
N SER P 534 -1.08 -30.42 8.23
CA SER P 534 -2.33 -30.21 8.97
C SER P 534 -2.65 -31.34 9.95
N ALA P 535 -2.26 -32.56 9.59
CA ALA P 535 -2.51 -33.73 10.43
C ALA P 535 -1.67 -33.68 11.70
N THR P 536 -0.35 -33.74 11.56
CA THR P 536 0.57 -33.69 12.70
C THR P 536 0.45 -32.37 13.43
N SER P 537 -0.31 -31.43 12.85
CA SER P 537 -0.48 -30.12 13.44
C SER P 537 -1.67 -30.11 14.38
N ALA P 538 -2.72 -30.82 14.01
CA ALA P 538 -3.92 -30.91 14.84
C ALA P 538 -3.52 -31.56 16.16
N ILE P 539 -2.65 -32.57 16.08
CA ILE P 539 -2.18 -33.27 17.26
C ILE P 539 -1.29 -32.40 18.14
N VAL P 540 -0.36 -31.65 17.54
CA VAL P 540 0.52 -30.77 18.30
C VAL P 540 -0.26 -29.81 19.19
N SER P 541 -1.36 -29.28 18.68
CA SER P 541 -2.15 -28.35 19.47
C SER P 541 -2.77 -29.06 20.66
N ARG P 542 -3.04 -30.36 20.54
CA ARG P 542 -3.59 -31.09 21.67
C ARG P 542 -2.50 -31.31 22.71
N LEU P 543 -1.33 -31.78 22.28
CA LEU P 543 -0.22 -32.00 23.21
C LEU P 543 0.10 -30.74 24.01
N ALA P 544 0.09 -29.59 23.35
CA ALA P 544 0.36 -28.32 24.04
C ALA P 544 -0.71 -28.12 25.13
N VAL P 545 -1.96 -27.87 24.70
CA VAL P 545 -3.10 -27.69 25.61
C VAL P 545 -3.10 -28.73 26.71
N GLN P 546 -2.56 -29.89 26.43
CA GLN P 546 -2.52 -30.96 27.40
C GLN P 546 -1.35 -30.77 28.36
N HIS P 547 -0.13 -30.77 27.81
CA HIS P 547 1.06 -30.58 28.63
C HIS P 547 1.06 -29.23 29.33
N LYS P 548 0.24 -28.29 28.85
CA LYS P 548 0.22 -26.97 29.44
C LYS P 548 -0.57 -26.93 30.73
N LEU P 549 -1.66 -27.68 30.82
CA LEU P 549 -2.45 -27.66 32.04
C LEU P 549 -1.87 -28.61 33.07
N SER P 550 -1.10 -29.60 32.61
CA SER P 550 -0.49 -30.54 33.54
C SER P 550 0.65 -29.80 34.25
N GLN P 551 1.01 -28.64 33.72
CA GLN P 551 2.06 -27.82 34.29
C GLN P 551 1.47 -26.78 35.25
N VAL P 552 0.19 -26.47 35.04
CA VAL P 552 -0.52 -25.51 35.89
C VAL P 552 -0.55 -26.06 37.32
N GLY P 553 -0.47 -25.18 38.31
CA GLY P 553 -0.41 -25.56 39.73
C GLY P 553 0.94 -26.28 39.97
N GLN P 554 1.80 -25.81 40.91
CA GLN P 554 3.17 -26.33 41.19
C GLN P 554 4.14 -25.45 40.39
N ALA P 555 5.35 -25.19 40.93
CA ALA P 555 6.48 -24.35 40.44
C ALA P 555 6.58 -24.06 38.93
N SER P 556 5.79 -24.76 38.11
CA SER P 556 5.81 -24.60 36.65
C SER P 556 7.24 -24.38 36.16
N PRO P 557 8.19 -25.18 36.68
CA PRO P 557 9.60 -25.05 36.34
C PRO P 557 9.91 -25.36 34.86
N THR P 558 8.94 -25.92 34.14
CA THR P 558 9.16 -26.27 32.74
C THR P 558 8.24 -25.59 31.74
N PRO P 559 8.70 -24.50 31.13
CA PRO P 559 7.91 -23.87 30.11
C PRO P 559 7.75 -24.82 28.93
N PRO P 560 6.55 -25.09 28.46
CA PRO P 560 6.35 -26.00 27.34
C PRO P 560 7.45 -25.89 26.28
N ASP P 561 7.79 -27.02 25.67
CA ASP P 561 8.88 -27.07 24.68
C ASP P 561 8.50 -26.53 23.29
N TYR P 562 7.77 -27.33 22.49
CA TYR P 562 7.30 -26.94 21.13
C TYR P 562 8.15 -27.47 20.00
N PRO P 563 9.44 -27.13 19.94
CA PRO P 563 10.23 -27.74 18.88
C PRO P 563 10.16 -29.28 19.08
N LEU P 564 10.15 -29.71 20.37
CA LEU P 564 10.07 -31.14 20.85
C LEU P 564 8.64 -31.69 20.77
N LEU P 565 7.67 -30.80 20.93
CA LEU P 565 6.25 -31.15 20.81
C LEU P 565 5.84 -31.31 19.37
N TRP P 566 6.32 -30.40 18.52
CA TRP P 566 6.02 -30.51 17.10
C TRP P 566 6.53 -31.84 16.60
N ARG P 567 7.80 -32.14 16.94
CA ARG P 567 8.44 -33.37 16.53
C ARG P 567 7.82 -34.62 17.18
N ARG P 568 7.32 -34.50 18.40
CA ARG P 568 6.70 -35.66 19.03
C ARG P 568 5.36 -35.97 18.38
N ALA P 569 4.61 -34.92 18.05
CA ALA P 569 3.30 -35.09 17.42
C ALA P 569 3.44 -35.48 15.95
N LYS P 570 4.59 -35.16 15.36
CA LYS P 570 4.83 -35.50 13.97
C LYS P 570 4.93 -37.00 13.82
N ARG P 571 5.63 -37.64 14.76
CA ARG P 571 5.78 -39.10 14.71
C ARG P 571 4.50 -39.76 15.20
N ALA P 572 3.71 -39.03 15.98
CA ALA P 572 2.44 -39.57 16.47
C ALA P 572 1.50 -39.66 15.27
N ALA P 573 1.34 -38.56 14.52
CA ALA P 573 0.47 -38.56 13.33
C ALA P 573 1.06 -39.51 12.29
N SER P 574 2.38 -39.56 12.25
CA SER P 574 3.06 -40.44 11.31
C SER P 574 2.88 -41.90 11.70
N MET P 575 3.05 -42.21 12.98
CA MET P 575 2.89 -43.60 13.41
C MET P 575 1.47 -44.09 13.13
N PHE P 576 0.53 -43.14 13.09
CA PHE P 576 -0.84 -43.50 12.81
C PHE P 576 -0.99 -43.88 11.33
N VAL P 577 -0.70 -42.95 10.42
CA VAL P 577 -0.78 -43.26 9.00
C VAL P 577 -0.11 -44.56 8.72
N SER P 578 1.02 -44.78 9.41
CA SER P 578 1.79 -46.00 9.24
C SER P 578 0.99 -47.25 9.53
N ASN P 579 0.69 -47.48 10.80
CA ASN P 579 -0.06 -48.63 11.21
C ASN P 579 -1.33 -48.20 11.95
N PRO P 580 -2.37 -47.82 11.19
CA PRO P 580 -3.65 -47.35 11.74
C PRO P 580 -4.08 -48.10 13.01
N SER P 581 -3.89 -49.43 13.00
CA SER P 581 -4.27 -50.29 14.11
C SER P 581 -3.82 -49.81 15.48
N LEU P 582 -2.50 -49.66 15.67
CA LEU P 582 -1.92 -49.22 16.94
C LEU P 582 -2.82 -48.40 17.86
N ALA P 583 -3.52 -47.41 17.30
CA ALA P 583 -4.42 -46.57 18.09
C ALA P 583 -5.49 -47.34 18.89
N LEU P 584 -5.38 -48.67 18.93
CA LEU P 584 -6.32 -49.50 19.71
C LEU P 584 -5.61 -50.13 20.89
N GLN P 585 -4.29 -50.24 20.77
CA GLN P 585 -3.47 -50.87 21.79
C GLN P 585 -3.08 -50.01 22.97
N VAL P 586 -3.34 -50.53 24.17
CA VAL P 586 -3.02 -49.83 25.42
C VAL P 586 -1.51 -49.68 25.52
N GLY P 587 -1.04 -48.44 25.64
CA GLY P 587 0.39 -48.19 25.80
C GLY P 587 1.06 -47.59 24.58
N ILE P 588 0.32 -46.82 23.79
CA ILE P 588 0.93 -46.16 22.64
C ILE P 588 0.98 -44.65 22.85
N PRO P 589 2.21 -44.09 22.87
CA PRO P 589 2.52 -42.67 23.12
C PRO P 589 1.68 -41.67 22.28
N VAL P 590 1.01 -40.74 22.95
CA VAL P 590 0.18 -39.73 22.28
C VAL P 590 -1.08 -40.38 21.72
N LEU P 591 -0.94 -40.93 20.51
CA LEU P 591 -2.03 -41.57 19.79
C LEU P 591 -3.21 -42.09 20.63
N THR P 592 -2.94 -42.70 21.82
CA THR P 592 -4.04 -43.28 22.59
C THR P 592 -4.69 -42.37 23.63
N GLN P 593 -4.39 -41.07 23.66
CA GLN P 593 -5.07 -40.19 24.62
C GLN P 593 -6.38 -39.85 23.93
N SER P 594 -7.45 -39.69 24.71
CA SER P 594 -8.77 -39.41 24.15
C SER P 594 -8.84 -38.27 23.11
N GLY P 595 -8.07 -37.20 23.30
CA GLY P 595 -8.09 -36.08 22.36
C GLY P 595 -7.82 -36.51 20.92
N MET P 596 -6.55 -36.83 20.65
CA MET P 596 -6.09 -37.27 19.33
C MET P 596 -7.11 -38.15 18.60
N LEU P 597 -6.99 -38.19 17.27
CA LEU P 597 -7.90 -38.98 16.42
C LEU P 597 -9.19 -38.21 16.27
N SER P 598 -9.91 -38.09 17.38
CA SER P 598 -11.10 -37.30 17.33
C SER P 598 -10.67 -35.96 16.83
N ALA P 599 -9.47 -35.60 17.26
CA ALA P 599 -8.78 -34.38 16.88
C ALA P 599 -8.25 -34.53 15.47
N LEU P 600 -7.27 -35.42 15.30
CA LEU P 600 -6.68 -35.67 13.99
C LEU P 600 -7.70 -35.56 12.86
N THR P 601 -8.61 -36.57 12.81
CA THR P 601 -9.58 -36.58 11.71
C THR P 601 -10.15 -35.20 11.47
N SER P 602 -10.88 -34.59 12.40
CA SER P 602 -11.47 -33.25 12.17
C SER P 602 -10.49 -32.19 11.65
N GLY P 603 -9.18 -32.47 11.76
CA GLY P 603 -8.19 -31.58 11.20
C GLY P 603 -8.08 -31.98 9.76
N VAL P 604 -7.53 -33.18 9.55
CA VAL P 604 -7.39 -33.77 8.22
C VAL P 604 -8.64 -33.44 7.40
N GLY P 605 -9.76 -33.38 8.08
CA GLY P 605 -11.02 -33.05 7.49
C GLY P 605 -10.89 -31.71 6.80
N THR P 606 -10.94 -30.64 7.59
CA THR P 606 -10.83 -29.31 7.00
C THR P 606 -9.60 -29.17 6.13
N ALA P 607 -8.54 -29.92 6.43
CA ALA P 607 -7.32 -29.84 5.63
C ALA P 607 -7.57 -30.19 4.16
N LEU P 608 -8.40 -31.22 3.91
CA LEU P 608 -8.70 -31.61 2.54
C LEU P 608 -9.62 -30.60 1.90
N ARG P 609 -10.49 -29.99 2.68
CA ARG P 609 -11.40 -29.02 2.12
C ARG P 609 -10.77 -27.65 1.94
N THR P 610 -9.50 -27.63 1.46
CA THR P 610 -8.80 -26.35 1.23
C THR P 610 -7.48 -26.55 0.46
N GLY P 611 -7.09 -27.81 0.25
CA GLY P 611 -5.84 -28.13 -0.45
C GLY P 611 -5.44 -27.14 -1.56
N SER P 612 -6.41 -26.42 -2.13
CA SER P 612 -6.31 -25.42 -3.25
C SER P 612 -6.44 -26.14 -4.61
N LEU P 613 -5.33 -26.47 -5.29
CA LEU P 613 -5.30 -27.26 -6.53
C LEU P 613 -3.82 -27.61 -6.68
N GLY P 614 -2.95 -26.64 -6.37
CA GLY P 614 -1.52 -26.80 -6.47
C GLY P 614 -0.85 -27.38 -5.22
N LYS P 615 -1.51 -28.40 -4.64
CA LYS P 615 -0.97 -29.09 -3.46
C LYS P 615 0.28 -29.85 -3.85
N GLY P 616 0.33 -30.13 -5.14
CA GLY P 616 1.43 -30.83 -5.73
C GLY P 616 2.70 -30.02 -5.66
N VAL P 617 2.67 -28.80 -5.13
CA VAL P 617 3.88 -27.99 -5.06
C VAL P 617 4.87 -28.67 -4.12
N THR P 618 4.40 -29.62 -3.32
CA THR P 618 5.25 -30.34 -2.38
C THR P 618 6.27 -31.19 -3.13
N ASP P 619 7.56 -30.92 -2.91
CA ASP P 619 8.61 -31.68 -3.58
C ASP P 619 8.39 -31.67 -5.08
N ALA P 620 7.82 -30.58 -5.58
CA ALA P 620 7.55 -30.43 -7.00
C ALA P 620 8.84 -30.01 -7.68
N SER P 621 9.90 -29.99 -6.89
CA SER P 621 11.22 -29.63 -7.39
C SER P 621 11.94 -30.88 -7.89
N GLU P 622 12.11 -31.88 -7.01
CA GLU P 622 12.78 -33.13 -7.36
C GLU P 622 11.88 -33.91 -8.29
N LYS P 623 10.58 -33.72 -8.12
CA LYS P 623 9.58 -34.37 -8.95
C LYS P 623 9.79 -33.84 -10.35
N LEU P 624 10.04 -32.53 -10.46
CA LEU P 624 10.25 -31.89 -11.76
C LEU P 624 11.56 -32.39 -12.33
N ARG P 625 12.61 -32.28 -11.52
CA ARG P 625 13.96 -32.69 -11.94
C ARG P 625 13.97 -34.16 -12.37
N ALA P 626 13.05 -34.97 -11.84
CA ALA P 626 12.98 -36.38 -12.22
C ALA P 626 12.28 -36.53 -13.58
N ARG P 627 11.31 -35.65 -13.87
CA ARG P 627 10.63 -35.67 -15.13
C ARG P 627 11.55 -35.23 -16.26
N GLN P 628 12.41 -34.27 -15.99
CA GLN P 628 13.37 -33.84 -17.00
C GLN P 628 14.33 -34.98 -17.23
N SER P 629 14.58 -35.74 -16.18
CA SER P 629 15.47 -36.87 -16.25
C SER P 629 14.94 -37.90 -17.24
N LEU P 630 13.63 -38.06 -17.24
CA LEU P 630 12.99 -39.04 -18.12
C LEU P 630 12.96 -38.56 -19.57
N THR P 631 12.61 -37.29 -19.75
CA THR P 631 12.55 -36.72 -21.10
C THR P 631 13.95 -36.73 -21.74
N VAL P 632 15.00 -36.65 -20.92
CA VAL P 632 16.36 -36.69 -21.46
C VAL P 632 16.67 -38.09 -21.95
N ALA P 633 16.15 -39.09 -21.24
CA ALA P 633 16.36 -40.48 -21.63
C ALA P 633 15.45 -40.85 -22.80
N LYS P 634 14.25 -40.28 -22.84
CA LYS P 634 13.32 -40.56 -23.94
C LYS P 634 13.79 -39.84 -25.21
N GLN P 635 14.49 -38.72 -25.04
CA GLN P 635 14.99 -38.00 -26.20
C GLN P 635 16.05 -38.90 -26.80
N ALA P 636 16.77 -39.60 -25.91
CA ALA P 636 17.82 -40.53 -26.29
C ALA P 636 17.24 -41.66 -27.16
N PHE P 637 16.03 -42.08 -26.85
CA PHE P 637 15.34 -43.11 -27.62
C PHE P 637 15.06 -42.56 -29.03
N PHE P 638 14.30 -41.47 -29.13
CA PHE P 638 14.00 -40.86 -30.42
C PHE P 638 15.24 -40.69 -31.29
N ASP P 639 16.40 -40.50 -30.65
CA ASP P 639 17.64 -40.34 -31.38
C ASP P 639 18.04 -41.61 -32.13
N GLN P 640 17.68 -42.78 -31.59
CA GLN P 640 18.00 -44.03 -32.29
C GLN P 640 16.95 -44.29 -33.36
N ILE P 641 15.68 -44.08 -33.01
CA ILE P 641 14.64 -44.24 -34.02
C ILE P 641 15.05 -43.41 -35.21
N GLY P 642 15.68 -42.32 -34.91
CA GLY P 642 16.17 -41.36 -35.90
C GLY P 642 17.37 -41.82 -36.68
N SER P 643 18.18 -42.72 -36.14
CA SER P 643 19.35 -43.17 -36.89
C SER P 643 19.10 -44.52 -37.56
N LEU P 644 18.86 -45.57 -36.76
CA LEU P 644 18.62 -46.90 -37.28
C LEU P 644 17.74 -46.91 -38.52
N TRP P 645 16.53 -46.32 -38.40
CA TRP P 645 15.66 -46.19 -39.54
C TRP P 645 15.78 -44.77 -40.08
N PRO P 646 16.80 -44.55 -40.93
CA PRO P 646 17.01 -43.24 -41.52
C PRO P 646 15.92 -42.90 -42.54
N GLY Q 2 0.99 -9.78 15.94
CA GLY Q 2 -0.33 -9.20 15.87
C GLY Q 2 -0.28 -7.69 15.82
N ASN Q 3 0.91 -7.16 15.71
CA ASN Q 3 1.06 -5.74 15.66
C ASN Q 3 0.14 -5.10 14.65
N VAL Q 4 -0.47 -4.04 15.12
CA VAL Q 4 -1.35 -3.30 14.29
C VAL Q 4 -0.70 -3.04 12.94
N GLN Q 5 -1.55 -3.20 11.91
CA GLN Q 5 -1.24 -2.94 10.49
C GLN Q 5 -1.96 -1.61 10.19
N THR Q 6 -3.23 -1.72 9.72
CA THR Q 6 -4.18 -0.58 9.50
C THR Q 6 -4.92 -0.55 8.16
N SER Q 7 -4.33 -0.80 7.03
CA SER Q 7 -5.18 -0.69 5.86
C SER Q 7 -4.95 -1.80 4.87
N VAL Q 8 -3.72 -2.36 4.91
CA VAL Q 8 -3.34 -3.39 3.99
C VAL Q 8 -4.54 -4.28 3.75
N ASN Q 9 -5.16 -4.76 4.83
CA ASN Q 9 -6.33 -5.64 4.67
C ASN Q 9 -7.56 -5.13 5.56
N THR Q 10 -8.85 -5.10 5.09
CA THR Q 10 -10.09 -4.58 5.84
C THR Q 10 -10.27 -5.02 7.28
N TYR Q 11 -9.40 -5.89 7.76
CA TYR Q 11 -9.51 -6.39 9.12
C TYR Q 11 -8.18 -6.48 9.82
N ASN Q 12 -8.17 -6.06 11.06
CA ASN Q 12 -6.99 -6.18 11.90
C ASN Q 12 -7.12 -7.56 12.53
N ILE Q 13 -6.05 -8.22 12.87
CA ILE Q 13 -6.23 -9.53 13.51
C ILE Q 13 -6.56 -9.34 14.96
N THR Q 14 -5.74 -8.54 15.63
CA THR Q 14 -5.95 -8.20 17.05
C THR Q 14 -7.08 -7.17 17.14
N GLY Q 15 -7.71 -6.89 16.00
CA GLY Q 15 -8.79 -5.94 15.94
C GLY Q 15 -9.87 -6.13 17.00
N ASP Q 16 -10.65 -5.08 17.20
CA ASP Q 16 -11.74 -5.06 18.19
C ASP Q 16 -12.85 -6.08 17.91
N GLY Q 17 -13.25 -6.80 18.96
CA GLY Q 17 -14.33 -7.75 18.84
C GLY Q 17 -14.37 -8.80 17.73
N ASN Q 18 -13.24 -9.46 17.48
CA ASN Q 18 -13.18 -10.54 16.50
C ASN Q 18 -13.79 -11.73 17.19
N SER Q 19 -13.81 -12.90 16.57
CA SER Q 19 -14.39 -14.01 17.30
C SER Q 19 -14.28 -15.38 16.65
N PHE Q 20 -13.41 -16.22 17.17
CA PHE Q 20 -13.29 -17.57 16.69
C PHE Q 20 -14.51 -18.30 17.24
N THR Q 21 -15.27 -18.95 16.36
CA THR Q 21 -16.48 -19.66 16.78
C THR Q 21 -17.08 -20.55 15.69
N PRO Q 22 -16.62 -21.81 15.63
CA PRO Q 22 -17.12 -22.78 14.65
C PRO Q 22 -18.61 -23.01 14.82
N THR Q 23 -19.28 -23.25 13.70
CA THR Q 23 -20.70 -23.54 13.65
C THR Q 23 -20.82 -24.77 12.80
N SER Q 24 -21.46 -25.81 13.32
CA SER Q 24 -21.61 -27.06 12.56
C SER Q 24 -22.22 -26.78 11.19
N ASP Q 25 -22.79 -25.59 11.07
CA ASP Q 25 -23.50 -25.13 9.88
C ASP Q 25 -22.69 -24.75 8.61
N MET Q 26 -21.46 -24.26 8.78
CA MET Q 26 -20.74 -23.77 7.60
C MET Q 26 -19.40 -24.43 7.22
N THR Q 27 -19.10 -25.67 7.64
CA THR Q 27 -17.82 -26.35 7.32
C THR Q 27 -16.88 -25.60 6.36
N SER Q 28 -15.89 -24.90 6.92
CA SER Q 28 -14.89 -24.13 6.17
C SER Q 28 -14.28 -24.88 5.00
N THR Q 29 -14.33 -24.29 3.80
CA THR Q 29 -13.78 -24.94 2.59
C THR Q 29 -13.51 -24.03 1.37
N ALA Q 30 -12.30 -24.07 0.86
CA ALA Q 30 -11.94 -23.32 -0.36
C ALA Q 30 -12.29 -24.18 -1.57
N ALA Q 31 -11.49 -24.15 -2.63
CA ALA Q 31 -11.81 -24.92 -3.84
C ALA Q 31 -10.73 -25.89 -4.26
N PRO Q 32 -10.79 -27.15 -3.77
CA PRO Q 32 -9.80 -28.17 -4.10
C PRO Q 32 -10.23 -29.04 -5.25
N ALA Q 33 -11.46 -29.55 -5.23
CA ALA Q 33 -11.87 -30.47 -6.28
C ALA Q 33 -12.22 -29.86 -7.65
N ILE Q 34 -11.49 -28.84 -8.09
CA ILE Q 34 -11.80 -28.27 -9.42
C ILE Q 34 -11.58 -29.35 -10.47
N ASP Q 35 -12.58 -29.56 -11.32
CA ASP Q 35 -12.48 -30.57 -12.36
C ASP Q 35 -11.67 -30.10 -13.56
N LEU Q 36 -10.66 -30.89 -13.96
CA LEU Q 36 -9.85 -30.53 -15.11
C LEU Q 36 -9.63 -31.71 -16.06
N LYS Q 37 -10.06 -32.90 -15.68
CA LYS Q 37 -9.87 -34.08 -16.54
C LYS Q 37 -10.36 -33.85 -17.99
N PRO Q 38 -9.58 -34.35 -18.92
CA PRO Q 38 -9.81 -34.23 -20.36
C PRO Q 38 -11.26 -34.09 -20.82
N GLY Q 39 -12.04 -35.13 -20.61
CA GLY Q 39 -13.41 -35.07 -21.04
C GLY Q 39 -14.20 -33.94 -20.37
N VAL Q 40 -13.99 -33.78 -19.07
CA VAL Q 40 -14.75 -32.78 -18.33
C VAL Q 40 -14.31 -31.32 -18.51
N LEU Q 41 -13.04 -31.06 -18.79
CA LEU Q 41 -12.60 -29.66 -19.02
C LEU Q 41 -12.87 -29.26 -20.45
N ASN Q 42 -13.05 -30.27 -21.31
CA ASN Q 42 -13.37 -30.07 -22.74
C ASN Q 42 -12.45 -30.79 -23.72
N PRO R 43 -22.01 -24.53 -28.62
CA PRO R 43 -20.85 -24.75 -29.49
C PRO R 43 -19.65 -25.15 -28.67
N THR R 44 -18.59 -25.57 -29.37
CA THR R 44 -17.33 -26.04 -28.77
C THR R 44 -16.28 -26.08 -29.86
N GLY R 45 -15.01 -26.30 -29.48
CA GLY R 45 -13.95 -26.42 -30.44
C GLY R 45 -13.35 -25.08 -30.91
N LYS R 46 -12.46 -25.17 -31.90
CA LYS R 46 -11.82 -24.01 -32.43
C LYS R 46 -12.79 -23.27 -33.33
N LEU R 47 -12.62 -21.96 -33.46
CA LEU R 47 -13.51 -21.17 -34.30
C LEU R 47 -12.99 -21.15 -35.73
N TRP R 48 -13.90 -21.24 -36.68
CA TRP R 48 -13.56 -21.22 -38.09
C TRP R 48 -14.19 -20.02 -38.75
N ARG R 49 -13.69 -19.64 -39.91
CA ARG R 49 -14.29 -18.54 -40.64
C ARG R 49 -14.18 -18.79 -42.14
N PRO R 50 -15.16 -18.30 -42.90
CA PRO R 50 -15.20 -18.48 -44.37
C PRO R 50 -13.94 -17.96 -45.07
N VAL R 51 -12.98 -18.83 -45.36
CA VAL R 51 -11.75 -18.40 -46.03
C VAL R 51 -12.08 -17.86 -47.44
N GLY R 52 -13.09 -18.44 -48.07
CA GLY R 52 -13.52 -18.01 -49.40
C GLY R 52 -14.40 -16.77 -49.35
N THR R 53 -14.68 -16.31 -48.14
CA THR R 53 -15.48 -15.11 -47.89
C THR R 53 -17.00 -15.25 -48.10
N SER R 54 -17.73 -14.41 -47.37
CA SER R 54 -19.19 -14.34 -47.40
C SER R 54 -19.86 -15.70 -47.23
N VAL R 55 -20.20 -16.33 -48.35
CA VAL R 55 -20.84 -17.62 -48.33
C VAL R 55 -19.99 -18.63 -47.56
N ALA R 56 -20.52 -19.07 -46.42
CA ALA R 56 -19.88 -20.07 -45.61
C ALA R 56 -20.52 -21.41 -45.87
N THR R 57 -19.84 -22.24 -46.64
CA THR R 57 -20.34 -23.59 -46.92
C THR R 57 -19.45 -24.58 -46.10
N ILE R 58 -19.68 -25.91 -46.26
CA ILE R 58 -18.91 -26.98 -45.60
C ILE R 58 -17.58 -27.22 -46.32
N ASP R 59 -16.84 -26.17 -46.59
CA ASP R 59 -15.58 -26.23 -47.31
C ASP R 59 -14.95 -24.85 -47.50
N SER R 60 -15.79 -23.83 -47.46
CA SER R 60 -15.30 -22.45 -47.60
C SER R 60 -14.91 -21.95 -46.21
N LEU R 61 -14.79 -22.88 -45.26
CA LEU R 61 -14.39 -22.60 -43.89
C LEU R 61 -12.91 -22.95 -43.76
N ALA R 62 -12.39 -22.68 -42.59
CA ALA R 62 -11.01 -22.99 -42.26
C ALA R 62 -10.69 -22.48 -40.86
N ILE R 63 -10.07 -23.32 -40.03
CA ILE R 63 -9.73 -22.90 -38.67
C ILE R 63 -9.07 -21.53 -38.73
N VAL R 64 -9.71 -20.51 -38.16
CA VAL R 64 -9.17 -19.16 -38.18
C VAL R 64 -7.91 -19.08 -37.34
N SER R 65 -6.79 -19.54 -37.88
CA SER R 65 -5.55 -19.46 -37.12
C SER R 65 -4.84 -18.16 -37.45
N ASP R 66 -3.75 -17.87 -36.75
CA ASP R 66 -3.00 -16.65 -37.00
C ASP R 66 -1.84 -16.50 -36.02
N ARG R 67 -1.25 -15.32 -36.04
CA ARG R 67 -0.10 -14.97 -35.20
C ARG R 67 -0.23 -15.29 -33.72
N PHE R 68 -1.45 -15.56 -33.24
CA PHE R 68 -1.68 -15.89 -31.83
C PHE R 68 -1.96 -17.35 -31.60
N GLY R 69 -2.14 -18.12 -32.67
CA GLY R 69 -2.47 -19.54 -32.54
C GLY R 69 -3.91 -19.64 -32.99
N GLN R 70 -4.65 -20.66 -32.56
CA GLN R 70 -6.05 -20.77 -32.98
C GLN R 70 -7.04 -20.50 -31.87
N TYR R 71 -7.98 -19.61 -32.15
CA TYR R 71 -8.98 -19.27 -31.16
C TYR R 71 -9.88 -20.45 -30.92
N SER R 72 -9.89 -20.96 -29.68
CA SER R 72 -10.79 -22.06 -29.38
C SER R 72 -11.91 -21.45 -28.53
N PHE R 73 -13.15 -21.82 -28.81
CA PHE R 73 -14.30 -21.29 -28.11
C PHE R 73 -14.33 -21.64 -26.63
N VAL R 74 -14.80 -20.70 -25.81
CA VAL R 74 -14.87 -20.92 -24.36
C VAL R 74 -16.32 -21.05 -23.91
N ASN R 75 -16.90 -22.23 -24.14
CA ASN R 75 -18.29 -22.52 -23.78
C ASN R 75 -18.55 -22.15 -22.33
N GLU R 76 -19.80 -21.84 -22.03
CA GLU R 76 -20.24 -21.45 -20.69
C GLU R 76 -19.60 -22.17 -19.50
N GLY R 77 -19.65 -23.48 -19.48
CA GLY R 77 -19.12 -24.26 -18.37
C GLY R 77 -17.61 -24.22 -18.23
N MET R 78 -16.91 -24.14 -19.36
CA MET R 78 -15.45 -24.10 -19.31
C MET R 78 -14.95 -22.77 -18.75
N ARG R 79 -15.85 -21.79 -18.61
CA ARG R 79 -15.49 -20.53 -18.01
C ARG R 79 -15.66 -20.66 -16.51
N GLU R 80 -16.50 -21.61 -16.12
CA GLU R 80 -16.76 -21.88 -14.71
C GLU R 80 -15.51 -22.38 -14.06
N THR R 81 -14.78 -23.22 -14.78
CA THR R 81 -13.55 -23.76 -14.24
C THR R 81 -12.50 -22.67 -14.07
N PHE R 82 -12.06 -22.08 -15.19
CA PHE R 82 -11.06 -21.01 -15.16
C PHE R 82 -11.44 -19.84 -14.30
N SER R 83 -12.72 -19.69 -14.04
CA SER R 83 -13.11 -18.65 -13.11
C SER R 83 -12.98 -19.19 -11.70
N LYS R 84 -13.36 -20.44 -11.52
CA LYS R 84 -13.30 -21.08 -10.20
C LYS R 84 -11.84 -21.24 -9.76
N ALA R 85 -10.94 -21.38 -10.74
CA ALA R 85 -9.50 -21.54 -10.49
C ALA R 85 -8.92 -20.18 -10.13
N LEU R 86 -9.23 -19.16 -10.93
CA LEU R 86 -8.76 -17.81 -10.67
C LEU R 86 -9.41 -17.28 -9.40
N PHE R 87 -10.66 -17.65 -9.17
CA PHE R 87 -11.33 -17.17 -7.97
C PHE R 87 -10.57 -17.62 -6.73
N ASP R 88 -10.11 -18.87 -6.74
CA ASP R 88 -9.37 -19.39 -5.60
C ASP R 88 -7.99 -18.73 -5.47
N ILE R 89 -7.54 -18.02 -6.48
CA ILE R 89 -6.24 -17.34 -6.39
C ILE R 89 -6.46 -15.90 -5.95
N ASN R 90 -7.43 -15.21 -6.55
CA ASN R 90 -7.71 -13.83 -6.17
C ASN R 90 -7.88 -13.78 -4.66
N MET R 91 -8.52 -14.81 -4.09
CA MET R 91 -8.74 -14.88 -2.66
C MET R 91 -7.49 -14.47 -1.85
N TRP R 92 -6.35 -14.94 -2.31
CA TRP R 92 -5.09 -14.66 -1.65
C TRP R 92 -4.55 -13.29 -1.99
N GLN R 93 -5.43 -12.35 -2.32
CA GLN R 93 -4.97 -11.01 -2.72
C GLN R 93 -4.15 -10.32 -1.64
N PRO R 94 -4.65 -10.28 -0.38
CA PRO R 94 -3.95 -9.63 0.72
C PRO R 94 -2.57 -10.17 1.00
N LEU R 95 -2.27 -11.38 0.55
CA LEU R 95 -0.93 -11.90 0.81
C LEU R 95 0.00 -11.63 -0.34
N PHE R 96 -0.55 -11.35 -1.52
CA PHE R 96 0.25 -11.05 -2.71
C PHE R 96 0.84 -9.66 -2.61
N GLN R 97 0.04 -8.70 -2.14
CA GLN R 97 0.53 -7.35 -1.99
C GLN R 97 1.54 -7.34 -0.86
N ALA R 98 1.15 -7.89 0.29
CA ALA R 98 2.05 -7.92 1.45
C ALA R 98 3.42 -8.35 1.06
N THR R 99 3.49 -9.44 0.35
CA THR R 99 4.79 -9.89 -0.04
C THR R 99 5.24 -9.41 -1.44
N LYS R 100 4.76 -8.27 -1.99
CA LYS R 100 5.24 -7.73 -3.31
C LYS R 100 5.37 -8.76 -4.51
N THR R 101 4.86 -10.00 -4.39
CA THR R 101 4.85 -10.99 -5.51
C THR R 101 3.58 -10.71 -6.31
N GLY R 102 2.99 -11.73 -6.92
CA GLY R 102 1.77 -11.52 -7.65
C GLY R 102 1.95 -10.41 -8.72
N CYS R 103 0.89 -9.62 -8.94
CA CYS R 103 0.88 -8.60 -9.99
C CYS R 103 -0.53 -8.04 -10.24
N GLY R 104 -1.37 -8.05 -9.20
CA GLY R 104 -2.74 -7.56 -9.33
C GLY R 104 -3.66 -8.77 -9.46
N PRO R 105 -4.99 -8.59 -9.36
CA PRO R 105 -5.94 -9.72 -9.47
C PRO R 105 -6.05 -10.24 -10.91
N ILE R 106 -6.09 -11.56 -11.07
CA ILE R 106 -6.14 -12.16 -12.41
C ILE R 106 -7.57 -12.30 -12.95
N VAL R 107 -7.97 -11.39 -13.84
CA VAL R 107 -9.32 -11.47 -14.43
C VAL R 107 -9.27 -12.41 -15.63
N LEU R 108 -10.19 -13.35 -15.71
CA LEU R 108 -10.18 -14.27 -16.84
C LEU R 108 -10.46 -13.54 -18.13
N SER R 109 -10.98 -12.33 -18.03
CA SER R 109 -11.29 -11.52 -19.20
C SER R 109 -10.04 -10.88 -19.77
N SER R 110 -8.87 -11.31 -19.31
CA SER R 110 -7.64 -10.74 -19.84
C SER R 110 -6.99 -11.75 -20.80
N PHE R 111 -7.47 -12.99 -20.78
CA PHE R 111 -6.90 -14.01 -21.65
C PHE R 111 -7.78 -14.33 -22.84
N THR R 112 -9.03 -13.88 -22.81
CA THR R 112 -9.95 -14.15 -23.90
C THR R 112 -10.05 -13.04 -24.94
N THR R 113 -11.07 -13.12 -25.80
CA THR R 113 -11.31 -12.13 -26.86
C THR R 113 -12.78 -12.20 -27.26
N THR R 114 -13.20 -11.36 -28.21
CA THR R 114 -14.58 -11.38 -28.64
C THR R 114 -14.65 -11.51 -30.15
N THR R 115 -14.15 -12.63 -30.66
CA THR R 115 -14.20 -12.86 -32.10
C THR R 115 -15.61 -13.41 -32.37
N SER R 116 -15.88 -13.71 -33.64
CA SER R 116 -17.16 -14.27 -34.06
C SER R 116 -16.98 -14.99 -35.40
N GLY R 117 -17.62 -16.13 -35.52
CA GLY R 117 -17.53 -16.92 -36.74
C GLY R 117 -18.28 -18.19 -36.45
N TYR R 118 -17.93 -19.27 -37.14
CA TYR R 118 -18.59 -20.56 -36.91
C TYR R 118 -17.65 -21.37 -36.07
N VAL R 119 -18.16 -21.96 -34.98
CA VAL R 119 -17.25 -22.74 -34.13
C VAL R 119 -17.61 -24.20 -33.95
N GLY R 120 -16.82 -25.08 -34.55
CA GLY R 120 -17.09 -26.50 -34.40
C GLY R 120 -15.80 -27.29 -34.29
N ALA R 121 -15.90 -28.61 -34.51
CA ALA R 121 -14.74 -29.46 -34.44
C ALA R 121 -14.21 -29.69 -35.84
N THR R 122 -15.06 -29.53 -36.85
CA THR R 122 -14.64 -29.70 -38.25
C THR R 122 -15.53 -28.87 -39.17
N ALA R 123 -14.94 -28.30 -40.22
CA ALA R 123 -15.70 -27.46 -41.16
C ALA R 123 -17.16 -27.91 -41.28
N GLY R 124 -17.36 -29.20 -41.55
CA GLY R 124 -18.70 -29.73 -41.68
C GLY R 124 -19.66 -29.40 -40.55
N ASP R 125 -19.27 -29.73 -39.32
CA ASP R 125 -20.12 -29.50 -38.15
C ASP R 125 -20.00 -28.10 -37.56
N ALA R 126 -18.91 -27.39 -37.88
CA ALA R 126 -18.72 -26.04 -37.35
C ALA R 126 -19.68 -25.11 -38.06
N LEU R 127 -20.17 -25.56 -39.20
CA LEU R 127 -21.10 -24.77 -40.01
C LEU R 127 -22.45 -24.57 -39.32
N ASP R 128 -22.76 -25.44 -38.35
CA ASP R 128 -24.02 -25.37 -37.63
C ASP R 128 -23.90 -24.74 -36.26
N ASN R 129 -22.92 -23.84 -36.08
CA ASN R 129 -22.74 -23.17 -34.79
C ASN R 129 -22.36 -21.73 -35.00
N PRO R 130 -23.06 -21.00 -35.86
CA PRO R 130 -22.71 -19.59 -36.07
C PRO R 130 -22.79 -18.85 -34.75
N VAL R 131 -21.64 -18.44 -34.23
CA VAL R 131 -21.62 -17.70 -32.97
C VAL R 131 -21.15 -16.27 -33.21
N THR R 132 -21.87 -15.29 -32.67
CA THR R 132 -21.49 -13.90 -32.86
C THR R 132 -20.92 -13.30 -31.59
N ASN R 133 -19.73 -12.71 -31.71
CA ASN R 133 -19.05 -12.13 -30.57
C ASN R 133 -19.01 -13.09 -29.41
N GLY R 134 -18.63 -14.34 -29.70
CA GLY R 134 -18.49 -15.33 -28.67
C GLY R 134 -17.20 -14.97 -27.96
N VAL R 135 -16.86 -15.71 -26.90
CA VAL R 135 -15.64 -15.43 -26.17
C VAL R 135 -14.64 -16.59 -26.37
N PHE R 136 -13.62 -16.36 -27.18
CA PHE R 136 -12.62 -17.39 -27.47
C PHE R 136 -11.30 -17.05 -26.82
N ILE R 137 -10.49 -18.06 -26.54
CA ILE R 137 -9.17 -17.82 -25.97
C ILE R 137 -8.17 -18.35 -26.99
N SER R 138 -7.27 -17.50 -27.49
CA SER R 138 -6.28 -17.93 -28.51
C SER R 138 -5.25 -18.91 -27.96
N THR R 139 -4.65 -19.73 -28.77
CA THR R 139 -3.67 -20.69 -28.25
C THR R 139 -2.63 -20.05 -27.34
N VAL R 140 -1.87 -19.06 -27.87
CA VAL R 140 -0.85 -18.43 -27.05
C VAL R 140 -1.42 -17.92 -25.72
N GLN R 141 -2.72 -17.65 -25.67
CA GLN R 141 -3.35 -17.21 -24.42
C GLN R 141 -3.63 -18.41 -23.55
N ILE R 142 -4.18 -19.46 -24.16
CA ILE R 142 -4.48 -20.71 -23.45
C ILE R 142 -3.17 -21.14 -22.83
N MET R 143 -2.07 -20.50 -23.22
CA MET R 143 -0.78 -20.82 -22.66
C MET R 143 -0.53 -20.05 -21.37
N ASN R 144 -0.85 -18.76 -21.36
CA ASN R 144 -0.65 -17.96 -20.16
C ASN R 144 -1.65 -18.27 -19.07
N LEU R 145 -2.94 -18.22 -19.41
CA LEU R 145 -3.96 -18.53 -18.42
C LEU R 145 -3.54 -19.83 -17.75
N GLN R 146 -2.73 -20.62 -18.47
CA GLN R 146 -2.22 -21.88 -17.95
C GLN R 146 -1.00 -21.60 -17.07
N ARG R 147 0.11 -21.16 -17.66
CA ARG R 147 1.28 -20.88 -16.84
C ARG R 147 1.11 -19.78 -15.80
N THR R 148 0.02 -19.02 -15.85
CA THR R 148 -0.18 -17.98 -14.84
C THR R 148 -0.79 -18.72 -13.65
N ILE R 149 -1.92 -19.38 -13.91
CA ILE R 149 -2.61 -20.15 -12.89
C ILE R 149 -1.62 -21.14 -12.29
N ALA R 150 -0.60 -21.51 -13.06
CA ALA R 150 0.41 -22.44 -12.54
C ALA R 150 1.40 -21.65 -11.66
N ALA R 151 1.96 -20.55 -12.16
CA ALA R 151 2.91 -19.77 -11.37
C ALA R 151 2.26 -19.30 -10.10
N ARG R 152 1.08 -18.68 -10.19
CA ARG R 152 0.36 -18.19 -9.01
C ARG R 152 0.02 -19.36 -8.10
N MET R 153 -0.38 -20.47 -8.69
CA MET R 153 -0.71 -21.64 -7.91
C MET R 153 0.43 -22.07 -7.00
N ARG R 154 1.66 -21.97 -7.47
CA ARG R 154 2.77 -22.27 -6.61
C ARG R 154 2.78 -21.25 -5.47
N ASP R 155 2.90 -19.98 -5.86
CA ASP R 155 2.90 -18.87 -4.89
C ASP R 155 1.95 -19.13 -3.72
N VAL R 156 0.67 -19.31 -4.01
CA VAL R 156 -0.31 -19.54 -2.96
C VAL R 156 -0.13 -20.90 -2.30
N ALA R 157 0.04 -21.95 -3.08
CA ALA R 157 0.22 -23.30 -2.54
C ALA R 157 1.17 -23.25 -1.35
N LEU R 158 2.13 -22.36 -1.40
CA LEU R 158 3.10 -22.27 -0.31
C LEU R 158 2.49 -21.60 0.94
N TRP R 159 2.10 -20.33 0.78
CA TRP R 159 1.49 -19.59 1.87
C TRP R 159 0.36 -20.41 2.47
N GLN R 160 -0.56 -20.79 1.58
CA GLN R 160 -1.72 -21.58 1.87
C GLN R 160 -1.36 -22.77 2.74
N LYS R 161 -0.10 -23.20 2.70
CA LYS R 161 0.31 -24.31 3.53
C LYS R 161 0.60 -23.83 4.97
N HIS R 162 1.18 -22.63 5.10
CA HIS R 162 1.47 -22.02 6.42
C HIS R 162 0.18 -21.65 7.13
N LEU R 163 -0.74 -21.06 6.38
CA LEU R 163 -2.02 -20.64 6.93
C LEU R 163 -2.65 -21.84 7.58
N ASP R 164 -2.48 -22.98 6.92
CA ASP R 164 -3.07 -24.21 7.40
C ASP R 164 -2.46 -24.82 8.69
N THR R 165 -1.15 -25.05 8.69
CA THR R 165 -0.53 -25.63 9.90
C THR R 165 -0.96 -24.82 11.11
N ALA R 166 -1.46 -23.61 10.90
CA ALA R 166 -1.90 -22.74 11.99
C ALA R 166 -3.41 -22.83 12.16
N MET R 167 -4.13 -22.92 11.04
CA MET R 167 -5.59 -23.01 11.11
C MET R 167 -6.05 -24.35 11.70
N THR R 168 -5.80 -25.43 10.98
CA THR R 168 -6.18 -26.75 11.46
C THR R 168 -5.52 -26.98 12.82
N MET R 169 -4.51 -26.18 13.16
CA MET R 169 -3.86 -26.34 14.45
C MET R 169 -4.76 -25.87 15.59
N LEU R 170 -6.07 -25.96 15.36
CA LEU R 170 -7.09 -25.62 16.36
C LEU R 170 -8.45 -25.90 15.76
N THR R 171 -8.55 -27.09 15.15
CA THR R 171 -9.75 -27.61 14.52
C THR R 171 -10.89 -26.61 14.37
N PRO R 172 -10.81 -25.75 13.36
CA PRO R 172 -11.89 -24.78 13.21
C PRO R 172 -13.15 -25.43 12.63
N ASP R 173 -13.27 -26.74 12.75
CA ASP R 173 -14.47 -27.39 12.20
C ASP R 173 -15.18 -28.41 13.07
N ILE R 174 -16.39 -28.05 13.49
CA ILE R 174 -17.23 -28.93 14.30
C ILE R 174 -18.39 -29.36 13.39
N SER R 175 -19.16 -30.37 13.79
CA SER R 175 -20.26 -30.83 12.94
C SER R 175 -21.63 -31.00 13.60
N ALA R 176 -21.83 -30.35 14.75
CA ALA R 176 -23.09 -30.42 15.47
C ALA R 176 -23.18 -29.22 16.44
N GLY R 177 -24.19 -28.36 16.25
CA GLY R 177 -24.31 -27.20 17.11
C GLY R 177 -23.08 -26.31 16.93
N SER R 178 -22.89 -25.33 17.82
CA SER R 178 -21.72 -24.46 17.71
C SER R 178 -20.70 -24.72 18.78
N ALA R 179 -19.91 -23.70 19.10
CA ALA R 179 -18.86 -23.78 20.12
C ALA R 179 -17.79 -22.72 19.85
N SER R 180 -17.69 -21.72 20.73
CA SER R 180 -16.71 -20.65 20.58
C SER R 180 -15.42 -20.90 21.37
N CYS R 181 -14.55 -19.90 21.39
CA CYS R 181 -13.27 -19.97 22.09
C CYS R 181 -12.67 -18.58 22.12
N ASN R 182 -13.04 -17.78 23.12
CA ASN R 182 -12.59 -16.39 23.24
C ASN R 182 -11.27 -16.09 22.50
N TRP R 183 -11.42 -15.34 21.40
CA TRP R 183 -10.35 -14.94 20.50
C TRP R 183 -9.00 -14.54 21.10
N LYS R 184 -8.99 -13.68 22.12
CA LYS R 184 -7.74 -13.28 22.76
C LYS R 184 -6.88 -14.52 23.02
N SER R 185 -7.37 -15.38 23.91
CA SER R 185 -6.68 -16.63 24.28
C SER R 185 -6.17 -17.33 23.04
N LEU R 186 -7.10 -17.70 22.17
CA LEU R 186 -6.80 -18.39 20.93
C LEU R 186 -5.54 -17.83 20.26
N LEU R 187 -5.55 -16.53 19.98
CA LEU R 187 -4.42 -15.87 19.36
C LEU R 187 -3.18 -15.99 20.25
N ALA R 188 -3.21 -15.41 21.43
CA ALA R 188 -2.10 -15.47 22.38
C ALA R 188 -1.55 -16.89 22.55
N PHE R 189 -2.36 -17.87 22.19
CA PHE R 189 -1.99 -19.29 22.26
C PHE R 189 -1.16 -19.68 21.04
N ALA R 190 -1.73 -19.50 19.85
CA ALA R 190 -1.01 -19.84 18.62
C ALA R 190 0.26 -19.00 18.52
N LYS R 191 0.28 -17.86 19.23
CA LYS R 191 1.47 -17.01 19.25
C LYS R 191 2.62 -17.87 19.73
N ASP R 192 2.28 -18.93 20.46
CA ASP R 192 3.23 -19.90 20.99
C ASP R 192 3.42 -21.03 19.99
N ILE R 193 2.59 -22.04 20.11
CA ILE R 193 2.70 -23.22 19.27
C ILE R 193 3.36 -22.99 17.91
N LEU R 194 2.75 -22.25 17.00
CA LEU R 194 3.32 -22.01 15.68
C LEU R 194 4.88 -21.90 15.65
N PRO R 195 5.60 -22.88 15.01
CA PRO R 195 7.06 -22.89 14.92
C PRO R 195 7.60 -21.65 14.20
N LEU R 196 8.71 -21.11 14.68
CA LEU R 196 9.34 -19.89 14.13
C LEU R 196 9.52 -19.73 12.60
N ASP R 197 9.13 -20.73 11.79
CA ASP R 197 9.31 -20.64 10.33
C ASP R 197 8.00 -20.76 9.57
N ASN R 198 6.92 -20.42 10.24
CA ASN R 198 5.64 -20.45 9.57
C ASN R 198 5.62 -19.27 8.54
N LEU R 199 4.57 -18.50 8.45
CA LEU R 199 4.43 -17.27 7.64
C LEU R 199 3.21 -16.54 8.22
N CYS R 200 2.57 -17.15 9.25
CA CYS R 200 1.37 -16.61 9.96
C CYS R 200 1.78 -15.76 11.17
N LEU R 201 3.10 -15.71 11.37
CA LEU R 201 3.70 -14.89 12.41
C LEU R 201 4.33 -13.67 11.76
N THR R 202 4.74 -13.79 10.49
CA THR R 202 5.33 -12.63 9.79
C THR R 202 4.22 -11.70 9.21
N TYR R 203 2.93 -12.19 8.99
CA TYR R 203 1.80 -11.42 8.37
C TYR R 203 0.40 -11.59 9.07
N PRO R 204 0.29 -11.90 10.39
CA PRO R 204 -0.97 -12.13 11.19
C PRO R 204 -2.30 -11.69 10.55
N ASN R 205 -2.41 -10.38 10.30
CA ASN R 205 -3.58 -9.86 9.67
C ASN R 205 -3.24 -9.44 8.25
N GLU R 206 -2.69 -10.46 7.52
CA GLU R 206 -2.37 -10.40 6.11
C GLU R 206 -2.66 -11.81 5.61
N PHE R 207 -2.70 -12.71 6.62
CA PHE R 207 -3.03 -14.13 6.50
C PHE R 207 -4.45 -14.22 7.05
N TYR R 208 -4.69 -13.47 8.11
CA TYR R 208 -6.01 -13.45 8.74
C TYR R 208 -7.09 -13.10 7.69
N ASN R 209 -6.83 -12.07 6.87
CA ASN R 209 -7.76 -11.62 5.81
C ASN R 209 -7.93 -12.66 4.74
N VAL R 210 -6.90 -13.46 4.49
CA VAL R 210 -7.02 -14.54 3.54
C VAL R 210 -7.89 -15.58 4.22
N ALA R 211 -7.52 -15.89 5.47
CA ALA R 211 -8.20 -16.88 6.31
C ALA R 211 -9.69 -16.65 6.44
N ILE R 212 -10.08 -15.47 6.91
CA ILE R 212 -11.50 -15.15 7.08
C ILE R 212 -12.37 -15.64 5.91
N HIS R 213 -11.79 -15.73 4.71
CA HIS R 213 -12.52 -16.19 3.54
C HIS R 213 -12.48 -17.70 3.35
N ARG R 214 -11.83 -18.42 4.24
CA ARG R 214 -11.78 -19.86 4.08
C ARG R 214 -12.36 -20.57 5.27
N TYR R 215 -12.40 -19.89 6.41
CA TYR R 215 -12.92 -20.50 7.63
C TYR R 215 -14.11 -19.74 8.20
N PRO R 216 -15.33 -20.21 7.90
CA PRO R 216 -16.45 -19.48 8.46
C PRO R 216 -16.49 -19.63 9.99
N ALA R 217 -15.37 -20.06 10.56
CA ALA R 217 -15.29 -20.16 12.01
C ALA R 217 -14.84 -18.79 12.50
N LEU R 218 -13.76 -18.25 11.91
CA LEU R 218 -13.22 -16.92 12.27
C LEU R 218 -14.12 -15.83 11.70
N LYS R 219 -14.91 -15.15 12.53
CA LYS R 219 -15.77 -14.08 12.05
C LYS R 219 -15.08 -12.81 12.51
N PRO R 220 -14.63 -11.94 11.59
CA PRO R 220 -13.94 -10.72 11.98
C PRO R 220 -14.90 -9.74 12.62
N GLY R 221 -14.42 -9.00 13.61
CA GLY R 221 -15.27 -8.05 14.29
C GLY R 221 -15.51 -6.84 13.41
N ASN R 222 -16.77 -6.55 13.14
CA ASN R 222 -17.11 -5.41 12.31
C ASN R 222 -16.53 -4.10 12.83
N PRO R 223 -15.89 -3.30 11.94
CA PRO R 223 -15.35 -1.97 12.36
C PRO R 223 -16.34 -0.98 13.02
N ASP R 224 -17.53 -0.66 12.44
CA ASP R 224 -18.43 0.38 13.04
C ASP R 224 -19.67 -0.15 13.87
N THR R 225 -19.36 -0.95 14.92
CA THR R 225 -20.25 -1.55 15.95
C THR R 225 -19.38 -2.49 16.83
N LYS R 226 -18.10 -2.59 16.46
CA LYS R 226 -17.02 -3.40 17.09
C LYS R 226 -17.46 -4.75 17.75
N LEU R 227 -18.38 -5.50 17.06
CA LEU R 227 -19.03 -6.81 17.46
C LEU R 227 -18.97 -7.82 16.26
N PRO R 228 -19.09 -9.17 16.48
CA PRO R 228 -19.05 -10.11 15.35
C PRO R 228 -20.12 -9.83 14.24
N ASP R 229 -20.87 -10.88 13.80
CA ASP R 229 -21.87 -10.77 12.68
C ASP R 229 -22.90 -11.93 12.71
N ALA R 230 -22.76 -12.87 13.64
CA ALA R 230 -23.69 -14.02 13.67
C ALA R 230 -23.37 -14.89 12.46
N GLN R 231 -23.82 -14.44 11.30
CA GLN R 231 -23.49 -15.13 10.05
C GLN R 231 -21.99 -14.98 9.81
N ALA R 232 -21.43 -15.95 9.15
CA ALA R 232 -20.04 -15.87 8.75
C ALA R 232 -20.03 -15.86 7.22
N HIS R 233 -19.33 -14.88 6.60
CA HIS R 233 -19.31 -14.77 5.14
C HIS R 233 -18.00 -15.15 4.46
N PRO R 234 -17.69 -16.45 4.40
CA PRO R 234 -16.44 -16.85 3.73
C PRO R 234 -16.72 -16.97 2.22
N LEU R 235 -15.76 -16.61 1.37
CA LEU R 235 -15.95 -16.67 -0.06
C LEU R 235 -16.60 -17.96 -0.58
N GLY R 236 -16.40 -19.07 0.13
CA GLY R 236 -16.99 -20.34 -0.29
C GLY R 236 -18.42 -20.50 0.25
N GLU R 237 -19.08 -19.35 0.45
CA GLU R 237 -20.43 -19.25 0.99
C GLU R 237 -21.34 -20.46 0.79
N VAL R 238 -21.59 -20.82 -0.47
CA VAL R 238 -22.47 -21.94 -0.80
C VAL R 238 -21.83 -23.29 -0.53
N ALA R 239 -20.70 -23.56 -1.16
CA ALA R 239 -19.99 -24.83 -0.99
C ALA R 239 -19.88 -25.19 0.49
N GLY R 240 -19.44 -24.24 1.31
CA GLY R 240 -19.29 -24.50 2.73
C GLY R 240 -20.63 -24.73 3.44
N ALA R 241 -21.71 -24.24 2.85
CA ALA R 241 -23.03 -24.42 3.43
C ALA R 241 -23.48 -25.84 3.15
N PHE R 242 -23.19 -26.31 1.93
CA PHE R 242 -23.55 -27.65 1.50
C PHE R 242 -22.59 -28.76 1.87
N ASN R 243 -21.78 -28.56 2.89
CA ASN R 243 -20.88 -29.62 3.31
C ASN R 243 -21.09 -29.88 4.77
N ALA R 244 -21.68 -28.89 5.44
CA ALA R 244 -21.97 -29.02 6.86
C ALA R 244 -22.70 -30.34 6.98
N ALA R 245 -22.44 -31.07 8.07
CA ALA R 245 -23.12 -32.34 8.27
C ALA R 245 -24.57 -32.02 8.70
N THR R 246 -25.47 -31.83 7.73
CA THR R 246 -26.87 -31.51 8.05
C THR R 246 -27.50 -32.62 8.86
N SER R 247 -27.98 -32.27 10.05
CA SER R 247 -28.57 -33.24 10.97
C SER R 247 -29.72 -34.12 10.45
N GLU R 248 -30.40 -33.70 9.36
CA GLU R 248 -31.50 -34.47 8.80
C GLU R 248 -30.95 -35.70 8.13
N VAL R 249 -29.88 -35.51 7.38
CA VAL R 249 -29.25 -36.61 6.66
C VAL R 249 -27.74 -36.39 6.67
N GLY R 250 -27.01 -37.33 7.28
CA GLY R 250 -25.55 -37.24 7.36
C GLY R 250 -24.89 -36.01 6.72
N SER R 251 -24.54 -36.15 5.45
CA SER R 251 -23.89 -35.07 4.70
C SER R 251 -24.14 -35.25 3.21
N LEU R 252 -24.82 -34.30 2.61
CA LEU R 252 -25.11 -34.38 1.19
C LEU R 252 -23.84 -34.67 0.38
N VAL R 253 -22.75 -33.96 0.63
CA VAL R 253 -21.50 -34.18 -0.12
C VAL R 253 -20.98 -35.61 0.05
N GLY R 254 -21.26 -36.20 1.21
CA GLY R 254 -20.83 -37.57 1.44
C GLY R 254 -21.76 -38.54 0.71
N SER R 255 -22.94 -38.75 1.29
CA SER R 255 -23.96 -39.64 0.74
C SER R 255 -24.11 -39.52 -0.79
N SER R 256 -23.83 -38.34 -1.33
CA SER R 256 -23.96 -38.15 -2.78
C SER R 256 -22.88 -38.93 -3.49
N SER R 257 -21.63 -38.74 -3.05
CA SER R 257 -20.50 -39.41 -3.67
C SER R 257 -20.49 -40.91 -3.43
N THR R 258 -20.64 -41.32 -2.17
CA THR R 258 -20.66 -42.76 -1.87
C THR R 258 -21.59 -43.51 -2.85
N LEU R 259 -22.50 -42.76 -3.48
CA LEU R 259 -23.43 -43.34 -4.46
C LEU R 259 -22.84 -43.28 -5.85
N SER R 260 -22.50 -42.10 -6.32
CA SER R 260 -21.93 -41.97 -7.65
C SER R 260 -20.69 -42.85 -7.72
N GLN R 261 -20.00 -42.99 -6.59
CA GLN R 261 -18.82 -43.84 -6.53
C GLN R 261 -19.24 -45.28 -6.85
N ALA R 262 -20.18 -45.81 -6.08
CA ALA R 262 -20.67 -47.16 -6.33
C ALA R 262 -21.20 -47.32 -7.77
N ILE R 263 -21.91 -46.30 -8.27
CA ILE R 263 -22.46 -46.37 -9.63
C ILE R 263 -21.33 -46.55 -10.62
N SER R 264 -20.21 -45.88 -10.37
CA SER R 264 -19.08 -46.00 -11.26
C SER R 264 -18.73 -47.48 -11.38
N THR R 265 -18.34 -48.11 -10.26
CA THR R 265 -17.99 -49.52 -10.24
C THR R 265 -19.05 -50.37 -10.95
N MET R 266 -20.30 -50.29 -10.49
CA MET R 266 -21.39 -51.07 -11.06
C MET R 266 -21.34 -51.08 -12.57
N ALA R 267 -21.04 -49.95 -13.20
CA ALA R 267 -21.01 -49.96 -14.66
C ALA R 267 -19.64 -50.34 -15.24
N GLY R 268 -18.63 -49.90 -14.50
CA GLY R 268 -17.26 -50.13 -14.82
C GLY R 268 -16.87 -51.60 -14.86
N LYS R 269 -16.26 -52.12 -13.80
CA LYS R 269 -15.75 -53.50 -13.87
C LYS R 269 -16.65 -54.43 -14.74
N ASP R 270 -17.96 -54.27 -14.59
CA ASP R 270 -19.06 -55.06 -15.24
C ASP R 270 -19.67 -55.97 -14.19
N LEU R 271 -20.01 -55.36 -13.06
CA LEU R 271 -20.65 -56.15 -12.05
C LEU R 271 -21.95 -56.64 -12.61
N ASP R 272 -22.61 -55.79 -13.39
CA ASP R 272 -23.79 -56.23 -14.06
C ASP R 272 -23.35 -57.44 -14.85
N LEU R 273 -24.22 -58.41 -15.10
CA LEU R 273 -23.80 -59.58 -15.87
C LEU R 273 -22.85 -60.48 -15.05
N ILE R 274 -22.90 -60.36 -13.73
CA ILE R 274 -22.01 -61.11 -12.84
C ILE R 274 -22.20 -62.63 -12.82
N GLU R 275 -23.40 -63.10 -13.12
CA GLU R 275 -23.64 -64.53 -13.15
C GLU R 275 -24.21 -64.92 -14.50
N ALA R 276 -23.78 -64.21 -15.54
CA ALA R 276 -24.21 -64.45 -16.91
C ALA R 276 -23.89 -65.88 -17.30
N ASP R 277 -24.83 -66.54 -17.96
CA ASP R 277 -24.58 -67.93 -18.35
C ASP R 277 -24.17 -68.04 -19.81
N THR R 278 -22.92 -67.69 -20.11
CA THR R 278 -22.40 -67.75 -21.48
C THR R 278 -20.95 -67.25 -21.59
N PRO R 279 -20.13 -67.91 -22.43
CA PRO R 279 -18.72 -67.57 -22.64
C PRO R 279 -18.40 -66.09 -22.57
N LEU R 280 -17.42 -65.73 -21.73
CA LEU R 280 -16.97 -64.35 -21.56
C LEU R 280 -15.45 -64.26 -21.56
N PRO R 281 -14.87 -63.46 -22.47
CA PRO R 281 -13.41 -63.31 -22.55
C PRO R 281 -12.84 -62.95 -21.17
N VAL R 282 -11.71 -63.56 -20.80
CA VAL R 282 -11.13 -63.27 -19.49
C VAL R 282 -10.93 -61.76 -19.33
N SER R 283 -10.65 -61.08 -20.44
CA SER R 283 -10.45 -59.63 -20.45
C SER R 283 -11.59 -58.91 -19.74
N VAL R 284 -12.82 -59.40 -19.97
CA VAL R 284 -14.04 -58.85 -19.39
C VAL R 284 -13.96 -58.86 -17.86
N PHE R 285 -12.94 -59.52 -17.32
CA PHE R 285 -12.75 -59.59 -15.87
C PHE R 285 -11.54 -58.79 -15.39
N THR R 286 -10.94 -58.01 -16.28
CA THR R 286 -9.76 -57.18 -15.95
C THR R 286 -8.88 -57.75 -14.82
N PRO R 287 -8.43 -59.01 -14.97
CA PRO R 287 -7.59 -59.64 -13.95
C PRO R 287 -6.20 -58.99 -13.95
N SER R 288 -5.83 -58.41 -12.81
CA SER R 288 -4.54 -57.72 -12.70
C SER R 288 -3.94 -57.93 -11.32
N LEU R 289 -2.63 -57.72 -11.23
CA LEU R 289 -1.95 -57.87 -9.94
C LEU R 289 -2.44 -59.16 -9.26
N ALA R 290 -2.46 -60.27 -10.02
CA ALA R 290 -3.04 -61.50 -9.52
C ALA R 290 -2.14 -62.74 -9.38
N PRO R 291 -1.24 -62.75 -8.37
CA PRO R 291 -0.38 -63.92 -8.21
C PRO R 291 -0.59 -64.64 -6.86
N ARG R 292 -1.49 -65.63 -6.80
CA ARG R 292 -1.78 -66.35 -5.56
C ARG R 292 -0.76 -67.42 -5.19
N SER R 293 -0.52 -67.59 -3.89
CA SER R 293 0.45 -68.58 -3.39
C SER R 293 -0.23 -69.69 -2.57
N TYR R 294 0.37 -70.89 -2.59
CA TYR R 294 -0.17 -72.02 -1.84
C TYR R 294 0.78 -72.70 -0.86
N ARG R 295 0.50 -74.04 -0.80
CA ARG R 295 1.14 -75.10 0.01
C ARG R 295 0.79 -76.53 -0.50
N PRO R 296 1.14 -76.93 -1.77
CA PRO R 296 0.85 -78.29 -2.32
C PRO R 296 1.44 -79.42 -1.47
N ALA R 297 1.40 -80.65 -1.98
CA ALA R 297 1.88 -81.73 -1.14
C ALA R 297 0.94 -81.82 0.06
N PHE R 298 -0.15 -81.06 -0.09
CA PHE R 298 -1.21 -81.02 0.89
C PHE R 298 -2.54 -80.94 0.13
N ILE R 299 -2.60 -80.12 -0.92
CA ILE R 299 -3.83 -80.00 -1.72
C ILE R 299 -4.22 -81.34 -2.33
N LYS R 300 -5.38 -81.87 -1.96
CA LYS R 300 -5.81 -83.14 -2.54
C LYS R 300 -5.96 -82.98 -4.06
N PRO R 301 -5.62 -84.03 -4.83
CA PRO R 301 -5.72 -83.97 -6.28
C PRO R 301 -7.12 -83.64 -6.79
N GLU R 302 -8.16 -84.18 -6.14
CA GLU R 302 -9.53 -83.91 -6.58
C GLU R 302 -10.01 -82.51 -6.17
N ASP R 303 -9.33 -81.90 -5.20
CA ASP R 303 -9.72 -80.57 -4.73
C ASP R 303 -9.21 -79.45 -5.64
N ALA R 304 -8.42 -79.83 -6.66
CA ALA R 304 -7.85 -78.85 -7.60
C ALA R 304 -7.12 -79.53 -8.75
N LYS R 305 -7.82 -79.76 -9.84
CA LYS R 305 -7.30 -80.43 -11.02
C LYS R 305 -5.83 -80.21 -11.40
N TRP R 306 -5.32 -79.00 -11.19
CA TRP R 306 -3.92 -78.71 -11.55
C TRP R 306 -2.88 -79.35 -10.65
N ILE R 307 -3.16 -80.49 -10.06
CA ILE R 307 -2.18 -81.09 -9.17
C ILE R 307 -2.44 -82.57 -8.89
N ALA R 308 -1.78 -83.43 -9.67
CA ALA R 308 -1.93 -84.88 -9.56
C ALA R 308 -0.89 -85.51 -8.64
N GLU R 309 -1.16 -86.72 -8.14
CA GLU R 309 -0.20 -87.37 -7.25
C GLU R 309 0.22 -88.79 -7.64
N PHE R 310 1.47 -89.13 -7.33
CA PHE R 310 2.03 -90.45 -7.62
C PHE R 310 1.61 -91.48 -6.56
N ASN R 311 0.33 -91.78 -6.43
CA ASN R 311 -0.08 -92.76 -5.42
C ASN R 311 0.28 -94.18 -5.85
N ASN R 312 1.52 -94.59 -5.51
CA ASN R 312 2.05 -95.92 -5.86
C ASN R 312 2.53 -96.67 -4.62
N SER R 313 2.48 -98.01 -4.67
CA SER R 313 2.89 -98.85 -3.55
C SER R 313 4.25 -98.52 -2.93
N SER R 314 5.33 -98.99 -3.56
CA SER R 314 6.69 -98.76 -3.06
C SER R 314 7.24 -97.38 -3.46
N LEU R 315 8.57 -97.25 -3.41
CA LEU R 315 9.24 -96.02 -3.79
C LEU R 315 9.56 -96.06 -5.26
N ILE R 316 9.84 -94.92 -5.87
CA ILE R 316 10.15 -94.91 -7.30
C ILE R 316 11.47 -94.21 -7.56
N ARG R 317 12.56 -94.68 -6.96
CA ARG R 317 13.86 -94.05 -7.17
C ARG R 317 14.33 -94.07 -8.62
N LYS R 318 14.51 -92.89 -9.20
CA LYS R 318 14.95 -92.73 -10.58
C LYS R 318 16.32 -92.06 -10.48
N THR R 319 17.00 -91.88 -11.61
CA THR R 319 18.30 -91.22 -11.61
C THR R 319 18.35 -90.17 -12.72
N LEU R 320 19.38 -89.32 -12.70
CA LEU R 320 19.53 -88.28 -13.71
C LEU R 320 20.86 -87.54 -13.53
N THR R 321 21.63 -87.46 -14.61
CA THR R 321 22.91 -86.77 -14.53
C THR R 321 22.67 -85.27 -14.61
N TYR R 322 22.78 -84.61 -13.46
CA TYR R 322 22.59 -83.16 -13.39
C TYR R 322 23.90 -82.48 -13.01
N SER R 323 24.51 -81.79 -13.97
CA SER R 323 25.76 -81.10 -13.73
C SER R 323 26.84 -82.16 -13.43
N GLY R 324 26.86 -83.20 -14.26
CA GLY R 324 27.82 -84.27 -14.06
C GLY R 324 27.31 -85.24 -13.02
N ALA R 325 27.38 -84.84 -11.76
CA ALA R 325 26.92 -85.65 -10.63
C ALA R 325 25.56 -86.32 -10.88
N THR R 326 25.45 -87.59 -10.47
CA THR R 326 24.21 -88.33 -10.65
C THR R 326 23.37 -88.34 -9.36
N TYR R 327 22.16 -87.79 -9.45
CA TYR R 327 21.27 -87.75 -8.29
C TYR R 327 20.06 -88.65 -8.48
N THR R 328 19.38 -88.94 -7.38
CA THR R 328 18.21 -89.80 -7.44
C THR R 328 16.95 -89.10 -6.95
N VAL R 329 16.02 -88.85 -7.86
CA VAL R 329 14.74 -88.26 -7.45
C VAL R 329 14.02 -89.38 -6.70
N GLN R 330 13.29 -89.08 -5.62
CA GLN R 330 12.75 -90.18 -4.79
C GLN R 330 11.31 -90.58 -5.03
N LEU R 331 10.32 -89.68 -4.84
CA LEU R 331 8.89 -90.01 -4.98
C LEU R 331 8.56 -90.97 -3.83
N GLY R 332 9.21 -90.74 -2.68
CA GLY R 332 9.11 -91.54 -1.43
C GLY R 332 7.77 -92.17 -1.05
N PRO R 333 7.76 -92.81 0.13
CA PRO R 333 6.66 -93.56 0.78
C PRO R 333 5.24 -93.05 0.59
N GLY R 334 5.03 -91.75 0.84
CA GLY R 334 3.71 -91.18 0.68
C GLY R 334 3.31 -90.95 -0.78
N PRO R 335 2.16 -90.32 -1.02
CA PRO R 335 1.70 -90.10 -2.42
C PRO R 335 2.43 -89.02 -3.23
N THR R 336 3.16 -88.10 -2.58
CA THR R 336 3.94 -87.03 -3.25
C THR R 336 3.10 -86.31 -4.33
N ARG R 337 2.25 -85.38 -3.90
CA ARG R 337 1.42 -84.60 -4.82
C ARG R 337 2.34 -83.67 -5.60
N VAL R 338 2.25 -83.72 -6.94
CA VAL R 338 3.08 -82.89 -7.82
C VAL R 338 2.23 -81.97 -8.68
N ILE R 339 2.72 -80.76 -8.95
CA ILE R 339 2.03 -79.81 -9.80
C ILE R 339 1.93 -80.41 -11.19
N ASP R 340 0.74 -80.57 -11.71
CA ASP R 340 0.63 -81.10 -13.08
C ASP R 340 1.05 -79.98 -14.02
N MET R 341 1.60 -80.32 -15.21
CA MET R 341 2.03 -79.28 -16.14
C MET R 341 0.95 -78.90 -17.10
N ASN R 342 0.21 -79.88 -17.56
CA ASN R 342 -0.90 -79.47 -18.38
C ASN R 342 -1.88 -78.87 -17.35
N ALA R 343 -2.76 -77.97 -17.81
CA ALA R 343 -3.63 -77.29 -16.87
C ALA R 343 -2.68 -76.56 -15.93
N MET R 344 -1.95 -75.61 -16.49
CA MET R 344 -0.97 -74.83 -15.72
C MET R 344 -0.59 -73.49 -16.39
N ILE R 345 -1.54 -72.78 -17.04
CA ILE R 345 -1.33 -71.46 -17.69
C ILE R 345 0.11 -70.95 -17.58
N ASP R 346 0.89 -71.03 -18.66
CA ASP R 346 2.28 -70.59 -18.64
C ASP R 346 2.52 -69.47 -17.63
N SER R 347 2.94 -69.86 -16.43
CA SER R 347 3.17 -68.91 -15.34
C SER R 347 4.62 -68.77 -14.95
N VAL R 348 4.76 -68.28 -13.75
CA VAL R 348 6.05 -68.13 -13.12
C VAL R 348 5.93 -68.83 -11.77
N LEU R 349 6.15 -70.13 -11.79
CA LEU R 349 6.10 -70.94 -10.57
C LEU R 349 7.33 -70.62 -9.74
N THR R 350 7.14 -70.20 -8.49
CA THR R 350 8.29 -69.93 -7.63
C THR R 350 8.05 -70.61 -6.30
N LEU R 351 8.53 -71.85 -6.19
CA LEU R 351 8.38 -72.63 -4.96
C LEU R 351 9.37 -72.21 -3.89
N ASP R 352 8.87 -71.57 -2.84
CA ASP R 352 9.74 -71.18 -1.75
C ASP R 352 9.82 -72.31 -0.75
N VAL R 353 11.03 -72.60 -0.27
CA VAL R 353 11.23 -73.66 0.71
C VAL R 353 11.93 -73.07 1.90
N SER R 354 11.18 -72.53 2.85
CA SER R 354 11.83 -71.94 4.02
C SER R 354 11.08 -72.12 5.35
N GLY R 355 11.86 -72.29 6.42
CA GLY R 355 11.28 -72.47 7.73
C GLY R 355 10.71 -73.87 7.86
N THR R 356 10.59 -74.54 6.72
CA THR R 356 10.08 -75.91 6.69
C THR R 356 11.17 -76.84 7.20
N ILE R 357 10.79 -77.92 7.90
CA ILE R 357 11.72 -78.85 8.46
C ILE R 357 12.66 -79.43 7.40
N LEU R 358 13.85 -79.84 7.85
CA LEU R 358 14.89 -80.42 7.00
C LEU R 358 15.66 -81.37 7.91
N PRO R 359 15.11 -82.58 8.11
CA PRO R 359 15.68 -83.64 8.97
C PRO R 359 16.95 -84.36 8.52
N TYR R 360 17.97 -83.61 8.11
CA TYR R 360 19.22 -84.22 7.69
C TYR R 360 19.93 -84.82 8.92
N ASP R 361 19.37 -84.51 10.09
CA ASP R 361 19.90 -84.98 11.36
C ASP R 361 19.72 -86.50 11.50
N THR R 362 18.51 -86.97 11.22
CA THR R 362 18.23 -88.40 11.31
C THR R 362 18.77 -89.09 10.06
N ASN R 363 17.95 -89.23 9.02
CA ASN R 363 18.43 -89.86 7.80
C ASN R 363 19.52 -88.98 7.19
N PRO R 364 20.79 -89.38 7.37
CA PRO R 364 21.94 -88.62 6.85
C PRO R 364 21.85 -88.57 5.33
N ASP R 365 21.02 -89.47 4.80
CA ASP R 365 20.78 -89.60 3.38
C ASP R 365 20.28 -88.28 2.81
N LEU R 366 19.42 -87.60 3.57
CA LEU R 366 18.84 -86.33 3.14
C LEU R 366 19.89 -85.25 2.94
N SER R 367 20.81 -85.11 3.91
CA SER R 367 21.86 -84.11 3.78
C SER R 367 22.68 -84.46 2.53
N THR R 368 23.38 -83.47 1.99
CA THR R 368 24.21 -83.66 0.79
C THR R 368 23.39 -83.49 -0.49
N SER R 369 22.08 -83.66 -0.41
CA SER R 369 21.23 -83.54 -1.60
C SER R 369 20.73 -82.11 -1.84
N VAL R 370 21.10 -81.55 -2.99
CA VAL R 370 20.67 -80.20 -3.32
C VAL R 370 19.19 -80.19 -3.67
N PRO R 371 18.37 -79.48 -2.87
CA PRO R 371 16.92 -79.40 -3.13
C PRO R 371 16.73 -78.72 -4.48
N ALA R 372 15.77 -79.17 -5.28
CA ALA R 372 15.57 -78.56 -6.59
C ALA R 372 14.24 -78.88 -7.25
N PHE R 373 13.62 -77.86 -7.84
CA PHE R 373 12.36 -78.04 -8.54
C PHE R 373 12.69 -78.76 -9.86
N VAL R 374 12.05 -79.91 -10.10
CA VAL R 374 12.32 -80.71 -11.30
C VAL R 374 11.06 -81.21 -12.02
N LEU R 375 11.04 -81.09 -13.35
CA LEU R 375 9.89 -81.59 -14.13
C LEU R 375 10.08 -83.09 -14.27
N ILE R 376 8.99 -83.82 -14.47
CA ILE R 376 9.04 -85.27 -14.60
C ILE R 376 8.08 -85.75 -15.67
N GLN R 377 8.61 -86.11 -16.84
CA GLN R 377 7.76 -86.60 -17.91
C GLN R 377 7.61 -88.10 -17.73
N THR R 378 6.38 -88.58 -17.57
CA THR R 378 6.10 -90.00 -17.40
C THR R 378 5.42 -90.56 -18.63
N SER R 379 5.68 -91.83 -18.95
CA SER R 379 5.06 -92.45 -20.12
C SER R 379 3.58 -92.66 -19.82
N VAL R 380 3.29 -93.68 -19.03
CA VAL R 380 1.93 -93.96 -18.64
C VAL R 380 1.48 -92.76 -17.78
N PRO R 381 0.19 -92.38 -17.85
CA PRO R 381 -0.33 -91.24 -17.06
C PRO R 381 -0.02 -91.43 -15.58
N ILE R 382 0.27 -90.36 -14.86
CA ILE R 382 0.55 -90.47 -13.42
C ILE R 382 -0.70 -91.13 -12.85
N GLN R 383 -0.68 -91.54 -11.59
CA GLN R 383 -1.85 -92.19 -11.00
C GLN R 383 -2.07 -93.46 -11.80
N GLN R 384 -0.96 -94.03 -12.24
CA GLN R 384 -0.95 -95.24 -13.05
C GLN R 384 0.51 -95.56 -13.34
N VAL R 385 1.38 -94.67 -12.85
CA VAL R 385 2.84 -94.80 -13.02
C VAL R 385 3.37 -95.57 -11.81
N THR R 386 3.64 -96.86 -12.01
CA THR R 386 4.12 -97.73 -10.93
C THR R 386 5.61 -97.66 -10.60
N THR R 387 6.47 -98.01 -11.55
CA THR R 387 7.90 -98.02 -11.28
C THR R 387 8.83 -97.29 -12.28
N ALA R 388 9.98 -96.89 -11.76
CA ALA R 388 11.03 -96.18 -12.50
C ALA R 388 11.02 -96.27 -14.03
N ALA R 389 10.86 -97.47 -14.57
CA ALA R 389 10.85 -97.64 -16.03
C ALA R 389 9.70 -96.89 -16.69
N ASN R 390 8.75 -96.45 -15.87
CA ASN R 390 7.58 -95.70 -16.31
C ASN R 390 7.88 -94.22 -16.57
N ILE R 391 8.76 -93.65 -15.73
CA ILE R 391 9.16 -92.25 -15.84
C ILE R 391 10.08 -91.97 -17.04
N THR R 392 9.51 -91.44 -18.13
CA THR R 392 10.30 -91.12 -19.34
C THR R 392 11.63 -90.45 -19.01
N ALA R 393 11.57 -89.19 -18.59
CA ALA R 393 12.78 -88.45 -18.23
C ALA R 393 12.53 -87.49 -17.07
N ILE R 394 13.59 -86.88 -16.56
CA ILE R 394 13.47 -85.94 -15.45
C ILE R 394 14.43 -84.79 -15.62
N THR R 395 13.90 -83.58 -15.80
CA THR R 395 14.72 -82.39 -15.98
C THR R 395 14.79 -81.51 -14.74
N VAL R 396 15.99 -81.15 -14.32
CA VAL R 396 16.17 -80.29 -13.16
C VAL R 396 15.99 -78.86 -13.66
N VAL R 397 14.75 -78.38 -13.69
CA VAL R 397 14.47 -77.04 -14.18
C VAL R 397 15.06 -75.92 -13.33
N SER R 398 15.52 -76.24 -12.12
CA SER R 398 16.09 -75.22 -11.27
C SER R 398 16.58 -75.81 -9.95
N ALA R 399 17.87 -76.13 -9.86
CA ALA R 399 18.41 -76.69 -8.64
C ALA R 399 18.94 -75.61 -7.71
N ALA R 400 19.22 -76.00 -6.48
CA ALA R 400 19.77 -75.07 -5.49
C ALA R 400 21.24 -75.40 -5.27
N GLY R 401 22.13 -74.50 -5.66
CA GLY R 401 23.54 -74.77 -5.44
C GLY R 401 23.81 -74.96 -3.96
N ALA R 402 24.62 -75.97 -3.63
CA ALA R 402 24.98 -76.30 -2.24
C ALA R 402 23.97 -77.25 -1.60
N SER R 403 24.51 -78.40 -1.14
CA SER R 403 23.72 -79.50 -0.54
C SER R 403 22.87 -79.08 0.64
N ALA R 404 22.11 -80.04 1.20
CA ALA R 404 21.23 -79.85 2.35
C ALA R 404 21.98 -80.04 3.68
N ILE R 405 22.79 -79.02 4.02
CA ILE R 405 23.67 -78.89 5.21
C ILE R 405 24.46 -77.53 5.16
N ASN R 406 23.85 -76.49 4.53
CA ASN R 406 24.32 -75.09 4.31
C ASN R 406 23.08 -74.20 4.10
N LEU R 407 22.02 -74.92 3.70
CA LEU R 407 20.69 -74.38 3.50
C LEU R 407 19.93 -74.51 4.80
N ALA R 408 20.50 -75.31 5.69
CA ALA R 408 19.91 -75.54 7.01
C ALA R 408 20.21 -74.35 7.93
N ILE R 409 19.72 -74.45 9.16
CA ILE R 409 19.89 -73.43 10.19
C ILE R 409 19.15 -73.99 11.40
N ASN R 410 19.89 -74.31 12.46
CA ASN R 410 19.27 -74.88 13.65
C ASN R 410 18.38 -73.90 14.41
N VAL R 411 17.10 -74.21 14.60
CA VAL R 411 16.13 -73.36 15.35
C VAL R 411 15.49 -74.11 16.54
N ARG R 412 16.31 -74.79 17.32
CA ARG R 412 15.89 -75.59 18.48
C ARG R 412 15.82 -77.07 18.06
N GLY R 413 16.97 -77.71 17.82
CA GLY R 413 17.00 -79.11 17.41
C GLY R 413 16.69 -79.29 15.91
N GLN R 414 15.40 -79.14 15.57
CA GLN R 414 14.77 -79.23 14.22
C GLN R 414 15.36 -78.22 13.23
N PRO R 415 16.38 -78.61 12.50
CA PRO R 415 16.99 -77.70 11.54
C PRO R 415 16.03 -77.29 10.43
N ARG R 416 15.84 -75.98 10.22
CA ARG R 416 14.92 -75.49 9.19
C ARG R 416 15.62 -75.16 7.90
N PHE R 417 14.87 -74.65 6.93
CA PHE R 417 15.44 -74.27 5.64
C PHE R 417 15.64 -72.77 5.51
N ASN R 418 16.87 -72.34 5.29
CA ASN R 418 17.18 -70.93 5.11
C ASN R 418 16.34 -70.51 3.91
N MET R 419 15.42 -69.58 4.15
CA MET R 419 14.50 -69.07 3.14
C MET R 419 15.14 -68.85 1.76
N LEU R 420 14.84 -69.73 0.81
CA LEU R 420 15.38 -69.62 -0.55
C LEU R 420 14.28 -69.98 -1.58
N HIS R 421 14.32 -69.36 -2.76
CA HIS R 421 13.27 -69.64 -3.76
C HIS R 421 13.70 -70.32 -5.05
N LEU R 422 13.36 -71.59 -5.16
CA LEU R 422 13.67 -72.25 -6.42
C LEU R 422 12.61 -71.74 -7.40
N GLN R 423 12.78 -71.91 -8.74
CA GLN R 423 11.72 -71.31 -9.57
C GLN R 423 11.85 -71.51 -11.07
N ALA R 424 10.87 -72.21 -11.66
CA ALA R 424 10.79 -72.45 -13.09
C ALA R 424 10.00 -71.31 -13.74
N THR R 425 9.77 -71.45 -15.04
CA THR R 425 9.01 -70.46 -15.79
C THR R 425 8.26 -71.26 -16.84
N PHE R 426 7.40 -72.15 -16.36
CA PHE R 426 6.60 -72.99 -17.22
C PHE R 426 5.94 -72.22 -18.38
N GLU R 427 5.92 -72.82 -19.56
CA GLU R 427 5.33 -72.19 -20.74
C GLU R 427 4.42 -73.14 -21.53
N ARG R 428 3.11 -72.85 -21.55
CA ARG R 428 2.12 -73.65 -22.26
C ARG R 428 2.68 -74.67 -23.26
N GLU R 429 3.35 -74.19 -24.30
CA GLU R 429 3.87 -74.99 -25.43
C GLU R 429 5.22 -75.72 -25.18
N THR R 430 6.04 -75.31 -24.21
CA THR R 430 7.28 -76.07 -24.01
C THR R 430 6.91 -77.55 -23.66
N ILE R 431 5.63 -77.76 -23.25
CA ILE R 431 5.04 -79.08 -22.98
C ILE R 431 4.05 -79.50 -24.10
N THR R 432 4.32 -79.15 -25.40
CA THR R 432 3.40 -79.55 -26.52
C THR R 432 3.49 -81.06 -26.74
N GLY R 433 2.37 -81.74 -27.07
CA GLY R 433 2.41 -83.19 -27.33
C GLY R 433 2.46 -84.00 -26.06
N ILE R 434 3.58 -83.85 -25.35
CA ILE R 434 3.87 -84.48 -24.05
C ILE R 434 2.60 -84.63 -23.18
N PRO R 435 1.86 -85.74 -23.33
CA PRO R 435 0.63 -86.02 -22.57
C PRO R 435 0.81 -85.95 -21.08
N TYR R 436 1.92 -86.48 -20.56
CA TYR R 436 2.15 -86.48 -19.12
C TYR R 436 3.47 -85.89 -18.69
N ILE R 437 3.39 -84.89 -17.82
CA ILE R 437 4.56 -84.20 -17.30
C ILE R 437 4.11 -83.47 -16.04
N TYR R 438 4.95 -83.50 -15.02
CA TYR R 438 4.60 -82.87 -13.74
C TYR R 438 5.75 -82.10 -13.13
N GLY R 439 5.42 -80.96 -12.53
CA GLY R 439 6.40 -80.17 -11.87
C GLY R 439 6.47 -80.71 -10.46
N LEU R 440 7.66 -80.96 -9.94
CA LEU R 440 7.82 -81.51 -8.60
C LEU R 440 8.99 -80.83 -7.92
N GLY R 441 8.74 -80.22 -6.77
CA GLY R 441 9.84 -79.57 -6.05
C GLY R 441 10.36 -80.59 -5.06
N THR R 442 11.17 -81.54 -5.54
CA THR R 442 11.71 -82.60 -4.71
C THR R 442 13.10 -82.34 -4.10
N PHE R 443 13.89 -83.39 -3.91
CA PHE R 443 15.17 -83.16 -3.24
C PHE R 443 16.44 -83.46 -4.04
N LEU R 444 16.43 -84.46 -4.91
CA LEU R 444 17.65 -84.85 -5.68
C LEU R 444 18.74 -85.35 -4.73
N ILE R 445 18.53 -86.55 -4.19
CA ILE R 445 19.49 -87.17 -3.28
C ILE R 445 20.68 -87.70 -4.04
N PRO R 446 21.91 -87.40 -3.58
CA PRO R 446 23.12 -87.86 -4.26
C PRO R 446 23.42 -89.33 -4.03
N SER R 447 22.61 -89.99 -3.20
CA SER R 447 22.81 -91.40 -2.89
C SER R 447 21.73 -91.98 -1.98
N PRO R 448 20.66 -92.54 -2.59
CA PRO R 448 19.56 -93.12 -1.80
C PRO R 448 20.02 -94.23 -0.84
N THR R 449 19.44 -94.24 0.36
CA THR R 449 19.80 -95.22 1.40
C THR R 449 18.59 -95.74 2.15
N SER R 450 18.83 -96.69 3.07
CA SER R 450 17.77 -97.28 3.88
C SER R 450 17.15 -96.23 4.80
N SER R 451 17.96 -95.25 5.21
CA SER R 451 17.50 -94.18 6.10
C SER R 451 16.35 -93.39 5.44
N SER R 452 16.50 -93.09 4.16
CA SER R 452 15.47 -92.36 3.42
C SER R 452 14.53 -93.38 2.75
N ASN R 453 13.96 -94.24 3.56
CA ASN R 453 13.04 -95.26 3.05
C ASN R 453 11.63 -94.96 3.50
N PHE R 454 11.50 -93.94 4.35
CA PHE R 454 10.18 -93.52 4.85
C PHE R 454 10.16 -92.00 4.93
N SER R 455 11.15 -91.36 4.31
CA SER R 455 11.24 -89.89 4.31
C SER R 455 10.37 -89.19 3.27
N ASN R 456 10.61 -89.48 1.99
CA ASN R 456 9.83 -88.83 0.94
C ASN R 456 10.17 -87.34 0.93
N PRO R 457 11.22 -87.01 0.14
CA PRO R 457 11.81 -85.66 0.01
C PRO R 457 11.04 -84.59 -0.76
N THR R 458 9.71 -84.67 -0.82
CA THR R 458 8.96 -83.65 -1.55
C THR R 458 9.07 -82.31 -0.82
N LEU R 459 9.70 -81.31 -1.44
CA LEU R 459 9.82 -80.01 -0.79
C LEU R 459 8.59 -79.15 -1.03
N MET R 460 7.54 -79.79 -1.54
CA MET R 460 6.29 -79.12 -1.83
C MET R 460 5.57 -78.59 -0.60
N ASP R 461 5.94 -79.08 0.59
CA ASP R 461 5.33 -78.59 1.81
C ASP R 461 5.63 -77.08 1.93
N GLY R 462 6.52 -76.59 1.08
CA GLY R 462 6.90 -75.18 1.08
C GLY R 462 5.83 -74.33 0.43
N LEU R 463 5.85 -73.01 0.67
CA LEU R 463 4.85 -72.08 0.13
C LEU R 463 5.12 -71.66 -1.31
N LEU R 464 4.59 -72.44 -2.25
CA LEU R 464 4.73 -72.19 -3.69
C LEU R 464 3.87 -71.01 -4.13
N THR R 465 4.41 -70.16 -5.01
CA THR R 465 3.66 -69.01 -5.49
C THR R 465 3.61 -68.86 -7.01
N VAL R 466 2.56 -69.41 -7.62
CA VAL R 466 2.38 -69.33 -9.07
C VAL R 466 1.84 -67.95 -9.43
N THR R 467 2.37 -67.36 -10.50
CA THR R 467 1.96 -66.06 -10.97
C THR R 467 1.71 -66.10 -12.47
N PRO R 468 0.43 -66.19 -12.88
CA PRO R 468 0.06 -66.26 -14.30
C PRO R 468 0.76 -65.19 -15.10
N VAL R 469 1.64 -65.58 -16.03
CA VAL R 469 2.35 -64.59 -16.81
C VAL R 469 1.84 -64.56 -18.24
N LEU R 470 0.60 -64.17 -18.39
CA LEU R 470 -0.09 -64.18 -19.69
C LEU R 470 -1.57 -64.21 -19.39
N LEU R 471 -2.08 -63.09 -18.89
CA LEU R 471 -3.52 -62.94 -18.52
C LEU R 471 -4.59 -63.47 -19.48
N ARG R 472 -4.45 -63.20 -20.76
CA ARG R 472 -5.46 -63.63 -21.74
C ARG R 472 -6.01 -65.05 -21.50
N GLU R 473 -5.15 -66.00 -21.11
CA GLU R 473 -5.59 -67.39 -20.88
C GLU R 473 -5.87 -67.78 -19.43
N THR R 474 -7.09 -68.27 -19.18
CA THR R 474 -7.51 -68.68 -17.84
C THR R 474 -7.49 -70.22 -17.78
N THR R 475 -7.90 -70.77 -16.63
CA THR R 475 -7.94 -72.23 -16.44
C THR R 475 -9.20 -72.64 -15.69
N TYR R 476 -9.87 -73.70 -16.16
CA TYR R 476 -11.05 -74.16 -15.44
C TYR R 476 -11.27 -75.67 -15.42
N LYS R 477 -11.38 -76.20 -14.21
CA LYS R 477 -11.60 -77.63 -13.99
C LYS R 477 -10.46 -78.46 -14.58
N GLY R 478 -9.31 -77.82 -14.79
CA GLY R 478 -8.18 -78.53 -15.34
C GLY R 478 -7.84 -78.20 -16.79
N GLU R 479 -8.69 -77.42 -17.46
CA GLU R 479 -8.42 -77.05 -18.85
C GLU R 479 -8.09 -75.57 -18.99
N VAL R 480 -7.33 -75.24 -20.01
CA VAL R 480 -6.96 -73.85 -20.27
C VAL R 480 -7.94 -73.29 -21.30
N VAL R 481 -8.53 -72.14 -20.99
CA VAL R 481 -9.50 -71.53 -21.89
C VAL R 481 -9.25 -70.03 -22.10
N ASP R 482 -10.11 -69.42 -22.89
CA ASP R 482 -10.00 -67.98 -23.17
C ASP R 482 -11.26 -67.27 -22.72
N ALA R 483 -12.26 -68.05 -22.29
CA ALA R 483 -13.51 -67.48 -21.82
C ALA R 483 -14.13 -68.33 -20.70
N ILE R 484 -14.77 -67.67 -19.76
CA ILE R 484 -15.45 -68.33 -18.65
C ILE R 484 -16.94 -68.36 -18.91
N VAL R 485 -17.71 -69.06 -18.08
CA VAL R 485 -19.14 -69.08 -18.21
C VAL R 485 -19.76 -68.81 -16.85
N PRO R 486 -19.29 -67.75 -16.16
CA PRO R 486 -19.73 -67.34 -14.82
C PRO R 486 -20.71 -68.28 -14.10
N ALA R 487 -21.98 -68.24 -14.48
CA ALA R 487 -23.01 -69.08 -13.87
C ALA R 487 -22.54 -70.51 -13.60
N THR R 488 -21.65 -71.02 -14.44
CA THR R 488 -21.12 -72.38 -14.27
C THR R 488 -20.28 -72.50 -13.00
N VAL R 489 -19.46 -71.50 -12.74
CA VAL R 489 -18.61 -71.52 -11.55
C VAL R 489 -19.36 -71.26 -10.22
N MET R 490 -20.66 -70.96 -10.26
CA MET R 490 -21.39 -70.73 -9.00
C MET R 490 -21.75 -72.09 -8.42
N ALA R 491 -21.70 -72.21 -7.09
CA ALA R 491 -22.01 -73.45 -6.37
C ALA R 491 -21.57 -74.67 -7.17
N ASN R 492 -20.31 -74.66 -7.56
CA ASN R 492 -19.78 -75.74 -8.36
C ASN R 492 -18.41 -76.16 -7.81
N GLN R 493 -17.88 -75.31 -6.93
CA GLN R 493 -16.62 -75.61 -6.25
C GLN R 493 -17.02 -76.17 -4.90
N THR R 494 -16.09 -76.79 -4.19
CA THR R 494 -16.41 -77.31 -2.85
C THR R 494 -15.73 -76.36 -1.85
N SER R 495 -15.97 -76.62 -0.56
CA SER R 495 -15.39 -75.80 0.48
C SER R 495 -13.98 -75.30 0.06
N GLU R 496 -13.12 -76.29 -0.25
CA GLU R 496 -11.72 -76.04 -0.58
C GLU R 496 -11.37 -76.12 -2.08
N GLU R 497 -12.33 -76.45 -2.95
CA GLU R 497 -12.11 -76.45 -4.40
C GLU R 497 -12.06 -74.96 -4.86
N VAL R 498 -12.13 -74.07 -3.83
CA VAL R 498 -12.08 -72.60 -3.94
C VAL R 498 -10.77 -72.06 -3.38
N ALA R 499 -10.50 -72.33 -2.12
CA ALA R 499 -9.25 -71.91 -1.49
C ALA R 499 -8.02 -72.55 -2.18
N SER R 500 -8.28 -73.62 -2.94
CA SER R 500 -7.23 -74.34 -3.64
C SER R 500 -7.18 -73.91 -5.12
N ALA R 501 -7.93 -72.87 -5.46
CA ALA R 501 -7.97 -72.36 -6.84
C ALA R 501 -6.57 -71.96 -7.28
N LEU R 502 -6.35 -71.97 -8.59
CA LEU R 502 -5.04 -71.62 -9.16
C LEU R 502 -5.00 -70.18 -9.73
N ALA R 503 -4.17 -69.33 -9.10
CA ALA R 503 -3.97 -67.91 -9.47
C ALA R 503 -4.36 -67.60 -10.92
N ASN R 504 -5.47 -66.87 -11.05
CA ASN R 504 -6.05 -66.49 -12.34
C ASN R 504 -6.64 -67.68 -13.08
N ASP R 505 -7.63 -68.30 -12.42
CA ASP R 505 -8.41 -69.36 -13.02
C ASP R 505 -9.88 -68.99 -12.87
N ALA R 506 -10.75 -69.52 -13.67
CA ALA R 506 -12.14 -69.09 -13.52
C ALA R 506 -12.51 -68.80 -12.07
N ILE R 507 -12.45 -69.80 -11.19
CA ILE R 507 -12.78 -69.61 -9.79
C ILE R 507 -12.18 -68.32 -9.21
N VAL R 508 -10.88 -68.11 -9.38
CA VAL R 508 -10.22 -66.92 -8.86
C VAL R 508 -10.67 -65.65 -9.58
N LEU R 509 -11.23 -65.81 -10.78
CA LEU R 509 -11.74 -64.67 -11.54
C LEU R 509 -13.19 -64.38 -11.11
N VAL R 510 -14.01 -65.45 -10.98
CA VAL R 510 -15.44 -65.40 -10.55
C VAL R 510 -15.56 -65.18 -9.05
N SER R 511 -14.41 -64.86 -8.45
CA SER R 511 -14.29 -64.51 -7.03
C SER R 511 -13.88 -63.04 -6.92
N ASN R 512 -13.00 -62.57 -7.84
CA ASN R 512 -12.44 -61.18 -7.94
C ASN R 512 -13.52 -60.22 -8.42
N HIS R 513 -14.45 -60.83 -9.11
CA HIS R 513 -15.61 -60.16 -9.65
C HIS R 513 -16.65 -59.98 -8.56
N LEU R 514 -17.12 -61.08 -7.97
CA LEU R 514 -18.10 -60.98 -6.90
C LEU R 514 -17.59 -60.02 -5.84
N ASN R 515 -16.30 -60.04 -5.62
CA ASN R 515 -15.68 -59.17 -4.62
C ASN R 515 -15.88 -57.68 -4.86
N LYS R 516 -15.98 -57.25 -6.13
CA LYS R 516 -16.23 -55.86 -6.43
C LYS R 516 -17.69 -55.61 -6.09
N LEU R 517 -18.56 -56.45 -6.65
CA LEU R 517 -19.98 -56.33 -6.42
C LEU R 517 -20.29 -56.46 -4.93
N ALA R 518 -19.42 -57.18 -4.23
CA ALA R 518 -19.61 -57.29 -2.82
C ALA R 518 -19.31 -55.94 -2.12
N ASN R 519 -18.46 -55.07 -2.70
CA ASN R 519 -18.10 -53.80 -2.02
C ASN R 519 -19.01 -52.68 -2.46
N VAL R 520 -19.70 -52.92 -3.53
CA VAL R 520 -20.67 -51.93 -3.96
C VAL R 520 -21.84 -52.07 -3.02
N VAL R 521 -22.32 -53.29 -2.76
CA VAL R 521 -23.44 -53.42 -1.81
C VAL R 521 -22.96 -53.02 -0.41
N GLY R 522 -21.89 -53.68 0.05
CA GLY R 522 -21.34 -53.37 1.37
C GLY R 522 -21.27 -51.87 1.60
N ASP R 523 -20.81 -51.15 0.58
CA ASP R 523 -20.65 -49.70 0.61
C ASP R 523 -21.95 -48.91 0.50
N ALA R 524 -22.48 -48.80 -0.70
CA ALA R 524 -23.72 -48.04 -0.95
C ALA R 524 -24.98 -48.56 -0.26
N ILE R 525 -25.41 -49.77 -0.60
CA ILE R 525 -26.61 -50.36 -0.01
C ILE R 525 -26.46 -50.70 1.48
N PRO R 526 -27.55 -50.59 2.27
CA PRO R 526 -27.49 -50.88 3.71
C PRO R 526 -27.76 -52.34 4.10
N VAL R 527 -26.98 -53.27 3.52
CA VAL R 527 -27.18 -54.69 3.82
C VAL R 527 -26.70 -55.07 5.21
N ALA R 528 -26.58 -54.09 6.11
CA ALA R 528 -26.14 -54.37 7.48
C ALA R 528 -26.95 -53.70 8.58
N SER R 529 -28.27 -53.74 8.39
CA SER R 529 -29.21 -53.21 9.38
C SER R 529 -30.62 -53.82 9.10
N ARG R 530 -31.60 -53.73 10.02
CA ARG R 530 -32.91 -54.36 9.75
C ARG R 530 -33.75 -53.60 8.72
N THR R 531 -33.10 -52.95 7.75
CA THR R 531 -33.84 -52.14 6.79
C THR R 531 -34.28 -52.83 5.51
N ASP R 532 -34.38 -54.17 5.51
CA ASP R 532 -34.82 -54.92 4.32
C ASP R 532 -34.57 -54.18 3.00
N ASP R 533 -33.31 -53.77 2.84
CA ASP R 533 -32.79 -53.03 1.70
C ASP R 533 -33.08 -53.62 0.32
N SER R 534 -32.77 -52.84 -0.71
CA SER R 534 -32.98 -53.24 -2.11
C SER R 534 -32.29 -54.56 -2.46
N ALA R 535 -31.14 -54.81 -1.83
CA ALA R 535 -30.38 -56.04 -2.07
C ALA R 535 -31.11 -57.26 -1.53
N THR R 536 -31.29 -57.32 -0.21
CA THR R 536 -31.99 -58.45 0.43
C THR R 536 -33.43 -58.51 -0.03
N SER R 537 -33.86 -57.50 -0.78
CA SER R 537 -35.23 -57.44 -1.27
C SER R 537 -35.36 -58.13 -2.61
N ALA R 538 -34.35 -57.96 -3.45
CA ALA R 538 -34.33 -58.59 -4.75
C ALA R 538 -34.35 -60.10 -4.55
N ILE R 539 -33.62 -60.57 -3.55
CA ILE R 539 -33.55 -61.99 -3.24
C ILE R 539 -34.88 -62.52 -2.69
N VAL R 540 -35.52 -61.78 -1.78
CA VAL R 540 -36.80 -62.19 -1.21
C VAL R 540 -37.83 -62.48 -2.29
N SER R 541 -37.86 -61.65 -3.32
CA SER R 541 -38.83 -61.86 -4.39
C SER R 541 -38.53 -63.15 -5.14
N ARG R 542 -37.26 -63.57 -5.18
CA ARG R 542 -36.93 -64.81 -5.85
C ARG R 542 -37.40 -65.98 -4.96
N LEU R 543 -37.07 -65.94 -3.68
CA LEU R 543 -37.48 -67.01 -2.76
C LEU R 543 -38.98 -67.24 -2.81
N ALA R 544 -39.75 -66.15 -2.84
CA ALA R 544 -41.20 -66.26 -2.91
C ALA R 544 -41.58 -67.00 -4.21
N VAL R 545 -41.37 -66.36 -5.36
CA VAL R 545 -41.65 -66.95 -6.68
C VAL R 545 -41.16 -68.37 -6.76
N GLN R 546 -40.11 -68.69 -6.00
CA GLN R 546 -39.55 -70.03 -6.02
C GLN R 546 -40.36 -70.96 -5.11
N HIS R 547 -40.41 -70.62 -3.82
CA HIS R 547 -41.17 -71.42 -2.86
C HIS R 547 -42.66 -71.46 -3.20
N LYS R 548 -43.11 -70.54 -4.04
CA LYS R 548 -44.53 -70.50 -4.38
C LYS R 548 -44.90 -71.53 -5.41
N LEU R 549 -44.02 -71.78 -6.38
CA LEU R 549 -44.36 -72.77 -7.40
C LEU R 549 -44.04 -74.17 -6.91
N SER R 550 -43.14 -74.28 -5.93
CA SER R 550 -42.81 -75.60 -5.39
C SER R 550 -44.00 -76.07 -4.54
N GLN R 551 -44.91 -75.13 -4.26
CA GLN R 551 -46.09 -75.44 -3.47
C GLN R 551 -47.27 -75.76 -4.40
N VAL R 552 -47.18 -75.29 -5.64
CA VAL R 552 -48.22 -75.54 -6.64
C VAL R 552 -48.28 -77.05 -6.90
N GLY R 553 -49.49 -77.57 -7.15
CA GLY R 553 -49.73 -79.01 -7.34
C GLY R 553 -49.47 -79.70 -5.97
N GLN R 554 -50.44 -80.47 -5.41
CA GLN R 554 -50.40 -81.11 -4.06
C GLN R 554 -51.09 -80.14 -3.09
N ALA R 555 -51.79 -80.67 -2.07
CA ALA R 555 -52.59 -80.01 -0.99
C ALA R 555 -52.28 -78.55 -0.63
N SER R 556 -51.15 -78.01 -1.12
CA SER R 556 -50.72 -76.64 -0.82
C SER R 556 -51.04 -76.29 0.64
N PRO R 557 -50.75 -77.22 1.56
CA PRO R 557 -51.04 -77.03 2.99
C PRO R 557 -50.25 -75.90 3.63
N THR R 558 -49.25 -75.36 2.93
CA THR R 558 -48.43 -74.29 3.48
C THR R 558 -48.44 -72.98 2.70
N PRO R 559 -49.26 -72.02 3.11
CA PRO R 559 -49.25 -70.75 2.46
C PRO R 559 -47.90 -70.08 2.70
N PRO R 560 -47.21 -69.63 1.67
CA PRO R 560 -45.90 -68.99 1.86
C PRO R 560 -45.84 -68.12 3.12
N ASP R 561 -44.66 -68.10 3.74
CA ASP R 561 -44.46 -67.38 5.00
C ASP R 561 -44.31 -65.84 4.84
N TYR R 562 -43.13 -65.40 4.43
CA TYR R 562 -42.82 -63.94 4.19
C TYR R 562 -42.10 -63.28 5.33
N PRO R 563 -42.66 -63.23 6.54
CA PRO R 563 -41.86 -62.66 7.63
C PRO R 563 -40.56 -63.48 7.73
N LEU R 564 -40.68 -64.83 7.51
CA LEU R 564 -39.58 -65.85 7.54
C LEU R 564 -38.74 -65.84 6.25
N LEU R 565 -39.38 -65.47 5.17
CA LEU R 565 -38.72 -65.34 3.87
C LEU R 565 -37.91 -64.06 3.79
N TRP R 566 -38.49 -62.97 4.31
CA TRP R 566 -37.77 -61.71 4.32
C TRP R 566 -36.50 -61.90 5.11
N ARG R 567 -36.65 -62.49 6.32
CA ARG R 567 -35.52 -62.74 7.21
C ARG R 567 -34.53 -63.77 6.64
N ARG R 568 -35.01 -64.75 5.89
CA ARG R 568 -34.08 -65.73 5.33
C ARG R 568 -33.25 -65.11 4.21
N ALA R 569 -33.89 -64.27 3.41
CA ALA R 569 -33.20 -63.62 2.29
C ALA R 569 -32.32 -62.48 2.80
N LYS R 570 -32.61 -61.97 3.98
CA LYS R 570 -31.82 -60.89 4.55
C LYS R 570 -30.44 -61.41 4.90
N ARG R 571 -30.39 -62.62 5.47
CA ARG R 571 -29.11 -63.22 5.85
C ARG R 571 -28.43 -63.77 4.60
N ALA R 572 -29.21 -64.07 3.57
CA ALA R 572 -28.65 -64.57 2.32
C ALA R 572 -27.88 -63.42 1.67
N ALA R 573 -28.53 -62.26 1.51
CA ALA R 573 -27.86 -61.08 0.92
C ALA R 573 -26.75 -60.64 1.84
N SER R 574 -26.97 -60.79 3.13
CA SER R 574 -25.98 -60.40 4.12
C SER R 574 -24.79 -61.36 4.08
N MET R 575 -25.05 -62.66 4.02
CA MET R 575 -23.94 -63.63 3.98
C MET R 575 -23.09 -63.40 2.74
N PHE R 576 -23.70 -62.84 1.70
CA PHE R 576 -22.97 -62.56 0.48
C PHE R 576 -22.01 -61.38 0.71
N VAL R 577 -22.56 -60.21 1.04
CA VAL R 577 -21.70 -59.06 1.30
C VAL R 577 -20.58 -59.45 2.20
N SER R 578 -20.89 -60.30 3.18
CA SER R 578 -19.91 -60.78 4.14
C SER R 578 -18.73 -61.47 3.49
N ASN R 579 -18.96 -62.67 2.97
CA ASN R 579 -17.93 -63.43 2.32
C ASN R 579 -18.34 -63.74 0.88
N PRO R 580 -18.14 -62.77 -0.03
CA PRO R 580 -18.50 -62.89 -1.45
C PRO R 580 -18.23 -64.30 -2.03
N SER R 581 -17.10 -64.88 -1.64
CA SER R 581 -16.68 -66.19 -2.11
C SER R 581 -17.76 -67.27 -2.03
N LEU R 582 -18.25 -67.54 -0.82
CA LEU R 582 -19.28 -68.57 -0.59
C LEU R 582 -20.18 -68.92 -1.76
N ALA R 583 -20.67 -67.91 -2.47
CA ALA R 583 -21.54 -68.15 -3.63
C ALA R 583 -20.94 -69.05 -4.71
N LEU R 584 -19.79 -69.67 -4.43
CA LEU R 584 -19.14 -70.60 -5.38
C LEU R 584 -19.21 -72.02 -4.84
N GLN R 585 -19.36 -72.13 -3.53
CA GLN R 585 -19.38 -73.42 -2.85
C GLN R 585 -20.70 -74.16 -2.84
N VAL R 586 -20.65 -75.42 -3.28
CA VAL R 586 -21.84 -76.26 -3.32
C VAL R 586 -22.35 -76.49 -1.90
N GLY R 587 -23.60 -76.13 -1.66
CA GLY R 587 -24.20 -76.34 -0.34
C GLY R 587 -24.41 -75.08 0.47
N ILE R 588 -24.62 -73.95 -0.19
CA ILE R 588 -24.88 -72.72 0.54
C ILE R 588 -26.33 -72.27 0.33
N PRO R 589 -27.10 -72.21 1.43
CA PRO R 589 -28.53 -71.86 1.45
C PRO R 589 -28.90 -70.57 0.68
N VAL R 590 -29.86 -70.68 -0.23
CA VAL R 590 -30.30 -69.55 -1.07
C VAL R 590 -29.23 -69.16 -2.06
N LEU R 591 -28.29 -68.34 -1.59
CA LEU R 591 -27.19 -67.83 -2.40
C LEU R 591 -26.80 -68.66 -3.64
N THR R 592 -26.79 -70.01 -3.54
CA THR R 592 -26.34 -70.82 -4.68
C THR R 592 -27.42 -71.27 -5.67
N GLN R 593 -28.65 -70.77 -5.56
CA GLN R 593 -29.67 -71.16 -6.54
C GLN R 593 -29.41 -70.24 -7.73
N SER R 594 -29.63 -70.73 -8.95
CA SER R 594 -29.37 -69.93 -10.14
C SER R 594 -29.95 -68.51 -10.17
N GLY R 595 -31.15 -68.33 -9.62
CA GLY R 595 -31.77 -67.00 -9.61
C GLY R 595 -30.88 -65.94 -8.98
N MET R 596 -30.77 -65.98 -7.65
CA MET R 596 -29.96 -65.05 -6.87
C MET R 596 -28.66 -64.65 -7.56
N LEU R 597 -28.12 -63.49 -7.16
CA LEU R 597 -26.88 -62.94 -7.76
C LEU R 597 -27.21 -62.32 -9.09
N SER R 598 -27.61 -63.17 -10.02
CA SER R 598 -28.03 -62.65 -11.30
C SER R 598 -29.12 -61.67 -10.97
N ALA R 599 -29.89 -62.06 -9.95
CA ALA R 599 -30.96 -61.27 -9.38
C ALA R 599 -30.39 -60.15 -8.54
N LEU R 600 -29.74 -60.51 -7.44
CA LEU R 600 -29.14 -59.51 -6.55
C LEU R 600 -28.56 -58.33 -7.32
N THR R 601 -27.44 -58.59 -8.04
CA THR R 601 -26.78 -57.50 -8.76
C THR R 601 -27.80 -56.62 -9.45
N SER R 602 -28.54 -57.09 -10.45
CA SER R 602 -29.52 -56.24 -11.17
C SER R 602 -30.48 -55.44 -10.26
N GLY R 603 -30.55 -55.83 -8.99
CA GLY R 603 -31.34 -55.08 -8.04
C GLY R 603 -30.45 -53.97 -7.57
N VAL R 604 -29.41 -54.37 -6.81
CA VAL R 604 -28.39 -53.45 -6.32
C VAL R 604 -28.09 -52.41 -7.40
N GLY R 605 -28.17 -52.87 -8.64
CA GLY R 605 -27.94 -52.02 -9.78
C GLY R 605 -28.89 -50.86 -9.72
N THR R 606 -30.16 -51.09 -10.08
CA THR R 606 -31.14 -50.01 -10.05
C THR R 606 -31.19 -49.32 -8.69
N ALA R 607 -30.86 -50.05 -7.63
CA ALA R 607 -30.89 -49.46 -6.29
C ALA R 607 -29.93 -48.26 -6.17
N LEU R 608 -28.75 -48.38 -6.78
CA LEU R 608 -27.79 -47.28 -6.72
C LEU R 608 -28.24 -46.15 -7.62
N ARG R 609 -28.89 -46.49 -8.72
CA ARG R 609 -29.33 -45.45 -9.62
C ARG R 609 -30.62 -44.78 -9.17
N THR R 610 -30.72 -44.50 -7.85
CA THR R 610 -31.93 -43.83 -7.31
C THR R 610 -31.75 -43.41 -5.85
N GLY R 611 -30.63 -43.81 -5.24
CA GLY R 611 -30.33 -43.47 -3.84
C GLY R 611 -30.87 -42.11 -3.37
N SER R 612 -31.07 -41.16 -4.29
CA SER R 612 -31.54 -39.75 -4.11
C SER R 612 -30.33 -38.82 -3.84
N LEU R 613 -30.01 -38.49 -2.59
CA LEU R 613 -28.81 -37.73 -2.18
C LEU R 613 -28.77 -37.95 -0.67
N GLY R 614 -29.95 -37.92 -0.03
CA GLY R 614 -30.09 -38.08 1.40
C GLY R 614 -30.21 -39.53 1.86
N LYS R 615 -29.38 -40.41 1.27
CA LYS R 615 -29.36 -41.82 1.64
C LYS R 615 -28.80 -41.96 3.04
N GLY R 616 -28.06 -40.92 3.40
CA GLY R 616 -27.44 -40.84 4.68
C GLY R 616 -28.46 -40.72 5.78
N VAL R 617 -29.76 -40.67 5.46
CA VAL R 617 -30.77 -40.54 6.50
C VAL R 617 -30.76 -41.79 7.37
N THR R 618 -30.13 -42.85 6.87
CA THR R 618 -30.04 -44.11 7.62
C THR R 618 -29.21 -43.94 8.88
N ASP R 619 -29.82 -44.18 10.04
CA ASP R 619 -29.10 -44.05 11.30
C ASP R 619 -28.48 -42.67 11.40
N ALA R 620 -29.13 -41.69 10.79
CA ALA R 620 -28.64 -40.31 10.81
C ALA R 620 -29.03 -39.69 12.14
N SER R 621 -29.59 -40.52 13.01
CA SER R 621 -30.00 -40.09 14.32
C SER R 621 -28.85 -40.28 15.31
N GLU R 622 -28.35 -41.51 15.44
CA GLU R 622 -27.24 -41.82 16.34
C GLU R 622 -25.97 -41.21 15.78
N LYS R 623 -25.93 -41.11 14.45
CA LYS R 623 -24.80 -40.52 13.75
C LYS R 623 -24.77 -39.06 14.18
N LEU R 624 -25.94 -38.43 14.24
CA LEU R 624 -26.05 -37.03 14.63
C LEU R 624 -25.67 -36.90 16.08
N ARG R 625 -26.31 -37.71 16.92
CA ARG R 625 -26.08 -37.68 18.35
C ARG R 625 -24.60 -37.94 18.69
N ALA R 626 -23.89 -38.62 17.80
CA ALA R 626 -22.46 -38.89 18.01
C ALA R 626 -21.64 -37.65 17.65
N ARG R 627 -22.10 -36.89 16.63
CA ARG R 627 -21.43 -35.68 16.24
C ARG R 627 -21.57 -34.60 17.31
N GLN R 628 -22.73 -34.54 17.94
CA GLN R 628 -22.92 -33.57 19.02
C GLN R 628 -22.02 -33.97 20.16
N SER R 629 -21.83 -35.28 20.29
CA SER R 629 -20.98 -35.81 21.35
C SER R 629 -19.56 -35.30 21.19
N LEU R 630 -19.12 -35.19 19.93
CA LEU R 630 -17.75 -34.74 19.65
C LEU R 630 -17.61 -33.24 19.84
N THR R 631 -18.60 -32.50 19.36
CA THR R 631 -18.55 -31.05 19.50
C THR R 631 -18.61 -30.65 20.99
N VAL R 632 -19.23 -31.49 21.82
CA VAL R 632 -19.28 -31.19 23.25
C VAL R 632 -17.90 -31.40 23.86
N ALA R 633 -17.17 -32.39 23.36
CA ALA R 633 -15.83 -32.66 23.85
C ALA R 633 -14.84 -31.65 23.27
N LYS R 634 -15.07 -31.22 22.04
CA LYS R 634 -14.18 -30.24 21.41
C LYS R 634 -14.42 -28.86 22.02
N GLN R 635 -15.64 -28.61 22.49
CA GLN R 635 -15.93 -27.33 23.11
C GLN R 635 -15.13 -27.33 24.40
N ALA R 636 -15.01 -28.50 25.00
CA ALA R 636 -14.26 -28.70 26.23
C ALA R 636 -12.79 -28.33 26.03
N PHE R 637 -12.27 -28.63 24.84
CA PHE R 637 -10.89 -28.30 24.50
C PHE R 637 -10.76 -26.77 24.44
N PHE R 638 -11.53 -26.12 23.55
CA PHE R 638 -11.49 -24.65 23.44
C PHE R 638 -11.58 -23.97 24.81
N ASP R 639 -12.25 -24.61 25.77
CA ASP R 639 -12.38 -24.04 27.10
C ASP R 639 -11.03 -23.97 27.82
N GLN R 640 -10.13 -24.90 27.54
CA GLN R 640 -8.81 -24.86 28.17
C GLN R 640 -7.92 -23.87 27.42
N ILE R 641 -7.97 -23.94 26.09
CA ILE R 641 -7.20 -22.97 25.31
C ILE R 641 -7.54 -21.60 25.83
N GLY R 642 -8.79 -21.47 26.22
CA GLY R 642 -9.36 -20.25 26.76
C GLY R 642 -8.91 -19.90 28.16
N SER R 643 -8.50 -20.87 28.96
CA SER R 643 -8.04 -20.54 30.31
C SER R 643 -6.52 -20.49 30.39
N LEU R 644 -5.86 -21.62 30.16
CA LEU R 644 -4.41 -21.71 30.23
C LEU R 644 -3.73 -20.49 29.63
N TRP R 645 -4.03 -20.20 28.36
CA TRP R 645 -3.50 -19.00 27.74
C TRP R 645 -4.58 -17.92 27.76
N PRO R 646 -4.67 -17.20 28.89
CA PRO R 646 -5.65 -16.13 29.02
C PRO R 646 -5.31 -14.93 28.13
N GLY S 2 -54.69 -51.15 -3.33
CA GLY S 2 -54.87 -50.67 -4.69
C GLY S 2 -56.21 -49.98 -4.85
N ASN S 3 -56.91 -49.80 -3.75
CA ASN S 3 -58.20 -49.18 -3.80
C ASN S 3 -58.16 -47.88 -4.58
N VAL S 4 -59.15 -47.77 -5.41
CA VAL S 4 -59.29 -46.60 -6.20
C VAL S 4 -59.12 -45.36 -5.33
N GLN S 5 -58.40 -44.40 -5.91
CA GLN S 5 -58.14 -43.07 -5.36
C GLN S 5 -59.03 -42.13 -6.18
N THR S 6 -58.48 -41.61 -7.30
CA THR S 6 -59.20 -40.80 -8.33
C THR S 6 -58.54 -39.49 -8.78
N SER S 7 -57.99 -38.64 -7.93
CA SER S 7 -57.45 -37.45 -8.54
C SER S 7 -56.11 -37.07 -7.93
N VAL S 8 -55.91 -37.50 -6.68
CA VAL S 8 -54.70 -37.18 -5.97
C VAL S 8 -53.55 -37.18 -6.96
N ASN S 9 -53.41 -38.27 -7.71
CA ASN S 9 -52.30 -38.36 -8.67
C ASN S 9 -52.84 -38.78 -10.12
N THR S 10 -52.40 -38.19 -11.28
CA THR S 10 -52.88 -38.47 -12.70
C THR S 10 -53.02 -39.93 -13.12
N TYR S 11 -52.62 -40.84 -12.25
CA TYR S 11 -52.70 -42.25 -12.57
C TYR S 11 -53.18 -43.09 -11.41
N ASN S 12 -54.05 -44.03 -11.72
CA ASN S 12 -54.53 -44.98 -10.74
C ASN S 12 -53.53 -46.11 -10.80
N ILE S 13 -53.32 -46.85 -9.73
CA ILE S 13 -52.35 -47.94 -9.84
C ILE S 13 -53.03 -49.12 -10.49
N THR S 14 -54.18 -49.47 -9.97
CA THR S 14 -55.00 -50.57 -10.51
C THR S 14 -55.70 -50.07 -11.77
N GLY S 15 -55.36 -48.85 -12.18
CA GLY S 15 -55.94 -48.25 -13.36
C GLY S 15 -55.96 -49.15 -14.59
N ASP S 16 -56.80 -48.78 -15.54
CA ASP S 16 -56.98 -49.51 -16.80
C ASP S 16 -55.71 -49.57 -17.68
N GLY S 17 -55.40 -50.75 -18.17
CA GLY S 17 -54.26 -50.92 -19.05
C GLY S 17 -52.88 -50.37 -18.71
N ASN S 18 -52.44 -50.58 -17.46
CA ASN S 18 -51.10 -50.16 -17.04
C ASN S 18 -50.18 -51.22 -17.61
N SER S 19 -48.90 -51.16 -17.31
CA SER S 19 -48.06 -52.21 -17.88
C SER S 19 -46.61 -52.23 -17.42
N PHE S 20 -46.26 -53.17 -16.57
CA PHE S 20 -44.89 -53.33 -16.17
C PHE S 20 -44.18 -53.97 -17.35
N THR S 21 -43.08 -53.37 -17.81
CA THR S 21 -42.36 -53.91 -18.96
C THR S 21 -41.00 -53.24 -19.19
N PRO S 22 -39.95 -53.78 -18.56
CA PRO S 22 -38.59 -53.24 -18.67
C PRO S 22 -38.13 -53.32 -20.12
N THR S 23 -37.32 -52.33 -20.50
CA THR S 23 -36.73 -52.22 -21.82
C THR S 23 -35.27 -51.99 -21.57
N SER S 24 -34.40 -52.81 -22.15
CA SER S 24 -32.96 -52.63 -21.96
C SER S 24 -32.54 -51.22 -22.30
N ASP S 25 -33.42 -50.52 -23.00
CA ASP S 25 -33.20 -49.17 -23.50
C ASP S 25 -33.23 -47.99 -22.51
N MET S 26 -34.00 -48.07 -21.43
CA MET S 26 -34.12 -46.91 -20.56
C MET S 26 -33.68 -47.02 -19.09
N THR S 27 -32.81 -47.97 -18.71
CA THR S 27 -32.36 -48.12 -17.30
C THR S 27 -32.85 -47.07 -16.30
N SER S 28 -33.91 -47.40 -15.56
CA SER S 28 -34.53 -46.53 -14.56
C SER S 28 -33.53 -45.88 -13.61
N THR S 29 -33.57 -44.55 -13.50
CA THR S 29 -32.63 -43.82 -12.62
N ALA S 30 -33.05 -42.09 -10.95
CA ALA S 30 -33.31 -40.72 -10.46
C ALA S 30 -31.99 -39.96 -10.43
N ALA S 31 -31.77 -39.09 -9.44
CA ALA S 31 -30.53 -38.30 -9.38
C ALA S 31 -29.75 -38.48 -8.10
N PRO S 32 -28.81 -39.46 -8.08
CA PRO S 32 -27.98 -39.73 -6.90
C PRO S 32 -26.65 -39.01 -6.96
N ALA S 33 -25.94 -39.10 -8.07
CA ALA S 33 -24.61 -38.49 -8.12
C ALA S 33 -24.54 -36.97 -8.25
N ILE S 34 -25.43 -36.21 -7.61
CA ILE S 34 -25.34 -34.75 -7.72
C ILE S 34 -24.01 -34.30 -7.13
N ASP S 35 -23.28 -33.51 -7.89
CA ASP S 35 -21.98 -33.03 -7.41
C ASP S 35 -22.10 -31.85 -6.46
N LEU S 36 -21.47 -31.96 -5.29
CA LEU S 36 -21.51 -30.88 -4.31
C LEU S 36 -20.14 -30.55 -3.73
N LYS S 37 -19.12 -31.35 -4.05
CA LYS S 37 -17.78 -31.12 -3.52
C LYS S 37 -17.30 -29.66 -3.72
N PRO S 38 -16.65 -29.15 -2.70
CA PRO S 38 -16.14 -27.77 -2.64
C PRO S 38 -15.77 -27.11 -3.97
N GLY S 39 -14.76 -27.65 -4.61
CA GLY S 39 -14.33 -27.06 -5.87
C GLY S 39 -15.43 -27.07 -6.92
N VAL S 40 -16.14 -28.19 -7.02
CA VAL S 40 -17.15 -28.34 -8.05
C VAL S 40 -18.47 -27.61 -7.80
N LEU S 41 -18.89 -27.40 -6.56
CA LEU S 41 -20.14 -26.66 -6.29
C LEU S 41 -19.87 -25.17 -6.31
N ASN S 42 -18.59 -24.81 -6.16
CA ASN S 42 -18.13 -23.40 -6.21
C ASN S 42 -17.30 -22.96 -5.00
N PRO T 43 -18.84 -14.67 -14.14
CA PRO T 43 -18.55 -14.13 -12.80
C PRO T 43 -18.78 -15.19 -11.76
N THR T 44 -18.37 -14.89 -10.52
CA THR T 44 -18.47 -15.78 -9.36
C THR T 44 -18.22 -14.96 -8.11
N GLY T 45 -18.46 -15.55 -6.94
CA GLY T 45 -18.20 -14.87 -5.69
C GLY T 45 -19.34 -13.97 -5.20
N LYS T 46 -19.07 -13.23 -4.13
CA LYS T 46 -20.04 -12.34 -3.56
C LYS T 46 -20.14 -11.10 -4.42
N LEU T 47 -21.29 -10.44 -4.42
CA LEU T 47 -21.46 -9.23 -5.24
C LEU T 47 -21.02 -8.02 -4.44
N TRP T 48 -20.37 -7.09 -5.10
CA TRP T 48 -19.90 -5.86 -4.48
C TRP T 48 -20.57 -4.68 -5.12
N ARG T 49 -20.56 -3.53 -4.46
CA ARG T 49 -21.13 -2.33 -5.04
C ARG T 49 -20.33 -1.12 -4.59
N PRO T 50 -20.24 -0.09 -5.46
CA PRO T 50 -19.49 1.13 -5.16
C PRO T 50 -19.97 1.83 -3.88
N VAL T 51 -19.28 1.59 -2.75
CA VAL T 51 -19.68 2.22 -1.49
C VAL T 51 -19.52 3.74 -1.60
N GLY T 52 -18.54 4.20 -2.36
CA GLY T 52 -18.30 5.62 -2.55
C GLY T 52 -19.22 6.23 -3.60
N THR T 53 -20.07 5.38 -4.19
CA THR T 53 -21.05 5.77 -5.19
C THR T 53 -20.51 6.10 -6.60
N SER T 54 -21.39 5.88 -7.58
CA SER T 54 -21.12 6.13 -8.99
C SER T 54 -19.83 5.48 -9.48
N VAL T 55 -18.75 6.26 -9.49
CA VAL T 55 -17.46 5.78 -9.92
C VAL T 55 -17.04 4.54 -9.11
N ALA T 56 -17.00 3.41 -9.79
CA ALA T 56 -16.56 2.17 -9.20
C ALA T 56 -15.12 1.90 -9.56
N THR T 57 -14.23 2.15 -8.62
CA THR T 57 -12.80 1.88 -8.85
C THR T 57 -12.44 0.61 -8.02
N ILE T 58 -11.15 0.22 -8.01
CA ILE T 58 -10.61 -0.93 -7.25
C ILE T 58 -10.40 -0.56 -5.78
N ASP T 59 -11.42 0.04 -5.17
CA ASP T 59 -11.34 0.50 -3.78
C ASP T 59 -12.64 1.18 -3.33
N SER T 60 -13.39 1.69 -4.30
CA SER T 60 -14.66 2.34 -4.00
C SER T 60 -15.75 1.26 -3.99
N LEU T 61 -15.32 0.00 -3.93
CA LEU T 61 -16.19 -1.15 -3.88
C LEU T 61 -16.26 -1.62 -2.42
N ALA T 62 -17.08 -2.60 -2.19
CA ALA T 62 -17.24 -3.21 -0.90
C ALA T 62 -18.31 -4.30 -0.95
N ILE T 63 -18.02 -5.48 -0.40
CA ILE T 63 -19.02 -6.55 -0.42
C ILE T 63 -20.37 -5.99 0.04
N VAL T 64 -21.35 -5.99 -0.85
CA VAL T 64 -22.68 -5.46 -0.52
C VAL T 64 -23.35 -6.33 0.51
N SER T 65 -22.97 -6.19 1.78
CA SER T 65 -23.61 -7.00 2.81
C SER T 65 -24.81 -6.23 3.37
N ASP T 66 -25.58 -6.88 4.24
CA ASP T 66 -26.73 -6.23 4.84
C ASP T 66 -27.51 -7.19 5.74
N ARG T 67 -28.68 -6.75 6.14
CA ARG T 67 -29.58 -7.49 7.01
C ARG T 67 -29.85 -8.94 6.63
N PHE T 68 -29.53 -9.33 5.39
CA PHE T 68 -29.75 -10.69 4.93
C PHE T 68 -28.47 -11.50 4.81
N GLY T 69 -27.31 -10.85 4.98
CA GLY T 69 -26.04 -11.53 4.84
C GLY T 69 -25.45 -10.98 3.55
N GLN T 70 -24.56 -11.71 2.91
CA GLN T 70 -23.97 -11.21 1.66
C GLN T 70 -24.44 -11.95 0.42
N TYR T 71 -24.92 -11.19 -0.56
CA TYR T 71 -25.40 -11.81 -1.78
C TYR T 71 -24.23 -12.42 -2.53
N SER T 72 -24.28 -13.74 -2.72
CA SER T 72 -23.21 -14.37 -3.50
C SER T 72 -23.85 -14.72 -4.85
N PHE T 73 -23.12 -14.46 -5.93
CA PHE T 73 -23.63 -14.73 -7.27
C PHE T 73 -23.90 -16.20 -7.54
N VAL T 74 -24.96 -16.47 -8.32
CA VAL T 74 -25.32 -17.84 -8.65
C VAL T 74 -25.07 -18.11 -10.13
N ASN T 75 -23.80 -18.35 -10.46
CA ASN T 75 -23.36 -18.62 -11.83
C ASN T 75 -24.20 -19.73 -12.45
N GLU T 76 -24.32 -19.70 -13.77
CA GLU T 76 -25.11 -20.67 -14.53
C GLU T 76 -25.08 -22.13 -14.06
N GLY T 77 -23.91 -22.70 -13.92
CA GLY T 77 -23.77 -24.09 -13.52
C GLY T 77 -24.20 -24.39 -12.09
N MET T 78 -23.98 -23.44 -11.19
CA MET T 78 -24.35 -23.65 -9.80
C MET T 78 -25.86 -23.65 -9.63
N ARG T 79 -26.60 -23.24 -10.67
CA ARG T 79 -28.04 -23.29 -10.63
C ARG T 79 -28.48 -24.66 -11.09
N GLU T 80 -27.60 -25.31 -11.85
CA GLU T 80 -27.86 -26.65 -12.35
C GLU T 80 -27.95 -27.61 -11.20
N THR T 81 -27.08 -27.41 -10.21
CA THR T 81 -27.08 -28.29 -9.07
C THR T 81 -28.34 -28.10 -8.24
N PHE T 82 -28.53 -26.90 -7.68
CA PHE T 82 -29.70 -26.60 -6.87
C PHE T 82 -31.00 -26.83 -7.58
N SER T 83 -30.97 -26.83 -8.90
CA SER T 83 -32.17 -27.16 -9.62
C SER T 83 -32.28 -28.67 -9.70
N LYS T 84 -31.15 -29.33 -9.93
CA LYS T 84 -31.12 -30.78 -10.06
C LYS T 84 -31.47 -31.43 -8.72
N ALA T 85 -31.16 -30.73 -7.63
CA ALA T 85 -31.44 -31.21 -6.26
C ALA T 85 -32.91 -31.02 -5.97
N LEU T 86 -33.44 -29.83 -6.25
CA LEU T 86 -34.84 -29.53 -6.04
C LEU T 86 -35.68 -30.36 -7.01
N PHE T 87 -35.16 -30.58 -8.22
CA PHE T 87 -35.92 -31.35 -9.20
C PHE T 87 -36.18 -32.75 -8.65
N ASP T 88 -35.17 -33.34 -8.02
CA ASP T 88 -35.32 -34.67 -7.46
C ASP T 88 -36.26 -34.69 -6.25
N ILE T 89 -36.59 -33.53 -5.71
CA ILE T 89 -37.51 -33.49 -4.57
C ILE T 89 -38.93 -33.25 -5.09
N ASN T 90 -39.09 -32.28 -5.99
CA ASN T 90 -40.40 -32.00 -6.55
C ASN T 90 -41.02 -33.30 -7.03
N MET T 91 -40.19 -34.17 -7.62
CA MET T 91 -40.64 -35.46 -8.12
C MET T 91 -41.59 -36.16 -7.15
N TRP T 92 -41.25 -36.09 -5.88
CA TRP T 92 -42.04 -36.73 -4.83
C TRP T 92 -43.24 -35.92 -4.45
N GLN T 93 -43.76 -35.09 -5.36
CA GLN T 93 -44.89 -34.23 -5.04
C GLN T 93 -46.12 -35.00 -4.56
N PRO T 94 -46.53 -36.04 -5.32
CA PRO T 94 -47.70 -36.84 -4.96
C PRO T 94 -47.64 -37.50 -3.60
N LEU T 95 -46.45 -37.66 -3.05
CA LEU T 95 -46.38 -38.28 -1.74
C LEU T 95 -46.38 -37.25 -0.64
N PHE T 96 -46.03 -36.00 -0.95
CA PHE T 96 -46.00 -34.91 0.02
C PHE T 96 -47.42 -34.49 0.36
N GLN T 97 -48.29 -34.39 -0.65
CA GLN T 97 -49.66 -34.01 -0.40
C GLN T 97 -50.34 -35.15 0.34
N ALA T 98 -50.20 -36.36 -0.19
CA ALA T 98 -50.85 -37.52 0.44
C ALA T 98 -50.60 -37.54 1.90
N THR T 99 -49.37 -37.38 2.28
CA THR T 99 -49.09 -37.39 3.68
C THR T 99 -49.07 -35.99 4.33
N LYS T 100 -49.77 -34.94 3.82
CA LYS T 100 -49.83 -33.59 4.48
C LYS T 100 -48.47 -32.97 5.00
N THR T 101 -47.29 -33.55 4.67
CA THR T 101 -45.97 -32.97 5.03
C THR T 101 -45.61 -31.97 3.93
N GLY T 102 -44.34 -31.79 3.65
CA GLY T 102 -43.96 -30.89 2.58
C GLY T 102 -44.57 -29.49 2.82
N CYS T 103 -44.96 -28.82 1.73
CA CYS T 103 -45.45 -27.43 1.79
C CYS T 103 -45.55 -26.80 0.40
N GLY T 104 -45.75 -27.63 -0.64
CA GLY T 104 -45.84 -27.12 -2.00
C GLY T 104 -44.51 -27.40 -2.69
N PRO T 105 -44.41 -27.23 -4.03
CA PRO T 105 -43.16 -27.50 -4.76
C PRO T 105 -42.11 -26.43 -4.48
N ILE T 106 -40.86 -26.84 -4.28
CA ILE T 106 -39.77 -25.90 -3.99
C ILE T 106 -39.12 -25.29 -5.23
N VAL T 107 -39.49 -24.06 -5.57
CA VAL T 107 -38.90 -23.40 -6.73
C VAL T 107 -37.59 -22.71 -6.30
N LEU T 108 -36.52 -22.94 -7.04
CA LEU T 108 -35.25 -22.33 -6.66
C LEU T 108 -35.33 -20.82 -6.76
N SER T 109 -36.34 -20.33 -7.47
CA SER T 109 -36.53 -18.89 -7.65
C SER T 109 -37.14 -18.27 -6.40
N SER T 110 -37.20 -19.01 -5.31
CA SER T 110 -37.77 -18.45 -4.08
C SER T 110 -36.64 -18.12 -3.11
N PHE T 111 -35.43 -18.59 -3.40
CA PHE T 111 -34.30 -18.33 -2.52
C PHE T 111 -33.36 -17.29 -3.08
N THR T 112 -33.50 -16.96 -4.36
CA THR T 112 -32.62 -15.99 -4.99
C THR T 112 -33.17 -14.57 -5.03
N THR T 113 -32.54 -13.70 -5.82
CA THR T 113 -32.95 -12.30 -5.97
C THR T 113 -32.40 -11.79 -7.30
N THR T 114 -32.68 -10.53 -7.63
CA THR T 114 -32.19 -9.97 -8.87
C THR T 114 -31.47 -8.66 -8.61
N THR T 115 -30.37 -8.75 -7.86
CA THR T 115 -29.59 -7.56 -7.57
C THR T 115 -28.68 -7.37 -8.80
N SER T 116 -27.85 -6.33 -8.75
CA SER T 116 -26.90 -6.03 -9.81
C SER T 116 -25.78 -5.16 -9.25
N GLY T 117 -24.56 -5.45 -9.69
CA GLY T 117 -23.40 -4.72 -9.22
C GLY T 117 -22.21 -5.43 -9.83
N TYR T 118 -21.05 -5.33 -9.20
CA TYR T 118 -19.86 -5.99 -9.68
C TYR T 118 -19.68 -7.22 -8.83
N VAL T 119 -19.46 -8.37 -9.46
CA VAL T 119 -19.30 -9.58 -8.65
C VAL T 119 -17.99 -10.32 -8.82
N GLY T 120 -17.15 -10.26 -7.80
CA GLY T 120 -15.88 -10.97 -7.89
C GLY T 120 -15.50 -11.58 -6.54
N ALA T 121 -14.22 -11.93 -6.40
CA ALA T 121 -13.74 -12.51 -5.18
C ALA T 121 -13.10 -11.42 -4.34
N THR T 122 -12.65 -10.34 -4.98
CA THR T 122 -12.04 -9.22 -4.24
C THR T 122 -12.22 -7.93 -5.05
N ALA T 123 -12.45 -6.81 -4.34
CA ALA T 123 -12.65 -5.51 -4.99
C ALA T 123 -11.89 -5.42 -6.31
N GLY T 124 -10.58 -5.70 -6.26
CA GLY T 124 -9.76 -5.64 -7.45
C GLY T 124 -10.29 -6.38 -8.67
N ASP T 125 -10.57 -7.68 -8.50
CA ASP T 125 -11.05 -8.51 -9.60
C ASP T 125 -12.56 -8.45 -9.81
N ALA T 126 -13.30 -8.01 -8.80
CA ALA T 126 -14.76 -7.93 -8.92
C ALA T 126 -15.09 -6.77 -9.84
N LEU T 127 -14.14 -5.88 -10.01
CA LEU T 127 -14.32 -4.71 -10.85
C LEU T 127 -14.47 -5.06 -12.32
N ASP T 128 -14.01 -6.25 -12.70
CA ASP T 128 -14.07 -6.71 -14.08
C ASP T 128 -15.21 -7.68 -14.34
N ASN T 129 -16.30 -7.58 -13.57
CA ASN T 129 -17.44 -8.48 -13.75
C ASN T 129 -18.74 -7.72 -13.56
N PRO T 130 -18.90 -6.55 -14.16
CA PRO T 130 -20.14 -5.80 -13.99
C PRO T 130 -21.31 -6.65 -14.45
N VAL T 131 -22.13 -7.09 -13.51
CA VAL T 131 -23.29 -7.90 -13.86
C VAL T 131 -24.58 -7.14 -13.56
N THR T 132 -25.51 -7.11 -14.52
CA THR T 132 -26.76 -6.39 -14.30
C THR T 132 -27.92 -7.34 -14.12
N ASN T 133 -28.66 -7.14 -13.02
CA ASN T 133 -29.77 -7.98 -12.69
C ASN T 133 -29.38 -9.45 -12.74
N GLY T 134 -28.23 -9.77 -12.14
CA GLY T 134 -27.80 -11.13 -12.07
C GLY T 134 -28.68 -11.79 -11.02
N VAL T 135 -28.51 -13.08 -10.81
CA VAL T 135 -29.33 -13.78 -9.81
C VAL T 135 -28.43 -14.22 -8.65
N PHE T 136 -28.54 -13.53 -7.51
CA PHE T 136 -27.73 -13.84 -6.34
C PHE T 136 -28.57 -14.44 -5.25
N ILE T 137 -27.96 -15.22 -4.38
CA ILE T 137 -28.69 -15.81 -3.25
C ILE T 137 -28.03 -15.25 -2.00
N SER T 138 -28.80 -14.55 -1.14
CA SER T 138 -28.23 -13.95 0.08
C SER T 138 -27.79 -15.00 1.11
N THR T 139 -26.88 -14.70 1.98
CA THR T 139 -26.46 -15.70 2.96
C THR T 139 -27.61 -16.37 3.69
N VAL T 140 -28.45 -15.57 4.38
CA VAL T 140 -29.56 -16.17 5.10
C VAL T 140 -30.42 -17.06 4.21
N GLN T 141 -30.39 -16.83 2.90
CA GLN T 141 -31.13 -17.67 1.97
C GLN T 141 -30.35 -18.94 1.68
N ILE T 142 -29.05 -18.77 1.43
CA ILE T 142 -28.15 -19.90 1.17
C ILE T 142 -28.29 -20.80 2.38
N MET T 143 -28.96 -20.32 3.43
CA MET T 143 -29.18 -21.13 4.61
C MET T 143 -30.42 -21.98 4.46
N ASN T 144 -31.52 -21.39 3.98
CA ASN T 144 -32.75 -22.14 3.80
C ASN T 144 -32.68 -23.14 2.64
N LEU T 145 -32.30 -22.64 1.47
CA LEU T 145 -32.20 -23.53 0.32
C LEU T 145 -31.39 -24.74 0.77
N GLN T 146 -30.59 -24.53 1.82
CA GLN T 146 -29.78 -25.60 2.40
C GLN T 146 -30.64 -26.43 3.34
N ARG T 147 -31.05 -25.87 4.47
CA ARG T 147 -31.88 -26.63 5.40
C ARG T 147 -33.24 -27.06 4.85
N THR T 148 -33.66 -26.55 3.70
CA THR T 148 -34.93 -26.98 3.14
C THR T 148 -34.62 -28.27 2.42
N ILE T 149 -33.68 -28.19 1.47
CA ILE T 149 -33.24 -29.35 0.71
C ILE T 149 -32.81 -30.43 1.69
N ALA T 150 -32.40 -30.03 2.89
CA ALA T 150 -32.00 -31.01 3.89
C ALA T 150 -33.27 -31.59 4.55
N ALA T 151 -34.17 -30.75 5.03
CA ALA T 151 -35.39 -31.24 5.67
C ALA T 151 -36.17 -32.10 4.71
N ARG T 152 -36.43 -31.59 3.50
CA ARG T 152 -37.17 -32.35 2.49
C ARG T 152 -36.42 -33.62 2.13
N MET T 153 -35.10 -33.52 2.04
CA MET T 153 -34.30 -34.69 1.72
C MET T 153 -34.52 -35.83 2.70
N ARG T 154 -34.70 -35.52 3.97
CA ARG T 154 -35.01 -36.57 4.92
C ARG T 154 -36.37 -37.13 4.53
N ASP T 155 -37.39 -36.27 4.54
CA ASP T 155 -38.75 -36.65 4.17
C ASP T 155 -38.78 -37.70 3.05
N VAL T 156 -38.21 -37.34 1.90
CA VAL T 156 -38.21 -38.26 0.77
C VAL T 156 -37.30 -39.46 1.00
N ALA T 157 -36.09 -39.22 1.49
CA ALA T 157 -35.15 -40.31 1.75
C ALA T 157 -35.87 -41.48 2.42
N LEU T 158 -36.85 -41.18 3.22
CA LEU T 158 -37.58 -42.24 3.92
C LEU T 158 -38.53 -42.98 2.97
N TRP T 159 -39.52 -42.24 2.44
CA TRP T 159 -40.49 -42.83 1.51
C TRP T 159 -39.75 -43.57 0.41
N GLN T 160 -38.85 -42.82 -0.23
CA GLN T 160 -38.00 -43.28 -1.31
C GLN T 160 -37.36 -44.60 -0.95
N LYS T 161 -37.24 -44.90 0.33
CA LYS T 161 -36.66 -46.18 0.73
C LYS T 161 -37.73 -47.30 0.63
N HIS T 162 -38.98 -46.99 0.99
CA HIS T 162 -40.11 -47.93 0.90
C HIS T 162 -40.44 -48.25 -0.54
N LEU T 163 -40.47 -47.21 -1.37
CA LEU T 163 -40.77 -47.36 -2.79
C LEU T 163 -39.81 -48.37 -3.35
N ASP T 164 -38.58 -48.29 -2.89
CA ASP T 164 -37.54 -49.18 -3.36
C ASP T 164 -37.65 -50.66 -2.96
N THR T 165 -37.73 -50.94 -1.67
CA THR T 165 -37.83 -52.33 -1.23
C THR T 165 -38.93 -53.03 -2.02
N ALA T 166 -39.82 -52.25 -2.63
CA ALA T 166 -40.92 -52.80 -3.42
C ALA T 166 -40.58 -52.79 -4.90
N MET T 167 -39.90 -51.75 -5.35
CA MET T 167 -39.52 -51.65 -6.76
C MET T 167 -38.47 -52.69 -7.13
N THR T 168 -37.27 -52.55 -6.57
CA THR T 168 -36.20 -53.50 -6.85
C THR T 168 -36.67 -54.90 -6.47
N MET T 169 -37.75 -54.99 -5.68
CA MET T 169 -38.25 -56.29 -5.30
C MET T 169 -38.93 -57.00 -6.47
N LEU T 170 -38.48 -56.66 -7.67
CA LEU T 170 -38.95 -57.27 -8.92
C LEU T 170 -38.16 -56.69 -10.08
N THR T 171 -36.84 -56.65 -9.86
CA THR T 171 -35.86 -56.15 -10.82
C THR T 171 -36.44 -55.44 -12.03
N PRO T 172 -36.83 -54.18 -11.87
CA PRO T 172 -37.39 -53.49 -13.03
C PRO T 172 -36.31 -53.08 -14.03
N ASP T 173 -35.16 -53.74 -13.98
CA ASP T 173 -34.11 -53.38 -14.93
C ASP T 173 -33.38 -54.50 -15.65
N ILE T 174 -33.58 -54.57 -16.96
CA ILE T 174 -32.94 -55.56 -17.81
C ILE T 174 -31.95 -54.79 -18.67
N SER T 175 -31.05 -55.47 -19.36
CA SER T 175 -30.05 -54.77 -20.18
C SER T 175 -29.86 -55.26 -21.61
N ALA T 176 -30.84 -55.98 -22.14
CA ALA T 176 -30.79 -56.50 -23.51
C ALA T 176 -32.23 -56.84 -23.96
N GLY T 177 -32.69 -56.17 -25.02
CA GLY T 177 -34.04 -56.42 -25.49
C GLY T 177 -35.03 -56.05 -24.40
N SER T 178 -36.29 -56.44 -24.53
CA SER T 178 -37.29 -56.12 -23.52
C SER T 178 -37.71 -57.32 -22.72
N ALA T 179 -38.92 -57.27 -22.16
CA ALA T 179 -39.49 -58.36 -21.35
C ALA T 179 -40.56 -57.78 -20.42
N SER T 180 -41.82 -58.16 -20.65
CA SER T 180 -42.93 -57.69 -19.82
C SER T 180 -43.30 -58.67 -18.71
N CYS T 181 -44.40 -58.37 -18.02
CA CYS T 181 -44.89 -59.21 -16.92
C CYS T 181 -46.28 -58.71 -16.55
N ASN T 182 -47.29 -59.21 -17.23
CA ASN T 182 -48.69 -58.77 -17.02
C ASN T 182 -48.95 -58.16 -15.63
N TRP T 183 -49.15 -56.84 -15.66
CA TRP T 183 -49.39 -55.99 -14.49
C TRP T 183 -50.28 -56.53 -13.38
N LYS T 184 -51.45 -57.08 -13.70
CA LYS T 184 -52.34 -57.64 -12.68
C LYS T 184 -51.53 -58.51 -11.73
N SER T 185 -51.01 -59.62 -12.26
CA SER T 185 -50.20 -60.56 -11.48
C SER T 185 -49.18 -59.82 -10.63
N LEU T 186 -48.30 -59.09 -11.29
CA LEU T 186 -47.26 -58.31 -10.64
C LEU T 186 -47.77 -57.63 -9.37
N LEU T 187 -48.82 -56.83 -9.51
CA LEU T 187 -49.41 -56.13 -8.38
C LEU T 187 -49.93 -57.12 -7.36
N ALA T 188 -50.91 -57.94 -7.72
CA ALA T 188 -51.47 -58.95 -6.83
C ALA T 188 -50.40 -59.78 -6.13
N PHE T 189 -49.20 -59.78 -6.69
CA PHE T 189 -48.05 -60.50 -6.14
C PHE T 189 -47.39 -59.68 -5.02
N ALA T 190 -46.96 -58.45 -5.36
CA ALA T 190 -46.33 -57.60 -4.36
C ALA T 190 -47.32 -57.32 -3.23
N LYS T 191 -48.62 -57.46 -3.52
CA LYS T 191 -49.65 -57.28 -2.51
C LYS T 191 -49.33 -58.21 -1.35
N ASP T 192 -48.59 -59.28 -1.69
CA ASP T 192 -48.15 -60.29 -0.74
C ASP T 192 -46.80 -59.90 -0.18
N ILE T 193 -45.75 -60.34 -0.85
CA ILE T 193 -44.39 -60.11 -0.41
C ILE T 193 -44.20 -58.87 0.49
N LEU T 194 -44.37 -57.66 -0.03
CA LEU T 194 -44.18 -56.45 0.76
C LEU T 194 -44.61 -56.59 2.26
N PRO T 195 -43.65 -56.51 3.23
CA PRO T 195 -43.93 -56.63 4.66
C PRO T 195 -44.87 -55.52 5.16
N LEU T 196 -45.77 -55.86 6.05
CA LEU T 196 -46.79 -54.94 6.59
C LEU T 196 -46.37 -53.52 7.07
N ASP T 197 -45.08 -53.17 7.01
CA ASP T 197 -44.62 -51.85 7.47
C ASP T 197 -43.92 -51.05 6.38
N ASN T 198 -44.25 -51.37 5.15
CA ASN T 198 -43.67 -50.61 4.06
C ASN T 198 -44.31 -49.19 4.08
N LEU T 199 -44.74 -48.65 2.96
CA LEU T 199 -45.48 -47.37 2.82
C LEU T 199 -46.09 -47.42 1.41
N CYS T 200 -45.81 -48.53 0.66
CA CYS T 200 -46.31 -48.77 -0.72
C CYS T 200 -47.63 -49.54 -0.70
N LEU T 201 -48.05 -49.87 0.52
CA LEU T 201 -49.33 -50.53 0.77
C LEU T 201 -50.30 -49.51 1.33
N THR T 202 -49.78 -48.46 2.01
CA THR T 202 -50.67 -47.43 2.55
C THR T 202 -51.02 -46.36 1.46
N TYR T 203 -50.21 -46.21 0.34
CA TYR T 203 -50.41 -45.18 -0.73
C TYR T 203 -50.22 -45.70 -2.22
N PRO T 204 -50.45 -47.01 -2.55
CA PRO T 204 -50.28 -47.66 -3.90
C PRO T 204 -50.13 -46.73 -5.12
N ASN T 205 -51.17 -45.93 -5.37
CA ASN T 205 -51.12 -44.98 -6.44
C ASN T 205 -51.00 -43.59 -5.87
N GLU T 206 -49.93 -43.45 -5.03
CA GLU T 206 -49.50 -42.18 -4.44
C GLU T 206 -47.98 -42.31 -4.41
N PHE T 207 -47.57 -43.59 -4.52
CA PHE T 207 -46.19 -44.05 -4.62
C PHE T 207 -46.00 -44.40 -6.09
N TYR T 208 -47.04 -45.01 -6.66
CA TYR T 208 -47.02 -45.39 -8.07
C TYR T 208 -46.68 -44.16 -8.95
N ASN T 209 -47.32 -43.02 -8.67
CA ASN T 209 -47.11 -41.76 -9.41
C ASN T 209 -45.72 -41.22 -9.21
N VAL T 210 -45.13 -41.47 -8.04
CA VAL T 210 -43.77 -41.07 -7.81
C VAL T 210 -42.92 -42.01 -8.64
N ALA T 211 -43.21 -43.31 -8.49
CA ALA T 211 -42.51 -44.40 -9.17
C ALA T 211 -42.45 -44.24 -10.68
N ILE T 212 -43.60 -44.09 -11.33
CA ILE T 212 -43.64 -43.92 -12.79
C ILE T 212 -42.55 -42.99 -13.31
N HIS T 213 -42.12 -42.03 -12.48
CA HIS T 213 -41.08 -41.08 -12.88
C HIS T 213 -39.67 -41.56 -12.59
N ARG T 214 -39.53 -42.75 -12.03
CA ARG T 214 -38.19 -43.22 -11.74
C ARG T 214 -37.90 -44.52 -12.45
N TYR T 215 -38.95 -45.24 -12.82
CA TYR T 215 -38.77 -46.54 -13.48
C TYR T 215 -39.41 -46.57 -14.87
N PRO T 216 -38.61 -46.35 -15.91
CA PRO T 216 -39.24 -46.38 -17.22
C PRO T 216 -39.69 -47.80 -17.55
N ALA T 217 -39.79 -48.65 -16.53
CA ALA T 217 -40.29 -50.01 -16.74
C ALA T 217 -41.81 -49.91 -16.61
N LEU T 218 -42.30 -49.29 -15.52
CA LEU T 218 -43.73 -49.11 -15.26
C LEU T 218 -44.27 -48.02 -16.19
N LYS T 219 -45.05 -48.37 -17.21
CA LYS T 219 -45.62 -47.37 -18.12
C LYS T 219 -47.09 -47.32 -17.73
N PRO T 220 -47.59 -46.18 -17.22
CA PRO T 220 -48.99 -46.10 -16.81
C PRO T 220 -49.91 -46.14 -18.01
N GLY T 221 -51.06 -46.76 -17.88
CA GLY T 221 -51.99 -46.86 -18.97
C GLY T 221 -52.68 -45.52 -19.20
N ASN T 222 -52.55 -45.00 -20.40
CA ASN T 222 -53.15 -43.71 -20.72
C ASN T 222 -54.66 -43.70 -20.46
N PRO T 223 -55.16 -42.63 -19.77
CA PRO T 223 -56.63 -42.52 -19.54
C PRO T 223 -57.56 -42.55 -20.78
N ASP T 224 -57.36 -41.74 -21.85
CA ASP T 224 -58.31 -41.72 -23.00
C ASP T 224 -57.90 -42.53 -24.29
N THR T 225 -57.66 -43.86 -24.09
CA THR T 225 -57.35 -44.91 -25.08
C THR T 225 -57.05 -46.22 -24.29
N LYS T 226 -57.09 -46.10 -22.95
CA LYS T 226 -56.86 -47.14 -21.92
C LYS T 226 -55.82 -48.25 -22.29
N LEU T 227 -54.68 -47.85 -22.92
CA LEU T 227 -53.52 -48.68 -23.45
C LEU T 227 -52.16 -48.04 -23.00
N PRO T 228 -51.02 -48.81 -22.95
CA PRO T 228 -49.74 -48.20 -22.54
C PRO T 228 -49.32 -46.95 -23.39
N ASP T 229 -48.05 -46.91 -23.87
CA ASP T 229 -47.47 -45.74 -24.61
C ASP T 229 -46.23 -46.13 -25.45
N ALA T 230 -45.78 -47.38 -25.37
CA ALA T 230 -44.56 -47.79 -26.11
C ALA T 230 -43.39 -47.12 -25.42
N GLN T 231 -43.23 -45.82 -25.67
CA GLN T 231 -42.19 -45.05 -25.00
C GLN T 231 -42.55 -44.96 -23.53
N ALA T 232 -41.56 -44.85 -22.70
CA ALA T 232 -41.78 -44.64 -21.27
C ALA T 232 -41.19 -43.26 -20.96
N HIS T 233 -41.97 -42.39 -20.29
CA HIS T 233 -41.49 -41.03 -20.00
C HIS T 233 -41.17 -40.76 -18.52
N PRO T 234 -40.05 -41.30 -18.01
CA PRO T 234 -39.71 -41.03 -16.61
C PRO T 234 -38.95 -39.70 -16.56
N LEU T 235 -39.15 -38.91 -15.50
CA LEU T 235 -38.47 -37.63 -15.37
C LEU T 235 -36.99 -37.63 -15.72
N GLY T 236 -36.31 -38.76 -15.51
CA GLY T 236 -34.89 -38.86 -15.81
C GLY T 236 -34.66 -39.23 -17.26
N GLU T 237 -35.60 -38.83 -18.11
CA GLU T 237 -35.61 -39.09 -19.55
C GLU T 237 -34.25 -39.32 -20.21
N VAL T 238 -33.37 -38.31 -20.13
CA VAL T 238 -32.05 -38.39 -20.75
C VAL T 238 -31.09 -39.29 -20.00
N ALA T 239 -30.85 -38.98 -18.73
CA ALA T 239 -29.95 -39.77 -17.89
C ALA T 239 -30.24 -41.27 -18.04
N GLY T 240 -31.50 -41.65 -17.92
CA GLY T 240 -31.86 -43.05 -18.05
C GLY T 240 -31.65 -43.61 -19.45
N ALA T 241 -31.61 -42.73 -20.44
CA ALA T 241 -31.39 -43.16 -21.82
C ALA T 241 -29.92 -43.45 -21.98
N PHE T 242 -29.09 -42.61 -21.39
CA PHE T 242 -27.64 -42.76 -21.45
C PHE T 242 -27.00 -43.69 -20.43
N ASN T 243 -27.76 -44.61 -19.89
CA ASN T 243 -27.18 -45.55 -18.95
C ASN T 243 -27.48 -46.95 -19.42
N ALA T 244 -28.50 -47.05 -20.27
CA ALA T 244 -28.88 -48.33 -20.82
C ALA T 244 -27.59 -48.93 -21.37
N ALA T 245 -27.42 -50.23 -21.23
CA ALA T 245 -26.23 -50.87 -21.75
C ALA T 245 -26.37 -50.94 -23.29
N THR T 246 -25.94 -49.88 -23.99
CA THR T 246 -26.05 -49.83 -25.45
C THR T 246 -25.25 -50.97 -26.07
N SER T 247 -25.92 -51.81 -26.84
CA SER T 247 -25.29 -52.97 -27.46
C SER T 247 -24.04 -52.74 -28.33
N GLU T 248 -23.85 -51.51 -28.81
CA GLU T 248 -22.69 -51.19 -29.65
C GLU T 248 -21.44 -51.19 -28.81
N VAL T 249 -21.55 -50.57 -27.64
CA VAL T 249 -20.43 -50.47 -26.72
C VAL T 249 -20.96 -50.58 -25.30
N GLY T 250 -20.52 -51.62 -24.57
CA GLY T 250 -20.97 -51.84 -23.20
C GLY T 250 -21.94 -50.84 -22.60
N SER T 251 -21.41 -49.80 -21.98
CA SER T 251 -22.21 -48.75 -21.35
C SER T 251 -21.40 -47.47 -21.26
N LEU T 252 -21.86 -46.43 -21.93
CA LEU T 252 -21.17 -45.16 -21.90
C LEU T 252 -20.87 -44.71 -20.47
N VAL T 253 -21.85 -44.77 -19.57
CA VAL T 253 -21.61 -44.36 -18.16
C VAL T 253 -20.54 -45.20 -17.49
N GLY T 254 -20.39 -46.45 -17.92
CA GLY T 254 -19.36 -47.31 -17.35
C GLY T 254 -18.01 -46.94 -17.96
N SER T 255 -17.79 -47.39 -19.19
CA SER T 255 -16.55 -47.16 -19.92
C SER T 255 -16.01 -45.72 -19.77
N SER T 256 -16.91 -44.77 -19.56
CA SER T 256 -16.49 -43.38 -19.41
C SER T 256 -15.75 -43.21 -18.11
N SER T 257 -16.36 -43.67 -17.02
CA SER T 257 -15.78 -43.55 -15.69
C SER T 257 -14.54 -44.41 -15.52
N THR T 258 -14.62 -45.69 -15.86
CA THR T 258 -13.46 -46.58 -15.73
C THR T 258 -12.20 -45.91 -16.32
N LEU T 259 -12.42 -44.91 -17.18
CA LEU T 259 -11.32 -44.16 -17.79
C LEU T 259 -10.95 -42.97 -16.94
N SER T 260 -11.89 -42.08 -16.68
CA SER T 260 -11.60 -40.91 -15.88
C SER T 260 -11.05 -41.39 -14.54
N GLN T 261 -11.53 -42.54 -14.07
CA GLN T 261 -11.06 -43.11 -12.82
C GLN T 261 -9.56 -43.39 -12.95
N ALA T 262 -9.19 -44.19 -13.95
CA ALA T 262 -7.77 -44.48 -14.18
C ALA T 262 -6.95 -43.19 -14.36
N ILE T 263 -7.50 -42.21 -15.09
CA ILE T 263 -6.79 -40.96 -15.33
C ILE T 263 -6.47 -40.28 -14.01
N SER T 264 -7.42 -40.38 -13.08
CA SER T 264 -7.21 -39.77 -11.77
C SER T 264 -5.91 -40.35 -11.20
N THR T 265 -5.89 -41.66 -10.96
CA THR T 265 -4.71 -42.33 -10.42
C THR T 265 -3.44 -41.94 -11.17
N MET T 266 -3.42 -42.14 -12.49
CA MET T 266 -2.27 -41.83 -13.30
C MET T 266 -1.65 -40.49 -12.94
N ALA T 267 -2.47 -39.48 -12.69
CA ALA T 267 -1.91 -38.18 -12.36
C ALA T 267 -1.64 -38.01 -10.86
N GLY T 268 -2.54 -38.60 -10.09
CA GLY T 268 -2.53 -38.58 -8.68
C GLY T 268 -1.27 -39.23 -8.07
N LYS T 269 -1.37 -40.48 -7.62
CA LYS T 269 -0.23 -41.07 -6.92
C LYS T 269 1.15 -40.58 -7.47
N ASP T 270 1.24 -40.49 -8.80
CA ASP T 270 2.44 -40.10 -9.60
C ASP T 270 2.96 -41.35 -10.27
N LEU T 271 2.05 -42.05 -10.94
CA LEU T 271 2.50 -43.21 -11.65
C LEU T 271 3.45 -42.76 -12.72
N ASP T 272 3.14 -41.62 -13.31
CA ASP T 272 4.06 -41.05 -14.25
C ASP T 272 5.36 -40.91 -13.48
N LEU T 273 6.51 -41.00 -14.13
CA LEU T 273 7.76 -40.87 -13.38
C LEU T 273 8.04 -42.10 -12.50
N ILE T 274 7.41 -43.22 -12.85
CA ILE T 274 7.54 -44.46 -12.08
C ILE T 274 8.92 -45.10 -12.03
N GLU T 275 9.73 -44.88 -13.06
CA GLU T 275 11.07 -45.44 -13.07
C GLU T 275 12.08 -44.32 -13.29
N ALA T 276 11.75 -43.15 -12.76
CA ALA T 276 12.60 -41.96 -12.86
C ALA T 276 13.97 -42.28 -12.25
N ASP T 277 15.03 -41.86 -12.93
CA ASP T 277 16.36 -42.12 -12.41
C ASP T 277 16.94 -40.91 -11.69
N THR T 278 16.48 -40.66 -10.47
CA THR T 278 16.96 -39.52 -9.68
C THR T 278 16.24 -39.40 -8.33
N PRO T 279 16.98 -39.04 -7.26
CA PRO T 279 16.45 -38.89 -5.90
C PRO T 279 15.02 -38.35 -5.83
N LEU T 280 14.16 -39.06 -5.11
CA LEU T 280 12.76 -38.69 -4.90
C LEU T 280 12.35 -38.84 -3.45
N PRO T 281 11.87 -37.77 -2.82
CA PRO T 281 11.43 -37.81 -1.42
C PRO T 281 10.45 -38.97 -1.19
N VAL T 282 10.60 -39.71 -0.10
CA VAL T 282 9.69 -40.82 0.15
C VAL T 282 8.24 -40.34 0.09
N SER T 283 8.01 -39.10 0.50
CA SER T 283 6.67 -38.49 0.49
C SER T 283 6.01 -38.68 -0.88
N VAL T 284 6.81 -38.51 -1.94
CA VAL T 284 6.36 -38.65 -3.33
C VAL T 284 5.75 -40.02 -3.58
N PHE T 285 5.88 -40.93 -2.61
CA PHE T 285 5.35 -42.28 -2.70
C PHE T 285 4.17 -42.52 -1.76
N THR T 286 3.69 -41.47 -1.10
CA THR T 286 2.57 -41.56 -0.15
C THR T 286 2.43 -42.91 0.55
N PRO T 287 3.52 -43.39 1.20
CA PRO T 287 3.49 -44.68 1.90
C PRO T 287 2.60 -44.58 3.13
N SER T 288 1.54 -45.39 3.18
CA SER T 288 0.61 -45.36 4.30
C SER T 288 0.13 -46.76 4.62
N LEU T 289 -0.39 -46.93 5.84
CA LEU T 289 -0.92 -48.23 6.25
C LEU T 289 0.07 -49.32 5.82
N ALA T 290 1.36 -49.11 6.13
CA ALA T 290 2.39 -50.02 5.63
C ALA T 290 3.24 -50.79 6.66
N PRO T 291 2.66 -51.81 7.32
CA PRO T 291 3.44 -52.58 8.28
C PRO T 291 3.61 -54.05 7.92
N ARG T 292 4.66 -54.41 7.18
CA ARG T 292 4.87 -55.80 6.75
C ARG T 292 5.46 -56.72 7.81
N SER T 293 5.05 -57.98 7.80
CA SER T 293 5.52 -58.98 8.77
C SER T 293 6.33 -60.11 8.11
N TYR T 294 7.28 -60.67 8.86
CA TYR T 294 8.11 -61.77 8.36
C TYR T 294 8.11 -63.05 9.17
N ARG T 295 9.35 -63.64 9.08
CA ARG T 295 9.83 -64.91 9.70
C ARG T 295 11.38 -65.02 9.67
N PRO T 296 12.17 -64.10 10.32
CA PRO T 296 13.66 -64.16 10.36
C PRO T 296 14.20 -65.46 10.93
N ALA T 297 15.50 -65.53 11.17
CA ALA T 297 16.04 -66.81 11.62
C ALA T 297 15.85 -67.80 10.47
N PHE T 298 15.47 -67.20 9.34
CA PHE T 298 15.27 -67.93 8.09
C PHE T 298 15.80 -67.04 6.96
N ILE T 299 15.49 -65.75 7.01
CA ILE T 299 15.97 -64.82 5.97
C ILE T 299 17.50 -64.80 5.91
N LYS T 300 18.08 -65.21 4.78
CA LYS T 300 19.53 -65.18 4.68
C LYS T 300 20.03 -63.73 4.82
N PRO T 301 21.20 -63.54 5.47
CA PRO T 301 21.73 -62.20 5.67
C PRO T 301 21.95 -61.43 4.36
N GLU T 302 22.40 -62.11 3.31
CA GLU T 302 22.64 -61.42 2.04
C GLU T 302 21.33 -61.14 1.28
N ASP T 303 20.25 -61.82 1.64
CA ASP T 303 18.96 -61.62 0.98
C ASP T 303 18.22 -60.39 1.50
N ALA T 304 18.78 -59.74 2.53
CA ALA T 304 18.17 -58.56 3.13
C ALA T 304 19.06 -57.91 4.17
N LYS T 305 19.85 -56.95 3.76
CA LYS T 305 20.81 -56.24 4.61
C LYS T 305 20.43 -56.00 6.07
N TRP T 306 19.17 -55.73 6.36
CA TRP T 306 18.74 -55.46 7.73
C TRP T 306 18.72 -56.68 8.65
N ILE T 307 19.56 -57.65 8.42
CA ILE T 307 19.53 -58.83 9.28
C ILE T 307 20.80 -59.67 9.17
N ALA T 308 21.73 -59.45 10.11
CA ALA T 308 23.02 -60.14 10.14
C ALA T 308 22.98 -61.36 11.06
N GLU T 309 23.92 -62.28 10.87
CA GLU T 309 23.94 -63.49 11.70
C GLU T 309 25.26 -63.80 12.39
N PHE T 310 25.17 -64.38 13.58
CA PHE T 310 26.33 -64.76 14.39
C PHE T 310 26.92 -66.10 13.92
N ASN T 311 27.42 -66.19 12.69
CA ASN T 311 27.99 -67.46 12.23
C ASN T 311 29.36 -67.73 12.88
N ASN T 312 29.30 -68.36 14.07
CA ASN T 312 30.51 -68.69 14.83
C ASN T 312 30.60 -70.19 15.16
N SER T 313 31.82 -70.70 15.31
CA SER T 313 32.03 -72.13 15.61
C SER T 313 31.19 -72.71 16.74
N SER T 314 31.62 -72.47 17.98
CA SER T 314 30.92 -73.00 19.15
C SER T 314 29.73 -72.13 19.58
N LEU T 315 29.29 -72.29 20.83
CA LEU T 315 28.20 -71.49 21.38
C LEU T 315 28.75 -70.24 22.00
N ILE T 316 27.92 -69.24 22.23
CA ILE T 316 28.40 -68.01 22.82
C ILE T 316 27.60 -67.63 24.06
N ARG T 317 27.54 -68.52 25.06
CA ARG T 317 26.76 -68.23 26.26
C ARG T 317 27.26 -66.99 27.02
N LYS T 318 26.38 -65.99 27.13
CA LYS T 318 26.69 -64.76 27.83
C LYS T 318 25.74 -64.73 29.03
N THR T 319 25.90 -63.73 29.90
CA THR T 319 25.01 -63.59 31.06
C THR T 319 24.51 -62.16 31.19
N LEU T 320 23.53 -61.96 32.06
CA LEU T 320 22.95 -60.62 32.26
C LEU T 320 21.94 -60.64 33.40
N THR T 321 22.12 -59.74 34.36
CA THR T 321 21.20 -59.67 35.48
C THR T 321 19.94 -58.94 35.04
N TYR T 322 18.87 -59.70 34.82
CA TYR T 322 17.60 -59.11 34.40
C TYR T 322 16.56 -59.33 35.50
N SER T 323 16.18 -58.25 36.18
CA SER T 323 15.20 -58.33 37.24
C SER T 323 15.78 -59.18 38.38
N GLY T 324 17.03 -58.90 38.73
CA GLY T 324 17.69 -59.65 39.77
C GLY T 324 18.27 -60.94 39.19
N ALA T 325 17.38 -61.91 38.94
CA ALA T 325 17.77 -63.20 38.38
C ALA T 325 18.77 -63.09 37.22
N THR T 326 19.76 -63.98 37.21
CA THR T 326 20.76 -63.99 36.15
C THR T 326 20.44 -65.03 35.08
N TYR T 327 20.26 -64.57 33.85
CA TYR T 327 19.95 -65.46 32.74
C TYR T 327 21.10 -65.53 31.75
N THR T 328 21.08 -66.54 30.89
CA THR T 328 22.13 -66.71 29.90
C THR T 328 21.57 -66.70 28.48
N VAL T 329 21.92 -65.66 27.73
CA VAL T 329 21.52 -65.60 26.32
C VAL T 329 22.38 -66.67 25.64
N GLN T 330 21.85 -67.41 24.66
CA GLN T 330 22.62 -68.55 24.12
C GLN T 330 23.38 -68.32 22.84
N LEU T 331 22.72 -67.98 21.72
CA LEU T 331 23.38 -67.82 20.41
C LEU T 331 23.87 -69.22 19.99
N GLY T 332 23.06 -70.23 20.34
CA GLY T 332 23.29 -71.68 20.11
C GLY T 332 24.02 -72.12 18.82
N PRO T 333 24.11 -73.45 18.66
CA PRO T 333 24.77 -74.21 17.57
C PRO T 333 24.70 -73.63 16.16
N GLY T 334 23.49 -73.27 15.72
CA GLY T 334 23.33 -72.72 14.38
C GLY T 334 23.80 -71.27 14.27
N PRO T 335 23.58 -70.63 13.11
CA PRO T 335 24.05 -69.23 12.93
C PRO T 335 23.23 -68.14 13.66
N THR T 336 22.00 -68.42 14.08
CA THR T 336 21.14 -67.45 14.82
C THR T 336 21.11 -66.07 14.12
N ARG T 337 20.30 -65.95 13.07
CA ARG T 337 20.14 -64.69 12.36
C ARG T 337 19.43 -63.71 13.28
N VAL T 338 20.03 -62.53 13.48
CA VAL T 338 19.44 -61.48 14.34
C VAL T 338 19.15 -60.20 13.56
N ILE T 339 18.08 -59.52 13.92
CA ILE T 339 17.72 -58.25 13.28
C ILE T 339 18.82 -57.26 13.57
N ASP T 340 19.43 -56.71 12.55
CA ASP T 340 20.47 -55.70 12.80
C ASP T 340 19.75 -54.43 13.25
N MET T 341 20.40 -53.60 14.06
CA MET T 341 19.76 -52.37 14.53
C MET T 341 20.04 -51.19 13.62
N ASN T 342 21.25 -51.11 13.15
CA ASN T 342 21.45 -50.07 12.18
C ASN T 342 20.72 -50.60 10.94
N ALA T 343 20.29 -49.69 10.05
CA ALA T 343 19.51 -50.13 8.92
C ALA T 343 18.28 -50.78 9.53
N MET T 344 17.49 -49.96 10.22
CA MET T 344 16.27 -50.44 10.88
C MET T 344 15.26 -49.32 11.20
N ILE T 345 15.10 -48.32 10.32
CA ILE T 345 14.14 -47.20 10.45
C ILE T 345 13.30 -47.26 11.75
N ASP T 346 13.64 -46.43 12.74
CA ASP T 346 12.93 -46.44 14.02
C ASP T 346 11.48 -46.89 13.88
N SER T 347 11.26 -48.18 14.09
CA SER T 347 9.94 -48.78 13.95
C SER T 347 9.34 -49.25 15.24
N VAL T 348 8.40 -50.13 15.06
CA VAL T 348 7.73 -50.80 16.16
C VAL T 348 7.86 -52.29 15.86
N LEU T 349 8.97 -52.86 16.26
CA LEU T 349 9.21 -54.29 16.08
C LEU T 349 8.33 -55.05 17.05
N THR T 350 7.51 -55.96 16.54
CA THR T 350 6.68 -56.77 17.43
C THR T 350 6.79 -58.22 17.03
N LEU T 351 7.75 -58.91 17.65
CA LEU T 351 7.99 -60.32 17.37
C LEU T 351 6.98 -61.23 18.04
N ASP T 352 6.11 -61.82 17.25
CA ASP T 352 5.13 -62.74 17.80
C ASP T 352 5.72 -64.14 17.82
N VAL T 353 5.53 -64.84 18.94
CA VAL T 353 6.04 -66.20 19.09
C VAL T 353 4.89 -67.11 19.44
N SER T 354 4.20 -67.64 18.43
CA SER T 354 3.07 -68.51 18.72
C SER T 354 2.88 -69.67 17.76
N GLY T 355 2.43 -70.80 18.32
CA GLY T 355 2.20 -71.98 17.51
C GLY T 355 3.52 -72.62 17.13
N THR T 356 4.60 -71.88 17.35
CA THR T 356 5.94 -72.37 17.06
C THR T 356 6.32 -73.36 18.15
N ILE T 357 7.09 -74.40 17.79
CA ILE T 357 7.50 -75.42 18.72
C ILE T 357 8.23 -74.84 19.93
N LEU T 358 8.16 -75.57 21.05
CA LEU T 358 8.78 -75.19 22.32
C LEU T 358 9.10 -76.51 23.01
N PRO T 359 10.22 -77.15 22.62
CA PRO T 359 10.69 -78.43 23.14
C PRO T 359 11.23 -78.50 24.57
N TYR T 360 10.50 -77.95 25.53
CA TYR T 360 10.94 -78.00 26.92
C TYR T 360 10.83 -79.43 27.42
N ASP T 361 10.22 -80.28 26.61
CA ASP T 361 10.01 -81.69 26.91
C ASP T 361 11.35 -82.43 26.93
N THR T 362 12.15 -82.24 25.89
CA THR T 362 13.45 -82.89 25.81
C THR T 362 14.45 -82.14 26.70
N ASN T 363 15.16 -81.16 26.14
CA ASN T 363 16.11 -80.40 26.95
C ASN T 363 15.32 -79.62 28.01
N PRO T 364 15.32 -80.11 29.25
CA PRO T 364 14.60 -79.47 30.36
C PRO T 364 15.18 -78.08 30.58
N ASP T 365 16.36 -77.88 30.02
CA ASP T 365 17.10 -76.64 30.10
C ASP T 365 16.25 -75.49 29.54
N LEU T 366 15.54 -75.77 28.45
CA LEU T 366 14.70 -74.77 27.80
C LEU T 366 13.59 -74.28 28.70
N SER T 367 12.88 -75.20 29.36
CA SER T 367 11.81 -74.78 30.26
C SER T 367 12.43 -73.92 31.36
N THR T 368 11.61 -73.10 32.01
CA THR T 368 12.06 -72.22 33.09
C THR T 368 12.60 -70.89 32.55
N SER T 369 13.01 -70.87 31.28
CA SER T 369 13.56 -69.65 30.68
C SER T 369 12.49 -68.75 30.05
N VAL T 370 12.37 -67.53 30.55
CA VAL T 370 11.39 -66.60 30.02
C VAL T 370 11.85 -66.10 28.66
N PRO T 371 11.08 -66.41 27.60
CA PRO T 371 11.44 -65.96 26.24
C PRO T 371 11.39 -64.43 26.22
N ALA T 372 12.33 -63.79 25.53
CA ALA T 372 12.35 -62.32 25.53
C ALA T 372 13.19 -61.70 24.43
N PHE T 373 12.64 -60.66 23.80
CA PHE T 373 13.36 -59.94 22.75
C PHE T 373 14.45 -59.12 23.45
N VAL T 374 15.72 -59.31 23.05
CA VAL T 374 16.85 -58.62 23.68
C VAL T 374 17.84 -58.03 22.68
N LEU T 375 18.27 -56.78 22.92
CA LEU T 375 19.28 -56.17 22.05
C LEU T 375 20.64 -56.70 22.48
N ILE T 376 21.60 -56.69 21.57
CA ILE T 376 22.94 -57.20 21.86
C ILE T 376 24.00 -56.32 21.23
N GLN T 377 24.67 -55.50 22.04
CA GLN T 377 25.72 -54.65 21.50
C GLN T 377 27.02 -55.44 21.54
N THR T 378 27.64 -55.62 20.39
CA THR T 378 28.90 -56.36 20.29
C THR T 378 30.05 -55.39 19.98
N SER T 379 31.25 -55.69 20.48
CA SER T 379 32.40 -54.83 20.21
C SER T 379 32.80 -55.00 18.75
N VAL T 380 33.45 -56.11 18.45
CA VAL T 380 33.85 -56.40 17.09
C VAL T 380 32.54 -56.59 16.31
N PRO T 381 32.50 -56.21 15.02
CA PRO T 381 31.30 -56.36 14.19
C PRO T 381 30.82 -57.81 14.20
N ILE T 382 29.50 -58.03 14.19
CA ILE T 382 28.98 -59.39 14.17
C ILE T 382 29.62 -60.03 12.93
N GLN T 383 29.47 -61.34 12.75
CA GLN T 383 30.08 -62.00 11.58
C GLN T 383 31.58 -61.79 11.72
N GLN T 384 32.02 -61.77 12.98
CA GLN T 384 33.42 -61.59 13.34
C GLN T 384 33.49 -61.64 14.87
N VAL T 385 32.31 -61.81 15.48
CA VAL T 385 32.18 -61.91 16.92
C VAL T 385 32.27 -63.38 17.30
N THR T 386 33.43 -63.80 17.80
CA THR T 386 33.67 -65.19 18.17
C THR T 386 33.15 -65.65 19.53
N THR T 387 33.66 -65.06 20.60
CA THR T 387 33.24 -65.48 21.93
C THR T 387 32.78 -64.41 22.93
N ALA T 388 31.97 -64.83 23.88
CA ALA T 388 31.39 -64.01 24.94
C ALA T 388 32.09 -62.68 25.28
N ALA T 389 33.40 -62.69 25.41
CA ALA T 389 34.14 -61.46 25.72
C ALA T 389 33.97 -60.39 24.63
N ASN T 390 33.47 -60.82 23.49
CA ASN T 390 33.24 -59.95 22.34
C ASN T 390 31.94 -59.13 22.46
N ILE T 391 30.92 -59.75 23.05
CA ILE T 391 29.62 -59.09 23.26
C ILE T 391 29.65 -58.02 24.36
N THR T 392 29.73 -56.75 23.96
CA THR T 392 29.76 -55.63 24.91
C THR T 392 28.72 -55.81 26.04
N ALA T 393 27.45 -55.64 25.71
CA ALA T 393 26.39 -55.80 26.70
C ALA T 393 25.13 -56.39 26.07
N ILE T 394 24.15 -56.73 26.91
CA ILE T 394 22.90 -57.30 26.42
C ILE T 394 21.72 -56.78 27.22
N THR T 395 20.83 -56.02 26.56
CA THR T 395 19.66 -55.46 27.22
C THR T 395 18.38 -56.21 26.89
N VAL T 396 17.62 -56.58 27.92
CA VAL T 396 16.35 -57.27 27.73
C VAL T 396 15.31 -56.18 27.45
N VAL T 397 15.18 -55.79 26.19
CA VAL T 397 14.24 -54.74 25.81
C VAL T 397 12.77 -55.10 26.05
N SER T 398 12.49 -56.37 26.29
CA SER T 398 11.10 -56.78 26.51
C SER T 398 11.00 -58.28 26.79
N ALA T 399 10.97 -58.65 28.08
CA ALA T 399 10.87 -60.06 28.42
C ALA T 399 9.42 -60.49 28.59
N ALA T 400 9.21 -61.80 28.67
CA ALA T 400 7.87 -62.34 28.85
C ALA T 400 7.76 -62.87 30.26
N GLY T 401 6.91 -62.26 31.08
CA GLY T 401 6.75 -62.75 32.44
C GLY T 401 6.29 -64.19 32.42
N ALA T 402 6.88 -65.02 33.28
CA ALA T 402 6.55 -66.45 33.40
C ALA T 402 7.36 -67.30 32.42
N SER T 403 8.08 -68.27 33.01
CA SER T 403 9.00 -69.18 32.29
C SER T 403 8.34 -69.95 31.16
N ALA T 404 9.14 -70.77 30.45
CA ALA T 404 8.71 -71.60 29.32
C ALA T 404 8.20 -72.96 29.80
N ILE T 405 6.96 -72.93 30.38
CA ILE T 405 6.19 -74.06 30.95
C ILE T 405 4.82 -73.54 31.53
N ASN T 406 4.29 -72.45 30.91
CA ASN T 406 3.01 -71.71 31.22
C ASN T 406 2.59 -70.99 29.93
N LEU T 407 3.62 -70.80 29.09
CA LEU T 407 3.50 -70.21 27.76
C LEU T 407 3.27 -71.34 26.78
N ALA T 408 3.51 -72.56 27.25
CA ALA T 408 3.31 -73.75 26.45
C ALA T 408 1.83 -74.11 26.37
N ILE T 409 1.54 -75.19 25.66
CA ILE T 409 0.18 -75.70 25.47
C ILE T 409 0.36 -76.92 24.58
N ASN T 410 0.08 -78.10 25.12
CA ASN T 410 0.25 -79.32 24.36
C ASN T 410 -0.75 -79.47 23.19
N VAL T 411 -0.25 -79.62 21.96
CA VAL T 411 -1.09 -79.80 20.75
C VAL T 411 -0.76 -81.10 19.98
N ARG T 412 -0.64 -82.20 20.71
CA ARG T 412 -0.30 -83.52 20.18
C ARG T 412 1.21 -83.76 20.41
N GLY T 413 1.62 -83.98 21.67
CA GLY T 413 3.03 -84.21 21.99
C GLY T 413 3.85 -82.91 22.03
N GLN T 414 4.13 -82.37 20.83
CA GLN T 414 4.89 -81.13 20.52
C GLN T 414 4.25 -79.88 21.15
N PRO T 415 4.66 -79.53 22.34
CA PRO T 415 4.10 -78.35 23.00
C PRO T 415 4.39 -77.06 22.24
N ARG T 416 3.34 -76.29 21.91
CA ARG T 416 3.51 -75.05 21.16
C ARG T 416 3.58 -73.84 22.06
N PHE T 417 3.66 -72.65 21.46
CA PHE T 417 3.71 -71.41 22.22
C PHE T 417 2.38 -70.68 22.23
N ASN T 418 1.81 -70.46 23.41
CA ASN T 418 0.57 -69.72 23.53
C ASN T 418 0.84 -68.36 22.91
N MET T 419 0.12 -68.07 21.83
CA MET T 419 0.27 -66.83 21.08
C MET T 419 0.48 -65.57 21.95
N LEU T 420 1.70 -65.07 21.99
CA LEU T 420 2.03 -63.87 22.78
C LEU T 420 3.00 -62.97 21.98
N HIS T 421 2.92 -61.65 22.18
CA HIS T 421 3.78 -60.74 21.41
C HIS T 421 4.81 -59.93 22.19
N LEU T 422 6.06 -60.33 22.07
CA LEU T 422 7.07 -59.54 22.72
C LEU T 422 7.24 -58.30 21.84
N GLN T 423 7.88 -57.20 22.30
CA GLN T 423 7.92 -56.06 21.37
C GLN T 423 8.65 -54.82 21.84
N ALA T 424 9.72 -54.48 21.10
CA ALA T 424 10.52 -53.28 21.35
C ALA T 424 9.93 -52.11 20.57
N THR T 425 10.63 -50.98 20.63
CA THR T 425 10.21 -49.79 19.91
C THR T 425 11.50 -49.10 19.52
N PHE T 426 12.30 -49.81 18.72
CA PHE T 426 13.56 -49.29 18.25
C PHE T 426 13.48 -47.84 17.74
N GLU T 427 14.49 -47.03 18.06
CA GLU T 427 14.53 -45.62 17.63
C GLU T 427 15.88 -45.21 17.06
N ARG T 428 15.91 -44.91 15.76
CA ARG T 428 17.14 -44.48 15.07
C ARG T 428 18.32 -44.11 15.96
N GLU T 429 18.14 -43.05 16.76
CA GLU T 429 19.20 -42.45 17.62
C GLU T 429 19.45 -43.16 18.97
N THR T 430 18.51 -43.94 19.51
CA THR T 430 18.85 -44.62 20.78
C THR T 430 20.12 -45.51 20.55
N ILE T 431 20.41 -45.81 19.27
CA ILE T 431 21.62 -46.55 18.84
C ILE T 431 22.66 -45.59 18.17
N THR T 432 22.79 -44.31 18.65
CA THR T 432 23.79 -43.37 18.05
C THR T 432 25.22 -43.83 18.40
N GLY T 433 26.20 -43.68 17.49
CA GLY T 433 27.58 -44.08 17.79
C GLY T 433 27.79 -45.57 17.71
N ILE T 434 27.13 -46.28 18.62
CA ILE T 434 27.11 -47.75 18.71
C ILE T 434 27.17 -48.43 17.32
N PRO T 435 28.40 -48.68 16.81
CA PRO T 435 28.61 -49.31 15.50
C PRO T 435 27.92 -50.65 15.35
N TYR T 436 27.94 -51.48 16.40
CA TYR T 436 27.32 -52.79 16.31
C TYR T 436 26.33 -53.10 17.42
N ILE T 437 25.11 -53.44 17.01
CA ILE T 437 24.04 -53.75 17.93
C ILE T 437 22.99 -54.51 17.13
N TYR T 438 22.42 -55.54 17.73
CA TYR T 438 21.45 -56.38 17.04
C TYR T 438 20.26 -56.73 17.90
N GLY T 439 19.08 -56.74 17.31
CA GLY T 439 17.90 -57.12 18.00
C GLY T 439 17.80 -58.62 17.85
N LEU T 440 17.56 -59.35 18.93
CA LEU T 440 17.49 -60.80 18.88
C LEU T 440 16.34 -61.26 19.76
N GLY T 441 15.39 -62.00 19.21
CA GLY T 441 14.29 -62.51 20.02
C GLY T 441 14.70 -63.90 20.47
N THR T 442 15.55 -63.97 21.49
CA THR T 442 16.05 -65.25 22.00
C THR T 442 15.27 -65.85 23.16
N PHE T 443 15.96 -66.58 24.05
CA PHE T 443 15.21 -67.24 25.11
C PHE T 443 15.51 -66.81 26.55
N LEU T 444 16.75 -66.47 26.87
CA LEU T 444 17.14 -66.10 28.26
C LEU T 444 16.97 -67.31 29.20
N ILE T 445 17.87 -68.27 29.06
CA ILE T 445 17.85 -69.48 29.89
C ILE T 445 18.36 -69.18 31.28
N PRO T 446 17.64 -69.61 32.32
CA PRO T 446 18.05 -69.36 33.70
C PRO T 446 19.20 -70.24 34.16
N SER T 447 19.64 -71.16 33.30
CA SER T 447 20.74 -72.06 33.65
C SER T 447 21.14 -72.98 32.49
N PRO T 448 22.10 -72.54 31.65
CA PRO T 448 22.57 -73.36 30.52
C PRO T 448 23.07 -74.74 30.92
N THR T 449 22.73 -75.76 30.12
CA THR T 449 23.11 -77.15 30.40
C THR T 449 23.55 -77.89 29.14
N SER T 450 23.98 -79.14 29.32
CA SER T 450 24.41 -80.00 28.22
C SER T 450 23.25 -80.29 27.27
N SER T 451 22.04 -80.34 27.82
CA SER T 451 20.83 -80.61 27.03
C SER T 451 20.65 -79.54 25.94
N SER T 452 20.85 -78.28 26.32
CA SER T 452 20.73 -77.18 25.37
C SER T 452 22.09 -76.90 24.75
N ASN T 453 22.67 -77.92 24.14
CA ASN T 453 23.97 -77.78 23.52
C ASN T 453 23.84 -77.87 22.01
N PHE T 454 22.63 -78.18 21.56
CA PHE T 454 22.34 -78.29 20.13
C PHE T 454 20.97 -77.69 19.86
N SER T 455 20.42 -76.99 20.86
CA SER T 455 19.09 -76.38 20.73
C SER T 455 19.07 -75.04 20.00
N ASN T 456 19.78 -74.05 20.55
CA ASN T 456 19.80 -72.73 19.92
C ASN T 456 18.39 -72.13 20.03
N PRO T 457 18.18 -71.42 21.15
CA PRO T 457 16.89 -70.79 21.56
C PRO T 457 16.42 -69.54 20.82
N THR T 458 16.80 -69.36 19.55
CA THR T 458 16.34 -68.17 18.83
C THR T 458 14.84 -68.26 18.59
N LEU T 459 14.05 -67.36 19.17
CA LEU T 459 12.60 -67.40 18.98
C LEU T 459 12.22 -66.67 17.71
N MET T 460 13.21 -66.34 16.90
CA MET T 460 13.01 -65.64 15.64
C MET T 460 12.21 -66.42 14.61
N ASP T 461 12.09 -67.73 14.79
CA ASP T 461 11.31 -68.54 13.87
C ASP T 461 9.85 -68.04 13.92
N GLY T 462 9.55 -67.18 14.89
CA GLY T 462 8.21 -66.63 15.05
C GLY T 462 7.94 -65.55 14.02
N LEU T 463 6.67 -65.20 13.81
CA LEU T 463 6.27 -64.20 12.82
C LEU T 463 6.41 -62.75 13.31
N LEU T 464 7.59 -62.18 13.10
CA LEU T 464 7.91 -60.81 13.51
C LEU T 464 7.22 -59.80 12.60
N THR T 465 6.69 -58.71 13.18
CA THR T 465 6.02 -57.69 12.38
C THR T 465 6.50 -56.26 12.62
N VAL T 466 7.47 -55.82 11.82
CA VAL T 466 8.01 -54.46 11.93
C VAL T 466 7.03 -53.48 11.28
N THR T 467 6.82 -52.35 11.94
CA THR T 467 5.93 -51.31 11.44
C THR T 467 6.61 -49.96 11.52
N PRO T 468 7.13 -49.46 10.38
CA PRO T 468 7.85 -48.18 10.32
C PRO T 468 7.05 -47.09 11.02
N VAL T 469 7.58 -46.55 12.12
CA VAL T 469 6.85 -45.52 12.83
C VAL T 469 7.50 -44.16 12.63
N LEU T 470 7.48 -43.69 11.41
CA LEU T 470 8.15 -42.45 11.01
C LEU T 470 8.39 -42.54 9.52
N LEU T 471 7.31 -42.43 8.75
CA LEU T 471 7.34 -42.53 7.26
C LEU T 471 8.43 -41.75 6.51
N ARG T 472 8.67 -40.51 6.87
CA ARG T 472 9.66 -39.70 6.16
C ARG T 472 10.95 -40.45 5.78
N GLU T 473 11.46 -41.30 6.67
CA GLU T 473 12.70 -42.06 6.40
C GLU T 473 12.54 -43.49 5.88
N THR T 474 13.14 -43.75 4.73
CA THR T 474 13.08 -45.08 4.11
C THR T 474 14.41 -45.80 4.32
N THR T 475 14.54 -47.01 3.78
CA THR T 475 15.78 -47.79 3.92
C THR T 475 16.13 -48.47 2.60
N TYR T 476 17.40 -48.44 2.20
CA TYR T 476 17.80 -49.12 0.98
C TYR T 476 19.18 -49.77 0.99
N LYS T 477 19.20 -51.07 0.70
CA LYS T 477 20.42 -51.84 0.66
C LYS T 477 21.15 -51.82 2.00
N GLY T 478 20.42 -51.50 3.06
CA GLY T 478 21.01 -51.45 4.39
C GLY T 478 21.21 -50.06 4.95
N GLU T 479 20.97 -49.01 4.16
CA GLU T 479 21.14 -47.65 4.66
C GLU T 479 19.80 -46.94 4.78
N VAL T 480 19.74 -45.97 5.69
CA VAL T 480 18.53 -45.19 5.90
C VAL T 480 18.64 -43.90 5.09
N VAL T 481 17.63 -43.61 4.28
CA VAL T 481 17.65 -42.42 3.44
C VAL T 481 16.34 -41.63 3.51
N ASP T 482 16.30 -40.54 2.74
CA ASP T 482 15.11 -39.70 2.70
C ASP T 482 14.57 -39.63 1.28
N ALA T 483 15.31 -40.22 0.35
CA ALA T 483 14.90 -40.24 -1.05
C ALA T 483 15.35 -41.53 -1.75
N ILE T 484 14.53 -42.01 -2.68
CA ILE T 484 14.82 -43.19 -3.45
C ILE T 484 15.29 -42.78 -4.84
N VAL T 485 15.76 -43.73 -5.65
CA VAL T 485 16.15 -43.44 -7.02
C VAL T 485 15.49 -44.46 -7.94
N PRO T 486 14.17 -44.68 -7.78
CA PRO T 486 13.37 -45.64 -8.54
C PRO T 486 14.14 -46.57 -9.50
N ALA T 487 14.53 -46.05 -10.66
CA ALA T 487 15.27 -46.83 -11.65
C ALA T 487 16.34 -47.74 -11.05
N THR T 488 16.93 -47.32 -9.93
CA THR T 488 17.94 -48.12 -9.26
C THR T 488 17.37 -49.42 -8.70
N VAL T 489 16.20 -49.32 -8.11
CA VAL T 489 15.56 -50.51 -7.53
C VAL T 489 14.98 -51.49 -8.57
N MET T 490 14.99 -51.15 -9.86
CA MET T 490 14.45 -52.09 -10.86
C MET T 490 15.52 -53.15 -11.13
N ALA T 491 15.09 -54.40 -11.34
CA ALA T 491 15.98 -55.53 -11.61
C ALA T 491 17.29 -55.41 -10.84
N ASN T 492 17.15 -55.22 -9.54
CA ASN T 492 18.31 -55.02 -8.69
C ASN T 492 18.17 -55.86 -7.44
N GLN T 493 16.95 -56.36 -7.22
CA GLN T 493 16.68 -57.25 -6.11
C GLN T 493 16.72 -58.65 -6.69
N THR T 494 16.79 -59.67 -5.86
CA THR T 494 16.79 -61.04 -6.36
C THR T 494 15.41 -61.63 -6.05
N SER T 495 15.18 -62.85 -6.51
CA SER T 495 13.91 -63.51 -6.28
C SER T 495 13.32 -63.11 -4.92
N GLU T 496 14.14 -63.36 -3.87
CA GLU T 496 13.73 -63.14 -2.49
C GLU T 496 14.31 -61.87 -1.82
N GLU T 497 15.17 -61.12 -2.52
CA GLU T 497 15.69 -59.84 -2.01
C GLU T 497 14.54 -58.80 -2.09
N VAL T 498 13.36 -59.33 -2.49
CA VAL T 498 12.07 -58.61 -2.64
C VAL T 498 11.08 -59.04 -1.57
N ALA T 499 10.78 -60.34 -1.52
CA ALA T 499 9.86 -60.86 -0.51
C ALA T 499 10.45 -60.69 0.91
N SER T 500 11.75 -60.43 0.98
CA SER T 500 12.44 -60.23 2.25
C SER T 500 12.63 -58.74 2.55
N ALA T 501 11.99 -57.89 1.74
CA ALA T 501 12.10 -56.44 1.91
C ALA T 501 11.60 -56.06 3.29
N LEU T 502 12.09 -54.91 3.79
CA LEU T 502 11.72 -54.42 5.11
C LEU T 502 10.65 -53.30 5.07
N ALA T 503 9.46 -53.59 5.61
CA ALA T 503 8.30 -52.68 5.67
C ALA T 503 8.68 -51.21 5.55
N ASN T 504 8.32 -50.64 4.40
CA ASN T 504 8.63 -49.25 4.05
C ASN T 504 10.10 -49.02 3.81
N ASP T 505 10.61 -49.75 2.80
CA ASP T 505 11.97 -49.58 2.33
C ASP T 505 11.90 -49.36 0.81
N ALA T 506 12.88 -48.76 0.22
CA ALA T 506 12.75 -48.53 -1.21
C ALA T 506 11.99 -49.66 -1.92
N ILE T 507 12.53 -50.87 -1.88
CA ILE T 507 11.87 -52.00 -2.53
C ILE T 507 10.36 -52.04 -2.28
N VAL T 508 9.96 -51.98 -1.00
CA VAL T 508 8.54 -52.01 -0.65
C VAL T 508 7.80 -50.78 -1.13
N LEU T 509 8.53 -49.70 -1.38
CA LEU T 509 7.94 -48.47 -1.89
C LEU T 509 7.82 -48.53 -3.42
N VAL T 510 8.91 -49.00 -4.09
CA VAL T 510 9.02 -49.18 -5.56
C VAL T 510 8.25 -50.42 -6.03
N SER T 511 7.48 -50.96 -5.09
CA SER T 511 6.57 -52.10 -5.30
C SER T 511 5.12 -51.63 -5.15
N ASN T 512 4.87 -50.71 -4.18
CA ASN T 512 3.55 -50.09 -3.82
C ASN T 512 3.12 -49.12 -4.91
N HIS T 513 4.15 -48.64 -5.57
CA HIS T 513 4.02 -47.72 -6.68
C HIS T 513 3.66 -48.49 -7.93
N LEU T 514 4.51 -49.43 -8.35
CA LEU T 514 4.21 -50.22 -9.55
C LEU T 514 2.82 -50.81 -9.41
N ASN T 515 2.47 -51.20 -8.21
CA ASN T 515 1.16 -51.79 -7.94
C ASN T 515 -0.03 -50.91 -8.31
N LYS T 516 0.11 -49.59 -8.19
CA LYS T 516 -0.95 -48.68 -8.59
C LYS T 516 -0.99 -48.70 -10.11
N LEU T 517 0.17 -48.44 -10.70
CA LEU T 517 0.28 -48.41 -12.14
C LEU T 517 -0.12 -49.76 -12.73
N ALA T 518 0.05 -50.81 -11.94
CA ALA T 518 -0.36 -52.09 -12.40
C ALA T 518 -1.92 -52.18 -12.45
N ASN T 519 -2.64 -51.39 -11.64
CA ASN T 519 -4.12 -51.50 -11.62
C ASN T 519 -4.75 -50.52 -12.56
N VAL T 520 -3.96 -49.56 -12.98
CA VAL T 520 -4.45 -48.64 -13.97
C VAL T 520 -4.46 -49.39 -15.27
N VAL T 521 -3.37 -50.09 -15.62
CA VAL T 521 -3.37 -50.84 -16.87
C VAL T 521 -4.38 -51.99 -16.77
N GLY T 522 -4.22 -52.82 -15.73
CA GLY T 522 -5.13 -53.94 -15.52
C GLY T 522 -6.58 -53.52 -15.71
N ASP T 523 -6.92 -52.35 -15.16
CA ASP T 523 -8.26 -51.77 -15.22
C ASP T 523 -8.63 -51.18 -16.57
N ALA T 524 -8.14 -49.98 -16.86
CA ALA T 524 -8.45 -49.29 -18.11
C ALA T 524 -7.98 -49.96 -19.40
N ILE T 525 -6.68 -50.10 -19.57
CA ILE T 525 -6.11 -50.73 -20.77
C ILE T 525 -6.43 -52.24 -20.88
N PRO T 526 -6.60 -52.76 -22.11
CA PRO T 526 -6.93 -54.18 -22.30
C PRO T 526 -5.71 -55.12 -22.43
N VAL T 527 -4.84 -55.10 -21.44
CA VAL T 527 -3.64 -55.94 -21.47
C VAL T 527 -3.96 -57.42 -21.25
N ALA T 528 -5.21 -57.81 -21.46
CA ALA T 528 -5.61 -59.21 -21.27
C ALA T 528 -6.46 -59.81 -22.40
N SER T 529 -6.06 -59.49 -23.62
CA SER T 529 -6.71 -60.03 -24.83
C SER T 529 -5.76 -59.86 -26.02
N ARG T 530 -5.98 -60.52 -27.18
CA ARG T 530 -5.03 -60.39 -28.30
C ARG T 530 -5.10 -59.03 -29.02
N THR T 531 -5.44 -57.98 -28.27
CA THR T 531 -5.62 -56.66 -28.91
C THR T 531 -4.40 -55.76 -28.97
N ASP T 532 -3.19 -56.32 -28.87
CA ASP T 532 -1.95 -55.52 -28.94
C ASP T 532 -2.15 -54.06 -28.53
N ASP T 533 -2.72 -53.90 -27.33
CA ASP T 533 -3.05 -52.61 -26.71
C ASP T 533 -1.91 -51.60 -26.61
N SER T 534 -2.28 -50.39 -26.22
CA SER T 534 -1.32 -49.30 -26.06
C SER T 534 -0.15 -49.62 -25.13
N ALA T 535 -0.43 -50.45 -24.11
CA ALA T 535 0.59 -50.85 -23.15
C ALA T 535 1.64 -51.76 -23.79
N THR T 536 1.21 -52.95 -24.23
CA THR T 536 2.11 -53.92 -24.87
C THR T 536 2.66 -53.35 -26.17
N SER T 537 2.15 -52.19 -26.58
CA SER T 537 2.60 -51.55 -27.81
C SER T 537 3.77 -50.63 -27.54
N ALA T 538 3.72 -49.94 -26.42
CA ALA T 538 4.80 -49.03 -26.03
C ALA T 538 6.08 -49.87 -25.88
N ILE T 539 5.93 -51.06 -25.30
CA ILE T 539 7.06 -51.95 -25.11
C ILE T 539 7.61 -52.49 -26.43
N VAL T 540 6.72 -52.92 -27.33
CA VAL T 540 7.16 -53.44 -28.63
C VAL T 540 8.06 -52.47 -29.36
N SER T 541 7.74 -51.18 -29.30
CA SER T 541 8.57 -50.18 -29.98
C SER T 541 9.94 -50.11 -29.35
N ARG T 542 10.06 -50.41 -28.05
CA ARG T 542 11.36 -50.39 -27.42
C ARG T 542 12.15 -51.62 -27.87
N LEU T 543 11.53 -52.80 -27.83
CA LEU T 543 12.22 -54.02 -28.27
C LEU T 543 12.77 -53.89 -29.68
N ALA T 544 11.98 -53.29 -30.57
CA ALA T 544 12.42 -53.10 -31.95
C ALA T 544 13.69 -52.20 -31.93
N VAL T 545 13.52 -50.93 -31.57
CA VAL T 545 14.63 -49.97 -31.49
C VAL T 545 15.83 -50.56 -30.79
N GLN T 546 15.57 -51.50 -29.89
CA GLN T 546 16.65 -52.13 -29.15
C GLN T 546 17.29 -53.25 -29.98
N HIS T 547 16.49 -54.25 -30.35
CA HIS T 547 16.99 -55.35 -31.16
C HIS T 547 17.50 -54.87 -32.53
N LYS T 548 17.11 -53.68 -32.93
CA LYS T 548 17.52 -53.17 -34.24
C LYS T 548 18.92 -52.64 -34.23
N LEU T 549 19.35 -52.00 -33.14
CA LEU T 549 20.70 -51.47 -33.11
C LEU T 549 21.69 -52.54 -32.70
N SER T 550 21.20 -53.58 -32.02
CA SER T 550 22.08 -54.67 -31.61
C SER T 550 22.42 -55.48 -32.87
N GLN T 551 21.68 -55.22 -33.94
CA GLN T 551 21.91 -55.90 -35.22
C GLN T 551 22.82 -55.06 -36.10
N VAL T 552 22.87 -53.75 -35.84
CA VAL T 552 23.72 -52.83 -36.59
C VAL T 552 25.18 -53.25 -36.38
N GLY T 553 26.01 -53.09 -37.42
CA GLY T 553 27.43 -53.51 -37.40
C GLY T 553 27.44 -55.05 -37.34
N GLN T 554 28.11 -55.78 -38.28
CA GLN T 554 28.14 -57.25 -38.42
C GLN T 554 27.04 -57.62 -39.43
N ALA T 555 27.27 -58.67 -40.24
CA ALA T 555 26.43 -59.24 -41.34
C ALA T 555 24.91 -58.98 -41.33
N SER T 556 24.38 -58.47 -40.21
CA SER T 556 22.94 -58.19 -40.06
C SER T 556 22.13 -59.31 -40.72
N PRO T 557 22.53 -60.57 -40.49
CA PRO T 557 21.86 -61.73 -41.10
C PRO T 557 20.42 -61.92 -40.64
N THR T 558 20.01 -61.19 -39.61
CA THR T 558 18.65 -61.33 -39.09
C THR T 558 17.79 -60.07 -39.12
N PRO T 559 16.95 -59.92 -40.16
CA PRO T 559 16.08 -58.79 -40.19
C PRO T 559 15.08 -58.89 -39.03
N PRO T 560 14.93 -57.87 -38.21
CA PRO T 560 14.00 -57.92 -37.09
C PRO T 560 12.72 -58.69 -37.40
N ASP T 561 12.20 -59.39 -36.40
CA ASP T 561 11.01 -60.23 -36.58
C ASP T 561 9.67 -59.46 -36.62
N TYR T 562 9.17 -59.04 -35.46
CA TYR T 562 7.91 -58.25 -35.33
C TYR T 562 6.70 -59.08 -34.96
N PRO T 563 6.32 -60.06 -35.76
CA PRO T 563 5.19 -60.89 -35.30
C PRO T 563 5.59 -61.51 -33.95
N LEU T 564 6.91 -61.88 -33.82
CA LEU T 564 7.57 -62.48 -32.61
C LEU T 564 7.88 -61.42 -31.53
N LEU T 565 8.12 -60.21 -31.98
CA LEU T 565 8.37 -59.08 -31.09
C LEU T 565 7.09 -58.57 -30.48
N TRP T 566 6.04 -58.50 -31.30
CA TRP T 566 4.75 -58.06 -30.79
C TRP T 566 4.32 -59.01 -29.71
N ARG T 567 4.42 -60.31 -30.01
CA ARG T 567 4.03 -61.36 -29.07
C ARG T 567 4.95 -61.43 -27.84
N ARG T 568 6.23 -61.11 -28.00
CA ARG T 568 7.12 -61.15 -26.85
C ARG T 568 6.83 -59.99 -25.91
N ALA T 569 6.55 -58.82 -26.49
CA ALA T 569 6.24 -57.64 -25.68
C ALA T 569 4.84 -57.72 -25.10
N LYS T 570 3.98 -58.52 -25.70
CA LYS T 570 2.61 -58.66 -25.20
C LYS T 570 2.65 -59.38 -23.88
N ARG T 571 3.48 -60.42 -23.77
CA ARG T 571 3.58 -61.16 -22.52
C ARG T 571 4.43 -60.38 -21.52
N ALA T 572 5.27 -59.49 -22.03
CA ALA T 572 6.08 -58.65 -21.14
C ALA T 572 5.15 -57.67 -20.44
N ALA T 573 4.32 -56.96 -21.20
CA ALA T 573 3.36 -56.00 -20.60
C ALA T 573 2.35 -56.78 -19.78
N SER T 574 2.02 -57.98 -20.24
CA SER T 574 1.07 -58.82 -19.54
C SER T 574 1.68 -59.34 -18.24
N MET T 575 2.92 -59.82 -18.28
CA MET T 575 3.55 -60.33 -17.07
C MET T 575 3.65 -59.23 -16.02
N PHE T 576 3.70 -57.98 -16.48
CA PHE T 576 3.76 -56.87 -15.56
C PHE T 576 2.43 -56.69 -14.86
N VAL T 577 1.36 -56.41 -15.61
CA VAL T 577 0.04 -56.27 -15.01
C VAL T 577 -0.20 -57.37 -14.05
N SER T 578 0.23 -58.57 -14.44
CA SER T 578 0.06 -59.77 -13.62
C SER T 578 0.67 -59.64 -12.24
N ASN T 579 2.00 -59.66 -12.19
CA ASN T 579 2.70 -59.53 -10.95
C ASN T 579 3.65 -58.33 -10.98
N PRO T 580 3.10 -57.12 -10.75
CA PRO T 580 3.84 -55.85 -10.79
C PRO T 580 5.27 -55.98 -10.20
N SER T 581 5.38 -56.72 -9.09
CA SER T 581 6.66 -56.92 -8.41
C SER T 581 7.83 -57.31 -9.30
N LEU T 582 7.69 -58.44 -10.00
CA LEU T 582 8.74 -58.97 -10.88
C LEU T 582 9.71 -57.95 -11.45
N ALA T 583 9.21 -56.81 -11.94
CA ALA T 583 10.06 -55.77 -12.51
C ALA T 583 11.16 -55.27 -11.56
N LEU T 584 11.36 -55.94 -10.42
CA LEU T 584 12.41 -55.56 -9.47
C LEU T 584 13.48 -56.64 -9.44
N GLN T 585 13.09 -57.85 -9.83
CA GLN T 585 13.98 -59.00 -9.80
C GLN T 585 14.92 -59.16 -10.97
N VAL T 586 16.22 -59.32 -10.66
CA VAL T 586 17.24 -59.48 -11.67
C VAL T 586 17.00 -60.79 -12.41
N GLY T 587 16.86 -60.69 -13.73
CA GLY T 587 16.65 -61.88 -14.56
C GLY T 587 15.25 -62.04 -15.12
N ILE T 588 14.56 -60.94 -15.34
CA ILE T 588 13.22 -61.03 -15.93
C ILE T 588 13.22 -60.46 -17.35
N PRO T 589 12.91 -61.33 -18.34
CA PRO T 589 12.90 -61.01 -19.78
C PRO T 589 12.14 -59.73 -20.17
N VAL T 590 12.81 -58.83 -20.88
CA VAL T 590 12.23 -57.55 -21.31
C VAL T 590 12.03 -56.63 -20.12
N LEU T 591 10.92 -56.81 -19.42
CA LEU T 591 10.54 -56.02 -18.27
C LEU T 591 11.68 -55.30 -17.52
N THR T 592 12.84 -55.97 -17.32
CA THR T 592 13.91 -55.35 -16.54
C THR T 592 14.94 -54.54 -17.31
N GLN T 593 14.74 -54.25 -18.59
CA GLN T 593 15.69 -53.42 -19.31
C GLN T 593 15.28 -51.99 -18.95
N SER T 594 16.25 -51.09 -18.83
CA SER T 594 15.96 -49.70 -18.45
C SER T 594 14.83 -48.99 -19.23
N GLY T 595 14.71 -49.27 -20.52
CA GLY T 595 13.66 -48.63 -21.32
C GLY T 595 12.27 -48.85 -20.75
N MET T 596 11.75 -50.07 -20.91
CA MET T 596 10.43 -50.47 -20.42
C MET T 596 10.06 -49.85 -19.08
N LEU T 597 8.76 -49.77 -18.81
CA LEU T 597 8.23 -49.18 -17.57
C LEU T 597 8.28 -47.67 -17.70
N SER T 598 9.50 -47.14 -17.76
CA SER T 598 9.62 -45.73 -17.99
C SER T 598 8.86 -45.46 -19.25
N ALA T 599 8.97 -46.45 -20.15
CA ALA T 599 8.29 -46.47 -21.42
C ALA T 599 6.82 -46.82 -21.21
N LEU T 600 6.57 -48.05 -20.76
CA LEU T 600 5.20 -48.49 -20.51
C LEU T 600 4.32 -47.37 -19.96
N THR T 601 4.59 -46.97 -18.69
CA THR T 601 3.76 -45.95 -18.06
C THR T 601 3.46 -44.82 -19.03
N SER T 602 4.45 -44.04 -19.48
CA SER T 602 4.19 -42.91 -20.39
C SER T 602 3.33 -43.26 -21.63
N GLY T 603 3.19 -44.56 -21.91
CA GLY T 603 2.32 -44.98 -22.97
C GLY T 603 0.94 -45.03 -22.37
N VAL T 604 0.77 -46.01 -21.48
CA VAL T 604 -0.47 -46.19 -20.73
C VAL T 604 -1.04 -44.83 -20.35
N GLY T 605 -0.12 -43.89 -20.11
CA GLY T 605 -0.47 -42.54 -19.78
C GLY T 605 -1.32 -41.98 -20.88
N THR T 606 -0.70 -41.59 -21.99
CA THR T 606 -1.45 -41.03 -23.10
C THR T 606 -2.60 -41.94 -23.54
N ALA T 607 -2.44 -43.25 -23.33
CA ALA T 607 -3.49 -44.20 -23.73
C ALA T 607 -4.82 -43.91 -23.00
N LEU T 608 -4.74 -43.57 -21.72
CA LEU T 608 -5.95 -43.27 -20.95
C LEU T 608 -6.50 -41.93 -21.37
N ARG T 609 -5.62 -41.00 -21.72
CA ARG T 609 -6.09 -39.69 -22.11
C ARG T 609 -6.58 -39.64 -23.55
N THR T 610 -7.33 -40.68 -23.97
CA THR T 610 -7.87 -40.74 -25.35
C THR T 610 -8.87 -41.88 -25.53
N GLY T 611 -9.00 -42.74 -24.52
CA GLY T 611 -9.92 -43.89 -24.57
C GLY T 611 -11.20 -43.65 -25.38
N SER T 612 -11.64 -42.40 -25.53
CA SER T 612 -12.87 -41.91 -26.23
C SER T 612 -14.06 -41.90 -25.25
N LEU T 613 -14.92 -42.92 -25.25
CA LEU T 613 -16.03 -43.11 -24.29
C LEU T 613 -16.44 -44.56 -24.53
N GLY T 614 -16.46 -44.96 -25.81
CA GLY T 614 -16.86 -46.30 -26.22
C GLY T 614 -15.72 -47.31 -26.22
N LYS T 615 -14.88 -47.27 -25.17
CA LYS T 615 -13.78 -48.20 -25.02
C LYS T 615 -14.32 -49.59 -24.74
N GLY T 616 -15.56 -49.56 -24.26
CA GLY T 616 -16.28 -50.76 -23.94
C GLY T 616 -16.59 -51.55 -25.18
N VAL T 617 -16.22 -51.08 -26.36
CA VAL T 617 -16.53 -51.83 -27.58
C VAL T 617 -15.76 -53.13 -27.57
N THR T 618 -14.75 -53.24 -26.69
CA THR T 618 -13.94 -54.44 -26.59
C THR T 618 -14.78 -55.61 -26.07
N ASP T 619 -14.89 -56.68 -26.86
CA ASP T 619 -15.66 -57.84 -26.46
C ASP T 619 -17.07 -57.41 -26.07
N ALA T 620 -17.56 -56.36 -26.72
CA ALA T 620 -18.91 -55.84 -26.45
C ALA T 620 -19.90 -56.71 -27.20
N SER T 621 -19.38 -57.78 -27.80
CA SER T 621 -20.20 -58.73 -28.54
C SER T 621 -20.68 -59.84 -27.59
N GLU T 622 -19.73 -60.55 -26.96
CA GLU T 622 -20.05 -61.63 -26.03
C GLU T 622 -20.66 -61.02 -24.78
N LYS T 623 -20.23 -59.80 -24.48
CA LYS T 623 -20.73 -59.07 -23.33
C LYS T 623 -22.21 -58.82 -23.59
N LEU T 624 -22.53 -58.47 -24.83
CA LEU T 624 -23.91 -58.19 -25.22
C LEU T 624 -24.69 -59.49 -25.18
N ARG T 625 -24.16 -60.50 -25.85
CA ARG T 625 -24.80 -61.81 -25.93
C ARG T 625 -25.03 -62.40 -24.54
N ALA T 626 -24.22 -61.99 -23.55
CA ALA T 626 -24.39 -62.48 -22.18
C ALA T 626 -25.52 -61.72 -21.49
N ARG T 627 -25.70 -60.44 -21.84
CA ARG T 627 -26.77 -59.66 -21.28
C ARG T 627 -28.13 -60.12 -21.80
N GLN T 628 -28.17 -60.52 -23.07
CA GLN T 628 -29.42 -61.04 -23.62
C GLN T 628 -29.71 -62.35 -22.93
N SER T 629 -28.64 -63.05 -22.57
CA SER T 629 -28.77 -64.33 -21.89
C SER T 629 -29.48 -64.15 -20.56
N LEU T 630 -29.17 -63.04 -19.89
CA LEU T 630 -29.76 -62.77 -18.58
C LEU T 630 -31.22 -62.32 -18.69
N THR T 631 -31.46 -61.44 -19.66
CA THR T 631 -32.83 -60.95 -19.86
C THR T 631 -33.75 -62.11 -20.28
N VAL T 632 -33.20 -63.13 -20.93
CA VAL T 632 -34.02 -64.27 -21.32
C VAL T 632 -34.38 -65.08 -20.08
N ALA T 633 -33.46 -65.15 -19.13
CA ALA T 633 -33.71 -65.89 -17.91
C ALA T 633 -34.60 -65.05 -16.97
N LYS T 634 -34.44 -63.72 -16.99
CA LYS T 634 -35.26 -62.87 -16.14
C LYS T 634 -36.68 -62.79 -16.70
N GLN T 635 -36.81 -62.95 -18.02
CA GLN T 635 -38.14 -62.92 -18.62
C GLN T 635 -38.84 -64.17 -18.11
N ALA T 636 -38.05 -65.23 -17.96
CA ALA T 636 -38.53 -66.51 -17.46
C ALA T 636 -39.10 -66.36 -16.05
N PHE T 637 -38.47 -65.50 -15.25
CA PHE T 637 -38.94 -65.21 -13.89
C PHE T 637 -40.32 -64.53 -13.97
N PHE T 638 -40.37 -63.36 -14.64
CA PHE T 638 -41.64 -62.64 -14.79
C PHE T 638 -42.77 -63.56 -15.25
N ASP T 639 -42.43 -64.60 -16.01
CA ASP T 639 -43.43 -65.53 -16.49
C ASP T 639 -44.09 -66.32 -15.36
N GLN T 640 -43.34 -66.59 -14.30
CA GLN T 640 -43.92 -67.29 -13.15
C GLN T 640 -44.69 -66.32 -12.28
N ILE T 641 -44.11 -65.15 -12.04
CA ILE T 641 -44.83 -64.14 -11.28
C ILE T 641 -46.18 -63.97 -11.92
N GLY T 642 -46.17 -64.11 -13.22
CA GLY T 642 -47.34 -63.99 -14.07
C GLY T 642 -48.32 -65.15 -13.97
N SER T 643 -47.85 -66.34 -13.59
CA SER T 643 -48.78 -67.46 -13.49
C SER T 643 -49.20 -67.71 -12.04
N LEU T 644 -48.24 -68.07 -11.19
CA LEU T 644 -48.51 -68.36 -9.78
C LEU T 644 -49.52 -67.38 -9.17
N TRP T 645 -49.21 -66.08 -9.26
CA TRP T 645 -50.14 -65.08 -8.78
C TRP T 645 -50.88 -64.49 -9.99
N PRO T 646 -51.95 -65.19 -10.42
CA PRO T 646 -52.73 -64.72 -11.55
C PRO T 646 -53.53 -63.46 -11.20
N ALA U 2 -81.45 -17.90 -36.31
CA ALA U 2 -80.10 -17.79 -36.95
C ALA U 2 -79.31 -19.09 -36.82
N GLN U 3 -78.04 -18.97 -36.47
CA GLN U 3 -77.14 -20.11 -36.31
C GLN U 3 -75.86 -19.67 -35.59
N ARG U 4 -75.65 -20.18 -34.38
CA ARG U 4 -74.46 -19.81 -33.60
C ARG U 4 -73.57 -20.98 -33.22
N GLN U 5 -72.98 -21.63 -34.21
CA GLN U 5 -72.12 -22.77 -33.94
C GLN U 5 -71.44 -23.32 -35.21
N PHE U 6 -70.13 -23.11 -35.33
CA PHE U 6 -69.40 -23.60 -36.50
C PHE U 6 -68.07 -24.22 -36.07
N PHE U 7 -67.69 -25.33 -36.70
CA PHE U 7 -66.44 -26.00 -36.38
C PHE U 7 -65.53 -26.08 -37.59
N GLY U 8 -64.35 -25.48 -37.49
CA GLY U 8 -63.41 -25.50 -38.60
C GLY U 8 -62.13 -26.28 -38.41
N LEU U 9 -61.42 -26.48 -39.51
CA LEU U 9 -60.15 -27.19 -39.53
C LEU U 9 -59.26 -26.48 -40.55
N THR U 10 -58.06 -26.07 -40.13
CA THR U 10 -57.13 -25.36 -41.00
C THR U 10 -56.49 -26.23 -42.09
N TYR U 11 -55.90 -25.58 -43.10
CA TYR U 11 -55.23 -26.31 -44.18
C TYR U 11 -54.04 -27.06 -43.60
N ASN U 12 -53.47 -27.95 -44.41
CA ASN U 12 -52.32 -28.75 -43.98
C ASN U 12 -51.06 -28.24 -44.65
N PHE U 13 -50.07 -27.85 -43.84
CA PHE U 13 -48.80 -27.37 -44.38
C PHE U 13 -48.15 -28.58 -45.06
N TYR U 14 -48.63 -28.88 -46.26
CA TYR U 14 -48.13 -30.02 -47.04
C TYR U 14 -46.63 -30.24 -46.85
N GLY U 15 -46.28 -31.19 -45.99
CA GLY U 15 -44.87 -31.50 -45.73
C GLY U 15 -44.00 -30.25 -45.76
N GLN U 16 -44.51 -29.15 -45.21
CA GLN U 16 -43.80 -27.88 -45.19
C GLN U 16 -43.80 -27.29 -43.78
N PRO U 17 -42.91 -26.31 -43.53
CA PRO U 17 -42.83 -25.65 -42.22
C PRO U 17 -44.05 -24.79 -41.87
N ALA U 18 -43.93 -23.48 -42.08
CA ALA U 18 -44.99 -22.51 -41.78
C ALA U 18 -46.15 -22.57 -42.78
N PRO U 19 -47.21 -21.77 -42.56
CA PRO U 19 -48.36 -21.74 -43.48
C PRO U 19 -47.97 -21.21 -44.87
N LEU U 20 -48.26 -22.02 -45.89
CA LEU U 20 -47.92 -21.69 -47.27
C LEU U 20 -48.59 -20.48 -47.91
N PHE U 21 -48.34 -19.30 -47.34
CA PHE U 21 -48.90 -18.06 -47.89
C PHE U 21 -47.87 -16.97 -47.66
N ASP U 22 -47.65 -16.16 -48.70
CA ASP U 22 -46.67 -15.07 -48.67
C ASP U 22 -47.23 -13.79 -48.04
N LEU U 23 -46.33 -12.93 -47.55
CA LEU U 23 -46.73 -11.65 -46.96
C LEU U 23 -47.31 -10.79 -48.07
N ASN U 24 -46.80 -11.04 -49.28
CA ASN U 24 -47.23 -10.34 -50.48
C ASN U 24 -48.69 -10.73 -50.76
N ASP U 25 -49.11 -11.84 -50.16
CA ASP U 25 -50.47 -12.35 -50.32
C ASP U 25 -51.40 -11.68 -49.32
N LEU U 26 -50.96 -11.60 -48.08
CA LEU U 26 -51.77 -10.99 -47.02
C LEU U 26 -52.21 -9.60 -47.46
N GLN U 27 -51.36 -8.92 -48.23
CA GLN U 27 -51.69 -7.59 -48.72
C GLN U 27 -52.15 -7.68 -50.16
N GLU U 28 -52.81 -8.79 -50.48
CA GLU U 28 -53.29 -9.02 -51.84
C GLU U 28 -54.72 -9.55 -51.81
N LEU U 29 -55.17 -9.91 -50.61
CA LEU U 29 -56.51 -10.43 -50.41
C LEU U 29 -57.05 -9.87 -49.10
N ALA U 30 -56.29 -10.05 -48.03
CA ALA U 30 -56.67 -9.56 -46.70
C ALA U 30 -56.11 -8.17 -46.40
N GLY U 31 -55.48 -7.55 -47.41
CA GLY U 31 -54.90 -6.23 -47.22
C GLY U 31 -55.86 -5.08 -47.49
N CYS U 32 -55.29 -3.89 -47.71
CA CYS U 32 -56.08 -2.70 -47.99
C CYS U 32 -56.87 -2.30 -46.75
N TYR U 33 -56.73 -3.08 -45.67
CA TYR U 33 -57.43 -2.86 -44.40
C TYR U 33 -58.91 -3.19 -44.43
N ALA U 34 -59.49 -3.31 -45.63
CA ALA U 34 -60.90 -3.65 -45.74
C ALA U 34 -61.06 -5.05 -45.17
N ARG U 35 -62.27 -5.41 -44.76
CA ARG U 35 -62.50 -6.73 -44.19
C ARG U 35 -62.35 -7.85 -45.23
N PRO U 36 -61.25 -8.61 -45.14
CA PRO U 36 -60.92 -9.72 -46.05
C PRO U 36 -61.95 -10.83 -46.06
N TRP U 37 -63.01 -10.67 -45.27
CA TRP U 37 -64.06 -11.67 -45.16
C TRP U 37 -64.80 -12.05 -46.44
N THR U 38 -66.04 -11.62 -46.57
CA THR U 38 -66.84 -11.96 -47.75
C THR U 38 -66.27 -11.36 -49.04
N SER U 39 -65.02 -11.69 -49.33
CA SER U 39 -64.32 -11.20 -50.51
C SER U 39 -63.98 -12.35 -51.46
N ARG U 40 -63.94 -13.57 -50.91
CA ARG U 40 -63.63 -14.76 -51.69
C ARG U 40 -64.13 -14.73 -53.12
N PHE U 41 -65.37 -14.29 -53.29
CA PHE U 41 -65.99 -14.25 -54.60
C PHE U 41 -65.61 -13.10 -55.55
N SER U 42 -65.06 -12.02 -55.04
CA SER U 42 -64.69 -10.90 -55.91
C SER U 42 -63.42 -11.17 -56.73
N HIS U 43 -63.19 -12.44 -57.07
CA HIS U 43 -62.02 -12.82 -57.87
C HIS U 43 -62.46 -13.79 -58.97
N LEU U 44 -63.76 -13.80 -59.26
CA LEU U 44 -64.29 -14.71 -60.26
C LEU U 44 -65.09 -13.94 -61.32
N ALA U 45 -65.09 -14.44 -62.55
CA ALA U 45 -65.80 -13.79 -63.63
C ALA U 45 -66.90 -14.67 -64.20
N ILE U 46 -67.54 -14.20 -65.26
CA ILE U 46 -68.60 -14.97 -65.90
C ILE U 46 -68.00 -16.31 -66.34
N SER U 47 -66.69 -16.32 -66.56
CA SER U 47 -65.95 -17.52 -66.97
C SER U 47 -64.49 -17.40 -66.54
N THR U 48 -63.61 -18.10 -67.25
CA THR U 48 -62.19 -18.08 -66.93
C THR U 48 -61.39 -17.13 -67.84
N GLY U 49 -61.84 -16.97 -69.08
CA GLY U 49 -61.15 -16.10 -70.01
C GLY U 49 -61.21 -14.63 -69.65
N SER U 50 -61.82 -14.32 -68.51
CA SER U 50 -61.93 -12.92 -68.06
C SER U 50 -61.18 -12.69 -66.75
N LEU U 51 -60.27 -13.59 -66.41
CA LEU U 51 -59.51 -13.45 -65.17
C LEU U 51 -58.00 -13.59 -65.34
N PRO U 52 -57.23 -12.98 -64.42
CA PRO U 52 -55.78 -13.04 -64.46
C PRO U 52 -55.35 -14.37 -63.82
N VAL U 53 -56.16 -15.40 -64.06
CA VAL U 53 -55.93 -16.73 -63.50
C VAL U 53 -55.02 -17.65 -64.32
N TRP U 54 -54.15 -17.08 -65.14
CA TRP U 54 -53.21 -17.89 -65.92
C TRP U 54 -51.80 -17.54 -65.44
N SER U 55 -50.83 -17.56 -66.34
CA SER U 55 -49.47 -17.23 -65.94
C SER U 55 -49.46 -15.92 -65.16
N ALA U 56 -49.24 -16.02 -63.84
CA ALA U 56 -49.21 -14.84 -62.96
C ALA U 56 -48.95 -15.24 -61.50
N ARG U 57 -49.09 -14.28 -60.59
CA ARG U 57 -48.88 -14.53 -59.16
C ARG U 57 -49.80 -15.66 -58.67
N TYR U 58 -51.00 -15.72 -59.24
CA TYR U 58 -51.97 -16.75 -58.87
C TYR U 58 -52.48 -17.38 -60.18
N PRO U 59 -51.74 -18.35 -60.72
CA PRO U 59 -52.09 -19.02 -61.97
C PRO U 59 -53.20 -20.05 -61.88
N SER U 60 -54.39 -19.64 -61.46
CA SER U 60 -55.50 -20.59 -61.35
C SER U 60 -56.81 -19.92 -61.02
N VAL U 61 -57.89 -20.43 -61.61
CA VAL U 61 -59.22 -19.88 -61.38
C VAL U 61 -59.67 -20.17 -59.95
N ALA U 62 -58.84 -20.92 -59.22
CA ALA U 62 -59.12 -21.28 -57.84
C ALA U 62 -57.88 -21.07 -56.98
N SER U 63 -56.83 -20.53 -57.60
CA SER U 63 -55.58 -20.27 -56.89
C SER U 63 -55.74 -19.16 -55.85
N ARG U 64 -56.79 -18.36 -55.98
CA ARG U 64 -57.02 -17.29 -55.01
C ARG U 64 -57.50 -17.89 -53.69
N ASN U 65 -58.70 -18.46 -53.70
CA ASN U 65 -59.27 -19.06 -52.50
C ASN U 65 -58.33 -20.05 -51.81
N ILE U 66 -57.61 -20.82 -52.61
CA ILE U 66 -56.68 -21.79 -52.05
C ILE U 66 -55.58 -21.09 -51.26
N VAL U 67 -55.36 -19.81 -51.57
CA VAL U 67 -54.35 -19.01 -50.87
C VAL U 67 -54.98 -18.27 -49.70
N VAL U 68 -56.07 -17.56 -49.97
CA VAL U 68 -56.77 -16.83 -48.93
C VAL U 68 -57.12 -17.80 -47.81
N ASN U 69 -57.36 -19.06 -48.17
CA ASN U 69 -57.71 -20.09 -47.18
C ASN U 69 -56.52 -20.44 -46.30
N THR U 70 -55.32 -20.42 -46.88
CA THR U 70 -54.13 -20.73 -46.10
C THR U 70 -53.89 -19.56 -45.15
N LEU U 71 -54.06 -18.36 -45.68
CA LEU U 71 -53.86 -17.13 -44.92
C LEU U 71 -54.81 -17.06 -43.73
N LEU U 72 -56.00 -17.66 -43.89
CA LEU U 72 -56.98 -17.66 -42.81
C LEU U 72 -56.55 -18.58 -41.67
N GLY U 73 -55.84 -19.66 -42.02
CA GLY U 73 -55.38 -20.59 -41.01
C GLY U 73 -54.46 -19.94 -39.98
N ALA U 74 -53.50 -19.16 -40.47
CA ALA U 74 -52.54 -18.48 -39.60
C ALA U 74 -53.13 -17.40 -38.72
N HIS U 75 -54.33 -16.93 -39.05
CA HIS U 75 -54.96 -15.89 -38.25
C HIS U 75 -56.29 -16.27 -37.61
N LEU U 76 -56.42 -17.54 -37.23
CA LEU U 76 -57.63 -18.01 -36.61
C LEU U 76 -57.39 -18.61 -35.23
N ASN U 77 -56.23 -18.31 -34.64
CA ASN U 77 -55.89 -18.84 -33.33
C ASN U 77 -56.99 -18.64 -32.29
N PRO U 78 -57.73 -17.51 -32.35
CA PRO U 78 -58.78 -17.32 -31.35
C PRO U 78 -59.67 -18.56 -31.22
N PHE U 79 -60.23 -19.00 -32.34
CA PHE U 79 -61.10 -20.18 -32.36
C PHE U 79 -60.37 -21.46 -31.98
N ALA U 80 -59.04 -21.40 -32.04
CA ALA U 80 -58.21 -22.56 -31.69
C ALA U 80 -58.08 -22.63 -30.17
N GLY U 81 -57.54 -21.56 -29.59
CA GLY U 81 -57.37 -21.49 -28.15
C GLY U 81 -58.38 -20.52 -27.58
N GLY U 82 -58.06 -19.23 -27.63
CA GLY U 82 -58.94 -18.21 -27.12
C GLY U 82 -58.48 -16.79 -27.39
N GLN U 83 -57.17 -16.58 -27.34
CA GLN U 83 -56.57 -15.26 -27.59
C GLN U 83 -56.43 -14.95 -29.07
N ILE U 84 -56.10 -13.70 -29.39
CA ILE U 84 -55.96 -13.27 -30.79
C ILE U 84 -54.65 -13.65 -31.50
N THR U 85 -53.51 -13.49 -30.82
CA THR U 85 -52.20 -13.82 -31.39
C THR U 85 -51.87 -13.09 -32.70
N SER U 86 -50.64 -13.28 -33.18
CA SER U 86 -50.18 -12.63 -34.40
C SER U 86 -49.10 -13.42 -35.15
N HIS U 87 -49.30 -13.57 -36.46
CA HIS U 87 -48.38 -14.31 -37.31
C HIS U 87 -47.55 -13.39 -38.23
N GLN U 88 -46.33 -13.11 -37.79
CA GLN U 88 -45.38 -12.28 -38.54
C GLN U 88 -45.77 -10.81 -38.66
N GLY U 89 -45.79 -10.11 -37.53
CA GLY U 89 -46.13 -8.70 -37.52
C GLY U 89 -47.56 -8.40 -37.96
N ILE U 90 -48.42 -9.41 -37.92
CA ILE U 90 -49.82 -9.24 -38.33
C ILE U 90 -50.80 -9.87 -37.35
N THR U 91 -51.83 -9.12 -36.99
CA THR U 91 -52.86 -9.59 -36.06
C THR U 91 -54.11 -8.72 -36.20
N TRP U 92 -55.29 -9.34 -36.14
CA TRP U 92 -56.52 -8.58 -36.26
C TRP U 92 -56.43 -7.31 -35.42
N ARG U 93 -57.01 -6.23 -35.91
CA ARG U 93 -56.98 -4.95 -35.23
C ARG U 93 -57.73 -4.98 -33.90
N ASP U 94 -58.93 -5.56 -33.93
CA ASP U 94 -59.79 -5.63 -32.75
C ASP U 94 -60.35 -7.02 -32.47
N PRO U 95 -61.08 -7.18 -31.34
CA PRO U 95 -61.69 -8.46 -30.93
C PRO U 95 -62.69 -9.01 -31.94
N VAL U 96 -63.26 -8.13 -32.76
CA VAL U 96 -64.24 -8.53 -33.76
C VAL U 96 -63.60 -9.11 -35.03
N LEU U 97 -62.26 -9.15 -35.03
CA LEU U 97 -61.51 -9.68 -36.17
C LEU U 97 -61.97 -9.05 -37.48
N SER U 98 -62.28 -7.76 -37.46
CA SER U 98 -62.74 -7.06 -38.65
C SER U 98 -61.76 -7.20 -39.83
N SER U 99 -60.47 -7.06 -39.55
CA SER U 99 -59.44 -7.16 -40.59
C SER U 99 -58.05 -7.39 -39.99
N LEU U 100 -57.04 -7.45 -40.85
CA LEU U 100 -55.68 -7.66 -40.39
C LEU U 100 -54.94 -6.33 -40.41
N ALA U 101 -53.82 -6.26 -39.69
CA ALA U 101 -53.01 -5.04 -39.63
C ALA U 101 -51.72 -5.29 -38.86
N PRO U 102 -50.65 -4.56 -39.20
CA PRO U 102 -49.35 -4.73 -38.54
C PRO U 102 -49.47 -4.69 -37.01
N VAL U 103 -48.73 -5.55 -36.33
CA VAL U 103 -48.75 -5.59 -34.88
C VAL U 103 -48.58 -4.16 -34.37
N PRO U 104 -49.35 -3.78 -33.33
CA PRO U 104 -49.29 -2.42 -32.76
C PRO U 104 -47.86 -1.91 -32.60
N ALA U 105 -47.35 -1.89 -31.36
CA ALA U 105 -46.00 -1.40 -31.10
C ALA U 105 -45.64 -1.56 -29.63
N ILE U 106 -46.59 -1.21 -28.77
CA ILE U 106 -46.37 -1.30 -27.33
C ILE U 106 -47.20 -2.40 -26.67
N GLN U 107 -48.33 -2.74 -27.28
CA GLN U 107 -49.21 -3.77 -26.75
C GLN U 107 -49.46 -4.85 -27.81
N PRO U 108 -48.39 -5.52 -28.27
CA PRO U 108 -48.49 -6.57 -29.28
C PRO U 108 -49.09 -7.88 -28.78
N PRO U 109 -49.90 -8.55 -29.63
CA PRO U 109 -50.50 -9.83 -29.24
C PRO U 109 -49.43 -10.92 -29.21
N PRO U 110 -49.56 -11.90 -28.31
CA PRO U 110 -48.57 -12.98 -28.24
C PRO U 110 -48.38 -13.66 -29.59
N VAL U 111 -47.16 -13.64 -30.10
CA VAL U 111 -46.83 -14.24 -31.39
C VAL U 111 -47.46 -15.63 -31.56
N TRP U 112 -48.26 -15.79 -32.62
CA TRP U 112 -48.94 -17.05 -32.90
C TRP U 112 -47.98 -18.24 -32.80
N ALA U 113 -48.56 -19.43 -32.72
CA ALA U 113 -47.77 -20.65 -32.62
C ALA U 113 -47.97 -21.43 -33.91
N VAL U 114 -46.97 -21.41 -34.78
CA VAL U 114 -47.05 -22.11 -36.05
C VAL U 114 -47.37 -23.61 -35.88
N ALA U 115 -48.64 -23.96 -36.02
CA ALA U 115 -49.11 -25.34 -35.90
C ALA U 115 -50.05 -25.61 -37.06
N GLU U 116 -49.96 -26.79 -37.67
CA GLU U 116 -50.81 -27.13 -38.81
C GLU U 116 -52.03 -27.97 -38.47
N ASN U 117 -53.14 -27.69 -39.17
CA ASN U 117 -54.40 -28.40 -38.99
C ASN U 117 -55.06 -28.23 -37.63
N VAL U 118 -55.10 -27.00 -37.13
CA VAL U 118 -55.72 -26.74 -35.83
C VAL U 118 -57.23 -26.71 -35.97
N LEU U 119 -57.92 -27.47 -35.13
CA LEU U 119 -59.39 -27.49 -35.17
C LEU U 119 -59.88 -26.14 -34.68
N LEU U 120 -61.17 -25.86 -34.87
CA LEU U 120 -61.71 -24.59 -34.44
C LEU U 120 -63.11 -24.77 -33.86
N ASP U 121 -63.43 -23.96 -32.85
CA ASP U 121 -64.74 -24.02 -32.21
C ASP U 121 -65.25 -22.60 -31.99
N SER U 122 -66.34 -22.26 -32.67
CA SER U 122 -66.94 -20.93 -32.54
C SER U 122 -67.34 -20.67 -31.09
N ASN U 123 -66.89 -21.54 -30.18
CA ASN U 123 -67.17 -21.41 -28.76
C ASN U 123 -65.92 -20.97 -28.01
N ASN U 124 -64.76 -21.46 -28.46
CA ASN U 124 -63.49 -21.11 -27.83
C ASN U 124 -63.29 -19.60 -27.83
N TYR U 125 -64.21 -18.89 -28.44
CA TYR U 125 -64.12 -17.44 -28.50
C TYR U 125 -65.45 -16.81 -28.04
N PRO U 126 -65.67 -16.77 -26.72
CA PRO U 126 -66.87 -16.21 -26.09
C PRO U 126 -67.39 -14.87 -26.62
N THR U 127 -66.59 -14.15 -27.39
CA THR U 127 -67.04 -12.86 -27.92
C THR U 127 -67.76 -13.02 -29.26
N TYR U 128 -67.34 -14.03 -30.03
CA TYR U 128 -67.93 -14.30 -31.33
C TYR U 128 -69.46 -14.32 -31.28
N VAL U 129 -70.00 -15.29 -30.56
CA VAL U 129 -71.45 -15.45 -30.44
C VAL U 129 -72.13 -14.27 -29.76
N LEU U 130 -71.40 -13.56 -28.89
CA LEU U 130 -71.96 -12.42 -28.19
C LEU U 130 -72.18 -11.25 -29.14
N ASN U 131 -71.60 -11.35 -30.33
CA ASN U 131 -71.73 -10.30 -31.36
C ASN U 131 -72.35 -10.87 -32.64
N LEU U 132 -72.38 -12.19 -32.72
CA LEU U 132 -72.88 -12.94 -33.88
C LEU U 132 -73.15 -12.07 -35.10
N SER U 133 -74.24 -11.30 -35.07
CA SER U 133 -74.61 -10.44 -36.19
C SER U 133 -73.37 -9.85 -36.87
N SER U 134 -72.68 -8.95 -36.17
CA SER U 134 -71.48 -8.29 -36.69
C SER U 134 -70.52 -9.22 -37.41
N MET U 135 -69.73 -9.97 -36.66
CA MET U 135 -68.76 -10.88 -37.26
C MET U 135 -69.39 -12.16 -37.79
N TRP U 136 -70.63 -12.06 -38.25
CA TRP U 136 -71.32 -13.21 -38.81
C TRP U 136 -70.46 -13.83 -39.91
N PRO U 137 -70.00 -13.01 -40.88
CA PRO U 137 -69.16 -13.47 -41.99
C PRO U 137 -68.08 -14.48 -41.62
N ILE U 138 -67.23 -14.14 -40.65
CA ILE U 138 -66.15 -15.04 -40.25
C ILE U 138 -66.61 -16.49 -40.11
N ASN U 139 -67.90 -16.68 -39.86
CA ASN U 139 -68.46 -18.02 -39.74
C ASN U 139 -68.45 -18.70 -41.10
N GLN U 140 -69.32 -18.23 -41.98
CA GLN U 140 -69.43 -18.77 -43.33
C GLN U 140 -68.07 -18.95 -44.02
N ASP U 141 -67.10 -18.13 -43.64
CA ASP U 141 -65.77 -18.22 -44.22
C ASP U 141 -64.96 -19.37 -43.67
N VAL U 142 -64.83 -19.44 -42.35
CA VAL U 142 -64.08 -20.54 -41.75
C VAL U 142 -64.69 -21.83 -42.32
N HIS U 143 -65.99 -21.76 -42.62
CA HIS U 143 -66.68 -22.91 -43.19
C HIS U 143 -66.17 -23.21 -44.60
N ILE U 144 -66.06 -22.17 -45.43
CA ILE U 144 -65.57 -22.36 -46.80
C ILE U 144 -64.17 -22.96 -46.70
N MET U 145 -63.43 -22.52 -45.69
CA MET U 145 -62.09 -23.02 -45.46
C MET U 145 -62.14 -24.52 -45.17
N THR U 146 -62.72 -24.86 -44.02
CA THR U 146 -62.85 -26.23 -43.55
C THR U 146 -63.42 -27.23 -44.56
N MET U 147 -64.00 -26.73 -45.64
CA MET U 147 -64.56 -27.63 -46.65
C MET U 147 -63.55 -27.85 -47.76
N TRP U 148 -62.44 -27.12 -47.68
CA TRP U 148 -61.37 -27.26 -48.66
C TRP U 148 -60.20 -27.92 -47.93
N ALA U 149 -60.16 -27.69 -46.61
CA ALA U 149 -59.11 -28.23 -45.75
C ALA U 149 -59.31 -29.72 -45.49
N LEU U 150 -60.54 -30.12 -45.19
CA LEU U 150 -60.82 -31.52 -44.92
C LEU U 150 -60.48 -32.33 -46.15
N SER U 151 -60.24 -31.64 -47.26
CA SER U 151 -59.89 -32.29 -48.52
C SER U 151 -58.46 -31.91 -48.89
N ASP U 152 -57.92 -32.58 -49.89
CA ASP U 152 -56.57 -32.30 -50.36
C ASP U 152 -56.61 -32.04 -51.87
N GLN U 153 -57.53 -32.73 -52.55
CA GLN U 153 -57.66 -32.58 -53.98
C GLN U 153 -59.10 -32.21 -54.36
N GLY U 154 -59.51 -30.99 -54.06
CA GLY U 154 -60.86 -30.56 -54.41
C GLY U 154 -61.81 -30.46 -53.22
N PRO U 155 -62.43 -29.30 -53.00
CA PRO U 155 -63.37 -29.03 -51.91
C PRO U 155 -64.45 -30.09 -51.75
N ILE U 156 -64.95 -30.25 -50.54
CA ILE U 156 -65.98 -31.25 -50.26
C ILE U 156 -67.30 -30.60 -49.84
N TYR U 157 -68.22 -30.39 -50.78
CA TYR U 157 -69.51 -29.79 -50.45
C TYR U 157 -70.56 -30.85 -50.07
N HIS U 158 -71.82 -30.45 -50.04
CA HIS U 158 -72.91 -31.35 -49.66
C HIS U 158 -74.14 -31.25 -50.57
N LEU U 159 -74.85 -32.37 -50.76
CA LEU U 159 -76.02 -32.40 -51.62
C LEU U 159 -77.29 -32.90 -50.91
N GLU U 160 -78.43 -32.34 -51.31
CA GLU U 160 -79.72 -32.72 -50.74
C GLU U 160 -80.84 -32.77 -51.77
N VAL U 161 -82.02 -33.16 -51.31
CA VAL U 161 -83.23 -33.25 -52.12
C VAL U 161 -84.39 -33.70 -51.23
N PRO U 162 -85.11 -32.74 -50.64
CA PRO U 162 -86.24 -33.14 -49.78
C PRO U 162 -87.17 -33.99 -50.63
N VAL U 163 -87.86 -34.94 -50.01
CA VAL U 163 -88.77 -35.80 -50.76
C VAL U 163 -89.98 -35.02 -51.31
N ASP U 164 -90.05 -33.73 -51.00
CA ASP U 164 -91.14 -32.87 -51.44
C ASP U 164 -90.81 -32.14 -52.74
N PRO U 165 -91.79 -31.42 -53.32
CA PRO U 165 -91.57 -30.67 -54.55
C PRO U 165 -90.93 -29.32 -54.19
N MET U 166 -90.24 -28.70 -55.12
CA MET U 166 -89.58 -27.41 -54.86
C MET U 166 -90.49 -26.39 -54.16
N PRO U 167 -90.05 -25.88 -52.99
CA PRO U 167 -90.73 -24.91 -52.14
C PRO U 167 -91.34 -23.65 -52.77
N ALA U 168 -92.19 -23.82 -53.80
CA ALA U 168 -92.87 -22.71 -54.47
C ALA U 168 -92.00 -21.44 -54.60
N ALA U 169 -91.89 -20.69 -53.50
CA ALA U 169 -91.08 -19.48 -53.46
C ALA U 169 -89.60 -19.84 -53.67
N THR U 170 -89.37 -21.01 -54.24
CA THR U 170 -88.04 -21.54 -54.52
C THR U 170 -88.00 -21.87 -56.01
N THR U 171 -89.17 -21.85 -56.62
CA THR U 171 -89.30 -22.11 -58.05
C THR U 171 -89.48 -20.73 -58.65
N ALA U 172 -89.85 -19.77 -57.79
CA ALA U 172 -90.06 -18.39 -58.20
C ALA U 172 -88.74 -17.63 -58.10
N ALA U 173 -87.93 -17.98 -57.11
CA ALA U 173 -86.64 -17.35 -56.91
C ALA U 173 -85.64 -17.80 -57.98
N LEU U 174 -85.76 -19.05 -58.40
CA LEU U 174 -84.87 -19.58 -59.43
C LEU U 174 -85.24 -19.09 -60.81
N MET U 175 -86.54 -19.00 -61.10
CA MET U 175 -87.01 -18.53 -62.39
C MET U 175 -86.67 -17.06 -62.65
N ALA U 176 -85.84 -16.49 -61.79
CA ALA U 176 -85.41 -15.11 -61.94
C ALA U 176 -83.89 -15.10 -61.97
N TYR U 177 -83.33 -16.29 -62.16
CA TYR U 177 -81.88 -16.52 -62.23
C TYR U 177 -81.57 -17.42 -63.41
N THR U 178 -82.50 -17.51 -64.36
CA THR U 178 -82.33 -18.37 -65.52
C THR U 178 -81.04 -18.12 -66.33
N GLY U 179 -81.07 -17.14 -67.22
CA GLY U 179 -79.88 -16.85 -68.04
C GLY U 179 -78.56 -16.78 -67.29
N VAL U 180 -78.62 -16.39 -66.02
CA VAL U 180 -77.43 -16.26 -65.18
C VAL U 180 -76.49 -17.49 -65.21
N PRO U 181 -75.16 -17.25 -65.34
CA PRO U 181 -74.10 -18.27 -65.39
C PRO U 181 -73.82 -18.86 -64.01
N ILE U 182 -73.33 -20.11 -63.98
CA ILE U 182 -73.01 -20.80 -62.72
C ILE U 182 -72.20 -19.92 -61.79
N ALA U 183 -71.33 -19.08 -62.37
CA ALA U 183 -70.48 -18.18 -61.60
C ALA U 183 -71.32 -17.19 -60.77
N HIS U 184 -72.13 -16.39 -61.45
CA HIS U 184 -72.97 -15.39 -60.79
C HIS U 184 -74.04 -16.02 -59.89
N LEU U 185 -74.21 -17.35 -59.98
CA LEU U 185 -75.19 -18.02 -59.14
C LEU U 185 -74.54 -18.27 -57.78
N ALA U 186 -73.33 -18.81 -57.80
CA ALA U 186 -72.61 -19.05 -56.57
C ALA U 186 -72.43 -17.65 -55.97
N GLN U 187 -72.32 -16.66 -56.85
CA GLN U 187 -72.17 -15.26 -56.45
C GLN U 187 -73.27 -14.97 -55.43
N THR U 188 -74.49 -14.85 -55.92
CA THR U 188 -75.65 -14.59 -55.05
C THR U 188 -75.63 -15.55 -53.88
N ALA U 189 -75.36 -16.81 -54.18
CA ALA U 189 -75.30 -17.86 -53.16
C ALA U 189 -74.35 -17.44 -52.02
N TYR U 190 -73.09 -17.25 -52.39
CA TYR U 190 -72.05 -16.84 -51.45
C TYR U 190 -72.37 -15.50 -50.79
N ARG U 191 -72.50 -14.46 -51.62
CA ARG U 191 -72.82 -13.10 -51.18
C ARG U 191 -73.97 -13.11 -50.17
N PHE U 192 -74.93 -14.02 -50.38
CA PHE U 192 -76.09 -14.15 -49.50
C PHE U 192 -75.74 -14.61 -48.10
N ALA U 193 -75.39 -15.89 -47.98
CA ALA U 193 -75.04 -16.49 -46.69
C ALA U 193 -73.75 -15.93 -46.08
N GLY U 194 -73.45 -14.67 -46.37
CA GLY U 194 -72.25 -14.04 -45.85
C GLY U 194 -72.45 -12.62 -45.36
N GLN U 195 -73.45 -12.43 -44.49
CA GLN U 195 -73.78 -11.12 -43.90
C GLN U 195 -75.15 -11.20 -43.23
N LEU U 196 -75.22 -10.91 -41.93
CA LEU U 196 -76.46 -10.97 -41.17
C LEU U 196 -76.92 -12.42 -41.04
N PRO U 197 -76.82 -12.99 -39.82
CA PRO U 197 -77.22 -14.39 -39.60
C PRO U 197 -78.63 -14.69 -40.10
N GLN U 198 -78.73 -15.38 -41.22
CA GLN U 198 -80.02 -15.74 -41.78
C GLN U 198 -80.46 -17.11 -41.26
N SER U 199 -81.71 -17.19 -40.81
CA SER U 199 -82.25 -18.44 -40.30
C SER U 199 -82.25 -19.50 -41.40
N PRO U 200 -81.81 -20.74 -41.08
CA PRO U 200 -81.79 -21.79 -42.10
C PRO U 200 -83.19 -21.99 -42.70
N ASP U 201 -84.18 -21.40 -42.05
CA ASP U 201 -85.58 -21.47 -42.49
C ASP U 201 -85.84 -20.50 -43.63
N SER U 202 -85.01 -19.45 -43.69
CA SER U 202 -85.15 -18.41 -44.72
C SER U 202 -85.26 -18.99 -46.12
N THR U 203 -86.16 -18.41 -46.91
CA THR U 203 -86.42 -18.83 -48.28
C THR U 203 -85.14 -19.16 -49.04
N MET U 204 -84.29 -18.14 -49.20
CA MET U 204 -83.04 -18.25 -49.92
C MET U 204 -82.26 -19.55 -49.72
N VAL U 205 -82.14 -20.02 -48.49
CA VAL U 205 -81.40 -21.26 -48.23
C VAL U 205 -81.94 -22.46 -48.98
N SER U 206 -83.27 -22.55 -49.10
CA SER U 206 -83.86 -23.66 -49.83
C SER U 206 -83.48 -23.49 -51.30
N THR U 207 -83.77 -22.31 -51.83
CA THR U 207 -83.48 -21.99 -53.21
C THR U 207 -82.02 -22.25 -53.57
N ILE U 208 -81.10 -21.65 -52.83
CA ILE U 208 -79.66 -21.84 -53.08
C ILE U 208 -79.17 -23.24 -52.73
N ARG U 209 -80.00 -24.01 -52.05
CA ARG U 209 -79.64 -25.38 -51.69
C ARG U 209 -80.18 -26.30 -52.79
N TRP U 210 -81.24 -25.86 -53.46
CA TRP U 210 -81.83 -26.61 -54.55
C TRP U 210 -81.00 -26.34 -55.80
N LEU U 211 -80.39 -25.16 -55.85
CA LEU U 211 -79.57 -24.76 -56.99
C LEU U 211 -78.22 -25.47 -56.95
N SER U 212 -77.97 -26.18 -55.85
CA SER U 212 -76.72 -26.94 -55.70
C SER U 212 -77.01 -28.42 -55.92
N ALA U 213 -78.30 -28.74 -55.99
CA ALA U 213 -78.73 -30.12 -56.22
C ALA U 213 -78.96 -30.29 -57.71
N ILE U 214 -79.47 -29.24 -58.36
CA ILE U 214 -79.73 -29.27 -59.80
C ILE U 214 -78.40 -29.23 -60.55
N TRP U 215 -77.51 -28.35 -60.11
CA TRP U 215 -76.19 -28.22 -60.73
C TRP U 215 -75.52 -29.59 -60.80
N PHE U 216 -75.67 -30.38 -59.74
CA PHE U 216 -75.08 -31.71 -59.69
C PHE U 216 -75.75 -32.67 -60.65
N GLY U 217 -77.07 -32.62 -60.73
CA GLY U 217 -77.80 -33.49 -61.63
C GLY U 217 -77.35 -33.26 -63.06
N SER U 218 -77.07 -32.00 -63.40
CA SER U 218 -76.62 -31.63 -64.73
C SER U 218 -75.21 -32.16 -64.94
N LEU U 219 -74.35 -31.92 -63.96
CA LEU U 219 -72.96 -32.36 -64.03
C LEU U 219 -72.83 -33.86 -64.25
N THR U 220 -73.96 -34.56 -64.16
CA THR U 220 -73.98 -36.00 -64.38
C THR U 220 -75.16 -36.34 -65.27
N GLY U 221 -75.24 -35.66 -66.40
CA GLY U 221 -76.32 -35.88 -67.36
C GLY U 221 -77.75 -35.83 -66.84
N ARG U 222 -78.12 -36.81 -66.03
CA ARG U 222 -79.48 -36.95 -65.46
C ARG U 222 -80.39 -35.72 -65.58
N LEU U 223 -80.04 -34.64 -64.88
CA LEU U 223 -80.82 -33.43 -64.95
C LEU U 223 -80.41 -32.66 -66.19
N ASN U 224 -80.75 -33.19 -67.37
CA ASN U 224 -80.38 -32.56 -68.62
C ASN U 224 -81.52 -31.76 -69.27
N ARG U 225 -81.24 -31.24 -70.46
CA ARG U 225 -82.20 -30.46 -71.22
C ARG U 225 -83.54 -31.17 -71.35
N SER U 226 -83.51 -32.50 -71.29
CA SER U 226 -84.73 -33.30 -71.38
C SER U 226 -85.34 -33.54 -70.00
N ARG U 227 -84.59 -34.25 -69.15
CA ARG U 227 -85.04 -34.55 -67.79
C ARG U 227 -84.62 -33.45 -66.81
N THR U 228 -85.50 -32.46 -66.64
CA THR U 228 -85.24 -31.33 -65.76
C THR U 228 -85.68 -31.65 -64.33
N CYS U 229 -85.35 -30.77 -63.39
CA CYS U 229 -85.76 -30.95 -62.00
C CYS U 229 -87.22 -30.56 -61.94
N ASN U 230 -87.51 -29.40 -61.36
CA ASN U 230 -88.90 -28.93 -61.28
C ASN U 230 -89.17 -28.20 -62.60
N GLY U 231 -88.12 -28.07 -63.38
CA GLY U 231 -88.21 -27.41 -64.68
C GLY U 231 -86.84 -26.90 -65.06
N PHE U 232 -85.89 -26.99 -64.13
CA PHE U 232 -84.54 -26.52 -64.36
C PHE U 232 -83.49 -27.61 -64.59
N TYR U 233 -82.35 -27.19 -65.12
CA TYR U 233 -81.23 -28.06 -65.42
C TYR U 233 -80.17 -27.13 -66.00
N PHE U 234 -78.90 -27.49 -65.87
CA PHE U 234 -77.82 -26.66 -66.40
C PHE U 234 -77.32 -27.15 -67.76
N GLU U 235 -77.20 -26.23 -68.70
CA GLU U 235 -76.71 -26.56 -70.03
C GLU U 235 -75.23 -26.16 -70.09
N PHE U 236 -74.36 -27.14 -70.30
CA PHE U 236 -72.93 -26.86 -70.37
C PHE U 236 -72.52 -26.48 -71.79
N ALA U 237 -71.58 -25.54 -71.90
CA ALA U 237 -71.09 -25.11 -73.20
C ALA U 237 -70.53 -26.28 -73.98
N LYS U 238 -70.79 -26.31 -75.28
CA LYS U 238 -70.31 -27.39 -76.15
C LYS U 238 -68.77 -27.41 -76.13
N PRO U 239 -68.18 -28.53 -75.69
CA PRO U 239 -66.73 -28.65 -75.64
C PRO U 239 -66.12 -28.52 -77.03
N ALA U 240 -65.34 -27.45 -77.20
CA ALA U 240 -64.67 -27.15 -78.46
C ALA U 240 -64.39 -25.66 -78.37
N LEU U 241 -65.11 -25.01 -77.47
CA LEU U 241 -64.98 -23.58 -77.24
C LEU U 241 -65.00 -23.29 -75.74
N ASN U 242 -64.49 -24.23 -74.94
CA ASN U 242 -64.47 -24.09 -73.48
C ASN U 242 -65.81 -24.55 -72.90
N PRO U 243 -65.93 -25.84 -72.56
CA PRO U 243 -67.16 -26.41 -72.00
C PRO U 243 -67.25 -26.18 -70.50
N ASP U 244 -66.24 -25.49 -69.96
CA ASP U 244 -66.16 -25.20 -68.54
C ASP U 244 -67.17 -24.12 -68.14
N GLN U 245 -68.35 -24.19 -68.75
CA GLN U 245 -69.42 -23.24 -68.50
C GLN U 245 -70.59 -23.91 -67.81
N ALA U 246 -71.64 -23.13 -67.61
CA ALA U 246 -72.87 -23.62 -66.96
C ALA U 246 -73.86 -22.47 -66.78
N VAL U 247 -75.05 -22.65 -67.34
CA VAL U 247 -76.11 -21.65 -67.23
C VAL U 247 -77.41 -22.32 -66.84
N LEU U 248 -78.12 -21.75 -65.89
CA LEU U 248 -79.39 -22.30 -65.44
C LEU U 248 -80.44 -22.08 -66.54
N LYS U 249 -81.27 -23.08 -66.80
CA LYS U 249 -82.27 -22.96 -67.86
C LYS U 249 -83.57 -23.70 -67.56
N TRP U 250 -84.61 -22.95 -67.17
CA TRP U 250 -85.90 -23.57 -66.89
C TRP U 250 -86.50 -23.93 -68.24
N ASN U 251 -86.71 -25.22 -68.45
CA ASN U 251 -87.27 -25.75 -69.70
C ASN U 251 -88.76 -26.10 -69.53
N ASP U 252 -89.14 -27.32 -69.92
CA ASP U 252 -90.51 -27.81 -69.80
C ASP U 252 -90.65 -29.23 -70.33
N GLY U 253 -89.56 -30.00 -70.21
CA GLY U 253 -89.58 -31.39 -70.64
C GLY U 253 -89.91 -32.24 -69.43
N ALA U 254 -90.11 -33.54 -69.63
CA ALA U 254 -90.42 -34.46 -68.53
C ALA U 254 -89.71 -34.05 -67.25
N ARG U 255 -90.46 -33.97 -66.14
CA ARG U 255 -89.89 -33.59 -64.86
C ARG U 255 -89.35 -34.82 -64.11
N ALA U 256 -88.04 -34.85 -63.86
CA ALA U 256 -87.45 -35.98 -63.16
C ALA U 256 -88.22 -36.18 -61.85
N ALA U 257 -89.00 -37.26 -61.80
CA ALA U 257 -89.79 -37.57 -60.61
C ALA U 257 -88.95 -37.50 -59.32
N PRO U 258 -89.58 -37.07 -58.21
CA PRO U 258 -88.92 -36.94 -56.90
C PRO U 258 -88.39 -38.27 -56.38
N PRO U 259 -87.27 -38.24 -55.65
CA PRO U 259 -86.66 -39.45 -55.09
C PRO U 259 -87.57 -40.13 -54.07
N ALA U 260 -87.31 -41.41 -53.80
CA ALA U 260 -88.11 -42.18 -52.86
C ALA U 260 -87.75 -41.90 -51.39
N ALA U 261 -86.73 -41.09 -51.16
CA ALA U 261 -86.32 -40.76 -49.80
C ALA U 261 -85.32 -39.60 -49.77
N ALA U 262 -84.81 -39.31 -48.58
CA ALA U 262 -83.85 -38.23 -48.40
C ALA U 262 -82.52 -38.68 -49.00
N GLN U 263 -82.06 -37.96 -50.01
CA GLN U 263 -80.80 -38.30 -50.65
C GLN U 263 -79.68 -37.33 -50.27
N SER U 264 -78.85 -37.75 -49.31
CA SER U 264 -77.73 -36.95 -48.83
C SER U 264 -76.40 -37.62 -49.14
N SER U 265 -75.40 -36.81 -49.47
CA SER U 265 -74.07 -37.31 -49.81
C SER U 265 -73.06 -36.18 -49.99
N TYR U 266 -71.83 -36.43 -49.54
CA TYR U 266 -70.77 -35.44 -49.67
C TYR U 266 -69.93 -35.74 -50.90
N ILE U 267 -69.98 -34.85 -51.88
CA ILE U 267 -69.24 -35.04 -53.12
C ILE U 267 -68.15 -33.98 -53.30
N ARG U 268 -66.97 -34.43 -53.69
CA ARG U 268 -65.84 -33.52 -53.90
C ARG U 268 -65.15 -33.84 -55.22
N CYS U 269 -64.70 -32.82 -55.93
CA CYS U 269 -63.99 -33.06 -57.19
C CYS U 269 -62.75 -33.84 -56.76
N ILE U 270 -62.36 -34.87 -57.52
CA ILE U 270 -61.21 -35.69 -57.11
C ILE U 270 -59.87 -35.45 -57.81
N SER U 271 -59.89 -35.05 -59.08
CA SER U 271 -58.65 -34.80 -59.81
C SER U 271 -58.26 -33.32 -59.72
N PRO U 272 -56.98 -33.01 -59.95
CA PRO U 272 -56.49 -31.63 -59.90
C PRO U 272 -57.35 -30.70 -60.77
N HIS U 273 -57.98 -31.27 -61.78
CA HIS U 273 -58.82 -30.52 -62.70
C HIS U 273 -59.66 -29.45 -62.01
N TRP U 274 -60.17 -29.78 -60.82
CA TRP U 274 -61.01 -28.83 -60.09
C TRP U 274 -60.39 -27.44 -59.93
N GLN U 275 -59.09 -27.41 -59.66
CA GLN U 275 -58.37 -26.15 -59.43
C GLN U 275 -58.46 -25.12 -60.55
N HIS U 276 -58.90 -25.51 -61.74
CA HIS U 276 -58.97 -24.52 -62.81
C HIS U 276 -60.31 -24.45 -63.54
N GLN U 277 -61.29 -25.22 -63.09
CA GLN U 277 -62.61 -25.20 -63.73
C GLN U 277 -63.58 -24.28 -62.97
N ILE U 278 -63.68 -23.03 -63.44
CA ILE U 278 -64.54 -22.01 -62.83
C ILE U 278 -65.93 -22.52 -62.46
N VAL U 279 -66.35 -23.61 -63.10
CA VAL U 279 -67.66 -24.20 -62.83
C VAL U 279 -67.58 -25.27 -61.76
N GLU U 280 -66.43 -25.96 -61.69
CA GLU U 280 -66.21 -26.99 -60.68
C GLU U 280 -65.91 -26.32 -59.33
N VAL U 281 -65.76 -25.00 -59.34
CA VAL U 281 -65.49 -24.23 -58.13
C VAL U 281 -66.72 -23.42 -57.76
N ALA U 282 -67.22 -22.63 -58.70
CA ALA U 282 -68.41 -21.82 -58.45
C ALA U 282 -69.54 -22.74 -57.98
N GLY U 283 -69.52 -23.98 -58.48
CA GLY U 283 -70.55 -24.93 -58.09
C GLY U 283 -70.29 -25.44 -56.68
N ALA U 284 -69.13 -26.06 -56.48
CA ALA U 284 -68.74 -26.58 -55.17
C ALA U 284 -68.83 -25.47 -54.12
N LEU U 285 -68.21 -24.34 -54.42
CA LEU U 285 -68.19 -23.17 -53.53
C LEU U 285 -69.62 -22.82 -53.11
N MET U 286 -70.54 -22.88 -54.08
CA MET U 286 -71.95 -22.58 -53.88
C MET U 286 -72.64 -23.59 -52.96
N SER U 287 -72.42 -24.87 -53.23
CA SER U 287 -73.01 -25.92 -52.42
C SER U 287 -72.55 -25.73 -50.96
N GLN U 288 -71.41 -25.06 -50.78
CA GLN U 288 -70.87 -24.80 -49.45
C GLN U 288 -71.52 -23.59 -48.81
N SER U 289 -72.11 -22.72 -49.64
CA SER U 289 -72.79 -21.52 -49.13
C SER U 289 -73.95 -21.97 -48.24
N VAL U 290 -74.56 -23.09 -48.64
CA VAL U 290 -75.67 -23.70 -47.93
C VAL U 290 -75.25 -24.19 -46.54
N THR U 291 -74.31 -25.11 -46.51
CA THR U 291 -73.81 -25.69 -45.26
C THR U 291 -73.43 -24.60 -44.24
N ALA U 292 -72.74 -23.57 -44.73
CA ALA U 292 -72.30 -22.45 -43.89
C ALA U 292 -73.40 -21.87 -42.97
N VAL U 293 -74.61 -21.71 -43.52
CA VAL U 293 -75.73 -21.20 -42.74
C VAL U 293 -76.68 -22.32 -42.39
N THR U 294 -76.15 -23.38 -41.79
CA THR U 294 -76.97 -24.52 -41.40
C THR U 294 -76.15 -25.56 -40.63
N GLY U 295 -75.01 -25.13 -40.13
CA GLY U 295 -74.14 -26.03 -39.37
C GLY U 295 -73.32 -26.96 -40.21
N LEU U 296 -73.88 -28.15 -40.47
CA LEU U 296 -73.21 -29.17 -41.26
C LEU U 296 -74.11 -30.40 -41.20
N PRO U 297 -74.88 -30.65 -42.27
CA PRO U 297 -75.79 -31.81 -42.31
C PRO U 297 -75.49 -32.84 -41.25
N ALA U 298 -74.34 -33.50 -41.38
CA ALA U 298 -73.89 -34.51 -40.42
C ALA U 298 -72.37 -34.56 -40.46
N LEU U 299 -71.81 -35.76 -40.28
CA LEU U 299 -70.37 -35.91 -40.33
C LEU U 299 -70.03 -36.46 -41.71
N ILE U 300 -69.02 -35.87 -42.36
CA ILE U 300 -68.61 -36.35 -43.68
C ILE U 300 -67.87 -37.66 -43.47
N ASP U 301 -68.21 -38.66 -44.27
CA ASP U 301 -67.58 -39.97 -44.17
C ASP U 301 -66.06 -39.83 -44.13
N GLU U 302 -65.40 -40.73 -43.40
CA GLU U 302 -63.95 -40.71 -43.25
C GLU U 302 -63.23 -41.41 -44.40
N ALA U 303 -63.65 -42.64 -44.70
CA ALA U 303 -63.08 -43.48 -45.75
C ALA U 303 -62.17 -42.73 -46.72
N THR U 304 -62.71 -42.34 -47.86
CA THR U 304 -61.95 -41.61 -48.85
C THR U 304 -61.77 -40.16 -48.40
N LEU U 305 -60.59 -39.86 -47.87
CA LEU U 305 -60.24 -38.52 -47.39
C LEU U 305 -58.76 -38.54 -47.00
N PRO U 306 -58.09 -37.38 -47.02
CA PRO U 306 -56.66 -37.33 -46.65
C PRO U 306 -56.37 -37.89 -45.25
N ALA U 307 -55.08 -37.95 -44.90
CA ALA U 307 -54.64 -38.47 -43.60
C ALA U 307 -54.86 -37.52 -42.43
N TRP U 308 -54.86 -36.22 -42.70
CA TRP U 308 -55.03 -35.21 -41.65
C TRP U 308 -56.49 -34.87 -41.40
N SER U 309 -57.40 -35.71 -41.92
CA SER U 309 -58.84 -35.46 -41.75
C SER U 309 -59.59 -36.62 -41.10
N GLN U 310 -58.92 -37.33 -40.18
CA GLN U 310 -59.56 -38.46 -39.51
C GLN U 310 -60.27 -38.10 -38.22
N GLY U 311 -61.50 -38.60 -38.08
CA GLY U 311 -62.29 -38.34 -36.89
C GLY U 311 -62.24 -36.89 -36.45
N VAL U 312 -62.04 -36.00 -37.42
CA VAL U 312 -61.97 -34.57 -37.12
C VAL U 312 -63.23 -34.16 -36.38
N ALA U 313 -63.12 -34.13 -35.05
CA ALA U 313 -64.23 -33.77 -34.17
C ALA U 313 -65.20 -32.78 -34.82
N ASN U 314 -66.49 -33.15 -34.81
CA ASN U 314 -67.56 -32.33 -35.38
C ASN U 314 -67.68 -32.39 -36.89
N LEU U 315 -66.55 -32.58 -37.57
CA LEU U 315 -66.55 -32.64 -39.03
C LEU U 315 -66.59 -34.06 -39.56
N THR U 316 -65.42 -34.70 -39.60
CA THR U 316 -65.32 -36.06 -40.10
C THR U 316 -66.00 -37.05 -39.14
N GLY U 317 -66.26 -38.25 -39.65
CA GLY U 317 -66.90 -39.27 -38.83
C GLY U 317 -66.26 -40.63 -39.06
N ASN U 318 -67.10 -41.67 -39.12
CA ASN U 318 -66.64 -43.04 -39.34
C ASN U 318 -67.76 -44.03 -39.01
N GLY U 319 -68.64 -43.62 -38.10
CA GLY U 319 -69.75 -44.47 -37.68
C GLY U 319 -71.06 -44.35 -38.40
N GLN U 320 -72.11 -44.01 -37.67
CA GLN U 320 -73.45 -43.87 -38.23
C GLN U 320 -73.80 -42.45 -38.65
N GLY U 321 -73.42 -41.48 -37.84
CA GLY U 321 -73.71 -40.10 -38.16
C GLY U 321 -72.96 -39.62 -39.38
N VAL U 322 -72.54 -40.55 -40.23
CA VAL U 322 -71.80 -40.20 -41.44
C VAL U 322 -72.61 -40.43 -42.72
N VAL U 323 -72.12 -39.84 -43.80
CA VAL U 323 -72.75 -39.95 -45.12
C VAL U 323 -71.65 -40.27 -46.12
N PRO U 324 -71.73 -41.43 -46.79
CA PRO U 324 -70.71 -41.80 -47.77
C PRO U 324 -70.31 -40.63 -48.68
N CYS U 325 -69.02 -40.29 -48.67
CA CYS U 325 -68.50 -39.18 -49.48
C CYS U 325 -67.92 -39.62 -50.83
N LEU U 326 -68.55 -39.17 -51.91
CA LEU U 326 -68.12 -39.53 -53.26
C LEU U 326 -67.25 -38.44 -53.89
N ASP U 327 -66.35 -38.85 -54.77
CA ASP U 327 -65.46 -37.91 -55.45
C ASP U 327 -65.40 -38.25 -56.93
N TYR U 328 -65.78 -37.30 -57.77
CA TYR U 328 -65.78 -37.54 -59.22
C TYR U 328 -64.61 -36.85 -59.91
N ASN U 329 -64.34 -37.29 -61.14
CA ASN U 329 -63.25 -36.75 -61.95
C ASN U 329 -63.88 -36.13 -63.20
N PRO U 330 -63.67 -34.82 -63.41
CA PRO U 330 -64.23 -34.10 -64.57
C PRO U 330 -64.34 -34.90 -65.86
N VAL U 331 -63.26 -35.57 -66.28
CA VAL U 331 -63.31 -36.34 -67.51
C VAL U 331 -64.10 -37.64 -67.40
N PRO U 332 -63.71 -38.54 -66.47
CA PRO U 332 -64.46 -39.80 -66.33
C PRO U 332 -65.92 -39.44 -66.09
N MET U 333 -66.12 -38.24 -65.55
CA MET U 333 -67.46 -37.71 -65.25
C MET U 333 -68.16 -37.31 -66.55
N ALA U 334 -67.71 -36.21 -67.15
CA ALA U 334 -68.26 -35.69 -68.39
C ALA U 334 -68.57 -36.79 -69.39
N ALA U 335 -67.68 -37.77 -69.50
CA ALA U 335 -67.89 -38.88 -70.42
C ALA U 335 -69.29 -39.47 -70.18
N ALA U 336 -69.59 -39.82 -68.93
CA ALA U 336 -70.88 -40.38 -68.58
C ALA U 336 -71.96 -39.31 -68.73
N ARG U 337 -71.60 -38.07 -68.44
CA ARG U 337 -72.54 -36.96 -68.54
C ARG U 337 -73.02 -36.90 -69.99
N HIS U 338 -72.15 -37.26 -70.92
CA HIS U 338 -72.49 -37.27 -72.34
C HIS U 338 -73.30 -38.51 -72.64
N LEU U 339 -72.83 -39.67 -72.18
CA LEU U 339 -73.54 -40.92 -72.41
C LEU U 339 -75.01 -40.78 -72.00
N GLN U 340 -75.24 -40.06 -70.91
CA GLN U 340 -76.60 -39.84 -70.44
C GLN U 340 -77.36 -39.10 -71.54
N TRP U 341 -76.82 -37.98 -72.00
CA TRP U 341 -77.45 -37.21 -73.07
C TRP U 341 -77.71 -38.12 -74.26
N ARG U 342 -76.70 -38.90 -74.63
CA ARG U 342 -76.80 -39.81 -75.77
C ARG U 342 -77.94 -40.80 -75.61
N GLN U 343 -78.19 -41.26 -74.39
CA GLN U 343 -79.28 -42.20 -74.12
C GLN U 343 -80.67 -41.56 -74.19
N ASP U 344 -80.77 -40.31 -73.75
CA ASP U 344 -82.04 -39.59 -73.79
C ASP U 344 -82.27 -38.96 -75.16
N GLY U 345 -81.67 -39.55 -76.18
CA GLY U 345 -81.81 -39.05 -77.53
C GLY U 345 -81.33 -37.61 -77.68
N LEU U 346 -80.87 -37.00 -76.58
CA LEU U 346 -80.39 -35.62 -76.60
C LEU U 346 -79.43 -35.37 -77.75
N ILE U 347 -78.55 -36.35 -78.00
CA ILE U 347 -77.58 -36.25 -79.08
C ILE U 347 -77.55 -37.54 -79.87
N THR U 348 -76.76 -37.55 -80.96
CA THR U 348 -76.62 -38.72 -81.82
C THR U 348 -75.75 -39.78 -81.15
N ALA U 349 -75.82 -41.01 -81.65
CA ALA U 349 -75.03 -42.11 -81.11
C ALA U 349 -73.56 -41.96 -81.51
N ALA U 350 -73.32 -41.21 -82.59
CA ALA U 350 -71.97 -40.98 -83.09
C ALA U 350 -71.44 -39.62 -82.65
N GLN U 351 -72.24 -38.88 -81.89
CA GLN U 351 -71.85 -37.56 -81.40
C GLN U 351 -71.24 -37.58 -80.00
N GLU U 352 -71.46 -38.67 -79.26
CA GLU U 352 -70.90 -38.76 -77.91
C GLU U 352 -69.46 -39.28 -77.96
N ALA U 353 -69.14 -40.04 -79.00
CA ALA U 353 -67.78 -40.57 -79.16
C ALA U 353 -66.90 -39.44 -79.67
N GLN U 354 -67.52 -38.28 -79.87
CA GLN U 354 -66.83 -37.08 -80.34
C GLN U 354 -66.92 -36.03 -79.25
N LEU U 355 -68.09 -35.90 -78.63
CA LEU U 355 -68.28 -34.93 -77.54
C LEU U 355 -67.18 -35.16 -76.52
N ASN U 356 -66.84 -36.42 -76.30
CA ASN U 356 -65.78 -36.75 -75.36
C ASN U 356 -64.45 -36.27 -75.92
N ASN U 357 -64.20 -36.56 -77.20
CA ASN U 357 -62.96 -36.10 -77.82
C ASN U 357 -62.88 -34.61 -77.54
N ASP U 358 -63.89 -33.89 -77.99
CA ASP U 358 -63.97 -32.45 -77.78
C ASP U 358 -63.59 -32.05 -76.36
N TYR U 359 -64.35 -32.56 -75.38
CA TYR U 359 -64.11 -32.25 -73.98
C TYR U 359 -62.82 -32.86 -73.41
N THR U 360 -62.52 -34.10 -73.78
CA THR U 360 -61.34 -34.77 -73.26
C THR U 360 -60.06 -34.00 -73.62
N ALA U 361 -60.04 -33.41 -74.81
CA ALA U 361 -58.90 -32.63 -75.25
C ALA U 361 -58.86 -31.37 -74.37
N TYR U 362 -60.04 -30.86 -74.06
CA TYR U 362 -60.17 -29.68 -73.21
C TYR U 362 -59.53 -29.93 -71.85
N ALA U 363 -59.85 -31.08 -71.26
CA ALA U 363 -59.32 -31.43 -69.96
C ALA U 363 -57.81 -31.61 -70.05
N LEU U 364 -57.32 -31.99 -71.23
CA LEU U 364 -55.90 -32.19 -71.45
C LEU U 364 -55.18 -30.84 -71.54
N THR U 365 -55.97 -29.77 -71.65
CA THR U 365 -55.45 -28.41 -71.74
C THR U 365 -55.40 -27.80 -70.35
N ILE U 366 -56.44 -28.08 -69.56
CA ILE U 366 -56.51 -27.57 -68.20
C ILE U 366 -55.70 -28.53 -67.35
N GLU U 367 -54.79 -29.25 -68.02
CA GLU U 367 -53.92 -30.24 -67.38
C GLU U 367 -52.44 -29.92 -67.61
N ARG U 368 -52.10 -29.54 -68.83
CA ARG U 368 -50.72 -29.19 -69.15
C ARG U 368 -50.48 -27.79 -68.61
N HIS U 369 -51.55 -27.17 -68.10
CA HIS U 369 -51.47 -25.83 -67.54
C HIS U 369 -51.24 -25.85 -66.04
N LEU U 370 -51.98 -26.70 -65.32
CA LEU U 370 -51.82 -26.80 -63.87
C LEU U 370 -50.46 -27.40 -63.56
N THR U 371 -50.07 -28.39 -64.34
CA THR U 371 -48.77 -29.04 -64.16
C THR U 371 -47.69 -27.99 -64.36
N ALA U 372 -47.86 -27.16 -65.37
CA ALA U 372 -46.90 -26.11 -65.66
C ALA U 372 -46.80 -25.16 -64.45
N MET U 373 -47.94 -24.66 -63.98
CA MET U 373 -47.96 -23.75 -62.85
C MET U 373 -47.46 -24.44 -61.58
N LEU U 374 -47.63 -25.76 -61.53
CA LEU U 374 -47.19 -26.53 -60.38
C LEU U 374 -45.66 -26.57 -60.40
N VAL U 375 -45.09 -26.87 -61.57
CA VAL U 375 -43.64 -26.93 -61.71
C VAL U 375 -43.12 -25.52 -62.04
N ALA U 376 -43.85 -24.52 -61.55
CA ALA U 376 -43.50 -23.10 -61.75
C ALA U 376 -43.48 -22.47 -60.36
N ASN U 377 -44.48 -22.81 -59.55
CA ASN U 377 -44.59 -22.32 -58.18
C ASN U 377 -44.36 -23.53 -57.29
N PRO U 378 -43.08 -23.97 -57.16
CA PRO U 378 -42.68 -25.15 -56.35
C PRO U 378 -43.60 -25.51 -55.19
N ILE U 379 -43.31 -24.96 -54.03
CA ILE U 379 -44.08 -25.16 -52.80
C ILE U 379 -43.11 -24.97 -51.65
N ALA U 380 -41.85 -25.34 -51.89
CA ALA U 380 -40.81 -25.17 -50.89
C ALA U 380 -40.58 -23.66 -50.84
N ALA U 381 -41.22 -22.97 -51.77
CA ALA U 381 -41.13 -21.51 -51.87
C ALA U 381 -42.12 -20.87 -50.90
N GLY U 382 -42.51 -21.64 -49.87
CA GLY U 382 -43.42 -21.15 -48.86
C GLY U 382 -44.80 -20.76 -49.33
N ARG U 383 -45.08 -20.96 -50.62
CA ARG U 383 -46.39 -20.60 -51.17
C ARG U 383 -47.14 -21.81 -51.76
N MET U 384 -48.44 -21.66 -51.91
CA MET U 384 -49.27 -22.73 -52.46
C MET U 384 -50.44 -22.23 -53.29
N PRO U 385 -50.16 -21.59 -54.44
CA PRO U 385 -51.23 -21.09 -55.30
C PRO U 385 -51.83 -22.22 -56.13
N ILE U 386 -51.02 -23.25 -56.37
CA ILE U 386 -51.46 -24.38 -57.17
C ILE U 386 -51.81 -25.62 -56.36
N GLN U 387 -51.22 -25.77 -55.18
CA GLN U 387 -51.49 -26.92 -54.34
C GLN U 387 -50.97 -28.20 -55.04
N PRO U 388 -49.91 -28.81 -54.48
CA PRO U 388 -49.29 -30.02 -55.03
C PRO U 388 -50.32 -31.07 -55.42
N PHE U 389 -50.00 -31.88 -56.44
CA PHE U 389 -50.93 -32.91 -56.87
C PHE U 389 -50.30 -34.12 -57.56
N ASN U 390 -49.01 -34.04 -57.86
CA ASN U 390 -48.30 -35.15 -58.51
C ASN U 390 -49.00 -35.66 -59.77
N ALA U 391 -48.37 -35.43 -60.93
CA ALA U 391 -48.90 -35.86 -62.21
C ALA U 391 -49.39 -37.31 -62.15
N ALA U 392 -50.62 -37.47 -61.67
CA ALA U 392 -51.24 -38.78 -61.54
C ALA U 392 -52.75 -38.66 -61.34
N ASP U 393 -53.15 -38.00 -60.26
CA ASP U 393 -54.56 -37.80 -59.96
C ASP U 393 -55.39 -37.38 -61.16
N PHE U 394 -54.76 -36.76 -62.14
CA PHE U 394 -55.46 -36.30 -63.34
C PHE U 394 -56.32 -37.37 -64.02
N GLY U 395 -55.78 -38.57 -64.15
CA GLY U 395 -56.52 -39.65 -64.77
C GLY U 395 -57.35 -40.38 -63.73
N GLN U 396 -56.84 -40.41 -62.50
CA GLN U 396 -57.48 -41.06 -61.36
C GLN U 396 -59.02 -41.15 -61.46
N ALA U 397 -59.50 -42.34 -61.84
CA ALA U 397 -60.94 -42.56 -61.97
C ALA U 397 -61.55 -42.80 -60.59
N GLY U 398 -61.64 -41.73 -59.80
CA GLY U 398 -62.19 -41.85 -58.45
C GLY U 398 -63.60 -42.42 -58.40
N GLN U 399 -64.28 -42.24 -57.27
CA GLN U 399 -65.64 -42.73 -57.08
C GLN U 399 -66.40 -42.65 -58.41
N THR U 400 -66.54 -41.43 -58.92
CA THR U 400 -67.22 -41.15 -60.18
C THR U 400 -68.43 -42.05 -60.41
N ALA U 401 -68.17 -43.28 -60.86
CA ALA U 401 -69.22 -44.25 -61.13
C ALA U 401 -70.28 -44.27 -60.01
N ALA U 402 -69.84 -44.05 -58.78
CA ALA U 402 -70.74 -44.03 -57.63
C ALA U 402 -71.65 -42.81 -57.63
N ALA U 403 -71.08 -41.63 -57.85
CA ALA U 403 -71.84 -40.39 -57.86
C ALA U 403 -72.78 -40.30 -59.06
N VAL U 404 -72.42 -40.99 -60.15
CA VAL U 404 -73.24 -41.02 -61.35
C VAL U 404 -74.53 -41.77 -61.02
N ALA U 405 -74.46 -42.62 -60.00
CA ALA U 405 -75.62 -43.40 -59.56
C ALA U 405 -76.35 -42.61 -58.47
N LEU U 406 -75.59 -41.90 -57.64
CA LEU U 406 -76.15 -41.10 -56.57
C LEU U 406 -76.95 -39.95 -57.17
N ALA U 407 -76.70 -39.67 -58.45
CA ALA U 407 -77.40 -38.61 -59.15
C ALA U 407 -78.77 -39.11 -59.58
N GLN U 408 -78.82 -40.35 -60.08
CA GLN U 408 -80.08 -40.94 -60.52
C GLN U 408 -81.07 -41.11 -59.38
N ALA U 409 -80.59 -41.64 -58.25
CA ALA U 409 -81.45 -41.84 -57.10
C ALA U 409 -81.89 -40.49 -56.54
N MET U 410 -81.12 -39.45 -56.84
CA MET U 410 -81.41 -38.10 -56.36
C MET U 410 -82.44 -37.40 -57.26
N PHE U 411 -82.52 -37.85 -58.50
CA PHE U 411 -83.48 -37.33 -59.48
C PHE U 411 -84.00 -38.52 -60.27
N VAL U 412 -84.88 -39.29 -59.65
CA VAL U 412 -85.46 -40.48 -60.26
C VAL U 412 -86.35 -40.15 -61.47
N ALA V 2 26.26 35.99 -59.16
CA ALA V 2 25.23 35.17 -58.44
C ALA V 2 25.74 33.75 -58.16
N GLN V 3 25.31 32.79 -58.97
CA GLN V 3 25.70 31.39 -58.81
C GLN V 3 25.50 30.61 -60.11
N ARG V 4 26.52 29.82 -60.48
CA ARG V 4 26.46 29.00 -61.69
C ARG V 4 27.44 27.83 -61.61
N GLN V 5 26.96 26.70 -61.09
CA GLN V 5 27.75 25.47 -60.95
C GLN V 5 26.93 24.36 -60.28
N PHE V 6 25.79 24.01 -60.87
CA PHE V 6 24.93 22.97 -60.31
C PHE V 6 25.28 21.55 -60.78
N PHE V 7 25.66 20.70 -59.84
CA PHE V 7 26.00 19.32 -60.15
C PHE V 7 24.73 18.47 -60.00
N GLY V 8 24.24 17.92 -61.12
CA GLY V 8 23.03 17.12 -61.06
C GLY V 8 23.20 15.61 -61.15
N LEU V 9 22.10 14.91 -61.42
CA LEU V 9 22.08 13.45 -61.54
C LEU V 9 20.71 13.04 -62.11
N THR V 10 20.72 12.32 -63.23
CA THR V 10 19.50 11.88 -63.88
C THR V 10 18.76 10.75 -63.16
N TYR V 11 17.44 10.75 -63.29
CA TYR V 11 16.57 9.75 -62.67
C TYR V 11 16.92 8.31 -63.03
N ASN V 12 16.64 7.40 -62.11
CA ASN V 12 16.90 5.97 -62.30
C ASN V 12 15.83 5.33 -63.19
N PHE V 13 16.21 4.27 -63.90
CA PHE V 13 15.29 3.56 -64.79
C PHE V 13 14.52 2.42 -64.12
N TYR V 14 14.98 1.99 -62.94
CA TYR V 14 14.36 0.90 -62.19
C TYR V 14 14.40 -0.44 -62.91
N GLY V 15 15.33 -0.54 -63.87
CA GLY V 15 15.50 -1.76 -64.62
C GLY V 15 14.74 -1.76 -65.94
N GLN V 16 14.20 -0.62 -66.32
CA GLN V 16 13.45 -0.47 -67.57
C GLN V 16 14.37 -0.05 -68.71
N PRO V 17 14.01 -0.39 -69.96
CA PRO V 17 14.83 -0.04 -71.12
C PRO V 17 15.13 1.47 -71.24
N ALA V 18 14.15 2.21 -71.77
CA ALA V 18 14.28 3.66 -71.95
C ALA V 18 13.72 4.40 -70.74
N PRO V 19 13.84 5.74 -70.71
CA PRO V 19 13.32 6.55 -69.59
C PRO V 19 11.80 6.45 -69.51
N LEU V 20 11.32 6.29 -68.29
CA LEU V 20 9.90 6.11 -68.00
C LEU V 20 8.93 7.23 -68.37
N PHE V 21 8.71 7.41 -69.67
CA PHE V 21 7.79 8.43 -70.16
C PHE V 21 7.73 8.32 -71.69
N ASP V 22 6.57 8.58 -72.28
CA ASP V 22 6.46 8.51 -73.73
C ASP V 22 6.41 9.86 -74.45
N LEU V 23 5.77 9.88 -75.63
CA LEU V 23 5.65 11.08 -76.43
C LEU V 23 4.59 12.05 -75.95
N ASN V 24 3.45 11.52 -75.51
CA ASN V 24 2.33 12.35 -75.03
C ASN V 24 2.62 13.24 -73.82
N ASP V 25 3.64 12.89 -73.03
CA ASP V 25 3.99 13.68 -71.85
C ASP V 25 4.52 15.06 -72.20
N LEU V 26 5.06 15.20 -73.41
CA LEU V 26 5.61 16.47 -73.84
C LEU V 26 4.53 17.52 -74.14
N GLN V 27 3.40 17.08 -74.69
CA GLN V 27 2.32 18.02 -75.03
C GLN V 27 1.14 17.96 -74.05
N GLU V 28 1.43 17.70 -72.78
CA GLU V 28 0.39 17.62 -71.76
C GLU V 28 0.73 18.49 -70.56
N LEU V 29 2.02 18.81 -70.40
CA LEU V 29 2.50 19.64 -69.30
C LEU V 29 1.76 20.97 -69.23
N ALA V 30 1.39 21.37 -68.01
CA ALA V 30 0.67 22.61 -67.80
C ALA V 30 1.54 23.84 -68.01
N GLY V 31 0.90 24.98 -68.21
CA GLY V 31 1.62 26.22 -68.40
C GLY V 31 2.14 26.48 -69.80
N CYS V 32 3.46 26.55 -69.94
CA CYS V 32 4.09 26.83 -71.21
C CYS V 32 4.37 25.61 -72.10
N TYR V 33 3.43 25.34 -73.01
CA TYR V 33 3.51 24.23 -73.97
C TYR V 33 4.26 22.98 -73.53
N ALA V 34 5.44 22.76 -74.12
CA ALA V 34 6.27 21.60 -73.81
C ALA V 34 7.48 21.97 -72.97
N ARG V 35 7.51 23.22 -72.51
CA ARG V 35 8.60 23.74 -71.68
C ARG V 35 8.52 23.14 -70.26
N PRO V 36 9.43 22.22 -69.93
CA PRO V 36 9.45 21.56 -68.61
C PRO V 36 9.92 22.51 -67.51
N TRP V 37 10.63 23.56 -67.91
CA TRP V 37 11.16 24.57 -67.01
C TRP V 37 10.02 25.44 -66.46
N THR V 38 10.09 25.76 -65.17
CA THR V 38 9.09 26.59 -64.49
C THR V 38 7.70 25.94 -64.55
N SER V 39 7.66 24.61 -64.45
CA SER V 39 6.40 23.86 -64.48
C SER V 39 5.91 23.52 -63.07
N ARG V 40 6.28 22.32 -62.60
CA ARG V 40 5.91 21.79 -61.28
C ARG V 40 4.60 22.33 -60.67
N PHE V 41 4.66 23.51 -60.04
CA PHE V 41 3.48 24.13 -59.43
C PHE V 41 2.63 24.93 -60.43
N SER V 42 2.43 24.40 -61.63
CA SER V 42 1.63 25.09 -62.64
C SER V 42 0.17 24.67 -62.58
N HIS V 43 -0.06 23.37 -62.42
CA HIS V 43 -1.42 22.83 -62.34
C HIS V 43 -2.11 23.24 -61.02
N LEU V 44 -1.38 23.97 -60.18
CA LEU V 44 -1.91 24.43 -58.91
C LEU V 44 -2.03 25.95 -58.87
N ALA V 45 -1.75 26.61 -60.01
CA ALA V 45 -1.82 28.06 -60.12
C ALA V 45 -3.16 28.65 -59.69
N ILE V 46 -4.25 27.93 -59.98
CA ILE V 46 -5.58 28.42 -59.61
C ILE V 46 -6.31 27.42 -58.70
N SER V 47 -6.42 27.79 -57.43
CA SER V 47 -7.06 26.95 -56.44
C SER V 47 -8.60 27.01 -56.48
N THR V 48 -9.22 25.83 -56.52
CA THR V 48 -10.68 25.73 -56.54
C THR V 48 -11.19 25.25 -55.19
N GLY V 49 -10.42 24.37 -54.54
CA GLY V 49 -10.81 23.84 -53.25
C GLY V 49 -9.71 23.07 -52.56
N SER V 50 -10.07 22.36 -51.48
CA SER V 50 -9.13 21.56 -50.71
C SER V 50 -8.67 20.28 -51.42
N LEU V 51 -9.59 19.66 -52.16
CA LEU V 51 -9.31 18.41 -52.88
C LEU V 51 -8.04 18.46 -53.75
N PRO V 52 -7.10 17.54 -53.51
CA PRO V 52 -5.82 17.45 -54.24
C PRO V 52 -6.01 17.20 -55.75
N VAL V 53 -5.36 18.04 -56.56
CA VAL V 53 -5.44 17.97 -58.00
C VAL V 53 -4.71 16.79 -58.63
N TRP V 54 -5.49 15.81 -59.08
CA TRP V 54 -4.93 14.62 -59.71
C TRP V 54 -5.95 14.00 -60.66
N SER V 55 -5.55 13.74 -61.91
CA SER V 55 -6.44 13.16 -62.90
C SER V 55 -6.30 11.65 -63.10
N ALA V 56 -6.52 11.18 -64.33
CA ALA V 56 -6.41 9.75 -64.63
C ALA V 56 -4.98 9.31 -64.85
N ARG V 57 -4.28 10.02 -65.74
CA ARG V 57 -2.89 9.70 -66.04
C ARG V 57 -1.98 10.02 -64.86
N TYR V 58 -2.30 11.11 -64.16
CA TYR V 58 -1.54 11.53 -62.98
C TYR V 58 -2.37 11.17 -61.75
N PRO V 59 -2.22 9.93 -61.25
CA PRO V 59 -2.93 9.41 -60.08
C PRO V 59 -2.56 9.99 -58.71
N SER V 60 -1.69 10.99 -58.67
CA SER V 60 -1.29 11.58 -57.39
C SER V 60 -0.72 12.99 -57.46
N VAL V 61 -0.41 13.54 -56.29
CA VAL V 61 0.14 14.89 -56.17
C VAL V 61 1.56 15.02 -56.73
N ALA V 62 2.44 14.12 -56.31
CA ALA V 62 3.82 14.13 -56.77
C ALA V 62 3.93 13.47 -58.14
N SER V 63 2.79 13.15 -58.75
CA SER V 63 2.74 12.51 -60.05
C SER V 63 3.17 13.48 -61.16
N ARG V 64 2.75 14.74 -61.05
CA ARG V 64 3.10 15.75 -62.03
C ARG V 64 4.61 15.97 -62.08
N ASN V 65 5.23 15.99 -60.92
CA ASN V 65 6.67 16.20 -60.80
C ASN V 65 7.48 14.96 -61.13
N ILE V 66 7.03 13.80 -60.63
CA ILE V 66 7.72 12.55 -60.87
C ILE V 66 7.88 12.26 -62.36
N VAL V 67 6.94 12.76 -63.16
CA VAL V 67 6.96 12.57 -64.61
C VAL V 67 7.87 13.60 -65.30
N VAL V 68 7.79 14.85 -64.85
CA VAL V 68 8.63 15.90 -65.44
C VAL V 68 10.11 15.66 -65.11
N ASN V 69 10.38 14.67 -64.27
CA ASN V 69 11.74 14.31 -63.88
C ASN V 69 12.41 13.41 -64.91
N THR V 70 11.80 12.28 -65.24
CA THR V 70 12.37 11.38 -66.23
C THR V 70 12.33 12.03 -67.61
N LEU V 71 11.34 12.90 -67.82
CA LEU V 71 11.17 13.64 -69.06
C LEU V 71 12.28 14.68 -69.14
N LEU V 72 12.70 15.16 -67.98
CA LEU V 72 13.76 16.16 -67.88
C LEU V 72 15.11 15.52 -68.17
N GLY V 73 15.44 14.47 -67.44
CA GLY V 73 16.70 13.77 -67.62
C GLY V 73 16.89 13.17 -68.99
N ALA V 74 15.80 12.73 -69.62
CA ALA V 74 15.87 12.13 -70.95
C ALA V 74 16.33 13.13 -72.00
N HIS V 75 16.32 14.40 -71.64
CA HIS V 75 16.75 15.46 -72.54
C HIS V 75 17.76 16.38 -71.85
N LEU V 76 18.77 15.77 -71.26
CA LEU V 76 19.81 16.51 -70.56
C LEU V 76 21.21 16.13 -70.99
N ASN V 77 21.44 16.03 -72.29
CA ASN V 77 22.77 15.70 -72.78
C ASN V 77 23.72 16.85 -72.40
N PRO V 78 23.26 18.12 -72.52
CA PRO V 78 24.13 19.23 -72.16
C PRO V 78 24.48 19.08 -70.67
N PHE V 79 25.54 19.75 -70.24
CA PHE V 79 25.99 19.68 -68.84
C PHE V 79 26.63 18.32 -68.57
N ALA V 80 26.31 17.33 -69.40
CA ALA V 80 26.84 15.98 -69.26
C ALA V 80 27.50 15.47 -70.54
N GLY V 81 27.54 16.30 -71.57
CA GLY V 81 28.14 15.90 -72.84
C GLY V 81 28.52 17.08 -73.70
N GLY V 82 27.76 18.18 -73.58
CA GLY V 82 28.03 19.37 -74.36
C GLY V 82 27.12 19.53 -75.56
N GLN V 83 26.70 18.41 -76.15
CA GLN V 83 25.81 18.42 -77.31
C GLN V 83 24.37 18.68 -76.90
N ILE V 84 23.45 18.62 -77.86
CA ILE V 84 22.04 18.85 -77.57
C ILE V 84 21.23 17.56 -77.73
N THR V 85 21.67 16.70 -78.65
CA THR V 85 21.02 15.42 -78.94
C THR V 85 19.50 15.48 -79.15
N SER V 86 18.86 14.31 -79.14
CA SER V 86 17.42 14.22 -79.34
C SER V 86 16.91 12.82 -79.00
N HIS V 87 15.83 12.77 -78.23
CA HIS V 87 15.24 11.49 -77.83
C HIS V 87 13.88 11.22 -78.44
N GLN V 88 13.83 10.25 -79.36
CA GLN V 88 12.61 9.86 -80.06
C GLN V 88 12.03 10.96 -80.93
N GLY V 89 12.92 11.76 -81.53
CA GLY V 89 12.51 12.84 -82.39
C GLY V 89 12.07 14.10 -81.66
N ILE V 90 12.64 14.35 -80.50
CA ILE V 90 12.29 15.53 -79.71
C ILE V 90 13.56 16.22 -79.22
N THR V 91 13.65 17.53 -79.46
CA THR V 91 14.80 18.31 -79.05
C THR V 91 14.40 19.73 -78.62
N TRP V 92 15.36 20.46 -78.05
CA TRP V 92 15.12 21.84 -77.61
C TRP V 92 15.18 22.77 -78.83
N ARG V 93 14.54 23.93 -78.73
CA ARG V 93 14.55 24.88 -79.85
C ARG V 93 15.94 25.43 -80.17
N ASP V 94 16.59 26.01 -79.17
CA ASP V 94 17.93 26.56 -79.35
C ASP V 94 18.75 26.51 -78.06
N PRO V 95 20.01 26.99 -78.09
CA PRO V 95 20.90 26.99 -76.91
C PRO V 95 20.32 27.45 -75.57
N VAL V 96 19.34 28.35 -75.60
CA VAL V 96 18.71 28.85 -74.38
C VAL V 96 17.97 27.73 -73.65
N LEU V 97 17.53 26.74 -74.43
CA LEU V 97 16.80 25.57 -73.92
C LEU V 97 15.44 25.92 -73.34
N SER V 98 14.47 26.20 -74.21
CA SER V 98 13.11 26.53 -73.78
C SER V 98 12.18 25.32 -73.91
N SER V 99 11.18 25.39 -74.78
CA SER V 99 10.27 24.26 -74.97
C SER V 99 10.84 23.21 -75.92
N LEU V 100 10.30 22.01 -75.86
CA LEU V 100 10.75 20.91 -76.71
C LEU V 100 9.86 20.73 -77.94
N ALA V 101 10.46 20.89 -79.12
CA ALA V 101 9.75 20.74 -80.39
C ALA V 101 10.33 19.55 -81.15
N PRO V 102 9.61 19.05 -82.17
CA PRO V 102 10.14 17.91 -82.92
C PRO V 102 11.44 18.26 -83.65
N VAL V 103 12.35 17.28 -83.76
CA VAL V 103 13.64 17.47 -84.40
C VAL V 103 13.57 18.25 -85.73
N PRO V 104 14.20 19.43 -85.77
CA PRO V 104 14.22 20.29 -86.96
C PRO V 104 14.91 19.61 -88.13
N ALA V 105 14.36 19.80 -89.33
CA ALA V 105 14.92 19.21 -90.54
C ALA V 105 16.13 20.02 -91.01
N ILE V 106 16.76 19.56 -92.09
CA ILE V 106 17.93 20.22 -92.66
C ILE V 106 19.19 20.03 -91.82
N GLN V 107 19.09 20.19 -90.51
CA GLN V 107 20.24 20.02 -89.62
C GLN V 107 19.83 19.42 -88.28
N PRO V 108 19.44 18.12 -88.27
CA PRO V 108 19.02 17.41 -87.06
C PRO V 108 20.18 17.08 -86.10
N PRO V 109 19.91 17.16 -84.78
CA PRO V 109 20.91 16.86 -83.74
C PRO V 109 21.21 15.36 -83.67
N PRO V 110 22.30 14.97 -82.99
CA PRO V 110 22.65 13.55 -82.87
C PRO V 110 21.73 12.83 -81.89
N VAL V 111 21.39 11.58 -82.20
CA VAL V 111 20.50 10.79 -81.34
C VAL V 111 21.12 10.52 -79.97
N TRP V 112 20.36 10.83 -78.92
CA TRP V 112 20.81 10.64 -77.55
C TRP V 112 21.02 9.16 -77.21
N ALA V 113 22.17 8.86 -76.60
CA ALA V 113 22.49 7.50 -76.21
C ALA V 113 21.86 7.21 -74.84
N VAL V 114 20.72 6.53 -74.85
CA VAL V 114 20.01 6.19 -73.60
C VAL V 114 20.97 5.63 -72.55
N ALA V 115 20.99 6.27 -71.39
CA ALA V 115 21.85 5.86 -70.28
C ALA V 115 21.20 6.18 -68.94
N GLU V 116 21.44 5.33 -67.95
CA GLU V 116 20.88 5.48 -66.61
C GLU V 116 21.82 6.20 -65.63
N ASN V 117 21.29 7.22 -64.95
CA ASN V 117 22.05 8.01 -63.97
C ASN V 117 23.28 8.72 -64.55
N VAL V 118 23.06 9.68 -65.45
CA VAL V 118 24.18 10.42 -66.04
C VAL V 118 24.54 11.64 -65.20
N LEU V 119 25.77 11.67 -64.71
CA LEU V 119 26.26 12.77 -63.88
C LEU V 119 26.31 14.09 -64.65
N LEU V 120 25.66 15.11 -64.12
CA LEU V 120 25.64 16.43 -64.73
C LEU V 120 26.73 17.31 -64.11
N ASP V 121 27.57 17.91 -64.96
CA ASP V 121 28.67 18.74 -64.50
C ASP V 121 28.35 20.25 -64.59
N SER V 122 27.40 20.59 -65.45
CA SER V 122 26.96 21.97 -65.67
C SER V 122 27.96 22.82 -66.45
N ASN V 123 29.22 22.86 -66.00
CA ASN V 123 30.25 23.64 -66.68
C ASN V 123 30.62 23.04 -68.03
N ASN V 124 30.17 21.80 -68.25
CA ASN V 124 30.45 21.10 -69.50
C ASN V 124 29.75 21.81 -70.67
N TYR V 125 28.70 22.56 -70.35
CA TYR V 125 27.94 23.32 -71.35
C TYR V 125 28.26 24.80 -71.16
N PRO V 126 29.34 25.30 -71.81
CA PRO V 126 29.81 26.67 -71.76
C PRO V 126 28.79 27.75 -72.09
N THR V 127 27.75 27.37 -72.83
CA THR V 127 26.72 28.33 -73.22
C THR V 127 25.85 28.76 -72.03
N TYR V 128 25.79 27.93 -71.00
CA TYR V 128 25.00 28.22 -69.80
C TYR V 128 25.47 29.47 -69.07
N VAL V 129 26.76 29.51 -68.74
CA VAL V 129 27.32 30.66 -68.03
C VAL V 129 27.34 31.92 -68.90
N LEU V 130 27.41 31.71 -70.22
CA LEU V 130 27.45 32.83 -71.16
C LEU V 130 26.03 33.30 -71.53
N ASN V 131 25.05 32.84 -70.77
CA ASN V 131 23.65 33.19 -70.98
C ASN V 131 22.87 32.78 -69.73
N LEU V 132 23.40 33.18 -68.57
CA LEU V 132 22.81 32.85 -67.27
C LEU V 132 21.47 33.53 -66.96
N SER V 133 21.38 34.83 -67.18
CA SER V 133 20.15 35.55 -66.88
C SER V 133 18.90 35.11 -67.66
N SER V 134 19.09 34.32 -68.71
CA SER V 134 17.96 33.83 -69.50
C SER V 134 17.56 32.40 -69.16
N MET V 135 18.54 31.50 -69.05
CA MET V 135 18.26 30.11 -68.74
C MET V 135 18.52 29.78 -67.26
N TRP V 136 18.12 30.69 -66.38
CA TRP V 136 18.32 30.50 -64.94
C TRP V 136 17.37 29.48 -64.29
N PRO V 137 16.08 29.48 -64.68
CA PRO V 137 15.14 28.53 -64.09
C PRO V 137 15.63 27.09 -64.21
N ILE V 138 16.28 26.80 -65.32
CA ILE V 138 16.81 25.45 -65.58
C ILE V 138 17.74 24.95 -64.48
N ASN V 139 18.38 25.88 -63.78
CA ASN V 139 19.29 25.55 -62.67
C ASN V 139 18.51 25.06 -61.47
N GLN V 140 17.43 25.76 -61.15
CA GLN V 140 16.56 25.44 -60.02
C GLN V 140 15.89 24.08 -60.25
N ASP V 141 15.37 23.88 -61.46
CA ASP V 141 14.68 22.64 -61.83
C ASP V 141 15.58 21.42 -61.80
N VAL V 142 16.76 21.52 -62.43
CA VAL V 142 17.71 20.40 -62.44
C VAL V 142 18.08 20.02 -61.01
N HIS V 143 18.22 21.02 -60.16
CA HIS V 143 18.55 20.79 -58.76
C HIS V 143 17.45 19.96 -58.11
N ILE V 144 16.21 20.24 -58.49
CA ILE V 144 15.06 19.51 -57.96
C ILE V 144 15.18 18.04 -58.35
N MET V 145 15.38 17.80 -59.64
CA MET V 145 15.52 16.46 -60.19
C MET V 145 16.66 15.71 -59.50
N THR V 146 17.70 16.43 -59.09
CA THR V 146 18.83 15.82 -58.41
C THR V 146 18.44 15.31 -57.02
N MET V 147 17.72 16.14 -56.27
CA MET V 147 17.27 15.80 -54.93
C MET V 147 16.24 14.68 -54.98
N TRP V 148 15.53 14.60 -56.09
CA TRP V 148 14.52 13.56 -56.26
C TRP V 148 15.15 12.28 -56.75
N ALA V 149 16.23 12.41 -57.52
CA ALA V 149 16.93 11.26 -58.07
C ALA V 149 17.79 10.52 -57.05
N LEU V 150 18.36 11.28 -56.11
CA LEU V 150 19.20 10.69 -55.08
C LEU V 150 18.38 10.05 -53.96
N SER V 151 17.23 9.49 -54.32
CA SER V 151 16.36 8.83 -53.35
C SER V 151 15.28 8.00 -54.03
N ASP V 152 15.05 6.79 -53.53
CA ASP V 152 14.01 5.94 -54.09
C ASP V 152 12.72 6.02 -53.26
N GLN V 153 12.75 6.85 -52.22
CA GLN V 153 11.61 7.03 -51.32
C GLN V 153 11.51 8.45 -50.72
N GLY V 154 11.01 9.40 -51.51
CA GLY V 154 10.86 10.77 -51.00
C GLY V 154 12.05 11.69 -51.21
N PRO V 155 11.83 12.92 -51.72
CA PRO V 155 12.84 13.95 -52.01
C PRO V 155 13.65 14.40 -50.78
N ILE V 156 14.97 14.28 -50.87
CA ILE V 156 15.87 14.66 -49.80
C ILE V 156 16.25 16.14 -49.77
N TYR V 157 15.54 16.95 -48.98
CA TYR V 157 15.83 18.38 -48.87
C TYR V 157 16.90 18.67 -47.81
N HIS V 158 16.95 19.89 -47.28
CA HIS V 158 17.97 20.21 -46.28
C HIS V 158 17.67 21.34 -45.28
N LEU V 159 17.54 20.98 -44.00
CA LEU V 159 17.29 21.95 -42.92
C LEU V 159 18.63 22.50 -42.43
N GLU V 160 18.60 23.58 -41.64
CA GLU V 160 19.85 24.17 -41.14
C GLU V 160 19.78 24.90 -39.78
N VAL V 161 19.36 26.15 -39.80
CA VAL V 161 19.25 27.04 -38.62
C VAL V 161 20.60 27.41 -37.98
N PRO V 162 20.95 28.70 -38.00
CA PRO V 162 22.21 29.22 -37.43
C PRO V 162 22.25 29.11 -35.91
N VAL V 163 23.38 29.50 -35.33
CA VAL V 163 23.56 29.47 -33.87
C VAL V 163 22.92 30.70 -33.23
N ASP V 164 22.83 31.78 -33.98
CA ASP V 164 22.23 33.02 -33.49
C ASP V 164 20.80 33.22 -33.98
N PRO V 165 20.03 34.14 -33.36
CA PRO V 165 18.64 34.40 -33.74
C PRO V 165 18.46 35.02 -35.13
N MET V 166 17.22 34.95 -35.63
CA MET V 166 16.84 35.47 -36.94
C MET V 166 17.27 36.91 -37.17
N PRO V 167 17.90 37.19 -38.33
CA PRO V 167 18.35 38.54 -38.68
C PRO V 167 17.25 39.58 -38.58
N ALA V 168 17.63 40.85 -38.58
CA ALA V 168 16.67 41.94 -38.47
C ALA V 168 15.95 42.22 -39.79
N ALA V 169 16.51 41.72 -40.89
CA ALA V 169 15.91 41.89 -42.21
C ALA V 169 15.02 40.70 -42.54
N THR V 170 15.25 39.60 -41.84
CA THR V 170 14.49 38.36 -42.05
C THR V 170 13.13 38.45 -41.35
N THR V 171 13.12 38.92 -40.11
CA THR V 171 11.89 39.05 -39.35
C THR V 171 10.89 40.02 -39.99
N ALA V 172 11.42 40.98 -40.74
CA ALA V 172 10.58 41.99 -41.40
C ALA V 172 10.06 41.51 -42.76
N ALA V 173 10.75 40.55 -43.34
CA ALA V 173 10.38 40.00 -44.64
C ALA V 173 9.38 38.85 -44.47
N LEU V 174 9.57 38.08 -43.41
CA LEU V 174 8.70 36.95 -43.10
C LEU V 174 7.29 37.36 -42.69
N MET V 175 7.17 38.56 -42.13
CA MET V 175 5.86 39.05 -41.69
C MET V 175 5.08 39.52 -42.91
N ALA V 176 4.89 38.61 -43.86
CA ALA V 176 4.15 38.89 -45.09
C ALA V 176 3.55 37.60 -45.64
N TYR V 177 4.03 36.48 -45.10
CA TYR V 177 3.56 35.17 -45.50
C TYR V 177 2.79 34.55 -44.32
N THR V 178 2.02 35.38 -43.62
CA THR V 178 1.25 34.94 -42.45
C THR V 178 0.17 33.93 -42.82
N GLY V 179 -0.97 34.42 -43.28
CA GLY V 179 -2.07 33.54 -43.66
C GLY V 179 -1.81 32.87 -45.00
N VAL V 180 -0.80 32.02 -45.05
CA VAL V 180 -0.43 31.31 -46.26
C VAL V 180 -0.09 29.85 -45.97
N PRO V 181 -0.95 28.92 -46.43
CA PRO V 181 -0.74 27.48 -46.23
C PRO V 181 0.62 27.03 -46.73
N ILE V 182 1.09 25.90 -46.20
CA ILE V 182 2.40 25.35 -46.60
C ILE V 182 2.38 24.98 -48.08
N ALA V 183 1.19 24.63 -48.58
CA ALA V 183 1.04 24.28 -49.98
C ALA V 183 1.37 25.49 -50.86
N HIS V 184 0.97 26.67 -50.39
CA HIS V 184 1.22 27.91 -51.11
C HIS V 184 2.62 28.47 -50.89
N LEU V 185 3.20 28.19 -49.71
CA LEU V 185 4.54 28.66 -49.41
C LEU V 185 5.55 27.96 -50.30
N ALA V 186 5.20 26.74 -50.72
CA ALA V 186 6.08 25.96 -51.59
C ALA V 186 6.00 26.51 -53.00
N GLN V 187 4.83 27.04 -53.35
CA GLN V 187 4.59 27.62 -54.67
C GLN V 187 5.25 28.98 -54.80
N THR V 188 5.22 29.78 -53.72
CA THR V 188 5.83 31.09 -53.74
C THR V 188 7.35 31.01 -53.62
N ALA V 189 7.82 29.98 -52.91
CA ALA V 189 9.25 29.78 -52.70
C ALA V 189 9.91 29.36 -54.01
N TYR V 190 9.36 28.33 -54.62
CA TYR V 190 9.85 27.78 -55.88
C TYR V 190 9.80 28.79 -57.02
N ARG V 191 8.65 29.44 -57.21
CA ARG V 191 8.45 30.43 -58.26
C ARG V 191 9.39 31.63 -58.08
N PHE V 192 9.95 31.75 -56.88
CA PHE V 192 10.88 32.83 -56.56
C PHE V 192 12.27 32.55 -57.11
N ALA V 193 12.87 31.47 -56.63
CA ALA V 193 14.22 31.08 -57.04
C ALA V 193 14.30 30.49 -58.45
N GLY V 194 13.21 30.59 -59.21
CA GLY V 194 13.21 30.04 -60.56
C GLY V 194 12.79 31.00 -61.66
N GLN V 195 13.36 32.20 -61.67
CA GLN V 195 13.03 33.17 -62.71
C GLN V 195 14.05 34.30 -62.88
N LEU V 196 15.00 34.42 -61.96
CA LEU V 196 16.02 35.47 -62.03
C LEU V 196 17.15 35.15 -61.05
N PRO V 197 18.40 35.15 -61.55
CA PRO V 197 19.60 34.85 -60.75
C PRO V 197 19.73 35.68 -59.47
N GLN V 198 19.51 35.02 -58.34
CA GLN V 198 19.61 35.68 -57.04
C GLN V 198 20.96 35.35 -56.39
N SER V 199 21.24 36.01 -55.27
CA SER V 199 22.50 35.78 -54.55
C SER V 199 22.30 34.84 -53.36
N PRO V 200 23.36 34.11 -52.97
CA PRO V 200 23.30 33.18 -51.84
C PRO V 200 23.00 33.88 -50.52
N ASP V 201 23.32 35.17 -50.44
CA ASP V 201 23.07 35.93 -49.21
C ASP V 201 21.96 36.96 -49.35
N SER V 202 21.04 36.73 -50.28
CA SER V 202 19.91 37.62 -50.52
C SER V 202 18.91 37.48 -49.36
N THR V 203 18.20 38.56 -49.07
CA THR V 203 17.22 38.61 -47.98
C THR V 203 16.10 37.56 -48.14
N MET V 204 15.60 37.39 -49.36
CA MET V 204 14.53 36.44 -49.60
C MET V 204 14.99 34.98 -49.57
N VAL V 205 16.31 34.78 -49.56
CA VAL V 205 16.87 33.43 -49.52
C VAL V 205 17.04 32.93 -48.08
N SER V 206 17.55 33.78 -47.21
CA SER V 206 17.75 33.40 -45.81
C SER V 206 16.43 33.35 -45.04
N THR V 207 15.40 34.01 -45.59
CA THR V 207 14.09 34.04 -44.96
C THR V 207 13.28 32.82 -45.36
N ILE V 208 13.42 32.40 -46.62
CA ILE V 208 12.69 31.25 -47.12
C ILE V 208 13.28 29.97 -46.52
N ARG V 209 14.57 30.03 -46.17
CA ARG V 209 15.26 28.90 -45.57
C ARG V 209 14.86 28.86 -44.10
N TRP V 210 14.71 30.04 -43.52
CA TRP V 210 14.30 30.17 -42.13
C TRP V 210 12.84 29.77 -42.02
N LEU V 211 12.13 29.82 -43.14
CA LEU V 211 10.71 29.46 -43.20
C LEU V 211 10.54 27.96 -43.36
N SER V 212 11.54 27.29 -43.93
CA SER V 212 11.48 25.86 -44.15
C SER V 212 11.81 25.10 -42.87
N ALA V 213 12.89 25.49 -42.21
CA ALA V 213 13.31 24.86 -40.97
C ALA V 213 12.33 25.21 -39.85
N ILE V 214 11.62 26.33 -40.03
CA ILE V 214 10.63 26.78 -39.06
C ILE V 214 9.36 25.94 -39.25
N TRP V 215 9.26 25.31 -40.42
CA TRP V 215 8.12 24.46 -40.76
C TRP V 215 8.33 23.04 -40.24
N PHE V 216 9.57 22.58 -40.24
CA PHE V 216 9.90 21.24 -39.76
C PHE V 216 9.56 21.09 -38.29
N GLY V 217 9.89 22.12 -37.51
CA GLY V 217 9.60 22.09 -36.09
C GLY V 217 8.11 21.97 -35.83
N SER V 218 7.32 22.62 -36.70
CA SER V 218 5.87 22.58 -36.57
C SER V 218 5.37 21.18 -36.96
N LEU V 219 5.96 20.62 -38.02
CA LEU V 219 5.62 19.29 -38.50
C LEU V 219 5.93 18.23 -37.46
N THR V 220 6.91 18.52 -36.61
CA THR V 220 7.32 17.60 -35.55
C THR V 220 6.53 17.92 -34.28
N GLY V 221 5.99 19.13 -34.20
CA GLY V 221 5.23 19.55 -33.04
C GLY V 221 6.01 20.42 -32.07
N ARG V 222 7.34 20.45 -32.23
CA ARG V 222 8.21 21.26 -31.36
C ARG V 222 7.86 22.75 -31.43
N LEU V 223 7.54 23.24 -32.63
CA LEU V 223 7.18 24.64 -32.79
C LEU V 223 5.67 24.79 -32.91
N ASN V 224 4.94 24.52 -31.84
CA ASN V 224 3.48 24.64 -31.86
C ASN V 224 2.98 26.04 -31.54
N ARG V 225 1.78 26.13 -30.99
CA ARG V 225 1.17 27.42 -30.64
C ARG V 225 1.82 28.06 -29.41
N SER V 226 2.41 27.24 -28.54
CA SER V 226 3.05 27.75 -27.33
C SER V 226 4.58 27.76 -27.36
N ARG V 227 5.17 27.54 -28.52
CA ARG V 227 6.63 27.54 -28.65
C ARG V 227 7.08 27.96 -30.06
N THR V 228 7.17 29.26 -30.28
CA THR V 228 7.59 29.77 -31.59
C THR V 228 9.11 29.88 -31.72
N CYS V 229 9.59 29.87 -32.96
CA CYS V 229 11.02 30.01 -33.22
C CYS V 229 11.39 31.47 -33.04
N ASN V 230 10.51 32.35 -33.52
CA ASN V 230 10.72 33.79 -33.39
C ASN V 230 9.41 34.49 -33.67
N GLY V 231 8.33 33.90 -33.19
CA GLY V 231 7.00 34.43 -33.40
C GLY V 231 6.26 33.80 -34.56
N PHE V 232 6.88 32.79 -35.19
CA PHE V 232 6.25 32.13 -36.34
C PHE V 232 6.12 30.63 -36.11
N TYR V 233 5.00 30.06 -36.51
CA TYR V 233 4.75 28.62 -36.39
C TYR V 233 3.71 28.20 -37.42
N PHE V 234 3.14 27.01 -37.25
CA PHE V 234 2.13 26.48 -38.16
C PHE V 234 1.02 25.76 -37.39
N GLU V 235 -0.18 26.33 -37.36
CA GLU V 235 -1.30 25.71 -36.65
C GLU V 235 -1.92 24.61 -37.51
N PHE V 236 -1.99 23.40 -36.97
CA PHE V 236 -2.56 22.27 -37.69
C PHE V 236 -4.02 21.99 -37.31
N ALA V 237 -4.85 21.81 -38.34
CA ALA V 237 -6.27 21.52 -38.12
C ALA V 237 -6.48 20.04 -37.83
N LYS V 238 -7.74 19.63 -37.67
CA LYS V 238 -8.05 18.23 -37.41
C LYS V 238 -7.61 17.40 -38.61
N PRO V 239 -7.00 16.23 -38.37
CA PRO V 239 -6.53 15.35 -39.44
C PRO V 239 -7.68 14.77 -40.27
N ALA V 240 -8.87 14.70 -39.65
CA ALA V 240 -10.06 14.19 -40.33
C ALA V 240 -10.74 15.31 -41.11
N LEU V 241 -10.28 16.54 -40.88
CA LEU V 241 -10.83 17.71 -41.55
C LEU V 241 -9.76 18.47 -42.33
N ASN V 242 -9.08 17.75 -43.23
CA ASN V 242 -8.02 18.32 -44.08
C ASN V 242 -6.78 18.76 -43.27
N PRO V 243 -5.84 17.82 -43.04
CA PRO V 243 -4.61 18.07 -42.29
C PRO V 243 -3.55 18.79 -43.13
N ASP V 244 -3.85 18.98 -44.41
CA ASP V 244 -2.94 19.65 -45.35
C ASP V 244 -2.76 21.12 -45.01
N GLN V 245 -3.77 21.69 -44.36
CA GLN V 245 -3.74 23.10 -43.96
C GLN V 245 -2.70 23.32 -42.88
N ALA V 246 -1.79 24.26 -43.13
CA ALA V 246 -0.74 24.57 -42.17
C ALA V 246 -0.82 26.03 -41.74
N VAL V 247 -0.49 26.94 -42.66
CA VAL V 247 -0.51 28.38 -42.41
C VAL V 247 0.52 28.82 -41.37
N LEU V 248 1.24 29.89 -41.69
CA LEU V 248 2.26 30.44 -40.83
C LEU V 248 1.71 31.52 -39.90
N LYS V 249 1.07 31.11 -38.80
CA LYS V 249 0.49 32.06 -37.85
C LYS V 249 1.55 32.76 -36.99
N TRP V 250 1.28 34.01 -36.63
CA TRP V 250 2.21 34.79 -35.82
C TRP V 250 1.64 35.01 -34.41
N ASN V 251 2.47 34.77 -33.40
CA ASN V 251 2.03 34.94 -32.01
C ASN V 251 3.11 35.67 -31.19
N ASP V 252 2.82 35.86 -29.91
CA ASP V 252 3.75 36.50 -28.98
C ASP V 252 3.99 35.68 -27.70
N GLY V 253 3.98 34.36 -27.84
CA GLY V 253 4.20 33.48 -26.70
C GLY V 253 5.64 33.31 -26.26
N ALA V 254 5.95 32.16 -25.66
CA ALA V 254 7.30 31.89 -25.19
C ALA V 254 8.16 31.25 -26.27
N ARG V 255 9.00 32.05 -26.91
CA ARG V 255 9.89 31.55 -27.98
C ARG V 255 10.85 30.51 -27.40
N ALA V 256 11.50 29.79 -28.30
CA ALA V 256 12.48 28.77 -27.93
C ALA V 256 13.83 29.44 -27.66
N ALA V 257 14.88 28.96 -28.33
CA ALA V 257 16.22 29.50 -28.13
C ALA V 257 17.18 28.97 -29.17
N PRO V 258 18.09 29.83 -29.67
CA PRO V 258 19.07 29.41 -30.67
C PRO V 258 19.96 28.27 -30.13
N PRO V 259 20.12 27.18 -30.90
CA PRO V 259 20.93 26.03 -30.50
C PRO V 259 22.41 26.34 -30.29
N ALA V 260 23.08 25.49 -29.53
CA ALA V 260 24.50 25.65 -29.23
C ALA V 260 25.37 25.58 -30.49
N ALA V 261 24.91 24.84 -31.49
CA ALA V 261 25.64 24.70 -32.74
C ALA V 261 24.70 24.60 -33.95
N ALA V 262 25.29 24.56 -35.14
CA ALA V 262 24.51 24.44 -36.37
C ALA V 262 23.89 23.05 -36.47
N GLN V 263 22.63 23.00 -36.88
CA GLN V 263 21.91 21.74 -37.02
C GLN V 263 21.66 21.38 -38.49
N SER V 264 22.67 21.55 -39.33
CA SER V 264 22.57 21.24 -40.74
C SER V 264 22.28 19.74 -40.86
N SER V 265 21.19 19.40 -41.55
CA SER V 265 20.80 18.00 -41.70
C SER V 265 19.77 17.75 -42.80
N TYR V 266 20.09 16.81 -43.69
CA TYR V 266 19.20 16.44 -44.79
C TYR V 266 18.09 15.54 -44.25
N ILE V 267 16.87 15.75 -44.74
CA ILE V 267 15.72 14.97 -44.30
C ILE V 267 15.03 14.30 -45.50
N ARG V 268 14.40 13.17 -45.23
CA ARG V 268 13.70 12.40 -46.26
C ARG V 268 12.42 11.75 -45.71
N CYS V 269 11.53 11.36 -46.60
CA CYS V 269 10.29 10.73 -46.19
C CYS V 269 10.18 9.31 -46.75
N ILE V 270 10.84 8.35 -46.10
CA ILE V 270 10.86 6.94 -46.53
C ILE V 270 9.51 6.36 -46.95
N SER V 271 8.47 6.67 -46.20
CA SER V 271 7.14 6.18 -46.51
C SER V 271 6.62 6.76 -47.82
N PRO V 272 6.19 5.89 -48.76
CA PRO V 272 5.64 6.25 -50.07
C PRO V 272 4.42 7.15 -49.99
N HIS V 273 4.09 7.60 -48.78
CA HIS V 273 2.94 8.47 -48.57
C HIS V 273 3.11 9.85 -49.17
N TRP V 274 4.37 10.31 -49.24
CA TRP V 274 4.68 11.63 -49.79
C TRP V 274 4.08 11.83 -51.18
N GLN V 275 3.92 10.73 -51.91
CA GLN V 275 3.37 10.76 -53.27
C GLN V 275 2.02 11.47 -53.40
N HIS V 276 1.08 11.12 -52.53
CA HIS V 276 -0.26 11.70 -52.60
C HIS V 276 -0.49 12.87 -51.65
N GLN V 277 0.46 13.13 -50.74
CA GLN V 277 0.33 14.22 -49.79
C GLN V 277 0.91 15.53 -50.29
N ILE V 278 0.05 16.50 -50.57
CA ILE V 278 0.46 17.80 -51.05
C ILE V 278 1.27 18.56 -50.00
N VAL V 279 1.11 18.16 -48.74
CA VAL V 279 1.83 18.79 -47.64
C VAL V 279 3.30 18.34 -47.58
N GLU V 280 3.54 17.06 -47.87
CA GLU V 280 4.89 16.50 -47.87
C GLU V 280 5.69 16.96 -49.09
N VAL V 281 5.03 16.97 -50.25
CA VAL V 281 5.65 17.40 -51.51
C VAL V 281 5.98 18.89 -51.44
N ALA V 282 5.14 19.65 -50.73
CA ALA V 282 5.34 21.09 -50.57
C ALA V 282 6.50 21.36 -49.63
N GLY V 283 6.57 20.61 -48.54
CA GLY V 283 7.64 20.79 -47.58
C GLY V 283 8.98 20.46 -48.18
N ALA V 284 9.00 19.49 -49.09
CA ALA V 284 10.24 19.08 -49.74
C ALA V 284 10.72 20.12 -50.75
N LEU V 285 9.83 20.50 -51.66
CA LEU V 285 10.17 21.47 -52.70
C LEU V 285 10.37 22.89 -52.18
N MET V 286 9.85 23.16 -50.99
CA MET V 286 9.98 24.49 -50.37
C MET V 286 11.39 24.69 -49.83
N SER V 287 12.03 23.58 -49.44
CA SER V 287 13.39 23.59 -48.93
C SER V 287 14.38 23.53 -50.10
N GLN V 288 14.01 22.80 -51.14
CA GLN V 288 14.85 22.67 -52.33
C GLN V 288 15.10 24.00 -53.02
N SER V 289 14.17 24.94 -52.87
CA SER V 289 14.30 26.26 -53.48
C SER V 289 15.54 26.98 -52.94
N VAL V 290 15.89 26.67 -51.70
CA VAL V 290 17.05 27.29 -51.06
C VAL V 290 18.37 26.68 -51.51
N THR V 291 18.44 25.35 -51.52
CA THR V 291 19.66 24.65 -51.93
C THR V 291 19.91 24.82 -53.44
N ALA V 292 19.01 25.56 -54.09
CA ALA V 292 19.13 25.82 -55.51
C ALA V 292 20.05 27.02 -55.73
N VAL V 293 19.67 28.17 -55.19
CA VAL V 293 20.50 29.38 -55.31
C VAL V 293 21.82 29.20 -54.58
N THR V 294 21.83 28.30 -53.61
CA THR V 294 23.03 28.00 -52.83
C THR V 294 23.22 26.49 -52.86
N GLY V 295 24.17 26.04 -53.69
CA GLY V 295 24.44 24.62 -53.80
C GLY V 295 24.62 23.93 -52.45
N LEU V 296 24.41 22.61 -52.44
CA LEU V 296 24.53 21.79 -51.23
C LEU V 296 25.59 22.28 -50.23
N PRO V 297 25.15 22.62 -49.00
CA PRO V 297 26.04 23.11 -47.95
C PRO V 297 27.19 22.12 -47.68
N ALA V 298 26.92 20.85 -47.98
CA ALA V 298 27.89 19.77 -47.81
C ALA V 298 27.46 18.59 -48.66
N LEU V 299 28.06 17.43 -48.44
CA LEU V 299 27.71 16.23 -49.18
C LEU V 299 26.66 15.45 -48.40
N ILE V 300 25.95 14.56 -49.08
CA ILE V 300 24.91 13.74 -48.44
C ILE V 300 25.50 12.42 -47.97
N ASP V 301 24.98 11.91 -46.86
CA ASP V 301 25.44 10.66 -46.27
C ASP V 301 25.05 9.47 -47.14
N GLU V 302 25.98 8.53 -47.31
CA GLU V 302 25.76 7.32 -48.10
C GLU V 302 25.19 6.20 -47.22
N ALA V 303 25.04 6.49 -45.92
CA ALA V 303 24.53 5.54 -44.93
C ALA V 303 23.48 4.56 -45.47
N THR V 304 22.39 5.08 -46.02
CA THR V 304 21.33 4.25 -46.57
C THR V 304 21.14 4.55 -48.06
N LEU V 305 20.10 5.32 -48.39
CA LEU V 305 19.80 5.71 -49.77
C LEU V 305 19.68 4.54 -50.75
N PRO V 306 19.27 4.79 -52.00
CA PRO V 306 19.14 3.72 -52.99
C PRO V 306 20.49 3.16 -53.44
N ALA V 307 20.43 2.06 -54.17
CA ALA V 307 21.63 1.39 -54.67
C ALA V 307 22.33 2.08 -55.85
N TRP V 308 21.73 3.15 -56.35
CA TRP V 308 22.31 3.88 -57.48
C TRP V 308 22.96 5.21 -57.11
N SER V 309 22.56 5.76 -55.96
CA SER V 309 23.12 7.03 -55.50
C SER V 309 24.41 6.82 -54.71
N GLN V 310 24.93 5.61 -54.75
CA GLN V 310 26.15 5.24 -54.05
C GLN V 310 27.39 5.94 -54.63
N GLY V 311 27.96 6.86 -53.86
CA GLY V 311 29.15 7.58 -54.29
C GLY V 311 29.04 8.38 -55.58
N VAL V 312 28.27 9.47 -55.53
CA VAL V 312 28.08 10.34 -56.69
C VAL V 312 29.30 11.27 -56.80
N ALA V 313 29.42 11.95 -57.94
CA ALA V 313 30.52 12.87 -58.19
C ALA V 313 30.68 13.92 -57.09
N ASN V 314 29.75 14.88 -57.04
CA ASN V 314 29.79 15.93 -56.02
C ASN V 314 28.43 16.13 -55.35
N LEU V 315 27.76 15.02 -55.06
CA LEU V 315 26.45 15.06 -54.43
C LEU V 315 26.41 14.21 -53.15
N THR V 316 26.67 12.92 -53.30
CA THR V 316 26.66 12.01 -52.16
C THR V 316 28.06 11.46 -51.91
N GLY V 317 28.59 11.73 -50.73
CA GLY V 317 29.91 11.24 -50.37
C GLY V 317 29.86 10.14 -49.34
N ASN V 318 30.94 10.00 -48.56
CA ASN V 318 31.01 8.97 -47.52
C ASN V 318 32.07 9.30 -46.47
N GLY V 319 32.81 10.38 -46.69
CA GLY V 319 33.85 10.77 -45.77
C GLY V 319 33.39 11.53 -44.54
N GLN V 320 34.13 12.58 -44.20
CA GLN V 320 33.80 13.42 -43.05
C GLN V 320 33.11 14.72 -43.45
N GLY V 321 33.17 15.04 -44.75
CA GLY V 321 32.55 16.26 -45.23
C GLY V 321 31.08 16.09 -45.56
N VAL V 322 30.52 14.96 -45.16
CA VAL V 322 29.10 14.66 -45.41
C VAL V 322 28.22 15.01 -44.21
N VAL V 323 26.94 15.22 -44.49
CA VAL V 323 25.95 15.54 -43.47
C VAL V 323 24.93 14.40 -43.44
N PRO V 324 24.71 13.79 -42.26
CA PRO V 324 23.76 12.69 -42.11
C PRO V 324 22.35 13.03 -42.60
N CYS V 325 21.65 12.03 -43.13
CA CYS V 325 20.29 12.22 -43.62
C CYS V 325 19.32 11.49 -42.70
N LEU V 326 18.53 12.26 -41.98
CA LEU V 326 17.54 11.71 -41.05
C LEU V 326 16.18 11.61 -41.74
N ASP V 327 15.85 10.40 -42.14
CA ASP V 327 14.60 10.11 -42.83
C ASP V 327 13.50 9.73 -41.85
N TYR V 328 12.27 10.12 -42.15
CA TYR V 328 11.15 9.79 -41.27
C TYR V 328 10.00 9.07 -41.99
N ASN V 329 8.84 9.05 -41.35
CA ASN V 329 7.64 8.40 -41.88
C ASN V 329 6.44 9.21 -41.40
N PRO V 330 5.63 9.71 -42.35
CA PRO V 330 4.43 10.52 -42.07
C PRO V 330 3.56 10.09 -40.89
N VAL V 331 3.14 8.82 -40.88
CA VAL V 331 2.29 8.33 -39.80
C VAL V 331 2.93 8.44 -38.40
N PRO V 332 4.13 7.86 -38.19
CA PRO V 332 4.79 7.94 -36.88
C PRO V 332 5.24 9.36 -36.54
N MET V 333 5.52 10.16 -37.57
CA MET V 333 5.94 11.54 -37.38
C MET V 333 4.79 12.36 -36.82
N ALA V 334 3.61 12.22 -37.41
CA ALA V 334 2.44 12.95 -36.95
C ALA V 334 1.93 12.36 -35.64
N ALA V 335 2.23 11.09 -35.42
CA ALA V 335 1.83 10.41 -34.19
C ALA V 335 2.68 10.93 -33.04
N ALA V 336 3.88 11.38 -33.37
CA ALA V 336 4.80 11.94 -32.39
C ALA V 336 4.58 13.45 -32.32
N ARG V 337 3.97 13.99 -33.37
CA ARG V 337 3.66 15.41 -33.46
C ARG V 337 2.49 15.74 -32.54
N HIS V 338 1.56 14.81 -32.44
CA HIS V 338 0.39 14.98 -31.58
C HIS V 338 0.83 14.81 -30.13
N LEU V 339 1.81 13.93 -29.93
CA LEU V 339 2.36 13.65 -28.61
C LEU V 339 3.06 14.86 -28.00
N GLN V 340 3.51 15.76 -28.86
CA GLN V 340 4.20 16.97 -28.39
C GLN V 340 3.14 17.93 -27.85
N TRP V 341 2.02 18.02 -28.56
CA TRP V 341 0.92 18.90 -28.19
C TRP V 341 0.34 18.55 -26.82
N ARG V 342 0.30 17.26 -26.50
CA ARG V 342 -0.23 16.80 -25.23
C ARG V 342 0.73 17.09 -24.07
N GLN V 343 2.03 17.03 -24.35
CA GLN V 343 3.06 17.27 -23.35
C GLN V 343 2.97 18.67 -22.75
N ASP V 344 2.77 19.67 -23.60
CA ASP V 344 2.68 21.06 -23.14
C ASP V 344 1.27 21.51 -22.74
N GLY V 345 0.28 20.65 -22.97
CA GLY V 345 -1.09 20.98 -22.61
C GLY V 345 -1.98 21.67 -23.63
N LEU V 346 -1.70 21.46 -24.92
CA LEU V 346 -2.51 22.05 -25.98
C LEU V 346 -3.77 21.22 -26.16
N ILE V 347 -3.60 19.90 -26.16
CA ILE V 347 -4.72 18.97 -26.30
C ILE V 347 -4.86 18.12 -25.04
N THR V 348 -6.07 17.62 -24.80
CA THR V 348 -6.33 16.78 -23.63
C THR V 348 -5.71 15.40 -23.85
N ALA V 349 -5.51 14.65 -22.76
CA ALA V 349 -4.93 13.31 -22.84
C ALA V 349 -5.89 12.36 -23.56
N ALA V 350 -7.11 12.84 -23.81
CA ALA V 350 -8.12 12.06 -24.52
C ALA V 350 -8.03 12.31 -26.01
N GLN V 351 -7.61 13.51 -26.38
CA GLN V 351 -7.45 13.88 -27.78
C GLN V 351 -6.10 13.39 -28.31
N GLU V 352 -5.32 12.78 -27.42
CA GLU V 352 -4.01 12.22 -27.75
C GLU V 352 -4.25 10.96 -28.61
N ALA V 353 -4.94 9.99 -28.03
CA ALA V 353 -5.23 8.75 -28.73
C ALA V 353 -6.38 8.91 -29.72
N GLN V 354 -6.95 10.10 -29.79
CA GLN V 354 -8.06 10.39 -30.69
C GLN V 354 -7.49 10.82 -32.04
N LEU V 355 -6.60 11.81 -32.00
CA LEU V 355 -5.99 12.33 -33.21
C LEU V 355 -5.14 11.28 -33.94
N ASN V 356 -4.73 10.25 -33.21
CA ASN V 356 -3.93 9.17 -33.77
C ASN V 356 -4.80 8.28 -34.65
N ASN V 357 -6.00 7.97 -34.17
CA ASN V 357 -6.93 7.13 -34.94
C ASN V 357 -7.52 7.89 -36.13
N ASP V 358 -7.69 9.21 -35.98
CA ASP V 358 -8.25 10.03 -37.05
C ASP V 358 -7.22 10.28 -38.16
N TYR V 359 -5.94 10.20 -37.80
CA TYR V 359 -4.86 10.41 -38.75
C TYR V 359 -4.44 9.10 -39.40
N THR V 360 -4.30 8.06 -38.61
CA THR V 360 -3.90 6.76 -39.12
C THR V 360 -4.95 6.24 -40.12
N ALA V 361 -6.17 6.74 -40.01
CA ALA V 361 -7.26 6.37 -40.90
C ALA V 361 -7.08 7.19 -42.18
N TYR V 362 -6.61 8.41 -42.03
CA TYR V 362 -6.35 9.31 -43.15
C TYR V 362 -5.16 8.81 -43.96
N ALA V 363 -4.08 8.47 -43.26
CA ALA V 363 -2.87 7.97 -43.90
C ALA V 363 -3.13 6.62 -44.55
N LEU V 364 -4.21 5.97 -44.12
CA LEU V 364 -4.60 4.68 -44.66
C LEU V 364 -5.18 4.94 -46.04
N THR V 365 -5.92 6.03 -46.18
CA THR V 365 -6.52 6.41 -47.45
C THR V 365 -5.42 6.70 -48.46
N ILE V 366 -4.31 7.22 -47.95
CA ILE V 366 -3.15 7.53 -48.78
C ILE V 366 -2.54 6.21 -49.29
N GLU V 367 -2.47 5.23 -48.39
CA GLU V 367 -1.92 3.91 -48.73
C GLU V 367 -2.84 3.10 -49.65
N ARG V 368 -4.13 3.12 -49.35
CA ARG V 368 -5.12 2.39 -50.15
C ARG V 368 -5.18 2.95 -51.58
N HIS V 369 -4.80 4.21 -51.72
CA HIS V 369 -4.82 4.88 -53.01
C HIS V 369 -3.61 4.54 -53.89
N LEU V 370 -2.41 4.68 -53.34
CA LEU V 370 -1.18 4.39 -54.06
C LEU V 370 -1.05 2.93 -54.47
N THR V 371 -1.41 2.02 -53.58
CA THR V 371 -1.35 0.59 -53.87
C THR V 371 -2.29 0.24 -55.02
N ALA V 372 -3.42 0.92 -55.07
CA ALA V 372 -4.40 0.69 -56.12
C ALA V 372 -4.01 1.33 -57.44
N MET V 373 -3.08 2.28 -57.38
CA MET V 373 -2.61 2.99 -58.57
C MET V 373 -1.39 2.30 -59.19
N LEU V 374 -0.53 1.74 -58.35
CA LEU V 374 0.67 1.05 -58.85
C LEU V 374 0.27 -0.19 -59.62
N VAL V 375 -0.79 -0.85 -59.16
CA VAL V 375 -1.28 -2.06 -59.81
C VAL V 375 -1.93 -1.68 -61.15
N ALA V 376 -2.64 -0.56 -61.17
CA ALA V 376 -3.29 -0.07 -62.38
C ALA V 376 -2.24 0.37 -63.40
N ASN V 377 -1.21 1.07 -62.91
CA ASN V 377 -0.11 1.56 -63.73
C ASN V 377 1.19 0.96 -63.22
N PRO V 378 1.53 -0.26 -63.67
CA PRO V 378 2.74 -0.99 -63.28
C PRO V 378 4.06 -0.20 -63.38
N ILE V 379 4.84 -0.49 -64.42
CA ILE V 379 6.13 0.18 -64.63
C ILE V 379 6.69 -0.25 -65.99
N ALA V 380 6.48 -1.53 -66.32
CA ALA V 380 6.97 -2.08 -67.58
C ALA V 380 6.07 -1.61 -68.73
N ALA V 381 4.96 -0.97 -68.39
CA ALA V 381 4.02 -0.45 -69.36
C ALA V 381 4.65 0.67 -70.20
N GLY V 382 5.37 1.55 -69.52
CA GLY V 382 6.02 2.66 -70.21
C GLY V 382 6.40 3.80 -69.28
N ARG V 383 5.41 4.46 -68.70
CA ARG V 383 5.61 5.60 -67.80
C ARG V 383 5.83 5.19 -66.35
N MET V 384 6.02 6.19 -65.49
CA MET V 384 6.25 5.96 -64.06
C MET V 384 5.60 7.07 -63.21
N PRO V 385 4.28 7.24 -63.31
CA PRO V 385 3.59 8.27 -62.53
C PRO V 385 3.49 7.93 -61.04
N ILE V 386 3.74 6.67 -60.72
CA ILE V 386 3.66 6.21 -59.34
C ILE V 386 5.01 5.95 -58.68
N GLN V 387 5.95 5.39 -59.43
CA GLN V 387 7.27 5.05 -58.90
C GLN V 387 7.09 3.78 -58.06
N PRO V 388 7.55 2.63 -58.56
CA PRO V 388 7.44 1.33 -57.87
C PRO V 388 8.02 1.31 -56.46
N PHE V 389 7.15 1.48 -55.47
CA PHE V 389 7.55 1.50 -54.07
C PHE V 389 7.43 0.15 -53.37
N ASN V 390 6.59 -0.73 -53.90
CA ASN V 390 6.33 -2.07 -53.35
C ASN V 390 5.39 -1.96 -52.15
N ALA V 391 4.60 -3.00 -51.92
CA ALA V 391 3.64 -3.02 -50.82
C ALA V 391 4.18 -3.64 -49.54
N ALA V 392 5.47 -3.93 -49.51
CA ALA V 392 6.09 -4.51 -48.33
C ALA V 392 6.45 -3.42 -47.32
N ASP V 393 6.38 -2.17 -47.76
CA ASP V 393 6.70 -1.00 -46.94
C ASP V 393 5.46 -0.31 -46.34
N PHE V 394 5.35 1.00 -46.52
CA PHE V 394 4.23 1.82 -46.02
C PHE V 394 4.15 1.94 -44.50
N GLY V 395 5.01 1.20 -43.79
CA GLY V 395 4.97 1.26 -42.35
C GLY V 395 6.14 0.55 -41.69
N GLN V 396 7.34 0.87 -42.16
CA GLN V 396 8.58 0.27 -41.64
C GLN V 396 9.49 1.35 -41.08
N ALA V 397 8.89 2.48 -40.67
CA ALA V 397 9.56 3.67 -40.12
C ALA V 397 11.02 3.50 -39.74
N GLY V 398 11.88 4.20 -40.46
CA GLY V 398 13.30 4.14 -40.20
C GLY V 398 13.65 4.93 -38.95
N GLN V 399 14.65 5.78 -39.05
CA GLN V 399 15.04 6.60 -37.90
C GLN V 399 14.22 7.88 -37.78
N THR V 400 12.89 7.71 -37.78
CA THR V 400 11.98 8.85 -37.62
C THR V 400 12.15 9.40 -36.22
N ALA V 401 12.43 8.50 -35.28
CA ALA V 401 12.63 8.85 -33.89
C ALA V 401 13.86 9.74 -33.72
N ALA V 402 14.75 9.71 -34.70
CA ALA V 402 15.97 10.52 -34.66
C ALA V 402 15.73 11.89 -35.31
N ALA V 403 14.72 11.96 -36.17
CA ALA V 403 14.38 13.20 -36.84
C ALA V 403 13.66 14.10 -35.83
N VAL V 404 12.91 13.46 -34.95
CA VAL V 404 12.16 14.16 -33.91
C VAL V 404 13.16 14.71 -32.88
N ALA V 405 14.18 13.92 -32.60
CA ALA V 405 15.22 14.33 -31.65
C ALA V 405 16.08 15.44 -32.25
N LEU V 406 15.98 15.62 -33.57
CA LEU V 406 16.71 16.66 -34.27
C LEU V 406 15.97 17.99 -34.11
N ALA V 407 14.64 17.92 -34.09
CA ALA V 407 13.81 19.11 -33.92
C ALA V 407 13.91 19.65 -32.50
N GLN V 408 14.08 18.74 -31.53
CA GLN V 408 14.20 19.12 -30.12
C GLN V 408 15.56 19.79 -29.91
N ALA V 409 16.54 19.39 -30.72
CA ALA V 409 17.88 19.94 -30.64
C ALA V 409 18.00 21.21 -31.48
N MET V 410 17.19 21.29 -32.53
CA MET V 410 17.20 22.43 -33.44
C MET V 410 16.53 23.66 -32.80
N PHE V 411 15.73 23.42 -31.77
CA PHE V 411 15.02 24.47 -31.06
C PHE V 411 15.01 24.15 -29.56
N VAL V 412 16.09 24.49 -28.88
CA VAL V 412 16.23 24.22 -27.44
C VAL V 412 15.61 25.33 -26.59
N ALA W 2 -60.56 -24.66 -1.90
CA ALA W 2 -60.16 -23.43 -2.65
C ALA W 2 -61.11 -22.28 -2.34
N ALA W 3 -60.94 -21.17 -3.05
CA ALA W 3 -61.79 -20.00 -2.85
C ALA W 3 -61.95 -19.17 -4.11
N VAL W 4 -63.18 -18.75 -4.36
CA VAL W 4 -63.48 -17.92 -5.52
C VAL W 4 -63.79 -16.51 -5.04
N PHE W 5 -62.84 -15.61 -5.24
CA PHE W 5 -63.00 -14.23 -4.80
C PHE W 5 -63.12 -14.24 -3.29
N GLY W 6 -64.14 -13.57 -2.75
CA GLY W 6 -64.32 -13.54 -1.31
C GLY W 6 -64.95 -14.80 -0.73
N ILE W 7 -65.64 -15.58 -1.55
CA ILE W 7 -66.29 -16.80 -1.08
C ILE W 7 -65.34 -17.99 -0.96
N GLN W 8 -65.49 -18.76 0.12
CA GLN W 8 -64.67 -19.94 0.37
C GLN W 8 -65.52 -21.18 0.08
N LEU W 9 -64.97 -22.11 -0.68
CA LEU W 9 -65.72 -23.32 -1.04
C LEU W 9 -65.14 -24.60 -0.43
N VAL W 10 -65.94 -25.27 0.39
CA VAL W 10 -65.50 -26.53 1.02
C VAL W 10 -65.21 -27.57 -0.07
N PRO W 11 -64.11 -28.32 0.10
CA PRO W 11 -63.59 -29.37 -0.79
C PRO W 11 -64.60 -30.33 -1.44
N LYS W 12 -65.47 -30.91 -0.61
CA LYS W 12 -66.45 -31.88 -1.09
C LYS W 12 -67.50 -31.34 -2.07
N LEU W 13 -67.70 -32.07 -3.17
CA LEU W 13 -68.70 -31.72 -4.17
C LEU W 13 -69.92 -32.61 -3.95
N ASN W 14 -71.10 -32.01 -3.91
CA ASN W 14 -72.30 -32.78 -3.68
C ASN W 14 -73.55 -32.17 -4.31
N THR W 15 -74.16 -32.91 -5.23
CA THR W 15 -75.37 -32.46 -5.91
C THR W 15 -76.41 -33.58 -5.94
N SER W 16 -77.66 -33.22 -6.18
CA SER W 16 -78.73 -34.20 -6.28
C SER W 16 -78.33 -35.08 -7.46
N THR W 17 -78.70 -36.35 -7.46
CA THR W 17 -78.28 -37.22 -8.55
C THR W 17 -79.36 -37.63 -9.57
N THR W 18 -80.57 -37.12 -9.40
CA THR W 18 -81.65 -37.42 -10.33
C THR W 18 -82.64 -36.28 -10.43
N ARG W 19 -83.41 -36.27 -11.51
CA ARG W 19 -84.41 -35.23 -11.72
C ARG W 19 -85.79 -35.83 -11.85
N ARG W 20 -86.74 -35.29 -11.08
CA ARG W 20 -88.12 -35.76 -11.13
C ARG W 20 -88.72 -35.34 -12.46
N THR W 21 -89.35 -36.28 -13.16
CA THR W 21 -89.98 -35.99 -14.44
C THR W 21 -91.00 -34.87 -14.24
N PHE W 22 -90.97 -33.86 -15.09
CA PHE W 22 -91.91 -32.76 -14.93
C PHE W 22 -93.34 -33.26 -14.96
N LEU W 23 -94.07 -32.99 -13.88
CA LEU W 23 -95.46 -33.43 -13.80
C LEU W 23 -96.41 -32.24 -13.91
N PRO W 24 -97.30 -32.28 -14.91
CA PRO W 24 -98.25 -31.18 -15.10
C PRO W 24 -99.46 -31.39 -14.21
N LEU W 25 -99.87 -30.36 -13.49
CA LEU W 25 -101.01 -30.44 -12.57
C LEU W 25 -102.32 -30.78 -13.30
N ARG W 26 -103.04 -31.79 -12.81
CA ARG W 26 -104.32 -32.15 -13.43
C ARG W 26 -105.30 -30.98 -13.22
N PHE W 27 -106.42 -31.00 -13.94
CA PHE W 27 -107.38 -29.91 -13.82
C PHE W 27 -108.13 -29.87 -12.50
N ASP W 28 -108.30 -31.04 -11.88
CA ASP W 28 -108.99 -31.12 -10.60
C ASP W 28 -108.09 -30.62 -9.48
N LEU W 29 -106.86 -31.13 -9.43
CA LEU W 29 -105.91 -30.71 -8.41
C LEU W 29 -105.76 -29.19 -8.42
N LEU W 30 -105.72 -28.61 -9.62
CA LEU W 30 -105.60 -27.16 -9.78
C LEU W 30 -106.85 -26.51 -9.19
N LEU W 31 -107.96 -27.22 -9.29
CA LEU W 31 -109.25 -26.76 -8.78
C LEU W 31 -109.35 -26.82 -7.26
N ASP W 32 -108.64 -27.77 -6.66
CA ASP W 32 -108.66 -27.92 -5.21
C ASP W 32 -107.63 -26.99 -4.60
N ARG W 33 -106.45 -26.94 -5.22
CA ARG W 33 -105.38 -26.08 -4.74
C ARG W 33 -105.99 -24.68 -4.60
N LEU W 34 -106.70 -24.23 -5.64
CA LEU W 34 -107.34 -22.92 -5.63
C LEU W 34 -108.52 -22.80 -4.67
N GLN W 35 -109.38 -23.81 -4.63
CA GLN W 35 -110.54 -23.77 -3.74
C GLN W 35 -110.35 -24.52 -2.43
N SER W 36 -109.27 -24.23 -1.72
CA SER W 36 -109.03 -24.89 -0.44
C SER W 36 -109.43 -23.93 0.67
N THR W 37 -109.68 -24.45 1.86
CA THR W 37 -110.06 -23.61 2.99
C THR W 37 -109.11 -22.43 3.14
N ASN W 38 -107.83 -22.73 3.30
CA ASN W 38 -106.81 -21.70 3.44
C ASN W 38 -105.83 -21.74 2.28
N LEU W 39 -105.70 -20.62 1.57
CA LEU W 39 -104.80 -20.53 0.44
C LEU W 39 -103.36 -20.43 0.93
N HIS W 40 -103.17 -19.85 2.10
CA HIS W 40 -101.83 -19.71 2.67
C HIS W 40 -101.13 -21.07 2.81
N GLY W 41 -100.06 -21.25 2.04
CA GLY W 41 -99.33 -22.50 2.06
C GLY W 41 -99.67 -23.26 0.78
N VAL W 42 -100.95 -23.28 0.46
CA VAL W 42 -101.45 -23.96 -0.73
C VAL W 42 -101.11 -23.16 -1.99
N LEU W 43 -101.29 -21.84 -1.92
CA LEU W 43 -101.03 -20.96 -3.06
C LEU W 43 -99.91 -19.97 -2.77
N TYR W 44 -100.12 -19.12 -1.77
CA TYR W 44 -99.12 -18.12 -1.38
C TYR W 44 -98.63 -18.49 0.01
N ARG W 45 -97.56 -17.86 0.47
CA ARG W 45 -97.04 -18.14 1.81
C ARG W 45 -96.25 -16.98 2.42
N ALA W 46 -96.81 -16.37 3.46
CA ALA W 46 -96.16 -15.24 4.14
C ALA W 46 -94.75 -15.67 4.53
N LEU W 47 -93.77 -14.93 4.04
CA LEU W 47 -92.37 -15.24 4.31
C LEU W 47 -92.02 -15.04 5.77
N ASP W 48 -92.48 -13.92 6.33
CA ASP W 48 -92.21 -13.64 7.73
C ASP W 48 -93.48 -13.13 8.42
N PHE W 49 -94.44 -14.04 8.62
CA PHE W 49 -95.69 -13.69 9.26
C PHE W 49 -95.48 -13.47 10.75
N ASN W 50 -95.88 -12.30 11.23
CA ASN W 50 -95.73 -11.96 12.63
C ASN W 50 -96.84 -12.61 13.45
N PRO W 51 -96.47 -13.37 14.49
CA PRO W 51 -97.46 -14.03 15.34
C PRO W 51 -98.41 -13.02 16.01
N VAL W 52 -97.84 -12.13 16.82
CA VAL W 52 -98.60 -11.11 17.52
C VAL W 52 -99.81 -10.64 16.72
N ASP W 53 -99.54 -10.02 15.57
CA ASP W 53 -100.62 -9.53 14.72
C ASP W 53 -100.51 -10.12 13.32
N ARG W 54 -101.67 -10.40 12.71
CA ARG W 54 -101.69 -10.96 11.38
C ARG W 54 -101.06 -9.96 10.41
N SER W 55 -99.73 -9.89 10.43
CA SER W 55 -99.00 -8.97 9.58
C SER W 55 -97.82 -9.68 8.91
N ALA W 56 -97.60 -9.38 7.63
CA ALA W 56 -96.51 -9.98 6.87
C ALA W 56 -95.89 -8.95 5.92
N THR W 57 -94.60 -8.68 6.11
CA THR W 57 -93.88 -7.72 5.29
C THR W 57 -93.85 -8.19 3.84
N VAL W 58 -93.35 -9.40 3.63
CA VAL W 58 -93.27 -9.97 2.29
C VAL W 58 -93.95 -11.33 2.24
N ILE W 59 -94.38 -11.72 1.04
CA ILE W 59 -95.04 -13.00 0.84
C ILE W 59 -94.52 -13.65 -0.44
N GLN W 60 -93.87 -14.80 -0.29
CA GLN W 60 -93.38 -15.51 -1.46
C GLN W 60 -94.55 -16.37 -1.96
N THR W 61 -94.76 -16.39 -3.27
CA THR W 61 -95.87 -17.13 -3.82
C THR W 61 -95.49 -18.34 -4.67
N TYR W 62 -96.43 -19.25 -4.84
CA TYR W 62 -96.24 -20.48 -5.61
C TYR W 62 -96.99 -20.41 -6.96
N PRO W 63 -96.78 -21.40 -7.84
CA PRO W 63 -97.36 -21.58 -9.18
C PRO W 63 -98.52 -20.75 -9.77
N PRO W 64 -99.78 -21.24 -9.73
CA PRO W 64 -100.83 -20.40 -10.33
C PRO W 64 -100.90 -18.96 -9.87
N LEU W 65 -100.01 -18.58 -8.96
CA LEU W 65 -100.01 -17.21 -8.45
C LEU W 65 -98.70 -16.50 -8.76
N ASN W 66 -97.58 -17.22 -8.66
CA ASN W 66 -96.26 -16.66 -8.91
C ASN W 66 -96.15 -16.08 -10.32
N ALA W 67 -97.00 -16.55 -11.23
CA ALA W 67 -96.99 -16.07 -12.61
C ALA W 67 -97.46 -14.60 -12.67
N TRP W 68 -98.56 -14.34 -12.00
CA TRP W 68 -99.17 -13.01 -11.92
C TRP W 68 -98.23 -11.86 -11.59
N SER W 69 -98.43 -10.75 -12.31
CA SER W 69 -97.67 -9.53 -12.10
C SER W 69 -98.71 -8.41 -12.04
N PRO W 70 -98.91 -7.83 -10.85
CA PRO W 70 -99.86 -6.75 -10.56
C PRO W 70 -99.78 -5.55 -11.51
N HIS W 71 -100.87 -4.79 -11.59
CA HIS W 71 -100.93 -3.59 -12.41
C HIS W 71 -100.60 -2.45 -11.44
N HIS W 72 -100.26 -1.28 -11.98
CA HIS W 72 -99.90 -0.13 -11.14
C HIS W 72 -100.79 0.14 -9.92
N ALA W 73 -102.11 0.08 -10.08
CA ALA W 73 -103.03 0.35 -8.98
C ALA W 73 -102.86 -0.55 -7.76
N PHE W 74 -102.29 -1.74 -7.95
CA PHE W 74 -102.08 -2.66 -6.83
C PHE W 74 -100.76 -2.36 -6.12
N ILE W 75 -99.75 -1.90 -6.86
CA ILE W 75 -98.44 -1.57 -6.30
C ILE W 75 -98.59 -0.35 -5.40
N GLU W 76 -99.15 0.72 -5.95
CA GLU W 76 -99.37 1.94 -5.19
C GLU W 76 -100.54 1.64 -4.24
N ASN W 77 -100.33 1.89 -2.95
CA ASN W 77 -101.37 1.63 -1.95
C ASN W 77 -101.53 0.13 -1.76
N PRO W 78 -100.45 -0.56 -1.32
CA PRO W 78 -100.47 -2.01 -1.08
C PRO W 78 -101.39 -2.36 0.08
N LEU W 79 -101.93 -3.57 0.08
CA LEU W 79 -102.82 -4.01 1.14
C LEU W 79 -102.06 -4.68 2.30
N ASP W 80 -102.76 -4.85 3.43
CA ASP W 80 -102.19 -5.47 4.63
C ASP W 80 -102.49 -6.97 4.62
N TYR W 81 -101.67 -7.75 5.30
CA TYR W 81 -101.87 -9.19 5.33
C TYR W 81 -103.30 -9.61 5.68
N ARG W 82 -104.09 -8.65 6.17
CA ARG W 82 -105.48 -8.92 6.52
C ARG W 82 -106.30 -9.09 5.25
N ASP W 83 -106.49 -7.99 4.53
CA ASP W 83 -107.27 -8.01 3.30
C ASP W 83 -106.57 -8.76 2.16
N TRP W 84 -105.29 -9.05 2.32
CA TRP W 84 -104.57 -9.78 1.28
C TRP W 84 -105.06 -11.22 1.25
N THR W 85 -105.12 -11.86 2.42
CA THR W 85 -105.60 -13.23 2.48
C THR W 85 -107.03 -13.17 1.94
N GLU W 86 -107.77 -12.15 2.38
CA GLU W 86 -109.15 -11.98 1.96
C GLU W 86 -109.27 -11.77 0.45
N PHE W 87 -108.41 -10.91 -0.10
CA PHE W 87 -108.42 -10.64 -1.53
C PHE W 87 -108.30 -11.93 -2.32
N ILE W 88 -107.25 -12.70 -2.04
CA ILE W 88 -107.04 -13.98 -2.72
C ILE W 88 -108.10 -15.02 -2.36
N HIS W 89 -108.31 -15.26 -1.06
CA HIS W 89 -109.32 -16.23 -0.63
C HIS W 89 -110.64 -15.97 -1.37
N ASP W 90 -110.75 -14.77 -1.94
CA ASP W 90 -111.92 -14.37 -2.71
C ASP W 90 -111.66 -14.67 -4.19
N ARG W 91 -110.73 -13.92 -4.78
CA ARG W 91 -110.38 -14.08 -6.20
C ARG W 91 -109.97 -15.48 -6.62
N ALA W 92 -109.28 -16.21 -5.75
CA ALA W 92 -108.86 -17.56 -6.09
C ALA W 92 -110.12 -18.40 -6.32
N LEU W 93 -111.13 -18.15 -5.48
CA LEU W 93 -112.40 -18.86 -5.57
C LEU W 93 -113.18 -18.37 -6.79
N ALA W 94 -113.44 -17.07 -6.83
CA ALA W 94 -114.18 -16.45 -7.92
C ALA W 94 -113.55 -16.71 -9.30
N PHE W 95 -112.28 -17.09 -9.30
CA PHE W 95 -111.59 -17.39 -10.55
C PHE W 95 -111.91 -18.82 -10.94
N VAL W 96 -111.93 -19.70 -9.94
CA VAL W 96 -112.26 -21.08 -10.18
C VAL W 96 -113.62 -21.13 -10.86
N GLY W 97 -114.47 -20.18 -10.53
CA GLY W 97 -115.79 -20.13 -11.13
C GLY W 97 -115.66 -19.90 -12.62
N VAL W 98 -115.11 -18.74 -12.98
CA VAL W 98 -114.92 -18.38 -14.38
C VAL W 98 -114.38 -19.54 -15.20
N LEU W 99 -113.31 -20.14 -14.67
CA LEU W 99 -112.64 -21.24 -15.34
C LEU W 99 -113.38 -22.59 -15.33
N THR W 100 -114.13 -22.87 -14.27
CA THR W 100 -114.84 -24.14 -14.18
C THR W 100 -116.16 -24.16 -14.95
N GLN W 101 -116.79 -23.00 -15.12
CA GLN W 101 -118.05 -22.93 -15.85
C GLN W 101 -117.81 -23.11 -17.33
N ARG W 102 -116.56 -22.99 -17.75
CA ARG W 102 -116.20 -23.15 -19.15
C ARG W 102 -115.71 -24.58 -19.38
N TYR W 103 -115.48 -25.30 -18.28
CA TYR W 103 -115.00 -26.66 -18.32
C TYR W 103 -115.54 -27.45 -17.13
N PRO W 104 -116.81 -27.87 -17.18
CA PRO W 104 -117.40 -28.62 -16.08
C PRO W 104 -116.46 -29.73 -15.58
N LEU W 105 -115.96 -29.55 -14.36
CA LEU W 105 -115.02 -30.49 -13.73
C LEU W 105 -115.39 -31.97 -13.87
N THR W 106 -116.62 -32.33 -13.53
CA THR W 106 -117.09 -33.71 -13.60
C THR W 106 -116.71 -34.46 -14.88
N GLN W 107 -116.84 -33.81 -16.02
CA GLN W 107 -116.52 -34.46 -17.30
C GLN W 107 -115.07 -34.37 -17.72
N ASN W 108 -114.42 -33.24 -17.45
CA ASN W 108 -113.03 -33.07 -17.86
C ASN W 108 -112.11 -32.58 -16.75
N ALA W 109 -111.86 -33.45 -15.77
CA ALA W 109 -110.97 -33.10 -14.67
C ALA W 109 -109.64 -33.79 -14.93
N GLN W 110 -109.71 -34.94 -15.61
CA GLN W 110 -108.52 -35.73 -15.93
C GLN W 110 -107.76 -35.14 -17.11
N ARG W 111 -107.71 -33.82 -17.21
CA ARG W 111 -106.99 -33.19 -18.30
C ARG W 111 -105.99 -32.20 -17.73
N TYR W 112 -104.71 -32.42 -18.02
CA TYR W 112 -103.65 -31.56 -17.51
C TYR W 112 -103.74 -30.12 -17.97
N THR W 113 -103.78 -29.20 -17.00
CA THR W 113 -103.81 -27.78 -17.33
C THR W 113 -102.44 -27.42 -17.88
N ASN W 114 -102.36 -26.32 -18.64
CA ASN W 114 -101.08 -25.90 -19.22
C ASN W 114 -100.39 -24.88 -18.31
N PRO W 115 -99.33 -25.31 -17.61
CA PRO W 115 -98.56 -24.47 -16.70
C PRO W 115 -98.52 -23.01 -17.10
N LEU W 116 -98.08 -22.75 -18.33
CA LEU W 116 -97.98 -21.39 -18.85
C LEU W 116 -99.29 -20.64 -18.92
N VAL W 117 -100.20 -21.07 -19.80
CA VAL W 117 -101.47 -20.37 -19.93
C VAL W 117 -102.18 -20.20 -18.58
N LEU W 118 -102.20 -21.26 -17.77
CA LEU W 118 -102.85 -21.22 -16.47
C LEU W 118 -102.30 -20.05 -15.67
N GLY W 119 -101.00 -19.83 -15.77
CA GLY W 119 -100.39 -18.73 -15.05
C GLY W 119 -100.91 -17.38 -15.55
N ALA W 120 -100.70 -17.11 -16.83
CA ALA W 120 -101.15 -15.87 -17.44
C ALA W 120 -102.67 -15.74 -17.34
N ALA W 121 -103.37 -16.88 -17.43
CA ALA W 121 -104.83 -16.88 -17.35
C ALA W 121 -105.30 -16.50 -15.97
N PHE W 122 -104.49 -16.79 -14.95
CA PHE W 122 -104.86 -16.46 -13.59
C PHE W 122 -104.33 -15.08 -13.22
N GLY W 123 -103.11 -14.79 -13.65
CA GLY W 123 -102.54 -13.49 -13.35
C GLY W 123 -103.34 -12.39 -14.03
N ASP W 124 -103.85 -12.68 -15.22
CA ASP W 124 -104.64 -11.70 -15.97
C ASP W 124 -106.01 -11.54 -15.33
N PHE W 125 -106.49 -12.59 -14.68
CA PHE W 125 -107.78 -12.54 -14.01
C PHE W 125 -107.71 -11.57 -12.83
N LEU W 126 -106.62 -11.65 -12.05
CA LEU W 126 -106.44 -10.76 -10.90
C LEU W 126 -106.36 -9.32 -11.35
N ASN W 127 -105.51 -9.04 -12.32
CA ASN W 127 -105.41 -7.67 -12.83
C ASN W 127 -106.73 -7.21 -13.43
N ALA W 128 -107.71 -8.10 -13.47
CA ALA W 128 -109.04 -7.82 -13.98
C ALA W 128 -109.11 -7.62 -15.49
N ARG W 129 -108.30 -8.36 -16.23
CA ARG W 129 -108.31 -8.27 -17.69
C ARG W 129 -109.16 -9.41 -18.25
N SER W 130 -109.93 -9.16 -19.31
CA SER W 130 -110.76 -10.20 -19.91
C SER W 130 -109.92 -11.48 -20.02
N ILE W 131 -110.46 -12.60 -19.57
CA ILE W 131 -109.73 -13.87 -19.60
C ILE W 131 -110.28 -14.84 -20.66
N ASP W 132 -111.14 -14.33 -21.55
CA ASP W 132 -111.74 -15.15 -22.60
C ASP W 132 -110.75 -15.98 -23.42
N ILE W 133 -109.77 -15.33 -24.02
CA ILE W 133 -108.80 -16.01 -24.88
C ILE W 133 -107.99 -17.14 -24.24
N PHE W 134 -107.51 -16.94 -23.02
CA PHE W 134 -106.71 -17.97 -22.36
C PHE W 134 -107.41 -19.30 -22.17
N LEU W 135 -108.70 -19.26 -21.86
CA LEU W 135 -109.49 -20.46 -21.64
C LEU W 135 -109.46 -21.44 -22.82
N ASP W 136 -109.63 -20.93 -24.03
CA ASP W 136 -109.64 -21.77 -25.24
C ASP W 136 -108.66 -22.94 -25.20
N ARG W 137 -107.48 -22.72 -24.63
CA ARG W 137 -106.44 -23.75 -24.55
C ARG W 137 -105.87 -23.92 -23.15
N LEU W 138 -106.74 -23.93 -22.16
CA LEU W 138 -106.30 -24.06 -20.77
C LEU W 138 -105.78 -25.48 -20.49
N PHE W 139 -105.86 -26.34 -21.49
CA PHE W 139 -105.38 -27.72 -21.34
C PHE W 139 -104.48 -28.10 -22.50
N TYR W 140 -103.78 -29.21 -22.37
CA TYR W 140 -102.88 -29.67 -23.42
C TYR W 140 -102.41 -31.09 -23.13
N ASP W 141 -102.31 -31.90 -24.18
CA ASP W 141 -101.87 -33.28 -24.03
C ASP W 141 -100.36 -33.29 -23.79
N PRO W 142 -99.91 -33.97 -22.73
CA PRO W 142 -98.49 -34.05 -22.38
C PRO W 142 -97.54 -34.26 -23.56
N THR W 143 -98.00 -34.98 -24.58
CA THR W 143 -97.16 -35.23 -25.76
C THR W 143 -96.72 -33.93 -26.44
N GLN W 144 -97.67 -33.03 -26.71
CA GLN W 144 -97.34 -31.74 -27.34
C GLN W 144 -96.64 -30.93 -26.24
N ASP W 145 -95.49 -30.33 -26.56
CA ASP W 145 -94.74 -29.56 -25.57
C ASP W 145 -95.64 -28.59 -24.81
N SER W 146 -95.29 -28.34 -23.56
CA SER W 146 -96.06 -27.40 -22.74
C SER W 146 -96.03 -26.01 -23.40
N PRO W 147 -94.85 -25.58 -23.90
CA PRO W 147 -94.71 -24.28 -24.55
C PRO W 147 -95.16 -24.31 -26.01
N ILE W 148 -95.30 -25.52 -26.57
CA ILE W 148 -95.73 -25.65 -27.96
C ILE W 148 -97.23 -25.45 -28.10
N THR W 149 -98.01 -26.00 -27.17
CA THR W 149 -99.45 -25.86 -27.25
C THR W 149 -99.79 -24.38 -27.23
N ALA W 150 -98.98 -23.59 -26.54
CA ALA W 150 -99.22 -22.16 -26.47
C ALA W 150 -99.09 -21.59 -27.89
N ILE W 151 -98.22 -22.18 -28.71
CA ILE W 151 -98.03 -21.70 -30.08
C ILE W 151 -98.95 -22.38 -31.11
N THR W 152 -98.96 -23.71 -31.09
CA THR W 152 -99.78 -24.48 -32.03
C THR W 152 -101.24 -24.07 -31.99
N LYS W 153 -101.84 -24.02 -30.80
CA LYS W 153 -103.23 -23.63 -30.68
C LYS W 153 -103.51 -22.30 -31.35
N PHE W 154 -102.57 -21.35 -31.21
CA PHE W 154 -102.72 -20.04 -31.82
C PHE W 154 -101.46 -19.17 -31.74
N PRO W 155 -101.12 -18.48 -32.84
CA PRO W 155 -99.95 -17.59 -32.89
C PRO W 155 -100.49 -16.15 -32.71
N TYR W 156 -101.11 -15.91 -31.55
CA TYR W 156 -101.70 -14.61 -31.20
C TYR W 156 -100.73 -13.58 -30.59
N GLN W 157 -100.18 -12.71 -31.45
CA GLN W 157 -99.20 -11.71 -31.04
C GLN W 157 -99.78 -10.38 -30.52
N TRP W 158 -100.86 -10.40 -29.73
CA TRP W 158 -101.40 -9.11 -29.26
C TRP W 158 -101.69 -8.98 -27.76
N THR W 159 -102.22 -10.02 -27.14
CA THR W 159 -102.53 -9.96 -25.72
C THR W 159 -101.32 -9.59 -24.86
N ILE W 160 -101.34 -8.38 -24.31
CA ILE W 160 -100.24 -7.91 -23.47
C ILE W 160 -99.93 -8.95 -22.39
N ASP W 161 -98.64 -9.22 -22.16
CA ASP W 161 -98.19 -10.19 -21.16
C ASP W 161 -98.29 -11.66 -21.57
N SER W 162 -98.48 -11.91 -22.86
CA SER W 162 -98.57 -13.29 -23.35
C SER W 162 -98.60 -13.26 -24.88
N ASN W 163 -97.59 -12.62 -25.47
CA ASN W 163 -97.48 -12.54 -26.93
C ASN W 163 -96.98 -13.88 -27.46
N VAL W 164 -97.85 -14.59 -28.13
CA VAL W 164 -97.48 -15.87 -28.68
C VAL W 164 -97.15 -15.71 -30.15
N THR W 165 -95.91 -16.02 -30.51
CA THR W 165 -95.52 -15.95 -31.92
C THR W 165 -95.42 -17.41 -32.33
N THR W 166 -94.84 -17.69 -33.48
CA THR W 166 -94.73 -19.07 -33.94
C THR W 166 -93.73 -19.88 -33.10
N ASP W 167 -92.63 -19.26 -32.70
CA ASP W 167 -91.62 -19.97 -31.93
C ASP W 167 -91.41 -19.53 -30.48
N SER W 168 -91.88 -18.35 -30.11
CA SER W 168 -91.70 -17.88 -28.73
C SER W 168 -92.93 -17.23 -28.11
N VAL W 169 -93.00 -17.27 -26.78
CA VAL W 169 -94.11 -16.69 -26.04
C VAL W 169 -93.61 -15.66 -25.03
N ARG W 170 -93.57 -14.39 -25.43
CA ARG W 170 -93.08 -13.33 -24.53
C ARG W 170 -94.07 -12.88 -23.45
N THR W 171 -93.82 -13.32 -22.23
CA THR W 171 -94.68 -12.96 -21.09
C THR W 171 -93.84 -12.32 -19.99
N SER W 172 -94.47 -11.48 -19.17
CA SER W 172 -93.76 -10.84 -18.06
C SER W 172 -93.52 -11.88 -16.98
N ALA W 173 -92.26 -12.01 -16.56
CA ALA W 173 -91.89 -12.95 -15.50
C ALA W 173 -92.87 -12.84 -14.34
N GLY W 174 -92.95 -13.91 -13.56
CA GLY W 174 -93.84 -13.88 -12.43
C GLY W 174 -93.35 -12.90 -11.37
N CYS W 175 -93.81 -13.08 -10.14
CA CYS W 175 -93.40 -12.22 -9.03
C CYS W 175 -93.34 -13.11 -7.80
N LYS W 176 -92.31 -13.95 -7.76
CA LYS W 176 -92.12 -14.89 -6.68
C LYS W 176 -92.22 -14.22 -5.31
N TYR W 177 -92.42 -12.90 -5.30
CA TYR W 177 -92.53 -12.14 -4.06
C TYR W 177 -93.42 -10.90 -4.24
N ILE W 178 -94.46 -10.78 -3.43
CA ILE W 178 -95.30 -9.59 -3.48
C ILE W 178 -95.13 -8.98 -2.09
N THR W 179 -95.11 -7.66 -2.02
CA THR W 179 -94.92 -7.00 -0.73
C THR W 179 -96.13 -6.24 -0.21
N LEU W 180 -96.72 -6.77 0.87
CA LEU W 180 -97.89 -6.14 1.48
C LEU W 180 -97.45 -4.86 2.22
N TYR W 181 -98.28 -3.83 2.12
CA TYR W 181 -98.00 -2.55 2.76
C TYR W 181 -97.32 -2.72 4.12
N GLY W 182 -96.19 -2.04 4.28
CA GLY W 182 -95.46 -2.13 5.54
C GLY W 182 -94.14 -2.83 5.31
N TYR W 183 -93.72 -2.88 4.05
CA TYR W 183 -92.48 -3.54 3.68
C TYR W 183 -91.39 -2.51 3.36
N ASP W 184 -90.16 -2.82 3.78
CA ASP W 184 -89.03 -1.94 3.53
C ASP W 184 -87.73 -2.73 3.41
N PRO W 185 -86.97 -2.48 2.32
CA PRO W 185 -85.71 -3.20 2.12
C PRO W 185 -84.67 -2.66 3.11
N SER W 186 -85.07 -1.65 3.89
CA SER W 186 -84.18 -1.04 4.87
C SER W 186 -83.74 -2.03 5.95
N ARG W 187 -84.70 -2.57 6.71
CA ARG W 187 -84.40 -3.53 7.77
C ARG W 187 -83.59 -4.71 7.25
N PRO W 188 -82.54 -5.10 7.99
CA PRO W 188 -81.70 -6.24 7.59
C PRO W 188 -82.44 -7.56 7.77
N SER W 189 -83.52 -7.50 8.56
CA SER W 189 -84.33 -8.68 8.87
C SER W 189 -85.31 -9.14 7.79
N THR W 190 -85.99 -8.20 7.13
CA THR W 190 -86.95 -8.56 6.08
C THR W 190 -86.31 -9.52 5.09
N PRO W 191 -87.06 -10.55 4.66
CA PRO W 191 -86.55 -11.55 3.72
C PRO W 191 -86.15 -10.96 2.36
N ALA W 192 -84.98 -11.38 1.87
CA ALA W 192 -84.44 -10.91 0.60
C ALA W 192 -85.44 -11.18 -0.54
N THR W 193 -86.10 -10.12 -0.98
CA THR W 193 -87.09 -10.24 -2.05
C THR W 193 -86.46 -10.33 -3.45
N TYR W 194 -85.28 -9.73 -3.62
CA TYR W 194 -84.56 -9.75 -4.90
C TYR W 194 -85.17 -8.85 -5.97
N GLY W 195 -85.93 -7.86 -5.54
CA GLY W 195 -86.54 -6.96 -6.50
C GLY W 195 -87.78 -7.52 -7.15
N LYS W 196 -88.03 -8.82 -7.00
CA LYS W 196 -89.21 -9.43 -7.59
C LYS W 196 -90.50 -8.92 -6.96
N HIS W 197 -90.40 -8.10 -5.93
CA HIS W 197 -91.62 -7.56 -5.33
C HIS W 197 -92.17 -6.59 -6.38
N ARG W 198 -91.31 -6.24 -7.33
CA ARG W 198 -91.68 -5.34 -8.42
C ARG W 198 -92.50 -6.14 -9.43
N PRO W 199 -93.24 -5.46 -10.33
CA PRO W 199 -94.05 -6.17 -11.31
C PRO W 199 -93.26 -6.61 -12.53
N THR W 200 -92.55 -5.65 -13.13
CA THR W 200 -91.76 -5.90 -14.31
C THR W 200 -90.26 -5.78 -14.06
N TYR W 201 -89.66 -6.86 -13.57
CA TYR W 201 -88.24 -6.89 -13.28
C TYR W 201 -87.59 -7.82 -14.29
N ALA W 202 -88.41 -8.66 -14.91
CA ALA W 202 -87.92 -9.61 -15.90
C ALA W 202 -88.89 -9.76 -17.06
N THR W 203 -88.51 -10.57 -18.04
CA THR W 203 -89.32 -10.82 -19.21
C THR W 203 -89.00 -12.22 -19.72
N VAL W 204 -89.70 -13.21 -19.19
CA VAL W 204 -89.48 -14.59 -19.59
C VAL W 204 -89.90 -14.84 -21.03
N PHE W 205 -88.93 -15.16 -21.89
CA PHE W 205 -89.18 -15.47 -23.29
C PHE W 205 -89.14 -17.00 -23.44
N TYR W 206 -90.28 -17.62 -23.70
CA TYR W 206 -90.30 -19.07 -23.88
C TYR W 206 -90.07 -19.38 -25.34
N TYR W 207 -89.20 -20.35 -25.64
CA TYR W 207 -88.97 -20.69 -27.04
C TYR W 207 -89.33 -22.13 -27.37
N SER W 208 -89.69 -22.35 -28.64
CA SER W 208 -90.11 -23.68 -29.11
C SER W 208 -88.97 -24.64 -29.46
N THR W 209 -88.08 -24.22 -30.37
CA THR W 209 -86.95 -25.05 -30.78
C THR W 209 -85.66 -24.24 -30.63
N LEU W 210 -84.51 -24.91 -30.76
CA LEU W 210 -83.24 -24.21 -30.66
C LEU W 210 -83.07 -23.12 -31.71
N PRO W 211 -83.40 -23.41 -32.99
CA PRO W 211 -83.25 -22.35 -33.99
C PRO W 211 -84.18 -21.20 -33.64
N ALA W 212 -85.28 -21.53 -32.98
CA ALA W 212 -86.27 -20.53 -32.56
C ALA W 212 -85.64 -19.64 -31.50
N ARG W 213 -84.68 -20.20 -30.78
CA ARG W 213 -83.98 -19.49 -29.72
C ARG W 213 -82.89 -18.57 -30.27
N SER W 214 -82.16 -19.03 -31.29
CA SER W 214 -81.11 -18.20 -31.89
C SER W 214 -81.78 -16.90 -32.34
N ARG W 215 -82.88 -17.06 -33.06
CA ARG W 215 -83.65 -15.94 -33.58
C ARG W 215 -84.08 -15.00 -32.45
N LEU W 216 -84.27 -15.56 -31.24
CA LEU W 216 -84.65 -14.75 -30.09
C LEU W 216 -83.44 -13.97 -29.57
N LEU W 217 -82.40 -14.67 -29.12
CA LEU W 217 -81.19 -14.02 -28.61
C LEU W 217 -80.75 -12.94 -29.57
N ALA W 218 -80.65 -13.31 -30.84
CA ALA W 218 -80.22 -12.39 -31.88
C ALA W 218 -81.02 -11.10 -31.81
N ASN W 219 -82.34 -11.24 -31.74
CA ASN W 219 -83.22 -10.08 -31.69
C ASN W 219 -83.16 -9.25 -30.39
N LEU W 220 -82.90 -9.90 -29.26
CA LEU W 220 -82.83 -9.18 -28.00
C LEU W 220 -81.37 -9.05 -27.51
N ALA W 221 -80.45 -8.87 -28.46
CA ALA W 221 -79.03 -8.74 -28.13
C ALA W 221 -78.66 -7.38 -27.57
N ALA W 222 -79.55 -6.40 -27.70
CA ALA W 222 -79.30 -5.05 -27.19
C ALA W 222 -79.56 -4.98 -25.68
N GLY W 223 -80.46 -5.83 -25.20
CA GLY W 223 -80.81 -5.87 -23.79
C GLY W 223 -79.63 -6.17 -22.88
N PRO W 224 -79.51 -5.44 -21.77
CA PRO W 224 -78.44 -5.57 -20.77
C PRO W 224 -77.79 -6.94 -20.68
N THR W 225 -78.59 -7.97 -20.45
CA THR W 225 -78.09 -9.33 -20.35
C THR W 225 -79.28 -10.26 -20.40
N VAL W 226 -79.03 -11.51 -20.77
CA VAL W 226 -80.11 -12.47 -20.86
C VAL W 226 -79.76 -13.76 -20.14
N LEU W 227 -80.38 -13.96 -18.99
CA LEU W 227 -80.14 -15.16 -18.20
C LEU W 227 -81.04 -16.28 -18.74
N GLU W 228 -80.56 -17.51 -18.68
CA GLU W 228 -81.32 -18.64 -19.16
C GLU W 228 -80.98 -19.90 -18.38
N HIS W 229 -82.00 -20.66 -17.99
CA HIS W 229 -81.78 -21.91 -17.25
C HIS W 229 -81.49 -23.10 -18.15
N PHE W 230 -80.24 -23.54 -18.15
CA PHE W 230 -79.85 -24.67 -18.99
C PHE W 230 -80.31 -26.01 -18.41
N ASP W 231 -80.32 -26.12 -17.08
CA ASP W 231 -80.73 -27.37 -16.46
C ASP W 231 -82.24 -27.41 -16.33
N SER W 232 -82.85 -28.39 -16.99
CA SER W 232 -84.30 -28.59 -16.97
C SER W 232 -85.14 -27.36 -16.64
N PRO W 233 -85.26 -26.40 -17.59
CA PRO W 233 -86.07 -25.20 -17.31
C PRO W 233 -87.43 -25.60 -16.73
N THR W 234 -88.15 -24.67 -16.13
CA THR W 234 -89.43 -24.99 -15.51
C THR W 234 -90.57 -25.52 -16.37
N TYR W 235 -91.11 -24.68 -17.26
CA TYR W 235 -92.23 -25.10 -18.09
C TYR W 235 -91.83 -25.36 -19.52
N GLY W 236 -90.52 -25.33 -19.75
CA GLY W 236 -90.00 -25.51 -21.08
C GLY W 236 -88.91 -24.47 -21.09
N PRO W 237 -87.95 -24.55 -22.00
CA PRO W 237 -86.86 -23.57 -22.05
C PRO W 237 -87.31 -22.11 -22.07
N HIS W 238 -87.04 -21.37 -20.99
CA HIS W 238 -87.41 -19.95 -20.97
C HIS W 238 -86.17 -19.10 -21.26
N LEU W 239 -86.31 -17.78 -21.25
CA LEU W 239 -85.17 -16.91 -21.54
C LEU W 239 -85.27 -15.56 -20.84
N LEU W 240 -85.22 -15.60 -19.50
CA LEU W 240 -85.30 -14.42 -18.64
C LEU W 240 -84.48 -13.20 -19.10
N LEU W 241 -85.12 -12.04 -19.14
CA LEU W 241 -84.44 -10.82 -19.54
C LEU W 241 -84.74 -9.77 -18.47
N PRO W 242 -83.76 -9.50 -17.60
CA PRO W 242 -83.92 -8.52 -16.51
C PRO W 242 -84.00 -7.10 -17.05
N GLN W 243 -84.90 -6.28 -16.49
CA GLN W 243 -85.02 -4.90 -16.94
C GLN W 243 -83.70 -4.21 -16.55
N THR W 244 -83.45 -3.02 -17.10
CA THR W 244 -82.21 -2.31 -16.84
C THR W 244 -81.98 -1.79 -15.42
N GLY W 245 -83.05 -1.36 -14.75
CA GLY W 245 -82.91 -0.85 -13.39
C GLY W 245 -82.13 -1.76 -12.46
N ASP W 246 -81.65 -1.22 -11.36
CA ASP W 246 -80.89 -1.99 -10.37
C ASP W 246 -81.47 -1.81 -8.95
N VAL W 247 -81.53 -2.90 -8.21
CA VAL W 247 -82.09 -2.86 -6.85
C VAL W 247 -81.26 -2.12 -5.80
N LEU W 248 -81.96 -1.58 -4.82
CA LEU W 248 -81.36 -0.83 -3.72
C LEU W 248 -81.40 -1.70 -2.46
N GLY W 249 -80.27 -1.81 -1.77
CA GLY W 249 -80.28 -2.60 -0.54
C GLY W 249 -79.21 -3.66 -0.36
N TYR W 250 -78.96 -4.45 -1.40
CA TYR W 250 -77.98 -5.53 -1.31
C TYR W 250 -76.53 -5.11 -1.27
N SER W 251 -76.21 -4.03 -1.98
CA SER W 251 -74.85 -3.53 -2.00
C SER W 251 -74.90 -2.00 -1.93
N SER W 252 -73.90 -1.40 -1.33
CA SER W 252 -73.85 0.04 -1.24
C SER W 252 -73.90 0.56 -2.69
N SER W 253 -73.27 -0.20 -3.58
CA SER W 253 -73.25 0.13 -5.01
C SER W 253 -74.47 -0.55 -5.60
N LEU W 254 -75.42 0.23 -6.10
CA LEU W 254 -76.63 -0.34 -6.69
C LEU W 254 -76.33 -1.49 -7.65
N ILE W 255 -76.78 -2.68 -7.27
CA ILE W 255 -76.56 -3.88 -8.08
C ILE W 255 -77.64 -3.96 -9.17
N SER W 256 -77.21 -4.09 -10.42
CA SER W 256 -78.14 -4.19 -11.54
C SER W 256 -79.07 -5.39 -11.42
N GLN W 257 -80.35 -5.18 -11.71
CA GLN W 257 -81.35 -6.25 -11.62
C GLN W 257 -80.86 -7.49 -12.34
N ALA W 258 -80.05 -7.28 -13.38
CA ALA W 258 -79.50 -8.37 -14.17
C ALA W 258 -78.56 -9.24 -13.33
N ALA W 259 -77.64 -8.60 -12.62
CA ALA W 259 -76.67 -9.30 -11.80
C ALA W 259 -77.27 -9.83 -10.50
N LEU W 260 -78.29 -9.14 -9.97
CA LEU W 260 -78.90 -9.59 -8.73
C LEU W 260 -79.56 -10.96 -8.91
N LEU W 261 -80.21 -11.16 -10.04
CA LEU W 261 -80.87 -12.42 -10.32
C LEU W 261 -79.86 -13.56 -10.28
N MET W 262 -78.64 -13.27 -10.74
CA MET W 262 -77.58 -14.27 -10.73
C MET W 262 -77.27 -14.66 -9.29
N VAL W 263 -76.92 -13.67 -8.48
CA VAL W 263 -76.61 -13.93 -7.09
C VAL W 263 -77.69 -14.77 -6.43
N GLU W 264 -78.94 -14.33 -6.54
CA GLU W 264 -80.06 -15.03 -5.92
C GLU W 264 -80.15 -16.48 -6.35
N SER W 265 -79.72 -16.78 -7.58
CA SER W 265 -79.78 -18.16 -8.04
C SER W 265 -78.49 -18.88 -7.66
N VAL W 266 -77.35 -18.26 -7.94
CA VAL W 266 -76.07 -18.86 -7.61
C VAL W 266 -76.09 -19.21 -6.13
N MET W 267 -76.78 -18.38 -5.35
CA MET W 267 -76.89 -18.59 -3.92
C MET W 267 -77.87 -19.72 -3.60
N ASP W 268 -78.34 -20.39 -4.66
CA ASP W 268 -79.24 -21.52 -4.52
C ASP W 268 -78.44 -22.76 -4.84
N ALA W 269 -77.88 -22.78 -6.06
CA ALA W 269 -77.05 -23.90 -6.48
C ALA W 269 -76.04 -24.20 -5.38
N LEU W 270 -75.70 -23.17 -4.60
CA LEU W 270 -74.75 -23.35 -3.51
C LEU W 270 -75.44 -23.93 -2.28
N ARG W 271 -76.54 -23.31 -1.89
CA ARG W 271 -77.31 -23.77 -0.73
C ARG W 271 -77.96 -25.12 -1.00
N ASP W 272 -78.28 -25.38 -2.26
CA ASP W 272 -78.91 -26.64 -2.67
C ASP W 272 -77.86 -27.74 -2.68
N ASN W 273 -76.68 -27.45 -3.21
CA ASN W 273 -75.60 -28.44 -3.21
C ASN W 273 -75.35 -28.81 -1.77
N ALA W 274 -75.35 -27.78 -0.93
CA ALA W 274 -75.12 -27.94 0.50
C ALA W 274 -75.81 -29.16 1.07
N ASN W 275 -77.13 -29.26 0.86
CA ASN W 275 -77.88 -30.38 1.41
C ASN W 275 -78.48 -31.37 0.42
N ALA W 276 -78.20 -31.22 -0.87
CA ALA W 276 -78.75 -32.17 -1.84
C ALA W 276 -78.18 -33.53 -1.46
N SER W 277 -79.02 -34.56 -1.46
CA SER W 277 -78.56 -35.90 -1.10
C SER W 277 -78.80 -36.89 -2.24
N ALA W 278 -78.18 -38.06 -2.12
CA ALA W 278 -78.29 -39.09 -3.13
C ALA W 278 -79.72 -39.63 -3.25
N SER W 279 -80.33 -39.94 -2.11
CA SER W 279 -81.68 -40.49 -2.09
C SER W 279 -82.77 -39.58 -2.66
N THR W 280 -82.55 -38.27 -2.62
CA THR W 280 -83.55 -37.33 -3.14
C THR W 280 -83.43 -37.04 -4.63
N ALA W 281 -84.56 -36.76 -5.27
CA ALA W 281 -84.59 -36.45 -6.69
C ALA W 281 -85.11 -35.02 -6.85
N VAL W 282 -84.26 -34.14 -7.34
CA VAL W 282 -84.62 -32.74 -7.53
C VAL W 282 -85.05 -32.42 -8.95
N THR W 283 -85.81 -31.34 -9.10
CA THR W 283 -86.27 -30.91 -10.41
C THR W 283 -85.08 -30.65 -11.32
N ARG W 284 -84.19 -29.77 -10.87
CA ARG W 284 -83.00 -29.43 -11.63
C ARG W 284 -81.74 -29.82 -10.88
N LEU W 285 -80.78 -30.38 -11.61
CA LEU W 285 -79.52 -30.81 -11.01
C LEU W 285 -78.71 -29.59 -10.54
N ASP W 286 -79.26 -28.40 -10.77
CA ASP W 286 -78.62 -27.15 -10.35
C ASP W 286 -79.61 -26.01 -10.59
N GLN W 287 -79.55 -24.97 -9.77
CA GLN W 287 -80.46 -23.85 -9.90
C GLN W 287 -79.81 -22.57 -10.40
N SER W 288 -78.52 -22.61 -10.66
CA SER W 288 -77.79 -21.44 -11.11
C SER W 288 -78.19 -20.91 -12.50
N TYR W 289 -78.32 -19.58 -12.60
CA TYR W 289 -78.68 -18.94 -13.86
C TYR W 289 -77.46 -18.89 -14.76
N HIS W 290 -77.61 -18.31 -15.95
CA HIS W 290 -76.48 -18.24 -16.85
C HIS W 290 -76.65 -17.12 -17.86
N PRO W 291 -75.67 -16.20 -17.94
CA PRO W 291 -75.70 -15.06 -18.87
C PRO W 291 -75.47 -15.53 -20.32
N VAL W 292 -76.31 -15.09 -21.24
CA VAL W 292 -76.18 -15.52 -22.62
C VAL W 292 -75.94 -14.38 -23.60
N THR W 293 -76.12 -13.14 -23.15
CA THR W 293 -75.91 -11.99 -24.04
C THR W 293 -75.49 -10.72 -23.31
N SER W 294 -74.75 -9.86 -24.02
CA SER W 294 -74.28 -8.59 -23.48
C SER W 294 -73.52 -8.82 -22.18
N PHE W 295 -72.74 -9.90 -22.13
CA PHE W 295 -71.99 -10.24 -20.94
C PHE W 295 -70.50 -10.24 -21.26
N ASP W 296 -69.70 -9.54 -20.45
CA ASP W 296 -68.26 -9.49 -20.68
C ASP W 296 -67.62 -10.72 -20.07
N PRO W 297 -67.14 -11.65 -20.92
CA PRO W 297 -66.51 -12.89 -20.49
C PRO W 297 -65.11 -12.79 -19.88
N SER W 298 -64.34 -11.78 -20.27
CA SER W 298 -62.96 -11.63 -19.79
C SER W 298 -62.76 -11.02 -18.40
N THR W 299 -63.13 -9.76 -18.23
CA THR W 299 -62.95 -9.08 -16.95
C THR W 299 -63.74 -9.69 -15.79
N PHE W 300 -63.48 -9.20 -14.58
CA PHE W 300 -64.16 -9.69 -13.38
C PHE W 300 -64.48 -8.54 -12.41
N ASN W 301 -65.19 -7.54 -12.92
CA ASN W 301 -65.56 -6.37 -12.14
C ASN W 301 -67.03 -6.44 -11.74
N THR W 302 -67.90 -6.21 -12.72
CA THR W 302 -69.34 -6.25 -12.50
C THR W 302 -69.68 -7.43 -11.61
N LEU W 303 -70.58 -7.19 -10.65
CA LEU W 303 -70.98 -8.25 -9.74
C LEU W 303 -71.41 -9.46 -10.57
N LEU W 304 -72.06 -9.20 -11.71
CA LEU W 304 -72.53 -10.25 -12.60
C LEU W 304 -71.38 -11.16 -13.07
N GLN W 305 -70.36 -10.57 -13.69
CA GLN W 305 -69.21 -11.34 -14.17
C GLN W 305 -68.64 -12.20 -13.04
N ARG W 306 -68.47 -11.59 -11.86
CA ARG W 306 -67.95 -12.31 -10.70
C ARG W 306 -68.89 -13.44 -10.31
N ALA W 307 -70.19 -13.17 -10.31
CA ALA W 307 -71.17 -14.18 -9.95
C ALA W 307 -71.16 -15.30 -10.99
N THR W 308 -71.25 -14.93 -12.27
CA THR W 308 -71.23 -15.90 -13.35
C THR W 308 -70.05 -16.82 -13.16
N ASN W 309 -68.87 -16.21 -13.11
CA ASN W 309 -67.63 -16.95 -12.93
C ASN W 309 -67.74 -17.96 -11.80
N LEU W 310 -68.49 -17.62 -10.76
CA LEU W 310 -68.66 -18.51 -9.63
C LEU W 310 -69.74 -19.59 -9.84
N ALA W 311 -70.64 -19.36 -10.79
CA ALA W 311 -71.70 -20.35 -11.05
C ALA W 311 -71.18 -21.50 -11.89
N LEU W 312 -70.19 -21.24 -12.74
CA LEU W 312 -69.62 -22.27 -13.59
C LEU W 312 -68.95 -23.30 -12.71
N LEU W 313 -68.72 -22.89 -11.46
CA LEU W 313 -68.08 -23.73 -10.45
C LEU W 313 -69.17 -24.33 -9.58
N ALA W 314 -70.21 -23.54 -9.32
CA ALA W 314 -71.34 -23.98 -8.49
C ALA W 314 -72.17 -25.09 -9.13
N VAL W 315 -71.87 -25.41 -10.38
CA VAL W 315 -72.60 -26.47 -11.08
C VAL W 315 -71.89 -27.81 -10.83
N GLN W 316 -70.74 -27.77 -10.17
CA GLN W 316 -69.98 -28.98 -9.89
C GLN W 316 -70.39 -29.66 -8.60
N GLY W 317 -71.07 -28.92 -7.73
CA GLY W 317 -71.50 -29.49 -6.46
C GLY W 317 -70.78 -28.86 -5.30
N VAL W 318 -69.99 -27.84 -5.60
CA VAL W 318 -69.24 -27.13 -4.57
C VAL W 318 -70.21 -26.48 -3.61
N GLN W 319 -69.85 -26.46 -2.32
CA GLN W 319 -70.72 -25.86 -1.32
C GLN W 319 -69.95 -24.80 -0.55
N SER W 320 -70.64 -23.72 -0.19
CA SER W 320 -70.03 -22.62 0.56
C SER W 320 -69.78 -23.05 2.01
N GLU W 321 -68.61 -22.75 2.54
CA GLU W 321 -68.29 -23.12 3.91
C GLU W 321 -69.32 -22.48 4.84
N SER W 322 -69.64 -21.22 4.56
CA SER W 322 -70.63 -20.47 5.35
C SER W 322 -72.03 -20.93 4.95
N ALA W 323 -72.72 -21.56 5.89
CA ALA W 323 -74.08 -22.05 5.64
C ALA W 323 -75.01 -20.97 5.10
N ILE W 324 -75.58 -21.23 3.93
CA ILE W 324 -76.50 -20.27 3.31
C ILE W 324 -77.91 -20.57 3.84
N PRO W 325 -78.51 -19.61 4.55
CA PRO W 325 -79.86 -19.81 5.11
C PRO W 325 -80.91 -20.29 4.12
N ALA W 326 -81.86 -21.07 4.62
CA ALA W 326 -82.94 -21.62 3.81
C ALA W 326 -83.78 -20.49 3.20
N ILE W 327 -84.06 -19.48 4.00
CA ILE W 327 -84.82 -18.32 3.55
C ILE W 327 -83.87 -17.12 3.54
N PRO W 328 -83.07 -16.97 2.48
CA PRO W 328 -82.14 -15.84 2.41
C PRO W 328 -82.81 -14.53 2.81
N THR W 329 -82.15 -13.81 3.70
CA THR W 329 -82.65 -12.53 4.16
C THR W 329 -81.71 -11.45 3.65
N MET W 330 -82.24 -10.25 3.43
CA MET W 330 -81.43 -9.15 2.92
C MET W 330 -80.09 -9.02 3.62
N SER W 331 -80.09 -9.15 4.95
CA SER W 331 -78.85 -9.07 5.69
C SER W 331 -77.89 -10.13 5.14
N ASP W 332 -78.41 -11.35 4.97
CA ASP W 332 -77.63 -12.48 4.45
C ASP W 332 -77.22 -12.31 2.98
N VAL W 333 -78.18 -12.01 2.11
CA VAL W 333 -77.87 -11.83 0.69
C VAL W 333 -76.75 -10.82 0.54
N ARG W 334 -76.87 -9.73 1.30
CA ARG W 334 -75.88 -8.66 1.28
C ARG W 334 -74.52 -9.16 1.77
N SER W 335 -74.53 -10.09 2.73
CA SER W 335 -73.28 -10.65 3.28
C SER W 335 -72.66 -11.65 2.31
N PHE W 336 -73.39 -11.95 1.26
CA PHE W 336 -72.89 -12.87 0.25
C PHE W 336 -72.43 -12.01 -0.92
N VAL W 337 -73.25 -11.02 -1.26
CA VAL W 337 -72.91 -10.11 -2.36
C VAL W 337 -71.71 -9.27 -1.95
N ALA W 338 -71.41 -9.28 -0.67
CA ALA W 338 -70.27 -8.54 -0.15
C ALA W 338 -69.05 -9.43 -0.32
N ARG W 339 -69.20 -10.69 0.06
CA ARG W 339 -68.13 -11.66 -0.05
C ARG W 339 -67.73 -11.87 -1.50
N LEU W 340 -68.68 -11.67 -2.40
CA LEU W 340 -68.44 -11.83 -3.83
C LEU W 340 -67.61 -10.68 -4.38
N MET W 341 -67.89 -9.47 -3.91
CA MET W 341 -67.17 -8.28 -4.36
C MET W 341 -65.73 -8.21 -3.87
N ALA W 342 -65.49 -8.71 -2.66
CA ALA W 342 -64.16 -8.70 -2.07
C ALA W 342 -63.12 -9.25 -3.04
N GLU W 343 -62.03 -8.49 -3.23
CA GLU W 343 -60.96 -8.89 -4.14
C GLU W 343 -60.56 -10.34 -3.93
N GLY W 344 -60.48 -11.08 -5.02
CA GLY W 344 -60.11 -12.48 -4.96
C GLY W 344 -59.67 -12.99 -6.32
N ASP W 345 -59.57 -14.30 -6.45
CA ASP W 345 -59.15 -14.93 -7.70
C ASP W 345 -60.32 -15.59 -8.41
N PRO W 346 -60.71 -15.06 -9.57
CA PRO W 346 -61.83 -15.67 -10.30
C PRO W 346 -61.50 -17.10 -10.68
N GLN W 347 -62.24 -18.06 -10.12
CA GLN W 347 -62.04 -19.47 -10.40
C GLN W 347 -61.67 -19.65 -11.87
N GLN W 348 -60.68 -20.50 -12.16
CA GLN W 348 -60.26 -20.70 -13.54
C GLN W 348 -60.31 -22.11 -14.08
N TRP W 349 -60.69 -23.07 -13.25
CA TRP W 349 -60.75 -24.45 -13.72
C TRP W 349 -61.68 -24.62 -14.90
N PHE W 350 -62.90 -24.08 -14.79
CA PHE W 350 -63.87 -24.19 -15.86
C PHE W 350 -64.08 -22.90 -16.63
N PRO W 351 -63.49 -22.77 -17.83
CA PRO W 351 -63.61 -21.58 -18.69
C PRO W 351 -65.07 -21.38 -19.04
N TYR W 352 -65.46 -20.14 -19.34
CA TYR W 352 -66.85 -19.84 -19.68
C TYR W 352 -67.19 -19.91 -21.17
N ARG W 353 -68.41 -20.37 -21.45
CA ARG W 353 -68.91 -20.48 -22.82
C ARG W 353 -70.25 -19.77 -22.84
N VAL W 354 -70.76 -19.48 -24.04
CA VAL W 354 -72.05 -18.79 -24.11
C VAL W 354 -73.21 -19.77 -24.30
N ASP W 355 -72.91 -20.95 -24.83
CA ASP W 355 -73.98 -21.93 -25.06
C ASP W 355 -73.72 -23.26 -24.38
N GLN W 356 -72.66 -23.35 -23.58
CA GLN W 356 -72.35 -24.60 -22.92
C GLN W 356 -71.75 -24.47 -21.54
N ILE W 357 -72.23 -25.29 -20.62
CA ILE W 357 -71.70 -25.30 -19.28
C ILE W 357 -70.82 -26.53 -19.17
N LEU W 358 -69.52 -26.33 -19.05
CA LEU W 358 -68.60 -27.44 -18.91
C LEU W 358 -68.75 -27.99 -17.51
N TYR W 359 -69.05 -29.29 -17.41
CA TYR W 359 -69.20 -29.92 -16.11
C TYR W 359 -68.16 -31.03 -15.97
N TRP W 360 -67.52 -31.09 -14.79
CA TRP W 360 -66.51 -32.10 -14.53
C TRP W 360 -67.09 -33.50 -14.70
N PRO W 361 -66.42 -34.37 -15.47
CA PRO W 361 -66.93 -35.73 -15.66
C PRO W 361 -66.92 -36.45 -14.31
N GLU W 362 -65.82 -36.25 -13.59
CA GLU W 362 -65.59 -36.84 -12.28
C GLU W 362 -66.36 -36.06 -11.21
N SER W 363 -67.61 -35.70 -11.51
CA SER W 363 -68.42 -34.93 -10.57
C SER W 363 -69.85 -35.46 -10.47
N PRO W 364 -70.45 -35.36 -9.26
CA PRO W 364 -71.82 -35.81 -8.96
C PRO W 364 -72.85 -35.40 -10.00
N PHE W 365 -72.74 -34.16 -10.48
CA PHE W 365 -73.68 -33.63 -11.48
C PHE W 365 -73.77 -34.49 -12.74
N VAL W 366 -75.00 -34.92 -13.05
CA VAL W 366 -75.23 -35.72 -14.25
C VAL W 366 -76.00 -34.84 -15.24
N PRO W 367 -75.38 -34.53 -16.39
CA PRO W 367 -75.99 -33.69 -17.43
C PRO W 367 -77.38 -34.12 -17.87
N PRO W 368 -78.31 -33.16 -18.02
CA PRO W 368 -79.70 -33.38 -18.44
C PRO W 368 -79.83 -34.22 -19.73
N ILE W 369 -79.76 -33.57 -20.88
CA ILE W 369 -79.85 -34.28 -22.16
C ILE W 369 -79.26 -33.46 -23.31
N GLY W 370 -80.08 -32.53 -23.81
CA GLY W 370 -79.71 -31.67 -24.92
C GLY W 370 -78.28 -31.22 -25.14
N PRO W 371 -78.10 -30.19 -25.98
CA PRO W 371 -76.76 -29.67 -26.26
C PRO W 371 -76.35 -28.45 -25.46
N PHE W 372 -76.35 -28.54 -24.13
CA PHE W 372 -75.96 -27.42 -23.29
C PHE W 372 -74.83 -27.79 -22.32
N TYR W 373 -74.61 -29.08 -22.15
CA TYR W 373 -73.58 -29.53 -21.22
C TYR W 373 -72.45 -30.37 -21.81
N ALA W 374 -71.27 -29.76 -21.89
CA ALA W 374 -70.09 -30.44 -22.40
C ALA W 374 -69.33 -31.00 -21.20
N PRO W 375 -68.85 -32.24 -21.30
CA PRO W 375 -68.11 -32.86 -20.19
C PRO W 375 -66.65 -32.47 -20.13
N PHE W 376 -66.37 -31.17 -20.04
CA PHE W 376 -64.99 -30.68 -19.98
C PHE W 376 -64.31 -31.04 -18.67
N ARG W 377 -63.05 -31.46 -18.76
CA ARG W 377 -62.29 -31.85 -17.58
C ARG W 377 -61.04 -30.99 -17.42
N PRO W 378 -61.00 -30.13 -16.37
CA PRO W 378 -59.81 -29.30 -16.18
C PRO W 378 -58.58 -30.19 -16.02
N VAL W 379 -57.40 -29.62 -16.14
CA VAL W 379 -56.17 -30.40 -15.99
C VAL W 379 -55.99 -30.90 -14.55
N ASN W 380 -56.42 -30.11 -13.57
CA ASN W 380 -56.27 -30.50 -12.16
C ASN W 380 -57.28 -29.89 -11.19
N PHE W 381 -58.49 -30.43 -11.16
CA PHE W 381 -59.51 -29.93 -10.24
C PHE W 381 -59.16 -30.43 -8.84
N PRO W 382 -59.08 -29.52 -7.85
CA PRO W 382 -58.74 -29.89 -6.47
C PRO W 382 -59.86 -30.50 -5.62
N PHE W 383 -61.10 -30.36 -6.06
CA PHE W 383 -62.22 -30.89 -5.29
C PHE W 383 -62.51 -32.37 -5.49
N THR W 384 -62.88 -33.03 -4.40
CA THR W 384 -63.26 -34.44 -4.44
C THR W 384 -64.72 -34.38 -4.00
N THR W 385 -65.44 -35.50 -4.02
CA THR W 385 -66.84 -35.43 -3.62
C THR W 385 -67.13 -35.84 -2.17
N GLY W 386 -68.41 -35.79 -1.80
CA GLY W 386 -68.83 -36.11 -0.45
C GLY W 386 -69.62 -34.93 0.06
N SER W 387 -70.33 -35.10 1.17
CA SER W 387 -71.12 -33.99 1.70
C SER W 387 -70.64 -33.53 3.07
N TYR W 388 -71.48 -32.75 3.75
CA TYR W 388 -71.17 -32.24 5.07
C TYR W 388 -72.45 -32.08 5.87
N THR W 389 -72.52 -32.73 7.03
CA THR W 389 -73.70 -32.60 7.88
C THR W 389 -73.59 -31.30 8.66
N VAL W 390 -74.62 -30.48 8.57
CA VAL W 390 -74.66 -29.18 9.23
C VAL W 390 -74.58 -29.29 10.76
N VAL W 391 -73.80 -28.41 11.36
CA VAL W 391 -73.61 -28.37 12.81
C VAL W 391 -74.03 -27.00 13.34
N PRO W 392 -74.82 -26.98 14.43
CA PRO W 392 -75.31 -25.75 15.07
C PRO W 392 -74.23 -24.78 15.57
N ASP W 393 -74.58 -23.50 15.61
CA ASP W 393 -73.67 -22.44 16.05
C ASP W 393 -73.18 -22.53 17.49
N ALA W 394 -71.86 -22.61 17.66
CA ALA W 394 -71.23 -22.71 18.97
C ALA W 394 -71.64 -21.56 19.89
N SER W 395 -72.17 -21.90 21.06
CA SER W 395 -72.62 -20.90 22.04
C SER W 395 -71.49 -20.11 22.68
N ARG W 396 -70.27 -20.61 22.57
CA ARG W 396 -69.13 -19.90 23.14
C ARG W 396 -67.85 -20.21 22.38
N PRO W 397 -66.86 -19.30 22.43
CA PRO W 397 -65.58 -19.53 21.72
C PRO W 397 -64.97 -20.88 22.06
N LEU W 398 -64.86 -21.75 21.06
CA LEU W 398 -64.29 -23.08 21.25
C LEU W 398 -62.78 -23.13 21.12
N ARG W 399 -62.13 -23.67 22.16
CA ARG W 399 -60.68 -23.78 22.19
C ARG W 399 -60.27 -24.87 21.21
N LEU W 400 -59.07 -24.73 20.64
CA LEU W 400 -58.58 -25.69 19.66
C LEU W 400 -57.18 -26.21 19.97
N LEU W 401 -57.08 -27.47 20.37
CA LEU W 401 -55.78 -28.05 20.66
C LEU W 401 -54.95 -27.90 19.39
N PRO W 402 -53.66 -27.58 19.52
CA PRO W 402 -52.86 -27.44 18.31
C PRO W 402 -52.04 -28.67 17.94
N GLN W 403 -52.31 -29.22 16.76
CA GLN W 403 -51.58 -30.37 16.25
C GLN W 403 -50.82 -29.83 15.04
N TYR W 404 -49.52 -30.08 15.00
CA TYR W 404 -48.68 -29.56 13.93
C TYR W 404 -48.56 -30.32 12.62
N ARG W 405 -48.15 -29.58 11.58
CA ARG W 405 -47.98 -30.12 10.25
C ARG W 405 -46.49 -30.32 10.02
N ASN W 406 -46.07 -30.48 8.76
CA ASN W 406 -44.66 -30.67 8.48
C ASN W 406 -43.89 -29.41 8.16
N ALA W 407 -44.31 -28.69 7.12
CA ALA W 407 -43.62 -27.46 6.75
C ALA W 407 -43.62 -26.49 7.94
N THR W 408 -42.54 -25.74 8.09
CA THR W 408 -42.44 -24.77 9.18
C THR W 408 -42.01 -23.43 8.60
N ILE W 409 -42.59 -22.36 9.11
CA ILE W 409 -42.24 -21.03 8.65
C ILE W 409 -41.03 -20.52 9.41
N THR W 410 -40.26 -19.65 8.76
CA THR W 410 -39.06 -19.06 9.34
C THR W 410 -39.46 -17.90 10.26
N VAL W 411 -38.95 -17.93 11.49
CA VAL W 411 -39.26 -16.90 12.48
C VAL W 411 -39.51 -15.51 11.88
N GLN W 412 -38.64 -15.08 10.97
CA GLN W 412 -38.76 -13.76 10.32
C GLN W 412 -40.08 -13.59 9.58
N GLN W 413 -40.39 -14.56 8.74
CA GLN W 413 -41.61 -14.57 7.94
C GLN W 413 -42.84 -14.90 8.79
N ALA W 414 -42.66 -15.79 9.76
CA ALA W 414 -43.75 -16.20 10.63
C ALA W 414 -43.97 -15.14 11.71
N ASP W 415 -43.35 -13.98 11.54
CA ASP W 415 -43.52 -12.91 12.52
C ASP W 415 -44.39 -11.83 11.93
N ASP W 416 -43.91 -11.19 10.87
CA ASP W 416 -44.68 -10.14 10.22
C ASP W 416 -46.01 -10.73 9.78
N ALA W 417 -46.00 -12.01 9.38
CA ALA W 417 -47.21 -12.70 8.95
C ALA W 417 -48.25 -12.48 10.03
N TYR W 418 -47.80 -12.59 11.27
CA TYR W 418 -48.63 -12.38 12.44
C TYR W 418 -48.91 -10.89 12.60
N GLU W 419 -47.85 -10.10 12.48
CA GLU W 419 -47.91 -8.65 12.63
C GLU W 419 -48.61 -7.90 11.49
N ASP W 420 -49.07 -8.66 10.49
CA ASP W 420 -49.79 -8.09 9.35
C ASP W 420 -51.27 -8.29 9.56
N THR W 421 -51.62 -9.21 10.46
CA THR W 421 -53.02 -9.53 10.74
C THR W 421 -53.34 -9.72 12.22
N ALA W 422 -52.44 -9.30 13.10
CA ALA W 422 -52.68 -9.45 14.53
C ALA W 422 -53.41 -8.25 15.10
N LEU W 423 -54.14 -8.47 16.18
CA LEU W 423 -54.86 -7.40 16.85
C LEU W 423 -53.91 -6.91 17.94
N SER W 424 -53.03 -5.96 17.58
CA SER W 424 -52.04 -5.44 18.52
C SER W 424 -52.58 -4.69 19.75
N PRO W 425 -52.94 -3.40 19.62
CA PRO W 425 -53.46 -2.73 20.82
C PRO W 425 -54.84 -3.25 21.18
N LEU W 426 -54.90 -4.52 21.53
CA LEU W 426 -56.13 -5.23 21.87
C LEU W 426 -56.69 -5.01 23.26
N ILE W 427 -57.83 -4.34 23.37
CA ILE W 427 -58.45 -4.09 24.67
C ILE W 427 -58.87 -5.42 25.31
N THR W 428 -58.52 -5.62 26.59
CA THR W 428 -58.89 -6.87 27.26
C THR W 428 -59.38 -6.72 28.71
N THR W 429 -60.38 -7.52 29.07
CA THR W 429 -60.95 -7.51 30.42
C THR W 429 -60.04 -8.34 31.32
N HIS W 430 -60.05 -8.04 32.62
CA HIS W 430 -59.22 -8.79 33.56
C HIS W 430 -59.97 -9.90 34.28
N GLY W 431 -61.21 -9.62 34.66
CA GLY W 431 -61.98 -10.61 35.38
C GLY W 431 -61.42 -10.64 36.80
N PHE W 432 -61.42 -11.81 37.41
CA PHE W 432 -60.91 -11.94 38.78
C PHE W 432 -59.97 -13.13 38.90
N CYS W 433 -58.73 -12.86 39.28
CA CYS W 433 -57.72 -13.90 39.43
C CYS W 433 -57.85 -14.69 40.74
N VAL W 434 -58.42 -14.09 41.77
CA VAL W 434 -58.60 -14.76 43.05
C VAL W 434 -60.07 -14.68 43.47
N THR W 435 -60.63 -15.81 43.85
CA THR W 435 -62.03 -15.87 44.24
C THR W 435 -62.24 -16.64 45.53
N GLY W 436 -61.20 -17.35 45.97
CA GLY W 436 -61.30 -18.16 47.17
C GLY W 436 -61.38 -17.41 48.48
N GLY W 437 -61.53 -18.16 49.56
CA GLY W 437 -61.61 -17.57 50.87
C GLY W 437 -60.27 -17.02 51.32
N VAL W 438 -59.97 -17.13 52.60
CA VAL W 438 -58.71 -16.63 53.14
C VAL W 438 -57.72 -17.77 53.40
N PHE W 439 -56.45 -17.41 53.59
CA PHE W 439 -55.40 -18.38 53.88
C PHE W 439 -54.84 -18.03 55.27
N THR W 440 -55.73 -17.92 56.25
CA THR W 440 -55.37 -17.59 57.63
C THR W 440 -54.21 -18.39 58.20
N SER W 441 -53.47 -17.79 59.12
CA SER W 441 -52.32 -18.44 59.75
C SER W 441 -52.07 -17.94 61.18
N ILE W 442 -52.48 -18.74 62.16
CA ILE W 442 -52.29 -18.39 63.57
C ILE W 442 -50.82 -18.49 63.96
N TYR W 443 -50.44 -17.78 65.03
CA TYR W 443 -49.07 -17.77 65.54
C TYR W 443 -49.12 -17.38 67.01
N ASP W 444 -48.69 -18.27 67.90
CA ASP W 444 -48.70 -17.96 69.33
C ASP W 444 -47.43 -17.25 69.75
N ILE W 445 -47.55 -15.99 70.14
CA ILE W 445 -46.40 -15.22 70.56
C ILE W 445 -46.12 -15.47 72.04
N SER W 446 -47.20 -15.63 72.81
CA SER W 446 -47.05 -15.92 74.24
C SER W 446 -46.70 -17.40 74.36
N GLY W 447 -47.01 -18.16 73.32
CA GLY W 447 -46.73 -19.59 73.31
C GLY W 447 -45.26 -19.93 73.37
N ASP W 448 -44.48 -19.46 72.39
CA ASP W 448 -43.04 -19.73 72.34
C ASP W 448 -42.32 -19.33 73.62
N PRO W 449 -41.52 -20.25 74.19
CA PRO W 449 -40.77 -19.99 75.42
C PRO W 449 -39.40 -19.33 75.20
N THR W 450 -39.13 -18.88 73.98
CA THR W 450 -37.82 -18.26 73.70
C THR W 450 -37.90 -16.74 73.56
N ALA W 451 -37.02 -16.04 74.25
CA ALA W 451 -36.99 -14.59 74.19
C ALA W 451 -36.31 -14.15 72.90
N TYR W 452 -36.92 -13.18 72.21
CA TYR W 452 -36.36 -12.69 70.96
C TYR W 452 -36.34 -11.16 70.97
N PRO W 453 -35.16 -10.56 71.15
CA PRO W 453 -34.95 -9.11 71.19
C PRO W 453 -35.87 -8.34 70.23
N PRO W 454 -36.89 -7.64 70.79
CA PRO W 454 -37.84 -6.86 70.00
C PRO W 454 -37.22 -5.80 69.09
N ALA W 455 -35.95 -5.50 69.31
CA ALA W 455 -35.26 -4.51 68.50
C ALA W 455 -34.86 -5.09 67.15
N GLN W 456 -34.54 -6.38 67.13
CA GLN W 456 -34.11 -7.06 65.92
C GLN W 456 -35.10 -8.02 65.27
N LEU W 457 -36.30 -7.55 64.95
CA LEU W 457 -37.29 -8.37 64.28
C LEU W 457 -37.12 -8.05 62.80
N VAL W 458 -37.88 -8.71 61.93
CA VAL W 458 -37.76 -8.41 60.51
C VAL W 458 -38.57 -7.14 60.25
N ASP W 459 -37.90 -5.99 60.24
CA ASP W 459 -38.57 -4.71 60.04
C ASP W 459 -39.14 -4.59 58.64
N ALA W 460 -40.23 -3.84 58.50
CA ALA W 460 -40.90 -3.64 57.22
C ALA W 460 -39.87 -3.52 56.09
N PRO W 461 -40.00 -4.37 55.05
CA PRO W 461 -39.07 -4.34 53.91
C PRO W 461 -39.13 -3.00 53.20
N ASN W 462 -37.96 -2.46 52.86
CA ASN W 462 -37.83 -1.18 52.20
C ASN W 462 -38.84 -0.93 51.06
N ASP W 463 -38.67 -1.67 49.97
CA ASP W 463 -39.54 -1.56 48.80
C ASP W 463 -41.01 -1.36 49.10
N TYR W 464 -41.52 -2.05 50.13
CA TYR W 464 -42.92 -2.01 50.52
C TYR W 464 -43.69 -0.74 50.17
N PHE W 465 -43.24 0.41 50.68
CA PHE W 465 -43.90 1.67 50.37
C PHE W 465 -43.23 2.23 49.14
N ASP W 466 -43.87 2.05 47.99
CA ASP W 466 -43.29 2.51 46.74
C ASP W 466 -44.30 2.49 45.59
N ARG W 467 -44.20 3.48 44.71
CA ARG W 467 -45.09 3.61 43.56
C ARG W 467 -45.28 2.29 42.81
N GLU W 468 -44.19 1.55 42.61
CA GLU W 468 -44.24 0.29 41.89
C GLU W 468 -44.87 -0.84 42.70
N ARG W 469 -44.39 -1.03 43.93
CA ARG W 469 -44.90 -2.08 44.80
C ARG W 469 -46.36 -1.83 45.20
N MET W 470 -46.65 -0.63 45.68
CA MET W 470 -48.02 -0.29 46.08
C MET W 470 -48.97 -0.44 44.89
N ALA W 471 -48.54 0.02 43.72
CA ALA W 471 -49.37 -0.09 42.53
C ALA W 471 -49.86 -1.53 42.40
N ARG W 472 -48.93 -2.48 42.53
CA ARG W 472 -49.26 -3.90 42.43
C ARG W 472 -50.07 -4.38 43.62
N ARG W 473 -49.65 -4.03 44.83
CA ARG W 473 -50.38 -4.46 46.02
C ARG W 473 -51.83 -4.05 45.88
N ASP W 474 -52.06 -2.92 45.22
CA ASP W 474 -53.42 -2.42 44.99
C ASP W 474 -54.08 -3.18 43.85
N LEU W 475 -53.37 -3.34 42.74
CA LEU W 475 -53.90 -4.05 41.58
C LEU W 475 -54.39 -5.44 41.98
N PHE W 476 -53.55 -6.18 42.69
CA PHE W 476 -53.90 -7.53 43.14
C PHE W 476 -55.20 -7.48 43.93
N ARG W 477 -55.31 -6.48 44.79
CA ARG W 477 -56.47 -6.26 45.63
C ARG W 477 -57.78 -6.29 44.85
N ARG W 478 -57.83 -5.54 43.75
CA ARG W 478 -59.04 -5.48 42.92
C ARG W 478 -59.22 -6.71 42.05
N LEU W 479 -58.13 -7.43 41.78
CA LEU W 479 -58.21 -8.64 40.98
C LEU W 479 -58.86 -9.77 41.76
N ARG W 480 -59.46 -9.43 42.91
CA ARG W 480 -60.10 -10.44 43.75
C ARG W 480 -61.62 -10.26 43.77
N ALA W 481 -62.32 -11.13 43.04
CA ALA W 481 -63.79 -11.10 42.96
C ALA W 481 -64.41 -10.98 44.33
N PRO W 482 -65.01 -9.81 44.64
CA PRO W 482 -65.65 -9.60 45.94
C PRO W 482 -67.16 -9.75 45.88
N ARG W 485 -64.82 -7.64 52.26
CA ARG W 485 -63.85 -8.69 52.48
C ARG W 485 -63.77 -9.05 53.96
N SER W 486 -64.22 -8.14 54.82
CA SER W 486 -64.20 -8.37 56.26
C SER W 486 -65.04 -9.60 56.60
N ALA W 487 -66.11 -9.82 55.84
CA ALA W 487 -66.98 -10.96 56.06
C ALA W 487 -66.08 -12.20 56.21
N ILE W 488 -64.99 -12.22 55.46
CA ILE W 488 -64.05 -13.33 55.48
C ILE W 488 -63.05 -13.12 56.62
N LYS W 489 -62.30 -12.03 56.55
CA LYS W 489 -61.30 -11.68 57.58
C LYS W 489 -61.92 -11.73 58.97
N ASP W 490 -62.89 -10.86 59.20
CA ASP W 490 -63.58 -10.80 60.49
C ASP W 490 -63.97 -12.19 60.95
N ARG W 491 -64.68 -12.92 60.09
CA ARG W 491 -65.11 -14.27 60.44
C ARG W 491 -63.89 -15.13 60.75
N ALA W 492 -62.83 -14.94 59.96
CA ALA W 492 -61.59 -15.68 60.13
C ALA W 492 -61.02 -15.51 61.54
N VAL W 493 -60.97 -14.26 61.99
CA VAL W 493 -60.46 -13.95 63.33
C VAL W 493 -61.34 -14.58 64.40
N PHE W 494 -62.64 -14.61 64.16
CA PHE W 494 -63.57 -15.19 65.12
C PHE W 494 -63.51 -16.73 65.09
N ASP W 495 -63.16 -17.29 63.94
CA ASP W 495 -63.05 -18.74 63.86
C ASP W 495 -61.99 -19.11 64.89
N PHE W 496 -60.99 -18.26 65.00
CA PHE W 496 -59.91 -18.48 65.94
C PHE W 496 -60.29 -18.03 67.35
N LEU W 497 -60.81 -16.81 67.45
CA LEU W 497 -61.22 -16.26 68.75
C LEU W 497 -62.12 -17.24 69.50
N ALA W 498 -62.76 -18.12 68.77
CA ALA W 498 -63.65 -19.11 69.35
C ALA W 498 -62.88 -20.17 70.14
N SER W 499 -61.57 -20.23 69.92
CA SER W 499 -60.73 -21.22 70.61
C SER W 499 -60.18 -20.70 71.94
N LEU W 500 -60.21 -19.38 72.13
CA LEU W 500 -59.72 -18.78 73.37
C LEU W 500 -60.84 -18.59 74.38
N VAL W 501 -61.99 -19.21 74.11
CA VAL W 501 -63.14 -19.08 75.00
C VAL W 501 -63.13 -20.11 76.14
N ASN W 502 -63.08 -19.60 77.38
CA ASN W 502 -63.08 -20.46 78.56
C ASN W 502 -64.42 -20.26 79.26
N PRO W 503 -65.24 -21.31 79.31
CA PRO W 503 -66.57 -21.31 79.93
C PRO W 503 -66.63 -21.41 81.46
N THR W 504 -65.58 -21.96 82.07
CA THR W 504 -65.55 -22.13 83.52
C THR W 504 -65.55 -20.83 84.33
N THR W 505 -65.94 -20.96 85.60
CA THR W 505 -65.99 -19.82 86.52
C THR W 505 -64.60 -19.44 87.00
N ALA W 506 -63.75 -20.43 87.20
CA ALA W 506 -62.38 -20.21 87.67
C ALA W 506 -61.77 -18.96 87.02
N ASN W 507 -61.83 -18.88 85.69
CA ASN W 507 -61.30 -17.75 84.94
C ASN W 507 -61.95 -17.68 83.57
N PRO W 508 -63.16 -17.11 83.48
CA PRO W 508 -63.89 -17.00 82.22
C PRO W 508 -63.27 -16.05 81.20
N VAL W 509 -63.41 -16.43 79.92
CA VAL W 509 -62.89 -15.64 78.81
C VAL W 509 -63.94 -15.77 77.71
N LEU W 510 -64.64 -14.66 77.45
CA LEU W 510 -65.70 -14.65 76.45
C LEU W 510 -66.85 -15.53 76.92
N ASP W 511 -67.03 -15.63 78.23
CA ASP W 511 -68.09 -16.45 78.80
C ASP W 511 -69.45 -15.95 78.30
N THR W 512 -70.33 -16.89 78.01
CA THR W 512 -71.68 -16.60 77.49
C THR W 512 -72.26 -15.27 77.94
N SER W 513 -72.79 -14.53 76.98
CA SER W 513 -73.40 -13.23 77.24
C SER W 513 -72.37 -12.15 77.53
N PHE W 514 -71.11 -12.38 77.14
CA PHE W 514 -70.07 -11.40 77.37
C PHE W 514 -70.39 -10.18 76.50
N SER W 515 -70.13 -8.98 77.00
CA SER W 515 -70.40 -7.78 76.23
C SER W 515 -69.30 -7.62 75.18
N MET W 516 -69.64 -7.04 74.04
CA MET W 516 -68.67 -6.85 72.97
C MET W 516 -68.65 -5.43 72.41
N ALA W 517 -67.44 -4.91 72.21
CA ALA W 517 -67.27 -3.58 71.62
C ALA W 517 -66.81 -3.83 70.20
N TYR W 518 -67.23 -2.97 69.27
CA TYR W 518 -66.85 -3.15 67.89
C TYR W 518 -66.59 -1.79 67.26
N LEU W 519 -65.45 -1.63 66.60
CA LEU W 519 -65.13 -0.36 65.97
C LEU W 519 -64.92 -0.49 64.47
N GLY W 520 -65.70 0.27 63.71
CA GLY W 520 -65.60 0.24 62.26
C GLY W 520 -66.79 -0.47 61.63
N ALA W 521 -67.58 0.27 60.85
CA ALA W 521 -68.75 -0.28 60.19
C ALA W 521 -69.08 0.52 58.93
N SER W 522 -69.67 -0.14 57.94
CA SER W 522 -70.03 0.53 56.69
C SER W 522 -71.54 0.63 56.51
N ASP W 529 -74.71 -1.86 55.78
CA ASP W 529 -74.91 -1.03 56.97
C ASP W 529 -73.96 -1.48 58.08
N GLU W 530 -74.50 -2.12 59.11
CA GLU W 530 -73.67 -2.60 60.21
C GLU W 530 -72.88 -3.79 59.68
N PRO W 531 -71.66 -4.01 60.20
CA PRO W 531 -70.87 -5.14 59.73
C PRO W 531 -71.73 -6.40 59.64
N VAL W 532 -71.57 -7.15 58.55
CA VAL W 532 -72.37 -8.34 58.33
C VAL W 532 -72.12 -9.41 59.38
N ILE W 533 -70.94 -9.38 60.00
CA ILE W 533 -70.59 -10.35 61.02
C ILE W 533 -71.41 -10.17 62.30
N LEU W 534 -71.81 -8.93 62.59
CA LEU W 534 -72.60 -8.64 63.78
C LEU W 534 -73.86 -9.49 63.86
N ALA W 535 -74.56 -9.62 62.74
CA ALA W 535 -75.77 -10.42 62.68
C ALA W 535 -75.47 -11.82 63.19
N ASP W 536 -74.35 -12.36 62.74
CA ASP W 536 -73.92 -13.71 63.12
C ASP W 536 -73.51 -13.90 64.57
N ILE W 537 -72.79 -12.94 65.15
CA ILE W 537 -72.39 -13.09 66.54
C ILE W 537 -73.61 -13.17 67.45
N ARG W 538 -74.62 -12.34 67.16
CA ARG W 538 -75.86 -12.33 67.93
C ARG W 538 -76.70 -13.56 67.64
N SER W 539 -76.42 -14.20 66.50
CA SER W 539 -77.14 -15.41 66.11
C SER W 539 -76.50 -16.64 66.72
N GLY W 540 -75.26 -16.48 67.20
CA GLY W 540 -74.56 -17.61 67.78
C GLY W 540 -74.18 -18.49 66.60
N SER W 541 -74.36 -17.91 65.41
CA SER W 541 -74.07 -18.58 64.15
C SER W 541 -72.67 -19.19 64.10
N ILE W 542 -71.65 -18.40 64.47
CA ILE W 542 -70.27 -18.89 64.45
C ILE W 542 -70.10 -19.91 65.57
N PRO W 543 -70.06 -21.20 65.21
CA PRO W 543 -69.90 -22.34 66.14
C PRO W 543 -68.69 -22.29 67.05
N GLY W 544 -68.94 -22.44 68.35
CA GLY W 544 -67.86 -22.43 69.33
C GLY W 544 -67.89 -21.19 70.20
N LEU W 545 -68.34 -20.09 69.61
CA LEU W 545 -68.42 -18.80 70.30
C LEU W 545 -69.84 -18.58 70.83
N PRO W 546 -69.98 -18.30 72.14
CA PRO W 546 -71.32 -18.07 72.72
C PRO W 546 -71.93 -16.74 72.29
N ILE W 547 -73.25 -16.63 72.40
CA ILE W 547 -73.95 -15.41 72.02
C ILE W 547 -73.75 -14.30 73.05
N PRO W 548 -73.10 -13.20 72.65
CA PRO W 548 -72.84 -12.07 73.55
C PRO W 548 -74.12 -11.35 73.99
N ARG W 549 -74.13 -10.86 75.23
CA ARG W 549 -75.28 -10.14 75.77
C ARG W 549 -75.68 -8.97 74.89
N ARG W 550 -74.75 -8.04 74.71
CA ARG W 550 -75.00 -6.85 73.89
C ARG W 550 -73.74 -6.43 73.15
N ILE W 551 -73.93 -5.85 71.97
CA ILE W 551 -72.81 -5.39 71.15
C ILE W 551 -72.86 -3.88 71.03
N VAL W 552 -71.78 -3.22 71.43
CA VAL W 552 -71.71 -1.77 71.34
C VAL W 552 -70.75 -1.36 70.24
N GLN W 553 -71.29 -0.79 69.16
CA GLN W 553 -70.46 -0.37 68.04
C GLN W 553 -69.85 1.03 68.21
N PHE W 554 -68.71 1.24 67.54
CA PHE W 554 -67.98 2.50 67.56
C PHE W 554 -67.33 2.72 66.20
N GLY W 555 -66.28 3.54 66.16
CA GLY W 555 -65.62 3.79 64.89
C GLY W 555 -65.91 5.15 64.29
N TYR W 556 -65.56 5.32 63.01
CA TYR W 556 -65.77 6.59 62.33
C TYR W 556 -67.09 6.71 61.56
N ASP W 557 -67.71 5.57 61.25
CA ASP W 557 -69.00 5.57 60.55
C ASP W 557 -69.91 4.48 61.08
N VAL W 558 -69.88 4.28 62.39
CA VAL W 558 -70.69 3.26 63.05
C VAL W 558 -72.16 3.25 62.66
N VAL W 559 -72.81 4.42 62.69
CA VAL W 559 -74.22 4.55 62.31
C VAL W 559 -75.18 3.93 63.35
N HIS W 560 -74.62 3.37 64.42
CA HIS W 560 -75.43 2.77 65.47
C HIS W 560 -74.87 3.00 66.87
N GLY W 561 -73.65 3.50 66.93
CA GLY W 561 -73.01 3.79 68.20
C GLY W 561 -72.31 5.13 68.11
N SER W 562 -71.72 5.59 69.20
CA SER W 562 -71.02 6.87 69.16
C SER W 562 -69.76 6.72 68.30
N LEU W 563 -69.24 7.83 67.79
CA LEU W 563 -68.04 7.80 66.97
C LEU W 563 -66.80 8.11 67.80
N LEU W 564 -65.94 7.10 67.98
CA LEU W 564 -64.74 7.28 68.76
C LEU W 564 -63.50 7.22 67.88
N ASP W 565 -62.40 7.76 68.39
CA ASP W 565 -61.13 7.76 67.67
C ASP W 565 -60.15 7.04 68.58
N LEU W 566 -59.98 5.75 68.34
CA LEU W 566 -59.09 4.93 69.16
C LEU W 566 -57.68 5.46 69.39
N SER W 567 -57.29 6.50 68.67
CA SER W 567 -55.96 7.06 68.86
C SER W 567 -55.91 7.62 70.29
N ARG W 568 -56.84 8.54 70.58
CA ARG W 568 -56.91 9.15 71.89
C ARG W 568 -57.76 8.35 72.88
N ALA W 569 -58.14 8.98 73.98
CA ALA W 569 -58.94 8.32 75.02
C ALA W 569 -60.41 8.12 74.63
N VAL W 570 -61.03 7.12 75.26
CA VAL W 570 -62.44 6.80 75.01
C VAL W 570 -63.28 7.00 76.28
N PRO W 571 -64.53 7.50 76.13
CA PRO W 571 -65.37 7.71 77.31
C PRO W 571 -66.31 6.56 77.65
N THR W 572 -66.03 5.35 77.16
CA THR W 572 -66.91 4.21 77.42
C THR W 572 -66.41 3.19 78.43
N GLY W 573 -67.30 2.27 78.81
CA GLY W 573 -66.98 1.23 79.76
C GLY W 573 -66.31 0.03 79.12
N THR W 574 -65.94 -0.95 79.94
CA THR W 574 -65.24 -2.14 79.45
C THR W 574 -66.13 -3.20 78.76
N PHE W 575 -65.48 -4.14 78.11
CA PHE W 575 -66.16 -5.22 77.38
C PHE W 575 -65.31 -6.48 77.43
N GLY W 576 -65.95 -7.65 77.45
CA GLY W 576 -65.21 -8.89 77.47
C GLY W 576 -64.34 -8.98 76.23
N LEU W 577 -64.95 -8.72 75.07
CA LEU W 577 -64.27 -8.76 73.79
C LEU W 577 -64.32 -7.36 73.18
N VAL W 578 -63.16 -6.80 72.88
CA VAL W 578 -63.09 -5.47 72.29
C VAL W 578 -62.42 -5.53 70.93
N TYR W 579 -63.04 -6.26 70.01
CA TYR W 579 -62.55 -6.42 68.64
C TYR W 579 -62.34 -5.09 67.92
N ALA W 580 -61.08 -4.73 67.70
CA ALA W 580 -60.73 -3.48 67.02
C ALA W 580 -60.26 -3.79 65.60
N ASP W 581 -60.84 -3.12 64.60
CA ASP W 581 -60.45 -3.39 63.22
C ASP W 581 -60.10 -2.15 62.40
N LEU W 582 -59.86 -1.02 63.07
CA LEU W 582 -59.53 0.22 62.38
C LEU W 582 -58.20 0.18 61.61
N ASP W 583 -58.12 1.01 60.56
CA ASP W 583 -56.93 1.08 59.70
C ASP W 583 -55.92 2.13 60.16
N GLN W 584 -54.64 1.89 59.85
CA GLN W 584 -53.58 2.82 60.23
C GLN W 584 -53.33 3.86 59.14
N VAL W 585 -53.75 3.54 57.92
CA VAL W 585 -53.57 4.45 56.78
C VAL W 585 -54.79 4.40 55.86
N ASP W 591 -45.07 8.99 57.06
CA ASP W 591 -46.24 8.14 56.86
C ASP W 591 -45.93 6.75 57.41
N MET W 592 -45.06 6.70 58.41
CA MET W 592 -44.68 5.44 59.04
C MET W 592 -44.41 5.60 60.53
N PRO W 593 -43.72 6.69 60.94
CA PRO W 593 -43.44 6.88 62.36
C PRO W 593 -44.69 7.33 63.13
N ALA W 594 -45.43 8.28 62.55
CA ALA W 594 -46.64 8.78 63.18
C ALA W 594 -47.72 7.72 62.98
N ALA W 595 -47.54 6.86 61.98
CA ALA W 595 -48.48 5.79 61.68
C ALA W 595 -48.29 4.69 62.75
N ASN W 596 -47.05 4.56 63.24
CA ASN W 596 -46.75 3.59 64.27
C ASN W 596 -47.37 4.11 65.55
N ARG W 597 -47.25 5.42 65.77
CA ARG W 597 -47.80 6.07 66.94
C ARG W 597 -49.31 5.86 66.91
N ALA W 598 -49.89 6.00 65.74
CA ALA W 598 -51.34 5.81 65.58
C ALA W 598 -51.72 4.42 66.10
N ALA W 599 -51.02 3.40 65.61
CA ALA W 599 -51.29 2.02 66.00
C ALA W 599 -51.00 1.78 67.48
N ILE W 600 -49.79 2.10 67.92
CA ILE W 600 -49.43 1.92 69.32
C ILE W 600 -50.45 2.56 70.23
N ALA W 601 -50.97 3.71 69.81
CA ALA W 601 -51.97 4.44 70.57
C ALA W 601 -53.31 3.67 70.57
N MET W 602 -53.80 3.35 69.37
CA MET W 602 -55.07 2.63 69.22
C MET W 602 -55.12 1.37 70.07
N LEU W 603 -54.10 0.53 69.96
CA LEU W 603 -54.04 -0.69 70.73
C LEU W 603 -54.06 -0.35 72.21
N GLY W 604 -53.45 0.78 72.56
CA GLY W 604 -53.40 1.21 73.94
C GLY W 604 -54.76 1.45 74.54
N THR W 605 -55.68 2.02 73.77
CA THR W 605 -57.02 2.30 74.27
C THR W 605 -57.95 1.10 74.08
N ALA W 606 -57.64 0.26 73.10
CA ALA W 606 -58.45 -0.93 72.84
C ALA W 606 -58.14 -1.95 73.93
N LEU W 607 -56.88 -1.94 74.37
CA LEU W 607 -56.42 -2.84 75.42
C LEU W 607 -56.76 -2.15 76.73
N GLN W 608 -57.62 -1.15 76.64
CA GLN W 608 -58.06 -0.37 77.78
C GLN W 608 -59.55 -0.58 77.98
N MET W 609 -60.28 -0.63 76.87
CA MET W 609 -61.72 -0.82 76.89
C MET W 609 -62.15 -2.22 77.31
N THR W 610 -61.20 -3.15 77.33
CA THR W 610 -61.51 -4.54 77.70
C THR W 610 -61.72 -4.76 79.20
N THR W 611 -62.76 -5.52 79.53
CA THR W 611 -63.05 -5.84 80.92
C THR W 611 -61.81 -6.55 81.47
N ALA W 612 -61.56 -6.42 82.77
CA ALA W 612 -60.42 -7.07 83.38
C ALA W 612 -60.58 -8.57 83.15
N GLY W 613 -59.68 -9.15 82.37
CA GLY W 613 -59.76 -10.56 82.07
C GLY W 613 -60.55 -10.74 80.78
N GLY W 614 -60.45 -9.74 79.91
CA GLY W 614 -61.15 -9.76 78.63
C GLY W 614 -60.27 -10.16 77.45
N VAL W 615 -60.70 -9.80 76.24
CA VAL W 615 -59.97 -10.14 75.03
C VAL W 615 -59.96 -9.03 73.99
N SER W 616 -58.90 -8.23 73.97
CA SER W 616 -58.78 -7.15 72.99
C SER W 616 -58.23 -7.72 71.69
N VAL W 617 -58.83 -7.34 70.56
CA VAL W 617 -58.41 -7.84 69.26
C VAL W 617 -58.09 -6.72 68.28
N LEU W 618 -56.99 -6.01 68.51
CA LEU W 618 -56.58 -4.93 67.62
C LEU W 618 -56.10 -5.49 66.28
N LYS W 619 -55.96 -4.60 65.29
CA LYS W 619 -55.48 -4.98 63.96
C LYS W 619 -54.42 -4.00 63.47
N VAL W 620 -53.15 -4.40 63.55
CA VAL W 620 -52.06 -3.54 63.11
C VAL W 620 -51.96 -3.58 61.59
N ASN W 621 -51.60 -2.45 60.98
CA ASN W 621 -51.47 -2.42 59.52
C ASN W 621 -50.05 -2.71 59.08
N PHE W 622 -49.07 -2.21 59.83
CA PHE W 622 -47.67 -2.41 59.49
C PHE W 622 -46.89 -2.83 60.74
N PRO W 623 -46.94 -4.12 61.09
CA PRO W 623 -46.24 -4.65 62.27
C PRO W 623 -44.73 -4.48 62.13
N THR W 624 -44.27 -3.23 62.18
CA THR W 624 -42.85 -2.91 62.06
C THR W 624 -42.11 -3.21 63.34
N ARG W 625 -40.83 -3.55 63.21
CA ARG W 625 -40.00 -3.85 64.38
C ARG W 625 -39.71 -2.52 65.10
N ALA W 626 -40.52 -1.52 64.76
CA ALA W 626 -40.45 -0.18 65.35
C ALA W 626 -41.64 -0.08 66.30
N PHE W 627 -42.71 -0.76 65.94
CA PHE W 627 -43.92 -0.80 66.74
C PHE W 627 -43.85 -1.99 67.71
N TRP W 628 -43.09 -3.02 67.31
CA TRP W 628 -42.96 -4.21 68.14
C TRP W 628 -42.12 -4.02 69.39
N THR W 629 -41.58 -2.82 69.56
CA THR W 629 -40.77 -2.52 70.73
C THR W 629 -41.68 -1.69 71.64
N GLN W 630 -42.42 -0.79 71.02
CA GLN W 630 -43.35 0.08 71.74
C GLN W 630 -44.49 -0.73 72.35
N VAL W 631 -44.96 -1.73 71.61
CA VAL W 631 -46.06 -2.57 72.08
C VAL W 631 -45.64 -3.48 73.22
N PHE W 632 -44.50 -4.16 73.06
CA PHE W 632 -43.99 -5.06 74.09
C PHE W 632 -43.38 -4.31 75.25
N ASN W 633 -43.45 -2.98 75.19
CA ASN W 633 -42.91 -2.15 76.26
C ASN W 633 -44.06 -1.55 77.06
N LEU W 634 -44.96 -0.85 76.38
CA LEU W 634 -46.11 -0.24 77.06
C LEU W 634 -47.04 -1.28 77.67
N TYR W 635 -47.52 -2.20 76.84
CA TYR W 635 -48.46 -3.22 77.29
C TYR W 635 -47.79 -4.56 77.61
N ALA W 636 -46.52 -4.50 77.98
CA ALA W 636 -45.78 -5.71 78.32
C ALA W 636 -46.47 -6.45 79.46
N THR W 637 -47.41 -5.77 80.11
CA THR W 637 -48.16 -6.35 81.23
C THR W 637 -49.62 -6.62 80.90
N HIS W 638 -50.33 -5.57 80.51
CA HIS W 638 -51.75 -5.60 80.18
C HIS W 638 -52.50 -6.93 79.95
N ALA W 639 -51.96 -7.83 79.13
CA ALA W 639 -52.65 -9.11 78.89
C ALA W 639 -51.78 -10.35 79.11
N THR W 640 -52.41 -11.52 79.12
CA THR W 640 -51.71 -12.78 79.36
C THR W 640 -51.18 -13.51 78.10
N THR W 641 -52.06 -13.75 77.14
CA THR W 641 -51.62 -14.44 75.92
C THR W 641 -51.57 -13.47 74.74
N LEU W 642 -51.16 -13.97 73.58
CA LEU W 642 -51.06 -13.14 72.39
C LEU W 642 -50.76 -13.96 71.15
N HIS W 643 -51.64 -13.87 70.15
CA HIS W 643 -51.44 -14.60 68.90
C HIS W 643 -51.64 -13.70 67.70
N LEU W 644 -50.82 -13.88 66.68
CA LEU W 644 -50.94 -13.12 65.45
C LEU W 644 -51.86 -13.94 64.58
N VAL W 645 -52.90 -13.33 64.02
CA VAL W 645 -53.83 -14.05 63.18
C VAL W 645 -53.95 -13.40 61.81
N LYS W 646 -52.92 -13.54 60.98
CA LYS W 646 -52.92 -12.94 59.65
C LYS W 646 -53.81 -13.68 58.63
N PRO W 647 -55.00 -13.15 58.38
CA PRO W 647 -55.92 -13.72 57.42
C PRO W 647 -55.71 -13.13 56.03
N THR W 648 -54.86 -13.78 55.23
CA THR W 648 -54.52 -13.26 53.91
C THR W 648 -55.66 -13.38 52.88
N ILE W 649 -56.47 -12.32 52.78
CA ILE W 649 -57.56 -12.27 51.80
C ILE W 649 -56.98 -11.76 50.49
N VAL W 650 -56.14 -10.74 50.60
CA VAL W 650 -55.47 -10.08 49.51
C VAL W 650 -54.03 -9.88 49.99
N ASN W 651 -53.15 -9.35 49.14
CA ASN W 651 -51.77 -9.12 49.56
C ASN W 651 -51.59 -7.83 50.36
N SER W 652 -51.50 -7.96 51.67
CA SER W 652 -51.30 -6.83 52.56
C SER W 652 -50.59 -7.40 53.79
N SER W 653 -49.97 -6.53 54.59
CA SER W 653 -49.26 -7.02 55.76
C SER W 653 -49.99 -6.76 57.07
N GLU W 654 -51.25 -6.35 56.99
CA GLU W 654 -52.01 -6.08 58.20
C GLU W 654 -52.32 -7.36 58.96
N VAL W 655 -51.80 -7.46 60.18
CA VAL W 655 -52.01 -8.64 61.02
C VAL W 655 -52.91 -8.33 62.21
N PHE W 656 -53.57 -9.36 62.72
CA PHE W 656 -54.45 -9.21 63.88
C PHE W 656 -53.75 -9.75 65.13
N LEU W 657 -53.89 -9.03 66.25
CA LEU W 657 -53.30 -9.47 67.49
C LEU W 657 -54.40 -9.57 68.51
N VAL W 658 -54.41 -10.68 69.25
CA VAL W 658 -55.42 -10.89 70.27
C VAL W 658 -54.71 -11.00 71.61
N PHE W 659 -55.27 -10.37 72.63
CA PHE W 659 -54.65 -10.43 73.95
C PHE W 659 -55.43 -11.36 74.86
N GLY W 660 -54.69 -12.22 75.55
CA GLY W 660 -55.29 -13.20 76.45
C GLY W 660 -56.19 -12.65 77.54
N GLY W 661 -55.69 -12.69 78.77
CA GLY W 661 -56.46 -12.18 79.89
C GLY W 661 -56.01 -10.77 80.21
N ARG W 662 -56.90 -9.81 80.00
CA ARG W 662 -56.61 -8.41 80.27
C ARG W 662 -56.36 -8.16 81.76
N GLN W 663 -55.34 -8.84 82.30
CA GLN W 663 -54.96 -8.70 83.70
C GLN W 663 -53.73 -7.81 83.77
N SER W 664 -53.70 -6.92 84.76
CA SER W 664 -52.61 -5.97 84.95
C SER W 664 -51.17 -6.50 85.02
N ASN W 665 -50.96 -7.66 85.63
CA ASN W 665 -49.60 -8.18 85.77
C ASN W 665 -49.19 -9.31 84.84
N GLY W 666 -49.41 -9.11 83.54
CA GLY W 666 -49.02 -10.13 82.57
C GLY W 666 -47.58 -9.91 82.15
N ALA W 667 -47.10 -10.76 81.24
CA ALA W 667 -45.73 -10.64 80.75
C ALA W 667 -45.64 -11.11 79.30
N LEU W 668 -46.09 -10.27 78.39
CA LEU W 668 -46.07 -10.60 76.96
C LEU W 668 -44.72 -10.23 76.36
N ARG W 669 -43.77 -11.15 76.46
CA ARG W 669 -42.43 -10.94 75.94
C ARG W 669 -42.37 -11.34 74.47
N SER W 670 -41.58 -10.62 73.68
CA SER W 670 -41.45 -10.94 72.27
C SER W 670 -40.68 -12.26 72.18
N THR W 671 -41.29 -13.25 71.55
CA THR W 671 -40.65 -14.56 71.42
C THR W 671 -40.20 -14.86 69.99
N THR W 672 -39.50 -15.96 69.81
CA THR W 672 -39.00 -16.35 68.50
C THR W 672 -40.18 -16.64 67.57
N ALA W 673 -41.34 -16.92 68.18
CA ALA W 673 -42.55 -17.20 67.41
C ALA W 673 -42.78 -15.98 66.52
N LEU W 674 -42.86 -14.82 67.16
CA LEU W 674 -43.08 -13.56 66.48
C LEU W 674 -42.11 -13.40 65.31
N GLN W 675 -40.83 -13.59 65.58
CA GLN W 675 -39.82 -13.47 64.53
C GLN W 675 -40.16 -14.34 63.34
N ARG W 676 -40.64 -15.55 63.61
CA ARG W 676 -41.00 -16.50 62.56
C ARG W 676 -42.29 -16.08 61.86
N ALA W 677 -43.29 -15.77 62.66
CA ALA W 677 -44.59 -15.34 62.15
C ALA W 677 -44.40 -14.15 61.23
N LEU W 678 -43.82 -13.10 61.79
CA LEU W 678 -43.56 -11.85 61.08
C LEU W 678 -42.77 -12.13 59.80
N LEU W 679 -41.72 -12.94 59.93
CA LEU W 679 -40.84 -13.32 58.82
C LEU W 679 -41.57 -14.07 57.70
N SER W 680 -42.50 -14.95 58.07
CA SER W 680 -43.26 -15.72 57.08
C SER W 680 -44.14 -14.76 56.29
N LEU W 681 -44.73 -13.80 57.00
CA LEU W 681 -45.60 -12.81 56.39
C LEU W 681 -44.88 -12.16 55.21
N TYR W 682 -43.81 -11.45 55.48
CA TYR W 682 -43.06 -10.77 54.44
C TYR W 682 -42.60 -11.74 53.34
N ALA W 683 -42.01 -12.86 53.77
CA ALA W 683 -41.52 -13.88 52.83
C ALA W 683 -42.56 -14.19 51.76
N ARG W 684 -43.82 -13.92 52.09
CA ARG W 684 -44.91 -14.16 51.16
C ARG W 684 -45.26 -12.95 50.28
N ASN W 685 -45.08 -11.74 50.81
CA ASN W 685 -45.37 -10.56 50.02
C ASN W 685 -44.38 -10.37 48.88
N ALA W 686 -43.20 -10.95 49.05
CA ALA W 686 -42.19 -10.88 48.00
C ALA W 686 -42.67 -11.87 46.96
N ALA W 687 -43.21 -12.99 47.44
CA ALA W 687 -43.73 -14.05 46.58
C ALA W 687 -44.99 -13.61 45.86
N ILE W 688 -45.90 -12.99 46.61
CA ILE W 688 -47.16 -12.53 46.02
C ILE W 688 -46.91 -11.33 45.11
N ASP W 689 -45.96 -10.47 45.47
CA ASP W 689 -45.68 -9.32 44.62
C ASP W 689 -44.99 -9.80 43.34
N ARG W 690 -43.84 -10.47 43.50
CA ARG W 690 -43.09 -10.98 42.34
C ARG W 690 -44.05 -11.68 41.39
N ALA W 691 -45.06 -12.33 41.96
CA ALA W 691 -46.05 -13.06 41.17
C ALA W 691 -46.93 -12.12 40.36
N VAL W 692 -47.49 -11.11 41.03
CA VAL W 692 -48.38 -10.16 40.38
C VAL W 692 -47.71 -9.28 39.32
N THR W 693 -46.38 -9.21 39.33
CA THR W 693 -45.67 -8.39 38.35
C THR W 693 -46.07 -8.80 36.92
N HIS W 694 -46.37 -10.08 36.73
CA HIS W 694 -46.76 -10.60 35.42
C HIS W 694 -48.12 -10.10 34.93
N ILE W 695 -48.80 -9.27 35.70
CA ILE W 695 -50.12 -8.80 35.30
C ILE W 695 -50.22 -7.31 34.95
N PRO W 696 -50.94 -6.99 33.86
CA PRO W 696 -51.16 -5.62 33.35
C PRO W 696 -52.07 -4.80 34.28
N PHE W 697 -51.91 -3.49 34.26
CA PHE W 697 -52.72 -2.59 35.08
C PHE W 697 -54.07 -2.40 34.41
N PHE W 698 -55.14 -2.41 35.20
CA PHE W 698 -56.48 -2.25 34.65
C PHE W 698 -56.64 -1.12 33.64
N GLY W 699 -57.61 -1.27 32.75
CA GLY W 699 -57.90 -0.26 31.75
C GLY W 699 -56.80 0.20 30.83
N VAL W 700 -55.78 -0.63 30.60
CA VAL W 700 -54.69 -0.24 29.70
C VAL W 700 -54.75 -1.07 28.42
N PRO W 701 -54.78 -0.42 27.24
CA PRO W 701 -54.84 -1.18 25.99
C PRO W 701 -53.73 -2.22 25.96
N ASP W 702 -54.04 -3.42 25.47
CA ASP W 702 -53.04 -4.48 25.43
C ASP W 702 -51.92 -4.18 24.44
N ASP W 703 -50.70 -4.22 24.96
CA ASP W 703 -49.51 -3.96 24.16
C ASP W 703 -48.78 -5.29 24.13
N GLY W 704 -47.50 -5.27 23.76
CA GLY W 704 -46.73 -6.50 23.74
C GLY W 704 -45.94 -6.56 25.03
N THR W 705 -45.90 -5.43 25.72
CA THR W 705 -45.16 -5.29 26.97
C THR W 705 -45.71 -6.19 28.08
N SER W 706 -47.00 -6.05 28.38
CA SER W 706 -47.62 -6.85 29.43
C SER W 706 -47.23 -8.31 29.30
N ASP W 707 -46.85 -8.94 30.41
CA ASP W 707 -46.46 -10.34 30.38
C ASP W 707 -47.68 -11.24 30.12
N LEU W 708 -48.76 -10.99 30.86
CA LEU W 708 -50.00 -11.78 30.74
C LEU W 708 -50.95 -11.34 29.63
N GLY W 709 -50.50 -10.43 28.77
CA GLY W 709 -51.33 -9.93 27.68
C GLY W 709 -51.93 -10.95 26.73
N ILE W 710 -53.19 -10.74 26.38
CA ILE W 710 -53.91 -11.62 25.46
C ILE W 710 -53.74 -11.15 24.02
N ASP W 711 -52.95 -11.88 23.24
CA ASP W 711 -52.71 -11.52 21.85
C ASP W 711 -53.44 -12.43 20.86
N ALA W 712 -54.17 -11.81 19.94
CA ALA W 712 -54.94 -12.55 18.94
C ALA W 712 -54.52 -12.24 17.50
N VAL W 713 -55.28 -12.80 16.57
CA VAL W 713 -55.06 -12.63 15.13
C VAL W 713 -56.40 -12.74 14.43
N ARG W 714 -56.98 -11.61 14.05
CA ARG W 714 -58.26 -11.62 13.34
C ARG W 714 -58.05 -11.66 11.84
N LEU W 715 -58.56 -12.72 11.22
CA LEU W 715 -58.44 -12.88 9.78
C LEU W 715 -59.83 -12.70 9.19
N PHE W 716 -59.92 -12.29 7.93
CA PHE W 716 -61.21 -12.11 7.28
C PHE W 716 -61.40 -13.12 6.16
N ASP W 717 -62.32 -14.07 6.41
CA ASP W 717 -62.60 -15.14 5.46
C ASP W 717 -61.28 -15.81 5.11
N PRO W 718 -60.48 -16.16 6.14
CA PRO W 718 -59.18 -16.81 5.99
C PRO W 718 -59.26 -18.16 5.30
N MET W 719 -58.41 -18.35 4.30
CA MET W 719 -58.37 -19.59 3.54
C MET W 719 -57.26 -20.50 4.07
N PHE W 720 -57.45 -21.05 5.26
CA PHE W 720 -56.45 -21.95 5.84
C PHE W 720 -56.24 -23.11 4.88
N SER W 721 -55.10 -23.16 4.24
CA SER W 721 -54.81 -24.23 3.30
C SER W 721 -53.61 -25.07 3.74
N ASP W 722 -53.72 -26.37 3.53
CA ASP W 722 -52.64 -27.29 3.88
C ASP W 722 -51.67 -27.27 2.72
N ALA W 723 -50.38 -27.36 3.03
CA ALA W 723 -49.33 -27.37 2.01
C ALA W 723 -49.06 -26.03 1.31
N VAL W 724 -49.63 -24.95 1.82
CA VAL W 724 -49.42 -23.63 1.23
C VAL W 724 -49.19 -22.61 2.34
N ALA W 725 -48.17 -21.77 2.17
CA ALA W 725 -47.84 -20.76 3.16
C ALA W 725 -48.62 -19.47 3.00
N ASN W 726 -49.85 -19.57 2.50
CA ASN W 726 -50.68 -18.38 2.31
C ASN W 726 -50.92 -17.71 3.65
N LEU W 727 -50.75 -16.38 3.67
CA LEU W 727 -50.90 -15.56 4.87
C LEU W 727 -51.91 -16.05 5.92
N PRO W 728 -53.19 -16.20 5.55
CA PRO W 728 -54.18 -16.67 6.51
C PRO W 728 -53.71 -17.88 7.33
N SER W 729 -53.04 -18.81 6.65
CA SER W 729 -52.52 -20.02 7.30
C SER W 729 -51.13 -19.76 7.88
N ASN W 730 -50.51 -18.66 7.48
CA ASN W 730 -49.18 -18.31 7.95
C ASN W 730 -49.25 -17.60 9.29
N ALA W 731 -50.31 -16.81 9.47
CA ALA W 731 -50.53 -16.08 10.71
C ALA W 731 -50.93 -17.06 11.81
N LEU W 732 -51.61 -18.12 11.40
CA LEU W 732 -52.06 -19.15 12.32
C LEU W 732 -50.86 -19.76 13.04
N ALA W 733 -49.75 -19.87 12.32
CA ALA W 733 -48.53 -20.42 12.88
C ALA W 733 -48.06 -19.61 14.09
N SER W 734 -47.52 -18.43 13.80
CA SER W 734 -47.01 -17.51 14.82
C SER W 734 -47.85 -17.50 16.08
N LEU W 735 -49.11 -17.13 15.90
CA LEU W 735 -50.08 -17.05 16.96
C LEU W 735 -50.03 -18.21 17.94
N VAL W 736 -50.12 -19.43 17.41
CA VAL W 736 -50.09 -20.63 18.24
C VAL W 736 -48.70 -20.84 18.86
N SER W 737 -47.68 -20.34 18.16
CA SER W 737 -46.31 -20.45 18.63
C SER W 737 -46.09 -19.45 19.77
N ARG W 738 -46.78 -18.32 19.68
CA ARG W 738 -46.70 -17.27 20.69
C ARG W 738 -47.54 -17.56 21.93
N VAL W 739 -48.34 -18.62 21.88
CA VAL W 739 -49.20 -18.93 23.02
C VAL W 739 -49.43 -20.43 23.19
N VAL W 740 -48.38 -21.24 23.09
CA VAL W 740 -48.58 -22.68 23.21
C VAL W 740 -49.16 -23.13 24.55
N PRO W 741 -48.34 -23.25 25.61
CA PRO W 741 -49.04 -23.69 26.82
C PRO W 741 -49.97 -22.56 27.26
N SER W 742 -51.23 -22.64 26.84
CA SER W 742 -52.18 -21.60 27.18
C SER W 742 -53.63 -21.98 26.97
N SER W 743 -54.14 -21.81 25.76
CA SER W 743 -55.53 -22.14 25.48
C SER W 743 -55.84 -22.16 23.98
N ILE W 744 -55.60 -21.02 23.32
CA ILE W 744 -55.86 -20.90 21.89
C ILE W 744 -57.31 -21.15 21.54
N MET W 745 -58.13 -20.11 21.65
CA MET W 745 -59.54 -20.22 21.34
C MET W 745 -59.87 -19.50 20.01
N PHE W 746 -60.49 -20.25 19.10
CA PHE W 746 -60.85 -19.70 17.80
C PHE W 746 -62.36 -19.47 17.66
N THR W 747 -62.74 -18.31 17.11
CA THR W 747 -64.16 -17.97 16.91
C THR W 747 -64.46 -17.49 15.50
N ARG W 748 -65.73 -17.52 15.12
CA ARG W 748 -66.17 -17.09 13.80
C ARG W 748 -67.49 -16.33 13.82
N VAL W 749 -67.43 -15.00 13.89
CA VAL W 749 -68.65 -14.20 13.90
C VAL W 749 -68.98 -13.75 12.48
N PRO W 750 -70.24 -13.94 12.06
CA PRO W 750 -70.67 -13.54 10.72
C PRO W 750 -71.15 -12.10 10.58
N SER W 751 -70.31 -11.26 9.98
CA SER W 751 -70.69 -9.87 9.74
C SER W 751 -71.52 -9.90 8.46
N ASN W 752 -72.38 -8.92 8.27
CA ASN W 752 -73.20 -8.89 7.06
C ASN W 752 -72.27 -8.65 5.86
N GLY W 753 -70.97 -8.57 6.15
CA GLY W 753 -69.98 -8.39 5.09
C GLY W 753 -69.26 -9.72 5.00
N PRO W 754 -68.00 -9.80 5.45
CA PRO W 754 -67.25 -11.06 5.41
C PRO W 754 -67.44 -11.79 6.74
N VAL W 755 -66.67 -12.85 6.97
CA VAL W 755 -66.76 -13.60 8.22
C VAL W 755 -65.42 -13.59 8.94
N SER W 756 -65.27 -12.68 9.90
CA SER W 756 -64.03 -12.56 10.67
C SER W 756 -63.83 -13.77 11.58
N THR W 757 -62.57 -14.07 11.87
CA THR W 757 -62.26 -15.21 12.73
C THR W 757 -61.05 -14.97 13.64
N THR W 758 -61.25 -14.24 14.74
CA THR W 758 -60.14 -14.00 15.66
C THR W 758 -59.66 -15.33 16.23
N ILE W 759 -58.42 -15.36 16.72
CA ILE W 759 -57.86 -16.58 17.29
C ILE W 759 -56.92 -16.22 18.44
N TYR W 760 -57.47 -15.68 19.52
CA TYR W 760 -56.67 -15.26 20.66
C TYR W 760 -56.06 -16.38 21.50
N GLY W 761 -55.43 -15.97 22.61
CA GLY W 761 -54.78 -16.89 23.53
C GLY W 761 -54.03 -16.07 24.57
N LYS W 762 -53.96 -16.57 25.80
CA LYS W 762 -53.28 -15.83 26.87
C LYS W 762 -51.76 -15.94 26.83
N ARG W 763 -51.12 -15.08 26.06
CA ARG W 763 -49.66 -15.07 25.97
C ARG W 763 -49.09 -14.78 27.36
N THR W 764 -48.43 -15.75 27.96
CA THR W 764 -47.84 -15.59 29.29
C THR W 764 -46.33 -15.63 29.20
N PHE W 765 -45.67 -15.85 30.33
CA PHE W 765 -44.22 -15.93 30.33
C PHE W 765 -43.83 -17.39 30.13
N LEU W 766 -44.83 -18.27 30.22
CA LEU W 766 -44.62 -19.70 30.04
C LEU W 766 -44.57 -20.04 28.56
N SER W 767 -44.94 -19.06 27.74
CA SER W 767 -44.91 -19.25 26.30
C SER W 767 -43.64 -18.59 25.80
N ASN W 768 -43.28 -17.46 26.40
CA ASN W 768 -42.07 -16.74 26.00
C ASN W 768 -40.84 -17.65 26.19
N ARG W 769 -40.89 -18.48 27.23
CA ARG W 769 -39.81 -19.41 27.52
C ARG W 769 -39.76 -20.52 26.47
N ARG W 770 -40.94 -21.00 26.11
CA ARG W 770 -41.09 -22.06 25.13
C ARG W 770 -40.77 -21.57 23.72
N ARG W 771 -41.45 -20.50 23.31
CA ARG W 771 -41.26 -19.90 22.00
C ARG W 771 -39.80 -19.57 21.71
N ALA W 772 -39.07 -19.16 22.75
CA ALA W 772 -37.66 -18.83 22.61
C ALA W 772 -36.86 -20.05 22.18
N ARG W 773 -37.15 -21.20 22.78
CA ARG W 773 -36.46 -22.45 22.45
C ARG W 773 -36.76 -22.90 21.01
N LEU W 774 -37.88 -22.41 20.46
CA LEU W 774 -38.27 -22.75 19.10
C LEU W 774 -37.26 -22.13 18.14
N ARG W 775 -36.82 -22.89 17.15
CA ARG W 775 -35.89 -22.36 16.17
C ARG W 775 -36.71 -21.94 14.97
N ASP W 776 -37.87 -22.58 14.81
CA ASP W 776 -38.77 -22.28 13.71
C ASP W 776 -40.21 -22.39 14.18
N VAL W 777 -41.12 -21.75 13.45
CA VAL W 777 -42.52 -21.78 13.82
C VAL W 777 -43.25 -22.78 12.95
N PRO W 778 -43.54 -23.98 13.49
CA PRO W 778 -44.25 -25.04 12.75
C PRO W 778 -45.68 -24.69 12.36
N MET W 779 -46.20 -25.39 11.36
CA MET W 779 -47.56 -25.21 10.88
C MET W 779 -48.54 -26.05 11.70
N LEU W 780 -49.82 -25.75 11.55
CA LEU W 780 -50.85 -26.49 12.26
C LEU W 780 -51.79 -27.12 11.25
N ILE W 781 -52.16 -28.38 11.50
CA ILE W 781 -53.08 -29.07 10.61
C ILE W 781 -54.37 -28.25 10.54
N THR W 782 -54.50 -27.42 9.50
CA THR W 782 -55.68 -26.57 9.36
C THR W 782 -56.98 -27.31 9.05
N THR W 783 -56.93 -28.64 9.02
CA THR W 783 -58.14 -29.42 8.73
C THR W 783 -59.24 -29.15 9.74
N THR W 784 -58.89 -29.27 11.03
CA THR W 784 -59.85 -29.03 12.11
C THR W 784 -60.50 -27.66 11.96
N LEU W 785 -59.72 -26.65 11.57
CA LEU W 785 -60.23 -25.30 11.39
C LEU W 785 -61.09 -25.20 10.13
N VAL W 786 -60.62 -25.85 9.07
CA VAL W 786 -61.33 -25.85 7.79
C VAL W 786 -62.64 -26.60 7.90
N HIS W 787 -62.74 -27.49 8.89
CA HIS W 787 -63.94 -28.27 9.11
C HIS W 787 -65.08 -27.49 9.75
N GLN W 788 -64.75 -26.69 10.76
CA GLN W 788 -65.74 -25.88 11.49
C GLN W 788 -66.98 -25.48 10.70
N ARG W 789 -66.85 -24.40 9.93
CA ARG W 789 -67.93 -23.87 9.10
C ARG W 789 -69.25 -23.56 9.85
N ARG W 790 -69.13 -23.07 11.08
CA ARG W 790 -70.31 -22.70 11.88
C ARG W 790 -69.92 -21.47 12.68
N PHE W 791 -70.87 -20.58 12.89
CA PHE W 791 -70.57 -19.36 13.63
C PHE W 791 -70.66 -19.52 15.13
N THR W 792 -69.60 -19.09 15.81
CA THR W 792 -69.52 -19.16 17.26
C THR W 792 -69.81 -17.76 17.80
N THR W 793 -69.65 -17.59 19.12
CA THR W 793 -69.89 -16.28 19.71
C THR W 793 -68.65 -15.40 19.52
N PRO W 794 -68.80 -14.08 19.68
CA PRO W 794 -67.66 -13.18 19.51
C PRO W 794 -66.56 -13.44 20.54
N PRO W 795 -65.31 -13.08 20.22
CA PRO W 795 -64.17 -13.27 21.13
C PRO W 795 -64.36 -12.48 22.42
N THR W 796 -63.59 -12.79 23.45
CA THR W 796 -63.72 -12.09 24.73
C THR W 796 -62.48 -11.33 25.19
N PHE W 797 -61.31 -11.97 25.08
CA PHE W 797 -60.06 -11.34 25.50
C PHE W 797 -60.10 -11.03 27.01
N THR W 798 -59.92 -12.05 27.84
CA THR W 798 -59.92 -11.84 29.30
C THR W 798 -58.73 -12.52 29.98
N LEU W 799 -57.86 -11.72 30.59
CA LEU W 799 -56.65 -12.25 31.25
C LEU W 799 -56.85 -13.52 32.07
N PHE W 800 -58.00 -13.65 32.71
CA PHE W 800 -58.26 -14.81 33.54
C PHE W 800 -59.51 -15.57 33.16
N SER W 801 -59.51 -16.87 33.43
CA SER W 801 -60.67 -17.70 33.16
C SER W 801 -61.58 -17.40 34.34
N SER W 802 -62.78 -17.98 34.38
CA SER W 802 -63.69 -17.68 35.48
C SER W 802 -63.63 -18.54 36.76
N GLU W 803 -63.26 -19.81 36.66
CA GLU W 803 -63.22 -20.67 37.85
C GLU W 803 -61.84 -20.97 38.42
N ALA W 804 -61.80 -21.18 39.73
CA ALA W 804 -60.57 -21.48 40.44
C ALA W 804 -60.04 -22.86 40.08
N VAL W 805 -58.80 -22.91 39.62
CA VAL W 805 -58.16 -24.15 39.22
C VAL W 805 -58.26 -25.25 40.27
N PRO W 806 -58.25 -26.52 39.82
CA PRO W 806 -58.33 -27.71 40.68
C PRO W 806 -57.16 -27.82 41.65
N VAL W 807 -57.44 -28.20 42.90
CA VAL W 807 -56.39 -28.35 43.91
C VAL W 807 -55.16 -29.03 43.33
N THR W 808 -55.38 -29.91 42.36
CA THR W 808 -54.30 -30.66 41.72
C THR W 808 -53.38 -29.75 40.90
N THR W 809 -53.96 -28.74 40.26
CA THR W 809 -53.16 -27.81 39.46
C THR W 809 -52.35 -26.87 40.35
N LEU W 810 -52.93 -26.46 41.47
CA LEU W 810 -52.22 -25.58 42.40
C LEU W 810 -50.91 -26.24 42.80
N VAL W 811 -50.92 -27.58 42.80
CA VAL W 811 -49.75 -28.38 43.16
C VAL W 811 -48.82 -28.55 41.96
N ALA W 812 -49.39 -28.85 40.80
CA ALA W 812 -48.60 -29.03 39.60
C ALA W 812 -47.86 -27.74 39.25
N ALA W 813 -48.58 -26.62 39.25
CA ALA W 813 -47.97 -25.34 38.94
C ALA W 813 -47.08 -24.95 40.12
N GLY W 814 -46.88 -25.90 41.02
CA GLY W 814 -46.04 -25.67 42.18
C GLY W 814 -44.69 -26.33 41.95
N TYR W 815 -44.61 -27.11 40.88
CA TYR W 815 -43.38 -27.78 40.51
C TYR W 815 -42.85 -27.15 39.25
N ASN W 816 -43.76 -26.67 38.41
CA ASN W 816 -43.36 -26.01 37.18
C ASN W 816 -42.58 -24.76 37.55
N SER W 817 -42.64 -24.41 38.82
CA SER W 817 -41.92 -23.24 39.35
C SER W 817 -40.67 -23.79 40.02
N PHE W 818 -40.79 -25.00 40.56
CA PHE W 818 -39.69 -25.66 41.23
C PHE W 818 -38.66 -26.20 40.23
N ILE W 819 -39.14 -26.89 39.19
CA ILE W 819 -38.26 -27.45 38.18
C ILE W 819 -37.64 -26.28 37.40
N SER W 820 -38.42 -25.20 37.31
CA SER W 820 -37.97 -24.00 36.64
C SER W 820 -36.75 -23.43 37.34
N GLU W 821 -36.84 -23.33 38.67
CA GLU W 821 -35.74 -22.80 39.48
C GLU W 821 -34.55 -23.76 39.59
N GLN W 822 -34.80 -25.06 39.49
CA GLN W 822 -33.73 -26.04 39.56
C GLN W 822 -32.96 -26.10 38.24
N THR W 823 -33.70 -26.17 37.14
CA THR W 823 -33.11 -26.23 35.81
C THR W 823 -32.42 -24.92 35.44
N ARG W 824 -32.79 -23.85 36.14
CA ARG W 824 -32.19 -22.54 35.86
C ARG W 824 -30.72 -22.53 36.25
N ASN W 825 -30.32 -23.53 37.04
CA ASN W 825 -28.93 -23.66 37.49
C ASN W 825 -28.00 -23.97 36.33
N PRO W 826 -26.90 -23.20 36.19
CA PRO W 826 -25.92 -23.36 35.11
C PRO W 826 -25.27 -24.73 34.97
N ASN W 827 -24.47 -25.14 35.96
CA ASN W 827 -23.76 -26.42 35.88
C ASN W 827 -24.61 -27.65 35.52
N LEU W 828 -25.93 -27.49 35.51
CA LEU W 828 -26.82 -28.62 35.22
C LEU W 828 -26.56 -29.27 33.86
N ALA W 829 -26.20 -28.47 32.86
CA ALA W 829 -25.91 -29.00 31.52
C ALA W 829 -27.06 -29.76 30.86
N HIS W 830 -26.75 -30.97 30.40
CA HIS W 830 -27.72 -31.84 29.72
C HIS W 830 -28.69 -32.55 30.67
N LEU W 831 -29.99 -32.37 30.42
CA LEU W 831 -31.05 -32.96 31.25
C LEU W 831 -32.08 -33.75 30.44
N LEU W 832 -32.59 -34.83 31.02
CA LEU W 832 -33.61 -35.62 30.33
C LEU W 832 -34.83 -35.74 31.23
N ASP W 833 -35.98 -36.00 30.62
CA ASP W 833 -37.21 -36.12 31.38
C ASP W 833 -37.86 -37.47 31.14
N LEU W 834 -37.81 -38.33 32.15
CA LEU W 834 -38.40 -39.65 32.05
C LEU W 834 -39.92 -39.54 32.08
N GLY W 835 -40.54 -39.65 30.91
CA GLY W 835 -41.98 -39.57 30.84
C GLY W 835 -42.58 -38.19 30.78
N THR W 836 -42.00 -37.29 29.98
CA THR W 836 -42.57 -35.95 29.85
C THR W 836 -43.98 -36.19 29.29
N GLY W 837 -44.78 -35.14 29.19
CA GLY W 837 -46.12 -35.34 28.66
C GLY W 837 -46.07 -35.78 27.21
N PRO W 838 -47.21 -36.11 26.58
CA PRO W 838 -47.17 -36.53 25.18
C PRO W 838 -46.51 -35.39 24.42
N GLU W 839 -46.76 -34.19 24.93
CA GLU W 839 -46.21 -32.96 24.38
C GLU W 839 -45.37 -32.35 25.50
N CYS W 840 -44.07 -32.31 25.28
CA CYS W 840 -43.11 -31.78 26.25
C CYS W 840 -43.64 -30.51 26.92
N ARG W 841 -44.02 -30.64 28.19
CA ARG W 841 -44.52 -29.51 28.96
C ARG W 841 -43.37 -28.92 29.76
N ILE W 842 -42.23 -29.59 29.73
CA ILE W 842 -41.05 -29.15 30.47
C ILE W 842 -40.23 -28.13 29.70
N LEU W 843 -40.46 -28.01 28.39
CA LEU W 843 -39.70 -27.05 27.58
C LEU W 843 -39.90 -25.61 27.98
N SER W 844 -40.98 -25.35 28.71
CA SER W 844 -41.28 -23.99 29.16
C SER W 844 -40.55 -23.69 30.46
N LEU W 845 -40.27 -24.73 31.24
CA LEU W 845 -39.63 -24.59 32.54
C LEU W 845 -38.11 -24.76 32.51
N ILE W 846 -37.50 -24.51 31.37
CA ILE W 846 -36.05 -24.66 31.23
C ILE W 846 -35.44 -23.48 30.48
N PRO W 847 -34.25 -23.03 30.91
CA PRO W 847 -33.60 -21.91 30.22
C PRO W 847 -33.37 -22.30 28.76
N PRO W 848 -33.87 -21.48 27.82
CA PRO W 848 -33.75 -21.71 26.38
C PRO W 848 -32.38 -22.18 25.88
N THR W 849 -31.40 -22.26 26.77
CA THR W 849 -30.07 -22.69 26.39
C THR W 849 -29.72 -24.12 26.82
N LEU W 850 -30.27 -24.57 27.94
CA LEU W 850 -30.00 -25.93 28.44
C LEU W 850 -30.44 -27.00 27.44
N GLN W 851 -29.64 -28.05 27.31
CA GLN W 851 -29.95 -29.15 26.39
C GLN W 851 -30.72 -30.27 27.08
N VAL W 852 -32.03 -30.31 26.82
CA VAL W 852 -32.90 -31.31 27.43
C VAL W 852 -33.43 -32.33 26.40
N THR W 853 -33.81 -33.51 26.90
CA THR W 853 -34.32 -34.57 26.04
C THR W 853 -35.55 -35.27 26.63
N MET W 854 -36.74 -34.72 26.38
CA MET W 854 -37.98 -35.30 26.90
C MET W 854 -38.28 -36.64 26.20
N SER W 855 -38.88 -37.57 26.97
CA SER W 855 -39.21 -38.89 26.43
C SER W 855 -40.59 -39.36 26.92
N ASP W 856 -41.27 -40.16 26.11
CA ASP W 856 -42.59 -40.66 26.47
C ASP W 856 -42.97 -41.82 25.55
N SER W 857 -43.80 -42.73 26.04
CA SER W 857 -44.24 -43.86 25.23
C SER W 857 -44.95 -43.34 23.99
N ARG W 858 -45.95 -42.50 24.20
CA ARG W 858 -46.72 -41.88 23.13
C ARG W 858 -45.80 -40.97 22.30
N PRO W 859 -46.20 -40.63 21.07
CA PRO W 859 -45.41 -39.76 20.18
C PRO W 859 -45.51 -38.28 20.58
N CYS W 860 -44.43 -37.52 20.42
CA CYS W 860 -44.45 -36.09 20.81
C CYS W 860 -45.44 -35.27 19.98
N ALA W 861 -46.24 -34.45 20.67
CA ALA W 861 -47.25 -33.62 20.02
C ALA W 861 -46.70 -32.46 19.20
N GLU W 862 -45.53 -31.94 19.57
CA GLU W 862 -44.96 -30.81 18.84
C GLU W 862 -43.95 -31.34 17.82
N LEU W 863 -43.96 -30.76 16.62
CA LEU W 863 -43.04 -31.17 15.58
C LEU W 863 -41.61 -31.01 16.09
N MET W 864 -41.03 -32.09 16.60
CA MET W 864 -39.67 -32.06 17.15
C MET W 864 -38.64 -31.43 16.22
N ALA W 865 -38.97 -31.32 14.94
CA ALA W 865 -38.08 -30.75 13.95
C ALA W 865 -37.83 -29.25 14.10
N SER W 866 -38.87 -28.53 14.51
CA SER W 866 -38.75 -27.08 14.69
C SER W 866 -37.72 -26.66 15.75
N PHE W 867 -37.42 -27.55 16.70
CA PHE W 867 -36.43 -27.24 17.73
C PHE W 867 -35.05 -27.67 17.28
N ASP W 868 -34.02 -26.91 17.66
CA ASP W 868 -32.66 -27.25 17.29
C ASP W 868 -32.32 -28.62 17.88
N PRO W 869 -31.98 -29.60 17.03
CA PRO W 869 -31.64 -30.94 17.48
C PRO W 869 -30.64 -30.97 18.63
N ALA W 870 -29.56 -30.21 18.51
CA ALA W 870 -28.55 -30.17 19.55
C ALA W 870 -29.12 -29.85 20.93
N LEU W 871 -29.99 -28.84 20.99
CA LEU W 871 -30.59 -28.43 22.25
C LEU W 871 -31.75 -29.27 22.80
N THR W 872 -32.61 -29.78 21.92
CA THR W 872 -33.74 -30.59 22.37
C THR W 872 -33.77 -31.95 21.66
N ALA W 873 -33.86 -33.02 22.45
CA ALA W 873 -33.90 -34.36 21.89
C ALA W 873 -35.17 -35.05 22.36
N TYR W 874 -35.69 -35.98 21.56
CA TYR W 874 -36.90 -36.69 21.94
C TYR W 874 -36.80 -38.20 21.70
N VAL W 875 -36.97 -38.97 22.78
CA VAL W 875 -36.89 -40.42 22.72
C VAL W 875 -38.25 -41.08 23.03
N GLN W 876 -38.70 -41.97 22.16
CA GLN W 876 -39.98 -42.66 22.35
C GLN W 876 -39.82 -43.99 23.08
N GLY W 877 -40.93 -44.48 23.63
CA GLY W 877 -40.90 -45.73 24.37
C GLY W 877 -40.74 -45.40 25.84
N ASP W 878 -41.14 -46.32 26.71
CA ASP W 878 -41.04 -46.09 28.15
C ASP W 878 -39.65 -46.32 28.71
N TYR W 879 -39.41 -45.75 29.89
CA TYR W 879 -38.14 -45.89 30.57
C TYR W 879 -38.26 -47.05 31.56
N SER W 880 -39.48 -47.50 31.76
CA SER W 880 -39.74 -48.61 32.66
C SER W 880 -39.05 -49.88 32.12
N THR W 881 -38.95 -49.97 30.80
CA THR W 881 -38.34 -51.12 30.14
C THR W 881 -36.83 -50.96 29.98
N ALA W 882 -36.08 -51.98 30.39
CA ALA W 882 -34.63 -51.99 30.33
C ALA W 882 -34.02 -51.53 29.00
N ALA W 883 -34.63 -51.92 27.90
CA ALA W 883 -34.13 -51.57 26.57
C ALA W 883 -33.89 -50.07 26.36
N PHE W 884 -34.94 -49.27 26.58
CA PHE W 884 -34.88 -47.82 26.42
C PHE W 884 -33.60 -47.13 26.90
N TRP W 885 -32.98 -47.68 27.93
CA TRP W 885 -31.77 -47.09 28.50
C TRP W 885 -30.45 -47.30 27.77
N ASN W 886 -30.51 -47.70 26.51
CA ASN W 886 -29.29 -47.92 25.75
C ASN W 886 -28.89 -46.70 24.93
N GLY W 887 -27.82 -46.04 25.35
CA GLY W 887 -27.34 -44.87 24.64
C GLY W 887 -27.98 -43.55 25.03
N ILE W 888 -28.58 -43.47 26.20
CA ILE W 888 -29.19 -42.23 26.66
C ILE W 888 -28.46 -41.72 27.91
N ARG W 889 -27.49 -40.83 27.71
CA ARG W 889 -26.75 -40.30 28.84
C ARG W 889 -26.99 -38.81 29.07
N CYS W 890 -27.53 -38.51 30.25
CA CYS W 890 -27.84 -37.17 30.69
C CYS W 890 -27.33 -37.05 32.12
N ASP W 891 -26.70 -35.93 32.45
CA ASP W 891 -26.15 -35.74 33.78
C ASP W 891 -27.23 -35.51 34.83
N SER W 892 -28.48 -35.32 34.40
CA SER W 892 -29.57 -35.11 35.34
C SER W 892 -30.92 -35.52 34.77
N ALA W 893 -31.67 -36.28 35.57
CA ALA W 893 -32.97 -36.75 35.16
C ALA W 893 -34.05 -36.17 36.06
N THR W 894 -35.26 -36.10 35.54
CA THR W 894 -36.39 -35.59 36.28
C THR W 894 -37.62 -36.44 35.93
N ALA W 895 -38.12 -37.18 36.92
CA ALA W 895 -39.27 -38.04 36.73
C ALA W 895 -40.47 -37.49 37.49
N ILE W 896 -40.91 -36.29 37.13
CA ILE W 896 -42.05 -35.67 37.78
C ILE W 896 -43.32 -35.92 36.98
N PHE W 897 -44.35 -36.41 37.67
CA PHE W 897 -45.66 -36.72 37.08
C PHE W 897 -45.72 -38.09 36.40
N THR W 898 -44.59 -38.78 36.33
CA THR W 898 -44.58 -40.09 35.68
C THR W 898 -44.28 -41.25 36.62
N ILE W 899 -43.21 -41.11 37.39
CA ILE W 899 -42.78 -42.15 38.31
C ILE W 899 -43.91 -42.89 39.04
N GLY W 900 -45.00 -42.19 39.32
CA GLY W 900 -46.11 -42.83 40.00
C GLY W 900 -46.93 -43.70 39.08
N ALA W 901 -47.11 -43.25 37.84
CA ALA W 901 -47.87 -43.97 36.83
C ALA W 901 -47.15 -45.19 36.30
N ALA W 902 -45.82 -45.16 36.34
CA ALA W 902 -45.02 -46.27 35.86
C ALA W 902 -45.12 -47.47 36.81
N ALA W 903 -45.08 -47.20 38.11
CA ALA W 903 -45.19 -48.26 39.10
C ALA W 903 -46.54 -48.94 38.95
N ALA W 904 -47.56 -48.14 38.64
CA ALA W 904 -48.91 -48.65 38.46
C ALA W 904 -49.06 -49.37 37.11
N ALA W 905 -48.51 -48.76 36.07
CA ALA W 905 -48.57 -49.33 34.72
C ALA W 905 -47.83 -50.66 34.69
N ALA W 906 -46.60 -50.67 35.19
CA ALA W 906 -45.80 -51.89 35.23
C ALA W 906 -46.28 -52.77 36.37
N GLY W 907 -47.45 -52.43 36.91
CA GLY W 907 -48.03 -53.19 38.01
C GLY W 907 -47.01 -53.65 39.03
N THR W 908 -46.12 -52.76 39.43
CA THR W 908 -45.07 -53.09 40.39
C THR W 908 -45.11 -52.26 41.67
N ASP W 909 -44.37 -52.72 42.68
CA ASP W 909 -44.27 -52.05 43.97
C ASP W 909 -43.49 -50.74 43.78
N LEU W 910 -43.92 -49.68 44.46
CA LEU W 910 -43.27 -48.38 44.32
C LEU W 910 -41.79 -48.37 44.71
N ILE W 911 -41.45 -48.98 45.85
CA ILE W 911 -40.05 -49.01 46.28
C ILE W 911 -39.22 -49.82 45.28
N ALA W 912 -39.73 -50.98 44.90
CA ALA W 912 -39.05 -51.86 43.96
C ALA W 912 -38.87 -51.19 42.60
N PHE W 913 -39.80 -50.32 42.22
CA PHE W 913 -39.70 -49.64 40.93
C PHE W 913 -38.51 -48.68 40.85
N VAL W 914 -38.50 -47.71 41.77
CA VAL W 914 -37.42 -46.73 41.81
C VAL W 914 -36.09 -47.42 42.13
N GLN W 915 -36.20 -48.65 42.64
CA GLN W 915 -35.04 -49.45 43.00
C GLN W 915 -34.27 -49.82 41.73
N GLN W 916 -34.98 -49.86 40.59
CA GLN W 916 -34.40 -50.20 39.30
C GLN W 916 -34.20 -48.95 38.43
N LEU W 917 -34.90 -47.87 38.77
CA LEU W 917 -34.79 -46.64 37.98
C LEU W 917 -33.60 -45.79 38.42
N ILE W 918 -33.48 -45.57 39.73
CA ILE W 918 -32.38 -44.77 40.25
C ILE W 918 -31.03 -45.30 39.75
N PRO W 919 -30.80 -46.62 39.84
CA PRO W 919 -29.53 -47.18 39.37
C PRO W 919 -29.31 -46.98 37.87
N ARG W 920 -30.40 -46.87 37.10
CA ARG W 920 -30.28 -46.64 35.67
C ARG W 920 -29.86 -45.20 35.41
N ILE W 921 -30.36 -44.28 36.22
CA ILE W 921 -30.00 -42.87 36.08
C ILE W 921 -28.53 -42.68 36.47
N VAL W 922 -28.03 -43.50 37.39
CA VAL W 922 -26.65 -43.44 37.83
C VAL W 922 -25.78 -43.86 36.65
N ALA W 923 -26.19 -44.95 35.99
CA ALA W 923 -25.48 -45.47 34.84
C ALA W 923 -25.65 -44.52 33.65
N ALA W 924 -26.84 -43.96 33.51
CA ALA W 924 -27.13 -43.03 32.42
C ALA W 924 -26.17 -41.84 32.55
N GLY W 925 -25.44 -41.80 33.67
CA GLY W 925 -24.51 -40.72 33.91
C GLY W 925 -25.25 -39.52 34.44
N GLY W 926 -25.89 -39.67 35.60
CA GLY W 926 -26.65 -38.59 36.19
C GLY W 926 -26.15 -38.11 37.55
N THR W 927 -25.93 -36.81 37.64
CA THR W 927 -25.45 -36.18 38.87
C THR W 927 -26.63 -35.78 39.77
N ARG W 928 -27.73 -35.33 39.15
CA ARG W 928 -28.91 -34.89 39.88
C ARG W 928 -30.17 -35.68 39.51
N MET W 929 -31.14 -35.68 40.42
CA MET W 929 -32.40 -36.37 40.19
C MET W 929 -33.56 -35.69 40.92
N TRP W 930 -34.71 -35.68 40.26
CA TRP W 930 -35.93 -35.09 40.79
C TRP W 930 -37.07 -36.01 40.37
N LEU W 931 -37.72 -36.64 41.35
CA LEU W 931 -38.81 -37.57 41.04
C LEU W 931 -40.05 -37.27 41.88
N GLN W 932 -41.16 -36.96 41.22
CA GLN W 932 -42.40 -36.67 41.95
C GLN W 932 -42.98 -37.94 42.56
N LEU W 933 -42.26 -38.51 43.53
CA LEU W 933 -42.70 -39.71 44.22
C LEU W 933 -43.89 -39.35 45.11
N ASN W 934 -44.77 -40.31 45.32
CA ASN W 934 -45.95 -40.06 46.16
C ASN W 934 -45.92 -40.85 47.47
N THR W 935 -45.24 -40.31 48.48
CA THR W 935 -45.13 -40.97 49.78
C THR W 935 -45.62 -40.02 50.88
N PRO W 936 -46.34 -40.55 51.88
CA PRO W 936 -46.87 -39.74 52.98
C PRO W 936 -45.79 -39.43 54.01
N LEU W 937 -44.93 -38.45 53.73
CA LEU W 937 -43.87 -38.11 54.66
C LEU W 937 -44.35 -37.29 55.85
N TYR W 938 -45.33 -36.41 55.62
CA TYR W 938 -45.84 -35.58 56.72
C TYR W 938 -46.79 -36.39 57.59
N GLU W 939 -47.79 -37.01 56.98
CA GLU W 939 -48.76 -37.82 57.71
C GLU W 939 -49.38 -38.87 56.80
N VAL W 940 -49.92 -39.92 57.41
CA VAL W 940 -50.56 -40.98 56.66
C VAL W 940 -52.02 -40.56 56.46
N SER W 941 -52.32 -39.33 56.86
CA SER W 941 -53.68 -38.79 56.73
C SER W 941 -53.91 -38.44 55.26
N SER W 942 -55.13 -38.63 54.77
CA SER W 942 -55.44 -38.34 53.38
C SER W 942 -56.46 -37.23 53.19
N LEU W 943 -56.69 -36.88 51.93
CA LEU W 943 -57.65 -35.85 51.57
C LEU W 943 -58.93 -36.56 51.15
N PRO W 944 -60.09 -36.07 51.63
CA PRO W 944 -61.39 -36.66 51.33
C PRO W 944 -61.72 -36.85 49.85
N ASP W 945 -61.47 -35.82 49.05
CA ASP W 945 -61.79 -35.88 47.63
C ASP W 945 -60.58 -35.95 46.69
N LEU W 946 -59.42 -35.52 47.16
CA LEU W 946 -58.24 -35.52 46.31
C LEU W 946 -57.39 -36.79 46.28
N ILE W 947 -57.11 -37.38 47.44
CA ILE W 947 -56.30 -38.59 47.47
C ILE W 947 -56.69 -39.53 48.61
N GLU W 948 -57.03 -40.77 48.27
CA GLU W 948 -57.38 -41.75 49.28
C GLU W 948 -56.18 -42.67 49.45
N ILE W 949 -55.80 -42.94 50.69
CA ILE W 949 -54.64 -43.77 50.95
C ILE W 949 -54.98 -45.19 51.43
N ASP W 950 -55.32 -46.07 50.50
CA ASP W 950 -55.64 -47.46 50.80
C ASP W 950 -54.44 -48.03 51.55
N LEU W 951 -54.67 -48.50 52.78
CA LEU W 951 -53.58 -49.05 53.57
C LEU W 951 -53.36 -50.55 53.47
N ARG W 952 -54.37 -51.29 53.02
CA ARG W 952 -54.23 -52.73 52.87
C ARG W 952 -53.13 -52.98 51.85
N ASP W 953 -53.12 -52.14 50.82
CA ASP W 953 -52.11 -52.21 49.76
C ASP W 953 -51.60 -50.80 49.51
N HIS W 954 -50.30 -50.59 49.76
CA HIS W 954 -49.69 -49.29 49.57
C HIS W 954 -50.08 -48.71 48.22
N VAL W 955 -51.15 -47.91 48.20
CA VAL W 955 -51.61 -47.31 46.96
C VAL W 955 -52.46 -46.06 47.17
N TYR W 956 -52.51 -45.20 46.15
CA TYR W 956 -53.29 -43.98 46.22
C TYR W 956 -54.50 -44.08 45.31
N ARG W 957 -55.34 -43.05 45.37
CA ARG W 957 -56.52 -42.97 44.56
C ARG W 957 -56.87 -41.52 44.31
N PHE W 958 -56.09 -40.90 43.42
CA PHE W 958 -56.30 -39.51 43.05
C PHE W 958 -57.69 -39.41 42.49
N ASN W 959 -58.58 -38.75 43.24
CA ASN W 959 -59.97 -38.61 42.84
C ASN W 959 -60.64 -39.98 42.92
N GLY W 960 -60.22 -40.74 43.93
CA GLY W 960 -60.74 -42.08 44.18
C GLY W 960 -61.15 -42.87 42.95
N GLY W 961 -60.18 -43.38 42.21
CA GLY W 961 -60.51 -44.17 41.03
C GLY W 961 -59.91 -43.64 39.75
N GLU W 962 -60.19 -42.38 39.43
CA GLU W 962 -59.69 -41.73 38.22
C GLU W 962 -58.31 -42.22 37.82
N ARG W 963 -57.51 -42.61 38.81
CA ARG W 963 -56.18 -43.15 38.59
C ARG W 963 -55.66 -43.67 39.92
N VAL W 964 -55.05 -44.84 39.89
CA VAL W 964 -54.52 -45.47 41.09
C VAL W 964 -53.03 -45.73 40.92
N GLU W 965 -52.23 -45.22 41.84
CA GLU W 965 -50.78 -45.40 41.76
C GLU W 965 -50.19 -45.76 43.12
N PRO W 966 -49.40 -46.85 43.19
CA PRO W 966 -48.78 -47.30 44.43
C PRO W 966 -47.84 -46.25 45.02
N TYR W 967 -47.62 -46.34 46.33
CA TYR W 967 -46.74 -45.41 47.01
C TYR W 967 -45.75 -46.13 47.92
N ALA W 968 -44.88 -45.35 48.55
CA ALA W 968 -43.88 -45.90 49.46
C ALA W 968 -44.08 -45.16 50.78
N ASP W 969 -43.25 -45.49 51.76
CA ASP W 969 -43.36 -44.83 53.06
C ASP W 969 -42.18 -43.88 53.20
N PRO W 970 -42.31 -42.85 54.04
CA PRO W 970 -41.19 -41.92 54.19
C PRO W 970 -39.90 -42.63 54.59
N VAL W 971 -39.96 -43.43 55.65
CA VAL W 971 -38.79 -44.15 56.14
C VAL W 971 -38.26 -45.30 55.26
N PRO W 972 -39.11 -46.29 54.92
CA PRO W 972 -38.62 -47.39 54.09
C PRO W 972 -38.04 -46.94 52.74
N LEU W 973 -38.77 -46.07 52.05
CA LEU W 973 -38.33 -45.57 50.76
C LEU W 973 -37.08 -44.70 50.92
N GLN W 974 -36.99 -44.04 52.06
CA GLN W 974 -35.85 -43.17 52.37
C GLN W 974 -34.54 -43.95 52.43
N GLN W 975 -34.56 -45.05 53.17
CA GLN W 975 -33.39 -45.91 53.36
C GLN W 975 -33.09 -46.74 52.12
N ALA W 976 -34.13 -47.06 51.35
CA ALA W 976 -33.94 -47.85 50.15
C ALA W 976 -33.15 -47.03 49.11
N ILE W 977 -33.45 -45.73 49.04
CA ILE W 977 -32.76 -44.86 48.10
C ILE W 977 -31.37 -44.47 48.62
N ALA W 978 -31.23 -44.43 49.93
CA ALA W 978 -29.95 -44.10 50.55
C ALA W 978 -28.99 -45.28 50.38
N ALA W 979 -29.57 -46.48 50.27
CA ALA W 979 -28.78 -47.69 50.08
C ALA W 979 -28.37 -47.80 48.61
N LEU W 980 -29.19 -47.21 47.73
CA LEU W 980 -28.92 -47.22 46.30
C LEU W 980 -27.74 -46.27 46.06
N LEU W 981 -27.95 -45.00 46.38
CA LEU W 981 -26.91 -43.98 46.25
C LEU W 981 -26.46 -43.61 47.64
N PRO W 982 -25.47 -44.32 48.19
CA PRO W 982 -24.96 -44.04 49.53
C PRO W 982 -24.32 -42.67 49.74
N ALA W 983 -23.50 -42.25 48.79
CA ALA W 983 -22.81 -40.96 48.90
C ALA W 983 -23.67 -39.75 48.53
N ALA W 984 -24.76 -39.97 47.82
CA ALA W 984 -25.63 -38.88 47.39
C ALA W 984 -26.43 -38.26 48.53
N ALA W 985 -26.62 -36.93 48.47
CA ALA W 985 -27.37 -36.21 49.49
C ALA W 985 -28.82 -36.05 49.02
N LEU W 986 -29.76 -36.51 49.86
CA LEU W 986 -31.18 -36.44 49.55
C LEU W 986 -31.85 -35.25 50.24
N SER W 987 -33.01 -34.84 49.72
CA SER W 987 -33.76 -33.72 50.29
C SER W 987 -35.15 -33.63 49.67
N TRP W 988 -36.15 -33.36 50.50
CA TRP W 988 -37.53 -33.27 50.01
C TRP W 988 -38.02 -31.85 49.81
N HIS W 989 -38.23 -31.46 48.56
CA HIS W 989 -38.74 -30.12 48.31
C HIS W 989 -40.25 -30.31 48.15
N THR W 990 -41.03 -29.41 48.73
CA THR W 990 -42.48 -29.51 48.65
C THR W 990 -43.10 -28.12 48.56
N LEU W 991 -44.26 -28.02 47.90
CA LEU W 991 -44.98 -26.75 47.76
C LEU W 991 -44.96 -25.93 49.06
N SER W 992 -44.10 -24.93 49.12
CA SER W 992 -43.93 -24.07 50.31
C SER W 992 -45.01 -23.01 50.52
N PRO W 993 -45.61 -23.00 51.72
CA PRO W 993 -46.68 -22.08 52.15
C PRO W 993 -46.50 -20.62 51.73
N THR W 994 -45.28 -20.23 51.38
CA THR W 994 -45.02 -18.85 50.95
C THR W 994 -45.75 -18.55 49.64
N CYS W 995 -46.27 -19.60 49.01
CA CYS W 995 -46.98 -19.49 47.74
C CYS W 995 -46.19 -18.68 46.71
N ASP W 996 -44.86 -18.79 46.79
CA ASP W 996 -43.95 -18.10 45.86
C ASP W 996 -44.05 -18.66 44.44
N TRP W 997 -44.64 -19.84 44.33
CA TRP W 997 -44.83 -20.51 43.05
C TRP W 997 -45.91 -19.77 42.25
N LEU W 998 -46.65 -18.92 42.94
CA LEU W 998 -47.75 -18.16 42.36
C LEU W 998 -47.62 -17.61 40.95
N PRO W 999 -46.43 -17.18 40.54
CA PRO W 999 -46.36 -16.67 39.17
C PRO W 999 -46.55 -17.78 38.13
N TYR W 1000 -47.27 -18.82 38.52
CA TYR W 1000 -47.56 -19.95 37.65
C TYR W 1000 -49.04 -20.24 37.57
N ILE W 1001 -49.80 -19.62 38.45
CA ILE W 1001 -51.24 -19.77 38.50
C ILE W 1001 -51.83 -18.41 38.17
N ILE W 1002 -51.34 -17.39 38.86
CA ILE W 1002 -51.78 -16.02 38.61
C ILE W 1002 -50.96 -15.53 37.43
N GLY W 1003 -49.86 -16.24 37.16
CA GLY W 1003 -48.99 -15.87 36.06
C GLY W 1003 -49.46 -16.34 34.69
N VAL W 1004 -50.21 -17.45 34.66
CA VAL W 1004 -50.72 -17.96 33.40
C VAL W 1004 -52.17 -17.49 33.19
N GLY W 1005 -52.75 -16.90 34.23
CA GLY W 1005 -54.11 -16.40 34.12
C GLY W 1005 -55.19 -17.34 34.59
N SER W 1006 -54.99 -17.93 35.76
CA SER W 1006 -55.98 -18.86 36.32
C SER W 1006 -56.39 -18.46 37.72
N PRO W 1007 -57.70 -18.46 38.00
CA PRO W 1007 -58.21 -18.10 39.32
C PRO W 1007 -57.84 -19.17 40.34
N LEU W 1008 -58.10 -18.90 41.61
CA LEU W 1008 -57.80 -19.86 42.67
C LEU W 1008 -58.48 -19.45 43.98
N ASN W 1009 -58.37 -20.33 44.98
CA ASN W 1009 -58.96 -20.07 46.30
C ASN W 1009 -57.87 -19.99 47.34
N LEU W 1010 -57.70 -18.82 47.95
CA LEU W 1010 -56.67 -18.67 48.97
C LEU W 1010 -56.82 -19.71 50.05
N SER W 1011 -57.98 -20.37 50.09
CA SER W 1011 -58.24 -21.41 51.08
C SER W 1011 -57.69 -22.76 50.64
N ASP W 1012 -57.54 -22.94 49.33
CA ASP W 1012 -57.03 -24.20 48.78
C ASP W 1012 -55.51 -24.31 48.87
N ILE W 1013 -54.83 -23.17 48.94
CA ILE W 1013 -53.39 -23.17 49.06
C ILE W 1013 -53.08 -24.17 50.17
N ASN W 1014 -53.94 -24.19 51.18
CA ASN W 1014 -53.81 -25.09 52.31
C ASN W 1014 -53.96 -26.54 51.86
N THR W 1015 -54.94 -26.78 50.99
CA THR W 1015 -55.19 -28.12 50.47
C THR W 1015 -53.97 -28.62 49.72
N ALA W 1016 -53.50 -27.82 48.76
CA ALA W 1016 -52.34 -28.17 47.94
C ALA W 1016 -51.04 -28.30 48.74
N ILE W 1017 -50.87 -27.50 49.81
CA ILE W 1017 -49.67 -27.60 50.62
C ILE W 1017 -49.79 -28.88 51.45
N SER W 1018 -50.96 -29.51 51.35
CA SER W 1018 -51.26 -30.74 52.05
C SER W 1018 -51.29 -31.88 51.03
N TYR W 1019 -51.44 -31.51 49.76
CA TYR W 1019 -51.48 -32.47 48.66
C TYR W 1019 -50.03 -32.60 48.18
N SER W 1020 -49.25 -31.55 48.43
CA SER W 1020 -47.85 -31.56 48.05
C SER W 1020 -47.12 -32.44 49.06
N ARG W 1021 -47.63 -32.45 50.29
CA ARG W 1021 -47.03 -33.25 51.35
C ARG W 1021 -47.32 -34.73 51.13
N LEU W 1022 -48.38 -35.03 50.40
CA LEU W 1022 -48.72 -36.42 50.13
C LEU W 1022 -47.84 -36.95 49.00
N THR W 1023 -47.32 -36.03 48.19
CA THR W 1023 -46.46 -36.41 47.07
C THR W 1023 -45.30 -35.44 46.91
N PRO W 1024 -44.27 -35.58 47.75
CA PRO W 1024 -43.10 -34.69 47.68
C PRO W 1024 -42.26 -34.95 46.43
N ILE W 1025 -41.22 -34.15 46.25
CA ILE W 1025 -40.30 -34.31 45.12
C ILE W 1025 -38.95 -34.64 45.72
N LEU W 1026 -38.63 -35.92 45.78
CA LEU W 1026 -37.36 -36.36 46.33
C LEU W 1026 -36.22 -35.92 45.42
N HIS W 1027 -35.49 -34.90 45.88
CA HIS W 1027 -34.36 -34.32 45.16
C HIS W 1027 -33.05 -34.97 45.61
N ILE W 1028 -32.46 -35.79 44.75
CA ILE W 1028 -31.20 -36.45 45.07
C ILE W 1028 -30.05 -35.63 44.49
N ASP W 1029 -28.85 -35.81 45.04
CA ASP W 1029 -27.68 -35.10 44.54
C ASP W 1029 -26.42 -35.89 44.86
N THR W 1030 -26.03 -36.74 43.91
CA THR W 1030 -24.84 -37.59 44.06
C THR W 1030 -23.57 -36.74 44.19
N THR W 1031 -23.66 -35.49 43.76
CA THR W 1031 -22.52 -34.57 43.79
C THR W 1031 -22.09 -34.05 45.17
N THR W 1032 -22.80 -34.44 46.23
CA THR W 1032 -22.46 -33.96 47.57
C THR W 1032 -22.72 -34.99 48.67
N PRO W 1033 -22.07 -34.84 49.83
CA PRO W 1033 -22.24 -35.76 50.97
C PRO W 1033 -23.61 -35.58 51.59
N PRO W 1034 -24.27 -36.69 51.97
CA PRO W 1034 -25.61 -36.62 52.59
C PRO W 1034 -25.56 -36.27 54.07
N LEU W 1035 -26.70 -35.86 54.62
CA LEU W 1035 -26.78 -35.49 56.03
C LEU W 1035 -26.72 -36.70 56.96
N ARG W 1036 -26.74 -36.43 58.26
CA ARG W 1036 -26.70 -37.48 59.28
C ARG W 1036 -27.55 -37.05 60.47
N VAL W 1037 -28.74 -37.60 60.58
CA VAL W 1037 -29.64 -37.26 61.68
C VAL W 1037 -29.62 -38.38 62.72
N ASN W 1038 -29.11 -38.08 63.92
CA ASN W 1038 -29.00 -39.08 64.98
C ASN W 1038 -30.28 -39.73 65.49
N PRO W 1039 -31.43 -39.08 65.29
CA PRO W 1039 -32.64 -39.74 65.79
C PRO W 1039 -33.32 -40.59 64.73
N VAL W 1040 -33.07 -40.27 63.46
CA VAL W 1040 -33.65 -40.97 62.31
C VAL W 1040 -35.14 -40.61 62.23
N PRO W 1041 -36.02 -41.32 62.97
CA PRO W 1041 -37.41 -40.86 62.81
C PRO W 1041 -37.61 -39.69 63.78
N THR W 1042 -36.70 -38.72 63.67
CA THR W 1042 -36.67 -37.51 64.50
C THR W 1042 -38.01 -37.06 65.10
N PRO W 1043 -38.12 -37.10 66.43
CA PRO W 1043 -39.34 -36.69 67.13
C PRO W 1043 -39.30 -35.22 67.53
N LEU W 1044 -40.43 -34.53 67.35
CA LEU W 1044 -40.53 -33.11 67.70
C LEU W 1044 -40.24 -32.88 69.18
N ASN W 1045 -39.42 -31.88 69.47
CA ASN W 1045 -39.06 -31.52 70.85
C ASN W 1045 -37.93 -32.33 71.48
N GLN W 1046 -37.17 -33.06 70.65
CA GLN W 1046 -36.04 -33.83 71.14
C GLN W 1046 -34.79 -33.32 70.45
N GLN W 1047 -33.72 -33.14 71.21
CA GLN W 1047 -32.47 -32.67 70.65
C GLN W 1047 -31.92 -33.74 69.71
N CYS W 1048 -31.62 -33.34 68.49
CA CYS W 1048 -31.08 -34.27 67.51
C CYS W 1048 -29.72 -33.81 67.00
N ALA W 1049 -28.92 -34.76 66.53
CA ALA W 1049 -27.60 -34.44 66.02
C ALA W 1049 -27.61 -34.49 64.50
N ILE W 1050 -27.27 -33.36 63.89
CA ILE W 1050 -27.21 -33.25 62.43
C ILE W 1050 -25.78 -32.89 62.10
N ARG W 1051 -25.24 -33.50 61.05
CA ARG W 1051 -23.84 -33.24 60.69
C ARG W 1051 -23.58 -33.03 59.20
N ILE W 1052 -23.24 -31.80 58.83
CA ILE W 1052 -22.94 -31.46 57.45
C ILE W 1052 -21.42 -31.55 57.30
N THR W 1053 -20.95 -32.47 56.45
CA THR W 1053 -19.52 -32.63 56.26
C THR W 1053 -18.89 -31.73 55.22
N SER W 1054 -18.58 -30.49 55.61
CA SER W 1054 -17.94 -29.54 54.71
C SER W 1054 -16.53 -29.27 55.19
N LEU W 1055 -15.56 -29.44 54.30
CA LEU W 1055 -14.14 -29.25 54.61
C LEU W 1055 -13.77 -27.88 55.20
N ASP W 1056 -14.45 -26.83 54.76
CA ASP W 1056 -14.15 -25.48 55.24
C ASP W 1056 -15.00 -25.00 56.41
N PRO W 1057 -14.35 -24.64 57.54
CA PRO W 1057 -15.07 -24.16 58.73
C PRO W 1057 -15.65 -22.78 58.45
N ALA W 1058 -15.07 -22.09 57.47
CA ALA W 1058 -15.49 -20.76 57.09
C ALA W 1058 -16.72 -20.75 56.19
N ALA W 1059 -17.78 -21.43 56.63
CA ALA W 1059 -19.03 -21.49 55.88
C ALA W 1059 -20.19 -21.00 56.75
N VAL W 1060 -21.29 -20.64 56.11
CA VAL W 1060 -22.46 -20.16 56.85
C VAL W 1060 -23.63 -21.13 56.78
N LEU W 1061 -23.98 -21.70 57.93
CA LEU W 1061 -25.08 -22.65 58.01
C LEU W 1061 -26.41 -21.90 58.04
N SER W 1062 -27.32 -22.26 57.14
CA SER W 1062 -28.62 -21.60 57.08
C SER W 1062 -29.77 -22.53 56.67
N VAL W 1063 -30.24 -23.32 57.64
CA VAL W 1063 -31.35 -24.24 57.42
C VAL W 1063 -32.66 -23.48 57.32
N GLN W 1064 -33.39 -23.69 56.23
CA GLN W 1064 -34.67 -23.02 56.03
C GLN W 1064 -35.82 -23.98 55.75
N HIS W 1065 -36.91 -23.80 56.48
CA HIS W 1065 -38.10 -24.64 56.34
C HIS W 1065 -39.32 -23.79 56.00
N ASN W 1066 -40.03 -24.17 54.94
CA ASN W 1066 -41.24 -23.46 54.47
C ASN W 1066 -40.96 -22.30 53.54
N GLY W 1067 -39.74 -22.20 53.03
CA GLY W 1067 -39.40 -21.11 52.14
C GLY W 1067 -39.00 -19.89 52.94
N VAL W 1068 -38.78 -20.12 54.23
CA VAL W 1068 -38.37 -19.09 55.17
C VAL W 1068 -37.18 -19.67 55.91
N GLU W 1069 -36.09 -18.92 56.02
CA GLU W 1069 -34.93 -19.43 56.75
C GLU W 1069 -35.27 -19.38 58.24
N VAL W 1070 -34.76 -20.34 59.00
CA VAL W 1070 -35.06 -20.37 60.42
C VAL W 1070 -33.82 -20.45 61.30
N ILE W 1071 -32.74 -21.02 60.75
CA ILE W 1071 -31.49 -21.16 61.49
C ILE W 1071 -30.32 -20.71 60.63
N GLY W 1072 -29.70 -19.59 61.00
CA GLY W 1072 -28.58 -19.11 60.22
C GLY W 1072 -27.45 -18.53 61.04
N GLY W 1073 -26.21 -18.89 60.68
CA GLY W 1073 -25.07 -18.35 61.41
C GLY W 1073 -23.88 -19.29 61.55
N THR W 1074 -22.69 -18.73 61.32
CA THR W 1074 -21.43 -19.44 61.43
C THR W 1074 -21.41 -20.08 62.83
N PRO W 1075 -20.62 -21.16 63.03
CA PRO W 1075 -20.56 -21.82 64.34
C PRO W 1075 -20.82 -20.95 65.57
N GLY W 1076 -19.96 -19.95 65.78
CA GLY W 1076 -20.13 -19.07 66.93
C GLY W 1076 -21.56 -18.68 67.23
N ASN W 1077 -22.16 -17.86 66.38
CA ASN W 1077 -23.53 -17.40 66.57
C ASN W 1077 -24.52 -18.00 65.59
N VAL W 1078 -25.61 -18.54 66.13
CA VAL W 1078 -26.65 -19.14 65.31
C VAL W 1078 -28.03 -18.71 65.78
N ILE W 1079 -28.72 -17.95 64.93
CA ILE W 1079 -30.06 -17.47 65.23
C ILE W 1079 -31.02 -18.58 64.87
N SER W 1080 -31.74 -19.10 65.86
CA SER W 1080 -32.67 -20.20 65.62
C SER W 1080 -34.09 -19.90 66.08
N VAL W 1081 -35.02 -19.95 65.14
CA VAL W 1081 -36.43 -19.70 65.40
C VAL W 1081 -37.22 -21.02 65.40
N ALA W 1082 -36.50 -22.10 65.15
CA ALA W 1082 -37.12 -23.43 65.12
C ALA W 1082 -36.86 -24.16 66.43
N GLY W 1083 -36.05 -23.53 67.29
CA GLY W 1083 -35.72 -24.13 68.56
C GLY W 1083 -34.26 -23.89 68.88
N ALA W 1084 -33.79 -24.41 70.01
CA ALA W 1084 -32.39 -24.22 70.41
C ALA W 1084 -31.43 -24.92 69.44
N ALA W 1085 -30.72 -24.12 68.64
CA ALA W 1085 -29.78 -24.65 67.67
C ALA W 1085 -28.35 -24.21 67.98
N ALA W 1086 -27.52 -25.15 68.43
CA ALA W 1086 -26.14 -24.86 68.77
C ALA W 1086 -25.19 -25.46 67.73
N LEU W 1087 -24.79 -24.64 66.76
CA LEU W 1087 -23.91 -25.07 65.68
C LEU W 1087 -22.44 -24.79 65.97
N GLN W 1088 -21.59 -25.80 65.77
CA GLN W 1088 -20.15 -25.67 66.00
C GLN W 1088 -19.33 -26.60 65.12
N TYR W 1089 -18.53 -26.02 64.21
CA TYR W 1089 -17.71 -26.80 63.30
C TYR W 1089 -16.61 -27.60 64.02
N ILE W 1090 -16.74 -28.92 64.00
CA ILE W 1090 -15.73 -29.78 64.61
C ILE W 1090 -14.62 -30.01 63.59
N LEU W 1091 -13.39 -29.66 63.97
CA LEU W 1091 -12.24 -29.80 63.09
C LEU W 1091 -11.94 -31.26 62.74
N ALA W 1092 -11.92 -32.11 63.75
CA ALA W 1092 -11.63 -33.53 63.56
C ALA W 1092 -12.33 -34.15 62.35
N ASN W 1093 -13.64 -34.29 62.42
CA ASN W 1093 -14.42 -34.88 61.32
C ASN W 1093 -14.54 -33.93 60.14
N GLN W 1094 -14.43 -32.64 60.41
CA GLN W 1094 -14.55 -31.61 59.37
C GLN W 1094 -16.00 -31.37 59.02
N GLU W 1095 -16.89 -31.53 60.00
CA GLU W 1095 -18.31 -31.34 59.77
C GLU W 1095 -18.94 -30.56 60.91
N PHE W 1096 -19.73 -29.55 60.57
CA PHE W 1096 -20.39 -28.73 61.58
C PHE W 1096 -21.43 -29.59 62.29
N LEU W 1097 -21.20 -29.93 63.55
CA LEU W 1097 -22.15 -30.73 64.30
C LEU W 1097 -23.21 -29.80 64.87
N LEU W 1098 -24.44 -29.95 64.39
CA LEU W 1098 -25.54 -29.10 64.85
C LEU W 1098 -26.40 -29.74 65.92
N GLN W 1099 -26.28 -29.25 67.14
CA GLN W 1099 -27.09 -29.75 68.25
C GLN W 1099 -28.39 -28.95 68.18
N PHE W 1100 -29.36 -29.50 67.46
CA PHE W 1100 -30.63 -28.82 67.26
C PHE W 1100 -31.86 -29.54 67.84
N THR W 1101 -32.72 -28.77 68.49
CA THR W 1101 -33.95 -29.30 69.06
C THR W 1101 -35.09 -28.44 68.51
N PRO W 1102 -35.94 -29.03 67.65
CA PRO W 1102 -37.08 -28.33 67.05
C PRO W 1102 -38.36 -28.29 67.87
N THR W 1103 -39.18 -27.27 67.62
CA THR W 1103 -40.46 -27.11 68.29
C THR W 1103 -41.54 -27.12 67.22
N LEU W 1104 -41.10 -27.14 65.96
CA LEU W 1104 -42.03 -27.18 64.83
C LEU W 1104 -41.66 -28.33 63.90
N PRO W 1105 -42.62 -29.22 63.61
CA PRO W 1105 -42.32 -30.34 62.71
C PRO W 1105 -42.28 -29.83 61.28
N GLY W 1106 -41.60 -30.54 60.39
CA GLY W 1106 -41.52 -30.10 59.01
C GLY W 1106 -40.43 -30.75 58.18
N ILE W 1107 -40.05 -30.06 57.11
CA ILE W 1107 -39.01 -30.55 56.20
C ILE W 1107 -37.98 -29.45 56.02
N PHE W 1108 -36.98 -29.44 56.91
CA PHE W 1108 -35.91 -28.43 56.87
C PHE W 1108 -34.84 -28.71 55.82
N ASP W 1109 -34.72 -27.82 54.84
CA ASP W 1109 -33.72 -27.97 53.79
C ASP W 1109 -32.43 -27.28 54.24
N VAL W 1110 -31.49 -28.05 54.77
CA VAL W 1110 -30.22 -27.51 55.23
C VAL W 1110 -29.42 -26.87 54.11
N PHE W 1111 -29.00 -25.62 54.34
CA PHE W 1111 -28.23 -24.87 53.36
C PHE W 1111 -26.88 -24.45 53.94
N LEU W 1112 -25.80 -24.92 53.32
CA LEU W 1112 -24.48 -24.56 53.77
C LEU W 1112 -23.86 -23.73 52.66
N THR W 1113 -23.81 -22.42 52.86
CA THR W 1113 -23.25 -21.52 51.87
C THR W 1113 -21.85 -21.01 52.22
N THR W 1114 -20.95 -21.05 51.24
CA THR W 1114 -19.58 -20.59 51.44
C THR W 1114 -19.54 -19.08 51.29
N LEU W 1115 -18.56 -18.45 51.93
CA LEU W 1115 -18.44 -17.00 51.87
C LEU W 1115 -18.58 -16.47 50.45
N GLY W 1116 -17.95 -17.16 49.50
CA GLY W 1116 -18.03 -16.74 48.11
C GLY W 1116 -18.84 -17.74 47.29
N GLN W 1117 -19.73 -17.24 46.43
CA GLN W 1117 -20.54 -18.11 45.62
C GLN W 1117 -21.94 -18.32 46.17
N PRO W 1118 -22.88 -18.79 45.34
CA PRO W 1118 -24.27 -19.03 45.74
C PRO W 1118 -24.40 -20.07 46.85
N PRO W 1119 -25.50 -20.01 47.63
CA PRO W 1119 -25.73 -20.97 48.71
C PRO W 1119 -25.94 -22.36 48.16
N VAL W 1120 -25.29 -23.36 48.75
CA VAL W 1120 -25.41 -24.73 48.27
C VAL W 1120 -26.16 -25.64 49.23
N PRO W 1121 -27.20 -26.33 48.72
CA PRO W 1121 -28.02 -27.26 49.53
C PRO W 1121 -27.23 -28.51 49.88
N ARG W 1122 -27.33 -28.93 51.14
CA ARG W 1122 -26.61 -30.11 51.61
C ARG W 1122 -27.52 -31.17 52.24
N GLY W 1123 -28.69 -31.38 51.67
CA GLY W 1123 -29.60 -32.38 52.21
C GLY W 1123 -30.77 -31.82 52.99
N SER W 1124 -31.69 -32.69 53.37
CA SER W 1124 -32.86 -32.26 54.12
C SER W 1124 -33.42 -33.31 55.09
N PHE W 1125 -33.42 -32.98 56.38
CA PHE W 1125 -33.94 -33.86 57.43
C PHE W 1125 -35.37 -33.42 57.72
N THR W 1126 -36.18 -34.30 58.32
CA THR W 1126 -37.56 -33.92 58.61
C THR W 1126 -38.08 -34.27 60.00
N ILE W 1127 -38.25 -33.25 60.84
CA ILE W 1127 -38.77 -33.45 62.18
C ILE W 1127 -40.25 -33.79 62.01
N THR W 1128 -40.62 -35.01 62.36
CA THR W 1128 -41.98 -35.48 62.21
C THR W 1128 -42.91 -35.11 63.38
N PRO W 1129 -44.16 -34.72 63.05
CA PRO W 1129 -45.14 -34.34 64.08
C PRO W 1129 -45.24 -35.40 65.18
N PRO W 1130 -45.55 -34.97 66.42
CA PRO W 1130 -45.67 -35.89 67.56
C PRO W 1130 -46.82 -36.90 67.42
N PRO W 1131 -46.71 -38.05 68.12
CA PRO W 1131 -47.70 -39.14 68.12
C PRO W 1131 -49.14 -38.74 68.42
N THR W 1132 -49.92 -38.55 67.36
CA THR W 1132 -51.32 -38.16 67.49
C THR W 1132 -52.20 -39.26 68.11
N THR W 1133 -52.62 -39.03 69.35
CA THR W 1133 -53.46 -39.97 70.07
C THR W 1133 -54.17 -39.24 71.22
N VAL W 1134 -55.27 -39.80 71.73
CA VAL W 1134 -56.02 -39.15 72.80
C VAL W 1134 -56.61 -40.05 73.89
N ALA W 1135 -56.11 -39.88 75.11
CA ALA W 1135 -56.59 -40.64 76.26
C ALA W 1135 -57.26 -39.68 77.23
N LEU W 1136 -58.37 -40.08 77.83
CA LEU W 1136 -59.09 -39.21 78.76
C LEU W 1136 -59.33 -39.88 80.13
N ASN W 1137 -58.97 -39.17 81.19
CA ASN W 1137 -59.17 -39.67 82.55
C ASN W 1137 -60.66 -39.58 82.87
N MET W 1138 -61.47 -40.32 82.11
CA MET W 1138 -62.92 -40.33 82.30
C MET W 1138 -63.32 -40.62 83.74
N PRO W 1139 -64.16 -39.74 84.32
CA PRO W 1139 -64.61 -39.91 85.71
C PRO W 1139 -65.56 -41.09 85.92
N PRO W 1140 -65.51 -41.72 87.10
CA PRO W 1140 -66.36 -42.87 87.45
C PRO W 1140 -67.84 -42.48 87.51
N PRO W 1141 -68.75 -43.44 87.24
CA PRO W 1141 -70.19 -43.16 87.27
C PRO W 1141 -70.55 -42.35 88.50
N ARG W 1142 -70.02 -42.76 89.65
CA ARG W 1142 -70.25 -42.03 90.89
C ARG W 1142 -69.11 -41.03 91.00
N GLN W 1143 -69.40 -39.86 91.55
CA GLN W 1143 -68.45 -38.76 91.69
C GLN W 1143 -68.58 -37.94 90.41
N LEU W 1144 -69.36 -38.48 89.48
CA LEU W 1144 -69.65 -37.85 88.21
C LEU W 1144 -71.15 -37.58 88.23
N ASP W 1145 -71.54 -36.34 87.98
CA ASP W 1145 -72.96 -35.99 88.00
C ASP W 1145 -73.49 -35.34 86.73
N PHE W 1146 -74.82 -35.32 86.65
CA PHE W 1146 -75.56 -34.76 85.52
C PHE W 1146 -76.07 -33.39 85.95
N THR W 1147 -75.54 -32.91 87.08
CA THR W 1147 -75.91 -31.62 87.62
C THR W 1147 -75.33 -30.53 86.71
N ASP W 1148 -75.46 -29.27 87.12
CA ASP W 1148 -74.94 -28.18 86.32
C ASP W 1148 -73.41 -28.19 86.22
N VAL W 1149 -72.74 -28.33 87.36
CA VAL W 1149 -71.28 -28.36 87.37
C VAL W 1149 -70.83 -29.54 86.50
N GLY W 1150 -70.23 -29.24 85.36
CA GLY W 1150 -69.79 -30.30 84.47
C GLY W 1150 -68.55 -31.03 84.89
N ASN W 1151 -68.62 -32.37 84.89
CA ASN W 1151 -67.47 -33.17 85.26
C ASN W 1151 -66.43 -32.98 84.16
N ASP W 1152 -65.16 -33.12 84.49
CA ASP W 1152 -64.11 -32.94 83.50
C ASP W 1152 -63.02 -33.99 83.54
N ALA W 1153 -62.92 -34.77 82.48
CA ALA W 1153 -61.89 -35.81 82.38
C ALA W 1153 -60.67 -35.22 81.72
N ARG W 1154 -59.52 -35.28 82.40
CA ARG W 1154 -58.29 -34.74 81.84
C ARG W 1154 -57.87 -35.51 80.59
N ILE W 1155 -57.74 -34.80 79.48
CA ILE W 1155 -57.36 -35.43 78.22
C ILE W 1155 -55.86 -35.43 77.96
N THR W 1156 -55.32 -36.61 77.66
CA THR W 1156 -53.90 -36.78 77.39
C THR W 1156 -53.65 -36.71 75.89
N CYS W 1157 -52.97 -35.64 75.47
CA CYS W 1157 -52.66 -35.45 74.06
C CYS W 1157 -51.47 -34.50 73.99
N ASP W 1158 -50.63 -34.65 72.97
CA ASP W 1158 -49.47 -33.79 72.81
C ASP W 1158 -49.88 -32.32 72.83
N PRO W 1159 -49.16 -31.50 73.61
CA PRO W 1159 -49.47 -30.07 73.70
C PRO W 1159 -49.51 -29.44 72.32
N TYR W 1160 -48.74 -30.03 71.41
CA TYR W 1160 -48.63 -29.57 70.03
C TYR W 1160 -49.98 -29.37 69.35
N TYR W 1161 -50.85 -30.35 69.48
CA TYR W 1161 -52.17 -30.29 68.87
C TYR W 1161 -53.21 -29.60 69.76
N GLN W 1162 -53.92 -28.63 69.21
CA GLN W 1162 -54.96 -27.94 69.99
C GLN W 1162 -56.27 -28.69 69.74
N LEU W 1163 -56.88 -29.20 70.81
CA LEU W 1163 -58.13 -29.92 70.67
C LEU W 1163 -59.35 -29.07 70.98
N ALA W 1164 -60.43 -29.33 70.26
CA ALA W 1164 -61.69 -28.60 70.45
C ALA W 1164 -62.87 -29.55 70.27
N VAL W 1165 -63.78 -29.53 71.22
CA VAL W 1165 -64.97 -30.38 71.18
C VAL W 1165 -65.91 -29.95 70.08
N CYS W 1166 -66.57 -30.92 69.45
CA CYS W 1166 -67.53 -30.63 68.39
C CYS W 1166 -68.23 -31.91 67.98
N ILE W 1167 -69.26 -31.76 67.15
CA ILE W 1167 -70.03 -32.89 66.65
C ILE W 1167 -69.83 -32.97 65.15
N PHE W 1168 -69.93 -34.18 64.59
CA PHE W 1168 -69.73 -34.33 63.15
C PHE W 1168 -71.04 -34.18 62.37
N LYS W 1169 -71.32 -32.95 61.96
CA LYS W 1169 -72.53 -32.64 61.21
C LYS W 1169 -72.23 -32.50 59.73
N ASP W 1170 -72.84 -33.37 58.92
CA ASP W 1170 -72.65 -33.34 57.47
C ASP W 1170 -71.23 -33.75 57.08
N GLY W 1171 -70.59 -32.97 56.22
CA GLY W 1171 -69.24 -33.31 55.80
C GLY W 1171 -68.17 -32.71 56.67
N GLN W 1172 -68.51 -31.61 57.36
CA GLN W 1172 -67.55 -30.94 58.22
C GLN W 1172 -67.82 -31.14 59.70
N TYR W 1173 -66.97 -30.53 60.52
CA TYR W 1173 -67.09 -30.59 61.98
C TYR W 1173 -67.60 -29.25 62.48
N VAL W 1174 -68.59 -29.28 63.35
CA VAL W 1174 -69.14 -28.04 63.88
C VAL W 1174 -68.85 -27.94 65.37
N ARG W 1175 -68.05 -26.96 65.76
CA ARG W 1175 -67.72 -26.76 67.16
C ARG W 1175 -68.95 -26.77 68.07
N VAL W 1176 -68.95 -27.63 69.07
CA VAL W 1176 -70.07 -27.69 70.00
C VAL W 1176 -69.98 -26.42 70.84
N ASN W 1177 -71.10 -25.99 71.42
CA ASN W 1177 -71.10 -24.79 72.24
C ASN W 1177 -70.26 -25.05 73.50
N PRO W 1178 -69.50 -24.05 73.95
CA PRO W 1178 -68.63 -24.13 75.13
C PRO W 1178 -69.27 -24.56 76.46
N GLU W 1179 -70.55 -24.27 76.66
CA GLU W 1179 -71.22 -24.65 77.89
C GLU W 1179 -71.53 -26.15 77.95
N LYS W 1180 -71.75 -26.76 76.78
CA LYS W 1180 -72.04 -28.20 76.69
C LYS W 1180 -70.77 -29.00 76.95
N ALA W 1181 -69.69 -28.60 76.30
CA ALA W 1181 -68.40 -29.24 76.42
C ALA W 1181 -67.34 -28.21 76.02
N SER W 1182 -66.08 -28.45 76.37
CA SER W 1182 -65.02 -27.51 76.03
C SER W 1182 -63.67 -28.04 76.51
N VAL W 1183 -62.60 -27.44 76.03
CA VAL W 1183 -61.27 -27.87 76.42
C VAL W 1183 -60.61 -26.85 77.35
N VAL W 1184 -61.05 -26.83 78.60
CA VAL W 1184 -60.50 -25.93 79.59
C VAL W 1184 -59.07 -26.40 79.87
N THR W 1185 -58.10 -25.52 79.65
CA THR W 1185 -56.70 -25.91 79.84
C THR W 1185 -55.95 -25.22 80.97
N ASN W 1186 -55.45 -26.01 81.90
CA ASN W 1186 -54.65 -25.49 83.00
C ASN W 1186 -53.24 -25.72 82.51
N ALA W 1187 -52.29 -24.87 82.92
CA ALA W 1187 -50.92 -25.06 82.48
C ALA W 1187 -50.49 -26.52 82.71
N PRO W 1188 -50.87 -27.10 83.87
CA PRO W 1188 -50.52 -28.49 84.19
C PRO W 1188 -51.10 -29.54 83.26
N ASN W 1189 -52.27 -29.25 82.69
CA ASN W 1189 -52.91 -30.21 81.80
C ASN W 1189 -54.13 -29.68 81.06
N ARG W 1190 -54.37 -30.23 79.87
CA ARG W 1190 -55.52 -29.85 79.05
C ARG W 1190 -56.65 -30.77 79.47
N ASP W 1191 -57.81 -30.20 79.78
CA ASP W 1191 -58.94 -31.02 80.22
C ASP W 1191 -60.20 -30.88 79.39
N LEU W 1192 -61.01 -31.93 79.38
CA LEU W 1192 -62.26 -31.93 78.65
C LEU W 1192 -63.38 -31.66 79.65
N HIS W 1193 -63.92 -30.46 79.61
CA HIS W 1193 -65.01 -30.09 80.50
C HIS W 1193 -66.32 -30.41 79.79
N PHE W 1194 -67.23 -31.10 80.48
CA PHE W 1194 -68.51 -31.46 79.86
C PHE W 1194 -69.65 -31.51 80.87
N VAL W 1195 -70.85 -31.22 80.37
CA VAL W 1195 -72.05 -31.24 81.20
C VAL W 1195 -72.98 -32.29 80.58
N LEU W 1196 -73.31 -33.32 81.36
CA LEU W 1196 -74.16 -34.40 80.88
C LEU W 1196 -75.60 -33.99 80.55
N ASP W 1197 -76.04 -34.36 79.36
CA ASP W 1197 -77.38 -34.06 78.87
C ASP W 1197 -77.96 -35.36 78.31
N LEU W 1198 -79.29 -35.51 78.37
CA LEU W 1198 -79.91 -36.72 77.85
C LEU W 1198 -79.58 -36.90 76.37
N ALA W 1199 -79.27 -35.80 75.70
CA ALA W 1199 -78.92 -35.81 74.28
C ALA W 1199 -77.57 -36.45 74.00
N ASP W 1200 -76.76 -36.61 75.04
CA ASP W 1200 -75.41 -37.20 74.93
C ASP W 1200 -75.35 -38.63 74.41
N ASN W 1201 -76.40 -39.41 74.64
CA ASN W 1201 -76.42 -40.80 74.17
C ASN W 1201 -76.63 -40.91 72.68
N HIS W 1202 -77.39 -39.99 72.12
CA HIS W 1202 -77.68 -39.99 70.70
C HIS W 1202 -76.58 -39.31 69.89
N VAL W 1203 -76.26 -38.08 70.28
CA VAL W 1203 -75.23 -37.31 69.60
C VAL W 1203 -73.90 -37.42 70.36
N LEU W 1204 -72.82 -37.77 69.67
CA LEU W 1204 -71.51 -37.89 70.34
C LEU W 1204 -70.58 -36.72 70.00
N LEU W 1205 -69.57 -36.54 70.86
CA LEU W 1205 -68.60 -35.47 70.69
C LEU W 1205 -67.24 -35.97 70.22
N TYR W 1206 -66.49 -35.08 69.57
CA TYR W 1206 -65.17 -35.40 69.05
C TYR W 1206 -64.13 -34.34 69.44
N LEU W 1207 -62.98 -34.78 69.92
CA LEU W 1207 -61.90 -33.85 70.24
C LEU W 1207 -61.21 -33.72 68.89
N CYS W 1208 -61.13 -32.50 68.37
CA CYS W 1208 -60.53 -32.31 67.05
C CYS W 1208 -59.38 -31.31 66.93
N ASP W 1209 -58.41 -31.68 66.10
CA ASP W 1209 -57.23 -30.86 65.83
C ASP W 1209 -57.62 -29.51 65.24
N VAL W 1210 -57.50 -28.46 66.05
CA VAL W 1210 -57.84 -27.10 65.62
C VAL W 1210 -56.68 -26.45 64.89
N THR W 1211 -56.87 -26.23 63.59
CA THR W 1211 -55.85 -25.59 62.77
C THR W 1211 -56.51 -24.49 61.96
N PRO W 1212 -55.72 -23.65 61.27
CA PRO W 1212 -56.30 -22.57 60.46
C PRO W 1212 -57.26 -23.19 59.45
N SER W 1213 -56.97 -24.44 59.07
CA SER W 1213 -57.78 -25.19 58.13
C SER W 1213 -59.04 -25.66 58.85
N GLY W 1214 -59.89 -26.43 58.18
CA GLY W 1214 -61.10 -26.93 58.81
C GLY W 1214 -60.66 -27.76 59.98
N LEU W 1215 -61.19 -27.49 61.17
CA LEU W 1215 -60.78 -28.24 62.36
C LEU W 1215 -61.05 -29.74 62.34
N GLY W 1216 -60.26 -30.45 63.13
CA GLY W 1216 -60.39 -31.89 63.27
C GLY W 1216 -59.96 -32.84 62.18
N ASP W 1217 -58.87 -32.53 61.47
CA ASP W 1217 -58.42 -33.44 60.42
C ASP W 1217 -57.35 -34.41 60.89
N ARG W 1218 -56.37 -33.92 61.64
CA ARG W 1218 -55.30 -34.79 62.13
C ARG W 1218 -55.84 -35.79 63.14
N ILE W 1219 -56.51 -35.29 64.17
CA ILE W 1219 -57.08 -36.14 65.20
C ILE W 1219 -58.54 -35.79 65.41
N ALA W 1220 -59.43 -36.71 65.06
CA ALA W 1220 -60.86 -36.48 65.20
C ALA W 1220 -61.54 -37.57 66.02
N PHE W 1221 -60.78 -38.17 66.95
CA PHE W 1221 -61.30 -39.24 67.79
C PHE W 1221 -62.62 -38.86 68.46
N PRO W 1222 -63.59 -39.80 68.46
CA PRO W 1222 -64.91 -39.59 69.05
C PRO W 1222 -64.96 -40.07 70.50
N ILE W 1223 -65.46 -39.22 71.40
CA ILE W 1223 -65.57 -39.60 72.79
C ILE W 1223 -66.76 -40.54 72.85
N VAL W 1224 -66.50 -41.81 73.14
CA VAL W 1224 -67.55 -42.81 73.22
C VAL W 1224 -67.95 -43.07 74.67
N ASP W 1225 -67.29 -42.38 75.59
CA ASP W 1225 -67.58 -42.55 77.02
C ASP W 1225 -68.68 -41.60 77.46
N ILE W 1226 -68.49 -40.31 77.24
CA ILE W 1226 -69.50 -39.32 77.60
C ILE W 1226 -70.74 -39.63 76.75
N TYR W 1227 -70.54 -40.51 75.78
CA TYR W 1227 -71.60 -40.93 74.87
C TYR W 1227 -72.42 -42.09 75.41
N ARG W 1228 -71.88 -42.79 76.40
CA ARG W 1228 -72.57 -43.93 76.99
C ARG W 1228 -72.99 -43.76 78.44
N ILE W 1229 -72.42 -42.76 79.13
CA ILE W 1229 -72.76 -42.51 80.52
C ILE W 1229 -74.26 -42.69 80.72
N ALA W 1230 -74.64 -43.79 81.37
CA ALA W 1230 -76.05 -44.10 81.61
C ALA W 1230 -76.70 -43.20 82.64
N PHE W 1231 -77.81 -42.58 82.27
CA PHE W 1231 -78.54 -41.69 83.16
C PHE W 1231 -79.45 -42.49 84.08
N PRO W 1232 -79.24 -42.35 85.40
CA PRO W 1232 -80.00 -43.03 86.46
C PRO W 1232 -81.44 -42.55 86.67
N ARG W 1233 -82.02 -43.00 87.78
CA ARG W 1233 -83.40 -42.66 88.13
C ARG W 1233 -83.48 -41.70 89.30
N ASN W 1234 -82.44 -41.69 90.13
CA ASN W 1234 -82.40 -40.84 91.32
C ASN W 1234 -81.56 -39.58 91.17
N THR W 1235 -81.99 -38.65 90.30
CA THR W 1235 -81.26 -37.40 90.10
C THR W 1235 -81.87 -36.58 88.97
N PRO W 1236 -81.63 -35.26 88.99
CA PRO W 1236 -82.16 -34.38 87.94
C PRO W 1236 -81.30 -34.56 86.69
N VAL W 1237 -81.92 -34.43 85.52
CA VAL W 1237 -81.18 -34.58 84.26
C VAL W 1237 -81.56 -33.46 83.31
N ARG W 1238 -80.59 -33.00 82.53
CA ARG W 1238 -80.84 -31.92 81.58
C ARG W 1238 -81.16 -32.39 80.17
N ALA W 1239 -82.39 -32.15 79.73
CA ALA W 1239 -82.80 -32.53 78.39
C ALA W 1239 -82.63 -31.30 77.50
N SER W 1240 -81.64 -31.36 76.62
CA SER W 1240 -81.37 -30.24 75.72
C SER W 1240 -81.88 -30.60 74.32
N LEU W 1241 -81.37 -29.89 73.33
CA LEU W 1241 -81.75 -30.16 71.94
C LEU W 1241 -80.47 -30.71 71.29
N PRO W 1242 -80.59 -31.71 70.41
CA PRO W 1242 -79.44 -32.31 69.73
C PRO W 1242 -78.54 -31.34 68.97
N TYR W 1243 -79.14 -30.55 68.09
CA TYR W 1243 -78.37 -29.57 67.30
C TYR W 1243 -79.28 -28.50 66.75
N THR W 1244 -78.69 -27.56 66.02
CA THR W 1244 -79.42 -26.44 65.43
C THR W 1244 -80.55 -26.85 64.48
N GLY W 1245 -80.48 -28.04 63.90
CA GLY W 1245 -81.52 -28.46 62.99
C GLY W 1245 -82.25 -29.73 63.36
N GLY W 1246 -82.19 -30.11 64.64
CA GLY W 1246 -82.85 -31.33 65.07
C GLY W 1246 -83.86 -31.15 66.19
N GLY W 1247 -84.93 -31.93 66.12
CA GLY W 1247 -85.97 -31.87 67.14
C GLY W 1247 -85.99 -33.15 67.94
N ALA W 1248 -86.49 -33.07 69.17
CA ALA W 1248 -86.55 -34.27 70.02
C ALA W 1248 -87.78 -34.28 70.91
N HIS W 1249 -87.86 -35.28 71.76
CA HIS W 1249 -88.96 -35.44 72.70
C HIS W 1249 -88.60 -36.55 73.68
N LEU W 1250 -89.00 -36.38 74.93
CA LEU W 1250 -88.71 -37.36 75.96
C LEU W 1250 -89.93 -38.25 76.18
N THR W 1251 -89.70 -39.52 76.51
CA THR W 1251 -90.79 -40.46 76.75
C THR W 1251 -90.42 -41.41 77.89
N SER W 1252 -90.84 -41.05 79.10
CA SER W 1252 -90.56 -41.86 80.29
C SER W 1252 -91.41 -43.12 80.38
N GLY W 1253 -90.74 -44.28 80.38
CA GLY W 1253 -91.43 -45.55 80.47
C GLY W 1253 -92.33 -45.90 79.29
N GLY W 1254 -91.99 -45.38 78.11
CA GLY W 1254 -92.79 -45.66 76.93
C GLY W 1254 -94.04 -44.81 76.88
N ASN W 1255 -93.96 -43.59 77.38
CA ASN W 1255 -95.08 -42.67 77.40
C ASN W 1255 -94.59 -41.26 77.04
N PRO W 1256 -95.20 -40.63 76.02
CA PRO W 1256 -94.81 -39.28 75.59
C PRO W 1256 -94.82 -38.27 76.74
N PHE W 1257 -93.73 -38.25 77.51
CA PHE W 1257 -93.58 -37.37 78.67
C PHE W 1257 -93.44 -35.88 78.37
N MET W 1258 -92.64 -35.53 77.35
CA MET W 1258 -92.45 -34.13 77.00
C MET W 1258 -91.78 -34.01 75.64
N SER W 1259 -91.72 -32.79 75.11
CA SER W 1259 -91.10 -32.55 73.82
C SER W 1259 -90.17 -31.33 73.82
N LEU W 1260 -88.92 -31.56 73.45
CA LEU W 1260 -87.92 -30.50 73.41
C LEU W 1260 -88.13 -29.59 72.20
N THR W 1261 -88.50 -30.20 71.07
CA THR W 1261 -88.72 -29.46 69.82
C THR W 1261 -89.79 -28.39 70.00
N THR W 1262 -90.87 -28.73 70.69
CA THR W 1262 -91.96 -27.79 70.95
C THR W 1262 -92.14 -27.62 72.46
N PRO W 1263 -91.91 -26.39 72.96
CA PRO W 1263 -92.06 -26.10 74.39
C PRO W 1263 -93.50 -26.29 74.87
N PRO W 1264 -93.71 -27.21 75.83
CA PRO W 1264 -95.06 -27.44 76.34
C PRO W 1264 -95.64 -26.18 76.95
N ALA W 1265 -96.78 -25.72 76.43
CA ALA W 1265 -97.46 -24.51 76.92
C ALA W 1265 -97.31 -24.39 78.43
N VAL W 1266 -97.36 -25.54 79.09
CA VAL W 1266 -97.20 -25.64 80.53
C VAL W 1266 -96.27 -26.84 80.76
N LEU W 1267 -95.14 -26.59 81.42
CA LEU W 1267 -94.18 -27.66 81.66
C LEU W 1267 -94.67 -28.71 82.65
N PRO W 1268 -94.27 -29.98 82.45
CA PRO W 1268 -94.65 -31.11 83.31
C PRO W 1268 -94.13 -30.95 84.75
N ALA W 1269 -94.78 -31.65 85.67
CA ALA W 1269 -94.43 -31.59 87.09
C ALA W 1269 -92.93 -31.75 87.38
N GLY W 1270 -92.32 -30.68 87.86
CA GLY W 1270 -90.90 -30.71 88.19
C GLY W 1270 -89.95 -30.42 87.05
N VAL W 1271 -90.40 -29.65 86.06
CA VAL W 1271 -89.54 -29.32 84.92
C VAL W 1271 -89.43 -27.81 84.75
N ALA W 1272 -88.20 -27.33 84.57
CA ALA W 1272 -87.94 -25.90 84.40
C ALA W 1272 -86.73 -25.69 83.49
N LEU W 1273 -86.45 -24.44 83.14
CA LEU W 1273 -85.30 -24.14 82.30
C LEU W 1273 -84.04 -24.17 83.16
N ALA W 1274 -82.93 -24.57 82.56
CA ALA W 1274 -81.67 -24.64 83.31
C ALA W 1274 -81.03 -23.28 83.50
N ALA W 1275 -80.01 -23.23 84.36
CA ALA W 1275 -79.29 -21.99 84.63
C ALA W 1275 -78.47 -21.64 83.40
N LEU W 1276 -77.91 -22.65 82.77
CA LEU W 1276 -77.11 -22.48 81.56
C LEU W 1276 -77.93 -22.91 80.34
N SER W 1277 -77.28 -22.88 79.18
CA SER W 1277 -77.92 -23.28 77.93
C SER W 1277 -77.07 -24.39 77.35
N THR W 1278 -76.81 -25.40 78.16
CA THR W 1278 -75.97 -26.55 77.82
C THR W 1278 -76.23 -27.20 76.45
N SER W 1279 -77.40 -26.96 75.87
CA SER W 1279 -77.73 -27.54 74.56
C SER W 1279 -76.54 -27.38 73.61
N VAL W 1280 -76.22 -28.44 72.87
CA VAL W 1280 -75.10 -28.40 71.94
C VAL W 1280 -75.14 -27.20 71.00
N ALA W 1281 -76.34 -26.75 70.65
CA ALA W 1281 -76.48 -25.63 69.72
C ALA W 1281 -76.31 -24.23 70.36
N THR W 1282 -76.26 -24.18 71.69
CA THR W 1282 -76.11 -22.93 72.44
C THR W 1282 -77.23 -21.90 72.27
N GLN W 1283 -78.08 -22.09 71.27
CA GLN W 1283 -79.18 -21.17 71.03
C GLN W 1283 -80.52 -21.82 71.36
N TYR W 1284 -80.49 -22.77 72.29
CA TYR W 1284 -81.69 -23.47 72.71
C TYR W 1284 -81.74 -23.63 74.22
N PRO W 1285 -82.96 -23.69 74.79
CA PRO W 1285 -83.13 -23.84 76.24
C PRO W 1285 -82.77 -25.27 76.62
N THR W 1286 -82.52 -25.51 77.91
CA THR W 1286 -82.16 -26.85 78.36
C THR W 1286 -82.89 -27.24 79.65
N TYR W 1287 -84.14 -27.68 79.48
CA TYR W 1287 -85.01 -28.09 80.57
C TYR W 1287 -84.43 -29.18 81.47
N THR W 1288 -84.58 -29.00 82.78
CA THR W 1288 -84.08 -29.98 83.73
C THR W 1288 -85.29 -30.74 84.29
N LEU W 1289 -85.25 -32.07 84.17
CA LEU W 1289 -86.35 -32.90 84.65
C LEU W 1289 -86.07 -33.38 86.07
N PRO W 1290 -87.10 -33.90 86.76
CA PRO W 1290 -86.94 -34.39 88.13
C PRO W 1290 -86.04 -35.61 88.15
N ALA W 1291 -86.65 -36.77 88.39
CA ALA W 1291 -85.94 -38.04 88.42
C ALA W 1291 -86.86 -39.04 87.73
N GLY W 1292 -86.29 -39.92 86.92
CA GLY W 1292 -87.13 -40.89 86.23
C GLY W 1292 -86.40 -41.75 85.21
N VAL W 1293 -87.12 -42.16 84.17
CA VAL W 1293 -86.55 -43.00 83.12
C VAL W 1293 -86.81 -42.41 81.73
N TYR W 1294 -86.54 -41.12 81.59
CA TYR W 1294 -86.75 -40.40 80.33
C TYR W 1294 -86.06 -41.08 79.15
N GLU W 1295 -86.62 -40.94 77.95
CA GLU W 1295 -86.04 -41.54 76.77
C GLU W 1295 -85.92 -40.55 75.62
N TYR W 1296 -84.76 -39.92 75.52
CA TYR W 1296 -84.48 -38.95 74.47
C TYR W 1296 -84.69 -39.63 73.12
N VAL W 1297 -85.44 -38.99 72.24
CA VAL W 1297 -85.70 -39.55 70.91
C VAL W 1297 -85.56 -38.45 69.88
N ILE W 1298 -84.36 -38.34 69.31
CA ILE W 1298 -84.05 -37.33 68.32
C ILE W 1298 -84.73 -37.54 66.97
N ALA X 188 -82.79 13.51 -58.12
CA ALA X 188 -82.32 12.11 -57.86
C ALA X 188 -80.81 11.97 -58.13
N ASN X 189 -80.01 11.90 -57.07
CA ASN X 189 -78.57 11.74 -57.29
C ASN X 189 -78.05 10.35 -56.89
N GLY X 190 -78.33 9.37 -57.76
CA GLY X 190 -77.86 8.01 -57.53
C GLY X 190 -76.77 7.77 -58.56
N PRO X 191 -75.69 7.08 -58.20
CA PRO X 191 -74.61 6.83 -59.18
C PRO X 191 -75.13 6.17 -60.48
N GLU X 192 -74.71 6.67 -61.64
CA GLU X 192 -75.16 6.09 -62.91
C GLU X 192 -74.50 4.73 -63.16
N LEU X 193 -75.00 3.70 -62.48
CA LEU X 193 -74.46 2.35 -62.60
C LEU X 193 -74.57 1.70 -63.97
N ILE X 194 -75.76 1.29 -64.40
CA ILE X 194 -75.88 0.61 -65.69
C ILE X 194 -75.54 1.53 -66.87
N ILE X 195 -74.53 1.14 -67.65
CA ILE X 195 -74.08 1.89 -68.78
C ILE X 195 -73.58 0.97 -69.87
N GLU X 196 -74.53 0.48 -70.64
CA GLU X 196 -74.28 -0.43 -71.74
C GLU X 196 -73.38 0.21 -72.80
N ASP X 197 -72.67 -0.64 -73.52
CA ASP X 197 -71.80 -0.19 -74.60
C ASP X 197 -71.86 -1.27 -75.69
N THR X 198 -72.38 -0.88 -76.86
CA THR X 198 -72.49 -1.82 -77.97
C THR X 198 -71.14 -1.99 -78.69
N GLY X 199 -70.60 -0.88 -79.22
CA GLY X 199 -69.32 -0.91 -79.92
C GLY X 199 -68.30 -1.78 -79.19
N LEU X 200 -67.53 -2.54 -79.96
CA LEU X 200 -66.52 -3.46 -79.41
C LEU X 200 -65.56 -2.86 -78.37
N CYS X 201 -65.65 -3.38 -77.15
CA CYS X 201 -64.84 -2.94 -76.01
C CYS X 201 -63.35 -3.23 -76.20
N THR X 202 -62.60 -2.17 -76.39
CA THR X 202 -61.16 -2.31 -76.57
C THR X 202 -60.60 -0.95 -76.24
N SER X 203 -59.41 -0.89 -75.69
CA SER X 203 -58.84 0.40 -75.34
C SER X 203 -57.40 0.61 -75.77
N PHE X 204 -57.01 -0.07 -76.84
CA PHE X 204 -55.67 0.07 -77.38
C PHE X 204 -55.85 -0.07 -78.86
N MET X 205 -55.97 1.05 -79.58
CA MET X 205 -56.16 0.97 -81.02
C MET X 205 -54.82 0.93 -81.76
N LEU X 206 -54.79 0.20 -82.87
CA LEU X 206 -53.58 0.11 -83.66
C LEU X 206 -53.63 1.37 -84.50
N LEU X 207 -53.22 2.47 -83.90
CA LEU X 207 -53.21 3.76 -84.57
C LEU X 207 -52.10 3.79 -85.61
N ASP X 208 -52.47 3.76 -86.89
CA ASP X 208 -51.46 3.83 -87.93
C ASP X 208 -50.76 5.19 -87.85
N ASN X 209 -49.46 5.16 -87.52
CA ASN X 209 -48.68 6.39 -87.40
C ASN X 209 -48.03 6.78 -88.74
N ILE X 210 -46.73 7.05 -88.73
CA ILE X 210 -46.01 7.41 -89.96
C ILE X 210 -46.60 6.63 -91.13
N PRO X 211 -47.33 7.31 -92.02
CA PRO X 211 -47.98 6.71 -93.18
C PRO X 211 -46.99 6.24 -94.24
N SER X 212 -47.37 5.22 -95.02
CA SER X 212 -46.51 4.71 -96.10
C SER X 212 -46.67 5.72 -97.21
N ALA X 213 -45.57 6.10 -97.84
CA ALA X 213 -45.66 7.11 -98.89
C ALA X 213 -46.35 6.59 -100.15
N HIS X 214 -47.43 7.26 -100.57
CA HIS X 214 -48.11 6.86 -101.81
C HIS X 214 -47.09 7.32 -102.83
N LEU X 215 -46.49 6.40 -103.57
CA LEU X 215 -45.49 6.76 -104.56
C LEU X 215 -45.95 6.19 -105.89
N THR X 216 -45.91 7.01 -106.94
CA THR X 216 -46.35 6.56 -108.25
C THR X 216 -45.31 6.65 -109.37
N LYS X 217 -44.43 7.66 -109.29
CA LYS X 217 -43.40 7.80 -110.31
C LYS X 217 -42.53 6.54 -110.40
N GLU X 218 -41.79 6.29 -109.33
CA GLU X 218 -40.90 5.14 -109.28
C GLU X 218 -41.40 4.00 -108.43
N LEU X 219 -40.62 2.92 -108.44
CA LEU X 219 -40.90 1.67 -107.71
C LEU X 219 -42.37 1.45 -107.35
N ILE X 220 -43.17 1.26 -108.40
CA ILE X 220 -44.60 1.02 -108.29
C ILE X 220 -44.85 -0.43 -107.87
N GLY X 221 -45.96 -0.68 -107.17
CA GLY X 221 -46.28 -2.03 -106.74
C GLY X 221 -45.74 -2.42 -105.38
N PHE X 222 -44.61 -1.83 -104.99
CA PHE X 222 -44.03 -2.18 -103.69
C PHE X 222 -45.04 -2.07 -102.53
N THR X 223 -45.88 -1.04 -102.54
CA THR X 223 -46.85 -0.89 -101.45
C THR X 223 -48.30 -0.68 -101.91
N TRP X 224 -49.17 -1.62 -101.54
CA TRP X 224 -50.58 -1.58 -101.91
C TRP X 224 -51.51 -1.04 -100.83
N PHE X 225 -52.46 -0.20 -101.23
CA PHE X 225 -53.40 0.35 -100.25
C PHE X 225 -54.81 -0.21 -100.44
N MET X 226 -55.35 -0.80 -99.37
CA MET X 226 -56.71 -1.33 -99.45
C MET X 226 -57.59 -0.28 -100.13
N GLN X 227 -57.23 0.99 -99.98
CA GLN X 227 -57.99 2.07 -100.58
C GLN X 227 -58.28 1.93 -102.08
N MET X 228 -57.33 1.42 -102.87
CA MET X 228 -57.59 1.29 -104.31
C MET X 228 -58.70 0.30 -104.62
N TYR X 229 -59.03 -0.56 -103.66
CA TYR X 229 -60.11 -1.52 -103.82
C TYR X 229 -61.28 -1.05 -102.99
N GLN X 230 -61.48 0.27 -102.92
CA GLN X 230 -62.59 0.82 -102.13
C GLN X 230 -62.94 -0.09 -100.97
N MET X 231 -61.96 -0.44 -100.13
CA MET X 231 -62.22 -1.33 -98.99
C MET X 231 -61.25 -1.05 -97.82
N THR X 232 -61.76 -0.47 -96.73
CA THR X 232 -60.90 -0.14 -95.58
C THR X 232 -60.09 -1.32 -94.97
N PRO X 233 -58.77 -1.11 -94.79
CA PRO X 233 -57.86 -2.13 -94.24
C PRO X 233 -58.17 -2.42 -92.79
N PRO X 234 -58.22 -3.70 -92.42
CA PRO X 234 -58.51 -4.07 -91.03
C PRO X 234 -57.44 -3.55 -90.07
N LEU X 235 -56.18 -3.80 -90.44
CA LEU X 235 -55.04 -3.35 -89.64
C LEU X 235 -54.54 -2.03 -90.20
N PRO X 236 -53.97 -1.16 -89.33
CA PRO X 236 -53.45 0.12 -89.79
C PRO X 236 -52.35 -0.10 -90.85
N GLU X 237 -52.33 0.77 -91.87
CA GLU X 237 -51.34 0.67 -92.94
C GLU X 237 -50.44 1.89 -93.07
N GLY X 238 -49.28 1.83 -92.44
CA GLY X 238 -48.37 2.94 -92.51
C GLY X 238 -46.95 2.48 -92.35
N ALA X 239 -46.00 3.36 -92.61
CA ALA X 239 -44.60 3.02 -92.47
C ALA X 239 -44.33 2.62 -91.02
N VAL X 240 -45.16 3.07 -90.09
CA VAL X 240 -44.95 2.70 -88.68
C VAL X 240 -46.28 2.73 -87.97
N ASN X 241 -46.72 1.58 -87.46
CA ASN X 241 -48.01 1.53 -86.77
C ASN X 241 -47.91 1.20 -85.28
N ARG X 242 -47.95 2.25 -84.46
CA ARG X 242 -47.87 2.13 -83.00
C ARG X 242 -49.21 1.62 -82.44
N ILE X 243 -49.18 0.93 -81.30
CA ILE X 243 -50.42 0.50 -80.66
C ILE X 243 -50.55 1.46 -79.49
N VAL X 244 -51.13 2.63 -79.74
CA VAL X 244 -51.31 3.58 -78.66
C VAL X 244 -52.61 3.20 -77.95
N CYS X 245 -52.81 3.71 -76.73
CA CYS X 245 -54.02 3.39 -75.98
C CYS X 245 -55.02 4.55 -75.85
N MET X 246 -56.25 4.24 -76.24
CA MET X 246 -57.36 5.17 -76.17
C MET X 246 -58.56 4.38 -75.66
N THR X 247 -58.97 4.72 -74.46
CA THR X 247 -60.11 4.08 -73.84
C THR X 247 -61.31 4.44 -74.71
N ASN X 248 -62.03 3.40 -75.15
CA ASN X 248 -63.23 3.57 -75.98
C ASN X 248 -63.04 4.11 -77.40
N TRP X 249 -61.81 4.06 -77.93
CA TRP X 249 -61.58 4.58 -79.25
C TRP X 249 -62.69 4.14 -80.17
N ALA X 250 -62.91 2.83 -80.21
CA ALA X 250 -63.97 2.27 -81.04
C ALA X 250 -65.17 1.89 -80.19
N SER X 251 -65.74 2.88 -79.48
CA SER X 251 -66.90 2.62 -78.63
C SER X 251 -68.11 3.44 -79.05
N LEU X 252 -68.83 2.97 -80.07
CA LEU X 252 -70.02 3.67 -80.60
C LEU X 252 -71.20 3.50 -79.66
N GLY X 253 -71.11 2.44 -78.83
CA GLY X 253 -72.14 2.15 -77.86
C GLY X 253 -72.66 3.45 -77.28
N ASP X 254 -73.98 3.59 -77.28
CA ASP X 254 -74.60 4.80 -76.76
C ASP X 254 -74.23 5.15 -75.31
N GLU X 255 -74.01 6.45 -75.09
CA GLU X 255 -73.70 7.02 -73.78
C GLU X 255 -72.26 6.95 -73.27
N GLY X 256 -71.68 8.13 -73.01
CA GLY X 256 -70.32 8.21 -72.50
C GLY X 256 -70.22 7.98 -70.99
N ARG X 257 -69.03 7.65 -70.50
CA ARG X 257 -68.82 7.43 -69.06
C ARG X 257 -68.40 8.76 -68.44
N GLY X 258 -68.07 9.73 -69.28
CA GLY X 258 -67.65 11.01 -68.77
C GLY X 258 -66.15 11.27 -68.88
N LEU X 259 -65.34 10.38 -68.32
CA LEU X 259 -63.91 10.61 -68.40
C LEU X 259 -63.14 9.48 -69.08
N GLU X 260 -62.13 9.88 -69.85
CA GLU X 260 -61.29 8.94 -70.59
C GLU X 260 -59.82 9.36 -70.62
N VAL X 261 -58.97 8.47 -71.12
CA VAL X 261 -57.54 8.71 -71.20
C VAL X 261 -57.01 8.30 -72.55
N ARG X 262 -56.77 9.29 -73.42
CA ARG X 262 -56.27 9.00 -74.76
C ARG X 262 -54.87 9.58 -74.98
N LEU X 263 -53.85 8.73 -74.87
CA LEU X 263 -52.48 9.18 -75.09
C LEU X 263 -52.29 9.43 -76.60
N PRO X 264 -51.64 10.55 -76.98
CA PRO X 264 -51.42 10.81 -78.42
C PRO X 264 -50.17 10.03 -78.82
N PRO X 265 -50.15 9.43 -80.03
CA PRO X 265 -48.96 8.66 -80.45
C PRO X 265 -47.63 9.29 -80.03
N PRO X 266 -46.62 8.45 -79.74
CA PRO X 266 -45.30 8.93 -79.33
C PRO X 266 -44.84 10.11 -80.20
N THR X 267 -45.17 10.08 -81.49
CA THR X 267 -44.81 11.16 -82.39
C THR X 267 -45.25 12.49 -81.77
N ASP X 268 -46.35 12.45 -81.03
CA ASP X 268 -46.89 13.62 -80.34
C ASP X 268 -46.10 13.88 -79.08
N SER X 269 -46.55 14.86 -78.28
CA SER X 269 -45.86 15.17 -77.04
C SER X 269 -46.20 14.13 -75.96
N SER X 270 -47.45 14.15 -75.47
CA SER X 270 -47.93 13.19 -74.46
C SER X 270 -47.90 13.61 -72.97
N VAL X 271 -46.85 14.28 -72.54
CA VAL X 271 -46.76 14.69 -71.14
C VAL X 271 -48.01 15.30 -70.52
N HIS X 272 -48.84 15.95 -71.32
CA HIS X 272 -50.05 16.57 -70.76
C HIS X 272 -50.95 15.50 -70.09
N ALA X 273 -50.82 14.26 -70.52
CA ALA X 273 -51.64 13.19 -69.97
C ALA X 273 -51.15 12.66 -68.62
N TYR X 274 -49.98 13.10 -68.17
CA TYR X 274 -49.44 12.62 -66.90
C TYR X 274 -49.36 13.64 -65.79
N LYS X 275 -49.84 14.85 -66.03
CA LYS X 275 -49.76 15.87 -65.00
C LYS X 275 -51.05 16.00 -64.19
N THR X 276 -51.72 14.90 -63.92
CA THR X 276 -52.98 14.99 -63.16
C THR X 276 -52.81 15.33 -61.67
N VAL X 277 -51.58 15.49 -61.20
CA VAL X 277 -51.32 15.81 -59.80
C VAL X 277 -49.90 16.39 -59.70
N LEU X 278 -49.51 16.90 -58.53
CA LEU X 278 -48.17 17.46 -58.32
C LEU X 278 -47.50 18.03 -59.58
N SER X 279 -48.23 18.86 -60.33
CA SER X 279 -47.72 19.49 -61.53
C SER X 279 -48.44 20.80 -61.79
N ARG X 280 -49.72 20.67 -62.17
CA ARG X 280 -50.59 21.81 -62.46
C ARG X 280 -49.87 23.15 -62.60
N GLY X 281 -49.58 23.79 -61.47
CA GLY X 281 -48.91 25.08 -61.55
C GLY X 281 -47.49 25.14 -61.03
N TYR X 282 -46.64 24.21 -61.48
CA TYR X 282 -45.26 24.18 -61.01
C TYR X 282 -44.28 23.69 -62.08
N ILE X 283 -44.55 22.52 -62.66
CA ILE X 283 -43.73 21.98 -63.74
C ILE X 283 -44.30 22.47 -65.09
N ASP X 284 -43.48 23.24 -65.80
CA ASP X 284 -43.84 23.81 -67.11
C ASP X 284 -44.36 22.82 -68.14
N ASN X 285 -45.28 23.27 -68.99
CA ASN X 285 -45.88 22.46 -70.06
C ASN X 285 -44.97 21.38 -70.64
N ALA X 286 -44.02 21.83 -71.45
CA ALA X 286 -43.05 20.97 -72.11
C ALA X 286 -42.72 19.70 -71.33
N GLN X 287 -42.47 19.84 -70.03
CA GLN X 287 -42.09 18.71 -69.18
C GLN X 287 -43.18 17.85 -68.51
N PHE X 288 -42.68 16.88 -67.73
CA PHE X 288 -43.49 15.95 -66.94
C PHE X 288 -42.69 15.80 -65.65
N ASN X 289 -43.36 15.97 -64.50
CA ASN X 289 -42.71 15.89 -63.19
C ASN X 289 -42.19 14.48 -62.94
N PRO X 290 -40.89 14.24 -63.18
CA PRO X 290 -40.30 12.92 -62.99
C PRO X 290 -40.29 12.48 -61.54
N LEU X 291 -40.25 13.43 -60.60
CA LEU X 291 -40.22 13.05 -59.19
C LEU X 291 -41.52 12.39 -58.77
N ALA X 292 -42.65 12.99 -59.15
CA ALA X 292 -43.96 12.46 -58.82
C ALA X 292 -44.52 11.58 -59.94
N LEU X 293 -43.66 10.81 -60.59
CA LEU X 293 -44.13 9.98 -61.70
C LEU X 293 -45.18 8.94 -61.32
N ARG X 294 -44.90 8.09 -60.34
CA ARG X 294 -45.88 7.06 -59.96
C ARG X 294 -47.21 7.68 -59.53
N SER X 295 -47.15 8.71 -58.72
CA SER X 295 -48.36 9.36 -58.28
C SER X 295 -49.27 9.71 -59.45
N ASN X 296 -48.68 9.90 -60.63
CA ASN X 296 -49.45 10.25 -61.84
C ASN X 296 -49.83 9.08 -62.74
N VAL X 297 -48.90 8.15 -62.95
CA VAL X 297 -49.18 7.00 -63.80
C VAL X 297 -50.19 6.11 -63.10
N LEU X 298 -50.44 6.38 -61.81
CA LEU X 298 -51.41 5.61 -61.03
C LEU X 298 -52.73 6.35 -61.04
N LEU X 299 -52.67 7.66 -60.81
CA LEU X 299 -53.85 8.51 -60.77
C LEU X 299 -54.52 8.53 -62.13
N MET X 300 -53.74 8.22 -63.16
CA MET X 300 -54.22 8.17 -64.52
C MET X 300 -54.73 6.77 -64.89
N LEU X 301 -54.19 5.74 -64.22
CA LEU X 301 -54.63 4.36 -64.46
C LEU X 301 -55.95 4.14 -63.78
N LEU X 302 -56.15 4.82 -62.65
CA LEU X 302 -57.42 4.70 -61.96
C LEU X 302 -58.36 5.28 -62.99
N GLN X 303 -57.92 6.37 -63.61
CA GLN X 303 -58.70 7.08 -64.62
C GLN X 303 -59.00 6.16 -65.80
N PHE X 304 -58.04 5.30 -66.14
CA PHE X 304 -58.18 4.35 -67.23
C PHE X 304 -59.20 3.27 -66.89
N THR X 305 -59.40 3.03 -65.61
CA THR X 305 -60.34 2.00 -65.19
C THR X 305 -61.77 2.51 -65.19
N LEU X 306 -62.05 3.50 -64.35
CA LEU X 306 -63.39 4.07 -64.27
C LEU X 306 -63.95 4.33 -65.67
N SER X 307 -63.10 4.78 -66.58
CA SER X 307 -63.57 5.04 -67.96
C SER X 307 -64.06 3.76 -68.64
N ASN X 308 -63.60 2.62 -68.17
CA ASN X 308 -63.98 1.33 -68.73
C ASN X 308 -65.08 0.62 -67.94
N LEU X 309 -65.70 1.31 -66.99
CA LEU X 309 -66.75 0.67 -66.20
C LEU X 309 -68.11 0.69 -66.86
N LYS X 310 -68.21 0.08 -68.03
CA LYS X 310 -69.47 0.01 -68.77
C LYS X 310 -69.81 -1.46 -68.93
N ILE X 311 -71.08 -1.80 -69.16
CA ILE X 311 -71.47 -3.20 -69.37
C ILE X 311 -71.38 -3.48 -70.87
N ASN X 312 -70.93 -4.68 -71.26
CA ASN X 312 -70.85 -5.00 -72.67
C ASN X 312 -72.22 -5.42 -73.17
N LYS X 313 -72.99 -4.50 -73.73
CA LYS X 313 -74.32 -4.86 -74.22
C LYS X 313 -74.22 -5.64 -75.51
N SER X 314 -75.13 -6.60 -75.69
CA SER X 314 -75.15 -7.43 -76.89
C SER X 314 -75.78 -6.71 -78.09
N SER X 315 -75.24 -6.98 -79.28
CA SER X 315 -75.76 -6.35 -80.50
C SER X 315 -76.51 -7.38 -81.31
N THR X 316 -76.86 -7.01 -82.54
CA THR X 316 -77.60 -7.91 -83.42
C THR X 316 -76.70 -8.73 -84.36
N PHE X 317 -76.45 -9.99 -84.00
CA PHE X 317 -75.60 -10.84 -84.83
C PHE X 317 -76.33 -11.39 -86.03
N THR X 318 -76.00 -10.91 -87.22
CA THR X 318 -76.64 -11.39 -88.44
C THR X 318 -75.71 -12.35 -89.18
N SER X 319 -76.28 -13.22 -90.03
CA SER X 319 -75.46 -14.19 -90.79
C SER X 319 -74.62 -13.48 -91.83
N ASP X 320 -73.86 -14.26 -92.59
CA ASP X 320 -73.04 -13.67 -93.62
C ASP X 320 -73.33 -14.24 -95.00
N VAL X 321 -74.26 -13.60 -95.70
CA VAL X 321 -74.62 -14.08 -97.01
C VAL X 321 -73.45 -13.96 -97.97
N THR X 322 -72.48 -13.08 -97.66
CA THR X 322 -71.30 -12.90 -98.51
C THR X 322 -70.32 -14.07 -98.38
N THR X 323 -69.50 -14.33 -99.40
CA THR X 323 -68.59 -15.48 -99.32
C THR X 323 -67.37 -15.32 -98.42
N ILE X 324 -67.12 -14.12 -97.91
CA ILE X 324 -65.96 -13.92 -97.03
C ILE X 324 -65.99 -14.81 -95.77
N THR X 325 -67.18 -15.09 -95.24
CA THR X 325 -67.30 -15.95 -94.05
C THR X 325 -68.39 -17.01 -94.25
N SER X 326 -68.91 -17.05 -95.48
CA SER X 326 -69.94 -18.00 -95.89
C SER X 326 -70.99 -18.43 -94.83
N GLY X 327 -71.85 -17.50 -94.43
CA GLY X 327 -72.89 -17.85 -93.49
C GLY X 327 -72.71 -17.40 -92.05
N ARG X 328 -71.49 -17.50 -91.54
CA ARG X 328 -71.11 -17.11 -90.17
C ARG X 328 -71.97 -16.07 -89.42
N MET X 329 -71.74 -15.95 -88.12
CA MET X 329 -72.50 -15.03 -87.30
C MET X 329 -71.91 -13.67 -86.94
N ILE X 330 -71.01 -13.12 -87.76
CA ILE X 330 -70.40 -11.81 -87.46
C ILE X 330 -71.46 -10.84 -86.96
N ARG X 331 -71.05 -9.98 -86.03
CA ARG X 331 -71.97 -9.01 -85.46
C ARG X 331 -71.99 -7.75 -86.28
N ALA X 332 -73.06 -7.52 -87.04
CA ALA X 332 -73.16 -6.31 -87.87
C ALA X 332 -73.22 -5.07 -86.97
N PHE X 333 -72.53 -3.99 -87.34
CA PHE X 333 -72.57 -2.79 -86.52
C PHE X 333 -73.47 -1.69 -87.10
N PRO X 337 -71.57 0.60 -88.69
CA PRO X 337 -71.14 1.28 -89.92
C PRO X 337 -69.79 0.72 -90.43
N GLU X 338 -68.72 1.47 -90.18
CA GLU X 338 -67.37 1.06 -90.62
C GLU X 338 -66.63 0.35 -89.51
N LEU X 339 -67.19 0.43 -88.31
CA LEU X 339 -66.61 -0.19 -87.15
C LEU X 339 -66.50 -1.71 -87.35
N LEU X 340 -67.26 -2.24 -88.32
CA LEU X 340 -67.24 -3.67 -88.62
C LEU X 340 -65.84 -4.05 -89.06
N ALA X 341 -65.44 -3.52 -90.21
CA ALA X 341 -64.11 -3.79 -90.75
C ALA X 341 -63.12 -3.88 -89.59
N LEU X 342 -63.07 -2.82 -88.78
CA LEU X 342 -62.15 -2.76 -87.65
C LEU X 342 -62.32 -3.84 -86.57
N ALA X 343 -63.53 -4.34 -86.38
CA ALA X 343 -63.76 -5.39 -85.40
C ALA X 343 -63.09 -6.64 -85.95
N TYR X 344 -63.89 -7.53 -86.53
CA TYR X 344 -63.38 -8.78 -87.09
C TYR X 344 -62.27 -8.51 -88.08
N PRO X 345 -61.00 -8.83 -87.73
CA PRO X 345 -59.86 -8.63 -88.63
C PRO X 345 -59.87 -9.77 -89.63
N GLY X 346 -60.41 -10.91 -89.22
CA GLY X 346 -60.49 -12.07 -90.08
C GLY X 346 -61.24 -11.87 -91.41
N ARG X 347 -62.34 -11.13 -91.38
CA ARG X 347 -63.12 -10.91 -92.60
C ARG X 347 -62.40 -10.12 -93.68
N ALA X 348 -61.11 -9.86 -93.47
CA ALA X 348 -60.32 -9.07 -94.44
C ALA X 348 -60.10 -9.74 -95.79
N VAL X 349 -60.22 -8.93 -96.85
CA VAL X 349 -59.99 -9.40 -98.23
C VAL X 349 -58.57 -8.98 -98.64
N LEU X 350 -57.71 -9.96 -98.89
CA LEU X 350 -56.31 -9.71 -99.24
C LEU X 350 -55.97 -9.84 -100.73
N PRO X 351 -55.76 -8.71 -101.42
CA PRO X 351 -55.43 -8.84 -102.83
C PRO X 351 -53.97 -9.26 -103.05
N THR X 352 -53.02 -8.59 -102.38
CA THR X 352 -51.60 -8.92 -102.53
C THR X 352 -50.92 -9.27 -101.22
N GLN X 353 -49.81 -10.00 -101.32
CA GLN X 353 -49.04 -10.45 -100.16
C GLN X 353 -48.44 -9.29 -99.39
N THR X 354 -49.29 -8.38 -98.91
CA THR X 354 -48.82 -7.24 -98.14
C THR X 354 -48.52 -7.68 -96.71
N LYS X 355 -47.45 -7.15 -96.12
CA LYS X 355 -47.07 -7.53 -94.75
C LYS X 355 -48.28 -7.81 -93.84
N ASN X 356 -49.36 -7.03 -93.96
CA ASN X 356 -50.54 -7.29 -93.14
C ASN X 356 -51.07 -8.62 -93.61
N ALA X 357 -51.48 -8.64 -94.86
CA ALA X 357 -52.01 -9.86 -95.47
C ALA X 357 -51.03 -11.00 -95.16
N GLN X 358 -49.78 -10.66 -94.88
CA GLN X 358 -48.79 -11.69 -94.55
C GLN X 358 -49.31 -12.36 -93.28
N PHE X 359 -49.73 -11.52 -92.33
CA PHE X 359 -50.25 -11.93 -91.04
C PHE X 359 -51.68 -12.42 -91.10
N LEU X 360 -52.62 -11.51 -91.35
CA LEU X 360 -54.03 -11.89 -91.42
C LEU X 360 -54.20 -13.22 -92.14
N SER X 361 -53.46 -13.40 -93.23
CA SER X 361 -53.54 -14.65 -93.98
C SER X 361 -53.78 -15.81 -93.03
N THR X 362 -53.03 -15.86 -91.93
CA THR X 362 -53.18 -16.95 -90.98
C THR X 362 -54.55 -17.13 -90.34
N ALA X 363 -55.11 -16.07 -89.76
CA ALA X 363 -56.40 -16.11 -89.08
C ALA X 363 -57.23 -17.40 -89.27
N ILE X 364 -57.44 -18.14 -88.18
CA ILE X 364 -58.22 -19.38 -88.22
C ILE X 364 -59.65 -19.02 -88.64
N ALA X 365 -60.05 -19.45 -89.83
CA ALA X 365 -61.38 -19.18 -90.39
C ALA X 365 -62.56 -19.11 -89.40
N ASP X 366 -62.74 -20.18 -88.63
CA ASP X 366 -63.85 -20.31 -87.66
C ASP X 366 -63.78 -19.44 -86.41
N ARG X 367 -62.71 -18.68 -86.24
CA ARG X 367 -62.57 -17.85 -85.04
C ARG X 367 -63.27 -16.50 -85.10
N ILE X 368 -64.24 -16.35 -85.99
CA ILE X 368 -64.91 -15.07 -86.12
C ILE X 368 -66.22 -14.98 -85.34
N GLY X 369 -67.16 -14.22 -85.88
CA GLY X 369 -68.50 -14.02 -85.32
C GLY X 369 -68.75 -14.36 -83.87
N ARG X 370 -69.93 -14.93 -83.60
CA ARG X 370 -70.27 -15.29 -82.22
C ARG X 370 -70.08 -16.78 -82.01
N LEU X 371 -70.39 -17.25 -80.81
CA LEU X 371 -70.24 -18.67 -80.50
C LEU X 371 -71.47 -19.26 -79.82
N ASP X 372 -71.77 -18.86 -78.58
CA ASP X 372 -72.92 -19.46 -77.90
C ASP X 372 -74.02 -18.56 -77.38
N ARG X 373 -74.93 -18.16 -78.26
CA ARG X 373 -76.04 -17.32 -77.82
C ARG X 373 -76.87 -18.19 -76.87
N ALA X 374 -76.81 -17.92 -75.56
CA ALA X 374 -77.58 -18.70 -74.61
C ALA X 374 -78.90 -17.97 -74.34
N ASN X 375 -79.95 -18.37 -75.06
CA ASN X 375 -81.28 -17.77 -74.94
C ASN X 375 -82.28 -18.75 -74.28
N LEU X 376 -83.18 -18.19 -73.46
CA LEU X 376 -84.16 -19.00 -72.73
C LEU X 376 -85.59 -18.92 -73.28
N ILE X 377 -86.27 -17.82 -73.02
CA ILE X 377 -87.64 -17.66 -73.52
C ILE X 377 -87.55 -17.63 -75.04
N GLY X 378 -88.14 -18.64 -75.68
CA GLY X 378 -88.09 -18.68 -77.13
C GLY X 378 -88.89 -17.52 -77.71
N GLY X 379 -88.19 -16.57 -78.34
CA GLY X 379 -88.89 -15.43 -78.91
C GLY X 379 -88.59 -14.14 -78.17
N GLU X 380 -87.94 -14.24 -77.02
CA GLU X 380 -87.56 -13.08 -76.24
C GLU X 380 -86.08 -12.88 -76.52
N VAL X 381 -85.55 -11.69 -76.25
CA VAL X 381 -84.12 -11.44 -76.54
C VAL X 381 -83.16 -12.33 -75.74
N SER X 382 -82.10 -12.77 -76.41
CA SER X 382 -81.07 -13.62 -75.81
C SER X 382 -80.43 -12.99 -74.57
N ALA X 383 -80.18 -13.79 -73.53
CA ALA X 383 -79.58 -13.30 -72.27
C ALA X 383 -78.18 -12.72 -72.45
N MET X 384 -77.25 -13.60 -72.83
CA MET X 384 -75.86 -13.22 -73.05
C MET X 384 -75.33 -14.05 -74.22
N VAL X 385 -75.00 -13.38 -75.32
CA VAL X 385 -74.45 -14.07 -76.48
C VAL X 385 -72.98 -14.09 -76.17
N GLU X 386 -72.23 -14.95 -76.85
CA GLU X 386 -70.80 -15.00 -76.56
C GLU X 386 -70.04 -14.93 -77.87
N CYS X 387 -69.02 -14.10 -77.96
CA CYS X 387 -68.34 -13.99 -79.24
C CYS X 387 -66.90 -13.49 -79.26
N MET X 388 -66.13 -13.98 -80.21
CA MET X 388 -64.76 -13.55 -80.38
C MET X 388 -64.89 -12.29 -81.24
N GLU X 389 -64.13 -11.25 -80.91
CA GLU X 389 -64.21 -9.99 -81.63
C GLU X 389 -63.13 -9.09 -81.06
N LEU X 390 -62.33 -8.48 -81.94
CA LEU X 390 -61.24 -7.60 -81.49
C LEU X 390 -61.55 -6.83 -80.20
N CYS X 391 -60.85 -7.21 -79.13
CA CYS X 391 -61.01 -6.56 -77.83
C CYS X 391 -59.87 -7.02 -76.90
N ASP X 392 -59.18 -6.07 -76.29
CA ASP X 392 -58.06 -6.41 -75.40
C ASP X 392 -58.45 -7.06 -74.08
N ALA X 393 -57.76 -8.16 -73.78
CA ALA X 393 -57.97 -8.93 -72.56
C ALA X 393 -58.13 -8.07 -71.32
N LEU X 394 -57.49 -6.89 -71.34
CA LEU X 394 -57.51 -5.94 -70.22
C LEU X 394 -58.81 -5.18 -70.08
N THR X 395 -59.22 -4.47 -71.12
CA THR X 395 -60.48 -3.75 -71.05
C THR X 395 -61.51 -4.79 -70.70
N LEU X 396 -61.47 -5.91 -71.43
CA LEU X 396 -62.41 -6.99 -71.17
C LEU X 396 -62.46 -7.28 -69.68
N HIS X 397 -61.32 -7.60 -69.08
CA HIS X 397 -61.25 -7.91 -67.65
C HIS X 397 -62.00 -6.90 -66.78
N ILE X 398 -61.60 -5.63 -66.83
CA ILE X 398 -62.25 -4.58 -66.05
C ILE X 398 -63.76 -4.60 -66.30
N ARG X 399 -64.11 -4.47 -67.57
CA ARG X 399 -65.49 -4.46 -68.07
C ARG X 399 -66.35 -5.60 -67.59
N GLU X 400 -65.71 -6.66 -67.14
CA GLU X 400 -66.45 -7.83 -66.69
C GLU X 400 -66.28 -8.05 -65.20
N THR X 401 -65.36 -7.30 -64.58
CA THR X 401 -65.16 -7.36 -63.13
C THR X 401 -66.10 -6.28 -62.65
N TYR X 402 -66.93 -5.80 -63.57
CA TYR X 402 -67.89 -4.78 -63.27
C TYR X 402 -69.24 -5.48 -63.22
N ILE X 403 -69.46 -6.42 -64.14
CA ILE X 403 -70.71 -7.18 -64.15
C ILE X 403 -70.67 -7.94 -62.85
N MET X 404 -69.48 -8.42 -62.49
CA MET X 404 -69.31 -9.15 -61.24
C MET X 404 -69.74 -8.25 -60.10
N LEU X 405 -69.50 -6.94 -60.22
CA LEU X 405 -69.90 -5.98 -59.20
C LEU X 405 -71.40 -5.73 -59.16
N LEU X 406 -71.98 -5.41 -60.32
CA LEU X 406 -73.42 -5.16 -60.38
C LEU X 406 -74.19 -6.32 -59.76
N ARG X 407 -73.54 -7.48 -59.70
CA ARG X 407 -74.14 -8.67 -59.12
C ARG X 407 -74.06 -8.59 -57.60
N SER X 408 -72.87 -8.23 -57.12
CA SER X 408 -72.61 -8.10 -55.69
C SER X 408 -73.63 -7.17 -55.04
N MET X 409 -74.50 -6.61 -55.87
CA MET X 409 -75.52 -5.74 -55.34
C MET X 409 -76.84 -5.93 -56.07
N HIS X 410 -77.22 -7.20 -56.23
CA HIS X 410 -78.48 -7.61 -56.90
C HIS X 410 -79.28 -8.61 -56.04
N GLN X 411 -80.56 -8.78 -56.33
CA GLN X 411 -81.43 -9.71 -55.58
C GLN X 411 -82.59 -10.20 -56.44
N ASP X 412 -82.73 -11.52 -56.59
CA ASP X 412 -83.84 -12.07 -57.37
C ASP X 412 -85.16 -11.45 -56.86
N PRO X 413 -86.25 -11.58 -57.62
CA PRO X 413 -87.52 -11.00 -57.16
C PRO X 413 -88.05 -11.47 -55.79
N THR X 414 -88.23 -12.78 -55.59
CA THR X 414 -88.73 -13.27 -54.30
C THR X 414 -87.96 -12.66 -53.12
N GLN X 415 -86.82 -12.04 -53.40
CA GLN X 415 -86.03 -11.38 -52.36
C GLN X 415 -86.50 -9.94 -52.26
N ILE X 416 -86.15 -9.14 -53.26
CA ILE X 416 -86.52 -7.73 -53.28
C ILE X 416 -87.95 -7.51 -52.86
N VAL X 417 -88.76 -8.56 -52.80
CA VAL X 417 -90.14 -8.35 -52.38
C VAL X 417 -90.18 -8.27 -50.87
N GLN X 418 -89.54 -9.22 -50.20
CA GLN X 418 -89.51 -9.24 -48.73
C GLN X 418 -88.74 -8.05 -48.19
N ILE X 419 -87.57 -7.81 -48.77
CA ILE X 419 -86.74 -6.69 -48.37
C ILE X 419 -87.66 -5.48 -48.29
N VAL X 420 -88.62 -5.43 -49.21
CA VAL X 420 -89.61 -4.37 -49.26
C VAL X 420 -90.71 -4.58 -48.21
N ASN X 421 -91.26 -5.79 -48.14
CA ASN X 421 -92.29 -6.10 -47.16
C ASN X 421 -91.78 -5.73 -45.79
N GLU X 422 -90.86 -6.53 -45.26
CA GLU X 422 -90.27 -6.29 -43.95
C GLU X 422 -90.05 -4.82 -43.67
N CYS X 423 -89.54 -4.11 -44.68
CA CYS X 423 -89.28 -2.68 -44.55
C CYS X 423 -90.48 -1.83 -44.14
N ALA X 424 -91.69 -2.32 -44.40
CA ALA X 424 -92.88 -1.60 -44.01
C ALA X 424 -93.64 -2.46 -43.01
N ASN X 425 -92.93 -3.42 -42.45
CA ASN X 425 -93.51 -4.36 -41.49
C ASN X 425 -94.68 -5.13 -42.07
N ASN X 426 -94.40 -5.83 -43.18
CA ASN X 426 -95.37 -6.67 -43.87
C ASN X 426 -96.67 -5.99 -44.25
N LEU X 427 -97.05 -4.91 -43.54
CA LEU X 427 -98.26 -4.21 -43.91
C LEU X 427 -97.84 -3.56 -45.21
N LEU X 428 -98.79 -3.33 -46.12
CA LEU X 428 -98.50 -2.75 -47.43
C LEU X 428 -98.47 -3.92 -48.43
N ASN X 429 -99.59 -4.09 -49.13
CA ASN X 429 -99.79 -5.15 -50.13
C ASN X 429 -99.01 -5.06 -51.47
N SER X 430 -97.99 -5.91 -51.61
CA SER X 430 -97.21 -5.94 -52.85
C SER X 430 -97.09 -7.39 -53.29
N THR X 431 -97.30 -7.64 -54.58
CA THR X 431 -97.24 -9.02 -55.08
C THR X 431 -96.29 -9.23 -56.26
N ILE X 432 -95.54 -10.32 -56.20
CA ILE X 432 -94.60 -10.70 -57.26
C ILE X 432 -95.22 -11.85 -58.06
N PRO X 433 -95.10 -11.81 -59.39
CA PRO X 433 -95.66 -12.88 -60.23
C PRO X 433 -94.73 -14.11 -60.35
N ILE X 434 -95.16 -15.27 -59.86
CA ILE X 434 -94.33 -16.48 -59.97
C ILE X 434 -94.28 -16.93 -61.42
N SER X 435 -93.23 -16.54 -62.13
CA SER X 435 -93.08 -16.91 -63.54
C SER X 435 -91.67 -16.52 -63.98
N LEU X 436 -91.08 -17.32 -64.86
CA LEU X 436 -89.71 -17.05 -65.26
C LEU X 436 -89.52 -15.68 -65.92
N ARG X 437 -88.72 -14.82 -65.28
CA ARG X 437 -88.41 -13.50 -65.82
C ARG X 437 -87.00 -13.58 -66.37
N PRO X 438 -86.86 -13.90 -67.66
CA PRO X 438 -85.61 -14.06 -68.42
C PRO X 438 -84.35 -13.67 -67.68
N THR X 439 -84.13 -12.37 -67.55
CA THR X 439 -82.98 -11.84 -66.84
C THR X 439 -83.30 -10.45 -66.34
N ILE X 440 -82.82 -10.12 -65.14
CA ILE X 440 -83.08 -8.81 -64.60
C ILE X 440 -82.00 -8.39 -63.64
N LEU X 441 -81.01 -7.68 -64.16
CA LEU X 441 -79.91 -7.19 -63.34
C LEU X 441 -80.41 -5.89 -62.76
N CYS X 442 -80.77 -5.90 -61.48
CA CYS X 442 -81.25 -4.68 -60.80
C CYS X 442 -80.42 -4.45 -59.52
N PRO X 443 -79.28 -3.78 -59.68
CA PRO X 443 -78.34 -3.46 -58.61
C PRO X 443 -78.86 -2.43 -57.61
N TRP X 444 -79.76 -2.85 -56.73
CA TRP X 444 -80.28 -1.90 -55.76
C TRP X 444 -79.71 -2.11 -54.38
N PHE X 445 -79.10 -3.26 -54.13
CA PHE X 445 -78.62 -3.54 -52.79
C PHE X 445 -77.16 -3.53 -52.45
N ALA X 446 -76.86 -3.01 -51.28
CA ALA X 446 -75.50 -2.96 -50.81
C ALA X 446 -75.50 -3.78 -49.52
N SER X 447 -74.39 -4.49 -49.27
CA SER X 447 -74.28 -5.30 -48.06
C SER X 447 -74.47 -4.39 -46.84
N SER X 448 -74.58 -4.98 -45.66
CA SER X 448 -74.72 -4.20 -44.45
C SER X 448 -73.44 -3.41 -44.18
N GLU X 449 -72.31 -4.00 -44.58
CA GLU X 449 -71.00 -3.39 -44.39
C GLU X 449 -70.75 -2.20 -45.31
N ASP X 450 -71.13 -2.34 -46.58
CA ASP X 450 -71.01 -1.27 -47.58
C ASP X 450 -71.82 -0.09 -47.06
N LEU X 451 -72.90 -0.39 -46.34
CA LEU X 451 -73.78 0.64 -45.77
C LEU X 451 -73.11 1.43 -44.68
N ARG X 452 -72.70 0.75 -43.62
CA ARG X 452 -72.05 1.39 -42.50
C ARG X 452 -70.88 2.26 -42.93
N LEU X 453 -70.13 1.82 -43.95
CA LEU X 453 -68.98 2.59 -44.41
C LEU X 453 -69.38 3.94 -44.92
N GLN X 454 -70.67 4.10 -45.20
CA GLN X 454 -71.15 5.36 -45.71
C GLN X 454 -71.94 6.11 -44.64
N GLN X 455 -72.38 5.41 -43.60
CA GLN X 455 -73.12 6.04 -42.52
C GLN X 455 -72.17 6.84 -41.65
N VAL X 456 -71.01 6.27 -41.35
CA VAL X 456 -70.02 6.96 -40.53
C VAL X 456 -69.52 8.06 -41.45
N MET X 457 -69.30 7.66 -42.70
CA MET X 457 -68.82 8.54 -43.75
C MET X 457 -69.70 9.81 -43.87
N HIS X 458 -70.99 9.60 -43.69
CA HIS X 458 -71.96 10.67 -43.77
C HIS X 458 -71.95 11.54 -42.51
N LEU X 459 -71.51 10.95 -41.40
CA LEU X 459 -71.44 11.64 -40.12
C LEU X 459 -70.19 12.49 -40.01
N VAL X 460 -69.27 12.30 -40.94
CA VAL X 460 -68.04 13.06 -40.92
C VAL X 460 -68.31 14.43 -41.54
N ASN X 461 -69.03 14.44 -42.65
CA ASN X 461 -69.32 15.71 -43.29
C ASN X 461 -70.32 16.50 -42.44
N ILE X 462 -71.25 15.79 -41.79
CA ILE X 462 -72.23 16.48 -40.94
C ILE X 462 -71.45 17.22 -39.84
N SER X 463 -71.73 18.52 -39.69
CA SER X 463 -71.06 19.35 -38.68
C SER X 463 -71.53 18.99 -37.26
N SER X 464 -70.62 18.48 -36.43
CA SER X 464 -70.99 18.08 -35.06
C SER X 464 -71.91 19.10 -34.35
N ASN X 465 -71.97 20.32 -34.89
CA ASN X 465 -72.81 21.35 -34.29
C ASN X 465 -74.29 20.95 -34.33
N THR X 466 -75.05 21.48 -33.36
CA THR X 466 -76.48 21.21 -33.22
C THR X 466 -77.31 21.59 -34.44
N ALA X 467 -76.78 22.52 -35.23
CA ALA X 467 -77.47 22.97 -36.43
C ALA X 467 -77.52 21.91 -37.54
N ALA X 468 -76.45 21.11 -37.66
CA ALA X 468 -76.40 20.07 -38.71
C ALA X 468 -77.22 18.83 -38.35
N ALA X 469 -77.57 18.72 -37.08
CA ALA X 469 -78.37 17.59 -36.61
C ALA X 469 -79.85 18.01 -36.54
N LEU X 470 -80.12 19.29 -36.81
CA LEU X 470 -81.49 19.79 -36.76
C LEU X 470 -82.28 19.44 -38.03
N PRO X 471 -81.59 19.35 -39.18
CA PRO X 471 -82.29 19.00 -40.41
C PRO X 471 -82.15 17.49 -40.53
N LEU X 472 -81.99 16.84 -39.37
CA LEU X 472 -81.86 15.40 -39.29
C LEU X 472 -83.01 14.87 -38.44
N VAL X 473 -83.42 15.67 -37.46
CA VAL X 473 -84.56 15.34 -36.58
C VAL X 473 -85.83 15.89 -37.21
N GLU X 474 -85.77 17.17 -37.57
CA GLU X 474 -86.90 17.85 -38.19
C GLU X 474 -87.29 17.11 -39.48
N ALA X 475 -86.35 16.38 -40.07
CA ALA X 475 -86.65 15.61 -41.28
C ALA X 475 -87.52 14.43 -40.89
N LEU X 476 -87.18 13.80 -39.77
CA LEU X 476 -87.92 12.65 -39.27
C LEU X 476 -89.21 13.11 -38.61
N SER X 477 -89.26 14.37 -38.21
CA SER X 477 -90.46 14.90 -37.57
C SER X 477 -91.51 15.35 -38.57
N THR X 478 -91.10 15.96 -39.68
CA THR X 478 -92.12 16.38 -40.62
C THR X 478 -92.72 15.11 -41.18
N LEU X 479 -91.90 14.08 -41.32
CA LEU X 479 -92.44 12.82 -41.82
C LEU X 479 -93.26 12.08 -40.79
N LEU X 480 -92.79 12.05 -39.54
CA LEU X 480 -93.53 11.38 -38.49
C LEU X 480 -94.97 11.87 -38.52
N ARG X 481 -95.16 13.18 -38.58
CA ARG X 481 -96.50 13.74 -38.61
C ARG X 481 -97.19 13.44 -39.91
N SER X 482 -96.50 13.67 -41.03
CA SER X 482 -97.05 13.39 -42.35
C SER X 482 -97.97 12.17 -42.27
N VAL X 483 -97.52 11.13 -41.57
CA VAL X 483 -98.29 9.91 -41.41
C VAL X 483 -98.39 9.52 -39.93
N THR X 484 -99.57 9.65 -39.35
CA THR X 484 -99.74 9.29 -37.95
C THR X 484 -101.18 9.43 -37.48
N PRO X 485 -101.74 8.33 -36.96
CA PRO X 485 -103.11 8.31 -36.46
C PRO X 485 -103.22 8.99 -35.11
N LEU X 486 -102.38 9.98 -34.83
CA LEU X 486 -102.47 10.65 -33.55
C LEU X 486 -102.78 12.13 -33.65
N VAL X 487 -104.05 12.45 -33.47
CA VAL X 487 -104.53 13.84 -33.52
C VAL X 487 -104.34 14.48 -32.16
N LEU X 488 -103.67 15.62 -32.13
CA LEU X 488 -103.49 16.34 -30.86
C LEU X 488 -104.70 17.26 -30.69
N ASP X 489 -105.35 17.22 -29.52
CA ASP X 489 -106.54 18.06 -29.39
C ASP X 489 -106.74 18.79 -28.06
N PRO X 490 -106.03 19.92 -27.87
CA PRO X 490 -106.08 20.76 -26.66
C PRO X 490 -107.41 20.69 -25.93
N THR X 491 -108.48 21.11 -26.61
CA THR X 491 -109.84 21.11 -26.06
C THR X 491 -110.08 20.02 -25.01
N VAL X 492 -109.67 18.79 -25.35
CA VAL X 492 -109.83 17.65 -24.44
C VAL X 492 -109.35 18.05 -23.05
N LEU X 493 -108.04 18.30 -22.95
CA LEU X 493 -107.40 18.69 -21.68
C LEU X 493 -108.11 19.93 -21.13
N THR X 494 -108.05 21.05 -21.85
CA THR X 494 -108.68 22.30 -21.44
C THR X 494 -110.03 22.03 -20.79
N ASN X 495 -110.83 21.26 -21.52
CA ASN X 495 -112.15 20.89 -21.06
C ASN X 495 -112.11 20.13 -19.73
N ALA X 496 -111.39 19.00 -19.70
CA ALA X 496 -111.26 18.18 -18.49
C ALA X 496 -110.82 18.98 -17.27
N ILE X 497 -110.04 20.05 -17.50
CA ILE X 497 -109.56 20.92 -16.41
C ILE X 497 -110.54 22.05 -16.11
N THR X 498 -111.07 22.68 -17.15
CA THR X 498 -112.02 23.75 -16.94
C THR X 498 -113.21 23.29 -16.07
N THR X 499 -113.47 21.98 -16.06
CA THR X 499 -114.61 21.48 -15.29
C THR X 499 -114.36 21.01 -13.87
N ILE X 500 -113.44 21.68 -13.17
CA ILE X 500 -113.19 21.37 -11.76
C ILE X 500 -113.70 22.64 -11.05
N SER X 501 -114.51 22.47 -10.02
CA SER X 501 -115.05 23.63 -9.32
C SER X 501 -113.92 24.40 -8.62
N GLU X 502 -114.06 25.72 -8.57
CA GLU X 502 -113.06 26.56 -7.92
C GLU X 502 -113.69 27.84 -7.38
N SER X 503 -113.83 27.96 -6.05
CA SER X 503 -114.44 29.17 -5.49
C SER X 503 -113.69 30.41 -6.01
N THR X 504 -114.42 31.48 -6.31
CA THR X 504 -113.77 32.70 -6.80
C THR X 504 -113.63 33.75 -5.70
N THR X 505 -113.76 33.29 -4.46
CA THR X 505 -113.57 34.15 -3.30
C THR X 505 -112.11 33.85 -2.92
N GLN X 506 -111.34 33.44 -3.94
CA GLN X 506 -109.93 33.11 -3.76
C GLN X 506 -109.08 33.93 -4.73
N THR X 507 -107.88 34.30 -4.31
CA THR X 507 -106.99 35.10 -5.17
C THR X 507 -106.18 34.22 -6.13
N ILE X 508 -105.41 33.28 -5.58
CA ILE X 508 -104.65 32.40 -6.44
C ILE X 508 -105.70 31.58 -7.19
N SER X 509 -105.52 31.39 -8.49
CA SER X 509 -106.49 30.62 -9.27
C SER X 509 -105.86 29.30 -9.75
N PRO X 510 -105.86 28.28 -8.88
CA PRO X 510 -105.29 26.97 -9.20
C PRO X 510 -105.55 26.58 -10.65
N ILE X 511 -106.77 26.83 -11.11
CA ILE X 511 -107.16 26.51 -12.48
C ILE X 511 -106.51 27.47 -13.50
N SER X 512 -106.75 28.75 -13.31
CA SER X 512 -106.18 29.77 -14.20
C SER X 512 -104.68 29.60 -14.38
N GLU X 513 -104.01 29.02 -13.37
CA GLU X 513 -102.57 28.80 -13.42
C GLU X 513 -102.13 27.86 -14.54
N ILE X 514 -102.30 26.55 -14.34
CA ILE X 514 -101.90 25.61 -15.37
C ILE X 514 -102.46 26.09 -16.71
N LEU X 515 -103.71 26.54 -16.70
CA LEU X 515 -104.35 26.98 -17.94
C LEU X 515 -103.46 27.96 -18.67
N ARG X 516 -102.60 28.63 -17.91
CA ARG X 516 -101.64 29.56 -18.49
C ARG X 516 -100.37 28.77 -18.81
N LEU X 517 -99.67 28.34 -17.76
CA LEU X 517 -98.43 27.57 -17.90
C LEU X 517 -98.50 26.58 -19.06
N LEU X 518 -99.38 25.59 -18.91
CA LEU X 518 -99.59 24.56 -19.92
C LEU X 518 -100.10 25.15 -21.23
N GLN X 519 -99.30 26.00 -21.89
CA GLN X 519 -99.75 26.65 -23.12
C GLN X 519 -98.73 27.19 -24.18
N PRO X 520 -97.42 27.31 -23.83
CA PRO X 520 -96.46 27.83 -24.83
C PRO X 520 -96.61 27.18 -26.22
N ASP X 524 -94.83 24.43 -30.85
CA ASP X 524 -96.18 23.90 -30.60
C ASP X 524 -96.28 22.48 -31.13
N TYR X 525 -96.36 21.51 -30.21
CA TYR X 525 -96.48 20.07 -30.57
C TYR X 525 -95.29 19.72 -31.47
N ALA X 526 -94.56 20.76 -31.87
CA ALA X 526 -93.38 20.58 -32.66
C ALA X 526 -92.53 19.84 -31.62
N ALA X 527 -92.69 20.25 -30.36
CA ALA X 527 -91.96 19.65 -29.24
C ALA X 527 -92.27 18.18 -28.97
N PHE X 528 -93.54 17.79 -29.08
CA PHE X 528 -93.82 16.37 -28.84
C PHE X 528 -93.15 15.51 -29.88
N TRP X 529 -93.44 15.80 -31.14
CA TRP X 529 -92.86 15.02 -32.22
C TRP X 529 -91.36 14.95 -32.12
N LYS X 530 -90.69 16.09 -32.22
CA LYS X 530 -89.24 16.10 -32.13
C LYS X 530 -88.69 15.20 -31.03
N CYS X 531 -89.33 15.20 -29.86
CA CYS X 531 -88.91 14.34 -28.73
C CYS X 531 -88.77 12.91 -29.28
N ILE X 532 -89.81 12.47 -29.99
CA ILE X 532 -89.86 11.14 -30.61
C ILE X 532 -88.78 11.06 -31.67
N ALA X 533 -88.94 11.85 -32.73
CA ALA X 533 -88.00 11.89 -33.83
C ALA X 533 -86.57 11.95 -33.31
N SER X 534 -86.38 12.63 -32.20
CA SER X 534 -85.07 12.74 -31.61
C SER X 534 -84.54 11.37 -31.16
N TRP X 535 -85.45 10.46 -30.77
CA TRP X 535 -85.05 9.11 -30.33
C TRP X 535 -84.32 8.37 -31.44
N ALA X 536 -84.75 8.58 -32.68
CA ALA X 536 -84.14 7.92 -33.83
C ALA X 536 -82.68 8.28 -34.03
N TYR X 537 -82.28 9.47 -33.56
CA TYR X 537 -80.90 9.91 -33.70
C TYR X 537 -80.26 10.35 -32.41
N ASN X 538 -80.53 9.67 -31.29
CA ASN X 538 -79.93 10.08 -30.04
C ASN X 538 -78.41 10.17 -30.18
N GLY X 539 -77.82 9.28 -30.98
CA GLY X 539 -76.39 9.33 -31.16
C GLY X 539 -75.91 10.75 -31.47
N LEU X 540 -76.53 11.37 -32.48
CA LEU X 540 -76.19 12.72 -32.89
C LEU X 540 -76.68 13.77 -31.92
N VAL X 541 -77.99 13.79 -31.71
CA VAL X 541 -78.58 14.79 -30.83
C VAL X 541 -79.54 14.24 -29.79
N THR X 542 -79.31 14.57 -28.52
CA THR X 542 -80.27 14.12 -27.49
C THR X 542 -81.03 15.37 -27.04
N THR X 543 -82.35 15.26 -27.04
CA THR X 543 -83.21 16.36 -26.60
C THR X 543 -82.96 16.69 -25.13
N VAL X 544 -83.49 17.82 -24.68
CA VAL X 544 -83.28 18.26 -23.30
C VAL X 544 -84.44 19.13 -22.81
N LEU X 545 -84.65 19.15 -21.49
CA LEU X 545 -85.69 20.01 -20.94
C LEU X 545 -85.17 21.43 -21.13
N SER X 546 -85.95 22.29 -21.76
CA SER X 546 -85.51 23.67 -21.99
C SER X 546 -85.32 24.44 -20.67
N GLU X 547 -84.05 24.77 -20.39
CA GLU X 547 -83.64 25.47 -19.17
C GLU X 547 -84.68 26.46 -18.60
N ASP X 548 -85.23 27.29 -19.47
CA ASP X 548 -86.23 28.30 -19.12
C ASP X 548 -87.48 27.70 -18.47
N ALA X 549 -87.83 26.48 -18.87
CA ALA X 549 -89.02 25.83 -18.33
C ALA X 549 -88.78 25.06 -17.03
N PHE X 550 -88.07 25.68 -16.10
CA PHE X 550 -87.82 25.09 -14.79
C PHE X 550 -88.31 26.10 -13.77
N PRO X 551 -88.98 25.65 -12.70
CA PRO X 551 -89.43 26.65 -11.73
C PRO X 551 -88.16 27.43 -11.34
N ASP X 552 -88.20 28.75 -11.38
CA ASP X 552 -86.99 29.55 -11.07
C ASP X 552 -86.51 29.38 -9.61
N SER X 553 -85.19 29.39 -9.41
CA SER X 553 -84.63 29.19 -8.07
C SER X 553 -84.73 30.33 -7.06
N SER X 554 -85.86 31.05 -7.05
CA SER X 554 -86.03 32.13 -6.09
C SER X 554 -87.26 31.85 -5.26
N GLN X 555 -88.00 30.82 -5.64
CA GLN X 555 -89.21 30.49 -4.91
C GLN X 555 -89.18 29.09 -4.34
N SER X 556 -89.91 28.89 -3.24
CA SER X 556 -90.01 27.57 -2.63
C SER X 556 -91.34 26.94 -3.14
N ILE X 557 -91.77 25.83 -2.56
CA ILE X 557 -92.98 25.19 -3.05
C ILE X 557 -94.33 25.78 -2.60
N THR X 558 -94.31 26.91 -1.89
CA THR X 558 -95.57 27.54 -1.49
C THR X 558 -96.06 28.30 -2.72
N HIS X 559 -95.11 28.60 -3.62
CA HIS X 559 -95.37 29.30 -4.87
C HIS X 559 -96.16 28.29 -5.74
N LEU X 560 -97.37 28.64 -6.14
CA LEU X 560 -98.18 27.72 -6.92
C LEU X 560 -97.89 27.64 -8.42
N PRO X 561 -97.26 28.69 -8.98
CA PRO X 561 -96.96 28.65 -10.42
C PRO X 561 -95.72 27.79 -10.65
N SER X 562 -94.98 27.53 -9.57
CA SER X 562 -93.77 26.72 -9.63
C SER X 562 -94.10 25.27 -9.29
N MET X 563 -95.27 25.07 -8.70
CA MET X 563 -95.68 23.74 -8.32
C MET X 563 -96.18 23.09 -9.60
N TRP X 564 -96.83 23.88 -10.44
CA TRP X 564 -97.34 23.36 -11.70
C TRP X 564 -96.19 23.27 -12.70
N LYS X 565 -95.27 24.23 -12.65
CA LYS X 565 -94.13 24.24 -13.56
C LYS X 565 -93.33 22.98 -13.36
N CYS X 566 -93.13 22.64 -12.08
CA CYS X 566 -92.38 21.45 -11.71
C CYS X 566 -93.10 20.13 -11.97
N LEU X 567 -94.44 20.14 -11.96
CA LEU X 567 -95.20 18.93 -12.25
C LEU X 567 -94.99 18.59 -13.72
N PHE X 568 -95.04 19.63 -14.56
CA PHE X 568 -94.86 19.51 -16.01
C PHE X 568 -93.43 19.18 -16.42
N LEU X 569 -92.49 19.30 -15.50
CA LEU X 569 -91.13 18.93 -15.81
C LEU X 569 -91.13 17.42 -15.74
N THR X 570 -91.70 16.88 -14.66
CA THR X 570 -91.76 15.44 -14.44
C THR X 570 -92.43 14.66 -15.55
N LEU X 571 -93.72 14.88 -15.75
CA LEU X 571 -94.44 14.16 -16.80
C LEU X 571 -93.62 14.10 -18.09
N ALA X 572 -93.24 15.28 -18.60
CA ALA X 572 -92.45 15.36 -19.84
C ALA X 572 -91.02 14.81 -19.70
N GLY X 573 -90.65 14.38 -18.49
CA GLY X 573 -89.32 13.86 -18.24
C GLY X 573 -88.88 12.76 -19.17
N PRO X 574 -89.51 11.58 -19.13
CA PRO X 574 -89.16 10.44 -19.98
C PRO X 574 -89.17 10.73 -21.48
N MET X 575 -89.96 11.70 -21.89
CA MET X 575 -90.03 12.06 -23.30
C MET X 575 -88.67 12.42 -23.92
N THR X 576 -87.96 13.33 -23.27
CA THR X 576 -86.65 13.76 -23.76
C THR X 576 -85.63 12.64 -23.63
N SER X 577 -84.79 12.50 -24.66
CA SER X 577 -83.76 11.46 -24.73
C SER X 577 -82.54 11.72 -23.87
N ASP X 578 -82.44 12.92 -23.32
CA ASP X 578 -81.31 13.33 -22.49
C ASP X 578 -80.93 12.42 -21.33
N PRO X 579 -79.68 11.94 -21.32
CA PRO X 579 -79.07 11.05 -20.33
C PRO X 579 -79.16 11.57 -18.88
N HIS X 580 -79.89 12.65 -18.67
CA HIS X 580 -80.02 13.23 -17.32
C HIS X 580 -81.42 13.56 -16.88
N SER X 581 -82.35 13.70 -17.81
CA SER X 581 -83.73 14.03 -17.47
C SER X 581 -84.09 13.54 -16.08
N PRO X 582 -83.78 12.28 -15.74
CA PRO X 582 -84.12 11.82 -14.39
C PRO X 582 -83.53 12.75 -13.31
N VAL X 583 -82.20 12.89 -13.25
CA VAL X 583 -81.60 13.77 -12.24
C VAL X 583 -82.12 15.21 -12.27
N LYS X 584 -82.23 15.78 -13.47
CA LYS X 584 -82.74 17.14 -13.62
C LYS X 584 -84.15 17.23 -13.05
N VAL X 585 -84.97 16.20 -13.30
CA VAL X 585 -86.33 16.19 -12.78
C VAL X 585 -86.26 16.07 -11.27
N PHE X 586 -85.39 15.21 -10.77
CA PHE X 586 -85.30 15.08 -9.33
C PHE X 586 -84.92 16.40 -8.71
N MET X 587 -83.90 17.06 -9.26
CA MET X 587 -83.47 18.33 -8.73
C MET X 587 -84.59 19.36 -8.79
N ALA X 588 -85.10 19.63 -9.99
CA ALA X 588 -86.20 20.60 -10.19
C ALA X 588 -87.06 20.73 -8.94
N LEU X 589 -87.47 19.61 -8.34
CA LEU X 589 -88.26 19.66 -7.12
C LEU X 589 -87.32 19.70 -5.92
N ALA X 590 -86.44 18.70 -5.82
CA ALA X 590 -85.48 18.64 -4.72
C ALA X 590 -84.98 20.06 -4.52
N ASN X 591 -84.78 20.73 -5.63
CA ASN X 591 -84.31 22.09 -5.63
C ASN X 591 -85.32 23.04 -5.03
N LEU X 592 -86.48 23.12 -5.66
CA LEU X 592 -87.53 24.02 -5.23
C LEU X 592 -88.02 23.85 -3.77
N LEU X 593 -87.88 22.68 -3.17
CA LEU X 593 -88.31 22.51 -1.78
C LEU X 593 -87.10 22.29 -0.85
N ALA X 594 -86.06 23.10 -1.05
CA ALA X 594 -84.84 23.02 -0.26
C ALA X 594 -85.02 23.28 1.22
N GLN X 595 -85.60 24.44 1.54
CA GLN X 595 -85.84 24.84 2.94
C GLN X 595 -86.40 23.72 3.80
N PRO X 596 -87.42 23.00 3.31
CA PRO X 596 -87.96 21.92 4.14
C PRO X 596 -87.10 20.65 4.01
N GLU X 597 -86.89 20.24 2.77
CA GLU X 597 -86.15 19.02 2.44
C GLU X 597 -84.66 19.09 2.00
N PRO X 598 -83.72 18.79 2.93
CA PRO X 598 -82.29 18.84 2.59
C PRO X 598 -81.81 17.44 2.12
N ILE X 599 -80.98 17.40 1.07
CA ILE X 599 -80.46 16.12 0.53
C ILE X 599 -78.97 16.22 0.20
N ALA X 600 -78.33 15.07 0.01
CA ALA X 600 -76.91 15.03 -0.30
C ALA X 600 -76.64 15.50 -1.72
N ILE X 601 -75.68 16.43 -1.88
CA ILE X 601 -75.30 16.98 -3.21
C ILE X 601 -73.77 16.90 -3.42
N GLY X 602 -73.32 15.80 -4.04
CA GLY X 602 -71.92 15.53 -4.34
C GLY X 602 -70.80 16.58 -4.39
N VAL X 603 -70.51 17.10 -5.59
CA VAL X 603 -69.41 18.07 -5.75
C VAL X 603 -69.62 19.50 -5.21
N PRO X 604 -68.52 20.16 -4.81
CA PRO X 604 -68.50 21.54 -4.26
C PRO X 604 -68.90 22.53 -5.36
N GLY X 605 -69.64 23.56 -4.97
CA GLY X 605 -70.08 24.53 -5.96
C GLY X 605 -71.34 24.01 -6.66
N MET X 606 -72.09 23.20 -5.92
CA MET X 606 -73.32 22.59 -6.41
C MET X 606 -74.24 22.41 -5.21
N HIS X 607 -74.87 23.47 -4.74
CA HIS X 607 -75.75 23.31 -3.61
C HIS X 607 -77.15 22.86 -4.03
N GLN X 608 -77.88 22.28 -3.09
CA GLN X 608 -79.23 21.81 -3.37
C GLN X 608 -80.13 22.89 -3.94
N THR X 609 -79.64 24.12 -3.95
CA THR X 609 -80.41 25.24 -4.48
C THR X 609 -79.80 25.71 -5.79
N THR X 610 -78.95 24.88 -6.39
CA THR X 610 -78.32 25.19 -7.68
C THR X 610 -79.35 24.98 -8.78
N PRO X 611 -79.65 26.03 -9.56
CA PRO X 611 -80.63 26.05 -10.67
C PRO X 611 -80.78 24.72 -11.41
N ALA X 612 -81.53 23.79 -10.82
CA ALA X 612 -81.75 22.44 -11.36
C ALA X 612 -81.04 22.18 -12.68
N SER X 613 -81.57 22.72 -13.78
CA SER X 613 -80.99 22.54 -15.12
C SER X 613 -79.45 22.37 -15.15
N GLN X 614 -78.75 23.10 -14.27
CA GLN X 614 -77.29 23.02 -14.23
C GLN X 614 -76.74 21.74 -13.66
N PHE X 615 -77.45 20.61 -13.84
CA PHE X 615 -77.01 19.31 -13.32
C PHE X 615 -76.63 18.28 -14.40
N SER X 616 -76.05 18.77 -15.50
CA SER X 616 -75.68 17.94 -16.64
C SER X 616 -74.59 16.87 -16.54
N HIS X 617 -73.64 17.01 -15.62
CA HIS X 617 -72.60 16.00 -15.56
C HIS X 617 -73.03 14.76 -14.80
N PRO X 618 -72.59 13.55 -15.24
CA PRO X 618 -72.94 12.29 -14.58
C PRO X 618 -72.48 12.22 -13.13
N GLY X 619 -71.25 12.66 -12.89
CA GLY X 619 -70.71 12.64 -11.53
C GLY X 619 -71.46 13.43 -10.46
N VAL X 620 -72.26 14.43 -10.86
CA VAL X 620 -72.97 15.22 -9.87
C VAL X 620 -74.43 14.86 -9.68
N TRP X 621 -74.71 13.60 -9.32
CA TRP X 621 -76.07 13.16 -9.07
C TRP X 621 -76.20 13.08 -7.56
N PRO X 622 -77.27 13.65 -6.99
CA PRO X 622 -77.44 13.61 -5.53
C PRO X 622 -77.15 12.21 -4.97
N PRO X 623 -76.23 12.09 -3.98
CA PRO X 623 -75.90 10.77 -3.41
C PRO X 623 -77.19 10.05 -3.00
N GLY X 624 -78.16 10.83 -2.53
CA GLY X 624 -79.46 10.29 -2.14
C GLY X 624 -80.26 9.84 -3.35
N PHE X 625 -80.18 10.59 -4.44
CA PHE X 625 -80.91 10.25 -5.65
C PHE X 625 -80.55 8.87 -6.20
N LEU X 626 -79.26 8.54 -6.27
CA LEU X 626 -78.89 7.21 -6.77
C LEU X 626 -79.54 6.21 -5.84
N ASN X 627 -79.07 6.22 -4.60
CA ASN X 627 -79.55 5.31 -3.56
C ASN X 627 -80.45 6.06 -2.58
N PRO X 628 -81.79 5.98 -2.76
CA PRO X 628 -82.79 6.66 -1.90
C PRO X 628 -82.77 6.15 -0.47
N GLN X 629 -82.10 5.02 -0.29
CA GLN X 629 -81.94 4.44 1.04
C GLN X 629 -81.40 5.58 1.90
N LEU X 630 -80.44 6.30 1.33
CA LEU X 630 -79.75 7.44 1.97
C LEU X 630 -80.59 8.59 2.45
N ILE X 631 -81.52 9.07 1.63
CA ILE X 631 -82.37 10.19 2.06
C ILE X 631 -83.25 9.77 3.25
N ASN X 632 -83.16 10.49 4.37
CA ASN X 632 -83.98 10.08 5.50
C ASN X 632 -85.38 10.71 5.51
N PRO X 633 -86.41 9.90 5.86
CA PRO X 633 -87.81 10.34 5.92
C PRO X 633 -88.01 11.50 6.91
N GLN X 634 -87.63 11.27 8.17
CA GLN X 634 -87.76 12.27 9.25
C GLN X 634 -87.05 13.62 8.92
N GLN X 635 -86.60 13.78 7.67
CA GLN X 635 -85.97 15.03 7.27
C GLN X 635 -86.39 15.49 5.88
N ALA X 636 -86.47 14.55 4.95
CA ALA X 636 -86.87 14.87 3.58
C ALA X 636 -87.87 13.87 3.04
N PRO X 637 -88.95 13.59 3.80
CA PRO X 637 -89.97 12.62 3.37
C PRO X 637 -90.35 12.83 1.91
N LEU X 638 -91.04 13.94 1.67
CA LEU X 638 -91.51 14.35 0.35
C LEU X 638 -90.48 14.09 -0.75
N LEU X 639 -89.27 14.60 -0.55
CA LEU X 639 -88.17 14.45 -1.52
C LEU X 639 -87.71 13.00 -1.68
N ARG X 640 -87.73 12.24 -0.58
CA ARG X 640 -87.32 10.85 -0.63
C ARG X 640 -88.34 10.03 -1.42
N ALA X 641 -89.62 10.40 -1.30
CA ALA X 641 -90.67 9.69 -2.02
C ALA X 641 -90.60 10.07 -3.48
N PHE X 642 -89.93 11.19 -3.77
CA PHE X 642 -89.77 11.61 -5.16
C PHE X 642 -88.66 10.76 -5.77
N ALA X 643 -87.50 10.71 -5.11
CA ALA X 643 -86.39 9.90 -5.58
C ALA X 643 -86.92 8.49 -5.71
N GLU X 644 -87.60 8.03 -4.67
CA GLU X 644 -88.19 6.70 -4.61
C GLU X 644 -89.08 6.47 -5.82
N HIS X 645 -89.80 7.51 -6.23
CA HIS X 645 -90.71 7.42 -7.35
C HIS X 645 -90.03 7.33 -8.71
N ILE X 646 -89.17 8.29 -9.01
CA ILE X 646 -88.46 8.32 -10.30
C ILE X 646 -87.79 6.97 -10.62
N ARG X 647 -87.16 6.37 -9.61
CA ARG X 647 -86.48 5.09 -9.81
C ARG X 647 -87.47 3.98 -10.10
N ALA X 648 -88.53 3.90 -9.32
CA ALA X 648 -89.51 2.86 -9.57
C ALA X 648 -90.30 3.02 -10.89
N ASN X 649 -90.44 4.24 -11.40
CA ASN X 649 -91.25 4.42 -12.61
C ASN X 649 -90.69 5.04 -13.87
N TRP X 650 -89.38 5.14 -14.01
CA TRP X 650 -88.89 5.69 -15.26
C TRP X 650 -88.97 4.53 -16.27
N PRO X 651 -89.57 4.77 -17.45
CA PRO X 651 -89.78 3.81 -18.54
C PRO X 651 -88.61 2.86 -18.84
N GLN X 652 -88.88 1.57 -18.93
CA GLN X 652 -87.81 0.61 -19.25
C GLN X 652 -87.52 0.62 -20.75
N PRO X 653 -86.27 0.88 -21.15
CA PRO X 653 -85.95 0.91 -22.58
C PRO X 653 -86.15 -0.48 -23.19
N SER X 654 -86.35 -0.53 -24.50
CA SER X 654 -86.55 -1.80 -25.21
C SER X 654 -86.25 -1.62 -26.69
N GLU X 655 -85.99 -2.72 -27.39
CA GLU X 655 -85.64 -2.61 -28.81
C GLU X 655 -86.54 -3.39 -29.74
N PHE X 656 -86.67 -2.92 -30.97
CA PHE X 656 -87.49 -3.60 -31.97
C PHE X 656 -86.76 -3.69 -33.30
N GLY X 657 -87.29 -4.47 -34.24
CA GLY X 657 -86.62 -4.59 -35.53
C GLY X 657 -87.04 -3.44 -36.42
N TYR X 658 -86.36 -3.28 -37.56
CA TYR X 658 -86.65 -2.24 -38.54
C TYR X 658 -85.82 -2.57 -39.78
N GLY X 659 -86.43 -2.45 -40.97
CA GLY X 659 -85.73 -2.74 -42.21
C GLY X 659 -85.59 -4.23 -42.50
N SER X 660 -85.02 -4.57 -43.65
CA SER X 660 -84.87 -5.99 -43.99
C SER X 660 -83.51 -6.58 -43.64
N THR X 661 -83.53 -7.80 -43.13
CA THR X 661 -82.28 -8.45 -42.76
C THR X 661 -81.47 -8.88 -43.98
N LEU X 662 -82.13 -9.01 -45.14
CA LEU X 662 -81.44 -9.39 -46.36
C LEU X 662 -80.72 -8.18 -46.93
N GLN X 663 -81.05 -7.01 -46.42
CA GLN X 663 -80.45 -5.78 -46.91
C GLN X 663 -79.75 -5.06 -45.79
N GLY X 664 -78.83 -5.74 -45.12
CA GLY X 664 -78.10 -5.13 -44.03
C GLY X 664 -78.81 -4.03 -43.24
N SER X 665 -78.08 -2.95 -42.93
CA SER X 665 -78.59 -1.82 -42.15
C SER X 665 -77.43 -0.87 -41.79
N ALA X 666 -77.75 0.36 -41.40
CA ALA X 666 -76.71 1.32 -41.08
C ALA X 666 -76.40 1.46 -39.59
N ASN X 667 -76.44 0.36 -38.84
CA ASN X 667 -76.18 0.47 -37.41
C ASN X 667 -74.72 0.42 -36.97
N LEU X 668 -74.37 1.33 -36.05
CA LEU X 668 -73.01 1.40 -35.56
C LEU X 668 -72.90 1.00 -34.08
N PHE X 669 -74.02 0.98 -33.36
CA PHE X 669 -73.95 0.62 -31.95
C PHE X 669 -75.08 -0.30 -31.50
N ILE X 670 -75.94 -0.64 -32.44
CA ILE X 670 -77.08 -1.52 -32.14
C ILE X 670 -77.01 -2.68 -33.15
N PRO X 671 -77.53 -3.86 -32.79
CA PRO X 671 -77.46 -4.94 -33.78
C PRO X 671 -78.11 -4.45 -35.08
N SER X 672 -77.80 -5.10 -36.20
CA SER X 672 -78.37 -4.72 -37.49
C SER X 672 -79.89 -4.87 -37.49
N ASN X 673 -80.60 -3.90 -38.07
CA ASN X 673 -82.06 -3.97 -38.12
C ASN X 673 -82.69 -3.87 -36.73
N ARG X 674 -82.08 -3.12 -35.84
CA ARG X 674 -82.61 -2.95 -34.49
C ARG X 674 -82.53 -1.47 -34.12
N MET X 675 -83.46 -1.02 -33.28
CA MET X 675 -83.48 0.35 -32.78
C MET X 675 -83.83 0.33 -31.30
N VAL X 676 -82.94 0.83 -30.44
CA VAL X 676 -83.25 0.88 -29.02
C VAL X 676 -84.38 1.89 -28.89
N TYR X 677 -85.15 1.82 -27.82
CA TYR X 677 -86.31 2.70 -27.67
C TYR X 677 -86.68 2.93 -26.20
N PRO X 678 -86.85 4.19 -25.79
CA PRO X 678 -87.20 4.57 -24.41
C PRO X 678 -88.33 3.81 -23.72
N TRP X 679 -89.50 3.76 -24.33
CA TRP X 679 -90.66 3.09 -23.74
C TRP X 679 -90.83 1.60 -24.05
N PRO X 680 -91.43 0.84 -23.12
CA PRO X 680 -91.61 -0.59 -23.41
C PRO X 680 -92.43 -0.67 -24.70
N ASN X 681 -92.13 -1.66 -25.53
CA ASN X 681 -92.81 -1.78 -26.81
C ASN X 681 -93.78 -2.96 -27.09
N GLN X 682 -94.88 -2.65 -27.77
CA GLN X 682 -95.89 -3.66 -28.09
C GLN X 682 -96.10 -3.75 -29.61
N PRO X 683 -96.48 -4.94 -30.11
CA PRO X 683 -96.72 -5.16 -31.55
C PRO X 683 -97.92 -4.34 -32.04
N LEU X 684 -97.88 -3.85 -33.27
CA LEU X 684 -98.99 -3.06 -33.82
C LEU X 684 -100.29 -3.86 -33.82
N PRO X 685 -101.42 -3.25 -33.39
CA PRO X 685 -102.71 -3.94 -33.35
C PRO X 685 -103.53 -3.73 -34.63
N ARG X 686 -104.08 -4.83 -35.17
CA ARG X 686 -104.86 -4.80 -36.42
C ARG X 686 -106.37 -4.72 -36.18
N LEU X 687 -106.78 -4.36 -34.96
CA LEU X 687 -108.22 -4.24 -34.62
C LEU X 687 -108.64 -2.79 -34.39
N THR X 688 -109.28 -2.53 -33.24
CA THR X 688 -109.75 -1.17 -32.88
C THR X 688 -109.08 -0.69 -31.58
N VAL X 689 -108.53 0.53 -31.59
CA VAL X 689 -107.89 1.06 -30.38
C VAL X 689 -108.78 2.00 -29.57
N ALA X 690 -108.54 2.00 -28.25
CA ALA X 690 -109.27 2.85 -27.31
C ALA X 690 -108.26 3.23 -26.22
N PRO X 691 -108.10 4.53 -25.94
CA PRO X 691 -107.13 4.94 -24.90
C PRO X 691 -107.16 4.03 -23.67
N THR X 692 -106.10 3.24 -23.46
CA THR X 692 -106.05 2.32 -22.32
C THR X 692 -105.25 2.91 -21.17
N TYR X 693 -105.54 2.49 -19.94
CA TYR X 693 -104.81 3.06 -18.84
C TYR X 693 -103.66 2.23 -18.32
N ASP X 694 -103.25 1.24 -19.11
CA ASP X 694 -102.10 0.41 -18.75
C ASP X 694 -100.98 0.99 -19.60
N SER X 695 -99.77 0.44 -19.49
CA SER X 695 -98.58 0.87 -20.26
C SER X 695 -97.67 1.87 -19.54
N ALA X 696 -96.36 1.69 -19.71
CA ALA X 696 -95.35 2.56 -19.11
C ALA X 696 -95.79 4.02 -19.23
N MET X 697 -95.98 4.50 -20.45
CA MET X 697 -96.40 5.88 -20.62
C MET X 697 -97.52 6.19 -19.63
N SER X 698 -98.70 5.62 -19.89
CA SER X 698 -99.88 5.83 -19.06
C SER X 698 -99.63 5.71 -17.57
N ASN X 699 -98.94 4.65 -17.16
CA ASN X 699 -98.63 4.44 -15.76
C ASN X 699 -97.75 5.56 -15.23
N TRP X 700 -96.75 5.96 -16.03
CA TRP X 700 -95.85 7.03 -15.65
C TRP X 700 -96.58 8.33 -15.33
N ILE X 701 -97.66 8.59 -16.06
CA ILE X 701 -98.48 9.78 -15.87
C ILE X 701 -99.36 9.60 -14.65
N SER X 702 -99.78 8.37 -14.42
CA SER X 702 -100.67 8.09 -13.31
C SER X 702 -100.03 8.06 -11.94
N THR X 703 -98.79 7.56 -11.86
CA THR X 703 -98.08 7.50 -10.58
C THR X 703 -97.47 8.82 -10.24
N THR X 704 -96.97 9.51 -11.26
CA THR X 704 -96.35 10.80 -11.05
C THR X 704 -97.40 11.83 -10.68
N ILE X 705 -98.57 11.75 -11.30
CA ILE X 705 -99.63 12.69 -10.99
C ILE X 705 -100.18 12.32 -9.62
N ALA X 706 -99.79 11.12 -9.16
CA ALA X 706 -100.22 10.63 -7.85
C ALA X 706 -99.22 11.13 -6.84
N PHE X 707 -98.01 11.43 -7.30
CA PHE X 707 -97.00 11.93 -6.41
C PHE X 707 -97.27 13.40 -6.09
N PHE X 708 -97.47 14.20 -7.12
CA PHE X 708 -97.74 15.62 -6.88
C PHE X 708 -99.08 15.85 -6.21
N ILE X 709 -99.89 14.80 -6.10
CA ILE X 709 -101.16 14.94 -5.41
C ILE X 709 -100.78 14.73 -3.95
N ARG X 710 -99.66 14.06 -3.73
CA ARG X 710 -99.17 13.81 -2.38
C ARG X 710 -98.39 15.03 -1.89
N VAL X 711 -97.70 15.69 -2.83
CA VAL X 711 -96.93 16.89 -2.52
C VAL X 711 -97.90 17.97 -2.05
N VAL X 712 -99.08 17.99 -2.67
CA VAL X 712 -100.11 18.97 -2.36
C VAL X 712 -100.84 18.69 -1.05
N ASN X 713 -101.02 17.42 -0.71
CA ASN X 713 -101.69 17.07 0.55
C ASN X 713 -100.67 16.76 1.64
N SER X 714 -99.46 17.29 1.50
CA SER X 714 -98.44 17.04 2.49
C SER X 714 -98.43 18.10 3.59
N VAL X 715 -97.69 17.81 4.67
CA VAL X 715 -97.53 18.72 5.82
C VAL X 715 -97.27 20.14 5.36
N ASN X 716 -96.11 20.37 4.72
CA ASN X 716 -95.74 21.69 4.21
C ASN X 716 -96.95 22.37 3.58
N MET X 717 -97.33 21.84 2.43
CA MET X 717 -98.47 22.35 1.69
C MET X 717 -99.68 22.64 2.60
N THR X 718 -100.13 21.60 3.29
CA THR X 718 -101.29 21.70 4.19
C THR X 718 -101.27 22.85 5.19
N ALA X 719 -100.10 23.17 5.72
CA ALA X 719 -100.00 24.26 6.69
C ALA X 719 -100.06 25.63 5.99
N THR X 720 -99.25 25.80 4.94
CA THR X 720 -99.24 27.07 4.24
C THR X 720 -100.46 27.23 3.33
N VAL X 721 -100.31 26.91 2.04
CA VAL X 721 -101.41 27.01 1.07
C VAL X 721 -102.75 26.85 1.75
N ASN X 722 -103.70 27.67 1.32
CA ASN X 722 -105.06 27.64 1.85
C ASN X 722 -105.66 26.22 1.73
N ASP X 723 -106.88 26.02 2.22
CA ASP X 723 -107.52 24.71 2.15
C ASP X 723 -108.34 24.39 0.88
N LEU X 724 -109.44 25.12 0.71
CA LEU X 724 -110.33 24.91 -0.44
C LEU X 724 -109.54 25.00 -1.75
N THR X 725 -108.50 25.84 -1.78
CA THR X 725 -107.70 25.97 -2.99
C THR X 725 -106.94 24.66 -3.21
N ARG X 726 -106.35 24.13 -2.14
CA ARG X 726 -105.60 22.88 -2.20
C ARG X 726 -106.48 21.71 -2.68
N ARG X 727 -107.80 21.82 -2.54
CA ARG X 727 -108.66 20.75 -3.03
C ARG X 727 -108.67 20.90 -4.55
N THR X 728 -108.88 22.12 -5.03
CA THR X 728 -108.92 22.42 -6.46
C THR X 728 -107.72 21.84 -7.17
N MET X 729 -106.56 21.90 -6.52
CA MET X 729 -105.35 21.37 -7.10
C MET X 729 -105.35 19.85 -7.22
N THR X 730 -105.97 19.18 -6.25
CA THR X 730 -106.08 17.73 -6.28
C THR X 730 -107.00 17.39 -7.44
N GLY X 731 -108.09 18.15 -7.58
CA GLY X 731 -109.04 17.96 -8.66
C GLY X 731 -108.39 18.26 -10.00
N VAL X 732 -107.69 19.39 -10.09
CA VAL X 732 -107.03 19.77 -11.34
C VAL X 732 -105.99 18.74 -11.76
N MET X 733 -105.55 17.91 -10.84
CA MET X 733 -104.57 16.89 -11.22
C MET X 733 -105.28 15.60 -11.53
N THR X 734 -106.18 15.18 -10.64
CA THR X 734 -106.89 13.93 -10.88
C THR X 734 -107.52 13.97 -12.27
N ALA X 735 -108.08 15.12 -12.64
CA ALA X 735 -108.71 15.28 -13.95
C ALA X 735 -107.70 14.81 -14.99
N MET X 736 -106.52 15.42 -14.96
CA MET X 736 -105.44 15.08 -15.87
C MET X 736 -105.13 13.59 -15.85
N ARG X 737 -104.82 13.06 -14.66
CA ARG X 737 -104.47 11.66 -14.50
C ARG X 737 -105.65 10.72 -14.84
N GLN X 738 -106.75 11.30 -15.34
CA GLN X 738 -107.95 10.55 -15.73
C GLN X 738 -108.54 10.97 -17.08
N VAL X 739 -107.82 11.77 -17.86
CA VAL X 739 -108.30 12.16 -19.18
C VAL X 739 -108.07 10.95 -20.08
N LYS X 740 -108.99 10.65 -20.98
CA LYS X 740 -108.78 9.49 -21.85
C LYS X 740 -107.83 9.86 -22.97
N THR X 741 -106.56 9.98 -22.63
CA THR X 741 -105.56 10.32 -23.62
C THR X 741 -105.22 9.05 -24.41
N MET X 742 -105.25 9.17 -25.74
CA MET X 742 -104.96 8.03 -26.60
C MET X 742 -103.45 7.93 -26.85
N THR X 743 -102.69 8.94 -26.44
CA THR X 743 -101.23 8.95 -26.64
C THR X 743 -100.44 7.88 -25.89
N PRO X 744 -100.72 7.67 -24.60
CA PRO X 744 -99.99 6.65 -23.82
C PRO X 744 -99.93 5.37 -24.63
N PHE X 745 -101.04 5.06 -25.29
CA PHE X 745 -101.18 3.89 -26.12
C PHE X 745 -100.20 4.03 -27.26
N TYR X 746 -100.44 5.07 -28.05
CA TYR X 746 -99.62 5.37 -29.22
C TYR X 746 -98.10 5.24 -28.99
N ILE X 747 -97.58 5.95 -27.99
CA ILE X 747 -96.14 5.88 -27.72
C ILE X 747 -95.67 4.47 -27.47
N GLN X 748 -96.60 3.53 -27.31
CA GLN X 748 -96.21 2.15 -27.07
C GLN X 748 -96.62 1.11 -28.13
N HIS X 749 -97.60 1.42 -28.96
CA HIS X 749 -98.03 0.48 -30.00
C HIS X 749 -97.72 0.99 -31.42
N MET X 750 -98.44 2.02 -31.85
CA MET X 750 -98.26 2.58 -33.18
C MET X 750 -96.98 3.38 -33.45
N CYS X 751 -96.43 4.03 -32.44
CA CYS X 751 -95.24 4.81 -32.66
C CYS X 751 -94.06 3.96 -33.12
N PRO X 752 -93.85 2.80 -32.49
CA PRO X 752 -92.76 1.88 -32.83
C PRO X 752 -92.83 1.42 -34.29
N THR X 753 -94.04 1.21 -34.79
CA THR X 753 -94.24 0.81 -36.17
C THR X 753 -93.75 1.94 -37.06
N GLU X 754 -94.24 3.16 -36.79
CA GLU X 754 -93.86 4.33 -37.56
C GLU X 754 -92.38 4.61 -37.56
N LEU X 755 -91.72 4.48 -36.43
CA LEU X 755 -90.29 4.72 -36.42
C LEU X 755 -89.59 3.66 -37.24
N SER X 756 -90.03 2.41 -37.10
CA SER X 756 -89.44 1.32 -37.85
C SER X 756 -89.61 1.49 -39.35
N VAL X 757 -90.85 1.67 -39.79
CA VAL X 757 -91.13 1.84 -41.22
C VAL X 757 -90.55 3.16 -41.72
N LEU X 758 -90.62 4.20 -40.89
CA LEU X 758 -90.09 5.52 -41.23
C LEU X 758 -88.57 5.57 -41.15
N ALA X 759 -87.95 4.52 -40.64
CA ALA X 759 -86.49 4.50 -40.54
C ALA X 759 -85.89 3.97 -41.84
N SER X 760 -86.67 4.05 -42.92
CA SER X 760 -86.20 3.61 -44.23
C SER X 760 -86.50 4.70 -45.23
N VAL X 761 -87.69 5.27 -45.16
CA VAL X 761 -88.04 6.34 -46.08
C VAL X 761 -87.09 7.51 -45.80
N THR X 762 -86.73 7.72 -44.53
CA THR X 762 -85.81 8.80 -44.11
C THR X 762 -84.55 8.90 -44.95
N VAL X 763 -84.18 10.14 -45.30
CA VAL X 763 -83.00 10.38 -46.13
C VAL X 763 -81.64 10.18 -45.43
N THR X 764 -81.68 9.66 -44.20
CA THR X 764 -80.48 9.35 -43.40
C THR X 764 -80.92 8.29 -42.44
N PRO X 765 -80.27 7.10 -42.47
CA PRO X 765 -80.60 5.97 -41.59
C PRO X 765 -80.48 6.37 -40.11
N PRO X 766 -81.27 5.73 -39.22
CA PRO X 766 -81.20 6.07 -37.79
C PRO X 766 -79.82 5.73 -37.23
N PHE X 767 -79.32 6.61 -36.35
CA PHE X 767 -78.00 6.47 -35.72
C PHE X 767 -78.14 6.47 -34.19
N GLN X 768 -78.40 5.29 -33.59
CA GLN X 768 -78.62 5.21 -32.13
C GLN X 768 -77.56 4.58 -31.19
N VAL X 769 -77.62 4.97 -29.92
CA VAL X 769 -76.73 4.44 -28.90
C VAL X 769 -77.65 4.00 -27.76
N PRO X 770 -77.44 2.77 -27.22
CA PRO X 770 -78.24 2.17 -26.13
C PRO X 770 -78.80 3.17 -25.12
N PHE X 771 -80.12 3.15 -24.92
CA PHE X 771 -80.78 4.03 -23.95
C PHE X 771 -80.59 3.48 -22.53
N THR X 772 -79.98 4.26 -21.63
CA THR X 772 -79.73 3.78 -20.27
C THR X 772 -80.66 4.27 -19.15
N ARG X 773 -81.70 3.49 -18.89
CA ARG X 773 -82.73 3.81 -17.91
C ARG X 773 -82.29 4.06 -16.46
N LEU X 774 -81.54 5.13 -16.20
CA LEU X 774 -81.10 5.46 -14.84
C LEU X 774 -79.91 4.65 -14.34
N VAL X 775 -78.99 4.26 -15.21
CA VAL X 775 -77.88 3.46 -14.69
C VAL X 775 -76.56 4.25 -14.58
N GLN X 776 -76.40 4.92 -13.43
CA GLN X 776 -75.23 5.76 -13.12
C GLN X 776 -74.04 5.70 -14.06
N ASN X 777 -73.39 4.54 -14.12
CA ASN X 777 -72.21 4.30 -14.96
C ASN X 777 -72.35 4.24 -16.46
N ASP X 778 -73.51 3.81 -16.94
CA ASP X 778 -73.74 3.68 -18.37
C ASP X 778 -74.36 4.90 -19.01
N VAL X 779 -74.12 6.06 -18.43
CA VAL X 779 -74.63 7.29 -19.00
C VAL X 779 -73.63 7.58 -20.12
N ILE X 780 -74.10 7.79 -21.35
CA ILE X 780 -73.18 8.05 -22.47
C ILE X 780 -72.73 9.51 -22.52
N THR X 781 -71.55 9.83 -22.00
CA THR X 781 -71.10 11.21 -22.06
C THR X 781 -70.73 11.65 -23.48
N ASN X 782 -70.16 10.76 -24.29
CA ASN X 782 -69.77 11.10 -25.66
C ASN X 782 -69.93 10.01 -26.71
N VAL X 783 -70.53 10.35 -27.84
CA VAL X 783 -70.69 9.42 -28.98
C VAL X 783 -69.68 9.97 -29.98
N LEU X 784 -68.51 9.37 -30.07
CA LEU X 784 -67.48 9.89 -30.96
C LEU X 784 -67.25 9.14 -32.27
N VAL X 785 -66.63 9.86 -33.22
CA VAL X 785 -66.28 9.32 -34.54
C VAL X 785 -64.80 9.64 -34.75
N ALA X 786 -64.16 9.03 -35.75
CA ALA X 786 -62.74 9.31 -36.01
C ALA X 786 -62.46 9.43 -37.50
N ARG X 787 -61.83 10.52 -37.91
CA ARG X 787 -61.48 10.67 -39.31
C ARG X 787 -60.15 9.95 -39.53
N VAL X 788 -59.19 10.19 -38.65
CA VAL X 788 -57.90 9.50 -38.76
C VAL X 788 -57.93 8.33 -37.79
N ASP X 789 -56.99 7.40 -37.91
CA ASP X 789 -56.94 6.28 -36.97
C ASP X 789 -55.87 6.58 -35.91
N PRO X 790 -56.17 6.26 -34.64
CA PRO X 790 -55.16 6.54 -33.62
C PRO X 790 -54.02 5.54 -33.66
N ALA X 791 -53.92 4.83 -34.78
CA ALA X 791 -52.86 3.85 -34.91
C ALA X 791 -51.62 4.51 -35.50
N GLN X 792 -51.77 5.14 -36.68
CA GLN X 792 -50.66 5.80 -37.38
C GLN X 792 -49.98 6.87 -36.57
N ARG X 793 -50.76 7.82 -36.05
CA ARG X 793 -50.17 8.80 -35.17
C ARG X 793 -50.13 7.96 -33.90
N GLY X 794 -49.04 8.02 -33.13
CA GLY X 794 -48.94 7.23 -31.91
C GLY X 794 -49.99 7.63 -30.88
N ASP X 795 -51.18 7.06 -31.03
CA ASP X 795 -52.30 7.40 -30.14
C ASP X 795 -53.00 6.13 -29.63
N ALA X 796 -52.31 5.01 -29.74
CA ALA X 796 -52.88 3.73 -29.33
C ALA X 796 -53.37 3.78 -27.86
N ALA X 797 -52.61 4.44 -27.00
CA ALA X 797 -52.99 4.50 -25.58
C ALA X 797 -53.92 5.66 -25.20
N VAL X 798 -53.59 6.87 -25.64
CA VAL X 798 -54.36 8.09 -25.33
C VAL X 798 -55.86 7.86 -25.31
N ASP X 799 -56.54 8.50 -24.34
CA ASP X 799 -57.99 8.34 -24.16
C ASP X 799 -58.84 8.66 -25.38
N ILE X 800 -59.97 7.96 -25.47
CA ILE X 800 -60.92 8.10 -26.58
C ILE X 800 -61.49 9.49 -26.77
N ARG X 801 -61.86 10.13 -25.67
CA ARG X 801 -62.43 11.46 -25.72
C ARG X 801 -61.51 12.46 -26.41
N ALA X 802 -60.22 12.14 -26.52
CA ALA X 802 -59.25 13.05 -27.13
C ALA X 802 -58.77 12.66 -28.53
N THR X 803 -59.11 11.47 -29.01
CA THR X 803 -58.65 11.04 -30.34
C THR X 803 -59.77 11.07 -31.38
N HIS X 804 -61.01 11.13 -30.92
CA HIS X 804 -62.18 11.17 -31.80
C HIS X 804 -62.97 12.47 -31.58
N ALA X 805 -63.80 12.86 -32.54
CA ALA X 805 -64.63 14.06 -32.45
C ALA X 805 -65.89 13.68 -31.68
N THR X 806 -66.48 14.61 -30.92
CA THR X 806 -67.70 14.26 -30.17
C THR X 806 -68.91 15.03 -30.63
N PHE X 807 -69.88 14.37 -31.27
CA PHE X 807 -71.07 15.08 -31.71
C PHE X 807 -71.64 15.89 -30.56
N ALA X 808 -71.82 17.19 -30.76
CA ALA X 808 -72.38 18.02 -29.69
C ALA X 808 -73.60 18.76 -30.25
N ALA X 809 -74.75 18.09 -30.26
CA ALA X 809 -75.97 18.70 -30.78
C ALA X 809 -77.15 18.42 -29.86
N ALA X 810 -77.66 19.45 -29.19
CA ALA X 810 -78.79 19.23 -28.29
C ALA X 810 -80.00 20.13 -28.58
N LEU X 811 -81.20 19.55 -28.53
CA LEU X 811 -82.43 20.31 -28.78
C LEU X 811 -83.14 20.71 -27.46
N PRO X 812 -83.60 21.96 -27.39
CA PRO X 812 -84.30 22.44 -26.19
C PRO X 812 -85.81 22.20 -26.26
N VAL X 813 -86.25 21.01 -25.91
CA VAL X 813 -87.67 20.69 -25.92
C VAL X 813 -88.33 21.41 -24.75
N ASP X 814 -89.61 21.76 -24.90
CA ASP X 814 -90.34 22.44 -23.84
C ASP X 814 -91.38 21.53 -23.16
N PRO X 815 -91.29 21.37 -21.83
CA PRO X 815 -92.19 20.55 -21.00
C PRO X 815 -93.67 20.86 -21.26
N ALA X 816 -93.99 22.14 -21.45
CA ALA X 816 -95.36 22.54 -21.72
C ALA X 816 -95.89 21.68 -22.88
N ALA X 817 -95.36 21.91 -24.08
CA ALA X 817 -95.77 21.17 -25.27
C ALA X 817 -95.88 19.66 -24.99
N ILE X 818 -94.77 19.04 -24.59
CA ILE X 818 -94.77 17.61 -24.27
C ILE X 818 -96.10 17.24 -23.62
N VAL X 819 -96.26 17.60 -22.35
CA VAL X 819 -97.48 17.31 -21.58
C VAL X 819 -98.75 17.56 -22.35
N VAL X 820 -98.99 18.80 -22.79
CA VAL X 820 -100.21 19.11 -23.54
C VAL X 820 -100.49 18.02 -24.59
N ALA X 821 -99.44 17.53 -25.24
CA ALA X 821 -99.57 16.50 -26.25
C ALA X 821 -99.77 15.16 -25.54
N MET X 822 -98.66 14.62 -25.05
CA MET X 822 -98.62 13.36 -24.30
C MET X 822 -99.95 13.07 -23.66
N LEU X 823 -100.35 14.00 -22.79
CA LEU X 823 -101.58 13.93 -22.02
C LEU X 823 -102.83 14.44 -22.76
N CYS X 824 -102.87 14.32 -24.09
CA CYS X 824 -104.03 14.82 -24.84
C CYS X 824 -104.11 14.42 -26.34
N GLY X 825 -103.97 13.13 -26.59
CA GLY X 825 -104.03 12.62 -27.95
C GLY X 825 -105.33 11.86 -28.19
N GLN X 826 -105.99 12.17 -29.30
CA GLN X 826 -107.23 11.47 -29.62
C GLN X 826 -107.12 10.96 -31.05
N THR X 827 -107.80 9.85 -31.34
CA THR X 827 -107.72 9.28 -32.69
C THR X 827 -109.07 9.28 -33.41
N GLU X 828 -109.14 8.52 -34.50
CA GLU X 828 -110.38 8.40 -35.24
C GLU X 828 -111.14 7.17 -34.70
N THR X 829 -112.14 7.41 -33.84
CA THR X 829 -112.97 6.34 -33.19
C THR X 829 -113.05 5.01 -33.95
N ASN X 830 -113.27 5.11 -35.25
CA ASN X 830 -113.35 3.93 -36.11
C ASN X 830 -112.00 3.92 -36.85
N LEU X 831 -110.99 3.29 -36.25
CA LEU X 831 -109.67 3.23 -36.88
C LEU X 831 -108.96 1.90 -36.71
N ILE X 832 -108.40 1.38 -37.79
CA ILE X 832 -107.63 0.15 -37.74
C ILE X 832 -106.18 0.62 -37.81
N PRO X 833 -105.44 0.58 -36.69
CA PRO X 833 -104.03 1.02 -36.73
C PRO X 833 -103.28 0.56 -37.98
N SER X 834 -103.16 -0.76 -38.15
CA SER X 834 -102.46 -1.30 -39.32
C SER X 834 -103.01 -0.67 -40.60
N HIS X 835 -104.33 -0.74 -40.78
CA HIS X 835 -104.94 -0.16 -41.97
C HIS X 835 -104.47 1.27 -42.24
N HIS X 836 -104.61 2.14 -41.24
CA HIS X 836 -104.19 3.54 -41.41
C HIS X 836 -102.73 3.70 -41.81
N TYR X 837 -101.92 2.69 -41.50
CA TYR X 837 -100.51 2.75 -41.89
C TYR X 837 -100.39 2.19 -43.30
N GLY X 838 -100.93 1.00 -43.50
CA GLY X 838 -100.87 0.37 -44.82
C GLY X 838 -101.21 1.42 -45.87
N LYS X 839 -101.90 2.47 -45.42
CA LYS X 839 -102.32 3.56 -46.28
C LYS X 839 -101.25 4.65 -46.31
N ALA X 840 -100.82 5.04 -45.11
CA ALA X 840 -99.83 6.10 -44.93
C ALA X 840 -98.43 5.76 -45.45
N PHE X 841 -98.19 4.50 -45.77
CA PHE X 841 -96.86 4.12 -46.26
C PHE X 841 -96.85 3.81 -47.75
N ALA X 842 -98.01 3.43 -48.29
CA ALA X 842 -98.15 3.09 -49.70
C ALA X 842 -97.16 3.85 -50.60
N PRO X 843 -97.26 5.20 -50.66
CA PRO X 843 -96.38 6.02 -51.49
C PRO X 843 -94.87 5.84 -51.23
N LEU X 844 -94.41 6.33 -50.08
CA LEU X 844 -93.00 6.21 -49.72
C LEU X 844 -92.60 4.75 -49.47
N PHE X 845 -92.80 3.91 -50.48
CA PHE X 845 -92.48 2.48 -50.40
C PHE X 845 -92.86 1.79 -51.69
N ALA X 846 -93.50 2.56 -52.57
CA ALA X 846 -93.93 2.06 -53.86
C ALA X 846 -92.81 2.28 -54.88
N SER X 847 -92.05 3.35 -54.72
CA SER X 847 -90.93 3.62 -55.62
C SER X 847 -89.65 3.11 -55.00
N ASN X 848 -88.63 2.90 -55.84
CA ASN X 848 -87.32 2.43 -55.35
C ASN X 848 -86.34 3.59 -55.10
N ALA X 849 -86.82 4.57 -54.33
CA ALA X 849 -86.02 5.73 -53.94
C ALA X 849 -85.20 5.20 -52.75
N MET X 850 -85.83 4.31 -52.01
CA MET X 850 -85.25 3.65 -50.84
C MET X 850 -84.03 2.85 -51.27
N PHE X 851 -84.09 2.36 -52.51
CA PHE X 851 -83.01 1.58 -53.08
C PHE X 851 -81.85 2.44 -53.53
N THR X 852 -82.11 3.73 -53.74
CA THR X 852 -81.05 4.64 -54.20
C THR X 852 -79.91 4.76 -53.20
N ARG X 853 -80.23 5.23 -51.99
CA ARG X 853 -79.18 5.38 -51.00
C ARG X 853 -78.39 4.08 -50.89
N ASN X 854 -79.07 2.99 -51.22
CA ASN X 854 -78.45 1.68 -51.17
C ASN X 854 -77.24 1.55 -52.10
N GLN X 855 -77.17 2.40 -53.13
CA GLN X 855 -76.06 2.40 -54.09
C GLN X 855 -75.07 3.50 -53.77
N ARG X 856 -75.59 4.65 -53.36
CA ARG X 856 -74.72 5.74 -53.01
C ARG X 856 -73.76 5.14 -52.00
N ALA X 857 -74.22 4.09 -51.30
CA ALA X 857 -73.39 3.39 -50.32
C ALA X 857 -72.28 2.63 -51.04
N VAL X 858 -72.66 1.76 -51.98
CA VAL X 858 -71.66 1.01 -52.75
C VAL X 858 -70.60 1.93 -53.39
N ILE X 859 -71.02 2.95 -54.12
CA ILE X 859 -70.06 3.86 -54.75
C ILE X 859 -69.14 4.49 -53.72
N THR X 860 -69.63 4.66 -52.51
CA THR X 860 -68.83 5.23 -51.43
C THR X 860 -67.80 4.21 -50.97
N ARG X 861 -68.22 2.96 -50.78
CA ARG X 861 -67.28 1.94 -50.36
C ARG X 861 -66.18 1.76 -51.39
N GLU X 862 -66.43 2.19 -52.63
CA GLU X 862 -65.41 2.08 -53.66
C GLU X 862 -64.49 3.29 -53.60
N ALA X 863 -65.04 4.46 -53.90
CA ALA X 863 -64.27 5.70 -53.85
C ALA X 863 -63.29 5.69 -52.69
N PHE X 864 -63.75 5.19 -51.55
CA PHE X 864 -62.92 5.14 -50.35
C PHE X 864 -61.78 4.13 -50.43
N VAL X 865 -62.08 2.92 -50.90
CA VAL X 865 -61.08 1.87 -51.01
C VAL X 865 -60.05 2.18 -52.09
N CYS X 866 -60.43 2.99 -53.06
CA CYS X 866 -59.50 3.36 -54.11
C CYS X 866 -58.58 4.43 -53.56
N ALA X 867 -59.16 5.44 -52.91
CA ALA X 867 -58.40 6.53 -52.31
C ALA X 867 -57.39 5.91 -51.37
N ARG X 868 -57.86 5.10 -50.42
CA ARG X 868 -56.96 4.42 -49.48
C ARG X 868 -55.81 3.76 -50.23
N SER X 869 -56.12 3.16 -51.39
CA SER X 869 -55.10 2.51 -52.21
C SER X 869 -54.23 3.57 -52.89
N ALA X 870 -54.89 4.49 -53.60
CA ALA X 870 -54.22 5.55 -54.31
C ALA X 870 -53.22 6.27 -53.44
N VAL X 871 -53.67 6.79 -52.30
CA VAL X 871 -52.77 7.51 -51.41
C VAL X 871 -51.65 6.62 -50.90
N ALA X 872 -51.99 5.44 -50.40
CA ALA X 872 -50.98 4.51 -49.85
C ALA X 872 -49.97 4.01 -50.87
N GLN X 873 -50.34 3.94 -52.14
CA GLN X 873 -49.38 3.51 -53.14
C GLN X 873 -48.37 4.64 -53.34
N CYS X 874 -48.90 5.83 -53.61
CA CYS X 874 -48.11 7.02 -53.82
C CYS X 874 -47.41 7.42 -52.56
N GLN X 875 -47.89 6.87 -51.45
CA GLN X 875 -47.29 7.09 -50.15
C GLN X 875 -46.17 6.06 -50.11
N ASP X 876 -45.65 5.78 -48.94
CA ASP X 876 -44.61 4.77 -48.90
C ASP X 876 -44.79 3.79 -47.76
N ALA X 877 -45.51 2.70 -48.04
CA ALA X 877 -45.82 1.64 -47.08
C ALA X 877 -46.79 2.15 -45.97
N GLY X 878 -48.08 1.87 -46.15
CA GLY X 878 -49.10 2.28 -45.19
C GLY X 878 -50.08 1.12 -45.01
N PHE X 879 -51.38 1.39 -44.94
CA PHE X 879 -52.34 0.29 -44.78
C PHE X 879 -51.97 -0.72 -45.86
N LEU X 880 -51.50 -1.89 -45.44
CA LEU X 880 -51.07 -2.96 -46.35
C LEU X 880 -51.79 -2.97 -47.70
N VAL X 881 -51.37 -2.12 -48.64
CA VAL X 881 -51.99 -2.08 -49.97
C VAL X 881 -50.96 -2.50 -50.99
N PRO X 882 -51.13 -3.70 -51.57
CA PRO X 882 -50.21 -4.25 -52.56
C PRO X 882 -49.82 -3.22 -53.61
N ARG X 883 -48.56 -2.79 -53.60
CA ARG X 883 -48.10 -1.79 -54.58
C ARG X 883 -47.37 -2.44 -55.75
N PRO X 884 -48.07 -2.64 -56.86
CA PRO X 884 -47.47 -3.25 -58.05
C PRO X 884 -46.72 -2.18 -58.84
N LEU X 885 -46.67 -0.99 -58.27
CA LEU X 885 -45.98 0.12 -58.91
C LEU X 885 -44.87 0.63 -58.03
N ASP X 886 -44.10 -0.27 -57.43
CA ASP X 886 -43.05 0.22 -56.56
C ASP X 886 -41.82 0.72 -57.30
N ALA X 887 -41.60 0.22 -58.51
CA ALA X 887 -40.46 0.65 -59.33
C ALA X 887 -40.53 2.16 -59.66
N LEU X 888 -41.69 2.63 -60.13
CA LEU X 888 -41.86 4.05 -60.44
C LEU X 888 -41.45 4.91 -59.25
N ARG X 889 -41.21 6.19 -59.50
CA ARG X 889 -40.75 7.14 -58.47
C ARG X 889 -41.85 7.78 -57.58
N GLN X 890 -41.43 8.70 -56.72
CA GLN X 890 -42.32 9.44 -55.82
C GLN X 890 -41.51 10.09 -54.72
N PHE X 891 -41.26 11.39 -54.81
CA PHE X 891 -40.48 12.02 -53.76
C PHE X 891 -41.31 13.03 -52.95
N ASP X 892 -42.61 13.10 -53.25
CA ASP X 892 -43.46 13.98 -52.50
C ASP X 892 -44.51 13.16 -51.74
N VAL X 893 -44.21 12.89 -50.48
CA VAL X 893 -45.08 12.08 -49.64
C VAL X 893 -45.77 12.95 -48.61
N THR X 894 -45.56 14.25 -48.74
CA THR X 894 -46.14 15.24 -47.84
C THR X 894 -47.66 15.24 -47.97
N SER X 895 -48.36 15.50 -46.87
CA SER X 895 -49.81 15.54 -46.88
C SER X 895 -50.34 16.19 -48.14
N ALA X 896 -49.92 17.41 -48.44
CA ALA X 896 -50.39 18.08 -49.66
C ALA X 896 -50.48 17.05 -50.79
N ALA X 897 -49.41 16.27 -50.93
CA ALA X 897 -49.35 15.23 -51.94
C ALA X 897 -50.49 14.24 -51.79
N ALA X 898 -50.88 13.94 -50.55
CA ALA X 898 -51.96 13.01 -50.30
C ALA X 898 -53.26 13.68 -50.71
N ALA X 899 -53.59 14.80 -50.08
CA ALA X 899 -54.82 15.51 -50.40
C ALA X 899 -54.94 15.65 -51.93
N GLU X 900 -53.85 16.02 -52.60
CA GLU X 900 -53.88 16.16 -54.05
C GLU X 900 -54.28 14.84 -54.70
N ILE X 901 -53.57 13.77 -54.34
CA ILE X 901 -53.84 12.43 -54.86
C ILE X 901 -55.27 12.09 -54.50
N MET X 902 -55.50 11.98 -53.19
CA MET X 902 -56.79 11.65 -52.60
C MET X 902 -57.94 12.51 -53.12
N HIS X 903 -57.58 13.61 -53.79
CA HIS X 903 -58.58 14.52 -54.32
C HIS X 903 -59.01 14.14 -55.72
N ALA X 904 -58.05 13.96 -56.62
CA ALA X 904 -58.37 13.57 -57.99
C ALA X 904 -59.23 12.30 -57.95
N VAL X 905 -58.82 11.34 -57.14
CA VAL X 905 -59.54 10.08 -56.98
C VAL X 905 -61.00 10.37 -56.64
N ASN X 906 -61.22 11.40 -55.81
CA ASN X 906 -62.56 11.77 -55.41
C ASN X 906 -63.29 12.48 -56.53
N ASP X 907 -62.54 12.84 -57.57
CA ASP X 907 -63.11 13.49 -58.75
C ASP X 907 -63.43 12.40 -59.73
N ALA X 908 -62.40 11.66 -60.09
CA ALA X 908 -62.53 10.54 -61.01
C ALA X 908 -63.86 9.81 -60.74
N PHE X 909 -64.21 9.63 -59.48
CA PHE X 909 -65.46 8.95 -59.16
C PHE X 909 -66.64 9.91 -59.28
N LYS X 910 -66.50 11.12 -58.74
CA LYS X 910 -67.57 12.11 -58.79
C LYS X 910 -67.94 12.37 -60.24
N THR X 911 -66.96 12.19 -61.13
CA THR X 911 -67.13 12.41 -62.56
C THR X 911 -67.63 11.13 -63.21
N ALA X 912 -67.05 10.01 -62.79
CA ALA X 912 -67.39 8.72 -63.35
C ALA X 912 -68.83 8.31 -63.10
N PHE X 913 -69.30 8.45 -61.87
CA PHE X 913 -70.66 8.06 -61.58
C PHE X 913 -71.59 9.24 -61.50
N ASP X 914 -70.99 10.44 -61.51
CA ASP X 914 -71.73 11.69 -61.43
C ASP X 914 -72.67 11.72 -60.21
N LEU X 915 -72.22 12.42 -59.18
CA LEU X 915 -73.03 12.51 -57.98
C LEU X 915 -72.61 13.72 -57.15
N ASP X 916 -73.41 14.78 -57.27
CA ASP X 916 -73.21 16.02 -56.56
C ASP X 916 -72.93 15.83 -55.05
N GLY X 917 -73.72 14.94 -54.42
CA GLY X 917 -73.58 14.64 -53.00
C GLY X 917 -72.13 14.48 -52.55
N ALA X 918 -71.82 14.96 -51.36
CA ALA X 918 -70.46 14.86 -50.84
C ALA X 918 -70.08 13.39 -50.61
N LEU X 919 -69.10 12.90 -51.37
CA LEU X 919 -68.62 11.53 -51.25
C LEU X 919 -67.12 11.59 -51.05
N LEU X 920 -66.57 10.79 -50.14
CA LEU X 920 -65.13 10.78 -49.90
C LEU X 920 -64.56 12.15 -49.46
N ASP X 921 -65.43 13.14 -49.27
CA ASP X 921 -64.99 14.44 -48.80
C ASP X 921 -64.92 14.26 -47.29
N GLY X 922 -64.71 15.35 -46.55
CA GLY X 922 -64.67 15.25 -45.10
C GLY X 922 -63.52 14.40 -44.55
N LEU X 923 -63.21 13.27 -45.20
CA LEU X 923 -62.10 12.45 -44.75
C LEU X 923 -60.90 13.39 -44.59
N ALA X 924 -60.74 14.29 -45.56
CA ALA X 924 -59.65 15.28 -45.54
C ALA X 924 -59.68 16.15 -44.27
N LEU X 925 -60.68 17.03 -44.19
CA LEU X 925 -60.87 17.96 -43.07
C LEU X 925 -59.60 18.30 -42.29
N TYR X 926 -59.10 17.35 -41.50
CA TYR X 926 -57.88 17.56 -40.72
C TYR X 926 -56.65 17.61 -41.61
N GLY X 927 -56.86 17.92 -42.89
CA GLY X 927 -55.77 18.01 -43.86
C GLY X 927 -54.72 16.90 -43.86
N ASP X 928 -55.13 15.65 -44.12
CA ASP X 928 -54.17 14.57 -44.15
C ASP X 928 -54.78 13.24 -44.55
N PRO X 929 -54.79 12.94 -45.85
CA PRO X 929 -55.35 11.67 -46.34
C PRO X 929 -54.46 10.49 -45.92
N ARG X 930 -53.14 10.73 -45.92
CA ARG X 930 -52.14 9.73 -45.57
C ARG X 930 -52.61 8.72 -44.54
N ILE X 931 -53.43 9.16 -43.58
CA ILE X 931 -53.93 8.24 -42.55
C ILE X 931 -55.45 8.25 -42.49
N ALA X 932 -56.11 8.12 -43.63
CA ALA X 932 -57.57 8.13 -43.59
C ALA X 932 -58.08 6.85 -42.94
N ASP X 933 -58.87 6.97 -41.88
CA ASP X 933 -59.41 5.77 -41.26
C ASP X 933 -60.63 5.99 -40.40
N LEU X 934 -61.70 5.28 -40.74
CA LEU X 934 -62.96 5.43 -40.02
C LEU X 934 -63.15 4.61 -38.74
N SER X 935 -63.93 5.18 -37.82
CA SER X 935 -64.19 4.53 -36.55
C SER X 935 -65.19 5.37 -35.72
N ALA X 936 -66.24 4.73 -35.22
CA ALA X 936 -67.24 5.40 -34.38
C ALA X 936 -67.06 4.77 -33.00
N ALA X 937 -67.57 5.39 -31.94
CA ALA X 937 -67.40 4.79 -30.60
C ALA X 937 -67.82 5.70 -29.46
N TYR X 938 -68.81 5.28 -28.67
CA TYR X 938 -69.24 6.12 -27.55
C TYR X 938 -68.47 5.83 -26.26
N LEU X 939 -68.77 6.56 -25.19
CA LEU X 939 -68.06 6.38 -23.95
C LEU X 939 -68.99 6.59 -22.76
N GLN X 940 -69.34 5.52 -22.05
CA GLN X 940 -70.20 5.63 -20.86
C GLN X 940 -69.37 6.17 -19.71
N TYR X 941 -69.94 7.11 -18.95
CA TYR X 941 -69.28 7.74 -17.81
C TYR X 941 -68.36 6.79 -17.03
N GLY X 942 -68.89 5.62 -16.66
CA GLY X 942 -68.12 4.64 -15.92
C GLY X 942 -66.69 4.39 -16.42
N GLY X 943 -66.58 3.80 -17.60
CA GLY X 943 -65.27 3.54 -18.16
C GLY X 943 -65.40 3.03 -19.58
N ASN X 944 -66.14 1.94 -19.73
CA ASN X 944 -66.43 1.27 -21.01
C ASN X 944 -66.41 2.23 -22.22
N VAL X 945 -65.60 1.91 -23.23
CA VAL X 945 -65.49 2.78 -24.39
C VAL X 945 -65.99 2.20 -25.73
N VAL X 946 -66.49 0.97 -25.71
CA VAL X 946 -67.01 0.36 -26.95
C VAL X 946 -66.14 0.32 -28.23
N ARG X 947 -66.12 1.40 -29.02
CA ARG X 947 -65.32 1.42 -30.27
C ARG X 947 -65.95 0.47 -31.27
N GLU X 948 -65.94 0.86 -32.54
CA GLU X 948 -66.58 0.05 -33.55
C GLU X 948 -66.11 0.61 -34.87
N HIS X 949 -64.84 0.36 -35.21
CA HIS X 949 -64.32 0.94 -36.44
C HIS X 949 -64.65 0.24 -37.74
N VAL X 950 -65.63 0.83 -38.41
CA VAL X 950 -66.11 0.37 -39.69
C VAL X 950 -64.97 0.36 -40.69
N PRO X 951 -64.58 -0.83 -41.17
CA PRO X 951 -63.50 -0.91 -42.15
C PRO X 951 -64.20 -1.04 -43.50
N PRO X 952 -63.56 -0.64 -44.60
CA PRO X 952 -64.20 -0.75 -45.92
C PRO X 952 -64.59 -2.18 -46.18
N GLY X 953 -65.74 -2.41 -46.81
CA GLY X 953 -66.14 -3.77 -47.12
C GLY X 953 -65.20 -4.30 -48.19
N PRO X 954 -65.25 -5.60 -48.53
CA PRO X 954 -64.37 -6.18 -49.57
C PRO X 954 -64.82 -5.70 -50.95
N SER X 955 -64.20 -4.62 -51.44
CA SER X 955 -64.58 -3.99 -52.71
C SER X 955 -64.05 -4.55 -54.04
N HIS X 956 -64.83 -4.31 -55.10
CA HIS X 956 -64.52 -4.77 -56.45
C HIS X 956 -63.52 -4.00 -57.32
N ILE X 957 -63.17 -2.77 -56.93
CA ILE X 957 -62.22 -2.00 -57.73
C ILE X 957 -60.81 -2.03 -57.10
N HIS X 958 -60.75 -2.34 -55.81
CA HIS X 958 -59.46 -2.48 -55.14
C HIS X 958 -58.84 -3.73 -55.78
N ARG X 959 -59.49 -4.23 -56.85
CA ARG X 959 -59.00 -5.38 -57.60
C ARG X 959 -58.65 -4.78 -58.96
N ALA X 960 -59.67 -4.58 -59.78
CA ALA X 960 -59.54 -4.02 -61.13
C ALA X 960 -58.35 -3.08 -61.31
N LEU X 961 -58.38 -1.93 -60.65
CA LEU X 961 -57.29 -0.94 -60.73
C LEU X 961 -55.97 -1.69 -60.48
N GLN X 962 -55.92 -2.37 -59.34
CA GLN X 962 -54.75 -3.15 -58.95
C GLN X 962 -54.33 -4.00 -60.14
N GLN X 963 -55.32 -4.71 -60.69
CA GLN X 963 -55.13 -5.59 -61.84
C GLN X 963 -54.55 -4.88 -63.05
N VAL X 964 -54.90 -3.61 -63.21
CA VAL X 964 -54.41 -2.80 -64.32
C VAL X 964 -52.97 -2.40 -64.07
N GLU X 965 -52.63 -2.11 -62.82
CA GLU X 965 -51.28 -1.71 -62.50
C GLU X 965 -50.34 -2.89 -62.59
N SER X 966 -50.86 -4.10 -62.44
CA SER X 966 -49.98 -5.25 -62.56
C SER X 966 -49.59 -5.26 -64.02
N THR X 967 -50.60 -5.16 -64.88
CA THR X 967 -50.39 -5.18 -66.31
C THR X 967 -49.80 -3.91 -66.87
N PHE X 968 -50.06 -2.77 -66.24
CA PHE X 968 -49.47 -1.55 -66.77
C PHE X 968 -47.96 -1.80 -66.76
N MET X 969 -47.43 -2.04 -65.57
CA MET X 969 -46.01 -2.32 -65.36
C MET X 969 -45.43 -3.12 -66.51
N ALA X 970 -46.11 -4.22 -66.85
CA ALA X 970 -45.67 -5.10 -67.93
C ALA X 970 -45.60 -4.43 -69.31
N GLU X 971 -46.68 -3.74 -69.69
CA GLU X 971 -46.75 -3.09 -71.00
C GLU X 971 -46.83 -1.54 -70.98
N MET X 972 -45.82 -0.90 -70.35
CA MET X 972 -45.78 0.57 -70.26
C MET X 972 -45.82 1.26 -71.60
N ASN X 973 -44.83 0.93 -72.42
CA ASN X 973 -44.71 1.47 -73.76
C ASN X 973 -46.05 1.83 -74.40
N LEU X 974 -47.03 0.94 -74.29
CA LEU X 974 -48.36 1.21 -74.86
C LEU X 974 -49.00 2.49 -74.32
N PHE X 975 -48.33 3.18 -73.38
CA PHE X 975 -48.82 4.42 -72.78
C PHE X 975 -47.77 5.52 -72.89
N ASN X 976 -46.74 5.30 -73.71
CA ASN X 976 -45.67 6.26 -73.88
C ASN X 976 -44.80 6.31 -72.63
N VAL X 977 -44.31 5.19 -72.13
CA VAL X 977 -43.50 5.30 -70.91
C VAL X 977 -42.31 4.34 -70.78
N ALA X 978 -41.37 4.38 -71.72
CA ALA X 978 -40.19 3.51 -71.68
C ALA X 978 -39.63 3.35 -70.28
N ARG X 979 -39.00 2.22 -70.00
CA ARG X 979 -38.39 1.98 -68.69
C ARG X 979 -36.86 2.04 -68.83
N GLY X 980 -36.14 1.16 -68.13
CA GLY X 980 -34.69 1.17 -68.22
C GLY X 980 -34.07 2.55 -68.07
N ASN X 981 -32.91 2.76 -68.69
CA ASN X 981 -32.24 4.05 -68.62
C ASN X 981 -32.06 4.61 -70.01
N LEU X 982 -31.30 5.69 -70.12
CA LEU X 982 -31.06 6.34 -71.39
C LEU X 982 -29.57 6.52 -71.63
N TYR X 983 -29.07 6.02 -72.74
CA TYR X 983 -27.65 6.17 -73.03
C TYR X 983 -27.37 7.37 -73.95
N LEU X 984 -26.21 7.96 -73.77
CA LEU X 984 -25.80 9.08 -74.60
C LEU X 984 -24.41 8.76 -75.12
N VAL X 985 -24.33 8.17 -76.31
CA VAL X 985 -23.05 7.85 -76.89
C VAL X 985 -23.11 8.27 -78.35
N GLN X 986 -22.04 8.89 -78.85
CA GLN X 986 -22.06 9.33 -80.23
C GLN X 986 -21.84 8.20 -81.22
N THR X 987 -22.90 7.45 -81.51
CA THR X 987 -22.79 6.37 -82.48
C THR X 987 -23.25 6.99 -83.79
N ALA X 988 -22.36 7.08 -84.77
CA ALA X 988 -22.72 7.65 -86.06
C ALA X 988 -22.73 6.52 -87.05
N THR X 989 -23.87 5.85 -87.17
CA THR X 989 -23.98 4.72 -88.08
C THR X 989 -24.59 5.06 -89.44
N ASN X 990 -24.93 3.99 -90.16
CA ASN X 990 -25.53 4.07 -91.48
C ASN X 990 -26.58 2.97 -91.62
N GLY X 991 -26.52 1.99 -90.72
CA GLY X 991 -27.47 0.89 -90.75
C GLY X 991 -28.80 1.17 -90.06
N ASN X 992 -29.56 0.13 -89.76
CA ASN X 992 -30.84 0.33 -89.11
C ASN X 992 -30.71 0.77 -87.67
N TRP X 993 -30.48 2.06 -87.44
CA TRP X 993 -30.39 2.59 -86.07
C TRP X 993 -31.70 2.22 -85.37
N SER X 994 -31.63 1.75 -84.12
CA SER X 994 -32.86 1.37 -83.43
C SER X 994 -32.87 1.79 -81.96
N PRO X 995 -33.11 3.08 -81.69
CA PRO X 995 -33.13 3.61 -80.32
C PRO X 995 -33.91 2.76 -79.34
N MET X 996 -35.14 2.40 -79.70
CA MET X 996 -35.99 1.63 -78.82
C MET X 996 -35.48 0.22 -78.50
N ALA X 997 -35.79 -0.76 -79.35
CA ALA X 997 -35.33 -2.13 -79.14
C ALA X 997 -33.85 -2.20 -79.54
N PRO X 998 -32.94 -2.11 -78.55
CA PRO X 998 -31.50 -2.14 -78.76
C PRO X 998 -30.89 -3.55 -78.89
N VAL X 999 -30.27 -3.84 -80.03
CA VAL X 999 -29.64 -5.14 -80.23
C VAL X 999 -28.35 -5.16 -79.42
N ALA X 1000 -27.93 -6.34 -78.98
CA ALA X 1000 -26.70 -6.53 -78.18
C ALA X 1000 -26.76 -5.95 -76.76
N ALA X 1001 -25.69 -6.21 -75.98
CA ALA X 1001 -25.61 -5.71 -74.60
C ALA X 1001 -25.35 -4.19 -74.61
N PRO X 1002 -25.95 -3.45 -73.66
CA PRO X 1002 -25.74 -2.00 -73.61
C PRO X 1002 -24.27 -1.70 -73.24
N PRO X 1003 -23.63 -0.74 -73.92
CA PRO X 1003 -22.24 -0.48 -73.54
C PRO X 1003 -22.19 0.09 -72.14
N PHE X 1004 -21.15 -0.27 -71.39
CA PHE X 1004 -20.90 0.18 -70.01
C PHE X 1004 -22.09 0.34 -69.02
N VAL X 1005 -22.42 -0.73 -68.32
CA VAL X 1005 -23.49 -0.68 -67.32
C VAL X 1005 -22.93 -0.03 -66.05
N ARG X 1006 -23.80 0.39 -65.13
CA ARG X 1006 -23.33 1.00 -63.88
C ARG X 1006 -22.38 0.08 -63.11
N GLY X 1007 -21.39 0.66 -62.43
CA GLY X 1007 -20.45 -0.15 -61.68
C GLY X 1007 -19.59 -1.06 -62.54
N GLY X 1008 -19.46 -0.72 -63.82
CA GLY X 1008 -18.63 -1.50 -64.73
C GLY X 1008 -17.17 -1.03 -64.62
N PRO X 1009 -16.21 -1.72 -65.27
CA PRO X 1009 -14.81 -1.28 -65.19
C PRO X 1009 -14.65 0.18 -65.61
N ASN X 1010 -14.02 0.97 -64.74
CA ASN X 1010 -13.81 2.41 -64.95
C ASN X 1010 -15.06 3.11 -65.49
N VAL X 1011 -16.10 3.14 -64.66
CA VAL X 1011 -17.37 3.78 -64.99
C VAL X 1011 -17.87 4.58 -63.79
N ARG X 1012 -17.20 5.70 -63.50
CA ARG X 1012 -17.55 6.55 -62.36
C ARG X 1012 -18.88 7.27 -62.45
N VAL X 1013 -19.55 7.35 -61.30
CA VAL X 1013 -20.84 8.01 -61.16
C VAL X 1013 -20.61 9.51 -60.97
N VAL X 1014 -21.69 10.29 -60.89
CA VAL X 1014 -21.56 11.73 -60.67
C VAL X 1014 -21.97 12.03 -59.24
N GLY X 1015 -21.06 12.62 -58.47
CA GLY X 1015 -21.37 12.94 -57.08
C GLY X 1015 -22.58 13.84 -57.03
N ARG X 1016 -23.52 13.53 -56.13
CA ARG X 1016 -24.79 14.27 -55.92
C ARG X 1016 -24.92 15.68 -56.47
N PHE X 1017 -24.00 16.59 -56.12
CA PHE X 1017 -24.05 17.97 -56.62
C PHE X 1017 -23.83 18.09 -58.13
N GLY X 1018 -22.92 17.28 -58.68
CA GLY X 1018 -22.63 17.30 -60.11
C GLY X 1018 -21.70 18.42 -60.51
N THR X 1019 -21.09 19.04 -59.51
CA THR X 1019 -20.20 20.15 -59.72
C THR X 1019 -18.96 19.79 -60.52
N ILE X 1020 -18.45 20.75 -61.29
CA ILE X 1020 -17.25 20.58 -62.12
C ILE X 1020 -16.18 21.55 -61.67
N VAL X 1021 -15.08 21.05 -61.13
CA VAL X 1021 -14.02 21.95 -60.71
C VAL X 1021 -13.09 22.22 -61.88
N PRO X 1022 -12.84 23.51 -62.18
CA PRO X 1022 -11.95 23.88 -63.29
C PRO X 1022 -10.47 23.74 -62.90
N ARG X 1023 -9.59 23.48 -63.86
CA ARG X 1023 -8.14 23.34 -63.56
C ARG X 1023 -7.34 24.37 -64.36
N PRO X 1024 -6.28 24.92 -63.76
CA PRO X 1024 -5.40 25.94 -64.38
C PRO X 1024 -4.76 25.55 -65.72
N ASN X 1025 -3.79 26.36 -66.14
CA ASN X 1025 -3.06 26.20 -67.40
C ASN X 1025 -3.32 24.92 -68.19
N GLY X 1026 -4.33 24.96 -69.04
CA GLY X 1026 -4.67 23.82 -69.88
C GLY X 1026 -4.69 22.44 -69.26
N LEU X 1027 -5.68 22.17 -68.42
CA LEU X 1027 -5.87 20.87 -67.80
C LEU X 1027 -7.38 20.63 -67.86
N GLU X 1028 -7.78 19.38 -68.07
CA GLU X 1028 -9.19 19.03 -68.15
C GLU X 1028 -10.00 19.42 -66.92
N PRO X 1029 -11.21 19.98 -67.12
CA PRO X 1029 -12.04 20.34 -65.97
C PRO X 1029 -12.49 19.01 -65.30
N GLN X 1030 -12.11 18.79 -64.05
CA GLN X 1030 -12.51 17.56 -63.36
C GLN X 1030 -14.00 17.64 -62.99
N LEU X 1031 -14.72 16.54 -63.21
CA LEU X 1031 -16.14 16.43 -62.89
C LEU X 1031 -16.19 15.71 -61.54
N ILE X 1032 -16.57 16.40 -60.46
CA ILE X 1032 -16.60 15.78 -59.13
C ILE X 1032 -17.42 14.51 -59.19
N ASP X 1033 -16.75 13.37 -59.08
CA ASP X 1033 -17.40 12.06 -59.12
C ASP X 1033 -18.18 11.77 -57.84
N ASP X 1034 -18.80 10.59 -57.79
CA ASP X 1034 -19.58 10.21 -56.63
C ASP X 1034 -18.86 10.18 -55.29
N GLY X 1035 -17.77 9.42 -55.19
CA GLY X 1035 -17.01 9.32 -53.94
C GLY X 1035 -16.54 10.67 -53.41
N ASN X 1036 -16.75 11.71 -54.22
CA ASN X 1036 -16.36 13.08 -53.89
C ASN X 1036 -14.85 13.26 -54.07
N VAL X 1037 -14.40 12.92 -55.29
CA VAL X 1037 -13.00 13.00 -55.70
C VAL X 1037 -13.01 13.33 -57.19
N PRO X 1038 -13.06 14.62 -57.54
CA PRO X 1038 -13.09 15.07 -58.93
C PRO X 1038 -12.36 14.16 -59.92
N ARG X 1039 -13.10 13.64 -60.89
CA ARG X 1039 -12.50 12.80 -61.91
C ARG X 1039 -12.61 13.51 -63.25
N ASP X 1040 -12.10 12.93 -64.33
CA ASP X 1040 -12.16 13.62 -65.62
C ASP X 1040 -13.21 13.15 -66.61
N ILE X 1041 -13.81 14.13 -67.29
CA ILE X 1041 -14.87 13.95 -68.25
C ILE X 1041 -14.68 12.93 -69.38
N ALA X 1042 -13.46 12.80 -69.90
CA ALA X 1042 -13.25 11.85 -70.98
C ALA X 1042 -13.28 10.42 -70.43
N GLY X 1043 -14.47 9.84 -70.34
CA GLY X 1043 -14.59 8.48 -69.83
C GLY X 1043 -16.01 7.95 -69.95
N ASP X 1044 -16.47 7.19 -68.95
CA ASP X 1044 -17.84 6.68 -68.96
C ASP X 1044 -18.55 7.08 -67.70
N TRP X 1045 -19.56 7.92 -67.83
CA TRP X 1045 -20.25 8.39 -66.65
C TRP X 1045 -21.64 7.83 -66.43
N VAL X 1046 -22.06 7.80 -65.18
CA VAL X 1046 -23.40 7.33 -64.83
C VAL X 1046 -24.07 8.49 -64.12
N TYR X 1047 -24.97 9.18 -64.83
CA TYR X 1047 -25.67 10.35 -64.30
C TYR X 1047 -26.98 10.16 -63.54
N PRO X 1048 -26.93 10.02 -62.19
CA PRO X 1048 -28.19 9.84 -61.46
C PRO X 1048 -29.11 11.00 -61.84
N SER X 1049 -30.11 10.70 -62.67
CA SER X 1049 -31.06 11.69 -63.16
C SER X 1049 -31.26 12.93 -62.31
N ASP X 1050 -31.66 12.76 -61.06
CA ASP X 1050 -31.86 13.91 -60.17
C ASP X 1050 -30.69 14.87 -60.31
N VAL X 1051 -29.46 14.34 -60.23
CA VAL X 1051 -28.27 15.17 -60.37
C VAL X 1051 -28.37 16.03 -61.64
N LEU X 1052 -28.66 15.35 -62.75
CA LEU X 1052 -28.78 16.01 -64.04
C LEU X 1052 -29.84 17.13 -64.07
N GLN X 1053 -30.70 17.18 -63.06
CA GLN X 1053 -31.73 18.21 -63.02
C GLN X 1053 -31.26 19.52 -62.38
N VAL X 1054 -30.45 19.40 -61.35
CA VAL X 1054 -29.94 20.59 -60.67
C VAL X 1054 -28.56 20.84 -61.22
N SER X 1055 -28.30 20.40 -62.44
CA SER X 1055 -26.96 20.56 -62.95
C SER X 1055 -26.79 20.83 -64.43
N VAL X 1056 -27.82 20.58 -65.24
CA VAL X 1056 -27.70 20.78 -66.69
C VAL X 1056 -26.80 21.96 -67.09
N ALA X 1057 -27.07 23.16 -66.56
CA ALA X 1057 -26.25 24.33 -66.88
C ALA X 1057 -24.77 23.93 -67.02
N VAL X 1058 -24.34 22.97 -66.19
CA VAL X 1058 -22.98 22.46 -66.23
C VAL X 1058 -22.90 21.36 -67.27
N PHE X 1059 -23.69 20.30 -67.08
CA PHE X 1059 -23.69 19.18 -68.01
C PHE X 1059 -23.48 19.64 -69.44
N ARG X 1060 -24.39 20.49 -69.91
CA ARG X 1060 -24.32 21.01 -71.27
C ARG X 1060 -23.05 21.79 -71.61
N ASP X 1061 -22.38 22.34 -70.60
CA ASP X 1061 -21.18 23.12 -70.88
C ASP X 1061 -19.85 22.40 -70.76
N TYR X 1062 -19.83 21.20 -70.22
CA TYR X 1062 -18.55 20.53 -70.11
C TYR X 1062 -18.59 19.08 -70.50
N VAL X 1063 -19.65 18.37 -70.13
CA VAL X 1063 -19.70 16.98 -70.51
C VAL X 1063 -20.34 16.86 -71.88
N TRP X 1064 -21.31 17.72 -72.18
CA TRP X 1064 -21.96 17.65 -73.48
C TRP X 1064 -20.98 17.87 -74.63
N PRO X 1065 -20.21 18.97 -74.61
CA PRO X 1065 -19.27 19.20 -75.70
C PRO X 1065 -18.36 17.99 -75.82
N MET X 1066 -18.27 17.25 -74.73
CA MET X 1066 -17.42 16.07 -74.69
C MET X 1066 -18.06 14.87 -75.39
N VAL X 1067 -19.33 14.59 -75.07
CA VAL X 1067 -20.03 13.46 -75.67
C VAL X 1067 -20.08 13.59 -77.19
N LYS X 1068 -20.29 14.80 -77.69
CA LYS X 1068 -20.35 14.98 -79.12
C LYS X 1068 -19.03 14.59 -79.73
N ALA X 1069 -17.93 15.05 -79.13
CA ALA X 1069 -16.60 14.73 -79.63
C ALA X 1069 -16.43 13.23 -79.69
N GLY X 1070 -17.37 12.51 -79.08
CA GLY X 1070 -17.30 11.06 -79.10
C GLY X 1070 -16.20 10.55 -78.19
N ARG X 1071 -16.16 11.08 -76.96
CA ARG X 1071 -15.16 10.66 -76.00
C ARG X 1071 -15.65 10.58 -74.58
N THR X 1072 -16.96 10.42 -74.40
CA THR X 1072 -17.49 10.31 -73.05
C THR X 1072 -18.91 9.77 -72.96
N ARG X 1073 -19.09 8.52 -73.36
CA ARG X 1073 -20.39 7.89 -73.31
C ARG X 1073 -20.94 8.08 -71.91
N VAL X 1074 -22.14 8.65 -71.78
CA VAL X 1074 -22.75 8.85 -70.47
C VAL X 1074 -24.09 8.15 -70.39
N LEU X 1075 -24.39 7.58 -69.24
CA LEU X 1075 -25.65 6.89 -69.01
C LEU X 1075 -26.49 7.78 -68.10
N VAL X 1076 -27.55 8.38 -68.62
CA VAL X 1076 -28.42 9.19 -67.76
C VAL X 1076 -29.32 8.13 -67.15
N GLU X 1077 -29.26 8.01 -65.83
CA GLU X 1077 -30.00 6.98 -65.12
C GLU X 1077 -31.28 7.50 -64.49
N LEU X 1078 -32.36 7.43 -65.26
CA LEU X 1078 -33.68 7.86 -64.79
C LEU X 1078 -34.63 6.67 -64.86
N GLY X 1079 -35.33 6.39 -63.76
CA GLY X 1079 -36.26 5.26 -63.69
C GLY X 1079 -37.19 4.94 -64.86
N HIS X 1080 -38.31 5.65 -64.96
CA HIS X 1080 -39.22 5.40 -66.06
C HIS X 1080 -39.59 6.75 -66.61
N TYR X 1081 -39.24 7.03 -67.85
CA TYR X 1081 -39.57 8.33 -68.42
C TYR X 1081 -40.64 8.25 -69.48
N VAL X 1082 -41.13 9.41 -69.88
CA VAL X 1082 -42.12 9.49 -70.95
C VAL X 1082 -41.19 9.56 -72.17
N TYR X 1083 -41.58 9.01 -73.32
CA TYR X 1083 -40.66 9.04 -74.45
C TYR X 1083 -41.20 9.46 -75.82
N THR X 1084 -40.79 10.62 -76.29
CA THR X 1084 -41.21 11.12 -77.61
C THR X 1084 -40.35 10.50 -78.73
N LEU X 1085 -41.00 10.09 -79.81
CA LEU X 1085 -40.26 9.52 -80.93
C LEU X 1085 -40.22 10.59 -82.02
N HIS X 1086 -39.35 10.39 -83.00
CA HIS X 1086 -39.21 11.33 -84.10
C HIS X 1086 -38.68 10.54 -85.28
N TYR X 1087 -39.56 10.12 -86.18
CA TYR X 1087 -39.12 9.37 -87.34
C TYR X 1087 -38.55 10.29 -88.41
N TYR X 1088 -37.30 10.07 -88.79
CA TYR X 1088 -36.67 10.88 -89.82
C TYR X 1088 -36.55 9.99 -91.04
N ASP X 1089 -35.97 10.51 -92.12
CA ASP X 1089 -35.83 9.72 -93.33
C ASP X 1089 -34.38 9.31 -93.66
N PRO X 1090 -34.05 8.02 -93.48
CA PRO X 1090 -32.70 7.46 -93.73
C PRO X 1090 -32.08 7.85 -95.08
N GLN X 1091 -32.91 8.21 -96.05
CA GLN X 1091 -32.41 8.63 -97.34
C GLN X 1091 -31.50 9.81 -97.11
N ILE X 1092 -32.12 10.93 -96.75
CA ILE X 1092 -31.46 12.21 -96.47
C ILE X 1092 -30.58 12.12 -95.22
N SER X 1093 -29.60 13.02 -95.10
CA SER X 1093 -28.69 13.04 -93.95
C SER X 1093 -29.32 13.80 -92.77
N LEU X 1094 -28.90 13.47 -91.55
CA LEU X 1094 -29.44 14.13 -90.36
C LEU X 1094 -28.54 13.95 -89.17
N ASP X 1095 -28.47 14.96 -88.31
CA ASP X 1095 -27.64 14.79 -87.13
C ASP X 1095 -28.43 15.06 -85.86
N GLU X 1096 -28.83 13.98 -85.21
CA GLU X 1096 -29.64 14.00 -84.00
C GLU X 1096 -29.16 14.86 -82.82
N ALA X 1097 -28.15 15.70 -83.02
CA ALA X 1097 -27.65 16.50 -81.91
C ALA X 1097 -28.59 17.58 -81.39
N PRO X 1098 -29.17 18.42 -82.27
CA PRO X 1098 -30.09 19.49 -81.82
C PRO X 1098 -31.44 19.05 -81.26
N ILE X 1099 -31.93 17.89 -81.66
CA ILE X 1099 -33.19 17.38 -81.13
C ILE X 1099 -32.89 16.76 -79.77
N LEU X 1100 -31.69 17.05 -79.26
CA LEU X 1100 -31.23 16.52 -77.99
C LEU X 1100 -30.78 17.69 -77.16
N GLU X 1101 -29.99 18.57 -77.78
CA GLU X 1101 -29.48 19.75 -77.10
C GLU X 1101 -30.64 20.59 -76.62
N GLU X 1102 -31.72 20.58 -77.39
CA GLU X 1102 -32.91 21.33 -77.04
C GLU X 1102 -33.58 20.69 -75.83
N TRP X 1103 -33.67 19.36 -75.86
CA TRP X 1103 -34.26 18.62 -74.76
C TRP X 1103 -33.50 18.91 -73.48
N LEU X 1104 -32.17 19.07 -73.59
CA LEU X 1104 -31.37 19.39 -72.42
C LEU X 1104 -31.72 20.76 -71.89
N SER X 1105 -31.93 21.72 -72.80
CA SER X 1105 -32.26 23.09 -72.42
C SER X 1105 -33.68 23.24 -71.92
N LYS X 1106 -34.32 22.13 -71.62
CA LYS X 1106 -35.68 22.17 -71.11
C LYS X 1106 -35.78 21.32 -69.86
N ILE X 1107 -34.66 21.16 -69.15
CA ILE X 1107 -34.62 20.37 -67.93
C ILE X 1107 -34.38 21.30 -66.74
N ASN X 1108 -35.39 21.54 -65.91
CA ASN X 1108 -35.19 22.39 -64.73
C ASN X 1108 -34.91 21.50 -63.56
N PRO X 1109 -34.59 22.13 -62.40
CA PRO X 1109 -34.34 21.31 -61.21
C PRO X 1109 -35.74 20.79 -60.87
N ALA X 1110 -36.72 21.28 -61.63
CA ALA X 1110 -38.12 20.90 -61.47
C ALA X 1110 -38.54 19.69 -62.34
N GLY X 1111 -38.66 19.90 -63.65
CA GLY X 1111 -39.09 18.79 -64.50
C GLY X 1111 -38.39 18.64 -65.84
N ILE X 1112 -38.28 17.41 -66.32
CA ILE X 1112 -37.62 17.11 -67.59
C ILE X 1112 -38.64 16.74 -68.70
N PRO X 1113 -38.40 17.19 -69.96
CA PRO X 1113 -39.31 16.87 -71.07
C PRO X 1113 -39.20 15.42 -71.48
N PRO X 1114 -40.28 14.82 -72.02
CA PRO X 1114 -40.21 13.42 -72.43
C PRO X 1114 -39.02 13.12 -73.34
N VAL X 1115 -38.09 12.31 -72.84
CA VAL X 1115 -36.89 11.89 -73.58
C VAL X 1115 -37.19 11.66 -75.06
N PRO X 1116 -36.56 12.43 -75.96
CA PRO X 1116 -36.87 12.20 -77.38
C PRO X 1116 -35.85 11.30 -78.10
N PHE X 1117 -36.34 10.29 -78.83
CA PHE X 1117 -35.47 9.38 -79.59
C PHE X 1117 -35.75 9.50 -81.10
N CYS X 1118 -34.75 9.80 -81.91
CA CYS X 1118 -34.98 9.84 -83.36
C CYS X 1118 -34.99 8.40 -83.89
N ILE X 1119 -35.82 8.11 -84.89
CA ILE X 1119 -35.88 6.76 -85.46
C ILE X 1119 -36.14 6.84 -86.96
N PRO X 1120 -35.28 6.20 -87.79
CA PRO X 1120 -35.46 6.23 -89.26
C PRO X 1120 -36.80 5.59 -89.69
N ILE X 1121 -37.51 6.18 -90.65
CA ILE X 1121 -38.76 5.57 -91.09
C ILE X 1121 -38.41 4.36 -91.94
N PRO X 1122 -38.87 3.15 -91.57
CA PRO X 1122 -38.58 1.93 -92.33
C PRO X 1122 -39.02 1.92 -93.81
N GLN X 1123 -38.04 1.87 -94.70
CA GLN X 1123 -38.25 1.89 -96.16
C GLN X 1123 -38.72 0.56 -96.78
N VAL X 1124 -39.18 0.61 -98.02
CA VAL X 1124 -39.62 -0.61 -98.71
C VAL X 1124 -38.48 -1.23 -99.51
N TYR X 1125 -37.74 -0.41 -100.26
CA TYR X 1125 -36.63 -0.90 -101.07
C TYR X 1125 -35.28 -0.83 -100.33
N PRO X 1126 -34.19 -1.25 -100.99
CA PRO X 1126 -32.88 -1.20 -100.33
C PRO X 1126 -32.18 0.12 -100.71
N CYS X 1127 -32.63 1.23 -100.12
CA CYS X 1127 -32.11 2.59 -100.38
C CYS X 1127 -30.69 2.88 -99.90
N ILE X 1128 -30.00 3.84 -100.54
CA ILE X 1128 -28.65 4.20 -100.10
C ILE X 1128 -28.91 5.19 -98.97
N THR X 1129 -28.22 5.04 -97.84
CA THR X 1129 -28.48 5.90 -96.68
C THR X 1129 -27.37 6.87 -96.27
N ALA X 1130 -27.74 8.06 -95.82
CA ALA X 1130 -26.75 9.07 -95.40
C ALA X 1130 -26.29 8.89 -93.96
N ARG X 1131 -24.98 8.76 -93.72
CA ARG X 1131 -24.46 8.59 -92.35
C ARG X 1131 -24.94 9.64 -91.33
N ARG X 1132 -25.94 9.28 -90.53
CA ARG X 1132 -26.49 10.17 -89.52
C ARG X 1132 -25.73 9.95 -88.23
N VAL X 1133 -25.72 10.96 -87.36
CA VAL X 1133 -25.04 10.83 -86.07
C VAL X 1133 -26.11 10.83 -84.99
N HIS X 1134 -26.18 9.77 -84.19
CA HIS X 1134 -27.16 9.70 -83.12
C HIS X 1134 -26.49 9.70 -81.75
N TYR X 1135 -27.25 10.02 -80.70
CA TYR X 1135 -26.69 10.01 -79.35
C TYR X 1135 -27.58 9.28 -78.34
N ALA X 1136 -28.87 9.57 -78.37
CA ALA X 1136 -29.82 8.96 -77.44
C ALA X 1136 -30.27 7.57 -77.87
N PHE X 1137 -30.18 6.59 -76.98
CA PHE X 1137 -30.64 5.23 -77.27
C PHE X 1137 -30.79 4.49 -75.94
N THR X 1138 -32.00 4.00 -75.67
CA THR X 1138 -32.28 3.29 -74.42
C THR X 1138 -31.73 1.89 -74.28
N SER X 1139 -31.43 1.50 -73.05
CA SER X 1139 -30.88 0.18 -72.72
C SER X 1139 -31.96 -0.91 -72.71
N GLU X 1140 -33.03 -0.65 -71.96
CA GLU X 1140 -34.13 -1.59 -71.84
C GLU X 1140 -34.88 -1.70 -73.18
N ASN X 1141 -35.47 -2.86 -73.49
CA ASN X 1141 -36.22 -2.96 -74.75
C ASN X 1141 -37.57 -2.27 -74.62
N ASN X 1142 -37.60 -0.98 -74.94
CA ASN X 1142 -38.82 -0.23 -74.83
C ASN X 1142 -39.60 -0.13 -76.11
N ASN X 1143 -39.32 -1.03 -77.04
CA ASN X 1143 -40.03 -1.07 -78.33
C ASN X 1143 -41.11 -2.11 -78.19
N ASP X 1144 -42.21 -1.74 -77.54
CA ASP X 1144 -43.28 -2.69 -77.29
C ASP X 1144 -44.62 -2.34 -77.87
N SER X 1145 -44.67 -1.25 -78.64
CA SER X 1145 -45.92 -0.81 -79.23
C SER X 1145 -45.69 -0.58 -80.72
N LEU X 1146 -44.58 -1.08 -81.25
CA LEU X 1146 -44.28 -0.89 -82.66
C LEU X 1146 -45.36 -1.51 -83.55
N PHE X 1147 -45.97 -2.61 -83.09
CA PHE X 1147 -47.06 -3.34 -83.77
C PHE X 1147 -46.69 -3.82 -85.18
N SER X 1148 -46.43 -2.88 -86.05
CA SER X 1148 -46.12 -3.27 -87.42
C SER X 1148 -45.10 -2.37 -88.07
N THR X 1149 -44.32 -2.94 -89.00
CA THR X 1149 -43.28 -2.11 -89.61
C THR X 1149 -43.61 -1.56 -90.96
N ASN X 1150 -44.35 -2.27 -91.78
CA ASN X 1150 -44.72 -1.74 -93.07
C ASN X 1150 -45.98 -2.44 -93.44
N ALA X 1151 -47.09 -1.95 -92.93
CA ALA X 1151 -48.38 -2.58 -93.19
C ALA X 1151 -48.51 -2.90 -94.67
N ALA X 1152 -48.78 -1.89 -95.47
CA ALA X 1152 -49.03 -1.99 -96.91
C ALA X 1152 -47.86 -2.47 -97.79
N SER X 1153 -46.64 -2.13 -97.43
CA SER X 1153 -45.45 -2.54 -98.20
C SER X 1153 -45.36 -4.06 -98.36
N ILE X 1154 -44.98 -4.54 -99.56
CA ILE X 1154 -44.89 -5.99 -99.77
C ILE X 1154 -43.72 -6.54 -98.97
N ASP X 1155 -42.95 -5.67 -98.33
CA ASP X 1155 -41.78 -6.10 -97.57
C ASP X 1155 -40.91 -4.89 -97.22
N THR X 1156 -40.55 -4.74 -95.96
CA THR X 1156 -39.69 -3.61 -95.55
C THR X 1156 -38.26 -4.01 -95.97
N ALA X 1157 -37.45 -3.05 -96.44
CA ALA X 1157 -36.09 -3.39 -96.87
C ALA X 1157 -34.98 -2.78 -96.03
N PHE X 1158 -35.08 -1.49 -95.72
CA PHE X 1158 -34.03 -0.91 -94.88
C PHE X 1158 -34.52 -0.71 -93.44
N GLY X 1159 -35.78 -0.33 -93.29
CA GLY X 1159 -36.29 -0.15 -91.94
C GLY X 1159 -36.26 -1.48 -91.20
N GLU X 1160 -36.66 -1.50 -89.93
CA GLU X 1160 -36.67 -2.77 -89.19
C GLU X 1160 -38.02 -3.46 -89.36
N ASN X 1161 -38.06 -4.45 -90.25
CA ASN X 1161 -39.27 -5.23 -90.47
C ASN X 1161 -39.79 -5.63 -89.08
N ALA X 1162 -41.09 -5.51 -88.88
CA ALA X 1162 -41.69 -5.86 -87.61
C ALA X 1162 -43.05 -6.46 -87.91
N ALA X 1163 -43.04 -7.66 -88.49
CA ALA X 1163 -44.28 -8.36 -88.84
C ALA X 1163 -45.22 -8.36 -87.64
N VAL X 1164 -46.51 -8.11 -87.88
CA VAL X 1164 -47.51 -8.09 -86.81
C VAL X 1164 -47.30 -9.30 -85.89
N SER X 1165 -46.83 -9.04 -84.67
CA SER X 1165 -46.57 -10.13 -83.72
C SER X 1165 -47.81 -10.98 -83.46
N PRO X 1166 -47.70 -12.30 -83.70
CA PRO X 1166 -48.83 -13.20 -83.46
C PRO X 1166 -49.13 -13.32 -81.97
N LEU X 1167 -48.09 -13.21 -81.15
CA LEU X 1167 -48.25 -13.32 -79.70
C LEU X 1167 -49.31 -12.37 -79.17
N ARG X 1168 -49.66 -11.36 -79.96
CA ARG X 1168 -50.66 -10.39 -79.55
C ARG X 1168 -52.07 -10.88 -79.82
N TRP X 1169 -52.21 -11.71 -80.86
CA TRP X 1169 -53.51 -12.22 -81.29
C TRP X 1169 -53.69 -13.72 -81.12
N PRO X 1170 -53.44 -14.25 -79.92
CA PRO X 1170 -53.60 -15.69 -79.76
C PRO X 1170 -54.94 -16.15 -80.27
N GLY X 1171 -56.00 -15.51 -79.75
CA GLY X 1171 -57.33 -15.86 -80.19
C GLY X 1171 -57.45 -15.91 -81.71
N LEU X 1172 -57.00 -14.85 -82.38
CA LEU X 1172 -57.08 -14.76 -83.83
C LEU X 1172 -56.24 -15.69 -84.71
N VAL X 1173 -55.04 -16.07 -84.29
CA VAL X 1173 -54.22 -16.93 -85.20
C VAL X 1173 -53.61 -18.20 -84.64
N ASP X 1174 -53.73 -18.48 -83.34
CA ASP X 1174 -53.10 -19.69 -82.79
C ASP X 1174 -54.01 -20.91 -82.81
N PRO X 1175 -53.54 -22.02 -83.39
CA PRO X 1175 -54.29 -23.29 -83.45
C PRO X 1175 -54.58 -23.80 -82.05
N ASN X 1176 -53.55 -23.79 -81.18
CA ASN X 1176 -53.69 -24.26 -79.83
C ASN X 1176 -54.50 -23.34 -78.93
N TYR X 1177 -54.72 -22.09 -79.33
CA TYR X 1177 -55.49 -21.17 -78.49
C TYR X 1177 -56.84 -21.80 -78.17
N ARG X 1178 -57.28 -21.59 -76.92
CA ARG X 1178 -58.55 -22.14 -76.46
C ARG X 1178 -59.42 -20.97 -76.05
N VAL X 1179 -60.65 -20.90 -76.57
CA VAL X 1179 -61.56 -19.80 -76.25
C VAL X 1179 -61.84 -19.66 -74.75
N GLY X 1180 -61.14 -18.72 -74.12
CA GLY X 1180 -61.31 -18.49 -72.68
C GLY X 1180 -59.99 -18.48 -71.92
N THR X 1181 -58.90 -18.05 -72.56
CA THR X 1181 -57.59 -18.00 -71.93
C THR X 1181 -56.90 -16.71 -72.34
N ASN X 1182 -56.16 -16.08 -71.44
CA ASN X 1182 -55.50 -14.82 -71.75
C ASN X 1182 -54.37 -14.53 -70.78
N ASP X 1183 -53.13 -14.40 -71.26
CA ASP X 1183 -52.03 -14.08 -70.34
C ASP X 1183 -52.27 -12.63 -69.95
N LEU X 1184 -53.26 -12.42 -69.08
CA LEU X 1184 -53.64 -11.08 -68.71
C LEU X 1184 -52.64 -10.22 -67.96
N PRO X 1185 -51.61 -10.82 -67.36
CA PRO X 1185 -50.72 -9.89 -66.66
C PRO X 1185 -49.33 -9.84 -67.30
N ASN X 1186 -49.27 -9.84 -68.63
CA ASN X 1186 -48.02 -9.79 -69.39
C ASN X 1186 -48.13 -9.19 -70.77
N ARG X 1187 -49.11 -9.65 -71.53
CA ARG X 1187 -49.36 -9.15 -72.88
C ARG X 1187 -50.83 -8.74 -72.87
N ILE X 1188 -51.30 -8.13 -73.96
CA ILE X 1188 -52.71 -7.76 -74.02
C ILE X 1188 -53.32 -8.26 -75.33
N THR X 1189 -53.86 -9.46 -75.32
CA THR X 1189 -54.44 -10.03 -76.53
C THR X 1189 -55.56 -9.16 -77.14
N LEU X 1190 -55.20 -8.34 -78.12
CA LEU X 1190 -56.14 -7.45 -78.80
C LEU X 1190 -57.28 -8.15 -79.54
N TYR X 1191 -57.53 -9.43 -79.24
CA TYR X 1191 -58.60 -10.16 -79.90
C TYR X 1191 -59.00 -11.37 -79.11
N ASN X 1192 -59.95 -11.23 -78.21
CA ASN X 1192 -60.38 -12.36 -77.39
C ASN X 1192 -61.82 -12.74 -77.64
N SER X 1193 -62.34 -13.60 -76.75
CA SER X 1193 -63.72 -14.02 -76.77
C SER X 1193 -64.31 -13.20 -75.62
N LEU X 1194 -65.62 -13.05 -75.56
CA LEU X 1194 -66.20 -12.28 -74.47
C LEU X 1194 -67.71 -12.30 -74.50
N TYR X 1195 -68.32 -12.50 -73.34
CA TYR X 1195 -69.77 -12.55 -73.22
C TYR X 1195 -70.45 -11.18 -73.23
N ARG X 1196 -71.25 -10.88 -74.25
CA ARG X 1196 -71.97 -9.61 -74.28
C ARG X 1196 -73.39 -9.93 -73.80
N TYR X 1197 -73.91 -9.15 -72.86
CA TYR X 1197 -75.24 -9.41 -72.30
C TYR X 1197 -76.36 -8.59 -72.93
N ASN X 1198 -77.59 -8.85 -72.44
CA ASN X 1198 -78.77 -8.11 -72.88
C ASN X 1198 -79.63 -7.75 -71.68
N PHE X 1199 -78.99 -7.49 -70.53
CA PHE X 1199 -79.70 -7.16 -69.30
C PHE X 1199 -80.85 -6.16 -69.41
N THR X 1200 -81.99 -6.53 -68.81
CA THR X 1200 -83.15 -5.65 -68.78
C THR X 1200 -83.16 -5.09 -67.35
N TYR X 1201 -83.37 -3.78 -67.20
CA TYR X 1201 -83.37 -3.17 -65.86
C TYR X 1201 -84.76 -2.74 -65.43
N PRO X 1202 -85.55 -3.70 -64.93
CA PRO X 1202 -86.92 -3.40 -64.49
C PRO X 1202 -86.88 -2.41 -63.33
N THR X 1203 -87.96 -1.65 -63.16
CA THR X 1203 -88.04 -0.69 -62.05
C THR X 1203 -88.76 -1.43 -60.92
N LEU X 1204 -89.04 -0.75 -59.81
CA LEU X 1204 -89.74 -1.42 -58.72
C LEU X 1204 -91.08 -2.00 -59.20
N ASP X 1205 -91.70 -1.40 -60.21
CA ASP X 1205 -92.96 -1.90 -60.72
C ASP X 1205 -92.67 -2.95 -61.75
N GLY X 1206 -91.39 -3.07 -62.08
CA GLY X 1206 -90.95 -4.06 -63.02
C GLY X 1206 -90.91 -5.38 -62.26
N ILE X 1207 -90.71 -5.29 -60.95
CA ILE X 1207 -90.66 -6.49 -60.15
C ILE X 1207 -92.03 -6.76 -59.55
N MET X 1208 -92.24 -6.35 -58.32
CA MET X 1208 -93.51 -6.59 -57.67
C MET X 1208 -94.56 -5.60 -58.15
N TYR X 1209 -95.82 -5.88 -57.86
CA TYR X 1209 -96.91 -4.97 -58.22
C TYR X 1209 -97.46 -4.45 -56.91
N VAL X 1210 -97.02 -3.27 -56.50
CA VAL X 1210 -97.50 -2.71 -55.24
C VAL X 1210 -98.75 -1.88 -55.53
N ARG X 1211 -99.53 -1.64 -54.47
CA ARG X 1211 -100.77 -0.85 -54.50
C ARG X 1211 -101.96 -1.65 -54.00
N SER Y 15 27.41 62.50 -132.83
CA SER Y 15 25.92 62.54 -132.96
C SER Y 15 25.29 61.30 -132.31
N PRO Y 16 24.95 61.38 -131.01
CA PRO Y 16 24.35 60.32 -130.20
C PRO Y 16 22.96 59.88 -130.65
N ALA Y 17 22.41 58.87 -129.97
CA ALA Y 17 21.10 58.33 -130.34
C ALA Y 17 21.26 57.81 -131.76
N ASP Y 18 22.49 57.41 -132.05
CA ASP Y 18 22.89 56.91 -133.35
C ASP Y 18 24.20 56.17 -133.09
N THR Y 19 25.00 56.74 -132.20
CA THR Y 19 26.29 56.16 -131.81
C THR Y 19 25.98 54.85 -131.14
N ASN Y 20 24.81 54.80 -130.50
CA ASN Y 20 24.36 53.62 -129.77
C ASN Y 20 22.91 53.25 -130.11
N VAL Y 21 22.77 52.23 -130.95
CA VAL Y 21 21.45 51.74 -131.36
C VAL Y 21 21.41 50.24 -131.12
N VAL Y 22 20.45 49.78 -130.33
CA VAL Y 22 20.34 48.36 -130.01
C VAL Y 22 18.97 47.83 -130.42
N PRO Y 23 18.86 46.50 -130.64
CA PRO Y 23 17.57 45.91 -131.03
C PRO Y 23 16.46 46.41 -130.11
N ALA Y 24 15.39 46.94 -130.70
CA ALA Y 24 14.28 47.47 -129.94
C ALA Y 24 13.66 46.46 -128.98
N LYS Y 25 12.81 46.95 -128.09
CA LYS Y 25 12.12 46.12 -127.09
C LYS Y 25 11.25 45.05 -127.74
N ASP Y 26 11.59 43.78 -127.50
CA ASP Y 26 10.84 42.64 -128.05
C ASP Y 26 10.98 42.54 -129.57
N ALA Y 27 12.11 43.05 -130.06
CA ALA Y 27 12.40 43.07 -131.50
C ALA Y 27 12.09 41.80 -132.31
N PRO Y 28 12.51 40.61 -131.82
CA PRO Y 28 12.25 39.36 -132.56
C PRO Y 28 10.92 39.35 -133.27
N THR Y 29 9.86 39.74 -132.55
CA THR Y 29 8.53 39.78 -133.12
C THR Y 29 7.78 41.06 -132.73
N THR Y 30 8.08 42.16 -133.42
CA THR Y 30 7.41 43.42 -133.15
C THR Y 30 6.41 43.67 -134.28
N ASN Y 31 6.97 43.75 -135.48
CA ASN Y 31 6.21 43.99 -136.71
C ASN Y 31 5.24 42.86 -137.00
N SER Y 32 5.60 41.64 -136.61
CA SER Y 32 4.77 40.45 -136.83
C SER Y 32 3.27 40.74 -136.69
N PRO Y 33 2.53 40.60 -137.79
CA PRO Y 33 1.08 40.85 -137.82
C PRO Y 33 0.28 39.66 -137.29
N PRO Y 34 -0.86 39.93 -136.62
CA PRO Y 34 -1.72 38.89 -136.06
C PRO Y 34 -2.37 38.03 -137.14
N SER Y 35 -1.70 36.94 -137.54
CA SER Y 35 -2.21 36.06 -138.58
C SER Y 35 -2.46 34.63 -138.12
N THR Y 36 -3.32 33.94 -138.85
CA THR Y 36 -3.66 32.55 -138.56
C THR Y 36 -3.39 31.67 -139.79
N THR Y 37 -2.97 32.30 -140.88
CA THR Y 37 -2.70 31.56 -142.12
C THR Y 37 -1.28 31.02 -142.23
N SER Y 38 -0.29 31.92 -142.26
CA SER Y 38 1.10 31.47 -142.38
C SER Y 38 2.04 32.15 -141.39
N PRO Y 39 1.56 32.43 -140.16
CA PRO Y 39 2.36 33.08 -139.13
C PRO Y 39 3.71 33.65 -139.57
N ASN Y 40 4.69 32.79 -139.79
CA ASN Y 40 6.02 33.23 -140.19
C ASN Y 40 6.12 33.98 -141.52
N GLN Y 41 5.57 33.42 -142.59
CA GLN Y 41 5.63 34.09 -143.88
C GLN Y 41 5.06 35.49 -143.71
N ALA Y 42 3.85 35.56 -143.16
CA ALA Y 42 3.15 36.83 -142.93
C ALA Y 42 4.04 37.82 -142.17
N ALA Y 43 4.81 37.31 -141.21
CA ALA Y 43 5.72 38.14 -140.41
C ALA Y 43 6.99 38.49 -141.18
N ALA Y 44 7.52 37.53 -141.93
CA ALA Y 44 8.72 37.76 -142.72
C ALA Y 44 8.41 38.76 -143.82
N ASP Y 45 7.16 39.22 -143.87
CA ASP Y 45 6.73 40.20 -144.87
C ASP Y 45 6.49 41.55 -144.22
N ALA Y 46 5.78 41.57 -143.10
CA ALA Y 46 5.56 42.83 -142.39
C ALA Y 46 6.95 43.41 -142.21
N ASN Y 47 7.89 42.55 -141.79
CA ASN Y 47 9.30 42.93 -141.59
C ASN Y 47 9.91 43.35 -142.92
N GLN Y 48 9.55 42.64 -143.97
CA GLN Y 48 10.08 42.93 -145.29
C GLN Y 48 9.74 44.35 -145.74
N GLN Y 49 8.46 44.68 -145.74
CA GLN Y 49 8.00 46.01 -146.13
C GLN Y 49 8.49 46.99 -145.08
N GLN Y 50 8.44 46.56 -143.83
CA GLN Y 50 8.88 47.37 -142.70
C GLN Y 50 10.25 47.97 -142.97
N ALA Y 51 11.21 47.11 -143.28
CA ALA Y 51 12.57 47.55 -143.58
C ALA Y 51 12.54 48.53 -144.74
N GLY Y 52 11.46 48.50 -145.51
CA GLY Y 52 11.34 49.40 -146.65
C GLY Y 52 11.76 48.70 -147.92
N ILE Y 53 12.42 47.57 -147.78
CA ILE Y 53 12.91 46.78 -148.92
C ILE Y 53 11.76 46.40 -149.85
N VAL Y 54 11.69 47.03 -151.03
CA VAL Y 54 10.63 46.74 -151.98
C VAL Y 54 10.64 45.26 -152.39
N SER Y 55 9.47 44.73 -152.69
CA SER Y 55 9.34 43.34 -153.10
C SER Y 55 10.14 43.02 -154.36
N SER Y 56 9.85 43.74 -155.44
CA SER Y 56 10.53 43.52 -156.71
C SER Y 56 12.05 43.66 -156.59
N GLN Y 57 12.50 44.33 -155.55
CA GLN Y 57 13.94 44.52 -155.35
C GLN Y 57 14.62 43.24 -154.90
N SER Y 58 14.14 42.64 -153.80
CA SER Y 58 14.71 41.38 -153.35
C SER Y 58 13.90 40.31 -154.04
N GLY Y 59 14.54 39.57 -154.95
CA GLY Y 59 13.84 38.53 -155.69
C GLY Y 59 13.72 37.22 -154.94
N PRO Y 60 14.49 36.21 -155.35
CA PRO Y 60 14.50 34.88 -154.73
C PRO Y 60 14.48 34.93 -153.21
N ASN Y 61 15.19 35.90 -152.65
CA ASN Y 61 15.29 36.07 -151.21
C ASN Y 61 13.95 36.19 -150.48
N ALA Y 62 13.24 37.29 -150.68
CA ALA Y 62 11.95 37.50 -150.01
C ALA Y 62 10.85 36.51 -150.41
N VAL Y 63 11.23 35.35 -150.96
CA VAL Y 63 10.27 34.33 -151.36
C VAL Y 63 9.92 33.38 -150.22
N GLY Y 64 10.77 32.39 -149.99
CA GLY Y 64 10.50 31.46 -148.91
C GLY Y 64 11.30 31.86 -147.69
N ASP Y 65 10.68 32.64 -146.80
CA ASP Y 65 11.38 33.07 -145.59
C ASP Y 65 10.44 33.32 -144.41
N SER Y 66 10.95 33.08 -143.20
CA SER Y 66 10.17 33.26 -141.99
C SER Y 66 10.84 34.24 -141.02
N ALA Y 67 10.05 34.72 -140.08
CA ALA Y 67 10.55 35.63 -139.05
C ALA Y 67 9.86 35.11 -137.80
N PRO Y 68 10.42 35.38 -136.61
CA PRO Y 68 9.70 34.86 -135.45
C PRO Y 68 8.37 35.57 -135.49
N SER Y 69 7.28 34.86 -135.24
CA SER Y 69 5.98 35.51 -135.29
C SER Y 69 5.38 35.76 -133.92
N SER Y 70 4.64 36.85 -133.79
CA SER Y 70 4.01 37.20 -132.54
C SER Y 70 2.92 36.19 -132.16
N SER Y 71 2.57 35.30 -133.09
CA SER Y 71 1.54 34.32 -132.80
C SER Y 71 2.08 32.90 -132.61
N VAL Y 72 2.97 32.48 -133.49
CA VAL Y 72 3.57 31.13 -133.45
C VAL Y 72 3.86 30.51 -132.07
N ASN Y 73 4.12 31.33 -131.05
CA ASN Y 73 4.41 30.81 -129.70
C ASN Y 73 5.66 29.91 -129.69
N ASN Y 74 6.20 29.63 -128.50
CA ASN Y 74 7.43 28.84 -128.38
C ASN Y 74 7.42 27.43 -128.95
N ASP Y 75 6.24 26.85 -129.14
CA ASP Y 75 6.14 25.52 -129.72
C ASP Y 75 5.50 25.70 -131.07
N GLY Y 76 5.72 24.75 -131.97
CA GLY Y 76 5.13 24.87 -133.29
C GLY Y 76 3.76 25.55 -133.29
N ASP Y 77 2.81 24.98 -132.54
CA ASP Y 77 1.43 25.49 -132.46
C ASP Y 77 1.18 26.98 -132.67
N ILE Y 78 0.25 27.30 -133.59
CA ILE Y 78 -0.10 28.67 -133.92
C ILE Y 78 -1.08 29.25 -132.89
N ILE Y 79 -0.53 29.78 -131.79
CA ILE Y 79 -1.32 30.36 -130.71
C ILE Y 79 -2.29 31.45 -131.20
N THR Y 80 -3.32 31.75 -130.40
CA THR Y 80 -4.30 32.77 -130.75
C THR Y 80 -4.55 33.65 -129.52
N ARG Y 81 -3.59 33.64 -128.59
CA ARG Y 81 -3.68 34.42 -127.36
C ARG Y 81 -2.57 33.96 -126.40
N PRO Y 82 -1.98 34.90 -125.67
CA PRO Y 82 -0.89 34.64 -124.71
C PRO Y 82 -0.81 33.21 -124.13
N THR Y 83 0.39 32.63 -124.20
CA THR Y 83 0.65 31.30 -123.68
C THR Y 83 0.01 31.15 -122.29
N SER Y 84 0.05 32.23 -121.52
CA SER Y 84 -0.49 32.26 -120.18
C SER Y 84 -2.01 32.23 -120.12
N ASP Y 85 -2.67 33.02 -120.97
CA ASP Y 85 -4.13 33.05 -120.96
C ASP Y 85 -4.69 31.79 -121.62
N SER Y 86 -3.82 30.98 -122.21
CA SER Y 86 -4.22 29.74 -122.85
C SER Y 86 -4.19 28.64 -121.77
N ILE Y 87 -3.21 28.71 -120.88
CA ILE Y 87 -3.10 27.74 -119.79
C ILE Y 87 -4.30 28.03 -118.89
N ALA Y 88 -4.65 29.31 -118.83
CA ALA Y 88 -5.78 29.80 -118.03
C ALA Y 88 -7.10 29.23 -118.54
N ALA Y 89 -7.20 28.98 -119.84
CA ALA Y 89 -8.41 28.42 -120.42
C ALA Y 89 -8.56 26.98 -119.95
N VAL Y 90 -7.55 26.15 -120.21
CA VAL Y 90 -7.58 24.75 -119.79
C VAL Y 90 -7.86 24.63 -118.31
N ALA Y 91 -7.13 25.41 -117.51
CA ALA Y 91 -7.28 25.40 -116.06
C ALA Y 91 -8.71 25.72 -115.62
N ASN Y 92 -9.24 26.84 -116.10
CA ASN Y 92 -10.61 27.23 -115.74
C ASN Y 92 -11.65 26.18 -116.10
N ALA Y 93 -11.57 25.66 -117.32
CA ALA Y 93 -12.52 24.65 -117.79
C ALA Y 93 -12.50 23.37 -116.96
N THR Y 94 -11.74 23.36 -115.87
CA THR Y 94 -11.67 22.17 -115.00
C THR Y 94 -11.64 22.62 -113.54
N LYS Y 95 -12.81 22.76 -112.94
CA LYS Y 95 -12.92 23.19 -111.55
C LYS Y 95 -14.18 22.67 -110.90
N PRO Y 96 -14.19 21.40 -110.46
CA PRO Y 96 -15.39 20.86 -109.81
C PRO Y 96 -15.87 21.83 -108.74
N ALA Y 97 -17.17 21.87 -108.46
CA ALA Y 97 -17.69 22.79 -107.45
C ALA Y 97 -17.09 22.48 -106.07
N ALA Y 98 -16.29 23.41 -105.55
CA ALA Y 98 -15.64 23.24 -104.24
C ALA Y 98 -16.64 22.68 -103.22
N VAL Y 99 -17.89 23.12 -103.33
CA VAL Y 99 -18.97 22.66 -102.45
C VAL Y 99 -20.11 22.23 -103.35
N VAL Y 100 -20.69 21.07 -103.06
CA VAL Y 100 -21.80 20.56 -103.86
C VAL Y 100 -22.96 20.16 -102.97
N SER Y 101 -23.92 21.08 -102.78
CA SER Y 101 -25.08 20.77 -101.93
C SER Y 101 -25.70 19.45 -102.40
N ASP Y 102 -25.97 18.55 -101.45
CA ASP Y 102 -26.55 17.26 -101.81
C ASP Y 102 -27.32 16.63 -100.65
N PRO Y 103 -27.98 15.48 -100.90
CA PRO Y 103 -28.76 14.77 -99.88
C PRO Y 103 -27.87 14.24 -98.74
N GLN Y 104 -27.43 12.99 -98.84
CA GLN Y 104 -26.58 12.40 -97.80
C GLN Y 104 -25.24 13.12 -97.74
N SER Y 105 -24.75 13.31 -96.52
CA SER Y 105 -23.48 13.99 -96.27
C SER Y 105 -23.32 14.17 -94.76
N MET Y 106 -23.26 13.04 -94.06
CA MET Y 106 -23.13 13.00 -92.61
C MET Y 106 -22.98 14.34 -91.89
N LYS Y 107 -24.09 15.05 -91.71
CA LYS Y 107 -24.07 16.35 -91.05
C LYS Y 107 -23.64 16.25 -89.57
N VAL Y 108 -22.64 17.04 -89.18
CA VAL Y 108 -22.16 17.01 -87.81
C VAL Y 108 -22.14 18.38 -87.14
N THR Y 109 -22.95 18.52 -86.09
CA THR Y 109 -23.06 19.76 -85.32
C THR Y 109 -21.71 20.22 -84.76
N PRO Y 110 -21.55 21.54 -84.52
CA PRO Y 110 -20.27 22.02 -83.97
C PRO Y 110 -20.09 21.37 -82.59
N ILE Y 111 -18.90 20.84 -82.32
CA ILE Y 111 -18.63 20.17 -81.03
C ILE Y 111 -18.74 21.09 -79.83
N VAL Y 112 -18.79 22.40 -80.06
CA VAL Y 112 -18.91 23.37 -78.98
C VAL Y 112 -19.86 24.49 -79.40
N ASN Y 113 -21.10 24.44 -78.93
CA ASN Y 113 -22.15 25.43 -79.24
C ASN Y 113 -21.69 26.87 -79.42
N PRO Y 114 -21.52 27.31 -80.67
CA PRO Y 114 -21.07 28.65 -81.06
C PRO Y 114 -22.02 29.76 -80.63
N SER Y 115 -23.24 29.38 -80.25
CA SER Y 115 -24.25 30.34 -79.83
C SER Y 115 -23.79 31.22 -78.68
N SER Y 116 -23.50 30.61 -77.53
CA SER Y 116 -23.08 31.37 -76.36
C SER Y 116 -21.61 31.20 -75.98
N TYR Y 117 -21.13 32.10 -75.13
CA TYR Y 117 -19.74 32.05 -74.68
C TYR Y 117 -19.67 32.20 -73.17
N VAL Y 118 -19.34 31.11 -72.49
CA VAL Y 118 -19.27 31.11 -71.03
C VAL Y 118 -17.98 31.68 -70.46
N CYS Y 119 -18.11 32.35 -69.32
CA CYS Y 119 -16.97 32.92 -68.60
C CYS Y 119 -16.43 31.62 -68.02
N ASN Y 120 -15.15 31.32 -68.23
CA ASN Y 120 -14.65 30.08 -67.68
C ASN Y 120 -14.23 30.23 -66.22
N VAL Y 121 -13.87 31.44 -65.84
CA VAL Y 121 -13.48 31.72 -64.47
C VAL Y 121 -14.80 31.68 -63.68
N CYS Y 122 -15.75 32.51 -64.12
CA CYS Y 122 -17.07 32.57 -63.49
C CYS Y 122 -18.09 31.76 -64.26
N ASN Y 123 -18.86 32.43 -65.11
CA ASN Y 123 -19.85 31.77 -65.96
C ASN Y 123 -20.78 32.74 -66.67
N ALA Y 124 -20.61 34.04 -66.40
CA ALA Y 124 -21.46 35.03 -67.06
C ALA Y 124 -21.22 34.87 -68.56
N ARG Y 125 -22.18 34.24 -69.24
CA ARG Y 125 -22.08 33.98 -70.66
C ARG Y 125 -22.19 35.24 -71.53
N PHE Y 126 -21.87 35.10 -72.81
CA PHE Y 126 -21.93 36.23 -73.74
C PHE Y 126 -22.41 35.84 -75.12
N SER Y 127 -23.00 36.80 -75.82
CA SER Y 127 -23.50 36.58 -77.17
C SER Y 127 -22.35 36.31 -78.14
N THR Y 128 -21.47 37.29 -78.32
CA THR Y 128 -20.33 37.15 -79.22
C THR Y 128 -19.01 36.95 -78.49
N MET Y 129 -18.18 36.06 -79.03
CA MET Y 129 -16.88 35.79 -78.46
C MET Y 129 -16.23 37.08 -77.95
N SER Y 130 -16.38 38.13 -78.76
CA SER Y 130 -15.83 39.42 -78.44
C SER Y 130 -16.19 39.90 -77.03
N ALA Y 131 -17.49 39.89 -76.72
CA ALA Y 131 -17.97 40.32 -75.42
C ALA Y 131 -17.39 39.48 -74.29
N LEU Y 132 -17.02 38.24 -74.58
CA LEU Y 132 -16.46 37.36 -73.56
C LEU Y 132 -15.01 37.70 -73.26
N SER Y 133 -14.37 38.43 -74.18
CA SER Y 133 -12.98 38.83 -73.99
C SER Y 133 -12.95 39.93 -72.92
N GLU Y 134 -14.03 40.71 -72.86
CA GLU Y 134 -14.16 41.81 -71.91
C GLU Y 134 -14.37 41.33 -70.48
N HIS Y 135 -15.10 40.23 -70.31
CA HIS Y 135 -15.32 39.72 -68.97
C HIS Y 135 -13.98 39.21 -68.45
N LEU Y 136 -13.26 38.50 -69.32
CA LEU Y 136 -11.98 37.93 -68.98
C LEU Y 136 -10.84 38.96 -68.92
N ARG Y 137 -11.02 40.11 -69.57
CA ARG Y 137 -10.01 41.16 -69.56
C ARG Y 137 -10.30 42.11 -68.40
N SER Y 138 -11.59 42.33 -68.13
CA SER Y 138 -12.03 43.21 -67.06
C SER Y 138 -12.21 42.48 -65.74
N ASP Y 139 -13.43 41.97 -65.52
CA ASP Y 139 -13.78 41.27 -64.29
C ASP Y 139 -12.70 40.29 -63.80
N HIS Y 140 -12.19 39.45 -64.70
CA HIS Y 140 -11.17 38.49 -64.31
C HIS Y 140 -9.78 38.81 -64.83
N ARG Y 141 -9.05 39.63 -64.08
CA ARG Y 141 -7.69 39.99 -64.50
C ARG Y 141 -6.89 40.50 -63.31
N ASN Y 155 -14.95 43.92 -50.20
CA ASN Y 155 -15.92 42.87 -50.53
C ASN Y 155 -15.27 41.54 -50.95
N ALA Y 156 -15.17 40.60 -50.01
CA ALA Y 156 -14.59 39.30 -50.30
C ALA Y 156 -15.27 38.60 -51.47
N ILE Y 157 -16.60 38.46 -51.42
CA ILE Y 157 -17.35 37.82 -52.49
C ILE Y 157 -18.15 38.87 -53.30
N ARG Y 158 -18.12 38.73 -54.62
CA ARG Y 158 -18.81 39.69 -55.50
C ARG Y 158 -20.08 39.16 -56.18
N SER Y 159 -20.05 37.91 -56.61
CA SER Y 159 -21.22 37.32 -57.27
C SER Y 159 -21.27 35.84 -56.98
N PHE Y 160 -22.30 35.17 -57.48
CA PHE Y 160 -22.44 33.73 -57.26
C PHE Y 160 -23.41 33.11 -58.24
N LEU Y 161 -22.95 32.92 -59.47
CA LEU Y 161 -23.81 32.32 -60.48
C LEU Y 161 -24.20 30.93 -59.99
N THR Y 162 -25.44 30.79 -59.53
CA THR Y 162 -25.93 29.50 -59.03
C THR Y 162 -26.07 28.56 -60.23
N ALA Y 163 -25.54 27.35 -60.11
CA ALA Y 163 -25.56 26.37 -61.19
C ALA Y 163 -26.94 25.92 -61.68
N TRP Y 164 -27.83 25.59 -60.74
CA TRP Y 164 -29.16 25.13 -61.11
C TRP Y 164 -30.02 26.27 -61.67
N ASP Y 165 -29.96 27.42 -61.01
CA ASP Y 165 -30.76 28.59 -61.40
C ASP Y 165 -30.10 29.54 -62.40
N ASP Y 166 -28.78 29.52 -62.45
CA ASP Y 166 -28.01 30.39 -63.35
C ASP Y 166 -28.43 31.85 -63.25
N ILE Y 167 -28.32 32.40 -62.04
CA ILE Y 167 -28.67 33.78 -61.77
C ILE Y 167 -27.64 34.40 -60.82
N ARG Y 168 -26.80 35.29 -61.35
CA ARG Y 168 -25.73 35.94 -60.59
C ARG Y 168 -26.14 36.75 -59.37
N ILE Y 169 -26.10 36.12 -58.19
CA ILE Y 169 -26.45 36.82 -56.96
C ILE Y 169 -25.25 37.69 -56.59
N LEU Y 170 -25.35 39.00 -56.80
CA LEU Y 170 -24.24 39.89 -56.46
C LEU Y 170 -24.27 40.29 -54.99
N SER Y 171 -23.12 40.62 -54.43
CA SER Y 171 -23.04 41.02 -53.03
C SER Y 171 -23.64 42.43 -52.92
N PRO Y 172 -24.21 42.76 -51.76
CA PRO Y 172 -24.82 44.06 -51.52
C PRO Y 172 -23.88 45.23 -51.78
N ASP Y 184 -32.73 50.57 -33.61
CA ASP Y 184 -31.63 50.96 -32.73
C ASP Y 184 -30.42 50.02 -32.86
N SER Y 185 -29.82 50.01 -34.04
CA SER Y 185 -28.65 49.18 -34.36
C SER Y 185 -28.31 49.45 -35.82
N ALA Y 186 -27.13 50.01 -36.07
CA ALA Y 186 -26.72 50.31 -37.44
C ALA Y 186 -26.36 49.07 -38.24
N VAL Y 187 -26.22 49.26 -39.55
CA VAL Y 187 -25.85 48.16 -40.45
C VAL Y 187 -24.33 48.03 -40.37
N ALA Y 188 -23.85 46.96 -39.76
CA ALA Y 188 -22.42 46.75 -39.60
C ALA Y 188 -21.69 46.75 -40.95
N ASN Y 189 -20.88 47.78 -41.17
CA ASN Y 189 -20.12 47.87 -42.41
C ASN Y 189 -18.72 47.37 -42.07
N GLY Y 190 -17.84 47.28 -43.05
CA GLY Y 190 -16.51 46.78 -42.77
C GLY Y 190 -15.47 47.84 -42.45
N PRO Y 191 -14.39 47.46 -41.77
CA PRO Y 191 -13.32 48.41 -41.41
C PRO Y 191 -12.45 48.63 -42.64
N GLU Y 192 -12.08 49.88 -42.90
CA GLU Y 192 -11.24 50.22 -44.05
C GLU Y 192 -9.84 49.64 -43.86
N LEU Y 193 -9.72 48.32 -43.91
CA LEU Y 193 -8.44 47.64 -43.69
C LEU Y 193 -7.31 47.82 -44.68
N ILE Y 194 -7.54 48.46 -45.82
CA ILE Y 194 -6.44 48.58 -46.78
C ILE Y 194 -6.24 49.94 -47.41
N ILE Y 195 -5.27 50.67 -46.86
CA ILE Y 195 -4.90 51.99 -47.35
C ILE Y 195 -3.44 51.82 -47.70
N GLU Y 196 -2.95 52.56 -48.69
CA GLU Y 196 -1.56 52.43 -49.07
C GLU Y 196 -1.04 53.62 -49.86
N ASP Y 197 0.18 54.05 -49.56
CA ASP Y 197 0.78 55.18 -50.27
C ASP Y 197 2.20 54.85 -50.75
N THR Y 198 2.48 55.21 -52.00
CA THR Y 198 3.78 54.93 -52.60
C THR Y 198 4.84 56.01 -52.30
N GLY Y 199 4.44 57.05 -51.56
CA GLY Y 199 5.38 58.11 -51.24
C GLY Y 199 6.27 57.72 -50.06
N LEU Y 200 7.31 58.51 -49.79
CA LEU Y 200 8.23 58.22 -48.69
C LEU Y 200 7.57 57.80 -47.37
N CYS Y 201 8.08 56.70 -46.81
CA CYS Y 201 7.57 56.17 -45.55
C CYS Y 201 8.14 56.94 -44.37
N THR Y 202 7.68 58.18 -44.18
CA THR Y 202 8.17 59.01 -43.06
C THR Y 202 7.14 59.92 -42.43
N SER Y 203 7.48 60.42 -41.25
CA SER Y 203 6.62 61.33 -40.50
C SER Y 203 7.49 62.21 -39.61
N PHE Y 204 8.72 62.43 -40.05
CA PHE Y 204 9.70 63.26 -39.37
C PHE Y 204 10.45 63.97 -40.48
N MET Y 205 9.95 65.11 -40.91
CA MET Y 205 10.63 65.82 -41.98
C MET Y 205 11.72 66.68 -41.42
N LEU Y 206 12.66 67.06 -42.27
CA LEU Y 206 13.75 67.90 -41.84
C LEU Y 206 13.45 69.33 -42.26
N LEU Y 207 12.33 69.85 -41.79
CA LEU Y 207 11.95 71.22 -42.11
C LEU Y 207 13.02 72.13 -41.54
N ASP Y 208 13.49 73.09 -42.34
CA ASP Y 208 14.50 74.01 -41.84
C ASP Y 208 13.71 75.11 -41.16
N ASN Y 209 14.26 75.68 -40.10
CA ASN Y 209 13.56 76.73 -39.39
C ASN Y 209 13.99 78.12 -39.85
N ILE Y 210 15.17 78.56 -39.40
CA ILE Y 210 15.67 79.88 -39.76
C ILE Y 210 16.29 79.84 -41.14
N PRO Y 211 15.71 80.59 -42.10
CA PRO Y 211 16.23 80.63 -43.47
C PRO Y 211 17.69 81.09 -43.57
N SER Y 212 18.37 80.69 -44.64
CA SER Y 212 19.79 81.02 -44.86
C SER Y 212 20.01 82.46 -45.32
N ALA Y 213 21.05 83.10 -44.81
CA ALA Y 213 21.38 84.48 -45.14
C ALA Y 213 22.00 84.68 -46.52
N HIS Y 214 21.37 84.10 -47.55
CA HIS Y 214 21.83 84.20 -48.93
C HIS Y 214 23.33 84.22 -49.15
N LEU Y 215 23.95 83.05 -49.18
CA LEU Y 215 25.39 82.98 -49.44
C LEU Y 215 25.55 82.99 -50.94
N THR Y 216 26.79 83.10 -51.42
CA THR Y 216 27.04 83.12 -52.86
C THR Y 216 27.45 81.74 -53.39
N LYS Y 217 26.44 80.94 -53.70
CA LYS Y 217 26.58 79.58 -54.22
C LYS Y 217 27.97 79.00 -54.46
N GLU Y 218 28.75 79.63 -55.33
CA GLU Y 218 30.09 79.14 -55.70
C GLU Y 218 29.91 78.00 -56.70
N LEU Y 219 29.96 76.77 -56.20
CA LEU Y 219 29.77 75.61 -57.07
C LEU Y 219 28.27 75.50 -57.39
N ILE Y 220 27.92 75.58 -58.67
CA ILE Y 220 26.52 75.47 -59.08
C ILE Y 220 26.24 74.01 -59.48
N GLY Y 221 25.20 73.77 -60.27
CA GLY Y 221 24.90 72.41 -60.68
C GLY Y 221 25.98 71.78 -61.54
N PHE Y 222 25.93 70.46 -61.73
CA PHE Y 222 26.91 69.74 -62.53
C PHE Y 222 26.83 70.19 -63.99
N THR Y 223 27.89 69.93 -64.75
CA THR Y 223 27.91 70.36 -66.15
C THR Y 223 28.04 69.26 -67.20
N TRP Y 224 26.91 68.69 -67.61
CA TRP Y 224 26.92 67.66 -68.62
C TRP Y 224 27.21 68.36 -69.96
N PHE Y 225 28.34 68.05 -70.58
CA PHE Y 225 28.74 68.67 -71.86
C PHE Y 225 28.64 70.18 -71.82
N MET Y 226 27.49 70.71 -72.21
CA MET Y 226 27.29 72.16 -72.16
C MET Y 226 26.32 72.47 -71.05
N GLN Y 227 25.15 71.84 -71.09
CA GLN Y 227 24.13 72.03 -70.07
C GLN Y 227 24.72 71.96 -68.67
N MET Y 228 24.00 72.51 -67.69
CA MET Y 228 24.47 72.52 -66.32
C MET Y 228 23.34 72.07 -65.38
N TYR Y 229 23.33 70.78 -65.04
CA TYR Y 229 22.30 70.20 -64.20
C TYR Y 229 22.41 70.51 -62.71
N GLN Y 230 21.48 71.34 -62.21
CA GLN Y 230 21.45 71.69 -60.79
C GLN Y 230 20.49 70.68 -60.15
N MET Y 231 20.83 70.19 -58.96
CA MET Y 231 19.96 69.22 -58.28
C MET Y 231 19.50 69.79 -56.94
N THR Y 232 18.26 69.49 -56.54
CA THR Y 232 17.71 70.00 -55.29
C THR Y 232 18.41 69.43 -54.06
N PRO Y 233 18.95 70.31 -53.21
CA PRO Y 233 19.65 69.89 -51.99
C PRO Y 233 18.84 68.89 -51.15
N PRO Y 234 19.27 67.62 -51.10
CA PRO Y 234 18.59 66.57 -50.34
C PRO Y 234 18.20 66.93 -48.91
N LEU Y 235 19.06 67.66 -48.20
CA LEU Y 235 18.74 68.02 -46.83
C LEU Y 235 18.42 69.50 -46.68
N PRO Y 236 17.67 69.86 -45.63
CA PRO Y 236 17.31 71.26 -45.41
C PRO Y 236 18.56 72.06 -45.13
N GLU Y 237 18.67 73.22 -45.77
CA GLU Y 237 19.82 74.08 -45.57
C GLU Y 237 19.32 75.41 -44.97
N GLY Y 238 20.23 76.17 -44.40
CA GLY Y 238 19.83 77.43 -43.79
C GLY Y 238 20.00 77.45 -42.29
N ALA Y 239 20.36 78.61 -41.76
CA ALA Y 239 20.57 78.83 -40.34
C ALA Y 239 20.37 77.60 -39.47
N VAL Y 240 19.13 77.35 -39.05
CA VAL Y 240 18.86 76.18 -38.19
C VAL Y 240 17.75 75.29 -38.73
N ASN Y 241 18.08 74.03 -39.03
CA ASN Y 241 17.08 73.07 -39.55
C ASN Y 241 16.77 72.01 -38.50
N ARG Y 242 15.57 72.05 -37.94
CA ARG Y 242 15.16 71.08 -36.92
C ARG Y 242 14.53 69.83 -37.55
N ILE Y 243 14.06 68.92 -36.71
CA ILE Y 243 13.40 67.69 -37.17
C ILE Y 243 11.95 67.77 -36.71
N VAL Y 244 11.16 68.59 -37.38
CA VAL Y 244 9.75 68.76 -37.03
C VAL Y 244 8.83 67.60 -37.46
N CYS Y 245 8.29 66.92 -36.48
CA CYS Y 245 7.39 65.78 -36.67
C CYS Y 245 6.11 66.12 -37.45
N MET Y 246 5.84 65.36 -38.52
CA MET Y 246 4.65 65.59 -39.35
C MET Y 246 4.25 64.32 -40.12
N THR Y 247 3.29 63.58 -39.56
CA THR Y 247 2.82 62.34 -40.19
C THR Y 247 2.44 62.50 -41.66
N ASN Y 248 2.68 61.45 -42.45
CA ASN Y 248 2.38 61.46 -43.88
C ASN Y 248 2.72 62.80 -44.55
N TRP Y 249 3.92 63.31 -44.31
CA TRP Y 249 4.33 64.59 -44.91
C TRP Y 249 4.79 64.37 -46.34
N ALA Y 250 5.32 63.18 -46.59
CA ALA Y 250 5.81 62.80 -47.92
C ALA Y 250 4.87 61.75 -48.53
N SER Y 251 3.65 61.69 -48.00
CA SER Y 251 2.66 60.73 -48.47
C SER Y 251 2.27 60.98 -49.92
N LEU Y 252 2.36 59.94 -50.74
CA LEU Y 252 2.02 60.05 -52.15
C LEU Y 252 1.08 58.90 -52.54
N GLY Y 253 0.10 58.62 -51.69
CA GLY Y 253 -0.83 57.53 -51.97
C GLY Y 253 -2.25 57.99 -52.19
N ASP Y 254 -3.12 57.05 -52.54
CA ASP Y 254 -4.52 57.34 -52.82
C ASP Y 254 -5.20 58.19 -51.75
N GLU Y 255 -5.14 57.73 -50.51
CA GLU Y 255 -5.76 58.43 -49.39
C GLU Y 255 -5.06 58.15 -48.08
N GLY Y 256 -5.62 58.71 -47.00
CA GLY Y 256 -5.06 58.49 -45.69
C GLY Y 256 -6.17 58.59 -44.66
N ARG Y 257 -6.14 57.70 -43.67
CA ARG Y 257 -7.16 57.70 -42.62
C ARG Y 257 -7.23 59.05 -41.90
N GLY Y 258 -8.11 59.94 -42.38
CA GLY Y 258 -8.27 61.26 -41.79
C GLY Y 258 -8.00 61.34 -40.31
N LEU Y 259 -6.73 61.58 -39.97
CA LEU Y 259 -6.30 61.66 -38.57
C LEU Y 259 -4.77 61.65 -38.53
N GLU Y 260 -4.16 62.79 -38.22
CA GLU Y 260 -2.70 62.85 -38.20
C GLU Y 260 -2.05 63.64 -37.07
N VAL Y 261 -0.77 63.97 -37.23
CA VAL Y 261 -0.02 64.73 -36.24
C VAL Y 261 0.93 65.70 -36.94
N ARG Y 262 0.55 66.96 -36.97
CA ARG Y 262 1.37 67.99 -37.60
C ARG Y 262 1.79 68.99 -36.52
N LEU Y 263 3.00 68.84 -36.03
CA LEU Y 263 3.50 69.75 -35.01
C LEU Y 263 4.29 70.82 -35.72
N PRO Y 264 4.09 72.09 -35.35
CA PRO Y 264 4.81 73.20 -35.99
C PRO Y 264 6.24 73.23 -35.49
N PRO Y 265 7.18 73.76 -36.30
CA PRO Y 265 8.57 73.80 -35.83
C PRO Y 265 8.64 74.37 -34.41
N PRO Y 266 9.66 73.98 -33.63
CA PRO Y 266 9.79 74.47 -32.26
C PRO Y 266 9.53 75.97 -32.07
N THR Y 267 9.56 76.74 -33.18
CA THR Y 267 9.32 78.18 -33.11
C THR Y 267 7.85 78.58 -32.95
N ASP Y 268 6.94 77.61 -32.91
CA ASP Y 268 5.51 77.93 -32.76
C ASP Y 268 4.89 77.18 -31.60
N SER Y 269 3.71 77.62 -31.19
CA SER Y 269 3.02 76.99 -30.07
C SER Y 269 2.56 75.59 -30.45
N SER Y 270 3.37 74.59 -30.12
CA SER Y 270 3.04 73.20 -30.43
C SER Y 270 1.94 72.76 -29.46
N VAL Y 271 1.61 73.64 -28.52
CA VAL Y 271 0.59 73.41 -27.50
C VAL Y 271 -0.71 72.72 -27.94
N HIS Y 272 -1.29 73.18 -29.05
CA HIS Y 272 -2.56 72.62 -29.54
C HIS Y 272 -2.63 71.09 -29.63
N ALA Y 273 -1.65 70.46 -30.26
CA ALA Y 273 -1.63 69.01 -30.42
C ALA Y 273 -1.65 68.23 -29.09
N TYR Y 274 -1.48 68.93 -27.97
CA TYR Y 274 -1.50 68.30 -26.66
C TYR Y 274 -2.76 68.65 -25.88
N LYS Y 275 -3.88 68.79 -26.59
CA LYS Y 275 -5.12 69.14 -25.91
C LYS Y 275 -6.35 68.32 -26.32
N THR Y 276 -6.27 67.02 -26.09
CA THR Y 276 -7.38 66.13 -26.41
C THR Y 276 -8.11 65.81 -25.11
N VAL Y 277 -7.62 64.78 -24.41
CA VAL Y 277 -8.19 64.31 -23.17
C VAL Y 277 -9.05 65.31 -22.38
N LEU Y 278 -8.45 65.93 -21.38
CA LEU Y 278 -9.17 66.84 -20.51
C LEU Y 278 -8.97 68.33 -20.79
N SER Y 279 -8.03 68.64 -21.69
CA SER Y 279 -7.73 70.02 -22.03
C SER Y 279 -8.92 70.86 -22.51
N ARG Y 280 -9.71 70.31 -23.44
CA ARG Y 280 -10.87 71.02 -24.00
C ARG Y 280 -11.79 71.66 -22.96
N GLY Y 281 -12.13 72.92 -23.17
CA GLY Y 281 -13.03 73.60 -22.26
C GLY Y 281 -12.52 74.83 -21.52
N TYR Y 282 -11.65 74.62 -20.54
CA TYR Y 282 -11.13 75.72 -19.73
C TYR Y 282 -9.76 76.24 -20.15
N ILE Y 283 -8.89 75.37 -20.59
CA ILE Y 283 -7.55 75.76 -21.01
C ILE Y 283 -7.54 76.75 -22.18
N ASP Y 284 -6.80 77.87 -22.04
CA ASP Y 284 -6.67 78.86 -23.12
C ASP Y 284 -5.95 78.22 -24.31
N ASN Y 285 -6.47 78.46 -25.51
CA ASN Y 285 -5.90 77.88 -26.71
C ASN Y 285 -4.39 78.06 -26.77
N ALA Y 286 -3.86 78.94 -25.91
CA ALA Y 286 -2.41 79.18 -25.91
C ALA Y 286 -1.61 78.43 -24.84
N GLN Y 287 -2.25 77.48 -24.16
CA GLN Y 287 -1.54 76.70 -23.14
C GLN Y 287 -2.11 75.30 -22.90
N PHE Y 288 -1.21 74.36 -22.62
CA PHE Y 288 -1.58 72.96 -22.38
C PHE Y 288 -1.74 72.71 -20.89
N ASN Y 289 -2.40 71.61 -20.54
CA ASN Y 289 -2.62 71.27 -19.14
C ASN Y 289 -1.46 70.42 -18.64
N PRO Y 290 -0.57 70.99 -17.83
CA PRO Y 290 0.55 70.19 -17.34
C PRO Y 290 0.10 68.97 -16.53
N LEU Y 291 -1.03 69.09 -15.83
CA LEU Y 291 -1.53 67.98 -15.03
C LEU Y 291 -1.94 66.76 -15.84
N ALA Y 292 -2.52 67.00 -17.02
CA ALA Y 292 -2.96 65.91 -17.88
C ALA Y 292 -2.02 65.73 -19.06
N LEU Y 293 -0.72 65.62 -18.78
CA LEU Y 293 0.26 65.49 -19.86
C LEU Y 293 0.46 64.05 -20.33
N ARG Y 294 0.59 63.11 -19.42
CA ARG Y 294 0.79 61.73 -19.86
C ARG Y 294 -0.46 61.27 -20.58
N SER Y 295 -1.61 61.71 -20.09
CA SER Y 295 -2.89 61.35 -20.69
C SER Y 295 -3.02 61.97 -22.08
N ASN Y 296 -2.46 63.16 -22.24
CA ASN Y 296 -2.54 63.87 -23.51
C ASN Y 296 -1.45 63.53 -24.50
N VAL Y 297 -0.38 62.90 -24.05
CA VAL Y 297 0.70 62.51 -24.94
C VAL Y 297 0.42 61.11 -25.41
N LEU Y 298 -0.31 60.35 -24.61
CA LEU Y 298 -0.65 58.99 -24.99
C LEU Y 298 -1.62 59.07 -26.16
N LEU Y 299 -2.60 59.97 -26.06
CA LEU Y 299 -3.59 60.15 -27.11
C LEU Y 299 -2.96 60.81 -28.32
N MET Y 300 -1.94 61.62 -28.09
CA MET Y 300 -1.26 62.31 -29.17
C MET Y 300 -0.46 61.31 -30.00
N LEU Y 301 0.12 60.32 -29.34
CA LEU Y 301 0.89 59.30 -30.05
C LEU Y 301 -0.07 58.29 -30.69
N LEU Y 302 -1.17 58.01 -30.02
CA LEU Y 302 -2.15 57.07 -30.55
C LEU Y 302 -2.68 57.55 -31.90
N GLN Y 303 -2.53 58.85 -32.17
CA GLN Y 303 -2.99 59.41 -33.43
C GLN Y 303 -1.82 59.44 -34.39
N PHE Y 304 -0.62 59.37 -33.84
CA PHE Y 304 0.60 59.36 -34.65
C PHE Y 304 0.77 57.92 -35.15
N THR Y 305 0.14 56.98 -34.45
CA THR Y 305 0.22 55.58 -34.84
C THR Y 305 -0.85 55.39 -35.91
N LEU Y 306 -2.12 55.39 -35.50
CA LEU Y 306 -3.24 55.24 -36.41
C LEU Y 306 -2.98 55.97 -37.72
N SER Y 307 -2.54 57.22 -37.63
CA SER Y 307 -2.24 58.02 -38.81
C SER Y 307 -1.33 57.24 -39.76
N ASN Y 308 -0.25 56.71 -39.21
CA ASN Y 308 0.73 55.93 -39.97
C ASN Y 308 0.40 54.46 -40.26
N LEU Y 309 -0.86 54.04 -40.10
CA LEU Y 309 -1.20 52.65 -40.38
C LEU Y 309 -1.59 52.44 -41.84
N LYS Y 310 -0.58 52.34 -42.72
CA LYS Y 310 -0.80 52.15 -44.15
C LYS Y 310 0.18 51.15 -44.73
N ILE Y 311 -0.10 50.68 -45.94
CA ILE Y 311 0.76 49.72 -46.62
C ILE Y 311 1.62 50.51 -47.59
N ASN Y 312 2.79 49.99 -47.93
CA ASN Y 312 3.67 50.71 -48.85
C ASN Y 312 3.70 50.14 -50.26
N LYS Y 313 2.75 50.53 -51.13
CA LYS Y 313 2.77 50.04 -52.50
C LYS Y 313 4.20 50.26 -53.00
N SER Y 314 4.71 49.39 -53.88
CA SER Y 314 6.09 49.53 -54.33
C SER Y 314 6.39 50.50 -55.48
N SER Y 315 5.36 51.13 -56.06
CA SER Y 315 5.60 52.10 -57.14
C SER Y 315 6.31 51.52 -58.38
N THR Y 316 7.01 52.37 -59.14
CA THR Y 316 7.73 51.96 -60.35
C THR Y 316 9.15 52.53 -60.33
N PHE Y 317 10.15 51.64 -60.30
CA PHE Y 317 11.54 52.08 -60.27
C PHE Y 317 12.02 52.53 -61.65
N THR Y 318 13.21 53.13 -61.69
CA THR Y 318 13.82 53.57 -62.95
C THR Y 318 15.33 53.46 -62.73
N SER Y 319 16.01 52.68 -63.56
CA SER Y 319 17.46 52.50 -63.39
C SER Y 319 18.18 53.85 -63.46
N ASP Y 320 18.80 54.23 -62.35
CA ASP Y 320 19.54 55.49 -62.26
C ASP Y 320 20.87 55.40 -63.00
N VAL Y 321 21.18 56.41 -63.80
CA VAL Y 321 22.42 56.46 -64.56
C VAL Y 321 23.21 57.69 -64.16
N THR Y 322 23.11 58.06 -62.88
CA THR Y 322 23.78 59.25 -62.39
C THR Y 322 25.14 58.98 -61.72
N THR Y 323 26.11 58.54 -62.54
CA THR Y 323 27.48 58.26 -62.09
C THR Y 323 27.68 57.46 -60.80
N ILE Y 324 28.06 58.16 -59.72
CA ILE Y 324 28.31 57.53 -58.42
C ILE Y 324 27.31 56.44 -58.03
N THR Y 325 26.03 56.73 -58.25
CA THR Y 325 24.96 55.81 -57.92
C THR Y 325 24.46 55.06 -59.15
N SER Y 326 25.18 55.19 -60.25
CA SER Y 326 24.80 54.54 -61.50
C SER Y 326 24.76 53.03 -61.32
N GLY Y 327 23.67 52.41 -61.78
CA GLY Y 327 23.51 50.98 -61.67
C GLY Y 327 22.40 50.64 -60.67
N ARG Y 328 22.21 51.53 -59.70
CA ARG Y 328 21.19 51.37 -58.66
C ARG Y 328 19.79 51.70 -59.19
N MET Y 329 18.81 50.86 -58.84
CA MET Y 329 17.43 51.06 -59.25
C MET Y 329 16.64 51.86 -58.23
N ILE Y 330 16.52 53.16 -58.47
CA ILE Y 330 15.77 54.03 -57.55
C ILE Y 330 14.28 53.98 -57.89
N ARG Y 331 13.46 54.72 -57.14
CA ARG Y 331 12.00 54.73 -57.37
C ARG Y 331 11.48 56.03 -57.99
N ALA Y 332 10.59 55.90 -58.96
CA ALA Y 332 10.01 57.01 -59.70
C ALA Y 332 9.46 58.21 -58.93
N PHE Y 333 8.24 58.08 -58.41
CA PHE Y 333 7.55 59.15 -57.67
C PHE Y 333 6.85 60.08 -58.64
N GLU Y 334 5.89 59.54 -59.37
CA GLU Y 334 5.14 60.33 -60.33
C GLU Y 334 4.31 61.43 -59.65
N GLY Y 335 3.50 61.05 -58.67
CA GLY Y 335 2.67 62.03 -57.96
C GLY Y 335 3.29 63.41 -57.90
N ARG Y 336 4.48 63.51 -57.32
CA ARG Y 336 5.22 64.77 -57.21
C ARG Y 336 6.70 64.46 -57.25
N PRO Y 337 7.35 64.71 -58.41
CA PRO Y 337 8.78 64.47 -58.59
C PRO Y 337 9.70 65.13 -57.57
N GLU Y 338 9.17 66.08 -56.81
CA GLU Y 338 9.96 66.79 -55.79
C GLU Y 338 10.63 65.78 -54.85
N LEU Y 339 9.90 64.71 -54.53
CA LEU Y 339 10.39 63.68 -53.61
C LEU Y 339 11.70 63.01 -54.03
N LEU Y 340 11.83 62.64 -55.31
CA LEU Y 340 13.03 61.97 -55.77
C LEU Y 340 14.31 62.58 -55.22
N ALA Y 341 14.29 63.88 -54.93
CA ALA Y 341 15.46 64.54 -54.36
C ALA Y 341 15.62 64.06 -52.93
N LEU Y 342 14.62 64.36 -52.10
CA LEU Y 342 14.63 63.94 -50.69
C LEU Y 342 14.89 62.44 -50.54
N ALA Y 343 14.00 61.64 -51.12
CA ALA Y 343 14.07 60.18 -51.05
C ALA Y 343 15.45 59.55 -50.92
N TYR Y 344 16.38 59.89 -51.81
CA TYR Y 344 17.71 59.30 -51.75
C TYR Y 344 18.82 60.32 -51.53
N PRO Y 345 19.16 60.60 -50.26
CA PRO Y 345 20.24 61.57 -50.03
C PRO Y 345 21.57 60.89 -50.40
N GLY Y 346 22.39 61.58 -51.18
CA GLY Y 346 23.67 61.02 -51.58
C GLY Y 346 23.71 60.73 -53.06
N ARG Y 347 22.53 60.61 -53.66
CA ARG Y 347 22.43 60.34 -55.09
C ARG Y 347 22.81 61.60 -55.87
N ALA Y 348 23.98 61.59 -56.50
CA ALA Y 348 24.46 62.75 -57.26
C ALA Y 348 24.71 63.95 -56.35
N VAL Y 349 25.77 63.86 -55.55
CA VAL Y 349 26.11 64.92 -54.60
C VAL Y 349 27.11 65.93 -55.18
N LEU Y 350 26.68 67.18 -55.28
CA LEU Y 350 27.55 68.23 -55.81
C LEU Y 350 28.63 68.54 -54.76
N PRO Y 351 29.92 68.30 -55.11
CA PRO Y 351 31.09 68.51 -54.27
C PRO Y 351 31.21 69.84 -53.50
N THR Y 352 30.16 70.66 -53.53
CA THR Y 352 30.18 71.94 -52.84
C THR Y 352 30.35 71.79 -51.31
N GLN Y 353 31.60 71.64 -50.86
CA GLN Y 353 31.91 71.46 -49.44
C GLN Y 353 31.14 72.38 -48.49
N THR Y 354 30.05 71.87 -47.92
CA THR Y 354 29.21 72.62 -46.98
C THR Y 354 28.57 71.61 -46.03
N LYS Y 355 28.70 71.81 -44.72
CA LYS Y 355 28.15 70.90 -43.72
C LYS Y 355 27.33 69.77 -44.35
N ASN Y 356 26.24 70.16 -45.00
CA ASN Y 356 25.36 69.22 -45.69
C ASN Y 356 26.12 68.35 -46.70
N ALA Y 357 26.68 68.98 -47.72
CA ALA Y 357 27.41 68.27 -48.76
C ALA Y 357 28.54 67.39 -48.23
N GLN Y 358 29.25 67.85 -47.19
CA GLN Y 358 30.36 67.07 -46.61
C GLN Y 358 29.83 65.75 -46.11
N PHE Y 359 28.71 65.82 -45.37
CA PHE Y 359 28.10 64.63 -44.83
C PHE Y 359 27.63 63.72 -45.96
N LEU Y 360 26.67 64.17 -46.75
CA LEU Y 360 26.14 63.39 -47.86
C LEU Y 360 27.22 62.74 -48.72
N SER Y 361 28.44 63.23 -48.60
CA SER Y 361 29.57 62.68 -49.36
C SER Y 361 29.98 61.31 -48.86
N THR Y 362 29.91 61.12 -47.54
CA THR Y 362 30.29 59.84 -46.94
C THR Y 362 29.21 58.78 -47.10
N ALA Y 363 28.18 59.07 -47.89
CA ALA Y 363 27.09 58.13 -48.12
C ALA Y 363 27.59 56.97 -48.99
N ILE Y 364 27.21 55.73 -48.62
CA ILE Y 364 27.65 54.56 -49.38
C ILE Y 364 26.83 54.40 -50.66
N ALA Y 365 27.49 54.52 -51.80
CA ALA Y 365 26.84 54.39 -53.11
C ALA Y 365 25.89 53.20 -53.12
N ASP Y 366 26.34 52.10 -52.51
CA ASP Y 366 25.57 50.88 -52.43
C ASP Y 366 24.23 50.98 -51.69
N ARG Y 367 24.23 51.64 -50.54
CA ARG Y 367 23.01 51.76 -49.76
C ARG Y 367 21.84 52.39 -50.51
N ILE Y 368 22.13 53.32 -51.42
CA ILE Y 368 21.07 53.99 -52.18
C ILE Y 368 20.29 53.09 -53.15
N GLY Y 369 19.02 53.44 -53.38
CA GLY Y 369 18.19 52.70 -54.32
C GLY Y 369 17.36 51.56 -53.75
N ARG Y 370 17.57 50.36 -54.28
CA ARG Y 370 16.86 49.17 -53.81
C ARG Y 370 17.93 48.11 -53.56
N LEU Y 371 17.68 47.20 -52.64
CA LEU Y 371 18.66 46.16 -52.33
C LEU Y 371 18.53 44.93 -53.22
N ASP Y 372 17.66 44.01 -52.81
CA ASP Y 372 17.42 42.76 -53.53
C ASP Y 372 17.40 42.92 -55.04
N ARG Y 373 17.45 41.79 -55.74
CA ARG Y 373 17.44 41.80 -57.20
C ARG Y 373 16.00 41.87 -57.70
N ALA Y 374 15.64 40.99 -58.63
CA ALA Y 374 14.28 41.00 -59.15
C ALA Y 374 13.25 40.54 -58.11
N ASN Y 375 13.37 39.28 -57.68
CA ASN Y 375 12.48 38.65 -56.70
C ASN Y 375 11.25 38.04 -57.39
N LEU Y 376 10.20 37.75 -56.62
CA LEU Y 376 8.97 37.14 -57.15
C LEU Y 376 8.22 37.97 -58.21
N ILE Y 377 8.81 38.08 -59.40
CA ILE Y 377 8.23 38.87 -60.49
C ILE Y 377 7.00 38.26 -61.16
N GLY Y 378 5.82 38.59 -60.66
CA GLY Y 378 4.61 38.08 -61.29
C GLY Y 378 4.35 38.97 -62.48
N GLY Y 379 4.14 38.40 -63.67
CA GLY Y 379 3.94 39.25 -64.83
C GLY Y 379 5.24 39.99 -65.04
N GLU Y 380 5.25 41.30 -64.82
CA GLU Y 380 6.50 42.03 -64.99
C GLU Y 380 6.90 42.79 -63.72
N VAL Y 381 5.93 43.01 -62.84
CA VAL Y 381 6.18 43.73 -61.58
C VAL Y 381 6.63 42.74 -60.50
N SER Y 382 7.52 43.19 -59.61
CA SER Y 382 7.98 42.33 -58.53
C SER Y 382 6.90 42.26 -57.44
N ALA Y 383 6.87 41.15 -56.69
CA ALA Y 383 5.88 40.94 -55.63
C ALA Y 383 6.08 41.84 -54.42
N MET Y 384 7.34 42.10 -54.10
CA MET Y 384 7.69 42.93 -52.95
C MET Y 384 9.17 43.24 -53.03
N VAL Y 385 9.50 44.48 -53.38
CA VAL Y 385 10.88 44.91 -53.50
C VAL Y 385 11.43 45.37 -52.14
N GLU Y 386 12.69 45.80 -52.12
CA GLU Y 386 13.33 46.28 -50.90
C GLU Y 386 13.92 47.67 -51.09
N CYS Y 387 13.05 48.64 -51.38
CA CYS Y 387 13.48 50.01 -51.57
C CYS Y 387 14.43 50.33 -50.41
N MET Y 388 15.22 51.38 -50.55
CA MET Y 388 16.13 51.73 -49.47
C MET Y 388 15.85 53.14 -48.95
N GLU Y 389 15.10 53.93 -49.73
CA GLU Y 389 14.71 55.31 -49.41
C GLU Y 389 14.70 55.66 -47.92
N LEU Y 390 14.83 56.95 -47.62
CA LEU Y 390 14.80 57.39 -46.21
C LEU Y 390 13.41 57.16 -45.60
N CYS Y 391 13.38 56.63 -44.38
CA CYS Y 391 12.11 56.37 -43.69
C CYS Y 391 12.29 56.18 -42.18
N ASP Y 392 12.07 57.23 -41.41
CA ASP Y 392 12.21 57.18 -39.94
C ASP Y 392 11.83 55.85 -39.31
N ALA Y 393 12.82 55.17 -38.75
CA ALA Y 393 12.65 53.87 -38.11
C ALA Y 393 11.32 53.71 -37.36
N LEU Y 394 10.85 54.78 -36.73
CA LEU Y 394 9.59 54.75 -35.97
C LEU Y 394 8.40 54.50 -36.90
N THR Y 395 8.34 55.23 -38.00
CA THR Y 395 7.26 55.09 -38.99
C THR Y 395 7.39 53.78 -39.74
N LEU Y 396 8.62 53.44 -40.08
CA LEU Y 396 8.90 52.20 -40.80
C LEU Y 396 8.51 51.02 -39.94
N HIS Y 397 8.67 51.18 -38.62
CA HIS Y 397 8.34 50.12 -37.68
C HIS Y 397 6.85 50.01 -37.43
N ILE Y 398 6.14 51.13 -37.47
CA ILE Y 398 4.70 51.12 -37.26
C ILE Y 398 4.02 50.40 -38.41
N ARG Y 399 4.41 50.76 -39.64
CA ARG Y 399 3.84 50.13 -40.82
C ARG Y 399 4.21 48.65 -40.88
N GLU Y 400 5.48 48.33 -40.58
CA GLU Y 400 5.92 46.94 -40.58
C GLU Y 400 5.08 46.17 -39.57
N THR Y 401 4.31 46.90 -38.76
CA THR Y 401 3.43 46.30 -37.76
C THR Y 401 2.04 46.09 -38.36
N TYR Y 402 1.59 47.09 -39.11
CA TYR Y 402 0.29 47.05 -39.75
C TYR Y 402 0.26 46.04 -40.88
N ILE Y 403 1.41 45.85 -41.53
CA ILE Y 403 1.50 44.89 -42.62
C ILE Y 403 1.25 43.54 -41.97
N MET Y 404 1.75 43.40 -40.75
CA MET Y 404 1.58 42.18 -40.00
C MET Y 404 0.14 42.05 -39.51
N LEU Y 405 -0.45 43.16 -39.07
CA LEU Y 405 -1.83 43.14 -38.59
C LEU Y 405 -2.70 42.55 -39.69
N LEU Y 406 -2.44 42.94 -40.94
CA LEU Y 406 -3.19 42.45 -42.07
C LEU Y 406 -2.91 40.98 -42.34
N ARG Y 407 -1.64 40.65 -42.57
CA ARG Y 407 -1.28 39.27 -42.82
C ARG Y 407 -1.89 38.40 -41.73
N SER Y 408 -1.76 38.86 -40.48
CA SER Y 408 -2.30 38.11 -39.36
C SER Y 408 -3.70 37.62 -39.71
N MET Y 409 -4.60 38.56 -40.02
CA MET Y 409 -5.97 38.21 -40.36
C MET Y 409 -6.20 37.80 -41.82
N HIS Y 410 -5.14 37.40 -42.52
CA HIS Y 410 -5.28 36.96 -43.91
C HIS Y 410 -6.00 35.62 -43.85
N GLN Y 411 -6.76 35.32 -44.89
CA GLN Y 411 -7.51 34.07 -44.96
C GLN Y 411 -7.12 33.32 -46.22
N ASP Y 412 -6.67 32.07 -46.08
CA ASP Y 412 -6.28 31.30 -47.26
C ASP Y 412 -7.50 31.26 -48.20
N PRO Y 413 -7.41 31.96 -49.34
CA PRO Y 413 -8.50 32.02 -50.33
C PRO Y 413 -9.08 30.65 -50.70
N THR Y 414 -8.20 29.67 -50.88
CA THR Y 414 -8.65 28.33 -51.26
C THR Y 414 -9.60 27.69 -50.26
N GLN Y 415 -9.32 27.80 -48.97
CA GLN Y 415 -10.18 27.21 -47.95
C GLN Y 415 -11.60 27.78 -47.99
N ILE Y 416 -11.77 28.96 -48.58
CA ILE Y 416 -13.08 29.59 -48.65
C ILE Y 416 -14.21 28.71 -49.19
N VAL Y 417 -13.87 27.75 -50.06
CA VAL Y 417 -14.90 26.86 -50.58
C VAL Y 417 -15.47 25.99 -49.46
N GLN Y 418 -14.58 25.43 -48.63
CA GLN Y 418 -14.99 24.57 -47.51
C GLN Y 418 -15.80 25.33 -46.47
N ILE Y 419 -15.38 26.56 -46.18
CA ILE Y 419 -16.07 27.37 -45.18
C ILE Y 419 -17.53 27.52 -45.60
N VAL Y 420 -17.76 27.82 -46.87
CA VAL Y 420 -19.12 27.97 -47.36
C VAL Y 420 -19.82 26.60 -47.38
N ASN Y 421 -19.11 25.57 -47.86
CA ASN Y 421 -19.66 24.23 -47.92
C ASN Y 421 -20.17 23.74 -46.57
N GLU Y 422 -19.37 23.95 -45.52
CA GLU Y 422 -19.74 23.54 -44.17
C GLU Y 422 -20.75 24.49 -43.52
N CYS Y 423 -20.46 25.79 -43.58
CA CYS Y 423 -21.36 26.77 -42.98
C CYS Y 423 -22.80 26.65 -43.48
N ALA Y 424 -22.97 26.00 -44.62
CA ALA Y 424 -24.31 25.84 -45.19
C ALA Y 424 -24.84 24.41 -45.03
N ASN Y 425 -24.01 23.51 -44.49
CA ASN Y 425 -24.42 22.12 -44.27
C ASN Y 425 -24.58 21.30 -45.54
N ASN Y 426 -23.70 21.53 -46.52
CA ASN Y 426 -23.72 20.79 -47.78
C ASN Y 426 -24.96 21.05 -48.63
N LEU Y 427 -26.00 21.63 -48.04
CA LEU Y 427 -27.21 21.93 -48.81
C LEU Y 427 -26.78 22.70 -50.03
N LEU Y 428 -25.78 23.55 -49.84
CA LEU Y 428 -25.22 24.38 -50.91
C LEU Y 428 -23.75 24.05 -51.04
N ASN Y 429 -23.33 23.64 -52.23
CA ASN Y 429 -21.93 23.32 -52.48
C ASN Y 429 -21.40 24.17 -53.65
N SER Y 430 -20.26 24.82 -53.46
CA SER Y 430 -19.71 25.68 -54.50
C SER Y 430 -18.26 25.40 -54.86
N THR Y 431 -17.73 26.26 -55.73
CA THR Y 431 -16.35 26.17 -56.20
C THR Y 431 -15.93 27.59 -56.57
N ILE Y 432 -14.77 28.01 -56.10
CA ILE Y 432 -14.32 29.37 -56.38
C ILE Y 432 -12.86 29.47 -56.84
N PRO Y 433 -12.62 29.39 -58.15
CA PRO Y 433 -11.24 29.47 -58.62
C PRO Y 433 -10.54 30.74 -58.10
N ILE Y 434 -9.28 30.59 -57.68
CA ILE Y 434 -8.49 31.71 -57.15
C ILE Y 434 -7.03 31.59 -57.55
N SER Y 435 -6.56 32.47 -58.42
CA SER Y 435 -5.17 32.44 -58.85
C SER Y 435 -4.22 32.74 -57.69
N LEU Y 436 -3.52 31.73 -57.21
CA LEU Y 436 -2.57 31.93 -56.12
C LEU Y 436 -1.38 32.70 -56.68
N ARG Y 437 -0.89 33.69 -55.94
CA ARG Y 437 0.22 34.51 -56.42
C ARG Y 437 1.26 34.74 -55.32
N PRO Y 438 2.45 35.25 -55.71
CA PRO Y 438 3.48 35.50 -54.70
C PRO Y 438 2.87 36.44 -53.67
N THR Y 439 2.03 37.36 -54.14
CA THR Y 439 1.34 38.29 -53.27
C THR Y 439 -0.14 37.96 -53.40
N ILE Y 440 -0.90 38.39 -52.41
CA ILE Y 440 -2.32 38.12 -52.37
C ILE Y 440 -2.61 38.47 -50.92
N LEU Y 441 -3.79 38.98 -50.65
CA LEU Y 441 -4.10 39.34 -49.27
C LEU Y 441 -5.60 39.43 -49.06
N CYS Y 442 -6.13 38.50 -48.28
CA CYS Y 442 -7.56 38.47 -48.01
C CYS Y 442 -7.84 38.65 -46.53
N PRO Y 443 -7.87 39.90 -46.05
CA PRO Y 443 -8.13 40.10 -44.62
C PRO Y 443 -9.59 39.82 -44.30
N TRP Y 444 -9.95 38.53 -44.27
CA TRP Y 444 -11.32 38.14 -43.96
C TRP Y 444 -11.36 37.17 -42.79
N PHE Y 445 -10.21 36.77 -42.27
CA PHE Y 445 -10.18 35.81 -41.17
C PHE Y 445 -9.86 36.32 -39.75
N ALA Y 446 -10.71 35.96 -38.80
CA ALA Y 446 -10.52 36.34 -37.40
C ALA Y 446 -10.58 35.03 -36.59
N SER Y 447 -9.60 34.83 -35.71
CA SER Y 447 -9.56 33.61 -34.91
C SER Y 447 -10.67 33.58 -33.86
N SER Y 448 -11.06 32.39 -33.43
CA SER Y 448 -12.10 32.24 -32.41
C SER Y 448 -11.59 32.94 -31.15
N GLU Y 449 -10.26 32.98 -31.02
CA GLU Y 449 -9.62 33.62 -29.89
C GLU Y 449 -10.08 35.07 -29.80
N ASP Y 450 -10.15 35.71 -30.97
CA ASP Y 450 -10.56 37.10 -31.11
C ASP Y 450 -12.08 37.25 -31.07
N LEU Y 451 -12.77 36.52 -31.94
CA LEU Y 451 -14.23 36.57 -32.04
C LEU Y 451 -14.99 36.57 -30.72
N ARG Y 452 -14.39 36.00 -29.67
CA ARG Y 452 -15.03 35.96 -28.37
C ARG Y 452 -14.89 37.31 -27.66
N LEU Y 453 -13.81 38.04 -27.93
CA LEU Y 453 -13.66 39.35 -27.31
C LEU Y 453 -14.55 40.30 -28.07
N GLN Y 454 -15.00 39.85 -29.24
CA GLN Y 454 -15.89 40.64 -30.09
C GLN Y 454 -17.32 40.34 -29.64
N GLN Y 455 -17.54 39.13 -29.15
CA GLN Y 455 -18.85 38.72 -28.69
C GLN Y 455 -19.18 39.44 -27.41
N VAL Y 456 -18.36 39.24 -26.38
CA VAL Y 456 -18.57 39.88 -25.08
C VAL Y 456 -18.58 41.39 -25.27
N MET Y 457 -18.11 41.82 -26.44
CA MET Y 457 -18.07 43.23 -26.78
C MET Y 457 -19.47 43.74 -27.10
N HIS Y 458 -20.18 43.00 -27.97
CA HIS Y 458 -21.55 43.35 -28.35
C HIS Y 458 -22.40 43.25 -27.10
N LEU Y 459 -21.93 42.43 -26.16
CA LEU Y 459 -22.64 42.21 -24.93
C LEU Y 459 -22.59 43.45 -24.06
N VAL Y 460 -21.55 44.25 -24.26
CA VAL Y 460 -21.38 45.47 -23.50
C VAL Y 460 -22.17 46.61 -24.09
N ASN Y 461 -22.19 46.72 -25.42
CA ASN Y 461 -22.92 47.80 -26.06
C ASN Y 461 -24.42 47.65 -25.88
N ILE Y 462 -24.91 46.41 -25.95
CA ILE Y 462 -26.34 46.22 -25.78
C ILE Y 462 -26.73 46.50 -24.34
N SER Y 463 -25.94 45.99 -23.39
CA SER Y 463 -26.20 46.21 -21.97
C SER Y 463 -27.64 45.87 -21.63
N SER Y 464 -28.13 46.40 -20.50
CA SER Y 464 -29.51 46.15 -20.08
C SER Y 464 -30.50 46.61 -21.14
N ASN Y 465 -30.10 47.61 -21.93
CA ASN Y 465 -30.95 48.17 -22.98
C ASN Y 465 -31.57 47.07 -23.83
N THR Y 466 -32.87 46.86 -23.68
CA THR Y 466 -33.55 45.81 -24.44
C THR Y 466 -33.79 46.24 -25.88
N ALA Y 467 -33.96 47.55 -26.11
CA ALA Y 467 -34.21 48.08 -27.44
C ALA Y 467 -33.08 47.83 -28.45
N ALA Y 468 -31.86 47.69 -27.95
CA ALA Y 468 -30.69 47.44 -28.81
C ALA Y 468 -30.48 45.94 -28.99
N ALA Y 469 -31.10 45.15 -28.12
CA ALA Y 469 -30.96 43.70 -28.20
C ALA Y 469 -32.05 43.17 -29.15
N LEU Y 470 -33.22 43.80 -29.12
CA LEU Y 470 -34.34 43.40 -29.97
C LEU Y 470 -34.01 43.49 -31.47
N PRO Y 471 -33.17 44.46 -31.88
CA PRO Y 471 -32.83 44.57 -33.30
C PRO Y 471 -32.18 43.27 -33.76
N LEU Y 472 -31.43 42.63 -32.86
CA LEU Y 472 -30.76 41.38 -33.19
C LEU Y 472 -31.68 40.17 -33.39
N VAL Y 473 -32.74 40.07 -32.60
CA VAL Y 473 -33.64 38.93 -32.73
C VAL Y 473 -34.66 39.05 -33.86
N GLU Y 474 -34.80 40.26 -34.42
CA GLU Y 474 -35.72 40.44 -35.54
C GLU Y 474 -34.89 40.36 -36.80
N ALA Y 475 -33.61 40.68 -36.67
CA ALA Y 475 -32.70 40.60 -37.80
C ALA Y 475 -32.75 39.13 -38.21
N LEU Y 476 -32.82 38.27 -37.20
CA LEU Y 476 -32.87 36.83 -37.43
C LEU Y 476 -34.30 36.40 -37.74
N SER Y 477 -35.29 37.01 -37.07
CA SER Y 477 -36.70 36.69 -37.30
C SER Y 477 -37.08 36.91 -38.76
N THR Y 478 -36.29 37.73 -39.47
CA THR Y 478 -36.57 37.96 -40.87
C THR Y 478 -35.95 36.79 -41.60
N LEU Y 479 -34.62 36.77 -41.66
CA LEU Y 479 -33.88 35.71 -42.31
C LEU Y 479 -34.53 34.34 -42.11
N LEU Y 480 -34.94 34.05 -40.87
CA LEU Y 480 -35.58 32.78 -40.59
C LEU Y 480 -36.79 32.60 -41.47
N ARG Y 481 -37.81 33.43 -41.25
CA ARG Y 481 -39.04 33.36 -42.02
C ARG Y 481 -38.87 33.45 -43.54
N SER Y 482 -38.03 34.38 -43.99
CA SER Y 482 -37.81 34.57 -45.42
C SER Y 482 -37.02 33.42 -46.06
N VAL Y 483 -36.79 32.35 -45.30
CA VAL Y 483 -36.02 31.22 -45.80
C VAL Y 483 -36.65 29.85 -45.51
N THR Y 484 -37.59 29.81 -44.57
CA THR Y 484 -38.25 28.57 -44.17
C THR Y 484 -39.20 27.97 -45.20
N PRO Y 485 -39.23 26.63 -45.30
CA PRO Y 485 -40.12 25.94 -46.26
C PRO Y 485 -41.50 25.94 -45.65
N LEU Y 486 -41.53 26.18 -44.35
CA LEU Y 486 -42.78 26.20 -43.59
C LEU Y 486 -43.61 27.44 -43.90
N VAL Y 487 -44.87 27.23 -44.24
CA VAL Y 487 -45.80 28.32 -44.51
C VAL Y 487 -47.01 28.15 -43.59
N LEU Y 488 -47.10 29.02 -42.59
CA LEU Y 488 -48.19 28.96 -41.60
C LEU Y 488 -49.52 29.49 -42.13
N ASP Y 489 -50.60 28.72 -41.94
CA ASP Y 489 -51.91 29.17 -42.39
C ASP Y 489 -53.04 28.38 -41.72
N PRO Y 490 -53.85 29.08 -40.91
CA PRO Y 490 -54.98 28.53 -40.16
C PRO Y 490 -56.19 28.08 -40.95
N THR Y 491 -56.16 28.21 -42.27
CA THR Y 491 -57.32 27.78 -43.07
C THR Y 491 -57.75 26.39 -42.63
N VAL Y 492 -56.86 25.40 -42.70
CA VAL Y 492 -57.19 24.04 -42.30
C VAL Y 492 -57.71 23.99 -40.86
N LEU Y 493 -56.98 24.64 -39.95
CA LEU Y 493 -57.37 24.67 -38.56
C LEU Y 493 -58.77 25.27 -38.40
N THR Y 494 -58.98 26.44 -38.99
CA THR Y 494 -60.28 27.11 -38.91
C THR Y 494 -61.38 26.16 -39.36
N ASN Y 495 -61.26 25.58 -40.55
CA ASN Y 495 -62.28 24.66 -41.04
C ASN Y 495 -62.59 23.67 -39.94
N ALA Y 496 -61.62 22.81 -39.65
CA ALA Y 496 -61.75 21.79 -38.61
C ALA Y 496 -62.52 22.28 -37.38
N ILE Y 497 -62.07 23.39 -36.81
CA ILE Y 497 -62.71 23.94 -35.62
C ILE Y 497 -64.06 24.59 -35.98
N THR Y 498 -64.06 25.55 -36.91
CA THR Y 498 -65.29 26.24 -37.32
C THR Y 498 -66.54 25.37 -37.47
N THR Y 499 -66.38 24.07 -37.75
CA THR Y 499 -67.56 23.23 -37.92
C THR Y 499 -68.28 23.14 -36.58
N ILE Y 500 -67.66 22.49 -35.61
CA ILE Y 500 -68.26 22.33 -34.28
C ILE Y 500 -68.10 23.55 -33.39
N SER Y 501 -68.62 24.69 -33.82
CA SER Y 501 -68.53 25.91 -33.03
C SER Y 501 -69.64 26.89 -33.37
N ASP Y 524 -48.75 36.69 -41.15
CA ASP Y 524 -47.86 37.22 -40.12
C ASP Y 524 -48.00 36.47 -38.80
N TYR Y 525 -46.87 35.99 -38.29
CA TYR Y 525 -46.82 35.28 -37.01
C TYR Y 525 -45.53 35.63 -36.30
N ALA Y 526 -45.23 36.93 -36.25
CA ALA Y 526 -44.02 37.41 -35.60
C ALA Y 526 -43.82 36.72 -34.26
N ALA Y 527 -44.89 36.57 -33.49
CA ALA Y 527 -44.82 35.91 -32.19
C ALA Y 527 -44.01 34.61 -32.31
N PHE Y 528 -44.42 33.76 -33.26
CA PHE Y 528 -43.76 32.48 -33.50
C PHE Y 528 -42.31 32.66 -33.97
N TRP Y 529 -42.12 33.38 -35.06
CA TRP Y 529 -40.79 33.63 -35.62
C TRP Y 529 -39.88 34.41 -34.68
N LYS Y 530 -40.49 35.16 -33.77
CA LYS Y 530 -39.74 35.93 -32.81
C LYS Y 530 -39.68 35.04 -31.57
N CYS Y 531 -39.62 33.74 -31.78
CA CYS Y 531 -39.56 32.79 -30.67
C CYS Y 531 -38.49 31.76 -30.99
N ILE Y 532 -38.25 31.59 -32.29
CA ILE Y 532 -37.23 30.67 -32.74
C ILE Y 532 -35.97 31.52 -32.89
N ALA Y 533 -36.14 32.73 -33.44
CA ALA Y 533 -35.02 33.64 -33.59
C ALA Y 533 -34.69 34.08 -32.18
N SER Y 534 -35.61 33.80 -31.26
CA SER Y 534 -35.44 34.16 -29.85
C SER Y 534 -34.51 33.17 -29.16
N TRP Y 535 -34.51 31.92 -29.63
CA TRP Y 535 -33.65 30.88 -29.07
C TRP Y 535 -32.21 31.06 -29.49
N ALA Y 536 -32.02 31.52 -30.72
CA ALA Y 536 -30.68 31.73 -31.25
C ALA Y 536 -29.95 32.77 -30.41
N TYR Y 537 -30.71 33.52 -29.61
CA TYR Y 537 -30.12 34.53 -28.73
C TYR Y 537 -30.57 34.35 -27.28
N ASN Y 538 -31.01 33.14 -26.98
CA ASN Y 538 -31.42 32.77 -25.63
C ASN Y 538 -30.18 33.03 -24.78
N GLY Y 539 -30.15 34.21 -24.16
CA GLY Y 539 -29.01 34.56 -23.35
C GLY Y 539 -28.66 36.04 -23.47
N LEU Y 540 -29.30 36.69 -24.43
CA LEU Y 540 -29.12 38.11 -24.67
C LEU Y 540 -30.51 38.74 -24.59
N VAL Y 541 -31.52 37.91 -24.83
CA VAL Y 541 -32.92 38.32 -24.82
C VAL Y 541 -33.83 37.08 -24.78
N THR Y 542 -34.36 36.76 -23.59
CA THR Y 542 -35.26 35.61 -23.48
C THR Y 542 -36.64 36.03 -23.94
N THR Y 543 -37.49 35.05 -24.20
CA THR Y 543 -38.85 35.34 -24.63
C THR Y 543 -39.75 34.77 -23.54
N VAL Y 544 -40.37 35.65 -22.77
CA VAL Y 544 -41.25 35.25 -21.69
C VAL Y 544 -42.69 35.29 -22.19
N LEU Y 545 -43.64 34.88 -21.37
CA LEU Y 545 -45.04 34.89 -21.79
C LEU Y 545 -45.75 36.16 -21.31
N SER Y 546 -46.31 36.94 -22.24
CA SER Y 546 -47.00 38.18 -21.90
C SER Y 546 -47.91 37.95 -20.69
N GLU Y 547 -47.79 38.79 -19.67
CA GLU Y 547 -48.59 38.66 -18.46
C GLU Y 547 -50.09 38.53 -18.74
N ASP Y 548 -50.57 39.15 -19.81
CA ASP Y 548 -52.00 39.08 -20.15
C ASP Y 548 -52.45 37.64 -20.32
N ALA Y 549 -51.55 36.80 -20.85
CA ALA Y 549 -51.84 35.39 -21.08
C ALA Y 549 -52.36 34.71 -19.83
N PHE Y 550 -51.68 34.90 -18.72
CA PHE Y 550 -52.09 34.29 -17.46
C PHE Y 550 -53.50 34.69 -17.06
N PRO Y 551 -54.26 33.75 -16.45
CA PRO Y 551 -55.64 33.99 -16.00
C PRO Y 551 -55.72 34.38 -14.52
N ASP Y 552 -55.82 35.69 -14.28
CA ASP Y 552 -55.90 36.27 -12.93
C ASP Y 552 -56.15 35.30 -11.76
N SER Y 553 -55.12 35.12 -10.94
CA SER Y 553 -55.19 34.23 -9.77
C SER Y 553 -56.17 34.79 -8.72
N SER Y 554 -57.44 34.46 -8.92
CA SER Y 554 -58.54 34.88 -8.06
C SER Y 554 -59.76 34.48 -8.87
N GLN Y 555 -59.46 33.92 -10.03
CA GLN Y 555 -60.46 33.46 -10.97
C GLN Y 555 -60.57 31.95 -10.76
N SER Y 556 -61.72 31.37 -11.10
CA SER Y 556 -61.89 29.94 -10.93
C SER Y 556 -61.58 29.19 -12.22
N ILE Y 557 -61.62 27.87 -12.13
CA ILE Y 557 -61.37 27.05 -13.29
C ILE Y 557 -62.72 26.80 -13.95
N THR Y 558 -63.79 26.97 -13.18
CA THR Y 558 -65.13 26.79 -13.70
C THR Y 558 -65.35 27.87 -14.75
N HIS Y 559 -64.64 28.99 -14.60
CA HIS Y 559 -64.73 30.09 -15.55
C HIS Y 559 -64.08 29.63 -16.86
N LEU Y 560 -64.89 29.30 -17.86
CA LEU Y 560 -64.40 28.82 -19.15
C LEU Y 560 -63.39 29.73 -19.88
N PRO Y 561 -63.71 31.03 -20.02
CA PRO Y 561 -62.77 31.94 -20.71
C PRO Y 561 -61.39 31.85 -20.07
N SER Y 562 -61.39 31.58 -18.77
CA SER Y 562 -60.17 31.47 -17.97
C SER Y 562 -59.40 30.18 -18.19
N MET Y 563 -60.11 29.06 -18.17
CA MET Y 563 -59.45 27.77 -18.36
C MET Y 563 -58.90 27.63 -19.79
N TRP Y 564 -59.42 28.43 -20.72
CA TRP Y 564 -58.94 28.38 -22.10
C TRP Y 564 -57.69 29.23 -22.22
N LYS Y 565 -57.72 30.38 -21.56
CA LYS Y 565 -56.58 31.31 -21.57
C LYS Y 565 -55.41 30.57 -20.94
N CYS Y 566 -55.72 29.46 -20.30
CA CYS Y 566 -54.74 28.61 -19.63
C CYS Y 566 -54.24 27.53 -20.58
N LEU Y 567 -55.17 26.91 -21.32
CA LEU Y 567 -54.83 25.87 -22.28
C LEU Y 567 -53.92 26.42 -23.37
N PHE Y 568 -54.09 27.70 -23.70
CA PHE Y 568 -53.25 28.36 -24.70
C PHE Y 568 -51.90 28.70 -24.10
N LEU Y 569 -51.89 28.85 -22.78
CA LEU Y 569 -50.66 29.19 -22.07
C LEU Y 569 -49.77 27.96 -21.87
N THR Y 570 -50.26 26.79 -22.26
CA THR Y 570 -49.48 25.57 -22.12
C THR Y 570 -48.98 25.14 -23.48
N LEU Y 571 -49.91 24.94 -24.39
CA LEU Y 571 -49.58 24.55 -25.75
C LEU Y 571 -48.43 25.40 -26.29
N ALA Y 572 -48.36 26.65 -25.82
CA ALA Y 572 -47.34 27.60 -26.26
C ALA Y 572 -46.14 27.74 -25.32
N GLY Y 573 -46.26 27.16 -24.12
CA GLY Y 573 -45.17 27.26 -23.15
C GLY Y 573 -43.78 26.92 -23.68
N PRO Y 574 -43.50 25.64 -23.96
CA PRO Y 574 -42.19 25.21 -24.46
C PRO Y 574 -41.68 26.08 -25.60
N MET Y 575 -42.61 26.61 -26.39
CA MET Y 575 -42.27 27.45 -27.53
C MET Y 575 -41.43 28.66 -27.16
N THR Y 576 -41.40 29.02 -25.87
CA THR Y 576 -40.63 30.18 -25.42
C THR Y 576 -39.25 29.78 -24.92
N SER Y 577 -38.45 30.79 -24.58
CA SER Y 577 -37.10 30.54 -24.10
C SER Y 577 -36.87 31.03 -22.68
N ASP Y 578 -37.94 31.07 -21.87
CA ASP Y 578 -37.80 31.51 -20.48
C ASP Y 578 -37.48 30.28 -19.63
N PRO Y 579 -36.35 30.31 -18.92
CA PRO Y 579 -35.97 29.17 -18.07
C PRO Y 579 -37.01 28.87 -17.00
N HIS Y 580 -37.97 29.77 -16.84
CA HIS Y 580 -39.02 29.62 -15.83
C HIS Y 580 -40.40 29.34 -16.38
N SER Y 581 -40.51 28.96 -17.65
CA SER Y 581 -41.81 28.71 -18.22
C SER Y 581 -42.45 27.43 -17.65
N PRO Y 582 -41.71 26.32 -17.59
CA PRO Y 582 -42.24 25.07 -17.05
C PRO Y 582 -42.95 25.25 -15.71
N VAL Y 583 -42.56 26.28 -14.96
CA VAL Y 583 -43.17 26.56 -13.67
C VAL Y 583 -44.35 27.49 -13.86
N LYS Y 584 -44.12 28.68 -14.44
CA LYS Y 584 -45.19 29.64 -14.66
C LYS Y 584 -46.41 28.93 -15.27
N VAL Y 585 -46.16 27.99 -16.18
CA VAL Y 585 -47.24 27.22 -16.80
C VAL Y 585 -47.94 26.42 -15.72
N PHE Y 586 -47.24 25.42 -15.18
CA PHE Y 586 -47.80 24.58 -14.11
C PHE Y 586 -48.52 25.42 -13.06
N MET Y 587 -47.95 26.57 -12.76
CA MET Y 587 -48.50 27.47 -11.75
C MET Y 587 -49.84 28.07 -12.14
N ALA Y 588 -49.98 28.42 -13.41
CA ALA Y 588 -51.22 29.01 -13.91
C ALA Y 588 -52.40 28.12 -13.53
N LEU Y 589 -52.24 26.82 -13.68
CA LEU Y 589 -53.30 25.88 -13.34
C LEU Y 589 -53.36 25.66 -11.83
N ALA Y 590 -52.25 25.85 -11.13
CA ALA Y 590 -52.24 25.68 -9.69
C ALA Y 590 -53.05 26.83 -9.11
N ASN Y 591 -53.18 27.90 -9.90
CA ASN Y 591 -53.94 29.08 -9.50
C ASN Y 591 -55.42 28.87 -9.74
N LEU Y 592 -55.78 28.71 -11.01
CA LEU Y 592 -57.16 28.52 -11.40
C LEU Y 592 -57.92 27.63 -10.44
N LEU Y 593 -57.53 26.37 -10.33
CA LEU Y 593 -58.22 25.50 -9.39
C LEU Y 593 -57.51 25.55 -8.06
N ALA Y 594 -57.75 26.63 -7.32
CA ALA Y 594 -57.16 26.86 -6.02
C ALA Y 594 -58.09 26.32 -4.95
N GLN Y 595 -59.38 26.22 -5.27
CA GLN Y 595 -60.33 25.70 -4.30
C GLN Y 595 -60.66 24.23 -4.51
N PRO Y 596 -60.78 23.79 -5.76
CA PRO Y 596 -61.09 22.36 -5.90
C PRO Y 596 -59.86 21.50 -5.54
N GLU Y 597 -58.68 22.02 -5.85
CA GLU Y 597 -57.44 21.31 -5.55
C GLU Y 597 -56.58 22.19 -4.65
N PRO Y 598 -57.03 22.45 -3.42
CA PRO Y 598 -56.23 23.31 -2.54
C PRO Y 598 -54.96 22.65 -2.01
N ILE Y 599 -53.90 22.70 -2.80
CA ILE Y 599 -52.62 22.10 -2.41
C ILE Y 599 -51.66 23.16 -1.87
N ALA Y 600 -50.98 22.83 -0.77
CA ALA Y 600 -50.03 23.77 -0.15
C ALA Y 600 -48.77 23.95 -0.99
N ILE Y 601 -48.32 25.21 -1.11
CA ILE Y 601 -47.13 25.55 -1.87
C ILE Y 601 -45.92 25.71 -0.94
N GLY Y 602 -44.87 24.92 -1.20
CA GLY Y 602 -43.68 24.99 -0.36
C GLY Y 602 -43.01 26.35 -0.20
N VAL Y 603 -42.69 27.02 -1.32
CA VAL Y 603 -42.03 28.33 -1.28
C VAL Y 603 -42.67 29.27 -0.26
N PRO Y 604 -41.92 29.63 0.80
CA PRO Y 604 -42.38 30.53 1.86
C PRO Y 604 -42.90 31.88 1.37
N GLY Y 605 -43.89 32.42 2.07
CA GLY Y 605 -44.44 33.70 1.70
C GLY Y 605 -45.26 33.67 0.42
N MET Y 606 -45.49 32.47 -0.12
CA MET Y 606 -46.27 32.34 -1.35
C MET Y 606 -47.34 31.25 -1.25
N HIS Y 607 -48.50 31.54 -1.82
CA HIS Y 607 -49.61 30.61 -1.76
C HIS Y 607 -50.23 30.30 -3.11
N GLN Y 608 -50.82 29.10 -3.20
CA GLN Y 608 -51.44 28.61 -4.41
C GLN Y 608 -52.14 29.69 -5.23
N THR Y 609 -52.52 30.77 -4.56
CA THR Y 609 -53.22 31.88 -5.20
C THR Y 609 -52.33 33.05 -5.62
N THR Y 610 -51.01 32.83 -5.62
CA THR Y 610 -50.07 33.87 -6.03
C THR Y 610 -50.03 33.94 -7.54
N PRO Y 611 -50.14 35.16 -8.10
CA PRO Y 611 -50.11 35.29 -9.56
C PRO Y 611 -48.96 34.50 -10.18
N ALA Y 612 -49.31 33.60 -11.11
CA ALA Y 612 -48.33 32.76 -11.78
C ALA Y 612 -47.11 33.52 -12.28
N SER Y 613 -47.33 34.62 -13.02
CA SER Y 613 -46.23 35.44 -13.54
C SER Y 613 -45.14 35.54 -12.49
N GLN Y 614 -45.54 36.03 -11.32
CA GLN Y 614 -44.69 36.22 -10.15
C GLN Y 614 -43.53 35.23 -9.98
N PHE Y 615 -43.79 33.93 -10.21
CA PHE Y 615 -42.74 32.90 -10.09
C PHE Y 615 -41.73 33.01 -11.22
N SER Y 616 -40.57 33.64 -10.96
CA SER Y 616 -39.56 33.80 -11.99
C SER Y 616 -38.15 33.72 -11.40
N HIS Y 617 -37.96 32.80 -10.47
CA HIS Y 617 -36.66 32.59 -9.85
C HIS Y 617 -36.61 31.12 -9.49
N PRO Y 618 -35.49 30.45 -9.77
CA PRO Y 618 -35.33 29.02 -9.47
C PRO Y 618 -35.55 28.70 -8.01
N GLY Y 619 -35.55 29.74 -7.17
CA GLY Y 619 -35.78 29.54 -5.75
C GLY Y 619 -37.26 29.36 -5.50
N VAL Y 620 -38.07 30.28 -6.01
CA VAL Y 620 -39.51 30.26 -5.83
C VAL Y 620 -40.25 29.00 -6.30
N TRP Y 621 -39.59 28.18 -7.15
CA TRP Y 621 -40.21 26.95 -7.65
C TRP Y 621 -40.84 26.13 -6.53
N PRO Y 622 -42.11 25.72 -6.69
CA PRO Y 622 -42.78 24.92 -5.65
C PRO Y 622 -42.12 23.55 -5.51
N PRO Y 623 -41.97 23.06 -4.26
CA PRO Y 623 -41.36 21.74 -4.09
C PRO Y 623 -42.28 20.68 -4.69
N GLY Y 624 -43.59 20.92 -4.58
CA GLY Y 624 -44.56 19.99 -5.12
C GLY Y 624 -44.33 19.80 -6.61
N PHE Y 625 -43.97 20.89 -7.30
CA PHE Y 625 -43.70 20.84 -8.73
C PHE Y 625 -42.37 20.15 -9.01
N LEU Y 626 -41.40 20.37 -8.13
CA LEU Y 626 -40.08 19.78 -8.28
C LEU Y 626 -40.14 18.27 -8.07
N ASN Y 627 -41.22 17.83 -7.44
CA ASN Y 627 -41.42 16.41 -7.17
C ASN Y 627 -42.90 16.11 -7.11
N PRO Y 628 -43.51 15.75 -8.25
CA PRO Y 628 -44.93 15.43 -8.31
C PRO Y 628 -45.44 14.60 -7.13
N GLN Y 629 -44.61 13.66 -6.66
CA GLN Y 629 -44.98 12.81 -5.53
C GLN Y 629 -45.61 13.58 -4.37
N LEU Y 630 -45.05 14.74 -4.06
CA LEU Y 630 -45.54 15.56 -2.96
C LEU Y 630 -47.05 15.85 -3.00
N ILE Y 631 -47.59 16.06 -4.21
CA ILE Y 631 -49.03 16.33 -4.35
C ILE Y 631 -49.72 14.97 -4.25
N ASN Y 632 -51.00 14.95 -3.88
CA ASN Y 632 -51.70 13.67 -3.77
C ASN Y 632 -52.65 13.45 -4.93
N PRO Y 633 -52.79 12.20 -5.39
CA PRO Y 633 -53.69 11.90 -6.50
C PRO Y 633 -55.17 12.21 -6.21
N GLN Y 634 -55.64 11.84 -5.02
CA GLN Y 634 -57.03 12.09 -4.64
C GLN Y 634 -57.24 13.41 -3.90
N GLN Y 635 -56.17 13.99 -3.36
CA GLN Y 635 -56.26 15.26 -2.67
C GLN Y 635 -56.46 16.33 -3.75
N ALA Y 636 -55.48 16.43 -4.63
CA ALA Y 636 -55.50 17.39 -5.73
C ALA Y 636 -55.23 16.61 -7.01
N PRO Y 637 -56.20 15.80 -7.46
CA PRO Y 637 -56.06 14.99 -8.68
C PRO Y 637 -55.40 15.70 -9.86
N LEU Y 638 -56.09 16.70 -10.39
CA LEU Y 638 -55.59 17.43 -11.54
C LEU Y 638 -54.14 17.92 -11.46
N LEU Y 639 -53.73 18.46 -10.31
CA LEU Y 639 -52.36 18.95 -10.17
C LEU Y 639 -51.33 17.83 -10.20
N ARG Y 640 -51.52 16.81 -9.35
CA ARG Y 640 -50.60 15.67 -9.31
C ARG Y 640 -50.53 15.04 -10.67
N ALA Y 641 -51.51 15.34 -11.52
CA ALA Y 641 -51.58 14.81 -12.88
C ALA Y 641 -50.99 15.82 -13.85
N PHE Y 642 -51.08 17.10 -13.51
CA PHE Y 642 -50.54 18.17 -14.38
C PHE Y 642 -49.04 18.32 -14.20
N ALA Y 643 -48.58 18.26 -12.95
CA ALA Y 643 -47.15 18.37 -12.69
C ALA Y 643 -46.53 17.09 -13.23
N GLU Y 644 -47.24 15.97 -13.06
CA GLU Y 644 -46.77 14.68 -13.55
C GLU Y 644 -46.53 14.80 -15.05
N HIS Y 645 -47.45 15.48 -15.72
CA HIS Y 645 -47.42 15.72 -17.15
C HIS Y 645 -46.18 16.52 -17.59
N ILE Y 646 -45.99 17.68 -16.98
CA ILE Y 646 -44.86 18.55 -17.31
C ILE Y 646 -43.53 17.90 -16.96
N ARG Y 647 -43.46 17.26 -15.80
CA ARG Y 647 -42.23 16.59 -15.36
C ARG Y 647 -41.80 15.58 -16.42
N ALA Y 648 -42.78 15.03 -17.14
CA ALA Y 648 -42.51 14.03 -18.15
C ALA Y 648 -43.07 14.34 -19.53
N ASN Y 649 -42.83 15.55 -20.03
CA ASN Y 649 -43.35 15.91 -21.35
C ASN Y 649 -42.72 17.15 -21.93
N TRP Y 650 -42.37 18.08 -21.06
CA TRP Y 650 -41.75 19.31 -21.52
C TRP Y 650 -40.53 18.85 -22.32
N PRO Y 651 -40.41 19.31 -23.58
CA PRO Y 651 -39.30 18.94 -24.46
C PRO Y 651 -37.93 18.92 -23.82
N GLN Y 652 -37.16 17.88 -24.19
CA GLN Y 652 -35.82 17.68 -23.70
C GLN Y 652 -34.91 18.54 -24.56
N PRO Y 653 -34.18 19.49 -23.96
CA PRO Y 653 -33.30 20.31 -24.80
C PRO Y 653 -32.29 19.47 -25.60
N SER Y 654 -31.49 20.13 -26.42
CA SER Y 654 -30.50 19.41 -27.20
C SER Y 654 -29.59 20.40 -27.93
N GLU Y 655 -28.94 19.94 -28.98
CA GLU Y 655 -28.03 20.81 -29.72
C GLU Y 655 -27.69 20.29 -31.11
N PHE Y 656 -26.68 20.91 -31.71
CA PHE Y 656 -26.20 20.55 -33.03
C PHE Y 656 -25.05 21.47 -33.39
N GLY Y 657 -24.17 21.02 -34.27
CA GLY Y 657 -23.05 21.86 -34.67
C GLY Y 657 -23.60 22.89 -35.63
N TYR Y 658 -22.74 23.78 -36.12
CA TYR Y 658 -23.18 24.79 -37.07
C TYR Y 658 -21.95 25.53 -37.58
N GLY Y 659 -22.08 26.17 -38.74
CA GLY Y 659 -20.95 26.89 -39.30
C GLY Y 659 -19.76 25.98 -39.59
N SER Y 660 -18.66 26.58 -40.02
CA SER Y 660 -17.46 25.82 -40.36
C SER Y 660 -16.52 25.69 -39.19
N THR Y 661 -15.60 24.74 -39.28
CA THR Y 661 -14.63 24.51 -38.21
C THR Y 661 -13.42 25.44 -38.41
N LEU Y 662 -13.17 25.83 -39.66
CA LEU Y 662 -12.06 26.71 -39.99
C LEU Y 662 -12.53 28.16 -39.81
N GLN Y 663 -13.61 28.34 -39.04
CA GLN Y 663 -14.19 29.65 -38.78
C GLN Y 663 -13.70 30.30 -37.50
N GLY Y 664 -14.05 29.72 -36.35
CA GLY Y 664 -13.64 30.27 -35.08
C GLY Y 664 -14.85 30.55 -34.19
N SER Y 665 -15.27 29.52 -33.46
CA SER Y 665 -16.42 29.59 -32.55
C SER Y 665 -17.16 30.92 -32.47
N ALA Y 666 -16.53 31.90 -31.81
CA ALA Y 666 -17.12 33.22 -31.65
C ALA Y 666 -18.24 33.20 -30.61
N ASN Y 667 -18.56 32.00 -30.09
CA ASN Y 667 -19.59 31.89 -29.06
C ASN Y 667 -18.92 31.62 -27.70
N LEU Y 668 -19.53 32.16 -26.66
CA LEU Y 668 -18.99 32.07 -25.30
C LEU Y 668 -19.22 30.83 -24.45
N PHE Y 669 -20.45 30.67 -23.94
CA PHE Y 669 -20.74 29.55 -23.06
C PHE Y 669 -20.88 28.15 -23.64
N ILE Y 670 -21.67 28.01 -24.70
CA ILE Y 670 -21.85 26.71 -25.33
C ILE Y 670 -20.62 26.36 -26.19
N PRO Y 671 -20.24 25.06 -26.24
CA PRO Y 671 -19.08 24.60 -27.02
C PRO Y 671 -18.92 25.28 -28.39
N SER Y 672 -17.67 25.35 -28.87
CA SER Y 672 -17.35 25.98 -30.15
C SER Y 672 -18.26 25.61 -31.32
N ASN Y 673 -18.39 26.54 -32.28
CA ASN Y 673 -19.25 26.39 -33.45
C ASN Y 673 -20.21 25.20 -33.28
N ARG Y 674 -21.16 25.40 -32.37
CA ARG Y 674 -22.16 24.39 -32.03
C ARG Y 674 -23.22 24.99 -31.09
N MET Y 675 -24.46 25.09 -31.57
CA MET Y 675 -25.57 25.68 -30.80
C MET Y 675 -26.28 24.77 -29.81
N VAL Y 676 -27.27 25.35 -29.13
CA VAL Y 676 -28.09 24.65 -28.13
C VAL Y 676 -29.57 24.95 -28.40
N TYR Y 677 -30.27 23.90 -28.79
CA TYR Y 677 -31.68 23.95 -29.17
C TYR Y 677 -32.66 23.49 -28.07
N PRO Y 678 -33.83 24.14 -27.94
CA PRO Y 678 -34.85 23.77 -26.93
C PRO Y 678 -35.38 22.35 -27.06
N TRP Y 679 -35.92 22.04 -28.25
CA TRP Y 679 -36.49 20.71 -28.51
C TRP Y 679 -35.42 19.78 -29.06
N PRO Y 680 -35.65 18.46 -28.98
CA PRO Y 680 -34.67 17.50 -29.50
C PRO Y 680 -34.72 17.54 -31.04
N ASN Y 681 -33.57 17.65 -31.68
CA ASN Y 681 -33.54 17.72 -33.14
C ASN Y 681 -33.00 16.46 -33.82
N GLN Y 682 -33.32 16.27 -35.10
CA GLN Y 682 -32.88 15.09 -35.86
C GLN Y 682 -32.75 15.38 -37.34
N PRO Y 683 -31.79 14.71 -38.02
CA PRO Y 683 -31.57 14.89 -39.45
C PRO Y 683 -32.86 14.72 -40.24
N LEU Y 684 -33.18 15.71 -41.07
CA LEU Y 684 -34.40 15.71 -41.88
C LEU Y 684 -34.74 14.37 -42.56
N PRO Y 685 -35.62 13.57 -41.95
CA PRO Y 685 -36.04 12.26 -42.49
C PRO Y 685 -36.99 12.40 -43.67
N ARG Y 686 -36.94 11.43 -44.57
CA ARG Y 686 -37.81 11.42 -45.73
C ARG Y 686 -39.26 11.52 -45.25
N LEU Y 687 -39.90 12.65 -45.52
CA LEU Y 687 -41.28 12.86 -45.09
C LEU Y 687 -42.13 11.59 -45.19
N THR Y 688 -42.92 11.34 -44.16
CA THR Y 688 -43.83 10.18 -44.11
C THR Y 688 -44.80 10.40 -42.96
N VAL Y 689 -45.61 9.39 -42.65
CA VAL Y 689 -46.57 9.54 -41.56
C VAL Y 689 -45.87 9.42 -40.22
N ALA Y 690 -44.71 8.76 -40.20
CA ALA Y 690 -43.99 8.59 -38.96
C ALA Y 690 -43.48 9.96 -38.48
N PRO Y 691 -42.38 10.48 -39.07
CA PRO Y 691 -41.89 11.78 -38.62
C PRO Y 691 -42.86 12.86 -39.08
N THR Y 692 -43.78 13.23 -38.20
CA THR Y 692 -44.79 14.25 -38.49
C THR Y 692 -45.91 14.04 -37.48
N TYR Y 693 -45.64 13.13 -36.54
CA TYR Y 693 -46.57 12.82 -35.47
C TYR Y 693 -45.76 12.36 -34.26
N ASP Y 694 -44.48 12.08 -34.49
CA ASP Y 694 -43.58 11.62 -33.43
C ASP Y 694 -42.63 12.70 -32.93
N SER Y 695 -42.73 13.91 -33.48
CA SER Y 695 -41.86 15.00 -33.08
C SER Y 695 -42.04 15.33 -31.61
N ALA Y 696 -41.05 15.98 -31.01
CA ALA Y 696 -41.15 16.34 -29.60
C ALA Y 696 -42.40 17.16 -29.39
N MET Y 697 -42.56 18.20 -30.21
CA MET Y 697 -43.70 19.11 -30.15
C MET Y 697 -45.04 18.45 -30.43
N SER Y 698 -45.08 17.48 -31.33
CA SER Y 698 -46.32 16.77 -31.65
C SER Y 698 -46.80 16.12 -30.36
N ASN Y 699 -45.87 15.51 -29.63
CA ASN Y 699 -46.20 14.87 -28.37
C ASN Y 699 -46.74 15.90 -27.40
N TRP Y 700 -46.00 17.00 -27.24
CA TRP Y 700 -46.42 18.07 -26.34
C TRP Y 700 -47.81 18.62 -26.69
N ILE Y 701 -47.99 19.03 -27.94
CA ILE Y 701 -49.27 19.55 -28.40
C ILE Y 701 -50.35 18.52 -28.12
N SER Y 702 -50.03 17.25 -28.38
CA SER Y 702 -50.96 16.15 -28.17
C SER Y 702 -51.35 15.91 -26.72
N THR Y 703 -50.39 15.40 -25.93
CA THR Y 703 -50.63 15.10 -24.51
C THR Y 703 -51.23 16.24 -23.70
N THR Y 704 -51.01 17.48 -24.13
CA THR Y 704 -51.57 18.63 -23.42
C THR Y 704 -53.06 18.68 -23.73
N ILE Y 705 -53.38 18.81 -25.01
CA ILE Y 705 -54.79 18.84 -25.41
C ILE Y 705 -55.48 17.65 -24.77
N ALA Y 706 -54.79 16.52 -24.73
CA ALA Y 706 -55.32 15.32 -24.13
C ALA Y 706 -55.66 15.63 -22.67
N PHE Y 707 -54.69 16.20 -21.96
CA PHE Y 707 -54.86 16.54 -20.54
C PHE Y 707 -55.98 17.55 -20.28
N PHE Y 708 -56.07 18.60 -21.09
CA PHE Y 708 -57.13 19.58 -20.87
C PHE Y 708 -58.51 19.05 -21.21
N ILE Y 709 -58.59 18.05 -22.09
CA ILE Y 709 -59.88 17.48 -22.44
C ILE Y 709 -60.49 16.81 -21.22
N ARG Y 710 -59.64 16.35 -20.31
CA ARG Y 710 -60.11 15.70 -19.10
C ARG Y 710 -60.40 16.75 -18.03
N VAL Y 711 -59.84 17.94 -18.20
CA VAL Y 711 -60.05 19.03 -17.25
C VAL Y 711 -61.38 19.70 -17.52
N VAL Y 712 -61.71 19.91 -18.80
CA VAL Y 712 -62.97 20.53 -19.15
C VAL Y 712 -64.09 19.51 -18.95
N ASN Y 713 -63.71 18.30 -18.56
CA ASN Y 713 -64.71 17.26 -18.32
C ASN Y 713 -64.74 16.90 -16.85
N SER Y 714 -64.10 17.70 -16.02
CA SER Y 714 -64.07 17.42 -14.59
C SER Y 714 -65.48 17.53 -14.03
N VAL Y 715 -65.72 16.92 -12.88
CA VAL Y 715 -67.03 16.98 -12.24
C VAL Y 715 -67.23 18.42 -11.81
N ASN Y 716 -66.15 19.05 -11.35
CA ASN Y 716 -66.17 20.44 -10.89
C ASN Y 716 -66.67 21.40 -11.96
N MET Y 717 -66.28 21.15 -13.20
CA MET Y 717 -66.69 21.98 -14.32
C MET Y 717 -68.20 22.16 -14.34
N THR Y 718 -68.92 21.08 -14.02
CA THR Y 718 -70.37 21.10 -14.01
C THR Y 718 -70.94 22.40 -13.44
N ALA Y 719 -70.42 22.82 -12.30
CA ALA Y 719 -70.89 24.04 -11.64
C ALA Y 719 -71.31 25.13 -12.63
N THR Y 720 -70.47 25.42 -13.62
CA THR Y 720 -70.79 26.45 -14.59
C THR Y 720 -70.85 25.99 -16.04
N VAL Y 721 -70.20 24.87 -16.35
CA VAL Y 721 -70.19 24.37 -17.74
C VAL Y 721 -71.43 23.51 -18.03
N ASN Y 722 -72.11 23.88 -19.11
CA ASN Y 722 -73.32 23.19 -19.55
C ASN Y 722 -72.92 21.81 -20.07
N ASP Y 723 -73.87 20.88 -20.14
CA ASP Y 723 -73.56 19.55 -20.64
C ASP Y 723 -73.26 19.61 -22.14
N LEU Y 724 -74.03 20.42 -22.86
CA LEU Y 724 -73.83 20.58 -24.30
C LEU Y 724 -72.51 21.31 -24.55
N THR Y 725 -72.35 22.46 -23.90
CA THR Y 725 -71.13 23.27 -24.05
C THR Y 725 -69.89 22.56 -23.52
N ARG Y 726 -70.08 21.62 -22.59
CA ARG Y 726 -68.92 20.88 -22.07
C ARG Y 726 -68.46 19.94 -23.16
N ARG Y 727 -69.40 19.51 -23.98
CA ARG Y 727 -69.10 18.60 -25.08
C ARG Y 727 -68.49 19.40 -26.22
N THR Y 728 -69.00 20.61 -26.42
CA THR Y 728 -68.51 21.50 -27.47
C THR Y 728 -67.06 21.87 -27.17
N MET Y 729 -66.69 21.81 -25.89
CA MET Y 729 -65.34 22.11 -25.49
C MET Y 729 -64.43 20.97 -25.90
N THR Y 730 -64.89 19.74 -25.61
CA THR Y 730 -64.12 18.58 -26.01
C THR Y 730 -64.07 18.57 -27.53
N GLY Y 731 -65.13 19.06 -28.15
CA GLY Y 731 -65.20 19.10 -29.60
C GLY Y 731 -64.10 19.94 -30.20
N VAL Y 732 -63.88 21.12 -29.64
CA VAL Y 732 -62.87 22.03 -30.15
C VAL Y 732 -61.43 21.64 -29.78
N MET Y 733 -61.20 21.30 -28.52
CA MET Y 733 -59.86 20.91 -28.10
C MET Y 733 -59.38 19.67 -28.82
N THR Y 734 -60.31 18.84 -29.30
CA THR Y 734 -59.91 17.64 -30.03
C THR Y 734 -59.58 18.02 -31.46
N ALA Y 735 -60.28 19.00 -32.01
CA ALA Y 735 -60.03 19.46 -33.36
C ALA Y 735 -58.55 19.86 -33.41
N MET Y 736 -58.16 20.72 -32.46
CA MET Y 736 -56.78 21.18 -32.38
C MET Y 736 -55.79 20.02 -32.31
N ARG Y 737 -55.99 19.14 -31.33
CA ARG Y 737 -55.12 17.99 -31.17
C ARG Y 737 -54.96 17.21 -32.47
N GLN Y 738 -56.08 16.79 -33.08
CA GLN Y 738 -56.01 16.02 -34.32
C GLN Y 738 -55.65 16.80 -35.58
N VAL Y 739 -55.76 18.14 -35.54
CA VAL Y 739 -55.42 18.93 -36.74
C VAL Y 739 -54.06 18.50 -37.24
N LYS Y 740 -53.92 18.39 -38.55
CA LYS Y 740 -52.66 17.98 -39.13
C LYS Y 740 -51.71 19.15 -39.36
N THR Y 741 -51.08 19.60 -38.27
CA THR Y 741 -50.13 20.69 -38.35
C THR Y 741 -48.79 20.09 -38.74
N MET Y 742 -48.06 20.76 -39.62
CA MET Y 742 -46.76 20.27 -40.08
C MET Y 742 -45.61 21.08 -39.49
N THR Y 743 -45.89 21.94 -38.52
CA THR Y 743 -44.82 22.73 -37.90
C THR Y 743 -44.07 21.86 -36.88
N PRO Y 744 -44.81 21.09 -36.05
CA PRO Y 744 -44.14 20.24 -35.06
C PRO Y 744 -42.98 19.47 -35.70
N PHE Y 745 -43.16 19.10 -36.97
CA PHE Y 745 -42.13 18.38 -37.70
C PHE Y 745 -41.04 19.32 -38.15
N TYR Y 746 -41.41 20.54 -38.50
CA TYR Y 746 -40.45 21.54 -38.95
C TYR Y 746 -39.56 21.98 -37.81
N ILE Y 747 -40.17 22.20 -36.64
CA ILE Y 747 -39.45 22.66 -35.47
C ILE Y 747 -38.61 21.55 -34.83
N GLN Y 748 -38.49 20.42 -35.51
CA GLN Y 748 -37.74 19.31 -34.94
C GLN Y 748 -36.86 18.57 -35.95
N HIS Y 749 -36.98 18.92 -37.23
CA HIS Y 749 -36.19 18.28 -38.28
C HIS Y 749 -35.64 19.31 -39.26
N MET Y 750 -36.47 20.29 -39.61
CA MET Y 750 -36.07 21.32 -40.57
C MET Y 750 -35.63 22.66 -39.99
N CYS Y 751 -36.09 22.97 -38.78
CA CYS Y 751 -35.72 24.23 -38.15
C CYS Y 751 -34.29 24.26 -37.62
N PRO Y 752 -33.73 23.09 -37.28
CA PRO Y 752 -32.35 23.16 -36.79
C PRO Y 752 -31.41 23.49 -37.94
N THR Y 753 -31.68 22.88 -39.10
CA THR Y 753 -30.84 23.09 -40.27
C THR Y 753 -30.86 24.53 -40.80
N GLU Y 754 -31.81 25.32 -40.33
CA GLU Y 754 -31.90 26.72 -40.74
C GLU Y 754 -31.03 27.52 -39.79
N LEU Y 755 -31.34 27.45 -38.51
CA LEU Y 755 -30.56 28.16 -37.50
C LEU Y 755 -29.07 27.81 -37.62
N SER Y 756 -28.75 26.54 -37.81
CA SER Y 756 -27.36 26.11 -37.95
C SER Y 756 -26.67 26.93 -39.02
N VAL Y 757 -27.36 27.13 -40.13
CA VAL Y 757 -26.85 27.92 -41.25
C VAL Y 757 -27.01 29.39 -40.97
N LEU Y 758 -28.27 29.82 -40.84
CA LEU Y 758 -28.58 31.21 -40.55
C LEU Y 758 -27.70 31.79 -39.44
N ALA Y 759 -27.20 30.91 -38.57
CA ALA Y 759 -26.34 31.32 -37.46
C ALA Y 759 -24.89 31.53 -37.87
N SER Y 760 -24.63 31.43 -39.17
CA SER Y 760 -23.28 31.60 -39.67
C SER Y 760 -23.18 32.78 -40.63
N VAL Y 761 -24.28 33.10 -41.30
CA VAL Y 761 -24.33 34.19 -42.26
C VAL Y 761 -24.79 35.50 -41.63
N THR Y 762 -24.57 35.64 -40.34
CA THR Y 762 -25.00 36.84 -39.64
C THR Y 762 -23.82 37.63 -39.07
N VAL Y 763 -23.75 38.93 -39.41
CA VAL Y 763 -22.65 39.79 -38.96
C VAL Y 763 -22.46 39.75 -37.44
N THR Y 764 -23.45 39.25 -36.73
CA THR Y 764 -23.37 39.15 -35.27
C THR Y 764 -23.77 37.73 -34.88
N PRO Y 765 -22.77 36.89 -34.52
CA PRO Y 765 -23.01 35.50 -34.12
C PRO Y 765 -23.98 35.40 -32.96
N PRO Y 766 -24.59 34.21 -32.78
CA PRO Y 766 -25.57 33.95 -31.71
C PRO Y 766 -25.01 33.74 -30.30
N PHE Y 767 -25.43 34.60 -29.37
CA PHE Y 767 -25.00 34.52 -27.97
C PHE Y 767 -26.02 33.55 -27.40
N GLN Y 768 -25.57 32.48 -26.75
CA GLN Y 768 -26.54 31.51 -26.26
C GLN Y 768 -26.18 30.73 -24.99
N VAL Y 769 -26.83 31.05 -23.88
CA VAL Y 769 -26.59 30.36 -22.60
C VAL Y 769 -27.36 29.05 -22.63
N PRO Y 770 -26.78 27.97 -22.08
CA PRO Y 770 -27.41 26.63 -22.05
C PRO Y 770 -28.87 26.56 -21.58
N PHE Y 771 -29.65 25.68 -22.21
CA PHE Y 771 -31.06 25.47 -21.87
C PHE Y 771 -31.17 24.47 -20.70
N THR Y 772 -32.25 24.54 -19.92
CA THR Y 772 -32.42 23.62 -18.78
C THR Y 772 -33.88 23.31 -18.46
N ARG Y 773 -34.27 22.04 -18.54
CA ARG Y 773 -35.66 21.73 -18.24
C ARG Y 773 -35.88 21.08 -16.87
N LEU Y 774 -36.32 21.89 -15.92
CA LEU Y 774 -36.64 21.44 -14.56
C LEU Y 774 -35.49 21.06 -13.63
N VAL Y 775 -34.26 21.07 -14.14
CA VAL Y 775 -33.10 20.72 -13.33
C VAL Y 775 -32.85 21.70 -12.18
N GLN Y 776 -33.79 22.63 -11.99
CA GLN Y 776 -33.71 23.68 -10.98
C GLN Y 776 -32.31 24.24 -10.73
N ASN Y 777 -31.76 24.02 -9.54
CA ASN Y 777 -30.44 24.55 -9.22
C ASN Y 777 -29.34 24.35 -10.28
N ASP Y 778 -29.40 25.21 -11.29
CA ASP Y 778 -28.45 25.22 -12.39
C ASP Y 778 -29.07 26.05 -13.51
N VAL Y 779 -30.36 26.37 -13.36
CA VAL Y 779 -31.08 27.19 -14.33
C VAL Y 779 -30.57 28.62 -14.18
N ILE Y 780 -29.75 29.06 -15.13
CA ILE Y 780 -29.17 30.39 -15.12
C ILE Y 780 -30.08 31.49 -14.60
N THR Y 781 -29.73 32.04 -13.43
CA THR Y 781 -30.52 33.12 -12.85
C THR Y 781 -30.10 34.44 -13.48
N ASN Y 782 -28.80 34.72 -13.49
CA ASN Y 782 -28.26 35.96 -14.06
C ASN Y 782 -27.13 35.74 -15.04
N VAL Y 783 -27.06 36.64 -16.03
CA VAL Y 783 -26.00 36.61 -17.04
C VAL Y 783 -25.36 37.99 -16.90
N LEU Y 784 -24.04 38.06 -16.84
CA LEU Y 784 -23.41 39.37 -16.69
C LEU Y 784 -22.01 39.49 -17.27
N VAL Y 785 -21.70 40.68 -17.76
CA VAL Y 785 -20.38 40.97 -18.32
C VAL Y 785 -19.61 41.63 -17.21
N ALA Y 786 -18.33 41.30 -17.06
CA ALA Y 786 -17.55 41.93 -16.01
C ALA Y 786 -16.33 42.60 -16.63
N ARG Y 787 -16.16 43.89 -16.35
CA ARG Y 787 -15.03 44.63 -16.89
C ARG Y 787 -13.78 44.34 -16.08
N VAL Y 788 -13.83 43.26 -15.30
CA VAL Y 788 -12.71 42.86 -14.45
C VAL Y 788 -13.20 41.79 -13.47
N ASP Y 789 -12.42 40.72 -13.32
CA ASP Y 789 -12.79 39.62 -12.40
C ASP Y 789 -13.10 40.19 -11.03
N PRO Y 790 -14.24 39.80 -10.43
CA PRO Y 790 -14.64 40.29 -9.11
C PRO Y 790 -13.48 40.39 -8.14
N ALA Y 791 -12.67 39.34 -8.07
CA ALA Y 791 -11.51 39.34 -7.17
C ALA Y 791 -10.82 40.71 -7.22
N GLN Y 792 -10.04 40.93 -8.27
CA GLN Y 792 -9.30 42.17 -8.45
C GLN Y 792 -10.13 43.44 -8.71
N ARG Y 793 -11.45 43.34 -8.63
CA ARG Y 793 -12.31 44.49 -8.90
C ARG Y 793 -12.53 45.47 -7.75
N GLY Y 794 -11.73 46.53 -7.70
CA GLY Y 794 -11.90 47.52 -6.65
C GLY Y 794 -13.19 48.24 -6.97
N ASP Y 795 -13.91 48.71 -5.95
CA ASP Y 795 -15.18 49.39 -6.16
C ASP Y 795 -16.17 48.45 -6.84
N ALA Y 796 -16.60 47.44 -6.10
CA ALA Y 796 -17.54 46.45 -6.63
C ALA Y 796 -18.66 47.13 -7.42
N ALA Y 797 -18.80 46.74 -8.68
CA ALA Y 797 -19.82 47.30 -9.55
C ALA Y 797 -20.36 46.15 -10.40
N VAL Y 798 -21.56 45.68 -10.05
CA VAL Y 798 -22.18 44.58 -10.79
C VAL Y 798 -22.53 45.04 -12.19
N ASP Y 799 -22.89 44.10 -13.06
CA ASP Y 799 -23.29 44.44 -14.41
C ASP Y 799 -24.76 44.86 -14.35
N ILE Y 800 -25.05 46.08 -14.80
CA ILE Y 800 -26.42 46.61 -14.77
C ILE Y 800 -27.50 45.55 -15.05
N ARG Y 801 -27.21 44.61 -15.95
CA ARG Y 801 -28.16 43.54 -16.31
C ARG Y 801 -28.87 42.93 -15.10
N ALA Y 802 -28.13 42.81 -14.01
CA ALA Y 802 -28.67 42.23 -12.79
C ALA Y 802 -30.05 42.78 -12.41
N THR Y 803 -30.27 44.07 -12.65
CA THR Y 803 -31.56 44.70 -12.31
C THR Y 803 -32.81 44.03 -12.89
N HIS Y 804 -32.74 43.58 -14.14
CA HIS Y 804 -33.89 42.93 -14.78
C HIS Y 804 -34.22 41.58 -14.15
N ALA Y 805 -35.51 41.28 -14.00
CA ALA Y 805 -35.93 40.00 -13.39
C ALA Y 805 -35.28 38.82 -14.13
N THR Y 806 -35.73 38.55 -15.35
CA THR Y 806 -35.16 37.45 -16.12
C THR Y 806 -33.76 37.88 -16.57
N PHE Y 807 -32.84 36.92 -16.69
CA PHE Y 807 -31.46 37.21 -17.07
C PHE Y 807 -31.23 37.91 -18.42
N ALA Y 808 -32.14 37.73 -19.38
CA ALA Y 808 -31.98 38.36 -20.68
C ALA Y 808 -33.18 39.27 -20.95
N ALA Y 809 -32.97 40.30 -21.77
CA ALA Y 809 -34.04 41.25 -22.10
C ALA Y 809 -35.37 40.54 -22.32
N ALA Y 810 -36.23 40.56 -21.29
CA ALA Y 810 -37.53 39.91 -21.35
C ALA Y 810 -38.48 40.41 -22.43
N LEU Y 811 -38.46 39.75 -23.58
CA LEU Y 811 -39.33 40.11 -24.71
C LEU Y 811 -40.66 39.35 -24.57
N PRO Y 812 -41.76 40.07 -24.36
CA PRO Y 812 -43.07 39.41 -24.21
C PRO Y 812 -43.62 38.79 -25.50
N VAL Y 813 -43.92 37.50 -25.44
CA VAL Y 813 -44.48 36.81 -26.60
C VAL Y 813 -45.88 36.37 -26.18
N ASP Y 814 -46.86 36.57 -27.06
CA ASP Y 814 -48.22 36.19 -26.73
C ASP Y 814 -48.50 34.71 -27.01
N PRO Y 815 -48.94 33.96 -25.99
CA PRO Y 815 -49.22 32.53 -26.20
C PRO Y 815 -50.30 32.36 -27.26
N ALA Y 816 -51.42 33.06 -27.06
CA ALA Y 816 -52.55 33.02 -27.98
C ALA Y 816 -52.13 33.02 -29.48
N ALA Y 817 -51.08 33.76 -29.81
CA ALA Y 817 -50.61 33.83 -31.19
C ALA Y 817 -49.80 32.59 -31.55
N ILE Y 818 -48.72 32.35 -30.79
CA ILE Y 818 -47.85 31.21 -31.00
C ILE Y 818 -48.59 29.89 -31.18
N VAL Y 819 -49.62 29.65 -30.37
CA VAL Y 819 -50.38 28.41 -30.47
C VAL Y 819 -51.00 28.22 -31.86
N VAL Y 820 -51.55 29.30 -32.43
CA VAL Y 820 -52.14 29.23 -33.77
C VAL Y 820 -51.05 28.78 -34.72
N ALA Y 821 -49.98 29.56 -34.81
CA ALA Y 821 -48.85 29.27 -35.69
C ALA Y 821 -48.43 27.82 -35.55
N MET Y 822 -48.35 27.35 -34.31
CA MET Y 822 -47.95 25.98 -34.01
C MET Y 822 -48.97 24.95 -34.48
N LEU Y 823 -50.23 25.35 -34.54
CA LEU Y 823 -51.28 24.44 -34.95
C LEU Y 823 -51.75 24.55 -36.40
N CYS Y 824 -50.85 24.94 -37.30
CA CYS Y 824 -51.22 25.06 -38.70
C CYS Y 824 -50.04 25.47 -39.57
N GLY Y 825 -49.15 24.51 -39.85
CA GLY Y 825 -48.01 24.83 -40.67
C GLY Y 825 -47.83 23.83 -41.80
N GLN Y 826 -48.68 23.93 -42.82
CA GLN Y 826 -48.56 23.02 -43.96
C GLN Y 826 -47.46 23.56 -44.87
N THR Y 827 -46.72 22.66 -45.53
CA THR Y 827 -45.65 23.09 -46.43
C THR Y 827 -46.14 23.05 -47.87
N GLU Y 828 -45.46 23.81 -48.72
CA GLU Y 828 -45.78 23.89 -50.15
C GLU Y 828 -45.84 22.48 -50.74
N THR Y 829 -46.93 22.16 -51.43
CA THR Y 829 -47.12 20.85 -52.04
C THR Y 829 -45.81 20.20 -52.51
N ASN Y 830 -45.27 20.65 -53.63
CA ASN Y 830 -44.01 20.10 -54.15
C ASN Y 830 -42.91 20.66 -53.27
N LEU Y 831 -42.12 19.79 -52.65
CA LEU Y 831 -41.07 20.30 -51.78
C LEU Y 831 -39.87 19.38 -51.63
N ILE Y 832 -38.81 19.67 -52.38
CA ILE Y 832 -37.60 18.89 -52.29
C ILE Y 832 -36.73 19.71 -51.34
N PRO Y 833 -36.70 19.34 -50.05
CA PRO Y 833 -35.89 20.08 -49.08
C PRO Y 833 -34.55 20.53 -49.67
N SER Y 834 -33.92 19.63 -50.42
CA SER Y 834 -32.62 19.90 -51.05
C SER Y 834 -32.66 21.20 -51.87
N HIS Y 835 -33.50 21.23 -52.91
CA HIS Y 835 -33.62 22.41 -53.77
C HIS Y 835 -34.09 23.65 -53.05
N HIS Y 836 -35.05 23.49 -52.14
CA HIS Y 836 -35.57 24.65 -51.43
C HIS Y 836 -34.51 25.37 -50.61
N TYR Y 837 -34.04 24.73 -49.54
CA TYR Y 837 -33.02 25.33 -48.68
C TYR Y 837 -31.84 25.82 -49.52
N GLY Y 838 -31.56 25.12 -50.60
CA GLY Y 838 -30.47 25.51 -51.48
C GLY Y 838 -30.71 26.90 -52.03
N LYS Y 839 -31.79 27.07 -52.78
CA LYS Y 839 -32.13 28.35 -53.38
C LYS Y 839 -32.19 29.50 -52.38
N ALA Y 840 -32.69 29.22 -51.18
CA ALA Y 840 -32.79 30.24 -50.15
C ALA Y 840 -31.43 30.70 -49.62
N PHE Y 841 -30.62 29.76 -49.16
CA PHE Y 841 -29.30 30.11 -48.62
C PHE Y 841 -28.32 30.56 -49.70
N ALA Y 842 -28.79 30.67 -50.93
CA ALA Y 842 -27.91 31.11 -51.98
C ALA Y 842 -27.68 32.62 -51.79
N PRO Y 843 -28.76 33.42 -51.85
CA PRO Y 843 -28.62 34.87 -51.67
C PRO Y 843 -27.85 35.26 -50.41
N LEU Y 844 -27.96 34.44 -49.36
CA LEU Y 844 -27.26 34.73 -48.10
C LEU Y 844 -25.74 34.74 -48.20
N PHE Y 845 -25.16 33.73 -48.84
CA PHE Y 845 -23.71 33.65 -48.97
C PHE Y 845 -23.17 34.58 -50.04
N ALA Y 846 -24.08 35.26 -50.76
CA ALA Y 846 -23.68 36.20 -51.80
C ALA Y 846 -23.26 37.51 -51.13
N SER Y 847 -23.92 37.83 -50.02
CA SER Y 847 -23.59 39.04 -49.27
C SER Y 847 -22.49 38.65 -48.30
N ASN Y 848 -21.29 39.10 -48.58
CA ASN Y 848 -20.12 38.80 -47.75
C ASN Y 848 -20.25 39.35 -46.34
N ALA Y 849 -21.39 39.07 -45.70
CA ALA Y 849 -21.64 39.52 -44.34
C ALA Y 849 -20.96 38.61 -43.32
N MET Y 850 -20.53 37.43 -43.78
CA MET Y 850 -19.84 36.49 -42.92
C MET Y 850 -18.42 37.00 -42.60
N PHE Y 851 -17.80 37.66 -43.59
CA PHE Y 851 -16.45 38.19 -43.42
C PHE Y 851 -16.43 39.57 -42.77
N THR Y 852 -17.53 40.29 -42.84
CA THR Y 852 -17.59 41.60 -42.20
C THR Y 852 -17.41 41.29 -40.70
N ARG Y 853 -18.03 40.19 -40.27
CA ARG Y 853 -17.93 39.78 -38.87
C ARG Y 853 -16.51 39.53 -38.42
N ASN Y 854 -15.72 38.86 -39.26
CA ASN Y 854 -14.33 38.57 -38.91
C ASN Y 854 -13.51 39.86 -38.90
N GLN Y 855 -13.86 40.80 -39.77
CA GLN Y 855 -13.14 42.05 -39.84
C GLN Y 855 -13.45 43.04 -38.74
N ARG Y 856 -14.73 43.28 -38.48
CA ARG Y 856 -15.10 44.21 -37.42
C ARG Y 856 -14.54 43.65 -36.12
N ALA Y 857 -14.32 42.34 -36.12
CA ALA Y 857 -13.81 41.64 -34.95
C ALA Y 857 -12.34 41.96 -34.69
N VAL Y 858 -11.46 41.72 -35.67
CA VAL Y 858 -10.05 42.00 -35.46
C VAL Y 858 -9.72 43.46 -35.23
N ILE Y 859 -10.72 44.33 -35.38
CA ILE Y 859 -10.46 45.74 -35.13
C ILE Y 859 -10.94 46.11 -33.74
N THR Y 860 -11.95 45.39 -33.24
CA THR Y 860 -12.44 45.64 -31.90
C THR Y 860 -11.38 45.13 -30.93
N ARG Y 861 -10.68 44.07 -31.33
CA ARG Y 861 -9.63 43.52 -30.47
C ARG Y 861 -8.44 44.45 -30.47
N GLU Y 862 -8.31 45.25 -31.52
CA GLU Y 862 -7.21 46.22 -31.60
C GLU Y 862 -7.59 47.41 -30.73
N ALA Y 863 -8.78 47.94 -30.99
CA ALA Y 863 -9.31 49.08 -30.25
C ALA Y 863 -9.49 48.78 -28.76
N PHE Y 864 -9.37 47.52 -28.38
CA PHE Y 864 -9.52 47.13 -26.98
C PHE Y 864 -8.13 47.00 -26.35
N VAL Y 865 -7.29 46.16 -26.93
CA VAL Y 865 -5.95 46.00 -26.37
C VAL Y 865 -5.26 47.37 -26.35
N CYS Y 866 -5.82 48.33 -27.08
CA CYS Y 866 -5.26 49.68 -27.11
C CYS Y 866 -5.99 50.62 -26.16
N ALA Y 867 -7.30 50.42 -26.01
CA ALA Y 867 -8.08 51.27 -25.09
C ALA Y 867 -7.71 50.88 -23.67
N ARG Y 868 -7.91 49.61 -23.34
CA ARG Y 868 -7.60 49.08 -22.01
C ARG Y 868 -6.21 49.54 -21.58
N SER Y 869 -5.27 49.55 -22.52
CA SER Y 869 -3.90 49.97 -22.21
C SER Y 869 -3.79 51.46 -21.88
N ALA Y 870 -4.35 52.30 -22.74
CA ALA Y 870 -4.29 53.75 -22.53
C ALA Y 870 -4.97 54.20 -21.24
N VAL Y 871 -6.05 53.52 -20.83
CA VAL Y 871 -6.69 53.93 -19.59
C VAL Y 871 -5.99 53.26 -18.42
N ALA Y 872 -5.32 52.14 -18.67
CA ALA Y 872 -4.61 51.43 -17.62
C ALA Y 872 -3.24 52.06 -17.38
N GLN Y 873 -2.85 52.98 -18.25
CA GLN Y 873 -1.56 53.66 -18.13
C GLN Y 873 -1.68 55.02 -17.48
N CYS Y 874 -2.90 55.54 -17.41
CA CYS Y 874 -3.13 56.85 -16.81
C CYS Y 874 -3.46 56.74 -15.32
N GLN Y 875 -3.99 55.60 -14.91
CA GLN Y 875 -4.28 55.39 -13.49
C GLN Y 875 -2.95 54.88 -12.93
N ASP Y 876 -2.68 55.12 -11.66
CA ASP Y 876 -1.42 54.68 -11.06
C ASP Y 876 -1.40 53.16 -10.92
N ALA Y 877 -2.45 52.62 -10.31
CA ALA Y 877 -2.58 51.18 -10.16
C ALA Y 877 -3.40 50.74 -11.37
N GLY Y 878 -3.77 49.47 -11.44
CA GLY Y 878 -4.56 49.03 -12.58
C GLY Y 878 -3.83 48.16 -13.60
N PHE Y 879 -4.58 47.26 -14.23
CA PHE Y 879 -4.10 46.31 -15.24
C PHE Y 879 -2.65 46.46 -15.71
N LEU Y 880 -1.90 45.35 -15.72
CA LEU Y 880 -0.50 45.35 -16.14
C LEU Y 880 -0.24 45.66 -17.62
N VAL Y 881 0.20 46.88 -17.89
CA VAL Y 881 0.53 47.30 -19.26
C VAL Y 881 1.82 48.10 -19.18
N PRO Y 882 2.83 47.73 -19.99
CA PRO Y 882 4.11 48.44 -19.98
C PRO Y 882 3.89 49.96 -19.97
N ARG Y 883 4.46 50.64 -18.98
CA ARG Y 883 4.28 52.10 -18.90
C ARG Y 883 5.56 52.82 -19.32
N PRO Y 884 5.77 53.02 -20.63
CA PRO Y 884 6.97 53.72 -21.10
C PRO Y 884 6.84 55.20 -20.78
N LEU Y 885 5.61 55.64 -20.57
CA LEU Y 885 5.34 57.05 -20.27
C LEU Y 885 4.98 57.29 -18.82
N ASP Y 886 5.64 56.61 -17.89
CA ASP Y 886 5.32 56.81 -16.49
C ASP Y 886 5.92 58.10 -15.93
N ALA Y 887 6.95 58.62 -16.59
CA ALA Y 887 7.62 59.84 -16.13
C ALA Y 887 6.77 61.11 -16.34
N LEU Y 888 5.98 61.13 -17.42
CA LEU Y 888 5.14 62.29 -17.73
C LEU Y 888 4.11 62.50 -16.62
N ARG Y 889 4.06 63.71 -16.05
CA ARG Y 889 3.12 64.03 -14.96
C ARG Y 889 1.65 63.86 -15.37
N GLN Y 890 0.92 63.04 -14.63
CA GLN Y 890 -0.49 62.79 -14.88
C GLN Y 890 -1.21 62.39 -13.59
N PHE Y 891 -2.16 63.23 -13.18
CA PHE Y 891 -2.91 62.95 -11.96
C PHE Y 891 -3.63 61.60 -12.09
N ASP Y 892 -4.05 61.03 -10.96
CA ASP Y 892 -4.75 59.74 -10.99
C ASP Y 892 -6.10 59.87 -11.69
N VAL Y 893 -6.28 59.12 -12.75
CA VAL Y 893 -7.54 59.15 -13.49
C VAL Y 893 -8.63 58.42 -12.72
N THR Y 894 -9.71 59.13 -12.42
CA THR Y 894 -10.83 58.55 -11.69
C THR Y 894 -11.62 57.67 -12.66
N SER Y 895 -12.82 57.27 -12.26
CA SER Y 895 -13.64 56.44 -13.13
C SER Y 895 -14.19 57.32 -14.23
N ALA Y 896 -14.67 58.50 -13.83
CA ALA Y 896 -15.25 59.49 -14.74
C ALA Y 896 -14.24 60.09 -15.73
N ALA Y 897 -13.00 60.27 -15.28
CA ALA Y 897 -11.97 60.83 -16.14
C ALA Y 897 -11.62 59.85 -17.24
N ALA Y 898 -11.46 58.57 -16.86
CA ALA Y 898 -11.12 57.52 -17.81
C ALA Y 898 -12.03 57.51 -19.00
N ALA Y 899 -13.34 57.57 -18.75
CA ALA Y 899 -14.32 57.56 -19.82
C ALA Y 899 -13.99 58.53 -20.95
N GLU Y 900 -13.18 59.54 -20.66
CA GLU Y 900 -12.79 60.50 -21.68
C GLU Y 900 -11.52 60.07 -22.36
N ILE Y 901 -10.57 59.53 -21.61
CA ILE Y 901 -9.35 59.02 -22.24
C ILE Y 901 -9.81 57.87 -23.12
N MET Y 902 -10.95 57.31 -22.72
CA MET Y 902 -11.59 56.17 -23.39
C MET Y 902 -12.33 56.58 -24.65
N HIS Y 903 -13.04 57.71 -24.60
CA HIS Y 903 -13.74 58.21 -25.78
C HIS Y 903 -12.78 58.74 -26.81
N ALA Y 904 -11.65 59.22 -26.33
CA ALA Y 904 -10.64 59.75 -27.23
C ALA Y 904 -9.96 58.60 -27.99
N VAL Y 905 -9.77 57.48 -27.31
CA VAL Y 905 -9.15 56.31 -27.96
C VAL Y 905 -10.12 55.63 -28.90
N ASN Y 906 -11.30 55.29 -28.37
CA ASN Y 906 -12.34 54.63 -29.13
C ASN Y 906 -12.79 55.47 -30.33
N ASP Y 907 -12.93 56.77 -30.13
CA ASP Y 907 -13.35 57.67 -31.20
C ASP Y 907 -12.24 57.85 -32.25
N ALA Y 908 -11.00 57.63 -31.85
CA ALA Y 908 -9.88 57.76 -32.78
C ALA Y 908 -9.87 56.57 -33.72
N PHE Y 909 -10.08 55.38 -33.17
CA PHE Y 909 -10.10 54.16 -33.98
C PHE Y 909 -11.18 54.24 -35.04
N LYS Y 910 -12.40 54.55 -34.63
CA LYS Y 910 -13.50 54.67 -35.59
C LYS Y 910 -13.12 55.60 -36.74
N THR Y 911 -12.57 56.76 -36.44
CA THR Y 911 -12.19 57.70 -37.49
C THR Y 911 -11.14 57.10 -38.41
N ALA Y 912 -10.20 56.35 -37.83
CA ALA Y 912 -9.14 55.74 -38.64
C ALA Y 912 -9.67 54.63 -39.55
N PHE Y 913 -10.56 53.78 -39.02
CA PHE Y 913 -11.12 52.68 -39.81
C PHE Y 913 -12.59 52.88 -40.19
N ASP Y 914 -13.07 54.11 -40.12
CA ASP Y 914 -14.47 54.47 -40.43
C ASP Y 914 -15.48 53.34 -40.20
N LEU Y 915 -15.80 53.07 -38.93
CA LEU Y 915 -16.74 52.00 -38.58
C LEU Y 915 -18.18 52.43 -38.31
N ASP Y 916 -19.07 51.44 -38.20
CA ASP Y 916 -20.49 51.69 -37.96
C ASP Y 916 -20.97 51.16 -36.62
N GLY Y 917 -21.64 52.02 -35.86
CA GLY Y 917 -22.17 51.62 -34.57
C GLY Y 917 -21.16 51.24 -33.50
N ALA Y 918 -21.60 51.46 -32.26
CA ALA Y 918 -20.85 51.17 -31.04
C ALA Y 918 -19.35 50.94 -31.11
N LEU Y 919 -18.96 49.71 -31.48
CA LEU Y 919 -17.55 49.32 -31.52
C LEU Y 919 -17.09 49.22 -30.08
N LEU Y 920 -16.34 50.21 -29.60
CA LEU Y 920 -15.85 50.14 -28.23
C LEU Y 920 -16.38 51.17 -27.25
N ASP Y 921 -17.23 52.08 -27.70
CA ASP Y 921 -17.78 53.11 -26.80
C ASP Y 921 -18.68 52.54 -25.72
N GLY Y 922 -19.10 51.29 -25.88
CA GLY Y 922 -19.94 50.67 -24.87
C GLY Y 922 -19.22 50.71 -23.53
N LEU Y 923 -17.90 50.56 -23.57
CA LEU Y 923 -17.07 50.59 -22.38
C LEU Y 923 -17.02 51.95 -21.71
N ALA Y 924 -17.08 53.01 -22.51
CA ALA Y 924 -17.01 54.37 -21.96
C ALA Y 924 -18.33 55.10 -21.89
N LEU Y 925 -19.40 54.41 -21.54
CA LEU Y 925 -20.71 55.05 -21.45
C LEU Y 925 -21.43 54.72 -20.15
N TYR Y 926 -20.77 53.95 -19.29
CA TYR Y 926 -21.32 53.55 -18.00
C TYR Y 926 -20.38 52.51 -17.39
N GLY Y 927 -20.45 52.35 -16.07
CA GLY Y 927 -19.57 51.41 -15.40
C GLY Y 927 -18.19 52.04 -15.40
N ASP Y 928 -17.16 51.23 -15.14
CA ASP Y 928 -15.80 51.77 -15.13
C ASP Y 928 -15.13 51.60 -16.48
N PRO Y 929 -14.70 52.71 -17.10
CA PRO Y 929 -14.04 52.66 -18.40
C PRO Y 929 -12.69 51.99 -18.18
N ARG Y 930 -12.30 51.92 -16.90
CA ARG Y 930 -11.06 51.29 -16.50
C ARG Y 930 -11.25 49.79 -16.49
N ILE Y 931 -11.13 49.18 -17.67
CA ILE Y 931 -11.29 47.74 -17.82
C ILE Y 931 -9.95 47.03 -17.71
N ALA Y 932 -9.98 45.83 -17.13
CA ALA Y 932 -8.78 45.02 -17.00
C ALA Y 932 -8.93 43.95 -18.08
N ASP Y 933 -9.65 42.88 -17.76
CA ASP Y 933 -9.86 41.82 -18.73
C ASP Y 933 -11.32 41.40 -18.74
N LEU Y 934 -11.98 41.61 -19.88
CA LEU Y 934 -13.39 41.29 -20.04
C LEU Y 934 -13.71 39.81 -19.85
N SER Y 935 -14.88 39.55 -19.28
CA SER Y 935 -15.34 38.20 -19.04
C SER Y 935 -16.86 38.18 -18.85
N ALA Y 936 -17.53 37.22 -19.47
CA ALA Y 936 -18.97 37.10 -19.33
C ALA Y 936 -19.19 35.83 -18.53
N ALA Y 937 -20.10 35.88 -17.56
CA ALA Y 937 -20.37 34.71 -16.73
C ALA Y 937 -21.83 34.68 -16.32
N TYR Y 938 -22.39 33.48 -16.28
CA TYR Y 938 -23.77 33.33 -15.85
C TYR Y 938 -23.76 32.53 -14.56
N LEU Y 939 -24.62 32.89 -13.62
CA LEU Y 939 -24.67 32.15 -12.37
C LEU Y 939 -25.92 31.28 -12.37
N GLN Y 940 -25.75 30.00 -12.06
CA GLN Y 940 -26.87 29.07 -12.03
C GLN Y 940 -27.39 29.02 -10.60
N TYR Y 941 -28.72 29.02 -10.45
CA TYR Y 941 -29.34 28.98 -9.13
C TYR Y 941 -28.69 27.99 -8.19
N GLY Y 942 -28.08 26.95 -8.75
CA GLY Y 942 -27.41 25.96 -7.92
C GLY Y 942 -26.16 26.54 -7.31
N GLY Y 943 -26.13 27.88 -7.19
CA GLY Y 943 -24.99 28.54 -6.63
C GLY Y 943 -23.69 28.20 -7.34
N ASN Y 944 -23.66 28.38 -8.65
CA ASN Y 944 -22.46 28.09 -9.41
C ASN Y 944 -22.28 29.15 -10.50
N VAL Y 945 -21.08 29.70 -10.59
CA VAL Y 945 -20.82 30.73 -11.59
C VAL Y 945 -19.81 30.32 -12.66
N VAL Y 946 -20.29 29.98 -13.84
CA VAL Y 946 -19.37 29.62 -14.92
C VAL Y 946 -18.94 30.97 -15.50
N ARG Y 947 -17.63 31.19 -15.62
CA ARG Y 947 -17.14 32.47 -16.12
C ARG Y 947 -16.16 32.39 -17.30
N GLU Y 948 -16.65 32.71 -18.49
CA GLU Y 948 -15.82 32.67 -19.69
C GLU Y 948 -14.91 33.88 -19.75
N HIS Y 949 -13.62 33.68 -19.48
CA HIS Y 949 -12.67 34.79 -19.56
C HIS Y 949 -12.34 34.95 -21.03
N VAL Y 950 -12.20 36.18 -21.47
CA VAL Y 950 -11.90 36.42 -22.87
C VAL Y 950 -10.81 37.46 -23.06
N PRO Y 951 -9.54 37.02 -22.92
CA PRO Y 951 -8.37 37.90 -23.07
C PRO Y 951 -8.00 38.11 -24.53
N PRO Y 952 -7.98 39.37 -24.98
CA PRO Y 952 -7.64 39.70 -26.37
C PRO Y 952 -6.23 39.29 -26.81
N GLY Y 953 -6.15 38.37 -27.77
CA GLY Y 953 -4.85 37.91 -28.26
C GLY Y 953 -4.04 39.02 -28.88
N PRO Y 954 -2.75 39.13 -28.52
CA PRO Y 954 -1.77 40.11 -28.98
C PRO Y 954 -2.21 41.08 -30.09
N SER Y 955 -2.48 42.32 -29.70
CA SER Y 955 -2.90 43.36 -30.64
C SER Y 955 -1.72 43.99 -31.36
N HIS Y 956 -1.58 43.65 -32.64
CA HIS Y 956 -0.50 44.19 -33.45
C HIS Y 956 -0.40 45.71 -33.33
N ILE Y 957 -1.55 46.39 -33.47
CA ILE Y 957 -1.57 47.87 -33.38
C ILE Y 957 -0.97 48.32 -32.07
N HIS Y 958 -1.40 47.70 -30.97
CA HIS Y 958 -0.90 48.06 -29.65
C HIS Y 958 0.58 47.75 -29.46
N ARG Y 959 1.06 46.66 -30.03
CA ARG Y 959 2.47 46.30 -29.89
C ARG Y 959 3.30 47.45 -30.48
N ALA Y 960 2.83 48.01 -31.59
CA ALA Y 960 3.53 49.13 -32.22
C ALA Y 960 3.45 50.38 -31.34
N LEU Y 961 2.25 50.72 -30.90
CA LEU Y 961 2.02 51.88 -30.04
C LEU Y 961 3.00 51.89 -28.86
N GLN Y 962 3.17 50.74 -28.22
CA GLN Y 962 4.08 50.63 -27.08
C GLN Y 962 5.47 51.04 -27.53
N GLN Y 963 5.92 50.49 -28.65
CA GLN Y 963 7.24 50.80 -29.18
C GLN Y 963 7.35 52.30 -29.45
N VAL Y 964 6.21 52.92 -29.79
CA VAL Y 964 6.18 54.34 -30.08
C VAL Y 964 6.26 55.16 -28.80
N GLU Y 965 5.50 54.77 -27.78
CA GLU Y 965 5.53 55.47 -26.50
C GLU Y 965 6.93 55.39 -25.94
N SER Y 966 7.54 54.21 -26.11
CA SER Y 966 8.90 53.96 -25.64
C SER Y 966 9.87 54.91 -26.33
N THR Y 967 9.61 55.19 -27.60
CA THR Y 967 10.45 56.10 -28.38
C THR Y 967 10.22 57.54 -27.95
N PHE Y 968 8.97 57.88 -27.69
CA PHE Y 968 8.63 59.24 -27.28
C PHE Y 968 9.49 59.72 -26.11
N MET Y 969 10.00 58.79 -25.31
CA MET Y 969 10.82 59.20 -24.19
C MET Y 969 12.18 59.66 -24.67
N ALA Y 970 12.89 58.79 -25.39
CA ALA Y 970 14.20 59.13 -25.89
C ALA Y 970 14.19 60.19 -27.00
N GLU Y 971 13.01 60.56 -27.50
CA GLU Y 971 12.93 61.54 -28.58
C GLU Y 971 11.83 62.59 -28.49
N MET Y 972 11.43 62.95 -27.29
CA MET Y 972 10.35 63.92 -27.12
C MET Y 972 10.58 65.30 -27.72
N ASN Y 973 11.85 65.68 -27.91
CA ASN Y 973 12.15 66.98 -28.47
C ASN Y 973 11.59 67.08 -29.88
N LEU Y 974 11.54 65.95 -30.58
CA LEU Y 974 11.00 65.93 -31.93
C LEU Y 974 9.51 66.18 -31.93
N PHE Y 975 8.94 66.31 -30.73
CA PHE Y 975 7.53 66.60 -30.56
C PHE Y 975 7.42 67.89 -29.74
N ASN Y 976 8.54 68.60 -29.65
CA ASN Y 976 8.62 69.86 -28.93
C ASN Y 976 8.66 69.77 -27.42
N VAL Y 977 8.12 68.69 -26.85
CA VAL Y 977 8.14 68.53 -25.40
C VAL Y 977 9.59 68.44 -24.93
N ALA Y 978 9.90 68.99 -23.76
CA ALA Y 978 11.27 68.93 -23.23
C ALA Y 978 11.32 68.40 -21.80
N ARG Y 979 12.32 67.57 -21.51
CA ARG Y 979 12.46 67.00 -20.18
C ARG Y 979 13.32 67.89 -19.27
N GLY Y 980 13.08 67.80 -17.96
CA GLY Y 980 13.86 68.56 -17.01
C GLY Y 980 13.39 69.95 -16.62
N ASN Y 981 13.87 70.39 -15.46
CA ASN Y 981 13.54 71.70 -14.90
C ASN Y 981 14.05 72.89 -15.70
N LEU Y 982 13.36 74.02 -15.50
CA LEU Y 982 13.70 75.27 -16.16
C LEU Y 982 14.31 76.24 -15.16
N TYR Y 983 15.53 76.71 -15.43
CA TYR Y 983 16.20 77.67 -14.55
C TYR Y 983 15.80 79.07 -14.97
N LEU Y 984 15.73 79.99 -14.01
CA LEU Y 984 15.37 81.36 -14.33
C LEU Y 984 16.41 82.39 -13.92
N VAL Y 985 17.65 81.95 -13.69
CA VAL Y 985 18.71 82.86 -13.31
C VAL Y 985 18.95 83.89 -14.43
N GLN Y 986 18.99 85.17 -14.06
CA GLN Y 986 19.24 86.20 -15.06
C GLN Y 986 20.72 86.17 -15.44
N THR Y 987 20.98 86.18 -16.75
CA THR Y 987 22.34 86.16 -17.27
C THR Y 987 22.48 87.25 -18.32
N ALA Y 988 23.30 88.26 -18.01
CA ALA Y 988 23.50 89.39 -18.92
C ALA Y 988 24.62 89.22 -19.92
N THR Y 989 25.15 88.01 -20.05
CA THR Y 989 26.25 87.78 -20.98
C THR Y 989 25.93 88.24 -22.40
N ASN Y 990 26.97 88.70 -23.09
CA ASN Y 990 26.85 89.17 -24.46
C ASN Y 990 27.56 88.14 -25.34
N GLY Y 991 27.90 87.00 -24.71
CA GLY Y 991 28.61 85.94 -25.41
C GLY Y 991 27.81 84.91 -26.18
N ASN Y 992 27.83 83.68 -25.68
CA ASN Y 992 27.14 82.58 -26.34
C ASN Y 992 25.97 82.02 -25.53
N TRP Y 993 24.92 81.62 -26.23
CA TRP Y 993 23.73 81.10 -25.57
C TRP Y 993 23.15 79.87 -26.26
N SER Y 994 22.47 79.04 -25.50
CA SER Y 994 21.81 77.83 -25.98
C SER Y 994 20.94 77.29 -24.86
N PRO Y 995 19.83 77.98 -24.57
CA PRO Y 995 18.90 77.57 -23.52
C PRO Y 995 18.69 76.05 -23.51
N MET Y 996 18.58 75.47 -24.71
CA MET Y 996 18.36 74.04 -24.85
C MET Y 996 19.39 73.21 -24.11
N ALA Y 997 20.55 72.96 -24.74
CA ALA Y 997 21.62 72.18 -24.11
C ALA Y 997 22.72 73.11 -23.56
N PRO Y 998 22.51 73.63 -22.34
CA PRO Y 998 23.47 74.53 -21.70
C PRO Y 998 24.72 73.80 -21.21
N VAL Y 999 25.88 74.28 -21.65
CA VAL Y 999 27.14 73.67 -21.26
C VAL Y 999 27.54 73.95 -19.81
N ALA Y 1000 27.36 75.20 -19.35
CA ALA Y 1000 27.70 75.57 -17.97
C ALA Y 1000 26.94 74.67 -17.00
N ALA Y 1001 27.46 74.53 -15.78
CA ALA Y 1001 26.85 73.67 -14.75
C ALA Y 1001 25.55 74.23 -14.16
N PRO Y 1002 24.57 73.36 -13.91
CA PRO Y 1002 23.29 73.76 -13.33
C PRO Y 1002 23.49 74.87 -12.30
N PRO Y 1003 22.80 76.00 -12.48
CA PRO Y 1003 22.91 77.14 -11.59
C PRO Y 1003 23.01 76.72 -10.12
N PHE Y 1004 22.26 75.69 -9.74
CA PHE Y 1004 22.24 75.17 -8.36
C PHE Y 1004 21.25 74.01 -8.24
N VAL Y 1005 21.72 72.85 -7.81
CA VAL Y 1005 20.84 71.68 -7.67
C VAL Y 1005 19.77 71.93 -6.61
N ARG Y 1006 18.66 71.20 -6.70
CA ARG Y 1006 17.55 71.36 -5.76
C ARG Y 1006 17.86 71.18 -4.29
N GLY Y 1007 18.42 70.02 -3.93
CA GLY Y 1007 18.73 69.77 -2.52
C GLY Y 1007 20.05 70.37 -2.11
N GLY Y 1008 20.61 71.22 -2.97
CA GLY Y 1008 21.89 71.83 -2.69
C GLY Y 1008 21.96 72.81 -1.52
N PRO Y 1009 23.12 73.46 -1.33
CA PRO Y 1009 23.40 74.43 -0.27
C PRO Y 1009 22.74 75.80 -0.44
N ASN Y 1010 21.99 76.23 0.57
CA ASN Y 1010 21.31 77.52 0.57
C ASN Y 1010 20.03 77.68 -0.23
N VAL Y 1011 19.77 76.75 -1.14
CA VAL Y 1011 18.55 76.84 -1.94
C VAL Y 1011 17.36 76.46 -1.05
N ARG Y 1012 16.29 77.24 -1.10
CA ARG Y 1012 15.10 76.92 -0.29
C ARG Y 1012 13.94 76.59 -1.21
N VAL Y 1013 13.25 75.49 -0.93
CA VAL Y 1013 12.10 75.13 -1.74
C VAL Y 1013 10.95 76.02 -1.29
N VAL Y 1014 10.23 76.62 -2.22
CA VAL Y 1014 9.10 77.47 -1.84
C VAL Y 1014 7.93 76.57 -1.44
N GLY Y 1015 7.38 76.80 -0.26
CA GLY Y 1015 6.27 75.99 0.20
C GLY Y 1015 5.00 76.17 -0.58
N ARG Y 1016 4.12 75.16 -0.52
CA ARG Y 1016 2.83 75.16 -1.20
C ARG Y 1016 2.22 76.57 -1.15
N PHE Y 1017 1.40 76.90 -2.13
CA PHE Y 1017 0.76 78.21 -2.19
C PHE Y 1017 1.74 79.32 -2.53
N GLY Y 1018 2.99 79.15 -2.13
CA GLY Y 1018 4.01 80.17 -2.41
C GLY Y 1018 3.46 81.54 -2.05
N THR Y 1019 3.25 81.76 -0.75
CA THR Y 1019 2.69 83.02 -0.28
C THR Y 1019 3.69 84.07 0.21
N ILE Y 1020 3.73 85.19 -0.49
CA ILE Y 1020 4.60 86.30 -0.09
C ILE Y 1020 4.01 86.90 1.17
N VAL Y 1021 4.84 87.27 2.13
CA VAL Y 1021 4.31 87.86 3.36
C VAL Y 1021 4.80 89.29 3.49
N PRO Y 1022 3.95 90.27 3.17
CA PRO Y 1022 4.37 91.68 3.28
C PRO Y 1022 4.84 91.90 4.71
N ARG Y 1023 5.87 92.73 4.92
CA ARG Y 1023 6.31 92.95 6.28
C ARG Y 1023 6.29 94.42 6.68
N PRO Y 1024 5.49 94.76 7.72
CA PRO Y 1024 5.35 96.13 8.22
C PRO Y 1024 6.69 96.79 8.51
N ASN Y 1025 6.72 98.12 8.39
CA ASN Y 1025 7.94 98.88 8.66
C ASN Y 1025 9.01 98.65 7.58
N GLY Y 1026 10.27 99.01 7.90
CA GLY Y 1026 11.35 98.86 6.95
C GLY Y 1026 11.53 97.52 6.25
N LEU Y 1027 11.48 96.44 7.02
CA LEU Y 1027 11.68 95.07 6.50
C LEU Y 1027 11.09 94.81 5.11
N GLU Y 1028 11.85 94.12 4.27
CA GLU Y 1028 11.42 93.79 2.90
C GLU Y 1028 10.51 92.56 2.82
N PRO Y 1029 9.60 92.54 1.82
CA PRO Y 1029 8.67 91.42 1.64
C PRO Y 1029 9.42 90.10 1.52
N GLN Y 1030 8.98 89.08 2.26
CA GLN Y 1030 9.64 87.80 2.17
C GLN Y 1030 8.68 86.66 1.83
N LEU Y 1031 9.20 85.72 1.04
CA LEU Y 1031 8.45 84.56 0.57
C LEU Y 1031 8.21 83.51 1.65
N ILE Y 1032 7.11 82.78 1.54
CA ILE Y 1032 6.82 81.74 2.53
C ILE Y 1032 7.54 80.45 2.17
N ASP Y 1033 8.40 80.02 3.08
CA ASP Y 1033 9.22 78.84 2.91
C ASP Y 1033 8.41 77.53 2.90
N ASP Y 1034 9.02 76.49 2.32
CA ASP Y 1034 8.40 75.17 2.26
C ASP Y 1034 8.44 74.56 3.66
N GLY Y 1035 9.53 74.87 4.39
CA GLY Y 1035 9.66 74.37 5.74
C GLY Y 1035 8.61 75.10 6.57
N ASN Y 1036 7.82 75.91 5.87
CA ASN Y 1036 6.74 76.69 6.44
C ASN Y 1036 7.12 77.99 7.15
N VAL Y 1037 8.40 78.15 7.48
CA VAL Y 1037 8.89 79.37 8.14
C VAL Y 1037 9.35 80.34 7.06
N PRO Y 1038 8.68 81.50 6.94
CA PRO Y 1038 9.03 82.50 5.92
C PRO Y 1038 10.49 82.91 5.86
N ARG Y 1039 11.06 82.84 4.65
CA ARG Y 1039 12.45 83.22 4.39
C ARG Y 1039 12.33 84.44 3.51
N ASP Y 1040 13.45 85.07 3.17
CA ASP Y 1040 13.37 86.25 2.30
C ASP Y 1040 13.71 85.90 0.86
N ILE Y 1041 13.18 86.70 -0.07
CA ILE Y 1041 13.36 86.46 -1.50
C ILE Y 1041 14.78 86.48 -2.08
N ALA Y 1042 15.55 87.54 -1.82
CA ALA Y 1042 16.91 87.59 -2.36
C ALA Y 1042 17.63 86.28 -2.04
N GLY Y 1043 18.06 85.58 -3.09
CA GLY Y 1043 18.72 84.29 -2.92
C GLY Y 1043 18.31 83.44 -4.10
N ASP Y 1044 18.00 82.15 -3.88
CA ASP Y 1044 17.57 81.30 -4.99
C ASP Y 1044 16.61 80.18 -4.58
N TRP Y 1045 15.43 80.21 -5.17
CA TRP Y 1045 14.37 79.25 -4.86
C TRP Y 1045 14.10 78.15 -5.86
N VAL Y 1046 13.49 77.08 -5.37
CA VAL Y 1046 13.11 75.94 -6.20
C VAL Y 1046 11.59 75.88 -6.18
N TYR Y 1047 10.98 76.30 -7.29
CA TYR Y 1047 9.54 76.36 -7.46
C TYR Y 1047 8.83 75.16 -8.08
N PRO Y 1048 8.26 74.25 -7.28
CA PRO Y 1048 7.60 73.16 -7.99
C PRO Y 1048 6.49 73.81 -8.83
N SER Y 1049 6.49 73.58 -10.14
CA SER Y 1049 5.52 74.17 -11.06
C SER Y 1049 4.09 74.24 -10.52
N ASP Y 1050 3.74 73.28 -9.66
CA ASP Y 1050 2.40 73.23 -9.05
C ASP Y 1050 2.18 74.51 -8.23
N VAL Y 1051 3.19 74.89 -7.45
CA VAL Y 1051 3.12 76.11 -6.63
C VAL Y 1051 3.13 77.35 -7.51
N LEU Y 1052 4.08 77.39 -8.44
CA LEU Y 1052 4.21 78.52 -9.35
C LEU Y 1052 2.88 78.82 -10.05
N GLN Y 1053 2.12 77.78 -10.35
CA GLN Y 1053 0.83 77.95 -11.03
C GLN Y 1053 -0.30 78.38 -10.12
N VAL Y 1054 -0.10 78.35 -8.82
CA VAL Y 1054 -1.15 78.75 -7.92
C VAL Y 1054 -0.74 80.03 -7.19
N SER Y 1055 -0.10 80.92 -7.93
CA SER Y 1055 0.35 82.20 -7.38
C SER Y 1055 1.25 82.96 -8.35
N VAL Y 1056 1.02 82.81 -9.64
CA VAL Y 1056 1.83 83.52 -10.62
C VAL Y 1056 1.77 85.02 -10.32
N ALA Y 1057 0.58 85.49 -9.98
CA ALA Y 1057 0.37 86.91 -9.67
C ALA Y 1057 1.37 87.37 -8.60
N VAL Y 1058 1.49 86.61 -7.51
CA VAL Y 1058 2.42 86.95 -6.45
C VAL Y 1058 3.87 86.73 -6.90
N PHE Y 1059 4.08 85.79 -7.80
CA PHE Y 1059 5.40 85.48 -8.31
C PHE Y 1059 5.91 86.65 -9.16
N ARG Y 1060 5.09 87.03 -10.13
CA ARG Y 1060 5.38 88.12 -11.05
C ARG Y 1060 5.56 89.49 -10.40
N ASP Y 1061 5.02 89.66 -9.20
CA ASP Y 1061 5.12 90.95 -8.51
C ASP Y 1061 6.06 91.00 -7.31
N TYR Y 1062 6.88 89.98 -7.11
CA TYR Y 1062 7.76 90.01 -5.95
C TYR Y 1062 9.06 89.28 -6.16
N VAL Y 1063 8.96 88.05 -6.67
CA VAL Y 1063 10.15 87.27 -6.91
C VAL Y 1063 10.65 87.47 -8.36
N TRP Y 1064 9.74 87.61 -9.31
CA TRP Y 1064 10.13 87.81 -10.69
C TRP Y 1064 11.00 89.06 -10.83
N PRO Y 1065 10.59 90.19 -10.22
CA PRO Y 1065 11.43 91.39 -10.36
C PRO Y 1065 12.77 91.13 -9.68
N MET Y 1066 12.71 90.57 -8.46
CA MET Y 1066 13.94 90.27 -7.71
C MET Y 1066 14.86 89.37 -8.52
N VAL Y 1067 14.33 88.80 -9.60
CA VAL Y 1067 15.12 87.93 -10.48
C VAL Y 1067 15.70 88.71 -11.63
N LYS Y 1068 14.91 89.60 -12.21
CA LYS Y 1068 15.38 90.41 -13.34
C LYS Y 1068 16.62 91.14 -12.87
N ALA Y 1069 16.59 91.60 -11.62
CA ALA Y 1069 17.75 92.24 -11.03
C ALA Y 1069 18.56 91.02 -10.59
N GLY Y 1070 19.84 90.95 -10.93
CA GLY Y 1070 20.64 89.78 -10.55
C GLY Y 1070 20.71 89.56 -9.04
N ARG Y 1071 19.56 89.29 -8.42
CA ARG Y 1071 19.48 89.09 -6.98
C ARG Y 1071 18.99 87.68 -6.64
N THR Y 1072 17.99 87.21 -7.38
CA THR Y 1072 17.40 85.91 -7.16
C THR Y 1072 17.53 85.00 -8.35
N ARG Y 1073 17.50 83.69 -8.10
CA ARG Y 1073 17.59 82.68 -9.14
C ARG Y 1073 16.57 81.59 -8.88
N VAL Y 1074 15.44 81.65 -9.58
CA VAL Y 1074 14.40 80.64 -9.43
C VAL Y 1074 14.79 79.38 -10.18
N LEU Y 1075 14.12 78.28 -9.86
CA LEU Y 1075 14.34 77.00 -10.52
C LEU Y 1075 13.00 76.27 -10.58
N VAL Y 1076 12.13 76.68 -11.49
CA VAL Y 1076 10.83 76.03 -11.61
C VAL Y 1076 11.05 74.56 -11.95
N GLU Y 1077 10.17 73.70 -11.43
CA GLU Y 1077 10.29 72.26 -11.67
C GLU Y 1077 9.13 71.69 -12.46
N LEU Y 1078 9.36 71.38 -13.74
CA LEU Y 1078 8.33 70.78 -14.57
C LEU Y 1078 8.99 69.54 -15.13
N GLY Y 1079 8.40 68.36 -14.90
CA GLY Y 1079 8.98 67.14 -15.39
C GLY Y 1079 9.24 67.24 -16.88
N HIS Y 1080 8.20 67.67 -17.60
CA HIS Y 1080 8.28 67.86 -19.03
C HIS Y 1080 7.46 69.10 -19.33
N TYR Y 1081 7.25 69.39 -20.62
CA TYR Y 1081 6.46 70.57 -21.04
C TYR Y 1081 6.70 70.86 -22.51
N VAL Y 1082 5.92 71.79 -23.06
CA VAL Y 1082 6.06 72.13 -24.46
C VAL Y 1082 6.86 73.41 -24.63
N TYR Y 1083 8.14 73.30 -24.98
CA TYR Y 1083 8.95 74.50 -25.15
C TYR Y 1083 8.71 75.07 -26.53
N THR Y 1084 8.94 76.37 -26.68
CA THR Y 1084 8.79 77.06 -27.96
C THR Y 1084 9.85 78.15 -27.99
N LEU Y 1085 10.84 77.98 -28.85
CA LEU Y 1085 11.94 78.94 -28.93
C LEU Y 1085 11.85 79.94 -30.08
N HIS Y 1086 12.43 81.12 -29.88
CA HIS Y 1086 12.46 82.16 -30.92
C HIS Y 1086 13.91 82.55 -31.21
N TYR Y 1087 14.33 82.38 -32.47
CA TYR Y 1087 15.68 82.73 -32.86
C TYR Y 1087 15.83 84.22 -33.11
N TYR Y 1088 16.98 84.78 -32.77
CA TYR Y 1088 17.19 86.21 -32.95
C TYR Y 1088 18.55 86.49 -33.58
N ASP Y 1089 18.84 87.77 -33.78
CA ASP Y 1089 20.13 88.18 -34.35
C ASP Y 1089 21.13 88.38 -33.23
N PRO Y 1090 22.17 87.55 -33.18
CA PRO Y 1090 23.15 87.70 -32.11
C PRO Y 1090 23.73 89.13 -32.10
N GLN Y 1091 23.42 89.91 -33.12
CA GLN Y 1091 23.93 91.27 -33.22
C GLN Y 1091 22.98 92.38 -32.77
N ILE Y 1092 21.74 92.04 -32.42
CA ILE Y 1092 20.81 93.05 -31.97
C ILE Y 1092 20.56 92.93 -30.46
N SER Y 1093 21.28 93.75 -29.68
CA SER Y 1093 21.16 93.75 -28.21
C SER Y 1093 19.76 93.96 -27.66
N LEU Y 1094 19.11 92.88 -27.25
CA LEU Y 1094 17.74 92.99 -26.71
C LEU Y 1094 17.52 92.20 -25.44
N ASP Y 1095 16.97 92.86 -24.42
CA ASP Y 1095 16.69 92.19 -23.15
C ASP Y 1095 15.58 91.16 -23.37
N GLU Y 1096 15.63 90.06 -22.62
CA GLU Y 1096 14.66 88.97 -22.74
C GLU Y 1096 13.48 88.98 -21.78
N ALA Y 1097 13.56 89.78 -20.72
CA ALA Y 1097 12.48 89.84 -19.72
C ALA Y 1097 11.05 89.94 -20.29
N PRO Y 1098 10.81 90.86 -21.26
CA PRO Y 1098 9.47 91.00 -21.84
C PRO Y 1098 9.01 89.72 -22.52
N ILE Y 1099 9.83 89.22 -23.44
CA ILE Y 1099 9.52 87.99 -24.16
C ILE Y 1099 9.20 86.87 -23.18
N LEU Y 1100 9.61 87.05 -21.93
CA LEU Y 1100 9.36 86.05 -20.92
C LEU Y 1100 8.02 86.28 -20.23
N GLU Y 1101 7.85 87.39 -19.52
CA GLU Y 1101 6.58 87.67 -18.84
C GLU Y 1101 5.36 87.45 -19.73
N GLU Y 1102 5.55 87.49 -21.06
CA GLU Y 1102 4.44 87.24 -21.97
C GLU Y 1102 3.93 85.89 -21.48
N TRP Y 1103 4.89 85.07 -21.05
CA TRP Y 1103 4.66 83.73 -20.53
C TRP Y 1103 3.99 83.77 -19.15
N LEU Y 1104 4.73 84.16 -18.10
CA LEU Y 1104 4.16 84.23 -16.74
C LEU Y 1104 2.70 84.65 -16.81
N SER Y 1105 2.45 85.69 -17.62
CA SER Y 1105 1.13 86.25 -17.83
C SER Y 1105 0.03 85.22 -18.10
N LYS Y 1106 0.30 84.26 -18.97
CA LYS Y 1106 -0.67 83.23 -19.32
C LYS Y 1106 -0.71 82.03 -18.39
N ILE Y 1107 0.26 81.92 -17.49
CA ILE Y 1107 0.26 80.80 -16.56
C ILE Y 1107 -0.83 81.03 -15.52
N ASN Y 1108 -1.54 79.97 -15.16
CA ASN Y 1108 -2.57 80.05 -14.14
C ASN Y 1108 -2.76 78.60 -13.69
N PRO Y 1109 -3.67 78.34 -12.74
CA PRO Y 1109 -3.81 76.94 -12.32
C PRO Y 1109 -4.20 76.00 -13.49
N ALA Y 1110 -5.22 76.42 -14.24
CA ALA Y 1110 -5.72 75.63 -15.36
C ALA Y 1110 -4.70 75.24 -16.43
N GLY Y 1111 -3.51 75.83 -16.43
CA GLY Y 1111 -2.54 75.43 -17.45
C GLY Y 1111 -1.47 76.42 -17.87
N ILE Y 1112 -0.28 75.87 -18.14
CA ILE Y 1112 0.89 76.62 -18.55
C ILE Y 1112 1.09 76.68 -20.07
N PRO Y 1113 1.61 77.82 -20.59
CA PRO Y 1113 1.84 77.97 -22.03
C PRO Y 1113 3.28 77.54 -22.32
N PRO Y 1114 3.57 77.12 -23.56
CA PRO Y 1114 4.92 76.68 -23.93
C PRO Y 1114 6.08 77.56 -23.45
N VAL Y 1115 7.01 76.95 -22.70
CA VAL Y 1115 8.19 77.64 -22.17
C VAL Y 1115 8.91 78.34 -23.33
N PRO Y 1116 9.24 79.63 -23.18
CA PRO Y 1116 9.92 80.38 -24.25
C PRO Y 1116 11.43 80.64 -24.21
N PHE Y 1117 12.21 79.81 -24.90
CA PHE Y 1117 13.66 80.00 -24.94
C PHE Y 1117 14.03 80.92 -26.09
N CYS Y 1118 15.19 81.57 -26.01
CA CYS Y 1118 15.62 82.49 -27.07
C CYS Y 1118 17.03 82.18 -27.53
N ILE Y 1119 17.14 81.41 -28.61
CA ILE Y 1119 18.44 81.02 -29.15
C ILE Y 1119 18.93 81.93 -30.28
N PRO Y 1120 20.25 82.21 -30.34
CA PRO Y 1120 20.85 83.07 -31.37
C PRO Y 1120 21.08 82.35 -32.70
N ILE Y 1121 20.62 82.94 -33.80
CA ILE Y 1121 20.79 82.33 -35.12
C ILE Y 1121 22.28 82.19 -35.45
N PRO Y 1122 22.77 80.96 -35.66
CA PRO Y 1122 24.19 80.70 -35.98
C PRO Y 1122 24.75 81.54 -37.13
N GLN Y 1123 25.65 82.46 -36.81
CA GLN Y 1123 26.26 83.35 -37.81
C GLN Y 1123 27.39 82.67 -38.58
N VAL Y 1124 27.43 82.88 -39.89
CA VAL Y 1124 28.47 82.26 -40.71
C VAL Y 1124 29.79 83.03 -40.74
N TYR Y 1125 29.74 84.35 -40.60
CA TYR Y 1125 30.96 85.16 -40.59
C TYR Y 1125 31.14 85.84 -39.23
N PRO Y 1126 32.39 85.90 -38.73
CA PRO Y 1126 32.65 86.53 -37.43
C PRO Y 1126 31.95 87.88 -37.36
N CYS Y 1127 31.05 88.03 -36.40
CA CYS Y 1127 30.31 89.27 -36.24
C CYS Y 1127 30.29 89.73 -34.79
N ILE Y 1128 30.54 91.01 -34.57
CA ILE Y 1128 30.53 91.56 -33.23
C ILE Y 1128 29.14 91.41 -32.62
N THR Y 1129 28.97 90.45 -31.73
CA THR Y 1129 27.66 90.22 -31.10
C THR Y 1129 27.28 91.32 -30.14
N ALA Y 1130 25.97 91.50 -29.97
CA ALA Y 1130 25.42 92.53 -29.10
C ALA Y 1130 25.00 91.93 -27.75
N ARG Y 1131 25.25 92.68 -26.67
CA ARG Y 1131 24.89 92.21 -25.33
C ARG Y 1131 23.39 92.13 -25.13
N ARG Y 1132 22.92 90.96 -24.74
CA ARG Y 1132 21.49 90.77 -24.49
C ARG Y 1132 21.35 89.89 -23.27
N VAL Y 1133 20.37 90.16 -22.43
CA VAL Y 1133 20.19 89.38 -21.22
C VAL Y 1133 19.15 88.27 -21.37
N HIS Y 1134 19.54 87.04 -21.04
CA HIS Y 1134 18.65 85.89 -21.12
C HIS Y 1134 18.23 85.45 -19.72
N TYR Y 1135 17.09 84.77 -19.62
CA TYR Y 1135 16.60 84.36 -18.31
C TYR Y 1135 16.37 82.87 -18.13
N ALA Y 1136 15.86 82.22 -19.16
CA ALA Y 1136 15.58 80.80 -19.06
C ALA Y 1136 16.72 79.94 -19.57
N PHE Y 1137 16.51 78.63 -19.48
CA PHE Y 1137 17.41 77.59 -19.92
C PHE Y 1137 17.18 76.36 -19.06
N THR Y 1138 17.19 75.19 -19.69
CA THR Y 1138 16.95 73.91 -19.03
C THR Y 1138 18.14 73.26 -18.33
N SER Y 1139 17.84 72.23 -17.54
CA SER Y 1139 18.85 71.45 -16.83
C SER Y 1139 19.33 70.29 -17.71
N GLU Y 1140 18.39 69.59 -18.36
CA GLU Y 1140 18.74 68.49 -19.25
C GLU Y 1140 19.11 69.15 -20.56
N ASN Y 1141 19.73 68.42 -21.49
CA ASN Y 1141 20.03 69.03 -22.77
C ASN Y 1141 18.84 68.64 -23.66
N ASN Y 1142 18.10 69.63 -24.12
CA ASN Y 1142 16.92 69.40 -24.94
C ASN Y 1142 17.05 69.93 -26.36
N ASN Y 1143 18.28 70.13 -26.83
CA ASN Y 1143 18.44 70.64 -28.18
C ASN Y 1143 18.66 69.47 -29.14
N ASP Y 1144 18.28 68.27 -28.69
CA ASP Y 1144 18.41 67.08 -29.51
C ASP Y 1144 17.56 67.21 -30.78
N SER Y 1145 16.46 67.95 -30.68
CA SER Y 1145 15.56 68.20 -31.81
C SER Y 1145 16.36 68.76 -33.01
N LEU Y 1146 17.16 69.78 -32.72
CA LEU Y 1146 18.02 70.47 -33.68
C LEU Y 1146 18.77 69.51 -34.59
N PHE Y 1147 18.39 69.47 -35.87
CA PHE Y 1147 19.03 68.58 -36.84
C PHE Y 1147 20.40 69.02 -37.34
N SER Y 1148 20.57 70.32 -37.62
CA SER Y 1148 21.84 70.85 -38.14
C SER Y 1148 21.79 72.36 -38.38
N THR Y 1149 22.95 73.02 -38.35
CA THR Y 1149 23.00 74.48 -38.57
C THR Y 1149 23.97 74.90 -39.68
N ASN Y 1150 23.47 75.67 -40.65
CA ASN Y 1150 24.27 76.15 -41.76
C ASN Y 1150 24.73 75.05 -42.70
N ALA Y 1151 23.79 74.26 -43.18
CA ALA Y 1151 24.12 73.18 -44.08
C ALA Y 1151 24.80 73.75 -45.34
N ALA Y 1152 24.45 75.00 -45.66
CA ALA Y 1152 24.97 75.65 -46.85
C ALA Y 1152 26.34 76.30 -46.68
N SER Y 1153 27.02 76.01 -45.58
CA SER Y 1153 28.34 76.63 -45.36
C SER Y 1153 29.47 75.66 -45.01
N ILE Y 1154 30.69 76.06 -45.38
CA ILE Y 1154 31.87 75.24 -45.11
C ILE Y 1154 32.03 75.14 -43.60
N ASP Y 1155 31.20 75.89 -42.87
CA ASP Y 1155 31.20 75.90 -41.42
C ASP Y 1155 30.42 77.11 -40.90
N THR Y 1156 30.46 77.32 -39.58
CA THR Y 1156 29.75 78.43 -38.96
C THR Y 1156 30.63 79.15 -37.94
N ALA Y 1157 30.57 80.48 -37.96
CA ALA Y 1157 31.38 81.30 -37.07
C ALA Y 1157 30.82 81.68 -35.68
N PHE Y 1158 29.51 81.72 -35.49
CA PHE Y 1158 29.04 82.12 -34.17
C PHE Y 1158 27.97 81.38 -33.37
N GLY Y 1159 26.78 81.18 -33.95
CA GLY Y 1159 25.73 80.52 -33.19
C GLY Y 1159 26.09 79.09 -32.85
N GLU Y 1160 25.32 78.45 -31.96
CA GLU Y 1160 25.62 77.06 -31.61
C GLU Y 1160 25.62 76.25 -32.89
N ASN Y 1161 26.83 75.89 -33.34
CA ASN Y 1161 27.01 75.12 -34.55
C ASN Y 1161 26.75 73.64 -34.34
N ALA Y 1162 26.08 73.01 -35.30
CA ALA Y 1162 25.77 71.58 -35.21
C ALA Y 1162 25.89 70.87 -36.56
N ALA Y 1163 26.98 70.13 -36.73
CA ALA Y 1163 27.23 69.39 -37.97
C ALA Y 1163 26.17 68.30 -38.11
N VAL Y 1164 25.99 67.78 -39.33
CA VAL Y 1164 24.99 66.73 -39.54
C VAL Y 1164 25.47 65.44 -38.88
N SER Y 1165 24.78 65.02 -37.82
CA SER Y 1165 25.13 63.81 -37.08
C SER Y 1165 24.97 62.53 -37.88
N PRO Y 1166 26.03 61.72 -38.00
CA PRO Y 1166 25.99 60.46 -38.74
C PRO Y 1166 25.02 59.49 -38.08
N LEU Y 1167 24.94 59.59 -36.75
CA LEU Y 1167 24.07 58.72 -35.96
C LEU Y 1167 22.64 58.59 -36.50
N ARG Y 1168 22.04 59.70 -36.91
CA ARG Y 1168 20.68 59.65 -37.45
C ARG Y 1168 20.57 58.71 -38.64
N TRP Y 1169 21.65 58.60 -39.42
CA TRP Y 1169 21.67 57.76 -40.63
C TRP Y 1169 22.68 56.61 -40.60
N PRO Y 1170 22.53 55.66 -39.67
CA PRO Y 1170 23.48 54.53 -39.61
C PRO Y 1170 23.36 53.69 -40.88
N GLY Y 1171 22.18 53.73 -41.49
CA GLY Y 1171 21.94 52.98 -42.71
C GLY Y 1171 22.66 53.57 -43.90
N LEU Y 1172 22.40 54.84 -44.17
CA LEU Y 1172 23.01 55.53 -45.30
C LEU Y 1172 24.53 55.72 -45.22
N VAL Y 1173 25.02 56.11 -44.06
CA VAL Y 1173 26.46 56.37 -43.86
C VAL Y 1173 27.37 55.19 -43.47
N ASP Y 1174 27.11 54.61 -42.30
CA ASP Y 1174 27.90 53.50 -41.76
C ASP Y 1174 27.94 52.20 -42.59
N PRO Y 1175 29.15 51.67 -42.81
CA PRO Y 1175 29.42 50.45 -43.58
C PRO Y 1175 29.01 49.14 -42.89
N ASN Y 1176 28.73 49.20 -41.60
CA ASN Y 1176 28.34 48.02 -40.84
C ASN Y 1176 26.84 47.92 -40.60
N TYR Y 1177 26.06 48.63 -41.40
CA TYR Y 1177 24.61 48.61 -41.27
C TYR Y 1177 24.13 47.18 -41.53
N ARG Y 1178 22.90 46.89 -41.12
CA ARG Y 1178 22.32 45.57 -41.33
C ARG Y 1178 20.84 45.68 -41.71
N VAL Y 1179 20.56 45.64 -43.01
CA VAL Y 1179 19.20 45.72 -43.51
C VAL Y 1179 18.19 45.30 -42.44
N GLY Y 1180 17.23 46.18 -42.14
CA GLY Y 1180 16.22 45.86 -41.15
C GLY Y 1180 16.53 46.21 -39.71
N THR Y 1181 17.79 46.51 -39.39
CA THR Y 1181 18.18 46.86 -38.02
C THR Y 1181 17.72 48.27 -37.66
N ASN Y 1182 16.99 48.38 -36.54
CA ASN Y 1182 16.48 49.67 -36.08
C ASN Y 1182 17.38 50.41 -35.10
N ASP Y 1183 16.80 50.72 -33.94
CA ASP Y 1183 17.45 51.47 -32.87
C ASP Y 1183 16.27 51.86 -32.00
N LEU Y 1184 15.13 51.98 -32.69
CA LEU Y 1184 13.84 52.36 -32.14
C LEU Y 1184 13.66 52.85 -30.70
N PRO Y 1185 13.78 51.96 -29.71
CA PRO Y 1185 13.58 52.46 -28.34
C PRO Y 1185 14.39 53.73 -28.02
N ASN Y 1186 15.61 53.82 -28.57
CA ASN Y 1186 16.50 54.95 -28.27
C ASN Y 1186 16.66 56.13 -29.21
N ARG Y 1187 16.78 55.89 -30.51
CA ARG Y 1187 17.01 56.97 -31.45
C ARG Y 1187 16.40 56.73 -32.83
N ILE Y 1188 15.45 57.58 -33.21
CA ILE Y 1188 14.76 57.48 -34.50
C ILE Y 1188 15.70 57.66 -35.69
N THR Y 1189 16.02 56.56 -36.37
CA THR Y 1189 16.90 56.60 -37.54
C THR Y 1189 16.12 57.11 -38.76
N LEU Y 1190 16.80 57.82 -39.65
CA LEU Y 1190 16.14 58.35 -40.83
C LEU Y 1190 16.22 57.45 -42.04
N TYR Y 1191 17.40 57.33 -42.65
CA TYR Y 1191 17.53 56.50 -43.83
C TYR Y 1191 17.60 55.01 -43.48
N ASN Y 1192 16.45 54.33 -43.51
CA ASN Y 1192 16.42 52.92 -43.16
C ASN Y 1192 16.44 51.96 -44.35
N SER Y 1193 15.59 50.95 -44.30
CA SER Y 1193 15.50 49.93 -45.35
C SER Y 1193 14.10 49.33 -45.27
N LEU Y 1194 13.11 50.05 -45.80
CA LEU Y 1194 11.74 49.57 -45.76
C LEU Y 1194 11.54 48.42 -46.75
N TYR Y 1195 10.34 47.86 -46.76
CA TYR Y 1195 10.06 46.72 -47.62
C TYR Y 1195 8.81 46.85 -48.49
N ARG Y 1196 8.86 47.73 -49.49
CA ARG Y 1196 7.75 47.97 -50.41
C ARG Y 1196 6.95 46.74 -50.89
N TYR Y 1197 5.68 46.63 -50.46
CA TYR Y 1197 4.82 45.50 -50.86
C TYR Y 1197 3.99 45.78 -52.12
N ASN Y 1198 3.46 44.71 -52.72
CA ASN Y 1198 2.66 44.83 -53.94
C ASN Y 1198 1.48 43.86 -53.93
N PHE Y 1199 0.65 43.93 -52.89
CA PHE Y 1199 -0.48 43.02 -52.75
C PHE Y 1199 -1.62 43.16 -53.75
N THR Y 1200 -2.23 42.02 -54.06
CA THR Y 1200 -3.37 41.94 -54.95
C THR Y 1200 -4.49 41.45 -54.02
N TYR Y 1201 -5.71 41.90 -54.25
CA TYR Y 1201 -6.82 41.49 -53.38
C TYR Y 1201 -7.82 40.64 -54.13
N PRO Y 1202 -7.59 39.32 -54.17
CA PRO Y 1202 -8.50 38.41 -54.86
C PRO Y 1202 -9.91 38.64 -54.34
N THR Y 1203 -10.87 38.64 -55.26
CA THR Y 1203 -12.26 38.84 -54.89
C THR Y 1203 -13.10 37.72 -55.50
N LEU Y 1204 -13.24 36.65 -54.73
CA LEU Y 1204 -13.98 35.47 -55.13
C LEU Y 1204 -15.39 35.70 -55.65
N ASP Y 1205 -15.77 34.87 -56.63
CA ASP Y 1205 -17.11 34.89 -57.24
C ASP Y 1205 -17.25 33.57 -58.00
N GLY Y 1206 -17.70 32.54 -57.30
CA GLY Y 1206 -17.83 31.24 -57.93
C GLY Y 1206 -19.21 30.73 -58.25
N ILE Y 1207 -19.27 29.51 -58.78
CA ILE Y 1207 -20.51 28.84 -59.14
C ILE Y 1207 -21.00 28.14 -57.87
N MET Y 1208 -22.31 27.94 -57.77
CA MET Y 1208 -22.84 27.30 -56.57
C MET Y 1208 -23.95 26.29 -56.85
N TYR Y 1209 -23.61 25.01 -56.80
CA TYR Y 1209 -24.57 23.93 -57.07
C TYR Y 1209 -25.33 23.46 -55.83
N VAL Y 1210 -26.63 23.23 -55.98
CA VAL Y 1210 -27.45 22.75 -54.88
C VAL Y 1210 -27.18 21.25 -54.71
N ARG Y 1211 -27.90 20.58 -53.81
CA ARG Y 1211 -27.69 19.16 -53.55
C ARG Y 1211 -28.37 18.13 -54.48
N SER Y 1212 -29.54 18.47 -55.03
CA SER Y 1212 -30.30 17.57 -55.93
C SER Y 1212 -31.15 16.55 -55.17
N ALA Y 1213 -32.47 16.69 -55.30
CA ALA Y 1213 -33.43 15.80 -54.64
C ALA Y 1213 -32.83 14.54 -54.03
N THR Y 1214 -32.41 13.61 -54.88
CA THR Y 1214 -31.79 12.35 -54.47
C THR Y 1214 -31.63 11.43 -55.67
#